data_4V94
#
_entry.id   4V94
#
_cell.length_a   159.100
_cell.length_b   162.540
_cell.length_c   268.100
_cell.angle_alpha   85.23
_cell.angle_beta   81.15
_cell.angle_gamma   61.17
#
_symmetry.space_group_name_H-M   'P 1'
#
loop_
_entity.id
_entity.type
_entity.pdbx_description
1 polymer 'T-complex protein 1 subunit zeta'
2 polymer 'T-complex protein 1 subunit theta'
3 polymer 'T-complex protein 1 subunit eta'
4 polymer 'T-complex protein 1 subunit epsilon'
5 polymer 'T-complex protein 1 subunit beta'
6 polymer 'T-complex protein 1 subunit delta'
7 polymer 'T-complex protein 1 subunit alpha'
8 polymer 'T-complex protein 1 subunit gamma'
9 non-polymer 'MAGNESIUM ION'
10 non-polymer "ADENOSINE-5'-DIPHOSPHATE"
11 non-polymer 'BERYLLIUM TRIFLUORIDE ION'
#
loop_
_entity_poly.entity_id
_entity_poly.type
_entity_poly.pdbx_seq_one_letter_code
_entity_poly.pdbx_strand_id
1 'polypeptide(L)'
;MSLQLLNPKAESLRRDAALKVNVTSAEGLQSVLETNLGPKGTLKMLVDGAGNIKLTKDGKVLLTEMQIQSPTAVLIARAA
AAQDEITGDGTTTVVCLVGELLRQAHRFIQEGVHPRIITDGFEIARKESMKFLDEFKISKTNLSNDREFLLQVARSSLLT
KVDADLTEVLTPIVTDAVLSVYDAQADNLDLHMVEIMQMQHLSPKDTTFIKGLVLDHGGRHPDMPTRVKNAYVLILNVSL
EYEKTEVNSGFFYSSADQRDKLAASERKFVDAKLKKIIDLKNEVCGMDPDKGFVIINQKGIDPMSLDVFAKHNILALRRA
KRRNMERLQLVTGGEAQNSVEDLSPQILGFSGLVYQETIGEEKFTYVTENTDPKSCTILIKGSTHYALAQTKDAVRDGLR
AVANVLKDKNIIPGAGAFYIALSRYLRSANMNKLGAKGKTKTGIEAFAEALLVIPKTLVKNSGFDPLDVLAMVEDELDDA
QDSDETRYVGVDLNIGDSCDPTIEGIWDSYRVLRNAITGATGIASNLLLCDELLRAGRSTLKETPQ
;
F,N,f,n
2 'polypeptide(L)'
;MSLRLPQNPNAGLFKQGYNSYSNADGQIIKSIAAIRELHQMCLTSMGPCGRNKIIVNHLGKIIITNDAATMLRELDIVHP
AVKVLVMATEQQKIDMGDGTNLVMILAGELLNVSEKLISMGLSAVEIIQGYNMARKFTLKELDEMVVGEITDKNDKNELL
KMIKPVISSKKYGSEDILSELVSEAVSHVLPVAQQAGEIPYFNVDSIRVVKIMGGSLSNSTVIKGMVFNREPEGHVKSLS
EDKKHKVAVFTCPLDIANTETKGTVLLHNAQEMLDFSKGEEKQIDAMMKEIADMGVECIVAGAGVGELALHYLNRYGILV
LKVPSKFELRRLCRVCGATPLPRLGAPTPEELGLVETVKTMEIGGDRVTVFKQEQGEISRTSTIILRGATQNNLDDIERA
IDDGVAAVKGLMKPSGGKLLPGAGATEIELISRITKYGERTPGLLQLAIKQFAVAFEVVPRTLAETAGLDVNEVLPNLYA
AHNVTEPGAVKTDHLYKGVDIDGESDEGVKDIREENIYDMLATKKFAINVATEAATTVLSIDQIIMAKKAGGPRAPQGPR
PGNWDQED
;
H,P,h,p
3 'polypeptide(L)'
;MNFGSQTPTIVVLKEGTDASQGKGQIISNINACVAVQEALKPTLGPLGSDILIVTSNQKTTISNDGATILKLLDVVHPAA
KTLVDISRAQDAEVGDGTTSVTILAGELMKEAKPFLEEGISSHLIMKGYRKAVSLAVEKINELAVDITSEKSSGRELLER
CARTAMSSKLIHNNADFFVKMCVDAVLSLDRNDLDDKLIGIKKIPGGAMEESLFINGVAFKKTFSYAGFEQQPKKFNNPK
ILSLNVELELKAEKDNAEVRVEHVEDYQAIVDAEWQLIFEKLRQVEETGANIVLSKLPIGDLATQFFADRNIFCAGRVSA
DDMNRVIQAVGGSIQSTTSDIKPEHLGTCALFEEMQIGSERYNLFQGCPQAKTCTLLLRGGAEQVIAEVERSLHDAIMIV
KRALQNKLIVAGGGATEMEVSKCLRDYSKTIAGKQQMIINAFAKALEVIPRQLCENAGFDAIEILNKLRLAHSKGEKWYG
VVFETENIGDNFAKFVWEPALVKINALNSATEATNLILSVDETITNKGSESANAGMMPPQGAGRGRGMPM
;
G,O,g,o
4 'polypeptide(L)'
;MAARPQQPPMEMPDLSNAIVAQDEMGRPFIIVKDQGNKKRQHGLEAKKSHILAARSVASIIKTSLGPRGLDKILISPDGE
ITITNDGATILSQMELDNEIAKLLVQLSKSQDDEIGDGTTGVVVLASALLDQALELIQKGIHPIKIANGFDEAAKLAISK
LEETCDDISASNDELFRDFLLRAAKTSLGSKIVSKDHDRFAEMAVEAVINVMDKDRKDVDFDLIKMQGRVGGSISDSKLI
NGVILDKDFSHPQMPKCVLPKEGSDGVKLAILTCPFEPPKPKTKHKLDISSVEEYQKLQTYEQDKFKEMIDDVKKAGADV
VICQWGFDDEANHLLLQNDLPAVRWVGGQELEHIAISTNGRIVPRFQDLSKDKLGTCSRIYEQEFGTTKDRMLIIEQSKE
TKTVTCFVRGSNKMIVDEAERALHDSLCVVRNLVKDSRVVYGGGAAEVTMSLAVSEEADKQRGIDQYAFRGFAQALDTIP
MTLAENSGLDPIGTLSTLKSKQLKEKISNIGVDCLGYGSNDMKELFVVDPFIGKKQQILLATQLCRMILKIDNVIISGKD
EY
;
E,M,e,m
5 'polypeptide(L)'
;MSVQIFGDQVTEERAENARLSAFVGAIAVGDLVKSTLGPKGMDKLLQSASSNTCMVTNDGATILKSIPLDNPAAKVLVNI
SKVQDDEVGDGTTSVTVLSAELLREAEKLIDQSKIHPQTIIEGYRLASAAALDALTKAAVDNSHDKTMFREDLIHIAKTT
LSSKILSQDKDHFAELATNAILRLKGSTNLEHIQIIKILGGKLSDSFLDEGFILAKKFGNNQPKRIENAKILIANTTLDT
DKVKIFGTKFKVDSTAKLAQLEKAEREKMKNKIAKISKFGINTFINRQLIYDYPEQLFTDLGINSIEHADFEGVERLALV
TGGEVVSTFDEPSKCKLGECDVIEEIMLGEQPFLKFSGCKAGEACTIVLRGATDQTLDEAERSLHDALSVLSQTTKETRT
VLGGGCAEMVMSKAVDTEAQNIDGKKSLAVEAFARALRQLPTILADNAGFDSSELVSKLRSSIYNGISTSGLDLNNGTIA
DMRQLGIVESYKLKRAVVSSASEAAEVLLRVDNIIRARPRTANRQHM
;
B,J,b,j
6 'polypeptide(L)'
;MSAKVPSNATFKNKEKPQEVRKANIIAARSVADAIRTSLGPKGMDKMIKTSRGEIIISNDGHTILKQMAILHPVARMLVE
VSAAQDSEAGDGTTSVVILTGALLGAAERLLNKGIHPTIIADSFQSAAKRSVDILLEMCHKVSLSDREQLVRAASTSLSS
KIVSQYSSFLAPLAVDSVLKISDENSKNVDLNDIRLVKKVGGTIDDTEMIDGVVLTQTAIKSAGGPTRKEKAKIGLIQFQ
ISPPKPDTENNIIVNDYRQMDKILKEERAYLLNICKKIKKAKCNVLLIQKSILRDAVNDLALHFLSKLNIMVVKDIEREE
IEFLSKGLGCKPIADIELFTEDRLDSADLVEEIDSDGSKIVRVTGIRNNNARPTVSVVIRGANNMIIDETERSLHDALCV
IRCLVKERGLIAGGGAPEIEISRRLSKEARSMEGVQAFIWQEFASALEVIPTTLAENAGLNSIKVVTELRSKHENGELND
GISVRRSGTTNTYEEHILQPVLVSTSAITLASECVKSILRIDDIAFSR
;
D,L,d,l
7 'polypeptide(L)'
;MSQLFNNSRSDTLFLGGEKISGDDIRNQNVLATMAVANVVKSSLGPVGLDKMLVDDIGDFTVTNDGATILSLLDVQHPAG
KILVELAQQQDREIGDGTTSVVIIASELLKRANELVKNKIHPTTIITGFRVALREAIRFINEVLSTSVDTLGKETLINIA
KTSMSSKIIGADSDFFSNMVVDALLAVKTQNSKGEIKYPVKAVNVLKAHGKSATESLLVPGYALNCTVASQAMPKRIAGG
NVKIACLDLNLQKARMAMGVQINIDDPEQLEQIRKREAGIVLERVKKIIDAGAQVVLTTKGIDDLCLKEFVEAKIMGVRR
CKKEDLRRIARATGATLVSSMSNLEGEETFESSYLGLCDEVVQAKFSDDECILIKGTSKHSSSSIILRGANDYSLDEMER
SLHDSLSVVKRTLESGNVVPGGGCVEAALNIYLDNFATTVGSREQLAIAEFAAALLIIPKTLAVNAAKDSSELVAKLRSY
HAASQMAKPEDVKRRSYRNYGLDLIRGKIVDEIHAGVLEPTISKVKSLKSALEACVAILRIDTMITVDPEPPKEDPHDH
;
A,I,a,i
8 'polypeptide(L)'
;MQAPVVFMNASQERTTGRQAQISNITAAKAVADVIRTCLGPKAMLKMLLDPMGGLVLTNDGHAILREIDVAHPAAKSMLE
LSRTQDEEVGDGTTTVIILAGEILAQCAPYLIEKNIHPVIIIQALKKALTDALEVIKQVSKPVDVENDAAMKKLIQASIG
TKYVIHWSEKMCELALDAVKTVRKDLGQTVEGEPNFEIDIKRYVRVEKIPGGDVLDSRVLKGVLLNKDVVHPKMSRHIEN
PRVVLLDCPLEYKKGESQTNIEIEKEEDWNRILQIEEEQVQLMCEQILAVRPTLVITEKGVSDLAQHYLLKGGCSVLRRV
KKSDNNRIARVTGATIVNRVEDLKESDVGTNCGLFKVEMIGDEYFSFLDNCKEPGSGSGWSHPQFEKGSGKRRWKKNFIA
VSAANRFKKISSSGALGSGHHHHHHHHGSGKACTIMLRGGSKDILNEIDRNLQDAMAVARNVMLSPSLSPGGGATEMAVS
VKLAEKAKQLEGIQQWPYQAVADAMECIPRTLIQNAGGDPIRLLSQLRAKHAQGNFTTGIDGDKGKIVDMVSYGIWEPEV
IKQQSVKTAIESACLLLRVDDIVSGVRKQE
;
C,K,c,k
#
# COMPACT_ATOMS: atom_id res chain seq x y z
N SER A 2 70.09 -93.95 -23.89
CA SER A 2 68.69 -94.43 -23.71
C SER A 2 67.90 -93.52 -22.79
N LEU A 3 68.53 -93.05 -21.70
CA LEU A 3 67.91 -92.09 -20.78
C LEU A 3 67.94 -90.66 -21.33
N GLN A 4 68.97 -90.35 -22.12
CA GLN A 4 69.23 -88.98 -22.58
C GLN A 4 68.17 -88.47 -23.57
N LEU A 5 67.31 -89.37 -24.04
CA LEU A 5 66.21 -89.00 -24.92
C LEU A 5 65.03 -88.45 -24.14
N LEU A 6 64.79 -89.01 -22.95
CA LEU A 6 63.65 -88.65 -22.11
C LEU A 6 63.78 -87.24 -21.53
N ASN A 7 65.02 -86.83 -21.29
CA ASN A 7 65.33 -85.49 -20.79
C ASN A 7 66.68 -85.02 -21.36
N PRO A 8 66.67 -83.91 -22.13
CA PRO A 8 67.91 -83.39 -22.72
C PRO A 8 68.95 -82.90 -21.69
N LYS A 9 68.49 -82.34 -20.57
CA LYS A 9 69.40 -81.77 -19.55
C LYS A 9 69.34 -82.52 -18.22
N ALA A 10 69.66 -83.81 -18.25
CA ALA A 10 69.59 -84.66 -17.07
C ALA A 10 70.94 -85.27 -16.69
N GLU A 11 71.41 -84.92 -15.49
CA GLU A 11 72.65 -85.48 -14.97
C GLU A 11 72.44 -86.95 -14.59
N SER A 12 73.45 -87.77 -14.88
CA SER A 12 73.42 -89.19 -14.54
C SER A 12 74.82 -89.76 -14.38
N LEU A 13 75.02 -90.55 -13.33
CA LEU A 13 76.24 -91.32 -13.16
C LEU A 13 75.89 -92.80 -13.24
N ARG A 14 76.27 -93.43 -14.33
CA ARG A 14 75.82 -94.79 -14.63
C ARG A 14 76.86 -95.87 -14.32
N ARG A 15 76.39 -97.12 -14.28
CA ARG A 15 77.21 -98.33 -14.11
C ARG A 15 78.23 -98.22 -12.97
N ASP A 16 79.47 -98.62 -13.26
CA ASP A 16 80.51 -98.76 -12.25
C ASP A 16 80.99 -97.41 -11.69
N ALA A 17 80.70 -96.33 -12.42
CA ALA A 17 81.00 -94.98 -11.94
C ALA A 17 80.11 -94.61 -10.75
N ALA A 18 78.87 -95.10 -10.76
CA ALA A 18 77.92 -94.88 -9.66
C ALA A 18 78.43 -95.45 -8.35
N LEU A 19 78.97 -96.66 -8.42
CA LEU A 19 79.69 -97.24 -7.29
C LEU A 19 80.81 -96.33 -6.84
N LYS A 20 81.76 -96.08 -7.73
CA LYS A 20 82.95 -95.29 -7.42
C LYS A 20 82.56 -93.98 -6.73
N VAL A 21 81.69 -93.20 -7.37
CA VAL A 21 81.26 -91.91 -6.85
C VAL A 21 80.76 -92.04 -5.41
N ASN A 22 79.98 -93.09 -5.14
CA ASN A 22 79.50 -93.37 -3.79
C ASN A 22 80.61 -93.73 -2.80
N VAL A 23 81.56 -94.56 -3.24
CA VAL A 23 82.64 -95.03 -2.36
C VAL A 23 83.67 -93.93 -2.07
N THR A 24 84.09 -93.20 -3.10
CA THR A 24 85.06 -92.11 -2.95
C THR A 24 84.53 -91.02 -2.01
N SER A 25 83.21 -90.84 -2.02
CA SER A 25 82.56 -89.83 -1.18
C SER A 25 82.51 -90.27 0.29
N ALA A 26 82.10 -91.51 0.52
CA ALA A 26 82.04 -92.05 1.87
C ALA A 26 83.44 -92.17 2.44
N GLU A 27 84.36 -92.75 1.65
CA GLU A 27 85.78 -92.83 2.01
C GLU A 27 86.29 -91.43 2.35
N GLY A 28 85.62 -90.43 1.78
CA GLY A 28 85.99 -89.03 1.95
C GLY A 28 85.39 -88.41 3.19
N LEU A 29 84.09 -88.57 3.37
CA LEU A 29 83.43 -88.06 4.57
C LEU A 29 84.21 -88.59 5.77
N GLN A 30 84.58 -89.86 5.73
CA GLN A 30 85.36 -90.48 6.81
C GLN A 30 86.78 -89.92 6.92
N SER A 31 87.26 -89.29 5.85
CA SER A 31 88.57 -88.64 5.87
C SER A 31 88.51 -87.24 6.49
N VAL A 32 87.30 -86.67 6.56
CA VAL A 32 87.09 -85.37 7.20
C VAL A 32 86.55 -85.53 8.60
N LEU A 33 86.24 -86.78 8.96
CA LEU A 33 85.63 -87.05 10.26
C LEU A 33 86.30 -88.16 11.04
N GLU A 34 87.60 -88.33 10.85
CA GLU A 34 88.37 -89.23 11.73
C GLU A 34 89.33 -88.47 12.65
N THR A 35 89.36 -87.14 12.50
CA THR A 35 90.17 -86.26 13.35
C THR A 35 89.50 -86.12 14.71
N ASN A 36 88.36 -86.80 14.87
CA ASN A 36 87.51 -86.60 16.04
C ASN A 36 87.47 -87.81 16.98
N LEU A 37 88.02 -88.94 16.53
CA LEU A 37 87.82 -90.22 17.20
C LEU A 37 88.60 -90.36 18.50
N GLY A 38 87.88 -90.44 19.61
CA GLY A 38 88.46 -90.59 20.94
C GLY A 38 89.04 -89.31 21.52
N PRO A 39 89.68 -89.40 22.69
CA PRO A 39 90.31 -88.24 23.33
C PRO A 39 91.61 -87.82 22.65
N LYS A 40 92.16 -88.70 21.83
CA LYS A 40 93.38 -88.43 21.09
C LYS A 40 93.14 -87.50 19.91
N GLY A 41 91.87 -87.25 19.60
CA GLY A 41 91.47 -86.36 18.51
C GLY A 41 91.81 -84.91 18.74
N THR A 42 91.39 -84.05 17.80
CA THR A 42 91.76 -82.64 17.83
C THR A 42 90.60 -81.69 17.60
N LEU A 43 90.57 -80.65 18.43
CA LEU A 43 89.50 -79.67 18.40
C LEU A 43 89.58 -78.83 17.14
N LYS A 44 88.42 -78.55 16.58
CA LYS A 44 88.32 -77.79 15.36
C LYS A 44 87.47 -76.56 15.61
N MET A 45 87.91 -75.41 15.09
CA MET A 45 87.14 -74.19 15.19
C MET A 45 86.34 -73.95 13.90
N LEU A 46 85.07 -73.60 14.06
CA LEU A 46 84.20 -73.40 12.92
C LEU A 46 83.60 -72.00 12.96
N VAL A 47 83.55 -71.35 11.81
CA VAL A 47 82.95 -70.03 11.71
C VAL A 47 81.95 -70.00 10.55
N ASP A 48 80.68 -69.83 10.89
CA ASP A 48 79.61 -69.68 9.91
C ASP A 48 79.57 -68.27 9.33
N GLY A 49 78.85 -68.11 8.24
CA GLY A 49 78.79 -66.85 7.48
C GLY A 49 78.49 -65.57 8.25
N ALA A 50 77.81 -65.70 9.39
CA ALA A 50 77.54 -64.57 10.28
C ALA A 50 78.82 -64.14 11.00
N GLY A 51 79.58 -65.13 11.47
CA GLY A 51 80.81 -64.91 12.23
C GLY A 51 80.78 -65.66 13.54
N ASN A 52 79.78 -66.50 13.71
CA ASN A 52 79.55 -67.23 14.96
C ASN A 52 80.45 -68.46 15.14
N ILE A 53 81.34 -68.37 16.13
CA ILE A 53 82.34 -69.39 16.41
C ILE A 53 81.79 -70.56 17.25
N LYS A 54 81.40 -71.66 16.60
CA LYS A 54 81.14 -72.91 17.31
C LYS A 54 82.45 -73.66 17.40
N LEU A 55 82.63 -74.51 18.41
CA LEU A 55 83.95 -75.10 18.71
C LEU A 55 83.91 -76.53 19.27
N THR A 56 83.57 -77.51 18.45
CA THR A 56 83.37 -78.86 18.98
C THR A 56 84.02 -79.99 18.18
N LYS A 57 84.49 -81.00 18.90
CA LYS A 57 85.01 -82.24 18.36
C LYS A 57 83.89 -83.25 18.06
N ASP A 58 82.68 -82.95 18.53
CA ASP A 58 81.53 -83.86 18.39
C ASP A 58 81.23 -84.14 16.91
N GLY A 59 81.00 -85.41 16.60
CA GLY A 59 80.73 -85.85 15.24
C GLY A 59 79.49 -85.23 14.64
N LYS A 60 78.35 -85.44 15.31
CA LYS A 60 77.06 -84.87 14.87
C LYS A 60 77.13 -83.36 14.73
N VAL A 61 78.01 -82.73 15.51
CA VAL A 61 78.20 -81.28 15.45
C VAL A 61 78.72 -80.85 14.08
N LEU A 62 79.87 -81.36 13.65
CA LEU A 62 80.42 -81.02 12.34
C LEU A 62 79.39 -81.18 11.22
N LEU A 63 78.60 -82.24 11.33
CA LEU A 63 77.63 -82.60 10.30
C LEU A 63 76.42 -81.66 10.23
N THR A 64 75.96 -81.17 11.38
CA THR A 64 74.82 -80.28 11.39
C THR A 64 75.25 -78.84 11.15
N GLU A 65 76.51 -78.54 11.46
CA GLU A 65 77.06 -77.19 11.30
C GLU A 65 77.57 -76.89 9.89
N MET A 66 77.52 -77.89 9.01
CA MET A 66 78.08 -77.70 7.67
C MET A 66 77.10 -77.99 6.53
N GLN A 67 77.31 -77.30 5.42
CA GLN A 67 76.50 -77.48 4.21
C GLN A 67 76.98 -78.70 3.41
N ILE A 68 76.12 -79.71 3.31
CA ILE A 68 76.48 -80.95 2.62
C ILE A 68 75.90 -80.97 1.22
N GLN A 69 76.76 -81.26 0.24
CA GLN A 69 76.40 -81.20 -1.16
C GLN A 69 76.34 -82.60 -1.79
N SER A 70 77.33 -83.43 -1.48
CA SER A 70 77.36 -84.80 -2.00
C SER A 70 76.14 -85.57 -1.52
N PRO A 71 75.36 -86.16 -2.46
CA PRO A 71 74.12 -86.82 -2.11
C PRO A 71 74.38 -88.07 -1.29
N THR A 72 75.33 -88.89 -1.73
CA THR A 72 75.76 -90.06 -0.97
C THR A 72 76.27 -89.66 0.41
N ALA A 73 76.75 -88.43 0.53
CA ALA A 73 77.25 -87.92 1.82
C ALA A 73 76.12 -87.51 2.76
N VAL A 74 75.14 -86.78 2.24
CA VAL A 74 74.00 -86.33 3.06
C VAL A 74 73.21 -87.50 3.60
N LEU A 75 73.28 -88.64 2.92
CA LEU A 75 72.57 -89.83 3.36
C LEU A 75 73.30 -90.47 4.54
N ILE A 76 74.62 -90.35 4.57
CA ILE A 76 75.43 -90.91 5.65
C ILE A 76 75.31 -90.06 6.92
N ALA A 77 75.15 -88.75 6.73
CA ALA A 77 74.96 -87.82 7.85
C ALA A 77 73.56 -87.93 8.47
N ARG A 78 72.70 -88.69 7.81
CA ARG A 78 71.36 -88.97 8.31
C ARG A 78 71.35 -90.18 9.24
N ALA A 79 72.31 -91.07 9.07
CA ALA A 79 72.50 -92.21 9.99
C ALA A 79 73.19 -91.71 11.24
N ALA A 80 74.04 -90.70 11.08
CA ALA A 80 74.71 -90.06 12.20
C ALA A 80 73.71 -89.31 13.08
N ALA A 81 72.74 -88.65 12.46
CA ALA A 81 71.69 -87.95 13.20
C ALA A 81 70.77 -88.95 13.90
N ALA A 82 70.32 -89.97 13.17
CA ALA A 82 69.53 -91.05 13.73
C ALA A 82 70.28 -91.81 14.84
N GLN A 83 71.59 -91.55 14.95
CA GLN A 83 72.37 -92.09 16.06
C GLN A 83 72.30 -91.16 17.27
N ASP A 84 72.58 -89.88 17.06
CA ASP A 84 72.60 -88.88 18.15
C ASP A 84 71.22 -88.70 18.79
N GLU A 85 70.16 -88.86 17.99
CA GLU A 85 68.79 -88.69 18.47
C GLU A 85 68.27 -89.92 19.20
N ILE A 86 68.88 -91.08 18.97
CA ILE A 86 68.41 -92.34 19.57
C ILE A 86 69.37 -92.90 20.61
N THR A 87 70.63 -92.46 20.57
CA THR A 87 71.67 -92.99 21.45
C THR A 87 72.42 -91.90 22.24
N GLY A 88 72.69 -90.78 21.58
CA GLY A 88 73.43 -89.70 22.21
C GLY A 88 74.89 -89.67 21.79
N ASP A 89 75.50 -90.86 21.72
CA ASP A 89 76.91 -90.96 21.33
C ASP A 89 77.12 -91.84 20.09
N GLY A 90 78.30 -91.73 19.49
CA GLY A 90 78.72 -92.62 18.40
C GLY A 90 78.44 -92.13 17.00
N THR A 91 78.33 -90.81 16.84
CA THR A 91 77.99 -90.19 15.56
C THR A 91 79.16 -90.17 14.59
N THR A 92 80.36 -90.46 15.11
CA THR A 92 81.57 -90.52 14.31
C THR A 92 81.81 -91.98 13.88
N THR A 93 81.58 -92.90 14.81
CA THR A 93 81.70 -94.35 14.56
C THR A 93 80.92 -94.80 13.34
N VAL A 94 79.76 -94.17 13.11
CA VAL A 94 78.90 -94.54 12.01
C VAL A 94 79.49 -94.09 10.68
N VAL A 95 80.11 -92.91 10.67
CA VAL A 95 80.61 -92.34 9.40
C VAL A 95 81.80 -93.12 8.83
N CYS A 96 82.82 -93.36 9.65
CA CYS A 96 84.01 -94.06 9.18
C CYS A 96 83.85 -95.57 9.22
N LEU A 97 82.81 -96.04 9.89
CA LEU A 97 82.44 -97.46 9.83
C LEU A 97 81.81 -97.72 8.46
N VAL A 98 81.08 -96.74 7.95
CA VAL A 98 80.54 -96.77 6.59
C VAL A 98 81.68 -96.53 5.59
N GLY A 99 82.66 -95.71 5.98
CA GLY A 99 83.83 -95.42 5.16
C GLY A 99 84.64 -96.67 4.88
N GLU A 100 85.31 -97.19 5.91
CA GLU A 100 86.10 -98.41 5.82
C GLU A 100 85.24 -99.65 5.51
N LEU A 101 83.93 -99.52 5.63
CA LEU A 101 83.05 -100.61 5.25
C LEU A 101 82.85 -100.61 3.75
N LEU A 102 82.74 -99.41 3.16
CA LEU A 102 82.62 -99.27 1.71
C LEU A 102 83.99 -99.41 1.04
N ARG A 103 85.03 -98.90 1.69
CA ARG A 103 86.41 -99.01 1.20
C ARG A 103 86.81 -100.47 1.08
N GLN A 104 86.64 -101.23 2.18
CA GLN A 104 86.98 -102.65 2.21
C GLN A 104 86.14 -103.53 1.28
N ALA A 105 84.87 -103.16 1.09
CA ALA A 105 83.98 -103.87 0.16
C ALA A 105 84.31 -103.55 -1.29
N HIS A 106 84.90 -102.38 -1.50
CA HIS A 106 85.22 -101.91 -2.84
C HIS A 106 86.42 -102.63 -3.45
N ARG A 107 87.40 -102.97 -2.61
CA ARG A 107 88.61 -103.68 -3.04
C ARG A 107 88.29 -105.01 -3.73
N PHE A 108 87.18 -105.63 -3.35
CA PHE A 108 86.74 -106.88 -3.96
C PHE A 108 85.90 -106.67 -5.22
N ILE A 109 85.13 -105.58 -5.26
CA ILE A 109 84.29 -105.30 -6.44
C ILE A 109 85.11 -104.87 -7.66
N GLN A 110 86.21 -104.16 -7.41
CA GLN A 110 87.18 -103.77 -8.46
C GLN A 110 87.99 -104.99 -8.93
N GLU A 111 88.00 -106.03 -8.11
CA GLU A 111 88.58 -107.33 -8.43
C GLU A 111 87.61 -108.14 -9.28
N GLY A 112 86.33 -107.75 -9.23
CA GLY A 112 85.30 -108.33 -10.07
C GLY A 112 84.30 -109.17 -9.32
N VAL A 113 83.69 -108.58 -8.29
CA VAL A 113 82.66 -109.27 -7.51
C VAL A 113 81.35 -108.48 -7.54
N HIS A 114 80.26 -109.18 -7.84
CA HIS A 114 78.91 -108.58 -7.82
C HIS A 114 78.65 -107.98 -6.44
N PRO A 115 78.20 -106.71 -6.39
CA PRO A 115 77.93 -106.08 -5.12
C PRO A 115 77.07 -106.98 -4.23
N ARG A 116 75.96 -107.47 -4.78
CA ARG A 116 75.00 -108.31 -4.04
C ARG A 116 75.66 -109.44 -3.24
N ILE A 117 76.77 -109.97 -3.77
CA ILE A 117 77.54 -111.02 -3.11
C ILE A 117 78.12 -110.52 -1.79
N ILE A 118 78.68 -109.32 -1.81
CA ILE A 118 79.22 -108.68 -0.61
C ILE A 118 78.11 -108.17 0.32
N THR A 119 77.01 -107.70 -0.27
CA THR A 119 75.82 -107.24 0.47
C THR A 119 75.30 -108.29 1.44
N ASP A 120 75.17 -109.53 0.95
CA ASP A 120 74.72 -110.66 1.75
C ASP A 120 75.78 -110.98 2.81
N GLY A 121 77.04 -110.90 2.40
CA GLY A 121 78.17 -111.09 3.29
C GLY A 121 78.24 -110.01 4.36
N PHE A 122 77.58 -108.88 4.09
CA PHE A 122 77.45 -107.82 5.08
C PHE A 122 76.39 -108.17 6.10
N GLU A 123 75.23 -108.64 5.61
CA GLU A 123 74.10 -108.99 6.47
C GLU A 123 74.37 -110.22 7.34
N ILE A 124 74.92 -111.26 6.71
CA ILE A 124 75.21 -112.50 7.41
C ILE A 124 76.24 -112.25 8.52
N ALA A 125 77.08 -111.24 8.32
CA ALA A 125 78.05 -110.81 9.33
C ALA A 125 77.38 -109.95 10.40
N ARG A 126 76.45 -109.09 9.96
CA ARG A 126 75.72 -108.20 10.86
C ARG A 126 74.85 -109.00 11.83
N LYS A 127 74.23 -110.06 11.32
CA LYS A 127 73.42 -110.96 12.14
C LYS A 127 74.28 -111.64 13.20
N GLU A 128 75.49 -112.03 12.80
CA GLU A 128 76.46 -112.69 13.68
C GLU A 128 77.02 -111.72 14.73
N SER A 129 77.31 -110.49 14.29
CA SER A 129 77.88 -109.44 15.14
C SER A 129 76.92 -109.04 16.26
N MET A 130 75.62 -109.14 15.96
CA MET A 130 74.59 -108.81 16.93
C MET A 130 74.40 -109.89 17.99
N LYS A 131 74.54 -111.16 17.58
CA LYS A 131 74.48 -112.29 18.52
C LYS A 131 75.73 -112.32 19.39
N PHE A 132 76.86 -111.94 18.81
CA PHE A 132 78.15 -111.86 19.50
C PHE A 132 78.11 -110.82 20.61
N LEU A 133 77.52 -109.67 20.31
CA LEU A 133 77.42 -108.54 21.24
C LEU A 133 76.64 -108.89 22.51
N ASP A 134 75.50 -109.55 22.33
CA ASP A 134 74.67 -110.03 23.45
C ASP A 134 75.46 -110.93 24.39
N GLU A 135 76.60 -111.42 23.90
CA GLU A 135 77.42 -112.38 24.62
C GLU A 135 78.75 -111.78 25.08
N PHE A 136 79.12 -110.65 24.48
CA PHE A 136 80.40 -110.00 24.78
C PHE A 136 80.32 -108.99 25.92
N LYS A 137 79.14 -108.39 26.07
CA LYS A 137 78.90 -107.39 27.12
C LYS A 137 79.13 -107.94 28.52
N ILE A 138 79.40 -107.06 29.48
CA ILE A 138 79.43 -107.46 30.90
C ILE A 138 78.24 -106.90 31.68
N SER A 139 77.53 -107.79 32.38
CA SER A 139 76.30 -107.44 33.10
C SER A 139 76.58 -106.71 34.41
N LYS A 140 76.57 -105.38 34.35
CA LYS A 140 76.70 -104.57 35.55
C LYS A 140 75.33 -104.46 36.22
N THR A 141 75.25 -104.88 37.48
CA THR A 141 74.01 -104.88 38.25
C THR A 141 73.54 -103.46 38.57
N ASN A 142 72.89 -102.85 37.58
CA ASN A 142 72.52 -101.43 37.65
C ASN A 142 71.33 -101.14 38.55
N LEU A 143 70.49 -102.15 38.78
CA LEU A 143 69.42 -102.11 39.78
C LEU A 143 70.02 -101.98 41.20
N SER A 144 71.33 -102.16 41.29
CA SER A 144 72.09 -101.90 42.52
C SER A 144 72.75 -100.51 42.52
N ASN A 145 72.59 -99.76 41.42
CA ASN A 145 73.11 -98.39 41.28
C ASN A 145 74.51 -98.21 41.85
N ASP A 146 75.50 -98.68 41.09
CA ASP A 146 76.90 -98.67 41.54
C ASP A 146 77.51 -97.28 41.44
N ARG A 147 77.65 -96.64 42.59
CA ARG A 147 78.02 -95.21 42.68
C ARG A 147 79.19 -94.77 41.82
N GLU A 148 80.27 -95.56 41.84
CA GLU A 148 81.51 -95.19 41.17
C GLU A 148 81.72 -95.83 39.79
N PHE A 149 81.04 -96.94 39.54
CA PHE A 149 81.06 -97.53 38.19
C PHE A 149 80.39 -96.59 37.21
N LEU A 150 79.30 -95.96 37.65
CA LEU A 150 78.59 -94.98 36.85
C LEU A 150 79.40 -93.68 36.72
N LEU A 151 80.25 -93.43 37.71
CA LEU A 151 81.20 -92.31 37.67
C LEU A 151 82.27 -92.51 36.58
N GLN A 152 82.50 -93.79 36.24
CA GLN A 152 83.48 -94.17 35.22
C GLN A 152 82.85 -94.36 33.85
N VAL A 153 81.59 -93.93 33.70
CA VAL A 153 80.96 -93.89 32.38
C VAL A 153 80.84 -92.42 31.92
N ALA A 154 80.70 -91.53 32.88
CA ALA A 154 80.77 -90.10 32.61
C ALA A 154 82.22 -89.73 32.26
N ARG A 155 83.17 -90.21 33.06
CA ARG A 155 84.59 -89.96 32.86
C ARG A 155 85.14 -90.52 31.54
N SER A 156 84.45 -91.51 30.98
CA SER A 156 84.85 -92.13 29.72
C SER A 156 84.29 -91.38 28.53
N SER A 157 83.09 -90.82 28.69
CA SER A 157 82.37 -90.14 27.61
C SER A 157 82.66 -88.64 27.54
N LEU A 158 83.01 -88.02 28.67
CA LEU A 158 83.33 -86.60 28.67
C LEU A 158 84.73 -86.33 28.15
N LEU A 159 85.68 -87.20 28.50
CA LEU A 159 87.10 -87.07 28.12
C LEU A 159 87.30 -86.99 26.62
N THR A 160 86.35 -87.56 25.89
CA THR A 160 86.40 -87.59 24.43
C THR A 160 85.75 -86.36 23.79
N LYS A 161 85.54 -85.31 24.59
CA LYS A 161 84.92 -84.07 24.11
C LYS A 161 85.59 -82.82 24.66
N VAL A 162 86.11 -82.90 25.89
CA VAL A 162 86.74 -81.74 26.54
C VAL A 162 88.08 -82.05 27.24
N ASP A 163 88.52 -81.13 28.11
CA ASP A 163 89.88 -81.12 28.71
C ASP A 163 90.27 -82.34 29.55
N ALA A 164 91.46 -82.26 30.14
CA ALA A 164 91.89 -83.21 31.15
C ALA A 164 91.33 -82.79 32.52
N ASP A 165 91.30 -81.47 32.75
CA ASP A 165 90.88 -80.92 34.03
C ASP A 165 89.46 -80.35 34.04
N LEU A 166 88.84 -80.24 32.86
CA LEU A 166 87.42 -79.88 32.77
C LEU A 166 86.56 -81.11 32.95
N THR A 167 87.10 -82.26 32.54
CA THR A 167 86.37 -83.52 32.63
C THR A 167 86.24 -84.04 34.06
N GLU A 168 87.26 -83.81 34.87
CA GLU A 168 87.21 -84.20 36.28
C GLU A 168 86.20 -83.35 37.08
N VAL A 169 85.78 -82.23 36.47
CA VAL A 169 84.79 -81.33 37.07
C VAL A 169 83.37 -81.71 36.64
N LEU A 170 83.19 -81.95 35.34
CA LEU A 170 81.88 -82.31 34.79
C LEU A 170 81.44 -83.73 35.13
N THR A 171 82.40 -84.62 35.39
CA THR A 171 82.12 -86.04 35.68
C THR A 171 81.06 -86.27 36.76
N PRO A 172 81.28 -85.75 37.99
CA PRO A 172 80.25 -85.93 39.01
C PRO A 172 78.93 -85.23 38.65
N ILE A 173 79.02 -84.04 38.07
CA ILE A 173 77.85 -83.21 37.73
C ILE A 173 76.92 -83.90 36.74
N VAL A 174 77.51 -84.67 35.81
CA VAL A 174 76.72 -85.47 34.88
C VAL A 174 76.11 -86.67 35.60
N THR A 175 76.94 -87.46 36.26
CA THR A 175 76.51 -88.68 36.93
C THR A 175 75.43 -88.40 37.97
N ASP A 176 75.72 -87.49 38.89
CA ASP A 176 74.78 -87.13 39.95
C ASP A 176 73.46 -86.60 39.42
N ALA A 177 73.46 -86.09 38.19
CA ALA A 177 72.24 -85.65 37.53
C ALA A 177 71.36 -86.84 37.17
N VAL A 178 71.90 -87.78 36.40
CA VAL A 178 71.13 -88.95 35.95
C VAL A 178 70.60 -89.71 37.16
N LEU A 179 71.46 -89.87 38.16
CA LEU A 179 71.10 -90.56 39.39
C LEU A 179 69.95 -89.86 40.12
N SER A 180 69.87 -88.54 39.96
CA SER A 180 68.82 -87.74 40.59
C SER A 180 67.59 -87.60 39.68
N VAL A 181 67.28 -88.66 38.94
CA VAL A 181 66.11 -88.71 38.05
C VAL A 181 65.46 -90.09 38.12
N TYR A 182 66.32 -91.10 37.99
CA TYR A 182 65.96 -92.53 37.93
C TYR A 182 65.08 -92.96 39.09
N ASP A 183 64.10 -93.81 38.82
CA ASP A 183 63.21 -94.35 39.85
C ASP A 183 63.27 -95.87 39.92
N ALA A 184 62.85 -96.42 41.07
CA ALA A 184 62.80 -97.87 41.30
C ALA A 184 61.86 -98.60 40.32
N GLN A 185 60.83 -97.90 39.84
CA GLN A 185 59.96 -98.41 38.77
C GLN A 185 60.62 -98.25 37.38
N ALA A 186 61.96 -98.19 37.38
CA ALA A 186 62.81 -98.25 36.18
C ALA A 186 62.68 -97.11 35.15
N ASP A 187 62.07 -95.99 35.55
CA ASP A 187 61.86 -94.83 34.65
C ASP A 187 62.97 -93.79 34.68
N ASN A 188 63.06 -93.02 33.58
CA ASN A 188 64.01 -91.92 33.43
C ASN A 188 63.56 -90.96 32.32
N LEU A 189 62.70 -90.01 32.66
CA LEU A 189 62.18 -89.01 31.70
C LEU A 189 63.15 -87.83 31.60
N ASP A 190 64.34 -88.12 31.06
CA ASP A 190 65.50 -87.22 31.06
C ASP A 190 65.18 -85.74 31.13
N LEU A 191 64.39 -85.27 30.18
CA LEU A 191 64.13 -83.83 29.97
C LEU A 191 63.80 -83.02 31.24
N HIS A 192 63.32 -83.70 32.29
CA HIS A 192 62.96 -83.03 33.54
C HIS A 192 64.17 -82.65 34.37
N MET A 193 64.90 -83.65 34.86
CA MET A 193 66.12 -83.42 35.65
C MET A 193 67.30 -82.96 34.79
N VAL A 194 67.15 -83.14 33.48
CA VAL A 194 67.95 -82.37 32.56
C VAL A 194 67.29 -80.98 32.55
N GLU A 195 67.90 -80.05 33.25
CA GLU A 195 67.83 -78.67 32.82
C GLU A 195 69.23 -78.14 32.72
N ILE A 196 69.68 -77.96 31.49
CA ILE A 196 71.00 -77.42 31.22
C ILE A 196 70.84 -75.91 31.20
N MET A 197 71.38 -75.26 32.22
CA MET A 197 71.34 -73.81 32.28
C MET A 197 72.70 -73.25 31.95
N GLN A 198 72.73 -72.20 31.12
CA GLN A 198 74.00 -71.58 30.75
C GLN A 198 74.13 -70.12 31.19
N MET A 199 75.34 -69.78 31.64
CA MET A 199 75.65 -68.45 32.16
C MET A 199 76.86 -67.85 31.50
N GLN A 200 76.75 -66.60 31.07
CA GLN A 200 77.90 -65.87 30.54
C GLN A 200 78.66 -65.14 31.66
N HIS A 201 79.64 -65.83 32.24
CA HIS A 201 80.54 -65.29 33.26
C HIS A 201 81.48 -66.39 33.77
N LEU A 202 82.61 -65.97 34.34
CA LEU A 202 83.58 -66.87 34.99
C LEU A 202 84.35 -67.82 34.05
N SER A 203 84.01 -69.10 34.08
CA SER A 203 84.74 -70.16 33.35
C SER A 203 83.91 -71.44 33.19
N PRO A 204 84.17 -72.23 32.12
CA PRO A 204 83.51 -73.52 31.95
C PRO A 204 83.88 -74.58 32.99
N LYS A 205 84.99 -74.39 33.68
CA LYS A 205 85.36 -75.26 34.80
C LYS A 205 84.74 -74.78 36.13
N ASP A 206 83.76 -73.87 36.02
CA ASP A 206 83.01 -73.33 37.16
C ASP A 206 81.62 -73.97 37.33
N THR A 207 81.23 -74.79 36.35
CA THR A 207 79.91 -75.45 36.33
C THR A 207 79.56 -76.09 37.68
N THR A 208 78.36 -75.80 38.17
CA THR A 208 77.89 -76.33 39.45
C THR A 208 76.66 -77.21 39.27
N PHE A 209 76.64 -78.32 40.00
CA PHE A 209 75.47 -79.16 40.11
C PHE A 209 74.53 -78.53 41.13
N ILE A 210 73.29 -78.36 40.74
CA ILE A 210 72.26 -77.89 41.67
C ILE A 210 71.18 -78.95 41.77
N LYS A 211 71.03 -79.50 42.97
CA LYS A 211 70.05 -80.55 43.23
C LYS A 211 68.65 -79.95 43.35
N GLY A 212 68.38 -78.94 42.53
CA GLY A 212 67.10 -78.28 42.51
C GLY A 212 66.75 -77.79 41.13
N LEU A 213 66.69 -76.47 40.97
CA LEU A 213 66.33 -75.84 39.71
C LEU A 213 66.66 -74.38 39.76
N VAL A 214 67.58 -73.94 38.90
CA VAL A 214 67.94 -72.52 38.82
C VAL A 214 67.28 -71.91 37.58
N LEU A 215 66.47 -70.88 37.81
CA LEU A 215 65.65 -70.31 36.75
C LEU A 215 66.28 -69.12 36.03
N ASP A 216 65.60 -68.67 34.97
CA ASP A 216 66.15 -67.68 34.04
C ASP A 216 65.52 -66.28 34.20
N HIS A 217 64.81 -66.08 35.30
CA HIS A 217 64.11 -64.82 35.58
C HIS A 217 64.22 -64.46 37.06
N GLY A 218 63.45 -63.47 37.49
CA GLY A 218 63.43 -63.10 38.92
C GLY A 218 62.22 -62.25 39.31
N GLY A 219 62.32 -61.65 40.50
CA GLY A 219 61.30 -60.71 40.96
C GLY A 219 61.37 -59.42 40.18
N ARG A 220 60.34 -59.17 39.38
CA ARG A 220 60.27 -57.98 38.51
C ARG A 220 60.00 -56.66 39.27
N HIS A 221 59.84 -56.74 40.59
CA HIS A 221 59.73 -55.54 41.42
C HIS A 221 60.94 -55.44 42.36
N PRO A 222 61.53 -54.23 42.47
CA PRO A 222 62.70 -53.98 43.34
C PRO A 222 62.51 -54.31 44.83
N ASP A 223 61.29 -54.24 45.34
CA ASP A 223 61.03 -54.46 46.76
C ASP A 223 60.77 -55.93 47.13
N MET A 224 60.80 -56.82 46.14
CA MET A 224 60.59 -58.26 46.36
C MET A 224 61.76 -58.89 47.10
N PRO A 225 61.52 -60.01 47.83
CA PRO A 225 62.60 -60.63 48.60
C PRO A 225 63.69 -61.28 47.73
N THR A 226 64.93 -61.09 48.12
CA THR A 226 66.07 -61.74 47.49
C THR A 226 66.26 -63.14 48.07
N ARG A 227 66.24 -63.25 49.39
CA ARG A 227 66.39 -64.54 50.05
C ARG A 227 65.15 -64.93 50.85
N VAL A 228 64.59 -66.09 50.50
CA VAL A 228 63.42 -66.65 51.17
C VAL A 228 63.82 -67.93 51.92
N LYS A 229 63.89 -67.83 53.24
CA LYS A 229 64.48 -68.89 54.08
C LYS A 229 63.75 -70.23 54.10
N ASN A 230 62.41 -70.22 54.18
CA ASN A 230 61.63 -71.46 54.08
C ASN A 230 60.49 -71.34 53.07
N ALA A 231 60.85 -71.53 51.80
CA ALA A 231 59.94 -71.25 50.68
C ALA A 231 58.89 -72.33 50.42
N TYR A 232 57.64 -71.98 50.68
CA TYR A 232 56.51 -72.67 50.09
C TYR A 232 56.41 -72.16 48.66
N VAL A 233 56.72 -73.04 47.70
CA VAL A 233 56.67 -72.66 46.29
C VAL A 233 55.26 -72.88 45.74
N LEU A 234 54.75 -71.88 45.02
CA LEU A 234 53.46 -71.97 44.35
C LEU A 234 53.65 -72.03 42.83
N ILE A 235 53.07 -73.06 42.21
CA ILE A 235 53.20 -73.29 40.78
C ILE A 235 51.90 -72.97 40.04
N LEU A 236 51.83 -71.74 39.51
CA LEU A 236 50.64 -71.26 38.80
C LEU A 236 50.90 -71.02 37.32
N ASN A 237 49.82 -71.03 36.53
CA ASN A 237 49.93 -70.82 35.09
C ASN A 237 48.96 -69.79 34.53
N VAL A 238 47.82 -69.59 35.21
CA VAL A 238 46.76 -68.73 34.70
C VAL A 238 47.13 -67.26 34.82
N SER A 239 46.96 -66.55 33.70
CA SER A 239 47.54 -65.25 33.49
C SER A 239 47.08 -64.24 34.53
N LEU A 240 48.05 -63.56 35.14
CA LEU A 240 47.76 -62.48 36.07
C LEU A 240 48.05 -61.13 35.40
N GLU A 241 47.19 -60.80 34.43
CA GLU A 241 47.34 -59.61 33.62
C GLU A 241 46.00 -59.11 33.09
N TYR A 242 45.98 -57.84 32.71
CA TYR A 242 44.83 -57.25 32.03
C TYR A 242 44.61 -57.99 30.72
N GLU A 243 43.40 -58.52 30.53
CA GLU A 243 43.02 -59.18 29.28
C GLU A 243 41.61 -58.76 28.87
N LYS A 244 41.46 -58.30 27.63
CA LYS A 244 40.15 -57.96 27.08
C LYS A 244 39.36 -59.23 26.74
N THR A 245 38.04 -59.10 26.63
CA THR A 245 37.15 -60.24 26.33
C THR A 245 37.26 -60.70 24.88
N GLU A 246 37.22 -62.02 24.66
CA GLU A 246 37.36 -62.59 23.32
C GLU A 246 36.22 -62.17 22.40
N VAL A 247 35.07 -61.89 22.98
CA VAL A 247 33.97 -61.26 22.26
C VAL A 247 34.19 -59.75 22.38
N ASN A 248 34.05 -59.03 21.26
CA ASN A 248 34.44 -57.61 21.19
C ASN A 248 34.09 -56.78 22.42
N SER A 249 35.11 -56.16 23.03
CA SER A 249 35.00 -55.59 24.36
C SER A 249 34.52 -54.14 24.46
N GLY A 250 34.87 -53.30 23.47
CA GLY A 250 34.61 -51.85 23.49
C GLY A 250 33.37 -51.41 24.25
N PHE A 251 33.54 -50.50 25.21
CA PHE A 251 32.43 -50.04 26.06
C PHE A 251 32.04 -48.56 25.94
N PHE A 252 30.92 -48.19 26.55
CA PHE A 252 30.42 -46.82 26.52
C PHE A 252 30.13 -46.27 27.93
N TYR A 253 30.53 -45.02 28.19
CA TYR A 253 30.31 -44.35 29.49
C TYR A 253 30.04 -42.86 29.33
N SER A 254 29.04 -42.34 30.04
CA SER A 254 28.61 -40.93 29.88
C SER A 254 28.68 -40.05 31.14
N SER A 255 29.72 -40.23 31.94
CA SER A 255 29.94 -39.42 33.14
C SER A 255 31.43 -39.39 33.47
N ALA A 256 31.92 -38.24 33.93
CA ALA A 256 33.33 -38.06 34.30
C ALA A 256 33.75 -38.98 35.45
N ASP A 257 32.76 -39.42 36.23
CA ASP A 257 32.97 -40.41 37.28
C ASP A 257 33.01 -41.82 36.71
N GLN A 258 32.01 -42.14 35.89
CA GLN A 258 31.85 -43.48 35.31
C GLN A 258 33.16 -44.02 34.73
N ARG A 259 34.03 -43.12 34.28
CA ARG A 259 35.40 -43.44 33.89
C ARG A 259 36.09 -44.26 34.97
N ASP A 260 36.32 -43.61 36.12
CA ASP A 260 37.15 -44.17 37.18
C ASP A 260 36.52 -45.40 37.81
N LYS A 261 35.20 -45.33 38.05
CA LYS A 261 34.44 -46.45 38.61
C LYS A 261 34.38 -47.63 37.63
N LEU A 262 34.91 -47.41 36.42
CA LEU A 262 35.18 -48.48 35.46
C LEU A 262 36.67 -48.75 35.38
N ALA A 263 37.48 -47.71 35.61
CA ALA A 263 38.93 -47.81 35.55
C ALA A 263 39.49 -48.86 36.50
N ALA A 264 38.76 -49.13 37.57
CA ALA A 264 39.11 -50.21 38.48
C ALA A 264 38.29 -51.46 38.18
N SER A 265 37.16 -51.27 37.48
CA SER A 265 36.28 -52.37 37.13
C SER A 265 36.88 -53.28 36.08
N GLU A 266 37.93 -52.81 35.40
CA GLU A 266 38.66 -53.60 34.42
C GLU A 266 39.84 -54.34 35.06
N ARG A 267 40.27 -53.86 36.23
CA ARG A 267 41.35 -54.50 36.98
C ARG A 267 40.82 -55.48 38.04
N LYS A 268 39.52 -55.38 38.33
CA LYS A 268 38.88 -56.16 39.39
C LYS A 268 39.02 -57.67 39.20
N PHE A 269 38.87 -58.15 37.96
CA PHE A 269 38.97 -59.57 37.66
C PHE A 269 40.32 -60.13 38.07
N VAL A 270 41.38 -59.39 37.77
CA VAL A 270 42.75 -59.77 38.12
C VAL A 270 42.94 -59.70 39.64
N ASP A 271 42.44 -58.63 40.25
CA ASP A 271 42.57 -58.43 41.69
C ASP A 271 41.84 -59.50 42.50
N ALA A 272 40.70 -59.97 41.97
CA ALA A 272 39.94 -61.06 42.59
C ALA A 272 40.65 -62.40 42.44
N LYS A 273 41.47 -62.51 41.40
CA LYS A 273 42.35 -63.66 41.20
C LYS A 273 43.59 -63.54 42.07
N LEU A 274 43.96 -62.29 42.36
CA LEU A 274 45.07 -61.99 43.25
C LEU A 274 44.70 -62.31 44.70
N LYS A 275 43.49 -61.92 45.09
CA LYS A 275 43.00 -62.12 46.46
C LYS A 275 43.21 -63.57 46.91
N LYS A 276 42.72 -64.52 46.12
CA LYS A 276 42.73 -65.94 46.48
C LYS A 276 44.14 -66.49 46.67
N ILE A 277 45.11 -65.82 46.04
CA ILE A 277 46.53 -66.13 46.22
C ILE A 277 47.02 -65.66 47.58
N ILE A 278 46.83 -64.37 47.87
CA ILE A 278 47.26 -63.79 49.14
C ILE A 278 46.57 -64.49 50.32
N ASP A 279 45.33 -64.93 50.11
CA ASP A 279 44.55 -65.67 51.11
C ASP A 279 45.19 -67.01 51.48
N LEU A 280 46.00 -67.54 50.56
CA LEU A 280 46.80 -68.75 50.80
C LEU A 280 48.15 -68.34 51.37
N LYS A 281 48.67 -67.21 50.88
CA LYS A 281 49.95 -66.65 51.33
C LYS A 281 49.86 -66.10 52.75
N ASN A 282 48.64 -65.90 53.24
CA ASN A 282 48.39 -65.49 54.61
C ASN A 282 48.07 -66.69 55.51
N GLU A 283 47.32 -67.65 54.97
CA GLU A 283 46.92 -68.85 55.71
C GLU A 283 48.09 -69.82 55.94
N VAL A 284 49.16 -69.67 55.18
CA VAL A 284 50.33 -70.54 55.32
C VAL A 284 51.52 -69.84 55.97
N CYS A 285 51.67 -68.55 55.73
CA CYS A 285 52.83 -67.80 56.26
C CYS A 285 52.58 -67.06 57.57
N GLY A 286 51.36 -66.56 57.75
CA GLY A 286 51.00 -65.82 58.97
C GLY A 286 51.51 -66.47 60.24
N MET A 287 51.27 -67.76 60.38
CA MET A 287 51.64 -68.51 61.59
C MET A 287 53.15 -68.75 61.71
N ASP A 288 53.84 -68.87 60.58
CA ASP A 288 55.28 -69.17 60.57
C ASP A 288 56.13 -68.04 59.95
N PRO A 289 56.84 -67.28 60.79
CA PRO A 289 57.77 -66.26 60.30
C PRO A 289 59.00 -66.89 59.64
N ASP A 290 59.17 -68.20 59.83
CA ASP A 290 60.19 -68.97 59.14
C ASP A 290 59.74 -69.26 57.70
N LYS A 291 58.49 -69.68 57.56
CA LYS A 291 57.92 -70.07 56.27
C LYS A 291 57.63 -68.89 55.32
N GLY A 292 58.25 -68.94 54.14
CA GLY A 292 58.03 -67.95 53.08
C GLY A 292 57.10 -68.45 51.97
N PHE A 293 56.72 -67.54 51.08
CA PHE A 293 55.78 -67.85 50.01
C PHE A 293 56.29 -67.32 48.67
N VAL A 294 56.49 -68.23 47.71
CA VAL A 294 57.08 -67.93 46.40
C VAL A 294 56.20 -68.43 45.25
N ILE A 295 56.10 -67.61 44.20
CA ILE A 295 55.34 -67.97 43.01
C ILE A 295 56.27 -68.08 41.79
N ILE A 296 56.01 -69.09 40.96
CA ILE A 296 56.67 -69.24 39.67
C ILE A 296 55.59 -69.42 38.59
N ASN A 297 55.23 -68.31 37.93
CA ASN A 297 54.09 -68.25 37.02
C ASN A 297 54.46 -68.45 35.55
N GLN A 298 53.73 -69.35 34.89
CA GLN A 298 53.92 -69.65 33.46
C GLN A 298 53.50 -68.47 32.57
N LYS A 299 52.40 -67.80 32.92
CA LYS A 299 51.93 -66.63 32.19
C LYS A 299 52.29 -65.31 32.89
N GLY A 300 51.84 -64.18 32.35
CA GLY A 300 52.29 -62.85 32.76
C GLY A 300 51.93 -62.40 34.16
N ILE A 301 52.68 -61.40 34.65
CA ILE A 301 52.39 -60.73 35.92
C ILE A 301 52.43 -59.20 35.72
N ASP A 302 51.23 -58.60 35.69
CA ASP A 302 51.03 -57.16 35.47
C ASP A 302 51.86 -56.30 36.45
N PRO A 303 52.39 -55.16 35.96
CA PRO A 303 53.03 -54.13 36.81
C PRO A 303 52.15 -53.61 37.95
N MET A 304 50.83 -53.57 37.75
CA MET A 304 49.88 -53.28 38.82
C MET A 304 49.90 -54.39 39.86
N SER A 305 50.08 -55.63 39.40
CA SER A 305 50.07 -56.81 40.26
C SER A 305 51.44 -57.13 40.84
N LEU A 306 52.49 -56.49 40.32
CA LEU A 306 53.84 -56.65 40.85
C LEU A 306 54.01 -55.88 42.15
N ASP A 307 53.45 -54.68 42.18
CA ASP A 307 53.43 -53.81 43.37
C ASP A 307 52.63 -54.46 44.49
N VAL A 308 51.72 -55.35 44.11
CA VAL A 308 50.91 -56.13 45.04
C VAL A 308 51.74 -57.21 45.72
N PHE A 309 52.49 -57.99 44.92
CA PHE A 309 53.30 -59.08 45.44
C PHE A 309 54.50 -58.59 46.24
N ALA A 310 55.04 -57.44 45.84
CA ALA A 310 56.12 -56.80 46.57
C ALA A 310 55.64 -56.21 47.89
N LYS A 311 54.36 -55.85 47.95
CA LYS A 311 53.75 -55.34 49.18
C LYS A 311 53.65 -56.46 50.22
N HIS A 312 52.90 -57.51 49.90
CA HIS A 312 52.70 -58.64 50.82
C HIS A 312 53.93 -59.55 50.89
N ASN A 313 55.09 -58.98 50.58
CA ASN A 313 56.40 -59.64 50.72
C ASN A 313 56.53 -60.99 50.03
N ILE A 314 55.77 -61.16 48.95
CA ILE A 314 55.79 -62.37 48.14
C ILE A 314 56.90 -62.24 47.09
N LEU A 315 57.55 -63.35 46.75
CA LEU A 315 58.50 -63.37 45.62
C LEU A 315 57.82 -63.90 44.36
N ALA A 316 57.41 -62.97 43.50
CA ALA A 316 56.71 -63.32 42.26
C ALA A 316 57.69 -63.57 41.13
N LEU A 317 57.32 -64.48 40.23
CA LEU A 317 58.16 -64.86 39.11
C LEU A 317 57.28 -65.07 37.89
N ARG A 318 57.53 -64.30 36.82
CA ARG A 318 56.64 -64.33 35.65
C ARG A 318 57.18 -65.06 34.42
N ARG A 319 56.23 -65.55 33.63
CA ARG A 319 56.49 -66.20 32.34
C ARG A 319 57.66 -67.16 32.33
N ALA A 320 57.60 -68.15 33.23
CA ALA A 320 58.58 -69.23 33.28
C ALA A 320 58.31 -70.21 32.16
N LYS A 321 59.29 -71.07 31.87
CA LYS A 321 59.18 -71.99 30.75
C LYS A 321 58.02 -72.97 30.92
N ARG A 322 57.24 -73.13 29.86
CA ARG A 322 56.02 -73.95 29.88
C ARG A 322 56.29 -75.43 30.18
N ARG A 323 57.55 -75.77 30.42
CA ARG A 323 57.95 -77.11 30.84
C ARG A 323 58.31 -77.13 32.32
N ASN A 324 58.80 -76.00 32.84
CA ASN A 324 59.24 -75.89 34.23
C ASN A 324 58.14 -76.16 35.27
N MET A 325 56.88 -76.11 34.84
CA MET A 325 55.77 -76.50 35.68
C MET A 325 56.04 -77.90 36.23
N GLU A 326 56.35 -78.82 35.31
CA GLU A 326 56.54 -80.23 35.62
C GLU A 326 57.84 -80.48 36.39
N ARG A 327 58.90 -79.78 36.00
CA ARG A 327 60.20 -79.90 36.66
C ARG A 327 60.09 -79.52 38.13
N LEU A 328 59.38 -78.43 38.41
CA LEU A 328 59.18 -77.95 39.78
C LEU A 328 58.37 -78.90 40.65
N GLN A 329 57.40 -79.58 40.04
CA GLN A 329 56.60 -80.58 40.72
C GLN A 329 57.47 -81.71 41.27
N LEU A 330 58.44 -82.13 40.47
CA LEU A 330 59.39 -83.15 40.88
C LEU A 330 60.57 -82.54 41.63
N VAL A 331 60.50 -81.24 41.90
CA VAL A 331 61.52 -80.57 42.70
C VAL A 331 61.01 -80.36 44.12
N THR A 332 59.88 -79.66 44.25
CA THR A 332 59.31 -79.34 45.56
C THR A 332 58.37 -80.44 46.01
N GLY A 333 57.29 -80.65 45.25
CA GLY A 333 56.32 -81.70 45.54
C GLY A 333 54.89 -81.43 45.10
N GLY A 334 54.47 -80.17 45.21
CA GLY A 334 53.10 -79.79 44.88
C GLY A 334 52.79 -79.87 43.40
N GLU A 335 51.55 -80.22 43.07
CA GLU A 335 51.11 -80.27 41.67
C GLU A 335 50.90 -78.86 41.14
N ALA A 336 51.17 -78.67 39.85
CA ALA A 336 50.99 -77.37 39.21
C ALA A 336 49.51 -77.08 39.04
N GLN A 337 49.06 -76.01 39.67
CA GLN A 337 47.68 -75.59 39.56
C GLN A 337 47.54 -74.61 38.42
N ASN A 338 46.41 -74.69 37.73
CA ASN A 338 46.07 -73.73 36.70
C ASN A 338 45.21 -72.60 37.26
N SER A 339 44.00 -72.93 37.69
CA SER A 339 43.09 -71.96 38.29
C SER A 339 43.46 -71.60 39.72
N VAL A 340 43.05 -70.40 40.13
CA VAL A 340 43.30 -69.92 41.48
C VAL A 340 42.12 -70.26 42.38
N GLU A 341 40.96 -70.46 41.76
CA GLU A 341 39.69 -70.62 42.48
C GLU A 341 39.51 -71.98 43.14
N ASP A 342 40.35 -72.94 42.75
CA ASP A 342 40.31 -74.29 43.32
C ASP A 342 41.68 -74.62 43.94
N LEU A 343 42.12 -73.75 44.84
CA LEU A 343 43.47 -73.79 45.39
C LEU A 343 43.49 -74.07 46.88
N SER A 344 44.20 -75.13 47.27
CA SER A 344 44.34 -75.51 48.68
C SER A 344 45.81 -75.49 49.13
N PRO A 345 46.06 -75.39 50.46
CA PRO A 345 47.45 -75.36 50.95
C PRO A 345 48.11 -76.74 50.90
N GLN A 346 47.31 -77.78 50.66
CA GLN A 346 47.84 -79.14 50.45
C GLN A 346 48.58 -79.26 49.11
N ILE A 347 48.44 -78.25 48.25
CA ILE A 347 49.03 -78.25 46.91
C ILE A 347 50.36 -77.48 46.78
N LEU A 348 50.67 -76.66 47.79
CA LEU A 348 51.92 -75.89 47.81
C LEU A 348 53.16 -76.78 47.93
N GLY A 349 54.10 -76.62 47.02
CA GLY A 349 55.37 -77.31 47.08
C GLY A 349 56.34 -76.58 47.99
N PHE A 350 57.28 -77.30 48.59
CA PHE A 350 58.24 -76.69 49.49
C PHE A 350 59.69 -76.90 49.04
N SER A 351 60.45 -75.81 49.13
CA SER A 351 61.90 -75.86 48.97
C SER A 351 62.50 -75.08 50.13
N GLY A 352 63.45 -75.71 50.81
CA GLY A 352 64.07 -75.13 52.00
C GLY A 352 64.86 -73.85 51.78
N LEU A 353 64.95 -73.40 50.53
CA LEU A 353 65.68 -72.18 50.19
C LEU A 353 65.46 -71.77 48.75
N VAL A 354 65.12 -70.50 48.54
CA VAL A 354 65.00 -69.91 47.22
C VAL A 354 65.63 -68.52 47.28
N TYR A 355 66.68 -68.31 46.47
CA TYR A 355 67.38 -67.04 46.43
C TYR A 355 67.65 -66.54 45.03
N GLN A 356 67.71 -65.21 44.92
CA GLN A 356 67.82 -64.54 43.66
C GLN A 356 69.19 -63.88 43.58
N GLU A 357 70.05 -64.44 42.74
CA GLU A 357 71.36 -63.84 42.43
C GLU A 357 71.20 -62.98 41.19
N THR A 358 71.71 -61.74 41.27
CA THR A 358 71.66 -60.81 40.15
C THR A 358 73.05 -60.65 39.53
N ILE A 359 73.12 -60.74 38.20
CA ILE A 359 74.36 -60.54 37.46
C ILE A 359 74.16 -59.46 36.40
N GLY A 360 74.66 -58.25 36.71
CA GLY A 360 74.51 -57.10 35.83
C GLY A 360 73.08 -56.59 35.81
N GLU A 361 72.29 -57.12 34.88
CA GLU A 361 70.87 -56.77 34.74
C GLU A 361 69.96 -57.99 34.68
N GLU A 362 70.56 -59.17 34.49
CA GLU A 362 69.83 -60.45 34.45
C GLU A 362 69.74 -61.05 35.86
N LYS A 363 68.68 -61.83 36.10
CA LYS A 363 68.43 -62.42 37.43
C LYS A 363 68.20 -63.93 37.36
N PHE A 364 68.75 -64.66 38.34
CA PHE A 364 68.64 -66.12 38.42
C PHE A 364 68.03 -66.60 39.75
N THR A 365 66.80 -67.11 39.69
CA THR A 365 66.09 -67.58 40.88
C THR A 365 66.45 -69.04 41.14
N TYR A 366 67.06 -69.31 42.29
CA TYR A 366 67.49 -70.65 42.70
C TYR A 366 66.39 -71.38 43.46
N VAL A 367 66.44 -72.70 43.49
CA VAL A 367 65.50 -73.50 44.28
C VAL A 367 66.29 -74.59 45.02
N THR A 368 66.76 -74.26 46.23
CA THR A 368 67.75 -75.09 46.93
C THR A 368 67.19 -75.83 48.16
N GLU A 369 68.03 -76.70 48.73
CA GLU A 369 67.75 -77.41 50.00
C GLU A 369 66.35 -78.05 50.06
N ASN A 370 65.94 -78.66 48.95
CA ASN A 370 64.64 -79.34 48.86
C ASN A 370 64.63 -80.63 49.68
N THR A 371 63.47 -80.99 50.24
CA THR A 371 63.35 -82.18 51.09
C THR A 371 63.51 -83.49 50.34
N ASP A 372 62.92 -83.56 49.14
CA ASP A 372 63.10 -84.71 48.23
C ASP A 372 62.85 -84.32 46.77
N PRO A 373 63.91 -84.29 45.95
CA PRO A 373 63.86 -83.96 44.52
C PRO A 373 64.09 -85.14 43.58
N LYS A 374 63.28 -85.21 42.52
CA LYS A 374 63.49 -86.18 41.44
C LYS A 374 63.92 -85.46 40.17
N SER A 375 64.12 -84.14 40.29
CA SER A 375 64.59 -83.29 39.17
C SER A 375 65.67 -82.30 39.61
N CYS A 376 66.75 -82.20 38.84
CA CYS A 376 67.87 -81.34 39.20
C CYS A 376 68.24 -80.40 38.05
N THR A 377 69.37 -79.72 38.20
CA THR A 377 69.85 -78.74 37.21
C THR A 377 71.37 -78.67 37.16
N ILE A 378 71.91 -78.76 35.94
CA ILE A 378 73.33 -78.55 35.68
C ILE A 378 73.54 -77.11 35.22
N LEU A 379 73.91 -76.27 36.17
CA LEU A 379 74.17 -74.87 35.91
C LEU A 379 75.53 -74.75 35.24
N ILE A 380 75.54 -74.72 33.91
CA ILE A 380 76.78 -74.50 33.17
C ILE A 380 77.18 -73.02 33.25
N LYS A 381 78.28 -72.77 33.95
CA LYS A 381 78.92 -71.47 33.95
C LYS A 381 80.02 -71.49 32.90
N GLY A 382 80.21 -70.36 32.22
CA GLY A 382 81.20 -70.26 31.15
C GLY A 382 81.39 -68.82 30.73
N SER A 383 82.65 -68.42 30.60
CA SER A 383 83.02 -67.03 30.26
C SER A 383 82.38 -66.51 28.97
N THR A 384 82.71 -67.15 27.85
CA THR A 384 82.34 -66.66 26.52
C THR A 384 80.92 -67.08 26.08
N HIS A 385 80.77 -67.36 24.79
CA HIS A 385 79.51 -67.84 24.20
C HIS A 385 79.72 -69.12 23.39
N TYR A 386 80.93 -69.28 22.85
CA TYR A 386 81.33 -70.47 22.07
C TYR A 386 81.50 -71.71 22.93
N ALA A 387 81.86 -71.49 24.19
CA ALA A 387 82.05 -72.55 25.16
C ALA A 387 80.70 -72.97 25.74
N LEU A 388 79.81 -72.01 25.93
CA LEU A 388 78.51 -72.29 26.54
C LEU A 388 77.63 -73.24 25.73
N ALA A 389 77.98 -73.43 24.47
CA ALA A 389 77.34 -74.43 23.63
C ALA A 389 78.24 -75.68 23.56
N GLN A 390 79.55 -75.44 23.52
CA GLN A 390 80.57 -76.50 23.46
C GLN A 390 80.55 -77.41 24.69
N THR A 391 80.46 -76.81 25.88
CA THR A 391 80.45 -77.57 27.13
C THR A 391 79.05 -78.13 27.42
N LYS A 392 78.04 -77.61 26.72
CA LYS A 392 76.70 -78.19 26.74
C LYS A 392 76.66 -79.45 25.88
N ASP A 393 77.23 -79.35 24.67
CA ASP A 393 77.35 -80.47 23.72
C ASP A 393 78.34 -81.53 24.19
N ALA A 394 78.99 -81.27 25.32
CA ALA A 394 79.82 -82.25 26.00
C ALA A 394 78.99 -82.93 27.07
N VAL A 395 78.23 -82.14 27.82
CA VAL A 395 77.37 -82.64 28.90
C VAL A 395 76.24 -83.53 28.35
N ARG A 396 75.69 -83.15 27.20
CA ARG A 396 74.67 -83.94 26.51
C ARG A 396 75.21 -85.34 26.16
N ASP A 397 76.40 -85.38 25.57
CA ASP A 397 77.07 -86.61 25.14
C ASP A 397 77.62 -87.46 26.30
N GLY A 398 77.21 -87.10 27.53
CA GLY A 398 77.60 -87.82 28.73
C GLY A 398 76.39 -88.10 29.58
N LEU A 399 75.44 -87.17 29.56
CA LEU A 399 74.18 -87.29 30.29
C LEU A 399 73.27 -88.33 29.65
N ARG A 400 73.41 -88.50 28.33
CA ARG A 400 72.73 -89.56 27.60
C ARG A 400 73.58 -90.84 27.63
N ALA A 401 74.88 -90.68 27.88
CA ALA A 401 75.82 -91.81 27.92
C ALA A 401 75.77 -92.61 29.22
N VAL A 402 75.54 -91.93 30.34
CA VAL A 402 75.38 -92.59 31.63
C VAL A 402 73.98 -93.21 31.72
N ALA A 403 72.99 -92.54 31.13
CA ALA A 403 71.59 -93.00 31.13
C ALA A 403 71.39 -94.22 30.23
N ASN A 404 72.31 -94.45 29.31
CA ASN A 404 72.35 -95.68 28.52
C ASN A 404 72.85 -96.87 29.33
N VAL A 405 73.66 -96.60 30.36
CA VAL A 405 74.14 -97.64 31.27
C VAL A 405 73.01 -98.06 32.21
N LEU A 406 72.06 -97.16 32.43
CA LEU A 406 70.91 -97.46 33.26
C LEU A 406 69.78 -98.09 32.44
N LYS A 407 69.47 -97.48 31.30
CA LYS A 407 68.43 -98.02 30.42
C LYS A 407 68.76 -99.46 30.01
N ASP A 408 69.95 -99.65 29.45
CA ASP A 408 70.43 -101.00 29.14
C ASP A 408 71.08 -101.58 30.39
N LYS A 409 70.65 -102.76 30.82
CA LYS A 409 71.23 -103.39 32.00
C LYS A 409 72.61 -104.00 31.71
N ASN A 410 73.34 -103.39 30.78
CA ASN A 410 74.65 -103.88 30.35
C ASN A 410 75.63 -102.76 29.99
N ILE A 411 76.86 -103.16 29.62
CA ILE A 411 77.87 -102.24 29.09
C ILE A 411 78.99 -103.04 28.42
N ILE A 412 79.76 -102.40 27.54
CA ILE A 412 80.81 -103.05 26.78
C ILE A 412 82.17 -102.41 27.08
N PRO A 413 83.21 -103.23 27.33
CA PRO A 413 84.57 -102.73 27.55
C PRO A 413 85.10 -101.99 26.32
N GLY A 414 85.69 -100.82 26.55
CA GLY A 414 86.03 -99.88 25.48
C GLY A 414 87.33 -100.14 24.75
N ALA A 415 88.00 -99.04 24.38
CA ALA A 415 89.26 -99.05 23.62
C ALA A 415 89.19 -99.84 22.31
N GLY A 416 87.98 -100.15 21.89
CA GLY A 416 87.73 -100.88 20.66
C GLY A 416 88.02 -102.36 20.74
N ALA A 417 87.87 -102.94 21.93
CA ALA A 417 88.10 -104.36 22.14
C ALA A 417 87.04 -105.19 21.42
N PHE A 418 85.81 -104.67 21.41
CA PHE A 418 84.68 -105.33 20.77
C PHE A 418 84.87 -105.55 19.27
N TYR A 419 85.47 -104.58 18.60
CA TYR A 419 85.67 -104.65 17.16
C TYR A 419 86.79 -105.62 16.81
N ILE A 420 87.90 -105.52 17.54
CA ILE A 420 89.03 -106.41 17.35
C ILE A 420 88.57 -107.87 17.49
N ALA A 421 87.79 -108.13 18.54
CA ALA A 421 87.26 -109.48 18.81
C ALA A 421 86.34 -109.99 17.71
N LEU A 422 85.58 -109.09 17.09
CA LEU A 422 84.77 -109.45 15.94
C LEU A 422 85.65 -109.84 14.75
N SER A 423 86.62 -108.99 14.45
CA SER A 423 87.54 -109.22 13.32
C SER A 423 88.34 -110.51 13.45
N ARG A 424 88.48 -111.01 14.66
CA ARG A 424 89.16 -112.28 14.88
C ARG A 424 88.16 -113.44 14.76
N TYR A 425 86.97 -113.24 15.32
CA TYR A 425 85.94 -114.26 15.32
C TYR A 425 85.35 -114.51 13.93
N LEU A 426 85.08 -113.41 13.22
CA LEU A 426 84.45 -113.49 11.91
C LEU A 426 85.42 -114.04 10.85
N ARG A 427 86.71 -113.90 11.10
CA ARG A 427 87.74 -114.44 10.20
C ARG A 427 87.87 -115.96 10.32
N SER A 428 87.49 -116.51 11.48
CA SER A 428 87.63 -117.93 11.75
C SER A 428 86.36 -118.74 11.41
N ALA A 429 85.22 -118.28 11.91
CA ALA A 429 83.96 -119.03 11.82
C ALA A 429 83.20 -118.88 10.49
N ASN A 430 83.87 -118.33 9.47
CA ASN A 430 83.28 -118.22 8.12
C ASN A 430 83.03 -119.60 7.53
N MET A 431 83.97 -120.51 7.78
CA MET A 431 83.80 -121.92 7.50
C MET A 431 82.70 -122.48 8.40
N ASN A 432 82.62 -121.97 9.63
CA ASN A 432 81.65 -122.46 10.62
C ASN A 432 80.21 -121.96 10.45
N LYS A 433 80.04 -120.64 10.31
CA LYS A 433 78.71 -120.00 10.20
C LYS A 433 77.72 -120.80 9.38
N LEU A 434 78.15 -121.23 8.20
CA LEU A 434 77.32 -122.01 7.29
C LEU A 434 78.12 -123.18 6.68
N GLY A 435 79.40 -122.95 6.43
CA GLY A 435 80.11 -123.65 5.37
C GLY A 435 79.63 -122.95 4.11
N ALA A 436 79.75 -121.61 4.12
CA ALA A 436 78.94 -120.68 3.29
C ALA A 436 79.12 -120.72 1.76
N LYS A 437 78.28 -119.95 1.06
CA LYS A 437 78.21 -119.94 -0.41
C LYS A 437 79.50 -119.49 -1.11
N GLY A 438 80.60 -119.43 -0.35
CA GLY A 438 81.91 -119.04 -0.89
C GLY A 438 81.94 -117.57 -1.23
N LYS A 439 81.13 -117.18 -2.20
CA LYS A 439 80.95 -115.78 -2.53
C LYS A 439 80.60 -114.99 -1.28
N THR A 440 79.58 -115.45 -0.55
CA THR A 440 79.20 -114.81 0.71
C THR A 440 80.42 -114.61 1.61
N LYS A 441 81.33 -115.59 1.61
CA LYS A 441 82.52 -115.59 2.45
C LYS A 441 83.40 -114.34 2.32
N THR A 442 83.58 -113.83 1.10
CA THR A 442 84.40 -112.64 0.87
C THR A 442 83.79 -111.38 1.51
N GLY A 443 82.46 -111.28 1.44
CA GLY A 443 81.72 -110.16 2.03
C GLY A 443 81.96 -110.04 3.52
N ILE A 444 81.95 -111.18 4.20
CA ILE A 444 82.31 -111.22 5.60
C ILE A 444 83.78 -110.83 5.73
N GLU A 445 84.64 -111.58 5.06
CA GLU A 445 86.09 -111.36 5.09
C GLU A 445 86.45 -109.87 5.05
N ALA A 446 85.64 -109.09 4.35
CA ALA A 446 85.81 -107.63 4.32
C ALA A 446 85.19 -107.01 5.56
N PHE A 447 83.86 -107.09 5.68
CA PHE A 447 83.15 -106.53 6.83
C PHE A 447 83.91 -106.78 8.12
N ALA A 448 84.45 -108.00 8.25
CA ALA A 448 85.21 -108.43 9.41
C ALA A 448 86.44 -107.54 9.65
N GLU A 449 87.34 -107.55 8.68
CA GLU A 449 88.57 -106.76 8.76
C GLU A 449 88.27 -105.26 8.61
N ALA A 450 87.05 -104.93 8.18
CA ALA A 450 86.63 -103.54 8.00
C ALA A 450 86.41 -102.84 9.33
N LEU A 451 85.84 -103.58 10.28
CA LEU A 451 85.53 -103.03 11.60
C LEU A 451 86.74 -102.44 12.30
N LEU A 452 87.92 -102.91 11.92
CA LEU A 452 89.15 -102.47 12.58
C LEU A 452 89.43 -100.97 12.47
N VAL A 453 88.52 -100.22 11.84
CA VAL A 453 88.66 -98.76 11.74
C VAL A 453 88.89 -98.13 13.10
N ILE A 454 87.88 -98.24 13.96
CA ILE A 454 87.92 -97.66 15.30
C ILE A 454 89.30 -97.82 15.98
N PRO A 455 89.80 -99.07 16.12
CA PRO A 455 91.15 -99.24 16.66
C PRO A 455 92.20 -98.43 15.90
N LYS A 456 92.35 -98.70 14.60
CA LYS A 456 93.36 -98.03 13.78
C LYS A 456 93.24 -96.50 13.84
N THR A 457 92.05 -95.99 13.51
CA THR A 457 91.78 -94.55 13.49
C THR A 457 91.85 -93.91 14.87
N LEU A 458 91.93 -94.75 15.91
CA LEU A 458 92.25 -94.27 17.24
C LEU A 458 93.75 -94.17 17.44
N VAL A 459 94.50 -95.14 16.91
CA VAL A 459 95.95 -95.11 16.98
C VAL A 459 96.49 -94.05 16.02
N LYS A 460 95.82 -93.87 14.88
CA LYS A 460 96.13 -92.78 13.95
C LYS A 460 96.10 -91.45 14.68
N ASN A 461 95.00 -91.20 15.40
CA ASN A 461 94.85 -89.99 16.18
C ASN A 461 95.85 -89.93 17.31
N SER A 462 96.17 -91.10 17.87
CA SER A 462 97.14 -91.21 18.94
C SER A 462 98.50 -90.68 18.53
N GLY A 463 98.88 -90.98 17.29
CA GLY A 463 100.19 -90.61 16.77
C GLY A 463 101.06 -91.83 16.61
N PHE A 464 100.88 -92.80 17.50
CA PHE A 464 101.56 -94.09 17.41
C PHE A 464 101.21 -94.82 16.12
N ASP A 465 102.08 -95.75 15.70
CA ASP A 465 101.87 -96.48 14.45
C ASP A 465 100.66 -97.42 14.55
N PRO A 466 99.61 -97.13 13.76
CA PRO A 466 98.30 -97.78 13.86
C PRO A 466 98.34 -99.28 13.55
N LEU A 467 99.12 -99.67 12.56
CA LEU A 467 99.25 -101.07 12.19
C LEU A 467 100.08 -101.83 13.22
N ASP A 468 100.89 -101.09 13.98
CA ASP A 468 101.80 -101.68 14.97
C ASP A 468 101.15 -101.94 16.32
N VAL A 469 100.37 -100.99 16.81
CA VAL A 469 99.65 -101.14 18.08
C VAL A 469 98.44 -102.07 17.92
N LEU A 470 97.93 -102.16 16.70
CA LEU A 470 96.93 -103.16 16.33
C LEU A 470 97.51 -104.57 16.53
N ALA A 471 98.59 -104.86 15.80
CA ALA A 471 99.31 -106.13 15.94
C ALA A 471 99.72 -106.39 17.39
N MET A 472 99.94 -105.32 18.15
CA MET A 472 100.27 -105.42 19.57
C MET A 472 99.12 -105.99 20.40
N VAL A 473 97.91 -105.47 20.18
CA VAL A 473 96.71 -105.99 20.84
C VAL A 473 96.38 -107.39 20.32
N GLU A 474 96.63 -107.60 19.02
CA GLU A 474 96.46 -108.91 18.37
C GLU A 474 97.38 -109.96 18.98
N ASP A 475 98.58 -109.54 19.37
CA ASP A 475 99.57 -110.44 19.97
C ASP A 475 99.25 -110.81 21.42
N GLU A 476 98.92 -109.81 22.24
CA GLU A 476 98.64 -110.03 23.67
C GLU A 476 97.28 -110.68 23.93
N LEU A 477 96.46 -110.80 22.88
CA LEU A 477 95.18 -111.50 22.96
C LEU A 477 95.39 -113.00 22.78
N ASP A 478 96.19 -113.38 21.78
CA ASP A 478 96.54 -114.77 21.53
C ASP A 478 97.27 -115.42 22.73
N ASP A 479 97.88 -114.58 23.56
CA ASP A 479 98.51 -115.00 24.81
C ASP A 479 97.50 -115.45 25.85
N ALA A 480 96.30 -114.87 25.79
CA ALA A 480 95.20 -115.24 26.66
C ALA A 480 94.28 -116.29 26.01
N GLN A 481 94.34 -116.37 24.68
CA GLN A 481 93.55 -117.34 23.91
C GLN A 481 94.11 -118.76 24.05
N ASP A 482 95.42 -118.86 24.27
CA ASP A 482 96.08 -120.13 24.52
C ASP A 482 96.19 -120.44 26.02
N SER A 483 95.88 -119.45 26.86
CA SER A 483 95.91 -119.59 28.32
C SER A 483 94.53 -119.84 28.93
N ASP A 484 93.54 -120.02 28.05
CA ASP A 484 92.16 -120.40 28.41
C ASP A 484 91.26 -119.28 28.94
N GLU A 485 91.63 -118.67 30.06
CA GLU A 485 90.84 -117.57 30.63
C GLU A 485 91.01 -116.28 29.82
N THR A 486 89.96 -115.89 29.10
CA THR A 486 90.02 -114.73 28.20
C THR A 486 89.71 -113.41 28.93
N ARG A 487 90.70 -112.53 28.97
CA ARG A 487 90.56 -111.21 29.56
C ARG A 487 90.57 -110.16 28.46
N TYR A 488 89.70 -109.16 28.57
CA TYR A 488 89.51 -108.14 27.52
C TYR A 488 90.78 -107.35 27.23
N VAL A 489 90.97 -106.99 25.96
CA VAL A 489 92.15 -106.22 25.55
C VAL A 489 91.82 -105.18 24.45
N GLY A 490 92.16 -103.92 24.75
CA GLY A 490 91.98 -102.83 23.78
C GLY A 490 93.25 -102.03 23.60
N VAL A 491 93.14 -100.90 22.90
CA VAL A 491 94.29 -100.07 22.61
C VAL A 491 94.48 -98.98 23.66
N ASP A 492 95.67 -98.99 24.28
CA ASP A 492 96.11 -97.91 25.16
C ASP A 492 96.57 -96.77 24.28
N LEU A 493 95.91 -95.62 24.40
CA LEU A 493 96.22 -94.49 23.53
C LEU A 493 97.41 -93.64 24.01
N ASN A 494 97.79 -93.79 25.27
CA ASN A 494 98.87 -92.99 25.85
C ASN A 494 100.27 -93.51 25.51
N ILE A 495 100.49 -94.80 25.76
CA ILE A 495 101.81 -95.42 25.61
C ILE A 495 102.04 -96.19 24.29
N GLY A 496 100.96 -96.38 23.51
CA GLY A 496 101.00 -97.14 22.26
C GLY A 496 101.23 -98.61 22.50
N ASP A 497 100.49 -99.16 23.47
CA ASP A 497 100.62 -100.57 23.90
C ASP A 497 99.24 -101.23 24.07
N SER A 498 99.27 -102.54 24.28
CA SER A 498 98.07 -103.31 24.62
C SER A 498 97.63 -102.98 26.05
N CYS A 499 96.32 -103.08 26.30
CA CYS A 499 95.78 -102.78 27.63
C CYS A 499 94.41 -103.40 27.88
N ASP A 500 94.04 -103.47 29.17
CA ASP A 500 92.75 -104.00 29.63
C ASP A 500 91.79 -102.86 30.02
N PRO A 501 90.74 -102.63 29.21
CA PRO A 501 89.79 -101.55 29.46
C PRO A 501 89.00 -101.75 30.74
N THR A 502 88.87 -103.01 31.15
CA THR A 502 88.26 -103.37 32.42
C THR A 502 89.10 -102.84 33.58
N ILE A 503 90.42 -102.91 33.43
CA ILE A 503 91.34 -102.40 34.44
C ILE A 503 91.51 -100.88 34.34
N GLU A 504 91.72 -100.38 33.12
CA GLU A 504 91.95 -98.95 32.88
C GLU A 504 90.75 -98.06 33.17
N GLY A 505 89.57 -98.67 33.29
CA GLY A 505 88.32 -97.98 33.62
C GLY A 505 87.77 -97.09 32.52
N ILE A 506 87.72 -97.62 31.30
CA ILE A 506 87.24 -96.88 30.14
C ILE A 506 86.12 -97.65 29.46
N TRP A 507 84.89 -97.16 29.60
CA TRP A 507 83.71 -97.89 29.11
C TRP A 507 82.94 -97.24 27.98
N ASP A 508 82.01 -98.00 27.42
CA ASP A 508 81.40 -97.74 26.12
C ASP A 508 80.02 -98.42 26.07
N SER A 509 78.96 -97.63 25.87
CA SER A 509 77.58 -98.11 26.03
C SER A 509 77.10 -99.15 25.00
N TYR A 510 76.11 -99.95 25.42
CA TYR A 510 75.61 -101.07 24.62
C TYR A 510 74.78 -100.59 23.42
N ARG A 511 73.73 -99.83 23.72
CA ARG A 511 72.85 -99.30 22.70
C ARG A 511 73.62 -98.52 21.63
N VAL A 512 74.70 -97.87 22.03
CA VAL A 512 75.56 -97.15 21.09
C VAL A 512 76.09 -98.12 20.02
N LEU A 513 76.70 -99.22 20.47
CA LEU A 513 77.29 -100.21 19.58
C LEU A 513 76.26 -101.13 18.94
N ARG A 514 75.04 -101.11 19.46
CA ARG A 514 73.95 -101.89 18.90
C ARG A 514 73.33 -101.19 17.69
N ASN A 515 73.20 -99.86 17.77
CA ASN A 515 72.67 -99.03 16.68
C ASN A 515 73.77 -98.41 15.84
N ALA A 516 75.02 -98.75 16.13
CA ALA A 516 76.16 -98.34 15.32
C ALA A 516 76.36 -99.29 14.14
N ILE A 517 76.32 -100.59 14.43
CA ILE A 517 76.54 -101.62 13.41
C ILE A 517 75.32 -101.77 12.47
N THR A 518 74.11 -101.84 13.04
CA THR A 518 72.89 -102.02 12.25
C THR A 518 72.57 -100.77 11.38
N GLY A 519 73.14 -99.63 11.75
CA GLY A 519 73.03 -98.41 10.96
C GLY A 519 74.05 -98.35 9.83
N ALA A 520 75.31 -98.68 10.15
CA ALA A 520 76.41 -98.64 9.19
C ALA A 520 76.27 -99.68 8.08
N THR A 521 75.98 -100.93 8.48
CA THR A 521 75.72 -102.01 7.52
C THR A 521 74.54 -101.66 6.62
N GLY A 522 73.45 -101.20 7.22
CA GLY A 522 72.25 -100.79 6.50
C GLY A 522 72.45 -99.71 5.44
N ILE A 523 73.40 -98.82 5.67
CA ILE A 523 73.65 -97.72 4.73
C ILE A 523 74.79 -98.03 3.76
N ALA A 524 75.81 -98.75 4.23
CA ALA A 524 76.89 -99.19 3.36
C ALA A 524 76.44 -100.32 2.42
N SER A 525 75.64 -101.25 2.94
CA SER A 525 75.07 -102.36 2.15
C SER A 525 73.82 -101.94 1.36
N ASN A 526 73.67 -100.64 1.18
CA ASN A 526 72.62 -100.08 0.34
C ASN A 526 73.27 -99.19 -0.70
N LEU A 527 74.43 -98.64 -0.33
CA LEU A 527 75.24 -97.78 -1.20
C LEU A 527 76.02 -98.59 -2.24
N LEU A 528 76.33 -99.85 -1.90
CA LEU A 528 76.95 -100.75 -2.86
C LEU A 528 75.97 -101.11 -3.96
N LEU A 529 74.79 -101.55 -3.53
CA LEU A 529 73.76 -102.09 -4.41
C LEU A 529 73.24 -101.14 -5.51
N CYS A 530 73.54 -99.85 -5.40
CA CYS A 530 73.09 -98.88 -6.41
C CYS A 530 73.91 -98.98 -7.71
N ASP A 531 73.24 -98.71 -8.83
CA ASP A 531 73.89 -98.78 -10.15
C ASP A 531 73.77 -97.47 -10.93
N GLU A 532 72.90 -96.58 -10.47
CA GLU A 532 72.71 -95.28 -11.10
C GLU A 532 72.54 -94.18 -10.07
N LEU A 533 72.98 -92.96 -10.41
CA LEU A 533 72.66 -91.75 -9.65
C LEU A 533 72.00 -90.74 -10.58
N LEU A 534 70.70 -90.54 -10.38
CA LEU A 534 69.91 -89.76 -11.32
C LEU A 534 69.45 -88.44 -10.75
N ARG A 535 69.35 -87.45 -11.65
CA ARG A 535 68.79 -86.13 -11.36
C ARG A 535 67.84 -85.72 -12.49
N ALA A 536 66.55 -85.68 -12.18
CA ALA A 536 65.51 -85.24 -13.11
C ALA A 536 64.32 -84.71 -12.31
N GLY A 537 63.76 -83.59 -12.75
CA GLY A 537 62.67 -82.94 -12.03
C GLY A 537 62.34 -81.59 -12.64
N ARG A 538 61.29 -80.93 -12.12
CA ARG A 538 60.84 -79.64 -12.64
C ARG A 538 61.82 -78.49 -12.31
N SER A 539 61.82 -77.46 -13.15
CA SER A 539 62.76 -76.33 -13.03
C SER A 539 62.72 -75.59 -11.69
N PRO B 6 98.50 -77.92 -19.26
CA PRO B 6 98.62 -77.84 -17.79
C PRO B 6 97.28 -78.11 -17.08
N GLN B 7 97.09 -77.49 -15.90
CA GLN B 7 95.82 -77.53 -15.13
C GLN B 7 95.75 -78.55 -13.97
N ASN B 8 95.34 -78.08 -12.80
CA ASN B 8 95.25 -78.87 -11.57
C ASN B 8 93.90 -79.53 -11.29
N PRO B 9 93.91 -80.73 -10.67
CA PRO B 9 92.68 -81.42 -10.24
C PRO B 9 92.18 -81.02 -8.84
N ASN B 10 90.95 -81.41 -8.52
CA ASN B 10 90.31 -81.08 -7.23
C ASN B 10 90.79 -81.98 -6.07
N ALA B 11 90.32 -81.67 -4.86
CA ALA B 11 90.66 -82.43 -3.67
C ALA B 11 89.48 -83.25 -3.13
N GLY B 12 88.39 -82.55 -2.79
CA GLY B 12 87.17 -83.16 -2.23
C GLY B 12 86.03 -82.16 -2.12
N LEU B 13 84.97 -82.38 -2.90
CA LEU B 13 83.82 -81.47 -2.97
C LEU B 13 82.58 -82.04 -2.27
N PHE B 14 82.55 -81.91 -0.94
CA PHE B 14 81.39 -82.32 -0.15
C PHE B 14 80.50 -81.12 0.17
N LYS B 15 81.09 -79.93 0.19
CA LYS B 15 80.42 -78.71 0.65
C LYS B 15 80.05 -77.75 -0.48
N GLN B 16 79.42 -76.62 -0.13
CA GLN B 16 78.94 -75.66 -1.12
C GLN B 16 79.97 -74.61 -1.54
N GLY B 17 81.07 -74.51 -0.79
CA GLY B 17 82.15 -73.58 -1.13
C GLY B 17 82.78 -72.97 0.11
N TYR B 18 83.80 -73.64 0.64
CA TYR B 18 84.42 -73.27 1.93
C TYR B 18 85.93 -73.03 1.81
N ASN B 19 86.57 -72.89 2.98
CA ASN B 19 88.04 -72.87 3.12
C ASN B 19 88.46 -73.47 4.48
N SER B 20 89.46 -74.35 4.46
CA SER B 20 89.96 -74.95 5.71
C SER B 20 91.44 -74.65 5.97
N TYR B 21 91.75 -74.29 7.22
CA TYR B 21 93.07 -73.80 7.62
C TYR B 21 93.76 -74.82 8.52
N SER B 22 94.33 -75.84 7.87
CA SER B 22 94.76 -77.09 8.50
C SER B 22 96.20 -77.09 9.05
N ASN B 23 96.65 -78.26 9.53
CA ASN B 23 97.99 -78.51 10.11
C ASN B 23 98.41 -77.54 11.24
N ALA B 24 97.40 -77.00 11.95
CA ALA B 24 97.56 -75.91 12.92
C ALA B 24 98.24 -74.65 12.34
N ASP B 25 98.42 -74.62 11.01
CA ASP B 25 99.08 -73.52 10.31
C ASP B 25 98.36 -72.21 10.63
N GLY B 26 97.10 -72.12 10.19
CA GLY B 26 96.22 -71.00 10.49
C GLY B 26 96.08 -70.77 11.97
N GLN B 27 96.88 -71.50 12.75
CA GLN B 27 96.91 -71.38 14.21
C GLN B 27 98.33 -71.18 14.78
N ILE B 28 99.16 -72.22 14.70
CA ILE B 28 100.53 -72.14 15.14
C ILE B 28 101.28 -70.99 14.47
N ILE B 29 100.95 -70.67 13.22
CA ILE B 29 101.65 -69.54 12.61
C ILE B 29 100.73 -68.38 12.19
N LYS B 30 99.96 -68.57 11.13
CA LYS B 30 99.10 -67.52 10.57
C LYS B 30 98.23 -66.85 11.64
N SER B 31 97.86 -67.62 12.67
CA SER B 31 97.03 -67.10 13.73
C SER B 31 97.84 -66.21 14.67
N ILE B 32 98.95 -66.73 15.18
CA ILE B 32 99.82 -65.95 16.08
C ILE B 32 100.16 -64.59 15.48
N ALA B 33 100.44 -64.55 14.19
CA ALA B 33 100.72 -63.30 13.47
C ALA B 33 99.50 -62.37 13.43
N ALA B 34 98.32 -62.94 13.14
CA ALA B 34 97.08 -62.17 13.07
C ALA B 34 96.78 -61.50 14.41
N ILE B 35 97.07 -62.21 15.49
CA ILE B 35 96.98 -61.69 16.84
C ILE B 35 98.02 -60.58 17.06
N ARG B 36 99.25 -60.82 16.57
CA ARG B 36 100.38 -59.88 16.72
C ARG B 36 100.11 -58.48 16.17
N GLU B 37 99.21 -58.40 15.18
CA GLU B 37 98.79 -57.12 14.62
C GLU B 37 98.03 -56.28 15.65
N LEU B 38 97.03 -56.89 16.30
CA LEU B 38 96.26 -56.21 17.34
C LEU B 38 96.93 -56.24 18.72
N HIS B 39 97.99 -57.04 18.85
CA HIS B 39 98.83 -57.04 20.06
C HIS B 39 99.64 -55.75 20.09
N GLN B 40 100.28 -55.43 18.96
CA GLN B 40 101.05 -54.21 18.78
C GLN B 40 100.18 -52.96 18.80
N MET B 41 98.87 -53.17 18.64
CA MET B 41 97.89 -52.11 18.73
C MET B 41 97.88 -51.56 20.15
N CYS B 42 97.17 -52.24 21.05
CA CYS B 42 97.00 -51.77 22.42
C CYS B 42 98.25 -52.04 23.27
N LEU B 43 99.33 -52.43 22.61
CA LEU B 43 100.64 -52.49 23.23
C LEU B 43 101.12 -51.07 23.48
N THR B 44 100.64 -50.14 22.65
CA THR B 44 101.01 -48.75 22.74
C THR B 44 100.01 -47.93 23.54
N SER B 45 99.04 -48.60 24.17
CA SER B 45 98.01 -47.91 24.93
C SER B 45 98.03 -48.25 26.42
N MET B 46 98.81 -49.26 26.79
CA MET B 46 98.96 -49.67 28.19
C MET B 46 99.67 -48.61 29.02
N GLY B 47 98.98 -48.09 30.03
CA GLY B 47 99.59 -47.19 31.00
C GLY B 47 99.41 -45.71 30.75
N PRO B 48 99.96 -44.89 31.66
CA PRO B 48 99.89 -43.42 31.66
C PRO B 48 100.64 -42.78 30.49
N CYS B 49 101.61 -43.49 29.92
CA CYS B 49 102.36 -42.99 28.77
C CYS B 49 101.72 -43.45 27.45
N GLY B 50 100.84 -44.44 27.55
CA GLY B 50 100.11 -45.00 26.41
C GLY B 50 99.35 -43.98 25.59
N ARG B 51 99.09 -44.34 24.33
CA ARG B 51 98.46 -43.41 23.39
C ARG B 51 97.02 -43.81 23.08
N ASN B 52 96.16 -42.80 22.98
CA ASN B 52 94.76 -43.00 22.62
C ASN B 52 94.62 -43.26 21.13
N LYS B 53 93.57 -43.99 20.76
CA LYS B 53 93.34 -44.32 19.36
C LYS B 53 91.96 -43.86 18.87
N ILE B 54 91.96 -43.02 17.85
CA ILE B 54 90.73 -42.45 17.30
C ILE B 54 90.10 -43.41 16.29
N ILE B 55 88.94 -43.97 16.62
CA ILE B 55 88.30 -44.99 15.80
C ILE B 55 86.92 -44.55 15.31
N VAL B 56 86.76 -44.44 13.99
CA VAL B 56 85.46 -44.07 13.42
C VAL B 56 84.69 -45.33 13.02
N ASN B 57 83.43 -45.41 13.47
CA ASN B 57 82.64 -46.67 13.41
C ASN B 57 81.91 -47.00 12.11
N HIS B 58 80.95 -47.92 12.22
CA HIS B 58 80.13 -48.39 11.11
C HIS B 58 79.10 -47.36 10.65
N LEU B 59 78.98 -46.28 11.44
CA LEU B 59 78.00 -45.22 11.18
C LEU B 59 78.66 -43.83 11.07
N GLY B 60 79.95 -43.76 11.35
CA GLY B 60 80.70 -42.52 11.20
C GLY B 60 80.83 -41.69 12.47
N LYS B 61 80.46 -42.27 13.62
CA LYS B 61 80.58 -41.58 14.91
C LYS B 61 81.96 -41.83 15.53
N ILE B 62 82.66 -40.74 15.86
CA ILE B 62 84.02 -40.79 16.39
C ILE B 62 84.06 -41.40 17.79
N ILE B 63 85.07 -42.24 18.05
CA ILE B 63 85.29 -42.82 19.38
C ILE B 63 86.77 -42.81 19.72
N ILE B 64 87.12 -42.19 20.85
CA ILE B 64 88.51 -42.09 21.32
C ILE B 64 88.66 -42.76 22.68
N THR B 65 89.45 -43.83 22.74
CA THR B 65 89.60 -44.62 23.97
C THR B 65 91.00 -45.20 24.21
N ASN B 66 91.49 -44.99 25.42
CA ASN B 66 92.69 -45.67 25.92
C ASN B 66 92.42 -47.14 26.21
N ASP B 67 91.16 -47.48 26.48
CA ASP B 67 90.76 -48.84 26.84
C ASP B 67 91.03 -49.80 25.70
N ALA B 68 91.44 -51.02 26.06
CA ALA B 68 91.64 -52.09 25.09
C ALA B 68 90.31 -52.66 24.60
N ALA B 69 89.43 -53.01 25.54
CA ALA B 69 88.13 -53.62 25.24
C ALA B 69 87.18 -52.70 24.47
N THR B 70 87.19 -51.40 24.80
CA THR B 70 86.39 -50.39 24.13
C THR B 70 86.94 -50.13 22.74
N MET B 71 88.26 -50.06 22.66
CA MET B 71 88.99 -49.88 21.41
C MET B 71 88.79 -51.07 20.48
N LEU B 72 88.62 -52.25 21.05
CA LEU B 72 88.37 -53.47 20.29
C LEU B 72 86.89 -53.68 19.94
N ARG B 73 86.00 -53.42 20.90
CA ARG B 73 84.55 -53.56 20.68
C ARG B 73 84.04 -52.60 19.59
N GLU B 74 84.79 -51.54 19.33
CA GLU B 74 84.47 -50.60 18.26
C GLU B 74 84.98 -51.03 16.87
N LEU B 75 85.82 -52.07 16.86
CA LEU B 75 86.35 -52.62 15.61
C LEU B 75 85.46 -53.72 15.03
N ASP B 76 85.51 -53.85 13.70
CA ASP B 76 84.91 -54.96 12.99
C ASP B 76 86.01 -55.97 12.69
N ILE B 77 85.91 -57.15 13.30
CA ILE B 77 86.98 -58.16 13.25
C ILE B 77 86.57 -59.45 12.51
N VAL B 78 87.51 -60.06 11.79
CA VAL B 78 87.25 -61.24 10.97
C VAL B 78 87.88 -62.51 11.55
N HIS B 79 89.21 -62.54 11.59
CA HIS B 79 90.01 -63.73 12.00
C HIS B 79 89.56 -64.32 13.34
N PRO B 80 89.07 -65.57 13.30
CA PRO B 80 88.44 -66.25 14.43
C PRO B 80 89.35 -66.33 15.65
N ALA B 81 90.63 -66.63 15.44
CA ALA B 81 91.57 -66.75 16.54
C ALA B 81 92.09 -65.41 17.05
N VAL B 82 91.61 -64.32 16.44
CA VAL B 82 91.78 -62.99 17.02
C VAL B 82 90.55 -62.69 17.88
N LYS B 83 89.36 -62.92 17.31
CA LYS B 83 88.09 -62.79 18.04
C LYS B 83 88.17 -63.39 19.43
N VAL B 84 88.76 -64.57 19.52
CA VAL B 84 88.90 -65.29 20.79
C VAL B 84 89.44 -64.39 21.89
N LEU B 85 90.50 -63.64 21.58
CA LEU B 85 91.13 -62.76 22.55
C LEU B 85 90.34 -61.46 22.76
N VAL B 86 89.49 -61.12 21.79
CA VAL B 86 88.69 -59.90 21.87
C VAL B 86 87.49 -60.08 22.84
N MET B 87 86.88 -61.26 22.77
CA MET B 87 85.80 -61.65 23.69
C MET B 87 86.35 -61.81 25.09
N ALA B 88 87.64 -62.14 25.16
CA ALA B 88 88.36 -62.25 26.41
C ALA B 88 88.60 -60.89 27.07
N THR B 89 88.76 -59.84 26.26
CA THR B 89 88.87 -58.48 26.80
C THR B 89 87.50 -58.03 27.29
N GLU B 90 86.46 -58.44 26.56
CA GLU B 90 85.06 -58.18 26.94
C GLU B 90 84.66 -58.97 28.19
N GLN B 91 85.35 -60.06 28.45
CA GLN B 91 85.16 -60.80 29.69
C GLN B 91 85.57 -59.98 30.90
N GLN B 92 86.77 -59.40 30.85
CA GLN B 92 87.31 -58.70 32.01
C GLN B 92 86.80 -57.26 32.14
N LYS B 93 86.10 -56.77 31.12
CA LYS B 93 85.40 -55.50 31.21
C LYS B 93 84.15 -55.67 32.08
N ILE B 94 83.35 -56.68 31.76
CA ILE B 94 82.11 -56.95 32.50
C ILE B 94 82.38 -57.45 33.92
N ASP B 95 83.53 -58.10 34.12
CA ASP B 95 83.84 -58.76 35.39
C ASP B 95 84.96 -58.14 36.23
N MET B 96 85.36 -56.91 35.91
CA MET B 96 86.27 -56.16 36.76
C MET B 96 86.36 -54.65 36.42
N GLY B 97 86.14 -54.31 35.16
CA GLY B 97 86.22 -52.90 34.73
C GLY B 97 87.62 -52.54 34.31
N ASP B 98 88.59 -52.97 35.12
CA ASP B 98 90.02 -52.83 34.82
C ASP B 98 90.62 -54.13 34.31
N GLY B 99 91.84 -54.04 33.75
CA GLY B 99 92.61 -55.22 33.35
C GLY B 99 92.48 -55.58 31.88
N THR B 100 91.51 -54.99 31.20
CA THR B 100 91.21 -55.28 29.80
C THR B 100 92.45 -55.18 28.92
N ASN B 101 93.32 -54.23 29.21
CA ASN B 101 94.55 -54.05 28.46
C ASN B 101 95.53 -55.19 28.74
N LEU B 102 95.62 -55.59 30.01
CA LEU B 102 96.50 -56.68 30.42
C LEU B 102 95.99 -58.02 29.91
N VAL B 103 94.68 -58.12 29.69
CA VAL B 103 94.09 -59.32 29.11
C VAL B 103 94.75 -59.63 27.80
N MET B 104 94.88 -58.61 26.95
CA MET B 104 95.44 -58.77 25.63
C MET B 104 96.94 -59.02 25.67
N ILE B 105 97.66 -58.06 26.26
CA ILE B 105 99.11 -58.07 26.38
C ILE B 105 99.70 -59.42 26.80
N LEU B 106 99.09 -60.07 27.79
CA LEU B 106 99.47 -61.41 28.19
C LEU B 106 99.08 -62.42 27.13
N ALA B 107 97.79 -62.48 26.83
CA ALA B 107 97.27 -63.43 25.84
C ALA B 107 98.02 -63.32 24.52
N GLY B 108 98.37 -62.09 24.16
CA GLY B 108 99.10 -61.82 22.92
C GLY B 108 100.51 -62.35 22.92
N GLU B 109 101.24 -62.07 24.00
CA GLU B 109 102.61 -62.53 24.11
C GLU B 109 102.68 -64.00 24.48
N LEU B 110 101.73 -64.47 25.28
CA LEU B 110 101.60 -65.89 25.63
C LEU B 110 101.62 -66.81 24.40
N LEU B 111 101.20 -66.27 23.25
CA LEU B 111 101.22 -67.00 22.00
C LEU B 111 102.43 -66.60 21.19
N ASN B 112 102.81 -65.33 21.34
CA ASN B 112 103.96 -64.77 20.66
C ASN B 112 105.25 -65.43 21.12
N VAL B 113 105.32 -65.79 22.40
CA VAL B 113 106.45 -66.50 22.98
C VAL B 113 106.28 -68.02 22.80
N SER B 114 105.04 -68.45 22.60
CA SER B 114 104.75 -69.85 22.35
C SER B 114 105.23 -70.30 20.99
N GLU B 115 105.37 -69.34 20.06
CA GLU B 115 105.90 -69.62 18.73
C GLU B 115 107.27 -70.27 18.81
N LYS B 116 108.12 -69.75 19.69
CA LYS B 116 109.44 -70.31 19.94
C LYS B 116 109.37 -71.79 20.34
N LEU B 117 108.33 -72.15 21.08
CA LEU B 117 108.17 -73.53 21.57
C LEU B 117 107.51 -74.44 20.56
N ILE B 118 106.59 -73.88 19.76
CA ILE B 118 105.92 -74.64 18.72
C ILE B 118 106.95 -75.11 17.68
N SER B 119 107.89 -74.25 17.34
CA SER B 119 108.98 -74.62 16.44
C SER B 119 110.04 -75.49 17.10
N MET B 120 110.28 -75.27 18.41
CA MET B 120 111.29 -76.03 19.17
C MET B 120 111.14 -77.54 19.00
N GLY B 121 109.90 -78.00 18.95
CA GLY B 121 109.59 -79.42 18.78
C GLY B 121 108.48 -79.93 19.69
N LEU B 122 107.92 -79.02 20.49
CA LEU B 122 106.84 -79.36 21.44
C LEU B 122 105.51 -79.69 20.75
N SER B 123 104.60 -80.28 21.53
CA SER B 123 103.25 -80.52 21.05
C SER B 123 102.34 -79.40 21.51
N ALA B 124 101.15 -79.32 20.91
CA ALA B 124 100.13 -78.37 21.32
C ALA B 124 99.64 -78.73 22.72
N VAL B 125 99.21 -79.97 22.89
CA VAL B 125 98.75 -80.51 24.18
C VAL B 125 99.81 -80.38 25.29
N GLU B 126 101.08 -80.27 24.87
CA GLU B 126 102.22 -80.10 25.79
C GLU B 126 102.23 -78.71 26.43
N ILE B 127 102.20 -77.70 25.58
CA ILE B 127 102.22 -76.30 26.01
C ILE B 127 100.91 -75.93 26.73
N ILE B 128 99.79 -76.41 26.21
CA ILE B 128 98.47 -76.29 26.84
C ILE B 128 98.51 -76.67 28.33
N GLN B 129 99.01 -77.88 28.63
CA GLN B 129 99.14 -78.36 29.99
C GLN B 129 100.21 -77.56 30.75
N GLY B 130 101.32 -77.26 30.08
CA GLY B 130 102.45 -76.56 30.69
C GLY B 130 102.16 -75.14 31.11
N TYR B 131 101.22 -74.51 30.40
CA TYR B 131 100.76 -73.16 30.72
C TYR B 131 99.73 -73.17 31.85
N ASN B 132 98.85 -74.17 31.82
CA ASN B 132 97.89 -74.38 32.89
C ASN B 132 98.64 -74.58 34.20
N MET B 133 99.59 -75.50 34.21
CA MET B 133 100.45 -75.75 35.37
C MET B 133 101.19 -74.48 35.84
N ALA B 134 101.38 -73.54 34.93
CA ALA B 134 102.05 -72.27 35.24
C ALA B 134 101.09 -71.17 35.70
N ARG B 135 99.89 -71.13 35.12
CA ARG B 135 98.84 -70.19 35.56
C ARG B 135 98.43 -70.49 36.99
N LYS B 136 98.14 -71.77 37.24
CA LYS B 136 97.72 -72.25 38.56
C LYS B 136 98.75 -71.91 39.63
N PHE B 137 100.02 -71.90 39.24
CA PHE B 137 101.10 -71.47 40.13
C PHE B 137 101.13 -69.94 40.31
N THR B 138 100.83 -69.20 39.24
CA THR B 138 100.90 -67.74 39.28
C THR B 138 99.87 -67.13 40.23
N LEU B 139 98.65 -67.66 40.21
CA LEU B 139 97.58 -67.19 41.09
C LEU B 139 97.85 -67.55 42.56
N LYS B 140 98.42 -68.73 42.77
CA LYS B 140 98.80 -69.18 44.10
C LYS B 140 99.95 -68.35 44.67
N GLU B 141 100.99 -68.13 43.87
CA GLU B 141 102.13 -67.33 44.30
C GLU B 141 101.88 -65.82 44.22
N LEU B 142 100.64 -65.43 43.89
CA LEU B 142 100.22 -64.03 43.93
C LEU B 142 99.61 -63.67 45.26
N ASP B 143 98.73 -64.54 45.75
CA ASP B 143 98.05 -64.33 47.02
C ASP B 143 99.02 -64.04 48.16
N GLU B 144 100.24 -64.54 48.02
CA GLU B 144 101.29 -64.34 49.02
C GLU B 144 102.22 -63.17 48.65
N MET B 145 101.65 -62.11 48.07
CA MET B 145 102.39 -60.87 47.81
C MET B 145 101.53 -59.66 48.17
N VAL B 146 100.41 -59.93 48.85
CA VAL B 146 99.45 -58.91 49.24
C VAL B 146 99.95 -58.05 50.39
N VAL B 147 99.84 -56.73 50.23
CA VAL B 147 100.06 -55.78 51.32
C VAL B 147 98.76 -55.00 51.53
N GLY B 148 98.66 -54.30 52.65
CA GLY B 148 97.52 -53.42 52.96
C GLY B 148 96.16 -53.90 52.50
N GLU B 149 95.62 -54.91 53.20
CA GLU B 149 94.25 -55.35 52.98
C GLU B 149 93.31 -54.34 53.62
N ILE B 150 93.39 -53.08 53.17
CA ILE B 150 92.65 -51.96 53.78
C ILE B 150 91.14 -52.18 53.64
N THR B 151 90.47 -52.18 54.80
CA THR B 151 89.03 -52.45 54.90
C THR B 151 88.35 -51.48 55.84
N ASP B 152 88.85 -50.25 55.90
CA ASP B 152 88.39 -49.28 56.90
C ASP B 152 86.93 -48.89 56.68
N LYS B 153 86.03 -49.76 57.15
CA LYS B 153 84.59 -49.66 56.86
C LYS B 153 84.38 -49.18 55.41
N ASN B 154 83.69 -48.05 55.25
CA ASN B 154 83.54 -47.40 53.96
C ASN B 154 84.22 -46.02 53.95
N ASP B 155 85.54 -46.04 54.13
CA ASP B 155 86.33 -44.82 54.31
C ASP B 155 86.49 -44.01 53.03
N LYS B 156 86.30 -42.70 53.14
CA LYS B 156 86.43 -41.79 52.01
C LYS B 156 87.89 -41.51 51.64
N ASN B 157 88.77 -41.53 52.64
CA ASN B 157 90.19 -41.24 52.46
C ASN B 157 90.96 -42.39 51.81
N GLU B 158 90.50 -43.61 52.04
CA GLU B 158 91.13 -44.82 51.51
C GLU B 158 90.76 -45.07 50.04
N LEU B 159 89.54 -44.69 49.66
CA LEU B 159 89.04 -44.87 48.29
C LEU B 159 89.79 -44.00 47.30
N LEU B 160 90.29 -42.85 47.78
CA LEU B 160 91.08 -41.92 46.97
C LEU B 160 92.47 -42.48 46.67
N LYS B 161 93.00 -43.28 47.61
CA LYS B 161 94.30 -43.91 47.47
C LYS B 161 94.25 -45.08 46.49
N MET B 162 93.10 -45.75 46.46
CA MET B 162 92.90 -46.93 45.62
C MET B 162 92.52 -46.62 44.17
N ILE B 163 91.69 -45.59 43.97
CA ILE B 163 91.21 -45.20 42.64
C ILE B 163 92.26 -44.45 41.80
N LYS B 164 93.04 -43.59 42.44
CA LYS B 164 94.05 -42.75 41.73
C LYS B 164 94.84 -43.47 40.61
N PRO B 165 95.45 -44.65 40.89
CA PRO B 165 96.22 -45.33 39.83
C PRO B 165 95.39 -45.88 38.67
N VAL B 166 94.16 -46.29 38.96
CA VAL B 166 93.25 -46.85 37.96
C VAL B 166 92.81 -45.78 36.97
N ILE B 167 92.45 -44.60 37.50
CA ILE B 167 92.12 -43.43 36.68
C ILE B 167 93.36 -42.99 35.88
N SER B 168 94.51 -42.99 36.56
CA SER B 168 95.76 -42.47 36.03
C SER B 168 96.14 -43.06 34.67
N SER B 169 96.02 -44.37 34.53
CA SER B 169 96.47 -45.05 33.32
C SER B 169 95.58 -44.80 32.09
N LYS B 170 94.32 -44.47 32.34
CA LYS B 170 93.35 -44.23 31.26
C LYS B 170 93.29 -42.79 30.76
N LYS B 171 93.46 -41.85 31.70
CA LYS B 171 93.48 -40.41 31.39
C LYS B 171 94.42 -39.74 32.38
N TYR B 172 95.72 -39.79 32.07
CA TYR B 172 96.78 -39.33 32.96
C TYR B 172 96.74 -37.84 33.27
N GLY B 173 96.14 -37.07 32.36
CA GLY B 173 95.99 -35.62 32.51
C GLY B 173 95.72 -35.19 33.93
N SER B 174 94.66 -35.75 34.52
CA SER B 174 94.33 -35.44 35.91
C SER B 174 93.74 -36.63 36.67
N GLU B 175 94.64 -37.47 37.20
CA GLU B 175 94.28 -38.54 38.11
C GLU B 175 93.72 -37.97 39.42
N ASP B 176 94.33 -36.87 39.88
CA ASP B 176 94.01 -36.26 41.17
C ASP B 176 92.63 -35.59 41.19
N ILE B 177 92.38 -34.70 40.23
CA ILE B 177 91.12 -33.93 40.21
C ILE B 177 89.93 -34.82 39.84
N LEU B 178 90.20 -35.93 39.14
CA LEU B 178 89.14 -36.85 38.76
C LEU B 178 88.71 -37.78 39.88
N SER B 179 89.67 -38.49 40.47
CA SER B 179 89.39 -39.46 41.54
C SER B 179 88.85 -38.81 42.81
N GLU B 180 89.00 -37.49 42.94
CA GLU B 180 88.34 -36.74 43.99
C GLU B 180 86.84 -36.74 43.75
N LEU B 181 86.44 -36.44 42.51
CA LEU B 181 85.03 -36.44 42.10
C LEU B 181 84.40 -37.82 42.26
N VAL B 182 85.12 -38.84 41.81
CA VAL B 182 84.67 -40.23 41.91
C VAL B 182 84.42 -40.59 43.36
N SER B 183 85.48 -40.53 44.16
CA SER B 183 85.44 -40.88 45.57
C SER B 183 84.28 -40.16 46.27
N GLU B 184 84.17 -38.86 45.99
CA GLU B 184 83.18 -37.98 46.61
C GLU B 184 81.75 -38.43 46.32
N ALA B 185 81.51 -38.85 45.07
CA ALA B 185 80.23 -39.40 44.67
C ALA B 185 79.97 -40.71 45.39
N VAL B 186 81.00 -41.56 45.47
CA VAL B 186 80.89 -42.84 46.16
C VAL B 186 80.70 -42.63 47.66
N SER B 187 81.24 -41.52 48.16
CA SER B 187 81.13 -41.17 49.59
C SER B 187 79.75 -40.61 49.97
N HIS B 188 78.91 -40.33 48.98
CA HIS B 188 77.55 -39.89 49.25
C HIS B 188 76.54 -41.04 49.22
N VAL B 189 77.01 -42.21 48.80
CA VAL B 189 76.14 -43.38 48.65
C VAL B 189 76.42 -44.45 49.71
N LEU B 190 77.70 -44.60 50.06
CA LEU B 190 78.13 -45.63 51.02
C LEU B 190 77.64 -45.36 52.45
N PRO B 191 77.14 -46.41 53.15
CA PRO B 191 76.71 -46.29 54.54
C PRO B 191 77.88 -46.27 55.52
N TYR B 201 74.95 -54.33 46.44
CA TYR B 201 76.22 -54.16 47.16
C TYR B 201 77.04 -53.01 46.56
N PHE B 202 76.91 -51.82 47.16
CA PHE B 202 77.52 -50.58 46.66
C PHE B 202 77.35 -50.40 45.14
N ASN B 203 76.10 -50.54 44.70
CA ASN B 203 75.71 -50.61 43.28
C ASN B 203 76.55 -49.77 42.31
N VAL B 204 76.98 -50.39 41.22
CA VAL B 204 77.64 -49.67 40.16
C VAL B 204 76.64 -48.66 39.59
N ASP B 205 75.35 -48.96 39.79
CA ASP B 205 74.28 -48.16 39.25
C ASP B 205 73.92 -46.98 40.15
N SER B 206 74.24 -47.09 41.44
CA SER B 206 73.95 -46.02 42.41
C SER B 206 74.65 -44.69 42.07
N ILE B 207 75.68 -44.76 41.22
CA ILE B 207 76.40 -43.57 40.78
C ILE B 207 76.18 -43.37 39.29
N ARG B 208 75.66 -42.19 38.94
CA ARG B 208 75.34 -41.84 37.55
C ARG B 208 76.24 -40.69 37.06
N VAL B 209 76.44 -40.60 35.74
CA VAL B 209 77.27 -39.54 35.13
C VAL B 209 76.49 -38.69 34.11
N VAL B 210 76.43 -37.39 34.34
CA VAL B 210 75.84 -36.43 33.39
C VAL B 210 76.95 -35.54 32.87
N LYS B 211 77.13 -35.52 31.55
CA LYS B 211 78.16 -34.70 30.91
C LYS B 211 77.56 -33.63 29.99
N ILE B 212 77.97 -32.38 30.19
CA ILE B 212 77.54 -31.26 29.34
C ILE B 212 78.73 -30.37 29.04
N MET B 213 78.92 -30.07 27.74
CA MET B 213 80.03 -29.24 27.27
C MET B 213 80.05 -27.86 27.93
N GLY B 214 81.24 -27.29 28.07
CA GLY B 214 81.42 -25.99 28.69
C GLY B 214 82.43 -26.00 29.81
N GLY B 215 83.42 -25.11 29.71
CA GLY B 215 84.46 -24.98 30.73
C GLY B 215 85.65 -25.90 30.52
N SER B 216 86.30 -26.26 31.62
CA SER B 216 87.44 -27.18 31.62
C SER B 216 87.07 -28.47 32.35
N LEU B 217 88.01 -29.42 32.39
CA LEU B 217 87.83 -30.67 33.12
C LEU B 217 87.74 -30.39 34.63
N SER B 218 88.23 -29.22 35.05
CA SER B 218 88.21 -28.78 36.45
C SER B 218 86.87 -28.20 36.86
N ASN B 219 86.20 -27.53 35.93
CA ASN B 219 84.87 -26.97 36.18
C ASN B 219 83.86 -28.01 36.68
N SER B 220 84.24 -29.28 36.61
CA SER B 220 83.38 -30.39 37.00
C SER B 220 82.99 -30.36 38.48
N THR B 221 81.81 -30.88 38.78
CA THR B 221 81.23 -30.84 40.12
C THR B 221 80.72 -32.22 40.53
N VAL B 222 80.29 -32.36 41.78
CA VAL B 222 79.57 -33.55 42.24
C VAL B 222 78.35 -33.12 43.05
N ILE B 223 77.17 -33.59 42.65
CA ILE B 223 75.93 -33.27 43.34
C ILE B 223 75.30 -34.48 44.03
N LYS B 224 74.87 -34.27 45.28
CA LYS B 224 74.30 -35.33 46.13
C LYS B 224 72.85 -35.63 45.76
N GLY B 225 72.58 -35.66 44.47
CA GLY B 225 71.26 -35.96 43.94
C GLY B 225 71.31 -36.51 42.53
N MET B 226 71.03 -35.64 41.57
CA MET B 226 70.84 -36.02 40.17
C MET B 226 70.76 -34.74 39.37
N VAL B 227 70.73 -34.86 38.04
CA VAL B 227 70.48 -33.70 37.17
C VAL B 227 69.55 -34.11 36.03
N PHE B 228 68.56 -33.28 35.76
CA PHE B 228 67.56 -33.57 34.73
C PHE B 228 67.57 -32.53 33.61
N ASN B 229 68.01 -32.96 32.43
CA ASN B 229 68.06 -32.11 31.25
C ASN B 229 66.68 -32.03 30.57
N ARG B 230 65.63 -32.20 31.38
CA ARG B 230 64.25 -32.18 30.91
C ARG B 230 63.63 -30.82 31.16
N GLU B 231 62.51 -30.57 30.48
CA GLU B 231 61.78 -29.32 30.61
C GLU B 231 60.97 -29.29 31.92
N PRO B 232 61.18 -28.25 32.75
CA PRO B 232 60.29 -28.03 33.89
C PRO B 232 59.00 -27.37 33.39
N GLU B 233 57.90 -27.48 34.15
CA GLU B 233 56.59 -27.05 33.64
C GLU B 233 56.02 -25.77 34.29
N GLY B 234 55.12 -25.97 35.25
CA GLY B 234 54.35 -24.91 35.93
C GLY B 234 55.20 -23.81 36.52
N HIS B 235 55.89 -24.11 37.63
CA HIS B 235 56.90 -23.22 38.23
C HIS B 235 57.91 -23.93 39.13
N VAL B 236 59.02 -23.24 39.43
CA VAL B 236 60.19 -23.82 40.14
C VAL B 236 60.18 -23.56 41.66
N LYS B 237 60.49 -24.61 42.43
CA LYS B 237 60.40 -24.58 43.90
C LYS B 237 61.44 -23.66 44.56
N SER B 238 60.97 -22.49 45.01
CA SER B 238 61.81 -21.50 45.67
C SER B 238 61.69 -21.56 47.20
N LEU B 239 60.93 -22.53 47.69
CA LEU B 239 61.01 -22.93 49.09
C LEU B 239 62.34 -23.66 49.26
N SER B 240 63.05 -23.82 48.14
CA SER B 240 64.40 -24.41 48.08
C SER B 240 65.41 -23.64 48.92
N GLU B 241 65.17 -22.33 49.07
CA GLU B 241 65.90 -21.50 50.00
C GLU B 241 65.55 -21.90 51.44
N ASP B 242 64.26 -22.11 51.70
CA ASP B 242 63.74 -22.41 53.05
C ASP B 242 63.86 -23.88 53.47
N LYS B 243 64.02 -24.76 52.47
CA LYS B 243 64.33 -26.20 52.65
C LYS B 243 63.23 -27.10 53.24
N LYS B 244 63.42 -28.42 53.04
CA LYS B 244 62.52 -29.50 53.51
C LYS B 244 61.21 -29.56 52.71
N HIS B 245 61.33 -29.92 51.42
CA HIS B 245 60.20 -29.99 50.50
C HIS B 245 59.78 -31.43 50.29
N LYS B 246 58.48 -31.69 50.37
CA LYS B 246 57.94 -33.04 50.20
C LYS B 246 57.81 -33.42 48.73
N VAL B 247 57.87 -34.72 48.46
CA VAL B 247 57.88 -35.26 47.08
C VAL B 247 56.99 -36.49 46.92
N ALA B 248 56.38 -36.60 45.73
CA ALA B 248 55.54 -37.76 45.39
C ALA B 248 55.74 -38.20 43.94
N VAL B 249 55.90 -39.50 43.73
CA VAL B 249 56.18 -40.05 42.39
C VAL B 249 55.05 -40.96 41.90
N PHE B 250 54.70 -40.81 40.62
CA PHE B 250 53.65 -41.62 39.98
C PHE B 250 54.13 -42.34 38.71
N THR B 251 53.75 -43.60 38.56
CA THR B 251 53.91 -44.34 37.31
C THR B 251 52.75 -43.96 36.39
N CYS B 252 51.57 -43.85 37.00
CA CYS B 252 50.37 -43.38 36.35
C CYS B 252 50.60 -42.05 35.63
N PRO B 253 49.88 -41.82 34.51
CA PRO B 253 49.87 -40.48 33.95
C PRO B 253 49.00 -39.52 34.80
N LEU B 254 49.50 -38.31 35.03
CA LEU B 254 48.74 -37.29 35.75
C LEU B 254 47.63 -36.71 34.88
N ASP B 255 46.62 -37.53 34.57
CA ASP B 255 45.50 -37.12 33.72
C ASP B 255 44.29 -37.99 34.06
N ILE B 256 43.15 -37.70 33.42
CA ILE B 256 41.92 -38.47 33.65
C ILE B 256 42.12 -39.93 33.26
N ALA B 257 41.93 -40.80 34.25
CA ALA B 257 42.19 -42.24 34.10
C ALA B 257 41.34 -42.91 33.02
N ASN B 258 41.95 -43.14 31.86
CA ASN B 258 41.32 -43.89 30.77
C ASN B 258 41.56 -45.38 30.88
N THR B 259 40.56 -46.17 30.45
CA THR B 259 40.66 -47.62 30.51
C THR B 259 41.34 -48.15 29.26
N GLU B 260 42.06 -49.25 29.43
CA GLU B 260 42.82 -49.88 28.35
C GLU B 260 41.95 -50.17 27.13
N THR B 261 40.72 -50.64 27.37
CA THR B 261 39.76 -50.87 26.30
C THR B 261 39.14 -49.56 25.83
N LYS B 262 38.94 -49.43 24.53
CA LYS B 262 38.48 -48.19 23.88
C LYS B 262 37.43 -47.44 24.68
N GLY B 263 37.74 -46.19 25.01
CA GLY B 263 36.86 -45.35 25.82
C GLY B 263 35.94 -44.47 25.01
N THR B 264 34.76 -45.01 24.67
CA THR B 264 33.73 -44.24 24.00
C THR B 264 32.89 -43.50 25.05
N VAL B 265 32.37 -42.33 24.69
CA VAL B 265 31.60 -41.51 25.64
C VAL B 265 30.16 -41.26 25.14
N LEU B 266 29.24 -42.14 25.51
CA LEU B 266 27.87 -42.08 25.00
C LEU B 266 26.98 -41.07 25.73
N LEU B 267 26.76 -39.92 25.10
CA LEU B 267 25.86 -38.91 25.61
C LEU B 267 24.45 -39.09 25.04
N HIS B 268 23.46 -39.22 25.92
CA HIS B 268 22.07 -39.48 25.52
C HIS B 268 21.21 -38.22 25.54
N ASN B 269 21.18 -37.55 26.70
CA ASN B 269 20.42 -36.32 26.89
C ASN B 269 21.33 -35.10 26.97
N ALA B 270 20.76 -33.93 26.68
CA ALA B 270 21.51 -32.67 26.67
C ALA B 270 22.02 -32.26 28.05
N GLN B 271 21.39 -32.80 29.09
CA GLN B 271 21.79 -32.57 30.47
C GLN B 271 23.16 -33.17 30.77
N GLU B 272 23.56 -34.16 29.96
CA GLU B 272 24.83 -34.86 30.13
C GLU B 272 26.03 -34.06 29.63
N MET B 273 25.83 -33.28 28.56
CA MET B 273 26.92 -32.48 28.00
C MET B 273 27.48 -31.47 28.99
N LEU B 274 26.60 -30.63 29.53
CA LEU B 274 26.99 -29.59 30.49
C LEU B 274 27.68 -30.18 31.72
N ASP B 275 27.17 -31.32 32.19
CA ASP B 275 27.65 -31.93 33.42
C ASP B 275 28.84 -32.85 33.24
N PHE B 276 29.05 -33.35 32.02
CA PHE B 276 30.21 -34.19 31.72
C PHE B 276 31.49 -33.37 31.68
N SER B 277 31.46 -32.26 30.95
CA SER B 277 32.62 -31.39 30.80
C SER B 277 32.94 -30.62 32.09
N LYS B 278 31.92 -29.99 32.67
CA LYS B 278 32.06 -29.25 33.94
C LYS B 278 32.36 -30.18 35.12
N GLY B 279 31.94 -31.44 35.00
CA GLY B 279 32.26 -32.48 35.98
C GLY B 279 33.67 -33.02 35.80
N GLU B 280 34.13 -33.04 34.55
CA GLU B 280 35.50 -33.42 34.19
C GLU B 280 36.49 -32.39 34.75
N GLU B 281 36.04 -31.14 34.85
CA GLU B 281 36.75 -30.10 35.56
C GLU B 281 37.06 -30.60 36.98
N LYS B 282 35.99 -30.92 37.72
CA LYS B 282 36.08 -31.33 39.12
C LYS B 282 36.79 -32.68 39.29
N GLN B 283 36.41 -33.66 38.46
CA GLN B 283 36.96 -35.03 38.54
C GLN B 283 38.45 -35.06 38.78
N ILE B 284 39.20 -34.26 38.00
CA ILE B 284 40.66 -34.21 38.13
C ILE B 284 41.15 -33.13 39.08
N ASP B 285 40.35 -32.10 39.32
CA ASP B 285 40.68 -31.11 40.33
C ASP B 285 40.66 -31.79 41.69
N ALA B 286 39.80 -32.80 41.80
CA ALA B 286 39.70 -33.63 42.99
C ALA B 286 40.78 -34.71 43.02
N MET B 287 41.34 -35.03 41.86
CA MET B 287 42.48 -35.93 41.79
C MET B 287 43.73 -35.24 42.34
N MET B 288 43.89 -33.96 42.02
CA MET B 288 45.04 -33.16 42.43
C MET B 288 44.93 -32.68 43.89
N LYS B 289 43.71 -32.38 44.34
CA LYS B 289 43.46 -31.92 45.71
C LYS B 289 43.78 -32.99 46.74
N GLU B 290 43.59 -34.25 46.39
CA GLU B 290 43.93 -35.38 47.25
C GLU B 290 45.45 -35.59 47.36
N ILE B 291 46.20 -34.79 46.60
CA ILE B 291 47.65 -34.82 46.63
C ILE B 291 48.23 -33.46 47.10
N ALA B 292 47.40 -32.42 47.05
CA ALA B 292 47.79 -31.11 47.58
C ALA B 292 47.45 -31.00 49.07
N ASP B 293 46.41 -31.72 49.49
CA ASP B 293 46.02 -31.79 50.89
C ASP B 293 46.85 -32.82 51.67
N MET B 294 47.89 -33.35 51.03
CA MET B 294 48.86 -34.23 51.69
C MET B 294 50.16 -33.49 52.00
N GLY B 295 50.24 -32.23 51.58
CA GLY B 295 51.39 -31.38 51.85
C GLY B 295 52.58 -31.68 50.95
N VAL B 296 52.29 -31.95 49.68
CA VAL B 296 53.32 -32.26 48.67
C VAL B 296 53.77 -30.97 47.98
N GLU B 297 55.05 -30.93 47.61
CA GLU B 297 55.61 -29.76 46.93
C GLU B 297 56.33 -30.08 45.60
N CYS B 298 56.28 -31.34 45.17
CA CYS B 298 56.93 -31.75 43.92
C CYS B 298 56.47 -33.14 43.44
N ILE B 299 55.80 -33.17 42.29
CA ILE B 299 55.32 -34.42 41.69
C ILE B 299 56.13 -34.76 40.44
N VAL B 300 56.83 -35.89 40.48
CA VAL B 300 57.68 -36.33 39.38
C VAL B 300 56.91 -37.32 38.50
N ALA B 301 56.69 -36.96 37.25
CA ALA B 301 55.92 -37.79 36.32
C ALA B 301 56.77 -38.57 35.32
N GLY B 302 56.64 -39.89 35.36
CA GLY B 302 57.23 -40.77 34.36
C GLY B 302 56.42 -40.71 33.08
N ALA B 303 55.13 -41.02 33.19
CA ALA B 303 54.24 -41.06 32.03
C ALA B 303 53.79 -39.67 31.56
N GLY B 304 52.51 -39.53 31.22
CA GLY B 304 51.96 -38.30 30.69
C GLY B 304 51.33 -37.39 31.73
N VAL B 305 51.00 -36.18 31.30
CA VAL B 305 50.36 -35.17 32.14
C VAL B 305 49.35 -34.40 31.29
N GLY B 306 48.14 -34.21 31.82
CA GLY B 306 47.06 -33.52 31.12
C GLY B 306 47.04 -32.02 31.33
N GLU B 307 46.67 -31.29 30.28
CA GLU B 307 46.68 -29.82 30.31
C GLU B 307 45.67 -29.25 31.30
N LEU B 308 44.56 -29.96 31.50
CA LEU B 308 43.60 -29.63 32.53
C LEU B 308 44.17 -29.94 33.91
N ALA B 309 44.93 -31.03 34.00
CA ALA B 309 45.50 -31.49 35.26
C ALA B 309 46.66 -30.61 35.74
N LEU B 310 47.50 -30.16 34.81
CA LEU B 310 48.62 -29.26 35.13
C LEU B 310 48.12 -27.88 35.52
N HIS B 311 46.99 -27.48 34.94
CA HIS B 311 46.33 -26.21 35.24
C HIS B 311 46.05 -26.09 36.74
N TYR B 312 45.43 -27.12 37.33
CA TYR B 312 45.04 -27.09 38.74
C TYR B 312 46.24 -27.20 39.68
N LEU B 313 47.21 -28.03 39.29
CA LEU B 313 48.46 -28.16 40.03
C LEU B 313 49.30 -26.89 39.88
N ASN B 314 49.01 -26.15 38.81
CA ASN B 314 49.63 -24.85 38.54
C ASN B 314 49.18 -23.80 39.56
N ARG B 315 47.92 -23.90 39.99
CA ARG B 315 47.34 -22.98 40.96
C ARG B 315 47.70 -23.36 42.39
N TYR B 316 47.78 -24.67 42.63
CA TYR B 316 48.02 -25.23 43.97
C TYR B 316 49.45 -25.01 44.46
N GLY B 317 50.26 -24.38 43.62
CA GLY B 317 51.64 -24.02 43.94
C GLY B 317 52.56 -25.22 44.04
N ILE B 318 52.63 -26.01 42.98
CA ILE B 318 53.40 -27.27 42.98
C ILE B 318 54.20 -27.43 41.69
N LEU B 319 55.48 -27.74 41.83
CA LEU B 319 56.38 -27.99 40.69
C LEU B 319 56.09 -29.35 40.05
N VAL B 320 56.22 -29.40 38.72
CA VAL B 320 55.98 -30.64 37.98
C VAL B 320 57.14 -30.99 37.02
N LEU B 321 57.56 -32.25 37.03
CA LEU B 321 58.72 -32.71 36.25
C LEU B 321 58.40 -33.95 35.40
N LYS B 322 58.03 -33.72 34.14
CA LYS B 322 57.73 -34.81 33.22
C LYS B 322 59.01 -35.31 32.54
N VAL B 323 58.84 -36.34 31.70
CA VAL B 323 59.89 -36.96 30.83
C VAL B 323 60.46 -38.32 31.32
N PRO B 324 60.82 -38.45 32.63
CA PRO B 324 61.44 -39.68 33.09
C PRO B 324 61.02 -40.97 32.35
N SER B 325 62.00 -41.74 31.92
CA SER B 325 61.78 -43.13 31.56
C SER B 325 62.19 -43.99 32.77
N LYS B 326 61.89 -45.29 32.69
CA LYS B 326 62.19 -46.26 33.75
C LYS B 326 63.47 -45.96 34.55
N PHE B 327 64.55 -45.65 33.84
CA PHE B 327 65.88 -45.39 34.43
C PHE B 327 65.86 -44.40 35.60
N GLU B 328 65.10 -43.31 35.41
CA GLU B 328 65.16 -42.14 36.28
C GLU B 328 64.33 -42.34 37.53
N LEU B 329 63.06 -42.73 37.36
CA LEU B 329 62.13 -42.95 38.46
C LEU B 329 62.77 -43.77 39.58
N ARG B 330 63.58 -44.77 39.20
CA ARG B 330 64.27 -45.63 40.16
C ARG B 330 65.43 -44.92 40.87
N ARG B 331 66.28 -44.24 40.10
CA ARG B 331 67.46 -43.55 40.63
C ARG B 331 67.11 -42.25 41.40
N LEU B 332 65.99 -41.63 41.03
CA LEU B 332 65.44 -40.52 41.78
C LEU B 332 64.84 -41.06 43.08
N CYS B 333 64.15 -42.18 42.97
CA CYS B 333 63.53 -42.86 44.11
C CYS B 333 64.52 -43.11 45.25
N ARG B 334 65.74 -43.48 44.89
CA ARG B 334 66.78 -43.78 45.89
C ARG B 334 67.40 -42.54 46.56
N VAL B 335 67.23 -41.37 45.97
CA VAL B 335 67.86 -40.15 46.52
C VAL B 335 66.97 -39.38 47.52
N CYS B 336 65.74 -39.07 47.12
CA CYS B 336 64.81 -38.35 47.99
C CYS B 336 64.21 -39.29 49.02
N GLY B 337 64.04 -40.55 48.64
CA GLY B 337 63.49 -41.56 49.52
C GLY B 337 61.98 -41.65 49.46
N ALA B 338 61.44 -41.70 48.25
CA ALA B 338 60.01 -41.90 48.03
C ALA B 338 59.74 -43.35 47.66
N THR B 339 58.47 -43.66 47.36
CA THR B 339 58.10 -44.95 46.79
C THR B 339 56.98 -44.70 45.79
N PRO B 340 57.25 -44.92 44.49
CA PRO B 340 56.28 -44.67 43.42
C PRO B 340 55.06 -45.59 43.47
N LEU B 341 53.88 -45.03 43.24
CA LEU B 341 52.63 -45.79 43.15
C LEU B 341 51.98 -45.64 41.77
N PRO B 342 51.50 -46.75 41.19
CA PRO B 342 50.75 -46.71 39.92
C PRO B 342 49.28 -46.33 40.09
N ARG B 343 48.70 -46.68 41.25
CA ARG B 343 47.32 -46.32 41.59
C ARG B 343 47.25 -44.91 42.16
N LEU B 344 46.66 -44.00 41.38
CA LEU B 344 46.65 -42.56 41.67
C LEU B 344 45.87 -42.17 42.95
N GLY B 345 45.13 -43.13 43.52
CA GLY B 345 44.25 -42.86 44.66
C GLY B 345 44.82 -43.12 46.04
N ALA B 346 46.13 -43.33 46.14
CA ALA B 346 46.79 -43.61 47.43
C ALA B 346 48.09 -42.81 47.71
N PRO B 347 48.02 -41.45 47.68
CA PRO B 347 49.19 -40.67 48.08
C PRO B 347 49.44 -40.81 49.59
N THR B 348 50.30 -41.76 49.94
CA THR B 348 50.58 -42.09 51.35
C THR B 348 51.71 -41.23 51.94
N PRO B 349 51.53 -40.75 53.18
CA PRO B 349 52.57 -39.96 53.86
C PRO B 349 53.80 -40.82 54.13
N GLU B 350 53.58 -42.12 54.27
CA GLU B 350 54.65 -43.09 54.52
C GLU B 350 55.40 -43.50 53.22
N GLU B 351 54.87 -43.09 52.07
CA GLU B 351 55.49 -43.39 50.77
C GLU B 351 55.88 -42.13 49.98
N LEU B 352 56.01 -41.00 50.68
CA LEU B 352 56.49 -39.74 50.09
C LEU B 352 58.01 -39.62 50.15
N GLY B 353 58.55 -38.57 49.53
CA GLY B 353 59.99 -38.29 49.57
C GLY B 353 60.37 -37.12 50.46
N LEU B 354 61.48 -36.47 50.11
CA LEU B 354 61.99 -35.30 50.83
C LEU B 354 63.26 -34.81 50.15
N VAL B 355 63.21 -33.62 49.58
CA VAL B 355 64.32 -33.08 48.79
C VAL B 355 64.83 -31.77 49.38
N GLU B 356 66.15 -31.58 49.33
CA GLU B 356 66.78 -30.38 49.89
C GLU B 356 66.70 -29.14 48.99
N THR B 357 66.91 -29.33 47.67
CA THR B 357 66.82 -28.24 46.69
C THR B 357 66.40 -28.74 45.30
N VAL B 358 65.36 -28.11 44.76
CA VAL B 358 64.85 -28.40 43.41
C VAL B 358 64.70 -27.11 42.60
N LYS B 359 65.81 -26.66 41.99
CA LYS B 359 65.84 -25.41 41.24
C LYS B 359 66.23 -25.61 39.78
N THR B 360 66.09 -24.55 38.98
CA THR B 360 66.47 -24.57 37.56
C THR B 360 67.85 -23.92 37.38
N MET B 361 68.90 -24.67 37.70
CA MET B 361 70.28 -24.23 37.50
C MET B 361 70.69 -24.40 36.04
N GLU B 362 70.89 -23.28 35.36
CA GLU B 362 71.18 -23.27 33.94
C GLU B 362 72.67 -23.50 33.68
N ILE B 363 72.98 -24.62 33.03
CA ILE B 363 74.37 -25.01 32.72
C ILE B 363 74.58 -25.10 31.20
N GLY B 364 75.59 -24.38 30.71
CA GLY B 364 75.87 -24.32 29.28
C GLY B 364 74.78 -23.62 28.49
N GLY B 365 73.84 -23.01 29.20
CA GLY B 365 72.68 -22.36 28.60
C GLY B 365 71.42 -23.21 28.66
N ASP B 366 71.56 -24.45 29.13
CA ASP B 366 70.46 -25.41 29.20
C ASP B 366 69.62 -25.25 30.47
N ARG B 367 68.30 -25.16 30.29
CA ARG B 367 67.38 -25.20 31.43
C ARG B 367 67.36 -26.63 32.00
N VAL B 368 68.05 -26.81 33.12
CA VAL B 368 68.20 -28.12 33.74
C VAL B 368 67.68 -28.11 35.17
N THR B 369 66.94 -29.15 35.55
CA THR B 369 66.44 -29.31 36.91
C THR B 369 67.42 -30.15 37.73
N VAL B 370 67.63 -29.74 38.97
CA VAL B 370 68.58 -30.40 39.88
C VAL B 370 67.80 -31.03 41.05
N PHE B 371 68.34 -32.11 41.61
CA PHE B 371 67.69 -32.84 42.72
C PHE B 371 68.64 -33.10 43.90
N LYS B 372 69.52 -32.12 44.17
CA LYS B 372 70.61 -32.29 45.12
C LYS B 372 70.15 -32.45 46.57
N GLN B 373 70.81 -33.36 47.29
CA GLN B 373 70.66 -33.56 48.75
C GLN B 373 69.31 -34.09 49.25
N ARG B 380 71.21 -43.52 49.15
CA ARG B 380 71.14 -42.34 48.28
C ARG B 380 71.87 -42.60 46.97
N THR B 381 71.49 -41.86 45.93
CA THR B 381 72.14 -41.93 44.63
C THR B 381 72.68 -40.56 44.25
N SER B 382 73.94 -40.50 43.84
CA SER B 382 74.58 -39.23 43.49
C SER B 382 74.80 -39.11 42.00
N THR B 383 75.31 -37.96 41.56
CA THR B 383 75.61 -37.70 40.15
C THR B 383 76.80 -36.76 39.97
N ILE B 384 77.72 -37.12 39.08
CA ILE B 384 78.85 -36.26 38.72
C ILE B 384 78.51 -35.51 37.43
N ILE B 385 78.81 -34.20 37.38
CA ILE B 385 78.66 -33.46 36.12
C ILE B 385 80.02 -33.09 35.50
N LEU B 386 80.59 -34.05 34.77
CA LEU B 386 81.90 -33.90 34.13
C LEU B 386 81.86 -32.89 33.01
N ARG B 387 82.39 -31.70 33.29
CA ARG B 387 82.39 -30.62 32.32
C ARG B 387 83.68 -30.65 31.50
N GLY B 388 83.61 -30.04 30.31
CA GLY B 388 84.74 -30.02 29.38
C GLY B 388 84.44 -29.23 28.11
N ALA B 389 85.19 -29.51 27.05
CA ALA B 389 85.01 -28.83 25.77
C ALA B 389 84.51 -29.78 24.69
N THR B 390 85.37 -30.73 24.31
CA THR B 390 85.04 -31.72 23.29
C THR B 390 84.14 -32.79 23.89
N GLN B 391 82.89 -32.85 23.40
CA GLN B 391 81.94 -33.89 23.82
C GLN B 391 82.46 -35.28 23.45
N ASN B 392 83.60 -35.28 22.76
CA ASN B 392 84.28 -36.49 22.31
C ASN B 392 85.13 -37.10 23.43
N ASN B 393 85.92 -36.26 24.08
CA ASN B 393 86.84 -36.71 25.12
C ASN B 393 86.13 -36.97 26.44
N LEU B 394 85.17 -36.12 26.76
CA LEU B 394 84.36 -36.31 27.95
C LEU B 394 83.79 -37.72 27.99
N ASP B 395 83.39 -38.22 26.81
CA ASP B 395 82.87 -39.58 26.68
C ASP B 395 83.84 -40.64 27.18
N ASP B 396 85.13 -40.43 26.91
CA ASP B 396 86.17 -41.38 27.35
C ASP B 396 86.40 -41.31 28.84
N ILE B 397 86.46 -40.11 29.39
CA ILE B 397 86.75 -39.96 30.81
C ILE B 397 85.57 -40.43 31.66
N GLU B 398 84.41 -40.61 31.03
CA GLU B 398 83.27 -41.28 31.68
C GLU B 398 83.56 -42.78 31.81
N ARG B 399 84.32 -43.32 30.85
CA ARG B 399 84.77 -44.70 30.89
C ARG B 399 85.98 -44.88 31.83
N ALA B 400 86.71 -43.79 32.05
CA ALA B 400 87.77 -43.77 33.06
C ALA B 400 87.16 -43.76 34.44
N ILE B 401 86.17 -42.88 34.64
CA ILE B 401 85.39 -42.82 35.88
C ILE B 401 84.71 -44.16 36.16
N ASP B 402 84.06 -44.73 35.15
CA ASP B 402 83.39 -46.02 35.31
C ASP B 402 84.35 -47.17 35.61
N ASP B 403 85.58 -47.05 35.12
CA ASP B 403 86.64 -48.01 35.44
C ASP B 403 86.88 -48.10 36.93
N GLY B 404 86.87 -46.94 37.58
CA GLY B 404 87.08 -46.85 39.02
C GLY B 404 85.81 -47.07 39.83
N VAL B 405 84.69 -46.55 39.33
CA VAL B 405 83.39 -46.71 39.99
C VAL B 405 83.09 -48.19 40.19
N ALA B 406 83.41 -49.00 39.19
CA ALA B 406 83.27 -50.46 39.28
C ALA B 406 84.39 -51.12 40.08
N ALA B 407 85.60 -50.53 40.03
CA ALA B 407 86.73 -51.00 40.82
C ALA B 407 86.48 -50.82 42.31
N VAL B 408 85.57 -49.91 42.64
CA VAL B 408 85.08 -49.74 44.01
C VAL B 408 84.07 -50.83 44.36
N LYS B 409 83.23 -51.22 43.39
CA LYS B 409 82.27 -52.31 43.60
C LYS B 409 82.99 -53.64 43.72
N GLY B 410 84.22 -53.70 43.23
CA GLY B 410 85.05 -54.90 43.33
C GLY B 410 85.71 -55.07 44.69
N LEU B 411 85.83 -53.95 45.43
CA LEU B 411 86.42 -53.93 46.76
C LEU B 411 85.43 -54.48 47.81
N MET B 412 84.19 -54.01 47.71
CA MET B 412 83.13 -54.31 48.67
C MET B 412 82.77 -55.79 48.74
N LYS B 413 82.17 -56.30 47.66
CA LYS B 413 81.64 -57.67 47.61
C LYS B 413 82.63 -58.74 48.11
N PRO B 414 83.75 -58.97 47.37
CA PRO B 414 84.75 -59.91 47.93
C PRO B 414 85.17 -59.55 49.36
N SER B 415 85.51 -60.56 50.15
CA SER B 415 85.91 -60.37 51.54
C SER B 415 87.12 -59.45 51.65
N GLY B 416 88.13 -59.71 50.84
CA GLY B 416 89.34 -58.90 50.83
C GLY B 416 89.37 -57.95 49.65
N GLY B 417 89.63 -56.68 49.93
CA GLY B 417 89.89 -55.69 48.89
C GLY B 417 91.29 -55.90 48.33
N LYS B 418 92.26 -56.08 49.24
CA LYS B 418 93.67 -56.47 48.95
C LYS B 418 94.48 -55.50 48.08
N LEU B 419 95.81 -55.56 48.20
CA LEU B 419 96.70 -54.70 47.39
C LEU B 419 97.99 -55.40 46.88
N LEU B 420 98.44 -54.97 45.70
CA LEU B 420 99.65 -55.50 45.06
C LEU B 420 100.52 -54.38 44.50
N PRO B 421 101.86 -54.54 44.58
CA PRO B 421 102.78 -53.49 44.10
C PRO B 421 102.74 -53.34 42.59
N GLY B 422 102.14 -52.24 42.12
CA GLY B 422 101.98 -51.99 40.70
C GLY B 422 103.22 -51.49 39.99
N ALA B 423 103.02 -50.87 38.83
CA ALA B 423 104.07 -50.31 37.97
C ALA B 423 105.10 -51.33 37.43
N GLY B 424 104.82 -52.61 37.62
CA GLY B 424 105.72 -53.68 37.16
C GLY B 424 106.17 -54.62 38.25
N ALA B 425 106.42 -54.08 39.43
CA ALA B 425 106.87 -54.86 40.59
C ALA B 425 106.19 -56.22 40.70
N THR B 426 104.86 -56.23 40.65
CA THR B 426 104.07 -57.45 40.71
C THR B 426 104.48 -58.40 39.58
N GLU B 427 104.63 -57.85 38.39
CA GLU B 427 104.94 -58.64 37.20
C GLU B 427 106.36 -59.20 37.21
N ILE B 428 107.33 -58.38 37.61
CA ILE B 428 108.75 -58.78 37.62
C ILE B 428 109.07 -59.83 38.69
N GLU B 429 108.50 -59.64 39.88
CA GLU B 429 108.60 -60.63 40.95
C GLU B 429 108.00 -61.97 40.47
N LEU B 430 107.05 -61.90 39.52
CA LEU B 430 106.47 -63.11 38.93
C LEU B 430 107.42 -63.81 37.98
N ILE B 431 108.11 -63.05 37.13
CA ILE B 431 109.10 -63.60 36.20
C ILE B 431 110.15 -64.42 36.96
N SER B 432 110.55 -63.90 38.11
CA SER B 432 111.52 -64.57 38.97
C SER B 432 110.91 -65.83 39.61
N ARG B 433 109.73 -65.65 40.21
CA ARG B 433 109.05 -66.73 40.95
C ARG B 433 108.51 -67.86 40.05
N ILE B 434 108.00 -67.51 38.88
CA ILE B 434 107.47 -68.49 37.93
C ILE B 434 108.57 -69.42 37.40
N THR B 435 109.77 -68.86 37.19
CA THR B 435 110.93 -69.64 36.77
C THR B 435 111.39 -70.59 37.89
N LYS B 436 111.30 -70.11 39.14
CA LYS B 436 111.61 -70.92 40.31
C LYS B 436 110.85 -72.25 40.28
N TYR B 437 109.54 -72.17 40.01
CA TYR B 437 108.70 -73.36 39.82
C TYR B 437 109.05 -74.08 38.53
N GLY B 438 109.42 -73.33 37.51
CA GLY B 438 109.82 -73.90 36.23
C GLY B 438 110.94 -74.89 36.45
N GLU B 439 111.99 -74.43 37.13
CA GLU B 439 113.18 -75.23 37.39
C GLU B 439 112.92 -76.43 38.31
N ARG B 440 111.79 -76.41 39.02
CA ARG B 440 111.48 -77.45 40.02
C ARG B 440 110.77 -78.69 39.46
N THR B 441 110.40 -78.67 38.17
CA THR B 441 109.43 -79.62 37.62
C THR B 441 109.98 -80.75 36.72
N PRO B 442 111.31 -80.84 36.50
CA PRO B 442 111.91 -81.44 35.32
C PRO B 442 110.96 -81.63 34.13
N GLY B 443 111.12 -82.73 33.39
CA GLY B 443 110.25 -83.06 32.27
C GLY B 443 110.31 -82.11 31.09
N LEU B 444 109.67 -82.53 30.01
CA LEU B 444 109.56 -81.73 28.78
C LEU B 444 108.70 -80.49 29.04
N LEU B 445 107.83 -80.58 30.05
CA LEU B 445 106.85 -79.55 30.40
C LEU B 445 107.49 -78.27 30.94
N GLN B 446 108.70 -78.42 31.48
CA GLN B 446 109.47 -77.32 32.07
C GLN B 446 109.52 -76.06 31.21
N LEU B 447 109.75 -76.25 29.91
CA LEU B 447 109.91 -75.13 28.98
C LEU B 447 108.68 -74.25 28.86
N ALA B 448 107.51 -74.89 28.78
CA ALA B 448 106.25 -74.17 28.69
C ALA B 448 106.05 -73.31 29.94
N ILE B 449 106.44 -73.84 31.10
CA ILE B 449 106.42 -73.08 32.35
C ILE B 449 107.40 -71.93 32.26
N LYS B 450 108.56 -72.20 31.66
CA LYS B 450 109.64 -71.22 31.57
C LYS B 450 109.29 -70.04 30.67
N GLN B 451 108.63 -70.32 29.56
CA GLN B 451 108.27 -69.26 28.62
C GLN B 451 107.09 -68.44 29.10
N PHE B 452 106.19 -69.08 29.85
CA PHE B 452 105.06 -68.40 30.49
C PHE B 452 105.52 -67.18 31.29
N ALA B 453 106.71 -67.29 31.87
CA ALA B 453 107.32 -66.21 32.64
C ALA B 453 107.78 -65.07 31.74
N VAL B 454 108.66 -65.36 30.78
CA VAL B 454 109.24 -64.35 29.88
C VAL B 454 108.16 -63.54 29.14
N ALA B 455 106.93 -64.08 29.14
CA ALA B 455 105.78 -63.37 28.58
C ALA B 455 105.41 -62.17 29.43
N PHE B 456 105.57 -62.30 30.75
CA PHE B 456 105.24 -61.23 31.70
C PHE B 456 106.16 -60.02 31.61
N GLU B 457 107.25 -60.15 30.85
CA GLU B 457 108.13 -59.04 30.59
C GLU B 457 107.39 -57.90 29.90
N VAL B 458 106.24 -58.20 29.29
CA VAL B 458 105.55 -57.24 28.45
C VAL B 458 105.01 -56.02 29.20
N VAL B 459 104.34 -56.24 30.33
CA VAL B 459 103.74 -55.13 31.08
C VAL B 459 104.74 -54.00 31.44
N PRO B 460 105.91 -54.35 32.00
CA PRO B 460 106.91 -53.30 32.23
C PRO B 460 107.60 -52.81 30.95
N ARG B 461 107.82 -53.72 30.00
CA ARG B 461 108.46 -53.42 28.73
C ARG B 461 107.63 -52.42 27.91
N THR B 462 106.30 -52.57 27.97
CA THR B 462 105.38 -51.66 27.29
C THR B 462 105.27 -50.34 28.02
N LEU B 463 105.41 -50.37 29.35
CA LEU B 463 105.40 -49.15 30.14
C LEU B 463 106.60 -48.26 29.80
N ALA B 464 107.77 -48.88 29.64
CA ALA B 464 108.99 -48.16 29.28
C ALA B 464 109.01 -47.76 27.81
N GLU B 465 108.47 -48.62 26.94
CA GLU B 465 108.44 -48.34 25.50
C GLU B 465 107.38 -47.30 25.13
N THR B 466 106.41 -47.07 26.01
CA THR B 466 105.45 -45.97 25.84
C THR B 466 106.08 -44.68 26.32
N ALA B 467 106.86 -44.77 27.39
CA ALA B 467 107.58 -43.62 27.95
C ALA B 467 108.78 -43.22 27.08
N GLY B 468 109.30 -44.19 26.34
CA GLY B 468 110.45 -43.95 25.47
C GLY B 468 111.74 -43.94 26.28
N LEU B 469 112.10 -45.11 26.78
CA LEU B 469 113.34 -45.30 27.51
C LEU B 469 114.09 -46.47 26.91
N ASP B 470 115.35 -46.62 27.26
CA ASP B 470 116.13 -47.76 26.81
C ASP B 470 115.56 -49.06 27.38
N VAL B 471 114.77 -49.74 26.56
CA VAL B 471 114.29 -51.08 26.88
C VAL B 471 115.48 -51.95 27.29
N ASN B 472 116.57 -51.82 26.54
CA ASN B 472 117.79 -52.57 26.78
C ASN B 472 118.53 -52.16 28.06
N GLU B 473 118.19 -51.00 28.63
CA GLU B 473 118.84 -50.51 29.86
C GLU B 473 117.92 -50.37 31.07
N VAL B 474 116.61 -50.46 30.85
CA VAL B 474 115.61 -50.40 31.94
C VAL B 474 115.36 -51.76 32.56
N LEU B 475 115.06 -52.76 31.73
CA LEU B 475 114.80 -54.13 32.18
C LEU B 475 115.94 -54.77 33.01
N PRO B 476 117.21 -54.66 32.56
CA PRO B 476 118.33 -55.16 33.36
C PRO B 476 118.49 -54.44 34.71
N ASN B 477 118.31 -53.11 34.72
CA ASN B 477 118.35 -52.32 35.95
C ASN B 477 117.12 -52.54 36.84
N LEU B 478 116.05 -53.10 36.26
CA LEU B 478 114.82 -53.37 36.98
C LEU B 478 114.82 -54.75 37.63
N TYR B 479 115.35 -55.75 36.93
CA TYR B 479 115.50 -57.11 37.48
C TYR B 479 116.53 -57.15 38.61
N ALA B 480 117.65 -56.46 38.39
CA ALA B 480 118.76 -56.43 39.34
C ALA B 480 118.33 -55.88 40.71
N ALA B 481 117.54 -54.81 40.69
CA ALA B 481 117.04 -54.17 41.91
C ALA B 481 115.93 -54.99 42.58
N HIS B 482 115.60 -56.13 41.96
CA HIS B 482 114.49 -56.97 42.40
C HIS B 482 114.97 -58.37 42.83
N ASN B 483 116.26 -58.47 43.19
CA ASN B 483 116.88 -59.74 43.58
C ASN B 483 117.33 -59.76 45.05
N THR B 492 113.02 -57.14 53.04
CA THR B 492 112.17 -57.31 51.86
C THR B 492 111.75 -55.96 51.27
N ASP B 493 112.72 -55.21 50.74
CA ASP B 493 112.47 -53.92 50.11
C ASP B 493 112.51 -54.01 48.59
N HIS B 494 112.89 -55.18 48.08
CA HIS B 494 112.92 -55.46 46.65
C HIS B 494 111.52 -55.71 46.07
N LEU B 495 110.59 -56.15 46.92
CA LEU B 495 109.22 -56.48 46.52
C LEU B 495 108.38 -55.28 46.08
N TYR B 496 108.84 -54.06 46.40
CA TYR B 496 108.15 -52.83 46.02
C TYR B 496 108.64 -52.24 44.68
N LYS B 497 109.76 -52.76 44.17
CA LYS B 497 110.49 -52.11 43.07
C LYS B 497 109.87 -52.27 41.68
N GLY B 498 109.30 -51.18 41.18
CA GLY B 498 108.68 -51.14 39.85
C GLY B 498 109.00 -49.88 39.04
N VAL B 499 108.91 -50.00 37.72
CA VAL B 499 109.34 -48.97 36.76
C VAL B 499 108.56 -47.66 36.78
N ASP B 500 109.27 -46.56 36.58
CA ASP B 500 108.71 -45.21 36.68
C ASP B 500 109.10 -44.30 35.51
N ILE B 501 108.26 -43.29 35.27
CA ILE B 501 108.43 -42.31 34.19
C ILE B 501 109.24 -41.07 34.64
N ASP B 502 109.89 -40.41 33.67
CA ASP B 502 110.64 -39.12 33.81
C ASP B 502 112.16 -39.24 33.61
N GLY B 503 112.87 -38.11 33.70
CA GLY B 503 114.32 -38.04 33.50
C GLY B 503 115.17 -38.50 34.67
N GLU B 504 114.73 -38.21 35.89
CA GLU B 504 115.35 -38.73 37.11
C GLU B 504 115.18 -40.25 37.18
N SER B 505 114.02 -40.70 36.69
CA SER B 505 113.68 -42.11 36.58
C SER B 505 114.12 -42.73 35.24
N ASP B 506 114.79 -41.93 34.40
CA ASP B 506 115.47 -42.45 33.21
C ASP B 506 116.72 -43.24 33.66
N GLU B 507 117.16 -42.97 34.89
CA GLU B 507 118.08 -43.83 35.61
C GLU B 507 117.46 -45.22 35.85
N GLY B 508 116.16 -45.26 36.19
CA GLY B 508 115.46 -46.54 36.36
C GLY B 508 114.07 -46.56 36.96
N VAL B 509 114.00 -46.98 38.23
CA VAL B 509 112.77 -47.47 38.86
C VAL B 509 112.24 -46.49 39.94
N LYS B 510 111.19 -46.89 40.66
CA LYS B 510 110.69 -46.13 41.81
C LYS B 510 110.16 -47.04 42.93
N ASP B 511 110.32 -46.60 44.18
CA ASP B 511 109.76 -47.31 45.35
C ASP B 511 108.25 -47.13 45.38
N ILE B 512 107.55 -48.03 44.70
CA ILE B 512 106.11 -47.95 44.50
C ILE B 512 105.30 -47.94 45.81
N ARG B 513 105.98 -48.20 46.93
CA ARG B 513 105.38 -48.09 48.26
C ARG B 513 105.01 -46.65 48.64
N GLU B 514 105.81 -45.69 48.17
CA GLU B 514 105.70 -44.30 48.63
C GLU B 514 104.95 -43.35 47.70
N GLU B 515 104.77 -43.72 46.43
CA GLU B 515 104.07 -42.87 45.46
C GLU B 515 102.57 -43.14 45.41
N ASN B 516 102.08 -43.98 46.33
CA ASN B 516 100.67 -44.40 46.37
C ASN B 516 100.20 -45.04 45.06
N ILE B 517 101.06 -45.89 44.48
CA ILE B 517 100.78 -46.58 43.23
C ILE B 517 100.59 -48.08 43.45
N TYR B 518 99.35 -48.54 43.32
CA TYR B 518 99.01 -49.96 43.46
C TYR B 518 97.84 -50.31 42.53
N ASP B 519 97.83 -51.55 42.04
CA ASP B 519 96.64 -52.11 41.42
C ASP B 519 96.17 -53.30 42.24
N MET B 520 94.87 -53.56 42.24
CA MET B 520 94.26 -54.52 43.15
C MET B 520 94.53 -55.99 42.77
N LEU B 521 94.36 -56.90 43.72
CA LEU B 521 94.60 -58.33 43.47
C LEU B 521 93.58 -58.93 42.50
N ALA B 522 92.30 -58.79 42.82
CA ALA B 522 91.21 -59.33 42.00
C ALA B 522 91.23 -58.81 40.55
N THR B 523 91.96 -57.70 40.35
CA THR B 523 92.19 -57.15 39.02
C THR B 523 93.21 -58.01 38.26
N LYS B 524 94.35 -58.29 38.89
CA LYS B 524 95.39 -59.15 38.29
C LYS B 524 94.99 -60.63 38.27
N LYS B 525 93.94 -60.97 39.02
CA LYS B 525 93.43 -62.34 39.07
C LYS B 525 92.62 -62.68 37.82
N PHE B 526 91.58 -61.91 37.55
CA PHE B 526 90.76 -62.10 36.36
C PHE B 526 91.58 -61.97 35.09
N ALA B 527 92.58 -61.10 35.11
CA ALA B 527 93.42 -60.87 33.95
C ALA B 527 94.19 -62.12 33.59
N ILE B 528 95.15 -62.47 34.44
CA ILE B 528 96.09 -63.55 34.18
C ILE B 528 95.40 -64.90 33.94
N ASN B 529 94.19 -65.05 34.46
CA ASN B 529 93.42 -66.28 34.22
C ASN B 529 92.71 -66.30 32.88
N VAL B 530 92.04 -65.19 32.52
CA VAL B 530 91.29 -65.11 31.27
C VAL B 530 92.25 -65.15 30.09
N ALA B 531 93.42 -64.54 30.28
CA ALA B 531 94.47 -64.54 29.27
C ALA B 531 95.06 -65.93 29.02
N THR B 532 95.13 -66.72 30.07
CA THR B 532 95.65 -68.09 29.97
C THR B 532 94.65 -69.02 29.30
N GLU B 533 93.35 -68.77 29.51
CA GLU B 533 92.31 -69.48 28.77
C GLU B 533 92.38 -69.10 27.31
N ALA B 534 92.40 -67.79 27.06
CA ALA B 534 92.39 -67.22 25.73
C ALA B 534 93.57 -67.68 24.85
N ALA B 535 94.76 -67.72 25.44
CA ALA B 535 95.96 -68.16 24.73
C ALA B 535 96.01 -69.68 24.58
N THR B 536 95.37 -70.39 25.50
CA THR B 536 95.25 -71.85 25.41
C THR B 536 94.24 -72.25 24.33
N THR B 537 93.04 -71.67 24.39
CA THR B 537 91.96 -72.03 23.47
C THR B 537 92.34 -71.88 22.01
N VAL B 538 93.17 -70.88 21.69
CA VAL B 538 93.69 -70.74 20.33
C VAL B 538 94.76 -71.76 20.00
N LEU B 539 95.48 -72.23 21.02
CA LEU B 539 96.40 -73.34 20.85
C LEU B 539 95.63 -74.65 20.73
N SER B 540 94.45 -74.70 21.33
CA SER B 540 93.54 -75.86 21.26
C SER B 540 93.25 -76.26 19.82
N ILE B 541 93.09 -75.24 18.97
CA ILE B 541 92.68 -75.44 17.59
C ILE B 541 93.85 -75.91 16.75
N ASP B 542 93.54 -76.67 15.69
CA ASP B 542 94.52 -76.98 14.65
C ASP B 542 93.83 -77.13 13.29
N GLN B 543 92.53 -76.87 13.26
CA GLN B 543 91.78 -76.84 12.02
C GLN B 543 90.62 -75.87 12.09
N ILE B 544 90.83 -74.64 11.62
CA ILE B 544 89.75 -73.68 11.46
C ILE B 544 89.05 -73.92 10.11
N ILE B 545 87.72 -73.88 10.12
CA ILE B 545 86.95 -74.02 8.90
C ILE B 545 86.02 -72.82 8.78
N MET B 546 86.05 -72.14 7.64
CA MET B 546 85.31 -70.89 7.47
C MET B 546 84.34 -70.84 6.28
N ALA B 547 83.19 -70.24 6.54
CA ALA B 547 82.11 -70.08 5.55
C ALA B 547 82.16 -68.72 4.86
N LYS B 548 81.68 -68.67 3.63
CA LYS B 548 81.51 -67.42 2.88
C LYS B 548 80.42 -66.52 3.49
N LYS B 549 80.61 -65.21 3.40
CA LYS B 549 79.74 -64.21 4.02
C LYS B 549 78.26 -64.36 3.63
N ASN C 2 92.31 -81.43 3.40
CA ASN C 2 91.70 -80.13 3.22
C ASN C 2 90.81 -80.04 1.98
N PHE C 3 89.90 -79.08 1.98
CA PHE C 3 88.88 -78.94 0.93
C PHE C 3 89.41 -78.27 -0.33
N GLY C 4 90.01 -77.09 -0.16
CA GLY C 4 90.40 -76.24 -1.29
C GLY C 4 91.85 -76.33 -1.73
N SER C 5 92.06 -76.30 -3.05
CA SER C 5 93.40 -76.20 -3.63
C SER C 5 94.01 -74.84 -3.33
N GLN C 6 93.16 -73.83 -3.22
CA GLN C 6 93.56 -72.50 -2.76
C GLN C 6 92.77 -72.06 -1.52
N THR C 7 93.50 -71.68 -0.48
CA THR C 7 92.93 -71.24 0.78
C THR C 7 93.52 -69.86 1.11
N PRO C 8 92.79 -68.78 0.78
CA PRO C 8 93.33 -67.41 0.79
C PRO C 8 94.09 -67.06 2.08
N THR C 9 93.65 -66.00 2.74
CA THR C 9 94.22 -65.61 4.03
C THR C 9 93.10 -65.01 4.86
N ILE C 10 93.01 -65.45 6.11
CA ILE C 10 92.15 -64.82 7.10
C ILE C 10 92.48 -63.35 7.28
N VAL C 11 91.45 -62.52 7.28
CA VAL C 11 91.65 -61.09 7.37
C VAL C 11 91.47 -60.64 8.82
N VAL C 12 92.29 -59.69 9.26
CA VAL C 12 92.19 -59.12 10.60
C VAL C 12 90.99 -58.14 10.70
N LEU C 13 90.81 -57.34 9.65
CA LEU C 13 89.71 -56.38 9.56
C LEU C 13 89.03 -56.53 8.19
N LYS C 14 87.75 -56.17 8.12
CA LYS C 14 86.98 -56.27 6.87
C LYS C 14 87.50 -55.31 5.78
N GLU C 15 87.41 -55.73 4.52
CA GLU C 15 87.86 -54.90 3.39
C GLU C 15 87.22 -53.50 3.38
N GLY C 16 88.05 -52.47 3.13
CA GLY C 16 87.60 -51.09 3.13
C GLY C 16 87.89 -50.37 4.43
N THR C 17 88.71 -51.01 5.28
CA THR C 17 89.11 -50.45 6.57
C THR C 17 90.41 -49.65 6.46
N ASP C 18 90.34 -48.39 6.92
CA ASP C 18 91.44 -47.43 6.80
C ASP C 18 92.29 -47.41 8.08
N ALA C 19 93.60 -47.59 7.93
CA ALA C 19 94.51 -47.61 9.07
C ALA C 19 95.74 -46.72 8.83
N SER C 20 96.10 -45.91 9.84
CA SER C 20 97.27 -45.02 9.76
C SER C 20 98.02 -45.01 11.09
N GLN C 21 99.32 -45.28 11.04
CA GLN C 21 100.14 -45.43 12.27
C GLN C 21 101.30 -44.45 12.36
N GLY C 22 101.61 -44.00 13.58
CA GLY C 22 102.85 -43.29 13.87
C GLY C 22 102.94 -41.81 13.57
N LYS C 23 104.10 -41.40 13.04
CA LYS C 23 104.41 -39.99 12.75
C LYS C 23 103.47 -39.41 11.70
N GLY C 24 103.24 -40.17 10.64
CA GLY C 24 102.26 -39.81 9.62
C GLY C 24 100.96 -39.40 10.29
N GLN C 25 100.49 -40.25 11.20
CA GLN C 25 99.24 -40.04 11.93
C GLN C 25 99.22 -38.71 12.69
N ILE C 26 100.10 -38.58 13.67
CA ILE C 26 100.13 -37.41 14.53
C ILE C 26 100.20 -36.12 13.71
N ILE C 27 101.17 -36.05 12.80
CA ILE C 27 101.43 -34.84 12.01
C ILE C 27 100.38 -34.61 10.91
N SER C 28 99.70 -35.67 10.49
CA SER C 28 98.56 -35.56 9.57
C SER C 28 97.43 -34.81 10.27
N ASN C 29 97.07 -35.31 11.44
CA ASN C 29 96.01 -34.72 12.26
C ASN C 29 96.24 -33.26 12.58
N ILE C 30 97.48 -32.91 12.92
CA ILE C 30 97.85 -31.51 13.10
C ILE C 30 97.52 -30.71 11.82
N ASN C 31 98.00 -31.20 10.67
CA ASN C 31 97.82 -30.51 9.40
C ASN C 31 96.36 -30.37 8.97
N ALA C 32 95.56 -31.40 9.24
CA ALA C 32 94.12 -31.34 9.03
C ALA C 32 93.54 -30.16 9.80
N CYS C 33 93.85 -30.10 11.09
CA CYS C 33 93.38 -29.05 11.98
C CYS C 33 93.80 -27.66 11.54
N VAL C 34 95.05 -27.52 11.10
CA VAL C 34 95.57 -26.23 10.64
C VAL C 34 94.72 -25.68 9.50
N ALA C 35 94.23 -26.58 8.65
CA ALA C 35 93.39 -26.22 7.51
C ALA C 35 92.04 -25.65 7.92
N VAL C 36 91.49 -26.18 9.03
CA VAL C 36 90.23 -25.70 9.58
C VAL C 36 90.39 -24.28 10.16
N GLN C 37 91.44 -24.10 10.97
CA GLN C 37 91.79 -22.82 11.55
C GLN C 37 92.13 -21.78 10.48
N GLU C 38 92.94 -22.20 9.49
CA GLU C 38 93.49 -21.30 8.46
C GLU C 38 92.44 -20.56 7.62
N ALA C 39 91.32 -21.22 7.38
CA ALA C 39 90.22 -20.59 6.65
C ALA C 39 89.28 -19.84 7.60
N LEU C 40 89.41 -20.10 8.89
CA LEU C 40 88.64 -19.37 9.90
C LEU C 40 89.40 -18.16 10.46
N LYS C 41 90.68 -18.05 10.12
CA LYS C 41 91.55 -16.98 10.61
C LYS C 41 91.20 -15.55 10.13
N PRO C 42 90.64 -15.40 8.91
CA PRO C 42 90.29 -14.06 8.41
C PRO C 42 89.24 -13.28 9.22
N THR C 43 88.31 -13.98 9.86
CA THR C 43 87.17 -13.34 10.53
C THR C 43 87.48 -12.78 11.92
N LEU C 44 88.77 -12.64 12.24
CA LEU C 44 89.18 -12.19 13.57
C LEU C 44 89.49 -10.70 13.60
N GLY C 45 88.94 -10.02 14.59
CA GLY C 45 89.25 -8.61 14.83
C GLY C 45 88.46 -7.62 14.00
N PRO C 46 88.51 -6.33 14.38
CA PRO C 46 87.75 -5.24 13.79
C PRO C 46 87.71 -5.25 12.27
N LEU C 47 88.86 -5.51 11.65
CA LEU C 47 88.94 -5.56 10.19
C LEU C 47 88.93 -7.00 9.68
N GLY C 48 88.13 -7.82 10.35
CA GLY C 48 87.92 -9.19 9.95
C GLY C 48 87.05 -9.32 8.72
N SER C 49 87.32 -10.36 7.93
CA SER C 49 86.60 -10.62 6.70
C SER C 49 85.49 -11.65 6.96
N ASP C 50 84.30 -11.39 6.42
CA ASP C 50 83.14 -12.30 6.55
C ASP C 50 83.21 -13.43 5.50
N ILE C 51 82.48 -14.52 5.76
CA ILE C 51 82.50 -15.69 4.87
C ILE C 51 81.11 -15.99 4.32
N LEU C 52 81.04 -16.23 3.02
CA LEU C 52 79.79 -16.63 2.37
C LEU C 52 79.79 -18.15 2.10
N ILE C 53 78.93 -18.86 2.81
CA ILE C 53 78.82 -20.30 2.66
C ILE C 53 77.48 -20.69 2.08
N VAL C 54 77.51 -21.46 1.01
CA VAL C 54 76.29 -22.05 0.46
C VAL C 54 76.35 -23.55 0.74
N THR C 55 75.43 -24.01 1.58
CA THR C 55 75.41 -25.40 2.03
C THR C 55 74.93 -26.32 0.90
N SER C 56 74.91 -27.62 1.19
CA SER C 56 74.53 -28.66 0.24
C SER C 56 73.07 -28.58 -0.19
N ASN C 57 72.26 -27.87 0.61
CA ASN C 57 70.83 -27.73 0.34
C ASN C 57 70.42 -26.31 -0.10
N GLN C 58 71.35 -25.61 -0.75
CA GLN C 58 71.16 -24.25 -1.27
C GLN C 58 71.04 -23.14 -0.21
N LYS C 59 71.10 -23.53 1.06
CA LYS C 59 70.98 -22.58 2.18
C LYS C 59 72.17 -21.63 2.21
N THR C 60 72.00 -20.47 1.60
CA THR C 60 73.03 -19.44 1.51
C THR C 60 73.21 -18.71 2.85
N THR C 61 74.43 -18.66 3.36
CA THR C 61 74.71 -17.98 4.64
C THR C 61 75.97 -17.13 4.62
N ILE C 62 75.84 -15.89 5.06
CA ILE C 62 76.98 -14.99 5.24
C ILE C 62 77.19 -14.85 6.74
N SER C 63 78.43 -14.82 7.20
CA SER C 63 78.70 -14.76 8.65
C SER C 63 80.09 -14.31 9.10
N ASN C 64 80.18 -13.95 10.37
CA ASN C 64 81.42 -13.69 11.07
C ASN C 64 81.52 -14.62 12.29
N ASP C 65 80.39 -15.21 12.67
CA ASP C 65 80.31 -16.04 13.88
C ASP C 65 81.04 -17.37 13.70
N GLY C 66 82.15 -17.51 14.43
CA GLY C 66 83.05 -18.65 14.33
C GLY C 66 82.44 -20.03 14.51
N ALA C 67 81.50 -20.15 15.44
CA ALA C 67 80.75 -21.39 15.60
C ALA C 67 79.83 -21.61 14.41
N THR C 68 79.32 -20.53 13.86
CA THR C 68 78.40 -20.60 12.72
C THR C 68 79.11 -20.89 11.41
N ILE C 69 80.37 -20.45 11.30
CA ILE C 69 81.19 -20.78 10.13
C ILE C 69 81.64 -22.24 10.23
N LEU C 70 82.20 -22.61 11.38
CA LEU C 70 82.72 -23.95 11.60
C LEU C 70 81.66 -25.03 11.61
N LYS C 71 80.43 -24.67 11.96
CA LYS C 71 79.32 -25.64 11.97
C LYS C 71 78.76 -25.90 10.56
N LEU C 72 78.62 -24.83 9.77
CA LEU C 72 78.10 -24.92 8.41
C LEU C 72 79.05 -25.66 7.47
N LEU C 73 80.36 -25.52 7.72
CA LEU C 73 81.36 -26.41 7.13
C LEU C 73 81.14 -27.79 7.73
N ASP C 74 80.88 -28.78 6.90
CA ASP C 74 80.81 -30.14 7.39
C ASP C 74 82.22 -30.65 7.59
N VAL C 75 82.63 -30.82 8.83
CA VAL C 75 83.95 -31.39 9.04
C VAL C 75 83.82 -32.91 9.13
N VAL C 76 84.59 -33.64 8.33
CA VAL C 76 84.54 -35.10 8.35
C VAL C 76 85.74 -35.69 9.09
N HIS C 77 86.92 -35.13 8.83
CA HIS C 77 88.16 -35.59 9.49
C HIS C 77 87.96 -35.59 10.99
N PRO C 78 88.19 -36.75 11.63
CA PRO C 78 87.86 -36.89 13.04
C PRO C 78 88.59 -35.87 13.91
N ALA C 79 89.89 -35.71 13.68
CA ALA C 79 90.73 -34.79 14.46
C ALA C 79 90.38 -33.31 14.23
N ALA C 80 89.88 -32.98 13.05
CA ALA C 80 89.50 -31.60 12.77
C ALA C 80 88.10 -31.27 13.28
N LYS C 81 87.31 -32.30 13.59
CA LYS C 81 85.98 -32.14 14.21
C LYS C 81 86.09 -31.64 15.65
N THR C 82 87.29 -31.81 16.22
CA THR C 82 87.60 -31.30 17.54
C THR C 82 87.53 -29.78 17.52
N LEU C 83 87.98 -29.20 16.41
CA LEU C 83 87.97 -27.76 16.24
C LEU C 83 86.56 -27.19 16.01
N VAL C 84 85.61 -28.08 15.74
CA VAL C 84 84.20 -27.68 15.65
C VAL C 84 83.56 -27.72 17.04
N ASP C 85 83.94 -28.71 17.84
CA ASP C 85 83.49 -28.82 19.23
C ASP C 85 84.09 -27.69 20.08
N ILE C 86 85.39 -27.47 19.91
CA ILE C 86 86.12 -26.43 20.65
C ILE C 86 85.49 -25.06 20.44
N SER C 87 84.96 -24.85 19.23
CA SER C 87 84.24 -23.63 18.93
C SER C 87 82.89 -23.67 19.62
N ARG C 88 82.23 -24.83 19.52
CA ARG C 88 80.86 -24.99 20.03
C ARG C 88 80.75 -24.76 21.54
N ALA C 89 81.73 -25.27 22.28
CA ALA C 89 81.78 -25.07 23.73
C ALA C 89 81.90 -23.58 24.09
N GLN C 90 82.60 -22.84 23.26
CA GLN C 90 82.83 -21.41 23.48
C GLN C 90 81.56 -20.58 23.27
N ASP C 91 80.73 -20.96 22.30
CA ASP C 91 79.45 -20.28 22.11
C ASP C 91 78.49 -20.67 23.21
N ALA C 92 78.70 -21.87 23.77
CA ALA C 92 77.82 -22.43 24.78
C ALA C 92 77.99 -21.79 26.16
N GLU C 93 79.23 -21.44 26.51
CA GLU C 93 79.55 -20.86 27.83
C GLU C 93 79.72 -19.34 27.80
N VAL C 94 80.00 -18.77 26.64
CA VAL C 94 80.37 -17.36 26.54
C VAL C 94 79.61 -16.60 25.44
N GLY C 95 79.64 -17.11 24.22
CA GLY C 95 79.00 -16.44 23.09
C GLY C 95 80.00 -15.84 22.12
N ASP C 96 80.99 -15.13 22.67
CA ASP C 96 82.11 -14.62 21.86
C ASP C 96 83.35 -15.49 22.07
N GLY C 97 84.30 -15.36 21.15
CA GLY C 97 85.58 -16.08 21.25
C GLY C 97 85.65 -17.25 20.30
N THR C 98 84.49 -17.77 19.93
CA THR C 98 84.35 -18.94 19.06
C THR C 98 85.38 -19.04 17.95
N THR C 99 85.66 -17.91 17.30
CA THR C 99 86.67 -17.85 16.25
C THR C 99 88.08 -17.96 16.83
N SER C 100 88.37 -17.13 17.83
CA SER C 100 89.70 -17.07 18.47
C SER C 100 90.14 -18.41 19.08
N VAL C 101 89.19 -19.16 19.62
CA VAL C 101 89.46 -20.43 20.29
C VAL C 101 90.07 -21.45 19.34
N THR C 102 89.49 -21.57 18.16
CA THR C 102 89.99 -22.45 17.11
C THR C 102 91.37 -21.98 16.66
N ILE C 103 91.50 -20.66 16.50
CA ILE C 103 92.75 -20.02 16.11
C ILE C 103 93.90 -20.44 17.03
N LEU C 104 93.70 -20.25 18.33
CA LEU C 104 94.68 -20.65 19.33
C LEU C 104 94.98 -22.13 19.24
N ALA C 105 93.94 -22.94 19.23
CA ALA C 105 94.06 -24.40 19.27
C ALA C 105 95.04 -24.93 18.22
N GLY C 106 94.78 -24.61 16.97
CA GLY C 106 95.62 -25.06 15.86
C GLY C 106 97.05 -24.59 15.98
N GLU C 107 97.22 -23.30 16.27
CA GLU C 107 98.54 -22.70 16.43
C GLU C 107 99.32 -23.25 17.65
N LEU C 108 98.65 -24.01 18.50
CA LEU C 108 99.34 -24.79 19.52
C LEU C 108 99.86 -26.07 18.91
N MET C 109 99.01 -26.70 18.08
CA MET C 109 99.36 -27.93 17.38
C MET C 109 100.46 -27.68 16.36
N LYS C 110 100.43 -26.51 15.74
CA LYS C 110 101.40 -26.10 14.71
C LYS C 110 102.77 -25.74 15.29
N GLU C 111 102.79 -25.29 16.54
CA GLU C 111 104.03 -24.94 17.25
C GLU C 111 104.50 -26.11 18.11
N ALA C 112 103.85 -27.26 17.93
CA ALA C 112 104.27 -28.52 18.53
C ALA C 112 104.92 -29.44 17.50
N LYS C 113 104.60 -29.19 16.22
CA LYS C 113 105.14 -29.93 15.07
C LYS C 113 106.67 -29.86 14.93
N PRO C 114 107.30 -28.67 15.13
CA PRO C 114 108.77 -28.55 15.17
C PRO C 114 109.46 -29.36 16.27
N PHE C 115 108.71 -29.81 17.27
CA PHE C 115 109.24 -30.73 18.27
C PHE C 115 108.93 -32.18 17.90
N LEU C 116 107.81 -32.38 17.23
CA LEU C 116 107.37 -33.70 16.80
C LEU C 116 108.23 -34.23 15.66
N GLU C 117 108.76 -33.32 14.84
CA GLU C 117 109.68 -33.68 13.75
C GLU C 117 110.95 -34.33 14.32
N GLU C 118 111.50 -33.70 15.35
CA GLU C 118 112.56 -34.31 16.16
C GLU C 118 111.93 -35.42 17.00
N GLY C 119 112.74 -36.43 17.35
CA GLY C 119 112.25 -37.59 18.10
C GLY C 119 111.87 -37.30 19.55
N ILE C 120 110.78 -36.57 19.72
CA ILE C 120 110.23 -36.24 21.04
C ILE C 120 108.92 -36.98 21.25
N SER C 121 108.67 -37.38 22.49
CA SER C 121 107.41 -38.02 22.86
C SER C 121 106.31 -36.99 23.08
N SER C 122 105.17 -37.18 22.39
CA SER C 122 104.02 -36.29 22.52
C SER C 122 103.50 -36.23 23.95
N HIS C 123 103.76 -37.29 24.70
CA HIS C 123 103.41 -37.39 26.11
C HIS C 123 104.02 -36.25 26.92
N LEU C 124 105.31 -35.99 26.70
CA LEU C 124 106.03 -34.93 27.41
C LEU C 124 105.64 -33.53 26.92
N ILE C 125 105.29 -33.43 25.63
CA ILE C 125 104.84 -32.18 25.05
C ILE C 125 103.56 -31.72 25.76
N MET C 126 102.62 -32.64 25.95
CA MET C 126 101.36 -32.30 26.62
C MET C 126 101.48 -32.23 28.14
N LYS C 127 102.49 -32.89 28.71
CA LYS C 127 102.81 -32.71 30.11
C LYS C 127 103.30 -31.30 30.37
N GLY C 128 103.76 -30.64 29.30
CA GLY C 128 104.22 -29.26 29.35
C GLY C 128 103.15 -28.22 29.05
N TYR C 129 102.24 -28.56 28.13
CA TYR C 129 101.11 -27.68 27.82
C TYR C 129 100.09 -27.66 28.95
N ARG C 130 99.80 -28.84 29.52
CA ARG C 130 98.78 -28.98 30.57
C ARG C 130 99.01 -28.01 31.73
N LYS C 131 100.28 -27.84 32.10
CA LYS C 131 100.67 -26.89 33.13
C LYS C 131 100.63 -25.46 32.60
N ALA C 132 101.06 -25.28 31.36
CA ALA C 132 101.13 -23.97 30.72
C ALA C 132 99.77 -23.27 30.73
N VAL C 133 98.71 -24.03 30.42
CA VAL C 133 97.35 -23.51 30.45
C VAL C 133 96.90 -23.25 31.89
N SER C 134 97.28 -24.15 32.80
CA SER C 134 96.98 -24.01 34.23
C SER C 134 97.68 -22.77 34.79
N LEU C 135 98.77 -22.38 34.13
CA LEU C 135 99.53 -21.19 34.49
C LEU C 135 99.00 -19.95 33.78
N ALA C 136 98.45 -20.15 32.59
CA ALA C 136 97.82 -19.07 31.83
C ALA C 136 96.55 -18.58 32.52
N VAL C 137 95.83 -19.52 33.13
CA VAL C 137 94.63 -19.20 33.91
C VAL C 137 95.02 -18.45 35.20
N GLU C 138 96.19 -18.78 35.74
CA GLU C 138 96.72 -18.09 36.93
C GLU C 138 97.11 -16.63 36.61
N LYS C 139 97.55 -16.40 35.37
CA LYS C 139 97.95 -15.06 34.92
C LYS C 139 96.76 -14.10 34.79
N ILE C 140 95.67 -14.61 34.24
CA ILE C 140 94.45 -13.84 33.99
C ILE C 140 93.70 -13.52 35.29
N ASN C 141 93.60 -14.52 36.16
CA ASN C 141 92.95 -14.36 37.47
C ASN C 141 93.61 -13.26 38.31
N GLU C 142 94.93 -13.14 38.20
CA GLU C 142 95.67 -12.05 38.84
C GLU C 142 95.54 -10.76 38.03
N LEU C 143 95.30 -10.89 36.73
CA LEU C 143 95.28 -9.76 35.82
C LEU C 143 93.89 -9.15 35.63
N ALA C 144 92.85 -9.94 35.91
CA ALA C 144 91.47 -9.48 35.81
C ALA C 144 91.19 -8.36 36.82
N VAL C 145 90.43 -7.36 36.38
CA VAL C 145 90.12 -6.20 37.20
C VAL C 145 88.66 -6.21 37.63
N ASP C 146 88.43 -6.23 38.95
CA ASP C 146 87.10 -6.10 39.50
C ASP C 146 86.66 -4.64 39.29
N ILE C 147 85.69 -4.46 38.40
CA ILE C 147 85.31 -3.14 37.89
C ILE C 147 84.42 -2.35 38.85
N THR C 148 83.78 -3.06 39.77
CA THR C 148 82.98 -2.42 40.82
C THR C 148 83.82 -1.54 41.78
N SER C 149 85.13 -1.80 41.82
CA SER C 149 86.08 -1.09 42.69
C SER C 149 86.50 0.28 42.13
N GLU C 150 86.76 0.34 40.83
CA GLU C 150 87.43 1.49 40.22
C GLU C 150 86.61 2.20 39.15
N LYS C 151 86.19 3.43 39.47
CA LYS C 151 85.53 4.37 38.54
C LYS C 151 84.92 3.77 37.26
N SER C 152 83.73 3.18 37.41
CA SER C 152 82.96 2.67 36.28
C SER C 152 81.50 3.05 36.43
N SER C 153 80.80 3.20 35.31
CA SER C 153 79.36 3.46 35.32
C SER C 153 78.60 2.16 35.58
N GLY C 154 77.37 2.29 36.08
CA GLY C 154 76.51 1.14 36.33
C GLY C 154 76.16 0.37 35.07
N ARG C 155 76.06 1.08 33.95
CA ARG C 155 75.67 0.49 32.68
C ARG C 155 76.73 0.62 31.58
N GLU C 156 77.73 1.47 31.79
CA GLU C 156 78.86 1.60 30.86
C GLU C 156 79.87 0.47 31.05
N LEU C 157 79.51 -0.48 31.92
CA LEU C 157 80.24 -1.73 32.10
C LEU C 157 79.80 -2.76 31.04
N LEU C 158 78.49 -2.82 30.79
CA LEU C 158 77.92 -3.72 29.79
C LEU C 158 77.99 -3.08 28.40
N GLU C 159 77.87 -1.75 28.37
CA GLU C 159 77.95 -0.97 27.13
C GLU C 159 79.32 -1.13 26.48
N ARG C 160 80.35 -0.58 27.12
CA ARG C 160 81.73 -0.66 26.62
C ARG C 160 82.20 -2.10 26.45
N CYS C 161 81.38 -3.06 26.86
CA CYS C 161 81.69 -4.48 26.76
C CYS C 161 81.02 -5.13 25.56
N ALA C 162 79.79 -4.71 25.28
CA ALA C 162 79.11 -5.10 24.04
C ALA C 162 79.79 -4.39 22.87
N ARG C 163 80.14 -3.13 23.08
CA ARG C 163 80.84 -2.29 22.10
C ARG C 163 82.10 -2.93 21.52
N THR C 164 82.68 -3.87 22.26
CA THR C 164 83.85 -4.62 21.79
C THR C 164 83.41 -5.83 20.97
N ALA C 165 82.33 -6.48 21.41
CA ALA C 165 81.80 -7.66 20.74
C ALA C 165 81.22 -7.34 19.36
N MET C 166 80.70 -6.13 19.21
CA MET C 166 80.11 -5.68 17.95
C MET C 166 81.19 -5.53 16.86
N SER C 167 82.28 -4.85 17.21
CA SER C 167 83.36 -4.53 16.28
C SER C 167 84.02 -5.78 15.70
N SER C 168 83.98 -5.87 14.37
CA SER C 168 84.39 -7.05 13.58
C SER C 168 83.22 -7.51 12.71
N LYS C 169 82.05 -7.62 13.34
CA LYS C 169 80.83 -8.07 12.66
C LYS C 169 80.20 -6.99 11.78
N LEU C 170 79.13 -7.36 11.08
CA LEU C 170 78.47 -6.47 10.12
C LEU C 170 77.99 -5.16 10.73
N ILE C 171 77.35 -5.26 11.89
CA ILE C 171 76.73 -4.10 12.54
C ILE C 171 77.74 -3.18 13.24
N HIS C 172 78.98 -3.20 12.76
CA HIS C 172 80.05 -2.38 13.30
C HIS C 172 79.74 -0.88 13.18
N ASN C 173 79.30 -0.46 12.00
CA ASN C 173 78.97 0.94 11.74
C ASN C 173 77.68 1.38 12.39
N ASN C 174 77.00 0.44 13.05
CA ASN C 174 75.74 0.73 13.71
C ASN C 174 75.76 0.37 15.19
N ALA C 175 76.95 0.02 15.68
CA ALA C 175 77.15 -0.38 17.09
C ALA C 175 76.41 0.52 18.08
N ASP C 176 76.58 1.84 17.93
CA ASP C 176 75.89 2.83 18.76
C ASP C 176 74.44 2.46 19.04
N PHE C 177 73.70 2.21 17.96
CA PHE C 177 72.29 1.84 18.03
C PHE C 177 72.10 0.53 18.78
N PHE C 178 72.84 -0.50 18.37
CA PHE C 178 72.66 -1.84 18.92
C PHE C 178 73.18 -2.03 20.33
N VAL C 179 74.19 -1.24 20.71
CA VAL C 179 74.74 -1.34 22.06
C VAL C 179 73.74 -0.79 23.08
N LYS C 180 73.14 0.36 22.79
CA LYS C 180 72.21 1.00 23.71
C LYS C 180 70.80 0.39 23.63
N MET C 181 70.74 -0.82 23.08
CA MET C 181 69.48 -1.56 22.91
C MET C 181 69.59 -2.96 23.50
N CYS C 182 70.59 -3.72 23.08
CA CYS C 182 70.72 -5.11 23.52
C CYS C 182 71.32 -5.23 24.92
N VAL C 183 72.17 -4.27 25.29
CA VAL C 183 72.62 -4.11 26.67
C VAL C 183 71.39 -3.83 27.53
N ASP C 184 70.59 -2.87 27.08
CA ASP C 184 69.30 -2.54 27.68
C ASP C 184 68.41 -3.78 27.77
N ALA C 185 68.48 -4.65 26.75
CA ALA C 185 67.64 -5.85 26.65
C ALA C 185 68.00 -6.94 27.66
N VAL C 186 69.23 -6.90 28.17
CA VAL C 186 69.64 -7.82 29.23
C VAL C 186 69.09 -7.33 30.56
N LEU C 187 68.88 -6.02 30.69
CA LEU C 187 68.36 -5.43 31.93
C LEU C 187 66.90 -5.74 32.19
N SER C 188 66.05 -5.54 31.17
CA SER C 188 64.64 -5.89 31.28
C SER C 188 64.49 -7.39 31.51
N LEU C 189 65.41 -8.16 30.93
CA LEU C 189 65.48 -9.61 31.08
C LEU C 189 65.71 -10.05 32.53
N ASP C 190 66.50 -9.26 33.26
CA ASP C 190 66.90 -9.61 34.63
C ASP C 190 65.75 -10.12 35.49
N ARG C 191 65.74 -11.44 35.69
CA ARG C 191 65.18 -12.03 36.89
C ARG C 191 66.41 -12.18 37.77
N ASN C 192 66.23 -12.37 39.08
CA ASN C 192 67.38 -12.61 39.97
C ASN C 192 68.51 -13.39 39.27
N ASP C 193 68.13 -14.49 38.61
CA ASP C 193 68.99 -15.19 37.66
C ASP C 193 68.20 -15.36 36.37
N LEU C 194 68.84 -15.12 35.23
CA LEU C 194 68.15 -14.85 33.95
C LEU C 194 68.36 -15.90 32.86
N ASP C 195 67.57 -15.81 31.77
CA ASP C 195 67.79 -16.61 30.55
C ASP C 195 67.32 -15.95 29.23
N ASP C 196 68.05 -16.15 28.14
CA ASP C 196 67.77 -15.48 26.86
C ASP C 196 66.50 -15.96 26.15
N LYS C 197 65.97 -17.11 26.56
CA LYS C 197 64.68 -17.63 26.08
C LYS C 197 63.54 -16.60 26.25
N LEU C 198 63.68 -15.71 27.23
CA LEU C 198 62.68 -14.69 27.53
C LEU C 198 62.78 -13.43 26.66
N ILE C 199 63.99 -13.12 26.18
CA ILE C 199 64.17 -12.01 25.22
C ILE C 199 64.28 -12.49 23.77
N GLY C 200 63.30 -13.30 23.36
CA GLY C 200 63.25 -13.88 22.03
C GLY C 200 63.22 -12.84 20.93
N ILE C 201 64.04 -13.07 19.90
CA ILE C 201 64.13 -12.17 18.75
C ILE C 201 63.10 -12.58 17.69
N LYS C 202 62.52 -11.59 17.03
CA LYS C 202 61.62 -11.83 15.92
C LYS C 202 62.30 -11.26 14.68
N LYS C 203 61.99 -11.83 13.51
CA LYS C 203 62.59 -11.37 12.25
C LYS C 203 61.52 -10.90 11.27
N ILE C 204 61.78 -9.78 10.60
CA ILE C 204 60.86 -9.24 9.59
C ILE C 204 61.59 -8.69 8.35
N PRO C 205 61.31 -9.29 7.16
CA PRO C 205 61.97 -8.95 5.90
C PRO C 205 61.76 -7.50 5.50
N GLY C 206 62.83 -6.87 5.02
CA GLY C 206 62.78 -5.47 4.58
C GLY C 206 63.21 -4.50 5.67
N GLY C 207 63.33 -3.24 5.29
CA GLY C 207 63.70 -2.17 6.23
C GLY C 207 65.17 -2.15 6.57
N ALA C 208 65.68 -0.96 6.90
CA ALA C 208 67.06 -0.80 7.32
C ALA C 208 67.27 -1.47 8.68
N MET C 209 68.44 -2.06 8.87
CA MET C 209 68.79 -2.68 10.16
C MET C 209 68.83 -1.66 11.32
N GLU C 210 68.87 -0.37 10.98
CA GLU C 210 68.72 0.72 11.95
C GLU C 210 67.28 0.84 12.40
N GLU C 211 66.35 0.49 11.52
CA GLU C 211 64.91 0.58 11.79
C GLU C 211 64.39 -0.60 12.60
N SER C 212 65.30 -1.22 13.36
CA SER C 212 64.96 -2.26 14.32
C SER C 212 64.37 -1.61 15.57
N LEU C 213 63.53 -2.34 16.29
CA LEU C 213 62.71 -1.73 17.34
C LEU C 213 62.71 -2.48 18.68
N PHE C 214 63.09 -1.78 19.76
CA PHE C 214 63.10 -2.33 21.12
C PHE C 214 61.71 -2.25 21.73
N ILE C 215 61.20 -3.41 22.17
CA ILE C 215 59.87 -3.49 22.76
C ILE C 215 59.99 -3.83 24.24
N ASN C 216 59.38 -2.98 25.08
CA ASN C 216 59.35 -3.19 26.53
C ASN C 216 58.18 -4.06 26.97
N GLY C 217 57.68 -4.88 26.04
CA GLY C 217 56.60 -5.82 26.32
C GLY C 217 56.84 -7.12 25.58
N VAL C 218 55.98 -7.40 24.61
CA VAL C 218 56.11 -8.61 23.78
C VAL C 218 55.75 -8.23 22.33
N ALA C 219 55.95 -9.17 21.40
CA ALA C 219 55.58 -8.97 20.00
C ALA C 219 55.23 -10.28 19.31
N PHE C 220 54.46 -10.18 18.23
CA PHE C 220 54.16 -11.34 17.37
C PHE C 220 54.58 -11.09 15.93
N LYS C 221 55.53 -11.88 15.44
CA LYS C 221 55.80 -12.00 13.99
C LYS C 221 54.58 -12.65 13.33
N LYS C 222 53.52 -12.77 14.13
CA LYS C 222 52.35 -13.58 13.82
C LYS C 222 51.04 -12.82 13.96
N THR C 223 50.43 -12.54 12.82
CA THR C 223 49.04 -12.17 12.78
C THR C 223 48.30 -13.44 12.36
N PHE C 224 47.11 -13.66 12.90
CA PHE C 224 46.15 -14.50 12.19
C PHE C 224 44.93 -13.68 11.76
N SER C 225 44.11 -14.22 10.87
CA SER C 225 42.93 -13.53 10.39
C SER C 225 41.71 -14.45 10.36
N TYR C 226 40.67 -14.06 11.10
CA TYR C 226 39.35 -14.66 10.96
C TYR C 226 38.33 -13.60 10.52
N ALA C 227 37.07 -14.02 10.37
CA ALA C 227 35.99 -13.13 9.95
C ALA C 227 36.05 -11.75 10.61
N GLY C 228 35.97 -11.73 11.94
CA GLY C 228 35.90 -10.49 12.69
C GLY C 228 37.20 -9.73 12.88
N PHE C 229 38.33 -10.40 12.71
CA PHE C 229 39.65 -9.82 13.05
C PHE C 229 39.92 -8.42 12.46
N GLU C 230 39.27 -8.10 11.34
CA GLU C 230 39.38 -6.78 10.73
C GLU C 230 38.38 -5.82 11.35
N GLN C 231 37.19 -6.35 11.68
CA GLN C 231 36.10 -5.59 12.27
C GLN C 231 36.40 -5.17 13.72
N GLN C 232 37.34 -5.87 14.36
CA GLN C 232 37.74 -5.61 15.74
C GLN C 232 38.63 -4.39 15.89
N PRO C 233 38.60 -3.74 17.07
CA PRO C 233 39.59 -2.69 17.39
C PRO C 233 41.00 -3.27 17.52
N LYS C 234 41.94 -2.69 16.78
CA LYS C 234 43.32 -3.12 16.80
C LYS C 234 44.24 -2.03 17.42
N LYS C 235 43.78 -1.44 18.51
CA LYS C 235 44.53 -0.43 19.27
C LYS C 235 43.88 -0.10 20.62
N PHE C 236 44.58 -0.41 21.70
CA PHE C 236 44.11 -0.11 23.06
C PHE C 236 45.10 0.81 23.77
N ASN C 237 44.76 1.23 24.99
CA ASN C 237 45.70 1.96 25.85
C ASN C 237 46.03 1.15 27.11
N ASN C 238 45.07 1.06 28.02
CA ASN C 238 45.21 0.21 29.18
C ASN C 238 44.27 -0.99 29.12
N PRO C 239 44.78 -2.13 28.67
CA PRO C 239 43.96 -3.33 28.57
C PRO C 239 44.20 -4.31 29.71
N LYS C 240 43.25 -5.22 29.88
CA LYS C 240 43.44 -6.38 30.73
C LYS C 240 43.64 -7.58 29.81
N ILE C 241 44.86 -8.12 29.80
CA ILE C 241 45.22 -9.23 28.91
C ILE C 241 44.86 -10.57 29.54
N LEU C 242 43.91 -11.26 28.92
CA LEU C 242 43.56 -12.60 29.35
C LEU C 242 44.38 -13.58 28.54
N SER C 243 45.19 -14.36 29.26
CA SER C 243 46.03 -15.36 28.64
C SER C 243 45.39 -16.74 28.80
N LEU C 244 44.81 -17.23 27.72
CA LEU C 244 44.09 -18.52 27.72
C LEU C 244 44.91 -19.65 27.10
N ASN C 245 44.34 -20.86 27.11
CA ASN C 245 44.99 -22.03 26.55
C ASN C 245 44.09 -22.83 25.62
N VAL C 246 42.86 -23.11 26.05
CA VAL C 246 41.98 -24.05 25.34
C VAL C 246 41.20 -23.40 24.19
N GLU C 247 40.91 -24.20 23.16
CA GLU C 247 40.30 -23.74 21.91
C GLU C 247 38.83 -23.32 22.03
N LEU C 248 38.58 -22.05 21.76
CA LEU C 248 37.24 -21.49 21.82
C LEU C 248 36.51 -21.69 20.50
N GLU C 249 35.76 -22.78 20.42
CA GLU C 249 34.93 -23.09 19.25
C GLU C 249 34.00 -24.24 19.60
N LEU C 250 33.53 -24.95 18.58
CA LEU C 250 32.70 -26.14 18.79
C LEU C 250 33.53 -27.44 18.71
N LYS C 251 34.58 -27.49 19.55
CA LYS C 251 35.50 -28.63 19.66
C LYS C 251 36.13 -29.02 18.33
N ALA C 252 37.25 -28.39 17.99
CA ALA C 252 37.89 -28.54 16.67
C ALA C 252 38.94 -29.66 16.55
N GLU C 253 39.44 -30.15 17.70
CA GLU C 253 40.33 -31.31 17.74
C GLU C 253 40.20 -32.06 19.08
N LYS C 254 39.13 -31.74 19.82
CA LYS C 254 38.87 -32.24 21.19
C LYS C 254 38.52 -33.74 21.30
N ASP C 255 38.10 -34.13 22.51
CA ASP C 255 37.71 -35.51 22.81
C ASP C 255 36.38 -35.87 22.16
N ASN C 256 36.39 -36.88 21.30
CA ASN C 256 35.20 -37.34 20.58
C ASN C 256 34.28 -38.22 21.41
N ALA C 257 33.00 -37.86 21.40
CA ALA C 257 31.96 -38.57 22.13
C ALA C 257 30.74 -38.75 21.24
N GLU C 258 30.29 -40.00 21.08
CA GLU C 258 29.12 -40.31 20.25
C GLU C 258 27.81 -39.97 20.95
N VAL C 259 26.85 -39.42 20.20
CA VAL C 259 25.53 -39.11 20.77
C VAL C 259 24.47 -40.01 20.16
N ARG C 260 23.74 -40.72 21.04
CA ARG C 260 22.59 -41.51 20.63
C ARG C 260 21.32 -40.87 21.19
N VAL C 261 20.39 -40.54 20.29
CA VAL C 261 19.15 -39.87 20.67
C VAL C 261 17.94 -40.60 20.12
N GLU C 262 17.08 -41.07 21.02
CA GLU C 262 15.91 -41.85 20.65
C GLU C 262 14.77 -40.95 20.19
N HIS C 263 14.48 -39.89 20.95
CA HIS C 263 13.36 -38.98 20.67
C HIS C 263 13.84 -37.71 19.94
N VAL C 264 13.10 -37.28 18.91
CA VAL C 264 13.50 -36.16 18.04
C VAL C 264 13.77 -34.85 18.78
N GLU C 265 12.86 -34.47 19.68
CA GLU C 265 12.94 -33.21 20.43
C GLU C 265 14.25 -33.02 21.20
N ASP C 266 14.94 -34.13 21.48
CA ASP C 266 16.29 -34.12 22.05
C ASP C 266 17.30 -33.50 21.09
N TYR C 267 16.92 -33.39 19.82
CA TYR C 267 17.82 -32.93 18.79
C TYR C 267 18.21 -31.45 18.95
N GLN C 268 17.27 -30.54 18.74
CA GLN C 268 17.51 -29.11 18.93
C GLN C 268 18.04 -28.82 20.33
N ALA C 269 17.78 -29.75 21.25
CA ALA C 269 18.32 -29.69 22.60
C ALA C 269 19.83 -29.94 22.61
N ILE C 270 20.28 -31.01 21.94
CA ILE C 270 21.70 -31.34 21.90
C ILE C 270 22.51 -30.29 21.14
N VAL C 271 21.91 -29.70 20.11
CA VAL C 271 22.58 -28.61 19.39
C VAL C 271 22.55 -27.30 20.20
N ASP C 272 21.43 -27.04 20.87
CA ASP C 272 21.29 -25.84 21.72
C ASP C 272 22.06 -25.96 23.03
N ALA C 273 22.56 -27.18 23.30
CA ALA C 273 23.50 -27.40 24.39
C ALA C 273 24.87 -26.90 23.98
N GLU C 274 25.25 -27.14 22.73
CA GLU C 274 26.55 -26.74 22.21
C GLU C 274 26.74 -25.23 22.19
N TRP C 275 25.79 -24.51 21.58
CA TRP C 275 25.84 -23.04 21.49
C TRP C 275 25.70 -22.37 22.85
N GLN C 276 25.20 -23.14 23.81
CA GLN C 276 25.13 -22.69 25.20
C GLN C 276 26.39 -23.11 25.97
N LEU C 277 27.05 -24.19 25.51
CA LEU C 277 28.29 -24.66 26.14
C LEU C 277 29.46 -23.72 25.88
N ILE C 278 29.37 -22.92 24.81
CA ILE C 278 30.43 -21.99 24.49
C ILE C 278 30.05 -20.53 24.77
N PHE C 279 28.75 -20.25 24.90
CA PHE C 279 28.27 -18.99 25.48
C PHE C 279 28.89 -18.82 26.87
N GLU C 280 28.80 -19.90 27.67
CA GLU C 280 29.39 -19.93 29.01
C GLU C 280 30.90 -19.73 28.95
N LYS C 281 31.55 -20.41 28.00
CA LYS C 281 33.00 -20.34 27.82
C LYS C 281 33.46 -19.00 27.27
N LEU C 282 32.57 -18.32 26.57
CA LEU C 282 32.87 -17.02 25.98
C LEU C 282 32.50 -15.85 26.90
N ARG C 283 31.23 -15.80 27.34
CA ARG C 283 30.78 -14.76 28.26
C ARG C 283 31.53 -14.85 29.59
N GLN C 284 32.19 -16.00 29.78
CA GLN C 284 33.10 -16.21 30.90
C GLN C 284 34.29 -15.28 30.78
N VAL C 285 34.62 -14.94 29.54
CA VAL C 285 35.72 -14.04 29.21
C VAL C 285 35.27 -12.58 29.37
N GLU C 286 34.06 -12.28 28.90
CA GLU C 286 33.50 -10.94 29.05
C GLU C 286 33.40 -10.59 30.53
N GLU C 287 32.86 -11.52 31.32
CA GLU C 287 32.78 -11.37 32.78
C GLU C 287 34.12 -11.69 33.45
N THR C 288 35.19 -11.12 32.92
CA THR C 288 36.54 -11.21 33.50
C THR C 288 37.09 -9.81 33.67
N GLY C 289 36.68 -8.91 32.78
CA GLY C 289 37.19 -7.54 32.76
C GLY C 289 38.29 -7.41 31.74
N ALA C 290 38.38 -8.41 30.86
CA ALA C 290 39.40 -8.46 29.83
C ALA C 290 38.96 -7.72 28.57
N ASN C 291 39.94 -7.35 27.76
CA ASN C 291 39.69 -6.69 26.47
C ASN C 291 40.71 -7.10 25.39
N ILE C 292 41.57 -8.06 25.75
CA ILE C 292 42.52 -8.67 24.82
C ILE C 292 42.69 -10.16 25.16
N VAL C 293 42.29 -11.02 24.22
CA VAL C 293 42.22 -12.47 24.44
C VAL C 293 43.21 -13.24 23.57
N LEU C 294 44.20 -13.87 24.22
CA LEU C 294 45.22 -14.66 23.54
C LEU C 294 45.19 -16.10 24.05
N SER C 295 45.44 -17.05 23.16
CA SER C 295 45.36 -18.48 23.52
C SER C 295 46.33 -19.35 22.75
N LYS C 296 46.89 -20.35 23.44
CA LYS C 296 47.81 -21.32 22.83
C LYS C 296 47.12 -22.13 21.74
N LEU C 297 45.85 -22.46 21.95
CA LEU C 297 45.03 -23.14 20.95
C LEU C 297 44.24 -22.12 20.11
N PRO C 298 43.46 -22.59 19.10
CA PRO C 298 42.76 -21.70 18.15
C PRO C 298 41.52 -21.00 18.67
N ILE C 299 41.30 -19.77 18.19
CA ILE C 299 40.04 -19.06 18.37
C ILE C 299 39.28 -19.10 17.05
N GLY C 300 38.07 -19.64 17.08
CA GLY C 300 37.29 -19.92 15.86
C GLY C 300 36.63 -18.71 15.21
N ASP C 301 35.97 -18.95 14.07
CA ASP C 301 35.25 -17.91 13.34
C ASP C 301 34.07 -17.40 14.15
N LEU C 302 33.44 -18.32 14.88
CA LEU C 302 32.21 -18.06 15.61
C LEU C 302 32.48 -17.57 17.02
N ALA C 303 33.73 -17.71 17.45
CA ALA C 303 34.20 -17.18 18.71
C ALA C 303 34.65 -15.74 18.55
N THR C 304 35.36 -15.46 17.46
CA THR C 304 35.85 -14.12 17.13
C THR C 304 34.70 -13.14 16.94
N GLN C 305 33.52 -13.66 16.57
CA GLN C 305 32.33 -12.84 16.38
C GLN C 305 31.99 -12.08 17.65
N PHE C 306 31.83 -12.82 18.74
CA PHE C 306 31.42 -12.25 20.03
C PHE C 306 32.39 -11.19 20.55
N PHE C 307 33.68 -11.37 20.29
CA PHE C 307 34.67 -10.37 20.68
C PHE C 307 34.59 -9.14 19.77
N ALA C 308 34.28 -9.37 18.49
CA ALA C 308 34.20 -8.30 17.51
C ALA C 308 33.13 -7.29 17.88
N ASP C 309 31.96 -7.79 18.23
CA ASP C 309 30.84 -6.96 18.61
C ASP C 309 31.01 -6.40 20.02
N ARG C 310 31.46 -7.24 20.95
CA ARG C 310 31.73 -6.79 22.32
C ARG C 310 33.02 -5.96 22.42
N ASN C 311 33.55 -5.55 21.27
CA ASN C 311 34.69 -4.63 21.19
C ASN C 311 35.96 -5.16 21.86
N ILE C 312 36.12 -6.47 21.83
CA ILE C 312 37.26 -7.13 22.47
C ILE C 312 38.18 -7.72 21.40
N PHE C 313 39.48 -7.58 21.61
CA PHE C 313 40.47 -8.13 20.69
C PHE C 313 40.84 -9.56 21.05
N CYS C 314 40.89 -10.43 20.04
CA CYS C 314 41.24 -11.83 20.23
C CYS C 314 42.22 -12.34 19.17
N ALA C 315 43.04 -13.30 19.57
CA ALA C 315 43.99 -13.96 18.66
C ALA C 315 44.09 -15.45 19.00
N GLY C 316 44.14 -16.27 17.94
CA GLY C 316 44.27 -17.72 18.09
C GLY C 316 45.57 -18.25 17.51
N ARG C 317 45.95 -19.46 17.93
CA ARG C 317 47.14 -20.17 17.45
C ARG C 317 48.46 -19.47 17.80
N VAL C 318 48.49 -18.86 18.99
CA VAL C 318 49.66 -18.14 19.48
C VAL C 318 50.86 -19.05 19.66
N SER C 319 52.02 -18.55 19.24
CA SER C 319 53.29 -19.22 19.44
C SER C 319 53.43 -19.65 20.90
N ALA C 320 53.78 -20.93 21.08
CA ALA C 320 53.93 -21.52 22.41
C ALA C 320 54.94 -20.76 23.27
N ASP C 321 56.06 -20.41 22.65
CA ASP C 321 57.12 -19.63 23.29
C ASP C 321 56.67 -18.20 23.56
N ASP C 322 55.79 -17.69 22.69
CA ASP C 322 55.29 -16.32 22.78
C ASP C 322 54.33 -16.12 23.93
N MET C 323 53.54 -17.14 24.24
CA MET C 323 52.62 -17.06 25.37
C MET C 323 53.38 -16.97 26.68
N ASN C 324 54.43 -17.77 26.83
CA ASN C 324 55.32 -17.64 27.97
C ASN C 324 56.14 -16.36 27.92
N ARG C 325 56.24 -15.77 26.72
CA ARG C 325 56.86 -14.46 26.56
C ARG C 325 55.89 -13.35 26.96
N VAL C 326 54.59 -13.58 26.75
CA VAL C 326 53.59 -12.57 27.11
C VAL C 326 53.42 -12.46 28.63
N ILE C 327 53.15 -13.57 29.29
CA ILE C 327 52.82 -13.55 30.73
C ILE C 327 53.90 -12.90 31.61
N GLN C 328 55.16 -13.11 31.26
CA GLN C 328 56.28 -12.55 32.03
C GLN C 328 56.39 -11.04 31.88
N ALA C 329 55.86 -10.52 30.77
CA ALA C 329 55.90 -9.09 30.48
C ALA C 329 54.52 -8.46 30.57
N VAL C 330 53.51 -9.27 30.90
CA VAL C 330 52.17 -8.75 31.09
C VAL C 330 51.73 -8.96 32.55
N GLY C 331 52.43 -9.84 33.24
CA GLY C 331 52.17 -10.11 34.66
C GLY C 331 50.96 -10.99 34.88
N GLY C 332 50.58 -11.74 33.85
CA GLY C 332 49.39 -12.58 33.88
C GLY C 332 49.65 -14.02 34.26
N SER C 333 48.70 -14.89 33.94
CA SER C 333 48.82 -16.33 34.18
C SER C 333 48.02 -17.13 33.15
N ILE C 334 48.68 -18.11 32.52
CA ILE C 334 48.06 -18.93 31.48
C ILE C 334 47.08 -19.95 32.08
N GLN C 335 45.79 -19.70 31.85
CA GLN C 335 44.74 -20.57 32.34
C GLN C 335 44.26 -21.51 31.22
N SER C 336 44.06 -22.78 31.57
CA SER C 336 43.58 -23.77 30.61
C SER C 336 42.06 -23.88 30.60
N THR C 337 41.41 -23.18 31.51
CA THR C 337 39.94 -23.18 31.62
C THR C 337 39.38 -21.80 31.92
N THR C 338 38.29 -21.46 31.24
CA THR C 338 37.57 -20.23 31.47
C THR C 338 36.73 -20.25 32.75
N SER C 339 36.15 -21.41 33.06
CA SER C 339 35.22 -21.56 34.18
C SER C 339 35.89 -21.60 35.56
N ASP C 340 36.95 -20.80 35.74
CA ASP C 340 37.70 -20.75 37.00
C ASP C 340 38.33 -19.38 37.24
N ILE C 341 38.48 -18.61 36.16
CA ILE C 341 39.37 -17.44 36.13
C ILE C 341 39.01 -16.31 37.10
N LYS C 342 39.97 -15.97 37.95
CA LYS C 342 39.88 -14.81 38.84
C LYS C 342 40.66 -13.65 38.22
N PRO C 343 40.25 -12.40 38.49
CA PRO C 343 40.99 -11.23 38.00
C PRO C 343 42.43 -11.14 38.48
N GLU C 344 42.88 -12.15 39.22
CA GLU C 344 44.28 -12.24 39.66
C GLU C 344 45.20 -12.82 38.58
N HIS C 345 44.64 -13.10 37.40
CA HIS C 345 45.36 -13.74 36.30
C HIS C 345 45.61 -12.85 35.08
N LEU C 346 44.98 -11.68 35.06
CA LEU C 346 45.05 -10.77 33.91
C LEU C 346 46.38 -10.02 33.82
N GLY C 347 46.60 -9.32 32.70
CA GLY C 347 47.82 -8.54 32.49
C GLY C 347 47.55 -7.13 32.02
N THR C 348 48.59 -6.31 31.95
CA THR C 348 48.46 -4.92 31.52
C THR C 348 49.68 -4.46 30.72
N CYS C 349 49.54 -3.30 30.07
CA CYS C 349 50.61 -2.64 29.33
C CYS C 349 50.26 -1.17 29.07
N ALA C 350 51.22 -0.42 28.51
CA ALA C 350 51.02 1.00 28.22
C ALA C 350 50.22 1.23 26.95
N LEU C 351 50.49 0.43 25.91
CA LEU C 351 49.78 0.56 24.64
C LEU C 351 49.89 -0.69 23.76
N PHE C 352 48.72 -1.22 23.40
CA PHE C 352 48.60 -2.33 22.45
C PHE C 352 48.11 -1.79 21.11
N GLU C 353 48.87 -2.05 20.05
CA GLU C 353 48.45 -1.74 18.68
C GLU C 353 49.00 -2.78 17.71
N GLU C 354 48.41 -2.88 16.52
CA GLU C 354 48.88 -3.81 15.49
C GLU C 354 49.61 -3.09 14.35
N MET C 355 50.73 -2.42 14.71
CA MET C 355 51.55 -1.65 13.76
C MET C 355 52.05 -2.52 12.60
N GLN C 356 51.73 -2.14 11.37
CA GLN C 356 52.19 -2.90 10.22
C GLN C 356 53.59 -2.52 9.79
N ILE C 357 54.52 -3.45 9.98
CA ILE C 357 55.92 -3.24 9.65
C ILE C 357 56.30 -4.21 8.54
N GLY C 358 56.93 -3.68 7.49
CA GLY C 358 57.42 -4.50 6.38
C GLY C 358 56.36 -5.32 5.68
N SER C 359 55.16 -4.73 5.60
CA SER C 359 53.99 -5.38 5.00
C SER C 359 53.72 -6.80 5.54
N GLU C 360 53.85 -6.93 6.86
CA GLU C 360 53.36 -8.07 7.64
C GLU C 360 52.84 -7.49 8.95
N ARG C 361 51.68 -7.98 9.40
CA ARG C 361 51.01 -7.45 10.60
C ARG C 361 51.56 -7.99 11.95
N TYR C 362 52.11 -7.08 12.74
CA TYR C 362 52.73 -7.41 14.03
C TYR C 362 51.90 -6.92 15.21
N ASN C 363 51.65 -7.80 16.16
CA ASN C 363 50.93 -7.43 17.37
C ASN C 363 51.89 -6.95 18.46
N LEU C 364 51.84 -5.64 18.72
CA LEU C 364 52.75 -5.00 19.67
C LEU C 364 52.04 -4.46 20.90
N PHE C 365 52.13 -5.22 21.99
CA PHE C 365 51.73 -4.71 23.30
C PHE C 365 52.97 -4.48 24.15
N GLN C 366 53.17 -3.22 24.54
CA GLN C 366 54.43 -2.75 25.12
C GLN C 366 54.23 -1.78 26.28
N GLY C 367 55.34 -1.23 26.77
CA GLY C 367 55.32 -0.31 27.89
C GLY C 367 54.79 -0.97 29.16
N CYS C 368 55.49 -2.01 29.61
CA CYS C 368 55.12 -2.72 30.82
C CYS C 368 56.09 -2.42 31.97
N PRO C 369 55.63 -1.61 32.95
CA PRO C 369 56.38 -1.14 34.12
C PRO C 369 57.40 -2.16 34.65
N GLN C 370 56.91 -3.19 35.34
CA GLN C 370 57.76 -4.23 35.89
C GLN C 370 57.62 -5.52 35.10
N ALA C 371 58.60 -5.77 34.24
CA ALA C 371 58.60 -6.99 33.43
C ALA C 371 59.92 -7.73 33.59
N LYS C 372 59.84 -9.05 33.58
CA LYS C 372 61.03 -9.91 33.60
C LYS C 372 61.25 -10.52 32.22
N THR C 373 60.84 -9.76 31.18
CA THR C 373 60.92 -10.18 29.78
C THR C 373 60.85 -8.97 28.85
N CYS C 374 61.46 -9.09 27.68
CA CYS C 374 61.24 -8.14 26.58
C CYS C 374 61.27 -8.87 25.24
N THR C 375 61.09 -8.13 24.15
CA THR C 375 61.16 -8.69 22.80
C THR C 375 61.83 -7.73 21.80
N LEU C 376 62.94 -8.17 21.23
CA LEU C 376 63.60 -7.51 20.12
C LEU C 376 62.84 -7.80 18.83
N LEU C 377 62.82 -6.83 17.92
CA LEU C 377 62.11 -6.95 16.67
C LEU C 377 62.99 -6.38 15.55
N LEU C 378 63.55 -7.27 14.73
CA LEU C 378 64.70 -6.93 13.92
C LEU C 378 64.44 -6.80 12.41
N ARG C 379 64.97 -5.72 11.84
CA ARG C 379 64.90 -5.49 10.40
C ARG C 379 66.19 -5.94 9.70
N GLY C 380 66.61 -5.20 8.68
CA GLY C 380 67.78 -5.55 7.87
C GLY C 380 67.43 -5.62 6.40
N GLY C 381 68.40 -5.30 5.55
CA GLY C 381 68.22 -5.32 4.10
C GLY C 381 67.66 -6.63 3.57
N ALA C 382 68.56 -7.52 3.15
CA ALA C 382 68.17 -8.85 2.67
C ALA C 382 67.80 -9.78 3.83
N GLU C 383 67.20 -10.92 3.50
CA GLU C 383 66.83 -11.94 4.49
C GLU C 383 68.04 -12.75 5.00
N GLN C 384 69.22 -12.43 4.51
CA GLN C 384 70.45 -13.00 5.03
C GLN C 384 71.21 -12.05 5.95
N VAL C 385 70.84 -10.77 5.91
CA VAL C 385 71.37 -9.77 6.84
C VAL C 385 70.75 -10.00 8.21
N ILE C 386 69.43 -10.13 8.23
CA ILE C 386 68.65 -10.37 9.45
C ILE C 386 69.14 -11.59 10.22
N ALA C 387 69.79 -12.52 9.52
CA ALA C 387 70.42 -13.68 10.15
C ALA C 387 71.73 -13.32 10.86
N GLU C 388 72.57 -12.54 10.18
CA GLU C 388 73.90 -12.17 10.69
C GLU C 388 73.87 -10.94 11.62
N VAL C 389 72.68 -10.44 11.90
CA VAL C 389 72.50 -9.45 12.98
C VAL C 389 71.96 -10.18 14.22
N GLU C 390 71.15 -11.22 14.01
CA GLU C 390 70.61 -12.04 15.09
C GLU C 390 71.73 -12.84 15.78
N ARG C 391 72.65 -13.38 14.97
CA ARG C 391 73.81 -14.10 15.47
C ARG C 391 74.86 -13.14 16.01
N SER C 392 74.85 -11.91 15.50
CA SER C 392 75.73 -10.85 15.97
C SER C 392 75.25 -10.31 17.32
N LEU C 393 73.93 -10.20 17.48
CA LEU C 393 73.34 -9.70 18.72
C LEU C 393 73.36 -10.72 19.86
N HIS C 394 73.18 -12.00 19.54
CA HIS C 394 73.36 -13.06 20.53
C HIS C 394 74.82 -13.05 21.04
N ASP C 395 75.73 -12.59 20.20
CA ASP C 395 77.15 -12.50 20.54
C ASP C 395 77.46 -11.32 21.48
N ALA C 396 76.58 -10.32 21.51
CA ALA C 396 76.72 -9.18 22.43
C ALA C 396 76.01 -9.43 23.75
N ILE C 397 74.75 -9.86 23.68
CA ILE C 397 73.93 -10.18 24.85
C ILE C 397 74.67 -11.10 25.83
N MET C 398 75.30 -12.15 25.29
CA MET C 398 75.95 -13.16 26.13
C MET C 398 77.29 -12.70 26.72
N ILE C 399 77.89 -11.65 26.13
CA ILE C 399 79.01 -10.94 26.77
C ILE C 399 78.48 -10.04 27.86
N VAL C 400 77.34 -9.39 27.60
CA VAL C 400 76.68 -8.53 28.57
C VAL C 400 76.13 -9.37 29.74
N LYS C 401 75.60 -10.55 29.43
CA LYS C 401 75.14 -11.47 30.45
C LYS C 401 76.28 -11.87 31.39
N ARG C 402 77.44 -12.19 30.80
CA ARG C 402 78.61 -12.63 31.55
C ARG C 402 79.34 -11.50 32.28
N ALA C 403 78.94 -10.26 32.01
CA ALA C 403 79.55 -9.08 32.64
C ALA C 403 78.82 -8.70 33.93
N LEU C 404 77.61 -9.22 34.10
CA LEU C 404 76.86 -9.05 35.34
C LEU C 404 77.15 -10.22 36.28
N GLN C 405 77.35 -11.39 35.69
CA GLN C 405 77.75 -12.60 36.38
C GLN C 405 79.11 -12.42 37.07
N ASN C 406 80.08 -11.88 36.34
CA ASN C 406 81.39 -11.51 36.86
C ASN C 406 81.67 -10.05 36.54
N LYS C 407 81.46 -9.17 37.53
CA LYS C 407 81.90 -7.78 37.40
C LYS C 407 83.42 -7.76 37.41
N LEU C 408 83.99 -8.26 36.31
CA LEU C 408 85.39 -8.67 36.21
C LEU C 408 85.77 -8.64 34.73
N ILE C 409 86.85 -7.94 34.40
CA ILE C 409 87.24 -7.71 32.99
C ILE C 409 88.74 -7.79 32.70
N VAL C 410 89.06 -8.11 31.44
CA VAL C 410 90.44 -8.11 30.95
C VAL C 410 90.58 -7.14 29.77
N ALA C 411 91.82 -6.87 29.36
CA ALA C 411 92.09 -5.93 28.27
C ALA C 411 92.21 -6.63 26.92
N GLY C 412 91.51 -6.09 25.93
CA GLY C 412 91.42 -6.72 24.61
C GLY C 412 92.50 -6.32 23.61
N GLY C 413 92.20 -6.53 22.33
CA GLY C 413 93.13 -6.22 21.25
C GLY C 413 94.42 -7.00 21.32
N GLY C 414 94.39 -8.16 21.98
CA GLY C 414 95.57 -8.99 22.12
C GLY C 414 96.38 -8.71 23.37
N ALA C 415 96.11 -7.57 24.01
CA ALA C 415 96.83 -7.16 25.21
C ALA C 415 96.97 -8.30 26.22
N THR C 416 95.84 -8.87 26.62
CA THR C 416 95.82 -9.93 27.62
C THR C 416 96.76 -11.07 27.24
N GLU C 417 96.55 -11.66 26.06
CA GLU C 417 97.38 -12.79 25.61
C GLU C 417 98.85 -12.43 25.52
N MET C 418 99.15 -11.18 25.17
CA MET C 418 100.52 -10.70 25.11
C MET C 418 101.20 -10.65 26.49
N GLU C 419 100.42 -10.35 27.53
CA GLU C 419 100.93 -10.40 28.90
C GLU C 419 101.02 -11.84 29.38
N VAL C 420 100.00 -12.63 29.07
CA VAL C 420 100.00 -14.07 29.39
C VAL C 420 101.19 -14.74 28.72
N SER C 421 101.50 -14.29 27.50
CA SER C 421 102.70 -14.72 26.79
C SER C 421 103.95 -14.42 27.61
N LYS C 422 104.06 -13.19 28.12
CA LYS C 422 105.21 -12.77 28.91
C LYS C 422 105.34 -13.60 30.19
N CYS C 423 104.21 -13.95 30.80
CA CYS C 423 104.17 -14.82 31.99
C CYS C 423 104.85 -16.14 31.69
N LEU C 424 104.44 -16.74 30.57
CA LEU C 424 104.94 -18.04 30.14
C LEU C 424 106.30 -17.92 29.44
N ARG C 425 106.68 -16.70 29.07
CA ARG C 425 108.03 -16.41 28.61
C ARG C 425 108.96 -16.34 29.82
N ASP C 426 108.53 -15.65 30.87
CA ASP C 426 109.33 -15.49 32.10
C ASP C 426 109.49 -16.79 32.89
N TYR C 427 108.41 -17.56 32.97
CA TYR C 427 108.40 -18.84 33.67
C TYR C 427 109.31 -19.87 33.01
N SER C 428 109.70 -19.61 31.77
CA SER C 428 110.65 -20.44 31.04
C SER C 428 112.02 -20.44 31.71
N LYS C 429 112.41 -19.28 32.25
CA LYS C 429 113.70 -19.11 32.90
C LYS C 429 113.89 -20.04 34.10
N THR C 430 112.91 -20.07 34.99
CA THR C 430 112.97 -20.88 36.21
C THR C 430 112.90 -22.41 35.95
N ILE C 431 112.22 -22.79 34.87
CA ILE C 431 112.07 -24.21 34.49
C ILE C 431 113.36 -24.78 33.89
N ALA C 432 113.71 -24.31 32.69
CA ALA C 432 114.93 -24.71 31.96
C ALA C 432 115.10 -26.22 31.72
N GLY C 433 115.08 -26.61 30.45
CA GLY C 433 115.17 -28.01 30.04
C GLY C 433 114.31 -28.30 28.83
N LYS C 434 113.92 -29.56 28.67
CA LYS C 434 113.04 -29.96 27.57
C LYS C 434 111.64 -29.36 27.73
N GLN C 435 111.21 -29.19 28.97
CA GLN C 435 109.86 -28.67 29.28
C GLN C 435 109.75 -27.14 29.09
N GLN C 436 110.86 -26.44 29.26
CA GLN C 436 110.91 -24.99 29.04
C GLN C 436 110.45 -24.62 27.63
N MET C 437 110.99 -25.33 26.64
CA MET C 437 110.70 -25.09 25.22
C MET C 437 109.22 -25.28 24.87
N ILE C 438 108.53 -26.14 25.62
CA ILE C 438 107.10 -26.39 25.45
C ILE C 438 106.27 -25.17 25.87
N ILE C 439 106.58 -24.67 27.07
CA ILE C 439 105.92 -23.49 27.64
C ILE C 439 106.35 -22.24 26.86
N ASN C 440 107.59 -22.23 26.39
CA ASN C 440 108.06 -21.21 25.45
C ASN C 440 107.34 -21.26 24.11
N ALA C 441 107.01 -22.46 23.66
CA ALA C 441 106.24 -22.65 22.44
C ALA C 441 104.79 -22.19 22.65
N PHE C 442 104.23 -22.54 23.80
CA PHE C 442 102.87 -22.12 24.15
C PHE C 442 102.76 -20.60 24.19
N ALA C 443 103.74 -19.96 24.82
CA ALA C 443 103.82 -18.50 24.91
C ALA C 443 103.98 -17.83 23.54
N LYS C 444 104.80 -18.44 22.68
CA LYS C 444 105.00 -17.94 21.32
C LYS C 444 103.73 -18.09 20.52
N ALA C 445 103.03 -19.21 20.74
CA ALA C 445 101.77 -19.51 20.05
C ALA C 445 100.64 -18.58 20.46
N LEU C 446 100.79 -17.93 21.61
CA LEU C 446 99.81 -16.95 22.08
C LEU C 446 99.89 -15.65 21.30
N GLU C 447 101.05 -15.35 20.74
CA GLU C 447 101.27 -14.12 19.98
C GLU C 447 100.51 -14.10 18.65
N VAL C 448 99.62 -15.07 18.45
CA VAL C 448 98.91 -15.20 17.18
C VAL C 448 97.72 -14.25 17.07
N ILE C 449 96.92 -14.17 18.14
CA ILE C 449 95.73 -13.31 18.13
C ILE C 449 96.00 -11.86 17.63
N PRO C 450 97.08 -11.20 18.09
CA PRO C 450 97.39 -9.87 17.58
C PRO C 450 98.02 -9.88 16.20
N ARG C 451 98.94 -10.82 15.96
CA ARG C 451 99.60 -10.95 14.65
C ARG C 451 98.60 -11.20 13.53
N GLN C 452 97.41 -11.69 13.90
CA GLN C 452 96.32 -11.91 12.96
C GLN C 452 95.44 -10.65 12.80
N LEU C 453 95.20 -9.94 13.91
CA LEU C 453 94.46 -8.68 13.83
C LEU C 453 95.19 -7.72 12.90
N CYS C 454 96.51 -7.78 12.91
CA CYS C 454 97.36 -6.97 12.02
C CYS C 454 97.35 -7.46 10.57
N GLU C 455 97.59 -8.75 10.38
CA GLU C 455 97.61 -9.36 9.05
C GLU C 455 96.27 -9.22 8.34
N ASN C 456 95.19 -9.24 9.12
CA ASN C 456 93.85 -8.95 8.61
C ASN C 456 93.70 -7.50 8.14
N ALA C 457 93.94 -6.56 9.06
CA ALA C 457 93.82 -5.14 8.77
C ALA C 457 94.88 -4.64 7.79
N GLY C 458 95.94 -5.42 7.63
CA GLY C 458 97.03 -5.11 6.71
C GLY C 458 98.10 -4.22 7.31
N PHE C 459 98.32 -4.36 8.62
CA PHE C 459 99.40 -3.64 9.31
C PHE C 459 100.72 -4.39 9.18
N ASP C 460 101.82 -3.69 9.43
CA ASP C 460 103.15 -4.30 9.56
C ASP C 460 103.15 -5.22 10.78
N ALA C 461 102.72 -6.47 10.57
CA ALA C 461 102.49 -7.42 11.68
C ALA C 461 103.70 -7.75 12.56
N ILE C 462 104.91 -7.56 12.04
CA ILE C 462 106.12 -7.87 12.81
C ILE C 462 106.75 -6.62 13.42
N GLU C 463 106.46 -5.44 12.87
CA GLU C 463 106.89 -4.19 13.47
C GLU C 463 106.07 -3.84 14.71
N ILE C 464 104.80 -4.27 14.70
CA ILE C 464 103.88 -4.07 15.83
C ILE C 464 104.20 -5.03 16.97
N LEU C 465 104.31 -6.33 16.65
CA LEU C 465 104.65 -7.36 17.65
C LEU C 465 106.03 -7.17 18.26
N ASN C 466 106.94 -6.58 17.49
CA ASN C 466 108.28 -6.29 17.97
C ASN C 466 108.30 -5.07 18.89
N LYS C 467 107.53 -4.03 18.52
CA LYS C 467 107.41 -2.81 19.31
C LYS C 467 106.40 -2.94 20.45
N LEU C 468 105.75 -4.11 20.53
CA LEU C 468 104.79 -4.40 21.59
C LEU C 468 105.42 -5.27 22.68
N ARG C 469 106.17 -6.28 22.27
CA ARG C 469 106.84 -7.20 23.19
C ARG C 469 107.83 -6.48 24.11
N LEU C 470 108.59 -5.55 23.53
CA LEU C 470 109.50 -4.70 24.30
C LEU C 470 108.72 -3.77 25.21
N ALA C 471 107.66 -3.17 24.66
CA ALA C 471 106.82 -2.20 25.38
C ALA C 471 105.73 -2.84 26.24
N HIS C 472 105.87 -4.14 26.52
CA HIS C 472 104.97 -4.85 27.42
C HIS C 472 105.72 -5.25 28.69
N SER C 473 107.04 -5.33 28.57
CA SER C 473 107.92 -5.63 29.70
C SER C 473 108.23 -4.40 30.52
N LYS C 474 107.95 -3.23 29.96
CA LYS C 474 108.17 -1.96 30.64
C LYS C 474 106.88 -1.15 30.77
N GLY C 475 105.90 -1.42 29.90
CA GLY C 475 104.66 -0.65 29.82
C GLY C 475 103.42 -1.27 30.44
N GLU C 476 103.58 -2.47 31.00
CA GLU C 476 102.52 -3.18 31.73
C GLU C 476 101.47 -3.88 30.85
N LYS C 477 100.57 -4.58 31.52
CA LYS C 477 99.70 -5.59 30.90
C LYS C 477 98.77 -5.08 29.82
N TRP C 478 98.11 -3.95 30.06
CA TRP C 478 96.99 -3.54 29.22
C TRP C 478 97.40 -2.85 27.92
N TYR C 479 98.58 -3.18 27.41
CA TYR C 479 99.04 -2.65 26.13
C TYR C 479 98.71 -3.61 24.99
N GLY C 480 97.87 -3.14 24.07
CA GLY C 480 97.42 -3.92 22.91
C GLY C 480 97.18 -3.09 21.66
N VAL C 481 96.81 -3.78 20.59
CA VAL C 481 96.67 -3.17 19.25
C VAL C 481 95.48 -2.22 19.18
N VAL C 482 95.79 -0.92 19.07
CA VAL C 482 94.77 0.10 18.86
C VAL C 482 94.60 0.29 17.36
N PHE C 483 93.46 -0.15 16.84
CA PHE C 483 93.19 -0.12 15.40
C PHE C 483 93.03 1.32 14.89
N GLU C 484 92.75 2.25 15.80
CA GLU C 484 92.41 3.62 15.45
C GLU C 484 93.61 4.51 15.06
N THR C 485 94.82 4.00 15.26
CA THR C 485 96.05 4.78 14.95
C THR C 485 97.10 3.94 14.24
N GLU C 486 96.77 2.66 14.01
CA GLU C 486 97.69 1.67 13.44
C GLU C 486 99.00 1.58 14.23
N ASN C 487 98.89 1.45 15.55
CA ASN C 487 100.04 1.28 16.44
C ASN C 487 99.66 0.67 17.82
N ILE C 488 100.61 0.70 18.75
CA ILE C 488 100.45 0.16 20.10
C ILE C 488 99.57 1.07 20.96
N GLY C 489 99.23 0.63 22.17
CA GLY C 489 98.49 1.47 23.12
C GLY C 489 97.91 0.73 24.32
N ASP C 490 97.55 1.49 25.35
CA ASP C 490 96.85 0.97 26.53
C ASP C 490 95.36 0.83 26.21
N ASN C 491 94.82 -0.37 26.43
CA ASN C 491 93.43 -0.65 26.05
C ASN C 491 92.38 -0.43 27.13
N PHE C 492 92.81 0.07 28.28
CA PHE C 492 91.87 0.60 29.28
C PHE C 492 91.29 1.91 28.78
N ALA C 493 92.18 2.87 28.51
CA ALA C 493 91.80 4.21 28.03
C ALA C 493 91.20 4.16 26.63
N LYS C 494 91.69 3.22 25.82
CA LYS C 494 91.12 2.97 24.50
C LYS C 494 89.76 2.25 24.59
N PHE C 495 89.44 1.76 25.80
CA PHE C 495 88.14 1.14 26.12
C PHE C 495 87.83 -0.14 25.32
N VAL C 496 88.84 -0.98 25.13
CA VAL C 496 88.66 -2.28 24.49
C VAL C 496 88.48 -3.33 25.58
N TRP C 497 87.22 -3.64 25.88
CA TRP C 497 86.89 -4.41 27.09
C TRP C 497 86.17 -5.72 26.80
N GLU C 498 86.58 -6.77 27.49
CA GLU C 498 85.96 -8.10 27.36
C GLU C 498 85.99 -8.90 28.67
N PRO C 499 84.90 -9.66 28.96
CA PRO C 499 84.72 -10.37 30.24
C PRO C 499 85.83 -11.38 30.56
N ALA C 500 85.87 -11.81 31.81
CA ALA C 500 86.94 -12.69 32.31
C ALA C 500 86.87 -14.11 31.74
N LEU C 501 85.64 -14.60 31.55
CA LEU C 501 85.40 -15.99 31.16
C LEU C 501 85.88 -16.32 29.76
N VAL C 502 85.71 -15.37 28.84
CA VAL C 502 86.06 -15.54 27.42
C VAL C 502 87.49 -16.06 27.24
N LYS C 503 88.43 -15.42 27.90
CA LYS C 503 89.85 -15.73 27.70
C LYS C 503 90.30 -16.99 28.45
N ILE C 504 89.66 -17.27 29.57
CA ILE C 504 89.96 -18.48 30.34
C ILE C 504 89.45 -19.73 29.63
N ASN C 505 88.15 -19.74 29.33
CA ASN C 505 87.51 -20.86 28.61
C ASN C 505 88.22 -21.13 27.29
N ALA C 506 88.59 -20.06 26.58
CA ALA C 506 89.32 -20.18 25.32
C ALA C 506 90.54 -21.08 25.48
N LEU C 507 91.51 -20.60 26.25
CA LEU C 507 92.75 -21.33 26.51
C LEU C 507 92.46 -22.77 26.95
N ASN C 508 91.60 -22.92 27.96
CA ASN C 508 91.24 -24.21 28.53
C ASN C 508 90.67 -25.20 27.52
N SER C 509 89.95 -24.65 26.53
CA SER C 509 89.43 -25.47 25.45
C SER C 509 90.51 -25.70 24.39
N ALA C 510 91.25 -24.63 24.07
CA ALA C 510 92.32 -24.67 23.07
C ALA C 510 93.33 -25.78 23.36
N THR C 511 93.60 -26.00 24.63
CA THR C 511 94.51 -27.06 25.05
C THR C 511 93.86 -28.43 24.98
N GLU C 512 92.62 -28.54 25.47
CA GLU C 512 91.90 -29.81 25.46
C GLU C 512 91.96 -30.44 24.09
N ALA C 513 91.66 -29.64 23.07
CA ALA C 513 91.81 -30.05 21.68
C ALA C 513 93.24 -30.48 21.41
N THR C 514 94.17 -29.53 21.56
CA THR C 514 95.57 -29.75 21.29
C THR C 514 96.10 -31.00 21.98
N ASN C 515 95.75 -31.17 23.25
CA ASN C 515 96.21 -32.33 24.00
C ASN C 515 95.51 -33.61 23.58
N LEU C 516 94.27 -33.49 23.14
CA LEU C 516 93.50 -34.66 22.70
C LEU C 516 94.07 -35.23 21.40
N ILE C 517 94.40 -34.34 20.46
CA ILE C 517 94.94 -34.75 19.15
C ILE C 517 96.33 -35.37 19.34
N LEU C 518 97.15 -34.72 20.15
CA LEU C 518 98.50 -35.18 20.45
C LEU C 518 98.50 -36.57 21.11
N SER C 519 97.32 -37.01 21.54
CA SER C 519 97.16 -38.32 22.18
C SER C 519 96.86 -39.39 21.15
N VAL C 520 96.23 -38.98 20.06
CA VAL C 520 95.84 -39.90 18.99
C VAL C 520 97.06 -40.37 18.21
N ASP C 521 97.26 -41.70 18.19
CA ASP C 521 98.40 -42.27 17.50
C ASP C 521 98.00 -43.19 16.35
N GLU C 522 96.73 -43.58 16.32
CA GLU C 522 96.24 -44.48 15.27
C GLU C 522 94.77 -44.24 14.92
N THR C 523 94.51 -43.98 13.65
CA THR C 523 93.16 -43.79 13.14
C THR C 523 92.73 -45.03 12.38
N ILE C 524 91.67 -45.66 12.87
CA ILE C 524 91.02 -46.75 12.14
C ILE C 524 89.60 -46.34 11.76
N THR C 525 89.25 -46.55 10.49
CA THR C 525 87.94 -46.16 9.98
C THR C 525 87.34 -47.33 9.20
N ASN C 526 86.10 -47.70 9.55
CA ASN C 526 85.42 -48.85 8.93
C ASN C 526 84.63 -48.47 7.68
N LYS C 527 84.13 -49.46 6.95
CA LYS C 527 83.41 -49.21 5.68
C LYS C 527 81.91 -49.42 5.82
N MET D 25 104.90 -37.82 2.88
CA MET D 25 104.24 -36.82 3.70
C MET D 25 103.01 -36.24 3.00
N GLY D 26 102.70 -36.77 1.83
CA GLY D 26 101.52 -36.35 1.09
C GLY D 26 100.42 -37.38 1.19
N ARG D 27 99.29 -36.99 1.77
CA ARG D 27 98.11 -37.84 1.79
C ARG D 27 96.96 -37.10 1.12
N PRO D 28 96.16 -37.83 0.32
CA PRO D 28 94.86 -37.30 -0.13
C PRO D 28 93.85 -37.42 1.00
N PHE D 29 93.31 -36.29 1.43
CA PHE D 29 92.55 -36.22 2.69
C PHE D 29 91.13 -35.68 2.53
N ILE D 30 90.35 -35.79 3.60
CA ILE D 30 88.95 -35.36 3.60
C ILE D 30 88.72 -34.43 4.79
N ILE D 31 88.94 -33.14 4.58
CA ILE D 31 88.68 -32.14 5.62
C ILE D 31 87.18 -31.90 5.74
N VAL D 32 86.61 -31.29 4.71
CA VAL D 32 85.17 -31.01 4.66
C VAL D 32 84.42 -32.19 3.99
N LYS D 33 83.13 -32.32 4.27
CA LYS D 33 82.28 -33.41 3.71
C LYS D 33 81.89 -33.16 2.27
N ASP D 34 82.18 -34.14 1.42
CA ASP D 34 82.09 -34.01 -0.04
C ASP D 34 82.95 -32.84 -0.50
N GLN D 35 84.27 -32.99 -0.32
CA GLN D 35 85.25 -31.93 -0.61
C GLN D 35 85.44 -31.71 -2.12
N GLY D 36 85.23 -32.77 -2.90
CA GLY D 36 85.39 -32.74 -4.35
C GLY D 36 84.41 -31.82 -5.06
N ASN D 37 83.21 -31.69 -4.48
CA ASN D 37 82.16 -30.85 -5.05
C ASN D 37 82.08 -29.43 -4.50
N LYS D 38 83.17 -28.92 -3.93
CA LYS D 38 83.14 -27.59 -3.32
C LYS D 38 84.14 -26.60 -3.92
N LYS D 39 83.59 -25.58 -4.57
CA LYS D 39 84.36 -24.52 -5.23
C LYS D 39 84.60 -23.35 -4.27
N ARG D 40 85.77 -22.72 -4.39
CA ARG D 40 86.16 -21.66 -3.45
C ARG D 40 86.64 -20.38 -4.14
N GLN D 41 85.74 -19.40 -4.23
CA GLN D 41 86.07 -18.06 -4.73
C GLN D 41 86.88 -17.31 -3.68
N HIS D 42 88.03 -16.78 -4.09
CA HIS D 42 89.05 -16.29 -3.16
C HIS D 42 89.46 -14.84 -3.40
N GLY D 43 89.71 -14.12 -2.30
CA GLY D 43 90.26 -12.76 -2.35
C GLY D 43 89.67 -11.82 -3.38
N LEU D 44 90.55 -11.13 -4.09
CA LEU D 44 90.18 -10.05 -5.03
C LEU D 44 89.41 -10.55 -6.25
N GLU D 45 89.98 -11.55 -6.92
CA GLU D 45 89.44 -12.04 -8.18
C GLU D 45 88.00 -12.50 -8.00
N ALA D 46 87.64 -12.80 -6.75
CA ALA D 46 86.26 -13.09 -6.39
C ALA D 46 85.43 -11.82 -6.31
N LYS D 47 85.96 -10.77 -5.70
CA LYS D 47 85.27 -9.48 -5.61
C LYS D 47 84.95 -8.93 -6.98
N LYS D 48 85.80 -9.22 -7.96
CA LYS D 48 85.52 -8.86 -9.34
C LYS D 48 84.25 -9.59 -9.82
N SER D 49 84.26 -10.93 -9.74
CA SER D 49 83.14 -11.75 -10.21
C SER D 49 81.87 -11.57 -9.38
N HIS D 50 81.98 -10.76 -8.34
CA HIS D 50 80.84 -10.43 -7.50
C HIS D 50 80.24 -9.11 -7.98
N ILE D 51 81.10 -8.13 -8.18
CA ILE D 51 80.72 -6.78 -8.59
C ILE D 51 80.23 -6.77 -10.05
N LEU D 52 80.86 -7.57 -10.90
CA LEU D 52 80.47 -7.68 -12.30
C LEU D 52 79.15 -8.43 -12.47
N ALA D 53 78.87 -9.34 -11.55
CA ALA D 53 77.60 -10.04 -11.54
C ALA D 53 76.52 -9.02 -11.28
N ALA D 54 76.61 -8.35 -10.14
CA ALA D 54 75.72 -7.24 -9.79
C ALA D 54 75.62 -6.24 -10.95
N ARG D 55 76.75 -5.98 -11.61
CA ARG D 55 76.82 -5.10 -12.78
C ARG D 55 75.85 -5.51 -13.85
N SER D 56 75.85 -6.80 -14.19
CA SER D 56 75.02 -7.29 -15.26
C SER D 56 73.55 -7.27 -14.86
N VAL D 57 73.26 -7.61 -13.59
CA VAL D 57 71.89 -7.54 -13.08
C VAL D 57 71.37 -6.12 -13.30
N ALA D 58 72.17 -5.13 -12.93
CA ALA D 58 71.79 -3.74 -13.14
C ALA D 58 71.47 -3.47 -14.60
N SER D 59 72.39 -3.85 -15.49
CA SER D 59 72.25 -3.58 -16.93
C SER D 59 70.93 -4.05 -17.55
N ILE D 60 70.33 -5.08 -16.95
CA ILE D 60 69.02 -5.60 -17.37
C ILE D 60 67.91 -4.62 -16.98
N ILE D 61 68.07 -3.99 -15.82
CA ILE D 61 67.05 -3.10 -15.26
C ILE D 61 67.20 -1.65 -15.68
N LYS D 62 68.45 -1.17 -15.76
CA LYS D 62 68.74 0.26 -15.97
C LYS D 62 67.88 0.95 -17.05
N THR D 63 67.49 0.19 -18.08
CA THR D 63 66.68 0.72 -19.18
C THR D 63 65.18 0.75 -18.87
N SER D 64 64.82 0.29 -17.67
CA SER D 64 63.43 0.32 -17.20
C SER D 64 63.29 1.30 -16.04
N LEU D 65 63.99 2.42 -16.15
CA LEU D 65 64.02 3.44 -15.11
C LEU D 65 63.40 4.74 -15.61
N GLY D 66 62.34 5.18 -14.94
CA GLY D 66 61.72 6.46 -15.26
C GLY D 66 60.47 6.38 -16.12
N PRO D 67 59.90 7.55 -16.47
CA PRO D 67 58.67 7.62 -17.27
C PRO D 67 58.96 7.30 -18.73
N ARG D 68 60.24 7.23 -19.06
CA ARG D 68 60.71 6.80 -20.36
C ARG D 68 61.19 5.36 -20.29
N GLY D 69 60.91 4.72 -19.16
CA GLY D 69 61.28 3.33 -18.92
C GLY D 69 60.58 2.36 -19.84
N LEU D 70 61.16 1.17 -19.94
CA LEU D 70 60.63 0.11 -20.80
C LEU D 70 60.25 -1.10 -19.93
N ASP D 71 59.57 -2.07 -20.54
CA ASP D 71 59.06 -3.20 -19.79
C ASP D 71 59.74 -4.53 -20.14
N LYS D 72 60.09 -5.27 -19.09
CA LYS D 72 60.65 -6.60 -19.22
C LYS D 72 59.53 -7.60 -19.21
N ILE D 73 59.67 -8.65 -20.02
CA ILE D 73 58.62 -9.64 -20.25
C ILE D 73 59.09 -11.05 -19.86
N LEU D 74 58.74 -11.46 -18.64
CA LEU D 74 59.27 -12.67 -18.01
C LEU D 74 58.31 -13.83 -18.15
N ILE D 75 58.85 -15.04 -18.33
CA ILE D 75 58.04 -16.24 -18.49
C ILE D 75 58.37 -17.30 -17.45
N SER D 76 57.34 -17.70 -16.68
CA SER D 76 57.42 -18.80 -15.72
C SER D 76 57.77 -20.12 -16.42
N PRO D 77 58.39 -21.08 -15.68
CA PRO D 77 58.77 -22.36 -16.29
C PRO D 77 57.58 -23.14 -16.83
N ASP D 78 56.43 -22.95 -16.19
CA ASP D 78 55.17 -23.53 -16.65
C ASP D 78 54.72 -22.90 -17.95
N GLY D 79 54.83 -21.58 -18.03
CA GLY D 79 54.54 -20.87 -19.27
C GLY D 79 53.90 -19.51 -19.06
N GLU D 80 53.41 -19.27 -17.84
CA GLU D 80 52.69 -18.02 -17.54
C GLU D 80 53.49 -16.76 -17.81
N ILE D 81 52.87 -15.82 -18.53
CA ILE D 81 53.53 -14.62 -19.01
C ILE D 81 53.29 -13.45 -18.08
N THR D 82 54.35 -12.71 -17.78
CA THR D 82 54.23 -11.44 -17.06
C THR D 82 55.02 -10.36 -17.80
N ILE D 83 54.47 -9.14 -17.81
CA ILE D 83 55.09 -8.00 -18.49
C ILE D 83 55.04 -6.77 -17.56
N THR D 84 56.16 -6.46 -16.91
CA THR D 84 56.14 -5.49 -15.81
C THR D 84 57.20 -4.39 -15.84
N ASN D 85 57.09 -3.49 -14.87
CA ASN D 85 58.02 -2.40 -14.66
C ASN D 85 58.44 -2.39 -13.19
N ASP D 86 57.69 -3.11 -12.36
CA ASP D 86 57.99 -3.22 -10.94
C ASP D 86 59.29 -4.01 -10.83
N GLY D 87 60.38 -3.30 -10.58
CA GLY D 87 61.71 -3.88 -10.45
C GLY D 87 61.74 -5.14 -9.60
N ALA D 88 61.04 -5.10 -8.48
CA ALA D 88 60.92 -6.25 -7.57
C ALA D 88 60.35 -7.47 -8.27
N THR D 89 59.25 -7.27 -9.01
CA THR D 89 58.63 -8.32 -9.79
C THR D 89 59.64 -8.88 -10.79
N ILE D 90 60.22 -8.01 -11.62
CA ILE D 90 61.20 -8.39 -12.64
C ILE D 90 62.20 -9.37 -12.06
N LEU D 91 62.93 -8.94 -11.03
CA LEU D 91 63.98 -9.77 -10.43
C LEU D 91 63.44 -10.99 -9.70
N SER D 92 62.21 -10.89 -9.20
CA SER D 92 61.58 -11.99 -8.48
C SER D 92 61.16 -13.14 -9.40
N GLN D 93 61.12 -12.88 -10.71
CA GLN D 93 60.71 -13.87 -11.70
C GLN D 93 61.89 -14.60 -12.36
N MET D 94 62.98 -13.88 -12.60
CA MET D 94 64.11 -14.47 -13.31
C MET D 94 64.85 -15.51 -12.47
N GLU D 95 65.07 -16.69 -13.07
CA GLU D 95 65.71 -17.81 -12.40
C GLU D 95 67.20 -17.55 -12.24
N LEU D 96 67.54 -16.85 -11.17
CA LEU D 96 68.93 -16.46 -10.91
C LEU D 96 69.77 -17.58 -10.30
N ASP D 97 71.05 -17.28 -10.07
CA ASP D 97 72.00 -18.28 -9.60
C ASP D 97 73.23 -17.72 -8.89
N ASN D 98 73.86 -16.70 -9.47
CA ASN D 98 75.03 -16.07 -8.84
C ASN D 98 74.64 -15.38 -7.54
N GLU D 99 75.19 -15.89 -6.44
CA GLU D 99 74.78 -15.50 -5.09
C GLU D 99 74.56 -14.01 -4.86
N ILE D 100 75.34 -13.16 -5.54
CA ILE D 100 75.20 -11.71 -5.40
C ILE D 100 73.92 -11.24 -6.11
N ALA D 101 73.66 -11.79 -7.29
CA ALA D 101 72.42 -11.51 -8.03
C ALA D 101 71.22 -11.93 -7.19
N LYS D 102 71.29 -13.15 -6.65
CA LYS D 102 70.30 -13.65 -5.71
C LYS D 102 70.00 -12.62 -4.63
N LEU D 103 71.06 -12.08 -4.02
CA LEU D 103 70.93 -11.14 -2.93
C LEU D 103 70.23 -9.87 -3.36
N LEU D 104 70.56 -9.38 -4.56
CA LEU D 104 69.92 -8.19 -5.10
C LEU D 104 68.42 -8.43 -5.31
N VAL D 105 68.08 -9.67 -5.69
CA VAL D 105 66.69 -10.11 -5.78
C VAL D 105 65.95 -9.84 -4.47
N GLN D 106 66.58 -10.18 -3.34
CA GLN D 106 66.04 -9.86 -2.03
C GLN D 106 66.11 -8.38 -1.71
N LEU D 107 67.10 -7.69 -2.27
CA LEU D 107 67.29 -6.26 -2.02
C LEU D 107 66.08 -5.47 -2.53
N SER D 108 65.66 -5.77 -3.76
CA SER D 108 64.47 -5.16 -4.33
C SER D 108 63.21 -5.66 -3.61
N LYS D 109 63.22 -6.95 -3.26
CA LYS D 109 62.11 -7.62 -2.55
C LYS D 109 61.93 -7.04 -1.15
N SER D 110 62.98 -6.44 -0.62
CA SER D 110 62.94 -5.78 0.67
C SER D 110 62.22 -4.46 0.55
N GLN D 111 62.71 -3.61 -0.34
CA GLN D 111 62.08 -2.32 -0.62
C GLN D 111 60.56 -2.45 -0.76
N ASP D 112 60.11 -3.30 -1.69
CA ASP D 112 58.68 -3.45 -2.02
C ASP D 112 57.81 -3.58 -0.77
N ASP D 113 58.34 -4.28 0.24
CA ASP D 113 57.62 -4.47 1.48
C ASP D 113 57.62 -3.21 2.36
N GLU D 114 58.81 -2.72 2.72
CA GLU D 114 58.94 -1.54 3.59
C GLU D 114 58.39 -0.26 2.96
N ILE D 115 58.25 -0.24 1.64
CA ILE D 115 57.69 0.92 0.93
C ILE D 115 56.65 0.53 -0.14
N GLY D 116 57.11 -0.06 -1.24
CA GLY D 116 56.22 -0.40 -2.35
C GLY D 116 56.66 0.14 -3.70
N ASP D 117 57.16 1.38 -3.70
CA ASP D 117 57.78 1.98 -4.88
C ASP D 117 59.28 2.10 -4.65
N GLY D 118 60.04 2.21 -5.74
CA GLY D 118 61.48 2.39 -5.63
C GLY D 118 62.29 1.16 -6.01
N THR D 119 61.63 0.00 -5.99
CA THR D 119 62.24 -1.31 -6.26
C THR D 119 63.30 -1.33 -7.36
N THR D 120 63.03 -0.55 -8.41
CA THR D 120 63.88 -0.48 -9.59
C THR D 120 65.20 0.26 -9.31
N GLY D 121 65.10 1.51 -8.88
CA GLY D 121 66.27 2.33 -8.56
C GLY D 121 67.14 1.89 -7.37
N VAL D 122 66.59 1.03 -6.51
CA VAL D 122 67.33 0.50 -5.36
C VAL D 122 68.51 -0.37 -5.80
N VAL D 123 68.28 -1.16 -6.84
CA VAL D 123 69.34 -2.01 -7.41
C VAL D 123 70.39 -1.15 -8.11
N VAL D 124 69.95 -0.26 -9.00
CA VAL D 124 70.86 0.60 -9.77
C VAL D 124 71.88 1.28 -8.86
N LEU D 125 71.42 1.74 -7.71
CA LEU D 125 72.23 2.47 -6.74
C LEU D 125 73.24 1.55 -6.08
N ALA D 126 72.84 0.30 -5.85
CA ALA D 126 73.71 -0.67 -5.19
C ALA D 126 74.83 -1.13 -6.11
N SER D 127 74.50 -1.32 -7.39
CA SER D 127 75.45 -1.83 -8.37
C SER D 127 76.55 -0.83 -8.70
N ALA D 128 76.17 0.44 -8.88
CA ALA D 128 77.11 1.52 -9.15
C ALA D 128 78.01 1.73 -7.95
N LEU D 129 77.43 1.59 -6.75
CA LEU D 129 78.18 1.63 -5.51
C LEU D 129 79.18 0.49 -5.43
N LEU D 130 78.79 -0.69 -5.92
CA LEU D 130 79.70 -1.83 -6.00
C LEU D 130 80.76 -1.62 -7.07
N ASP D 131 80.38 -0.91 -8.13
CA ASP D 131 81.31 -0.54 -9.19
C ASP D 131 82.29 0.51 -8.72
N GLN D 132 81.79 1.50 -7.99
CA GLN D 132 82.62 2.57 -7.45
C GLN D 132 83.60 2.05 -6.42
N ALA D 133 83.20 0.99 -5.73
CA ALA D 133 84.09 0.28 -4.83
C ALA D 133 85.17 -0.45 -5.64
N LEU D 134 84.75 -1.20 -6.66
CA LEU D 134 85.66 -2.00 -7.48
C LEU D 134 86.88 -1.20 -7.96
N GLU D 135 86.64 -0.02 -8.54
CA GLU D 135 87.70 0.85 -9.03
C GLU D 135 88.64 1.24 -7.89
N LEU D 136 88.08 1.46 -6.70
CA LEU D 136 88.88 1.83 -5.53
C LEU D 136 89.63 0.65 -4.92
N ILE D 137 89.15 -0.57 -5.18
CA ILE D 137 89.84 -1.78 -4.71
C ILE D 137 91.09 -2.03 -5.55
N GLN D 138 90.93 -2.00 -6.87
CA GLN D 138 92.06 -2.17 -7.79
C GLN D 138 93.11 -1.08 -7.58
N LYS D 139 92.77 -0.09 -6.75
CA LYS D 139 93.68 0.97 -6.35
C LYS D 139 94.50 0.57 -5.14
N GLY D 140 94.00 -0.41 -4.39
CA GLY D 140 94.73 -0.99 -3.26
C GLY D 140 94.19 -0.72 -1.87
N ILE D 141 92.88 -0.45 -1.80
CA ILE D 141 92.21 -0.04 -0.55
C ILE D 141 91.44 -1.20 0.09
N HIS D 142 91.46 -1.24 1.42
CA HIS D 142 90.77 -2.29 2.17
C HIS D 142 89.25 -2.10 2.11
N PRO D 143 88.51 -3.19 1.79
CA PRO D 143 87.06 -3.15 1.57
C PRO D 143 86.25 -2.69 2.78
N ILE D 144 86.58 -3.19 3.96
CA ILE D 144 85.85 -2.83 5.17
C ILE D 144 85.93 -1.33 5.43
N LYS D 145 87.11 -0.74 5.24
CA LYS D 145 87.31 0.71 5.38
C LYS D 145 86.56 1.51 4.31
N ILE D 146 86.32 0.88 3.16
CA ILE D 146 85.49 1.47 2.12
C ILE D 146 84.03 1.35 2.53
N ALA D 147 83.62 0.15 2.93
CA ALA D 147 82.26 -0.10 3.41
C ALA D 147 81.90 0.82 4.58
N ASN D 148 82.84 1.01 5.50
CA ASN D 148 82.69 1.97 6.59
C ASN D 148 82.62 3.37 6.01
N GLY D 149 83.53 3.65 5.07
CA GLY D 149 83.58 4.94 4.39
C GLY D 149 82.34 5.27 3.58
N PHE D 150 81.57 4.24 3.25
CA PHE D 150 80.31 4.43 2.53
C PHE D 150 79.18 4.79 3.47
N ASP D 151 79.15 4.14 4.64
CA ASP D 151 78.04 4.28 5.55
C ASP D 151 77.99 5.64 6.25
N GLU D 152 79.16 6.15 6.63
CA GLU D 152 79.27 7.51 7.15
C GLU D 152 78.98 8.54 6.03
N ALA D 153 79.12 8.11 4.78
CA ALA D 153 78.80 8.92 3.63
C ALA D 153 77.34 8.76 3.19
N ALA D 154 76.69 7.74 3.73
CA ALA D 154 75.27 7.54 3.52
C ALA D 154 74.50 8.35 4.55
N LYS D 155 75.07 8.45 5.75
CA LYS D 155 74.46 9.19 6.85
C LYS D 155 74.49 10.70 6.63
N LEU D 156 75.35 11.15 5.71
CA LEU D 156 75.45 12.57 5.34
C LEU D 156 74.52 12.92 4.18
N ALA D 157 74.11 11.90 3.44
CA ALA D 157 73.18 12.06 2.33
C ALA D 157 71.75 12.15 2.85
N ILE D 158 71.37 11.25 3.73
CA ILE D 158 70.03 11.25 4.34
C ILE D 158 69.81 12.50 5.21
N SER D 159 70.89 13.01 5.81
CA SER D 159 70.83 14.19 6.66
C SER D 159 70.49 15.45 5.87
N LYS D 160 71.11 15.60 4.70
CA LYS D 160 70.83 16.73 3.81
C LYS D 160 69.42 16.65 3.23
N LEU D 161 68.98 15.44 2.92
CA LEU D 161 67.65 15.19 2.39
C LEU D 161 66.58 15.61 3.41
N GLU D 162 66.79 15.24 4.67
CA GLU D 162 65.87 15.60 5.75
C GLU D 162 65.78 17.11 5.93
N GLU D 163 66.94 17.78 5.98
CA GLU D 163 67.00 19.24 6.17
C GLU D 163 66.45 20.02 4.97
N THR D 164 66.33 19.36 3.82
CA THR D 164 65.91 20.03 2.59
C THR D 164 64.55 19.59 2.05
N CYS D 165 64.05 18.46 2.53
CA CYS D 165 62.77 17.94 2.03
C CYS D 165 61.60 18.87 2.38
N ASP D 166 60.74 19.11 1.41
CA ASP D 166 59.53 19.90 1.59
C ASP D 166 58.55 19.11 2.47
N ASP D 167 57.55 19.78 3.02
CA ASP D 167 56.65 19.15 3.98
C ASP D 167 55.18 19.42 3.67
N ILE D 168 54.35 18.39 3.79
CA ILE D 168 52.91 18.53 3.56
C ILE D 168 52.09 18.55 4.87
N SER D 169 52.79 18.60 6.00
CA SER D 169 52.15 18.74 7.32
C SER D 169 51.64 20.15 7.56
N ALA D 170 52.37 21.15 7.07
CA ALA D 170 52.03 22.57 7.23
C ALA D 170 50.97 23.04 6.24
N SER D 171 50.23 22.09 5.67
CA SER D 171 49.26 22.36 4.61
C SER D 171 47.82 22.39 5.12
N ASN D 172 46.95 23.05 4.35
CA ASN D 172 45.50 22.97 4.54
C ASN D 172 44.99 21.65 3.95
N ASP D 173 43.70 21.39 4.08
CA ASP D 173 43.11 20.13 3.62
C ASP D 173 42.99 20.07 2.08
N GLU D 174 42.81 21.23 1.47
CA GLU D 174 42.66 21.35 0.01
C GLU D 174 43.97 21.09 -0.74
N LEU D 175 45.10 21.31 -0.06
CA LEU D 175 46.42 21.21 -0.67
C LEU D 175 47.15 19.92 -0.30
N PHE D 176 46.62 19.18 0.67
CA PHE D 176 47.19 17.89 1.07
C PHE D 176 46.73 16.77 0.16
N ARG D 177 45.47 16.85 -0.27
CA ARG D 177 44.90 15.86 -1.19
C ARG D 177 45.43 16.04 -2.61
N ASP D 178 46.06 17.17 -2.88
CA ASP D 178 46.70 17.43 -4.18
C ASP D 178 48.12 16.86 -4.22
N PHE D 179 48.89 17.10 -3.16
CA PHE D 179 50.25 16.57 -3.07
C PHE D 179 50.27 15.05 -3.11
N LEU D 180 49.22 14.43 -2.59
CA LEU D 180 49.06 12.98 -2.65
C LEU D 180 48.72 12.48 -4.06
N LEU D 181 48.03 13.32 -4.84
CA LEU D 181 47.76 13.04 -6.26
C LEU D 181 49.03 13.22 -7.08
N ARG D 182 49.83 14.22 -6.72
CA ARG D 182 51.07 14.54 -7.41
C ARG D 182 52.09 13.42 -7.28
N ALA D 183 52.05 12.73 -6.15
CA ALA D 183 52.90 11.57 -5.92
C ALA D 183 52.35 10.36 -6.69
N ALA D 184 51.03 10.19 -6.63
CA ALA D 184 50.35 9.15 -7.38
C ALA D 184 50.71 9.28 -8.85
N LYS D 185 50.56 10.48 -9.39
CA LYS D 185 51.00 10.82 -10.76
C LYS D 185 52.44 10.36 -11.01
N THR D 186 53.35 10.76 -10.11
CA THR D 186 54.77 10.46 -10.23
C THR D 186 54.99 8.97 -10.35
N SER D 187 54.51 8.21 -9.37
CA SER D 187 54.73 6.77 -9.33
C SER D 187 54.15 6.05 -10.53
N LEU D 188 53.02 6.54 -11.03
CA LEU D 188 52.33 5.92 -12.15
C LEU D 188 53.08 6.13 -13.47
N GLY D 189 53.31 7.39 -13.84
CA GLY D 189 54.02 7.74 -15.07
C GLY D 189 55.36 7.05 -15.18
N SER D 190 55.36 5.88 -15.81
CA SER D 190 56.51 4.99 -15.86
C SER D 190 56.02 3.72 -16.51
N LYS D 191 54.86 3.25 -16.03
CA LYS D 191 54.27 1.99 -16.43
C LYS D 191 53.19 2.27 -17.48
N ILE D 192 52.76 1.23 -18.18
CA ILE D 192 51.81 1.36 -19.30
C ILE D 192 50.41 1.84 -18.90
N VAL D 193 50.27 2.20 -17.62
CA VAL D 193 49.06 2.81 -17.09
C VAL D 193 48.97 4.29 -17.46
N SER D 194 50.13 4.91 -17.69
CA SER D 194 50.27 6.35 -17.99
C SER D 194 49.09 6.96 -18.75
N LYS D 195 48.50 6.18 -19.65
CA LYS D 195 47.30 6.58 -20.40
C LYS D 195 46.30 7.33 -19.53
N ASP D 196 45.69 6.61 -18.59
CA ASP D 196 44.65 7.17 -17.73
C ASP D 196 45.17 7.53 -16.35
N HIS D 197 46.38 8.09 -16.29
CA HIS D 197 47.02 8.38 -15.00
C HIS D 197 46.41 9.59 -14.27
N ASP D 198 45.38 10.18 -14.88
CA ASP D 198 44.51 11.12 -14.20
C ASP D 198 43.49 10.34 -13.38
N ARG D 199 42.85 9.35 -14.01
CA ARG D 199 41.87 8.48 -13.35
C ARG D 199 42.52 7.49 -12.37
N PHE D 200 43.56 6.80 -12.84
CA PHE D 200 44.26 5.80 -12.03
C PHE D 200 44.86 6.38 -10.76
N ALA D 201 45.27 7.64 -10.81
CA ALA D 201 45.81 8.34 -9.65
C ALA D 201 44.70 8.76 -8.67
N GLU D 202 43.61 9.28 -9.22
CA GLU D 202 42.44 9.67 -8.44
C GLU D 202 41.74 8.46 -7.82
N MET D 203 42.37 7.29 -7.95
CA MET D 203 41.93 6.07 -7.29
C MET D 203 42.77 5.82 -6.05
N ALA D 204 44.09 5.76 -6.24
CA ALA D 204 45.02 5.43 -5.18
C ALA D 204 44.86 6.34 -3.99
N VAL D 205 44.55 7.62 -4.27
CA VAL D 205 44.30 8.62 -3.23
C VAL D 205 42.96 8.34 -2.53
N GLU D 206 41.93 8.04 -3.32
CA GLU D 206 40.58 7.80 -2.81
C GLU D 206 40.55 6.62 -1.84
N ALA D 207 41.39 5.62 -2.10
CA ALA D 207 41.46 4.40 -1.32
C ALA D 207 41.99 4.60 0.11
N VAL D 208 43.16 5.23 0.23
CA VAL D 208 43.82 5.39 1.54
C VAL D 208 43.11 6.36 2.49
N ILE D 209 42.50 7.42 1.94
CA ILE D 209 41.71 8.34 2.78
C ILE D 209 40.56 7.58 3.44
N ASN D 210 39.89 6.74 2.64
CA ASN D 210 38.72 5.98 3.08
C ASN D 210 39.00 4.87 4.10
N VAL D 211 40.23 4.36 4.12
CA VAL D 211 40.52 3.15 4.90
C VAL D 211 41.42 3.33 6.14
N MET D 212 42.21 4.40 6.18
CA MET D 212 43.25 4.56 7.21
C MET D 212 42.78 5.37 8.40
N ASP D 213 42.99 4.83 9.61
CA ASP D 213 42.66 5.50 10.87
C ASP D 213 43.52 6.74 11.05
N LYS D 214 42.88 7.90 11.00
CA LYS D 214 43.56 9.20 10.90
C LYS D 214 44.66 9.41 11.93
N ASP D 215 44.26 9.35 13.21
CA ASP D 215 45.20 9.55 14.33
C ASP D 215 46.22 8.41 14.46
N ARG D 216 45.79 7.17 14.23
CA ARG D 216 46.69 6.01 14.26
C ARG D 216 47.67 6.05 13.09
N LYS D 217 47.32 6.84 12.07
CA LYS D 217 48.12 7.03 10.85
C LYS D 217 48.56 5.71 10.19
N ASP D 218 47.70 4.70 10.27
CA ASP D 218 48.03 3.35 9.83
C ASP D 218 47.04 2.78 8.81
N VAL D 219 47.55 2.47 7.63
CA VAL D 219 46.74 1.93 6.55
C VAL D 219 46.95 0.42 6.41
N ASP D 220 45.83 -0.31 6.37
CA ASP D 220 45.85 -1.77 6.22
C ASP D 220 45.55 -2.17 4.78
N PHE D 221 46.50 -2.88 4.16
CA PHE D 221 46.34 -3.36 2.79
C PHE D 221 45.61 -4.70 2.70
N ASP D 222 45.14 -5.18 3.85
CA ASP D 222 44.23 -6.31 3.94
C ASP D 222 42.79 -5.79 3.76
N LEU D 223 42.59 -4.51 4.09
CA LEU D 223 41.29 -3.85 3.98
C LEU D 223 40.93 -3.55 2.52
N ILE D 224 41.93 -3.05 1.77
CA ILE D 224 41.81 -2.79 0.34
C ILE D 224 41.99 -4.08 -0.46
N LYS D 225 40.94 -4.48 -1.19
CA LYS D 225 41.00 -5.69 -2.01
C LYS D 225 41.25 -5.37 -3.48
N MET D 226 42.21 -6.08 -4.07
CA MET D 226 42.54 -5.98 -5.50
C MET D 226 41.75 -6.99 -6.34
N GLN D 227 40.78 -6.49 -7.10
CA GLN D 227 39.95 -7.35 -7.94
C GLN D 227 40.23 -7.09 -9.42
N GLY D 228 40.41 -8.17 -10.17
CA GLY D 228 40.72 -8.07 -11.58
C GLY D 228 39.77 -8.88 -12.43
N ARG D 229 39.23 -8.24 -13.45
CA ARG D 229 38.37 -8.89 -14.43
C ARG D 229 38.64 -8.31 -15.81
N VAL D 230 38.73 -9.18 -16.80
CA VAL D 230 39.23 -8.82 -18.12
C VAL D 230 38.11 -8.42 -19.06
N GLY D 231 38.28 -7.27 -19.71
CA GLY D 231 37.31 -6.75 -20.68
C GLY D 231 37.46 -5.27 -20.98
N GLY D 232 37.02 -4.87 -22.17
CA GLY D 232 37.04 -3.47 -22.57
C GLY D 232 38.41 -2.83 -22.64
N SER D 233 38.66 -1.89 -21.74
CA SER D 233 39.88 -1.09 -21.73
C SER D 233 40.29 -0.81 -20.29
N ILE D 234 41.46 -0.21 -20.08
CA ILE D 234 41.89 0.18 -18.73
C ILE D 234 41.10 1.37 -18.18
N SER D 235 40.62 2.23 -19.09
CA SER D 235 39.81 3.39 -18.73
C SER D 235 38.60 2.99 -17.87
N ASP D 236 38.01 1.84 -18.18
CA ASP D 236 36.81 1.34 -17.50
C ASP D 236 37.13 0.71 -16.14
N SER D 237 38.33 0.95 -15.63
CA SER D 237 38.70 0.48 -14.31
C SER D 237 38.12 1.42 -13.27
N LYS D 238 37.27 0.88 -12.41
CA LYS D 238 36.54 1.68 -11.43
C LYS D 238 36.84 1.28 -9.99
N LEU D 239 36.65 2.22 -9.08
CA LEU D 239 36.70 1.95 -7.65
C LEU D 239 35.28 1.93 -7.08
N ILE D 240 34.92 0.82 -6.45
CA ILE D 240 33.56 0.62 -5.96
C ILE D 240 33.47 0.71 -4.44
N ASN D 241 32.61 1.61 -3.95
CA ASN D 241 32.42 1.85 -2.52
C ASN D 241 31.74 0.69 -1.81
N GLY D 242 32.28 -0.51 -1.98
CA GLY D 242 31.70 -1.71 -1.41
C GLY D 242 32.50 -2.95 -1.77
N VAL D 243 31.83 -3.90 -2.39
CA VAL D 243 32.43 -5.21 -2.69
C VAL D 243 31.95 -5.74 -4.05
N ILE D 244 32.84 -6.45 -4.76
CA ILE D 244 32.41 -7.27 -5.89
C ILE D 244 32.58 -8.75 -5.55
N LEU D 245 31.56 -9.54 -5.89
CA LEU D 245 31.56 -10.98 -5.68
C LEU D 245 31.36 -11.72 -6.99
N ASP D 246 32.00 -12.87 -7.11
CA ASP D 246 31.86 -13.73 -8.29
C ASP D 246 30.55 -14.53 -8.21
N LYS D 247 29.70 -14.16 -7.26
CA LYS D 247 28.46 -14.87 -6.99
C LYS D 247 27.26 -14.29 -7.74
N ASP D 248 26.32 -15.17 -8.07
CA ASP D 248 25.09 -14.80 -8.74
C ASP D 248 24.03 -14.60 -7.67
N PHE D 249 22.76 -14.81 -8.03
CA PHE D 249 21.68 -14.93 -7.04
C PHE D 249 21.23 -16.39 -6.93
N SER D 250 21.06 -16.86 -5.70
CA SER D 250 20.83 -18.29 -5.43
C SER D 250 19.73 -18.94 -6.24
N HIS D 251 18.71 -18.16 -6.59
CA HIS D 251 17.63 -18.64 -7.46
C HIS D 251 17.53 -17.78 -8.72
N PRO D 252 17.39 -18.45 -9.90
CA PRO D 252 17.38 -17.73 -11.17
C PRO D 252 16.21 -16.73 -11.32
N GLN D 253 15.11 -16.99 -10.63
CA GLN D 253 13.91 -16.14 -10.74
C GLN D 253 14.03 -14.82 -10.00
N MET D 254 14.85 -14.80 -8.94
CA MET D 254 15.13 -13.59 -8.15
C MET D 254 15.52 -12.40 -9.05
N PRO D 255 15.34 -11.16 -8.54
CA PRO D 255 15.62 -9.98 -9.36
C PRO D 255 17.10 -9.60 -9.46
N LYS D 256 17.45 -8.76 -10.43
CA LYS D 256 18.81 -8.27 -10.57
C LYS D 256 19.06 -7.11 -9.60
N CYS D 257 18.26 -6.05 -9.74
CA CYS D 257 18.30 -4.90 -8.82
C CYS D 257 17.61 -5.22 -7.51
N VAL D 258 18.08 -4.59 -6.42
CA VAL D 258 17.32 -4.53 -5.17
C VAL D 258 17.22 -3.06 -4.72
N LEU D 259 15.98 -2.60 -4.57
CA LEU D 259 15.70 -1.21 -4.26
C LEU D 259 15.34 -1.06 -2.79
N PRO D 260 15.91 -0.06 -2.11
CA PRO D 260 15.60 0.15 -0.69
C PRO D 260 14.13 0.50 -0.50
N LYS D 261 13.46 -0.21 0.41
CA LYS D 261 12.09 0.13 0.79
C LYS D 261 12.11 1.61 1.18
N GLU D 262 11.27 2.40 0.52
CA GLU D 262 11.44 3.87 0.46
C GLU D 262 11.75 4.59 1.79
N GLY D 263 11.00 4.26 2.85
CA GLY D 263 11.14 4.95 4.12
C GLY D 263 12.35 4.63 4.98
N SER D 264 13.24 3.77 4.47
CA SER D 264 14.38 3.29 5.26
C SER D 264 15.73 3.95 4.93
N ASP D 265 15.89 4.37 3.68
CA ASP D 265 17.17 4.90 3.15
C ASP D 265 18.31 3.86 3.14
N GLY D 266 17.92 2.58 3.20
CA GLY D 266 18.86 1.47 3.23
C GLY D 266 18.21 0.15 2.86
N VAL D 267 19.03 -0.85 2.56
CA VAL D 267 18.55 -2.16 2.07
C VAL D 267 18.48 -3.24 3.16
N LYS D 268 19.37 -3.16 4.14
CA LYS D 268 19.42 -4.13 5.23
C LYS D 268 19.84 -5.52 4.73
N LEU D 269 20.90 -6.06 5.32
CA LEU D 269 21.46 -7.34 4.93
C LEU D 269 21.37 -8.39 6.02
N ALA D 270 21.04 -9.62 5.62
CA ALA D 270 21.05 -10.76 6.52
C ALA D 270 22.36 -11.52 6.38
N ILE D 271 23.43 -10.91 6.87
CA ILE D 271 24.76 -11.52 6.86
C ILE D 271 24.81 -12.66 7.87
N LEU D 272 24.95 -13.89 7.37
CA LEU D 272 24.89 -15.08 8.21
C LEU D 272 26.13 -15.97 8.09
N THR D 273 26.26 -16.90 9.02
CA THR D 273 27.39 -17.83 9.10
C THR D 273 26.88 -19.20 9.51
N CYS D 274 25.64 -19.49 9.15
CA CYS D 274 25.04 -20.79 9.36
C CYS D 274 24.29 -21.16 8.08
N PRO D 275 24.24 -22.46 7.74
CA PRO D 275 23.61 -22.80 6.48
C PRO D 275 22.10 -22.83 6.62
N PHE D 276 21.39 -22.49 5.54
CA PHE D 276 19.94 -22.66 5.52
C PHE D 276 19.67 -24.16 5.37
N GLU D 277 19.93 -24.90 6.45
CA GLU D 277 19.86 -26.36 6.50
C GLU D 277 19.45 -26.78 7.91
N PRO D 278 18.61 -27.83 8.04
CA PRO D 278 18.19 -28.30 9.37
C PRO D 278 19.39 -28.58 10.28
N PRO D 279 19.49 -27.86 11.41
CA PRO D 279 20.67 -27.85 12.27
C PRO D 279 21.16 -29.24 12.68
N LYS D 280 22.46 -29.47 12.55
CA LYS D 280 23.11 -30.68 13.01
C LYS D 280 24.21 -30.32 14.01
N PRO D 281 24.54 -31.24 14.94
CA PRO D 281 25.59 -30.95 15.92
C PRO D 281 27.01 -31.17 15.39
N LYS D 282 27.99 -30.61 16.09
CA LYS D 282 29.40 -30.80 15.73
C LYS D 282 29.90 -32.19 16.13
N THR D 283 29.45 -32.69 17.28
CA THR D 283 29.88 -34.02 17.76
C THR D 283 29.07 -35.12 17.10
N LYS D 284 29.76 -36.18 16.69
CA LYS D 284 29.16 -37.28 15.93
C LYS D 284 27.93 -37.86 16.64
N HIS D 285 26.90 -38.15 15.86
CA HIS D 285 25.60 -38.50 16.41
C HIS D 285 24.87 -39.58 15.61
N LYS D 286 23.59 -39.77 15.95
CA LYS D 286 22.66 -40.61 15.21
C LYS D 286 21.30 -40.52 15.92
N LEU D 287 20.22 -40.70 15.17
CA LEU D 287 18.93 -40.98 15.80
C LEU D 287 18.81 -42.48 16.00
N ASP D 288 17.74 -42.92 16.66
CA ASP D 288 17.46 -44.34 16.79
C ASP D 288 15.95 -44.55 16.76
N ILE D 289 15.40 -44.33 15.56
CA ILE D 289 13.95 -44.33 15.37
C ILE D 289 13.39 -45.75 15.31
N SER D 290 12.46 -46.04 16.21
CA SER D 290 11.76 -47.32 16.23
C SER D 290 10.32 -47.14 15.77
N SER D 291 9.65 -46.12 16.32
CA SER D 291 8.23 -45.87 16.02
C SER D 291 8.07 -45.08 14.73
N VAL D 292 7.18 -45.58 13.87
CA VAL D 292 6.93 -44.99 12.56
C VAL D 292 6.41 -43.56 12.71
N GLU D 293 5.52 -43.37 13.67
CA GLU D 293 4.98 -42.05 13.94
C GLU D 293 6.07 -41.07 14.35
N GLU D 294 7.11 -41.58 15.00
CA GLU D 294 8.22 -40.74 15.44
C GLU D 294 9.15 -40.41 14.28
N TYR D 295 9.01 -41.15 13.18
CA TYR D 295 9.61 -40.80 11.91
C TYR D 295 8.72 -39.76 11.20
N GLN D 296 7.45 -39.72 11.59
CA GLN D 296 6.49 -38.75 11.07
C GLN D 296 6.55 -37.45 11.87
N LYS D 297 7.03 -37.55 13.11
CA LYS D 297 7.31 -36.38 13.94
C LYS D 297 8.56 -35.68 13.42
N LEU D 298 9.51 -36.48 12.93
CA LEU D 298 10.75 -35.99 12.32
C LEU D 298 10.51 -35.42 10.93
N GLN D 299 9.75 -36.14 10.12
CA GLN D 299 9.41 -35.71 8.77
C GLN D 299 8.78 -34.31 8.76
N THR D 300 7.90 -34.05 9.73
CA THR D 300 7.21 -32.76 9.88
C THR D 300 7.96 -31.80 10.81
N TYR D 301 9.25 -32.09 11.02
CA TYR D 301 10.17 -31.19 11.69
C TYR D 301 11.10 -30.58 10.64
N GLU D 302 11.41 -31.36 9.60
CA GLU D 302 12.31 -30.93 8.52
C GLU D 302 11.82 -29.72 7.73
N GLN D 303 10.51 -29.67 7.45
CA GLN D 303 9.92 -28.54 6.74
C GLN D 303 9.74 -27.33 7.66
N ASP D 304 9.41 -27.59 8.92
CA ASP D 304 9.20 -26.55 9.93
C ASP D 304 10.51 -25.83 10.26
N LYS D 305 11.56 -26.62 10.50
CA LYS D 305 12.89 -26.07 10.76
C LYS D 305 13.46 -25.32 9.55
N PHE D 306 12.70 -25.31 8.45
CA PHE D 306 13.01 -24.46 7.30
C PHE D 306 12.21 -23.16 7.36
N LYS D 307 10.93 -23.28 7.66
CA LYS D 307 10.06 -22.11 7.81
C LYS D 307 10.48 -21.26 9.01
N GLU D 308 11.15 -21.91 9.97
CA GLU D 308 11.67 -21.23 11.16
C GLU D 308 12.95 -20.44 10.86
N MET D 309 13.41 -20.54 9.62
CA MET D 309 14.57 -19.81 9.14
C MET D 309 14.13 -18.59 8.33
N ILE D 310 13.19 -18.82 7.42
CA ILE D 310 12.66 -17.77 6.55
C ILE D 310 12.03 -16.65 7.37
N ASP D 311 11.12 -17.03 8.27
CA ASP D 311 10.43 -16.07 9.13
C ASP D 311 11.41 -15.34 10.04
N ASP D 312 12.38 -16.08 10.58
CA ASP D 312 13.41 -15.50 11.44
C ASP D 312 14.09 -14.33 10.73
N VAL D 313 14.27 -14.45 9.41
CA VAL D 313 14.88 -13.40 8.60
C VAL D 313 13.83 -12.34 8.23
N LYS D 314 12.69 -12.79 7.71
CA LYS D 314 11.61 -11.88 7.30
C LYS D 314 11.15 -11.01 8.47
N LYS D 315 11.14 -11.60 9.67
CA LYS D 315 10.76 -10.90 10.88
C LYS D 315 11.86 -9.97 11.39
N ALA D 316 13.12 -10.23 10.99
CA ALA D 316 14.20 -9.33 11.33
C ALA D 316 14.13 -8.05 10.48
N GLY D 317 13.59 -8.17 9.27
CA GLY D 317 13.36 -7.03 8.40
C GLY D 317 14.39 -6.82 7.31
N ALA D 318 15.10 -7.89 6.94
CA ALA D 318 16.16 -7.83 5.91
C ALA D 318 15.60 -8.00 4.51
N ASP D 319 16.25 -7.37 3.53
CA ASP D 319 15.81 -7.46 2.13
C ASP D 319 16.70 -8.35 1.27
N VAL D 320 17.92 -8.62 1.75
CA VAL D 320 18.86 -9.49 1.04
C VAL D 320 19.68 -10.34 2.02
N VAL D 321 19.83 -11.62 1.70
CA VAL D 321 20.58 -12.55 2.54
C VAL D 321 21.94 -12.91 1.91
N ILE D 322 23.01 -12.56 2.60
CA ILE D 322 24.35 -12.97 2.21
C ILE D 322 24.85 -13.94 3.27
N CYS D 323 25.01 -15.21 2.88
CA CYS D 323 25.32 -16.27 3.84
C CYS D 323 26.61 -17.02 3.50
N GLN D 324 27.43 -17.24 4.53
CA GLN D 324 28.71 -17.91 4.42
C GLN D 324 28.59 -19.28 3.76
N TRP D 325 27.93 -20.21 4.44
CA TRP D 325 27.75 -21.54 3.88
C TRP D 325 26.59 -21.57 2.89
N GLY D 326 26.22 -22.74 2.41
CA GLY D 326 25.26 -22.87 1.31
C GLY D 326 23.83 -23.14 1.73
N PHE D 327 22.89 -22.76 0.87
CA PHE D 327 21.45 -22.96 1.11
C PHE D 327 20.96 -24.30 0.60
N ASP D 328 19.97 -24.84 1.30
CA ASP D 328 19.33 -26.09 0.91
C ASP D 328 18.33 -25.83 -0.21
N ASP D 329 18.00 -26.88 -0.95
CA ASP D 329 17.14 -26.77 -2.13
C ASP D 329 15.73 -26.29 -1.78
N GLU D 330 15.18 -26.82 -0.69
CA GLU D 330 13.88 -26.40 -0.18
C GLU D 330 13.92 -24.94 0.31
N ALA D 331 15.00 -24.60 1.02
CA ALA D 331 15.17 -23.26 1.60
C ALA D 331 15.30 -22.17 0.54
N ASN D 332 15.78 -22.55 -0.63
CA ASN D 332 16.05 -21.60 -1.70
C ASN D 332 14.78 -21.05 -2.32
N HIS D 333 13.83 -21.94 -2.59
CA HIS D 333 12.54 -21.55 -3.17
C HIS D 333 11.73 -20.72 -2.20
N LEU D 334 11.76 -21.11 -0.92
CA LEU D 334 11.09 -20.35 0.13
C LEU D 334 11.76 -18.99 0.36
N LEU D 335 12.98 -18.86 -0.13
CA LEU D 335 13.68 -17.59 -0.09
C LEU D 335 13.16 -16.70 -1.22
N LEU D 336 12.78 -17.33 -2.33
CA LEU D 336 12.21 -16.63 -3.49
C LEU D 336 10.81 -16.14 -3.18
N GLN D 337 9.93 -17.07 -2.83
CA GLN D 337 8.51 -16.77 -2.56
C GLN D 337 8.30 -15.54 -1.68
N ASN D 338 9.12 -15.39 -0.63
CA ASN D 338 8.98 -14.27 0.31
C ASN D 338 9.85 -13.06 -0.04
N ASP D 339 10.36 -13.03 -1.28
CA ASP D 339 11.19 -11.93 -1.81
C ASP D 339 12.44 -11.70 -0.96
N LEU D 340 13.28 -12.72 -0.87
CA LEU D 340 14.56 -12.59 -0.23
C LEU D 340 15.68 -13.01 -1.17
N PRO D 341 16.18 -12.05 -2.00
CA PRO D 341 17.33 -12.31 -2.85
C PRO D 341 18.47 -12.88 -2.02
N ALA D 342 19.00 -14.03 -2.45
CA ALA D 342 19.95 -14.79 -1.66
C ALA D 342 21.32 -14.90 -2.35
N VAL D 343 22.36 -15.05 -1.53
CA VAL D 343 23.73 -15.19 -2.03
C VAL D 343 24.43 -16.45 -1.50
N ARG D 344 24.38 -17.50 -2.32
CA ARG D 344 24.91 -18.81 -1.97
C ARG D 344 26.44 -18.77 -1.85
N TRP D 345 26.96 -19.34 -0.75
CA TRP D 345 28.41 -19.55 -0.56
C TRP D 345 29.27 -18.29 -0.72
N VAL D 346 29.42 -17.53 0.35
CA VAL D 346 30.21 -16.30 0.32
C VAL D 346 31.51 -16.47 1.10
N GLY D 347 32.59 -15.89 0.59
CA GLY D 347 33.92 -16.03 1.17
C GLY D 347 34.04 -15.46 2.58
N GLY D 348 34.87 -16.11 3.39
CA GLY D 348 35.15 -15.67 4.77
C GLY D 348 35.69 -14.26 4.85
N GLN D 349 36.75 -13.97 4.09
CA GLN D 349 37.31 -12.63 4.01
C GLN D 349 36.28 -11.68 3.41
N GLU D 350 35.55 -12.15 2.40
CA GLU D 350 34.57 -11.34 1.68
C GLU D 350 33.35 -10.94 2.52
N LEU D 351 32.92 -11.82 3.43
CA LEU D 351 31.85 -11.48 4.37
C LEU D 351 32.27 -10.34 5.28
N GLU D 352 33.49 -10.44 5.81
CA GLU D 352 34.07 -9.42 6.67
C GLU D 352 34.16 -8.07 5.96
N HIS D 353 34.44 -8.11 4.66
CA HIS D 353 34.48 -6.88 3.86
C HIS D 353 33.08 -6.34 3.62
N ILE D 354 32.10 -7.23 3.51
CA ILE D 354 30.70 -6.82 3.34
C ILE D 354 30.21 -6.14 4.62
N ALA D 355 30.40 -6.80 5.76
CA ALA D 355 29.91 -6.30 7.04
C ALA D 355 30.46 -4.94 7.45
N ILE D 356 31.68 -4.63 7.01
CA ILE D 356 32.31 -3.34 7.33
C ILE D 356 31.82 -2.22 6.41
N SER D 357 31.60 -2.55 5.14
CA SER D 357 31.10 -1.59 4.17
C SER D 357 29.65 -1.23 4.42
N THR D 358 28.86 -2.22 4.83
CA THR D 358 27.41 -2.02 5.01
C THR D 358 27.03 -1.51 6.39
N ASN D 359 28.02 -1.41 7.28
CA ASN D 359 27.81 -0.99 8.66
C ASN D 359 27.12 -2.08 9.50
N GLY D 360 26.93 -3.25 8.89
CA GLY D 360 26.19 -4.35 9.51
C GLY D 360 26.93 -5.15 10.56
N ARG D 361 26.41 -6.34 10.85
CA ARG D 361 27.00 -7.25 11.82
C ARG D 361 26.89 -8.69 11.33
N ILE D 362 27.76 -9.55 11.85
CA ILE D 362 27.84 -10.96 11.42
C ILE D 362 27.12 -11.87 12.41
N VAL D 363 26.19 -12.66 11.90
CA VAL D 363 25.21 -13.37 12.73
C VAL D 363 25.40 -14.89 12.75
N PRO D 364 25.76 -15.45 13.92
CA PRO D 364 26.01 -16.89 14.13
C PRO D 364 24.85 -17.84 13.79
N ARG D 365 23.72 -17.71 14.48
CA ARG D 365 22.53 -18.56 14.26
C ARG D 365 21.31 -17.71 13.88
N PHE D 366 20.19 -18.37 13.60
CA PHE D 366 18.94 -17.67 13.29
C PHE D 366 18.35 -16.95 14.51
N GLN D 367 18.40 -17.65 15.64
CA GLN D 367 17.97 -17.12 16.94
C GLN D 367 18.55 -15.74 17.27
N ASP D 368 19.72 -15.42 16.70
CA ASP D 368 20.45 -14.19 17.06
C ASP D 368 20.22 -13.03 16.09
N LEU D 369 19.39 -13.26 15.07
CA LEU D 369 19.13 -12.23 14.07
C LEU D 369 18.17 -11.17 14.59
N SER D 370 18.57 -9.90 14.44
CA SER D 370 17.73 -8.78 14.86
C SER D 370 17.83 -7.61 13.88
N LYS D 371 16.86 -6.70 13.94
CA LYS D 371 16.79 -5.55 13.03
C LYS D 371 17.90 -4.51 13.20
N ASP D 372 18.88 -4.82 14.05
CA ASP D 372 20.02 -3.93 14.31
C ASP D 372 21.34 -4.51 13.81
N LYS D 373 21.35 -5.81 13.52
CA LYS D 373 22.52 -6.48 12.97
C LYS D 373 22.39 -6.62 11.44
N LEU D 374 21.82 -5.58 10.81
CA LEU D 374 21.55 -5.58 9.38
C LEU D 374 22.54 -4.72 8.61
N GLY D 375 22.82 -5.10 7.37
CA GLY D 375 23.73 -4.34 6.51
C GLY D 375 23.03 -3.31 5.64
N THR D 376 23.44 -2.05 5.78
CA THR D 376 22.84 -0.95 5.02
C THR D 376 23.54 -0.76 3.68
N CYS D 377 22.75 -0.79 2.60
CA CYS D 377 23.25 -0.59 1.24
C CYS D 377 22.40 0.43 0.50
N SER D 378 22.97 1.04 -0.53
CA SER D 378 22.21 1.96 -1.36
C SER D 378 21.72 1.27 -2.63
N ARG D 379 22.38 0.15 -2.99
CA ARG D 379 22.00 -0.66 -4.16
C ARG D 379 22.62 -2.06 -4.05
N ILE D 380 21.94 -3.06 -4.60
CA ILE D 380 22.53 -4.38 -4.86
C ILE D 380 22.13 -4.84 -6.26
N TYR D 381 23.14 -5.07 -7.12
CA TYR D 381 22.89 -5.49 -8.50
C TYR D 381 23.84 -6.57 -8.98
N GLU D 382 23.29 -7.53 -9.72
CA GLU D 382 24.08 -8.53 -10.40
C GLU D 382 24.41 -7.96 -11.77
N GLN D 383 25.71 -7.76 -12.02
CA GLN D 383 26.19 -7.13 -13.26
C GLN D 383 26.58 -8.19 -14.28
N GLU D 384 26.24 -7.93 -15.54
CA GLU D 384 26.77 -8.72 -16.64
C GLU D 384 28.22 -8.30 -16.78
N PHE D 385 29.08 -8.90 -15.95
CA PHE D 385 30.52 -8.62 -15.94
C PHE D 385 31.11 -8.79 -17.34
N GLY D 386 30.80 -9.90 -17.98
CA GLY D 386 31.18 -10.11 -19.37
C GLY D 386 29.99 -9.86 -20.26
N THR D 387 30.18 -10.07 -21.55
CA THR D 387 29.09 -10.03 -22.52
C THR D 387 28.55 -11.43 -22.72
N THR D 388 29.36 -12.42 -22.37
CA THR D 388 28.96 -13.80 -22.51
C THR D 388 29.47 -14.67 -21.37
N LYS D 389 30.43 -14.14 -20.61
CA LYS D 389 31.09 -14.89 -19.55
C LYS D 389 30.18 -15.19 -18.33
N ASP D 390 30.45 -14.51 -17.21
CA ASP D 390 29.76 -14.77 -15.94
C ASP D 390 29.27 -13.51 -15.26
N ARG D 391 28.20 -13.61 -14.48
CA ARG D 391 27.69 -12.49 -13.73
C ARG D 391 28.46 -12.31 -12.40
N MET D 392 28.42 -11.09 -11.87
CA MET D 392 29.05 -10.77 -10.60
C MET D 392 28.09 -9.94 -9.75
N LEU D 393 28.36 -9.86 -8.44
CA LEU D 393 27.53 -9.06 -7.53
C LEU D 393 28.26 -7.83 -7.02
N ILE D 394 27.67 -6.67 -7.29
CA ILE D 394 28.19 -5.43 -6.75
C ILE D 394 27.27 -4.93 -5.63
N ILE D 395 27.89 -4.60 -4.49
CA ILE D 395 27.18 -4.04 -3.33
C ILE D 395 27.78 -2.67 -3.03
N GLU D 396 27.27 -1.65 -3.73
CA GLU D 396 27.87 -0.32 -3.72
C GLU D 396 27.23 0.65 -2.72
N GLN D 397 27.95 1.73 -2.43
CA GLN D 397 27.49 2.78 -1.52
C GLN D 397 27.78 4.17 -2.07
N SER D 398 26.95 5.13 -1.71
CA SER D 398 27.22 6.53 -2.01
C SER D 398 28.09 7.13 -0.91
N LYS D 399 28.04 6.54 0.28
CA LYS D 399 28.82 7.02 1.42
C LYS D 399 30.22 6.39 1.48
N GLU D 400 31.09 6.97 2.30
CA GLU D 400 32.44 6.47 2.50
C GLU D 400 32.45 5.29 3.46
N THR D 401 32.93 4.15 2.96
CA THR D 401 32.96 2.91 3.71
C THR D 401 34.41 2.46 3.92
N LYS D 402 34.69 1.91 5.11
CA LYS D 402 36.06 1.58 5.51
C LYS D 402 36.75 0.56 4.60
N THR D 403 35.99 -0.36 4.01
CA THR D 403 36.50 -1.27 2.99
C THR D 403 36.17 -0.71 1.62
N VAL D 404 37.12 -0.82 0.68
CA VAL D 404 36.90 -0.38 -0.68
C VAL D 404 37.56 -1.31 -1.72
N THR D 405 36.74 -1.97 -2.52
CA THR D 405 37.23 -2.90 -3.54
C THR D 405 37.66 -2.11 -4.77
N CYS D 406 38.82 -2.48 -5.31
CA CYS D 406 39.44 -1.79 -6.44
C CYS D 406 39.35 -2.64 -7.72
N PHE D 407 38.34 -2.36 -8.54
CA PHE D 407 38.05 -3.17 -9.73
C PHE D 407 38.79 -2.69 -10.97
N VAL D 408 39.82 -3.44 -11.37
CA VAL D 408 40.67 -3.06 -12.50
C VAL D 408 40.42 -3.92 -13.74
N ARG D 409 40.14 -3.24 -14.84
CA ARG D 409 39.79 -3.90 -16.09
C ARG D 409 40.80 -3.50 -17.15
N GLY D 410 41.03 -4.39 -18.11
CA GLY D 410 41.92 -4.11 -19.25
C GLY D 410 41.50 -4.94 -20.44
N SER D 411 42.16 -4.76 -21.57
CA SER D 411 41.83 -5.52 -22.78
C SER D 411 42.59 -6.82 -22.89
N ASN D 412 43.47 -7.08 -21.91
CA ASN D 412 44.34 -8.24 -21.97
C ASN D 412 44.84 -8.67 -20.59
N LYS D 413 44.74 -9.97 -20.30
CA LYS D 413 45.14 -10.56 -19.01
C LYS D 413 46.50 -10.09 -18.49
N MET D 414 47.38 -9.65 -19.39
CA MET D 414 48.72 -9.16 -19.02
C MET D 414 48.67 -7.69 -18.60
N ILE D 415 47.80 -6.91 -19.24
CA ILE D 415 47.60 -5.52 -18.86
C ILE D 415 46.89 -5.49 -17.51
N VAL D 416 45.83 -6.28 -17.39
CA VAL D 416 45.08 -6.40 -16.15
C VAL D 416 46.02 -6.54 -14.96
N ASP D 417 46.93 -7.51 -15.04
CA ASP D 417 47.85 -7.80 -13.96
C ASP D 417 48.86 -6.67 -13.70
N GLU D 418 49.28 -6.00 -14.77
CA GLU D 418 50.20 -4.87 -14.66
C GLU D 418 49.47 -3.65 -14.11
N ALA D 419 48.23 -3.46 -14.55
CA ALA D 419 47.40 -2.36 -14.07
C ALA D 419 47.19 -2.47 -12.56
N GLU D 420 46.82 -3.67 -12.10
CA GLU D 420 46.75 -3.95 -10.66
C GLU D 420 48.09 -3.67 -10.00
N ARG D 421 49.18 -4.02 -10.69
CA ARG D 421 50.54 -3.90 -10.17
C ARG D 421 51.03 -2.44 -10.15
N ALA D 422 50.30 -1.57 -10.86
CA ALA D 422 50.60 -0.15 -10.87
C ALA D 422 49.87 0.57 -9.75
N LEU D 423 48.59 0.26 -9.57
CA LEU D 423 47.77 0.84 -8.50
C LEU D 423 48.42 0.59 -7.15
N HIS D 424 48.77 -0.66 -6.89
CA HIS D 424 49.42 -1.06 -5.64
C HIS D 424 50.67 -0.21 -5.36
N ASP D 425 51.52 -0.06 -6.37
CA ASP D 425 52.69 0.83 -6.29
C ASP D 425 52.25 2.27 -6.02
N SER D 426 51.28 2.73 -6.80
CA SER D 426 50.70 4.07 -6.66
C SER D 426 50.02 4.24 -5.31
N LEU D 427 49.41 3.16 -4.83
CA LEU D 427 48.67 3.17 -3.58
C LEU D 427 49.65 3.16 -2.42
N CYS D 428 50.85 2.65 -2.68
CA CYS D 428 51.90 2.58 -1.66
C CYS D 428 52.60 3.92 -1.40
N VAL D 429 52.84 4.71 -2.46
CA VAL D 429 53.41 6.04 -2.27
C VAL D 429 52.48 6.94 -1.45
N VAL D 430 51.17 6.76 -1.64
CA VAL D 430 50.16 7.51 -0.90
C VAL D 430 50.03 7.00 0.55
N ARG D 431 50.34 5.72 0.76
CA ARG D 431 50.36 5.16 2.12
C ARG D 431 51.57 5.65 2.92
N ASN D 432 52.69 5.85 2.20
CA ASN D 432 53.93 6.31 2.82
C ASN D 432 53.87 7.79 3.22
N LEU D 433 53.11 8.57 2.46
CA LEU D 433 52.93 9.98 2.73
C LEU D 433 51.96 10.24 3.89
N VAL D 434 51.07 9.29 4.15
CA VAL D 434 50.17 9.37 5.30
C VAL D 434 50.96 9.06 6.58
N LYS D 435 51.93 8.15 6.45
CA LYS D 435 52.85 7.82 7.53
C LYS D 435 53.89 8.94 7.72
N ASP D 436 54.52 9.36 6.62
CA ASP D 436 55.46 10.48 6.63
C ASP D 436 55.03 11.60 5.69
N SER D 437 54.38 12.60 6.26
CA SER D 437 53.81 13.71 5.48
C SER D 437 54.87 14.66 4.91
N ARG D 438 56.04 14.11 4.56
CA ARG D 438 57.09 14.90 3.91
C ARG D 438 57.54 14.33 2.55
N VAL D 439 57.80 15.24 1.61
CA VAL D 439 58.14 14.93 0.23
C VAL D 439 59.49 15.47 -0.19
N VAL D 440 60.12 14.81 -1.15
CA VAL D 440 61.29 15.34 -1.84
C VAL D 440 60.96 15.34 -3.33
N TYR D 441 61.79 16.00 -4.13
CA TYR D 441 61.54 16.08 -5.56
C TYR D 441 62.50 15.17 -6.34
N GLY D 442 61.93 14.26 -7.12
CA GLY D 442 62.72 13.31 -7.89
C GLY D 442 63.28 13.91 -9.16
N GLY D 443 63.32 13.12 -10.22
CA GLY D 443 63.91 13.53 -11.49
C GLY D 443 65.42 13.65 -11.38
N GLY D 444 65.97 13.05 -10.33
CA GLY D 444 67.39 13.12 -10.04
C GLY D 444 67.74 14.16 -8.99
N ALA D 445 66.86 15.15 -8.81
CA ALA D 445 67.12 16.30 -7.94
C ALA D 445 67.56 15.90 -6.54
N ALA D 446 66.83 14.95 -5.94
CA ALA D 446 67.13 14.47 -4.60
C ALA D 446 68.50 13.79 -4.55
N GLU D 447 68.78 12.97 -5.57
CA GLU D 447 70.06 12.27 -5.68
C GLU D 447 71.22 13.25 -5.92
N VAL D 448 70.95 14.29 -6.71
CA VAL D 448 71.94 15.30 -7.04
C VAL D 448 72.31 16.16 -5.83
N THR D 449 71.31 16.59 -5.06
CA THR D 449 71.54 17.38 -3.85
C THR D 449 72.40 16.60 -2.86
N MET D 450 72.14 15.29 -2.79
CA MET D 450 72.92 14.39 -1.95
C MET D 450 74.33 14.19 -2.51
N SER D 451 74.42 14.08 -3.84
CA SER D 451 75.71 13.97 -4.52
C SER D 451 76.59 15.19 -4.24
N LEU D 452 76.00 16.38 -4.38
CA LEU D 452 76.69 17.63 -4.11
C LEU D 452 77.07 17.74 -2.65
N ALA D 453 76.13 17.39 -1.77
CA ALA D 453 76.32 17.48 -0.33
C ALA D 453 77.48 16.63 0.17
N VAL D 454 77.58 15.41 -0.36
CA VAL D 454 78.66 14.50 0.00
C VAL D 454 79.95 14.93 -0.70
N SER D 455 79.82 15.53 -1.89
CA SER D 455 80.98 15.93 -2.69
C SER D 455 81.75 17.08 -2.04
N GLU D 456 81.03 18.04 -1.48
CA GLU D 456 81.64 19.19 -0.82
C GLU D 456 82.23 18.83 0.55
N GLU D 457 81.80 17.71 1.11
CA GLU D 457 82.26 17.26 2.44
C GLU D 457 83.39 16.23 2.39
N ALA D 458 83.71 15.76 1.18
CA ALA D 458 84.79 14.79 0.98
C ALA D 458 86.16 15.42 1.20
N ASP D 459 86.30 16.66 0.73
CA ASP D 459 87.51 17.45 0.87
C ASP D 459 87.74 17.79 2.35
N LYS D 460 86.65 17.83 3.11
CA LYS D 460 86.66 18.10 4.55
C LYS D 460 86.93 16.84 5.37
N GLN D 461 86.66 15.68 4.76
CA GLN D 461 86.87 14.38 5.40
C GLN D 461 88.36 14.07 5.61
N ARG D 462 89.13 14.19 4.54
CA ARG D 462 90.58 13.93 4.53
C ARG D 462 90.94 12.47 4.81
N GLY D 463 92.22 12.14 4.62
CA GLY D 463 92.72 10.79 4.83
C GLY D 463 92.17 9.78 3.84
N ILE D 464 91.91 8.57 4.34
CA ILE D 464 91.51 7.42 3.53
C ILE D 464 90.09 7.52 2.99
N ASP D 465 89.19 8.10 3.79
CA ASP D 465 87.76 8.19 3.46
C ASP D 465 87.44 9.29 2.43
N GLN D 466 88.43 10.11 2.12
CA GLN D 466 88.30 11.14 1.08
C GLN D 466 87.92 10.53 -0.27
N TYR D 467 88.42 9.32 -0.54
CA TYR D 467 88.17 8.61 -1.80
C TYR D 467 86.83 7.86 -1.78
N ALA D 468 86.41 7.43 -0.59
CA ALA D 468 85.15 6.70 -0.41
C ALA D 468 83.93 7.61 -0.56
N PHE D 469 83.97 8.75 0.13
CA PHE D 469 82.94 9.78 0.01
C PHE D 469 82.80 10.25 -1.43
N ARG D 470 83.93 10.50 -2.09
CA ARG D 470 83.97 10.88 -3.50
C ARG D 470 83.41 9.76 -4.39
N GLY D 471 83.51 8.52 -3.93
CA GLY D 471 82.94 7.37 -4.63
C GLY D 471 81.43 7.31 -4.47
N PHE D 472 80.99 7.38 -3.22
CA PHE D 472 79.57 7.35 -2.88
C PHE D 472 78.79 8.38 -3.69
N ALA D 473 79.28 9.62 -3.71
CA ALA D 473 78.66 10.71 -4.45
C ALA D 473 78.68 10.48 -5.95
N GLN D 474 79.77 9.90 -6.46
CA GLN D 474 79.97 9.71 -7.90
C GLN D 474 79.08 8.61 -8.48
N ALA D 475 78.87 7.56 -7.68
CA ALA D 475 78.04 6.42 -8.09
C ALA D 475 76.56 6.76 -8.02
N LEU D 476 76.21 7.72 -7.16
CA LEU D 476 74.85 8.24 -7.07
C LEU D 476 74.44 8.87 -8.39
N ASP D 477 75.41 9.52 -9.04
CA ASP D 477 75.16 10.25 -10.27
C ASP D 477 74.75 9.37 -11.45
N THR D 478 74.74 8.06 -11.25
CA THR D 478 74.29 7.14 -12.29
C THR D 478 72.77 7.16 -12.43
N ILE D 479 72.05 7.45 -11.35
CA ILE D 479 70.60 7.58 -11.40
C ILE D 479 70.14 8.71 -12.34
N PRO D 480 70.62 9.97 -12.13
CA PRO D 480 70.26 11.04 -13.06
C PRO D 480 70.84 10.84 -14.47
N MET D 481 72.05 10.31 -14.55
CA MET D 481 72.66 10.00 -15.85
C MET D 481 71.88 8.94 -16.60
N THR D 482 71.55 7.83 -15.93
CA THR D 482 70.74 6.76 -16.55
C THR D 482 69.25 7.10 -16.57
N LEU D 483 68.90 8.28 -16.07
CA LEU D 483 67.56 8.85 -16.31
C LEU D 483 67.57 9.63 -17.61
N ALA D 484 68.54 10.53 -17.75
CA ALA D 484 68.74 11.31 -18.97
C ALA D 484 69.10 10.42 -20.16
N GLU D 485 69.68 9.26 -19.87
CA GLU D 485 70.09 8.30 -20.90
C GLU D 485 68.88 7.67 -21.58
N ASN D 486 68.03 7.03 -20.77
CA ASN D 486 66.80 6.41 -21.25
C ASN D 486 65.87 7.46 -21.86
N SER D 487 65.84 8.62 -21.22
CA SER D 487 64.96 9.72 -21.64
C SER D 487 65.40 10.35 -22.97
N GLY D 488 66.70 10.29 -23.27
CA GLY D 488 67.22 10.74 -24.56
C GLY D 488 67.99 12.03 -24.54
N LEU D 489 68.84 12.21 -23.54
CA LEU D 489 69.71 13.37 -23.45
C LEU D 489 71.15 12.92 -23.25
N ASP D 490 72.09 13.87 -23.25
CA ASP D 490 73.47 13.56 -22.92
C ASP D 490 73.58 13.37 -21.41
N PRO D 491 74.30 12.32 -20.98
CA PRO D 491 74.53 12.07 -19.56
C PRO D 491 75.32 13.19 -18.89
N ILE D 492 76.52 13.49 -19.40
CA ILE D 492 77.37 14.56 -18.84
C ILE D 492 76.65 15.90 -18.90
N GLY D 493 75.95 16.14 -20.00
CA GLY D 493 75.23 17.39 -20.23
C GLY D 493 74.22 17.70 -19.14
N THR D 494 73.21 16.84 -19.01
CA THR D 494 72.16 17.01 -18.03
C THR D 494 72.74 17.09 -16.61
N LEU D 495 73.71 16.22 -16.34
CA LEU D 495 74.40 16.18 -15.05
C LEU D 495 75.12 17.48 -14.76
N SER D 496 75.97 17.92 -15.69
CA SER D 496 76.77 19.12 -15.51
C SER D 496 75.94 20.41 -15.57
N THR D 497 74.80 20.36 -16.24
CA THR D 497 73.84 21.48 -16.22
C THR D 497 73.13 21.47 -14.89
N LEU D 498 72.62 20.31 -14.51
CA LEU D 498 71.78 20.13 -13.33
C LEU D 498 72.54 20.41 -12.02
N LYS D 499 73.67 19.74 -11.83
CA LYS D 499 74.48 19.92 -10.62
C LYS D 499 74.97 21.37 -10.49
N SER D 500 75.29 21.98 -11.62
CA SER D 500 75.75 23.37 -11.63
C SER D 500 74.62 24.35 -11.28
N LYS D 501 73.45 24.12 -11.86
CA LYS D 501 72.27 24.94 -11.59
C LYS D 501 71.82 24.88 -10.13
N GLN D 502 72.20 23.80 -9.45
CA GLN D 502 71.80 23.57 -8.06
C GLN D 502 72.79 24.20 -7.07
N LEU D 503 73.77 24.93 -7.60
CA LEU D 503 74.71 25.71 -6.81
C LEU D 503 74.59 27.20 -7.15
N LYS D 504 74.49 27.49 -8.43
CA LYS D 504 74.28 28.86 -8.92
C LYS D 504 73.03 29.47 -8.31
N GLU D 505 72.02 28.64 -8.11
CA GLU D 505 70.85 29.01 -7.33
C GLU D 505 70.91 28.31 -5.97
N LYS D 506 70.16 28.84 -5.00
CA LYS D 506 70.06 28.22 -3.67
C LYS D 506 69.08 27.05 -3.69
N ILE D 507 68.34 26.93 -4.80
CA ILE D 507 67.33 25.88 -5.00
C ILE D 507 67.98 24.49 -5.04
N SER D 508 67.30 23.52 -4.45
CA SER D 508 67.74 22.13 -4.45
C SER D 508 66.70 21.23 -5.13
N ASN D 509 65.75 21.85 -5.82
CA ASN D 509 64.64 21.16 -6.48
C ASN D 509 64.64 21.40 -8.00
N ILE D 510 65.74 21.03 -8.64
CA ILE D 510 65.92 21.16 -10.08
C ILE D 510 66.25 19.78 -10.61
N GLY D 511 65.52 19.33 -11.62
CA GLY D 511 65.67 17.96 -12.15
C GLY D 511 65.50 17.83 -13.67
N VAL D 512 65.39 16.58 -14.15
CA VAL D 512 65.35 16.31 -15.59
C VAL D 512 63.94 16.39 -16.17
N ASP D 513 63.79 17.16 -17.25
CA ASP D 513 62.52 17.23 -17.97
C ASP D 513 62.31 16.00 -18.84
N CYS D 514 62.18 14.85 -18.18
CA CYS D 514 62.06 13.56 -18.86
C CYS D 514 60.87 13.45 -19.82
N LEU D 515 59.87 14.31 -19.64
CA LEU D 515 58.77 14.42 -20.59
C LEU D 515 59.18 15.31 -21.79
N GLY D 516 59.76 16.48 -21.50
CA GLY D 516 60.32 17.33 -22.55
C GLY D 516 59.89 18.79 -22.52
N TYR D 517 59.42 19.26 -21.38
CA TYR D 517 58.99 20.65 -21.25
C TYR D 517 60.20 21.56 -21.03
N GLY D 518 60.01 22.86 -21.23
CA GLY D 518 61.10 23.84 -21.15
C GLY D 518 61.90 23.85 -19.85
N SER D 519 61.21 23.87 -18.72
CA SER D 519 61.85 23.99 -17.41
C SER D 519 62.32 22.66 -16.80
N ASN D 520 63.36 22.76 -15.98
CA ASN D 520 63.85 21.65 -15.17
C ASN D 520 63.32 21.74 -13.75
N ASP D 521 62.42 22.69 -13.53
CA ASP D 521 61.87 22.99 -12.21
C ASP D 521 60.89 21.90 -11.76
N MET D 522 61.41 20.92 -11.05
CA MET D 522 60.62 19.77 -10.61
C MET D 522 59.44 20.17 -9.72
N LYS D 523 59.51 21.36 -9.13
CA LYS D 523 58.43 21.87 -8.29
C LYS D 523 57.18 22.18 -9.11
N GLU D 524 57.32 23.08 -10.09
CA GLU D 524 56.19 23.49 -10.95
C GLU D 524 55.78 22.39 -11.94
N LEU D 525 56.59 21.34 -12.04
CA LEU D 525 56.31 20.23 -12.93
C LEU D 525 55.56 19.07 -12.28
N PHE D 526 55.50 19.09 -10.94
CA PHE D 526 54.80 18.06 -10.14
C PHE D 526 55.47 16.67 -10.17
N VAL D 527 56.79 16.63 -10.31
CA VAL D 527 57.53 15.37 -10.19
C VAL D 527 57.97 15.26 -8.72
N VAL D 528 57.17 14.56 -7.94
CA VAL D 528 57.30 14.56 -6.48
C VAL D 528 57.46 13.15 -5.91
N ASP D 529 58.49 12.96 -5.10
CA ASP D 529 58.74 11.68 -4.42
C ASP D 529 58.47 11.78 -2.91
N PRO D 530 58.03 10.68 -2.27
CA PRO D 530 57.94 10.67 -0.81
C PRO D 530 59.33 10.72 -0.16
N PHE D 531 59.40 11.15 1.10
CA PHE D 531 60.69 11.24 1.79
C PHE D 531 61.28 9.87 2.13
N ILE D 532 60.53 9.10 2.91
CA ILE D 532 60.92 7.76 3.34
C ILE D 532 61.39 6.90 2.17
N GLY D 533 60.65 6.98 1.06
CA GLY D 533 60.99 6.27 -0.16
C GLY D 533 62.43 6.51 -0.57
N LYS D 534 62.78 7.78 -0.73
CA LYS D 534 64.12 8.17 -1.13
C LYS D 534 65.13 7.62 -0.13
N LYS D 535 64.85 7.83 1.16
CA LYS D 535 65.80 7.46 2.24
C LYS D 535 66.09 5.96 2.30
N GLN D 536 65.03 5.16 2.34
CA GLN D 536 65.14 3.71 2.38
C GLN D 536 65.87 3.17 1.15
N GLN D 537 65.68 3.82 0.00
CA GLN D 537 66.34 3.44 -1.25
C GLN D 537 67.86 3.64 -1.20
N ILE D 538 68.34 4.29 -0.15
CA ILE D 538 69.78 4.49 0.04
C ILE D 538 70.33 3.60 1.13
N LEU D 539 69.71 3.64 2.31
CA LEU D 539 70.18 2.84 3.44
C LEU D 539 70.29 1.36 3.09
N LEU D 540 69.31 0.85 2.36
CA LEU D 540 69.29 -0.56 1.94
C LEU D 540 70.40 -0.91 0.94
N ALA D 541 70.75 0.06 0.09
CA ALA D 541 71.82 -0.11 -0.88
C ALA D 541 73.17 -0.17 -0.19
N THR D 542 73.49 0.89 0.57
CA THR D 542 74.76 1.01 1.29
C THR D 542 74.96 -0.17 2.25
N GLN D 543 73.87 -0.63 2.86
CA GLN D 543 73.94 -1.72 3.84
C GLN D 543 74.10 -3.08 3.19
N LEU D 544 73.45 -3.30 2.04
CA LEU D 544 73.71 -4.51 1.27
C LEU D 544 75.10 -4.44 0.66
N CYS D 545 75.54 -3.24 0.33
CA CYS D 545 76.86 -3.02 -0.26
C CYS D 545 77.98 -3.37 0.72
N ARG D 546 77.82 -2.96 1.98
CA ARG D 546 78.79 -3.27 3.03
C ARG D 546 78.94 -4.78 3.23
N MET D 547 77.82 -5.50 3.17
CA MET D 547 77.79 -6.95 3.36
C MET D 547 78.61 -7.70 2.32
N ILE D 548 78.51 -7.28 1.05
CA ILE D 548 79.28 -7.88 -0.05
C ILE D 548 80.78 -7.62 0.14
N LEU D 549 81.10 -6.39 0.54
CA LEU D 549 82.48 -5.93 0.72
C LEU D 549 83.16 -6.63 1.89
N LYS D 550 82.39 -6.91 2.95
CA LYS D 550 82.86 -7.70 4.08
C LYS D 550 83.27 -9.10 3.64
N ILE D 551 82.50 -9.68 2.71
CA ILE D 551 82.78 -10.99 2.12
C ILE D 551 84.05 -10.95 1.27
N ASP D 552 84.95 -11.90 1.51
CA ASP D 552 86.12 -12.14 0.65
C ASP D 552 86.36 -13.65 0.48
N ASN D 553 85.95 -14.42 1.49
CA ASN D 553 86.07 -15.87 1.47
C ASN D 553 84.70 -16.49 1.13
N VAL D 554 84.64 -17.23 0.03
CA VAL D 554 83.39 -17.80 -0.47
C VAL D 554 83.51 -19.31 -0.69
N ILE D 555 82.61 -20.07 -0.09
CA ILE D 555 82.60 -21.51 -0.24
C ILE D 555 81.22 -22.00 -0.69
N ILE D 556 81.14 -22.52 -1.91
CA ILE D 556 79.89 -23.02 -2.47
C ILE D 556 79.95 -24.53 -2.64
N SER D 557 78.87 -25.20 -2.23
CA SER D 557 78.74 -26.65 -2.40
C SER D 557 78.33 -27.01 -3.81
N GLY D 558 77.80 -28.23 -3.98
CA GLY D 558 77.43 -28.78 -5.29
C GLY D 558 75.95 -29.08 -5.42
N LYS D 559 75.42 -28.83 -6.62
CA LYS D 559 73.99 -29.01 -6.90
C LYS D 559 73.66 -30.41 -7.40
N VAL E 3 80.83 -13.67 -16.96
CA VAL E 3 80.10 -14.03 -15.73
C VAL E 3 78.61 -14.26 -16.00
N GLN E 4 78.20 -15.52 -15.94
CA GLN E 4 76.80 -15.89 -16.15
C GLN E 4 75.98 -15.61 -14.90
N ILE E 5 74.77 -15.09 -15.10
CA ILE E 5 73.89 -14.68 -14.02
C ILE E 5 72.85 -15.75 -13.72
N PHE E 6 72.08 -16.11 -14.75
CA PHE E 6 70.91 -16.97 -14.63
C PHE E 6 71.29 -18.43 -14.39
N GLY E 7 70.28 -19.25 -14.11
CA GLY E 7 70.45 -20.70 -14.07
C GLY E 7 70.40 -21.25 -15.49
N ASP E 8 70.44 -22.57 -15.61
CA ASP E 8 70.51 -23.17 -16.94
C ASP E 8 69.17 -23.28 -17.66
N GLN E 9 69.23 -23.62 -18.95
CA GLN E 9 68.06 -23.65 -19.84
C GLN E 9 67.31 -22.31 -19.92
N VAL E 10 67.88 -21.29 -19.29
CA VAL E 10 67.28 -19.96 -19.23
C VAL E 10 67.68 -19.14 -20.44
N THR E 11 66.72 -18.45 -21.05
CA THR E 11 66.95 -17.67 -22.25
C THR E 11 66.87 -16.18 -21.98
N GLU E 12 67.82 -15.43 -22.53
CA GLU E 12 67.79 -13.98 -22.43
C GLU E 12 67.70 -13.34 -23.82
N GLU E 13 66.52 -12.83 -24.15
CA GLU E 13 66.33 -12.10 -25.41
C GLU E 13 66.21 -10.60 -25.10
N ARG E 14 67.34 -9.90 -25.18
CA ARG E 14 67.44 -8.48 -24.81
C ARG E 14 67.20 -7.53 -26.01
N ALA E 15 67.02 -6.25 -25.71
CA ALA E 15 66.65 -5.18 -26.66
C ALA E 15 66.54 -5.58 -28.13
N GLU E 16 67.69 -5.52 -28.80
CA GLU E 16 67.85 -5.82 -30.21
C GLU E 16 67.17 -7.14 -30.68
N ASN E 17 67.17 -8.15 -29.81
CA ASN E 17 66.58 -9.46 -30.08
C ASN E 17 65.16 -9.60 -29.53
N ALA E 18 64.85 -8.81 -28.51
CA ALA E 18 63.55 -8.85 -27.88
C ALA E 18 62.55 -8.13 -28.76
N ARG E 19 63.03 -7.15 -29.51
CA ARG E 19 62.20 -6.48 -30.48
C ARG E 19 61.82 -7.44 -31.60
N LEU E 20 62.80 -8.22 -32.07
CA LEU E 20 62.56 -9.22 -33.11
C LEU E 20 61.44 -10.17 -32.71
N SER E 21 61.61 -10.82 -31.57
CA SER E 21 60.62 -11.75 -31.05
C SER E 21 59.22 -11.12 -31.01
N ALA E 22 59.12 -9.96 -30.36
CA ALA E 22 57.86 -9.24 -30.23
C ALA E 22 57.17 -9.01 -31.57
N PHE E 23 57.94 -8.60 -32.56
CA PHE E 23 57.41 -8.40 -33.91
C PHE E 23 57.19 -9.72 -34.64
N VAL E 24 58.24 -10.54 -34.78
CA VAL E 24 58.13 -11.85 -35.43
C VAL E 24 56.87 -12.57 -34.96
N GLY E 25 56.69 -12.62 -33.64
CA GLY E 25 55.52 -13.23 -33.03
C GLY E 25 54.20 -12.65 -33.52
N ALA E 26 53.96 -11.38 -33.20
CA ALA E 26 52.72 -10.70 -33.57
C ALA E 26 52.38 -10.90 -35.04
N ILE E 27 53.31 -10.50 -35.91
CA ILE E 27 53.18 -10.62 -37.37
C ILE E 27 52.84 -12.05 -37.79
N ALA E 28 53.61 -13.02 -37.28
CA ALA E 28 53.42 -14.43 -37.60
C ALA E 28 52.02 -14.93 -37.28
N VAL E 29 51.42 -14.36 -36.23
CA VAL E 29 50.07 -14.68 -35.81
C VAL E 29 49.05 -13.89 -36.62
N GLY E 30 49.28 -12.58 -36.77
CA GLY E 30 48.41 -11.75 -37.60
C GLY E 30 48.28 -12.35 -38.97
N ASP E 31 49.41 -12.73 -39.56
CA ASP E 31 49.48 -13.31 -40.91
C ASP E 31 48.77 -14.68 -41.04
N LEU E 32 48.63 -15.39 -39.93
CA LEU E 32 47.97 -16.71 -39.90
C LEU E 32 46.47 -16.63 -40.18
N VAL E 33 45.81 -15.61 -39.61
CA VAL E 33 44.36 -15.45 -39.72
C VAL E 33 43.92 -14.50 -40.84
N LYS E 34 44.89 -13.85 -41.50
CA LYS E 34 44.61 -12.84 -42.53
C LYS E 34 43.63 -13.30 -43.60
N SER E 35 43.63 -14.61 -43.89
CA SER E 35 42.76 -15.20 -44.90
C SER E 35 41.30 -15.33 -44.44
N THR E 36 41.11 -15.28 -43.13
CA THR E 36 39.77 -15.35 -42.54
C THR E 36 38.94 -14.12 -42.88
N LEU E 37 39.60 -12.97 -42.95
CA LEU E 37 38.92 -11.67 -43.03
C LEU E 37 38.02 -11.50 -44.25
N GLY E 38 36.80 -11.03 -43.98
CA GLY E 38 35.89 -10.59 -45.02
C GLY E 38 35.12 -11.65 -45.75
N PRO E 39 34.22 -11.23 -46.66
CA PRO E 39 33.29 -12.03 -47.44
C PRO E 39 33.95 -13.18 -48.19
N LYS E 40 34.78 -12.85 -49.17
CA LYS E 40 35.51 -13.87 -49.91
C LYS E 40 36.72 -14.33 -49.11
N GLY E 41 36.52 -14.51 -47.80
CA GLY E 41 37.53 -15.06 -46.89
C GLY E 41 37.42 -16.57 -46.81
N MET E 42 38.51 -17.21 -46.36
CA MET E 42 38.63 -18.66 -46.36
C MET E 42 38.69 -19.26 -44.95
N ASP E 43 38.50 -20.58 -44.87
CA ASP E 43 38.49 -21.29 -43.59
C ASP E 43 39.76 -22.13 -43.37
N LYS E 44 40.17 -22.24 -42.11
CA LYS E 44 41.31 -23.08 -41.71
C LYS E 44 40.81 -24.40 -41.18
N LEU E 45 41.61 -25.45 -41.39
CA LEU E 45 41.36 -26.75 -40.78
C LEU E 45 42.38 -27.04 -39.69
N LEU E 46 41.95 -26.90 -38.44
CA LEU E 46 42.82 -27.16 -37.31
C LEU E 46 42.70 -28.61 -36.90
N GLN E 47 43.81 -29.19 -36.44
CA GLN E 47 43.81 -30.57 -35.96
C GLN E 47 44.72 -30.81 -34.77
N SER E 48 44.19 -31.50 -33.77
CA SER E 48 44.98 -31.89 -32.62
C SER E 48 45.81 -33.13 -32.89
N ALA E 49 46.96 -33.19 -32.22
CA ALA E 49 47.71 -34.43 -32.03
C ALA E 49 46.85 -35.36 -31.16
N SER E 50 46.37 -34.80 -30.05
CA SER E 50 45.43 -35.47 -29.17
C SER E 50 44.11 -35.85 -29.84
N SER E 51 43.53 -36.95 -29.36
CA SER E 51 42.13 -37.36 -29.66
C SER E 51 41.76 -37.76 -31.11
N ASN E 52 42.61 -37.47 -32.10
CA ASN E 52 42.25 -37.65 -33.52
C ASN E 52 41.01 -36.77 -33.85
N THR E 53 41.01 -35.57 -33.27
CA THR E 53 39.95 -34.58 -33.45
C THR E 53 40.45 -33.51 -34.41
N CYS E 54 39.50 -32.82 -35.05
CA CYS E 54 39.78 -31.60 -35.81
C CYS E 54 38.57 -30.68 -35.82
N MET E 55 38.70 -29.55 -36.50
CA MET E 55 37.61 -28.59 -36.67
C MET E 55 37.92 -27.65 -37.84
N VAL E 56 36.90 -27.39 -38.67
CA VAL E 56 37.03 -26.46 -39.80
C VAL E 56 36.32 -25.14 -39.44
N THR E 57 37.08 -24.06 -39.38
CA THR E 57 36.63 -22.85 -38.69
C THR E 57 36.94 -21.56 -39.41
N ASN E 58 36.20 -20.51 -39.05
CA ASN E 58 36.53 -19.14 -39.38
C ASN E 58 36.86 -18.35 -38.11
N ASP E 59 35.95 -18.38 -37.12
CA ASP E 59 36.11 -17.63 -35.86
C ASP E 59 37.59 -17.55 -35.49
N GLY E 60 38.17 -16.36 -35.70
CA GLY E 60 39.61 -16.14 -35.57
C GLY E 60 40.19 -16.40 -34.20
N ALA E 61 39.35 -16.21 -33.18
CA ALA E 61 39.71 -16.63 -31.84
C ALA E 61 39.94 -18.14 -31.84
N THR E 62 38.98 -18.86 -32.38
CA THR E 62 38.95 -20.33 -32.32
C THR E 62 40.21 -20.95 -32.92
N ILE E 63 40.80 -20.25 -33.89
CA ILE E 63 42.11 -20.64 -34.41
C ILE E 63 43.16 -20.36 -33.34
N LEU E 64 43.31 -19.08 -33.00
CA LEU E 64 44.34 -18.61 -32.09
C LEU E 64 44.31 -19.28 -30.74
N LYS E 65 43.11 -19.45 -30.20
CA LYS E 65 42.90 -20.11 -28.92
C LYS E 65 43.45 -21.53 -28.98
N SER E 66 43.31 -22.16 -30.14
CA SER E 66 43.61 -23.58 -30.31
C SER E 66 45.09 -23.86 -30.55
N ILE E 67 45.62 -23.45 -31.70
CA ILE E 67 47.02 -23.69 -32.03
C ILE E 67 47.99 -23.37 -30.89
N PRO E 68 49.06 -24.18 -30.74
CA PRO E 68 50.08 -23.92 -29.73
C PRO E 68 51.07 -22.87 -30.20
N LEU E 69 51.65 -22.12 -29.26
CA LEU E 69 52.64 -21.08 -29.56
C LEU E 69 53.63 -20.92 -28.42
N ASP E 70 54.80 -20.36 -28.72
CA ASP E 70 55.83 -20.15 -27.70
C ASP E 70 56.15 -18.68 -27.50
N ASN E 71 56.13 -17.95 -28.61
CA ASN E 71 56.41 -16.52 -28.64
C ASN E 71 55.45 -15.73 -27.76
N PRO E 72 55.93 -15.24 -26.61
CA PRO E 72 55.06 -14.62 -25.63
C PRO E 72 54.25 -13.47 -26.22
N ALA E 73 54.89 -12.63 -27.04
CA ALA E 73 54.20 -11.55 -27.72
C ALA E 73 52.99 -12.07 -28.51
N ALA E 74 53.14 -13.22 -29.15
CA ALA E 74 52.05 -13.85 -29.90
C ALA E 74 50.88 -14.14 -28.96
N LYS E 75 51.15 -14.87 -27.89
CA LYS E 75 50.16 -15.22 -26.86
C LYS E 75 49.44 -14.00 -26.28
N VAL E 76 50.09 -12.84 -26.32
CA VAL E 76 49.45 -11.59 -25.92
C VAL E 76 48.28 -11.36 -26.88
N LEU E 77 48.58 -11.26 -28.18
CA LEU E 77 47.54 -11.08 -29.19
C LEU E 77 46.47 -12.17 -29.15
N VAL E 78 46.89 -13.42 -28.90
CA VAL E 78 45.99 -14.58 -28.79
C VAL E 78 44.92 -14.35 -27.73
N ASN E 79 45.31 -13.75 -26.60
CA ASN E 79 44.39 -13.43 -25.52
C ASN E 79 43.49 -12.24 -25.85
N ILE E 80 44.06 -11.23 -26.49
CA ILE E 80 43.29 -10.08 -26.94
C ILE E 80 42.20 -10.56 -27.88
N SER E 81 42.40 -11.74 -28.45
CA SER E 81 41.40 -12.38 -29.30
C SER E 81 40.26 -12.93 -28.46
N LYS E 82 40.57 -13.64 -27.38
CA LYS E 82 39.54 -14.19 -26.50
C LYS E 82 38.75 -13.07 -25.85
N VAL E 83 39.46 -12.05 -25.36
CA VAL E 83 38.85 -10.86 -24.75
C VAL E 83 37.72 -10.33 -25.62
N GLN E 84 38.02 -10.08 -26.88
CA GLN E 84 37.04 -9.61 -27.84
C GLN E 84 35.86 -10.58 -27.98
N ASP E 85 36.15 -11.88 -28.00
CA ASP E 85 35.10 -12.89 -28.10
C ASP E 85 34.25 -12.89 -26.84
N ASP E 86 34.86 -12.48 -25.74
CA ASP E 86 34.15 -12.33 -24.48
C ASP E 86 33.29 -11.07 -24.51
N GLU E 87 33.92 -9.91 -24.70
CA GLU E 87 33.23 -8.62 -24.62
C GLU E 87 32.29 -8.28 -25.78
N VAL E 88 32.46 -8.92 -26.94
CA VAL E 88 31.57 -8.62 -28.07
C VAL E 88 31.14 -9.84 -28.88
N GLY E 89 31.98 -10.87 -28.92
CA GLY E 89 31.64 -12.10 -29.64
C GLY E 89 32.09 -12.15 -31.08
N ASP E 90 32.06 -10.99 -31.76
CA ASP E 90 32.62 -10.83 -33.11
C ASP E 90 33.67 -9.72 -33.19
N GLY E 91 34.49 -9.79 -34.23
CA GLY E 91 35.62 -8.89 -34.39
C GLY E 91 36.90 -9.55 -33.93
N THR E 92 36.91 -10.89 -33.94
CA THR E 92 38.05 -11.68 -33.47
C THR E 92 39.27 -11.47 -34.33
N THR E 93 39.07 -11.66 -35.64
CA THR E 93 40.12 -11.53 -36.63
C THR E 93 40.43 -10.06 -36.92
N SER E 94 39.41 -9.21 -36.83
CA SER E 94 39.58 -7.76 -37.00
C SER E 94 40.48 -7.16 -35.91
N VAL E 95 40.40 -7.70 -34.70
CA VAL E 95 41.26 -7.27 -33.60
C VAL E 95 42.72 -7.68 -33.85
N THR E 96 42.92 -8.95 -34.19
CA THR E 96 44.27 -9.50 -34.33
C THR E 96 45.03 -8.85 -35.47
N VAL E 97 44.41 -8.74 -36.64
CA VAL E 97 45.06 -8.11 -37.79
C VAL E 97 45.44 -6.65 -37.50
N LEU E 98 44.51 -5.86 -36.99
CA LEU E 98 44.80 -4.47 -36.64
C LEU E 98 45.85 -4.37 -35.54
N SER E 99 45.86 -5.38 -34.68
CA SER E 99 46.85 -5.50 -33.61
C SER E 99 48.24 -5.74 -34.18
N ALA E 100 48.36 -6.70 -35.10
CA ALA E 100 49.64 -6.97 -35.77
C ALA E 100 50.05 -5.84 -36.71
N GLU E 101 49.09 -5.31 -37.47
CA GLU E 101 49.41 -4.28 -38.45
C GLU E 101 49.93 -3.01 -37.81
N LEU E 102 49.58 -2.79 -36.54
CA LEU E 102 50.17 -1.70 -35.80
C LEU E 102 51.63 -2.01 -35.53
N LEU E 103 51.88 -3.25 -35.13
CA LEU E 103 53.22 -3.70 -34.73
C LEU E 103 54.19 -3.86 -35.90
N ARG E 104 53.66 -4.32 -37.04
CA ARG E 104 54.42 -4.30 -38.30
C ARG E 104 54.89 -2.88 -38.55
N GLU E 105 53.95 -1.94 -38.47
CA GLU E 105 54.21 -0.54 -38.75
C GLU E 105 55.18 0.11 -37.76
N ALA E 106 55.34 -0.51 -36.60
CA ALA E 106 56.27 -0.03 -35.60
C ALA E 106 57.70 -0.41 -35.96
N GLU E 107 57.91 -1.68 -36.32
CA GLU E 107 59.22 -2.17 -36.72
C GLU E 107 59.79 -1.37 -37.88
N LYS E 108 58.92 -1.00 -38.82
CA LYS E 108 59.27 -0.14 -39.97
C LYS E 108 59.68 1.26 -39.52
N LEU E 109 59.23 1.67 -38.34
CA LEU E 109 59.62 2.97 -37.77
C LEU E 109 60.87 2.82 -36.90
N ILE E 110 60.89 1.78 -36.08
CA ILE E 110 61.98 1.51 -35.14
C ILE E 110 63.28 1.19 -35.86
N ASP E 111 63.19 0.48 -36.99
CA ASP E 111 64.38 0.26 -37.80
C ASP E 111 64.60 1.37 -38.85
N GLN E 112 63.84 1.33 -39.95
CA GLN E 112 64.07 2.23 -41.10
C GLN E 112 64.34 3.69 -40.71
N SER E 113 63.54 4.24 -39.80
CA SER E 113 63.67 5.64 -39.40
C SER E 113 64.60 5.83 -38.19
N LYS E 114 64.47 4.95 -37.21
CA LYS E 114 65.15 5.06 -35.89
C LYS E 114 64.48 6.08 -34.96
N ILE E 115 63.25 5.77 -34.54
CA ILE E 115 62.47 6.59 -33.59
C ILE E 115 62.26 5.84 -32.29
N HIS E 116 62.15 6.57 -31.18
CA HIS E 116 61.99 5.92 -29.87
C HIS E 116 60.62 5.26 -29.72
N PRO E 117 60.61 3.99 -29.21
CA PRO E 117 59.39 3.22 -28.98
C PRO E 117 58.39 3.94 -28.07
N GLN E 118 58.88 4.65 -27.07
CA GLN E 118 58.02 5.38 -26.15
C GLN E 118 57.40 6.60 -26.83
N THR E 119 58.13 7.17 -27.80
CA THR E 119 57.61 8.27 -28.62
C THR E 119 56.56 7.77 -29.59
N ILE E 120 56.78 6.58 -30.15
CA ILE E 120 55.77 5.92 -30.97
C ILE E 120 54.51 5.73 -30.14
N ILE E 121 54.67 5.26 -28.91
CA ILE E 121 53.54 5.09 -27.98
C ILE E 121 52.78 6.42 -27.77
N GLU E 122 53.48 7.48 -27.40
CA GLU E 122 52.87 8.78 -27.14
C GLU E 122 52.31 9.39 -28.41
N GLY E 123 52.46 8.65 -29.52
CA GLY E 123 51.92 9.05 -30.82
C GLY E 123 50.80 8.13 -31.27
N TYR E 124 50.93 6.84 -30.97
CA TYR E 124 49.86 5.87 -31.22
C TYR E 124 48.67 6.17 -30.31
N ARG E 125 48.94 6.85 -29.20
CA ARG E 125 47.95 7.22 -28.19
C ARG E 125 47.05 8.37 -28.66
N LEU E 126 47.69 9.44 -29.15
CA LEU E 126 46.98 10.62 -29.67
C LEU E 126 46.06 10.23 -30.83
N ALA E 127 46.51 9.26 -31.63
CA ALA E 127 45.76 8.77 -32.77
C ALA E 127 44.56 7.94 -32.36
N SER E 128 44.77 7.02 -31.41
CA SER E 128 43.71 6.15 -30.92
C SER E 128 42.50 6.96 -30.42
N ALA E 129 42.76 7.94 -29.57
CA ALA E 129 41.72 8.82 -29.02
C ALA E 129 40.99 9.62 -30.10
N ALA E 130 41.64 9.77 -31.26
CA ALA E 130 41.08 10.49 -32.40
C ALA E 130 40.36 9.54 -33.37
N ALA E 131 40.78 8.28 -33.37
CA ALA E 131 40.11 7.25 -34.15
C ALA E 131 38.77 6.90 -33.51
N LEU E 132 38.78 6.74 -32.20
CA LEU E 132 37.57 6.52 -31.42
C LEU E 132 36.65 7.75 -31.41
N ASP E 133 37.26 8.93 -31.56
CA ASP E 133 36.53 10.19 -31.63
C ASP E 133 35.53 10.14 -32.78
N ALA E 134 36.04 10.30 -34.00
CA ALA E 134 35.20 10.38 -35.20
C ALA E 134 34.19 9.24 -35.27
N LEU E 135 34.55 8.10 -34.66
CA LEU E 135 33.73 6.90 -34.66
C LEU E 135 32.34 7.19 -34.12
N THR E 136 32.30 7.97 -33.03
CA THR E 136 31.03 8.33 -32.40
C THR E 136 30.30 9.42 -33.18
N LYS E 137 31.06 10.27 -33.86
CA LYS E 137 30.50 11.32 -34.72
C LYS E 137 29.86 10.73 -35.96
N ALA E 138 30.48 9.67 -36.48
CA ALA E 138 29.97 8.97 -37.66
C ALA E 138 28.94 7.91 -37.28
N ALA E 139 28.78 7.65 -35.99
CA ALA E 139 27.87 6.61 -35.49
C ALA E 139 26.42 6.92 -35.82
N VAL E 140 25.67 5.87 -36.14
CA VAL E 140 24.25 5.97 -36.49
C VAL E 140 23.39 5.27 -35.44
N ASP E 141 22.94 6.04 -34.46
CA ASP E 141 22.18 5.51 -33.34
C ASP E 141 20.72 5.36 -33.76
N ASN E 142 20.13 4.19 -33.51
CA ASN E 142 18.74 3.96 -33.92
C ASN E 142 17.71 4.02 -32.80
N SER E 143 16.79 4.95 -32.98
CA SER E 143 15.91 5.40 -31.91
C SER E 143 14.74 4.47 -31.59
N HIS E 144 13.61 5.09 -31.29
CA HIS E 144 12.38 4.42 -30.89
C HIS E 144 11.77 3.57 -32.00
N ASP E 145 12.13 3.87 -33.26
CA ASP E 145 11.58 3.12 -34.39
C ASP E 145 12.14 1.70 -34.47
N LYS E 146 11.46 0.80 -33.76
CA LYS E 146 11.78 -0.62 -33.72
C LYS E 146 11.61 -1.25 -35.10
N THR E 147 10.82 -0.61 -35.95
CA THR E 147 10.70 -1.00 -37.34
C THR E 147 12.05 -0.73 -38.02
N MET E 148 12.56 0.49 -37.81
CA MET E 148 13.81 0.94 -38.42
C MET E 148 15.03 0.26 -37.79
N PHE E 149 14.83 -0.38 -36.65
CA PHE E 149 15.92 -1.00 -35.90
C PHE E 149 16.03 -2.51 -36.12
N ARG E 150 14.90 -3.17 -36.38
CA ARG E 150 14.94 -4.60 -36.70
C ARG E 150 15.62 -4.79 -38.05
N GLU E 151 15.15 -4.07 -39.07
CA GLU E 151 15.79 -4.11 -40.38
C GLU E 151 17.27 -3.78 -40.21
N ASP E 152 17.57 -2.90 -39.24
CA ASP E 152 18.93 -2.53 -38.89
C ASP E 152 19.70 -3.71 -38.31
N LEU E 153 19.06 -4.48 -37.42
CA LEU E 153 19.69 -5.68 -36.85
C LEU E 153 19.96 -6.76 -37.87
N ILE E 154 18.92 -7.16 -38.61
CA ILE E 154 19.04 -8.15 -39.68
C ILE E 154 20.29 -7.87 -40.52
N HIS E 155 20.56 -6.60 -40.79
CA HIS E 155 21.76 -6.20 -41.51
C HIS E 155 23.02 -6.62 -40.80
N ILE E 156 23.17 -6.23 -39.52
CA ILE E 156 24.40 -6.51 -38.78
C ILE E 156 24.77 -7.98 -38.90
N ALA E 157 23.80 -8.85 -38.72
CA ALA E 157 23.99 -10.29 -38.85
C ALA E 157 24.46 -10.65 -40.26
N LYS E 158 23.67 -10.28 -41.27
CA LYS E 158 24.02 -10.49 -42.69
C LYS E 158 25.47 -10.15 -42.97
N THR E 159 25.92 -9.05 -42.37
CA THR E 159 27.31 -8.63 -42.41
C THR E 159 28.21 -9.63 -41.67
N THR E 160 27.92 -9.88 -40.39
CA THR E 160 28.70 -10.82 -39.60
C THR E 160 28.82 -12.18 -40.28
N LEU E 161 27.69 -12.69 -40.75
CA LEU E 161 27.61 -14.05 -41.27
C LEU E 161 28.41 -14.31 -42.55
N SER E 162 28.51 -13.31 -43.42
CA SER E 162 29.18 -13.49 -44.72
C SER E 162 30.71 -13.57 -44.63
N SER E 163 31.21 -14.80 -44.55
CA SER E 163 32.64 -15.14 -44.39
C SER E 163 32.72 -16.56 -43.82
N LYS E 164 31.59 -17.03 -43.30
CA LYS E 164 31.41 -18.40 -42.83
C LYS E 164 30.67 -19.24 -43.86
N ILE E 165 30.44 -20.51 -43.57
CA ILE E 165 29.74 -21.40 -44.50
C ILE E 165 28.32 -20.87 -44.69
N LEU E 166 27.89 -20.05 -43.75
CA LEU E 166 26.53 -19.51 -43.74
C LEU E 166 26.35 -18.24 -44.60
N SER E 167 27.36 -17.93 -45.42
CA SER E 167 27.28 -16.80 -46.35
C SER E 167 26.15 -16.97 -47.35
N GLN E 168 26.07 -18.18 -47.94
CA GLN E 168 25.11 -18.49 -49.01
C GLN E 168 23.67 -18.39 -48.52
N ASP E 169 23.42 -18.87 -47.31
CA ASP E 169 22.10 -18.74 -46.71
C ASP E 169 22.10 -17.63 -45.65
N LYS E 170 22.69 -16.50 -46.01
CA LYS E 170 22.81 -15.34 -45.13
C LYS E 170 21.44 -14.90 -44.66
N ASP E 171 20.62 -14.45 -45.61
CA ASP E 171 19.28 -13.97 -45.32
C ASP E 171 18.52 -14.88 -44.36
N HIS E 172 18.56 -16.19 -44.65
CA HIS E 172 17.87 -17.22 -43.84
C HIS E 172 18.32 -17.21 -42.38
N PHE E 173 19.62 -17.30 -42.17
CA PHE E 173 20.17 -17.35 -40.83
C PHE E 173 20.09 -16.00 -40.11
N ALA E 174 19.94 -14.92 -40.87
CA ALA E 174 19.85 -13.57 -40.32
C ALA E 174 18.53 -13.35 -39.58
N GLU E 175 17.45 -13.90 -40.12
CA GLU E 175 16.13 -13.80 -39.49
C GLU E 175 15.99 -14.80 -38.35
N LEU E 176 16.75 -15.90 -38.41
CA LEU E 176 16.76 -16.89 -37.32
C LEU E 176 17.50 -16.38 -36.09
N ALA E 177 18.39 -15.42 -36.30
CA ALA E 177 19.12 -14.76 -35.22
C ALA E 177 18.34 -13.57 -34.71
N THR E 178 17.94 -12.70 -35.65
CA THR E 178 17.18 -11.51 -35.33
C THR E 178 15.91 -11.86 -34.56
N ASN E 179 15.15 -12.85 -35.04
CA ASN E 179 13.94 -13.31 -34.35
C ASN E 179 14.23 -13.92 -32.98
N ALA E 180 15.32 -14.69 -32.87
CA ALA E 180 15.69 -15.32 -31.61
C ALA E 180 16.10 -14.31 -30.54
N ILE E 181 16.83 -13.27 -30.94
CA ILE E 181 17.32 -12.25 -30.01
C ILE E 181 16.23 -11.27 -29.59
N LEU E 182 15.44 -10.80 -30.55
CA LEU E 182 14.26 -10.01 -30.25
C LEU E 182 13.39 -10.81 -29.30
N ARG E 183 13.13 -12.06 -29.66
CA ARG E 183 12.35 -13.01 -28.86
C ARG E 183 12.84 -13.07 -27.42
N LEU E 184 14.16 -12.98 -27.26
CA LEU E 184 14.82 -13.07 -25.97
C LEU E 184 14.39 -11.94 -25.03
N LYS E 185 13.79 -10.88 -25.60
CA LYS E 185 13.22 -9.77 -24.84
C LYS E 185 14.25 -8.96 -24.04
N GLY E 186 15.39 -8.67 -24.66
CA GLY E 186 16.38 -7.78 -24.06
C GLY E 186 17.29 -8.37 -22.99
N SER E 187 17.16 -9.67 -22.73
CA SER E 187 18.15 -10.38 -21.90
C SER E 187 19.41 -10.60 -22.73
N THR E 188 20.56 -10.55 -22.09
CA THR E 188 21.82 -10.66 -22.81
C THR E 188 22.56 -11.97 -22.49
N ASN E 189 21.85 -12.90 -21.84
CA ASN E 189 22.39 -14.23 -21.58
C ASN E 189 21.97 -15.21 -22.66
N LEU E 190 22.93 -15.96 -23.17
CA LEU E 190 22.71 -16.78 -24.35
C LEU E 190 22.36 -18.23 -24.02
N GLU E 191 22.34 -18.58 -22.74
CA GLU E 191 21.88 -19.91 -22.32
C GLU E 191 20.43 -20.11 -22.71
N HIS E 192 19.70 -18.99 -22.81
CA HIS E 192 18.29 -18.96 -23.14
C HIS E 192 17.97 -19.43 -24.57
N ILE E 193 19.00 -19.43 -25.42
CA ILE E 193 18.91 -20.01 -26.76
C ILE E 193 19.73 -21.31 -26.79
N GLN E 194 19.03 -22.44 -26.66
CA GLN E 194 19.67 -23.77 -26.71
C GLN E 194 19.98 -24.13 -28.16
N ILE E 195 21.25 -24.38 -28.45
CA ILE E 195 21.67 -24.64 -29.82
C ILE E 195 21.84 -26.13 -30.05
N ILE E 196 20.79 -26.79 -30.53
CA ILE E 196 20.81 -28.25 -30.76
C ILE E 196 21.16 -28.59 -32.21
N LYS E 197 22.36 -29.13 -32.41
CA LYS E 197 22.79 -29.55 -33.74
C LYS E 197 22.55 -31.04 -33.95
N ILE E 198 21.68 -31.36 -34.91
CA ILE E 198 21.35 -32.75 -35.29
C ILE E 198 21.73 -33.01 -36.75
N LEU E 199 22.63 -33.96 -36.94
CA LEU E 199 23.23 -34.27 -38.25
C LEU E 199 22.21 -34.72 -39.29
N GLY E 200 22.28 -34.11 -40.49
CA GLY E 200 21.42 -34.53 -41.61
C GLY E 200 20.73 -33.42 -42.37
N GLY E 201 20.44 -33.68 -43.64
CA GLY E 201 19.70 -32.75 -44.50
C GLY E 201 20.48 -31.56 -45.06
N LYS E 202 19.74 -30.52 -45.46
CA LYS E 202 20.35 -29.30 -45.97
C LYS E 202 20.76 -28.39 -44.82
N LEU E 203 21.48 -27.31 -45.15
CA LEU E 203 21.81 -26.29 -44.18
C LEU E 203 20.65 -25.29 -44.12
N SER E 204 20.00 -25.11 -45.27
CA SER E 204 18.80 -24.29 -45.39
C SER E 204 17.63 -24.92 -44.64
N ASP E 205 17.88 -26.11 -44.09
CA ASP E 205 16.89 -26.87 -43.33
C ASP E 205 16.91 -26.51 -41.84
N SER E 206 17.78 -25.57 -41.46
CA SER E 206 17.92 -25.15 -40.06
C SER E 206 16.81 -24.18 -39.64
N PHE E 207 16.40 -24.25 -38.37
CA PHE E 207 15.26 -23.46 -37.91
C PHE E 207 15.27 -23.08 -36.43
N LEU E 208 14.56 -22.00 -36.13
CA LEU E 208 14.21 -21.60 -34.78
C LEU E 208 12.76 -22.02 -34.53
N ASP E 209 12.55 -22.88 -33.53
CA ASP E 209 11.22 -23.39 -33.28
C ASP E 209 10.39 -22.36 -32.54
N GLU E 210 9.10 -22.34 -32.85
CA GLU E 210 8.14 -21.49 -32.17
C GLU E 210 7.71 -22.13 -30.85
N GLY E 211 8.52 -21.89 -29.82
CA GLY E 211 8.35 -22.51 -28.52
C GLY E 211 9.67 -23.07 -28.02
N PHE E 212 9.68 -24.37 -27.78
CA PHE E 212 10.87 -25.01 -27.23
C PHE E 212 10.93 -26.49 -27.61
N ILE E 213 12.13 -26.96 -27.95
CA ILE E 213 12.37 -28.37 -28.21
C ILE E 213 13.24 -28.90 -27.07
N LEU E 214 12.82 -30.00 -26.44
CA LEU E 214 13.51 -30.53 -25.26
C LEU E 214 14.17 -31.88 -25.52
N ALA E 215 15.47 -31.96 -25.21
CA ALA E 215 16.23 -33.19 -25.32
C ALA E 215 15.94 -34.16 -24.16
N LYS E 216 14.65 -34.40 -23.92
CA LYS E 216 14.22 -35.22 -22.80
C LYS E 216 13.13 -36.22 -23.20
N LYS E 217 12.68 -37.05 -22.24
CA LYS E 217 11.71 -38.13 -22.48
C LYS E 217 10.48 -37.99 -21.59
N PHE E 218 9.41 -38.73 -21.91
CA PHE E 218 8.21 -38.79 -21.07
C PHE E 218 8.26 -39.94 -20.08
N GLY E 219 7.65 -39.72 -18.91
CA GLY E 219 7.76 -40.59 -17.74
C GLY E 219 7.56 -42.10 -17.85
N ASN E 220 7.21 -42.58 -19.05
CA ASN E 220 7.26 -44.02 -19.39
C ASN E 220 6.26 -44.43 -20.49
N ASN E 221 5.25 -45.20 -20.10
CA ASN E 221 4.16 -45.57 -20.98
C ASN E 221 3.18 -44.39 -21.16
N GLN E 222 3.60 -43.22 -20.67
CA GLN E 222 2.82 -41.97 -20.64
C GLN E 222 2.29 -41.53 -22.02
N PRO E 223 1.20 -40.72 -22.03
CA PRO E 223 0.66 -40.19 -23.30
C PRO E 223 1.68 -39.36 -24.08
N LYS E 224 1.87 -39.71 -25.35
CA LYS E 224 2.94 -39.16 -26.18
C LYS E 224 2.76 -37.69 -26.60
N ARG E 225 1.54 -37.18 -26.48
CA ARG E 225 1.25 -35.77 -26.82
C ARG E 225 0.23 -35.14 -25.88
N ILE E 226 0.69 -34.20 -25.05
CA ILE E 226 -0.20 -33.40 -24.21
C ILE E 226 -0.71 -32.18 -24.97
N GLU E 227 -2.01 -31.98 -24.95
CA GLU E 227 -2.66 -30.85 -25.59
C GLU E 227 -3.25 -29.96 -24.48
N ASN E 228 -3.09 -28.65 -24.63
CA ASN E 228 -3.52 -27.65 -23.62
C ASN E 228 -2.82 -27.85 -22.28
N ALA E 229 -1.50 -27.70 -22.28
CA ALA E 229 -0.67 -27.99 -21.11
C ALA E 229 -0.84 -26.99 -19.97
N LYS E 230 -0.53 -27.45 -18.77
CA LYS E 230 -0.28 -26.59 -17.61
C LYS E 230 0.84 -27.23 -16.81
N ILE E 231 1.91 -26.48 -16.57
CA ILE E 231 3.19 -27.06 -16.14
C ILE E 231 3.71 -26.60 -14.78
N LEU E 232 4.18 -27.56 -13.99
CA LEU E 232 4.91 -27.29 -12.76
C LEU E 232 6.37 -27.64 -12.95
N ILE E 233 7.24 -26.67 -12.67
CA ILE E 233 8.68 -26.85 -12.84
C ILE E 233 9.35 -26.98 -11.47
N ALA E 234 10.11 -28.05 -11.25
CA ALA E 234 10.58 -28.39 -9.91
C ALA E 234 12.08 -28.66 -9.75
N ASN E 235 12.56 -28.43 -8.52
CA ASN E 235 13.92 -28.74 -8.11
C ASN E 235 14.00 -29.80 -7.01
N THR E 236 12.84 -30.30 -6.57
CA THR E 236 12.77 -31.22 -5.44
C THR E 236 13.26 -32.64 -5.76
N THR E 237 13.92 -33.24 -4.77
CA THR E 237 14.33 -34.65 -4.76
C THR E 237 13.25 -35.60 -5.28
N LEU E 238 13.64 -36.77 -5.78
CA LEU E 238 12.68 -37.86 -6.01
C LEU E 238 13.19 -39.30 -5.84
N ASP E 239 14.23 -39.68 -6.58
CA ASP E 239 14.80 -41.03 -6.45
C ASP E 239 15.64 -41.13 -5.18
N THR E 240 16.37 -40.05 -4.89
CA THR E 240 17.34 -40.03 -3.80
C THR E 240 16.66 -40.32 -2.43
N ASP E 241 15.35 -40.12 -2.38
CA ASP E 241 14.53 -40.24 -1.17
C ASP E 241 14.91 -39.21 -0.10
N LYS E 242 14.15 -38.12 -0.09
CA LYS E 242 14.34 -37.00 0.84
C LYS E 242 14.63 -37.47 2.28
N VAL E 243 15.73 -36.99 2.84
CA VAL E 243 16.06 -37.24 4.26
C VAL E 243 16.58 -35.97 4.92
N LYS E 244 16.28 -35.80 6.20
CA LYS E 244 16.81 -34.69 6.99
C LYS E 244 18.30 -34.91 7.24
N ILE E 245 19.10 -34.01 6.68
CA ILE E 245 20.52 -34.24 6.31
C ILE E 245 21.42 -35.01 7.29
N PHE E 246 21.19 -34.82 8.58
CA PHE E 246 22.16 -35.21 9.61
C PHE E 246 22.63 -36.68 9.65
N GLY E 247 21.84 -37.56 10.26
CA GLY E 247 22.26 -38.96 10.38
C GLY E 247 21.20 -39.81 11.06
N THR E 248 20.09 -39.99 10.35
CA THR E 248 18.91 -40.65 10.89
C THR E 248 18.97 -42.18 10.73
N LYS E 249 19.86 -42.81 11.49
CA LYS E 249 20.02 -44.28 11.47
C LYS E 249 18.83 -45.00 12.13
N PHE E 250 18.38 -46.11 11.55
CA PHE E 250 17.30 -46.90 12.13
C PHE E 250 17.82 -48.03 12.99
N LYS E 251 17.51 -47.99 14.28
CA LYS E 251 17.85 -49.07 15.20
C LYS E 251 16.59 -49.84 15.60
N VAL E 252 16.25 -50.82 14.78
CA VAL E 252 15.08 -51.66 15.00
C VAL E 252 15.45 -52.81 15.95
N ASP E 253 14.70 -52.90 17.05
CA ASP E 253 14.90 -53.92 18.07
C ASP E 253 14.67 -55.34 17.57
N SER E 254 13.71 -55.49 16.65
CA SER E 254 13.38 -56.77 16.01
C SER E 254 12.71 -56.52 14.66
N THR E 255 13.19 -57.21 13.63
CA THR E 255 12.76 -57.05 12.21
C THR E 255 11.39 -56.41 11.95
N ALA E 256 10.41 -56.76 12.78
CA ALA E 256 9.03 -56.29 12.66
C ALA E 256 8.91 -54.80 12.30
N LYS E 257 9.57 -53.96 13.09
CA LYS E 257 9.51 -52.50 12.91
C LYS E 257 10.09 -52.03 11.58
N LEU E 258 11.05 -52.78 11.04
CA LEU E 258 11.69 -52.42 9.77
C LEU E 258 10.70 -52.44 8.59
N ALA E 259 9.75 -53.38 8.64
CA ALA E 259 8.70 -53.48 7.63
C ALA E 259 7.83 -52.23 7.60
N GLN E 260 7.45 -51.76 8.79
CA GLN E 260 6.70 -50.52 8.96
C GLN E 260 7.52 -49.32 8.50
N LEU E 261 8.82 -49.34 8.82
CA LEU E 261 9.74 -48.25 8.48
C LEU E 261 10.11 -48.23 7.00
N GLU E 262 10.02 -49.38 6.34
CA GLU E 262 10.16 -49.42 4.89
C GLU E 262 8.91 -48.80 4.26
N LYS E 263 7.74 -49.21 4.75
CA LYS E 263 6.46 -48.69 4.28
C LYS E 263 6.30 -47.21 4.59
N ALA E 264 7.00 -46.75 5.63
CA ALA E 264 7.00 -45.34 6.02
C ALA E 264 7.60 -44.43 4.94
N GLU E 265 8.76 -44.82 4.41
CA GLU E 265 9.44 -44.07 3.34
C GLU E 265 8.60 -44.00 2.08
N ARG E 266 7.81 -45.04 1.85
CA ARG E 266 6.89 -45.09 0.73
C ARG E 266 5.76 -44.08 0.94
N GLU E 267 5.30 -43.98 2.18
CA GLU E 267 4.25 -43.04 2.55
C GLU E 267 4.74 -41.59 2.45
N LYS E 268 5.95 -41.34 2.95
CA LYS E 268 6.57 -40.01 2.88
C LYS E 268 6.59 -39.49 1.45
N MET E 269 6.58 -40.43 0.50
CA MET E 269 6.52 -40.13 -0.92
C MET E 269 5.07 -39.90 -1.37
N LYS E 270 4.22 -40.90 -1.16
CA LYS E 270 2.81 -40.83 -1.54
C LYS E 270 2.19 -39.51 -1.08
N ASN E 271 2.73 -38.96 0.01
CA ASN E 271 2.26 -37.69 0.56
C ASN E 271 2.84 -36.46 -0.14
N LYS E 272 4.11 -36.54 -0.53
CA LYS E 272 4.77 -35.44 -1.23
C LYS E 272 4.36 -35.35 -2.70
N ILE E 273 3.76 -36.43 -3.21
CA ILE E 273 3.15 -36.41 -4.55
C ILE E 273 1.72 -35.90 -4.44
N ALA E 274 1.07 -36.24 -3.34
CA ALA E 274 -0.26 -35.71 -3.03
C ALA E 274 -0.21 -34.20 -2.84
N LYS E 275 0.75 -33.74 -2.03
CA LYS E 275 0.95 -32.31 -1.80
C LYS E 275 1.16 -31.58 -3.13
N ILE E 276 1.69 -32.31 -4.11
CA ILE E 276 1.86 -31.81 -5.48
C ILE E 276 0.57 -31.96 -6.28
N SER E 277 -0.17 -33.06 -6.04
CA SER E 277 -1.44 -33.30 -6.72
C SER E 277 -2.43 -32.16 -6.48
N LYS E 278 -2.33 -31.54 -5.31
CA LYS E 278 -3.14 -30.39 -4.91
C LYS E 278 -2.97 -29.19 -5.86
N PHE E 279 -1.85 -29.15 -6.57
CA PHE E 279 -1.52 -28.06 -7.51
C PHE E 279 -2.42 -28.01 -8.74
N GLY E 280 -3.06 -29.13 -9.07
CA GLY E 280 -3.98 -29.21 -10.22
C GLY E 280 -3.27 -29.00 -11.54
N ILE E 281 -2.39 -29.94 -11.88
CA ILE E 281 -1.47 -29.81 -13.01
C ILE E 281 -1.35 -31.13 -13.78
N ASN E 282 -1.24 -31.04 -15.10
CA ASN E 282 -1.06 -32.21 -15.95
C ASN E 282 0.38 -32.43 -16.42
N THR E 283 1.25 -31.45 -16.14
CA THR E 283 2.65 -31.53 -16.53
C THR E 283 3.57 -31.23 -15.36
N PHE E 284 4.29 -32.25 -14.92
CA PHE E 284 5.32 -32.09 -13.89
C PHE E 284 6.70 -32.33 -14.49
N ILE E 285 7.49 -31.28 -14.59
CA ILE E 285 8.87 -31.38 -15.08
C ILE E 285 9.85 -31.04 -13.97
N ASN E 286 10.88 -31.87 -13.85
CA ASN E 286 11.78 -31.82 -12.71
C ASN E 286 13.24 -31.92 -13.13
N ARG E 287 14.05 -30.99 -12.61
CA ARG E 287 15.49 -31.08 -12.80
C ARG E 287 15.99 -32.45 -12.35
N GLN E 288 15.60 -32.85 -11.14
CA GLN E 288 16.01 -34.13 -10.56
C GLN E 288 15.37 -35.31 -11.28
N LEU E 289 15.85 -36.50 -10.94
CA LEU E 289 15.29 -37.76 -11.43
C LEU E 289 13.97 -38.06 -10.74
N ILE E 290 13.05 -38.69 -11.48
CA ILE E 290 11.83 -39.25 -10.90
C ILE E 290 12.09 -40.73 -10.65
N TYR E 291 12.13 -41.12 -9.38
CA TYR E 291 12.31 -42.52 -8.97
C TYR E 291 11.37 -43.44 -9.77
N ASP E 292 11.73 -44.71 -9.88
CA ASP E 292 10.88 -45.72 -10.52
C ASP E 292 9.46 -45.73 -9.94
N TYR E 293 9.35 -45.38 -8.65
CA TYR E 293 8.07 -45.34 -7.94
C TYR E 293 7.23 -44.10 -8.32
N PRO E 294 7.63 -42.88 -7.87
CA PRO E 294 6.91 -41.68 -8.28
C PRO E 294 6.54 -41.60 -9.76
N GLU E 295 7.42 -42.11 -10.63
CA GLU E 295 7.14 -42.13 -12.08
C GLU E 295 5.78 -42.73 -12.38
N GLN E 296 5.42 -43.80 -11.66
CA GLN E 296 4.14 -44.47 -11.82
C GLN E 296 3.01 -43.68 -11.15
N LEU E 297 3.26 -43.13 -9.97
CA LEU E 297 2.26 -42.38 -9.21
C LEU E 297 1.71 -41.18 -9.98
N PHE E 298 2.53 -40.62 -10.87
CA PHE E 298 2.11 -39.53 -11.74
C PHE E 298 1.25 -40.04 -12.90
N THR E 299 1.67 -41.17 -13.48
CA THR E 299 0.98 -41.77 -14.62
C THR E 299 -0.41 -42.25 -14.23
N ASP E 300 -0.54 -42.84 -13.05
CA ASP E 300 -1.82 -43.29 -12.51
C ASP E 300 -2.77 -42.12 -12.30
N LEU E 301 -2.21 -40.95 -11.96
CA LEU E 301 -2.98 -39.73 -11.81
C LEU E 301 -3.21 -39.05 -13.16
N GLY E 302 -2.36 -39.39 -14.12
CA GLY E 302 -2.46 -38.84 -15.48
C GLY E 302 -1.49 -37.69 -15.76
N ILE E 303 -0.77 -37.27 -14.73
CA ILE E 303 0.20 -36.19 -14.84
C ILE E 303 1.40 -36.65 -15.67
N ASN E 304 1.73 -35.89 -16.70
CA ASN E 304 2.93 -36.16 -17.49
C ASN E 304 4.20 -35.74 -16.75
N SER E 305 5.16 -36.66 -16.70
CA SER E 305 6.39 -36.44 -15.94
C SER E 305 7.66 -36.52 -16.78
N ILE E 306 8.47 -35.47 -16.70
CA ILE E 306 9.73 -35.36 -17.45
C ILE E 306 10.91 -35.17 -16.51
N GLU E 307 11.80 -36.15 -16.47
CA GLU E 307 12.98 -36.09 -15.60
C GLU E 307 14.23 -35.64 -16.35
N HIS E 308 15.23 -35.18 -15.59
CA HIS E 308 16.58 -34.83 -16.07
C HIS E 308 16.66 -33.80 -17.20
N ALA E 309 16.30 -32.56 -16.86
CA ALA E 309 16.69 -31.40 -17.64
C ALA E 309 17.20 -30.45 -16.58
N ASP E 310 18.51 -30.25 -16.57
CA ASP E 310 19.20 -29.63 -15.43
C ASP E 310 18.91 -28.15 -15.25
N PHE E 311 19.63 -27.52 -14.32
CA PHE E 311 19.56 -26.07 -14.09
C PHE E 311 19.45 -25.30 -15.41
N GLU E 312 20.07 -25.85 -16.44
CA GLU E 312 19.98 -25.36 -17.80
C GLU E 312 18.54 -25.42 -18.31
N GLY E 313 18.10 -26.62 -18.71
CA GLY E 313 16.76 -26.84 -19.28
C GLY E 313 15.59 -26.26 -18.51
N VAL E 314 15.60 -26.46 -17.19
CA VAL E 314 14.56 -25.95 -16.30
C VAL E 314 14.37 -24.43 -16.41
N GLU E 315 15.48 -23.69 -16.33
CA GLU E 315 15.48 -22.22 -16.43
C GLU E 315 14.80 -21.73 -17.71
N ARG E 316 15.11 -22.38 -18.85
CA ARG E 316 14.56 -21.99 -20.14
C ARG E 316 13.06 -22.26 -20.20
N LEU E 317 12.68 -23.45 -19.73
CA LEU E 317 11.28 -23.84 -19.64
C LEU E 317 10.50 -22.79 -18.86
N ALA E 318 11.09 -22.37 -17.74
CA ALA E 318 10.51 -21.31 -16.90
C ALA E 318 10.33 -19.98 -17.65
N LEU E 319 11.25 -19.72 -18.58
CA LEU E 319 11.18 -18.51 -19.38
C LEU E 319 10.16 -18.64 -20.50
N VAL E 320 10.05 -19.83 -21.08
CA VAL E 320 9.16 -20.06 -22.20
C VAL E 320 7.72 -20.36 -21.79
N THR E 321 7.54 -21.09 -20.70
CA THR E 321 6.20 -21.46 -20.25
C THR E 321 5.62 -20.40 -19.31
N GLY E 322 6.49 -19.60 -18.72
CA GLY E 322 6.09 -18.55 -17.78
C GLY E 322 5.76 -19.09 -16.40
N GLY E 323 6.48 -20.15 -15.99
CA GLY E 323 6.26 -20.81 -14.70
C GLY E 323 7.25 -20.38 -13.64
N GLU E 324 7.67 -21.33 -12.82
CA GLU E 324 8.59 -21.06 -11.73
C GLU E 324 9.36 -22.30 -11.34
N VAL E 325 10.65 -22.14 -11.06
CA VAL E 325 11.51 -23.24 -10.60
C VAL E 325 11.19 -23.52 -9.12
N VAL E 326 10.18 -24.35 -8.92
CA VAL E 326 9.58 -24.55 -7.61
C VAL E 326 10.25 -25.72 -6.87
N SER E 327 10.50 -25.52 -5.58
CA SER E 327 10.81 -26.63 -4.67
C SER E 327 9.61 -26.78 -3.72
N THR E 328 9.88 -26.91 -2.41
CA THR E 328 8.84 -26.83 -1.36
C THR E 328 7.54 -27.57 -1.70
N PHE E 329 6.64 -26.91 -2.42
CA PHE E 329 5.31 -27.43 -2.80
C PHE E 329 4.35 -27.65 -1.61
N ASP E 330 4.54 -26.87 -0.55
CA ASP E 330 3.73 -26.96 0.66
C ASP E 330 2.49 -26.05 0.63
N GLU E 331 2.58 -24.95 -0.13
CA GLU E 331 1.47 -24.03 -0.31
C GLU E 331 1.34 -23.64 -1.79
N PRO E 332 0.48 -24.36 -2.54
CA PRO E 332 0.28 -24.20 -3.99
C PRO E 332 -0.21 -22.82 -4.43
N SER E 333 -0.73 -22.04 -3.49
CA SER E 333 -1.34 -20.75 -3.77
C SER E 333 -0.35 -19.72 -4.34
N LYS E 334 0.79 -19.56 -3.68
CA LYS E 334 1.70 -18.44 -3.96
C LYS E 334 2.63 -18.61 -5.17
N CYS E 335 2.83 -19.86 -5.64
CA CYS E 335 3.75 -20.13 -6.75
C CYS E 335 3.09 -20.16 -8.14
N LYS E 336 3.73 -19.50 -9.11
CA LYS E 336 3.17 -19.27 -10.44
C LYS E 336 3.43 -20.40 -11.43
N LEU E 337 2.36 -21.05 -11.86
CA LEU E 337 2.42 -22.16 -12.82
C LEU E 337 2.82 -21.71 -14.22
N GLY E 338 3.27 -22.66 -15.02
CA GLY E 338 3.52 -22.44 -16.43
C GLY E 338 2.42 -23.04 -17.28
N GLU E 339 2.19 -22.48 -18.46
CA GLU E 339 1.20 -23.00 -19.39
C GLU E 339 1.62 -22.80 -20.85
N CYS E 340 1.52 -23.87 -21.63
CA CYS E 340 1.64 -23.78 -23.09
C CYS E 340 0.51 -24.57 -23.77
N ASP E 341 0.54 -24.62 -25.10
CA ASP E 341 -0.58 -25.14 -25.89
C ASP E 341 -0.50 -26.65 -26.18
N VAL E 342 0.67 -27.10 -26.65
CA VAL E 342 0.88 -28.50 -27.06
C VAL E 342 2.33 -28.94 -26.81
N ILE E 343 2.49 -30.07 -26.11
CA ILE E 343 3.78 -30.72 -25.93
C ILE E 343 3.75 -32.12 -26.59
N GLU E 344 3.75 -32.13 -27.91
CA GLU E 344 3.83 -33.37 -28.68
C GLU E 344 5.29 -33.74 -28.94
N GLU E 345 5.62 -35.02 -28.77
CA GLU E 345 6.97 -35.52 -29.05
C GLU E 345 7.17 -35.65 -30.55
N ILE E 346 8.26 -35.05 -31.06
CA ILE E 346 8.59 -35.19 -32.49
C ILE E 346 9.82 -36.08 -32.69
N MET E 347 10.09 -36.42 -33.94
CA MET E 347 11.28 -37.15 -34.35
C MET E 347 12.13 -36.26 -35.25
N LEU E 348 13.43 -36.20 -34.99
CA LEU E 348 14.35 -35.44 -35.84
C LEU E 348 15.55 -36.28 -36.27
N GLY E 349 15.41 -36.96 -37.41
CA GLY E 349 16.49 -37.80 -37.93
C GLY E 349 16.61 -39.17 -37.28
N GLU E 350 16.48 -39.22 -35.96
CA GLU E 350 16.49 -40.47 -35.20
C GLU E 350 16.03 -40.27 -33.76
N GLN E 351 16.54 -39.23 -33.10
CA GLN E 351 16.26 -38.96 -31.70
C GLN E 351 14.88 -38.33 -31.51
N PRO E 352 14.20 -38.70 -30.40
CA PRO E 352 12.91 -38.12 -30.03
C PRO E 352 13.05 -36.93 -29.09
N PHE E 353 12.45 -35.80 -29.48
CA PHE E 353 12.48 -34.57 -28.69
C PHE E 353 11.06 -34.11 -28.40
N LEU E 354 10.80 -33.69 -27.16
CA LEU E 354 9.49 -33.18 -26.77
C LEU E 354 9.43 -31.71 -27.12
N LYS E 355 8.54 -31.36 -28.05
CA LYS E 355 8.47 -29.99 -28.58
C LYS E 355 7.29 -29.20 -28.07
N PHE E 356 7.56 -28.35 -27.07
CA PHE E 356 6.58 -27.40 -26.57
C PHE E 356 6.29 -26.38 -27.66
N SER E 357 5.01 -26.22 -27.98
CA SER E 357 4.60 -25.35 -29.07
C SER E 357 3.45 -24.48 -28.61
N GLY E 358 3.47 -23.21 -29.01
CA GLY E 358 2.45 -22.25 -28.61
C GLY E 358 2.51 -21.95 -27.12
N CYS E 359 3.44 -21.09 -26.73
CA CYS E 359 3.75 -20.91 -25.33
C CYS E 359 3.35 -19.53 -24.82
N LYS E 360 3.23 -19.41 -23.51
CA LYS E 360 2.76 -18.18 -22.85
C LYS E 360 3.66 -16.98 -23.16
N ALA E 361 4.96 -17.14 -22.96
CA ALA E 361 5.92 -16.06 -23.23
C ALA E 361 7.19 -16.61 -23.87
N GLY E 362 7.53 -16.11 -25.05
CA GLY E 362 8.62 -16.67 -25.85
C GLY E 362 10.05 -16.33 -25.41
N GLU E 363 10.20 -15.85 -24.18
CA GLU E 363 11.49 -15.30 -23.68
C GLU E 363 12.72 -16.25 -23.64
N ALA E 364 12.53 -17.49 -24.08
CA ALA E 364 13.63 -18.46 -24.24
C ALA E 364 13.35 -19.33 -25.47
N CYS E 365 14.39 -19.64 -26.23
CA CYS E 365 14.19 -20.36 -27.50
C CYS E 365 15.21 -21.44 -27.84
N THR E 366 14.83 -22.34 -28.73
CA THR E 366 15.72 -23.39 -29.21
C THR E 366 15.91 -23.22 -30.72
N ILE E 367 17.16 -23.25 -31.16
CA ILE E 367 17.47 -23.29 -32.59
C ILE E 367 18.08 -24.66 -32.94
N VAL E 368 17.45 -25.37 -33.86
CA VAL E 368 18.01 -26.62 -34.37
C VAL E 368 18.83 -26.36 -35.63
N LEU E 369 20.12 -26.65 -35.55
CA LEU E 369 21.00 -26.54 -36.70
C LEU E 369 21.12 -27.89 -37.38
N ARG E 370 21.18 -27.86 -38.71
CA ARG E 370 21.27 -29.08 -39.50
C ARG E 370 22.46 -29.00 -40.45
N GLY E 371 22.57 -29.94 -41.36
CA GLY E 371 23.69 -29.96 -42.31
C GLY E 371 24.28 -31.34 -42.46
N ALA E 372 25.31 -31.45 -43.30
CA ALA E 372 25.81 -32.74 -43.79
C ALA E 372 26.97 -33.35 -43.02
N THR E 373 27.72 -32.52 -42.31
CA THR E 373 28.97 -32.96 -41.68
C THR E 373 29.11 -32.37 -40.28
N ASP E 374 29.50 -33.22 -39.33
CA ASP E 374 29.73 -32.81 -37.93
C ASP E 374 30.55 -31.53 -37.80
N GLN E 375 31.38 -31.25 -38.81
CA GLN E 375 32.17 -30.02 -38.86
C GLN E 375 31.37 -28.84 -39.36
N THR E 376 30.39 -29.11 -40.22
CA THR E 376 29.53 -28.06 -40.73
C THR E 376 28.66 -27.56 -39.58
N LEU E 377 28.05 -28.49 -38.86
CA LEU E 377 27.34 -28.17 -37.61
C LEU E 377 28.25 -27.34 -36.73
N ASP E 378 29.31 -27.96 -36.21
CA ASP E 378 30.32 -27.28 -35.41
C ASP E 378 30.39 -25.80 -35.78
N GLU E 379 30.71 -25.54 -37.04
CA GLU E 379 30.94 -24.20 -37.53
C GLU E 379 29.67 -23.37 -37.49
N ALA E 380 28.57 -23.94 -37.96
CA ALA E 380 27.27 -23.27 -37.91
C ALA E 380 27.01 -22.75 -36.49
N GLU E 381 27.29 -23.59 -35.50
CA GLU E 381 27.13 -23.21 -34.08
C GLU E 381 28.05 -22.05 -33.74
N ARG E 382 29.33 -22.21 -34.08
CA ARG E 382 30.35 -21.18 -33.82
C ARG E 382 29.99 -19.87 -34.51
N SER E 383 29.55 -20.00 -35.76
CA SER E 383 29.16 -18.87 -36.59
C SER E 383 27.95 -18.16 -36.02
N LEU E 384 26.96 -18.94 -35.59
CA LEU E 384 25.74 -18.40 -35.01
C LEU E 384 26.04 -17.66 -33.70
N HIS E 385 26.96 -18.19 -32.89
CA HIS E 385 27.36 -17.53 -31.64
C HIS E 385 27.96 -16.16 -31.94
N ASP E 386 28.67 -16.04 -33.06
CA ASP E 386 29.20 -14.76 -33.52
C ASP E 386 28.07 -13.84 -33.92
N ALA E 387 26.98 -14.42 -34.43
CA ALA E 387 25.80 -13.65 -34.81
C ALA E 387 24.94 -13.31 -33.59
N LEU E 388 24.69 -14.30 -32.73
CA LEU E 388 23.89 -14.10 -31.54
C LEU E 388 24.61 -13.21 -30.52
N SER E 389 25.82 -12.78 -30.88
CA SER E 389 26.60 -11.90 -30.03
C SER E 389 26.40 -10.45 -30.44
N VAL E 390 26.91 -10.07 -31.60
CA VAL E 390 26.78 -8.70 -32.10
C VAL E 390 25.38 -8.16 -31.84
N LEU E 391 24.39 -8.90 -32.32
CA LEU E 391 22.99 -8.58 -32.11
C LEU E 391 22.68 -8.37 -30.64
N SER E 392 22.87 -9.40 -29.82
CA SER E 392 22.57 -9.29 -28.39
C SER E 392 23.16 -8.02 -27.79
N GLN E 393 24.44 -7.77 -28.06
CA GLN E 393 25.14 -6.61 -27.51
C GLN E 393 24.69 -5.31 -28.16
N THR E 394 24.07 -5.42 -29.32
CA THR E 394 23.48 -4.26 -29.97
C THR E 394 22.06 -4.03 -29.42
N THR E 395 21.57 -4.94 -28.59
CA THR E 395 20.37 -4.67 -27.79
C THR E 395 20.81 -3.80 -26.63
N LYS E 396 22.00 -4.12 -26.10
CA LYS E 396 22.67 -3.28 -25.11
C LYS E 396 23.20 -1.99 -25.75
N GLU E 397 24.20 -2.12 -26.63
CA GLU E 397 24.77 -0.97 -27.32
C GLU E 397 24.16 -0.70 -28.69
N THR E 398 23.20 0.22 -28.71
CA THR E 398 22.27 0.37 -29.82
C THR E 398 22.67 1.38 -30.93
N ARG E 399 23.96 1.68 -31.06
CA ARG E 399 24.44 2.52 -32.18
C ARG E 399 25.19 1.70 -33.22
N THR E 400 25.12 2.15 -34.47
CA THR E 400 25.66 1.38 -35.58
C THR E 400 26.76 2.16 -36.31
N VAL E 401 27.62 1.42 -36.99
CA VAL E 401 28.65 2.00 -37.86
C VAL E 401 28.72 1.19 -39.15
N LEU E 402 28.91 1.90 -40.26
CA LEU E 402 28.94 1.29 -41.58
C LEU E 402 30.22 0.47 -41.77
N GLY E 403 30.06 -0.84 -41.93
CA GLY E 403 31.19 -1.73 -42.19
C GLY E 403 31.61 -1.71 -43.65
N GLY E 404 32.32 -2.75 -44.07
CA GLY E 404 32.83 -2.84 -45.43
C GLY E 404 34.12 -2.06 -45.62
N GLY E 405 34.87 -1.92 -44.54
CA GLY E 405 36.11 -1.16 -44.55
C GLY E 405 35.90 0.32 -44.26
N CYS E 406 34.66 0.76 -44.43
CA CYS E 406 34.26 2.16 -44.27
C CYS E 406 34.56 2.69 -42.87
N ALA E 407 34.06 1.97 -41.86
CA ALA E 407 34.29 2.33 -40.47
C ALA E 407 35.77 2.56 -40.17
N GLU E 408 36.62 1.60 -40.54
CA GLU E 408 38.06 1.74 -40.37
C GLU E 408 38.64 2.92 -41.17
N MET E 409 38.08 3.17 -42.36
CA MET E 409 38.55 4.30 -43.18
C MET E 409 38.21 5.66 -42.60
N VAL E 410 36.95 5.88 -42.21
CA VAL E 410 36.54 7.12 -41.57
C VAL E 410 37.50 7.45 -40.42
N MET E 411 38.08 6.41 -39.82
CA MET E 411 39.07 6.58 -38.78
C MET E 411 40.39 6.98 -39.40
N SER E 412 40.87 6.17 -40.34
CA SER E 412 42.11 6.49 -41.05
C SER E 412 42.09 7.95 -41.54
N LYS E 413 40.89 8.44 -41.84
CA LYS E 413 40.69 9.83 -42.21
C LYS E 413 41.06 10.74 -41.06
N ALA E 414 40.30 10.66 -39.97
CA ALA E 414 40.47 11.55 -38.81
C ALA E 414 41.89 11.48 -38.23
N VAL E 415 42.43 10.27 -38.16
CA VAL E 415 43.77 10.04 -37.63
C VAL E 415 44.81 10.74 -38.50
N ASP E 416 44.72 10.49 -39.81
CA ASP E 416 45.65 11.08 -40.77
C ASP E 416 45.59 12.61 -40.78
N THR E 417 44.39 13.18 -40.62
CA THR E 417 44.23 14.64 -40.54
C THR E 417 44.72 15.17 -39.19
N GLU E 418 44.61 14.35 -38.15
CA GLU E 418 45.15 14.67 -36.83
C GLU E 418 46.68 14.71 -36.82
N ALA E 419 47.29 13.94 -37.72
CA ALA E 419 48.73 13.97 -37.92
C ALA E 419 49.17 15.25 -38.63
N GLN E 420 48.30 15.77 -39.51
CA GLN E 420 48.54 17.04 -40.20
C GLN E 420 48.51 18.20 -39.21
N ASN E 421 48.04 17.92 -38.01
CA ASN E 421 47.95 18.90 -36.94
C ASN E 421 49.10 18.81 -35.93
N ILE E 422 49.48 17.59 -35.57
CA ILE E 422 50.39 17.32 -34.44
C ILE E 422 51.86 17.71 -34.67
N ASP E 423 52.46 17.19 -35.74
CA ASP E 423 53.87 17.51 -36.08
C ASP E 423 54.91 16.91 -35.13
N GLY E 424 56.13 16.74 -35.64
CA GLY E 424 57.23 16.14 -34.88
C GLY E 424 57.48 14.71 -35.30
N LYS E 425 58.26 13.96 -34.50
CA LYS E 425 58.54 12.55 -34.77
C LYS E 425 57.29 11.71 -34.47
N LYS E 426 56.47 12.21 -33.55
CA LYS E 426 55.16 11.63 -33.26
C LYS E 426 54.29 11.55 -34.51
N SER E 427 54.29 12.65 -35.27
CA SER E 427 53.49 12.80 -36.50
C SER E 427 53.57 11.58 -37.42
N LEU E 428 54.78 11.05 -37.61
CA LEU E 428 55.01 9.87 -38.43
C LEU E 428 54.31 8.62 -37.87
N ALA E 429 54.31 8.52 -36.54
CA ALA E 429 53.69 7.39 -35.85
C ALA E 429 52.16 7.48 -35.92
N VAL E 430 51.64 8.70 -35.88
CA VAL E 430 50.20 8.95 -35.98
C VAL E 430 49.69 8.60 -37.39
N GLU E 431 50.46 8.98 -38.41
CA GLU E 431 50.16 8.58 -39.78
C GLU E 431 50.15 7.07 -39.89
N ALA E 432 51.18 6.43 -39.36
CA ALA E 432 51.31 4.98 -39.35
C ALA E 432 50.04 4.30 -38.81
N PHE E 433 49.54 4.78 -37.67
CA PHE E 433 48.31 4.25 -37.09
C PHE E 433 47.24 4.19 -38.16
N ALA E 434 47.00 5.32 -38.82
CA ALA E 434 46.03 5.39 -39.92
C ALA E 434 46.37 4.40 -41.03
N ARG E 435 47.66 4.29 -41.35
CA ARG E 435 48.13 3.35 -42.38
C ARG E 435 47.84 1.91 -41.98
N ALA E 436 48.04 1.60 -40.71
CA ALA E 436 47.67 0.30 -40.20
C ALA E 436 46.17 0.05 -40.40
N LEU E 437 45.36 1.06 -40.04
CA LEU E 437 43.90 0.99 -40.19
C LEU E 437 43.49 0.72 -41.63
N ARG E 438 44.25 1.27 -42.57
CA ARG E 438 44.01 1.05 -43.99
C ARG E 438 44.33 -0.40 -44.36
N GLN E 439 45.38 -0.93 -43.75
CA GLN E 439 45.82 -2.29 -44.04
C GLN E 439 44.74 -3.31 -43.72
N LEU E 440 43.56 -2.83 -43.28
CA LEU E 440 42.39 -3.70 -43.05
C LEU E 440 41.58 -3.93 -44.32
N PRO E 441 40.98 -2.86 -44.91
CA PRO E 441 40.29 -3.04 -46.18
C PRO E 441 41.18 -3.76 -47.17
N THR E 442 42.47 -3.46 -47.10
CA THR E 442 43.52 -4.12 -47.90
C THR E 442 43.29 -5.62 -47.98
N ILE E 443 43.17 -6.27 -46.81
CA ILE E 443 43.04 -7.70 -46.77
C ILE E 443 41.63 -8.11 -47.19
N LEU E 444 40.63 -7.32 -46.81
CA LEU E 444 39.26 -7.57 -47.23
C LEU E 444 39.25 -7.75 -48.73
N ALA E 445 39.81 -6.79 -49.44
CA ALA E 445 39.97 -6.87 -50.89
C ALA E 445 40.87 -8.04 -51.32
N ASP E 446 42.06 -8.13 -50.73
CA ASP E 446 43.04 -9.14 -51.11
C ASP E 446 42.47 -10.54 -51.21
N ASN E 447 41.71 -10.96 -50.20
CA ASN E 447 41.11 -12.28 -50.22
C ASN E 447 40.01 -12.42 -51.27
N ALA E 448 39.32 -11.31 -51.57
CA ALA E 448 38.31 -11.29 -52.63
C ALA E 448 38.96 -11.37 -54.01
N GLY E 449 40.08 -10.67 -54.19
CA GLY E 449 40.95 -10.89 -55.34
C GLY E 449 41.34 -9.74 -56.26
N PHE E 450 40.76 -8.56 -56.07
CA PHE E 450 41.04 -7.45 -56.98
C PHE E 450 42.28 -6.71 -56.51
N ASP E 451 42.86 -5.87 -57.35
CA ASP E 451 44.07 -5.13 -56.98
C ASP E 451 43.85 -4.32 -55.72
N SER E 452 44.24 -4.93 -54.59
CA SER E 452 44.18 -4.29 -53.28
C SER E 452 44.65 -2.84 -53.38
N SER E 453 45.87 -2.65 -53.86
CA SER E 453 46.48 -1.34 -54.01
C SER E 453 45.54 -0.33 -54.69
N GLU E 454 44.93 -0.72 -55.80
CA GLU E 454 44.04 0.17 -56.59
C GLU E 454 42.76 0.50 -55.83
N LEU E 455 42.10 -0.55 -55.31
CA LEU E 455 40.77 -0.43 -54.68
C LEU E 455 40.74 0.32 -53.37
N VAL E 456 41.71 0.04 -52.50
CA VAL E 456 41.85 0.80 -51.24
C VAL E 456 42.16 2.25 -51.56
N SER E 457 42.94 2.46 -52.61
CA SER E 457 43.31 3.80 -53.08
C SER E 457 42.16 4.48 -53.81
N LYS E 458 41.21 3.68 -54.30
CA LYS E 458 39.98 4.21 -54.87
C LYS E 458 39.00 4.60 -53.76
N LEU E 459 39.06 3.89 -52.63
CA LEU E 459 38.17 4.14 -51.49
C LEU E 459 38.66 5.26 -50.56
N ARG E 460 39.97 5.41 -50.45
CA ARG E 460 40.57 6.47 -49.63
C ARG E 460 40.09 7.82 -50.13
N SER E 461 40.26 8.06 -51.42
CA SER E 461 39.86 9.32 -52.06
C SER E 461 38.43 9.70 -51.71
N SER E 462 37.48 8.82 -52.05
CA SER E 462 36.06 9.06 -51.82
C SER E 462 35.77 9.44 -50.38
N ILE E 463 36.33 8.68 -49.44
CA ILE E 463 36.13 8.90 -48.00
C ILE E 463 36.81 10.19 -47.52
N TYR E 464 38.07 10.39 -47.90
CA TYR E 464 38.80 11.61 -47.60
C TYR E 464 38.10 12.83 -48.18
N ASN E 465 37.53 12.67 -49.38
CA ASN E 465 36.79 13.73 -50.05
C ASN E 465 35.44 14.05 -49.41
N GLY E 466 35.03 13.24 -48.45
CA GLY E 466 33.84 13.52 -47.67
C GLY E 466 32.67 12.57 -47.88
N ILE E 467 32.82 11.64 -48.82
CA ILE E 467 31.79 10.62 -49.05
C ILE E 467 31.97 9.50 -48.02
N SER E 468 31.74 9.81 -46.74
CA SER E 468 32.02 8.88 -45.66
C SER E 468 31.00 7.73 -45.51
N THR E 469 30.34 7.39 -46.62
CA THR E 469 29.54 6.18 -46.69
C THR E 469 30.41 5.12 -47.34
N SER E 470 30.91 5.45 -48.52
CA SER E 470 31.69 4.55 -49.37
C SER E 470 32.39 3.41 -48.64
N GLY E 471 32.05 2.19 -49.01
CA GLY E 471 32.74 1.00 -48.54
C GLY E 471 33.08 0.12 -49.71
N LEU E 472 33.45 -1.13 -49.43
CA LEU E 472 33.99 -2.01 -50.46
C LEU E 472 33.01 -3.09 -50.96
N ASP E 473 32.46 -2.88 -52.16
CA ASP E 473 31.61 -3.90 -52.79
C ASP E 473 32.46 -5.10 -53.18
N LEU E 474 32.52 -6.07 -52.27
CA LEU E 474 33.49 -7.15 -52.36
C LEU E 474 33.08 -8.35 -53.20
N ASN E 475 32.21 -8.13 -54.18
CA ASN E 475 31.87 -9.15 -55.17
C ASN E 475 32.01 -8.59 -56.56
N ASN E 476 31.89 -7.27 -56.65
CA ASN E 476 31.91 -6.53 -57.90
C ASN E 476 33.26 -5.84 -58.12
N GLY E 477 34.00 -5.65 -57.02
CA GLY E 477 35.31 -5.01 -57.05
C GLY E 477 35.23 -3.51 -57.25
N THR E 478 34.22 -2.89 -56.64
CA THR E 478 34.01 -1.45 -56.78
C THR E 478 33.75 -0.74 -55.47
N ILE E 479 33.89 0.58 -55.48
CA ILE E 479 33.46 1.40 -54.36
C ILE E 479 31.97 1.66 -54.50
N ALA E 480 31.21 1.21 -53.50
CA ALA E 480 29.76 1.42 -53.46
C ALA E 480 29.25 1.85 -52.08
N ASP E 481 28.02 2.35 -52.03
CA ASP E 481 27.43 2.92 -50.83
C ASP E 481 27.08 1.84 -49.80
N MET E 482 27.51 2.05 -48.57
CA MET E 482 27.34 1.04 -47.52
C MET E 482 26.01 1.14 -46.79
N ARG E 483 25.42 2.33 -46.73
CA ARG E 483 24.08 2.48 -46.16
C ARG E 483 23.06 1.86 -47.11
N GLN E 484 23.11 2.24 -48.38
CA GLN E 484 22.18 1.76 -49.40
C GLN E 484 22.33 0.27 -49.72
N LEU E 485 23.53 -0.28 -49.49
CA LEU E 485 23.76 -1.72 -49.63
C LEU E 485 23.68 -2.48 -48.31
N GLY E 486 23.60 -1.73 -47.21
CA GLY E 486 23.33 -2.29 -45.89
C GLY E 486 24.38 -3.20 -45.28
N ILE E 487 25.64 -2.77 -45.32
CA ILE E 487 26.73 -3.50 -44.66
C ILE E 487 27.04 -2.81 -43.33
N VAL E 488 26.12 -2.96 -42.38
CA VAL E 488 26.25 -2.29 -41.07
C VAL E 488 26.88 -3.19 -40.01
N GLU E 489 27.57 -2.58 -39.06
CA GLU E 489 28.16 -3.29 -37.93
C GLU E 489 27.85 -2.61 -36.60
N SER E 490 28.19 -3.29 -35.50
CA SER E 490 28.05 -2.72 -34.17
C SER E 490 29.10 -1.64 -33.90
N TYR E 491 28.70 -0.57 -33.23
CA TYR E 491 29.64 0.42 -32.76
C TYR E 491 30.46 -0.19 -31.65
N LYS E 492 29.80 -0.92 -30.76
CA LYS E 492 30.47 -1.62 -29.66
C LYS E 492 31.50 -2.63 -30.17
N LEU E 493 31.29 -3.12 -31.39
CA LEU E 493 32.25 -3.97 -32.05
C LEU E 493 33.48 -3.13 -32.35
N LYS E 494 33.35 -2.18 -33.28
CA LYS E 494 34.50 -1.40 -33.75
C LYS E 494 35.24 -0.66 -32.63
N ARG E 495 34.49 0.01 -31.75
CA ARG E 495 35.08 0.74 -30.62
C ARG E 495 36.06 -0.15 -29.88
N ALA E 496 35.67 -1.40 -29.67
CA ALA E 496 36.52 -2.39 -29.00
C ALA E 496 37.74 -2.78 -29.84
N VAL E 497 37.56 -2.98 -31.15
CA VAL E 497 38.66 -3.41 -32.03
C VAL E 497 39.82 -2.42 -31.95
N VAL E 498 39.49 -1.14 -32.02
CA VAL E 498 40.48 -0.07 -31.93
C VAL E 498 41.12 -0.04 -30.55
N SER E 499 40.28 0.04 -29.51
CA SER E 499 40.74 0.06 -28.12
C SER E 499 41.70 -1.08 -27.85
N SER E 500 41.20 -2.30 -28.00
CA SER E 500 41.95 -3.52 -27.71
C SER E 500 43.32 -3.57 -28.38
N ALA E 501 43.35 -3.31 -29.70
CA ALA E 501 44.59 -3.30 -30.46
C ALA E 501 45.55 -2.23 -29.93
N SER E 502 45.07 -1.00 -29.80
CA SER E 502 45.89 0.09 -29.30
C SER E 502 46.56 -0.24 -27.98
N GLU E 503 45.92 -1.15 -27.22
CA GLU E 503 46.48 -1.60 -25.96
C GLU E 503 47.65 -2.57 -26.17
N ALA E 504 47.45 -3.56 -27.05
CA ALA E 504 48.48 -4.56 -27.34
C ALA E 504 49.81 -3.92 -27.69
N ALA E 505 49.80 -3.03 -28.68
CA ALA E 505 50.99 -2.34 -29.16
C ALA E 505 51.67 -1.60 -28.02
N GLU E 506 50.88 -0.92 -27.20
CA GLU E 506 51.42 -0.22 -26.04
C GLU E 506 51.88 -1.15 -24.93
N VAL E 507 51.74 -2.45 -25.14
CA VAL E 507 52.27 -3.45 -24.20
C VAL E 507 53.56 -4.06 -24.73
N LEU E 508 53.54 -4.44 -26.00
CA LEU E 508 54.71 -5.04 -26.64
C LEU E 508 55.78 -3.98 -26.97
N LEU E 509 55.35 -2.77 -27.30
CA LEU E 509 56.28 -1.69 -27.64
C LEU E 509 57.12 -1.25 -26.46
N ARG E 510 56.59 -1.45 -25.25
CA ARG E 510 57.35 -1.22 -24.02
C ARG E 510 58.36 -2.35 -23.80
N VAL E 511 58.15 -3.49 -24.48
CA VAL E 511 59.02 -4.66 -24.37
C VAL E 511 60.39 -4.45 -25.01
N ASP E 512 61.43 -4.69 -24.21
CA ASP E 512 62.82 -4.67 -24.68
C ASP E 512 63.65 -5.79 -24.06
N ASN E 513 63.02 -6.67 -23.28
CA ASN E 513 63.75 -7.78 -22.69
C ASN E 513 62.83 -8.94 -22.33
N ILE E 514 62.99 -10.04 -23.06
CA ILE E 514 62.22 -11.27 -22.82
C ILE E 514 63.08 -12.35 -22.13
N ILE E 515 62.71 -12.68 -20.90
CA ILE E 515 63.47 -13.64 -20.11
C ILE E 515 62.65 -14.90 -19.84
N ARG E 516 63.13 -16.03 -20.36
CA ARG E 516 62.43 -17.32 -20.24
C ARG E 516 63.11 -18.25 -19.24
N ALA E 517 62.32 -18.82 -18.36
CA ALA E 517 62.82 -19.75 -17.36
C ALA E 517 63.14 -21.12 -17.97
N ARG E 518 63.70 -22.02 -17.16
CA ARG E 518 63.90 -23.41 -17.54
C ARG E 518 62.55 -24.10 -17.39
N PRO E 519 62.00 -24.63 -18.50
CA PRO E 519 60.70 -25.33 -18.53
C PRO E 519 60.53 -26.43 -17.47
N ARG E 520 59.31 -26.60 -16.95
CA ARG E 520 59.07 -27.48 -15.79
C ARG E 520 59.43 -28.94 -16.05
N PRO F 6 46.37 -5.35 -69.73
CA PRO F 6 46.44 -6.00 -68.42
C PRO F 6 47.66 -6.93 -68.28
N SER F 7 48.84 -6.41 -68.62
CA SER F 7 50.09 -7.18 -68.60
C SER F 7 50.55 -7.49 -67.18
N ASN F 8 50.40 -6.51 -66.30
CA ASN F 8 50.91 -6.57 -64.92
C ASN F 8 50.01 -7.29 -63.93
N ALA F 9 48.70 -7.03 -64.01
CA ALA F 9 47.69 -7.76 -63.23
C ALA F 9 47.86 -7.69 -61.70
N THR F 10 47.16 -8.57 -60.99
CA THR F 10 47.25 -8.66 -59.53
C THR F 10 47.76 -10.03 -59.16
N PHE F 11 49.02 -10.09 -58.75
CA PHE F 11 49.71 -11.35 -58.50
C PHE F 11 49.27 -12.05 -57.21
N LYS F 12 48.73 -13.26 -57.37
CA LYS F 12 48.34 -14.14 -56.25
C LYS F 12 49.58 -14.63 -55.52
N ASN F 13 49.75 -14.15 -54.29
CA ASN F 13 51.04 -14.24 -53.57
C ASN F 13 51.42 -15.61 -53.05
N LYS F 14 50.56 -16.18 -52.22
CA LYS F 14 50.84 -17.43 -51.50
C LYS F 14 50.24 -18.65 -52.20
N GLU F 15 50.98 -19.75 -52.21
CA GLU F 15 50.55 -20.94 -52.96
C GLU F 15 49.97 -22.09 -52.12
N LYS F 16 50.28 -22.13 -50.83
CA LYS F 16 49.77 -23.19 -49.94
C LYS F 16 48.28 -23.47 -50.15
N PRO F 17 47.46 -22.41 -50.27
CA PRO F 17 46.09 -22.58 -50.73
C PRO F 17 45.93 -23.55 -51.90
N GLN F 18 46.53 -23.21 -53.04
CA GLN F 18 46.40 -23.99 -54.28
C GLN F 18 46.78 -25.47 -54.11
N GLU F 19 47.86 -25.74 -53.37
CA GLU F 19 48.37 -27.10 -53.21
C GLU F 19 47.87 -27.80 -51.94
N VAL F 20 47.05 -27.11 -51.13
CA VAL F 20 46.36 -27.78 -50.02
C VAL F 20 45.08 -28.42 -50.57
N ARG F 21 44.21 -27.59 -51.15
CA ARG F 21 43.00 -28.09 -51.78
C ARG F 21 43.36 -29.33 -52.59
N LYS F 22 44.28 -29.15 -53.53
CA LYS F 22 44.68 -30.20 -54.46
C LYS F 22 44.86 -31.53 -53.75
N ALA F 23 45.71 -31.53 -52.72
CA ALA F 23 46.07 -32.76 -52.03
C ALA F 23 44.97 -33.27 -51.08
N ASN F 24 44.04 -32.39 -50.72
CA ASN F 24 42.90 -32.80 -49.91
C ASN F 24 41.97 -33.67 -50.73
N ILE F 25 41.60 -33.18 -51.91
CA ILE F 25 40.74 -33.92 -52.83
C ILE F 25 41.34 -35.28 -53.14
N ILE F 26 42.67 -35.34 -53.15
CA ILE F 26 43.42 -36.57 -53.38
C ILE F 26 43.31 -37.51 -52.17
N ALA F 27 43.48 -36.96 -50.97
CA ALA F 27 43.38 -37.75 -49.76
C ALA F 27 41.94 -38.20 -49.52
N ALA F 28 41.00 -37.57 -50.23
CA ALA F 28 39.57 -37.89 -50.10
C ALA F 28 39.06 -38.87 -51.17
N ARG F 29 39.42 -38.63 -52.44
CA ARG F 29 39.10 -39.55 -53.53
C ARG F 29 39.61 -40.95 -53.20
N SER F 30 40.69 -41.01 -52.42
CA SER F 30 41.29 -42.26 -51.92
C SER F 30 40.32 -43.11 -51.13
N VAL F 31 39.52 -42.46 -50.28
CA VAL F 31 38.52 -43.15 -49.50
C VAL F 31 37.33 -43.56 -50.37
N ALA F 32 36.83 -42.63 -51.17
CA ALA F 32 35.75 -42.90 -52.14
C ALA F 32 36.13 -44.00 -53.15
N ASP F 33 37.43 -44.28 -53.24
CA ASP F 33 37.94 -45.32 -54.11
C ASP F 33 37.91 -46.69 -53.45
N ALA F 34 38.31 -46.75 -52.17
CA ALA F 34 38.30 -48.02 -51.43
C ALA F 34 36.93 -48.69 -51.47
N ILE F 35 35.88 -47.87 -51.52
CA ILE F 35 34.49 -48.32 -51.48
C ILE F 35 33.91 -48.85 -52.80
N ARG F 36 34.40 -48.36 -53.93
CA ARG F 36 33.80 -48.63 -55.25
C ARG F 36 33.51 -50.13 -55.54
N THR F 37 34.25 -51.02 -54.87
CA THR F 37 34.08 -52.47 -55.00
C THR F 37 32.80 -53.00 -54.32
N SER F 38 32.27 -52.20 -53.38
CA SER F 38 31.12 -52.60 -52.56
C SER F 38 29.86 -51.79 -52.88
N LEU F 39 29.56 -51.71 -54.17
CA LEU F 39 28.40 -50.96 -54.68
C LEU F 39 27.49 -51.85 -55.53
N GLY F 40 26.21 -51.88 -55.16
CA GLY F 40 25.19 -52.57 -55.94
C GLY F 40 25.19 -54.07 -55.79
N PRO F 41 24.48 -54.76 -56.68
CA PRO F 41 24.23 -56.19 -56.56
C PRO F 41 25.44 -57.05 -56.89
N LYS F 42 26.30 -56.54 -57.77
CA LYS F 42 27.56 -57.22 -58.05
C LYS F 42 28.72 -56.57 -57.27
N GLY F 43 28.37 -55.83 -56.22
CA GLY F 43 29.35 -55.28 -55.27
C GLY F 43 29.82 -56.34 -54.28
N MET F 44 30.96 -56.08 -53.64
CA MET F 44 31.60 -57.08 -52.77
C MET F 44 31.93 -56.60 -51.36
N ASP F 45 31.84 -57.51 -50.40
CA ASP F 45 31.96 -57.18 -48.99
C ASP F 45 33.41 -57.09 -48.51
N LYS F 46 33.60 -56.35 -47.41
CA LYS F 46 34.92 -56.11 -46.82
C LYS F 46 34.96 -56.52 -45.35
N MET F 47 36.03 -57.21 -44.99
CA MET F 47 36.29 -57.66 -43.62
C MET F 47 37.28 -56.75 -42.92
N ILE F 48 36.82 -56.09 -41.85
CA ILE F 48 37.66 -55.21 -41.06
C ILE F 48 37.88 -55.82 -39.67
N LYS F 49 39.14 -56.00 -39.29
CA LYS F 49 39.48 -56.49 -37.95
C LYS F 49 39.68 -55.32 -36.99
N THR F 50 38.84 -55.27 -35.96
CA THR F 50 38.77 -54.15 -35.01
C THR F 50 40.10 -53.90 -34.31
N SER F 51 40.39 -52.62 -34.10
CA SER F 51 41.43 -52.19 -33.18
C SER F 51 41.38 -53.04 -31.93
N ARG F 52 40.16 -53.27 -31.43
CA ARG F 52 39.90 -54.06 -30.22
C ARG F 52 40.08 -55.57 -30.41
N GLY F 53 39.85 -56.07 -31.62
CA GLY F 53 40.05 -57.48 -31.94
C GLY F 53 38.93 -58.16 -32.70
N GLU F 54 37.71 -57.62 -32.57
CA GLU F 54 36.51 -58.21 -33.19
C GLU F 54 36.54 -58.22 -34.71
N ILE F 55 35.99 -59.28 -35.31
CA ILE F 55 35.93 -59.42 -36.76
C ILE F 55 34.60 -58.89 -37.27
N ILE F 56 34.65 -57.99 -38.25
CA ILE F 56 33.45 -57.39 -38.89
C ILE F 56 33.46 -57.61 -40.40
N ILE F 57 32.39 -58.23 -40.91
CA ILE F 57 32.20 -58.47 -42.35
C ILE F 57 30.92 -57.74 -42.80
N SER F 58 31.06 -56.80 -43.72
CA SER F 58 29.95 -55.95 -44.10
C SER F 58 29.92 -55.45 -45.54
N ASN F 59 28.77 -54.94 -45.93
CA ASN F 59 28.54 -54.26 -47.20
C ASN F 59 28.01 -52.84 -46.98
N ASP F 60 27.34 -52.64 -45.85
CA ASP F 60 26.84 -51.32 -45.45
C ASP F 60 28.04 -50.38 -45.38
N GLY F 61 28.00 -49.33 -46.20
CA GLY F 61 29.11 -48.39 -46.41
C GLY F 61 29.51 -47.58 -45.20
N HIS F 62 28.53 -47.10 -44.44
CA HIS F 62 28.81 -46.40 -43.20
C HIS F 62 29.46 -47.34 -42.20
N THR F 63 28.99 -48.59 -42.21
CA THR F 63 29.56 -49.62 -41.35
C THR F 63 30.99 -49.98 -41.79
N ILE F 64 31.28 -49.81 -43.09
CA ILE F 64 32.61 -50.07 -43.60
C ILE F 64 33.57 -48.94 -43.20
N LEU F 65 33.11 -47.71 -43.35
CA LEU F 65 33.97 -46.53 -43.13
C LEU F 65 34.26 -46.25 -41.67
N LYS F 66 33.24 -46.43 -40.82
CA LYS F 66 33.39 -46.21 -39.40
C LYS F 66 34.44 -47.14 -38.82
N GLN F 67 34.53 -48.36 -39.35
CA GLN F 67 35.37 -49.41 -38.74
C GLN F 67 36.79 -49.61 -39.31
N MET F 68 37.05 -49.10 -40.52
CA MET F 68 38.43 -48.92 -40.99
C MET F 68 39.03 -47.71 -40.27
N ALA F 69 40.35 -47.55 -40.30
CA ALA F 69 40.97 -46.50 -39.50
C ALA F 69 41.42 -45.30 -40.34
N ILE F 70 40.47 -44.50 -40.82
CA ILE F 70 40.79 -43.37 -41.66
C ILE F 70 41.44 -42.24 -40.84
N LEU F 71 42.57 -41.75 -41.34
CA LEU F 71 43.43 -40.87 -40.58
C LEU F 71 43.38 -39.42 -41.00
N HIS F 72 43.27 -39.21 -42.31
CA HIS F 72 43.29 -37.85 -42.85
C HIS F 72 42.01 -37.08 -42.51
N PRO F 73 42.15 -35.93 -41.81
CA PRO F 73 40.98 -35.26 -41.28
C PRO F 73 39.90 -35.05 -42.34
N VAL F 74 40.29 -34.61 -43.53
CA VAL F 74 39.37 -34.38 -44.63
C VAL F 74 38.74 -35.69 -45.10
N ALA F 75 39.50 -36.77 -45.04
CA ALA F 75 38.99 -38.09 -45.39
C ALA F 75 37.96 -38.56 -44.36
N ARG F 76 38.14 -38.17 -43.11
CA ARG F 76 37.24 -38.52 -42.01
C ARG F 76 35.90 -37.81 -42.18
N MET F 77 35.94 -36.64 -42.80
CA MET F 77 34.73 -35.91 -43.13
C MET F 77 33.80 -36.78 -43.95
N LEU F 78 34.38 -37.65 -44.79
CA LEU F 78 33.60 -38.56 -45.61
C LEU F 78 32.75 -39.52 -44.79
N VAL F 79 33.32 -40.04 -43.70
CA VAL F 79 32.59 -40.93 -42.80
C VAL F 79 31.37 -40.21 -42.26
N GLU F 80 31.53 -38.94 -41.90
CA GLU F 80 30.43 -38.11 -41.39
C GLU F 80 29.28 -37.98 -42.40
N VAL F 81 29.63 -37.80 -43.68
CA VAL F 81 28.62 -37.73 -44.74
C VAL F 81 27.90 -39.06 -44.88
N SER F 82 28.67 -40.15 -44.79
CA SER F 82 28.12 -41.49 -44.89
C SER F 82 27.26 -41.81 -43.67
N ALA F 83 27.63 -41.25 -42.52
CA ALA F 83 26.84 -41.39 -41.29
C ALA F 83 25.53 -40.61 -41.41
N ALA F 84 25.62 -39.41 -41.99
CA ALA F 84 24.47 -38.53 -42.18
C ALA F 84 23.48 -39.08 -43.20
N GLN F 85 23.96 -39.86 -44.16
CA GLN F 85 23.07 -40.54 -45.09
C GLN F 85 22.31 -41.67 -44.40
N ASP F 86 22.96 -42.32 -43.43
CA ASP F 86 22.30 -43.37 -42.65
C ASP F 86 21.22 -42.76 -41.75
N SER F 87 21.47 -41.54 -41.30
CA SER F 87 20.58 -40.81 -40.41
C SER F 87 19.60 -39.93 -41.18
N GLU F 88 19.35 -40.29 -42.43
CA GLU F 88 18.38 -39.62 -43.27
C GLU F 88 17.70 -40.64 -44.16
N ALA F 89 18.32 -41.81 -44.30
CA ALA F 89 17.83 -42.84 -45.20
C ALA F 89 18.15 -44.27 -44.78
N GLY F 90 19.28 -44.47 -44.11
CA GLY F 90 19.75 -45.82 -43.75
C GLY F 90 20.31 -46.60 -44.92
N ASP F 91 19.95 -46.16 -46.13
CA ASP F 91 20.44 -46.72 -47.37
C ASP F 91 21.09 -45.61 -48.18
N GLY F 92 22.04 -45.97 -49.03
CA GLY F 92 22.74 -44.98 -49.85
C GLY F 92 24.01 -44.43 -49.24
N THR F 93 24.48 -45.09 -48.17
CA THR F 93 25.71 -44.67 -47.49
C THR F 93 26.93 -44.91 -48.38
N THR F 94 26.79 -45.83 -49.33
CA THR F 94 27.84 -46.09 -50.30
C THR F 94 27.77 -45.08 -51.45
N SER F 95 26.56 -44.91 -52.01
CA SER F 95 26.27 -43.96 -53.09
C SER F 95 26.78 -42.54 -52.79
N VAL F 96 26.46 -42.08 -51.59
CA VAL F 96 26.77 -40.73 -51.15
C VAL F 96 28.29 -40.46 -51.11
N VAL F 97 29.07 -41.47 -50.75
CA VAL F 97 30.54 -41.31 -50.67
C VAL F 97 31.17 -41.24 -52.05
N ILE F 98 30.84 -42.21 -52.90
CA ILE F 98 31.35 -42.25 -54.27
C ILE F 98 31.07 -40.92 -54.99
N LEU F 99 29.87 -40.38 -54.79
CA LEU F 99 29.47 -39.08 -55.34
C LEU F 99 30.40 -37.95 -54.89
N THR F 100 30.77 -37.95 -53.63
CA THR F 100 31.71 -36.95 -53.14
C THR F 100 33.05 -37.14 -53.84
N GLY F 101 33.46 -38.39 -54.04
CA GLY F 101 34.72 -38.71 -54.70
C GLY F 101 34.79 -38.34 -56.17
N ALA F 102 33.63 -38.34 -56.83
CA ALA F 102 33.54 -37.92 -58.23
C ALA F 102 33.20 -36.42 -58.38
N LEU F 103 32.58 -35.86 -57.33
CA LEU F 103 32.32 -34.42 -57.28
C LEU F 103 33.59 -33.68 -56.94
N LEU F 104 34.39 -34.26 -56.05
CA LEU F 104 35.68 -33.68 -55.70
C LEU F 104 36.64 -33.78 -56.90
N GLY F 105 36.70 -34.95 -57.53
CA GLY F 105 37.41 -35.12 -58.80
C GLY F 105 36.98 -34.09 -59.83
N ALA F 106 35.67 -33.82 -59.88
CA ALA F 106 35.13 -32.73 -60.67
C ALA F 106 35.81 -31.43 -60.23
N ALA F 107 35.57 -31.04 -58.99
CA ALA F 107 36.16 -29.82 -58.45
C ALA F 107 37.65 -29.68 -58.80
N GLU F 108 38.37 -30.80 -58.78
CA GLU F 108 39.81 -30.81 -59.05
C GLU F 108 40.11 -30.26 -60.44
N ARG F 109 39.46 -30.84 -61.44
CA ARG F 109 39.64 -30.44 -62.84
C ARG F 109 39.33 -28.96 -63.04
N LEU F 110 38.32 -28.48 -62.33
CA LEU F 110 37.92 -27.08 -62.38
C LEU F 110 38.97 -26.17 -61.75
N LEU F 111 39.61 -26.66 -60.69
CA LEU F 111 40.73 -25.93 -60.07
C LEU F 111 41.96 -25.95 -60.98
N ASN F 112 42.18 -27.09 -61.65
CA ASN F 112 43.16 -27.18 -62.73
C ASN F 112 42.92 -26.09 -63.78
N LYS F 113 41.65 -25.92 -64.14
CA LYS F 113 41.24 -24.91 -65.13
C LYS F 113 41.14 -23.50 -64.54
N GLY F 114 41.54 -23.34 -63.29
CA GLY F 114 41.59 -22.03 -62.62
C GLY F 114 40.24 -21.36 -62.37
N ILE F 115 39.43 -21.97 -61.51
CA ILE F 115 38.17 -21.39 -61.09
C ILE F 115 38.21 -21.25 -59.57
N HIS F 116 37.93 -20.05 -59.05
CA HIS F 116 37.94 -19.82 -57.60
C HIS F 116 36.95 -20.74 -56.91
N PRO F 117 37.43 -21.52 -55.94
CA PRO F 117 36.65 -22.55 -55.24
C PRO F 117 35.33 -22.08 -54.66
N THR F 118 35.27 -20.82 -54.20
CA THR F 118 34.03 -20.24 -53.69
C THR F 118 32.90 -20.30 -54.73
N ILE F 119 33.23 -19.95 -55.98
CA ILE F 119 32.29 -20.09 -57.11
C ILE F 119 31.91 -21.56 -57.33
N ILE F 120 32.92 -22.44 -57.35
CA ILE F 120 32.71 -23.87 -57.53
C ILE F 120 31.74 -24.38 -56.49
N ALA F 121 32.02 -24.09 -55.23
CA ALA F 121 31.24 -24.58 -54.09
C ALA F 121 29.77 -24.16 -54.18
N ASP F 122 29.56 -22.88 -54.46
CA ASP F 122 28.21 -22.32 -54.52
C ASP F 122 27.41 -22.83 -55.73
N SER F 123 28.06 -22.91 -56.89
CA SER F 123 27.43 -23.45 -58.11
C SER F 123 27.25 -24.96 -58.10
N PHE F 124 28.04 -25.66 -57.29
CA PHE F 124 27.85 -27.09 -57.05
C PHE F 124 26.61 -27.28 -56.18
N GLN F 125 26.39 -26.35 -55.26
CA GLN F 125 25.22 -26.37 -54.41
C GLN F 125 24.00 -25.83 -55.15
N SER F 126 24.24 -25.05 -56.21
CA SER F 126 23.21 -24.67 -57.18
C SER F 126 22.88 -25.86 -58.08
N ALA F 127 23.81 -26.80 -58.16
CA ALA F 127 23.66 -28.04 -58.91
C ALA F 127 22.82 -29.04 -58.13
N ALA F 128 22.93 -28.95 -56.81
CA ALA F 128 22.08 -29.72 -55.92
C ALA F 128 20.63 -29.28 -56.10
N LYS F 129 20.36 -28.00 -55.85
CA LYS F 129 19.01 -27.43 -55.88
C LYS F 129 18.23 -27.84 -57.11
N ARG F 130 18.86 -27.79 -58.28
CA ARG F 130 18.21 -28.13 -59.55
C ARG F 130 18.02 -29.64 -59.73
N SER F 131 18.90 -30.43 -59.13
CA SER F 131 18.85 -31.88 -59.26
C SER F 131 17.78 -32.54 -58.39
N VAL F 132 17.72 -32.15 -57.11
CA VAL F 132 16.72 -32.66 -56.17
C VAL F 132 15.33 -32.26 -56.63
N ASP F 133 15.24 -31.10 -57.27
CA ASP F 133 14.01 -30.69 -57.91
C ASP F 133 13.58 -31.72 -58.96
N ILE F 134 14.54 -32.16 -59.78
CA ILE F 134 14.27 -33.11 -60.87
C ILE F 134 13.76 -34.44 -60.31
N LEU F 135 14.46 -34.96 -59.31
CA LEU F 135 14.03 -36.19 -58.65
C LEU F 135 12.62 -36.08 -58.09
N LEU F 136 12.25 -34.89 -57.61
CA LEU F 136 10.91 -34.67 -57.05
C LEU F 136 9.81 -34.64 -58.10
N GLU F 137 10.16 -34.29 -59.33
CA GLU F 137 9.19 -34.21 -60.43
C GLU F 137 9.13 -35.53 -61.22
N MET F 138 10.25 -36.23 -61.27
CA MET F 138 10.38 -37.46 -62.05
C MET F 138 9.88 -38.69 -61.30
N CYS F 139 9.79 -38.57 -59.98
CA CYS F 139 9.40 -39.69 -59.14
C CYS F 139 7.94 -40.00 -59.31
N HIS F 140 7.61 -41.28 -59.24
CA HIS F 140 6.23 -41.70 -59.29
C HIS F 140 5.82 -41.99 -57.84
N LYS F 141 4.75 -41.37 -57.38
CA LYS F 141 4.28 -41.52 -56.00
C LYS F 141 3.91 -42.96 -55.68
N VAL F 142 3.74 -43.27 -54.39
CA VAL F 142 3.31 -44.61 -53.97
C VAL F 142 2.11 -44.53 -53.03
N SER F 143 1.13 -45.41 -53.24
CA SER F 143 0.04 -45.61 -52.29
C SER F 143 0.68 -46.05 -50.99
N LEU F 144 0.46 -45.26 -49.94
CA LEU F 144 1.19 -45.46 -48.67
C LEU F 144 1.00 -46.87 -48.07
N SER F 145 -0.07 -47.55 -48.51
CA SER F 145 -0.27 -48.98 -48.27
C SER F 145 -0.46 -49.76 -49.58
N ASP F 146 0.66 -49.99 -50.27
CA ASP F 146 0.73 -50.76 -51.51
C ASP F 146 1.85 -51.80 -51.38
N ARG F 147 1.48 -53.01 -50.97
CA ARG F 147 2.46 -54.07 -50.70
C ARG F 147 3.27 -54.46 -51.94
N GLU F 148 2.60 -54.68 -53.06
CA GLU F 148 3.24 -55.17 -54.28
C GLU F 148 4.42 -54.33 -54.79
N GLN F 149 4.46 -53.05 -54.45
CA GLN F 149 5.59 -52.19 -54.83
C GLN F 149 6.54 -51.86 -53.66
N LEU F 150 5.97 -51.53 -52.51
CA LEU F 150 6.77 -51.35 -51.28
C LEU F 150 7.67 -52.55 -51.01
N VAL F 151 7.19 -53.73 -51.40
CA VAL F 151 7.93 -54.99 -51.26
C VAL F 151 9.05 -55.11 -52.28
N ARG F 152 8.82 -54.60 -53.48
CA ARG F 152 9.87 -54.54 -54.49
C ARG F 152 10.99 -53.61 -54.05
N ALA F 153 10.61 -52.57 -53.29
CA ALA F 153 11.55 -51.55 -52.80
C ALA F 153 12.56 -52.08 -51.78
N ALA F 154 12.10 -52.95 -50.89
CA ALA F 154 12.98 -53.61 -49.92
C ALA F 154 13.85 -54.65 -50.64
N SER F 155 13.21 -55.37 -51.56
CA SER F 155 13.85 -56.41 -52.37
C SER F 155 15.00 -55.85 -53.20
N THR F 156 14.91 -54.57 -53.53
CA THR F 156 15.98 -53.87 -54.22
C THR F 156 17.16 -53.66 -53.28
N SER F 157 16.88 -53.12 -52.10
CA SER F 157 17.90 -52.72 -51.14
C SER F 157 18.72 -53.88 -50.60
N LEU F 158 18.06 -55.01 -50.38
CA LEU F 158 18.73 -56.21 -49.89
C LEU F 158 19.72 -56.76 -50.91
N SER F 159 19.22 -57.01 -52.12
CA SER F 159 19.96 -57.68 -53.20
C SER F 159 21.29 -57.02 -53.55
N SER F 160 22.29 -57.28 -52.70
CA SER F 160 23.55 -56.55 -52.66
C SER F 160 24.35 -57.12 -51.52
N LYS F 161 23.63 -57.60 -50.50
CA LYS F 161 24.21 -58.00 -49.23
C LYS F 161 24.04 -59.50 -48.98
N ILE F 162 24.96 -60.08 -48.21
CA ILE F 162 25.06 -61.53 -48.01
C ILE F 162 23.75 -62.20 -47.58
N VAL F 163 22.72 -61.38 -47.38
CA VAL F 163 21.40 -61.90 -47.03
C VAL F 163 20.47 -61.99 -48.25
N SER F 164 20.99 -61.74 -49.44
CA SER F 164 20.18 -61.72 -50.67
C SER F 164 19.78 -63.11 -51.18
N GLN F 165 20.30 -64.14 -50.53
CA GLN F 165 19.87 -65.51 -50.77
C GLN F 165 18.41 -65.64 -50.32
N TYR F 166 18.13 -65.11 -49.11
CA TYR F 166 16.82 -65.22 -48.49
C TYR F 166 16.07 -63.89 -48.52
N SER F 167 16.35 -63.08 -49.53
CA SER F 167 15.67 -61.80 -49.73
C SER F 167 14.20 -62.01 -50.05
N SER F 168 13.89 -63.21 -50.54
CA SER F 168 12.53 -63.65 -50.85
C SER F 168 11.58 -63.52 -49.66
N PHE F 169 12.05 -63.93 -48.47
CA PHE F 169 11.24 -63.88 -47.26
C PHE F 169 11.65 -62.73 -46.34
N LEU F 170 12.83 -62.15 -46.59
CA LEU F 170 13.35 -61.08 -45.75
C LEU F 170 12.75 -59.72 -46.11
N ALA F 171 12.56 -59.48 -47.40
CA ALA F 171 11.97 -58.23 -47.89
C ALA F 171 10.56 -57.96 -47.36
N PRO F 172 9.61 -58.90 -47.56
CA PRO F 172 8.24 -58.67 -47.10
C PRO F 172 8.11 -58.56 -45.59
N LEU F 173 8.87 -59.37 -44.86
CA LEU F 173 8.79 -59.40 -43.40
C LEU F 173 9.64 -58.30 -42.75
N ALA F 174 10.18 -57.41 -43.58
CA ALA F 174 10.74 -56.14 -43.14
C ALA F 174 9.75 -55.02 -43.47
N VAL F 175 9.01 -55.20 -44.57
CA VAL F 175 7.94 -54.30 -44.99
C VAL F 175 6.71 -54.48 -44.10
N ASP F 176 6.30 -55.74 -43.93
CA ASP F 176 5.24 -56.14 -43.01
C ASP F 176 5.38 -55.42 -41.66
N SER F 177 6.63 -55.23 -41.25
CA SER F 177 6.96 -54.72 -39.93
C SER F 177 6.75 -53.22 -39.77
N VAL F 178 7.39 -52.42 -40.63
CA VAL F 178 7.36 -50.95 -40.52
C VAL F 178 5.95 -50.36 -40.60
N LEU F 179 5.07 -50.98 -41.39
CA LEU F 179 3.69 -50.49 -41.53
C LEU F 179 2.87 -50.75 -40.28
N LYS F 180 3.13 -51.87 -39.62
CA LYS F 180 2.49 -52.19 -38.35
C LYS F 180 2.95 -51.21 -37.27
N ILE F 181 4.20 -50.77 -37.38
CA ILE F 181 4.80 -49.90 -36.38
C ILE F 181 4.60 -48.42 -36.72
N SER F 182 3.95 -48.15 -37.86
CA SER F 182 3.88 -46.81 -38.44
C SER F 182 2.87 -45.88 -37.75
N ASP F 183 1.73 -45.66 -38.41
CA ASP F 183 0.67 -44.74 -37.96
C ASP F 183 -0.26 -44.36 -39.12
N GLU F 184 -1.27 -43.55 -38.82
CA GLU F 184 -2.16 -42.97 -39.83
C GLU F 184 -1.67 -41.57 -40.24
N ASN F 185 -1.28 -40.79 -39.24
CA ASN F 185 -0.68 -39.47 -39.46
C ASN F 185 0.79 -39.60 -39.89
N SER F 186 1.18 -40.81 -40.31
CA SER F 186 2.52 -41.13 -40.80
C SER F 186 3.64 -40.65 -39.87
N LYS F 187 4.12 -39.41 -40.08
CA LYS F 187 5.20 -38.79 -39.30
C LYS F 187 6.61 -39.30 -39.69
N ASN F 188 7.38 -39.75 -38.70
CA ASN F 188 8.81 -40.05 -38.94
C ASN F 188 9.33 -41.43 -38.49
N VAL F 189 8.46 -42.23 -37.85
CA VAL F 189 8.74 -43.65 -37.49
C VAL F 189 10.03 -43.93 -36.70
N ASP F 190 9.85 -44.50 -35.51
CA ASP F 190 10.98 -44.88 -34.65
C ASP F 190 11.27 -46.37 -34.77
N LEU F 191 12.50 -46.70 -35.18
CA LEU F 191 12.91 -48.09 -35.38
C LEU F 191 13.42 -48.75 -34.09
N ASN F 192 13.46 -47.98 -33.00
CA ASN F 192 13.75 -48.51 -31.67
C ASN F 192 12.67 -49.50 -31.21
N ASP F 193 11.49 -49.41 -31.83
CA ASP F 193 10.35 -50.25 -31.52
C ASP F 193 10.36 -51.60 -32.25
N ILE F 194 11.15 -51.70 -33.32
CA ILE F 194 11.39 -52.97 -34.01
C ILE F 194 12.49 -53.71 -33.26
N ARG F 195 12.16 -54.88 -32.73
CA ARG F 195 13.11 -55.61 -31.88
C ARG F 195 13.84 -56.70 -32.62
N LEU F 196 15.15 -56.49 -32.80
CA LEU F 196 15.99 -57.44 -33.49
C LEU F 196 16.98 -58.04 -32.52
N VAL F 197 16.75 -59.30 -32.17
CA VAL F 197 17.57 -60.01 -31.20
C VAL F 197 18.42 -61.06 -31.93
N LYS F 198 19.66 -61.25 -31.46
CA LYS F 198 20.55 -62.23 -32.07
C LYS F 198 20.76 -63.48 -31.20
N LYS F 199 20.98 -64.61 -31.86
CA LYS F 199 21.39 -65.86 -31.22
C LYS F 199 22.10 -66.69 -32.28
N VAL F 200 23.34 -67.10 -31.97
CA VAL F 200 24.20 -67.79 -32.95
C VAL F 200 23.79 -69.25 -33.14
N GLY F 201 23.93 -69.74 -34.37
CA GLY F 201 23.62 -71.13 -34.70
C GLY F 201 22.63 -71.28 -35.84
N GLY F 202 22.95 -72.19 -36.74
CA GLY F 202 22.03 -72.57 -37.82
C GLY F 202 22.36 -71.94 -39.16
N THR F 203 21.45 -71.10 -39.63
CA THR F 203 21.49 -70.51 -40.97
C THR F 203 20.59 -69.28 -40.95
N ILE F 204 20.88 -68.28 -41.78
CA ILE F 204 20.02 -67.10 -41.90
C ILE F 204 18.55 -67.51 -42.14
N ASP F 205 18.40 -68.66 -42.81
CA ASP F 205 17.11 -69.34 -43.00
C ASP F 205 16.21 -69.26 -41.76
N ASP F 206 16.76 -69.63 -40.60
CA ASP F 206 15.99 -69.83 -39.37
C ASP F 206 15.46 -68.54 -38.69
N THR F 207 15.65 -67.40 -39.35
CA THR F 207 15.13 -66.12 -38.89
C THR F 207 13.58 -66.15 -38.89
N GLU F 208 12.97 -65.58 -37.86
CA GLU F 208 11.51 -65.55 -37.76
C GLU F 208 10.93 -64.29 -37.12
N MET F 209 9.80 -63.82 -37.66
CA MET F 209 9.00 -62.78 -37.04
C MET F 209 8.14 -63.43 -35.98
N ILE F 210 8.36 -63.05 -34.73
CA ILE F 210 7.59 -63.58 -33.62
C ILE F 210 6.28 -62.81 -33.48
N ASP F 211 5.17 -63.54 -33.35
CA ASP F 211 3.83 -62.93 -33.20
C ASP F 211 3.59 -62.37 -31.79
N GLY F 212 4.58 -61.64 -31.27
CA GLY F 212 4.50 -61.01 -29.96
C GLY F 212 5.80 -60.40 -29.49
N VAL F 213 6.42 -61.05 -28.51
CA VAL F 213 7.60 -60.48 -27.87
C VAL F 213 8.72 -61.50 -27.70
N VAL F 214 9.95 -61.06 -27.98
CA VAL F 214 11.16 -61.79 -27.63
C VAL F 214 11.80 -61.11 -26.43
N LEU F 215 12.32 -61.91 -25.52
CA LEU F 215 12.98 -61.39 -24.32
C LEU F 215 14.42 -61.86 -24.21
N THR F 216 15.23 -61.06 -23.53
CA THR F 216 16.67 -61.26 -23.46
C THR F 216 17.12 -62.27 -22.41
N GLN F 217 16.50 -62.21 -21.23
CA GLN F 217 16.88 -63.09 -20.12
C GLN F 217 16.24 -64.49 -20.22
N THR F 218 16.26 -65.25 -19.12
CA THR F 218 15.65 -66.59 -19.07
C THR F 218 15.00 -66.89 -17.70
N ALA F 219 14.11 -67.88 -17.66
CA ALA F 219 13.51 -68.35 -16.42
C ALA F 219 14.59 -68.79 -15.45
N ILE F 220 14.47 -68.35 -14.20
CA ILE F 220 15.56 -68.47 -13.23
C ILE F 220 15.95 -69.92 -12.90
N LYS F 221 14.95 -70.77 -12.68
CA LYS F 221 15.17 -72.21 -12.48
C LYS F 221 16.08 -72.61 -11.31
N SER F 222 16.62 -71.63 -10.57
CA SER F 222 17.42 -71.91 -9.37
C SER F 222 16.61 -72.72 -8.37
N ALA F 223 15.38 -72.28 -8.12
CA ALA F 223 14.42 -73.04 -7.34
C ALA F 223 13.24 -73.42 -8.25
N GLY F 224 12.88 -74.72 -8.23
CA GLY F 224 11.77 -75.24 -9.03
C GLY F 224 12.06 -75.34 -10.51
N GLY F 225 11.02 -75.59 -11.30
CA GLY F 225 11.17 -75.72 -12.75
C GLY F 225 10.05 -75.10 -13.58
N PRO F 226 9.74 -73.81 -13.33
CA PRO F 226 8.77 -73.16 -14.22
C PRO F 226 9.49 -72.53 -15.43
N THR F 227 9.00 -72.84 -16.63
CA THR F 227 9.66 -72.41 -17.88
C THR F 227 8.65 -72.13 -18.99
N ARG F 228 7.65 -72.98 -19.13
CA ARG F 228 6.63 -72.83 -20.16
C ARG F 228 5.24 -72.70 -19.56
N LYS F 229 4.82 -71.47 -19.29
CA LYS F 229 3.50 -71.21 -18.71
C LYS F 229 2.47 -70.96 -19.80
N GLU F 230 1.41 -71.77 -19.79
CA GLU F 230 0.32 -71.64 -20.77
C GLU F 230 -0.79 -70.73 -20.23
N LYS F 231 -1.68 -70.28 -21.11
CA LYS F 231 -2.79 -69.40 -20.73
C LYS F 231 -2.36 -68.42 -19.63
N ALA F 232 -1.39 -67.57 -19.95
CA ALA F 232 -0.67 -66.81 -18.93
C ALA F 232 -1.07 -65.33 -18.82
N LYS F 233 -0.88 -64.80 -17.62
CA LYS F 233 -1.01 -63.37 -17.35
C LYS F 233 0.31 -62.84 -16.80
N ILE F 234 0.90 -61.88 -17.51
CA ILE F 234 2.25 -61.38 -17.18
C ILE F 234 2.21 -60.15 -16.28
N GLY F 235 2.90 -60.25 -15.14
CA GLY F 235 3.13 -59.11 -14.26
C GLY F 235 4.50 -58.54 -14.55
N LEU F 236 4.65 -57.23 -14.33
CA LEU F 236 5.93 -56.55 -14.56
C LEU F 236 6.35 -55.69 -13.37
N ILE F 237 7.48 -56.05 -12.78
CA ILE F 237 7.89 -55.50 -11.49
C ILE F 237 9.05 -54.52 -11.59
N GLN F 238 8.86 -53.34 -11.00
CA GLN F 238 9.94 -52.37 -10.78
C GLN F 238 10.65 -52.68 -9.47
N PHE F 239 9.89 -53.18 -8.49
CA PHE F 239 10.41 -53.33 -7.13
C PHE F 239 11.27 -54.56 -6.84
N GLN F 240 11.86 -54.55 -5.65
CA GLN F 240 12.66 -55.66 -5.16
C GLN F 240 11.82 -56.63 -4.32
N ILE F 241 11.90 -57.93 -4.62
CA ILE F 241 11.28 -58.97 -3.80
C ILE F 241 12.37 -59.60 -2.92
N SER F 242 12.72 -58.91 -1.84
CA SER F 242 13.80 -59.31 -0.94
C SER F 242 13.35 -59.10 0.51
N PRO F 243 14.30 -59.12 1.47
CA PRO F 243 13.91 -58.70 2.82
C PRO F 243 14.36 -57.26 3.09
N PRO F 244 13.79 -56.30 2.33
CA PRO F 244 14.48 -55.05 2.01
C PRO F 244 14.63 -54.08 3.17
N LYS F 245 15.52 -53.12 2.95
CA LYS F 245 15.83 -52.08 3.92
C LYS F 245 15.39 -50.75 3.32
N PRO F 246 15.06 -49.79 4.19
CA PRO F 246 14.70 -48.44 3.74
C PRO F 246 15.95 -47.69 3.29
N ASP F 247 15.75 -46.65 2.47
CA ASP F 247 16.86 -45.92 1.87
C ASP F 247 17.83 -45.29 2.88
N THR F 248 17.47 -45.34 4.16
CA THR F 248 18.30 -44.79 5.24
C THR F 248 19.16 -45.87 5.93
N GLU F 249 20.33 -45.48 6.43
CA GLU F 249 21.29 -46.39 7.07
C GLU F 249 20.67 -47.11 8.28
N ASN F 250 20.33 -48.38 8.10
CA ASN F 250 19.58 -49.14 9.09
C ASN F 250 20.24 -50.46 9.48
N ASN F 251 20.07 -50.84 10.74
CA ASN F 251 20.61 -52.09 11.23
C ASN F 251 19.84 -52.72 12.39
N ILE F 252 19.43 -53.97 12.20
CA ILE F 252 18.72 -54.74 13.22
C ILE F 252 19.68 -55.14 14.33
N ILE F 253 19.62 -54.45 15.46
CA ILE F 253 20.43 -54.81 16.63
C ILE F 253 19.69 -55.89 17.42
N VAL F 254 20.45 -56.86 17.93
CA VAL F 254 19.87 -57.98 18.67
C VAL F 254 20.31 -58.00 20.14
N ASN F 255 19.31 -58.04 21.02
CA ASN F 255 19.49 -58.06 22.46
C ASN F 255 19.28 -59.45 23.06
N ASP F 256 18.12 -60.04 22.76
CA ASP F 256 17.73 -61.34 23.33
C ASP F 256 17.89 -62.52 22.37
N TYR F 257 17.99 -63.72 22.93
CA TYR F 257 17.91 -64.97 22.15
C TYR F 257 16.55 -65.09 21.47
N ARG F 258 15.49 -64.71 22.20
CA ARG F 258 14.10 -64.81 21.76
C ARG F 258 13.73 -63.78 20.69
N GLN F 259 14.65 -62.86 20.41
CA GLN F 259 14.50 -61.91 19.31
C GLN F 259 14.85 -62.58 17.99
N MET F 260 15.80 -63.52 18.05
CA MET F 260 16.35 -64.16 16.87
C MET F 260 15.34 -64.97 16.08
N ASP F 261 14.89 -66.09 16.64
CA ASP F 261 13.95 -66.98 15.96
C ASP F 261 12.70 -66.27 15.44
N LYS F 262 12.37 -65.12 16.05
CA LYS F 262 11.22 -64.29 15.63
C LYS F 262 11.57 -63.31 14.51
N ILE F 263 12.86 -63.06 14.30
CA ILE F 263 13.32 -62.22 13.20
C ILE F 263 13.19 -62.95 11.86
N LEU F 264 13.59 -64.23 11.83
CA LEU F 264 13.39 -65.10 10.68
C LEU F 264 11.91 -65.36 10.43
N LYS F 265 11.11 -65.38 11.52
CA LYS F 265 9.68 -65.58 11.43
C LYS F 265 9.04 -64.52 10.55
N GLU F 266 9.32 -63.25 10.84
CA GLU F 266 8.82 -62.17 10.00
C GLU F 266 9.53 -62.14 8.65
N GLU F 267 10.83 -62.48 8.64
CA GLU F 267 11.58 -62.54 7.39
C GLU F 267 10.90 -63.50 6.41
N ARG F 268 10.73 -64.76 6.84
CA ARG F 268 10.02 -65.74 6.03
C ARG F 268 8.64 -65.24 5.61
N ALA F 269 7.95 -64.59 6.55
CA ALA F 269 6.61 -64.06 6.31
C ALA F 269 6.61 -62.96 5.25
N TYR F 270 7.44 -61.93 5.46
CA TYR F 270 7.48 -60.78 4.57
C TYR F 270 7.61 -61.17 3.10
N LEU F 271 8.49 -62.12 2.83
CA LEU F 271 8.72 -62.61 1.47
C LEU F 271 7.53 -63.40 0.93
N LEU F 272 6.83 -64.13 1.81
CA LEU F 272 5.68 -64.94 1.42
C LEU F 272 4.46 -64.07 1.04
N ASN F 273 4.27 -62.98 1.78
CA ASN F 273 3.17 -62.03 1.54
C ASN F 273 3.23 -61.39 0.17
N ILE F 274 4.44 -61.02 -0.25
CA ILE F 274 4.67 -60.47 -1.58
C ILE F 274 4.33 -61.53 -2.62
N CYS F 275 4.85 -62.75 -2.43
CA CYS F 275 4.55 -63.86 -3.32
C CYS F 275 3.07 -64.28 -3.28
N LYS F 276 2.42 -64.03 -2.14
CA LYS F 276 0.99 -64.31 -1.99
C LYS F 276 0.13 -63.27 -2.71
N LYS F 277 0.50 -61.99 -2.56
CA LYS F 277 -0.21 -60.88 -3.21
C LYS F 277 -0.11 -60.98 -4.73
N ILE F 278 0.94 -61.66 -5.19
CA ILE F 278 1.14 -61.90 -6.63
C ILE F 278 0.18 -62.98 -7.13
N LYS F 279 0.18 -64.14 -6.49
CA LYS F 279 -0.76 -65.22 -6.82
C LYS F 279 -2.20 -64.77 -6.66
N LYS F 280 -2.42 -63.81 -5.77
CA LYS F 280 -3.75 -63.27 -5.47
C LYS F 280 -4.28 -62.33 -6.56
N ALA F 281 -3.38 -61.63 -7.26
CA ALA F 281 -3.78 -60.83 -8.41
C ALA F 281 -4.03 -61.75 -9.61
N LYS F 282 -3.42 -62.93 -9.57
CA LYS F 282 -3.59 -64.03 -10.53
C LYS F 282 -2.71 -63.90 -11.79
N CYS F 283 -1.39 -63.89 -11.56
CA CYS F 283 -0.42 -63.94 -12.63
C CYS F 283 0.59 -65.07 -12.42
N ASN F 284 1.02 -65.68 -13.53
CA ASN F 284 1.94 -66.83 -13.47
C ASN F 284 3.30 -66.57 -14.12
N VAL F 285 3.57 -65.30 -14.40
CA VAL F 285 4.84 -64.87 -14.97
C VAL F 285 5.30 -63.57 -14.30
N LEU F 286 6.54 -63.54 -13.84
CA LEU F 286 7.12 -62.34 -13.25
C LEU F 286 8.28 -61.81 -14.07
N LEU F 287 8.31 -60.49 -14.23
CA LEU F 287 9.43 -59.81 -14.89
C LEU F 287 9.91 -58.65 -14.02
N ILE F 288 11.20 -58.68 -13.68
CA ILE F 288 11.79 -57.79 -12.68
C ILE F 288 12.95 -56.98 -13.25
N GLN F 289 12.96 -55.68 -12.96
CA GLN F 289 14.01 -54.80 -13.49
C GLN F 289 15.37 -54.94 -12.76
N LYS F 290 16.35 -54.15 -13.19
CA LYS F 290 17.74 -54.23 -12.73
C LYS F 290 17.94 -53.88 -11.26
N SER F 291 18.60 -54.80 -10.56
CA SER F 291 18.77 -54.75 -9.11
C SER F 291 20.11 -54.17 -8.68
N ILE F 292 20.84 -53.56 -9.62
CA ILE F 292 22.14 -52.93 -9.33
C ILE F 292 22.07 -52.06 -8.08
N LEU F 293 20.88 -51.51 -7.83
CA LEU F 293 20.57 -50.78 -6.60
C LEU F 293 21.05 -51.55 -5.35
N ARG F 294 20.33 -52.62 -4.98
CA ARG F 294 20.66 -53.35 -3.75
C ARG F 294 20.21 -54.81 -3.65
N ASP F 295 18.90 -55.04 -3.81
CA ASP F 295 18.29 -56.28 -3.33
C ASP F 295 18.22 -57.46 -4.30
N ALA F 296 17.57 -57.25 -5.45
CA ALA F 296 17.27 -58.31 -6.43
C ALA F 296 16.02 -59.11 -6.04
N VAL F 297 16.01 -60.41 -6.36
CA VAL F 297 14.97 -61.32 -5.90
C VAL F 297 15.64 -62.48 -5.16
N ASN F 298 15.31 -62.60 -3.87
CA ASN F 298 15.99 -63.51 -2.94
C ASN F 298 15.86 -64.99 -3.30
N ASP F 299 16.85 -65.78 -2.90
CA ASP F 299 16.81 -67.24 -3.09
C ASP F 299 15.78 -67.92 -2.21
N LEU F 300 15.46 -67.29 -1.08
CA LEU F 300 14.39 -67.74 -0.18
C LEU F 300 13.02 -67.40 -0.73
N ALA F 301 12.93 -66.25 -1.41
CA ALA F 301 11.69 -65.83 -2.06
C ALA F 301 11.44 -66.63 -3.33
N LEU F 302 12.50 -67.22 -3.86
CA LEU F 302 12.45 -67.90 -5.14
C LEU F 302 11.79 -69.26 -5.04
N HIS F 303 11.99 -69.93 -3.90
CA HIS F 303 11.34 -71.21 -3.63
C HIS F 303 9.85 -71.02 -3.38
N PHE F 304 9.49 -69.93 -2.71
CA PHE F 304 8.10 -69.53 -2.56
C PHE F 304 7.47 -69.39 -3.94
N LEU F 305 8.20 -68.72 -4.83
CA LEU F 305 7.73 -68.41 -6.18
C LEU F 305 7.60 -69.66 -7.04
N SER F 306 8.48 -70.63 -6.79
CA SER F 306 8.53 -71.90 -7.52
C SER F 306 7.37 -72.83 -7.18
N LYS F 307 7.27 -73.18 -5.90
CA LYS F 307 6.19 -74.04 -5.40
C LYS F 307 4.82 -73.40 -5.63
N LEU F 308 4.81 -72.07 -5.72
CA LEU F 308 3.61 -71.30 -6.05
C LEU F 308 3.47 -71.13 -7.57
N ASN F 309 4.26 -71.90 -8.33
CA ASN F 309 4.15 -72.02 -9.78
C ASN F 309 4.08 -70.69 -10.54
N ILE F 310 4.75 -69.68 -10.01
CA ILE F 310 4.90 -68.42 -10.73
C ILE F 310 6.28 -68.43 -11.38
N MET F 311 6.32 -68.21 -12.69
CA MET F 311 7.54 -68.33 -13.48
C MET F 311 8.27 -66.99 -13.56
N VAL F 312 9.54 -66.99 -13.17
CA VAL F 312 10.27 -65.75 -12.89
C VAL F 312 11.35 -65.42 -13.93
N VAL F 313 11.43 -64.15 -14.29
CA VAL F 313 12.48 -63.65 -15.19
C VAL F 313 13.11 -62.37 -14.61
N LYS F 314 14.33 -62.51 -14.08
CA LYS F 314 15.04 -61.42 -13.40
C LYS F 314 16.02 -60.69 -14.33
N ASP F 315 16.52 -59.55 -13.87
CA ASP F 315 17.48 -58.72 -14.61
C ASP F 315 16.97 -58.29 -15.99
N ILE F 316 16.30 -57.14 -16.03
CA ILE F 316 15.77 -56.58 -17.27
C ILE F 316 16.05 -55.08 -17.31
N GLU F 317 16.87 -54.65 -18.27
CA GLU F 317 17.38 -53.28 -18.35
C GLU F 317 16.25 -52.24 -18.32
N ARG F 318 16.57 -51.06 -17.80
CA ARG F 318 15.59 -49.98 -17.63
C ARG F 318 15.08 -49.44 -18.98
N GLU F 319 15.96 -49.45 -19.98
CA GLU F 319 15.57 -49.12 -21.36
C GLU F 319 14.47 -50.07 -21.88
N GLU F 320 14.51 -51.32 -21.43
CA GLU F 320 13.63 -52.37 -21.94
C GLU F 320 12.18 -52.23 -21.44
N ILE F 321 11.95 -51.35 -20.46
CA ILE F 321 10.62 -51.20 -19.84
C ILE F 321 9.59 -50.57 -20.77
N GLU F 322 9.96 -49.45 -21.39
CA GLU F 322 9.07 -48.73 -22.30
C GLU F 322 8.50 -49.64 -23.38
N PHE F 323 9.37 -50.45 -23.98
CA PHE F 323 9.03 -51.41 -25.03
C PHE F 323 8.19 -52.57 -24.50
N LEU F 324 8.62 -53.14 -23.38
CA LEU F 324 7.98 -54.32 -22.83
C LEU F 324 6.58 -53.98 -22.31
N SER F 325 6.42 -52.73 -21.85
CA SER F 325 5.14 -52.21 -21.35
C SER F 325 4.09 -52.22 -22.45
N LYS F 326 4.46 -51.76 -23.64
CA LYS F 326 3.56 -51.72 -24.79
C LYS F 326 3.41 -53.09 -25.44
N GLY F 327 4.53 -53.82 -25.54
CA GLY F 327 4.58 -55.12 -26.21
C GLY F 327 3.80 -56.21 -25.51
N LEU F 328 3.59 -56.06 -24.20
CA LEU F 328 2.89 -57.07 -23.41
C LEU F 328 1.64 -56.52 -22.72
N GLY F 329 0.95 -55.56 -23.34
CA GLY F 329 -0.26 -54.93 -22.79
C GLY F 329 -0.34 -54.91 -21.26
N CYS F 330 0.80 -54.57 -20.64
CA CYS F 330 1.00 -54.70 -19.18
C CYS F 330 1.60 -53.44 -18.56
N LYS F 331 0.80 -52.79 -17.70
CA LYS F 331 1.24 -51.59 -16.98
C LYS F 331 2.34 -51.93 -15.96
N PRO F 332 3.45 -51.17 -15.97
CA PRO F 332 4.59 -51.40 -15.09
C PRO F 332 4.25 -51.12 -13.62
N ILE F 333 4.82 -51.91 -12.71
CA ILE F 333 4.43 -51.90 -11.30
C ILE F 333 5.59 -51.54 -10.36
N ALA F 334 5.45 -50.44 -9.63
CA ALA F 334 6.54 -49.91 -8.80
C ALA F 334 6.58 -50.41 -7.35
N ASP F 335 5.45 -50.32 -6.63
CA ASP F 335 5.33 -50.81 -5.25
C ASP F 335 4.34 -51.99 -5.20
N ILE F 336 4.44 -52.82 -4.16
CA ILE F 336 3.54 -53.99 -3.98
C ILE F 336 2.09 -53.56 -3.81
N GLU F 337 1.89 -52.55 -2.96
CA GLU F 337 0.57 -51.98 -2.71
C GLU F 337 0.02 -51.32 -3.96
N LEU F 338 0.61 -51.64 -5.11
CA LEU F 338 0.11 -51.23 -6.41
C LEU F 338 0.23 -52.36 -7.43
N PHE F 339 0.23 -53.60 -6.94
CA PHE F 339 0.22 -54.78 -7.81
C PHE F 339 -1.20 -55.29 -7.96
N THR F 340 -1.76 -55.16 -9.16
CA THR F 340 -3.17 -55.49 -9.39
C THR F 340 -3.42 -56.34 -10.64
N GLU F 341 -4.46 -57.17 -10.59
CA GLU F 341 -4.98 -57.89 -11.76
C GLU F 341 -5.21 -56.93 -12.91
N ASP F 342 -5.54 -55.69 -12.55
CA ASP F 342 -5.71 -54.56 -13.44
C ASP F 342 -4.52 -54.33 -14.40
N ARG F 343 -3.31 -54.44 -13.86
CA ARG F 343 -2.10 -54.09 -14.60
C ARG F 343 -1.36 -55.32 -15.13
N LEU F 344 -2.02 -56.47 -15.07
CA LEU F 344 -1.44 -57.69 -15.59
C LEU F 344 -1.64 -57.78 -17.09
N ASP F 345 -0.84 -58.62 -17.72
CA ASP F 345 -1.02 -58.96 -19.11
C ASP F 345 -2.05 -60.09 -19.21
N SER F 346 -2.33 -60.52 -20.43
CA SER F 346 -3.14 -61.71 -20.68
C SER F 346 -2.71 -62.35 -21.99
N ALA F 347 -1.51 -62.92 -21.98
CA ALA F 347 -0.93 -63.54 -23.17
C ALA F 347 -1.32 -65.01 -23.26
N ASP F 348 -1.37 -65.52 -24.49
CA ASP F 348 -1.79 -66.91 -24.72
C ASP F 348 -0.77 -67.95 -24.26
N LEU F 349 0.48 -67.83 -24.73
CA LEU F 349 1.55 -68.73 -24.29
C LEU F 349 2.84 -67.98 -24.06
N VAL F 350 3.56 -68.38 -23.01
CA VAL F 350 4.96 -68.01 -22.79
C VAL F 350 5.74 -69.31 -22.58
N GLU F 351 6.73 -69.55 -23.43
CA GLU F 351 7.54 -70.77 -23.37
C GLU F 351 8.98 -70.54 -23.82
N GLU F 352 9.94 -70.82 -22.94
CA GLU F 352 11.36 -70.67 -23.26
C GLU F 352 11.85 -71.88 -24.05
N ILE F 353 12.40 -71.60 -25.24
CA ILE F 353 12.84 -72.63 -26.18
C ILE F 353 14.27 -73.11 -25.83
N ASP F 354 14.85 -73.96 -26.69
CA ASP F 354 16.23 -74.42 -26.54
C ASP F 354 16.92 -74.51 -27.92
N SER F 355 17.45 -73.37 -28.37
CA SER F 355 17.97 -73.23 -29.73
C SER F 355 19.51 -73.19 -29.78
N ASP F 356 20.11 -74.27 -30.29
CA ASP F 356 21.59 -74.45 -30.33
C ASP F 356 22.11 -74.93 -28.96
N GLY F 357 21.19 -75.17 -28.03
CA GLY F 357 21.51 -75.34 -26.63
C GLY F 357 21.33 -74.05 -25.84
N SER F 358 21.08 -72.95 -26.54
CA SER F 358 20.90 -71.63 -25.93
C SER F 358 19.46 -71.10 -26.05
N LYS F 359 18.84 -70.83 -24.90
CA LYS F 359 17.43 -70.50 -24.83
C LYS F 359 17.10 -69.06 -25.20
N ILE F 360 15.85 -68.86 -25.61
CA ILE F 360 15.26 -67.52 -25.75
C ILE F 360 13.87 -67.55 -25.14
N VAL F 361 13.32 -66.38 -24.80
CA VAL F 361 12.01 -66.31 -24.16
C VAL F 361 10.92 -65.83 -25.12
N ARG F 362 9.93 -66.68 -25.37
CA ARG F 362 8.86 -66.37 -26.31
C ARG F 362 7.59 -65.91 -25.61
N VAL F 363 6.96 -64.88 -26.18
CA VAL F 363 5.60 -64.50 -25.80
C VAL F 363 4.75 -64.41 -27.07
N THR F 364 4.01 -65.48 -27.34
CA THR F 364 3.17 -65.57 -28.55
C THR F 364 1.68 -65.50 -28.19
N GLY F 365 0.96 -64.66 -28.91
CA GLY F 365 -0.46 -64.41 -28.65
C GLY F 365 -0.65 -63.43 -27.51
N ILE F 366 -1.15 -62.25 -27.84
CA ILE F 366 -1.36 -61.20 -26.84
C ILE F 366 -2.76 -60.56 -26.93
N ARG F 367 -3.57 -60.80 -25.90
CA ARG F 367 -4.97 -60.35 -25.84
C ARG F 367 -5.13 -59.03 -25.09
N ASN F 368 -5.99 -58.16 -25.63
CA ASN F 368 -6.21 -56.77 -25.18
C ASN F 368 -6.15 -55.80 -26.37
N ASN F 369 -6.31 -54.51 -26.11
CA ASN F 369 -6.21 -53.47 -27.15
C ASN F 369 -4.78 -52.99 -27.34
N ASN F 370 -4.23 -53.24 -28.52
CA ASN F 370 -2.87 -52.77 -28.85
C ASN F 370 -2.88 -51.33 -29.37
N ALA F 371 -3.10 -50.39 -28.44
CA ALA F 371 -3.03 -48.96 -28.73
C ALA F 371 -1.61 -48.57 -29.13
N ARG F 372 -0.63 -49.29 -28.59
CA ARG F 372 0.74 -49.26 -29.08
C ARG F 372 1.06 -50.62 -29.73
N PRO F 373 1.62 -50.60 -30.96
CA PRO F 373 1.97 -51.81 -31.70
C PRO F 373 3.48 -52.06 -31.75
N THR F 374 3.88 -53.32 -31.57
CA THR F 374 5.29 -53.66 -31.45
C THR F 374 5.61 -55.01 -32.07
N VAL F 375 6.70 -55.04 -32.84
CA VAL F 375 7.15 -56.25 -33.49
C VAL F 375 8.41 -56.77 -32.80
N SER F 376 8.68 -58.07 -33.00
CA SER F 376 9.90 -58.71 -32.49
C SER F 376 10.37 -59.74 -33.50
N VAL F 377 11.63 -59.63 -33.91
CA VAL F 377 12.20 -60.51 -34.94
C VAL F 377 13.44 -61.22 -34.41
N VAL F 378 13.44 -62.54 -34.48
CA VAL F 378 14.59 -63.33 -34.07
C VAL F 378 15.47 -63.61 -35.28
N ILE F 379 16.75 -63.26 -35.16
CA ILE F 379 17.74 -63.49 -36.20
C ILE F 379 18.65 -64.64 -35.80
N ARG F 380 18.75 -65.63 -36.68
CA ARG F 380 19.74 -66.69 -36.53
C ARG F 380 20.78 -66.52 -37.64
N GLY F 381 21.89 -67.24 -37.51
CA GLY F 381 22.99 -67.23 -38.47
C GLY F 381 24.11 -68.17 -38.03
N ALA F 382 24.73 -68.84 -39.00
CA ALA F 382 25.75 -69.87 -38.73
C ALA F 382 26.99 -69.33 -38.03
N ASN F 383 27.44 -68.15 -38.45
CA ASN F 383 28.64 -67.54 -37.91
C ASN F 383 28.36 -66.15 -37.37
N ASN F 384 28.89 -65.87 -36.17
CA ASN F 384 28.66 -64.60 -35.48
C ASN F 384 28.53 -63.39 -36.43
N MET F 385 29.51 -63.21 -37.31
CA MET F 385 29.55 -62.07 -38.24
C MET F 385 28.36 -62.04 -39.17
N ILE F 386 27.98 -63.21 -39.68
CA ILE F 386 26.85 -63.31 -40.60
C ILE F 386 25.50 -63.22 -39.87
N ILE F 387 25.55 -62.84 -38.59
CA ILE F 387 24.34 -62.48 -37.88
C ILE F 387 24.28 -60.96 -37.81
N ASP F 388 25.39 -60.35 -37.41
CA ASP F 388 25.48 -58.89 -37.32
C ASP F 388 25.19 -58.23 -38.66
N GLU F 389 25.60 -58.88 -39.75
CA GLU F 389 25.33 -58.37 -41.09
C GLU F 389 23.87 -58.52 -41.47
N THR F 390 23.25 -59.61 -41.02
CA THR F 390 21.81 -59.82 -41.23
C THR F 390 21.00 -58.69 -40.60
N GLU F 391 21.46 -58.23 -39.43
CA GLU F 391 20.81 -57.14 -38.71
C GLU F 391 21.03 -55.81 -39.43
N ARG F 392 22.18 -55.66 -40.06
CA ARG F 392 22.51 -54.44 -40.77
C ARG F 392 21.88 -54.38 -42.16
N SER F 393 21.49 -55.54 -42.68
CA SER F 393 20.80 -55.61 -43.96
C SER F 393 19.28 -55.55 -43.78
N LEU F 394 18.81 -55.93 -42.60
CA LEU F 394 17.43 -55.69 -42.23
C LEU F 394 17.22 -54.19 -42.02
N HIS F 395 18.09 -53.60 -41.20
CA HIS F 395 17.99 -52.19 -40.85
C HIS F 395 18.07 -51.28 -42.07
N ASP F 396 18.83 -51.70 -43.08
CA ASP F 396 18.94 -50.93 -44.32
C ASP F 396 17.62 -50.99 -45.11
N ALA F 397 16.99 -52.17 -45.15
CA ALA F 397 15.69 -52.35 -45.82
C ALA F 397 14.56 -51.73 -45.02
N LEU F 398 14.47 -52.08 -43.74
CA LEU F 398 13.53 -51.44 -42.83
C LEU F 398 13.55 -49.94 -43.01
N CYS F 399 14.75 -49.40 -43.23
CA CYS F 399 14.95 -47.96 -43.40
C CYS F 399 14.45 -47.41 -44.72
N VAL F 400 14.49 -48.20 -45.79
CA VAL F 400 14.00 -47.72 -47.09
C VAL F 400 12.48 -47.59 -47.07
N ILE F 401 11.82 -48.43 -46.27
CA ILE F 401 10.38 -48.36 -46.08
C ILE F 401 10.05 -47.16 -45.20
N ARG F 402 10.92 -46.89 -44.23
CA ARG F 402 10.83 -45.69 -43.40
C ARG F 402 10.89 -44.42 -44.25
N CYS F 403 11.81 -44.38 -45.21
CA CYS F 403 11.90 -43.24 -46.12
C CYS F 403 10.64 -43.07 -46.97
N LEU F 404 9.98 -44.19 -47.26
CA LEU F 404 8.71 -44.18 -47.97
C LEU F 404 7.58 -43.63 -47.09
N VAL F 405 7.70 -43.81 -45.78
CA VAL F 405 6.81 -43.14 -44.84
C VAL F 405 7.09 -41.63 -44.87
N LYS F 406 8.37 -41.28 -45.04
CA LYS F 406 8.81 -39.89 -45.05
C LYS F 406 8.38 -39.15 -46.32
N GLU F 407 9.11 -39.34 -47.43
CA GLU F 407 8.66 -38.82 -48.73
C GLU F 407 8.04 -39.96 -49.52
N ARG F 408 6.71 -39.89 -49.69
CA ARG F 408 5.89 -40.99 -50.22
C ARG F 408 6.05 -41.24 -51.72
N GLY F 409 7.24 -40.94 -52.25
CA GLY F 409 7.56 -41.16 -53.64
C GLY F 409 8.67 -42.18 -53.83
N LEU F 410 8.79 -42.69 -55.06
CA LEU F 410 9.77 -43.72 -55.41
C LEU F 410 10.29 -43.50 -56.84
N ILE F 411 11.58 -43.74 -57.04
CA ILE F 411 12.20 -43.54 -58.34
C ILE F 411 12.67 -44.85 -58.93
N ALA F 412 12.97 -44.82 -60.23
CA ALA F 412 13.71 -45.88 -60.89
C ALA F 412 15.15 -45.86 -60.36
N GLY F 413 15.81 -47.01 -60.41
CA GLY F 413 17.16 -47.14 -59.86
C GLY F 413 18.19 -47.54 -60.90
N GLY F 414 19.20 -48.29 -60.45
CA GLY F 414 20.25 -48.77 -61.33
C GLY F 414 20.84 -47.68 -62.19
N GLY F 415 21.18 -46.56 -61.55
CA GLY F 415 21.80 -45.43 -62.22
C GLY F 415 20.84 -44.50 -62.96
N ALA F 416 19.65 -45.00 -63.29
CA ALA F 416 18.67 -44.24 -64.07
C ALA F 416 18.52 -42.76 -63.68
N PRO F 417 18.36 -42.46 -62.37
CA PRO F 417 18.30 -41.05 -61.99
C PRO F 417 19.60 -40.33 -62.27
N GLU F 418 20.72 -40.98 -61.96
CA GLU F 418 22.05 -40.39 -62.10
C GLU F 418 22.42 -40.11 -63.55
N ILE F 419 21.76 -40.81 -64.49
CA ILE F 419 21.93 -40.57 -65.92
C ILE F 419 20.99 -39.48 -66.41
N GLU F 420 19.74 -39.50 -65.95
CA GLU F 420 18.79 -38.45 -66.29
C GLU F 420 19.35 -37.10 -65.85
N ILE F 421 19.65 -36.98 -64.56
CA ILE F 421 20.20 -35.75 -64.01
C ILE F 421 21.39 -35.26 -64.85
N SER F 422 22.32 -36.17 -65.17
CA SER F 422 23.45 -35.85 -66.04
C SER F 422 22.98 -35.22 -67.35
N ARG F 423 21.96 -35.82 -67.98
CA ARG F 423 21.41 -35.31 -69.24
C ARG F 423 20.68 -33.98 -69.06
N ARG F 424 19.88 -33.89 -67.99
CA ARG F 424 19.12 -32.68 -67.69
C ARG F 424 20.03 -31.51 -67.41
N LEU F 425 20.92 -31.67 -66.43
CA LEU F 425 21.85 -30.62 -66.01
C LEU F 425 22.88 -30.24 -67.08
N SER F 426 22.88 -30.97 -68.19
CA SER F 426 23.69 -30.59 -69.34
C SER F 426 22.98 -29.52 -70.16
N LYS F 427 21.71 -29.78 -70.50
CA LYS F 427 20.90 -28.85 -71.30
C LYS F 427 20.66 -27.52 -70.58
N GLU F 428 20.61 -27.56 -69.26
CA GLU F 428 20.49 -26.35 -68.43
C GLU F 428 21.71 -25.47 -68.61
N ALA F 429 22.90 -26.08 -68.65
CA ALA F 429 24.16 -25.34 -68.68
C ALA F 429 24.55 -24.86 -70.07
N ARG F 430 24.03 -25.53 -71.10
CA ARG F 430 24.20 -25.07 -72.47
C ARG F 430 23.45 -23.76 -72.68
N SER F 431 22.52 -23.45 -71.76
CA SER F 431 21.77 -22.19 -71.75
C SER F 431 22.47 -21.13 -70.88
N MET F 432 23.14 -21.60 -69.83
CA MET F 432 23.84 -20.76 -68.85
C MET F 432 24.85 -19.82 -69.48
N GLU F 433 25.86 -20.41 -70.12
CA GLU F 433 26.96 -19.70 -70.77
C GLU F 433 27.84 -18.95 -69.76
N GLY F 434 29.07 -18.66 -70.17
CA GLY F 434 30.07 -18.10 -69.27
C GLY F 434 30.68 -19.18 -68.37
N VAL F 435 31.06 -18.78 -67.16
CA VAL F 435 31.86 -19.63 -66.26
C VAL F 435 31.03 -20.66 -65.48
N GLN F 436 29.90 -20.22 -64.91
CA GLN F 436 29.04 -21.08 -64.09
C GLN F 436 28.26 -22.10 -64.94
N ALA F 437 28.69 -22.30 -66.18
CA ALA F 437 28.11 -23.30 -67.06
C ALA F 437 29.02 -24.52 -67.12
N PHE F 438 30.34 -24.27 -67.14
CA PHE F 438 31.36 -25.31 -67.15
C PHE F 438 31.32 -26.16 -65.89
N ILE F 439 30.97 -25.50 -64.78
CA ILE F 439 30.83 -26.17 -63.50
C ILE F 439 29.72 -27.22 -63.59
N TRP F 440 28.49 -26.78 -63.84
CA TRP F 440 27.35 -27.67 -64.01
C TRP F 440 27.62 -28.85 -64.97
N GLN F 441 28.37 -28.58 -66.04
CA GLN F 441 28.71 -29.62 -67.02
C GLN F 441 29.61 -30.65 -66.40
N GLU F 442 30.61 -30.20 -65.65
CA GLU F 442 31.52 -31.09 -64.92
C GLU F 442 30.77 -31.83 -63.83
N PHE F 443 29.74 -31.19 -63.28
CA PHE F 443 28.89 -31.77 -62.24
C PHE F 443 28.02 -32.88 -62.82
N ALA F 444 27.42 -32.60 -63.97
CA ALA F 444 26.60 -33.57 -64.68
C ALA F 444 27.44 -34.77 -65.09
N SER F 445 28.69 -34.50 -65.46
CA SER F 445 29.67 -35.53 -65.81
C SER F 445 30.02 -36.43 -64.62
N ALA F 446 29.94 -35.87 -63.41
CA ALA F 446 30.32 -36.59 -62.21
C ALA F 446 29.26 -37.60 -61.79
N LEU F 447 28.01 -37.13 -61.68
CA LEU F 447 26.88 -37.96 -61.24
C LEU F 447 26.85 -39.29 -61.96
N GLU F 448 27.40 -39.30 -63.16
CA GLU F 448 27.49 -40.45 -64.03
C GLU F 448 28.35 -41.57 -63.43
N VAL F 449 29.07 -41.25 -62.35
CA VAL F 449 30.00 -42.19 -61.72
C VAL F 449 29.30 -43.41 -61.09
N ILE F 450 28.10 -43.20 -60.60
CA ILE F 450 27.29 -44.28 -60.00
C ILE F 450 27.06 -45.45 -60.98
N PRO F 451 26.46 -45.20 -62.15
CA PRO F 451 26.25 -46.28 -63.11
C PRO F 451 27.55 -46.89 -63.63
N THR F 452 28.60 -46.07 -63.67
CA THR F 452 29.92 -46.51 -64.12
C THR F 452 30.51 -47.57 -63.20
N THR F 453 30.55 -47.29 -61.90
CA THR F 453 31.05 -48.24 -60.92
C THR F 453 30.09 -49.43 -60.78
N LEU F 454 28.79 -49.16 -60.91
CA LEU F 454 27.79 -50.23 -60.96
C LEU F 454 28.13 -51.21 -62.07
N ALA F 455 28.29 -50.69 -63.29
CA ALA F 455 28.64 -51.51 -64.43
C ALA F 455 30.03 -52.15 -64.31
N GLU F 456 30.96 -51.41 -63.70
CA GLU F 456 32.35 -51.87 -63.58
C GLU F 456 32.49 -53.02 -62.57
N ASN F 457 31.60 -53.05 -61.59
CA ASN F 457 31.49 -54.18 -60.67
C ASN F 457 30.95 -55.42 -61.38
N ALA F 458 30.12 -55.21 -62.38
CA ALA F 458 29.55 -56.30 -63.17
C ALA F 458 30.47 -56.75 -64.31
N GLY F 459 31.66 -56.16 -64.39
CA GLY F 459 32.67 -56.54 -65.39
C GLY F 459 32.34 -56.13 -66.81
N LEU F 460 31.49 -55.12 -66.93
CA LEU F 460 31.04 -54.63 -68.22
C LEU F 460 31.96 -53.51 -68.73
N ASN F 461 31.89 -53.24 -70.03
CA ASN F 461 32.56 -52.08 -70.61
C ASN F 461 31.75 -50.84 -70.24
N SER F 462 32.10 -50.25 -69.11
CA SER F 462 31.32 -49.14 -68.55
C SER F 462 31.12 -48.01 -69.56
N ILE F 463 32.11 -47.79 -70.41
CA ILE F 463 32.00 -46.81 -71.48
C ILE F 463 30.85 -47.14 -72.43
N LYS F 464 30.79 -48.39 -72.87
CA LYS F 464 29.77 -48.84 -73.82
C LYS F 464 28.37 -48.76 -73.23
N VAL F 465 28.25 -49.16 -71.96
CA VAL F 465 26.97 -49.15 -71.25
C VAL F 465 26.41 -47.73 -71.17
N VAL F 466 27.25 -46.80 -70.72
CA VAL F 466 26.83 -45.42 -70.46
C VAL F 466 26.43 -44.67 -71.73
N THR F 467 27.31 -44.65 -72.74
CA THR F 467 27.04 -43.92 -73.98
C THR F 467 25.70 -44.37 -74.53
N GLU F 468 25.45 -45.68 -74.43
CA GLU F 468 24.20 -46.29 -74.83
C GLU F 468 23.07 -45.93 -73.88
N LEU F 469 23.41 -45.83 -72.59
CA LEU F 469 22.42 -45.53 -71.57
C LEU F 469 21.94 -44.09 -71.68
N ARG F 470 22.82 -43.18 -72.10
CA ARG F 470 22.48 -41.78 -72.29
C ARG F 470 21.72 -41.56 -73.60
N SER F 471 22.13 -42.28 -74.64
CA SER F 471 21.46 -42.21 -75.95
C SER F 471 20.00 -42.66 -75.85
N LYS F 472 19.78 -43.75 -75.11
CA LYS F 472 18.44 -44.30 -74.93
C LYS F 472 17.64 -43.46 -73.93
N HIS F 473 18.35 -42.73 -73.08
CA HIS F 473 17.72 -41.84 -72.14
C HIS F 473 17.35 -40.50 -72.78
N GLU F 474 17.99 -40.20 -73.91
CA GLU F 474 17.72 -38.98 -74.68
C GLU F 474 16.34 -39.04 -75.34
N ASN F 475 15.78 -40.24 -75.40
CA ASN F 475 14.43 -40.43 -75.92
C ASN F 475 13.54 -41.06 -74.86
N GLY F 476 13.77 -42.35 -74.63
CA GLY F 476 12.95 -43.18 -73.74
C GLY F 476 12.87 -42.73 -72.28
N GLU F 477 13.67 -41.72 -71.95
CA GLU F 477 13.57 -41.02 -70.67
C GLU F 477 13.76 -41.89 -69.43
N LEU F 478 12.98 -41.60 -68.40
CA LEU F 478 13.31 -41.91 -67.00
C LEU F 478 13.13 -43.35 -66.49
N ASN F 479 13.77 -44.28 -67.17
CA ASN F 479 13.68 -45.68 -66.80
C ASN F 479 14.90 -46.48 -67.28
N ASP F 480 15.74 -45.85 -68.09
CA ASP F 480 16.89 -46.52 -68.68
C ASP F 480 18.10 -46.58 -67.75
N GLY F 481 18.41 -47.79 -67.29
CA GLY F 481 19.55 -48.05 -66.41
C GLY F 481 20.11 -49.45 -66.59
N ILE F 482 21.18 -49.74 -65.84
CA ILE F 482 21.81 -51.06 -65.91
C ILE F 482 21.05 -52.02 -64.99
N SER F 483 20.54 -53.09 -65.58
CA SER F 483 19.94 -54.19 -64.83
C SER F 483 20.92 -55.35 -64.83
N VAL F 484 21.22 -55.88 -63.65
CA VAL F 484 22.26 -56.90 -63.50
C VAL F 484 21.89 -58.23 -64.15
N ARG F 485 20.62 -58.64 -64.00
CA ARG F 485 20.14 -59.88 -64.62
C ARG F 485 20.24 -59.83 -66.15
N ARG F 486 19.83 -58.71 -66.73
CA ARG F 486 19.83 -58.51 -68.18
C ARG F 486 21.23 -58.18 -68.71
N SER F 487 22.07 -57.59 -67.84
CA SER F 487 23.47 -57.24 -68.16
C SER F 487 23.63 -55.93 -68.99
N GLY F 488 22.57 -55.15 -69.12
CA GLY F 488 22.64 -53.91 -69.89
C GLY F 488 21.44 -52.97 -69.87
N THR F 489 21.17 -52.38 -71.03
CA THR F 489 20.16 -51.35 -71.19
C THR F 489 18.72 -51.92 -71.15
N THR F 490 18.06 -51.78 -70.00
CA THR F 490 16.65 -52.16 -69.87
C THR F 490 15.92 -51.27 -68.86
N ASN F 491 14.65 -50.99 -69.16
CA ASN F 491 13.72 -50.27 -68.27
C ASN F 491 13.77 -50.80 -66.84
N THR F 492 14.16 -49.93 -65.90
CA THR F 492 14.46 -50.32 -64.52
C THR F 492 13.31 -50.16 -63.53
N TYR F 493 12.46 -49.16 -63.77
CA TYR F 493 11.26 -48.97 -62.95
C TYR F 493 10.33 -50.18 -63.10
N GLU F 494 10.21 -50.67 -64.34
CA GLU F 494 9.40 -51.85 -64.66
C GLU F 494 10.09 -53.15 -64.25
N GLU F 495 11.42 -53.18 -64.36
CA GLU F 495 12.24 -54.32 -63.91
C GLU F 495 12.17 -54.45 -62.39
N HIS F 496 11.30 -53.64 -61.77
CA HIS F 496 11.06 -53.64 -60.32
C HIS F 496 12.33 -53.31 -59.50
N ILE F 497 13.23 -52.51 -60.08
CA ILE F 497 14.44 -52.06 -59.39
C ILE F 497 14.21 -50.64 -58.88
N LEU F 498 13.74 -50.52 -57.64
CA LEU F 498 13.21 -49.27 -57.12
C LEU F 498 13.86 -48.80 -55.82
N GLN F 499 14.28 -47.54 -55.79
CA GLN F 499 14.90 -46.93 -54.61
C GLN F 499 14.25 -45.61 -54.25
N PRO F 500 14.05 -45.34 -52.94
CA PRO F 500 13.28 -44.19 -52.45
C PRO F 500 13.82 -42.86 -52.97
N VAL F 501 12.92 -41.88 -53.09
CA VAL F 501 13.31 -40.55 -53.56
C VAL F 501 14.30 -39.91 -52.59
N LEU F 502 13.99 -39.98 -51.30
CA LEU F 502 14.85 -39.41 -50.27
C LEU F 502 16.29 -39.94 -50.39
N VAL F 503 16.42 -41.23 -50.72
CA VAL F 503 17.73 -41.88 -50.82
C VAL F 503 18.62 -41.23 -51.89
N SER F 504 17.99 -40.52 -52.83
CA SER F 504 18.74 -39.70 -53.79
C SER F 504 18.52 -38.17 -53.59
N THR F 505 17.44 -37.79 -52.92
CA THR F 505 17.22 -36.42 -52.44
C THR F 505 18.33 -36.04 -51.47
N SER F 506 18.62 -36.96 -50.55
CA SER F 506 19.63 -36.75 -49.54
C SER F 506 21.03 -36.98 -50.12
N ALA F 507 21.21 -38.09 -50.82
CA ALA F 507 22.52 -38.48 -51.37
C ALA F 507 23.29 -37.34 -52.02
N ILE F 508 22.64 -36.61 -52.91
CA ILE F 508 23.32 -35.54 -53.64
C ILE F 508 23.45 -34.31 -52.76
N THR F 509 22.34 -33.92 -52.13
CA THR F 509 22.33 -32.79 -51.21
C THR F 509 23.53 -32.83 -50.25
N LEU F 510 23.76 -33.99 -49.63
CA LEU F 510 24.88 -34.15 -48.70
C LEU F 510 26.24 -34.07 -49.39
N ALA F 511 26.41 -34.83 -50.48
CA ALA F 511 27.66 -34.81 -51.23
C ALA F 511 28.04 -33.39 -51.62
N SER F 512 27.08 -32.65 -52.16
CA SER F 512 27.28 -31.29 -52.64
C SER F 512 27.53 -30.27 -51.53
N GLU F 513 26.95 -30.52 -50.36
CA GLU F 513 27.21 -29.67 -49.19
C GLU F 513 28.59 -29.96 -48.65
N CYS F 514 28.94 -31.24 -48.64
CA CYS F 514 30.23 -31.66 -48.10
C CYS F 514 31.39 -31.07 -48.88
N VAL F 515 31.26 -31.07 -50.20
CA VAL F 515 32.33 -30.52 -51.03
C VAL F 515 32.47 -29.00 -50.78
N LYS F 516 31.33 -28.30 -50.64
CA LYS F 516 31.35 -26.90 -50.24
C LYS F 516 32.13 -26.71 -48.96
N SER F 517 31.99 -27.66 -48.04
CA SER F 517 32.73 -27.62 -46.78
C SER F 517 34.21 -27.95 -46.97
N ILE F 518 34.54 -28.82 -47.94
CA ILE F 518 35.94 -29.19 -48.20
C ILE F 518 36.64 -28.10 -49.00
N LEU F 519 35.87 -27.40 -49.83
CA LEU F 519 36.40 -26.31 -50.65
C LEU F 519 36.66 -25.03 -49.86
N ARG F 520 36.09 -24.93 -48.65
CA ARG F 520 36.39 -23.83 -47.76
C ARG F 520 37.83 -23.91 -47.24
N ILE F 521 38.41 -25.10 -47.32
CA ILE F 521 39.74 -25.37 -46.75
C ILE F 521 40.91 -24.81 -47.59
N ASP F 522 41.69 -23.91 -46.97
CA ASP F 522 42.84 -23.30 -47.63
C ASP F 522 44.14 -23.49 -46.85
N ASP F 523 44.06 -24.14 -45.70
CA ASP F 523 45.23 -24.37 -44.85
C ASP F 523 44.94 -25.36 -43.73
N ILE F 524 45.90 -26.25 -43.49
CA ILE F 524 45.90 -27.16 -42.34
C ILE F 524 47.08 -26.84 -41.44
N ALA F 525 46.81 -26.62 -40.16
CA ALA F 525 47.85 -26.38 -39.15
C ALA F 525 47.48 -27.08 -37.85
N PHE F 526 48.43 -27.85 -37.30
CA PHE F 526 48.14 -28.72 -36.17
C PHE F 526 47.97 -27.93 -34.85
N SER F 527 46.84 -28.16 -34.18
CA SER F 527 46.52 -27.49 -32.91
C SER F 527 46.71 -28.39 -31.67
N ARG F 528 46.75 -27.75 -30.49
CA ARG F 528 47.24 -28.35 -29.23
C ARG F 528 47.06 -29.87 -29.02
N GLN G 3 53.53 -63.98 -54.66
CA GLN G 3 53.23 -63.87 -53.23
C GLN G 3 54.21 -62.92 -52.51
N LEU G 4 54.73 -61.93 -53.25
CA LEU G 4 55.59 -60.87 -52.71
C LEU G 4 54.82 -59.96 -51.74
N PHE G 5 55.38 -59.73 -50.56
CA PHE G 5 54.74 -58.88 -49.53
C PHE G 5 54.37 -57.52 -50.09
N ASN G 6 53.09 -57.21 -50.04
CA ASN G 6 52.49 -56.07 -50.75
C ASN G 6 52.92 -54.72 -50.20
N ASN G 7 52.81 -53.67 -51.02
CA ASN G 7 53.16 -52.32 -50.61
C ASN G 7 51.95 -51.49 -50.20
N SER G 8 52.08 -50.80 -49.05
CA SER G 8 51.05 -49.89 -48.52
C SER G 8 50.87 -48.70 -49.46
N ARG G 9 49.61 -48.38 -49.75
CA ARG G 9 49.29 -47.41 -50.81
C ARG G 9 49.85 -46.03 -50.48
N SER G 10 50.13 -45.23 -51.51
CA SER G 10 50.71 -43.91 -51.32
C SER G 10 49.65 -42.81 -51.23
N ASP G 11 48.38 -43.20 -51.36
CA ASP G 11 47.25 -42.27 -51.32
C ASP G 11 46.39 -42.39 -50.07
N THR G 12 46.00 -43.61 -49.75
CA THR G 12 45.16 -43.90 -48.58
C THR G 12 45.97 -43.82 -47.29
N LEU G 13 45.31 -43.47 -46.19
CA LEU G 13 46.01 -43.29 -44.92
C LEU G 13 45.27 -44.00 -43.77
N PHE G 14 45.63 -45.26 -43.51
CA PHE G 14 45.00 -46.07 -42.46
C PHE G 14 45.96 -46.40 -41.33
N LEU G 15 45.44 -46.46 -40.10
CA LEU G 15 46.28 -46.55 -38.90
C LEU G 15 46.36 -47.94 -38.28
N GLY G 16 47.55 -48.23 -37.75
CA GLY G 16 47.85 -49.49 -37.05
C GLY G 16 47.15 -50.56 -37.82
N GLY G 17 47.02 -50.33 -39.12
CA GLY G 17 46.21 -51.17 -39.98
C GLY G 17 46.62 -51.00 -41.42
N GLU G 18 46.75 -52.14 -42.11
CA GLU G 18 47.02 -52.17 -43.53
C GLU G 18 45.85 -52.87 -44.22
N LYS G 19 45.82 -52.82 -45.55
CA LYS G 19 44.73 -53.41 -46.32
C LYS G 19 45.22 -54.18 -47.55
N ILE G 20 44.75 -55.42 -47.69
CA ILE G 20 45.00 -56.22 -48.89
C ILE G 20 43.71 -56.47 -49.68
N SER G 21 43.77 -56.23 -50.99
CA SER G 21 42.55 -56.14 -51.79
C SER G 21 42.46 -57.15 -52.93
N GLY G 22 41.23 -57.44 -53.35
CA GLY G 22 40.93 -58.19 -54.56
C GLY G 22 41.47 -59.61 -54.62
N ASP G 23 42.64 -59.75 -55.23
CA ASP G 23 43.22 -61.07 -55.48
C ASP G 23 44.11 -61.52 -54.34
N ASP G 24 44.82 -60.58 -53.74
CA ASP G 24 45.72 -60.87 -52.63
C ASP G 24 44.95 -61.42 -51.42
N ILE G 25 43.78 -60.86 -51.14
CA ILE G 25 42.95 -61.32 -50.03
C ILE G 25 42.28 -62.66 -50.32
N ARG G 26 41.59 -62.75 -51.46
CA ARG G 26 40.89 -63.97 -51.87
C ARG G 26 41.75 -65.21 -51.70
N ASN G 27 43.01 -65.07 -52.12
CA ASN G 27 44.00 -66.14 -52.01
C ASN G 27 44.36 -66.43 -50.56
N GLN G 28 44.75 -65.39 -49.81
CA GLN G 28 45.09 -65.50 -48.39
C GLN G 28 43.99 -66.19 -47.57
N ASN G 29 42.74 -65.96 -47.95
CA ASN G 29 41.61 -66.63 -47.32
C ASN G 29 41.59 -68.13 -47.60
N VAL G 30 41.78 -68.49 -48.88
CA VAL G 30 41.80 -69.90 -49.29
C VAL G 30 42.99 -70.65 -48.69
N LEU G 31 44.17 -70.00 -48.70
CA LEU G 31 45.38 -70.58 -48.09
C LEU G 31 45.20 -70.87 -46.60
N ALA G 32 44.66 -69.89 -45.88
CA ALA G 32 44.40 -70.03 -44.44
C ALA G 32 43.27 -71.03 -44.16
N THR G 33 42.33 -71.13 -45.09
CA THR G 33 41.22 -72.09 -44.99
C THR G 33 41.71 -73.52 -45.22
N MET G 34 42.61 -73.70 -46.18
CA MET G 34 43.25 -74.99 -46.41
C MET G 34 44.17 -75.36 -45.24
N ALA G 35 44.87 -74.37 -44.69
CA ALA G 35 45.74 -74.58 -43.53
C ALA G 35 44.97 -75.27 -42.40
N VAL G 36 43.87 -74.67 -42.00
CA VAL G 36 42.96 -75.24 -41.00
C VAL G 36 42.41 -76.61 -41.39
N ALA G 37 41.95 -76.74 -42.65
CA ALA G 37 41.35 -77.99 -43.11
C ALA G 37 42.35 -79.13 -43.25
N ASN G 38 43.53 -78.84 -43.79
CA ASN G 38 44.55 -79.85 -44.09
C ASN G 38 45.18 -80.54 -42.89
N VAL G 39 45.22 -79.83 -41.75
CA VAL G 39 45.66 -80.42 -40.49
C VAL G 39 44.83 -81.66 -40.18
N VAL G 40 43.51 -81.54 -40.34
CA VAL G 40 42.55 -82.56 -39.90
C VAL G 40 41.95 -83.47 -41.01
N LYS G 41 42.58 -83.50 -42.19
CA LYS G 41 42.22 -84.45 -43.24
C LYS G 41 42.74 -85.85 -42.94
N SER G 42 43.94 -85.91 -42.34
CA SER G 42 44.56 -87.16 -41.92
C SER G 42 43.67 -87.94 -40.97
N SER G 43 42.87 -87.20 -40.20
CA SER G 43 42.02 -87.74 -39.13
C SER G 43 40.62 -88.15 -39.60
N LEU G 44 40.46 -88.39 -40.89
CA LEU G 44 39.13 -88.67 -41.45
C LEU G 44 38.98 -90.09 -41.99
N GLY G 45 37.92 -90.77 -41.57
CA GLY G 45 37.63 -92.14 -41.98
C GLY G 45 37.97 -93.18 -40.94
N PRO G 46 37.45 -94.42 -41.11
CA PRO G 46 37.85 -95.49 -40.19
C PRO G 46 39.36 -95.70 -40.22
N VAL G 47 39.95 -95.55 -41.41
CA VAL G 47 41.38 -95.72 -41.60
C VAL G 47 42.14 -94.46 -41.14
N GLY G 48 41.38 -93.49 -40.63
CA GLY G 48 41.94 -92.25 -40.09
C GLY G 48 42.61 -92.44 -38.73
N LEU G 49 43.45 -91.48 -38.36
CA LEU G 49 44.33 -91.63 -37.22
C LEU G 49 44.16 -90.49 -36.21
N ASP G 50 44.97 -90.50 -35.15
CA ASP G 50 44.87 -89.51 -34.09
C ASP G 50 46.15 -88.69 -33.93
N LYS G 51 46.02 -87.55 -33.24
CA LYS G 51 47.10 -86.58 -33.14
C LYS G 51 47.54 -86.38 -31.69
N MET G 52 48.73 -85.83 -31.50
CA MET G 52 49.26 -85.53 -30.17
C MET G 52 49.55 -84.03 -30.07
N LEU G 53 48.81 -83.34 -29.20
CA LEU G 53 48.82 -81.86 -29.11
C LEU G 53 49.47 -81.29 -27.82
N VAL G 54 50.75 -80.94 -27.92
CA VAL G 54 51.55 -80.52 -26.76
C VAL G 54 51.20 -79.10 -26.24
N ASP G 55 50.78 -79.04 -24.98
CA ASP G 55 50.44 -77.81 -24.27
C ASP G 55 51.55 -76.77 -24.35
N ASP G 56 52.79 -77.24 -24.46
CA ASP G 56 54.01 -76.44 -24.45
C ASP G 56 54.75 -76.73 -23.15
N ILE G 57 54.00 -77.08 -22.12
CA ILE G 57 54.58 -77.54 -20.87
C ILE G 57 54.90 -79.02 -20.99
N GLY G 58 54.50 -79.63 -22.10
CA GLY G 58 54.66 -81.06 -22.30
C GLY G 58 53.33 -81.75 -22.08
N ASP G 59 52.50 -81.17 -21.19
CA ASP G 59 51.13 -81.62 -20.95
C ASP G 59 50.39 -81.63 -22.28
N PHE G 60 49.65 -82.70 -22.55
CA PHE G 60 49.07 -82.86 -23.88
C PHE G 60 47.70 -83.52 -23.87
N THR G 61 47.08 -83.57 -25.04
CA THR G 61 45.84 -84.31 -25.23
C THR G 61 45.90 -84.99 -26.59
N VAL G 62 45.48 -86.25 -26.61
CA VAL G 62 45.43 -87.03 -27.83
C VAL G 62 43.96 -87.15 -28.22
N THR G 63 43.60 -86.82 -29.47
CA THR G 63 42.20 -86.96 -29.92
C THR G 63 42.04 -87.09 -31.44
N ASN G 64 40.84 -87.50 -31.86
CA ASN G 64 40.37 -87.41 -33.25
C ASN G 64 39.35 -86.29 -33.41
N ASP G 65 38.37 -86.27 -32.50
CA ASP G 65 37.25 -85.32 -32.53
C ASP G 65 37.66 -83.93 -33.02
N GLY G 66 37.40 -83.70 -34.30
CA GLY G 66 37.92 -82.55 -35.06
C GLY G 66 37.87 -81.21 -34.37
N ALA G 67 36.71 -80.87 -33.81
CA ALA G 67 36.49 -79.61 -33.13
C ALA G 67 37.44 -79.40 -31.93
N THR G 68 37.83 -80.50 -31.28
CA THR G 68 38.72 -80.45 -30.12
C THR G 68 40.16 -80.27 -30.58
N ILE G 69 40.49 -80.82 -31.75
CA ILE G 69 41.80 -80.60 -32.37
C ILE G 69 41.88 -79.15 -32.82
N LEU G 70 40.83 -78.67 -33.49
CA LEU G 70 40.74 -77.29 -33.95
C LEU G 70 40.65 -76.28 -32.80
N SER G 71 39.80 -76.57 -31.82
CA SER G 71 39.79 -75.81 -30.57
C SER G 71 41.23 -75.58 -30.07
N LEU G 72 42.02 -76.66 -30.03
CA LEU G 72 43.35 -76.66 -29.45
C LEU G 72 44.40 -75.90 -30.24
N LEU G 73 44.42 -76.09 -31.57
CA LEU G 73 45.35 -75.35 -32.43
C LEU G 73 45.14 -73.86 -32.26
N ASP G 74 46.22 -73.11 -32.07
CA ASP G 74 46.10 -71.68 -31.97
C ASP G 74 45.95 -71.14 -33.39
N VAL G 75 44.74 -70.72 -33.75
CA VAL G 75 44.45 -70.17 -35.08
C VAL G 75 44.58 -68.66 -35.06
N GLN G 76 45.26 -68.11 -36.06
CA GLN G 76 45.55 -66.68 -36.08
C GLN G 76 44.77 -65.89 -37.13
N HIS G 77 44.36 -66.57 -38.19
CA HIS G 77 43.67 -65.88 -39.28
C HIS G 77 42.17 -65.90 -39.10
N PRO G 78 41.53 -64.75 -39.37
CA PRO G 78 40.08 -64.61 -39.37
C PRO G 78 39.38 -65.77 -40.09
N ALA G 79 39.75 -65.98 -41.35
CA ALA G 79 39.11 -66.98 -42.20
C ALA G 79 39.55 -68.40 -41.89
N GLY G 80 40.39 -68.54 -40.87
CA GLY G 80 40.68 -69.84 -40.28
C GLY G 80 39.74 -70.07 -39.12
N LYS G 81 39.71 -69.09 -38.21
CA LYS G 81 38.87 -69.13 -37.01
C LYS G 81 37.39 -69.24 -37.34
N ILE G 82 37.02 -68.85 -38.56
CA ILE G 82 35.64 -68.95 -39.02
C ILE G 82 35.24 -70.41 -39.21
N LEU G 83 36.15 -71.19 -39.81
CA LEU G 83 35.95 -72.62 -40.00
C LEU G 83 36.01 -73.38 -38.68
N VAL G 84 36.79 -72.85 -37.75
CA VAL G 84 36.88 -73.37 -36.39
C VAL G 84 35.60 -73.03 -35.59
N GLU G 85 35.05 -71.83 -35.83
CA GLU G 85 33.79 -71.41 -35.22
C GLU G 85 32.63 -72.25 -35.73
N LEU G 86 32.74 -72.71 -36.98
CA LEU G 86 31.76 -73.64 -37.56
C LEU G 86 31.96 -75.06 -37.04
N ALA G 87 33.23 -75.47 -36.91
CA ALA G 87 33.57 -76.81 -36.41
C ALA G 87 32.88 -77.11 -35.08
N GLN G 88 32.81 -76.09 -34.23
CA GLN G 88 32.17 -76.25 -32.93
C GLN G 88 30.67 -76.04 -33.00
N GLN G 89 30.23 -75.12 -33.86
CA GLN G 89 28.80 -74.95 -34.14
C GLN G 89 28.20 -76.28 -34.61
N GLN G 90 29.04 -77.12 -35.17
CA GLN G 90 28.68 -78.50 -35.44
C GLN G 90 28.50 -79.25 -34.12
N ASP G 91 29.53 -79.23 -33.28
CA ASP G 91 29.53 -80.03 -32.04
C ASP G 91 28.48 -79.59 -31.02
N ARG G 92 27.72 -78.54 -31.34
CA ARG G 92 26.61 -78.11 -30.49
C ARG G 92 25.24 -78.29 -31.16
N GLU G 93 25.24 -78.71 -32.41
CA GLU G 93 23.99 -78.94 -33.14
C GLU G 93 23.81 -80.36 -33.68
N ILE G 94 24.91 -81.12 -33.79
CA ILE G 94 24.85 -82.54 -34.15
C ILE G 94 25.65 -83.40 -33.16
N GLY G 95 26.86 -82.95 -32.82
CA GLY G 95 27.71 -83.66 -31.89
C GLY G 95 28.85 -84.40 -32.57
N ASP G 96 28.55 -84.98 -33.74
CA ASP G 96 29.57 -85.61 -34.58
C ASP G 96 29.65 -84.92 -35.93
N GLY G 97 30.60 -85.34 -36.76
CA GLY G 97 30.77 -84.79 -38.10
C GLY G 97 31.59 -83.51 -38.15
N THR G 98 32.18 -83.14 -37.01
CA THR G 98 32.93 -81.88 -36.86
C THR G 98 34.09 -81.75 -37.83
N THR G 99 34.79 -82.85 -38.07
CA THR G 99 35.93 -82.87 -38.99
C THR G 99 35.47 -82.73 -40.44
N SER G 100 34.38 -83.42 -40.80
CA SER G 100 33.83 -83.40 -42.16
C SER G 100 33.46 -81.99 -42.60
N VAL G 101 32.55 -81.37 -41.84
CA VAL G 101 32.01 -80.03 -42.14
C VAL G 101 33.08 -78.99 -42.44
N VAL G 102 34.22 -79.10 -41.77
CA VAL G 102 35.36 -78.21 -42.01
C VAL G 102 36.03 -78.47 -43.37
N ILE G 103 36.28 -79.74 -43.69
CA ILE G 103 36.90 -80.09 -44.96
C ILE G 103 36.01 -79.82 -46.17
N ILE G 104 34.68 -79.92 -46.00
CA ILE G 104 33.74 -79.54 -47.06
C ILE G 104 33.82 -78.04 -47.36
N ALA G 105 33.71 -77.23 -46.30
CA ALA G 105 33.73 -75.78 -46.44
C ALA G 105 34.99 -75.31 -47.16
N SER G 106 36.10 -75.96 -46.89
CA SER G 106 37.41 -75.59 -47.46
C SER G 106 37.47 -75.77 -48.97
N GLU G 107 37.04 -76.93 -49.45
CA GLU G 107 37.04 -77.26 -50.88
C GLU G 107 35.99 -76.43 -51.64
N LEU G 108 34.91 -76.08 -50.96
CA LEU G 108 33.89 -75.17 -51.50
C LEU G 108 34.48 -73.79 -51.77
N LEU G 109 35.23 -73.26 -50.81
CA LEU G 109 35.99 -72.04 -51.02
C LEU G 109 37.01 -72.23 -52.12
N LYS G 110 37.94 -73.18 -51.90
CA LYS G 110 39.07 -73.44 -52.80
C LYS G 110 38.64 -73.49 -54.26
N ARG G 111 37.64 -74.33 -54.56
CA ARG G 111 37.09 -74.45 -55.89
C ARG G 111 36.41 -73.17 -56.35
N ALA G 112 35.57 -72.59 -55.48
CA ALA G 112 34.88 -71.33 -55.79
C ALA G 112 35.88 -70.28 -56.27
N ASN G 113 37.00 -70.18 -55.56
CA ASN G 113 38.06 -69.23 -55.89
C ASN G 113 38.69 -69.49 -57.26
N GLU G 114 38.96 -70.76 -57.57
CA GLU G 114 39.59 -71.14 -58.85
C GLU G 114 38.68 -70.85 -60.05
N LEU G 115 37.42 -70.50 -59.78
CA LEU G 115 36.50 -69.98 -60.79
C LEU G 115 36.61 -68.46 -60.92
N VAL G 116 36.91 -67.79 -59.81
CA VAL G 116 37.14 -66.34 -59.82
C VAL G 116 38.55 -66.07 -60.35
N LYS G 117 39.51 -66.90 -59.92
CA LYS G 117 40.90 -66.85 -60.40
C LYS G 117 41.00 -67.22 -61.88
N ASN G 118 39.92 -67.78 -62.41
CA ASN G 118 39.70 -67.82 -63.85
C ASN G 118 39.17 -66.45 -64.25
N LYS G 119 37.84 -66.31 -64.36
CA LYS G 119 37.22 -65.02 -64.67
C LYS G 119 35.84 -64.85 -64.03
N ILE G 120 35.16 -65.97 -63.77
CA ILE G 120 33.77 -65.96 -63.28
C ILE G 120 33.59 -65.12 -62.03
N HIS G 121 32.55 -64.28 -62.05
CA HIS G 121 32.24 -63.40 -60.94
C HIS G 121 31.79 -64.20 -59.70
N PRO G 122 32.10 -63.69 -58.50
CA PRO G 122 31.69 -64.31 -57.23
C PRO G 122 30.18 -64.38 -57.00
N THR G 123 29.43 -63.39 -57.49
CA THR G 123 27.98 -63.38 -57.35
C THR G 123 27.33 -64.52 -58.14
N THR G 124 27.91 -64.83 -59.30
CA THR G 124 27.45 -65.96 -60.11
C THR G 124 27.62 -67.28 -59.35
N ILE G 125 28.82 -67.53 -58.84
CA ILE G 125 29.13 -68.76 -58.10
C ILE G 125 28.28 -68.90 -56.83
N ILE G 126 28.11 -67.79 -56.09
CA ILE G 126 27.32 -67.79 -54.85
C ILE G 126 25.82 -68.05 -55.10
N THR G 127 25.36 -67.67 -56.28
CA THR G 127 24.03 -68.04 -56.74
C THR G 127 24.03 -69.50 -57.18
N GLY G 128 25.17 -69.96 -57.70
CA GLY G 128 25.33 -71.34 -58.16
C GLY G 128 25.55 -72.36 -57.06
N PHE G 129 25.91 -71.88 -55.89
CA PHE G 129 26.03 -72.73 -54.71
C PHE G 129 24.65 -72.83 -54.02
N ARG G 130 23.91 -71.72 -54.04
CA ARG G 130 22.52 -71.67 -53.54
C ARG G 130 21.64 -72.71 -54.24
N VAL G 131 21.80 -72.82 -55.56
CA VAL G 131 21.02 -73.75 -56.38
C VAL G 131 21.32 -75.19 -56.00
N ALA G 132 22.61 -75.55 -56.01
CA ALA G 132 23.03 -76.91 -55.68
C ALA G 132 22.52 -77.37 -54.31
N LEU G 133 22.68 -76.52 -53.30
CA LEU G 133 22.30 -76.86 -51.92
C LEU G 133 20.79 -77.06 -51.76
N ARG G 134 20.00 -76.26 -52.46
CA ARG G 134 18.54 -76.41 -52.47
C ARG G 134 18.17 -77.77 -53.06
N GLU G 135 19.03 -78.27 -53.94
CA GLU G 135 18.79 -79.51 -54.67
C GLU G 135 19.39 -80.73 -53.97
N ALA G 136 20.48 -80.50 -53.24
CA ALA G 136 21.16 -81.57 -52.52
C ALA G 136 20.37 -82.05 -51.29
N ILE G 137 19.86 -81.09 -50.51
CA ILE G 137 19.05 -81.40 -49.33
C ILE G 137 17.70 -82.04 -49.71
N ARG G 138 17.10 -81.54 -50.80
CA ARG G 138 15.89 -82.13 -51.36
C ARG G 138 16.16 -83.57 -51.81
N PHE G 139 17.37 -83.81 -52.30
CA PHE G 139 17.81 -85.15 -52.73
C PHE G 139 18.12 -86.05 -51.54
N ILE G 140 18.74 -85.48 -50.50
CA ILE G 140 19.06 -86.23 -49.29
C ILE G 140 17.79 -86.78 -48.63
N ASN G 141 16.78 -85.94 -48.50
CA ASN G 141 15.48 -86.34 -47.92
C ASN G 141 14.75 -87.40 -48.74
N GLU G 142 15.03 -87.42 -50.04
CA GLU G 142 14.52 -88.43 -50.96
C GLU G 142 15.44 -89.65 -51.08
N VAL G 143 16.52 -89.65 -50.30
CA VAL G 143 17.50 -90.76 -50.23
C VAL G 143 17.82 -91.12 -48.76
N LEU G 144 17.04 -90.54 -47.85
CA LEU G 144 17.05 -90.94 -46.45
C LEU G 144 16.31 -92.24 -46.25
N SER G 145 16.63 -92.94 -45.16
CA SER G 145 15.90 -94.14 -44.76
C SER G 145 15.42 -94.01 -43.33
N THR G 146 14.10 -94.03 -43.15
CA THR G 146 13.51 -94.04 -41.81
C THR G 146 13.42 -95.49 -41.31
N SER G 147 14.05 -95.76 -40.16
CA SER G 147 14.12 -97.11 -39.61
C SER G 147 12.83 -97.49 -38.89
N GLU G 154 18.20 -102.05 -32.38
CA GLU G 154 18.82 -102.73 -33.51
C GLU G 154 19.59 -101.75 -34.40
N THR G 155 18.87 -100.77 -34.95
CA THR G 155 19.46 -99.78 -35.86
C THR G 155 20.37 -98.80 -35.10
N LEU G 156 20.03 -98.52 -33.84
CA LEU G 156 20.83 -97.64 -33.00
C LEU G 156 22.22 -98.19 -32.72
N ILE G 157 22.34 -99.52 -32.64
CA ILE G 157 23.62 -100.21 -32.41
C ILE G 157 24.60 -100.03 -33.58
N ASN G 158 24.07 -99.70 -34.76
CA ASN G 158 24.89 -99.32 -35.90
C ASN G 158 25.34 -97.87 -35.81
N ILE G 159 24.38 -96.97 -35.73
CA ILE G 159 24.62 -95.53 -35.65
C ILE G 159 25.64 -95.18 -34.57
N ALA G 160 25.59 -95.94 -33.46
CA ALA G 160 26.62 -95.85 -32.44
C ALA G 160 27.96 -96.32 -33.01
N LYS G 161 27.97 -97.53 -33.58
CA LYS G 161 29.19 -98.19 -34.04
C LYS G 161 29.88 -97.49 -35.21
N THR G 162 29.13 -96.68 -35.96
CA THR G 162 29.69 -95.88 -37.07
C THR G 162 30.50 -94.72 -36.53
N SER G 163 30.09 -94.18 -35.38
CA SER G 163 30.81 -93.10 -34.72
C SER G 163 31.87 -93.65 -33.75
N MET G 164 31.97 -94.97 -33.69
CA MET G 164 33.04 -95.63 -32.93
C MET G 164 34.33 -95.70 -33.75
N SER G 165 34.25 -96.28 -34.95
CA SER G 165 35.38 -96.33 -35.89
C SER G 165 35.80 -94.91 -36.27
N SER G 166 37.10 -94.75 -36.52
CA SER G 166 37.72 -93.42 -36.68
C SER G 166 38.22 -92.86 -35.33
N LYS G 167 37.80 -93.50 -34.23
CA LYS G 167 38.21 -93.11 -32.88
C LYS G 167 38.66 -94.33 -32.06
N ILE G 168 39.31 -94.09 -30.93
CA ILE G 168 40.00 -95.16 -30.18
C ILE G 168 39.17 -96.39 -29.80
N ILE G 169 37.92 -96.19 -29.38
CA ILE G 169 37.07 -97.30 -28.95
C ILE G 169 36.38 -98.05 -30.09
N GLY G 170 36.83 -97.79 -31.32
CA GLY G 170 36.34 -98.50 -32.49
C GLY G 170 36.85 -99.92 -32.59
N ALA G 171 37.98 -100.19 -31.93
CA ALA G 171 38.54 -101.54 -31.84
C ALA G 171 37.72 -102.40 -30.88
N ASP G 172 37.14 -101.76 -29.87
CA ASP G 172 36.15 -102.40 -29.01
C ASP G 172 34.81 -101.69 -29.24
N SER G 173 34.37 -101.67 -30.50
CA SER G 173 33.18 -100.94 -30.94
C SER G 173 31.88 -101.57 -30.47
N ASP G 174 31.80 -102.91 -30.52
CA ASP G 174 30.58 -103.63 -30.20
C ASP G 174 30.16 -103.43 -28.75
N PHE G 175 31.15 -103.41 -27.84
CA PHE G 175 30.87 -103.18 -26.43
C PHE G 175 30.40 -101.75 -26.20
N PHE G 176 31.25 -100.80 -26.55
CA PHE G 176 30.93 -99.37 -26.44
C PHE G 176 29.82 -98.99 -27.42
N SER G 177 29.22 -99.99 -28.05
CA SER G 177 28.04 -99.78 -28.86
C SER G 177 26.81 -99.94 -27.99
N ASN G 178 26.65 -101.13 -27.40
CA ASN G 178 25.50 -101.42 -26.54
C ASN G 178 25.55 -100.68 -25.20
N MET G 179 26.74 -100.20 -24.84
CA MET G 179 26.88 -99.24 -23.74
C MET G 179 26.08 -98.00 -24.06
N VAL G 180 26.51 -97.30 -25.11
CA VAL G 180 25.92 -96.04 -25.56
C VAL G 180 24.39 -96.09 -25.72
N VAL G 181 23.91 -97.11 -26.42
CA VAL G 181 22.49 -97.24 -26.76
C VAL G 181 21.60 -97.38 -25.52
N ASP G 182 21.95 -98.30 -24.62
CA ASP G 182 21.16 -98.54 -23.42
C ASP G 182 21.27 -97.36 -22.45
N ALA G 183 22.47 -96.79 -22.32
CA ALA G 183 22.71 -95.65 -21.44
C ALA G 183 21.75 -94.50 -21.73
N LEU G 184 21.60 -94.19 -23.01
CA LEU G 184 20.71 -93.11 -23.41
C LEU G 184 19.25 -93.53 -23.36
N LEU G 185 18.95 -94.72 -23.87
CA LEU G 185 17.57 -95.20 -23.96
C LEU G 185 16.89 -95.32 -22.59
N ALA G 186 17.65 -95.01 -21.55
CA ALA G 186 17.16 -95.09 -20.17
C ALA G 186 17.11 -93.73 -19.46
N VAL G 187 17.06 -92.63 -20.22
CA VAL G 187 16.81 -91.30 -19.65
C VAL G 187 15.72 -90.50 -20.39
N LYS G 188 14.86 -91.21 -21.11
CA LYS G 188 13.71 -90.61 -21.81
C LYS G 188 12.93 -89.66 -20.91
N THR G 189 12.59 -88.48 -21.44
CA THR G 189 11.84 -87.46 -20.68
C THR G 189 10.98 -86.57 -21.60
N GLN G 190 9.80 -86.19 -21.13
CA GLN G 190 8.95 -85.23 -21.83
C GLN G 190 9.08 -83.80 -21.28
N ASN G 191 9.09 -82.81 -22.17
CA ASN G 191 9.08 -81.40 -21.79
C ASN G 191 7.95 -80.68 -22.52
N SER G 192 7.77 -79.38 -22.22
CA SER G 192 6.83 -78.50 -22.94
C SER G 192 5.52 -79.19 -23.37
N LYS G 193 5.00 -80.05 -22.49
CA LYS G 193 3.77 -80.83 -22.70
C LYS G 193 3.77 -81.78 -23.91
N GLY G 194 4.87 -82.54 -24.08
CA GLY G 194 4.92 -83.58 -25.11
C GLY G 194 6.24 -83.84 -25.85
N GLU G 195 7.20 -82.93 -25.72
CA GLU G 195 8.52 -83.10 -26.35
C GLU G 195 9.27 -84.27 -25.72
N ILE G 196 9.43 -85.35 -26.48
CA ILE G 196 10.13 -86.54 -25.99
C ILE G 196 11.58 -86.58 -26.52
N LYS G 197 12.45 -85.82 -25.85
CA LYS G 197 13.88 -85.77 -26.16
C LYS G 197 14.74 -86.43 -25.07
N TYR G 198 15.90 -86.95 -25.50
CA TYR G 198 16.83 -87.67 -24.63
C TYR G 198 17.94 -86.71 -24.23
N PRO G 199 17.98 -86.32 -22.94
CA PRO G 199 18.78 -85.20 -22.42
C PRO G 199 20.24 -85.11 -22.90
N VAL G 200 20.56 -83.95 -23.44
CA VAL G 200 21.91 -83.60 -23.89
C VAL G 200 22.93 -83.64 -22.73
N LYS G 201 23.45 -84.85 -22.46
CA LYS G 201 24.45 -85.14 -21.39
C LYS G 201 23.87 -85.35 -19.98
N ALA G 202 22.87 -86.24 -19.88
CA ALA G 202 22.31 -86.63 -18.59
C ALA G 202 23.00 -87.87 -18.06
N VAL G 203 23.62 -88.63 -18.95
CA VAL G 203 24.40 -89.80 -18.60
C VAL G 203 25.74 -89.32 -18.05
N ASN G 204 25.86 -89.29 -16.72
CA ASN G 204 27.08 -88.78 -16.09
C ASN G 204 28.24 -89.73 -16.32
N VAL G 205 29.24 -89.23 -17.04
CA VAL G 205 30.41 -90.03 -17.40
C VAL G 205 31.57 -89.75 -16.45
N LEU G 206 32.09 -90.84 -15.88
CA LEU G 206 33.27 -90.79 -15.05
C LEU G 206 34.33 -91.69 -15.67
N LYS G 207 35.59 -91.37 -15.46
CA LYS G 207 36.69 -92.15 -16.00
C LYS G 207 37.76 -92.38 -14.94
N ALA G 208 38.04 -93.64 -14.62
CA ALA G 208 39.08 -94.01 -13.63
C ALA G 208 40.12 -94.96 -14.23
N HIS G 209 41.40 -94.62 -14.05
CA HIS G 209 42.49 -95.39 -14.68
C HIS G 209 42.83 -96.68 -13.93
N GLY G 210 42.28 -97.78 -14.47
CA GLY G 210 42.47 -99.12 -13.92
C GLY G 210 41.81 -100.15 -14.83
N LYS G 211 41.96 -101.41 -14.46
CA LYS G 211 41.32 -102.53 -15.17
C LYS G 211 41.50 -102.51 -16.69
N SER G 212 40.54 -103.09 -17.39
CA SER G 212 40.55 -103.20 -18.85
C SER G 212 39.53 -102.23 -19.44
N ALA G 213 39.59 -102.03 -20.75
CA ALA G 213 38.62 -101.16 -21.45
C ALA G 213 37.24 -101.81 -21.52
N THR G 214 37.22 -103.12 -21.68
CA THR G 214 35.98 -103.91 -21.71
C THR G 214 35.28 -103.93 -20.35
N GLU G 215 36.05 -103.76 -19.27
CA GLU G 215 35.48 -103.84 -17.92
C GLU G 215 34.88 -102.51 -17.42
N SER G 216 34.72 -101.56 -18.33
CA SER G 216 34.02 -100.31 -18.03
C SER G 216 32.54 -100.63 -17.78
N LEU G 217 32.14 -100.53 -16.52
CA LEU G 217 30.80 -101.01 -16.12
C LEU G 217 29.75 -99.90 -16.00
N LEU G 218 28.73 -100.01 -16.86
CA LEU G 218 27.53 -99.17 -16.83
C LEU G 218 26.85 -99.28 -15.48
N VAL G 219 26.36 -98.15 -14.97
CA VAL G 219 25.65 -98.14 -13.70
C VAL G 219 24.14 -98.16 -13.95
N PRO G 220 23.42 -99.12 -13.34
CA PRO G 220 21.97 -99.12 -13.40
C PRO G 220 21.34 -98.15 -12.38
N GLY G 221 21.91 -96.96 -12.28
CA GLY G 221 21.44 -95.91 -11.36
C GLY G 221 22.04 -94.55 -11.68
N TYR G 222 22.97 -94.09 -10.84
CA TYR G 222 23.70 -92.85 -11.11
C TYR G 222 25.07 -92.86 -10.43
N ALA G 223 26.05 -92.24 -11.08
CA ALA G 223 27.37 -92.16 -10.50
C ALA G 223 27.62 -90.77 -9.92
N LEU G 224 27.75 -90.70 -8.60
CA LEU G 224 28.17 -89.47 -7.93
C LEU G 224 29.65 -89.57 -7.63
N ASN G 225 30.40 -88.53 -8.00
CA ASN G 225 31.82 -88.48 -7.66
C ASN G 225 32.06 -87.75 -6.35
N CYS G 226 31.46 -88.31 -5.30
CA CYS G 226 31.59 -87.80 -3.94
C CYS G 226 31.72 -88.96 -2.96
N THR G 227 32.12 -88.66 -1.72
CA THR G 227 32.24 -89.68 -0.70
C THR G 227 31.38 -89.35 0.50
N VAL G 228 31.14 -90.36 1.32
CA VAL G 228 30.39 -90.19 2.55
C VAL G 228 31.20 -89.27 3.46
N ALA G 229 30.76 -88.02 3.56
CA ALA G 229 31.53 -86.94 4.21
C ALA G 229 32.25 -87.30 5.51
N SER G 230 31.59 -88.02 6.41
CA SER G 230 32.22 -88.46 7.66
C SER G 230 32.59 -89.94 7.58
N GLN G 231 33.79 -90.27 8.05
CA GLN G 231 34.32 -91.63 7.96
C GLN G 231 33.61 -92.66 8.85
N ALA G 232 32.85 -92.17 9.83
CA ALA G 232 32.12 -93.06 10.74
C ALA G 232 30.74 -93.43 10.20
N MET G 233 30.30 -92.72 9.16
CA MET G 233 29.04 -93.03 8.47
C MET G 233 29.14 -94.38 7.74
N PRO G 234 27.99 -95.06 7.56
CA PRO G 234 27.98 -96.28 6.75
C PRO G 234 28.33 -96.00 5.28
N LYS G 235 29.32 -96.72 4.77
CA LYS G 235 29.72 -96.62 3.36
C LYS G 235 28.86 -97.54 2.46
N ARG G 236 27.72 -97.97 3.00
CA ARG G 236 26.70 -98.69 2.23
C ARG G 236 25.35 -98.68 2.94
N ILE G 237 24.27 -98.65 2.16
CA ILE G 237 22.90 -98.91 2.63
C ILE G 237 22.08 -99.63 1.54
N ALA G 238 21.65 -100.85 1.84
CA ALA G 238 21.06 -101.76 0.84
C ALA G 238 19.68 -102.31 1.22
N GLY G 239 19.03 -102.97 0.25
CA GLY G 239 17.67 -103.47 0.43
C GLY G 239 16.67 -102.54 -0.23
N GLY G 240 15.46 -103.05 -0.48
CA GLY G 240 14.42 -102.29 -1.17
C GLY G 240 13.93 -101.06 -0.41
N ASN G 241 13.46 -100.07 -1.16
CA ASN G 241 12.94 -98.81 -0.61
C ASN G 241 13.91 -98.08 0.33
N VAL G 242 14.90 -97.43 -0.27
CA VAL G 242 15.86 -96.58 0.45
C VAL G 242 15.48 -95.11 0.25
N LYS G 243 15.52 -94.33 1.32
CA LYS G 243 15.08 -92.93 1.30
C LYS G 243 16.23 -91.92 1.20
N ILE G 244 16.19 -91.08 0.15
CA ILE G 244 17.27 -90.12 -0.16
C ILE G 244 16.82 -88.65 -0.09
N ALA G 245 17.53 -87.86 0.71
CA ALA G 245 17.21 -86.44 0.90
C ALA G 245 18.09 -85.52 0.04
N CYS G 246 17.55 -85.10 -1.11
CA CYS G 246 18.28 -84.19 -2.00
C CYS G 246 18.22 -82.74 -1.52
N LEU G 247 19.30 -82.30 -0.88
CA LEU G 247 19.36 -80.98 -0.28
C LEU G 247 20.12 -79.95 -1.13
N ASP G 248 19.90 -78.68 -0.78
CA ASP G 248 20.49 -77.58 -1.50
C ASP G 248 21.03 -76.50 -0.55
N LEU G 249 20.40 -76.36 0.61
CA LEU G 249 20.86 -75.41 1.62
C LEU G 249 21.95 -76.05 2.49
N ASN G 250 22.92 -75.24 2.92
CA ASN G 250 24.00 -75.71 3.80
C ASN G 250 23.61 -75.91 5.27
N LEU G 251 24.23 -76.91 5.91
CA LEU G 251 23.96 -77.24 7.30
C LEU G 251 25.14 -76.81 8.18
N GLN G 252 25.26 -75.50 8.38
CA GLN G 252 26.33 -74.92 9.18
C GLN G 252 25.72 -73.85 10.10
N LYS G 253 26.57 -73.14 10.84
CA LYS G 253 26.10 -72.04 11.69
C LYS G 253 26.13 -70.69 10.96
N ALA G 254 25.05 -69.93 11.09
CA ALA G 254 24.91 -68.67 10.34
C ALA G 254 25.51 -67.46 11.06
N ARG G 255 26.10 -66.56 10.27
CA ARG G 255 26.35 -65.19 10.72
C ARG G 255 24.96 -64.55 10.81
N MET G 256 24.76 -63.63 11.75
CA MET G 256 23.43 -63.05 11.98
C MET G 256 22.71 -62.68 10.67
N ALA G 257 21.81 -63.59 10.25
CA ALA G 257 21.17 -63.56 8.92
C ALA G 257 21.95 -62.74 7.89
N MET G 258 21.57 -61.46 7.73
CA MET G 258 22.26 -60.55 6.82
C MET G 258 22.49 -59.18 7.46
N GLY G 259 21.43 -58.37 7.52
CA GLY G 259 21.51 -57.02 8.06
C GLY G 259 21.49 -56.97 9.57
N VAL G 260 21.75 -58.12 10.19
CA VAL G 260 21.60 -58.30 11.63
C VAL G 260 22.92 -58.11 12.39
N GLN G 261 22.89 -57.28 13.42
CA GLN G 261 24.04 -57.06 14.28
C GLN G 261 23.72 -57.45 15.71
N ILE G 262 24.75 -57.57 16.53
CA ILE G 262 24.59 -57.93 17.94
C ILE G 262 25.07 -56.82 18.88
N ASN G 263 24.18 -56.34 19.74
CA ASN G 263 24.56 -55.54 20.89
C ASN G 263 24.19 -56.26 22.16
N ILE G 264 25.16 -56.98 22.72
CA ILE G 264 25.00 -57.59 24.03
C ILE G 264 24.99 -56.48 25.07
N ASP G 265 23.90 -56.41 25.83
CA ASP G 265 23.78 -55.44 26.92
C ASP G 265 23.61 -56.14 28.28
N ASP G 266 23.02 -57.33 28.24
CA ASP G 266 22.88 -58.17 29.43
C ASP G 266 23.72 -59.43 29.24
N PRO G 267 24.95 -59.43 29.80
CA PRO G 267 25.92 -60.51 29.77
C PRO G 267 25.37 -61.92 29.63
N GLU G 268 24.30 -62.23 30.36
CA GLU G 268 23.68 -63.56 30.34
C GLU G 268 23.25 -64.02 28.94
N GLN G 269 23.09 -63.06 28.03
CA GLN G 269 22.65 -63.32 26.65
C GLN G 269 23.77 -63.78 25.72
N LEU G 270 25.01 -63.63 26.15
CA LEU G 270 26.16 -64.14 25.40
C LEU G 270 25.90 -65.59 25.04
N GLU G 271 25.81 -66.44 26.06
CA GLU G 271 25.59 -67.87 25.87
C GLU G 271 24.21 -68.19 25.32
N GLN G 272 23.22 -67.35 25.63
CA GLN G 272 21.87 -67.54 25.10
C GLN G 272 21.84 -67.42 23.59
N ILE G 273 22.42 -66.34 23.07
CA ILE G 273 22.45 -66.08 21.64
C ILE G 273 23.39 -67.06 20.92
N ARG G 274 24.56 -67.31 21.50
CA ARG G 274 25.55 -68.21 20.91
C ARG G 274 25.05 -69.64 20.76
N LYS G 275 24.42 -70.17 21.82
CA LYS G 275 23.88 -71.53 21.79
C LYS G 275 22.78 -71.70 20.74
N ARG G 276 21.97 -70.65 20.55
CA ARG G 276 20.85 -70.69 19.59
C ARG G 276 21.31 -70.67 18.13
N GLU G 277 22.60 -70.39 17.91
CA GLU G 277 23.21 -70.50 16.57
C GLU G 277 23.42 -71.96 16.20
N ALA G 278 23.49 -72.83 17.21
CA ALA G 278 23.55 -74.26 16.98
C ALA G 278 22.15 -74.81 16.70
N GLY G 279 21.20 -74.45 17.58
CA GLY G 279 19.83 -74.94 17.51
C GLY G 279 19.23 -74.95 16.12
N ILE G 280 19.10 -73.77 15.52
CA ILE G 280 18.46 -73.60 14.21
C ILE G 280 18.91 -74.68 13.24
N VAL G 281 20.21 -74.99 13.26
CA VAL G 281 20.76 -76.03 12.41
C VAL G 281 20.35 -77.40 12.93
N LEU G 282 20.62 -77.67 14.20
CA LEU G 282 20.29 -78.95 14.81
C LEU G 282 18.79 -79.25 14.72
N GLU G 283 18.00 -78.19 14.64
CA GLU G 283 16.55 -78.31 14.48
C GLU G 283 16.20 -78.66 13.04
N ARG G 284 16.93 -78.10 12.09
CA ARG G 284 16.75 -78.42 10.68
C ARG G 284 17.34 -79.80 10.35
N VAL G 285 18.39 -80.19 11.07
CA VAL G 285 18.97 -81.54 10.96
C VAL G 285 17.95 -82.57 11.44
N LYS G 286 17.33 -82.29 12.59
CA LYS G 286 16.32 -83.16 13.18
C LYS G 286 15.11 -83.32 12.26
N LYS G 287 14.65 -82.21 11.68
CA LYS G 287 13.51 -82.24 10.75
C LYS G 287 13.83 -83.01 9.46
N ILE G 288 15.11 -83.35 9.28
CA ILE G 288 15.56 -84.17 8.15
C ILE G 288 15.68 -85.64 8.58
N ILE G 289 16.40 -85.90 9.67
CA ILE G 289 16.52 -87.26 10.22
C ILE G 289 15.13 -87.85 10.47
N ASP G 290 14.29 -87.08 11.17
CA ASP G 290 12.95 -87.51 11.62
C ASP G 290 11.93 -87.60 10.49
N ALA G 291 12.33 -87.20 9.28
CA ALA G 291 11.50 -87.34 8.09
C ALA G 291 11.62 -88.76 7.53
N GLY G 292 12.60 -89.50 8.03
CA GLY G 292 12.86 -90.86 7.60
C GLY G 292 13.94 -90.93 6.55
N ALA G 293 14.87 -89.97 6.59
CA ALA G 293 15.95 -89.91 5.62
C ALA G 293 17.10 -90.80 6.05
N GLN G 294 17.50 -91.69 5.14
CA GLN G 294 18.61 -92.60 5.39
C GLN G 294 19.90 -92.13 4.71
N VAL G 295 19.76 -91.39 3.61
CA VAL G 295 20.90 -90.87 2.86
C VAL G 295 20.67 -89.41 2.44
N VAL G 296 21.63 -88.55 2.76
CA VAL G 296 21.52 -87.12 2.51
C VAL G 296 22.56 -86.63 1.48
N LEU G 297 22.10 -85.89 0.48
CA LEU G 297 22.95 -85.32 -0.54
C LEU G 297 22.77 -83.81 -0.62
N THR G 298 23.71 -83.06 -0.06
CA THR G 298 23.59 -81.62 0.05
C THR G 298 24.57 -80.89 -0.84
N THR G 299 24.04 -80.04 -1.72
CA THR G 299 24.84 -79.19 -2.61
C THR G 299 25.83 -78.31 -1.84
N LYS G 300 25.32 -77.58 -0.85
CA LYS G 300 26.17 -76.73 -0.03
C LYS G 300 26.73 -77.52 1.18
N GLY G 301 27.29 -76.80 2.16
CA GLY G 301 28.09 -77.41 3.22
C GLY G 301 27.41 -78.23 4.29
N ILE G 302 28.21 -79.07 4.95
CA ILE G 302 27.81 -79.75 6.20
C ILE G 302 28.85 -79.39 7.26
N ASP G 303 28.37 -78.91 8.42
CA ASP G 303 29.25 -78.60 9.55
C ASP G 303 29.65 -79.89 10.26
N ASP G 304 30.82 -79.90 10.89
CA ASP G 304 31.23 -80.99 11.76
C ASP G 304 30.19 -81.21 12.85
N LEU G 305 29.54 -80.12 13.23
CA LEU G 305 28.42 -80.11 14.18
C LEU G 305 27.26 -80.97 13.73
N CYS G 306 26.96 -80.93 12.44
CA CYS G 306 25.81 -81.65 11.88
C CYS G 306 26.15 -83.03 11.32
N LEU G 307 27.45 -83.36 11.32
CA LEU G 307 27.92 -84.68 10.90
C LEU G 307 27.75 -85.67 12.03
N LYS G 308 28.18 -85.27 13.24
CA LYS G 308 28.05 -86.09 14.44
C LYS G 308 26.59 -86.47 14.73
N GLU G 309 25.65 -85.75 14.10
CA GLU G 309 24.22 -86.07 14.19
C GLU G 309 23.82 -87.16 13.19
N PHE G 310 24.43 -87.14 12.01
CA PHE G 310 24.23 -88.19 11.00
C PHE G 310 24.95 -89.49 11.38
N VAL G 311 26.21 -89.36 11.78
CA VAL G 311 27.06 -90.48 12.20
C VAL G 311 26.33 -91.45 13.14
N GLU G 312 25.88 -90.90 14.27
CA GLU G 312 25.24 -91.66 15.34
C GLU G 312 23.88 -92.21 14.91
N ALA G 313 23.27 -91.55 13.93
CA ALA G 313 21.98 -91.98 13.37
C ALA G 313 22.13 -92.91 12.16
N LYS G 314 23.37 -93.27 11.84
CA LYS G 314 23.71 -94.17 10.72
C LYS G 314 23.21 -93.67 9.37
N ILE G 315 23.21 -92.34 9.19
CA ILE G 315 22.82 -91.70 7.94
C ILE G 315 24.05 -91.35 7.10
N MET G 316 24.25 -92.12 6.04
CA MET G 316 25.30 -91.88 5.06
C MET G 316 25.01 -90.56 4.34
N GLY G 317 25.76 -89.51 4.69
CA GLY G 317 25.47 -88.16 4.23
C GLY G 317 26.62 -87.41 3.55
N VAL G 318 26.40 -87.05 2.29
CA VAL G 318 27.42 -86.37 1.48
C VAL G 318 27.33 -84.85 1.62
N ARG G 319 28.47 -84.19 1.38
CA ARG G 319 28.55 -82.73 1.35
C ARG G 319 29.13 -82.23 0.03
N ARG G 320 28.87 -80.96 -0.29
CA ARG G 320 29.42 -80.27 -1.46
C ARG G 320 29.38 -81.10 -2.74
N CYS G 321 28.17 -81.44 -3.19
CA CYS G 321 28.00 -82.18 -4.44
C CYS G 321 27.38 -81.32 -5.54
N LYS G 322 27.83 -81.53 -6.78
CA LYS G 322 27.41 -80.72 -7.91
C LYS G 322 25.89 -80.74 -8.08
N LYS G 323 25.28 -79.55 -8.06
CA LYS G 323 23.84 -79.41 -8.22
C LYS G 323 23.36 -79.94 -9.57
N GLU G 324 24.25 -79.88 -10.56
CA GLU G 324 24.03 -80.48 -11.87
C GLU G 324 23.71 -81.97 -11.73
N ASP G 325 24.45 -82.64 -10.84
CA ASP G 325 24.24 -84.06 -10.53
C ASP G 325 22.95 -84.29 -9.75
N LEU G 326 22.73 -83.45 -8.73
CA LEU G 326 21.62 -83.64 -7.78
C LEU G 326 20.22 -83.52 -8.39
N ARG G 327 20.09 -82.68 -9.42
CA ARG G 327 18.79 -82.50 -10.10
C ARG G 327 18.43 -83.70 -10.98
N ARG G 328 19.45 -84.39 -11.49
CA ARG G 328 19.26 -85.58 -12.31
C ARG G 328 19.09 -86.81 -11.42
N ILE G 329 19.32 -86.62 -10.12
CA ILE G 329 19.02 -87.62 -9.10
C ILE G 329 17.64 -87.29 -8.51
N ALA G 330 17.27 -86.02 -8.58
CA ALA G 330 15.92 -85.60 -8.19
C ALA G 330 14.89 -86.15 -9.17
N ARG G 331 15.17 -85.99 -10.46
CA ARG G 331 14.26 -86.43 -11.52
C ARG G 331 14.18 -87.96 -11.65
N ALA G 332 15.13 -88.67 -11.04
CA ALA G 332 15.27 -90.12 -11.24
C ALA G 332 14.82 -91.01 -10.08
N THR G 333 15.10 -90.59 -8.84
CA THR G 333 14.73 -91.38 -7.64
C THR G 333 13.33 -91.09 -7.15
N GLY G 334 12.82 -89.91 -7.48
CA GLY G 334 11.50 -89.46 -7.04
C GLY G 334 11.59 -88.19 -6.22
N ALA G 335 12.78 -87.94 -5.67
CA ALA G 335 13.06 -86.82 -4.78
C ALA G 335 12.77 -85.45 -5.40
N THR G 336 12.62 -84.46 -4.54
CA THR G 336 12.48 -83.07 -4.96
C THR G 336 13.64 -82.31 -4.32
N LEU G 337 14.30 -81.47 -5.11
CA LEU G 337 15.39 -80.64 -4.59
C LEU G 337 14.89 -79.64 -3.56
N VAL G 338 15.56 -79.61 -2.41
CA VAL G 338 15.16 -78.71 -1.33
C VAL G 338 16.07 -77.49 -1.26
N SER G 339 15.66 -76.41 -1.93
CA SER G 339 16.35 -75.12 -1.83
C SER G 339 16.26 -74.54 -0.42
N SER G 340 15.04 -74.56 0.15
CA SER G 340 14.78 -74.26 1.57
C SER G 340 13.30 -74.56 1.86
N MET G 341 13.01 -75.17 3.01
CA MET G 341 11.65 -75.61 3.32
C MET G 341 10.85 -74.69 4.26
N SER G 342 9.93 -73.92 3.70
CA SER G 342 8.98 -73.12 4.48
C SER G 342 7.56 -73.39 3.97
N ASN G 343 6.63 -73.64 4.90
CA ASN G 343 5.29 -74.12 4.56
C ASN G 343 4.34 -73.05 3.96
N LEU G 344 3.05 -73.35 3.99
CA LEU G 344 2.00 -72.36 3.68
C LEU G 344 2.00 -71.26 4.75
N GLU G 345 1.97 -71.68 6.02
CA GLU G 345 2.28 -70.80 7.14
C GLU G 345 3.81 -70.65 7.23
N GLY G 346 4.27 -69.66 7.97
CA GLY G 346 5.70 -69.36 8.08
C GLY G 346 6.61 -70.51 8.51
N GLU G 347 6.03 -71.45 9.26
CA GLU G 347 6.76 -72.58 9.87
C GLU G 347 7.63 -73.38 8.90
N GLU G 348 8.79 -73.83 9.40
CA GLU G 348 9.74 -74.60 8.59
C GLU G 348 9.61 -76.10 8.83
N THR G 349 8.80 -76.75 7.99
CA THR G 349 8.54 -78.18 8.10
C THR G 349 9.08 -78.95 6.90
N PHE G 350 9.30 -80.25 7.08
CA PHE G 350 9.87 -81.11 6.04
C PHE G 350 9.12 -82.43 5.95
N GLU G 351 8.13 -82.50 5.05
CA GLU G 351 7.33 -83.72 4.88
C GLU G 351 8.14 -84.88 4.27
N SER G 352 7.78 -86.10 4.66
CA SER G 352 8.52 -87.32 4.30
C SER G 352 8.44 -87.67 2.81
N SER G 353 7.41 -87.17 2.14
CA SER G 353 7.16 -87.44 0.71
C SER G 353 8.14 -86.73 -0.23
N TYR G 354 9.05 -85.95 0.35
CA TYR G 354 10.07 -85.20 -0.39
C TYR G 354 11.20 -86.08 -0.94
N LEU G 355 11.31 -87.30 -0.43
CA LEU G 355 12.50 -88.13 -0.69
C LEU G 355 12.35 -89.06 -1.88
N GLY G 356 13.49 -89.53 -2.40
CA GLY G 356 13.51 -90.43 -3.57
C GLY G 356 13.73 -91.87 -3.19
N LEU G 357 13.01 -92.76 -3.86
CA LEU G 357 13.10 -94.19 -3.61
C LEU G 357 14.06 -94.83 -4.59
N CYS G 358 14.96 -95.67 -4.07
CA CYS G 358 15.92 -96.38 -4.91
C CYS G 358 16.11 -97.84 -4.45
N ASP G 359 17.18 -98.47 -4.94
CA ASP G 359 17.50 -99.83 -4.58
C ASP G 359 18.63 -99.83 -3.55
N GLU G 360 19.78 -99.24 -3.92
CA GLU G 360 20.96 -99.23 -3.07
C GLU G 360 21.74 -97.93 -3.21
N VAL G 361 22.41 -97.55 -2.11
CA VAL G 361 23.38 -96.45 -2.14
C VAL G 361 24.72 -96.99 -1.63
N VAL G 362 25.55 -97.39 -2.59
CA VAL G 362 26.81 -98.07 -2.30
C VAL G 362 27.98 -97.22 -2.77
N GLN G 363 28.92 -96.97 -1.86
CA GLN G 363 30.18 -96.31 -2.22
C GLN G 363 31.16 -97.36 -2.71
N ALA G 364 31.51 -97.30 -4.00
CA ALA G 364 32.31 -98.35 -4.62
C ALA G 364 33.75 -97.93 -4.91
N LYS G 365 34.69 -98.76 -4.46
CA LYS G 365 36.11 -98.50 -4.63
C LYS G 365 36.61 -98.83 -6.04
N PHE G 366 36.97 -97.79 -6.79
CA PHE G 366 37.59 -97.93 -8.11
C PHE G 366 39.04 -97.42 -8.10
N SER G 367 39.96 -98.27 -8.53
CA SER G 367 41.38 -97.91 -8.72
C SER G 367 41.85 -96.71 -7.89
N ASP G 368 41.94 -96.90 -6.58
CA ASP G 368 42.45 -95.86 -5.65
C ASP G 368 41.58 -94.60 -5.68
N ASP G 369 40.30 -94.78 -5.36
CA ASP G 369 39.29 -93.73 -5.40
C ASP G 369 37.93 -94.35 -5.14
N GLU G 370 37.28 -93.92 -4.07
CA GLU G 370 35.91 -94.35 -3.79
C GLU G 370 34.92 -93.30 -4.27
N CYS G 371 33.76 -93.76 -4.75
CA CYS G 371 32.65 -92.85 -5.13
C CYS G 371 31.26 -93.50 -4.93
N ILE G 372 30.28 -92.67 -4.61
CA ILE G 372 28.93 -93.16 -4.27
C ILE G 372 28.10 -93.47 -5.51
N LEU G 373 27.49 -94.66 -5.49
CA LEU G 373 26.57 -95.11 -6.53
C LEU G 373 25.16 -95.21 -5.98
N ILE G 374 24.26 -94.48 -6.62
CA ILE G 374 22.84 -94.60 -6.34
C ILE G 374 22.30 -95.65 -7.30
N LYS G 375 22.16 -96.88 -6.80
CA LYS G 375 21.70 -98.02 -7.58
C LYS G 375 20.18 -98.11 -7.66
N GLY G 376 19.70 -98.54 -8.83
CA GLY G 376 18.30 -98.89 -9.04
C GLY G 376 17.28 -97.83 -8.64
N THR G 377 17.22 -96.76 -9.42
CA THR G 377 16.25 -95.69 -9.22
C THR G 377 14.81 -96.20 -9.41
N SER G 378 13.86 -95.62 -8.67
CA SER G 378 12.46 -96.04 -8.75
C SER G 378 11.58 -95.17 -9.68
N LYS G 379 11.75 -93.85 -9.63
CA LYS G 379 10.86 -92.92 -10.35
C LYS G 379 11.06 -92.89 -11.86
N HIS G 380 12.27 -93.24 -12.30
CA HIS G 380 12.57 -93.40 -13.73
C HIS G 380 13.98 -93.95 -13.89
N SER G 381 14.17 -94.78 -14.91
CA SER G 381 15.48 -95.35 -15.23
C SER G 381 16.54 -94.25 -15.26
N SER G 382 17.74 -94.57 -14.79
CA SER G 382 18.86 -93.64 -14.85
C SER G 382 20.13 -94.42 -15.19
N SER G 383 21.00 -93.84 -16.02
CA SER G 383 22.20 -94.54 -16.49
C SER G 383 23.48 -93.69 -16.43
N SER G 384 24.57 -94.31 -15.98
CA SER G 384 25.89 -93.67 -15.89
C SER G 384 27.02 -94.62 -16.31
N ILE G 385 28.05 -94.09 -16.95
CA ILE G 385 29.16 -94.90 -17.49
C ILE G 385 30.50 -94.59 -16.83
N ILE G 386 31.11 -95.60 -16.21
CA ILE G 386 32.42 -95.45 -15.57
C ILE G 386 33.51 -96.14 -16.40
N LEU G 387 34.23 -95.33 -17.16
CA LEU G 387 35.27 -95.82 -18.07
C LEU G 387 36.50 -96.30 -17.31
N ARG G 388 37.19 -97.27 -17.90
CA ARG G 388 38.44 -97.80 -17.33
C ARG G 388 39.49 -97.94 -18.43
N GLY G 389 40.76 -97.77 -18.08
CA GLY G 389 41.84 -97.92 -19.06
C GLY G 389 43.25 -97.54 -18.64
N ALA G 390 44.14 -97.55 -19.63
CA ALA G 390 45.60 -97.37 -19.45
C ALA G 390 46.04 -96.15 -18.62
N ASN G 391 45.80 -94.95 -19.13
CA ASN G 391 46.11 -93.72 -18.40
C ASN G 391 45.09 -92.61 -18.65
N ASP G 392 45.40 -91.41 -18.19
CA ASP G 392 44.48 -90.26 -18.30
C ASP G 392 44.28 -89.76 -19.73
N TYR G 393 45.33 -89.84 -20.55
CA TYR G 393 45.27 -89.48 -21.96
C TYR G 393 44.35 -90.44 -22.69
N SER G 394 44.47 -91.72 -22.34
CA SER G 394 43.60 -92.78 -22.84
C SER G 394 42.13 -92.46 -22.55
N LEU G 395 41.81 -92.29 -21.25
CA LEU G 395 40.45 -92.06 -20.79
C LEU G 395 39.82 -90.79 -21.36
N ASP G 396 40.57 -89.69 -21.26
CA ASP G 396 40.11 -88.41 -21.77
C ASP G 396 39.43 -88.56 -23.13
N GLU G 397 40.13 -89.18 -24.08
CA GLU G 397 39.65 -89.26 -25.45
C GLU G 397 38.43 -90.17 -25.61
N MET G 398 38.45 -91.33 -24.96
CA MET G 398 37.31 -92.25 -25.04
C MET G 398 36.06 -91.73 -24.34
N GLU G 399 36.21 -90.69 -23.51
CA GLU G 399 35.07 -89.91 -23.02
C GLU G 399 34.56 -88.97 -24.10
N ARG G 400 35.49 -88.35 -24.81
CA ARG G 400 35.15 -87.46 -25.93
C ARG G 400 34.64 -88.24 -27.12
N SER G 401 35.10 -89.48 -27.23
CA SER G 401 34.67 -90.40 -28.29
C SER G 401 33.26 -90.94 -27.99
N LEU G 402 32.95 -91.06 -26.70
CA LEU G 402 31.61 -91.38 -26.27
C LEU G 402 30.64 -90.22 -26.51
N HIS G 403 31.02 -89.02 -26.08
CA HIS G 403 30.18 -87.83 -26.23
C HIS G 403 29.79 -87.61 -27.69
N ASP G 404 30.67 -87.99 -28.59
CA ASP G 404 30.40 -87.98 -30.02
C ASP G 404 29.43 -89.10 -30.42
N SER G 405 29.61 -90.28 -29.84
CA SER G 405 28.80 -91.46 -30.19
C SER G 405 27.43 -91.51 -29.52
N LEU G 406 27.35 -91.02 -28.28
CA LEU G 406 26.05 -90.86 -27.60
C LEU G 406 25.22 -89.81 -28.33
N SER G 407 25.91 -88.85 -28.94
CA SER G 407 25.28 -87.76 -29.65
C SER G 407 24.55 -88.25 -30.90
N VAL G 408 25.26 -88.96 -31.78
CA VAL G 408 24.64 -89.45 -33.02
C VAL G 408 23.42 -90.33 -32.76
N VAL G 409 23.43 -91.03 -31.63
CA VAL G 409 22.29 -91.85 -31.22
C VAL G 409 21.10 -90.95 -30.81
N LYS G 410 21.41 -89.87 -30.10
CA LYS G 410 20.39 -88.91 -29.65
C LYS G 410 19.61 -88.31 -30.82
N ARG G 411 20.35 -87.93 -31.87
CA ARG G 411 19.75 -87.26 -33.01
C ARG G 411 18.97 -88.23 -33.88
N THR G 412 19.33 -89.51 -33.79
CA THR G 412 18.55 -90.56 -34.44
C THR G 412 17.22 -90.68 -33.71
N LEU G 413 17.27 -90.70 -32.39
CA LEU G 413 16.08 -90.81 -31.56
C LEU G 413 15.22 -89.55 -31.61
N GLU G 414 15.85 -88.40 -31.81
CA GLU G 414 15.14 -87.12 -31.93
C GLU G 414 14.51 -86.92 -33.31
N SER G 415 15.15 -87.45 -34.35
CA SER G 415 14.69 -87.29 -35.74
C SER G 415 14.56 -88.63 -36.46
N GLY G 416 13.35 -88.96 -36.90
CA GLY G 416 13.08 -90.26 -37.52
C GLY G 416 13.56 -90.40 -38.95
N ASN G 417 14.88 -90.43 -39.12
CA ASN G 417 15.55 -90.51 -40.42
C ASN G 417 17.05 -90.79 -40.29
N VAL G 418 17.57 -91.74 -41.07
CA VAL G 418 19.03 -91.95 -41.14
C VAL G 418 19.51 -91.93 -42.58
N VAL G 419 20.79 -91.60 -42.78
CA VAL G 419 21.39 -91.61 -44.11
C VAL G 419 22.42 -92.72 -44.24
N PRO G 420 22.41 -93.43 -45.37
CA PRO G 420 23.50 -94.35 -45.66
C PRO G 420 24.80 -93.59 -45.86
N GLY G 421 25.59 -93.50 -44.79
CA GLY G 421 26.90 -92.85 -44.86
C GLY G 421 27.92 -93.70 -45.58
N GLY G 422 29.18 -93.62 -45.14
CA GLY G 422 30.28 -94.30 -45.81
C GLY G 422 30.65 -93.56 -47.08
N GLY G 423 30.26 -92.29 -47.13
CA GLY G 423 30.58 -91.42 -48.25
C GLY G 423 29.75 -91.64 -49.49
N CYS G 424 28.63 -92.36 -49.36
CA CYS G 424 27.74 -92.60 -50.51
C CYS G 424 26.61 -91.58 -50.61
N VAL G 425 26.37 -90.84 -49.53
CA VAL G 425 25.48 -89.67 -49.59
C VAL G 425 26.20 -88.63 -50.42
N GLU G 426 27.50 -88.49 -50.18
CA GLU G 426 28.34 -87.53 -50.90
C GLU G 426 28.48 -87.97 -52.36
N ALA G 427 28.98 -89.18 -52.58
CA ALA G 427 29.23 -89.69 -53.93
C ALA G 427 28.01 -89.59 -54.85
N ALA G 428 26.82 -89.88 -54.31
CA ALA G 428 25.58 -89.81 -55.08
C ALA G 428 25.23 -88.37 -55.48
N LEU G 429 25.53 -87.43 -54.58
CA LEU G 429 25.28 -86.03 -54.84
C LEU G 429 26.18 -85.48 -55.95
N ASN G 430 27.38 -86.06 -56.08
CA ASN G 430 28.33 -85.66 -57.11
C ASN G 430 27.76 -85.71 -58.51
N ILE G 431 27.17 -86.85 -58.87
CA ILE G 431 26.69 -87.09 -60.22
C ILE G 431 25.27 -86.53 -60.44
N TYR G 432 24.43 -86.59 -59.41
CA TYR G 432 23.08 -86.01 -59.48
C TYR G 432 23.15 -84.52 -59.80
N LEU G 433 23.96 -83.79 -59.04
CA LEU G 433 24.14 -82.35 -59.23
C LEU G 433 24.84 -82.02 -60.53
N ASP G 434 25.85 -82.82 -60.88
CA ASP G 434 26.59 -82.66 -62.13
C ASP G 434 25.65 -82.78 -63.34
N ASN G 435 24.70 -83.70 -63.25
CA ASN G 435 23.67 -83.84 -64.27
C ASN G 435 22.60 -82.76 -64.18
N PHE G 436 22.39 -82.23 -62.98
CA PHE G 436 21.46 -81.11 -62.80
C PHE G 436 22.02 -79.82 -63.39
N ALA G 437 23.35 -79.79 -63.57
CA ALA G 437 24.07 -78.62 -64.10
C ALA G 437 23.54 -78.08 -65.44
N THR G 438 23.04 -78.98 -66.29
CA THR G 438 22.56 -78.60 -67.61
C THR G 438 21.19 -77.92 -67.56
N THR G 439 20.41 -78.20 -66.51
CA THR G 439 19.05 -77.65 -66.34
C THR G 439 19.05 -76.12 -66.29
N VAL G 440 20.07 -75.55 -65.66
CA VAL G 440 20.25 -74.10 -65.66
C VAL G 440 21.00 -73.69 -66.94
N GLY G 441 22.29 -74.02 -67.00
CA GLY G 441 23.14 -73.64 -68.12
C GLY G 441 23.98 -72.40 -67.82
N SER G 442 24.43 -71.74 -68.88
CA SER G 442 25.29 -70.53 -68.81
C SER G 442 26.57 -70.69 -68.00
N ARG G 443 27.00 -69.58 -67.39
CA ARG G 443 28.18 -69.55 -66.53
C ARG G 443 27.89 -70.15 -65.15
N GLU G 444 26.63 -70.05 -64.72
CA GLU G 444 26.18 -70.63 -63.44
C GLU G 444 26.39 -72.15 -63.38
N GLN G 445 26.67 -72.74 -64.54
CA GLN G 445 26.86 -74.18 -64.68
C GLN G 445 28.15 -74.66 -64.01
N LEU G 446 29.27 -74.04 -64.37
CA LEU G 446 30.58 -74.38 -63.81
C LEU G 446 30.56 -74.29 -62.29
N ALA G 447 29.71 -73.42 -61.76
CA ALA G 447 29.56 -73.21 -60.33
C ALA G 447 29.04 -74.46 -59.64
N ILE G 448 27.85 -74.90 -60.03
CA ILE G 448 27.27 -76.14 -59.52
C ILE G 448 28.22 -77.30 -59.81
N ALA G 449 28.80 -77.29 -61.00
CA ALA G 449 29.76 -78.31 -61.44
C ALA G 449 30.95 -78.44 -60.50
N GLU G 450 31.48 -77.30 -60.05
CA GLU G 450 32.57 -77.27 -59.09
C GLU G 450 32.11 -77.72 -57.70
N PHE G 451 30.88 -77.36 -57.36
CA PHE G 451 30.24 -77.77 -56.11
C PHE G 451 30.03 -79.29 -56.06
N ALA G 452 29.45 -79.84 -57.13
CA ALA G 452 29.19 -81.27 -57.28
C ALA G 452 30.47 -82.08 -57.08
N ALA G 453 31.56 -81.58 -57.64
CA ALA G 453 32.88 -82.19 -57.53
C ALA G 453 33.65 -81.76 -56.27
N ALA G 454 33.19 -80.68 -55.63
CA ALA G 454 33.78 -80.25 -54.36
C ALA G 454 33.31 -81.15 -53.21
N LEU G 455 32.33 -82.01 -53.47
CA LEU G 455 31.85 -82.96 -52.48
C LEU G 455 32.68 -84.25 -52.50
N LEU G 456 33.62 -84.32 -53.45
CA LEU G 456 34.47 -85.50 -53.64
C LEU G 456 35.45 -85.68 -52.48
N ILE G 457 35.72 -84.59 -51.77
CA ILE G 457 36.71 -84.57 -50.70
C ILE G 457 36.49 -85.61 -49.58
N ILE G 458 35.22 -85.88 -49.23
CA ILE G 458 34.93 -86.91 -48.23
C ILE G 458 35.34 -88.31 -48.74
N PRO G 459 34.70 -88.80 -49.83
CA PRO G 459 35.06 -90.14 -50.32
C PRO G 459 36.51 -90.27 -50.79
N LYS G 460 37.11 -89.17 -51.22
CA LYS G 460 38.51 -89.18 -51.65
C LYS G 460 39.48 -89.45 -50.50
N THR G 461 39.51 -88.55 -49.49
CA THR G 461 40.49 -88.63 -48.38
C THR G 461 40.32 -89.86 -47.47
N LEU G 462 39.09 -90.34 -47.35
CA LEU G 462 38.81 -91.59 -46.64
C LEU G 462 39.75 -92.69 -47.14
N ALA G 463 39.85 -92.81 -48.47
CA ALA G 463 40.67 -93.83 -49.14
C ALA G 463 42.14 -93.45 -49.33
N VAL G 464 42.46 -92.16 -49.24
CA VAL G 464 43.85 -91.69 -49.24
C VAL G 464 44.52 -92.18 -47.97
N ASN G 465 43.81 -91.98 -46.85
CA ASN G 465 44.29 -92.30 -45.51
C ASN G 465 44.67 -93.76 -45.30
N ALA G 466 44.21 -94.62 -46.22
CA ALA G 466 44.55 -96.05 -46.21
C ALA G 466 45.96 -96.30 -46.75
N ALA G 467 46.62 -95.22 -47.19
CA ALA G 467 47.97 -95.24 -47.78
C ALA G 467 48.01 -95.73 -49.23
N LYS G 468 47.25 -96.79 -49.53
CA LYS G 468 47.14 -97.35 -50.90
C LYS G 468 46.48 -96.36 -51.88
N ASP G 469 46.29 -96.79 -53.13
CA ASP G 469 45.72 -95.91 -54.15
C ASP G 469 44.27 -95.52 -53.86
N SER G 470 43.93 -94.30 -54.25
CA SER G 470 42.59 -93.78 -54.04
C SER G 470 41.74 -93.96 -55.29
N SER G 471 42.20 -93.40 -56.41
CA SER G 471 41.44 -93.36 -57.66
C SER G 471 40.79 -94.68 -58.07
N GLU G 472 41.45 -95.80 -57.73
CA GLU G 472 40.88 -97.12 -57.99
C GLU G 472 39.47 -97.20 -57.41
N LEU G 473 39.34 -96.95 -56.11
CA LEU G 473 38.05 -96.96 -55.43
C LEU G 473 37.20 -95.78 -55.89
N VAL G 474 37.75 -94.58 -55.76
CA VAL G 474 37.06 -93.30 -56.02
C VAL G 474 36.23 -93.24 -57.33
N ALA G 475 36.88 -93.50 -58.47
CA ALA G 475 36.20 -93.41 -59.77
C ALA G 475 35.26 -94.59 -60.03
N LYS G 476 35.66 -95.77 -59.56
CA LYS G 476 34.83 -96.96 -59.66
C LYS G 476 33.61 -96.89 -58.72
N LEU G 477 33.71 -96.08 -57.68
CA LEU G 477 32.58 -95.76 -56.82
C LEU G 477 31.56 -94.91 -57.56
N ARG G 478 32.07 -93.91 -58.29
CA ARG G 478 31.24 -93.00 -59.05
C ARG G 478 30.38 -93.73 -60.09
N SER G 479 30.95 -94.73 -60.76
CA SER G 479 30.23 -95.52 -61.75
C SER G 479 29.02 -96.23 -61.17
N TYR G 480 29.18 -96.82 -59.99
CA TYR G 480 28.07 -97.47 -59.27
C TYR G 480 26.96 -96.47 -58.92
N HIS G 481 27.35 -95.24 -58.59
CA HIS G 481 26.38 -94.18 -58.34
C HIS G 481 25.86 -93.58 -59.65
N ALA G 482 26.62 -93.76 -60.72
CA ALA G 482 26.17 -93.40 -62.05
C ALA G 482 25.33 -94.53 -62.64
N ALA G 483 25.17 -95.60 -61.86
CA ALA G 483 24.34 -96.73 -62.26
C ALA G 483 22.95 -96.68 -61.61
N SER G 484 22.67 -95.58 -60.91
CA SER G 484 21.36 -95.36 -60.30
C SER G 484 20.52 -94.30 -61.04
N GLN G 485 21.17 -93.57 -61.95
CA GLN G 485 20.51 -92.51 -62.72
C GLN G 485 20.06 -92.99 -64.09
N MET G 486 20.71 -94.03 -64.59
CA MET G 486 20.31 -94.65 -65.85
C MET G 486 19.49 -95.92 -65.57
N ALA G 487 19.18 -96.15 -64.30
CA ALA G 487 18.43 -97.33 -63.86
C ALA G 487 16.91 -97.13 -63.92
N LYS G 488 16.23 -98.01 -64.62
CA LYS G 488 14.79 -97.92 -64.87
C LYS G 488 13.94 -98.14 -63.61
N PRO G 489 12.61 -97.83 -63.69
CA PRO G 489 11.67 -98.09 -62.58
C PRO G 489 11.76 -99.50 -62.00
N GLU G 490 11.28 -100.50 -62.76
CA GLU G 490 11.39 -101.90 -62.36
C GLU G 490 12.87 -102.32 -62.33
N ASP G 491 13.54 -102.16 -63.48
CA ASP G 491 14.96 -102.47 -63.62
C ASP G 491 15.82 -101.50 -62.82
N ARG G 495 16.87 -99.24 -58.36
CA ARG G 495 16.19 -100.42 -57.81
C ARG G 495 17.06 -101.69 -57.90
N SER G 496 16.71 -102.61 -58.82
CA SER G 496 17.47 -103.83 -59.09
C SER G 496 18.93 -103.54 -59.50
N TYR G 497 19.15 -102.33 -59.99
CA TYR G 497 20.50 -101.80 -60.26
C TYR G 497 20.99 -100.90 -59.12
N ARG G 498 20.07 -100.37 -58.32
CA ARG G 498 20.42 -99.42 -57.26
C ARG G 498 21.09 -100.06 -56.04
N ASN G 499 22.30 -99.57 -55.77
CA ASN G 499 23.08 -99.93 -54.59
C ASN G 499 24.00 -98.76 -54.26
N TYR G 500 24.54 -98.73 -53.04
CA TYR G 500 25.39 -97.61 -52.58
C TYR G 500 26.24 -97.93 -51.35
N GLY G 501 27.43 -97.32 -51.28
CA GLY G 501 28.32 -97.43 -50.10
C GLY G 501 29.82 -97.58 -50.33
N LEU G 502 30.61 -97.56 -49.25
CA LEU G 502 32.06 -97.79 -49.31
C LEU G 502 32.65 -98.44 -48.05
N ASP G 503 33.51 -99.45 -48.25
CA ASP G 503 34.25 -100.12 -47.18
C ASP G 503 35.75 -99.80 -47.33
N LEU G 504 36.46 -99.66 -46.22
CA LEU G 504 37.85 -99.22 -46.25
C LEU G 504 38.88 -100.16 -45.62
N ILE G 505 38.44 -101.03 -44.72
CA ILE G 505 39.33 -102.03 -44.13
C ILE G 505 39.70 -103.08 -45.18
N ARG G 506 38.69 -103.68 -45.81
CA ARG G 506 38.89 -104.63 -46.91
C ARG G 506 39.17 -103.89 -48.23
N GLY G 507 38.61 -102.69 -48.37
CA GLY G 507 38.88 -101.83 -49.51
C GLY G 507 38.13 -102.21 -50.77
N LYS G 508 36.81 -102.33 -50.65
CA LYS G 508 35.91 -102.62 -51.78
C LYS G 508 34.54 -102.00 -51.53
N ILE G 509 33.81 -101.70 -52.61
CA ILE G 509 32.50 -101.06 -52.51
C ILE G 509 31.47 -102.03 -51.94
N VAL G 510 30.86 -101.65 -50.82
CA VAL G 510 29.87 -102.51 -50.13
C VAL G 510 28.57 -101.77 -49.84
N ASP G 511 27.49 -102.53 -49.70
CA ASP G 511 26.16 -102.03 -49.36
C ASP G 511 26.13 -101.57 -47.90
N GLU G 512 26.25 -100.26 -47.68
CA GLU G 512 26.41 -99.70 -46.32
C GLU G 512 25.16 -99.74 -45.44
N ILE G 513 24.03 -100.16 -46.00
CA ILE G 513 22.82 -100.39 -45.19
C ILE G 513 22.90 -101.82 -44.65
N HIS G 514 23.34 -102.74 -45.50
CA HIS G 514 23.52 -104.14 -45.12
C HIS G 514 24.76 -104.30 -44.26
N ALA G 515 25.78 -103.48 -44.54
CA ALA G 515 27.03 -103.47 -43.79
C ALA G 515 26.86 -102.86 -42.41
N GLY G 516 25.96 -101.90 -42.30
CA GLY G 516 25.62 -101.26 -41.02
C GLY G 516 26.27 -99.91 -40.78
N VAL G 517 26.70 -99.26 -41.85
CA VAL G 517 27.31 -97.94 -41.76
C VAL G 517 26.22 -96.89 -41.86
N LEU G 518 26.00 -96.20 -40.74
CA LEU G 518 24.87 -95.27 -40.62
C LEU G 518 25.20 -93.98 -39.87
N GLU G 519 25.09 -92.87 -40.59
CA GLU G 519 25.15 -91.53 -40.02
C GLU G 519 23.73 -90.92 -39.97
N PRO G 520 23.43 -90.12 -38.92
CA PRO G 520 22.10 -89.54 -38.73
C PRO G 520 21.70 -88.57 -39.83
N THR G 521 20.40 -88.33 -39.95
CA THR G 521 19.84 -87.44 -40.97
C THR G 521 20.38 -86.01 -40.93
N ILE G 522 20.23 -85.35 -39.78
CA ILE G 522 20.65 -83.97 -39.59
C ILE G 522 22.16 -83.87 -39.77
N SER G 523 22.88 -84.90 -39.34
CA SER G 523 24.33 -84.92 -39.38
C SER G 523 24.89 -84.62 -40.77
N LYS G 524 24.05 -84.75 -41.80
CA LYS G 524 24.44 -84.41 -43.17
C LYS G 524 23.75 -83.16 -43.74
N VAL G 525 22.60 -82.79 -43.17
CA VAL G 525 21.92 -81.57 -43.57
C VAL G 525 22.60 -80.35 -42.90
N LYS G 526 22.51 -80.28 -41.58
CA LYS G 526 23.15 -79.20 -40.81
C LYS G 526 24.67 -79.25 -40.98
N SER G 527 25.13 -80.25 -41.75
CA SER G 527 26.54 -80.40 -42.13
C SER G 527 26.87 -79.50 -43.32
N LEU G 528 26.06 -79.60 -44.37
CA LEU G 528 26.24 -78.80 -45.59
C LEU G 528 25.69 -77.40 -45.40
N LYS G 529 24.49 -77.30 -44.82
CA LYS G 529 23.82 -76.02 -44.56
C LYS G 529 24.81 -75.00 -44.01
N SER G 530 25.54 -75.40 -42.97
CA SER G 530 26.57 -74.57 -42.36
C SER G 530 27.76 -74.37 -43.30
N ALA G 531 28.29 -75.46 -43.83
CA ALA G 531 29.47 -75.44 -44.70
C ALA G 531 29.40 -74.39 -45.80
N LEU G 532 28.19 -74.10 -46.27
CA LEU G 532 27.97 -73.11 -47.32
C LEU G 532 28.10 -71.69 -46.79
N GLU G 533 27.23 -71.34 -45.84
CA GLU G 533 27.26 -70.01 -45.19
C GLU G 533 28.60 -69.67 -44.58
N ALA G 534 29.51 -70.63 -44.64
CA ALA G 534 30.92 -70.40 -44.34
C ALA G 534 31.60 -69.80 -45.57
N CYS G 535 31.79 -70.61 -46.62
CA CYS G 535 32.53 -70.19 -47.80
C CYS G 535 31.86 -69.02 -48.54
N VAL G 536 30.55 -68.89 -48.37
CA VAL G 536 29.80 -67.75 -48.92
C VAL G 536 30.35 -66.45 -48.35
N ALA G 537 30.44 -66.39 -47.02
CA ALA G 537 30.93 -65.22 -46.30
C ALA G 537 32.37 -64.90 -46.68
N ILE G 538 33.19 -65.94 -46.82
CA ILE G 538 34.60 -65.80 -47.18
C ILE G 538 34.78 -65.37 -48.65
N LEU G 539 33.92 -65.86 -49.52
CA LEU G 539 33.96 -65.52 -50.95
C LEU G 539 33.50 -64.09 -51.21
N ARG G 540 32.60 -63.62 -50.35
CA ARG G 540 32.13 -62.24 -50.38
C ARG G 540 33.22 -61.26 -49.92
N ILE G 541 34.26 -61.78 -49.29
CA ILE G 541 35.37 -60.95 -48.84
C ILE G 541 36.28 -60.59 -50.03
N ASP G 542 36.47 -59.28 -50.22
CA ASP G 542 37.34 -58.78 -51.30
C ASP G 542 38.39 -57.80 -50.79
N THR G 543 38.20 -57.26 -49.59
CA THR G 543 39.19 -56.37 -48.97
C THR G 543 39.21 -56.66 -47.47
N MET G 544 40.41 -56.84 -46.91
CA MET G 544 40.57 -56.96 -45.45
C MET G 544 41.29 -55.74 -44.92
N ILE G 545 40.82 -55.21 -43.79
CA ILE G 545 41.47 -54.09 -43.14
C ILE G 545 41.76 -54.44 -41.69
N THR G 546 43.03 -54.68 -41.39
CA THR G 546 43.43 -55.15 -40.07
C THR G 546 44.00 -54.00 -39.22
N VAL G 547 43.39 -53.71 -38.08
CA VAL G 547 43.81 -52.58 -37.24
C VAL G 547 44.49 -53.04 -35.93
N ASP G 548 45.71 -52.52 -35.68
CA ASP G 548 46.56 -52.98 -34.56
C ASP G 548 46.03 -52.53 -33.21
N PRO G 549 46.18 -53.41 -32.20
CA PRO G 549 45.70 -53.32 -30.80
C PRO G 549 45.77 -51.93 -30.15
N GLU G 550 44.84 -51.68 -29.22
CA GLU G 550 44.65 -50.38 -28.56
C GLU G 550 45.94 -49.59 -28.34
N VAL H 6 49.97 -64.10 -39.89
CA VAL H 6 50.16 -65.52 -39.61
C VAL H 6 49.08 -66.37 -40.28
N PHE H 7 49.41 -67.64 -40.51
CA PHE H 7 48.50 -68.59 -41.12
C PHE H 7 47.89 -69.47 -40.04
N MET H 8 48.75 -70.12 -39.27
CA MET H 8 48.37 -70.96 -38.14
C MET H 8 48.67 -70.18 -36.86
N ASN H 9 49.92 -70.25 -36.41
CA ASN H 9 50.44 -69.40 -35.33
C ASN H 9 51.96 -69.16 -35.42
N ALA H 10 52.65 -70.01 -36.19
CA ALA H 10 54.11 -70.04 -36.26
C ALA H 10 54.74 -70.49 -34.93
N SER H 11 55.99 -70.94 -34.97
CA SER H 11 56.66 -71.56 -33.82
C SER H 11 56.00 -72.91 -33.45
N GLN H 12 55.72 -73.71 -34.48
CA GLN H 12 55.03 -74.99 -34.33
C GLN H 12 55.72 -76.11 -35.10
N GLU H 13 56.38 -77.02 -34.38
CA GLU H 13 57.13 -78.14 -34.98
C GLU H 13 56.25 -79.36 -35.22
N ARG H 14 55.88 -79.58 -36.48
CA ARG H 14 55.02 -80.69 -36.85
C ARG H 14 55.83 -81.94 -37.23
N THR H 15 55.54 -83.06 -36.56
CA THR H 15 56.14 -84.35 -36.91
C THR H 15 55.04 -85.25 -37.47
N THR H 16 55.20 -85.71 -38.71
CA THR H 16 54.12 -86.39 -39.43
C THR H 16 54.56 -87.72 -40.04
N GLY H 17 53.61 -88.66 -40.09
CA GLY H 17 53.81 -89.95 -40.74
C GLY H 17 54.67 -90.90 -39.95
N ARG H 18 55.40 -91.75 -40.68
CA ARG H 18 56.34 -92.69 -40.08
C ARG H 18 57.32 -91.96 -39.16
N GLN H 19 57.64 -90.71 -39.51
CA GLN H 19 58.50 -89.83 -38.70
C GLN H 19 57.99 -89.67 -37.27
N ALA H 20 56.69 -89.40 -37.13
CA ALA H 20 56.05 -89.26 -35.82
C ALA H 20 55.95 -90.60 -35.09
N GLN H 21 55.62 -91.64 -35.85
CA GLN H 21 55.51 -93.00 -35.32
C GLN H 21 56.78 -93.44 -34.62
N ILE H 22 57.93 -93.27 -35.30
CA ILE H 22 59.24 -93.61 -34.76
C ILE H 22 59.49 -92.95 -33.38
N SER H 23 59.27 -91.64 -33.29
CA SER H 23 59.46 -90.90 -32.03
C SER H 23 58.79 -91.51 -30.80
N ASN H 24 57.60 -92.09 -31.02
CA ASN H 24 56.83 -92.68 -29.94
C ASN H 24 57.37 -94.03 -29.50
N ILE H 25 57.64 -94.91 -30.46
CA ILE H 25 58.20 -96.23 -30.16
C ILE H 25 59.62 -96.10 -29.61
N THR H 26 60.38 -95.14 -30.15
CA THR H 26 61.74 -94.86 -29.68
C THR H 26 61.75 -94.55 -28.19
N ALA H 27 60.94 -93.58 -27.79
CA ALA H 27 60.89 -93.13 -26.41
C ALA H 27 60.32 -94.21 -25.48
N ALA H 28 59.21 -94.80 -25.89
CA ALA H 28 58.53 -95.81 -25.07
C ALA H 28 59.41 -97.01 -24.74
N LYS H 29 60.25 -97.40 -25.70
CA LYS H 29 61.18 -98.52 -25.53
C LYS H 29 62.40 -98.12 -24.70
N ALA H 30 62.87 -96.89 -24.88
CA ALA H 30 64.00 -96.36 -24.10
C ALA H 30 63.57 -95.93 -22.69
N VAL H 31 62.27 -95.97 -22.42
CA VAL H 31 61.71 -95.86 -21.06
C VAL H 31 61.96 -97.15 -20.29
N ALA H 32 61.61 -98.28 -20.91
CA ALA H 32 61.88 -99.59 -20.34
C ALA H 32 63.35 -99.71 -19.96
N ASP H 33 64.23 -99.12 -20.78
CA ASP H 33 65.68 -99.15 -20.59
C ASP H 33 66.20 -98.66 -19.23
N VAL H 34 65.52 -97.68 -18.64
CA VAL H 34 65.97 -97.09 -17.38
C VAL H 34 65.53 -97.92 -16.19
N ILE H 35 64.73 -98.95 -16.45
CA ILE H 35 64.21 -99.82 -15.39
C ILE H 35 64.50 -101.33 -15.62
N ARG H 36 64.97 -101.67 -16.82
CA ARG H 36 65.32 -103.06 -17.18
C ARG H 36 66.18 -103.75 -16.11
N THR H 37 67.11 -102.98 -15.53
CA THR H 37 68.02 -103.49 -14.51
C THR H 37 67.46 -103.34 -13.10
N CYS H 38 66.14 -103.09 -13.02
CA CYS H 38 65.42 -103.04 -11.76
C CYS H 38 64.32 -104.10 -11.66
N LEU H 39 64.42 -105.13 -12.50
CA LEU H 39 63.45 -106.22 -12.51
C LEU H 39 63.94 -107.43 -11.70
N GLY H 40 63.04 -107.99 -10.90
CA GLY H 40 63.30 -109.25 -10.21
C GLY H 40 64.21 -109.15 -8.99
N PRO H 41 64.98 -110.22 -8.73
CA PRO H 41 65.75 -110.36 -7.50
C PRO H 41 67.16 -109.76 -7.57
N LYS H 42 67.86 -110.00 -8.67
CA LYS H 42 69.21 -109.49 -8.84
C LYS H 42 69.21 -107.99 -9.13
N ALA H 43 68.00 -107.41 -9.14
CA ALA H 43 67.77 -105.99 -9.44
C ALA H 43 68.48 -105.03 -8.50
N MET H 44 68.62 -103.78 -8.93
CA MET H 44 69.45 -102.78 -8.25
C MET H 44 68.65 -101.67 -7.54
N LEU H 45 69.32 -100.56 -7.23
CA LEU H 45 68.68 -99.40 -6.61
C LEU H 45 69.11 -98.13 -7.30
N LYS H 46 68.27 -97.61 -8.18
CA LYS H 46 68.59 -96.37 -8.86
C LYS H 46 68.39 -95.17 -7.92
N MET H 47 69.50 -94.67 -7.34
CA MET H 47 69.46 -93.54 -6.38
C MET H 47 69.10 -92.21 -7.05
N LEU H 48 68.03 -91.58 -6.56
CA LEU H 48 67.47 -90.39 -7.22
C LEU H 48 67.58 -89.09 -6.41
N LEU H 49 67.98 -88.02 -7.10
CA LEU H 49 67.97 -86.67 -6.56
C LEU H 49 66.69 -85.99 -6.99
N ASP H 50 65.86 -85.62 -6.04
CA ASP H 50 64.63 -84.90 -6.36
C ASP H 50 64.88 -83.39 -6.55
N PRO H 51 63.83 -82.58 -6.79
CA PRO H 51 64.07 -81.20 -7.20
C PRO H 51 64.49 -80.26 -6.07
N MET H 52 63.82 -80.40 -4.92
CA MET H 52 64.00 -79.45 -3.83
C MET H 52 64.87 -79.99 -2.69
N GLY H 53 65.56 -81.11 -2.94
CA GLY H 53 66.70 -81.52 -2.11
C GLY H 53 66.63 -82.78 -1.30
N GLY H 54 65.55 -83.54 -1.45
CA GLY H 54 65.45 -84.83 -0.79
C GLY H 54 66.21 -85.91 -1.55
N LEU H 55 66.10 -87.14 -1.07
CA LEU H 55 66.75 -88.26 -1.72
C LEU H 55 65.88 -89.50 -1.69
N VAL H 56 65.80 -90.18 -2.83
CA VAL H 56 65.07 -91.43 -2.95
C VAL H 56 66.00 -92.44 -3.63
N LEU H 57 66.10 -93.63 -3.07
CA LEU H 57 66.89 -94.70 -3.69
C LEU H 57 66.20 -96.04 -3.49
N THR H 58 65.52 -96.53 -4.52
CA THR H 58 64.84 -97.82 -4.39
C THR H 58 64.78 -98.61 -5.67
N ASN H 59 63.94 -99.65 -5.64
CA ASN H 59 63.71 -100.54 -6.74
C ASN H 59 62.27 -100.30 -7.21
N ASP H 60 61.33 -100.29 -6.26
CA ASP H 60 59.88 -100.11 -6.52
C ASP H 60 59.64 -99.28 -7.79
N GLY H 61 59.46 -99.99 -8.91
CA GLY H 61 59.38 -99.39 -10.25
C GLY H 61 58.74 -98.02 -10.30
N HIS H 62 57.53 -97.92 -9.78
CA HIS H 62 56.77 -96.68 -9.81
C HIS H 62 57.39 -95.56 -9.00
N ALA H 63 58.19 -95.92 -8.00
CA ALA H 63 58.86 -94.90 -7.16
C ALA H 63 60.13 -94.36 -7.80
N ILE H 64 60.63 -95.06 -8.83
CA ILE H 64 61.78 -94.59 -9.59
C ILE H 64 61.32 -93.60 -10.64
N LEU H 65 60.36 -94.05 -11.46
CA LEU H 65 59.79 -93.22 -12.50
C LEU H 65 59.15 -91.94 -11.90
N ARG H 66 58.37 -92.13 -10.84
CA ARG H 66 57.65 -91.03 -10.17
C ARG H 66 58.53 -89.82 -9.91
N GLU H 67 59.84 -90.05 -9.71
CA GLU H 67 60.77 -88.96 -9.43
C GLU H 67 61.65 -88.64 -10.63
N ILE H 68 61.14 -88.90 -11.83
CA ILE H 68 61.78 -88.50 -13.09
C ILE H 68 60.85 -87.60 -13.93
N ASP H 69 61.40 -86.49 -14.43
CA ASP H 69 60.66 -85.55 -15.27
C ASP H 69 60.81 -85.92 -16.74
N VAL H 70 59.70 -86.19 -17.43
CA VAL H 70 59.76 -86.62 -18.83
C VAL H 70 58.97 -85.72 -19.80
N ALA H 71 59.65 -85.30 -20.86
CA ALA H 71 59.13 -84.27 -21.77
C ALA H 71 58.43 -84.84 -23.02
N HIS H 72 59.09 -85.77 -23.70
CA HIS H 72 58.51 -86.37 -24.90
C HIS H 72 57.23 -87.13 -24.58
N PRO H 73 56.08 -86.64 -25.08
CA PRO H 73 54.74 -87.08 -24.66
C PRO H 73 54.55 -88.60 -24.59
N ALA H 74 55.21 -89.33 -25.50
CA ALA H 74 55.10 -90.79 -25.55
C ALA H 74 55.68 -91.48 -24.33
N ALA H 75 56.62 -90.80 -23.67
CA ALA H 75 57.21 -91.29 -22.42
C ALA H 75 56.48 -90.72 -21.21
N LYS H 76 55.86 -89.55 -21.40
CA LYS H 76 54.98 -88.95 -20.40
C LYS H 76 53.73 -89.80 -20.28
N SER H 77 53.35 -90.42 -21.40
CA SER H 77 52.26 -91.40 -21.44
C SER H 77 52.68 -92.75 -20.87
N MET H 78 53.97 -93.06 -20.97
CA MET H 78 54.50 -94.33 -20.50
C MET H 78 54.68 -94.34 -18.99
N LEU H 79 55.28 -93.28 -18.46
CA LEU H 79 55.53 -93.17 -17.02
C LEU H 79 54.22 -93.08 -16.24
N GLU H 80 53.32 -92.18 -16.65
CA GLU H 80 52.02 -92.04 -16.00
C GLU H 80 51.16 -93.29 -16.22
N LEU H 81 51.81 -94.38 -16.64
CA LEU H 81 51.17 -95.67 -16.89
C LEU H 81 51.59 -96.74 -15.87
N SER H 82 52.70 -96.48 -15.20
CA SER H 82 53.13 -97.28 -14.05
C SER H 82 52.36 -96.82 -12.79
N ARG H 83 51.71 -95.66 -12.91
CA ARG H 83 50.89 -95.07 -11.85
C ARG H 83 49.56 -95.80 -11.71
N THR H 84 48.91 -96.08 -12.85
CA THR H 84 47.69 -96.89 -12.92
C THR H 84 47.89 -98.25 -12.26
N GLN H 85 49.04 -98.86 -12.54
CA GLN H 85 49.40 -100.18 -12.00
C GLN H 85 49.54 -100.20 -10.48
N ASP H 86 50.29 -99.25 -9.91
CA ASP H 86 50.46 -99.16 -8.46
C ASP H 86 49.11 -98.88 -7.77
N GLU H 87 48.32 -97.99 -8.39
CA GLU H 87 47.02 -97.59 -7.87
C GLU H 87 45.94 -98.65 -8.08
N GLU H 88 46.35 -99.88 -8.33
CA GLU H 88 45.39 -100.98 -8.51
C GLU H 88 45.80 -102.27 -7.80
N VAL H 89 47.09 -102.58 -7.87
CA VAL H 89 47.57 -103.85 -7.32
C VAL H 89 48.62 -103.58 -6.26
N GLY H 90 49.63 -102.79 -6.61
CA GLY H 90 50.70 -102.44 -5.67
C GLY H 90 52.06 -102.87 -6.19
N ASP H 91 52.17 -104.15 -6.53
CA ASP H 91 53.39 -104.70 -7.09
C ASP H 91 53.19 -104.89 -8.60
N GLY H 92 54.28 -104.97 -9.34
CA GLY H 92 54.21 -105.15 -10.78
C GLY H 92 54.32 -103.83 -11.53
N THR H 93 54.75 -102.78 -10.83
CA THR H 93 54.87 -101.46 -11.44
C THR H 93 56.12 -101.36 -12.33
N THR H 94 57.11 -102.20 -12.02
CA THR H 94 58.29 -102.38 -12.86
C THR H 94 57.89 -103.08 -14.16
N THR H 95 57.24 -104.24 -14.03
CA THR H 95 56.91 -105.09 -15.17
C THR H 95 56.19 -104.28 -16.26
N VAL H 96 55.05 -103.70 -15.90
CA VAL H 96 54.17 -102.99 -16.84
C VAL H 96 54.89 -102.20 -17.92
N ILE H 97 55.90 -101.42 -17.52
CA ILE H 97 56.61 -100.56 -18.47
C ILE H 97 57.54 -101.32 -19.41
N ILE H 98 58.15 -102.41 -18.92
CA ILE H 98 59.04 -103.23 -19.74
C ILE H 98 58.26 -103.91 -20.87
N LEU H 99 57.06 -104.41 -20.54
CA LEU H 99 56.12 -104.95 -21.54
C LEU H 99 55.60 -103.89 -22.48
N ALA H 100 55.10 -102.79 -21.90
CA ALA H 100 54.64 -101.65 -22.69
C ALA H 100 55.66 -101.29 -23.76
N GLY H 101 56.94 -101.42 -23.42
CA GLY H 101 58.04 -101.16 -24.35
C GLY H 101 58.20 -102.20 -25.44
N GLU H 102 58.41 -103.46 -25.04
CA GLU H 102 58.65 -104.56 -26.00
C GLU H 102 57.40 -105.16 -26.63
N ILE H 103 56.23 -104.57 -26.35
CA ILE H 103 55.06 -104.75 -27.20
C ILE H 103 55.21 -103.78 -28.36
N LEU H 104 55.61 -102.54 -28.04
CA LEU H 104 55.82 -101.52 -29.06
C LEU H 104 57.11 -101.74 -29.85
N ALA H 105 58.04 -102.49 -29.26
CA ALA H 105 59.34 -102.73 -29.89
C ALA H 105 59.33 -103.96 -30.80
N GLN H 106 58.97 -105.12 -30.24
CA GLN H 106 58.88 -106.36 -31.01
C GLN H 106 57.81 -106.29 -32.08
N CYS H 107 56.70 -105.63 -31.73
CA CYS H 107 55.56 -105.50 -32.61
C CYS H 107 55.76 -104.42 -33.69
N ALA H 108 55.86 -103.16 -33.28
CA ALA H 108 55.78 -102.04 -34.22
C ALA H 108 56.77 -102.04 -35.41
N PRO H 109 58.07 -101.72 -35.17
CA PRO H 109 59.01 -101.42 -36.27
C PRO H 109 59.17 -102.56 -37.25
N TYR H 110 59.16 -103.79 -36.75
CA TYR H 110 59.24 -104.95 -37.62
C TYR H 110 58.07 -105.01 -38.61
N LEU H 111 56.94 -104.38 -38.26
CA LEU H 111 55.70 -104.53 -39.02
C LEU H 111 55.01 -103.22 -39.44
N ILE H 112 55.36 -102.10 -38.79
CA ILE H 112 54.91 -100.77 -39.25
C ILE H 112 55.78 -100.29 -40.41
N GLU H 113 57.02 -100.79 -40.45
CA GLU H 113 57.95 -100.55 -41.56
C GLU H 113 57.98 -101.73 -42.56
N LYS H 114 56.82 -102.37 -42.68
CA LYS H 114 56.50 -103.32 -43.73
C LYS H 114 55.12 -102.96 -44.31
N ASN H 115 54.68 -101.73 -44.01
CA ASN H 115 53.47 -101.05 -44.57
C ASN H 115 52.09 -101.39 -43.97
N ILE H 116 52.08 -102.20 -42.91
CA ILE H 116 50.82 -102.58 -42.25
C ILE H 116 50.20 -101.36 -41.54
N HIS H 117 48.91 -101.12 -41.82
CA HIS H 117 48.19 -99.98 -41.24
C HIS H 117 47.86 -100.19 -39.75
N PRO H 118 48.12 -99.16 -38.93
CA PRO H 118 47.86 -99.15 -37.48
C PRO H 118 46.53 -99.72 -37.03
N VAL H 119 45.41 -99.32 -37.64
CA VAL H 119 44.10 -99.70 -37.13
C VAL H 119 43.80 -101.22 -37.18
N ILE H 120 44.45 -101.91 -38.12
CA ILE H 120 44.38 -103.38 -38.20
C ILE H 120 45.17 -103.99 -37.04
N ILE H 121 46.32 -103.38 -36.74
CA ILE H 121 47.22 -103.83 -35.67
C ILE H 121 46.56 -103.72 -34.30
N ILE H 122 45.80 -102.64 -34.07
CA ILE H 122 45.08 -102.45 -32.81
C ILE H 122 44.04 -103.53 -32.58
N GLN H 123 43.28 -103.86 -33.63
CA GLN H 123 42.29 -104.93 -33.55
C GLN H 123 42.96 -106.29 -33.36
N ALA H 124 44.16 -106.44 -33.94
CA ALA H 124 44.96 -107.65 -33.81
C ALA H 124 45.52 -107.81 -32.40
N LEU H 125 45.96 -106.71 -31.79
CA LEU H 125 46.50 -106.72 -30.42
C LEU H 125 45.41 -106.71 -29.33
N LYS H 126 44.18 -106.35 -29.71
CA LYS H 126 43.07 -106.34 -28.77
C LYS H 126 42.57 -107.77 -28.52
N LYS H 127 42.62 -108.60 -29.57
CA LYS H 127 42.27 -110.02 -29.48
C LYS H 127 43.35 -110.80 -28.71
N ALA H 128 44.60 -110.38 -28.88
CA ALA H 128 45.74 -111.02 -28.22
C ALA H 128 45.73 -110.83 -26.70
N LEU H 129 44.94 -109.87 -26.23
CA LEU H 129 44.77 -109.65 -24.79
C LEU H 129 43.66 -110.55 -24.24
N THR H 130 42.48 -110.50 -24.87
CA THR H 130 41.34 -111.33 -24.49
C THR H 130 41.78 -112.79 -24.39
N ASP H 131 42.73 -113.14 -25.27
CA ASP H 131 43.35 -114.47 -25.29
C ASP H 131 44.36 -114.61 -24.14
N ALA H 132 45.20 -113.59 -23.95
CA ALA H 132 46.25 -113.61 -22.93
C ALA H 132 45.71 -113.72 -21.51
N LEU H 133 44.60 -113.03 -21.23
CA LEU H 133 43.95 -113.07 -19.93
C LEU H 133 43.38 -114.45 -19.60
N GLU H 134 42.75 -115.08 -20.60
CA GLU H 134 42.20 -116.43 -20.43
C GLU H 134 43.31 -117.45 -20.21
N VAL H 135 44.50 -117.17 -20.75
CA VAL H 135 45.68 -118.02 -20.58
C VAL H 135 46.21 -117.92 -19.15
N ILE H 136 46.42 -116.71 -18.68
CA ILE H 136 46.92 -116.47 -17.32
C ILE H 136 46.01 -117.11 -16.27
N LYS H 137 44.70 -116.96 -16.46
CA LYS H 137 43.70 -117.45 -15.51
C LYS H 137 43.55 -118.98 -15.52
N GLN H 138 44.03 -119.62 -16.57
CA GLN H 138 43.98 -121.07 -16.70
C GLN H 138 45.30 -121.74 -16.31
N VAL H 139 46.37 -120.95 -16.23
CA VAL H 139 47.69 -121.42 -15.79
C VAL H 139 47.96 -121.12 -14.31
N SER H 140 47.14 -120.24 -13.74
CA SER H 140 47.15 -119.95 -12.32
C SER H 140 46.42 -121.03 -11.52
N LYS H 141 46.60 -121.03 -10.20
CA LYS H 141 45.92 -121.95 -9.31
C LYS H 141 45.35 -121.22 -8.11
N PRO H 142 44.04 -121.40 -7.82
CA PRO H 142 43.41 -120.75 -6.67
C PRO H 142 44.03 -121.17 -5.34
N VAL H 143 44.08 -120.23 -4.38
CA VAL H 143 44.74 -120.46 -3.09
C VAL H 143 43.85 -120.13 -1.89
N ASP H 144 44.10 -120.84 -0.78
CA ASP H 144 43.49 -120.58 0.51
C ASP H 144 43.98 -119.23 1.05
N VAL H 145 43.06 -118.27 1.19
CA VAL H 145 43.41 -116.91 1.60
C VAL H 145 43.62 -116.77 3.09
N GLU H 146 43.13 -117.74 3.86
CA GLU H 146 43.21 -117.68 5.32
C GLU H 146 44.02 -118.81 5.95
N ASN H 147 44.67 -119.61 5.11
CA ASN H 147 45.72 -120.51 5.57
C ASN H 147 46.92 -119.63 5.93
N ASP H 148 46.87 -119.09 7.13
CA ASP H 148 47.79 -118.02 7.57
C ASP H 148 49.25 -118.25 7.10
N ALA H 149 49.66 -119.52 7.09
CA ALA H 149 51.04 -119.89 6.73
C ALA H 149 51.30 -120.04 5.23
N ALA H 150 50.25 -120.34 4.47
CA ALA H 150 50.36 -120.41 3.01
C ALA H 150 50.37 -119.01 2.39
N MET H 151 49.75 -118.06 3.08
CA MET H 151 49.74 -116.67 2.65
C MET H 151 51.05 -115.97 2.94
N LYS H 152 51.82 -116.51 3.89
CA LYS H 152 53.15 -115.97 4.19
C LYS H 152 54.16 -116.31 3.09
N LYS H 153 53.88 -117.40 2.34
CA LYS H 153 54.69 -117.79 1.18
C LYS H 153 54.50 -116.83 0.00
N LEU H 154 53.28 -116.30 -0.12
CA LEU H 154 52.95 -115.21 -1.03
C LEU H 154 53.84 -114.01 -0.78
N ILE H 155 53.68 -113.42 0.40
CA ILE H 155 54.39 -112.23 0.80
C ILE H 155 55.89 -112.47 0.78
N GLN H 156 56.32 -113.66 1.20
CA GLN H 156 57.74 -114.02 1.19
C GLN H 156 58.35 -113.87 -0.20
N ALA H 157 57.55 -114.17 -1.22
CA ALA H 157 57.98 -114.08 -2.62
C ALA H 157 57.97 -112.66 -3.17
N SER H 158 56.99 -111.87 -2.76
CA SER H 158 56.82 -110.52 -3.30
C SER H 158 57.74 -109.47 -2.67
N ILE H 159 58.34 -109.79 -1.52
CA ILE H 159 59.33 -108.92 -0.92
C ILE H 159 60.74 -109.35 -1.34
N GLY H 160 60.88 -110.64 -1.66
CA GLY H 160 62.15 -111.21 -2.13
C GLY H 160 62.66 -110.55 -3.40
N THR H 161 62.70 -109.23 -3.39
CA THR H 161 63.08 -108.44 -4.53
C THR H 161 63.94 -107.30 -4.04
N LYS H 162 63.38 -106.49 -3.14
CA LYS H 162 64.05 -105.27 -2.71
C LYS H 162 64.68 -105.44 -1.32
N TYR H 163 65.70 -104.62 -1.05
CA TYR H 163 66.58 -104.67 0.16
C TYR H 163 66.00 -105.29 1.46
N VAL H 164 64.67 -105.44 1.54
CA VAL H 164 64.01 -105.96 2.73
C VAL H 164 64.13 -107.50 2.93
N ILE H 165 64.53 -108.24 1.88
CA ILE H 165 64.63 -109.71 1.94
C ILE H 165 65.25 -110.20 3.25
N HIS H 166 66.33 -109.51 3.66
CA HIS H 166 67.13 -109.87 4.83
C HIS H 166 66.28 -110.30 6.04
N TRP H 167 65.08 -109.73 6.15
CA TRP H 167 64.19 -110.02 7.26
C TRP H 167 62.76 -110.32 6.80
N SER H 168 62.61 -111.13 5.76
CA SER H 168 61.28 -111.43 5.20
C SER H 168 60.33 -111.99 6.27
N GLU H 169 60.81 -112.97 7.03
CA GLU H 169 60.02 -113.65 8.06
C GLU H 169 59.24 -112.70 8.97
N LYS H 170 59.88 -111.61 9.38
CA LYS H 170 59.23 -110.60 10.24
C LYS H 170 58.26 -109.74 9.45
N MET H 171 58.67 -109.37 8.23
CA MET H 171 57.90 -108.46 7.38
C MET H 171 56.56 -109.04 6.99
N CYS H 172 56.57 -110.32 6.65
CA CYS H 172 55.34 -111.03 6.25
C CYS H 172 54.37 -111.11 7.42
N GLU H 173 54.91 -111.33 8.61
CA GLU H 173 54.11 -111.31 9.83
C GLU H 173 53.54 -109.91 10.08
N LEU H 174 54.32 -108.88 9.75
CA LEU H 174 53.89 -107.50 9.91
C LEU H 174 52.89 -107.10 8.84
N ALA H 175 53.09 -107.62 7.63
CA ALA H 175 52.18 -107.35 6.53
C ALA H 175 50.87 -108.09 6.73
N LEU H 176 50.95 -109.40 6.94
CA LEU H 176 49.78 -110.26 7.04
C LEU H 176 48.93 -109.92 8.25
N ASP H 177 49.58 -109.53 9.35
CA ASP H 177 48.89 -109.19 10.58
C ASP H 177 48.29 -107.77 10.52
N ALA H 178 48.81 -106.96 9.61
CA ALA H 178 48.25 -105.63 9.38
C ALA H 178 46.93 -105.73 8.61
N VAL H 179 46.91 -106.58 7.59
CA VAL H 179 45.73 -106.74 6.75
C VAL H 179 44.68 -107.61 7.44
N LYS H 180 45.13 -108.47 8.36
CA LYS H 180 44.23 -109.32 9.14
C LYS H 180 43.30 -108.52 10.05
N THR H 181 43.79 -107.40 10.58
CA THR H 181 43.02 -106.58 11.52
C THR H 181 42.43 -105.32 10.90
N VAL H 182 42.14 -105.38 9.60
CA VAL H 182 41.42 -104.31 8.90
C VAL H 182 40.36 -104.88 7.95
N ARG H 183 40.02 -106.16 8.16
CA ARG H 183 39.07 -106.85 7.30
C ARG H 183 37.69 -106.90 7.94
N GLU H 197 32.09 -107.98 3.85
CA GLU H 197 32.92 -106.96 4.47
C GLU H 197 34.40 -107.04 4.03
N ILE H 198 34.92 -105.95 3.45
CA ILE H 198 36.29 -105.91 2.89
C ILE H 198 37.11 -104.60 3.21
N ASP H 199 38.44 -104.69 3.07
CA ASP H 199 39.42 -103.76 3.66
C ASP H 199 39.78 -102.47 2.88
N ILE H 200 40.47 -101.55 3.60
CA ILE H 200 41.13 -100.33 3.05
C ILE H 200 42.46 -100.07 3.81
N LYS H 201 43.60 -100.35 3.17
CA LYS H 201 44.90 -100.12 3.80
C LYS H 201 45.31 -98.62 3.81
N ARG H 202 44.50 -97.80 4.47
CA ARG H 202 44.81 -96.39 4.79
C ARG H 202 44.31 -96.10 6.20
N TYR H 203 43.72 -97.13 6.81
CA TYR H 203 43.46 -97.21 8.25
C TYR H 203 44.68 -97.82 8.96
N VAL H 204 45.82 -97.80 8.27
CA VAL H 204 47.07 -98.40 8.78
C VAL H 204 48.26 -97.41 8.79
N ARG H 205 48.33 -96.58 9.84
CA ARG H 205 49.42 -95.62 10.01
C ARG H 205 50.71 -96.37 10.20
N VAL H 206 51.74 -95.95 9.48
CA VAL H 206 53.02 -96.68 9.48
C VAL H 206 54.15 -95.85 10.10
N GLU H 207 53.91 -95.26 11.28
CA GLU H 207 54.84 -94.31 11.91
C GLU H 207 56.27 -94.86 12.01
N LYS H 208 57.17 -94.28 11.20
CA LYS H 208 58.58 -94.70 11.12
C LYS H 208 59.42 -94.08 12.22
N ILE H 209 60.05 -94.92 13.02
CA ILE H 209 60.92 -94.44 14.09
C ILE H 209 62.35 -94.95 13.91
N PRO H 210 63.28 -94.03 13.61
CA PRO H 210 64.70 -94.31 13.34
C PRO H 210 65.39 -95.16 14.40
N GLY H 211 66.28 -96.05 13.96
CA GLY H 211 67.15 -96.83 14.85
C GLY H 211 66.64 -98.19 15.30
N GLY H 212 67.35 -98.77 16.28
CA GLY H 212 67.06 -100.10 16.82
C GLY H 212 67.53 -101.16 15.86
N ASP H 213 66.61 -102.04 15.47
CA ASP H 213 66.72 -102.83 14.23
C ASP H 213 65.34 -103.34 13.83
N VAL H 214 65.24 -103.94 12.65
CA VAL H 214 63.95 -104.36 12.13
C VAL H 214 63.28 -105.35 13.07
N LEU H 215 64.07 -106.24 13.67
CA LEU H 215 63.58 -107.19 14.67
C LEU H 215 62.89 -106.52 15.89
N ASP H 216 62.86 -105.19 15.90
CA ASP H 216 62.17 -104.41 16.93
C ASP H 216 60.82 -103.90 16.47
N SER H 217 60.57 -104.00 15.18
CA SER H 217 59.31 -103.55 14.60
C SER H 217 58.18 -104.45 15.07
N ARG H 218 57.08 -103.83 15.49
CA ARG H 218 55.94 -104.56 16.00
C ARG H 218 54.65 -103.86 15.64
N VAL H 219 53.82 -104.53 14.84
CA VAL H 219 52.46 -104.12 14.61
C VAL H 219 51.76 -104.01 15.96
N LEU H 220 51.26 -102.82 16.27
CA LEU H 220 50.45 -102.61 17.46
C LEU H 220 49.00 -102.70 17.06
N LYS H 221 48.26 -103.61 17.70
CA LYS H 221 46.80 -103.63 17.58
C LYS H 221 46.25 -102.37 18.27
N GLY H 222 46.42 -101.23 17.60
CA GLY H 222 46.13 -99.92 18.15
C GLY H 222 46.78 -98.79 17.38
N VAL H 223 46.93 -97.64 18.03
CA VAL H 223 47.45 -96.42 17.41
C VAL H 223 48.54 -95.79 18.26
N LEU H 224 49.56 -95.25 17.60
CA LEU H 224 50.64 -94.53 18.27
C LEU H 224 50.59 -93.04 17.94
N LEU H 225 50.75 -92.20 18.97
CA LEU H 225 50.75 -90.74 18.82
C LEU H 225 52.05 -90.10 19.32
N ASN H 226 52.40 -88.95 18.73
CA ASN H 226 53.61 -88.20 19.09
C ASN H 226 53.32 -87.07 20.08
N LYS H 227 52.11 -87.05 20.61
CA LYS H 227 51.70 -86.04 21.60
C LYS H 227 52.00 -86.50 23.02
N ASP H 228 52.32 -85.55 23.90
CA ASP H 228 52.43 -85.80 25.34
C ASP H 228 51.15 -85.34 26.06
N VAL H 229 50.91 -85.88 27.24
CA VAL H 229 49.80 -85.46 28.07
C VAL H 229 49.94 -83.97 28.36
N VAL H 230 48.86 -83.22 28.13
CA VAL H 230 48.87 -81.75 28.17
C VAL H 230 49.14 -81.13 29.55
N HIS H 231 48.85 -81.89 30.60
CA HIS H 231 49.17 -81.48 31.96
C HIS H 231 50.05 -82.51 32.66
N PRO H 232 51.13 -82.03 33.31
CA PRO H 232 52.05 -82.82 34.13
C PRO H 232 51.40 -83.76 35.13
N LYS H 233 50.45 -83.25 35.91
CA LYS H 233 49.81 -84.04 36.97
C LYS H 233 48.95 -85.18 36.45
N MET H 234 48.35 -84.99 35.27
CA MET H 234 47.58 -86.04 34.61
C MET H 234 48.44 -87.27 34.39
N SER H 235 47.83 -88.45 34.48
CA SER H 235 48.58 -89.71 34.47
C SER H 235 49.17 -90.05 33.12
N ARG H 236 50.38 -90.60 33.15
CA ARG H 236 51.03 -91.11 31.95
C ARG H 236 50.83 -92.62 31.81
N HIS H 237 50.10 -93.21 32.77
CA HIS H 237 49.78 -94.64 32.75
C HIS H 237 48.36 -94.86 33.26
N ILE H 238 47.45 -95.28 32.38
CA ILE H 238 46.09 -95.68 32.77
C ILE H 238 45.85 -97.14 32.41
N GLU H 239 45.40 -97.91 33.41
CA GLU H 239 45.14 -99.36 33.26
C GLU H 239 44.16 -99.64 32.12
N ASN H 240 42.86 -99.60 32.42
CA ASN H 240 41.85 -99.72 31.37
C ASN H 240 41.07 -98.41 31.23
N PRO H 241 41.55 -97.52 30.35
CA PRO H 241 40.97 -96.19 30.17
C PRO H 241 39.67 -96.17 29.36
N ARG H 242 38.65 -95.52 29.91
CA ARG H 242 37.44 -95.21 29.17
C ARG H 242 37.72 -93.96 28.35
N VAL H 243 37.51 -94.04 27.04
CA VAL H 243 38.01 -93.03 26.10
C VAL H 243 36.89 -92.19 25.45
N VAL H 244 37.09 -90.89 25.39
CA VAL H 244 36.20 -89.98 24.67
C VAL H 244 36.98 -89.28 23.57
N LEU H 245 36.41 -89.26 22.36
CA LEU H 245 37.05 -88.58 21.22
C LEU H 245 36.28 -87.32 20.80
N LEU H 246 37.01 -86.25 20.53
CA LEU H 246 36.39 -84.95 20.32
C LEU H 246 36.74 -84.27 18.99
N ASP H 247 35.69 -83.80 18.33
CA ASP H 247 35.76 -83.20 17.01
C ASP H 247 35.72 -81.68 17.13
N CYS H 248 36.00 -81.18 18.33
CA CYS H 248 35.73 -79.78 18.65
C CYS H 248 36.75 -79.21 19.63
N PRO H 249 37.04 -77.91 19.55
CA PRO H 249 37.97 -77.26 20.46
C PRO H 249 37.52 -77.31 21.93
N LEU H 250 38.50 -77.23 22.83
CA LEU H 250 38.25 -77.25 24.27
C LEU H 250 38.57 -75.90 24.92
N GLU H 251 38.21 -74.84 24.21
CA GLU H 251 38.16 -73.48 24.73
C GLU H 251 36.75 -72.96 24.41
N TYR H 252 36.36 -71.85 25.03
CA TYR H 252 35.07 -71.19 24.74
C TYR H 252 35.03 -70.75 23.28
N LYS H 253 33.93 -71.04 22.60
CA LYS H 253 33.75 -70.61 21.21
C LYS H 253 33.25 -69.17 21.19
N LYS H 254 33.36 -68.50 20.03
CA LYS H 254 32.85 -67.14 19.84
C LYS H 254 31.52 -67.16 19.11
N GLY H 255 30.89 -65.99 19.01
CA GLY H 255 29.69 -65.84 18.20
C GLY H 255 30.07 -65.86 16.74
N GLU H 256 29.59 -66.87 16.01
CA GLU H 256 29.79 -66.97 14.56
C GLU H 256 28.96 -65.90 13.85
N SER H 257 28.25 -65.10 14.66
CA SER H 257 27.35 -64.06 14.18
C SER H 257 27.90 -62.64 14.41
N GLN H 258 29.22 -62.56 14.57
CA GLN H 258 29.94 -61.34 14.94
C GLN H 258 29.32 -60.55 16.11
N THR H 259 29.35 -61.21 17.27
CA THR H 259 28.88 -60.67 18.53
C THR H 259 29.87 -59.61 19.04
N ASN H 260 29.35 -58.45 19.45
CA ASN H 260 30.16 -57.46 20.16
C ASN H 260 29.46 -56.89 21.41
N ILE H 261 30.23 -56.71 22.48
CA ILE H 261 29.70 -56.33 23.79
C ILE H 261 29.92 -54.84 24.08
N GLU H 262 28.85 -54.18 24.53
CA GLU H 262 28.88 -52.76 24.86
C GLU H 262 28.65 -52.54 26.36
N ILE H 263 29.73 -52.35 27.12
CA ILE H 263 29.66 -52.23 28.59
C ILE H 263 29.23 -50.84 29.05
N GLU H 264 28.27 -50.80 29.98
CA GLU H 264 27.80 -49.56 30.59
C GLU H 264 28.06 -49.47 32.11
N LYS H 265 27.60 -50.46 32.86
CA LYS H 265 27.73 -50.48 34.32
C LYS H 265 29.10 -50.96 34.80
N GLU H 266 29.43 -50.66 36.07
CA GLU H 266 30.71 -51.01 36.66
C GLU H 266 30.93 -52.52 36.76
N GLU H 267 29.93 -53.22 37.30
CA GLU H 267 30.02 -54.66 37.56
C GLU H 267 30.19 -55.52 36.30
N ASP H 268 29.57 -55.09 35.20
CA ASP H 268 29.42 -55.89 33.98
C ASP H 268 30.63 -56.72 33.57
N TRP H 269 31.82 -56.14 33.73
CA TRP H 269 33.06 -56.76 33.29
C TRP H 269 33.30 -58.18 33.83
N ASN H 270 33.28 -58.34 35.15
CA ASN H 270 33.60 -59.62 35.78
C ASN H 270 32.62 -60.74 35.43
N ARG H 271 31.34 -60.40 35.34
CA ARG H 271 30.28 -61.35 35.03
C ARG H 271 30.49 -62.02 33.68
N ILE H 272 30.86 -61.23 32.67
CA ILE H 272 31.16 -61.74 31.32
C ILE H 272 32.48 -62.50 31.27
N LEU H 273 33.52 -61.91 31.86
CA LEU H 273 34.86 -62.48 31.82
C LEU H 273 34.94 -63.82 32.54
N GLN H 274 33.88 -64.14 33.28
CA GLN H 274 33.76 -65.42 33.92
C GLN H 274 32.87 -66.37 33.12
N ILE H 275 32.00 -65.82 32.29
CA ILE H 275 31.15 -66.64 31.43
C ILE H 275 32.02 -67.58 30.63
N GLU H 276 33.12 -67.06 30.08
CA GLU H 276 34.08 -67.91 29.36
C GLU H 276 34.79 -68.88 30.31
N GLU H 277 35.05 -68.45 31.54
CA GLU H 277 35.60 -69.35 32.55
C GLU H 277 34.58 -70.43 32.88
N GLU H 278 33.30 -70.05 32.89
CA GLU H 278 32.20 -70.96 33.20
C GLU H 278 31.82 -71.85 32.02
N GLN H 279 31.83 -71.29 30.81
CA GLN H 279 31.46 -72.03 29.61
C GLN H 279 32.28 -73.32 29.51
N VAL H 280 33.57 -73.21 29.84
CA VAL H 280 34.48 -74.36 29.85
C VAL H 280 34.08 -75.36 30.94
N GLN H 281 33.72 -74.85 32.11
CA GLN H 281 33.25 -75.70 33.22
C GLN H 281 31.92 -76.37 32.86
N LEU H 282 31.15 -75.76 31.96
CA LEU H 282 29.90 -76.34 31.48
C LEU H 282 30.18 -77.44 30.45
N MET H 283 31.28 -77.28 29.71
CA MET H 283 31.80 -78.34 28.86
C MET H 283 32.37 -79.47 29.72
N CYS H 284 33.31 -79.14 30.60
CA CYS H 284 33.99 -80.10 31.47
C CYS H 284 33.06 -80.93 32.34
N GLU H 285 31.97 -80.30 32.80
CA GLU H 285 30.94 -80.98 33.58
C GLU H 285 30.21 -81.97 32.69
N GLN H 286 30.09 -81.63 31.41
CA GLN H 286 29.40 -82.48 30.45
C GLN H 286 30.31 -83.57 29.89
N ILE H 287 31.61 -83.28 29.80
CA ILE H 287 32.62 -84.25 29.35
C ILE H 287 32.85 -85.31 30.43
N LEU H 288 33.14 -84.84 31.64
CA LEU H 288 33.43 -85.68 32.78
C LEU H 288 32.22 -86.54 33.20
N ALA H 289 31.02 -86.11 32.78
CA ALA H 289 29.79 -86.80 33.13
C ALA H 289 29.64 -88.19 32.50
N VAL H 290 30.62 -88.62 31.73
CA VAL H 290 30.59 -89.95 31.11
C VAL H 290 31.65 -90.86 31.72
N ARG H 291 32.02 -90.56 32.98
CA ARG H 291 33.08 -91.28 33.73
C ARG H 291 34.32 -91.65 32.91
N PRO H 292 34.93 -90.65 32.23
CA PRO H 292 36.08 -90.94 31.38
C PRO H 292 37.40 -90.84 32.15
N THR H 293 38.47 -91.39 31.55
CA THR H 293 39.81 -91.27 32.09
C THR H 293 40.75 -90.71 31.02
N LEU H 294 40.28 -90.72 29.78
CA LEU H 294 41.04 -90.20 28.65
C LEU H 294 40.15 -89.33 27.78
N VAL H 295 40.71 -88.21 27.30
CA VAL H 295 40.01 -87.30 26.40
C VAL H 295 40.95 -86.77 25.31
N ILE H 296 40.66 -87.10 24.06
CA ILE H 296 41.48 -86.68 22.91
C ILE H 296 40.67 -85.78 21.96
N THR H 297 41.24 -84.64 21.58
CA THR H 297 40.58 -83.65 20.73
C THR H 297 41.33 -83.39 19.43
N GLU H 298 40.58 -83.14 18.35
CA GLU H 298 41.16 -82.73 17.08
C GLU H 298 41.69 -81.31 17.13
N LYS H 299 41.01 -80.44 17.89
CA LYS H 299 41.44 -79.05 18.07
C LYS H 299 42.13 -78.86 19.44
N GLY H 300 42.73 -77.67 19.64
CA GLY H 300 43.52 -77.35 20.84
C GLY H 300 42.75 -77.22 22.14
N VAL H 301 43.44 -77.45 23.26
CA VAL H 301 42.83 -77.51 24.61
C VAL H 301 43.25 -76.35 25.51
N SER H 302 42.27 -75.75 26.19
CA SER H 302 42.45 -74.54 27.00
C SER H 302 43.32 -74.78 28.25
N ASP H 303 43.90 -73.69 28.76
CA ASP H 303 44.70 -73.73 29.99
C ASP H 303 43.86 -73.65 31.27
N LEU H 304 42.55 -73.58 31.11
CA LEU H 304 41.61 -73.69 32.23
C LEU H 304 40.85 -75.01 32.16
N ALA H 305 40.75 -75.58 30.95
CA ALA H 305 40.10 -76.85 30.71
C ALA H 305 40.84 -78.02 31.38
N GLN H 306 42.16 -77.87 31.50
CA GLN H 306 43.02 -78.88 32.11
C GLN H 306 42.80 -79.04 33.61
N HIS H 307 42.41 -77.95 34.29
CA HIS H 307 42.14 -78.00 35.74
C HIS H 307 40.89 -78.79 36.07
N TYR H 308 39.85 -78.63 35.26
CA TYR H 308 38.59 -79.30 35.51
C TYR H 308 38.62 -80.74 35.01
N LEU H 309 39.59 -81.03 34.14
CA LEU H 309 39.82 -82.39 33.66
C LEU H 309 40.93 -83.11 34.43
N LEU H 310 41.67 -82.37 35.25
CA LEU H 310 42.58 -82.96 36.23
C LEU H 310 41.73 -83.47 37.39
N LYS H 311 40.83 -82.61 37.86
CA LYS H 311 39.89 -82.95 38.94
C LYS H 311 38.88 -84.01 38.49
N GLY H 312 38.73 -84.16 37.18
CA GLY H 312 37.92 -85.22 36.62
C GLY H 312 38.67 -86.55 36.55
N GLY H 313 39.99 -86.48 36.69
CA GLY H 313 40.86 -87.64 36.62
C GLY H 313 41.16 -88.11 35.19
N CYS H 314 41.11 -87.18 34.24
CA CYS H 314 41.22 -87.52 32.83
C CYS H 314 42.49 -86.94 32.24
N SER H 315 43.36 -87.81 31.73
CA SER H 315 44.53 -87.37 30.96
C SER H 315 44.05 -86.89 29.60
N VAL H 316 44.38 -85.65 29.26
CA VAL H 316 43.85 -85.01 28.05
C VAL H 316 44.91 -84.88 26.96
N LEU H 317 44.53 -85.19 25.73
CA LEU H 317 45.39 -84.98 24.56
C LEU H 317 44.76 -83.96 23.62
N ARG H 318 45.57 -82.99 23.21
CA ARG H 318 45.12 -81.89 22.36
C ARG H 318 45.63 -82.02 20.92
N ARG H 319 45.02 -81.22 20.03
CA ARG H 319 45.38 -81.14 18.62
C ARG H 319 45.98 -82.45 18.09
N VAL H 320 45.11 -83.35 17.66
CA VAL H 320 45.51 -84.60 17.05
C VAL H 320 44.85 -84.72 15.68
N LYS H 321 45.61 -85.19 14.71
CA LYS H 321 45.18 -85.25 13.31
C LYS H 321 43.78 -85.83 13.11
N LYS H 322 43.01 -85.16 12.25
CA LYS H 322 41.64 -85.55 11.87
C LYS H 322 41.58 -87.03 11.47
N SER H 323 42.55 -87.44 10.66
CA SER H 323 42.67 -88.82 10.19
C SER H 323 43.12 -89.81 11.27
N ASP H 324 43.83 -89.31 12.28
CA ASP H 324 44.24 -90.14 13.42
C ASP H 324 43.07 -90.43 14.37
N ASN H 325 42.07 -89.55 14.37
CA ASN H 325 40.87 -89.74 15.17
C ASN H 325 39.99 -90.88 14.68
N ASN H 326 39.76 -90.94 13.37
CA ASN H 326 39.00 -92.03 12.75
C ASN H 326 39.71 -93.37 12.90
N ARG H 327 41.03 -93.29 13.05
CA ARG H 327 41.87 -94.45 13.27
C ARG H 327 41.72 -94.93 14.71
N ILE H 328 41.75 -94.00 15.67
CA ILE H 328 41.62 -94.32 17.09
C ILE H 328 40.22 -94.83 17.43
N ALA H 329 39.21 -94.12 16.94
CA ALA H 329 37.80 -94.44 17.17
C ALA H 329 37.39 -95.82 16.65
N ARG H 330 38.17 -96.35 15.73
CA ARG H 330 37.95 -97.67 15.15
C ARG H 330 38.58 -98.76 16.04
N VAL H 331 39.72 -98.43 16.63
CA VAL H 331 40.41 -99.33 17.58
C VAL H 331 39.67 -99.37 18.91
N THR H 332 39.51 -98.20 19.53
CA THR H 332 38.91 -98.10 20.86
C THR H 332 37.41 -98.41 20.87
N GLY H 333 36.76 -98.16 19.73
CA GLY H 333 35.33 -98.47 19.57
C GLY H 333 34.41 -97.30 19.86
N ALA H 334 34.96 -96.26 20.48
CA ALA H 334 34.21 -95.04 20.76
C ALA H 334 33.92 -94.27 19.48
N THR H 335 32.82 -93.52 19.45
CA THR H 335 32.52 -92.65 18.31
C THR H 335 32.78 -91.18 18.65
N ILE H 336 33.23 -90.45 17.63
CA ILE H 336 33.64 -89.05 17.78
C ILE H 336 32.43 -88.15 17.68
N VAL H 337 32.33 -87.17 18.58
CA VAL H 337 31.21 -86.24 18.55
C VAL H 337 31.67 -84.78 18.66
N ASN H 338 31.13 -83.93 17.79
CA ASN H 338 31.39 -82.49 17.81
C ASN H 338 30.68 -81.77 18.96
N ARG H 339 29.39 -82.11 19.17
CA ARG H 339 28.57 -81.46 20.19
C ARG H 339 28.79 -82.09 21.56
N VAL H 340 29.34 -81.29 22.49
CA VAL H 340 29.60 -81.71 23.87
C VAL H 340 28.28 -81.95 24.62
N GLU H 341 27.29 -81.10 24.31
CA GLU H 341 25.94 -81.19 24.86
C GLU H 341 25.34 -82.59 24.86
N ASP H 342 25.55 -83.34 23.78
CA ASP H 342 24.86 -84.61 23.56
C ASP H 342 25.77 -85.83 23.66
N LEU H 343 26.81 -85.73 24.49
CA LEU H 343 27.76 -86.84 24.66
C LEU H 343 27.07 -88.03 25.33
N LYS H 344 26.87 -89.10 24.56
CA LYS H 344 26.10 -90.26 25.01
C LYS H 344 26.96 -91.36 25.64
N GLU H 345 26.30 -92.39 26.15
CA GLU H 345 26.94 -93.52 26.81
C GLU H 345 27.71 -94.43 25.83
N SER H 346 27.33 -94.38 24.55
CA SER H 346 27.94 -95.21 23.51
C SER H 346 29.34 -94.72 23.17
N ASP H 347 29.51 -93.40 23.21
CA ASP H 347 30.66 -92.73 22.64
C ASP H 347 31.96 -92.90 23.46
N VAL H 348 31.98 -93.87 24.36
CA VAL H 348 33.13 -94.09 25.25
C VAL H 348 33.91 -95.35 24.88
N GLY H 349 35.22 -95.30 25.08
CA GLY H 349 36.15 -96.36 24.64
C GLY H 349 36.17 -97.63 25.46
N THR H 350 35.19 -98.50 25.19
CA THR H 350 35.14 -99.83 25.80
C THR H 350 36.19 -100.72 25.15
N ASN H 351 36.94 -101.42 25.99
CA ASN H 351 37.99 -102.36 25.55
C ASN H 351 39.11 -101.75 24.70
N CYS H 352 39.72 -100.69 25.23
CA CYS H 352 41.11 -100.35 24.94
C CYS H 352 41.91 -100.76 26.17
N GLY H 353 42.80 -101.73 25.98
CA GLY H 353 43.48 -102.37 27.11
C GLY H 353 44.55 -101.60 27.85
N LEU H 354 45.05 -100.50 27.27
CA LEU H 354 46.13 -99.75 27.90
C LEU H 354 46.28 -98.34 27.34
N PHE H 355 46.80 -97.44 28.18
CA PHE H 355 47.29 -96.11 27.77
C PHE H 355 48.60 -95.79 28.51
N LYS H 356 49.67 -95.57 27.75
CA LYS H 356 50.96 -95.22 28.33
C LYS H 356 51.63 -94.11 27.52
N VAL H 357 52.61 -93.43 28.13
CA VAL H 357 53.46 -92.48 27.41
C VAL H 357 54.94 -92.86 27.62
N GLU H 358 55.35 -93.92 26.93
CA GLU H 358 56.74 -94.37 26.92
C GLU H 358 57.60 -93.38 26.15
N MET H 359 58.88 -93.32 26.52
CA MET H 359 59.80 -92.32 25.99
C MET H 359 60.89 -93.00 25.15
N ILE H 360 60.88 -92.76 23.85
CA ILE H 360 61.85 -93.37 22.95
C ILE H 360 63.01 -92.40 22.62
N GLY H 361 63.89 -92.20 23.60
CA GLY H 361 65.08 -91.37 23.46
C GLY H 361 64.82 -89.93 23.03
N ASP H 362 64.63 -89.06 24.01
CA ASP H 362 64.35 -87.61 23.81
C ASP H 362 62.86 -87.24 23.59
N GLU H 363 62.20 -87.91 22.63
CA GLU H 363 60.84 -87.55 22.23
C GLU H 363 59.76 -88.46 22.84
N TYR H 364 58.70 -87.83 23.36
CA TYR H 364 57.57 -88.52 24.01
C TYR H 364 56.55 -89.06 23.00
N PHE H 365 56.23 -90.35 23.10
CA PHE H 365 55.21 -90.96 22.27
C PHE H 365 54.10 -91.55 23.14
N SER H 366 52.86 -91.35 22.71
CA SER H 366 51.71 -91.90 23.43
C SER H 366 51.11 -93.11 22.72
N PHE H 367 51.11 -94.24 23.43
CA PHE H 367 50.65 -95.53 22.90
C PHE H 367 49.20 -95.76 23.27
N LEU H 368 48.53 -96.58 22.46
CA LEU H 368 47.19 -97.03 22.78
C LEU H 368 47.03 -98.50 22.36
N ASP H 369 47.21 -99.41 23.33
CA ASP H 369 47.26 -100.84 23.08
C ASP H 369 46.02 -101.61 23.54
N ASN H 370 45.95 -102.88 23.15
CA ASN H 370 44.85 -103.80 23.49
C ASN H 370 43.46 -103.29 23.12
N GLY H 428 39.97 -105.49 21.99
CA GLY H 428 38.82 -106.21 21.44
C GLY H 428 38.78 -106.21 19.92
N SER H 429 37.61 -105.95 19.36
CA SER H 429 37.40 -105.93 17.90
C SER H 429 38.07 -104.73 17.21
N GLY H 430 39.31 -104.95 16.75
CA GLY H 430 40.04 -103.92 16.00
C GLY H 430 39.62 -103.90 14.54
N LYS H 431 39.81 -102.75 13.90
CA LYS H 431 39.61 -102.62 12.46
C LYS H 431 40.54 -101.53 11.89
N ALA H 432 41.48 -101.08 12.72
CA ALA H 432 42.53 -100.14 12.34
C ALA H 432 43.78 -100.51 13.11
N CYS H 433 44.93 -100.14 12.58
CA CYS H 433 46.18 -100.67 13.10
C CYS H 433 47.37 -99.78 12.78
N THR H 434 48.33 -99.72 13.72
CA THR H 434 49.56 -98.93 13.53
C THR H 434 50.80 -99.81 13.42
N ILE H 435 51.52 -99.68 12.32
CA ILE H 435 52.78 -100.40 12.14
C ILE H 435 53.96 -99.55 12.60
N MET H 436 54.55 -99.96 13.71
CA MET H 436 55.77 -99.37 14.21
C MET H 436 56.92 -99.96 13.43
N LEU H 437 57.71 -99.12 12.78
CA LEU H 437 58.89 -99.59 12.07
C LEU H 437 60.21 -99.07 12.65
N ARG H 438 61.21 -99.94 12.64
CA ARG H 438 62.55 -99.62 13.16
C ARG H 438 63.59 -100.15 12.19
N GLY H 439 64.65 -99.38 11.96
CA GLY H 439 65.63 -99.74 10.93
C GLY H 439 67.09 -99.43 11.24
N GLY H 440 67.61 -98.41 10.56
CA GLY H 440 69.02 -98.00 10.71
C GLY H 440 69.28 -96.55 10.30
N SER H 441 68.19 -95.84 9.98
CA SER H 441 68.21 -94.45 9.50
C SER H 441 66.78 -94.03 9.21
N LYS H 442 66.53 -92.72 9.16
CA LYS H 442 65.25 -92.17 8.73
C LYS H 442 65.12 -92.28 7.22
N ASP H 443 66.27 -92.44 6.55
CA ASP H 443 66.37 -92.51 5.08
C ASP H 443 66.09 -93.89 4.53
N ILE H 444 66.70 -94.91 5.14
CA ILE H 444 66.52 -96.29 4.71
C ILE H 444 65.21 -96.85 5.26
N LEU H 445 64.65 -96.21 6.28
CA LEU H 445 63.34 -96.57 6.78
C LEU H 445 62.28 -96.39 5.71
N ASN H 446 62.31 -95.25 5.02
CA ASN H 446 61.40 -94.99 3.91
C ASN H 446 61.44 -96.11 2.85
N GLU H 447 62.65 -96.60 2.54
CA GLU H 447 62.87 -97.67 1.56
C GLU H 447 62.32 -99.02 2.01
N ILE H 448 62.07 -99.15 3.32
CA ILE H 448 61.43 -100.34 3.89
C ILE H 448 59.91 -100.18 3.83
N ASP H 449 59.44 -98.96 4.13
CA ASP H 449 58.03 -98.62 4.04
C ASP H 449 57.54 -98.80 2.61
N ARG H 450 58.42 -98.50 1.65
CA ARG H 450 58.17 -98.72 0.22
C ARG H 450 58.10 -100.19 -0.12
N ASN H 451 58.69 -101.01 0.75
CA ASN H 451 58.67 -102.44 0.60
C ASN H 451 57.48 -103.07 1.31
N LEU H 452 57.12 -102.50 2.46
CA LEU H 452 55.99 -102.99 3.25
C LEU H 452 54.66 -102.62 2.59
N GLN H 453 54.61 -101.43 1.96
CA GLN H 453 53.44 -101.01 1.18
C GLN H 453 53.21 -101.93 -0.01
N ASP H 454 54.30 -102.39 -0.61
CA ASP H 454 54.29 -103.38 -1.67
C ASP H 454 54.02 -104.80 -1.13
N ALA H 455 54.27 -105.00 0.16
CA ALA H 455 53.97 -106.26 0.83
C ALA H 455 52.49 -106.35 1.23
N MET H 456 52.02 -105.31 1.91
CA MET H 456 50.62 -105.22 2.35
C MET H 456 49.67 -105.26 1.17
N ALA H 457 50.16 -104.85 0.01
CA ALA H 457 49.36 -104.86 -1.21
C ALA H 457 49.09 -106.28 -1.73
N VAL H 458 50.16 -107.07 -1.88
CA VAL H 458 50.03 -108.43 -2.42
C VAL H 458 49.19 -109.33 -1.53
N ALA H 459 49.09 -108.96 -0.25
CA ALA H 459 48.24 -109.68 0.69
C ALA H 459 46.77 -109.28 0.55
N ARG H 460 46.52 -107.99 0.28
CA ARG H 460 45.14 -107.51 0.12
C ARG H 460 44.52 -107.91 -1.24
N ASN H 461 45.35 -108.01 -2.27
CA ASN H 461 44.91 -108.50 -3.58
C ASN H 461 44.26 -109.86 -3.46
N VAL H 462 44.98 -110.77 -2.80
CA VAL H 462 44.65 -112.19 -2.77
C VAL H 462 43.35 -112.47 -2.02
N MET H 463 43.11 -111.74 -0.94
CA MET H 463 41.87 -111.87 -0.17
C MET H 463 40.63 -111.47 -0.99
N LEU H 464 40.86 -110.60 -1.98
CA LEU H 464 39.84 -110.21 -2.94
C LEU H 464 39.79 -111.17 -4.13
N SER H 465 40.93 -111.35 -4.80
CA SER H 465 41.06 -112.30 -5.90
C SER H 465 41.89 -113.51 -5.45
N PRO H 466 41.20 -114.59 -5.01
CA PRO H 466 41.83 -115.70 -4.30
C PRO H 466 42.87 -116.50 -5.11
N SER H 467 43.02 -116.21 -6.40
CA SER H 467 43.88 -117.00 -7.27
C SER H 467 45.31 -116.47 -7.42
N LEU H 468 46.23 -117.38 -7.73
CA LEU H 468 47.67 -117.08 -7.80
C LEU H 468 48.31 -117.60 -9.09
N SER H 469 49.01 -116.72 -9.81
CA SER H 469 49.75 -117.09 -11.01
C SER H 469 51.11 -117.69 -10.65
N PRO H 470 51.60 -118.65 -11.46
CA PRO H 470 52.95 -119.16 -11.22
C PRO H 470 53.98 -118.25 -11.88
N GLY H 471 54.54 -117.34 -11.10
CA GLY H 471 55.42 -116.28 -11.62
C GLY H 471 56.85 -116.68 -11.92
N GLY H 472 57.75 -115.70 -11.84
CA GLY H 472 59.17 -115.93 -12.13
C GLY H 472 59.40 -116.21 -13.61
N GLY H 473 58.76 -115.42 -14.45
CA GLY H 473 58.85 -115.58 -15.89
C GLY H 473 57.95 -116.66 -16.48
N ALA H 474 57.45 -117.55 -15.63
CA ALA H 474 56.67 -118.71 -16.06
C ALA H 474 55.28 -118.36 -16.59
N THR H 475 54.58 -117.48 -15.89
CA THR H 475 53.27 -117.00 -16.33
C THR H 475 53.39 -116.29 -17.68
N GLU H 476 54.44 -115.49 -17.83
CA GLU H 476 54.69 -114.79 -19.10
C GLU H 476 55.01 -115.72 -20.28
N MET H 477 55.92 -116.69 -20.09
CA MET H 477 56.24 -117.67 -21.15
C MET H 477 55.02 -118.50 -21.57
N ALA H 478 54.12 -118.74 -20.62
CA ALA H 478 52.88 -119.44 -20.90
C ALA H 478 52.08 -118.71 -21.97
N VAL H 479 51.98 -117.39 -21.82
CA VAL H 479 51.29 -116.54 -22.78
C VAL H 479 51.98 -116.55 -24.15
N SER H 480 53.28 -116.86 -24.16
CA SER H 480 54.09 -116.83 -25.40
C SER H 480 53.72 -117.93 -26.41
N VAL H 481 53.80 -119.20 -26.01
CA VAL H 481 53.58 -120.33 -26.91
C VAL H 481 52.09 -120.66 -27.12
N LYS H 482 51.24 -120.19 -26.20
CA LYS H 482 49.79 -120.26 -26.40
C LYS H 482 49.37 -119.29 -27.50
N LEU H 483 49.98 -118.10 -27.50
CA LEU H 483 49.77 -117.09 -28.54
C LEU H 483 50.59 -117.39 -29.80
N ALA H 484 51.68 -118.15 -29.65
CA ALA H 484 52.47 -118.59 -30.80
C ALA H 484 51.76 -119.70 -31.60
N GLU H 485 50.87 -120.43 -30.93
CA GLU H 485 50.04 -121.42 -31.60
C GLU H 485 48.83 -120.77 -32.26
N LYS H 486 48.19 -119.85 -31.52
CA LYS H 486 46.99 -119.15 -32.01
C LYS H 486 47.26 -118.29 -33.24
N ALA H 487 48.47 -117.73 -33.33
CA ALA H 487 48.89 -116.89 -34.46
C ALA H 487 49.00 -117.69 -35.76
N LYS H 488 49.65 -118.85 -35.68
CA LYS H 488 49.79 -119.75 -36.83
C LYS H 488 48.42 -120.24 -37.33
N GLN H 489 47.51 -120.47 -36.39
CA GLN H 489 46.16 -120.93 -36.70
C GLN H 489 45.22 -119.80 -37.14
N LEU H 490 45.71 -118.56 -37.10
CA LEU H 490 44.95 -117.40 -37.59
C LEU H 490 45.27 -117.02 -39.04
N GLU H 491 46.57 -116.97 -39.37
CA GLU H 491 47.08 -116.62 -40.71
C GLU H 491 46.61 -115.23 -41.22
N GLY H 492 46.81 -114.98 -42.51
CA GLY H 492 46.39 -113.73 -43.13
C GLY H 492 47.34 -112.57 -42.85
N ILE H 493 46.77 -111.39 -42.63
CA ILE H 493 47.54 -110.16 -42.37
C ILE H 493 47.52 -109.80 -40.88
N GLN H 494 46.40 -110.12 -40.23
CA GLN H 494 46.18 -109.90 -38.80
C GLN H 494 47.14 -110.72 -37.94
N GLN H 495 47.87 -111.63 -38.58
CA GLN H 495 48.77 -112.56 -37.91
C GLN H 495 50.07 -111.92 -37.45
N TRP H 496 50.63 -111.02 -38.26
CA TRP H 496 51.92 -110.39 -37.94
C TRP H 496 51.93 -109.63 -36.61
N PRO H 497 50.94 -108.73 -36.37
CA PRO H 497 50.86 -108.07 -35.08
C PRO H 497 50.54 -109.05 -33.93
N TYR H 498 49.67 -110.01 -34.20
CA TYR H 498 49.30 -111.02 -33.22
C TYR H 498 50.47 -111.89 -32.79
N GLN H 499 51.35 -112.22 -33.73
CA GLN H 499 52.52 -113.07 -33.42
C GLN H 499 53.67 -112.27 -32.81
N ALA H 500 53.40 -111.01 -32.44
CA ALA H 500 54.41 -110.14 -31.86
C ALA H 500 54.08 -109.66 -30.42
N VAL H 501 52.91 -110.05 -29.92
CA VAL H 501 52.59 -109.96 -28.50
C VAL H 501 53.13 -111.23 -27.85
N ALA H 502 53.07 -112.33 -28.60
CA ALA H 502 53.71 -113.59 -28.23
C ALA H 502 55.22 -113.38 -28.16
N ASP H 503 55.74 -112.59 -29.10
CA ASP H 503 57.14 -112.15 -29.11
C ASP H 503 57.46 -111.32 -27.87
N ALA H 504 56.50 -110.50 -27.45
CA ALA H 504 56.68 -109.53 -26.36
C ALA H 504 56.78 -110.19 -24.99
N MET H 505 55.92 -111.17 -24.72
CA MET H 505 55.82 -111.83 -23.41
C MET H 505 57.16 -112.37 -22.88
N GLU H 506 57.94 -112.93 -23.79
CA GLU H 506 59.21 -113.58 -23.44
C GLU H 506 60.28 -112.58 -22.94
N CYS H 507 59.93 -111.30 -22.95
CA CYS H 507 60.86 -110.24 -22.56
C CYS H 507 61.15 -110.22 -21.07
N ILE H 508 60.18 -110.69 -20.27
CA ILE H 508 60.36 -110.81 -18.82
C ILE H 508 61.37 -111.93 -18.48
N PRO H 509 61.14 -113.16 -19.01
CA PRO H 509 62.21 -114.16 -18.91
C PRO H 509 63.55 -113.62 -19.42
N ARG H 510 63.54 -113.01 -20.60
CA ARG H 510 64.75 -112.44 -21.23
C ARG H 510 65.54 -111.51 -20.30
N THR H 511 64.85 -110.63 -19.59
CA THR H 511 65.50 -109.72 -18.65
C THR H 511 65.81 -110.40 -17.32
N LEU H 512 65.07 -111.45 -16.99
CA LEU H 512 65.32 -112.23 -15.77
C LEU H 512 66.55 -113.13 -15.88
N ILE H 513 66.82 -113.63 -17.09
CA ILE H 513 68.08 -114.34 -17.36
C ILE H 513 69.24 -113.34 -17.29
N GLN H 514 69.01 -112.16 -17.88
CA GLN H 514 70.01 -111.10 -17.97
C GLN H 514 70.43 -110.58 -16.60
N ASN H 515 69.45 -110.09 -15.83
CA ASN H 515 69.71 -109.63 -14.46
C ASN H 515 70.35 -110.69 -13.56
N ALA H 516 70.04 -111.95 -13.84
CA ALA H 516 70.75 -113.06 -13.20
C ALA H 516 72.19 -113.09 -13.70
N GLY H 517 72.37 -113.21 -15.02
CA GLY H 517 73.69 -113.19 -15.62
C GLY H 517 74.01 -114.40 -16.48
N GLY H 518 73.00 -115.21 -16.78
CA GLY H 518 73.16 -116.38 -17.65
C GLY H 518 72.99 -115.98 -19.10
N ASP H 519 73.24 -116.91 -20.01
CA ASP H 519 73.03 -116.66 -21.43
C ASP H 519 71.53 -116.76 -21.74
N PRO H 520 70.91 -115.63 -22.13
CA PRO H 520 69.46 -115.58 -22.36
C PRO H 520 68.98 -116.55 -23.45
N ILE H 521 69.62 -116.50 -24.61
CA ILE H 521 69.25 -117.36 -25.74
C ILE H 521 69.29 -118.85 -25.39
N ARG H 522 70.32 -119.25 -24.64
CA ARG H 522 70.54 -120.64 -24.25
C ARG H 522 69.47 -121.11 -23.27
N LEU H 523 68.99 -120.18 -22.44
CA LEU H 523 68.03 -120.48 -21.38
C LEU H 523 66.57 -120.21 -21.77
N LEU H 524 66.36 -119.29 -22.71
CA LEU H 524 65.03 -119.10 -23.31
C LEU H 524 64.66 -120.29 -24.18
N SER H 525 65.67 -120.84 -24.85
CA SER H 525 65.50 -122.05 -25.65
C SER H 525 65.03 -123.20 -24.76
N GLN H 526 65.81 -123.49 -23.71
CA GLN H 526 65.47 -124.55 -22.75
C GLN H 526 64.31 -124.16 -21.85
N LEU H 527 63.65 -123.05 -22.18
CA LEU H 527 62.46 -122.58 -21.46
C LEU H 527 61.22 -122.70 -22.33
N ARG H 528 61.30 -122.18 -23.54
CA ARG H 528 60.17 -122.18 -24.48
C ARG H 528 59.72 -123.59 -24.82
N ALA H 529 60.67 -124.41 -25.27
CA ALA H 529 60.37 -125.79 -25.67
C ALA H 529 60.07 -126.66 -24.45
N LYS H 530 60.78 -126.41 -23.35
CA LYS H 530 60.58 -127.14 -22.10
C LYS H 530 59.32 -126.66 -21.37
N HIS H 531 58.52 -125.86 -22.08
CA HIS H 531 57.25 -125.38 -21.57
C HIS H 531 56.10 -126.07 -22.32
N ALA H 532 56.34 -126.32 -23.62
CA ALA H 532 55.34 -126.88 -24.53
C ALA H 532 54.79 -128.23 -24.08
N GLN H 533 55.65 -129.07 -23.49
CA GLN H 533 55.21 -130.36 -22.96
C GLN H 533 55.77 -130.58 -21.54
N GLY H 534 55.98 -129.48 -20.82
CA GLY H 534 56.62 -129.52 -19.50
C GLY H 534 56.00 -128.65 -18.41
N ASN H 535 54.68 -128.49 -18.48
CA ASN H 535 53.88 -127.76 -17.47
C ASN H 535 53.96 -126.24 -17.50
N PHE H 536 52.90 -125.59 -17.02
CA PHE H 536 52.79 -124.13 -16.99
C PHE H 536 53.81 -123.49 -16.07
N THR H 537 54.12 -124.18 -14.99
CA THR H 537 54.90 -123.61 -13.90
C THR H 537 56.42 -123.79 -14.10
N THR H 538 56.88 -123.54 -15.32
CA THR H 538 58.30 -123.70 -15.65
C THR H 538 58.93 -122.33 -15.97
N GLY H 539 59.64 -121.78 -14.99
CA GLY H 539 60.24 -120.45 -15.12
C GLY H 539 61.69 -120.40 -14.70
N ILE H 540 62.17 -119.19 -14.41
CA ILE H 540 63.58 -118.98 -14.07
C ILE H 540 63.77 -118.71 -12.59
N ASP H 541 64.80 -119.34 -12.03
CA ASP H 541 65.25 -119.04 -10.69
C ASP H 541 66.23 -117.87 -10.77
N GLY H 542 65.92 -116.82 -10.03
CA GLY H 542 66.69 -115.59 -10.08
C GLY H 542 68.17 -115.79 -9.83
N ASP H 543 68.51 -116.17 -8.61
CA ASP H 543 69.90 -116.24 -8.17
C ASP H 543 70.76 -117.26 -8.90
N LYS H 544 70.14 -118.34 -9.37
CA LYS H 544 70.87 -119.38 -10.08
C LYS H 544 71.05 -119.00 -11.54
N GLY H 545 69.93 -118.73 -12.21
CA GLY H 545 69.94 -118.50 -13.64
C GLY H 545 69.75 -119.80 -14.39
N LYS H 546 68.82 -120.61 -13.89
CA LYS H 546 68.48 -121.91 -14.49
C LYS H 546 66.97 -122.12 -14.50
N ILE H 547 66.52 -123.07 -15.33
CA ILE H 547 65.11 -123.44 -15.36
C ILE H 547 64.70 -124.12 -14.06
N VAL H 548 63.54 -123.72 -13.54
CA VAL H 548 63.02 -124.25 -12.28
C VAL H 548 61.50 -124.38 -12.31
N ASP H 549 60.99 -125.53 -11.87
CA ASP H 549 59.56 -125.75 -11.68
C ASP H 549 59.11 -124.97 -10.46
N MET H 550 58.35 -123.89 -10.70
CA MET H 550 58.00 -122.91 -9.67
C MET H 550 57.07 -123.44 -8.57
N VAL H 551 56.52 -124.64 -8.78
CA VAL H 551 55.75 -125.34 -7.75
C VAL H 551 56.69 -125.71 -6.61
N SER H 552 57.81 -126.34 -6.97
CA SER H 552 58.78 -126.81 -5.99
C SER H 552 59.62 -125.70 -5.38
N TYR H 553 59.66 -124.53 -6.02
CA TYR H 553 60.52 -123.44 -5.58
C TYR H 553 59.86 -122.42 -4.64
N GLY H 554 58.70 -121.90 -5.04
CA GLY H 554 57.92 -121.05 -4.17
C GLY H 554 57.79 -119.59 -4.59
N ILE H 555 57.99 -119.32 -5.88
CA ILE H 555 57.72 -117.99 -6.43
C ILE H 555 56.41 -118.02 -7.21
N TRP H 556 55.36 -117.48 -6.58
CA TRP H 556 54.06 -117.35 -7.23
C TRP H 556 53.55 -115.93 -7.01
N GLU H 557 53.32 -115.20 -8.11
CA GLU H 557 52.79 -113.83 -8.08
C GLU H 557 51.25 -113.85 -8.17
N PRO H 558 50.56 -112.99 -7.38
CA PRO H 558 49.09 -112.93 -7.38
C PRO H 558 48.49 -112.74 -8.79
N GLU H 559 47.32 -113.34 -9.05
CA GLU H 559 46.76 -113.39 -10.40
C GLU H 559 46.42 -112.02 -11.03
N VAL H 560 46.05 -111.04 -10.21
CA VAL H 560 45.63 -109.73 -10.73
C VAL H 560 46.80 -108.92 -11.25
N ILE H 561 47.99 -109.13 -10.68
CA ILE H 561 49.22 -108.51 -11.19
C ILE H 561 49.43 -108.88 -12.65
N LYS H 562 49.54 -110.18 -12.92
CA LYS H 562 49.70 -110.69 -14.28
C LYS H 562 48.54 -110.26 -15.20
N GLN H 563 47.34 -110.14 -14.62
CA GLN H 563 46.16 -109.66 -15.35
C GLN H 563 46.34 -108.22 -15.80
N GLN H 564 46.38 -107.30 -14.83
CA GLN H 564 46.50 -105.86 -15.10
C GLN H 564 47.77 -105.48 -15.86
N SER H 565 48.89 -106.13 -15.51
CA SER H 565 50.16 -105.90 -16.18
C SER H 565 50.01 -106.01 -17.69
N VAL H 566 49.44 -107.14 -18.14
CA VAL H 566 49.20 -107.38 -19.56
C VAL H 566 48.06 -106.49 -20.10
N LYS H 567 47.02 -106.28 -19.30
CA LYS H 567 45.90 -105.40 -19.64
C LYS H 567 46.33 -103.99 -20.08
N THR H 568 46.87 -103.20 -19.15
CA THR H 568 47.26 -101.82 -19.43
C THR H 568 48.42 -101.69 -20.41
N ALA H 569 49.40 -102.59 -20.31
CA ALA H 569 50.59 -102.54 -21.18
C ALA H 569 50.23 -102.65 -22.66
N ILE H 570 49.16 -103.40 -22.95
CA ILE H 570 48.62 -103.47 -24.31
C ILE H 570 47.73 -102.25 -24.58
N GLU H 571 46.82 -101.94 -23.65
CA GLU H 571 46.00 -100.72 -23.74
C GLU H 571 46.90 -99.51 -24.04
N SER H 572 48.13 -99.58 -23.53
CA SER H 572 49.19 -98.60 -23.80
C SER H 572 49.62 -98.62 -25.26
N ALA H 573 50.29 -99.70 -25.66
CA ALA H 573 50.80 -99.84 -27.03
C ALA H 573 49.74 -99.55 -28.09
N CYS H 574 48.48 -99.68 -27.71
CA CYS H 574 47.36 -99.45 -28.62
C CYS H 574 46.75 -98.06 -28.49
N LEU H 575 47.28 -97.28 -27.56
CA LEU H 575 47.00 -95.85 -27.51
C LEU H 575 48.04 -95.12 -28.34
N LEU H 576 49.31 -95.54 -28.21
CA LEU H 576 50.43 -94.84 -28.87
C LEU H 576 50.51 -95.10 -30.37
N LEU H 577 49.99 -96.24 -30.81
CA LEU H 577 49.99 -96.60 -32.24
C LEU H 577 49.04 -95.73 -33.06
N ARG H 578 47.98 -95.26 -32.41
CA ARG H 578 47.01 -94.35 -33.04
C ARG H 578 47.61 -92.98 -33.36
N VAL H 579 48.82 -92.72 -32.85
CA VAL H 579 49.48 -91.46 -33.11
C VAL H 579 50.29 -91.56 -34.40
N ASP H 580 50.09 -90.58 -35.29
CA ASP H 580 50.80 -90.46 -36.56
C ASP H 580 51.27 -89.03 -36.76
N ASP H 581 50.88 -88.16 -35.81
CA ASP H 581 51.09 -86.72 -35.92
C ASP H 581 51.29 -86.05 -34.57
N ILE H 582 52.36 -85.26 -34.44
CA ILE H 582 52.65 -84.51 -33.23
C ILE H 582 52.76 -83.01 -33.53
N VAL H 583 51.72 -82.27 -33.16
CA VAL H 583 51.70 -80.81 -33.31
C VAL H 583 52.11 -80.16 -32.00
N SER H 584 53.16 -79.34 -32.07
CA SER H 584 53.76 -78.77 -30.86
C SER H 584 53.57 -77.24 -30.79
N GLY H 585 53.23 -76.76 -29.60
CA GLY H 585 52.97 -75.33 -29.35
C GLY H 585 51.50 -75.00 -29.46
N VAL H 586 50.70 -75.62 -28.61
CA VAL H 586 49.25 -75.66 -28.76
C VAL H 586 48.49 -74.63 -27.91
N ARG H 587 48.91 -74.46 -26.66
CA ARG H 587 48.34 -73.45 -25.73
C ARG H 587 46.95 -73.76 -25.16
N LYS H 588 46.55 -72.95 -24.18
CA LYS H 588 45.28 -73.08 -23.43
C LYS H 588 45.35 -74.03 -22.23
N SER I 2 101.29 -70.81 4.19
CA SER I 2 102.75 -70.51 4.06
C SER I 2 103.09 -70.19 2.61
N LEU I 3 102.72 -71.10 1.72
CA LEU I 3 102.91 -70.91 0.28
C LEU I 3 102.03 -69.81 -0.27
N GLN I 4 100.82 -69.70 0.30
CA GLN I 4 99.81 -68.77 -0.19
C GLN I 4 100.21 -67.30 -0.06
N LEU I 5 101.30 -67.05 0.66
CA LEU I 5 101.80 -65.69 0.86
C LEU I 5 102.73 -65.26 -0.28
N LEU I 6 103.37 -66.23 -0.93
CA LEU I 6 104.30 -65.94 -2.01
C LEU I 6 103.59 -65.68 -3.34
N ASN I 7 102.44 -66.31 -3.53
CA ASN I 7 101.60 -66.10 -4.72
C ASN I 7 100.12 -66.20 -4.34
N PRO I 8 99.39 -65.08 -4.51
CA PRO I 8 97.97 -65.07 -4.17
C PRO I 8 97.15 -66.05 -5.03
N LYS I 9 97.58 -66.25 -6.28
CA LYS I 9 96.79 -67.03 -7.23
C LYS I 9 97.45 -68.35 -7.65
N ALA I 10 97.93 -69.12 -6.67
CA ALA I 10 98.60 -70.39 -6.97
C ALA I 10 97.82 -71.60 -6.48
N GLU I 11 97.58 -72.54 -7.39
CA GLU I 11 96.93 -73.80 -7.04
C GLU I 11 97.94 -74.83 -6.50
N SER I 12 97.55 -75.56 -5.47
CA SER I 12 98.43 -76.55 -4.84
C SER I 12 97.67 -77.63 -4.07
N LEU I 13 97.97 -78.89 -4.38
CA LEU I 13 97.48 -80.03 -3.62
C LEU I 13 98.59 -80.52 -2.70
N ARG I 14 98.38 -80.43 -1.39
CA ARG I 14 99.42 -80.72 -0.42
C ARG I 14 99.21 -82.03 0.32
N ARG I 15 100.22 -82.39 1.13
CA ARG I 15 100.23 -83.59 1.97
C ARG I 15 99.56 -84.82 1.35
N ASP I 16 98.63 -85.43 2.09
CA ASP I 16 97.98 -86.69 1.69
C ASP I 16 97.01 -86.57 0.49
N ALA I 17 96.57 -85.35 0.21
CA ALA I 17 95.71 -85.06 -0.94
C ALA I 17 96.45 -85.24 -2.25
N ALA I 18 97.71 -84.78 -2.29
CA ALA I 18 98.56 -84.96 -3.47
C ALA I 18 98.72 -86.42 -3.87
N LEU I 19 98.91 -87.28 -2.86
CA LEU I 19 99.03 -88.72 -3.06
C LEU I 19 97.73 -89.28 -3.62
N LYS I 20 96.60 -88.82 -3.06
CA LYS I 20 95.27 -89.28 -3.44
C LYS I 20 94.94 -88.90 -4.87
N VAL I 21 95.33 -87.69 -5.27
CA VAL I 21 95.07 -87.20 -6.62
C VAL I 21 95.81 -88.04 -7.65
N ASN I 22 97.09 -88.29 -7.37
CA ASN I 22 97.96 -89.08 -8.24
C ASN I 22 97.45 -90.50 -8.46
N VAL I 23 97.08 -91.16 -7.36
CA VAL I 23 96.59 -92.53 -7.43
C VAL I 23 95.22 -92.62 -8.11
N THR I 24 94.29 -91.73 -7.74
CA THR I 24 92.95 -91.71 -8.34
C THR I 24 93.05 -91.54 -9.84
N SER I 25 94.00 -90.71 -10.24
CA SER I 25 94.25 -90.42 -11.64
C SER I 25 94.85 -91.62 -12.38
N ALA I 26 95.90 -92.23 -11.82
CA ALA I 26 96.53 -93.40 -12.43
C ALA I 26 95.61 -94.62 -12.43
N GLU I 27 94.90 -94.83 -11.32
CA GLU I 27 93.85 -95.85 -11.24
C GLU I 27 92.85 -95.57 -12.36
N GLY I 28 92.55 -94.29 -12.54
CA GLY I 28 91.59 -93.83 -13.54
C GLY I 28 92.03 -94.06 -14.97
N LEU I 29 93.30 -93.75 -15.26
CA LEU I 29 93.86 -93.93 -16.60
C LEU I 29 94.04 -95.40 -16.96
N GLN I 30 94.17 -96.27 -15.96
CA GLN I 30 94.14 -97.70 -16.21
C GLN I 30 92.70 -98.19 -16.38
N SER I 31 91.74 -97.40 -15.89
CA SER I 31 90.32 -97.73 -16.01
C SER I 31 89.77 -97.47 -17.39
N VAL I 32 90.42 -96.58 -18.14
CA VAL I 32 89.96 -96.20 -19.47
C VAL I 32 90.74 -96.93 -20.57
N LEU I 33 91.76 -97.71 -20.20
CA LEU I 33 92.62 -98.38 -21.17
C LEU I 33 92.66 -99.90 -21.08
N GLU I 34 92.12 -100.45 -20.00
CA GLU I 34 92.09 -101.91 -19.82
C GLU I 34 91.16 -102.62 -20.81
N THR I 35 90.33 -101.84 -21.51
CA THR I 35 89.43 -102.37 -22.53
C THR I 35 90.22 -102.84 -23.77
N ASN I 36 91.52 -102.62 -23.74
CA ASN I 36 92.39 -102.91 -24.89
C ASN I 36 93.29 -104.13 -24.74
N LEU I 37 93.34 -104.69 -23.53
CA LEU I 37 94.33 -105.72 -23.21
C LEU I 37 94.02 -107.11 -23.76
N GLY I 38 94.85 -107.58 -24.69
CA GLY I 38 94.67 -108.87 -25.32
C GLY I 38 93.65 -108.86 -26.46
N PRO I 39 93.46 -110.02 -27.10
CA PRO I 39 92.54 -110.15 -28.24
C PRO I 39 91.09 -110.14 -27.79
N LYS I 40 90.85 -110.42 -26.52
CA LYS I 40 89.52 -110.37 -25.94
C LYS I 40 89.04 -108.93 -25.82
N GLY I 41 89.96 -107.98 -26.01
CA GLY I 41 89.66 -106.55 -25.94
C GLY I 41 88.69 -106.09 -27.01
N THR I 42 88.33 -104.81 -26.95
CA THR I 42 87.28 -104.30 -27.83
C THR I 42 87.73 -103.08 -28.64
N LEU I 43 87.20 -102.96 -29.85
CA LEU I 43 87.58 -101.90 -30.78
C LEU I 43 86.85 -100.60 -30.49
N LYS I 44 87.60 -99.50 -30.49
CA LYS I 44 87.07 -98.18 -30.17
C LYS I 44 87.17 -97.23 -31.37
N MET I 45 86.10 -96.49 -31.61
CA MET I 45 86.07 -95.49 -32.67
C MET I 45 86.32 -94.08 -32.11
N LEU I 46 87.31 -93.41 -32.69
CA LEU I 46 87.66 -92.05 -32.29
C LEU I 46 87.39 -91.08 -33.41
N VAL I 47 86.77 -89.95 -33.09
CA VAL I 47 86.57 -88.90 -34.08
C VAL I 47 87.05 -87.57 -33.51
N ASP I 48 88.05 -87.00 -34.19
CA ASP I 48 88.61 -85.71 -33.79
C ASP I 48 87.75 -84.54 -34.28
N GLY I 49 88.01 -83.35 -33.76
CA GLY I 49 87.22 -82.14 -34.05
C GLY I 49 87.06 -81.79 -35.53
N ALA I 50 87.92 -82.37 -36.38
CA ALA I 50 87.84 -82.19 -37.83
C ALA I 50 86.84 -83.15 -38.46
N GLY I 51 86.65 -84.30 -37.82
CA GLY I 51 85.72 -85.32 -38.29
C GLY I 51 86.42 -86.56 -38.79
N ASN I 52 87.70 -86.70 -38.41
CA ASN I 52 88.51 -87.81 -38.87
C ASN I 52 88.42 -89.06 -37.99
N ILE I 53 88.08 -90.17 -38.64
CA ILE I 53 87.83 -91.44 -37.97
C ILE I 53 89.11 -92.27 -37.81
N LYS I 54 89.67 -92.24 -36.61
CA LYS I 54 90.70 -93.19 -36.23
C LYS I 54 90.01 -94.36 -35.52
N LEU I 55 90.51 -95.58 -35.74
CA LEU I 55 89.82 -96.78 -35.28
C LEU I 55 90.79 -97.87 -34.79
N THR I 56 91.34 -97.73 -33.58
CA THR I 56 92.39 -98.65 -33.13
C THR I 56 92.29 -99.10 -31.68
N LYS I 57 92.67 -100.36 -31.45
CA LYS I 57 92.76 -100.96 -30.12
C LYS I 57 94.13 -100.73 -29.44
N ASP I 58 95.11 -100.23 -30.22
CA ASP I 58 96.46 -99.95 -29.72
C ASP I 58 96.44 -98.91 -28.58
N GLY I 59 97.22 -99.18 -27.54
CA GLY I 59 97.30 -98.31 -26.35
C GLY I 59 97.91 -96.95 -26.64
N LYS I 60 99.10 -96.95 -27.25
CA LYS I 60 99.79 -95.72 -27.62
C LYS I 60 98.99 -94.88 -28.61
N VAL I 61 98.00 -95.50 -29.26
CA VAL I 61 97.10 -94.80 -30.17
C VAL I 61 96.14 -93.89 -29.40
N LEU I 62 95.44 -94.44 -28.40
CA LEU I 62 94.51 -93.66 -27.59
C LEU I 62 95.19 -92.51 -26.89
N LEU I 63 96.44 -92.73 -26.48
CA LEU I 63 97.23 -91.75 -25.73
C LEU I 63 97.74 -90.59 -26.60
N THR I 64 98.12 -90.88 -27.83
CA THR I 64 98.53 -89.84 -28.77
C THR I 64 97.30 -89.07 -29.24
N GLU I 65 96.23 -89.81 -29.58
CA GLU I 65 95.02 -89.25 -30.17
C GLU I 65 94.17 -88.38 -29.26
N MET I 66 94.46 -88.39 -27.96
CA MET I 66 93.62 -87.67 -27.02
C MET I 66 94.33 -86.56 -26.26
N GLN I 67 93.55 -85.52 -25.90
CA GLN I 67 94.05 -84.37 -25.15
C GLN I 67 94.03 -84.60 -23.62
N ILE I 68 95.20 -84.98 -23.09
CA ILE I 68 95.35 -85.29 -21.66
C ILE I 68 95.52 -84.00 -20.87
N GLN I 69 94.76 -83.90 -19.78
CA GLN I 69 94.75 -82.71 -18.91
C GLN I 69 95.41 -82.98 -17.56
N SER I 70 95.13 -84.16 -16.98
CA SER I 70 95.72 -84.57 -15.70
C SER I 70 97.25 -84.63 -15.78
N PRO I 71 97.95 -83.89 -14.89
CA PRO I 71 99.40 -83.81 -14.94
C PRO I 71 100.03 -85.15 -14.58
N THR I 72 99.46 -85.82 -13.59
CA THR I 72 99.92 -87.15 -13.21
C THR I 72 99.65 -88.18 -14.32
N ALA I 73 98.60 -87.92 -15.12
CA ALA I 73 98.25 -88.79 -16.24
C ALA I 73 99.15 -88.58 -17.44
N VAL I 74 99.47 -87.32 -17.74
CA VAL I 74 100.37 -87.01 -18.86
C VAL I 74 101.75 -87.62 -18.64
N LEU I 75 102.12 -87.79 -17.37
CA LEU I 75 103.40 -88.37 -17.04
C LEU I 75 103.42 -89.86 -17.34
N ILE I 76 102.28 -90.54 -17.11
CA ILE I 76 102.16 -91.98 -17.37
C ILE I 76 102.09 -92.27 -18.88
N ALA I 77 101.48 -91.36 -19.63
CA ALA I 77 101.39 -91.49 -21.09
C ALA I 77 102.76 -91.38 -21.77
N ARG I 78 103.70 -90.72 -21.10
CA ARG I 78 105.07 -90.55 -21.60
C ARG I 78 105.88 -91.82 -21.41
N ALA I 79 105.51 -92.62 -20.42
CA ALA I 79 106.09 -93.94 -20.22
C ALA I 79 105.65 -94.86 -21.35
N ALA I 80 104.38 -94.73 -21.75
CA ALA I 80 103.83 -95.50 -22.86
C ALA I 80 104.48 -95.12 -24.19
N ALA I 81 104.80 -93.84 -24.35
CA ALA I 81 105.53 -93.34 -25.52
C ALA I 81 106.92 -93.98 -25.58
N ALA I 82 107.64 -93.87 -24.46
CA ALA I 82 108.98 -94.43 -24.31
C ALA I 82 108.99 -95.94 -24.55
N GLN I 83 107.86 -96.57 -24.29
CA GLN I 83 107.69 -97.99 -24.58
C GLN I 83 107.59 -98.21 -26.09
N ASP I 84 106.60 -97.58 -26.72
CA ASP I 84 106.35 -97.78 -28.15
C ASP I 84 107.54 -97.37 -29.04
N GLU I 85 108.31 -96.38 -28.58
CA GLU I 85 109.43 -95.85 -29.36
C GLU I 85 110.71 -96.71 -29.27
N ILE I 86 110.81 -97.51 -28.22
CA ILE I 86 111.99 -98.33 -27.98
C ILE I 86 111.68 -99.83 -28.08
N THR I 87 110.40 -100.18 -27.94
CA THR I 87 109.97 -101.57 -27.99
C THR I 87 108.98 -101.83 -29.13
N GLY I 88 107.94 -101.00 -29.20
CA GLY I 88 106.87 -101.17 -30.20
C GLY I 88 105.60 -101.68 -29.58
N ASP I 89 105.73 -102.70 -28.71
CA ASP I 89 104.59 -103.33 -28.07
C ASP I 89 104.59 -103.09 -26.55
N GLY I 90 103.44 -103.32 -25.92
CA GLY I 90 103.33 -103.23 -24.46
C GLY I 90 103.02 -101.87 -23.89
N THR I 91 102.30 -101.03 -24.66
CA THR I 91 101.98 -99.66 -24.23
C THR I 91 100.74 -99.59 -23.34
N THR I 92 100.03 -100.72 -23.23
CA THR I 92 98.86 -100.85 -22.38
C THR I 92 99.26 -101.52 -21.07
N THR I 93 100.19 -102.46 -21.16
CA THR I 93 100.77 -103.15 -19.99
C THR I 93 101.36 -102.14 -19.00
N VAL I 94 102.00 -101.10 -19.51
CA VAL I 94 102.65 -100.08 -18.68
C VAL I 94 101.63 -99.26 -17.88
N VAL I 95 100.57 -98.82 -18.56
CA VAL I 95 99.54 -98.00 -17.93
C VAL I 95 98.88 -98.71 -16.75
N CYS I 96 98.26 -99.87 -17.00
CA CYS I 96 97.59 -100.58 -15.93
C CYS I 96 98.53 -101.35 -15.00
N LEU I 97 99.83 -101.26 -15.26
CA LEU I 97 100.85 -101.76 -14.35
C LEU I 97 101.25 -100.69 -13.34
N VAL I 98 101.09 -99.41 -13.72
CA VAL I 98 101.24 -98.27 -12.80
C VAL I 98 99.93 -98.02 -12.03
N GLY I 99 98.81 -98.36 -12.66
CA GLY I 99 97.50 -98.29 -12.03
C GLY I 99 97.44 -99.22 -10.83
N GLU I 100 97.41 -100.53 -11.11
CA GLU I 100 97.39 -101.57 -10.07
C GLU I 100 98.63 -101.50 -9.17
N LEU I 101 99.69 -100.89 -9.68
CA LEU I 101 100.89 -100.69 -8.87
C LEU I 101 100.66 -99.58 -7.85
N LEU I 102 100.06 -98.47 -8.29
CA LEU I 102 99.69 -97.39 -7.37
C LEU I 102 98.55 -97.81 -6.46
N ARG I 103 97.60 -98.54 -7.05
CA ARG I 103 96.43 -99.02 -6.33
C ARG I 103 96.81 -99.95 -5.18
N GLN I 104 97.64 -100.95 -5.45
CA GLN I 104 98.04 -101.94 -4.43
C GLN I 104 98.95 -101.37 -3.36
N ALA I 105 99.71 -100.33 -3.73
CA ALA I 105 100.60 -99.66 -2.80
C ALA I 105 99.85 -98.65 -1.92
N HIS I 106 98.74 -98.13 -2.44
CA HIS I 106 97.91 -97.18 -1.70
C HIS I 106 97.15 -97.85 -0.57
N ARG I 107 96.83 -99.13 -0.75
CA ARG I 107 96.16 -99.96 0.26
C ARG I 107 96.96 -100.02 1.57
N PHE I 108 98.28 -99.78 1.47
CA PHE I 108 99.17 -99.81 2.63
C PHE I 108 99.46 -98.43 3.21
N ILE I 109 99.53 -97.40 2.36
CA ILE I 109 99.79 -96.03 2.80
C ILE I 109 98.59 -95.43 3.55
N GLN I 110 97.39 -95.80 3.10
CA GLN I 110 96.13 -95.43 3.75
C GLN I 110 96.00 -96.09 5.12
N GLU I 111 96.59 -97.28 5.27
CA GLU I 111 96.62 -98.00 6.55
C GLU I 111 97.61 -97.33 7.52
N GLY I 112 98.64 -96.70 6.96
CA GLY I 112 99.59 -95.91 7.75
C GLY I 112 101.05 -96.28 7.56
N VAL I 113 101.49 -96.39 6.32
CA VAL I 113 102.88 -96.75 5.98
C VAL I 113 103.54 -95.64 5.16
N HIS I 114 104.76 -95.24 5.55
CA HIS I 114 105.51 -94.22 4.82
C HIS I 114 105.71 -94.67 3.38
N PRO I 115 105.40 -93.79 2.39
CA PRO I 115 105.54 -94.22 1.00
C PRO I 115 106.95 -94.72 0.67
N ARG I 116 107.97 -94.00 1.16
CA ARG I 116 109.37 -94.39 0.96
C ARG I 116 109.63 -95.85 1.35
N ILE I 117 108.82 -96.36 2.27
CA ILE I 117 108.90 -97.76 2.72
C ILE I 117 108.45 -98.72 1.63
N ILE I 118 107.38 -98.34 0.93
CA ILE I 118 106.88 -99.13 -0.20
C ILE I 118 107.71 -98.88 -1.47
N THR I 119 108.34 -97.70 -1.57
CA THR I 119 109.21 -97.34 -2.70
C THR I 119 110.47 -98.22 -2.78
N ASP I 120 111.05 -98.50 -1.61
CA ASP I 120 112.21 -99.38 -1.53
C ASP I 120 111.76 -100.80 -1.86
N GLY I 121 110.60 -101.19 -1.35
CA GLY I 121 110.01 -102.49 -1.63
C GLY I 121 109.63 -102.68 -3.09
N PHE I 122 109.48 -101.57 -3.81
CA PHE I 122 109.24 -101.61 -5.24
C PHE I 122 110.56 -101.87 -5.96
N GLU I 123 111.60 -101.15 -5.55
CA GLU I 123 112.92 -101.28 -6.17
C GLU I 123 113.59 -102.62 -5.89
N ILE I 124 113.45 -103.10 -4.66
CA ILE I 124 114.05 -104.37 -4.27
C ILE I 124 113.29 -105.57 -4.86
N ALA I 125 112.07 -105.34 -5.32
CA ALA I 125 111.32 -106.36 -6.05
C ALA I 125 111.56 -106.25 -7.54
N ARG I 126 111.83 -105.04 -8.01
CA ARG I 126 112.15 -104.78 -9.42
C ARG I 126 113.47 -105.43 -9.80
N LYS I 127 114.50 -105.21 -8.97
CA LYS I 127 115.82 -105.84 -9.16
C LYS I 127 115.68 -107.35 -9.17
N GLU I 128 114.77 -107.86 -8.35
CA GLU I 128 114.48 -109.29 -8.25
C GLU I 128 113.70 -109.78 -9.47
N SER I 129 112.73 -108.98 -9.90
CA SER I 129 111.91 -109.27 -11.07
C SER I 129 112.75 -109.31 -12.34
N MET I 130 113.85 -108.55 -12.32
CA MET I 130 114.76 -108.47 -13.46
C MET I 130 115.71 -109.66 -13.54
N LYS I 131 116.12 -110.18 -12.37
CA LYS I 131 116.98 -111.35 -12.28
C LYS I 131 116.21 -112.62 -12.59
N PHE I 132 114.91 -112.58 -12.31
CA PHE I 132 113.99 -113.69 -12.56
C PHE I 132 113.72 -113.82 -14.06
N LEU I 133 113.62 -112.69 -14.74
CA LEU I 133 113.33 -112.64 -16.17
C LEU I 133 114.45 -113.31 -16.99
N ASP I 134 115.70 -112.98 -16.64
CA ASP I 134 116.88 -113.59 -17.24
C ASP I 134 116.86 -115.12 -17.10
N GLU I 135 116.07 -115.60 -16.14
CA GLU I 135 116.02 -117.01 -15.78
C GLU I 135 114.67 -117.66 -16.12
N PHE I 136 113.73 -116.86 -16.62
CA PHE I 136 112.41 -117.37 -16.99
C PHE I 136 112.24 -117.51 -18.50
N LYS I 137 113.02 -116.72 -19.25
CA LYS I 137 112.97 -116.75 -20.72
C LYS I 137 113.44 -118.09 -21.30
N ILE I 138 112.90 -118.45 -22.46
CA ILE I 138 113.35 -119.63 -23.19
C ILE I 138 114.18 -119.25 -24.40
N SER I 139 115.42 -119.75 -24.45
CA SER I 139 116.37 -119.41 -25.50
C SER I 139 116.06 -120.12 -26.80
N LYS I 140 115.42 -119.40 -27.72
CA LYS I 140 115.19 -119.89 -29.07
C LYS I 140 116.39 -119.55 -29.94
N THR I 141 116.91 -120.55 -30.66
CA THR I 141 118.10 -120.39 -31.51
C THR I 141 117.77 -119.58 -32.77
N ASN I 142 117.77 -118.26 -32.61
CA ASN I 142 117.40 -117.30 -33.65
C ASN I 142 118.48 -117.11 -34.70
N LEU I 143 119.69 -117.61 -34.38
CA LEU I 143 120.80 -117.68 -35.33
C LEU I 143 120.55 -118.78 -36.37
N SER I 144 119.65 -119.70 -36.02
CA SER I 144 119.19 -120.74 -36.94
C SER I 144 117.96 -120.29 -37.76
N ASN I 145 117.39 -119.13 -37.38
CA ASN I 145 116.21 -118.53 -38.04
C ASN I 145 115.05 -119.53 -38.21
N ASP I 146 114.29 -119.73 -37.14
CA ASP I 146 113.20 -120.71 -37.14
C ASP I 146 111.99 -120.20 -37.90
N ARG I 147 111.76 -120.78 -39.07
CA ARG I 147 110.75 -120.34 -40.04
C ARG I 147 109.35 -120.16 -39.46
N GLU I 148 108.90 -121.15 -38.70
CA GLU I 148 107.53 -121.19 -38.22
C GLU I 148 107.38 -120.69 -36.79
N PHE I 149 108.48 -120.71 -36.03
CA PHE I 149 108.47 -120.13 -34.69
C PHE I 149 108.32 -118.62 -34.79
N LEU I 150 109.01 -118.01 -35.76
CA LEU I 150 108.89 -116.58 -36.02
C LEU I 150 107.55 -116.24 -36.68
N LEU I 151 106.86 -117.25 -37.19
CA LEU I 151 105.50 -117.12 -37.72
C LEU I 151 104.47 -117.06 -36.59
N GLN I 152 104.81 -117.65 -35.45
CA GLN I 152 103.92 -117.68 -34.28
C GLN I 152 104.13 -116.48 -33.36
N VAL I 153 105.00 -115.56 -33.76
CA VAL I 153 105.20 -114.33 -32.99
C VAL I 153 104.45 -113.18 -33.67
N ALA I 154 104.41 -113.21 -35.00
CA ALA I 154 103.52 -112.34 -35.75
C ALA I 154 102.07 -112.68 -35.40
N ARG I 155 101.76 -113.99 -35.39
CA ARG I 155 100.43 -114.50 -35.07
C ARG I 155 99.96 -114.17 -33.63
N SER I 156 100.91 -113.87 -32.75
CA SER I 156 100.63 -113.51 -31.35
C SER I 156 100.47 -112.02 -31.14
N SER I 157 101.21 -111.23 -31.90
CA SER I 157 101.20 -109.77 -31.76
C SER I 157 100.17 -109.11 -32.67
N LEU I 158 99.78 -109.79 -33.74
CA LEU I 158 98.79 -109.24 -34.66
C LEU I 158 97.35 -109.51 -34.23
N LEU I 159 97.11 -110.70 -33.69
CA LEU I 159 95.78 -111.11 -33.22
C LEU I 159 95.24 -110.18 -32.12
N THR I 160 96.14 -109.38 -31.54
CA THR I 160 95.79 -108.45 -30.49
C THR I 160 95.46 -107.05 -31.03
N LYS I 161 95.38 -106.92 -32.36
CA LYS I 161 95.11 -105.64 -33.01
C LYS I 161 94.01 -105.67 -34.09
N VAL I 162 93.83 -106.81 -34.75
CA VAL I 162 92.83 -106.94 -35.82
C VAL I 162 92.00 -108.23 -35.77
N ASP I 163 91.46 -108.63 -36.93
CA ASP I 163 90.47 -109.70 -37.03
C ASP I 163 91.00 -111.10 -36.76
N ALA I 164 90.11 -112.08 -36.89
CA ALA I 164 90.48 -113.48 -36.84
C ALA I 164 91.08 -113.93 -38.17
N ASP I 165 90.47 -113.48 -39.27
CA ASP I 165 90.88 -113.88 -40.62
C ASP I 165 91.71 -112.84 -41.37
N LEU I 166 91.83 -111.64 -40.80
CA LEU I 166 92.72 -110.62 -41.34
C LEU I 166 94.15 -110.83 -40.80
N THR I 167 94.23 -111.51 -39.66
CA THR I 167 95.51 -111.83 -39.02
C THR I 167 96.22 -112.97 -39.72
N GLU I 168 95.46 -113.99 -40.12
CA GLU I 168 96.01 -115.11 -40.88
C GLU I 168 96.57 -114.62 -42.22
N VAL I 169 96.14 -113.44 -42.66
CA VAL I 169 96.63 -112.82 -43.88
C VAL I 169 97.91 -112.02 -43.63
N LEU I 170 97.89 -111.20 -42.58
CA LEU I 170 99.02 -110.32 -42.25
C LEU I 170 100.21 -111.06 -41.62
N THR I 171 99.97 -112.23 -41.06
CA THR I 171 101.00 -113.00 -40.34
C THR I 171 102.26 -113.29 -41.17
N PRO I 172 102.10 -113.94 -42.35
CA PRO I 172 103.27 -114.21 -43.19
C PRO I 172 103.92 -112.94 -43.70
N ILE I 173 103.11 -111.98 -44.11
CA ILE I 173 103.58 -110.71 -44.67
C ILE I 173 104.51 -109.97 -43.69
N VAL I 174 104.13 -109.94 -42.41
CA VAL I 174 104.95 -109.32 -41.36
C VAL I 174 106.27 -110.07 -41.18
N THR I 175 106.16 -111.39 -41.00
CA THR I 175 107.31 -112.26 -40.74
C THR I 175 108.32 -112.23 -41.89
N ASP I 176 107.82 -112.50 -43.09
CA ASP I 176 108.66 -112.51 -44.30
C ASP I 176 109.28 -111.15 -44.59
N ALA I 177 108.71 -110.10 -44.01
CA ALA I 177 109.28 -108.75 -44.12
C ALA I 177 110.57 -108.65 -43.31
N VAL I 178 110.47 -108.98 -42.03
CA VAL I 178 111.61 -108.90 -41.10
C VAL I 178 112.72 -109.85 -41.51
N LEU I 179 112.34 -111.07 -41.93
CA LEU I 179 113.28 -112.07 -42.42
C LEU I 179 114.08 -111.54 -43.62
N SER I 180 113.43 -110.72 -44.44
CA SER I 180 114.05 -110.14 -45.63
C SER I 180 114.76 -108.82 -45.34
N VAL I 181 115.28 -108.68 -44.12
CA VAL I 181 116.07 -107.52 -43.72
C VAL I 181 117.34 -107.98 -42.98
N TYR I 182 117.15 -108.97 -42.12
CA TYR I 182 118.16 -109.48 -41.22
C TYR I 182 119.39 -110.02 -41.96
N ASP I 183 120.58 -109.75 -41.40
CA ASP I 183 121.84 -110.17 -41.99
C ASP I 183 122.63 -111.05 -41.02
N ALA I 184 123.53 -111.86 -41.58
CA ALA I 184 124.43 -112.72 -40.79
C ALA I 184 125.21 -111.91 -39.76
N GLN I 185 125.64 -110.71 -40.15
CA GLN I 185 126.37 -109.79 -39.28
C GLN I 185 125.47 -109.10 -38.24
N ALA I 186 124.35 -109.73 -37.94
CA ALA I 186 123.45 -109.35 -36.82
C ALA I 186 122.75 -107.98 -36.91
N ASP I 187 122.69 -107.41 -38.11
CA ASP I 187 122.06 -106.10 -38.33
C ASP I 187 120.61 -106.17 -38.81
N ASN I 188 119.84 -105.12 -38.49
CA ASN I 188 118.47 -104.97 -38.96
C ASN I 188 118.05 -103.51 -38.92
N LEU I 189 118.43 -102.76 -39.94
CA LEU I 189 118.02 -101.36 -40.06
C LEU I 189 116.60 -101.29 -40.59
N ASP I 190 115.67 -101.77 -39.77
CA ASP I 190 114.25 -101.92 -40.09
C ASP I 190 113.73 -100.97 -41.18
N LEU I 191 113.91 -99.67 -40.98
CA LEU I 191 113.33 -98.61 -41.83
C LEU I 191 113.51 -98.77 -43.35
N HIS I 192 114.46 -99.59 -43.77
CA HIS I 192 114.68 -99.83 -45.21
C HIS I 192 113.69 -100.83 -45.78
N MET I 193 113.80 -102.09 -45.34
CA MET I 193 112.90 -103.16 -45.76
C MET I 193 111.49 -102.95 -45.21
N VAL I 194 111.38 -102.06 -44.23
CA VAL I 194 110.09 -101.50 -43.89
C VAL I 194 109.81 -100.40 -44.91
N GLU I 195 108.97 -100.70 -45.87
CA GLU I 195 108.24 -99.66 -46.55
C GLU I 195 106.78 -100.03 -46.56
N ILE I 196 106.03 -99.36 -45.70
CA ILE I 196 104.62 -99.58 -45.57
C ILE I 196 103.92 -98.69 -46.60
N MET I 197 103.46 -99.30 -47.68
CA MET I 197 102.72 -98.57 -48.71
C MET I 197 101.21 -98.80 -48.56
N GLN I 198 100.43 -97.73 -48.72
CA GLN I 198 98.99 -97.83 -48.57
C GLN I 198 98.20 -97.41 -49.81
N MET I 199 97.21 -98.22 -50.17
CA MET I 199 96.33 -97.97 -51.32
C MET I 199 94.88 -97.87 -50.91
N GLN I 200 94.19 -96.82 -51.34
CA GLN I 200 92.74 -96.73 -51.15
C GLN I 200 92.03 -97.47 -52.29
N HIS I 201 91.88 -98.79 -52.10
CA HIS I 201 91.18 -99.67 -53.06
C HIS I 201 91.08 -101.10 -52.52
N LEU I 202 89.94 -101.74 -52.79
CA LEU I 202 89.66 -103.15 -52.41
C LEU I 202 89.28 -103.38 -50.93
N SER I 203 90.23 -103.88 -50.13
CA SER I 203 89.97 -104.32 -48.75
C SER I 203 91.28 -104.51 -47.97
N PRO I 204 91.27 -104.24 -46.64
CA PRO I 204 92.44 -104.51 -45.78
C PRO I 204 92.99 -105.95 -45.86
N LYS I 205 92.13 -106.91 -46.18
CA LYS I 205 92.53 -108.30 -46.32
C LYS I 205 93.22 -108.56 -47.67
N ASP I 206 93.33 -107.52 -48.50
CA ASP I 206 93.94 -107.61 -49.83
C ASP I 206 95.43 -107.26 -49.85
N THR I 207 95.98 -106.91 -48.68
CA THR I 207 97.38 -106.57 -48.56
C THR I 207 98.29 -107.65 -49.15
N THR I 208 99.28 -107.22 -49.92
CA THR I 208 100.22 -108.14 -50.58
C THR I 208 101.64 -107.89 -50.10
N PHE I 209 102.37 -108.98 -49.87
CA PHE I 209 103.79 -108.90 -49.61
C PHE I 209 104.53 -108.81 -50.94
N ILE I 210 105.37 -107.80 -51.07
CA ILE I 210 106.21 -107.66 -52.26
C ILE I 210 107.68 -107.59 -51.83
N LYS I 211 108.45 -108.57 -52.29
CA LYS I 211 109.86 -108.68 -51.97
C LYS I 211 110.69 -107.73 -52.85
N GLY I 212 110.21 -106.50 -52.98
CA GLY I 212 110.88 -105.48 -53.78
C GLY I 212 110.59 -104.09 -53.24
N LEU I 213 109.90 -103.27 -54.04
CA LEU I 213 109.61 -101.89 -53.68
C LEU I 213 108.55 -101.29 -54.61
N VAL I 214 107.36 -101.03 -54.07
CA VAL I 214 106.32 -100.37 -54.85
C VAL I 214 106.34 -98.87 -54.57
N LEU I 215 106.53 -98.09 -55.63
CA LEU I 215 106.75 -96.65 -55.51
C LEU I 215 105.48 -95.81 -55.70
N ASP I 216 105.50 -94.61 -55.12
CA ASP I 216 104.32 -93.74 -55.02
C ASP I 216 104.20 -92.76 -56.20
N HIS I 217 104.72 -93.16 -57.36
CA HIS I 217 104.71 -92.34 -58.58
C HIS I 217 104.82 -93.22 -59.84
N GLY I 218 104.99 -92.58 -61.00
CA GLY I 218 105.14 -93.30 -62.27
C GLY I 218 105.83 -92.53 -63.38
N GLY I 219 105.63 -92.99 -64.63
CA GLY I 219 106.17 -92.30 -65.80
C GLY I 219 105.29 -91.13 -66.20
N ARG I 220 105.80 -89.92 -65.97
CA ARG I 220 105.02 -88.68 -66.15
C ARG I 220 104.57 -88.41 -67.60
N HIS I 221 105.19 -89.11 -68.54
CA HIS I 221 104.83 -89.01 -69.96
C HIS I 221 104.02 -90.22 -70.40
N PRO I 222 102.90 -89.99 -71.12
CA PRO I 222 102.01 -91.06 -71.61
C PRO I 222 102.63 -92.07 -72.60
N ASP I 223 103.78 -91.72 -73.18
CA ASP I 223 104.44 -92.61 -74.14
C ASP I 223 105.51 -93.53 -73.52
N MET I 224 105.74 -93.39 -72.21
CA MET I 224 106.73 -94.21 -71.52
C MET I 224 106.24 -95.65 -71.33
N PRO I 225 107.19 -96.63 -71.21
CA PRO I 225 106.80 -98.03 -71.14
C PRO I 225 106.11 -98.43 -69.83
N THR I 226 104.97 -99.12 -69.94
CA THR I 226 104.22 -99.59 -68.78
C THR I 226 104.90 -100.80 -68.14
N ARG I 227 105.22 -101.79 -68.96
CA ARG I 227 105.93 -102.98 -68.51
C ARG I 227 107.34 -103.03 -69.08
N VAL I 228 108.33 -103.18 -68.21
CA VAL I 228 109.71 -103.35 -68.63
C VAL I 228 110.17 -104.75 -68.21
N LYS I 229 110.61 -105.55 -69.19
CA LYS I 229 110.83 -106.99 -69.03
C LYS I 229 112.08 -107.38 -68.24
N ASN I 230 113.19 -106.69 -68.48
CA ASN I 230 114.42 -106.89 -67.71
C ASN I 230 115.08 -105.56 -67.37
N ALA I 231 114.61 -104.94 -66.30
CA ALA I 231 114.97 -103.56 -65.97
C ALA I 231 116.32 -103.38 -65.30
N TYR I 232 117.21 -102.65 -65.97
CA TYR I 232 118.38 -102.07 -65.35
C TYR I 232 117.93 -100.77 -64.69
N VAL I 233 117.83 -100.79 -63.36
CA VAL I 233 117.38 -99.63 -62.62
C VAL I 233 118.54 -98.65 -62.41
N LEU I 234 118.28 -97.38 -62.66
CA LEU I 234 119.23 -96.32 -62.37
C LEU I 234 118.75 -95.49 -61.18
N ILE I 235 119.67 -95.21 -60.27
CA ILE I 235 119.35 -94.45 -59.06
C ILE I 235 120.06 -93.10 -59.07
N LEU I 236 119.30 -92.06 -59.40
CA LEU I 236 119.84 -90.71 -59.52
C LEU I 236 119.23 -89.74 -58.54
N ASN I 237 119.94 -88.64 -58.30
CA ASN I 237 119.44 -87.59 -57.40
C ASN I 237 119.64 -86.16 -57.91
N VAL I 238 120.56 -85.97 -58.87
CA VAL I 238 120.86 -84.65 -59.41
C VAL I 238 119.78 -84.18 -60.39
N SER I 239 119.31 -82.96 -60.16
CA SER I 239 118.11 -82.42 -60.79
C SER I 239 118.22 -82.32 -62.30
N LEU I 240 117.19 -82.81 -62.98
CA LEU I 240 117.10 -82.73 -64.44
C LEU I 240 116.04 -81.70 -64.86
N GLU I 241 116.19 -80.50 -64.32
CA GLU I 241 115.27 -79.39 -64.55
C GLU I 241 116.04 -78.13 -64.91
N TYR I 242 115.33 -77.16 -65.46
CA TYR I 242 115.83 -75.80 -65.62
C TYR I 242 116.14 -75.25 -64.23
N GLU I 243 117.36 -74.75 -64.05
CA GLU I 243 117.76 -74.13 -62.79
C GLU I 243 118.62 -72.89 -62.99
N LYS I 244 118.17 -71.79 -62.40
CA LYS I 244 118.90 -70.53 -62.44
C LYS I 244 120.19 -70.63 -61.63
N THR I 245 121.18 -69.83 -62.01
CA THR I 245 122.44 -69.73 -61.28
C THR I 245 122.20 -69.08 -59.94
N GLU I 246 122.95 -69.51 -58.92
CA GLU I 246 122.81 -68.96 -57.57
C GLU I 246 123.19 -67.48 -57.51
N VAL I 247 124.19 -67.10 -58.30
CA VAL I 247 124.60 -65.72 -58.44
C VAL I 247 123.69 -65.09 -59.51
N ASN I 248 123.06 -63.96 -59.18
CA ASN I 248 121.98 -63.36 -59.99
C ASN I 248 122.14 -63.53 -61.51
N SER I 249 121.10 -64.04 -62.15
CA SER I 249 121.18 -64.61 -63.50
C SER I 249 120.79 -63.71 -64.67
N GLY I 250 119.95 -62.70 -64.42
CA GLY I 250 119.40 -61.83 -65.46
C GLY I 250 120.35 -61.43 -66.58
N PHE I 251 119.98 -61.72 -67.82
CA PHE I 251 120.85 -61.46 -68.97
C PHE I 251 120.37 -60.38 -69.94
N PHE I 252 121.24 -60.02 -70.89
CA PHE I 252 120.94 -59.01 -71.90
C PHE I 252 121.17 -59.54 -73.31
N TYR I 253 120.23 -59.27 -74.22
CA TYR I 253 120.36 -59.66 -75.63
C TYR I 253 119.75 -58.61 -76.57
N SER I 254 120.40 -58.38 -77.71
CA SER I 254 120.00 -57.30 -78.62
C SER I 254 119.82 -57.72 -80.08
N SER I 255 119.21 -58.88 -80.29
CA SER I 255 118.91 -59.38 -81.63
C SER I 255 117.75 -60.36 -81.59
N ALA I 256 116.89 -60.30 -82.61
CA ALA I 256 115.74 -61.19 -82.72
C ALA I 256 116.15 -62.65 -82.76
N ASP I 257 117.35 -62.91 -83.26
CA ASP I 257 117.93 -64.25 -83.30
C ASP I 257 118.50 -64.62 -81.94
N GLN I 258 119.22 -63.67 -81.33
CA GLN I 258 119.93 -63.89 -80.06
C GLN I 258 119.02 -64.51 -79.00
N ARG I 259 117.72 -64.23 -79.09
CA ARG I 259 116.70 -64.87 -78.26
C ARG I 259 116.78 -66.39 -78.32
N ASP I 260 116.46 -66.94 -79.49
CA ASP I 260 116.34 -68.38 -79.70
C ASP I 260 117.67 -69.10 -79.49
N LYS I 261 118.76 -68.50 -79.98
CA LYS I 261 120.10 -69.04 -79.80
C LYS I 261 120.49 -69.09 -78.33
N LEU I 262 119.81 -68.27 -77.52
CA LEU I 262 119.96 -68.32 -76.07
C LEU I 262 118.87 -69.17 -75.43
N ALA I 263 117.74 -69.33 -76.14
CA ALA I 263 116.62 -70.12 -75.64
C ALA I 263 116.98 -71.60 -75.52
N ALA I 264 117.86 -72.05 -76.42
CA ALA I 264 118.40 -73.40 -76.37
C ALA I 264 119.63 -73.48 -75.47
N SER I 265 120.26 -72.33 -75.20
CA SER I 265 121.44 -72.25 -74.35
C SER I 265 121.12 -72.44 -72.87
N GLU I 266 119.87 -72.21 -72.50
CA GLU I 266 119.41 -72.32 -71.12
C GLU I 266 118.93 -73.73 -70.75
N ARG I 267 118.60 -74.52 -71.77
CA ARG I 267 118.24 -75.92 -71.60
C ARG I 267 119.41 -76.84 -71.92
N LYS I 268 120.52 -76.25 -72.38
CA LYS I 268 121.69 -76.99 -72.85
C LYS I 268 122.45 -77.74 -71.74
N PHE I 269 122.52 -77.13 -70.55
CA PHE I 269 123.15 -77.77 -69.39
C PHE I 269 122.38 -79.02 -68.97
N VAL I 270 121.06 -78.96 -69.07
CA VAL I 270 120.19 -80.10 -68.80
C VAL I 270 120.35 -81.14 -69.90
N ASP I 271 120.43 -80.68 -71.16
CA ASP I 271 120.62 -81.55 -72.33
C ASP I 271 121.98 -82.24 -72.35
N ALA I 272 122.98 -81.60 -71.75
CA ALA I 272 124.30 -82.19 -71.60
C ALA I 272 124.30 -83.26 -70.50
N LYS I 273 123.51 -83.02 -69.46
CA LYS I 273 123.31 -84.00 -68.39
C LYS I 273 122.47 -85.18 -68.89
N LEU I 274 121.48 -84.88 -69.73
CA LEU I 274 120.64 -85.89 -70.35
C LEU I 274 121.42 -86.84 -71.23
N LYS I 275 122.37 -86.29 -72.00
CA LYS I 275 123.16 -87.07 -72.97
C LYS I 275 123.87 -88.25 -72.32
N LYS I 276 124.59 -87.97 -71.23
CA LYS I 276 125.39 -88.98 -70.53
C LYS I 276 124.55 -90.11 -69.95
N ILE I 277 123.27 -89.82 -69.68
CA ILE I 277 122.30 -90.84 -69.26
C ILE I 277 121.96 -91.76 -70.44
N ILE I 278 121.51 -91.17 -71.55
CA ILE I 278 121.13 -91.93 -72.74
C ILE I 278 122.31 -92.75 -73.23
N ASP I 279 123.52 -92.20 -73.09
CA ASP I 279 124.76 -92.88 -73.50
C ASP I 279 125.01 -94.17 -72.72
N LEU I 280 124.51 -94.23 -71.49
CA LEU I 280 124.54 -95.46 -70.72
C LEU I 280 123.34 -96.33 -71.09
N LYS I 281 122.22 -95.67 -71.38
CA LYS I 281 120.97 -96.34 -71.77
C LYS I 281 121.09 -97.00 -73.14
N ASN I 282 122.08 -96.57 -73.92
CA ASN I 282 122.39 -97.15 -75.22
C ASN I 282 123.49 -98.20 -75.15
N GLU I 283 124.49 -97.96 -74.31
CA GLU I 283 125.61 -98.89 -74.12
C GLU I 283 125.19 -100.12 -73.32
N VAL I 284 123.97 -100.10 -72.77
CA VAL I 284 123.45 -101.24 -72.00
C VAL I 284 122.25 -101.90 -72.69
N CYS I 285 121.29 -101.09 -73.15
CA CYS I 285 120.11 -101.61 -73.87
C CYS I 285 120.44 -102.12 -75.27
N GLY I 286 121.13 -101.29 -76.07
CA GLY I 286 121.40 -101.57 -77.48
C GLY I 286 121.72 -103.02 -77.83
N MET I 287 122.47 -103.68 -76.96
CA MET I 287 122.88 -105.07 -77.17
C MET I 287 121.78 -106.09 -76.86
N ASP I 288 121.01 -105.85 -75.79
CA ASP I 288 119.97 -106.79 -75.37
C ASP I 288 118.55 -106.22 -75.52
N PRO I 289 117.74 -106.82 -76.41
CA PRO I 289 116.32 -106.44 -76.55
C PRO I 289 115.51 -106.77 -75.30
N ASP I 290 115.98 -107.76 -74.53
CA ASP I 290 115.38 -108.10 -73.24
C ASP I 290 115.64 -107.00 -72.21
N LYS I 291 116.87 -106.49 -72.20
CA LYS I 291 117.30 -105.49 -71.21
C LYS I 291 116.64 -104.12 -71.40
N GLY I 292 116.00 -103.65 -70.33
CA GLY I 292 115.34 -102.33 -70.30
C GLY I 292 115.96 -101.37 -69.30
N PHE I 293 115.75 -100.08 -69.52
CA PHE I 293 116.42 -99.02 -68.76
C PHE I 293 115.41 -98.15 -68.03
N VAL I 294 115.52 -98.11 -66.70
CA VAL I 294 114.58 -97.39 -65.83
C VAL I 294 115.33 -96.44 -64.89
N ILE I 295 114.81 -95.22 -64.77
CA ILE I 295 115.36 -94.23 -63.84
C ILE I 295 114.39 -93.91 -62.70
N ILE I 296 114.93 -93.87 -61.50
CA ILE I 296 114.19 -93.43 -60.32
C ILE I 296 114.95 -92.25 -59.69
N ASN I 297 114.45 -91.04 -59.96
CA ASN I 297 115.15 -89.80 -59.62
C ASN I 297 114.62 -89.10 -58.37
N GLN I 298 115.53 -88.68 -57.50
CA GLN I 298 115.20 -87.98 -56.26
C GLN I 298 114.71 -86.57 -56.53
N LYS I 299 115.37 -85.89 -57.48
CA LYS I 299 114.97 -84.55 -57.88
C LYS I 299 114.10 -84.59 -59.13
N GLY I 300 113.71 -83.41 -59.62
CA GLY I 300 112.73 -83.29 -60.69
C GLY I 300 113.19 -83.73 -62.07
N ILE I 301 112.20 -83.99 -62.94
CA ILE I 301 112.41 -84.25 -64.37
C ILE I 301 111.57 -83.27 -65.17
N ASP I 302 112.24 -82.39 -65.91
CA ASP I 302 111.58 -81.34 -66.70
C ASP I 302 110.63 -81.93 -67.74
N PRO I 303 109.48 -81.25 -68.00
CA PRO I 303 108.60 -81.56 -69.13
C PRO I 303 109.30 -81.59 -70.50
N MET I 304 110.38 -80.83 -70.65
CA MET I 304 111.23 -80.91 -71.85
C MET I 304 111.97 -82.25 -71.92
N SER I 305 112.46 -82.70 -70.77
CA SER I 305 113.24 -83.94 -70.66
C SER I 305 112.36 -85.18 -70.58
N LEU I 306 111.11 -85.00 -70.16
CA LEU I 306 110.13 -86.08 -70.10
C LEU I 306 109.78 -86.60 -71.48
N ASP I 307 109.76 -85.68 -72.45
CA ASP I 307 109.55 -86.02 -73.86
C ASP I 307 110.79 -86.70 -74.42
N VAL I 308 111.94 -86.44 -73.82
CA VAL I 308 113.22 -87.03 -74.24
C VAL I 308 113.31 -88.49 -73.81
N PHE I 309 112.99 -88.79 -72.55
CA PHE I 309 113.03 -90.15 -72.06
C PHE I 309 111.99 -91.04 -72.72
N ALA I 310 110.82 -90.46 -73.01
CA ALA I 310 109.74 -91.18 -73.68
C ALA I 310 110.02 -91.42 -75.16
N LYS I 311 111.00 -90.67 -75.70
CA LYS I 311 111.46 -90.87 -77.07
C LYS I 311 112.41 -92.06 -77.17
N HIS I 312 113.37 -92.12 -76.25
CA HIS I 312 114.35 -93.22 -76.20
C HIS I 312 113.84 -94.43 -75.41
N ASN I 313 112.52 -94.53 -75.25
CA ASN I 313 111.83 -95.65 -74.59
C ASN I 313 112.26 -95.90 -73.14
N ILE I 314 112.62 -94.82 -72.44
CA ILE I 314 113.04 -94.88 -71.04
C ILE I 314 111.85 -94.68 -70.11
N LEU I 315 111.83 -95.44 -69.02
CA LEU I 315 110.83 -95.24 -67.96
C LEU I 315 111.41 -94.32 -66.89
N ALA I 316 111.04 -93.04 -66.97
CA ALA I 316 111.57 -92.02 -66.05
C ALA I 316 110.65 -91.78 -64.86
N LEU I 317 111.27 -91.72 -63.69
CA LEU I 317 110.53 -91.52 -62.45
C LEU I 317 111.08 -90.28 -61.75
N ARG I 318 110.17 -89.41 -61.31
CA ARG I 318 110.56 -88.13 -60.72
C ARG I 318 110.25 -87.99 -59.22
N ARG I 319 111.12 -87.24 -58.54
CA ARG I 319 110.95 -86.82 -57.15
C ARG I 319 110.59 -87.97 -56.19
N ALA I 320 111.35 -89.05 -56.27
CA ALA I 320 111.22 -90.18 -55.37
C ALA I 320 111.72 -89.81 -53.98
N LYS I 321 111.21 -90.50 -52.96
CA LYS I 321 111.58 -90.23 -51.57
C LYS I 321 113.10 -90.30 -51.40
N ARG I 322 113.65 -89.29 -50.74
CA ARG I 322 115.09 -89.18 -50.51
C ARG I 322 115.65 -90.32 -49.65
N ARG I 323 114.76 -91.16 -49.14
CA ARG I 323 115.16 -92.34 -48.37
C ARG I 323 115.20 -93.57 -49.26
N ASN I 324 114.37 -93.57 -50.32
CA ASN I 324 114.28 -94.69 -51.25
C ASN I 324 115.56 -94.98 -52.04
N MET I 325 116.44 -93.99 -52.11
CA MET I 325 117.75 -94.14 -52.77
C MET I 325 118.46 -95.35 -52.17
N GLU I 326 118.52 -95.37 -50.86
CA GLU I 326 119.14 -96.44 -50.09
C GLU I 326 118.32 -97.73 -50.20
N ARG I 327 117.00 -97.60 -50.13
CA ARG I 327 116.06 -98.73 -50.17
C ARG I 327 116.18 -99.53 -51.46
N LEU I 328 116.43 -98.82 -52.56
CA LEU I 328 116.61 -99.44 -53.88
C LEU I 328 117.97 -100.10 -54.07
N GLN I 329 119.00 -99.52 -53.44
CA GLN I 329 120.35 -100.11 -53.48
C GLN I 329 120.32 -101.52 -52.93
N LEU I 330 119.67 -101.69 -51.78
CA LEU I 330 119.54 -102.99 -51.14
C LEU I 330 118.43 -103.84 -51.78
N VAL I 331 117.84 -103.34 -52.86
CA VAL I 331 116.85 -104.10 -53.63
C VAL I 331 117.48 -104.60 -54.95
N THR I 332 118.11 -103.68 -55.68
CA THR I 332 118.62 -103.96 -57.02
C THR I 332 120.11 -104.33 -57.06
N GLY I 333 120.93 -103.55 -56.35
CA GLY I 333 122.36 -103.84 -56.27
C GLY I 333 123.29 -102.66 -56.53
N GLY I 334 122.92 -101.82 -57.49
CA GLY I 334 123.76 -100.70 -57.89
C GLY I 334 123.73 -99.52 -56.94
N GLU I 335 124.87 -98.85 -56.82
CA GLU I 335 125.00 -97.70 -55.91
C GLU I 335 124.25 -96.47 -56.42
N ALA I 336 123.63 -95.73 -55.50
CA ALA I 336 122.94 -94.50 -55.84
C ALA I 336 123.93 -93.43 -56.27
N GLN I 337 123.83 -93.01 -57.52
CA GLN I 337 124.71 -92.00 -58.05
C GLN I 337 124.08 -90.64 -57.93
N ASN I 338 124.89 -89.65 -57.55
CA ASN I 338 124.44 -88.27 -57.52
C ASN I 338 124.68 -87.59 -58.86
N SER I 339 125.95 -87.40 -59.21
CA SER I 339 126.35 -86.78 -60.48
C SER I 339 126.30 -87.74 -61.67
N VAL I 340 126.03 -87.18 -62.84
CA VAL I 340 125.85 -87.94 -64.07
C VAL I 340 127.19 -88.14 -64.80
N GLU I 341 128.12 -87.22 -64.58
CA GLU I 341 129.37 -87.19 -65.33
C GLU I 341 130.37 -88.27 -64.90
N ASP I 342 130.10 -88.88 -63.75
CA ASP I 342 130.95 -89.95 -63.23
C ASP I 342 130.12 -91.25 -63.11
N LEU I 343 129.58 -91.68 -64.24
CA LEU I 343 128.64 -92.80 -64.27
C LEU I 343 129.14 -93.96 -65.14
N SER I 344 129.15 -95.16 -64.55
CA SER I 344 129.56 -96.37 -65.27
C SER I 344 128.43 -97.42 -65.25
N PRO I 345 128.48 -98.40 -66.18
CA PRO I 345 127.48 -99.47 -66.22
C PRO I 345 127.64 -100.49 -65.10
N GLN I 346 128.75 -100.42 -64.37
CA GLN I 346 128.98 -101.26 -63.21
C GLN I 346 128.10 -100.85 -62.03
N ILE I 347 127.48 -99.67 -62.14
CA ILE I 347 126.68 -99.06 -61.06
C ILE I 347 125.17 -99.31 -61.21
N LEU I 348 124.73 -99.71 -62.40
CA LEU I 348 123.32 -100.00 -62.64
C LEU I 348 122.84 -101.20 -61.84
N GLY I 349 121.80 -101.02 -61.05
CA GLY I 349 121.17 -102.11 -60.33
C GLY I 349 120.15 -102.81 -61.22
N PHE I 350 119.89 -104.09 -60.94
CA PHE I 350 119.00 -104.89 -61.79
C PHE I 350 117.81 -105.50 -61.05
N SER I 351 116.64 -105.32 -61.64
CA SER I 351 115.41 -105.95 -61.17
C SER I 351 114.78 -106.72 -62.32
N GLY I 352 114.29 -107.92 -62.02
CA GLY I 352 113.74 -108.81 -63.04
C GLY I 352 112.38 -108.41 -63.61
N LEU I 353 111.78 -107.36 -63.06
CA LEU I 353 110.48 -106.85 -63.53
C LEU I 353 110.14 -105.51 -62.89
N VAL I 354 109.79 -104.54 -63.73
CA VAL I 354 109.32 -103.23 -63.27
C VAL I 354 108.09 -102.84 -64.11
N TYR I 355 106.93 -102.80 -63.47
CA TYR I 355 105.68 -102.43 -64.16
C TYR I 355 104.93 -101.29 -63.47
N GLN I 356 104.11 -100.57 -64.24
CA GLN I 356 103.39 -99.41 -63.75
C GLN I 356 101.89 -99.62 -63.78
N GLU I 357 101.32 -100.04 -62.64
CA GLU I 357 99.88 -100.15 -62.51
C GLU I 357 99.28 -98.76 -62.29
N THR I 358 98.19 -98.45 -63.00
CA THR I 358 97.52 -97.16 -62.86
C THR I 358 96.12 -97.34 -62.26
N ILE I 359 95.83 -96.57 -61.20
CA ILE I 359 94.53 -96.63 -60.55
C ILE I 359 93.91 -95.23 -60.53
N GLY I 360 92.92 -95.03 -61.40
CA GLY I 360 92.25 -93.74 -61.56
C GLY I 360 93.15 -92.68 -62.17
N GLU I 361 93.77 -91.88 -61.30
CA GLU I 361 94.72 -90.84 -61.73
C GLU I 361 96.09 -91.01 -61.06
N GLU I 362 96.17 -91.88 -60.04
CA GLU I 362 97.41 -92.16 -59.31
C GLU I 362 98.13 -93.39 -59.85
N LYS I 363 99.47 -93.35 -59.82
CA LYS I 363 100.30 -94.39 -60.42
C LYS I 363 101.27 -95.06 -59.44
N PHE I 364 101.37 -96.38 -59.53
CA PHE I 364 102.27 -97.16 -58.67
C PHE I 364 103.28 -97.96 -59.48
N THR I 365 104.56 -97.61 -59.35
CA THR I 365 105.64 -98.33 -60.05
C THR I 365 106.21 -99.43 -59.14
N TYR I 366 106.15 -100.67 -59.64
CA TYR I 366 106.61 -101.86 -58.90
C TYR I 366 108.09 -102.17 -59.21
N VAL I 367 108.74 -102.92 -58.32
CA VAL I 367 110.11 -103.42 -58.54
C VAL I 367 110.16 -104.90 -58.13
N THR I 368 109.83 -105.77 -59.09
CA THR I 368 109.59 -107.20 -58.82
C THR I 368 110.68 -108.11 -59.39
N GLU I 369 110.69 -109.37 -58.92
CA GLU I 369 111.58 -110.43 -59.43
C GLU I 369 113.07 -110.08 -59.35
N ASN I 370 113.47 -109.54 -58.21
CA ASN I 370 114.86 -109.13 -57.97
C ASN I 370 115.76 -110.34 -57.68
N THR I 371 116.99 -110.30 -58.19
CA THR I 371 117.94 -111.41 -58.01
C THR I 371 118.28 -111.66 -56.53
N ASP I 372 118.63 -110.60 -55.81
CA ASP I 372 118.86 -110.68 -54.37
C ASP I 372 118.53 -109.37 -53.67
N PRO I 373 117.41 -109.34 -52.93
CA PRO I 373 116.97 -108.19 -52.15
C PRO I 373 117.25 -108.32 -50.65
N LYS I 374 117.68 -107.22 -50.04
CA LYS I 374 117.80 -107.11 -48.58
C LYS I 374 116.77 -106.12 -48.05
N SER I 375 115.91 -105.64 -48.96
CA SER I 375 114.84 -104.68 -48.65
C SER I 375 113.55 -105.05 -49.38
N CYS I 376 112.43 -105.02 -48.67
CA CYS I 376 111.14 -105.39 -49.24
C CYS I 376 110.06 -104.32 -49.02
N THR I 377 108.81 -104.65 -49.32
CA THR I 377 107.70 -103.71 -49.22
C THR I 377 106.39 -104.39 -48.85
N ILE I 378 105.77 -103.89 -47.79
CA ILE I 378 104.43 -104.31 -47.42
C ILE I 378 103.46 -103.34 -48.10
N LEU I 379 102.72 -103.87 -49.07
CA LEU I 379 101.72 -103.08 -49.78
C LEU I 379 100.37 -103.30 -49.13
N ILE I 380 100.04 -102.46 -48.15
CA ILE I 380 98.75 -102.51 -47.50
C ILE I 380 97.67 -101.96 -48.43
N LYS I 381 96.81 -102.86 -48.91
CA LYS I 381 95.60 -102.47 -49.63
C LYS I 381 94.47 -102.33 -48.61
N GLY I 382 93.58 -101.38 -48.85
CA GLY I 382 92.45 -101.12 -47.96
C GLY I 382 91.39 -100.29 -48.66
N SER I 383 90.13 -100.58 -48.38
CA SER I 383 89.00 -99.89 -49.01
C SER I 383 88.87 -98.40 -48.61
N THR I 384 88.83 -98.14 -47.31
CA THR I 384 88.62 -96.79 -46.78
C THR I 384 89.93 -96.08 -46.45
N HIS I 385 89.87 -95.13 -45.51
CA HIS I 385 91.08 -94.42 -45.08
C HIS I 385 91.34 -94.64 -43.58
N TYR I 386 90.28 -94.94 -42.83
CA TYR I 386 90.38 -95.24 -41.39
C TYR I 386 91.06 -96.58 -41.14
N ALA I 387 90.88 -97.51 -42.07
CA ALA I 387 91.47 -98.84 -42.00
C ALA I 387 92.94 -98.78 -42.39
N LEU I 388 93.27 -97.88 -43.32
CA LEU I 388 94.63 -97.75 -43.85
C LEU I 388 95.66 -97.31 -42.81
N ALA I 389 95.21 -96.56 -41.81
CA ALA I 389 96.06 -96.23 -40.68
C ALA I 389 95.94 -97.33 -39.61
N GLN I 390 94.75 -97.91 -39.50
CA GLN I 390 94.46 -98.98 -38.53
C GLN I 390 95.30 -100.25 -38.76
N THR I 391 95.35 -100.69 -40.01
CA THR I 391 96.07 -101.92 -40.36
C THR I 391 97.58 -101.69 -40.54
N LYS I 392 97.99 -100.42 -40.56
CA LYS I 392 99.42 -100.06 -40.55
C LYS I 392 99.95 -100.02 -39.11
N ASP I 393 99.13 -99.52 -38.19
CA ASP I 393 99.45 -99.53 -36.77
C ASP I 393 99.31 -100.94 -36.19
N ALA I 394 98.78 -101.86 -36.99
CA ALA I 394 98.72 -103.27 -36.64
C ALA I 394 100.00 -103.97 -37.05
N VAL I 395 100.49 -103.66 -38.26
CA VAL I 395 101.70 -104.26 -38.79
C VAL I 395 102.95 -103.80 -38.04
N ARG I 396 103.10 -102.49 -37.83
CA ARG I 396 104.25 -101.94 -37.11
C ARG I 396 104.40 -102.55 -35.70
N ASP I 397 103.28 -102.82 -35.03
CA ASP I 397 103.27 -103.46 -33.71
C ASP I 397 103.51 -104.97 -33.79
N GLY I 398 103.59 -105.50 -35.01
CA GLY I 398 103.95 -106.89 -35.25
C GLY I 398 105.33 -106.99 -35.89
N LEU I 399 105.64 -106.04 -36.77
CA LEU I 399 106.93 -105.95 -37.44
C LEU I 399 108.03 -105.66 -36.43
N ARG I 400 107.72 -104.81 -35.45
CA ARG I 400 108.63 -104.52 -34.34
C ARG I 400 108.61 -105.64 -33.30
N ALA I 401 107.53 -106.44 -33.30
CA ALA I 401 107.40 -107.56 -32.37
C ALA I 401 108.12 -108.82 -32.83
N VAL I 402 108.31 -108.95 -34.13
CA VAL I 402 109.06 -110.07 -34.71
C VAL I 402 110.56 -109.77 -34.74
N ALA I 403 110.90 -108.50 -34.95
CA ALA I 403 112.28 -108.03 -34.93
C ALA I 403 112.90 -108.10 -33.52
N ASN I 404 112.06 -107.96 -32.50
CA ASN I 404 112.47 -108.13 -31.10
C ASN I 404 112.91 -109.56 -30.79
N VAL I 405 112.30 -110.53 -31.47
CA VAL I 405 112.65 -111.95 -31.31
C VAL I 405 114.01 -112.22 -31.92
N LEU I 406 114.35 -111.46 -32.95
CA LEU I 406 115.67 -111.59 -33.56
C LEU I 406 116.70 -110.77 -32.79
N LYS I 407 116.41 -109.49 -32.54
CA LYS I 407 117.33 -108.61 -31.81
C LYS I 407 117.72 -109.18 -30.43
N ASP I 408 116.73 -109.65 -29.68
CA ASP I 408 116.98 -110.38 -28.43
C ASP I 408 116.94 -111.87 -28.76
N LYS I 409 117.97 -112.60 -28.34
CA LYS I 409 118.07 -114.03 -28.65
C LYS I 409 117.16 -114.91 -27.77
N ASN I 410 116.08 -114.34 -27.26
CA ASN I 410 115.17 -115.03 -26.34
C ASN I 410 113.69 -114.70 -26.61
N ILE I 411 112.80 -115.38 -25.89
CA ILE I 411 111.37 -115.04 -25.85
C ILE I 411 110.69 -115.57 -24.57
N ILE I 412 109.60 -114.93 -24.17
CA ILE I 412 108.86 -115.29 -22.95
C ILE I 412 107.47 -115.85 -23.28
N PRO I 413 107.15 -117.06 -22.77
CA PRO I 413 105.81 -117.62 -22.96
C PRO I 413 104.71 -116.67 -22.47
N GLY I 414 103.66 -116.50 -23.27
CA GLY I 414 102.68 -115.44 -23.07
C GLY I 414 101.58 -115.72 -22.05
N ALA I 415 100.37 -115.30 -22.41
CA ALA I 415 99.17 -115.46 -21.56
C ALA I 415 99.35 -114.93 -20.14
N GLY I 416 100.43 -114.18 -19.92
CA GLY I 416 100.74 -113.59 -18.64
C GLY I 416 101.21 -114.59 -17.60
N ALA I 417 101.96 -115.60 -18.06
CA ALA I 417 102.53 -116.60 -17.16
C ALA I 417 103.65 -116.00 -16.31
N PHE I 418 104.40 -115.09 -16.92
CA PHE I 418 105.54 -114.45 -16.27
C PHE I 418 105.14 -113.64 -15.04
N TYR I 419 103.98 -113.00 -15.12
CA TYR I 419 103.46 -112.17 -14.04
C TYR I 419 102.94 -113.02 -12.88
N ILE I 420 102.30 -114.14 -13.22
CA ILE I 420 101.80 -115.09 -12.22
C ILE I 420 102.96 -115.79 -11.51
N ALA I 421 104.00 -116.16 -12.28
CA ALA I 421 105.20 -116.81 -11.72
C ALA I 421 105.97 -115.91 -10.74
N LEU I 422 105.94 -114.60 -10.96
CA LEU I 422 106.57 -113.65 -10.03
C LEU I 422 105.75 -113.43 -8.77
N SER I 423 104.43 -113.28 -8.91
CA SER I 423 103.52 -113.05 -7.78
C SER I 423 103.51 -114.19 -6.77
N ARG I 424 104.03 -115.34 -7.19
CA ARG I 424 104.17 -116.50 -6.30
C ARG I 424 105.58 -116.56 -5.72
N TYR I 425 106.58 -116.29 -6.56
CA TYR I 425 107.99 -116.28 -6.12
C TYR I 425 108.29 -115.16 -5.14
N LEU I 426 107.84 -113.95 -5.46
CA LEU I 426 108.05 -112.76 -4.62
C LEU I 426 107.25 -112.81 -3.32
N ARG I 427 106.22 -113.64 -3.29
CA ARG I 427 105.40 -113.82 -2.09
C ARG I 427 106.07 -114.74 -1.05
N SER I 428 107.01 -115.57 -1.51
CA SER I 428 107.63 -116.58 -0.67
C SER I 428 109.09 -116.30 -0.29
N ALA I 429 109.82 -115.67 -1.19
CA ALA I 429 111.24 -115.38 -0.95
C ALA I 429 111.51 -114.00 -0.35
N ASN I 430 110.50 -113.44 0.33
CA ASN I 430 110.62 -112.14 1.01
C ASN I 430 111.46 -112.25 2.29
N MET I 431 111.28 -113.37 3.00
CA MET I 431 112.14 -113.72 4.12
C MET I 431 113.47 -114.28 3.61
N ASN I 432 113.49 -114.73 2.36
CA ASN I 432 114.71 -115.24 1.75
C ASN I 432 115.61 -114.13 1.18
N LYS I 433 114.99 -113.18 0.44
CA LYS I 433 115.71 -112.12 -0.28
C LYS I 433 116.79 -111.44 0.57
N LEU I 434 116.39 -111.04 1.76
CA LEU I 434 117.28 -110.35 2.69
C LEU I 434 117.11 -110.97 4.07
N GLY I 435 115.86 -111.33 4.39
CA GLY I 435 115.38 -111.39 5.77
C GLY I 435 115.09 -109.93 6.09
N ALA I 436 114.41 -109.28 5.14
CA ALA I 436 114.37 -107.81 4.94
C ALA I 436 113.98 -106.92 6.14
N LYS I 437 114.00 -105.61 5.90
CA LYS I 437 113.71 -104.60 6.92
C LYS I 437 112.24 -104.58 7.40
N GLY I 438 111.47 -105.61 7.03
CA GLY I 438 110.10 -105.80 7.51
C GLY I 438 109.11 -104.82 6.89
N LYS I 439 109.39 -103.52 7.05
CA LYS I 439 108.63 -102.48 6.39
C LYS I 439 108.81 -102.61 4.88
N THR I 440 110.04 -102.85 4.43
CA THR I 440 110.33 -103.15 3.03
C THR I 440 109.51 -104.35 2.53
N LYS I 441 109.25 -105.30 3.43
CA LYS I 441 108.51 -106.53 3.13
C LYS I 441 107.07 -106.31 2.67
N THR I 442 106.42 -105.25 3.14
CA THR I 442 105.06 -104.94 2.70
C THR I 442 105.03 -104.37 1.28
N GLY I 443 106.07 -103.63 0.92
CA GLY I 443 106.17 -103.03 -0.41
C GLY I 443 106.26 -104.04 -1.54
N ILE I 444 107.01 -105.13 -1.30
CA ILE I 444 107.08 -106.27 -2.22
C ILE I 444 105.74 -106.97 -2.25
N GLU I 445 105.19 -107.26 -1.06
CA GLU I 445 103.89 -107.91 -0.91
C GLU I 445 102.84 -107.26 -1.81
N ALA I 446 102.92 -105.94 -1.94
CA ALA I 446 102.08 -105.17 -2.86
C ALA I 446 102.51 -105.38 -4.31
N PHE I 447 103.71 -104.91 -4.64
CA PHE I 447 104.29 -105.09 -5.97
C PHE I 447 104.02 -106.48 -6.53
N ALA I 448 104.24 -107.51 -5.69
CA ALA I 448 104.11 -108.91 -6.10
C ALA I 448 102.69 -109.27 -6.51
N GLU I 449 101.72 -108.88 -5.69
CA GLU I 449 100.32 -109.15 -5.95
C GLU I 449 99.72 -108.12 -6.92
N ALA I 450 100.43 -107.00 -7.10
CA ALA I 450 100.03 -105.95 -8.04
C ALA I 450 100.18 -106.41 -9.48
N LEU I 451 101.24 -107.17 -9.74
CA LEU I 451 101.60 -107.66 -11.09
C LEU I 451 100.51 -108.49 -11.76
N LEU I 452 99.62 -109.08 -10.97
CA LEU I 452 98.58 -109.94 -11.50
C LEU I 452 97.55 -109.23 -12.39
N VAL I 453 97.72 -107.92 -12.61
CA VAL I 453 96.80 -107.15 -13.46
C VAL I 453 96.61 -107.78 -14.82
N ILE I 454 97.70 -107.93 -15.55
CA ILE I 454 97.67 -108.49 -16.91
C ILE I 454 96.83 -109.78 -16.97
N PRO I 455 97.11 -110.77 -16.10
CA PRO I 455 96.18 -111.90 -15.99
C PRO I 455 94.73 -111.48 -15.71
N LYS I 456 94.49 -110.86 -14.56
CA LYS I 456 93.14 -110.44 -14.17
C LYS I 456 92.40 -109.68 -15.27
N THR I 457 92.99 -108.57 -15.72
CA THR I 457 92.37 -107.69 -16.72
C THR I 457 92.32 -108.29 -18.14
N LEU I 458 92.98 -109.44 -18.34
CA LEU I 458 92.78 -110.21 -19.56
C LEU I 458 91.51 -111.04 -19.44
N VAL I 459 91.34 -111.68 -18.29
CA VAL I 459 90.12 -112.45 -18.04
C VAL I 459 88.89 -111.54 -17.89
N LYS I 460 89.07 -110.34 -17.34
CA LYS I 460 87.99 -109.34 -17.31
C LYS I 460 87.52 -109.11 -18.74
N ASN I 461 88.47 -108.82 -19.62
CA ASN I 461 88.21 -108.64 -21.05
C ASN I 461 87.59 -109.86 -21.70
N SER I 462 88.05 -111.04 -21.29
CA SER I 462 87.53 -112.31 -21.78
C SER I 462 86.04 -112.45 -21.50
N GLY I 463 85.62 -112.05 -20.30
CA GLY I 463 84.24 -112.19 -19.86
C GLY I 463 84.09 -113.13 -18.68
N PHE I 464 84.92 -114.18 -18.65
CA PHE I 464 84.98 -115.13 -17.54
C PHE I 464 85.36 -114.43 -16.24
N ASP I 465 85.09 -115.07 -15.10
CA ASP I 465 85.38 -114.49 -13.79
C ASP I 465 86.89 -114.37 -13.56
N PRO I 466 87.38 -113.13 -13.33
CA PRO I 466 88.82 -112.86 -13.29
C PRO I 466 89.52 -113.55 -12.13
N LEU I 467 88.85 -113.59 -10.98
CA LEU I 467 89.41 -114.19 -9.77
C LEU I 467 89.35 -115.71 -9.78
N ASP I 468 88.42 -116.27 -10.56
CA ASP I 468 88.21 -117.71 -10.63
C ASP I 468 89.18 -118.39 -11.58
N VAL I 469 89.47 -117.74 -12.69
CA VAL I 469 90.40 -118.27 -13.69
C VAL I 469 91.85 -118.01 -13.26
N LEU I 470 92.05 -116.96 -12.47
CA LEU I 470 93.34 -116.71 -11.82
C LEU I 470 93.64 -117.86 -10.86
N ALA I 471 92.65 -118.23 -10.04
CA ALA I 471 92.76 -119.33 -9.09
C ALA I 471 92.93 -120.70 -9.75
N MET I 472 92.44 -120.82 -10.99
CA MET I 472 92.58 -122.06 -11.77
C MET I 472 94.01 -122.28 -12.26
N VAL I 473 94.67 -121.20 -12.71
CA VAL I 473 96.08 -121.24 -13.11
C VAL I 473 96.97 -121.44 -11.89
N GLU I 474 96.62 -120.79 -10.78
CA GLU I 474 97.31 -120.96 -9.50
C GLU I 474 97.25 -122.42 -9.01
N ASP I 475 96.10 -123.08 -9.24
CA ASP I 475 95.92 -124.48 -8.84
C ASP I 475 96.66 -125.45 -9.74
N GLU I 476 96.49 -125.29 -11.05
CA GLU I 476 97.16 -126.15 -12.02
C GLU I 476 98.67 -125.91 -12.09
N LEU I 477 99.17 -124.95 -11.30
CA LEU I 477 100.60 -124.69 -11.17
C LEU I 477 101.17 -125.51 -10.01
N ASP I 478 100.44 -125.54 -8.89
CA ASP I 478 100.85 -126.27 -7.69
C ASP I 478 100.89 -127.78 -7.91
N ASP I 479 100.21 -128.22 -8.97
CA ASP I 479 100.26 -129.60 -9.41
C ASP I 479 101.61 -129.94 -10.04
N ALA I 480 102.13 -129.02 -10.87
CA ALA I 480 103.43 -129.17 -11.50
C ALA I 480 104.58 -128.75 -10.58
N GLN I 481 104.25 -127.94 -9.58
CA GLN I 481 105.20 -127.55 -8.53
C GLN I 481 105.43 -128.69 -7.53
N ASP I 482 104.44 -129.57 -7.40
CA ASP I 482 104.55 -130.77 -6.57
C ASP I 482 105.12 -131.95 -7.37
N SER I 483 104.95 -131.90 -8.69
CA SER I 483 105.44 -132.94 -9.60
C SER I 483 106.82 -132.62 -10.18
N ASP I 484 107.58 -131.77 -9.47
CA ASP I 484 108.97 -131.43 -9.81
C ASP I 484 109.13 -130.67 -11.13
N GLU I 485 108.98 -131.40 -12.25
CA GLU I 485 109.12 -130.83 -13.59
C GLU I 485 108.13 -129.68 -13.80
N THR I 486 108.65 -128.46 -13.78
CA THR I 486 107.84 -127.27 -14.00
C THR I 486 107.50 -127.11 -15.47
N ARG I 487 106.22 -126.87 -15.74
CA ARG I 487 105.74 -126.56 -17.09
C ARG I 487 105.00 -125.22 -17.05
N TYR I 488 105.22 -124.38 -18.06
CA TYR I 488 104.63 -123.05 -18.11
C TYR I 488 103.11 -123.08 -18.16
N VAL I 489 102.48 -122.11 -17.51
CA VAL I 489 101.03 -122.07 -17.43
C VAL I 489 100.48 -120.64 -17.41
N GLY I 490 99.65 -120.33 -18.39
CA GLY I 490 99.01 -119.02 -18.50
C GLY I 490 97.50 -119.10 -18.60
N VAL I 491 96.89 -117.98 -18.92
CA VAL I 491 95.43 -117.85 -18.99
C VAL I 491 94.91 -118.13 -20.39
N ASP I 492 94.06 -119.15 -20.53
CA ASP I 492 93.32 -119.39 -21.77
C ASP I 492 92.10 -118.47 -21.77
N LEU I 493 91.97 -117.67 -22.83
CA LEU I 493 90.92 -116.66 -22.90
C LEU I 493 89.65 -117.14 -23.61
N ASN I 494 89.71 -118.31 -24.24
CA ASN I 494 88.58 -118.86 -24.99
C ASN I 494 87.61 -119.70 -24.16
N ILE I 495 88.17 -120.60 -23.35
CA ILE I 495 87.37 -121.53 -22.54
C ILE I 495 87.30 -121.17 -21.04
N GLY I 496 88.16 -120.25 -20.60
CA GLY I 496 88.21 -119.84 -19.21
C GLY I 496 88.86 -120.87 -18.30
N ASP I 497 89.94 -121.48 -18.79
CA ASP I 497 90.67 -122.52 -18.07
C ASP I 497 92.18 -122.23 -18.01
N SER I 498 92.90 -123.09 -17.29
CA SER I 498 94.36 -123.05 -17.30
C SER I 498 94.88 -123.52 -18.66
N CYS I 499 96.04 -123.00 -19.06
CA CYS I 499 96.59 -123.29 -20.39
C CYS I 499 98.11 -123.11 -20.49
N ASP I 500 98.74 -123.94 -21.32
CA ASP I 500 100.18 -123.90 -21.56
C ASP I 500 100.49 -123.06 -22.82
N PRO I 501 101.11 -121.87 -22.62
CA PRO I 501 101.40 -120.94 -23.73
C PRO I 501 102.42 -121.48 -24.73
N THR I 502 103.30 -122.36 -24.27
CA THR I 502 104.28 -123.03 -25.13
C THR I 502 103.56 -123.96 -26.12
N ILE I 503 102.53 -124.66 -25.63
CA ILE I 503 101.74 -125.55 -26.48
C ILE I 503 100.74 -124.78 -27.37
N GLU I 504 100.08 -123.78 -26.79
CA GLU I 504 99.04 -123.00 -27.49
C GLU I 504 99.58 -122.03 -28.54
N GLY I 505 100.89 -121.81 -28.53
CA GLY I 505 101.56 -120.96 -29.51
C GLY I 505 101.26 -119.49 -29.35
N ILE I 506 101.35 -119.01 -28.12
CA ILE I 506 101.11 -117.60 -27.79
C ILE I 506 102.35 -117.02 -27.11
N TRP I 507 103.10 -116.18 -27.84
CA TRP I 507 104.37 -115.64 -27.34
C TRP I 507 104.42 -114.11 -27.16
N ASP I 508 105.36 -113.67 -26.31
CA ASP I 508 105.45 -112.29 -25.83
C ASP I 508 106.92 -111.89 -25.61
N SER I 509 107.37 -110.84 -26.31
CA SER I 509 108.80 -110.48 -26.39
C SER I 509 109.51 -110.18 -25.06
N TYR I 510 110.85 -110.24 -25.11
CA TYR I 510 111.71 -110.06 -23.93
C TYR I 510 111.91 -108.59 -23.55
N ARG I 511 112.36 -107.78 -24.51
CA ARG I 511 112.59 -106.34 -24.28
C ARG I 511 111.31 -105.61 -23.86
N VAL I 512 110.16 -106.08 -24.36
CA VAL I 512 108.86 -105.58 -23.95
C VAL I 512 108.77 -105.64 -22.44
N LEU I 513 108.79 -106.85 -21.90
CA LEU I 513 108.63 -107.08 -20.46
C LEU I 513 109.82 -106.58 -19.63
N ARG I 514 110.97 -106.40 -20.28
CA ARG I 514 112.16 -105.87 -19.60
C ARG I 514 112.03 -104.37 -19.37
N ASN I 515 111.46 -103.67 -20.36
CA ASN I 515 111.24 -102.23 -20.27
C ASN I 515 109.85 -101.88 -19.78
N ALA I 516 109.00 -102.90 -19.63
CA ALA I 516 107.65 -102.72 -19.11
C ALA I 516 107.70 -102.49 -17.60
N ILE I 517 108.52 -103.29 -16.92
CA ILE I 517 108.58 -103.25 -15.47
C ILE I 517 109.48 -102.13 -14.94
N THR I 518 110.62 -101.91 -15.60
CA THR I 518 111.55 -100.84 -15.19
C THR I 518 110.89 -99.47 -15.31
N GLY I 519 110.10 -99.31 -16.37
CA GLY I 519 109.38 -98.07 -16.64
C GLY I 519 108.22 -97.85 -15.69
N ALA I 520 107.42 -98.90 -15.47
CA ALA I 520 106.27 -98.85 -14.58
C ALA I 520 106.66 -98.57 -13.12
N THR I 521 107.65 -99.32 -12.63
CA THR I 521 108.18 -99.12 -11.28
C THR I 521 108.85 -97.75 -11.14
N GLY I 522 109.57 -97.32 -12.18
CA GLY I 522 110.25 -96.02 -12.19
C GLY I 522 109.34 -94.80 -12.10
N ILE I 523 108.07 -94.98 -12.47
CA ILE I 523 107.11 -93.87 -12.45
C ILE I 523 106.14 -93.97 -11.26
N ALA I 524 105.61 -95.17 -11.02
CA ALA I 524 104.76 -95.40 -9.85
C ALA I 524 105.55 -95.20 -8.56
N SER I 525 106.81 -95.65 -8.56
CA SER I 525 107.72 -95.45 -7.42
C SER I 525 108.09 -93.97 -7.23
N ASN I 526 107.73 -93.14 -8.23
CA ASN I 526 108.02 -91.71 -8.21
C ASN I 526 106.78 -90.91 -7.85
N LEU I 527 105.61 -91.39 -8.31
CA LEU I 527 104.32 -90.79 -7.98
C LEU I 527 103.99 -90.89 -6.49
N LEU I 528 104.44 -91.98 -5.86
CA LEU I 528 104.22 -92.20 -4.43
C LEU I 528 104.98 -91.18 -3.60
N LEU I 529 106.21 -90.90 -4.00
CA LEU I 529 107.13 -90.08 -3.22
C LEU I 529 106.91 -88.57 -3.33
N CYS I 530 105.88 -88.15 -4.06
CA CYS I 530 105.52 -86.73 -4.11
C CYS I 530 104.62 -86.38 -2.92
N ASP I 531 104.70 -85.13 -2.46
CA ASP I 531 103.86 -84.67 -1.36
C ASP I 531 103.20 -83.33 -1.62
N GLU I 532 103.51 -82.72 -2.76
CA GLU I 532 102.89 -81.46 -3.20
C GLU I 532 102.73 -81.41 -4.71
N LEU I 533 101.58 -80.95 -5.19
CA LEU I 533 101.39 -80.70 -6.62
C LEU I 533 101.14 -79.21 -6.87
N LEU I 534 102.18 -78.52 -7.33
CA LEU I 534 102.18 -77.06 -7.38
C LEU I 534 101.91 -76.47 -8.77
N ARG I 535 101.33 -75.28 -8.78
CA ARG I 535 101.17 -74.48 -9.99
C ARG I 535 101.55 -73.03 -9.68
N ALA I 536 102.66 -72.59 -10.26
CA ALA I 536 103.16 -71.23 -10.11
C ALA I 536 103.98 -70.85 -11.34
N GLY I 537 103.75 -69.65 -11.87
CA GLY I 537 104.45 -69.20 -13.08
C GLY I 537 103.88 -67.91 -13.66
N ARG I 538 104.55 -67.39 -14.69
CA ARG I 538 104.13 -66.15 -15.36
C ARG I 538 102.84 -66.35 -16.18
N SER I 539 102.01 -65.31 -16.24
CA SER I 539 100.72 -65.36 -16.95
C SER I 539 100.88 -65.24 -18.48
N PRO J 6 70.66 -80.42 -3.39
CA PRO J 6 70.85 -81.46 -4.42
C PRO J 6 72.27 -81.43 -5.04
N GLN J 7 72.35 -81.64 -6.35
CA GLN J 7 73.61 -81.57 -7.15
C GLN J 7 74.43 -82.87 -7.25
N ASN J 8 74.90 -83.15 -8.47
CA ASN J 8 75.63 -84.37 -8.82
C ASN J 8 77.15 -84.21 -8.97
N PRO J 9 77.93 -85.20 -8.50
CA PRO J 9 79.39 -85.15 -8.67
C PRO J 9 79.85 -85.50 -10.10
N ASN J 10 81.17 -85.58 -10.29
CA ASN J 10 81.78 -85.96 -11.56
C ASN J 10 82.18 -87.45 -11.62
N ALA J 11 82.60 -87.93 -12.78
CA ALA J 11 83.08 -89.30 -12.92
C ALA J 11 84.61 -89.36 -13.00
N GLY J 12 85.16 -88.69 -14.01
CA GLY J 12 86.60 -88.63 -14.22
C GLY J 12 86.97 -87.50 -15.18
N LEU J 13 87.96 -86.71 -14.78
CA LEU J 13 88.47 -85.61 -15.61
C LEU J 13 89.93 -85.82 -16.01
N PHE J 14 90.14 -86.48 -17.14
CA PHE J 14 91.48 -86.65 -17.70
C PHE J 14 91.67 -85.79 -18.97
N LYS J 15 90.56 -85.39 -19.58
CA LYS J 15 90.57 -84.76 -20.90
C LYS J 15 90.17 -83.28 -20.88
N GLN J 16 90.08 -82.69 -22.08
CA GLN J 16 89.77 -81.27 -22.23
C GLN J 16 88.27 -80.94 -22.37
N GLY J 17 87.44 -81.97 -22.54
CA GLY J 17 86.00 -81.80 -22.72
C GLY J 17 85.49 -82.63 -23.89
N TYR J 18 85.13 -83.89 -23.60
CA TYR J 18 84.73 -84.87 -24.63
C TYR J 18 83.35 -85.46 -24.38
N ASN J 19 83.00 -86.47 -25.19
CA ASN J 19 81.82 -87.30 -24.99
C ASN J 19 82.12 -88.75 -25.39
N SER J 20 81.73 -89.70 -24.53
CA SER J 20 81.96 -91.13 -24.82
C SER J 20 80.65 -91.95 -24.84
N TYR J 21 80.48 -92.70 -25.93
CA TYR J 21 79.27 -93.48 -26.17
C TYR J 21 79.57 -94.97 -26.00
N SER J 22 79.40 -95.43 -24.78
CA SER J 22 79.89 -96.74 -24.35
C SER J 22 78.83 -97.85 -24.43
N ASN J 23 79.08 -98.95 -23.72
CA ASN J 23 78.24 -100.16 -23.66
C ASN J 23 77.66 -100.67 -24.98
N ALA J 24 78.31 -100.28 -26.09
CA ALA J 24 77.81 -100.48 -27.46
C ALA J 24 76.48 -99.77 -27.71
N ASP J 25 76.05 -98.93 -26.77
CA ASP J 25 74.79 -98.21 -26.86
C ASP J 25 74.78 -97.39 -28.15
N GLY J 26 75.71 -96.43 -28.21
CA GLY J 26 75.90 -95.60 -29.40
C GLY J 26 76.20 -96.44 -30.63
N GLN J 27 76.16 -97.76 -30.48
CA GLN J 27 76.40 -98.71 -31.57
C GLN J 27 75.26 -99.72 -31.76
N ILE J 28 74.85 -100.38 -30.68
CA ILE J 28 73.81 -101.40 -30.73
C ILE J 28 72.41 -100.82 -30.97
N ILE J 29 72.15 -99.62 -30.44
CA ILE J 29 70.84 -98.99 -30.70
C ILE J 29 70.96 -97.65 -31.42
N LYS J 30 71.62 -96.68 -30.77
CA LYS J 30 71.66 -95.28 -31.21
C LYS J 30 72.34 -95.09 -32.57
N SER J 31 73.17 -96.05 -32.94
CA SER J 31 73.84 -96.02 -34.22
C SER J 31 72.96 -96.62 -35.32
N ILE J 32 72.35 -97.78 -35.03
CA ILE J 32 71.44 -98.44 -35.98
C ILE J 32 70.34 -97.49 -36.42
N ALA J 33 69.74 -96.77 -35.47
CA ALA J 33 68.62 -95.86 -35.75
C ALA J 33 69.04 -94.57 -36.46
N ALA J 34 70.26 -94.12 -36.21
CA ALA J 34 70.82 -92.96 -36.93
C ALA J 34 71.17 -93.33 -38.36
N ILE J 35 71.49 -94.61 -38.57
CA ILE J 35 71.71 -95.17 -39.91
C ILE J 35 70.37 -95.36 -40.63
N ARG J 36 69.34 -95.77 -39.87
CA ARG J 36 67.97 -95.97 -40.38
C ARG J 36 67.37 -94.70 -40.98
N GLU J 37 67.81 -93.55 -40.48
CA GLU J 37 67.37 -92.24 -40.97
C GLU J 37 67.80 -92.02 -42.41
N LEU J 38 69.05 -92.41 -42.72
CA LEU J 38 69.59 -92.33 -44.07
C LEU J 38 69.44 -93.65 -44.84
N HIS J 39 68.93 -94.67 -44.17
CA HIS J 39 68.55 -95.93 -44.83
C HIS J 39 67.21 -95.75 -45.52
N GLN J 40 66.27 -95.11 -44.82
CA GLN J 40 64.96 -94.78 -45.38
C GLN J 40 65.07 -93.75 -46.48
N MET J 41 66.19 -93.01 -46.51
CA MET J 41 66.42 -91.96 -47.50
C MET J 41 66.54 -92.55 -48.91
N CYS J 42 67.58 -93.36 -49.12
CA CYS J 42 67.84 -93.94 -50.44
C CYS J 42 67.06 -95.24 -50.67
N LEU J 43 66.23 -95.61 -49.70
CA LEU J 43 65.29 -96.71 -49.83
C LEU J 43 64.26 -96.38 -50.91
N THR J 44 63.93 -95.09 -51.02
CA THR J 44 62.96 -94.59 -52.00
C THR J 44 63.66 -93.95 -53.21
N SER J 45 64.92 -94.33 -53.43
CA SER J 45 65.66 -93.86 -54.60
C SER J 45 66.16 -95.05 -55.44
N MET J 46 65.98 -96.26 -54.92
CA MET J 46 66.39 -97.49 -55.59
C MET J 46 65.50 -97.81 -56.80
N GLY J 47 66.12 -98.08 -57.94
CA GLY J 47 65.40 -98.55 -59.11
C GLY J 47 64.65 -97.48 -59.88
N PRO J 48 63.95 -97.89 -60.95
CA PRO J 48 63.26 -97.01 -61.91
C PRO J 48 62.10 -96.24 -61.29
N CYS J 49 61.43 -96.84 -60.31
CA CYS J 49 60.32 -96.19 -59.63
C CYS J 49 60.78 -95.26 -58.52
N GLY J 50 62.08 -95.30 -58.22
CA GLY J 50 62.69 -94.46 -57.19
C GLY J 50 62.67 -92.96 -57.50
N ARG J 51 62.61 -92.15 -56.45
CA ARG J 51 62.46 -90.70 -56.61
C ARG J 51 63.78 -89.97 -56.42
N ASN J 52 63.99 -88.93 -57.23
CA ASN J 52 65.16 -88.08 -57.11
C ASN J 52 65.06 -87.16 -55.89
N LYS J 53 66.20 -86.71 -55.40
CA LYS J 53 66.21 -85.83 -54.24
C LYS J 53 67.00 -84.56 -54.54
N ILE J 54 66.40 -83.42 -54.23
CA ILE J 54 67.00 -82.12 -54.54
C ILE J 54 67.78 -81.60 -53.34
N ILE J 55 69.10 -81.52 -53.50
CA ILE J 55 70.02 -81.18 -52.40
C ILE J 55 70.76 -79.87 -52.66
N VAL J 56 70.50 -78.87 -51.83
CA VAL J 56 71.18 -77.57 -51.91
C VAL J 56 72.37 -77.51 -50.95
N ASN J 57 73.57 -77.44 -51.53
CA ASN J 57 74.83 -77.64 -50.82
C ASN J 57 75.31 -76.49 -49.93
N HIS J 58 76.60 -76.52 -49.62
CA HIS J 58 77.27 -75.56 -48.73
C HIS J 58 77.43 -74.16 -49.35
N LEU J 59 77.19 -74.07 -50.66
CA LEU J 59 77.39 -72.82 -51.39
C LEU J 59 76.13 -72.37 -52.14
N GLY J 60 75.03 -73.07 -51.93
CA GLY J 60 73.75 -72.71 -52.55
C GLY J 60 73.51 -73.30 -53.93
N LYS J 61 74.48 -74.06 -54.45
CA LYS J 61 74.36 -74.70 -55.75
C LYS J 61 73.46 -75.93 -55.66
N ILE J 62 72.46 -75.98 -56.52
CA ILE J 62 71.47 -77.05 -56.53
C ILE J 62 72.03 -78.33 -57.19
N ILE J 63 71.71 -79.48 -56.60
CA ILE J 63 72.10 -80.79 -57.15
C ILE J 63 70.95 -81.79 -56.97
N ILE J 64 70.52 -82.39 -58.06
CA ILE J 64 69.45 -83.40 -58.04
C ILE J 64 69.98 -84.72 -58.55
N THR J 65 69.80 -85.79 -57.78
CA THR J 65 70.37 -87.09 -58.12
C THR J 65 69.48 -88.25 -57.69
N ASN J 66 69.53 -89.32 -58.47
CA ASN J 66 68.97 -90.60 -58.09
C ASN J 66 70.00 -91.40 -57.29
N ASP J 67 71.27 -91.16 -57.57
CA ASP J 67 72.41 -91.88 -56.98
C ASP J 67 72.44 -91.77 -55.47
N ALA J 68 72.81 -92.86 -54.81
CA ALA J 68 72.99 -92.85 -53.37
C ALA J 68 74.30 -92.19 -52.99
N ALA J 69 75.38 -92.55 -53.69
CA ALA J 69 76.72 -92.06 -53.39
C ALA J 69 76.89 -90.56 -53.65
N THR J 70 76.25 -90.07 -54.71
CA THR J 70 76.33 -88.66 -55.07
C THR J 70 75.49 -87.84 -54.10
N MET J 71 74.29 -88.35 -53.84
CA MET J 71 73.34 -87.76 -52.90
C MET J 71 73.90 -87.73 -51.47
N LEU J 72 74.73 -88.72 -51.14
CA LEU J 72 75.39 -88.79 -49.83
C LEU J 72 76.67 -87.96 -49.77
N ARG J 73 77.35 -87.84 -50.92
CA ARG J 73 78.54 -87.01 -51.01
C ARG J 73 78.20 -85.53 -50.87
N GLU J 74 76.98 -85.16 -51.27
CA GLU J 74 76.52 -83.77 -51.22
C GLU J 74 75.89 -83.34 -49.88
N LEU J 75 75.92 -84.24 -48.91
CA LEU J 75 75.41 -83.95 -47.57
C LEU J 75 76.56 -83.79 -46.57
N ASP J 76 76.31 -82.98 -45.54
CA ASP J 76 77.24 -82.83 -44.43
C ASP J 76 76.80 -83.75 -43.29
N ILE J 77 77.67 -84.71 -42.94
CA ILE J 77 77.32 -85.78 -42.00
C ILE J 77 78.15 -85.71 -40.71
N VAL J 78 77.52 -86.06 -39.59
CA VAL J 78 78.19 -86.02 -38.31
C VAL J 78 78.42 -87.45 -37.81
N HIS J 79 77.33 -88.15 -37.50
CA HIS J 79 77.37 -89.48 -36.87
C HIS J 79 78.45 -90.38 -37.48
N PRO J 80 79.47 -90.74 -36.67
CA PRO J 80 80.63 -91.50 -37.14
C PRO J 80 80.26 -92.82 -37.76
N ALA J 81 79.36 -93.55 -37.12
CA ALA J 81 78.95 -94.86 -37.61
C ALA J 81 78.11 -94.75 -38.88
N VAL J 82 77.47 -93.59 -39.06
CA VAL J 82 76.79 -93.31 -40.31
C VAL J 82 77.84 -93.04 -41.40
N LYS J 83 78.85 -92.24 -41.08
CA LYS J 83 79.97 -91.95 -42.00
C LYS J 83 80.61 -93.22 -42.60
N VAL J 84 80.58 -94.31 -41.83
CA VAL J 84 81.18 -95.59 -42.23
C VAL J 84 80.57 -96.17 -43.50
N LEU J 85 79.24 -96.20 -43.56
CA LEU J 85 78.53 -96.72 -44.74
C LEU J 85 78.55 -95.72 -45.91
N VAL J 86 78.88 -94.47 -45.60
CA VAL J 86 78.95 -93.39 -46.59
C VAL J 86 80.23 -93.52 -47.42
N MET J 87 81.36 -93.76 -46.75
CA MET J 87 82.62 -94.06 -47.42
C MET J 87 82.54 -95.37 -48.19
N ALA J 88 81.65 -96.25 -47.74
CA ALA J 88 81.40 -97.53 -48.38
C ALA J 88 80.62 -97.37 -49.69
N THR J 89 79.75 -96.37 -49.75
CA THR J 89 79.02 -96.05 -50.97
C THR J 89 79.94 -95.31 -51.93
N GLU J 90 80.91 -94.60 -51.37
CA GLU J 90 81.96 -93.94 -52.15
C GLU J 90 83.00 -94.94 -52.66
N GLN J 91 83.13 -96.06 -51.96
CA GLN J 91 83.98 -97.16 -52.39
C GLN J 91 83.50 -97.75 -53.71
N GLN J 92 82.23 -98.12 -53.76
CA GLN J 92 81.67 -98.75 -54.93
C GLN J 92 81.38 -97.76 -56.06
N LYS J 93 81.54 -96.47 -55.78
CA LYS J 93 81.41 -95.43 -56.81
C LYS J 93 82.67 -95.39 -57.65
N ILE J 94 83.81 -95.46 -56.98
CA ILE J 94 85.10 -95.41 -57.66
C ILE J 94 85.45 -96.76 -58.27
N ASP J 95 84.95 -97.84 -57.65
CA ASP J 95 85.37 -99.20 -58.01
C ASP J 95 84.40 -100.00 -58.90
N MET J 96 83.27 -99.42 -59.26
CA MET J 96 82.31 -100.08 -60.15
C MET J 96 81.33 -99.11 -60.82
N GLY J 97 81.05 -97.99 -60.17
CA GLY J 97 80.13 -96.99 -60.71
C GLY J 97 78.69 -97.24 -60.34
N ASP J 98 78.24 -98.49 -60.51
CA ASP J 98 76.89 -98.90 -60.16
C ASP J 98 76.88 -99.63 -58.81
N GLY J 99 75.70 -99.88 -58.26
CA GLY J 99 75.57 -100.61 -57.00
C GLY J 99 75.64 -99.75 -55.75
N THR J 100 75.91 -98.45 -55.93
CA THR J 100 76.05 -97.48 -54.83
C THR J 100 74.83 -97.41 -53.92
N ASN J 101 73.66 -97.67 -54.51
CA ASN J 101 72.40 -97.68 -53.79
C ASN J 101 72.18 -98.99 -53.03
N LEU J 102 72.79 -100.07 -53.54
CA LEU J 102 72.72 -101.40 -52.92
C LEU J 102 73.72 -101.57 -51.78
N VAL J 103 74.85 -100.85 -51.86
CA VAL J 103 75.79 -100.79 -50.75
C VAL J 103 75.04 -100.37 -49.50
N MET J 104 74.30 -99.27 -49.62
CA MET J 104 73.54 -98.70 -48.52
C MET J 104 72.41 -99.63 -48.07
N ILE J 105 71.51 -99.95 -49.01
CA ILE J 105 70.33 -100.76 -48.71
C ILE J 105 70.61 -102.11 -48.00
N LEU J 106 71.77 -102.69 -48.28
CA LEU J 106 72.21 -103.92 -47.61
C LEU J 106 72.77 -103.65 -46.22
N ALA J 107 73.84 -102.87 -46.16
CA ALA J 107 74.50 -102.54 -44.89
C ALA J 107 73.52 -101.94 -43.88
N GLY J 108 72.61 -101.10 -44.38
CA GLY J 108 71.56 -100.48 -43.57
C GLY J 108 70.60 -101.49 -42.97
N GLU J 109 70.21 -102.47 -43.78
CA GLU J 109 69.33 -103.54 -43.31
C GLU J 109 70.10 -104.61 -42.55
N LEU J 110 71.33 -104.89 -42.99
CA LEU J 110 72.24 -105.79 -42.30
C LEU J 110 72.35 -105.42 -40.81
N LEU J 111 72.22 -104.13 -40.53
CA LEU J 111 72.22 -103.62 -39.18
C LEU J 111 70.81 -103.53 -38.61
N ASN J 112 69.86 -103.17 -39.47
CA ASN J 112 68.46 -103.05 -39.10
C ASN J 112 67.89 -104.38 -38.63
N VAL J 113 68.22 -105.44 -39.36
CA VAL J 113 67.82 -106.79 -39.01
C VAL J 113 68.76 -107.38 -37.95
N SER J 114 69.90 -106.71 -37.74
CA SER J 114 70.86 -107.11 -36.71
C SER J 114 70.36 -106.73 -35.31
N GLU J 115 69.38 -105.82 -35.26
CA GLU J 115 68.81 -105.35 -34.01
C GLU J 115 68.03 -106.45 -33.27
N LYS J 116 67.37 -107.32 -34.05
CA LYS J 116 66.64 -108.46 -33.48
C LYS J 116 67.57 -109.52 -32.87
N LEU J 117 68.82 -109.54 -33.33
CA LEU J 117 69.84 -110.47 -32.83
C LEU J 117 70.54 -109.95 -31.58
N ILE J 118 70.96 -108.68 -31.63
CA ILE J 118 71.64 -108.04 -30.50
C ILE J 118 70.78 -108.12 -29.24
N SER J 119 69.48 -108.00 -29.42
CA SER J 119 68.52 -108.08 -28.32
C SER J 119 68.13 -109.52 -27.96
N MET J 120 68.32 -110.45 -28.89
CA MET J 120 68.02 -111.86 -28.65
C MET J 120 68.91 -112.43 -27.54
N GLY J 121 70.19 -112.06 -27.57
CA GLY J 121 71.17 -112.50 -26.57
C GLY J 121 72.53 -112.81 -27.16
N LEU J 122 72.69 -112.56 -28.45
CA LEU J 122 73.95 -112.80 -29.17
C LEU J 122 75.02 -111.77 -28.82
N SER J 123 76.27 -112.19 -28.94
CA SER J 123 77.41 -111.29 -28.75
C SER J 123 77.66 -110.46 -30.02
N ALA J 124 78.56 -109.48 -29.90
CA ALA J 124 78.99 -108.68 -31.04
C ALA J 124 79.92 -109.49 -31.95
N VAL J 125 80.87 -110.20 -31.33
CA VAL J 125 81.81 -111.08 -32.03
C VAL J 125 81.13 -112.29 -32.70
N GLU J 126 79.95 -112.64 -32.20
CA GLU J 126 79.15 -113.75 -32.74
C GLU J 126 78.50 -113.39 -34.09
N ILE J 127 77.87 -112.22 -34.14
CA ILE J 127 77.20 -111.73 -35.35
C ILE J 127 78.22 -111.36 -36.44
N ILE J 128 79.36 -110.81 -36.02
CA ILE J 128 80.46 -110.46 -36.94
C ILE J 128 80.95 -111.68 -37.74
N GLN J 129 81.27 -112.76 -37.02
CA GLN J 129 81.75 -114.01 -37.61
C GLN J 129 80.66 -114.71 -38.42
N GLY J 130 79.42 -114.62 -37.95
CA GLY J 130 78.26 -115.23 -38.61
C GLY J 130 77.90 -114.54 -39.91
N TYR J 131 78.09 -113.22 -39.96
CA TYR J 131 77.87 -112.45 -41.18
C TYR J 131 79.02 -112.66 -42.17
N ASN J 132 80.21 -112.92 -41.64
CA ASN J 132 81.37 -113.23 -42.48
C ASN J 132 81.26 -114.62 -43.12
N MET J 133 80.76 -115.58 -42.35
CA MET J 133 80.52 -116.93 -42.85
C MET J 133 79.38 -116.97 -43.87
N ALA J 134 78.50 -115.97 -43.83
CA ALA J 134 77.38 -115.88 -44.75
C ALA J 134 77.71 -115.12 -46.03
N ARG J 135 78.51 -114.05 -45.91
CA ARG J 135 78.99 -113.28 -47.04
C ARG J 135 79.87 -114.14 -47.97
N LYS J 136 80.81 -114.86 -47.36
CA LYS J 136 81.72 -115.76 -48.08
C LYS J 136 80.97 -116.89 -48.78
N PHE J 137 79.77 -117.21 -48.28
CA PHE J 137 78.89 -118.17 -48.94
C PHE J 137 78.09 -117.51 -50.06
N THR J 138 77.64 -116.27 -49.82
CA THR J 138 76.84 -115.54 -50.80
C THR J 138 77.60 -115.32 -52.11
N LEU J 139 78.88 -114.97 -52.00
CA LEU J 139 79.75 -114.77 -53.17
C LEU J 139 80.07 -116.07 -53.88
N LYS J 140 80.16 -117.16 -53.13
CA LYS J 140 80.42 -118.50 -53.67
C LYS J 140 79.20 -119.08 -54.39
N GLU J 141 78.02 -118.90 -53.80
CA GLU J 141 76.77 -119.39 -54.38
C GLU J 141 76.20 -118.42 -55.44
N LEU J 142 76.88 -117.29 -55.66
CA LEU J 142 76.53 -116.36 -56.74
C LEU J 142 77.20 -116.76 -58.06
N ASP J 143 78.46 -117.18 -58.00
CA ASP J 143 79.24 -117.55 -59.19
C ASP J 143 78.66 -118.72 -59.98
N GLU J 144 77.72 -119.45 -59.39
CA GLU J 144 77.06 -120.57 -60.07
C GLU J 144 75.59 -120.27 -60.40
N MET J 145 75.29 -119.01 -60.71
CA MET J 145 73.95 -118.59 -61.18
C MET J 145 74.06 -117.72 -62.43
N VAL J 146 75.30 -117.52 -62.88
CA VAL J 146 75.64 -116.68 -64.02
C VAL J 146 75.04 -117.20 -65.33
N VAL J 147 74.46 -116.29 -66.10
CA VAL J 147 73.98 -116.57 -67.46
C VAL J 147 74.72 -115.66 -68.43
N GLY J 148 74.64 -115.97 -69.73
CA GLY J 148 75.19 -115.13 -70.79
C GLY J 148 76.50 -114.42 -70.49
N GLU J 149 77.58 -115.19 -70.44
CA GLU J 149 78.93 -114.62 -70.34
C GLU J 149 79.30 -114.03 -71.71
N ILE J 150 78.51 -113.04 -72.15
CA ILE J 150 78.63 -112.49 -73.49
C ILE J 150 79.93 -111.70 -73.66
N THR J 151 80.74 -112.15 -74.62
CA THR J 151 82.07 -111.62 -74.87
C THR J 151 82.35 -111.55 -76.37
N ASP J 152 81.35 -111.12 -77.16
CA ASP J 152 81.50 -111.05 -78.61
C ASP J 152 82.44 -109.89 -78.99
N LYS J 153 83.74 -110.14 -78.85
CA LYS J 153 84.78 -109.11 -79.02
C LYS J 153 84.34 -107.78 -78.39
N ASN J 154 84.30 -106.73 -79.20
CA ASN J 154 83.74 -105.46 -78.80
C ASN J 154 82.48 -105.18 -79.61
N ASP J 155 81.45 -105.97 -79.32
CA ASP J 155 80.20 -105.92 -80.09
C ASP J 155 79.34 -104.71 -79.74
N LYS J 156 78.84 -104.04 -80.77
CA LYS J 156 78.00 -102.85 -80.60
C LYS J 156 76.55 -103.16 -80.21
N ASN J 157 76.06 -104.32 -80.63
CA ASN J 157 74.69 -104.73 -80.34
C ASN J 157 74.52 -105.34 -78.94
N GLU J 158 75.62 -105.88 -78.40
CA GLU J 158 75.63 -106.48 -77.06
C GLU J 158 75.75 -105.42 -75.96
N LEU J 159 76.49 -104.34 -76.26
CA LEU J 159 76.65 -103.23 -75.33
C LEU J 159 75.32 -102.58 -74.98
N LEU J 160 74.45 -102.48 -75.98
CA LEU J 160 73.12 -101.87 -75.82
C LEU J 160 72.21 -102.66 -74.87
N LYS J 161 72.32 -103.99 -74.91
CA LYS J 161 71.54 -104.86 -74.05
C LYS J 161 72.02 -104.78 -72.62
N MET J 162 73.32 -104.60 -72.44
CA MET J 162 73.96 -104.55 -71.13
C MET J 162 73.75 -103.22 -70.40
N ILE J 163 73.84 -102.11 -71.15
CA ILE J 163 73.74 -100.77 -70.57
C ILE J 163 72.29 -100.36 -70.21
N LYS J 164 71.33 -100.79 -71.03
CA LYS J 164 69.91 -100.44 -70.86
C LYS J 164 69.36 -100.48 -69.41
N PRO J 165 69.60 -101.59 -68.67
CA PRO J 165 69.13 -101.64 -67.28
C PRO J 165 69.84 -100.69 -66.31
N VAL J 166 71.15 -100.47 -66.51
CA VAL J 166 71.95 -99.59 -65.65
C VAL J 166 71.51 -98.14 -65.77
N ILE J 167 71.20 -97.71 -67.00
CA ILE J 167 70.67 -96.37 -67.28
C ILE J 167 69.24 -96.23 -66.78
N SER J 168 68.46 -97.29 -66.94
CA SER J 168 67.03 -97.32 -66.62
C SER J 168 66.70 -96.94 -65.16
N SER J 169 67.51 -97.43 -64.23
CA SER J 169 67.24 -97.23 -62.80
C SER J 169 67.78 -95.92 -62.21
N LYS J 170 68.39 -95.09 -63.07
CA LYS J 170 68.85 -93.77 -62.67
C LYS J 170 68.02 -92.63 -63.27
N LYS J 171 67.65 -92.78 -64.54
CA LYS J 171 66.80 -91.80 -65.22
C LYS J 171 65.84 -92.53 -66.16
N TYR J 172 64.77 -93.09 -65.58
CA TYR J 172 63.85 -93.98 -66.28
C TYR J 172 63.14 -93.34 -67.49
N GLY J 173 63.18 -92.01 -67.55
CA GLY J 173 62.58 -91.25 -68.65
C GLY J 173 62.82 -91.87 -70.01
N SER J 174 64.10 -92.08 -70.35
CA SER J 174 64.47 -92.70 -71.62
C SER J 174 65.72 -93.56 -71.52
N GLU J 175 65.53 -94.82 -71.13
CA GLU J 175 66.62 -95.80 -71.12
C GLU J 175 67.08 -96.15 -72.54
N ASP J 176 66.14 -96.11 -73.49
CA ASP J 176 66.41 -96.43 -74.88
C ASP J 176 67.22 -95.34 -75.58
N ILE J 177 66.71 -94.10 -75.54
CA ILE J 177 67.31 -92.97 -76.27
C ILE J 177 68.67 -92.57 -75.71
N LEU J 178 68.92 -92.90 -74.44
CA LEU J 178 70.20 -92.58 -73.82
C LEU J 178 71.27 -93.62 -74.11
N SER J 179 70.98 -94.88 -73.80
CA SER J 179 71.97 -95.97 -73.94
C SER J 179 72.42 -96.19 -75.39
N GLU J 180 71.62 -95.71 -76.34
CA GLU J 180 72.01 -95.69 -77.75
C GLU J 180 73.12 -94.68 -77.99
N LEU J 181 73.04 -93.53 -77.31
CA LEU J 181 74.09 -92.51 -77.35
C LEU J 181 75.38 -93.03 -76.72
N VAL J 182 75.24 -93.73 -75.59
CA VAL J 182 76.36 -94.29 -74.85
C VAL J 182 77.09 -95.34 -75.69
N SER J 183 76.33 -96.36 -76.12
CA SER J 183 76.86 -97.46 -76.91
C SER J 183 77.56 -96.98 -78.18
N GLU J 184 76.98 -95.97 -78.82
CA GLU J 184 77.52 -95.43 -80.08
C GLU J 184 78.84 -94.70 -79.88
N ALA J 185 78.98 -93.99 -78.76
CA ALA J 185 80.23 -93.30 -78.44
C ALA J 185 81.33 -94.29 -78.08
N VAL J 186 80.95 -95.36 -77.39
CA VAL J 186 81.88 -96.44 -77.02
C VAL J 186 82.28 -97.25 -78.26
N SER J 187 81.37 -97.36 -79.22
CA SER J 187 81.63 -98.05 -80.49
C SER J 187 82.67 -97.35 -81.37
N HIS J 188 82.85 -96.04 -81.15
CA HIS J 188 83.83 -95.24 -81.90
C HIS J 188 85.22 -95.26 -81.26
N VAL J 189 85.34 -95.90 -80.11
CA VAL J 189 86.61 -95.97 -79.38
C VAL J 189 87.18 -97.38 -79.39
N LEU J 190 86.32 -98.38 -79.22
CA LEU J 190 86.74 -99.78 -79.15
C LEU J 190 87.29 -100.29 -80.48
N PRO J 191 88.44 -100.99 -80.43
CA PRO J 191 89.09 -101.52 -81.64
C PRO J 191 88.33 -102.70 -82.23
N TYR J 201 92.90 -99.72 -71.28
CA TYR J 201 91.89 -100.72 -71.56
C TYR J 201 90.49 -100.11 -71.57
N PHE J 202 90.05 -99.69 -72.76
CA PHE J 202 88.74 -99.07 -73.00
C PHE J 202 88.43 -97.92 -72.04
N ASN J 203 89.40 -97.02 -71.89
CA ASN J 203 89.36 -95.92 -70.91
C ASN J 203 88.00 -95.30 -70.64
N VAL J 204 87.70 -95.12 -69.36
CA VAL J 204 86.57 -94.32 -68.94
C VAL J 204 86.79 -92.92 -69.51
N ASP J 205 88.06 -92.53 -69.55
CA ASP J 205 88.46 -91.19 -69.97
C ASP J 205 88.37 -90.99 -71.48
N SER J 206 88.36 -92.09 -72.24
CA SER J 206 88.27 -92.02 -73.70
C SER J 206 86.92 -91.53 -74.22
N ILE J 207 85.92 -91.48 -73.34
CA ILE J 207 84.61 -90.91 -73.67
C ILE J 207 84.34 -89.66 -72.83
N ARG J 208 84.12 -88.54 -73.51
CA ARG J 208 83.90 -87.26 -72.85
C ARG J 208 82.46 -86.77 -73.05
N VAL J 209 81.98 -85.96 -72.11
CA VAL J 209 80.61 -85.43 -72.17
C VAL J 209 80.60 -83.89 -72.16
N VAL J 210 79.93 -83.31 -73.16
CA VAL J 210 79.70 -81.88 -73.25
C VAL J 210 78.20 -81.61 -73.22
N LYS J 211 77.76 -80.84 -72.22
CA LYS J 211 76.34 -80.50 -72.06
C LYS J 211 76.09 -79.01 -72.29
N ILE J 212 75.17 -78.72 -73.22
CA ILE J 212 74.79 -77.34 -73.61
C ILE J 212 73.26 -77.23 -73.76
N MET J 213 72.68 -76.25 -73.08
CA MET J 213 71.21 -76.10 -72.97
C MET J 213 70.50 -75.74 -74.28
N GLY J 214 69.33 -76.34 -74.49
CA GLY J 214 68.54 -76.15 -75.70
C GLY J 214 68.02 -77.44 -76.31
N GLY J 215 66.78 -77.40 -76.78
CA GLY J 215 66.12 -78.58 -77.35
C GLY J 215 65.55 -79.51 -76.28
N SER J 216 65.47 -80.80 -76.61
CA SER J 216 65.03 -81.82 -75.66
C SER J 216 66.14 -82.86 -75.46
N LEU J 217 65.86 -83.85 -74.63
CA LEU J 217 66.81 -84.95 -74.37
C LEU J 217 67.04 -85.80 -75.63
N SER J 218 66.14 -85.69 -76.59
CA SER J 218 66.23 -86.44 -77.84
C SER J 218 67.15 -85.74 -78.85
N ASN J 219 67.14 -84.42 -78.85
CA ASN J 219 68.00 -83.62 -79.74
C ASN J 219 69.48 -83.95 -79.62
N SER J 220 69.84 -84.71 -78.57
CA SER J 220 71.21 -85.08 -78.27
C SER J 220 71.87 -85.86 -79.40
N THR J 221 73.17 -85.69 -79.55
CA THR J 221 73.92 -86.30 -80.65
C THR J 221 75.21 -86.96 -80.15
N VAL J 222 75.85 -87.71 -81.04
CA VAL J 222 77.17 -88.30 -80.78
C VAL J 222 78.12 -87.90 -81.90
N ILE J 223 79.26 -87.35 -81.52
CA ILE J 223 80.29 -86.92 -82.49
C ILE J 223 81.56 -87.77 -82.34
N LYS J 224 82.09 -88.22 -83.48
CA LYS J 224 83.28 -89.10 -83.54
C LYS J 224 84.59 -88.36 -83.26
N GLY J 225 84.51 -87.33 -82.43
CA GLY J 225 85.65 -86.50 -82.09
C GLY J 225 85.51 -85.75 -80.77
N MET J 226 85.15 -84.47 -80.85
CA MET J 226 85.26 -83.58 -79.71
C MET J 226 84.48 -82.28 -79.94
N VAL J 227 84.19 -81.57 -78.86
CA VAL J 227 83.54 -80.27 -78.91
C VAL J 227 84.31 -79.24 -78.08
N PHE J 228 84.62 -78.09 -78.68
CA PHE J 228 85.35 -77.02 -78.02
C PHE J 228 84.51 -75.75 -77.93
N ASN J 229 84.21 -75.33 -76.70
CA ASN J 229 83.44 -74.11 -76.46
C ASN J 229 84.36 -72.88 -76.36
N ARG J 230 85.51 -72.95 -77.04
CA ARG J 230 86.48 -71.86 -77.07
C ARG J 230 86.30 -71.03 -78.35
N GLU J 231 86.89 -69.84 -78.35
CA GLU J 231 86.85 -68.97 -79.53
C GLU J 231 87.88 -69.43 -80.58
N PRO J 232 87.43 -69.66 -81.84
CA PRO J 232 88.38 -69.85 -82.95
C PRO J 232 88.94 -68.49 -83.38
N GLU J 233 90.11 -68.48 -84.02
CA GLU J 233 90.85 -67.24 -84.24
C GLU J 233 90.80 -66.69 -85.67
N GLY J 234 91.87 -66.95 -86.43
CA GLY J 234 92.04 -66.44 -87.81
C GLY J 234 90.84 -66.66 -88.70
N HIS J 235 90.70 -67.89 -89.21
CA HIS J 235 89.51 -68.30 -89.97
C HIS J 235 89.20 -69.80 -89.94
N VAL J 236 87.94 -70.12 -90.26
CA VAL J 236 87.40 -71.48 -90.19
C VAL J 236 87.75 -72.28 -91.46
N LYS J 237 88.21 -73.52 -91.26
CA LYS J 237 88.64 -74.40 -92.35
C LYS J 237 87.46 -74.94 -93.16
N SER J 238 87.36 -74.46 -94.40
CA SER J 238 86.30 -74.87 -95.33
C SER J 238 86.81 -75.92 -96.32
N LEU J 239 88.05 -76.37 -96.13
CA LEU J 239 88.53 -77.59 -96.79
C LEU J 239 87.79 -78.76 -96.16
N SER J 240 86.97 -78.44 -95.13
CA SER J 240 86.13 -79.39 -94.40
C SER J 240 85.18 -80.14 -95.33
N GLU J 241 84.62 -79.41 -96.30
CA GLU J 241 83.79 -80.01 -97.34
C GLU J 241 84.63 -80.94 -98.24
N ASP J 242 85.87 -80.54 -98.50
CA ASP J 242 86.79 -81.28 -99.38
C ASP J 242 87.46 -82.48 -98.69
N LYS J 243 87.70 -82.34 -97.38
CA LYS J 243 88.24 -83.40 -96.50
C LYS J 243 89.77 -83.59 -96.56
N LYS J 244 90.28 -84.37 -95.61
CA LYS J 244 91.71 -84.72 -95.47
C LYS J 244 92.60 -83.53 -95.05
N HIS J 245 92.27 -82.95 -93.90
CA HIS J 245 93.03 -81.82 -93.35
C HIS J 245 94.12 -82.32 -92.40
N LYS J 246 95.29 -81.68 -92.43
CA LYS J 246 96.42 -82.06 -91.59
C LYS J 246 96.52 -81.21 -90.33
N VAL J 247 96.99 -81.80 -89.24
CA VAL J 247 96.99 -81.17 -87.91
C VAL J 247 98.37 -81.20 -87.23
N ALA J 248 98.67 -80.15 -86.46
CA ALA J 248 99.86 -80.08 -85.62
C ALA J 248 99.56 -79.47 -84.24
N VAL J 249 100.11 -80.07 -83.18
CA VAL J 249 99.86 -79.64 -81.80
C VAL J 249 101.14 -79.09 -81.15
N PHE J 250 101.00 -78.10 -80.29
CA PHE J 250 102.12 -77.49 -79.57
C PHE J 250 101.85 -77.26 -78.09
N THR J 251 102.83 -77.62 -77.26
CA THR J 251 102.84 -77.31 -75.83
C THR J 251 103.32 -75.86 -75.64
N CYS J 252 104.37 -75.53 -76.37
CA CYS J 252 104.95 -74.18 -76.42
C CYS J 252 103.91 -73.14 -76.86
N PRO J 253 104.10 -71.88 -76.43
CA PRO J 253 103.31 -70.79 -76.99
C PRO J 253 103.75 -70.42 -78.42
N LEU J 254 102.78 -70.19 -79.31
CA LEU J 254 103.06 -69.74 -80.68
C LEU J 254 103.42 -68.25 -80.68
N ASP J 255 104.58 -67.95 -80.12
CA ASP J 255 105.10 -66.58 -80.03
C ASP J 255 106.62 -66.70 -79.95
N ILE J 256 107.33 -65.57 -80.10
CA ILE J 256 108.80 -65.56 -80.05
C ILE J 256 109.24 -66.18 -78.73
N ALA J 257 110.11 -67.18 -78.83
CA ALA J 257 110.51 -67.98 -77.67
C ALA J 257 111.36 -67.18 -76.68
N ASN J 258 110.75 -66.77 -75.58
CA ASN J 258 111.46 -66.12 -74.48
C ASN J 258 112.14 -67.15 -73.60
N THR J 259 113.16 -66.70 -72.87
CA THR J 259 113.84 -67.56 -71.91
C THR J 259 113.19 -67.42 -70.54
N GLU J 260 113.38 -68.43 -69.70
CA GLU J 260 112.82 -68.46 -68.35
C GLU J 260 113.45 -67.38 -67.45
N THR J 261 114.71 -67.03 -67.75
CA THR J 261 115.43 -65.98 -67.03
C THR J 261 115.18 -64.60 -67.65
N LYS J 262 114.91 -63.61 -66.80
CA LYS J 262 114.54 -62.24 -67.21
C LYS J 262 115.15 -61.79 -68.54
N GLY J 263 114.29 -61.63 -69.54
CA GLY J 263 114.71 -61.21 -70.87
C GLY J 263 114.75 -59.70 -70.97
N THR J 264 115.97 -59.15 -70.95
CA THR J 264 116.20 -57.73 -71.16
C THR J 264 116.76 -57.57 -72.57
N VAL J 265 116.41 -56.47 -73.23
CA VAL J 265 116.85 -56.21 -74.60
C VAL J 265 117.77 -54.99 -74.66
N LEU J 266 119.07 -55.22 -74.49
CA LEU J 266 120.05 -54.13 -74.44
C LEU J 266 120.42 -53.60 -75.82
N LEU J 267 119.93 -52.41 -76.13
CA LEU J 267 120.23 -51.76 -77.40
C LEU J 267 121.38 -50.76 -77.25
N HIS J 268 122.43 -50.93 -78.06
CA HIS J 268 123.62 -50.07 -77.98
C HIS J 268 123.63 -48.99 -79.06
N ASN J 269 123.65 -49.44 -80.32
CA ASN J 269 123.63 -48.53 -81.47
C ASN J 269 122.22 -48.37 -82.02
N ALA J 270 122.00 -47.27 -82.75
CA ALA J 270 120.71 -47.00 -83.38
C ALA J 270 120.41 -48.00 -84.51
N GLN J 271 121.46 -48.57 -85.09
CA GLN J 271 121.37 -49.58 -86.15
C GLN J 271 120.74 -50.89 -85.67
N GLU J 272 120.62 -51.02 -84.34
CA GLU J 272 119.99 -52.19 -83.70
C GLU J 272 118.47 -52.06 -83.62
N MET J 273 117.97 -50.84 -83.42
CA MET J 273 116.54 -50.62 -83.23
C MET J 273 115.72 -51.03 -84.44
N LEU J 274 116.05 -50.46 -85.61
CA LEU J 274 115.39 -50.85 -86.85
C LEU J 274 115.46 -52.37 -87.03
N ASP J 275 116.68 -52.89 -87.04
CA ASP J 275 116.97 -54.30 -87.33
C ASP J 275 116.38 -55.29 -86.33
N PHE J 276 116.24 -54.87 -85.07
CA PHE J 276 115.61 -55.72 -84.07
C PHE J 276 114.13 -55.89 -84.38
N SER J 277 113.42 -54.77 -84.52
CA SER J 277 111.98 -54.77 -84.70
C SER J 277 111.56 -55.40 -86.03
N LYS J 278 112.27 -55.05 -87.10
CA LYS J 278 112.00 -55.63 -88.41
C LYS J 278 112.52 -57.07 -88.51
N GLY J 279 113.52 -57.39 -87.70
CA GLY J 279 114.07 -58.74 -87.63
C GLY J 279 113.17 -59.65 -86.82
N GLU J 280 112.44 -59.05 -85.90
CA GLU J 280 111.43 -59.75 -85.10
C GLU J 280 110.30 -60.21 -86.01
N GLU J 281 109.89 -59.34 -86.93
CA GLU J 281 108.90 -59.67 -87.95
C GLU J 281 109.26 -61.00 -88.60
N LYS J 282 110.47 -61.04 -89.17
CA LYS J 282 110.97 -62.23 -89.86
C LYS J 282 111.22 -63.41 -88.91
N GLN J 283 111.62 -63.10 -87.67
CA GLN J 283 111.97 -64.13 -86.67
C GLN J 283 110.85 -65.14 -86.43
N ILE J 284 109.61 -64.66 -86.48
CA ILE J 284 108.44 -65.51 -86.26
C ILE J 284 107.67 -65.85 -87.54
N ASP J 285 107.86 -65.03 -88.57
CA ASP J 285 107.35 -65.38 -89.90
C ASP J 285 108.07 -66.66 -90.35
N ALA J 286 109.37 -66.74 -90.02
CA ALA J 286 110.19 -67.91 -90.31
C ALA J 286 109.84 -69.08 -89.41
N MET J 287 109.36 -68.79 -88.20
CA MET J 287 108.81 -69.83 -87.34
C MET J 287 107.59 -70.44 -88.04
N MET J 288 106.68 -69.58 -88.49
CA MET J 288 105.41 -69.98 -89.08
C MET J 288 105.56 -70.66 -90.44
N LYS J 289 106.58 -70.25 -91.19
CA LYS J 289 106.83 -70.77 -92.53
C LYS J 289 107.31 -72.22 -92.50
N GLU J 290 108.10 -72.57 -91.49
CA GLU J 290 108.57 -73.94 -91.31
C GLU J 290 107.44 -74.89 -90.96
N ILE J 291 106.30 -74.34 -90.56
CA ILE J 291 105.08 -75.11 -90.24
C ILE J 291 104.09 -75.13 -91.42
N ALA J 292 104.03 -74.02 -92.16
CA ALA J 292 103.17 -73.95 -93.34
C ALA J 292 103.71 -74.81 -94.47
N ASP J 293 105.04 -74.82 -94.63
CA ASP J 293 105.70 -75.58 -95.69
C ASP J 293 105.66 -77.10 -95.45
N MET J 294 105.15 -77.50 -94.28
CA MET J 294 104.94 -78.91 -93.96
C MET J 294 103.53 -79.37 -94.32
N GLY J 295 102.71 -78.43 -94.82
CA GLY J 295 101.37 -78.74 -95.30
C GLY J 295 100.35 -78.93 -94.19
N VAL J 296 100.41 -78.06 -93.18
CA VAL J 296 99.54 -78.10 -92.00
C VAL J 296 98.36 -77.14 -92.17
N GLU J 297 97.15 -77.63 -91.85
CA GLU J 297 95.92 -76.85 -92.03
C GLU J 297 95.22 -76.47 -90.72
N CYS J 298 95.78 -76.91 -89.58
CA CYS J 298 95.18 -76.64 -88.26
C CYS J 298 96.20 -76.78 -87.12
N ILE J 299 96.43 -75.68 -86.41
CA ILE J 299 97.35 -75.67 -85.26
C ILE J 299 96.62 -75.42 -83.94
N VAL J 300 96.64 -76.43 -83.08
CA VAL J 300 95.99 -76.39 -81.77
C VAL J 300 96.99 -75.96 -80.69
N ALA J 301 96.82 -74.75 -80.17
CA ALA J 301 97.71 -74.24 -79.13
C ALA J 301 97.14 -74.38 -77.72
N GLY J 302 97.88 -75.10 -76.87
CA GLY J 302 97.57 -75.19 -75.46
C GLY J 302 97.98 -73.91 -74.76
N ALA J 303 99.19 -73.43 -75.08
CA ALA J 303 99.70 -72.19 -74.49
C ALA J 303 99.26 -70.95 -75.28
N GLY J 304 100.02 -69.87 -75.13
CA GLY J 304 99.69 -68.59 -75.75
C GLY J 304 100.01 -68.49 -77.23
N VAL J 305 99.53 -67.42 -77.85
CA VAL J 305 99.79 -67.11 -79.25
C VAL J 305 100.00 -65.60 -79.35
N GLY J 306 101.13 -65.19 -79.94
CA GLY J 306 101.43 -63.77 -80.15
C GLY J 306 100.63 -63.14 -81.27
N GLU J 307 100.42 -61.82 -81.19
CA GLU J 307 99.60 -61.10 -82.17
C GLU J 307 100.30 -60.92 -83.52
N LEU J 308 101.63 -60.95 -83.50
CA LEU J 308 102.44 -60.92 -84.72
C LEU J 308 102.44 -62.30 -85.40
N ALA J 309 102.47 -63.34 -84.58
CA ALA J 309 102.54 -64.72 -85.07
C ALA J 309 101.24 -65.18 -85.71
N LEU J 310 100.11 -64.82 -85.12
CA LEU J 310 98.79 -65.15 -85.67
C LEU J 310 98.52 -64.36 -86.95
N HIS J 311 99.18 -63.21 -87.09
CA HIS J 311 99.06 -62.35 -88.26
C HIS J 311 99.61 -63.04 -89.51
N TYR J 312 100.78 -63.67 -89.39
CA TYR J 312 101.39 -64.38 -90.52
C TYR J 312 100.66 -65.68 -90.81
N LEU J 313 100.24 -66.38 -89.75
CA LEU J 313 99.45 -67.59 -89.88
C LEU J 313 98.09 -67.29 -90.50
N ASN J 314 97.56 -66.09 -90.19
CA ASN J 314 96.31 -65.58 -90.76
C ASN J 314 96.41 -65.47 -92.28
N ARG J 315 97.56 -65.02 -92.77
CA ARG J 315 97.81 -64.87 -94.21
C ARG J 315 98.08 -66.21 -94.89
N TYR J 316 98.69 -67.14 -94.15
CA TYR J 316 99.06 -68.45 -94.67
C TYR J 316 97.85 -69.41 -94.73
N GLY J 317 96.68 -68.90 -94.34
CA GLY J 317 95.41 -69.61 -94.45
C GLY J 317 95.29 -70.80 -93.53
N ILE J 318 95.52 -70.57 -92.24
CA ILE J 318 95.53 -71.65 -91.25
C ILE J 318 94.67 -71.31 -90.02
N LEU J 319 93.81 -72.26 -89.65
CA LEU J 319 92.94 -72.15 -88.47
C LEU J 319 93.74 -72.25 -87.17
N VAL J 320 93.32 -71.47 -86.16
CA VAL J 320 93.97 -71.47 -84.84
C VAL J 320 92.94 -71.73 -83.73
N LEU J 321 93.33 -72.56 -82.76
CA LEU J 321 92.43 -73.00 -81.68
C LEU J 321 93.09 -72.89 -80.29
N LYS J 322 93.19 -71.67 -79.77
CA LYS J 322 93.78 -71.44 -78.44
C LYS J 322 92.79 -71.77 -77.33
N VAL J 323 93.31 -71.85 -76.09
CA VAL J 323 92.53 -72.08 -74.83
C VAL J 323 92.75 -73.44 -74.11
N PRO J 324 92.89 -74.57 -74.85
CA PRO J 324 93.06 -75.87 -74.17
C PRO J 324 93.97 -75.86 -72.93
N SER J 325 93.51 -76.49 -71.86
CA SER J 325 94.42 -76.89 -70.80
C SER J 325 94.92 -78.29 -71.14
N LYS J 326 95.70 -78.90 -70.25
CA LYS J 326 96.29 -80.22 -70.50
C LYS J 326 95.29 -81.35 -70.77
N PHE J 327 94.05 -81.19 -70.29
CA PHE J 327 92.97 -82.15 -70.51
C PHE J 327 92.72 -82.41 -72.01
N GLU J 328 92.55 -81.32 -72.75
CA GLU J 328 92.12 -81.38 -74.14
C GLU J 328 93.27 -81.85 -75.02
N LEU J 329 94.45 -81.28 -74.81
CA LEU J 329 95.64 -81.60 -75.61
C LEU J 329 95.92 -83.11 -75.66
N ARG J 330 95.38 -83.84 -74.70
CA ARG J 330 95.54 -85.30 -74.63
C ARG J 330 94.36 -86.07 -75.25
N ARG J 331 93.15 -85.56 -75.08
CA ARG J 331 91.94 -86.19 -75.62
C ARG J 331 91.67 -85.82 -77.09
N LEU J 332 92.29 -84.72 -77.53
CA LEU J 332 92.30 -84.35 -78.96
C LEU J 332 93.40 -85.14 -79.67
N CYS J 333 94.52 -85.34 -78.97
CA CYS J 333 95.65 -86.12 -79.48
C CYS J 333 95.23 -87.53 -79.92
N ARG J 334 94.30 -88.14 -79.17
CA ARG J 334 93.86 -89.51 -79.47
C ARG J 334 92.84 -89.63 -80.61
N VAL J 335 92.12 -88.56 -80.91
CA VAL J 335 91.11 -88.64 -81.98
C VAL J 335 91.69 -88.35 -83.37
N CYS J 336 92.50 -87.29 -83.48
CA CYS J 336 93.12 -86.94 -84.75
C CYS J 336 94.36 -87.80 -85.03
N GLY J 337 95.06 -88.18 -83.95
CA GLY J 337 96.23 -89.04 -84.06
C GLY J 337 97.53 -88.29 -84.20
N ALA J 338 97.60 -87.10 -83.59
CA ALA J 338 98.80 -86.28 -83.62
C ALA J 338 99.73 -86.61 -82.46
N THR J 339 100.85 -85.89 -82.37
CA THR J 339 101.76 -85.98 -81.22
C THR J 339 102.29 -84.57 -80.93
N PRO J 340 101.93 -84.02 -79.74
CA PRO J 340 102.32 -82.65 -79.36
C PRO J 340 103.80 -82.51 -78.97
N LEU J 341 104.47 -81.54 -79.57
CA LEU J 341 105.88 -81.27 -79.28
C LEU J 341 106.09 -79.89 -78.62
N PRO J 342 106.83 -79.86 -77.50
CA PRO J 342 107.17 -78.60 -76.84
C PRO J 342 108.19 -77.77 -77.61
N ARG J 343 109.14 -78.44 -78.27
CA ARG J 343 110.17 -77.78 -79.08
C ARG J 343 109.61 -77.32 -80.43
N LEU J 344 109.42 -76.00 -80.55
CA LEU J 344 108.78 -75.39 -81.72
C LEU J 344 109.55 -75.63 -83.04
N GLY J 345 110.77 -76.13 -82.93
CA GLY J 345 111.65 -76.30 -84.09
C GLY J 345 111.53 -77.61 -84.86
N ALA J 346 110.65 -78.51 -84.43
CA ALA J 346 110.53 -79.83 -85.08
C ALA J 346 109.10 -80.25 -85.49
N PRO J 347 108.49 -79.54 -86.46
CA PRO J 347 107.19 -79.99 -86.96
C PRO J 347 107.33 -81.19 -87.91
N THR J 348 107.41 -82.38 -87.33
CA THR J 348 107.63 -83.61 -88.10
C THR J 348 106.36 -84.13 -88.78
N PRO J 349 106.50 -84.66 -90.01
CA PRO J 349 105.37 -85.25 -90.73
C PRO J 349 104.94 -86.58 -90.11
N GLU J 350 105.89 -87.23 -89.43
CA GLU J 350 105.63 -88.49 -88.75
C GLU J 350 104.93 -88.28 -87.39
N GLU J 351 104.71 -87.03 -87.02
CA GLU J 351 104.07 -86.69 -85.75
C GLU J 351 102.87 -85.75 -85.92
N LEU J 352 102.36 -85.65 -87.15
CA LEU J 352 101.19 -84.82 -87.44
C LEU J 352 99.88 -85.58 -87.24
N GLY J 353 98.76 -84.85 -87.31
CA GLY J 353 97.43 -85.44 -87.19
C GLY J 353 96.61 -85.37 -88.46
N LEU J 354 95.37 -85.83 -88.39
CA LEU J 354 94.45 -85.87 -89.54
C LEU J 354 93.00 -85.83 -89.06
N VAL J 355 92.26 -84.81 -89.49
CA VAL J 355 90.86 -84.61 -89.05
C VAL J 355 89.92 -84.56 -90.26
N GLU J 356 88.70 -85.06 -90.07
CA GLU J 356 87.70 -85.09 -91.15
C GLU J 356 86.93 -83.77 -91.33
N THR J 357 86.60 -83.09 -90.22
CA THR J 357 85.88 -81.81 -90.27
C THR J 357 86.20 -80.91 -89.06
N VAL J 358 86.57 -79.66 -89.34
CA VAL J 358 86.82 -78.66 -88.29
C VAL J 358 86.09 -77.35 -88.63
N LYS J 359 84.81 -77.28 -88.26
CA LYS J 359 83.96 -76.13 -88.58
C LYS J 359 83.35 -75.45 -87.35
N THR J 360 82.76 -74.26 -87.58
CA THR J 360 82.12 -73.49 -86.51
C THR J 360 80.61 -73.75 -86.48
N MET J 361 80.22 -74.90 -85.95
CA MET J 361 78.80 -75.24 -85.77
C MET J 361 78.26 -74.56 -84.52
N GLU J 362 77.25 -73.72 -84.71
CA GLU J 362 76.72 -72.88 -83.63
C GLU J 362 75.55 -73.54 -82.89
N ILE J 363 75.81 -73.95 -81.66
CA ILE J 363 74.83 -74.68 -80.83
C ILE J 363 74.36 -73.86 -79.64
N GLY J 364 73.06 -73.60 -79.56
CA GLY J 364 72.46 -72.80 -78.50
C GLY J 364 72.82 -71.33 -78.60
N GLY J 365 73.43 -70.96 -79.73
CA GLY J 365 73.90 -69.59 -79.97
C GLY J 365 75.40 -69.41 -79.79
N ASP J 366 76.06 -70.42 -79.20
CA ASP J 366 77.50 -70.36 -78.92
C ASP J 366 78.35 -70.76 -80.13
N ARG J 367 79.36 -69.94 -80.46
CA ARG J 367 80.28 -70.25 -81.56
C ARG J 367 81.29 -71.33 -81.17
N VAL J 368 80.92 -72.58 -81.45
CA VAL J 368 81.65 -73.75 -80.96
C VAL J 368 82.42 -74.43 -82.10
N THR J 369 83.64 -74.86 -81.79
CA THR J 369 84.49 -75.57 -82.77
C THR J 369 84.35 -77.09 -82.61
N VAL J 370 84.20 -77.78 -83.74
CA VAL J 370 84.00 -79.23 -83.73
C VAL J 370 85.25 -79.94 -84.26
N PHE J 371 85.46 -81.20 -83.85
CA PHE J 371 86.62 -81.98 -84.25
C PHE J 371 86.25 -83.42 -84.64
N LYS J 372 85.16 -83.56 -85.38
CA LYS J 372 84.54 -84.86 -85.66
C LYS J 372 85.28 -85.74 -86.68
N GLN J 373 85.37 -87.02 -86.36
CA GLN J 373 85.93 -88.08 -87.23
C GLN J 373 87.41 -87.95 -87.59
N ARG J 380 90.65 -93.82 -81.03
CA ARG J 380 90.00 -92.51 -81.16
C ARG J 380 89.23 -92.17 -79.90
N THR J 381 88.96 -90.87 -79.75
CA THR J 381 88.20 -90.34 -78.62
C THR J 381 86.91 -89.70 -79.14
N SER J 382 85.79 -89.98 -78.50
CA SER J 382 84.48 -89.45 -78.92
C SER J 382 83.81 -88.57 -77.85
N THR J 383 82.82 -87.78 -78.28
CA THR J 383 82.11 -86.83 -77.40
C THR J 383 80.59 -86.84 -77.63
N ILE J 384 79.83 -87.05 -76.56
CA ILE J 384 78.37 -86.98 -76.60
C ILE J 384 77.92 -85.56 -76.22
N ILE J 385 77.09 -84.96 -77.07
CA ILE J 385 76.50 -83.66 -76.76
C ILE J 385 75.07 -83.81 -76.23
N LEU J 386 74.97 -83.91 -74.91
CA LEU J 386 73.68 -84.04 -74.23
C LEU J 386 72.98 -82.69 -74.15
N ARG J 387 71.81 -82.61 -74.78
CA ARG J 387 71.04 -81.37 -74.85
C ARG J 387 69.71 -81.53 -74.12
N GLY J 388 69.22 -80.44 -73.55
CA GLY J 388 67.99 -80.43 -72.77
C GLY J 388 67.55 -79.02 -72.43
N ALA J 389 66.79 -78.86 -71.36
CA ALA J 389 66.27 -77.55 -70.96
C ALA J 389 66.95 -77.02 -69.70
N THR J 390 66.88 -77.82 -68.63
CA THR J 390 67.42 -77.44 -67.35
C THR J 390 68.86 -77.89 -67.22
N GLN J 391 69.77 -76.94 -67.03
CA GLN J 391 71.19 -77.23 -66.81
C GLN J 391 71.38 -78.08 -65.56
N ASN J 392 70.31 -78.18 -64.78
CA ASN J 392 70.26 -78.96 -63.54
C ASN J 392 70.19 -80.46 -63.84
N ASN J 393 69.11 -80.86 -64.53
CA ASN J 393 68.84 -82.26 -64.87
C ASN J 393 69.92 -82.86 -65.76
N LEU J 394 70.46 -82.05 -66.67
CA LEU J 394 71.52 -82.47 -67.59
C LEU J 394 72.78 -82.93 -66.86
N ASP J 395 73.01 -82.35 -65.68
CA ASP J 395 74.12 -82.75 -64.82
C ASP J 395 73.94 -84.17 -64.30
N ASP J 396 72.72 -84.52 -63.92
CA ASP J 396 72.39 -85.85 -63.38
C ASP J 396 72.49 -86.97 -64.42
N ILE J 397 71.95 -86.73 -65.62
CA ILE J 397 71.97 -87.72 -66.68
C ILE J 397 73.37 -87.90 -67.29
N GLU J 398 74.28 -86.99 -66.95
CA GLU J 398 75.71 -87.17 -67.22
C GLU J 398 76.29 -88.21 -66.26
N ARG J 399 75.81 -88.20 -65.02
CA ARG J 399 76.20 -89.20 -64.03
C ARG J 399 75.56 -90.55 -64.32
N ALA J 400 74.37 -90.53 -64.93
CA ALA J 400 73.71 -91.75 -65.40
C ALA J 400 74.50 -92.35 -66.56
N ILE J 401 74.92 -91.50 -67.49
CA ILE J 401 75.77 -91.90 -68.60
C ILE J 401 77.11 -92.43 -68.11
N ASP J 402 77.71 -91.75 -67.14
CA ASP J 402 78.99 -92.18 -66.58
C ASP J 402 78.90 -93.49 -65.79
N ASP J 403 77.69 -93.83 -65.32
CA ASP J 403 77.43 -95.13 -64.68
C ASP J 403 77.61 -96.29 -65.67
N GLY J 404 77.03 -96.15 -66.86
CA GLY J 404 77.14 -97.15 -67.92
C GLY J 404 78.50 -97.12 -68.62
N VAL J 405 79.04 -95.91 -68.78
CA VAL J 405 80.38 -95.71 -69.35
C VAL J 405 81.41 -96.47 -68.53
N ALA J 406 81.29 -96.37 -67.21
CA ALA J 406 82.17 -97.10 -66.29
C ALA J 406 81.77 -98.57 -66.17
N ALA J 407 80.51 -98.88 -66.48
CA ALA J 407 80.04 -100.26 -66.49
C ALA J 407 80.62 -101.04 -67.69
N VAL J 408 80.91 -100.32 -68.76
CA VAL J 408 81.54 -100.91 -69.95
C VAL J 408 83.01 -101.26 -69.68
N LYS J 409 83.73 -100.34 -69.02
CA LYS J 409 85.13 -100.57 -68.65
C LYS J 409 85.24 -101.74 -67.66
N GLY J 410 84.17 -102.00 -66.93
CA GLY J 410 84.12 -103.10 -65.98
C GLY J 410 83.84 -104.44 -66.61
N LEU J 411 83.41 -104.42 -67.88
CA LEU J 411 83.19 -105.62 -68.68
C LEU J 411 84.50 -106.11 -69.30
N MET J 412 85.30 -105.16 -69.76
CA MET J 412 86.54 -105.41 -70.51
C MET J 412 87.68 -105.99 -69.68
N LYS J 413 88.04 -105.28 -68.61
CA LYS J 413 89.19 -105.62 -67.77
C LYS J 413 89.11 -107.05 -67.18
N PRO J 414 88.16 -107.32 -66.25
CA PRO J 414 88.00 -108.70 -65.76
C PRO J 414 87.73 -109.69 -66.91
N SER J 415 88.26 -110.91 -66.76
CA SER J 415 88.18 -111.92 -67.83
C SER J 415 86.74 -112.25 -68.23
N GLY J 416 85.84 -112.24 -67.25
CA GLY J 416 84.43 -112.52 -67.50
C GLY J 416 83.56 -111.30 -67.31
N GLY J 417 82.78 -110.98 -68.35
CA GLY J 417 81.77 -109.93 -68.29
C GLY J 417 80.59 -110.41 -67.47
N LYS J 418 79.99 -111.51 -67.92
CA LYS J 418 78.98 -112.28 -67.16
C LYS J 418 77.64 -111.55 -66.98
N LEU J 419 76.60 -112.28 -66.57
CA LEU J 419 75.26 -111.72 -66.34
C LEU J 419 74.46 -112.44 -65.25
N LEU J 420 73.72 -111.65 -64.48
CA LEU J 420 72.82 -112.15 -63.43
C LEU J 420 71.38 -111.68 -63.69
N PRO J 421 70.38 -112.51 -63.33
CA PRO J 421 68.98 -112.08 -63.46
C PRO J 421 68.58 -111.06 -62.39
N GLY J 422 68.42 -109.80 -62.80
CA GLY J 422 68.15 -108.69 -61.88
C GLY J 422 66.72 -108.59 -61.41
N ALA J 423 66.25 -107.35 -61.25
CA ALA J 423 64.87 -107.04 -60.82
C ALA J 423 64.41 -107.75 -59.53
N GLY J 424 65.34 -108.41 -58.85
CA GLY J 424 65.03 -109.15 -57.64
C GLY J 424 65.36 -110.63 -57.71
N ALA J 425 65.24 -111.21 -58.90
CA ALA J 425 65.48 -112.64 -59.11
C ALA J 425 66.79 -113.14 -58.48
N THR J 426 67.86 -112.36 -58.64
CA THR J 426 69.15 -112.67 -58.02
C THR J 426 69.04 -112.63 -56.49
N GLU J 427 68.31 -111.64 -55.98
CA GLU J 427 68.18 -111.42 -54.54
C GLU J 427 67.32 -112.48 -53.84
N ILE J 428 66.23 -112.89 -54.48
CA ILE J 428 65.28 -113.85 -53.90
C ILE J 428 65.84 -115.27 -53.86
N GLU J 429 66.53 -115.65 -54.95
CA GLU J 429 67.26 -116.92 -54.99
C GLU J 429 68.33 -116.94 -53.90
N LEU J 430 68.84 -115.77 -53.52
CA LEU J 430 69.79 -115.65 -52.42
C LEU J 430 69.13 -115.87 -51.04
N ILE J 431 67.93 -115.33 -50.86
CA ILE J 431 67.17 -115.53 -49.61
C ILE J 431 66.96 -117.02 -49.34
N SER J 432 66.58 -117.74 -50.40
CA SER J 432 66.36 -119.18 -50.32
C SER J 432 67.69 -119.92 -50.09
N ARG J 433 68.73 -119.58 -50.87
CA ARG J 433 70.02 -120.28 -50.84
C ARG J 433 70.86 -120.02 -49.59
N ILE J 434 70.76 -118.81 -49.03
CA ILE J 434 71.53 -118.45 -47.82
C ILE J 434 70.94 -119.15 -46.57
N THR J 435 69.62 -119.26 -46.52
CA THR J 435 68.95 -119.98 -45.43
C THR J 435 69.29 -121.48 -45.47
N LYS J 436 69.47 -122.01 -46.68
CA LYS J 436 69.90 -123.39 -46.89
C LYS J 436 71.27 -123.65 -46.26
N TYR J 437 72.15 -122.64 -46.32
CA TYR J 437 73.44 -122.69 -45.63
C TYR J 437 73.27 -122.38 -44.15
N GLY J 438 72.18 -121.69 -43.82
CA GLY J 438 71.84 -121.43 -42.42
C GLY J 438 71.59 -122.70 -41.65
N GLU J 439 70.66 -123.52 -42.14
CA GLU J 439 70.21 -124.74 -41.46
C GLU J 439 71.25 -125.88 -41.45
N ARG J 440 72.34 -125.71 -42.19
CA ARG J 440 73.39 -126.72 -42.32
C ARG J 440 74.47 -126.63 -41.25
N THR J 441 74.49 -125.52 -40.50
CA THR J 441 75.65 -125.14 -39.69
C THR J 441 75.61 -125.44 -38.17
N PRO J 442 74.47 -125.96 -37.65
CA PRO J 442 74.08 -125.81 -36.25
C PRO J 442 74.80 -124.71 -35.44
N GLY J 443 74.85 -124.86 -34.12
CA GLY J 443 75.47 -123.88 -33.24
C GLY J 443 74.69 -122.58 -33.06
N LEU J 444 75.30 -121.62 -32.37
CA LEU J 444 74.70 -120.30 -32.10
C LEU J 444 74.78 -119.40 -33.32
N LEU J 445 75.80 -119.64 -34.16
CA LEU J 445 76.09 -118.84 -35.34
C LEU J 445 74.99 -118.93 -36.41
N GLN J 446 74.13 -119.94 -36.29
CA GLN J 446 73.08 -120.24 -37.27
C GLN J 446 72.15 -119.07 -37.54
N LEU J 447 71.80 -118.36 -36.48
CA LEU J 447 70.87 -117.25 -36.57
C LEU J 447 71.40 -116.03 -37.33
N ALA J 448 72.69 -115.75 -37.17
CA ALA J 448 73.33 -114.64 -37.89
C ALA J 448 73.35 -114.88 -39.39
N ILE J 449 73.52 -116.14 -39.79
CA ILE J 449 73.50 -116.54 -41.20
C ILE J 449 72.08 -116.46 -41.75
N LYS J 450 71.11 -116.85 -40.93
CA LYS J 450 69.71 -116.84 -41.32
C LYS J 450 69.14 -115.42 -41.46
N GLN J 451 69.55 -114.51 -40.57
CA GLN J 451 69.12 -113.12 -40.64
C GLN J 451 69.79 -112.39 -41.79
N PHE J 452 71.04 -112.76 -42.08
CA PHE J 452 71.78 -112.22 -43.21
C PHE J 452 70.97 -112.37 -44.49
N ALA J 453 70.16 -113.43 -44.55
CA ALA J 453 69.30 -113.69 -45.69
C ALA J 453 68.10 -112.74 -45.72
N VAL J 454 67.37 -112.67 -44.60
CA VAL J 454 66.18 -111.83 -44.49
C VAL J 454 66.45 -110.37 -44.88
N ALA J 455 67.70 -109.94 -44.69
CA ALA J 455 68.13 -108.58 -45.06
C ALA J 455 68.09 -108.33 -46.56
N PHE J 456 68.17 -109.40 -47.35
CA PHE J 456 68.11 -109.30 -48.81
C PHE J 456 66.70 -109.12 -49.34
N GLU J 457 65.72 -109.12 -48.43
CA GLU J 457 64.34 -108.84 -48.80
C GLU J 457 64.14 -107.37 -49.17
N VAL J 458 65.14 -106.55 -48.88
CA VAL J 458 65.05 -105.11 -49.10
C VAL J 458 65.07 -104.71 -50.58
N VAL J 459 65.94 -105.35 -51.38
CA VAL J 459 66.08 -105.02 -52.80
C VAL J 459 64.76 -105.13 -53.60
N PRO J 460 64.02 -106.25 -53.47
CA PRO J 460 62.71 -106.33 -54.14
C PRO J 460 61.62 -105.53 -53.42
N ARG J 461 61.65 -105.55 -52.09
CA ARG J 461 60.70 -104.84 -51.24
C ARG J 461 60.69 -103.34 -51.56
N THR J 462 61.87 -102.75 -51.74
CA THR J 462 61.98 -101.33 -52.11
C THR J 462 61.59 -101.07 -53.55
N LEU J 463 61.83 -102.06 -54.42
CA LEU J 463 61.38 -101.98 -55.81
C LEU J 463 59.84 -101.98 -55.88
N ALA J 464 59.23 -102.78 -55.01
CA ALA J 464 57.77 -102.82 -54.88
C ALA J 464 57.21 -101.56 -54.21
N GLU J 465 57.86 -101.15 -53.12
CA GLU J 465 57.42 -99.98 -52.34
C GLU J 465 57.53 -98.68 -53.13
N THR J 466 58.47 -98.63 -54.08
CA THR J 466 58.62 -97.47 -54.95
C THR J 466 57.56 -97.45 -56.05
N ALA J 467 57.10 -98.63 -56.44
CA ALA J 467 56.05 -98.78 -57.46
C ALA J 467 54.65 -98.57 -56.88
N GLY J 468 54.55 -98.70 -55.56
CA GLY J 468 53.26 -98.58 -54.88
C GLY J 468 52.42 -99.83 -55.10
N LEU J 469 52.94 -100.94 -54.60
CA LEU J 469 52.25 -102.24 -54.67
C LEU J 469 52.16 -102.83 -53.27
N ASP J 470 51.19 -103.73 -53.07
CA ASP J 470 51.05 -104.45 -51.81
C ASP J 470 52.30 -105.26 -51.46
N VAL J 471 53.14 -104.68 -50.61
CA VAL J 471 54.34 -105.34 -50.09
C VAL J 471 53.97 -106.72 -49.54
N ASN J 472 52.84 -106.79 -48.85
CA ASN J 472 52.36 -108.03 -48.24
C ASN J 472 51.76 -109.04 -49.23
N GLU J 473 51.52 -108.61 -50.48
CA GLU J 473 50.93 -109.49 -51.51
C GLU J 473 51.87 -109.79 -52.68
N VAL J 474 52.93 -109.00 -52.83
CA VAL J 474 53.91 -109.21 -53.90
C VAL J 474 55.00 -110.21 -53.47
N LEU J 475 55.60 -109.96 -52.31
CA LEU J 475 56.66 -110.81 -51.76
C LEU J 475 56.28 -112.31 -51.64
N PRO J 476 55.08 -112.63 -51.11
CA PRO J 476 54.66 -114.04 -51.11
C PRO J 476 54.42 -114.61 -52.51
N ASN J 477 53.96 -113.77 -53.43
CA ASN J 477 53.76 -114.18 -54.82
C ASN J 477 55.07 -114.28 -55.59
N LEU J 478 56.09 -113.58 -55.12
CA LEU J 478 57.42 -113.62 -55.72
C LEU J 478 58.24 -114.80 -55.22
N TYR J 479 58.15 -115.10 -53.92
CA TYR J 479 58.80 -116.29 -53.35
C TYR J 479 58.20 -117.59 -53.91
N ALA J 480 56.86 -117.63 -53.96
CA ALA J 480 56.13 -118.81 -54.43
C ALA J 480 56.54 -119.24 -55.83
N ALA J 481 56.70 -118.27 -56.72
CA ALA J 481 57.10 -118.54 -58.11
C ALA J 481 58.59 -118.83 -58.26
N HIS J 482 59.32 -118.83 -57.14
CA HIS J 482 60.77 -119.00 -57.16
C HIS J 482 61.20 -120.31 -56.47
N ASN J 483 60.26 -121.23 -56.29
CA ASN J 483 60.52 -122.50 -55.64
C ASN J 483 60.53 -123.66 -56.62
N THR J 492 64.70 -125.55 -65.23
CA THR J 492 64.92 -124.43 -64.30
C THR J 492 64.41 -123.14 -64.94
N ASP J 493 63.15 -122.81 -64.67
CA ASP J 493 62.54 -121.55 -65.12
C ASP J 493 62.24 -120.62 -63.95
N HIS J 494 62.40 -121.15 -62.73
CA HIS J 494 62.21 -120.38 -61.50
C HIS J 494 63.33 -119.37 -61.31
N LEU J 495 64.53 -119.69 -61.83
CA LEU J 495 65.72 -118.85 -61.67
C LEU J 495 65.58 -117.44 -62.24
N TYR J 496 64.73 -117.27 -63.26
CA TYR J 496 64.57 -115.99 -63.94
C TYR J 496 63.58 -115.02 -63.28
N LYS J 497 62.67 -115.53 -62.46
CA LYS J 497 61.53 -114.75 -61.96
C LYS J 497 61.90 -113.63 -60.95
N GLY J 498 61.74 -112.38 -61.38
CA GLY J 498 61.95 -111.20 -60.54
C GLY J 498 60.93 -110.09 -60.79
N VAL J 499 60.68 -109.27 -59.76
CA VAL J 499 59.58 -108.28 -59.72
C VAL J 499 59.54 -107.27 -60.87
N ASP J 500 58.32 -106.86 -61.24
CA ASP J 500 58.07 -105.92 -62.34
C ASP J 500 57.06 -104.80 -61.96
N ILE J 501 57.03 -103.76 -62.79
CA ILE J 501 56.17 -102.58 -62.62
C ILE J 501 54.93 -102.66 -63.53
N ASP J 502 53.86 -101.96 -63.13
CA ASP J 502 52.59 -101.75 -63.91
C ASP J 502 51.36 -102.51 -63.36
N GLY J 503 50.22 -102.35 -64.04
CA GLY J 503 48.92 -102.91 -63.60
C GLY J 503 48.67 -104.38 -63.88
N GLU J 504 49.16 -104.88 -65.02
CA GLU J 504 49.07 -106.31 -65.34
C GLU J 504 50.06 -107.10 -64.48
N SER J 505 51.22 -106.50 -64.24
CA SER J 505 52.23 -107.04 -63.34
C SER J 505 51.93 -106.72 -61.87
N ASP J 506 50.83 -106.00 -61.64
CA ASP J 506 50.30 -105.82 -60.28
C ASP J 506 49.89 -107.18 -59.72
N GLU J 507 49.60 -108.11 -60.62
CA GLU J 507 49.45 -109.53 -60.30
C GLU J 507 50.74 -110.06 -59.64
N GLY J 508 51.90 -109.68 -60.17
CA GLY J 508 53.17 -110.08 -59.56
C GLY J 508 54.47 -109.71 -60.25
N VAL J 509 55.00 -110.67 -61.01
CA VAL J 509 56.41 -110.68 -61.43
C VAL J 509 56.52 -110.62 -62.97
N LYS J 510 57.74 -110.80 -63.49
CA LYS J 510 57.96 -110.94 -64.94
C LYS J 510 59.15 -111.86 -65.23
N ASP J 511 59.08 -112.60 -66.33
CA ASP J 511 60.20 -113.44 -66.78
C ASP J 511 61.32 -112.55 -67.28
N ILE J 512 62.26 -112.26 -66.38
CA ILE J 512 63.34 -111.30 -66.60
C ILE J 512 64.27 -111.66 -67.79
N ARG J 513 64.25 -112.93 -68.19
CA ARG J 513 65.03 -113.42 -69.33
C ARG J 513 64.58 -112.83 -70.67
N GLU J 514 63.35 -112.30 -70.71
CA GLU J 514 62.74 -111.85 -71.96
C GLU J 514 62.64 -110.33 -72.14
N GLU J 515 62.72 -109.58 -71.04
CA GLU J 515 62.63 -108.11 -71.11
C GLU J 515 63.98 -107.42 -71.27
N ASN J 516 65.04 -108.21 -71.42
CA ASN J 516 66.42 -107.70 -71.49
C ASN J 516 66.82 -106.90 -70.26
N ILE J 517 66.50 -107.45 -69.09
CA ILE J 517 66.80 -106.81 -67.81
C ILE J 517 67.78 -107.66 -67.00
N TYR J 518 69.05 -107.28 -67.02
CA TYR J 518 70.09 -107.96 -66.25
C TYR J 518 71.05 -106.93 -65.66
N ASP J 519 71.51 -107.20 -64.43
CA ASP J 519 72.69 -106.51 -63.92
C ASP J 519 73.86 -107.48 -63.89
N MET J 520 75.09 -106.95 -63.89
CA MET J 520 76.31 -107.77 -64.02
C MET J 520 76.80 -108.38 -62.69
N LEU J 521 77.65 -109.41 -62.77
CA LEU J 521 78.17 -110.11 -61.58
C LEU J 521 79.10 -109.22 -60.76
N ALA J 522 80.02 -108.53 -61.45
CA ALA J 522 80.99 -107.64 -60.80
C ALA J 522 80.36 -106.45 -60.07
N THR J 523 79.10 -106.14 -60.40
CA THR J 523 78.33 -105.09 -59.73
C THR J 523 77.82 -105.58 -58.36
N LYS J 524 77.21 -106.77 -58.33
CA LYS J 524 76.70 -107.37 -57.08
C LYS J 524 77.80 -107.96 -56.19
N LYS J 525 78.99 -108.14 -56.75
CA LYS J 525 80.14 -108.65 -55.99
C LYS J 525 80.70 -107.58 -55.05
N PHE J 526 81.07 -106.43 -55.61
CA PHE J 526 81.58 -105.32 -54.82
C PHE J 526 80.57 -104.83 -53.79
N ALA J 527 79.29 -104.87 -54.16
CA ALA J 527 78.20 -104.40 -53.30
C ALA J 527 78.06 -105.24 -52.03
N ILE J 528 77.74 -106.53 -52.20
CA ILE J 528 77.50 -107.43 -51.09
C ILE J 528 78.74 -107.61 -50.21
N ASN J 529 79.92 -107.35 -50.78
CA ASN J 529 81.17 -107.43 -50.02
C ASN J 529 81.47 -106.18 -49.19
N VAL J 530 81.33 -105.01 -49.80
CA VAL J 530 81.58 -103.73 -49.12
C VAL J 530 80.49 -103.44 -48.08
N ALA J 531 79.27 -103.86 -48.38
CA ALA J 531 78.14 -103.73 -47.46
C ALA J 531 78.26 -104.64 -46.24
N THR J 532 78.93 -105.77 -46.39
CA THR J 532 79.17 -106.69 -45.27
C THR J 532 80.32 -106.18 -44.39
N GLU J 533 81.30 -105.53 -45.00
CA GLU J 533 82.38 -104.88 -44.26
C GLU J 533 81.85 -103.69 -43.47
N ALA J 534 81.00 -102.90 -44.14
CA ALA J 534 80.41 -101.68 -43.56
C ALA J 534 79.50 -101.95 -42.37
N ALA J 535 78.74 -103.04 -42.42
CA ALA J 535 77.86 -103.45 -41.32
C ALA J 535 78.61 -104.20 -40.20
N THR J 536 79.71 -104.86 -40.57
CA THR J 536 80.59 -105.52 -39.61
C THR J 536 81.36 -104.48 -38.79
N THR J 537 81.99 -103.53 -39.48
CA THR J 537 82.85 -102.52 -38.84
C THR J 537 82.10 -101.63 -37.83
N VAL J 538 80.83 -101.36 -38.09
CA VAL J 538 80.01 -100.65 -37.11
C VAL J 538 79.58 -101.56 -35.95
N LEU J 539 79.60 -102.88 -36.19
CA LEU J 539 79.32 -103.85 -35.13
C LEU J 539 80.59 -104.19 -34.33
N SER J 540 81.75 -103.82 -34.87
CA SER J 540 83.03 -104.02 -34.18
C SER J 540 83.21 -103.04 -33.02
N ILE J 541 82.57 -101.88 -33.12
CA ILE J 541 82.68 -100.81 -32.12
C ILE J 541 81.68 -101.00 -30.99
N ASP J 542 82.06 -100.54 -29.80
CA ASP J 542 81.18 -100.50 -28.64
C ASP J 542 81.51 -99.32 -27.75
N GLN J 543 82.49 -98.51 -28.19
CA GLN J 543 82.82 -97.27 -27.51
C GLN J 543 83.31 -96.21 -28.49
N ILE J 544 82.42 -95.30 -28.88
CA ILE J 544 82.78 -94.15 -29.72
C ILE J 544 83.16 -92.97 -28.83
N ILE J 545 84.24 -92.30 -29.18
CA ILE J 545 84.71 -91.14 -28.42
C ILE J 545 84.89 -89.98 -29.39
N MET J 546 84.22 -88.86 -29.11
CA MET J 546 84.25 -87.70 -29.99
C MET J 546 84.68 -86.39 -29.33
N ALA J 547 85.39 -85.57 -30.11
CA ALA J 547 85.89 -84.26 -29.67
C ALA J 547 85.01 -83.11 -30.15
N LYS J 548 85.01 -82.01 -29.41
CA LYS J 548 84.28 -80.79 -29.80
C LYS J 548 84.78 -80.25 -31.14
N LYS J 549 83.93 -79.44 -31.79
CA LYS J 549 84.16 -78.96 -33.16
C LYS J 549 85.46 -78.16 -33.36
N ASN K 2 82.91 -94.26 -18.71
CA ASN K 2 82.46 -93.05 -19.41
C ASN K 2 82.86 -91.77 -18.67
N PHE K 3 83.24 -90.74 -19.44
CA PHE K 3 83.77 -89.50 -18.88
C PHE K 3 82.66 -88.57 -18.40
N GLY K 4 81.62 -88.42 -19.22
CA GLY K 4 80.57 -87.45 -18.96
C GLY K 4 79.41 -87.93 -18.12
N SER K 5 78.91 -87.06 -17.25
CA SER K 5 77.64 -87.27 -16.56
C SER K 5 76.49 -87.04 -17.54
N GLN K 6 76.75 -86.20 -18.54
CA GLN K 6 75.83 -85.98 -19.65
C GLN K 6 76.53 -86.24 -20.99
N THR K 7 75.93 -87.11 -21.80
CA THR K 7 76.43 -87.42 -23.14
C THR K 7 75.27 -87.29 -24.12
N PRO K 8 75.10 -86.10 -24.73
CA PRO K 8 73.93 -85.70 -25.54
C PRO K 8 73.42 -86.75 -26.54
N THR K 9 73.42 -86.43 -27.83
CA THR K 9 73.04 -87.38 -28.87
C THR K 9 73.75 -87.05 -30.17
N ILE K 10 74.43 -88.07 -30.71
CA ILE K 10 75.05 -87.99 -32.03
C ILE K 10 74.07 -87.50 -33.08
N VAL K 11 74.49 -86.49 -33.84
CA VAL K 11 73.62 -85.85 -34.80
C VAL K 11 73.79 -86.51 -36.18
N VAL K 12 72.70 -86.59 -36.93
CA VAL K 12 72.72 -87.14 -38.29
C VAL K 12 73.34 -86.14 -39.28
N LEU K 13 72.84 -84.91 -39.26
CA LEU K 13 73.37 -83.81 -40.08
C LEU K 13 73.69 -82.60 -39.20
N LYS K 14 74.45 -81.64 -39.73
CA LYS K 14 74.87 -80.45 -38.96
C LYS K 14 73.71 -79.47 -38.70
N GLU K 15 73.67 -78.92 -37.49
CA GLU K 15 72.62 -77.96 -37.10
C GLU K 15 72.39 -76.88 -38.17
N GLY K 16 71.12 -76.61 -38.46
CA GLY K 16 70.75 -75.65 -39.51
C GLY K 16 70.56 -76.33 -40.86
N THR K 17 70.21 -77.62 -40.83
CA THR K 17 69.92 -78.38 -42.04
C THR K 17 68.42 -78.59 -42.22
N ASP K 18 67.90 -78.12 -43.35
CA ASP K 18 66.48 -78.15 -43.64
C ASP K 18 66.10 -79.42 -44.41
N ALA K 19 65.13 -80.17 -43.90
CA ALA K 19 64.69 -81.42 -44.51
C ALA K 19 63.17 -81.47 -44.68
N SER K 20 62.73 -81.88 -45.86
CA SER K 20 61.30 -81.94 -46.18
C SER K 20 60.95 -83.25 -46.89
N GLN K 21 59.90 -83.92 -46.41
CA GLN K 21 59.55 -85.27 -46.89
C GLN K 21 58.10 -85.40 -47.40
N GLY K 22 57.89 -86.38 -48.29
CA GLY K 22 56.55 -86.84 -48.67
C GLY K 22 55.70 -85.89 -49.51
N LYS K 23 54.41 -85.86 -49.19
CA LYS K 23 53.42 -85.05 -49.92
C LYS K 23 53.65 -83.56 -49.76
N GLY K 24 54.01 -83.15 -48.53
CA GLY K 24 54.37 -81.77 -48.26
C GLY K 24 55.34 -81.30 -49.32
N GLN K 25 56.45 -82.02 -49.45
CA GLN K 25 57.51 -81.71 -50.39
C GLN K 25 57.04 -81.52 -51.84
N ILE K 26 56.36 -82.53 -52.39
CA ILE K 26 55.92 -82.49 -53.79
C ILE K 26 54.99 -81.33 -54.06
N ILE K 27 53.95 -81.18 -53.23
CA ILE K 27 52.94 -80.12 -53.40
C ILE K 27 53.49 -78.71 -53.10
N SER K 28 54.46 -78.62 -52.18
CA SER K 28 55.12 -77.33 -51.89
C SER K 28 55.93 -76.84 -53.08
N ASN K 29 56.65 -77.76 -53.72
CA ASN K 29 57.44 -77.45 -54.90
C ASN K 29 56.58 -76.98 -56.08
N ILE K 30 55.39 -77.56 -56.23
CA ILE K 30 54.45 -77.15 -57.29
C ILE K 30 53.91 -75.73 -57.01
N ASN K 31 53.46 -75.49 -55.79
CA ASN K 31 52.96 -74.18 -55.37
C ASN K 31 54.01 -73.07 -55.53
N ALA K 32 55.25 -73.40 -55.19
CA ALA K 32 56.39 -72.48 -55.36
C ALA K 32 56.58 -72.11 -56.83
N CYS K 33 56.49 -73.10 -57.70
CA CYS K 33 56.56 -72.87 -59.13
C CYS K 33 55.37 -72.03 -59.60
N VAL K 34 54.18 -72.36 -59.11
CA VAL K 34 52.95 -71.63 -59.46
C VAL K 34 53.13 -70.13 -59.23
N ALA K 35 53.73 -69.80 -58.09
CA ALA K 35 54.02 -68.40 -57.73
C ALA K 35 54.81 -67.66 -58.79
N VAL K 36 55.93 -68.25 -59.24
CA VAL K 36 56.75 -67.65 -60.29
C VAL K 36 55.92 -67.49 -61.58
N GLN K 37 55.18 -68.53 -61.96
CA GLN K 37 54.33 -68.47 -63.15
C GLN K 37 53.29 -67.36 -63.07
N GLU K 38 52.53 -67.35 -61.97
CA GLU K 38 51.39 -66.45 -61.78
C GLU K 38 51.76 -64.99 -62.00
N ALA K 39 52.97 -64.63 -61.57
CA ALA K 39 53.46 -63.26 -61.71
C ALA K 39 54.01 -62.97 -63.10
N LEU K 40 54.30 -64.03 -63.85
CA LEU K 40 54.79 -63.87 -65.21
C LEU K 40 53.65 -63.98 -66.22
N LYS K 41 52.49 -64.42 -65.75
CA LYS K 41 51.32 -64.62 -66.62
C LYS K 41 50.75 -63.36 -67.33
N PRO K 42 50.87 -62.16 -66.73
CA PRO K 42 50.36 -60.97 -67.42
C PRO K 42 51.05 -60.62 -68.75
N THR K 43 52.37 -60.84 -68.86
CA THR K 43 53.15 -60.32 -70.00
C THR K 43 52.85 -61.02 -71.32
N LEU K 44 51.91 -61.96 -71.30
CA LEU K 44 51.58 -62.76 -72.46
C LEU K 44 50.55 -62.07 -73.34
N GLY K 45 50.77 -62.12 -74.65
CA GLY K 45 49.78 -61.68 -75.62
C GLY K 45 49.76 -60.19 -75.93
N PRO K 46 49.01 -59.80 -76.98
CA PRO K 46 49.01 -58.46 -77.56
C PRO K 46 48.69 -57.37 -76.55
N LEU K 47 47.81 -57.69 -75.59
CA LEU K 47 47.44 -56.74 -74.54
C LEU K 47 48.13 -57.10 -73.22
N GLY K 48 49.32 -57.68 -73.33
CA GLY K 48 50.12 -58.08 -72.19
C GLY K 48 50.63 -56.92 -71.36
N SER K 49 50.72 -57.16 -70.05
CA SER K 49 51.22 -56.17 -69.11
C SER K 49 52.76 -56.20 -69.07
N ASP K 50 53.37 -55.03 -68.91
CA ASP K 50 54.83 -54.94 -68.72
C ASP K 50 55.15 -54.86 -67.22
N ILE K 51 56.34 -55.32 -66.84
CA ILE K 51 56.77 -55.33 -65.43
C ILE K 51 57.93 -54.37 -65.23
N LEU K 52 57.90 -53.63 -64.12
CA LEU K 52 59.00 -52.71 -63.76
C LEU K 52 59.76 -53.24 -62.55
N ILE K 53 60.95 -53.79 -62.78
CA ILE K 53 61.75 -54.38 -61.70
C ILE K 53 62.91 -53.47 -61.33
N VAL K 54 63.04 -53.17 -60.04
CA VAL K 54 64.22 -52.48 -59.51
C VAL K 54 65.07 -53.50 -58.73
N THR K 55 66.23 -53.85 -59.29
CA THR K 55 67.13 -54.85 -58.70
C THR K 55 67.80 -54.34 -57.42
N SER K 56 68.43 -55.26 -56.68
CA SER K 56 69.05 -54.96 -55.37
C SER K 56 70.13 -53.87 -55.43
N ASN K 57 70.56 -53.54 -56.65
CA ASN K 57 71.63 -52.57 -56.88
C ASN K 57 71.15 -51.26 -57.53
N GLN K 58 69.86 -50.95 -57.33
CA GLN K 58 69.23 -49.75 -57.88
C GLN K 58 69.03 -49.76 -59.39
N LYS K 59 69.37 -50.87 -60.05
CA LYS K 59 69.18 -51.00 -61.49
C LYS K 59 67.69 -51.14 -61.81
N THR K 60 67.15 -50.14 -62.49
CA THR K 60 65.74 -50.10 -62.85
C THR K 60 65.55 -50.63 -64.26
N THR K 61 64.70 -51.64 -64.43
CA THR K 61 64.45 -52.21 -65.75
C THR K 61 62.95 -52.39 -66.00
N ILE K 62 62.53 -52.21 -67.24
CA ILE K 62 61.14 -52.41 -67.68
C ILE K 62 61.15 -53.38 -68.85
N SER K 63 60.28 -54.38 -68.82
CA SER K 63 60.31 -55.42 -69.85
C SER K 63 59.04 -56.26 -70.03
N ASN K 64 59.02 -56.99 -71.13
CA ASN K 64 57.99 -57.97 -71.44
C ASN K 64 58.65 -59.32 -71.77
N ASP K 65 59.97 -59.28 -71.92
CA ASP K 65 60.79 -60.45 -72.25
C ASP K 65 60.87 -61.39 -71.04
N GLY K 66 60.12 -62.49 -71.11
CA GLY K 66 60.03 -63.47 -70.02
C GLY K 66 61.33 -63.91 -69.37
N ALA K 67 62.32 -64.22 -70.19
CA ALA K 67 63.64 -64.61 -69.70
C ALA K 67 64.28 -63.47 -68.92
N THR K 68 64.00 -62.24 -69.33
CA THR K 68 64.56 -61.05 -68.68
C THR K 68 63.87 -60.77 -67.36
N ILE K 69 62.58 -61.06 -67.28
CA ILE K 69 61.83 -60.88 -66.04
C ILE K 69 62.23 -61.95 -65.04
N LEU K 70 62.27 -63.21 -65.49
CA LEU K 70 62.62 -64.34 -64.62
C LEU K 70 64.08 -64.36 -64.21
N LYS K 71 64.94 -63.68 -64.97
CA LYS K 71 66.37 -63.60 -64.65
C LYS K 71 66.65 -62.48 -63.63
N LEU K 72 65.96 -61.37 -63.80
CA LEU K 72 66.06 -60.22 -62.90
C LEU K 72 65.38 -60.49 -61.56
N LEU K 73 64.37 -61.36 -61.57
CA LEU K 73 63.84 -61.94 -60.35
C LEU K 73 64.87 -62.94 -59.85
N ASP K 74 65.33 -62.78 -58.61
CA ASP K 74 66.24 -63.75 -58.02
C ASP K 74 65.44 -64.89 -57.40
N VAL K 75 65.30 -65.99 -58.14
CA VAL K 75 64.58 -67.14 -57.63
C VAL K 75 65.53 -68.01 -56.80
N VAL K 76 65.24 -68.17 -55.51
CA VAL K 76 66.09 -68.97 -54.63
C VAL K 76 65.59 -70.40 -54.51
N HIS K 77 64.27 -70.55 -54.35
CA HIS K 77 63.66 -71.88 -54.24
C HIS K 77 64.21 -72.80 -55.34
N PRO K 78 64.77 -73.96 -54.94
CA PRO K 78 65.49 -74.78 -55.91
C PRO K 78 64.57 -75.42 -56.95
N ALA K 79 63.30 -75.64 -56.58
CA ALA K 79 62.31 -76.20 -57.51
C ALA K 79 61.72 -75.14 -58.43
N ALA K 80 61.73 -73.89 -57.99
CA ALA K 80 61.25 -72.78 -58.82
C ALA K 80 62.36 -72.14 -59.67
N LYS K 81 63.59 -72.60 -59.46
CA LYS K 81 64.75 -72.21 -60.30
C LYS K 81 64.74 -72.96 -61.64
N THR K 82 63.93 -74.02 -61.69
CA THR K 82 63.69 -74.80 -62.89
C THR K 82 62.98 -73.96 -63.94
N LEU K 83 62.06 -73.11 -63.49
CA LEU K 83 61.30 -72.23 -64.39
C LEU K 83 62.14 -71.09 -64.98
N VAL K 84 63.24 -70.75 -64.33
CA VAL K 84 64.17 -69.77 -64.88
C VAL K 84 65.05 -70.44 -65.96
N ASP K 85 65.50 -71.66 -65.69
CA ASP K 85 66.28 -72.46 -66.65
C ASP K 85 65.42 -72.97 -67.82
N ILE K 86 64.11 -73.07 -67.57
CA ILE K 86 63.16 -73.49 -68.60
C ILE K 86 62.89 -72.35 -69.58
N SER K 87 62.98 -71.11 -69.09
CA SER K 87 62.78 -69.94 -69.93
C SER K 87 64.09 -69.54 -70.62
N ARG K 88 65.21 -69.76 -69.92
CA ARG K 88 66.54 -69.44 -70.45
C ARG K 88 66.86 -70.27 -71.70
N ALA K 89 66.52 -71.55 -71.65
CA ALA K 89 66.72 -72.46 -72.77
C ALA K 89 65.89 -72.06 -73.99
N GLN K 90 64.73 -71.45 -73.76
CA GLN K 90 63.85 -70.98 -74.82
C GLN K 90 64.42 -69.74 -75.52
N ASP K 91 65.11 -68.89 -74.78
CA ASP K 91 65.76 -67.69 -75.35
C ASP K 91 67.01 -68.10 -76.13
N ALA K 92 67.64 -69.19 -75.69
CA ALA K 92 68.87 -69.69 -76.31
C ALA K 92 68.63 -70.33 -77.68
N GLU K 93 67.58 -71.14 -77.78
CA GLU K 93 67.28 -71.87 -79.01
C GLU K 93 66.32 -71.15 -79.93
N VAL K 94 65.42 -70.36 -79.37
CA VAL K 94 64.38 -69.69 -80.14
C VAL K 94 64.42 -68.17 -80.05
N GLY K 95 64.33 -67.64 -78.82
CA GLY K 95 64.25 -66.21 -78.61
C GLY K 95 62.88 -65.80 -78.11
N ASP K 96 61.83 -66.25 -78.82
CA ASP K 96 60.45 -66.06 -78.40
C ASP K 96 59.88 -67.30 -77.72
N GLY K 97 58.78 -67.13 -76.99
CA GLY K 97 58.17 -68.20 -76.22
C GLY K 97 58.49 -68.12 -74.73
N THR K 98 59.61 -67.48 -74.41
CA THR K 98 60.16 -67.40 -73.05
C THR K 98 59.11 -67.32 -71.95
N THR K 99 58.12 -66.45 -72.15
CA THR K 99 57.03 -66.27 -71.21
C THR K 99 56.12 -67.49 -71.21
N SER K 100 55.71 -67.92 -72.41
CA SER K 100 54.77 -69.01 -72.62
C SER K 100 55.22 -70.36 -72.06
N VAL K 101 56.52 -70.63 -72.13
CA VAL K 101 57.09 -71.90 -71.66
C VAL K 101 56.86 -72.10 -70.17
N THR K 102 57.18 -71.06 -69.40
CA THR K 102 56.99 -71.06 -67.96
C THR K 102 55.51 -71.24 -67.64
N ILE K 103 54.68 -70.44 -68.30
CA ILE K 103 53.22 -70.53 -68.18
C ILE K 103 52.74 -71.97 -68.35
N LEU K 104 53.17 -72.61 -69.44
CA LEU K 104 52.88 -74.01 -69.71
C LEU K 104 53.41 -74.94 -68.62
N ALA K 105 54.66 -74.71 -68.22
CA ALA K 105 55.32 -75.51 -67.20
C ALA K 105 54.52 -75.55 -65.91
N GLY K 106 54.22 -74.36 -65.38
CA GLY K 106 53.43 -74.23 -64.16
C GLY K 106 52.08 -74.92 -64.24
N GLU K 107 51.34 -74.63 -65.29
CA GLU K 107 49.98 -75.15 -65.45
C GLU K 107 49.91 -76.68 -65.60
N LEU K 108 51.04 -77.29 -65.98
CA LEU K 108 51.14 -78.74 -66.01
C LEU K 108 51.27 -79.28 -64.59
N MET K 109 52.17 -78.66 -63.82
CA MET K 109 52.36 -79.00 -62.42
C MET K 109 51.08 -78.71 -61.63
N LYS K 110 50.34 -77.68 -62.05
CA LYS K 110 49.12 -77.25 -61.38
C LYS K 110 47.97 -78.23 -61.58
N GLU K 111 47.86 -78.78 -62.80
CA GLU K 111 46.80 -79.72 -63.14
C GLU K 111 47.18 -81.15 -62.80
N ALA K 112 48.35 -81.32 -62.18
CA ALA K 112 48.83 -82.61 -61.68
C ALA K 112 48.63 -82.73 -60.16
N LYS K 113 48.33 -81.59 -59.53
CA LYS K 113 48.07 -81.49 -58.10
C LYS K 113 46.80 -82.26 -57.67
N PRO K 114 45.69 -82.12 -58.42
CA PRO K 114 44.44 -82.86 -58.11
C PRO K 114 44.58 -84.39 -58.09
N PHE K 115 45.52 -84.92 -58.86
CA PHE K 115 45.82 -86.37 -58.81
C PHE K 115 46.71 -86.72 -57.62
N LEU K 116 47.68 -85.85 -57.33
CA LEU K 116 48.59 -86.04 -56.20
C LEU K 116 47.87 -85.90 -54.85
N GLU K 117 46.80 -85.10 -54.82
CA GLU K 117 45.99 -84.95 -53.61
C GLU K 117 45.30 -86.27 -53.28
N GLU K 118 44.94 -87.00 -54.33
CA GLU K 118 44.51 -88.40 -54.20
C GLU K 118 45.74 -89.30 -54.22
N GLY K 119 45.62 -90.50 -53.66
CA GLY K 119 46.75 -91.41 -53.51
C GLY K 119 47.27 -91.99 -54.82
N ILE K 120 47.90 -91.14 -55.62
CA ILE K 120 48.49 -91.54 -56.90
C ILE K 120 50.00 -91.32 -56.85
N SER K 121 50.75 -92.26 -57.40
CA SER K 121 52.20 -92.16 -57.49
C SER K 121 52.58 -91.12 -58.55
N SER K 122 53.62 -90.35 -58.27
CA SER K 122 54.13 -89.35 -59.20
C SER K 122 54.83 -89.99 -60.40
N HIS K 123 55.31 -91.21 -60.19
CA HIS K 123 55.95 -92.01 -61.24
C HIS K 123 55.00 -92.31 -62.40
N LEU K 124 53.73 -92.59 -62.07
CA LEU K 124 52.71 -92.90 -63.06
C LEU K 124 52.18 -91.64 -63.76
N ILE K 125 52.15 -90.51 -63.04
CA ILE K 125 51.72 -89.24 -63.62
C ILE K 125 52.68 -88.79 -64.71
N MET K 126 53.98 -88.84 -64.43
CA MET K 126 54.98 -88.41 -65.39
C MET K 126 55.25 -89.44 -66.51
N LYS K 127 54.89 -90.70 -66.26
CA LYS K 127 54.90 -91.72 -67.30
C LYS K 127 53.76 -91.49 -68.29
N GLY K 128 52.82 -90.62 -67.92
CA GLY K 128 51.71 -90.23 -68.77
C GLY K 128 51.92 -88.89 -69.45
N TYR K 129 52.76 -88.05 -68.87
CA TYR K 129 53.14 -86.77 -69.46
C TYR K 129 54.25 -86.95 -70.49
N ARG K 130 55.13 -87.92 -70.24
CA ARG K 130 56.28 -88.17 -71.11
C ARG K 130 55.86 -88.58 -72.52
N LYS K 131 54.75 -89.31 -72.61
CA LYS K 131 54.18 -89.72 -73.89
C LYS K 131 53.33 -88.61 -74.50
N ALA K 132 52.63 -87.86 -73.65
CA ALA K 132 51.75 -86.77 -74.07
C ALA K 132 52.50 -85.67 -74.83
N VAL K 133 53.69 -85.33 -74.34
CA VAL K 133 54.55 -84.35 -75.01
C VAL K 133 55.13 -84.93 -76.31
N SER K 134 55.50 -86.21 -76.26
CA SER K 134 56.01 -86.92 -77.44
C SER K 134 54.92 -87.12 -78.49
N LEU K 135 53.67 -86.87 -78.08
CA LEU K 135 52.52 -86.90 -78.98
C LEU K 135 52.13 -85.48 -79.40
N ALA K 136 52.44 -84.52 -78.54
CA ALA K 136 52.22 -83.12 -78.85
C ALA K 136 53.15 -82.66 -79.97
N VAL K 137 54.38 -83.18 -79.95
CA VAL K 137 55.35 -82.89 -81.01
C VAL K 137 54.93 -83.52 -82.34
N GLU K 138 54.35 -84.72 -82.27
CA GLU K 138 53.87 -85.41 -83.48
C GLU K 138 52.66 -84.70 -84.08
N LYS K 139 51.86 -84.06 -83.23
CA LYS K 139 50.72 -83.27 -83.68
C LYS K 139 51.16 -82.02 -84.45
N ILE K 140 52.20 -81.36 -83.97
CA ILE K 140 52.75 -80.16 -84.59
C ILE K 140 53.45 -80.47 -85.92
N ASN K 141 54.28 -81.51 -85.91
CA ASN K 141 55.04 -81.92 -87.09
C ASN K 141 54.13 -82.16 -88.30
N GLU K 142 52.97 -82.76 -88.05
CA GLU K 142 51.97 -82.99 -89.10
C GLU K 142 51.11 -81.75 -89.35
N LEU K 143 51.20 -80.78 -88.44
CA LEU K 143 50.42 -79.54 -88.52
C LEU K 143 51.23 -78.38 -89.09
N ALA K 144 52.55 -78.49 -88.99
CA ALA K 144 53.46 -77.48 -89.50
C ALA K 144 53.35 -77.38 -91.01
N VAL K 145 53.13 -76.17 -91.52
CA VAL K 145 52.95 -75.93 -92.94
C VAL K 145 54.28 -75.51 -93.59
N ASP K 146 54.74 -76.29 -94.59
CA ASP K 146 55.92 -75.94 -95.37
C ASP K 146 55.53 -74.84 -96.35
N ILE K 147 55.90 -73.61 -96.02
CA ILE K 147 55.36 -72.41 -96.67
C ILE K 147 55.95 -72.16 -98.07
N THR K 148 57.10 -72.75 -98.34
CA THR K 148 57.71 -72.70 -99.68
C THR K 148 56.78 -73.28 -100.77
N SER K 149 55.82 -74.09 -100.33
CA SER K 149 54.89 -74.82 -101.23
C SER K 149 53.63 -74.02 -101.59
N GLU K 150 53.13 -73.24 -100.64
CA GLU K 150 51.82 -72.59 -100.76
C GLU K 150 51.86 -71.07 -100.68
N LYS K 151 51.79 -70.42 -101.85
CA LYS K 151 51.71 -68.96 -102.00
C LYS K 151 52.20 -68.14 -100.79
N SER K 152 53.50 -67.90 -100.73
CA SER K 152 54.09 -66.94 -99.80
C SER K 152 55.16 -66.15 -100.53
N SER K 153 55.36 -64.90 -100.11
CA SER K 153 56.37 -64.04 -100.71
C SER K 153 57.73 -64.32 -100.06
N GLY K 154 58.79 -64.16 -100.85
CA GLY K 154 60.16 -64.46 -100.41
C GLY K 154 60.59 -63.78 -99.11
N ARG K 155 60.01 -62.62 -98.83
CA ARG K 155 60.32 -61.88 -97.62
C ARG K 155 59.09 -61.60 -96.75
N GLU K 156 57.90 -61.90 -97.27
CA GLU K 156 56.65 -61.78 -96.51
C GLU K 156 56.51 -62.92 -95.49
N LEU K 157 57.35 -63.94 -95.64
CA LEU K 157 57.44 -65.03 -94.69
C LEU K 157 58.04 -64.52 -93.38
N LEU K 158 59.12 -63.75 -93.50
CA LEU K 158 59.89 -63.25 -92.37
C LEU K 158 59.26 -61.99 -91.79
N GLU K 159 58.67 -61.17 -92.66
CA GLU K 159 57.96 -59.96 -92.25
C GLU K 159 56.79 -60.33 -91.32
N ARG K 160 55.80 -61.05 -91.86
CA ARG K 160 54.61 -61.47 -91.11
C ARG K 160 54.90 -62.34 -89.88
N CYS K 161 56.14 -62.85 -89.79
CA CYS K 161 56.57 -63.72 -88.71
C CYS K 161 57.18 -62.91 -87.58
N ALA K 162 57.92 -61.86 -87.95
CA ALA K 162 58.41 -60.88 -87.01
C ALA K 162 57.24 -60.03 -86.51
N ARG K 163 56.30 -59.75 -87.42
CA ARG K 163 55.08 -58.97 -87.13
C ARG K 163 54.25 -59.53 -85.99
N THR K 164 54.33 -60.83 -85.76
CA THR K 164 53.67 -61.48 -84.63
C THR K 164 54.50 -61.28 -83.36
N ALA K 165 55.83 -61.35 -83.51
CA ALA K 165 56.77 -61.22 -82.39
C ALA K 165 56.77 -59.83 -81.76
N MET K 166 56.50 -58.80 -82.57
CA MET K 166 56.44 -57.41 -82.12
C MET K 166 55.26 -57.21 -81.17
N SER K 167 54.09 -57.72 -81.59
CA SER K 167 52.85 -57.56 -80.85
C SER K 167 52.92 -58.17 -79.46
N SER K 168 52.65 -57.34 -78.45
CA SER K 168 52.79 -57.68 -77.02
C SER K 168 53.92 -56.87 -76.39
N LYS K 169 54.90 -56.49 -77.21
CA LYS K 169 56.07 -55.73 -76.75
C LYS K 169 55.96 -54.24 -77.08
N LEU K 170 56.68 -53.42 -76.31
CA LEU K 170 56.58 -51.94 -76.37
C LEU K 170 56.44 -51.39 -77.78
N ILE K 171 57.26 -51.90 -78.69
CA ILE K 171 57.30 -51.40 -80.06
C ILE K 171 56.15 -51.92 -80.95
N HIS K 172 55.00 -52.19 -80.33
CA HIS K 172 53.84 -52.71 -81.03
C HIS K 172 53.23 -51.69 -81.99
N ASN K 173 53.10 -50.46 -81.54
CA ASN K 173 52.50 -49.40 -82.34
C ASN K 173 53.43 -48.94 -83.45
N ASN K 174 54.71 -49.32 -83.34
CA ASN K 174 55.74 -48.95 -84.31
C ASN K 174 56.24 -50.14 -85.13
N ALA K 175 55.49 -51.24 -85.05
CA ALA K 175 55.85 -52.51 -85.70
C ALA K 175 56.26 -52.35 -87.17
N ASP K 176 55.46 -51.60 -87.92
CA ASP K 176 55.75 -51.28 -89.33
C ASP K 176 57.20 -50.92 -89.57
N PHE K 177 57.70 -49.99 -88.76
CA PHE K 177 59.05 -49.48 -88.89
C PHE K 177 60.10 -50.55 -88.57
N PHE K 178 59.92 -51.25 -87.45
CA PHE K 178 60.91 -52.22 -86.97
C PHE K 178 60.93 -53.53 -87.74
N VAL K 179 59.76 -53.98 -88.21
CA VAL K 179 59.66 -55.20 -89.00
C VAL K 179 60.47 -55.11 -90.29
N LYS K 180 60.16 -54.12 -91.12
CA LYS K 180 60.86 -53.93 -92.39
C LYS K 180 62.31 -53.45 -92.20
N MET K 181 62.76 -53.47 -90.94
CA MET K 181 64.11 -53.09 -90.57
C MET K 181 64.91 -54.30 -90.07
N CYS K 182 64.40 -54.97 -89.04
CA CYS K 182 65.14 -56.08 -88.44
C CYS K 182 65.10 -57.35 -89.29
N VAL K 183 63.99 -57.55 -90.00
CA VAL K 183 63.90 -58.60 -91.02
C VAL K 183 64.99 -58.36 -92.05
N ASP K 184 65.07 -57.12 -92.51
CA ASP K 184 66.07 -56.66 -93.45
C ASP K 184 67.48 -56.87 -92.91
N ALA K 185 67.67 -56.66 -91.61
CA ALA K 185 68.97 -56.86 -90.97
C ALA K 185 69.47 -58.30 -91.09
N VAL K 186 68.56 -59.26 -90.94
CA VAL K 186 68.89 -60.70 -90.99
C VAL K 186 69.32 -61.13 -92.40
N LEU K 187 68.84 -60.42 -93.41
CA LEU K 187 69.23 -60.67 -94.79
C LEU K 187 70.68 -60.25 -95.07
N SER K 188 71.06 -59.06 -94.59
CA SER K 188 72.42 -58.54 -94.73
C SER K 188 73.40 -59.38 -93.92
N LEU K 189 72.89 -59.89 -92.79
CA LEU K 189 73.61 -60.79 -91.92
C LEU K 189 74.03 -62.07 -92.65
N ASP K 190 73.14 -62.55 -93.53
CA ASP K 190 73.28 -63.84 -94.19
C ASP K 190 74.67 -64.15 -94.75
N ARG K 191 75.42 -64.93 -93.99
CA ARG K 191 76.48 -65.77 -94.53
C ARG K 191 75.76 -67.09 -94.75
N ASN K 192 76.35 -68.00 -95.54
CA ASN K 192 75.73 -69.32 -95.76
C ASN K 192 75.04 -69.83 -94.48
N ASP K 193 75.79 -69.80 -93.38
CA ASP K 193 75.25 -69.93 -92.03
C ASP K 193 75.64 -68.69 -91.26
N LEU K 194 74.68 -68.13 -90.53
CA LEU K 194 74.78 -66.77 -89.97
C LEU K 194 74.80 -66.73 -88.45
N ASP K 195 75.37 -65.66 -87.90
CA ASP K 195 75.34 -65.41 -86.45
C ASP K 195 75.03 -63.95 -86.10
N ASP K 196 74.33 -63.74 -85.00
CA ASP K 196 73.86 -62.42 -84.59
C ASP K 196 74.98 -61.45 -84.23
N LYS K 197 76.06 -61.97 -83.63
CA LYS K 197 77.22 -61.16 -83.24
C LYS K 197 77.69 -60.20 -84.36
N LEU K 198 77.38 -60.56 -85.60
CA LEU K 198 77.75 -59.74 -86.75
C LEU K 198 76.80 -58.55 -86.97
N ILE K 199 75.57 -58.67 -86.49
CA ILE K 199 74.62 -57.54 -86.50
C ILE K 199 74.50 -56.89 -85.12
N GLY K 200 75.66 -56.49 -84.58
CA GLY K 200 75.73 -55.86 -83.27
C GLY K 200 74.98 -54.53 -83.23
N ILE K 201 74.17 -54.36 -82.19
CA ILE K 201 73.35 -53.17 -82.03
C ILE K 201 74.06 -52.15 -81.14
N LYS K 202 73.85 -50.87 -81.44
CA LYS K 202 74.49 -49.78 -80.70
C LYS K 202 73.40 -48.88 -80.12
N LYS K 203 73.63 -48.39 -78.90
CA LYS K 203 72.62 -47.59 -78.18
C LYS K 203 73.01 -46.11 -78.04
N ILE K 204 72.03 -45.24 -78.27
CA ILE K 204 72.25 -43.78 -78.20
C ILE K 204 71.09 -43.03 -77.50
N PRO K 205 71.41 -42.35 -76.37
CA PRO K 205 70.42 -41.66 -75.54
C PRO K 205 69.65 -40.59 -76.28
N GLY K 206 68.37 -40.46 -75.95
CA GLY K 206 67.51 -39.44 -76.56
C GLY K 206 66.89 -39.89 -77.86
N GLY K 207 66.06 -39.04 -78.43
CA GLY K 207 65.40 -39.31 -79.72
C GLY K 207 64.20 -40.22 -79.64
N ALA K 208 63.29 -40.10 -80.60
CA ALA K 208 62.13 -40.99 -80.73
C ALA K 208 62.59 -42.34 -81.24
N MET K 209 61.97 -43.43 -80.76
CA MET K 209 62.37 -44.79 -81.16
C MET K 209 62.11 -45.09 -82.65
N GLU K 210 61.36 -44.21 -83.30
CA GLU K 210 61.15 -44.29 -84.75
C GLU K 210 62.34 -43.74 -85.52
N GLU K 211 63.06 -42.81 -84.92
CA GLU K 211 64.24 -42.21 -85.54
C GLU K 211 65.46 -43.13 -85.47
N SER K 212 65.20 -44.42 -85.21
CA SER K 212 66.22 -45.47 -85.25
C SER K 212 66.75 -45.58 -86.68
N LEU K 213 68.00 -46.03 -86.82
CA LEU K 213 68.67 -45.98 -88.12
C LEU K 213 69.33 -47.31 -88.52
N PHE K 214 68.92 -47.82 -89.69
CA PHE K 214 69.52 -49.03 -90.27
C PHE K 214 70.76 -48.61 -91.04
N ILE K 215 71.86 -49.30 -90.78
CA ILE K 215 73.12 -49.00 -91.45
C ILE K 215 73.60 -50.23 -92.22
N ASN K 216 73.78 -50.05 -93.53
CA ASN K 216 74.22 -51.12 -94.41
C ASN K 216 75.75 -51.27 -94.40
N GLY K 217 76.35 -50.86 -93.29
CA GLY K 217 77.80 -50.96 -93.10
C GLY K 217 78.14 -51.26 -91.65
N VAL K 218 78.84 -50.32 -91.01
CA VAL K 218 79.22 -50.43 -89.60
C VAL K 218 79.11 -49.07 -88.91
N ALA K 219 78.95 -49.09 -87.59
CA ALA K 219 78.83 -47.87 -86.80
C ALA K 219 79.63 -47.93 -85.49
N PHE K 220 80.05 -46.76 -85.03
CA PHE K 220 80.70 -46.62 -83.72
C PHE K 220 79.95 -45.68 -82.80
N LYS K 221 79.39 -46.22 -81.72
CA LYS K 221 78.92 -45.40 -80.60
C LYS K 221 80.11 -44.63 -80.05
N LYS K 222 81.29 -44.98 -80.56
CA LYS K 222 82.57 -44.56 -80.02
C LYS K 222 83.28 -43.56 -80.92
N THR K 223 83.38 -42.33 -80.44
CA THR K 223 84.29 -41.36 -80.99
C THR K 223 85.50 -41.29 -80.07
N PHE K 224 86.70 -41.18 -80.64
CA PHE K 224 87.83 -40.70 -79.86
C PHE K 224 88.43 -39.43 -80.45
N SER K 225 88.96 -38.57 -79.56
CA SER K 225 89.50 -37.27 -79.95
C SER K 225 90.99 -37.10 -79.61
N TYR K 226 91.80 -36.84 -80.63
CA TYR K 226 93.16 -36.36 -80.44
C TYR K 226 93.34 -35.04 -81.17
N ALA K 227 94.40 -34.31 -80.81
CA ALA K 227 94.67 -32.98 -81.39
C ALA K 227 94.09 -32.81 -82.80
N GLY K 228 94.54 -33.65 -83.74
CA GLY K 228 94.18 -33.53 -85.15
C GLY K 228 92.83 -34.07 -85.58
N PHE K 229 92.12 -34.75 -84.68
CA PHE K 229 90.83 -35.37 -85.01
C PHE K 229 89.74 -34.34 -85.38
N GLU K 230 89.93 -33.09 -84.98
CA GLU K 230 89.04 -32.00 -85.38
C GLU K 230 89.45 -31.40 -86.73
N GLN K 231 90.75 -31.33 -86.97
CA GLN K 231 91.32 -30.74 -88.19
C GLN K 231 91.17 -31.66 -89.40
N GLN K 232 91.00 -32.96 -89.14
CA GLN K 232 90.83 -33.98 -90.18
C GLN K 232 89.50 -33.85 -90.92
N PRO K 233 89.45 -34.31 -92.18
CA PRO K 233 88.19 -34.42 -92.90
C PRO K 233 87.31 -35.52 -92.29
N LYS K 234 86.05 -35.18 -92.00
CA LYS K 234 85.13 -36.10 -91.34
C LYS K 234 84.06 -36.63 -92.29
N LYS K 235 84.36 -36.60 -93.59
CA LYS K 235 83.43 -37.09 -94.62
C LYS K 235 84.18 -37.60 -95.83
N PHE K 236 83.83 -38.81 -96.27
CA PHE K 236 84.40 -39.41 -97.49
C PHE K 236 83.31 -40.03 -98.38
N ASN K 237 83.59 -40.12 -99.68
CA ASN K 237 82.67 -40.78 -100.62
C ASN K 237 83.09 -42.22 -100.90
N ASN K 238 84.18 -42.39 -101.64
CA ASN K 238 84.72 -43.72 -101.89
C ASN K 238 86.12 -43.89 -101.32
N PRO K 239 86.20 -44.46 -100.10
CA PRO K 239 87.46 -44.58 -99.39
C PRO K 239 88.04 -46.00 -99.40
N LYS K 240 89.33 -46.08 -99.10
CA LYS K 240 90.01 -47.35 -98.88
C LYS K 240 90.31 -47.49 -97.39
N ILE K 241 89.48 -48.27 -96.71
CA ILE K 241 89.60 -48.46 -95.26
C ILE K 241 90.71 -49.46 -94.92
N LEU K 242 91.73 -48.97 -94.21
CA LEU K 242 92.82 -49.82 -93.73
C LEU K 242 92.47 -50.30 -92.33
N SER K 243 92.47 -51.63 -92.16
CA SER K 243 92.08 -52.26 -90.90
C SER K 243 93.30 -52.72 -90.09
N LEU K 244 93.88 -51.79 -89.32
CA LEU K 244 95.09 -52.05 -88.55
C LEU K 244 94.84 -52.73 -87.20
N ASN K 245 95.92 -52.97 -86.46
CA ASN K 245 95.87 -53.62 -85.16
C ASN K 245 96.80 -52.99 -84.13
N VAL K 246 98.06 -52.78 -84.51
CA VAL K 246 99.10 -52.29 -83.59
C VAL K 246 98.97 -50.78 -83.28
N GLU K 247 99.52 -50.36 -82.13
CA GLU K 247 99.46 -48.98 -81.67
C GLU K 247 100.40 -48.06 -82.43
N LEU K 248 99.84 -47.00 -83.01
CA LEU K 248 100.64 -46.03 -83.74
C LEU K 248 101.07 -44.86 -82.84
N GLU K 249 102.23 -45.01 -82.23
CA GLU K 249 102.85 -43.98 -81.41
C GLU K 249 104.29 -44.38 -81.08
N LEU K 250 104.87 -43.75 -80.06
CA LEU K 250 106.23 -44.07 -79.63
C LEU K 250 106.22 -45.15 -78.55
N LYS K 251 105.73 -46.34 -78.92
CA LYS K 251 105.61 -47.51 -78.03
C LYS K 251 104.94 -47.15 -76.70
N ALA K 252 103.61 -47.07 -76.73
CA ALA K 252 102.84 -46.64 -75.57
C ALA K 252 102.72 -47.69 -74.47
N GLU K 253 102.81 -48.97 -74.85
CA GLU K 253 102.73 -50.08 -73.88
C GLU K 253 103.45 -51.35 -74.36
N LYS K 254 104.34 -51.18 -75.34
CA LYS K 254 105.05 -52.28 -76.00
C LYS K 254 106.14 -52.95 -75.15
N ASP K 255 106.99 -53.74 -75.81
CA ASP K 255 108.10 -54.44 -75.17
C ASP K 255 109.27 -53.51 -74.86
N ASN K 256 109.49 -53.29 -73.55
CA ASN K 256 110.56 -52.43 -73.06
C ASN K 256 111.95 -52.97 -73.36
N ALA K 257 112.85 -52.06 -73.70
CA ALA K 257 114.23 -52.41 -74.02
C ALA K 257 115.17 -51.33 -73.48
N GLU K 258 116.11 -51.75 -72.63
CA GLU K 258 117.10 -50.82 -72.06
C GLU K 258 118.06 -50.36 -73.15
N VAL K 259 118.47 -49.10 -73.06
CA VAL K 259 119.47 -48.57 -74.00
C VAL K 259 120.69 -48.03 -73.25
N ARG K 260 121.85 -48.61 -73.55
CA ARG K 260 123.10 -48.15 -72.98
C ARG K 260 123.99 -47.58 -74.10
N VAL K 261 124.35 -46.31 -73.94
CA VAL K 261 125.13 -45.58 -74.95
C VAL K 261 126.38 -44.99 -74.32
N GLU K 262 127.54 -45.35 -74.87
CA GLU K 262 128.82 -44.87 -74.34
C GLU K 262 129.19 -43.49 -74.89
N HIS K 263 128.99 -43.28 -76.20
CA HIS K 263 129.37 -42.03 -76.87
C HIS K 263 128.17 -41.11 -77.11
N VAL K 264 128.33 -39.82 -76.81
CA VAL K 264 127.25 -38.82 -76.88
C VAL K 264 126.51 -38.79 -78.21
N GLU K 265 127.27 -38.80 -79.31
CA GLU K 265 126.73 -38.70 -80.68
C GLU K 265 125.74 -39.80 -81.07
N ASP K 266 125.71 -40.86 -80.26
CA ASP K 266 124.72 -41.95 -80.42
C ASP K 266 123.35 -41.51 -79.89
N TYR K 267 123.30 -40.35 -79.25
CA TYR K 267 122.08 -39.87 -78.63
C TYR K 267 121.03 -39.38 -79.63
N GLN K 268 121.35 -38.31 -80.37
CA GLN K 268 120.48 -37.84 -81.44
C GLN K 268 120.40 -38.87 -82.58
N ALA K 269 121.05 -40.02 -82.36
CA ALA K 269 120.98 -41.15 -83.29
C ALA K 269 119.91 -42.14 -82.87
N ILE K 270 119.82 -42.40 -81.56
CA ILE K 270 118.77 -43.28 -81.02
C ILE K 270 117.40 -42.60 -81.00
N VAL K 271 117.39 -41.28 -80.87
CA VAL K 271 116.14 -40.52 -80.89
C VAL K 271 115.63 -40.34 -82.33
N ASP K 272 116.55 -40.07 -83.26
CA ASP K 272 116.21 -39.98 -84.69
C ASP K 272 115.96 -41.36 -85.31
N ALA K 273 116.13 -42.40 -84.50
CA ALA K 273 115.75 -43.75 -84.89
C ALA K 273 114.27 -43.97 -84.60
N GLU K 274 113.79 -43.41 -83.50
CA GLU K 274 112.39 -43.56 -83.08
C GLU K 274 111.40 -42.83 -84.00
N TRP K 275 111.70 -41.57 -84.31
CA TRP K 275 110.87 -40.76 -85.20
C TRP K 275 110.89 -41.31 -86.64
N GLN K 276 111.97 -42.02 -86.97
CA GLN K 276 112.11 -42.68 -88.26
C GLN K 276 111.51 -44.10 -88.23
N LEU K 277 111.50 -44.71 -87.04
CA LEU K 277 110.83 -46.01 -86.83
C LEU K 277 109.33 -45.91 -87.03
N ILE K 278 108.79 -44.73 -86.78
CA ILE K 278 107.35 -44.52 -86.95
C ILE K 278 107.00 -43.86 -88.29
N PHE K 279 107.89 -43.01 -88.79
CA PHE K 279 107.79 -42.52 -90.17
C PHE K 279 107.44 -43.73 -91.04
N GLU K 280 108.29 -44.75 -90.95
CA GLU K 280 108.13 -46.00 -91.70
C GLU K 280 106.77 -46.64 -91.46
N LYS K 281 106.38 -46.74 -90.20
CA LYS K 281 105.08 -47.32 -89.85
C LYS K 281 103.93 -46.46 -90.38
N LEU K 282 104.18 -45.16 -90.53
CA LEU K 282 103.16 -44.21 -90.95
C LEU K 282 103.06 -44.07 -92.46
N ARG K 283 104.19 -43.71 -93.09
CA ARG K 283 104.27 -43.57 -94.55
C ARG K 283 103.98 -44.91 -95.22
N GLN K 284 103.90 -45.95 -94.40
CA GLN K 284 103.53 -47.30 -94.82
C GLN K 284 102.03 -47.32 -95.12
N VAL K 285 101.30 -46.53 -94.34
CA VAL K 285 99.85 -46.39 -94.48
C VAL K 285 99.53 -45.51 -95.70
N GLU K 286 100.22 -44.39 -95.82
CA GLU K 286 99.99 -43.45 -96.92
C GLU K 286 100.28 -44.12 -98.25
N GLU K 287 101.39 -44.88 -98.31
CA GLU K 287 101.74 -45.67 -99.49
C GLU K 287 101.02 -47.03 -99.51
N THR K 288 99.73 -46.99 -99.15
CA THR K 288 98.84 -48.14 -99.25
C THR K 288 97.71 -47.80 -100.23
N GLY K 289 97.28 -46.54 -100.20
CA GLY K 289 96.16 -46.07 -100.99
C GLY K 289 94.98 -45.78 -100.10
N ALA K 290 95.23 -45.85 -98.79
CA ALA K 290 94.19 -45.67 -97.80
C ALA K 290 93.87 -44.20 -97.54
N ASN K 291 92.71 -43.96 -96.92
CA ASN K 291 92.29 -42.63 -96.49
C ASN K 291 91.48 -42.65 -95.18
N ILE K 292 91.20 -43.85 -94.69
CA ILE K 292 90.53 -44.04 -93.40
C ILE K 292 91.19 -45.18 -92.61
N VAL K 293 91.82 -44.81 -91.50
CA VAL K 293 92.61 -45.75 -90.69
C VAL K 293 91.90 -46.05 -89.37
N LEU K 294 91.68 -47.34 -89.12
CA LEU K 294 91.12 -47.83 -87.85
C LEU K 294 92.05 -48.89 -87.27
N SER K 295 92.13 -48.95 -85.95
CA SER K 295 93.03 -49.88 -85.27
C SER K 295 92.46 -50.37 -83.94
N LYS K 296 92.74 -51.62 -83.59
CA LYS K 296 92.32 -52.20 -82.30
C LYS K 296 93.06 -51.56 -81.12
N LEU K 297 94.29 -51.11 -81.36
CA LEU K 297 95.08 -50.37 -80.37
C LEU K 297 95.06 -48.86 -80.66
N PRO K 298 95.72 -48.05 -79.80
CA PRO K 298 95.67 -46.59 -79.93
C PRO K 298 96.31 -45.95 -81.16
N ILE K 299 95.81 -44.78 -81.54
CA ILE K 299 96.45 -43.89 -82.52
C ILE K 299 96.81 -42.61 -81.78
N GLY K 300 98.11 -42.38 -81.59
CA GLY K 300 98.60 -41.31 -80.72
C GLY K 300 98.36 -39.88 -81.20
N ASP K 301 98.82 -38.93 -80.38
CA ASP K 301 98.73 -37.51 -80.69
C ASP K 301 99.65 -37.10 -81.84
N LEU K 302 100.77 -37.82 -81.95
CA LEU K 302 101.80 -37.55 -82.96
C LEU K 302 101.60 -38.41 -84.20
N ALA K 303 100.75 -39.43 -84.07
CA ALA K 303 100.35 -40.26 -85.20
C ALA K 303 99.26 -39.56 -86.00
N THR K 304 98.27 -39.04 -85.28
CA THR K 304 97.13 -38.30 -85.85
C THR K 304 97.56 -37.11 -86.72
N GLN K 305 98.62 -36.42 -86.30
CA GLN K 305 99.14 -35.24 -87.00
C GLN K 305 99.34 -35.51 -88.49
N PHE K 306 100.11 -36.55 -88.81
CA PHE K 306 100.47 -36.88 -90.19
C PHE K 306 99.25 -37.21 -91.05
N PHE K 307 98.22 -37.78 -90.42
CA PHE K 307 96.95 -38.07 -91.10
C PHE K 307 96.16 -36.78 -91.31
N ALA K 308 96.23 -35.88 -90.32
CA ALA K 308 95.53 -34.59 -90.38
C ALA K 308 95.98 -33.72 -91.55
N ASP K 309 97.29 -33.71 -91.80
CA ASP K 309 97.88 -32.92 -92.87
C ASP K 309 97.77 -33.63 -94.22
N ARG K 310 97.92 -34.96 -94.20
CA ARG K 310 97.80 -35.77 -95.41
C ARG K 310 96.35 -36.08 -95.75
N ASN K 311 95.42 -35.35 -95.14
CA ASN K 311 93.99 -35.41 -95.47
C ASN K 311 93.38 -36.80 -95.27
N ILE K 312 93.97 -37.57 -94.36
CA ILE K 312 93.56 -38.94 -94.08
C ILE K 312 92.90 -39.03 -92.71
N PHE K 313 91.74 -39.68 -92.65
CA PHE K 313 91.03 -39.88 -91.39
C PHE K 313 91.62 -41.06 -90.60
N CYS K 314 91.69 -40.90 -89.28
CA CYS K 314 92.20 -41.97 -88.42
C CYS K 314 91.37 -42.08 -87.13
N ALA K 315 91.40 -43.27 -86.53
CA ALA K 315 90.74 -43.52 -85.25
C ALA K 315 91.49 -44.59 -84.45
N GLY K 316 91.54 -44.39 -83.14
CA GLY K 316 92.22 -45.32 -82.24
C GLY K 316 91.34 -45.90 -81.15
N ARG K 317 91.81 -47.01 -80.58
CA ARG K 317 91.12 -47.74 -79.51
C ARG K 317 89.72 -48.15 -79.94
N VAL K 318 89.62 -48.67 -81.15
CA VAL K 318 88.35 -49.15 -81.69
C VAL K 318 87.92 -50.38 -80.92
N SER K 319 86.61 -50.50 -80.71
CA SER K 319 86.02 -51.67 -80.05
C SER K 319 86.41 -52.95 -80.79
N ALA K 320 86.84 -53.94 -80.03
CA ALA K 320 87.32 -55.22 -80.56
C ALA K 320 86.28 -55.89 -81.46
N ASP K 321 85.06 -55.98 -80.95
CA ASP K 321 83.93 -56.56 -81.68
C ASP K 321 83.62 -55.75 -82.94
N ASP K 322 83.79 -54.43 -82.84
CA ASP K 322 83.53 -53.51 -83.94
C ASP K 322 84.58 -53.65 -85.07
N MET K 323 85.80 -54.05 -84.71
CA MET K 323 86.85 -54.30 -85.71
C MET K 323 86.56 -55.53 -86.57
N ASN K 324 85.96 -56.56 -85.96
CA ASN K 324 85.49 -57.72 -86.70
C ASN K 324 84.18 -57.44 -87.42
N ARG K 325 83.43 -56.45 -86.91
CA ARG K 325 82.21 -55.98 -87.57
C ARG K 325 82.54 -55.18 -88.83
N VAL K 326 83.62 -54.41 -88.79
CA VAL K 326 84.02 -53.59 -89.94
C VAL K 326 84.46 -54.43 -91.15
N ILE K 327 85.45 -55.30 -90.94
CA ILE K 327 86.00 -56.14 -92.03
C ILE K 327 84.98 -57.06 -92.69
N GLN K 328 83.89 -57.33 -91.96
CA GLN K 328 82.81 -58.18 -92.47
C GLN K 328 81.76 -57.39 -93.25
N ALA K 329 81.94 -56.07 -93.30
CA ALA K 329 81.05 -55.20 -94.06
C ALA K 329 81.81 -54.35 -95.06
N VAL K 330 83.11 -54.16 -94.80
CA VAL K 330 83.95 -53.35 -95.66
C VAL K 330 84.74 -54.21 -96.67
N GLY K 331 84.85 -55.50 -96.36
CA GLY K 331 85.55 -56.46 -97.21
C GLY K 331 87.06 -56.39 -97.09
N GLY K 332 87.55 -56.02 -95.91
CA GLY K 332 88.99 -55.90 -95.66
C GLY K 332 89.54 -57.03 -94.82
N SER K 333 90.76 -56.84 -94.34
CA SER K 333 91.43 -57.82 -93.47
C SER K 333 92.24 -57.12 -92.39
N ILE K 334 92.14 -57.61 -91.16
CA ILE K 334 92.87 -57.03 -90.04
C ILE K 334 94.34 -57.45 -90.06
N GLN K 335 95.22 -56.48 -90.30
CA GLN K 335 96.66 -56.71 -90.31
C GLN K 335 97.27 -56.15 -89.02
N SER K 336 98.21 -56.89 -88.45
CA SER K 336 98.88 -56.48 -87.23
C SER K 336 100.13 -55.65 -87.50
N THR K 337 100.62 -55.70 -88.74
CA THR K 337 101.82 -54.97 -89.14
C THR K 337 101.56 -54.06 -90.33
N THR K 338 102.28 -52.94 -90.39
CA THR K 338 102.24 -52.05 -91.55
C THR K 338 103.23 -52.47 -92.64
N SER K 339 104.38 -53.01 -92.22
CA SER K 339 105.47 -53.35 -93.15
C SER K 339 105.24 -54.60 -94.01
N ASP K 340 103.97 -54.97 -94.19
CA ASP K 340 103.62 -56.16 -94.96
C ASP K 340 102.49 -55.91 -95.96
N ILE K 341 101.60 -55.00 -95.60
CA ILE K 341 100.31 -54.76 -96.29
C ILE K 341 100.38 -54.66 -97.81
N LYS K 342 99.56 -55.46 -98.48
CA LYS K 342 99.31 -55.34 -99.91
C LYS K 342 97.90 -54.78 -100.10
N PRO K 343 97.66 -54.04 -101.22
CA PRO K 343 96.34 -53.47 -101.50
C PRO K 343 95.24 -54.51 -101.75
N GLU K 344 95.42 -55.72 -101.20
CA GLU K 344 94.39 -56.75 -101.21
C GLU K 344 93.70 -56.84 -99.83
N HIS K 345 94.05 -55.92 -98.94
CA HIS K 345 93.55 -55.92 -97.56
C HIS K 345 92.59 -54.78 -97.25
N LEU K 346 92.47 -53.81 -98.16
CA LEU K 346 91.67 -52.60 -97.91
C LEU K 346 90.15 -52.84 -98.04
N GLY K 347 89.36 -51.85 -97.62
CA GLY K 347 87.88 -51.93 -97.70
C GLY K 347 87.21 -50.67 -98.23
N THR K 348 86.01 -50.81 -98.76
CA THR K 348 85.29 -49.68 -99.38
C THR K 348 83.82 -49.60 -98.97
N CYS K 349 83.26 -48.40 -99.06
CA CYS K 349 81.83 -48.17 -98.84
C CYS K 349 81.29 -47.10 -99.78
N ALA K 350 80.04 -46.70 -99.59
CA ALA K 350 79.39 -45.68 -100.40
C ALA K 350 79.54 -44.28 -99.81
N LEU K 351 79.47 -44.20 -98.47
CA LEU K 351 79.62 -42.92 -97.77
C LEU K 351 80.12 -43.10 -96.33
N PHE K 352 81.20 -42.39 -96.00
CA PHE K 352 81.72 -42.32 -94.63
C PHE K 352 81.51 -40.89 -94.13
N GLU K 353 80.74 -40.76 -93.06
CA GLU K 353 80.56 -39.47 -92.39
C GLU K 353 80.51 -39.65 -90.87
N GLU K 354 80.86 -38.60 -90.13
CA GLU K 354 80.75 -38.60 -88.68
C GLU K 354 79.47 -37.88 -88.23
N MET K 355 78.32 -38.44 -88.61
CA MET K 355 77.00 -37.85 -88.30
C MET K 355 76.76 -37.75 -86.80
N GLN K 356 76.48 -36.55 -86.31
CA GLN K 356 76.20 -36.37 -84.90
C GLN K 356 74.74 -36.71 -84.59
N ILE K 357 74.55 -37.70 -83.72
CA ILE K 357 73.24 -38.19 -83.28
C ILE K 357 73.18 -38.18 -81.74
N GLY K 358 72.19 -37.46 -81.20
CA GLY K 358 71.99 -37.36 -79.76
C GLY K 358 73.10 -36.63 -79.03
N SER K 359 73.81 -35.77 -79.77
CA SER K 359 75.03 -35.09 -79.33
C SER K 359 76.07 -36.03 -78.71
N GLU K 360 76.29 -37.13 -79.42
CA GLU K 360 77.42 -38.03 -79.22
C GLU K 360 77.85 -38.43 -80.62
N ARG K 361 79.12 -38.17 -80.94
CA ARG K 361 79.66 -38.37 -82.31
C ARG K 361 79.73 -39.83 -82.75
N TYR K 362 79.07 -40.11 -83.86
CA TYR K 362 79.00 -41.47 -84.39
C TYR K 362 79.67 -41.60 -85.76
N ASN K 363 80.65 -42.49 -85.86
CA ASN K 363 81.32 -42.78 -87.12
C ASN K 363 80.50 -43.74 -87.97
N LEU K 364 79.88 -43.21 -89.02
CA LEU K 364 79.06 -43.99 -89.94
C LEU K 364 79.74 -44.16 -91.29
N PHE K 365 80.20 -45.38 -91.57
CA PHE K 365 80.54 -45.77 -92.93
C PHE K 365 79.59 -46.87 -93.38
N GLN K 366 78.81 -46.53 -94.41
CA GLN K 366 77.67 -47.34 -94.84
C GLN K 366 77.60 -47.50 -96.36
N GLY K 367 76.58 -48.24 -96.81
CA GLY K 367 76.40 -48.51 -98.23
C GLY K 367 77.50 -49.42 -98.75
N CYS K 368 77.45 -50.67 -98.32
CA CYS K 368 78.42 -51.66 -98.75
C CYS K 368 77.75 -52.74 -99.58
N PRO K 369 77.96 -52.69 -100.91
CA PRO K 369 77.36 -53.59 -101.90
C PRO K 369 77.20 -55.02 -101.41
N GLN K 370 78.32 -55.73 -101.24
CA GLN K 370 78.29 -57.11 -100.78
C GLN K 370 78.87 -57.24 -99.36
N ALA K 371 77.97 -57.23 -98.38
CA ALA K 371 78.38 -57.30 -96.98
C ALA K 371 77.70 -58.46 -96.27
N LYS K 372 78.44 -59.13 -95.39
CA LYS K 372 77.91 -60.21 -94.55
C LYS K 372 77.78 -59.74 -93.11
N THR K 373 77.51 -58.44 -92.95
CA THR K 373 77.39 -57.78 -91.66
C THR K 373 76.64 -56.46 -91.80
N CYS K 374 75.88 -56.11 -90.76
CA CYS K 374 75.29 -54.78 -90.67
C CYS K 374 75.41 -54.27 -89.25
N THR K 375 74.94 -53.05 -89.00
CA THR K 375 74.87 -52.50 -87.66
C THR K 375 73.58 -51.70 -87.47
N LEU K 376 72.77 -52.15 -86.51
CA LEU K 376 71.59 -51.40 -86.08
C LEU K 376 71.98 -50.34 -85.05
N LEU K 377 71.42 -49.15 -85.22
CA LEU K 377 71.73 -48.01 -84.39
C LEU K 377 70.43 -47.51 -83.76
N LEU K 378 70.36 -47.59 -82.43
CA LEU K 378 69.07 -47.52 -81.73
C LEU K 378 68.84 -46.27 -80.89
N ARG K 379 67.68 -45.64 -81.10
CA ARG K 379 67.24 -44.50 -80.30
C ARG K 379 66.18 -44.92 -79.29
N GLY K 380 65.57 -43.95 -78.62
CA GLY K 380 64.52 -44.20 -77.64
C GLY K 380 64.37 -43.06 -76.64
N GLY K 381 63.15 -42.92 -76.11
CA GLY K 381 62.81 -41.88 -75.12
C GLY K 381 63.74 -41.87 -73.93
N ALA K 382 63.43 -42.69 -72.93
CA ALA K 382 64.28 -42.86 -71.74
C ALA K 382 65.32 -43.98 -71.91
N GLU K 383 66.42 -43.89 -71.16
CA GLU K 383 67.53 -44.86 -71.25
C GLU K 383 67.14 -46.29 -70.85
N GLN K 384 65.84 -46.49 -70.61
CA GLN K 384 65.30 -47.82 -70.34
C GLN K 384 64.46 -48.34 -71.48
N VAL K 385 64.01 -47.44 -72.34
CA VAL K 385 63.25 -47.78 -73.54
C VAL K 385 64.19 -48.47 -74.52
N ILE K 386 65.35 -47.84 -74.75
CA ILE K 386 66.39 -48.38 -75.62
C ILE K 386 66.80 -49.79 -75.19
N ALA K 387 66.68 -50.07 -73.89
CA ALA K 387 66.92 -51.41 -73.36
C ALA K 387 65.81 -52.39 -73.77
N GLU K 388 64.56 -51.95 -73.68
CA GLU K 388 63.38 -52.79 -73.95
C GLU K 388 63.03 -52.82 -75.45
N VAL K 389 63.83 -52.15 -76.26
CA VAL K 389 63.73 -52.26 -77.71
C VAL K 389 64.77 -53.26 -78.24
N GLU K 390 66.00 -53.20 -77.70
CA GLU K 390 67.07 -54.13 -78.08
C GLU K 390 66.76 -55.57 -77.68
N ARG K 391 66.09 -55.73 -76.54
CA ARG K 391 65.62 -57.04 -76.07
C ARG K 391 64.37 -57.46 -76.84
N SER K 392 63.66 -56.48 -77.35
CA SER K 392 62.45 -56.71 -78.14
C SER K 392 62.81 -57.05 -79.60
N LEU K 393 63.91 -56.47 -80.08
CA LEU K 393 64.36 -56.72 -81.44
C LEU K 393 65.09 -58.05 -81.58
N HIS K 394 65.92 -58.40 -80.58
CA HIS K 394 66.59 -59.70 -80.56
C HIS K 394 65.58 -60.85 -80.60
N ASP K 395 64.40 -60.62 -80.02
CA ASP K 395 63.31 -61.59 -80.04
C ASP K 395 62.71 -61.72 -81.45
N ALA K 396 62.66 -60.62 -82.20
CA ALA K 396 62.16 -60.61 -83.57
C ALA K 396 63.17 -61.21 -84.53
N ILE K 397 64.41 -60.72 -84.48
CA ILE K 397 65.51 -61.20 -85.31
C ILE K 397 65.64 -62.73 -85.27
N MET K 398 65.61 -63.30 -84.07
CA MET K 398 65.84 -64.73 -83.90
C MET K 398 64.64 -65.60 -84.32
N ILE K 399 63.44 -64.99 -84.32
CA ILE K 399 62.27 -65.59 -84.95
C ILE K 399 62.44 -65.59 -86.47
N VAL K 400 63.04 -64.52 -86.98
CA VAL K 400 63.35 -64.40 -88.40
C VAL K 400 64.45 -65.40 -88.81
N LYS K 401 65.43 -65.60 -87.92
CA LYS K 401 66.53 -66.56 -88.15
C LYS K 401 66.05 -68.01 -88.22
N ARG K 402 65.11 -68.35 -87.36
CA ARG K 402 64.55 -69.70 -87.31
C ARG K 402 63.44 -69.91 -88.34
N ALA K 403 63.13 -68.86 -89.09
CA ALA K 403 62.16 -68.93 -90.18
C ALA K 403 62.84 -69.24 -91.52
N LEU K 404 64.13 -68.93 -91.60
CA LEU K 404 64.95 -69.30 -92.76
C LEU K 404 65.53 -70.69 -92.56
N GLN K 405 65.95 -70.97 -91.33
CA GLN K 405 66.43 -72.29 -90.92
C GLN K 405 65.36 -73.34 -91.21
N ASN K 406 64.12 -73.03 -90.86
CA ASN K 406 62.97 -73.87 -91.17
C ASN K 406 61.89 -73.05 -91.85
N LYS K 407 61.80 -73.20 -93.18
CA LYS K 407 60.69 -72.63 -93.94
C LYS K 407 59.41 -73.41 -93.56
N LEU K 408 59.05 -73.29 -92.27
CA LEU K 408 58.07 -74.14 -91.63
C LEU K 408 57.38 -73.36 -90.50
N ILE K 409 56.05 -73.31 -90.51
CA ILE K 409 55.30 -72.44 -89.62
C ILE K 409 53.99 -73.04 -89.07
N VAL K 410 53.63 -72.60 -87.86
CA VAL K 410 52.36 -72.96 -87.21
C VAL K 410 51.56 -71.73 -86.81
N ALA K 411 50.24 -71.90 -86.73
CA ALA K 411 49.31 -70.82 -86.42
C ALA K 411 49.41 -70.37 -84.98
N GLY K 412 49.45 -69.05 -84.78
CA GLY K 412 49.53 -68.47 -83.44
C GLY K 412 48.17 -68.23 -82.80
N GLY K 413 48.14 -67.38 -81.78
CA GLY K 413 46.90 -67.01 -81.09
C GLY K 413 46.25 -68.18 -80.38
N GLY K 414 47.07 -69.15 -79.99
CA GLY K 414 46.57 -70.33 -79.30
C GLY K 414 46.05 -71.43 -80.20
N ALA K 415 45.82 -71.09 -81.48
CA ALA K 415 45.28 -72.03 -82.47
C ALA K 415 45.98 -73.38 -82.45
N THR K 416 47.31 -73.34 -82.53
CA THR K 416 48.15 -74.54 -82.47
C THR K 416 47.88 -75.36 -81.21
N GLU K 417 48.07 -74.74 -80.06
CA GLU K 417 47.88 -75.42 -78.78
C GLU K 417 46.43 -75.89 -78.57
N MET K 418 45.48 -75.21 -79.18
CA MET K 418 44.07 -75.62 -79.14
C MET K 418 43.82 -76.90 -79.95
N GLU K 419 44.53 -77.04 -81.07
CA GLU K 419 44.46 -78.25 -81.86
C GLU K 419 45.23 -79.38 -81.18
N VAL K 420 46.44 -79.07 -80.74
CA VAL K 420 47.23 -80.02 -79.96
C VAL K 420 46.38 -80.56 -78.81
N SER K 421 45.58 -79.67 -78.21
CA SER K 421 44.66 -80.04 -77.12
C SER K 421 43.62 -81.05 -77.58
N LYS K 422 43.06 -80.85 -78.78
CA LYS K 422 42.08 -81.79 -79.31
C LYS K 422 42.74 -83.12 -79.68
N CYS K 423 44.02 -83.06 -80.05
CA CYS K 423 44.78 -84.25 -80.40
C CYS K 423 44.97 -85.18 -79.20
N LEU K 424 45.28 -84.60 -78.05
CA LEU K 424 45.49 -85.37 -76.83
C LEU K 424 44.17 -85.66 -76.11
N ARG K 425 43.13 -84.89 -76.42
CA ARG K 425 41.79 -85.16 -75.91
C ARG K 425 41.16 -86.36 -76.62
N ASP K 426 41.39 -86.47 -77.93
CA ASP K 426 40.89 -87.59 -78.74
C ASP K 426 41.63 -88.89 -78.41
N TYR K 427 42.94 -88.79 -78.25
CA TYR K 427 43.80 -89.92 -77.88
C TYR K 427 43.44 -90.50 -76.51
N SER K 428 42.68 -89.73 -75.73
CA SER K 428 42.16 -90.19 -74.46
C SER K 428 41.24 -91.40 -74.66
N LYS K 429 40.39 -91.32 -75.68
CA LYS K 429 39.41 -92.36 -75.97
C LYS K 429 40.03 -93.74 -76.14
N THR K 430 41.07 -93.83 -76.96
CA THR K 430 41.75 -95.10 -77.26
C THR K 430 42.53 -95.66 -76.07
N ILE K 431 43.10 -94.76 -75.26
CA ILE K 431 43.87 -95.17 -74.07
C ILE K 431 42.94 -95.74 -73.00
N ALA K 432 42.12 -94.88 -72.40
CA ALA K 432 41.19 -95.24 -71.31
C ALA K 432 41.87 -95.78 -70.04
N GLY K 433 41.60 -95.13 -68.92
CA GLY K 433 42.13 -95.57 -67.62
C GLY K 433 42.77 -94.45 -66.81
N LYS K 434 43.69 -94.83 -65.93
CA LYS K 434 44.41 -93.87 -65.08
C LYS K 434 45.36 -93.01 -65.91
N GLN K 435 45.92 -93.59 -66.96
CA GLN K 435 46.82 -92.88 -67.86
C GLN K 435 46.08 -91.96 -68.82
N GLN K 436 44.80 -92.25 -69.07
CA GLN K 436 43.95 -91.36 -69.86
C GLN K 436 43.86 -89.99 -69.21
N MET K 437 43.54 -89.99 -67.91
CA MET K 437 43.32 -88.75 -67.15
C MET K 437 44.53 -87.84 -67.09
N ILE K 438 45.73 -88.43 -67.14
CA ILE K 438 46.98 -87.69 -67.17
C ILE K 438 47.13 -86.90 -68.47
N ILE K 439 46.90 -87.58 -69.59
CA ILE K 439 46.96 -86.95 -70.91
C ILE K 439 45.79 -85.99 -71.11
N ASN K 440 44.62 -86.34 -70.54
CA ASN K 440 43.47 -85.44 -70.50
C ASN K 440 43.76 -84.16 -69.73
N ALA K 441 44.54 -84.28 -68.66
CA ALA K 441 45.00 -83.11 -67.92
C ALA K 441 45.95 -82.29 -68.77
N PHE K 442 46.97 -82.94 -69.35
CA PHE K 442 47.95 -82.27 -70.22
C PHE K 442 47.26 -81.42 -71.28
N ALA K 443 46.28 -82.01 -71.96
CA ALA K 443 45.47 -81.32 -72.96
C ALA K 443 44.70 -80.14 -72.35
N LYS K 444 44.09 -80.37 -71.19
CA LYS K 444 43.32 -79.36 -70.50
C LYS K 444 44.20 -78.20 -70.05
N ALA K 445 45.45 -78.52 -69.74
CA ALA K 445 46.41 -77.53 -69.28
C ALA K 445 46.94 -76.69 -70.44
N LEU K 446 46.88 -77.24 -71.64
CA LEU K 446 47.29 -76.53 -72.84
C LEU K 446 46.30 -75.42 -73.20
N GLU K 447 45.11 -75.48 -72.62
CA GLU K 447 44.07 -74.47 -72.84
C GLU K 447 44.37 -73.17 -72.09
N VAL K 448 45.58 -73.05 -71.54
CA VAL K 448 45.95 -71.87 -70.75
C VAL K 448 46.41 -70.68 -71.60
N ILE K 449 47.22 -70.96 -72.62
CA ILE K 449 47.75 -69.91 -73.50
C ILE K 449 46.64 -69.00 -74.08
N PRO K 450 45.54 -69.59 -74.57
CA PRO K 450 44.43 -68.75 -75.03
C PRO K 450 43.64 -68.12 -73.88
N ARG K 451 43.38 -68.91 -72.83
CA ARG K 451 42.64 -68.42 -71.66
C ARG K 451 43.31 -67.21 -71.02
N GLN K 452 44.64 -67.12 -71.17
CA GLN K 452 45.39 -66.01 -70.61
C GLN K 452 45.41 -64.78 -71.53
N LEU K 453 45.53 -65.00 -72.84
CA LEU K 453 45.47 -63.89 -73.80
C LEU K 453 44.12 -63.19 -73.66
N CYS K 454 43.10 -63.95 -73.27
CA CYS K 454 41.77 -63.42 -73.02
C CYS K 454 41.73 -62.64 -71.70
N GLU K 455 42.11 -63.30 -70.61
CA GLU K 455 42.12 -62.68 -69.28
C GLU K 455 42.99 -61.41 -69.21
N ASN K 456 44.05 -61.38 -70.03
CA ASN K 456 44.92 -60.19 -70.16
C ASN K 456 44.23 -59.04 -70.87
N ALA K 457 43.54 -59.37 -71.97
CA ALA K 457 42.87 -58.37 -72.79
C ALA K 457 41.50 -57.99 -72.24
N GLY K 458 41.03 -58.76 -71.26
CA GLY K 458 39.75 -58.49 -70.60
C GLY K 458 38.54 -59.02 -71.36
N PHE K 459 38.75 -60.02 -72.21
CA PHE K 459 37.65 -60.68 -72.91
C PHE K 459 36.88 -61.64 -71.98
N ASP K 460 35.83 -62.26 -72.53
CA ASP K 460 35.11 -63.34 -71.83
C ASP K 460 35.86 -64.65 -72.05
N ALA K 461 36.72 -64.99 -71.09
CA ALA K 461 37.64 -66.12 -71.22
C ALA K 461 36.94 -67.45 -71.44
N ILE K 462 35.81 -67.66 -70.78
CA ILE K 462 35.08 -68.94 -70.91
C ILE K 462 34.17 -69.00 -72.13
N GLU K 463 33.62 -67.85 -72.53
CA GLU K 463 32.74 -67.79 -73.70
C GLU K 463 33.51 -67.79 -75.03
N ILE K 464 34.82 -67.60 -74.96
CA ILE K 464 35.70 -67.68 -76.14
C ILE K 464 36.26 -69.10 -76.29
N LEU K 465 36.77 -69.66 -75.19
CA LEU K 465 37.26 -71.04 -75.17
C LEU K 465 36.16 -72.05 -75.48
N ASN K 466 34.97 -71.82 -74.93
CA ASN K 466 33.81 -72.68 -75.17
C ASN K 466 33.34 -72.63 -76.62
N LYS K 467 33.38 -71.43 -77.21
CA LYS K 467 33.03 -71.22 -78.62
C LYS K 467 34.22 -71.47 -79.54
N LEU K 468 35.35 -71.86 -78.95
CA LEU K 468 36.56 -72.17 -79.72
C LEU K 468 36.75 -73.69 -79.81
N ARG K 469 36.57 -74.37 -78.68
CA ARG K 469 36.68 -75.84 -78.60
C ARG K 469 35.67 -76.54 -79.50
N LEU K 470 34.43 -76.05 -79.46
CA LEU K 470 33.36 -76.53 -80.33
C LEU K 470 33.75 -76.31 -81.80
N ALA K 471 34.20 -75.10 -82.11
CA ALA K 471 34.54 -74.71 -83.47
C ALA K 471 35.95 -75.14 -83.94
N HIS K 472 36.62 -75.97 -83.14
CA HIS K 472 37.93 -76.50 -83.49
C HIS K 472 37.81 -77.97 -83.93
N SER K 473 36.67 -78.58 -83.62
CA SER K 473 36.39 -79.94 -84.02
C SER K 473 35.71 -79.97 -85.38
N LYS K 474 35.15 -78.82 -85.78
CA LYS K 474 34.45 -78.72 -87.06
C LYS K 474 35.09 -77.71 -88.02
N GLY K 475 35.91 -76.80 -87.47
CA GLY K 475 36.52 -75.71 -88.26
C GLY K 475 38.01 -75.84 -88.51
N GLU K 476 38.58 -76.98 -88.10
CA GLU K 476 39.99 -77.32 -88.34
C GLU K 476 41.01 -76.45 -87.59
N LYS K 477 42.29 -76.82 -87.80
CA LYS K 477 43.41 -76.46 -86.93
C LYS K 477 43.66 -74.98 -86.67
N TRP K 478 43.55 -74.15 -87.69
CA TRP K 478 44.11 -72.82 -87.61
C TRP K 478 43.24 -71.74 -86.94
N TYR K 479 42.19 -72.18 -86.25
CA TYR K 479 41.30 -71.28 -85.52
C TYR K 479 41.88 -70.89 -84.17
N GLY K 480 42.08 -69.58 -84.00
CA GLY K 480 42.60 -69.03 -82.75
C GLY K 480 42.00 -67.66 -82.41
N VAL K 481 42.55 -67.05 -81.36
CA VAL K 481 42.10 -65.73 -80.90
C VAL K 481 42.52 -64.65 -81.89
N VAL K 482 41.53 -63.95 -82.46
CA VAL K 482 41.78 -62.76 -83.27
C VAL K 482 41.45 -61.55 -82.41
N PHE K 483 42.50 -60.89 -81.92
CA PHE K 483 42.35 -59.78 -80.98
C PHE K 483 41.59 -58.58 -81.57
N GLU K 484 41.54 -58.52 -82.91
CA GLU K 484 41.04 -57.34 -83.60
C GLU K 484 39.52 -57.19 -83.63
N THR K 485 38.79 -58.23 -83.25
CA THR K 485 37.32 -58.17 -83.26
C THR K 485 36.72 -58.75 -81.97
N GLU K 486 37.59 -59.18 -81.07
CA GLU K 486 37.20 -59.81 -79.79
C GLU K 486 36.42 -61.12 -79.99
N ASN K 487 36.84 -61.91 -80.98
CA ASN K 487 36.20 -63.19 -81.28
C ASN K 487 37.09 -64.21 -82.01
N ILE K 488 36.53 -65.41 -82.24
CA ILE K 488 37.19 -66.55 -82.85
C ILE K 488 37.53 -66.28 -84.31
N GLY K 489 38.59 -66.94 -84.82
CA GLY K 489 38.95 -66.80 -86.23
C GLY K 489 40.15 -67.59 -86.71
N ASP K 490 40.21 -67.79 -88.03
CA ASP K 490 41.33 -68.46 -88.70
C ASP K 490 42.55 -67.55 -88.73
N ASN K 491 43.66 -68.03 -88.17
CA ASN K 491 44.88 -67.22 -88.06
C ASN K 491 45.86 -67.30 -89.24
N PHE K 492 45.50 -68.09 -90.26
CA PHE K 492 46.20 -68.05 -91.54
C PHE K 492 45.86 -66.74 -92.24
N ALA K 493 44.56 -66.49 -92.39
CA ALA K 493 44.07 -65.28 -93.05
C ALA K 493 44.24 -64.03 -92.18
N LYS K 494 44.22 -64.24 -90.87
CA LYS K 494 44.52 -63.18 -89.91
C LYS K 494 46.03 -62.92 -89.86
N PHE K 495 46.80 -63.84 -90.45
CA PHE K 495 48.26 -63.71 -90.61
C PHE K 495 49.06 -63.83 -89.32
N VAL K 496 48.48 -64.49 -88.31
CA VAL K 496 49.18 -64.69 -87.03
C VAL K 496 50.11 -65.89 -87.13
N TRP K 497 51.40 -65.60 -87.36
CA TRP K 497 52.37 -66.61 -87.76
C TRP K 497 53.56 -66.71 -86.83
N GLU K 498 53.97 -67.94 -86.52
CA GLU K 498 55.12 -68.20 -85.67
C GLU K 498 55.80 -69.51 -86.04
N PRO K 499 57.16 -69.53 -85.98
CA PRO K 499 57.99 -70.65 -86.43
C PRO K 499 57.69 -71.97 -85.76
N ALA K 500 58.16 -73.05 -86.39
CA ALA K 500 57.92 -74.41 -85.91
C ALA K 500 58.57 -74.68 -84.55
N LEU K 501 59.81 -74.23 -84.39
CA LEU K 501 60.64 -74.56 -83.22
C LEU K 501 60.07 -74.08 -81.90
N VAL K 502 59.48 -72.88 -81.90
CA VAL K 502 58.94 -72.25 -80.68
C VAL K 502 58.04 -73.20 -79.90
N LYS K 503 57.03 -73.74 -80.58
CA LYS K 503 55.99 -74.53 -79.93
C LYS K 503 56.43 -75.93 -79.51
N ILE K 504 57.40 -76.50 -80.24
CA ILE K 504 57.92 -77.83 -79.92
C ILE K 504 58.94 -77.77 -78.78
N ASN K 505 59.80 -76.75 -78.82
CA ASN K 505 60.77 -76.50 -77.75
C ASN K 505 60.09 -75.98 -76.49
N ALA K 506 58.98 -75.28 -76.66
CA ALA K 506 58.15 -74.86 -75.54
C ALA K 506 57.67 -76.06 -74.74
N LEU K 507 56.96 -76.97 -75.42
CA LEU K 507 56.39 -78.16 -74.79
C LEU K 507 57.42 -79.15 -74.25
N ASN K 508 58.50 -79.37 -75.01
CA ASN K 508 59.59 -80.25 -74.59
C ASN K 508 60.34 -79.79 -73.34
N SER K 509 60.38 -78.48 -73.14
CA SER K 509 60.97 -77.90 -71.95
C SER K 509 59.96 -77.89 -70.80
N ALA K 510 58.76 -77.39 -71.08
CA ALA K 510 57.69 -77.31 -70.07
C ALA K 510 57.46 -78.63 -69.35
N THR K 511 57.63 -79.74 -70.07
CA THR K 511 57.51 -81.08 -69.49
C THR K 511 58.76 -81.49 -68.74
N GLU K 512 59.93 -81.20 -69.30
CA GLU K 512 61.20 -81.48 -68.62
C GLU K 512 61.19 -80.91 -67.22
N ALA K 513 60.66 -79.69 -67.10
CA ALA K 513 60.47 -79.05 -65.79
C ALA K 513 59.47 -79.82 -64.94
N THR K 514 58.28 -80.03 -65.48
CA THR K 514 57.18 -80.71 -64.79
C THR K 514 57.55 -82.12 -64.31
N ASN K 515 58.30 -82.84 -65.15
CA ASN K 515 58.72 -84.20 -64.82
C ASN K 515 59.91 -84.25 -63.86
N LEU K 516 60.69 -83.16 -63.82
CA LEU K 516 61.82 -83.07 -62.90
C LEU K 516 61.33 -82.81 -61.48
N ILE K 517 60.33 -81.94 -61.35
CA ILE K 517 59.80 -81.53 -60.06
C ILE K 517 59.03 -82.64 -59.35
N LEU K 518 58.26 -83.41 -60.11
CA LEU K 518 57.49 -84.53 -59.57
C LEU K 518 58.40 -85.68 -59.12
N SER K 519 59.60 -85.73 -59.68
CA SER K 519 60.60 -86.74 -59.33
C SER K 519 61.18 -86.49 -57.94
N VAL K 520 61.20 -85.23 -57.55
CA VAL K 520 61.72 -84.82 -56.24
C VAL K 520 60.75 -85.26 -55.12
N ASP K 521 61.31 -85.91 -54.10
CA ASP K 521 60.53 -86.32 -52.94
C ASP K 521 61.14 -85.81 -51.64
N GLU K 522 62.31 -85.17 -51.76
CA GLU K 522 63.05 -84.68 -50.60
C GLU K 522 63.95 -83.50 -50.93
N THR K 523 63.76 -82.41 -50.20
CA THR K 523 64.66 -81.25 -50.29
C THR K 523 65.49 -81.13 -49.03
N ILE K 524 66.80 -81.23 -49.21
CA ILE K 524 67.75 -81.03 -48.13
C ILE K 524 68.55 -79.76 -48.41
N THR K 525 68.63 -78.89 -47.41
CA THR K 525 69.35 -77.63 -47.56
C THR K 525 70.32 -77.45 -46.38
N ASN K 526 71.59 -77.19 -46.71
CA ASN K 526 72.65 -77.02 -45.69
C ASN K 526 72.81 -75.56 -45.22
N LYS K 527 73.41 -75.39 -44.05
CA LYS K 527 73.66 -74.05 -43.50
C LYS K 527 74.92 -73.43 -44.08
N MET L 25 49.19 -77.27 -44.29
CA MET L 25 49.44 -76.90 -45.67
C MET L 25 50.11 -75.52 -45.77
N GLY L 26 50.66 -75.06 -44.66
CA GLY L 26 51.32 -73.76 -44.62
C GLY L 26 52.79 -73.87 -44.29
N ARG L 27 53.63 -73.53 -45.26
CA ARG L 27 55.07 -73.46 -45.05
C ARG L 27 55.55 -72.05 -45.35
N PRO L 28 56.27 -71.43 -44.40
CA PRO L 28 56.95 -70.14 -44.68
C PRO L 28 58.10 -70.33 -45.68
N PHE L 29 57.97 -69.71 -46.86
CA PHE L 29 58.79 -70.06 -48.03
C PHE L 29 59.64 -68.92 -48.60
N ILE L 30 60.62 -69.29 -49.42
CA ILE L 30 61.54 -68.33 -50.04
C ILE L 30 61.55 -68.50 -51.56
N ILE L 31 60.68 -67.76 -52.24
CA ILE L 31 60.59 -67.82 -53.69
C ILE L 31 61.68 -66.95 -54.32
N VAL L 32 61.57 -65.64 -54.13
CA VAL L 32 62.57 -64.69 -54.61
C VAL L 32 63.59 -64.43 -53.51
N LYS L 33 64.78 -63.95 -53.89
CA LYS L 33 65.88 -63.71 -52.95
C LYS L 33 65.72 -62.42 -52.17
N ASP L 34 65.89 -62.51 -50.84
CA ASP L 34 65.61 -61.43 -49.89
C ASP L 34 64.16 -60.97 -50.03
N GLN L 35 63.24 -61.93 -49.94
CA GLN L 35 61.81 -61.71 -50.18
C GLN L 35 61.21 -60.68 -49.22
N GLY L 36 61.74 -60.67 -48.00
CA GLY L 36 61.31 -59.74 -46.96
C GLY L 36 61.54 -58.28 -47.29
N ASN L 37 62.54 -58.01 -48.13
CA ASN L 37 62.86 -56.64 -48.52
C ASN L 37 62.32 -56.23 -49.89
N LYS L 38 61.26 -56.89 -50.36
CA LYS L 38 60.69 -56.59 -51.68
C LYS L 38 59.21 -56.22 -51.65
N LYS L 39 58.92 -54.94 -51.90
CA LYS L 39 57.56 -54.40 -51.95
C LYS L 39 57.02 -54.41 -53.38
N ARG L 40 55.70 -54.58 -53.52
CA ARG L 40 55.07 -54.77 -54.83
C ARG L 40 53.85 -53.87 -55.05
N GLN L 41 54.00 -52.87 -55.91
CA GLN L 41 52.88 -52.01 -56.30
C GLN L 41 52.05 -52.69 -57.38
N HIS L 42 50.75 -52.81 -57.13
CA HIS L 42 49.88 -53.71 -57.89
C HIS L 42 48.68 -53.00 -58.53
N GLY L 43 48.38 -53.39 -59.76
CA GLY L 43 47.17 -52.94 -60.46
C GLY L 43 46.95 -51.44 -60.58
N LEU L 44 45.69 -51.03 -60.45
CA LEU L 44 45.30 -49.62 -60.57
C LEU L 44 45.93 -48.76 -59.49
N GLU L 45 45.77 -49.18 -58.24
CA GLU L 45 46.27 -48.43 -57.08
C GLU L 45 47.77 -48.12 -57.21
N ALA L 46 48.45 -48.85 -58.10
CA ALA L 46 49.82 -48.56 -58.47
C ALA L 46 49.87 -47.42 -59.49
N LYS L 47 49.05 -47.52 -60.56
CA LYS L 47 48.99 -46.49 -61.60
C LYS L 47 48.66 -45.11 -61.05
N LYS L 48 47.75 -45.03 -60.08
CA LYS L 48 47.45 -43.78 -59.40
C LYS L 48 48.74 -43.21 -58.81
N SER L 49 49.46 -44.04 -58.05
CA SER L 49 50.72 -43.67 -57.41
C SER L 49 51.83 -43.33 -58.40
N HIS L 50 51.64 -43.74 -59.65
CA HIS L 50 52.61 -43.47 -60.70
C HIS L 50 52.33 -42.15 -61.39
N ILE L 51 51.06 -41.94 -61.73
CA ILE L 51 50.61 -40.72 -62.43
C ILE L 51 50.73 -39.52 -61.51
N LEU L 52 50.26 -39.66 -60.28
CA LEU L 52 50.32 -38.57 -59.32
C LEU L 52 51.76 -38.20 -59.03
N ALA L 53 52.66 -39.17 -59.17
CA ALA L 53 54.08 -38.91 -58.98
C ALA L 53 54.56 -37.93 -60.05
N ALA L 54 54.29 -38.30 -61.30
CA ALA L 54 54.59 -37.45 -62.45
C ALA L 54 53.92 -36.09 -62.30
N ARG L 55 52.69 -36.11 -61.81
CA ARG L 55 51.92 -34.90 -61.53
C ARG L 55 52.67 -33.92 -60.65
N SER L 56 53.22 -34.42 -59.55
CA SER L 56 53.93 -33.59 -58.60
C SER L 56 55.19 -33.03 -59.27
N VAL L 57 55.93 -33.89 -59.97
CA VAL L 57 57.08 -33.45 -60.77
C VAL L 57 56.68 -32.28 -61.66
N ALA L 58 55.50 -32.37 -62.26
CA ALA L 58 54.99 -31.33 -63.15
C ALA L 58 54.73 -30.01 -62.44
N SER L 59 54.17 -30.06 -61.24
CA SER L 59 53.84 -28.84 -60.47
C SER L 59 55.07 -28.05 -60.07
N ILE L 60 56.19 -28.74 -59.92
CA ILE L 60 57.48 -28.12 -59.64
C ILE L 60 57.92 -27.26 -60.82
N ILE L 61 57.77 -27.76 -62.04
CA ILE L 61 58.28 -27.09 -63.24
C ILE L 61 57.26 -26.17 -63.93
N LYS L 62 55.99 -26.58 -63.99
CA LYS L 62 54.96 -25.85 -64.76
C LYS L 62 54.99 -24.34 -64.57
N THR L 63 55.47 -23.88 -63.40
CA THR L 63 55.58 -22.46 -63.09
C THR L 63 56.83 -21.81 -63.69
N SER L 64 57.62 -22.60 -64.41
CA SER L 64 58.87 -22.15 -64.99
C SER L 64 58.85 -22.20 -66.52
N LEU L 65 57.66 -22.09 -67.09
CA LEU L 65 57.47 -22.19 -68.54
C LEU L 65 57.16 -20.83 -69.16
N GLY L 66 57.91 -20.47 -70.20
CA GLY L 66 57.66 -19.24 -70.93
C GLY L 66 58.50 -18.07 -70.48
N PRO L 67 58.33 -16.92 -71.14
CA PRO L 67 59.12 -15.70 -70.91
C PRO L 67 58.76 -15.05 -69.59
N ARG L 68 57.69 -15.57 -69.00
CA ARG L 68 57.21 -15.14 -67.71
C ARG L 68 57.48 -16.22 -66.68
N GLY L 69 58.37 -17.14 -67.06
CA GLY L 69 58.79 -18.23 -66.19
C GLY L 69 59.61 -17.73 -65.03
N LEU L 70 59.81 -18.61 -64.05
CA LEU L 70 60.62 -18.31 -62.88
C LEU L 70 61.61 -19.44 -62.65
N ASP L 71 62.71 -19.13 -61.98
CA ASP L 71 63.85 -20.04 -61.92
C ASP L 71 63.91 -20.92 -60.66
N LYS L 72 64.48 -22.12 -60.83
CA LYS L 72 64.65 -23.09 -59.75
C LYS L 72 66.08 -23.06 -59.26
N ILE L 73 66.25 -22.93 -57.96
CA ILE L 73 67.56 -22.82 -57.34
C ILE L 73 67.89 -24.10 -56.55
N LEU L 74 68.71 -24.94 -57.16
CA LEU L 74 69.00 -26.28 -56.65
C LEU L 74 70.38 -26.32 -55.99
N ILE L 75 70.50 -27.11 -54.93
CA ILE L 75 71.78 -27.23 -54.24
C ILE L 75 72.32 -28.67 -54.30
N SER L 76 73.60 -28.78 -54.61
CA SER L 76 74.30 -30.07 -54.67
C SER L 76 74.58 -30.57 -53.27
N PRO L 77 74.76 -31.90 -53.10
CA PRO L 77 75.09 -32.50 -51.80
C PRO L 77 76.30 -31.84 -51.15
N ASP L 78 77.22 -31.33 -51.96
CA ASP L 78 78.41 -30.65 -51.46
C ASP L 78 78.10 -29.22 -51.03
N GLY L 79 77.14 -28.59 -51.70
CA GLY L 79 76.73 -27.25 -51.33
C GLY L 79 76.86 -26.22 -52.44
N GLU L 80 77.20 -26.69 -53.64
CA GLU L 80 77.30 -25.82 -54.81
C GLU L 80 75.93 -25.38 -55.31
N ILE L 81 75.85 -24.12 -55.70
CA ILE L 81 74.58 -23.49 -56.09
C ILE L 81 74.36 -23.46 -57.61
N THR L 82 73.15 -23.82 -58.03
CA THR L 82 72.73 -23.70 -59.42
C THR L 82 71.42 -22.93 -59.48
N ILE L 83 71.31 -21.99 -60.42
CA ILE L 83 70.08 -21.22 -60.60
C ILE L 83 69.71 -21.23 -62.07
N THR L 84 68.66 -21.97 -62.42
CA THR L 84 68.38 -22.24 -63.85
C THR L 84 66.92 -22.20 -64.27
N ASN L 85 66.71 -22.44 -65.56
CA ASN L 85 65.38 -22.53 -66.15
C ASN L 85 65.37 -23.74 -67.10
N ASP L 86 66.56 -24.17 -67.51
CA ASP L 86 66.73 -25.32 -68.41
C ASP L 86 66.16 -26.55 -67.71
N GLY L 87 64.94 -26.89 -68.09
CA GLY L 87 64.19 -28.00 -67.48
C GLY L 87 65.02 -29.23 -67.19
N ALA L 88 65.83 -29.63 -68.17
CA ALA L 88 66.74 -30.76 -68.03
C ALA L 88 67.66 -30.59 -66.83
N THR L 89 68.26 -29.41 -66.70
CA THR L 89 69.11 -29.08 -65.56
C THR L 89 68.33 -29.26 -64.26
N ILE L 90 67.18 -28.61 -64.17
CA ILE L 90 66.33 -28.63 -62.97
C ILE L 90 66.13 -30.04 -62.46
N LEU L 91 65.78 -30.95 -63.37
CA LEU L 91 65.49 -32.33 -63.04
C LEU L 91 66.74 -33.18 -62.83
N SER L 92 67.85 -32.75 -63.41
CA SER L 92 69.10 -33.50 -63.32
C SER L 92 69.71 -33.37 -61.93
N GLN L 93 69.53 -32.21 -61.30
CA GLN L 93 70.11 -31.93 -59.99
C GLN L 93 69.36 -32.63 -58.87
N MET L 94 68.04 -32.42 -58.81
CA MET L 94 67.22 -32.91 -57.69
C MET L 94 67.41 -34.40 -57.42
N GLU L 95 67.65 -34.71 -56.15
CA GLU L 95 67.77 -36.09 -55.71
C GLU L 95 66.39 -36.71 -55.68
N LEU L 96 66.08 -37.48 -56.73
CA LEU L 96 64.76 -38.09 -56.89
C LEU L 96 64.78 -39.58 -56.60
N ASP L 97 63.60 -40.12 -56.28
CA ASP L 97 63.50 -41.47 -55.75
C ASP L 97 62.36 -42.29 -56.39
N ASN L 98 61.22 -41.65 -56.63
CA ASN L 98 60.07 -42.30 -57.28
C ASN L 98 60.39 -42.65 -58.72
N GLU L 99 60.29 -43.94 -59.06
CA GLU L 99 60.72 -44.45 -60.36
C GLU L 99 60.13 -43.74 -61.58
N ILE L 100 58.91 -43.22 -61.46
CA ILE L 100 58.25 -42.49 -62.55
C ILE L 100 58.88 -41.12 -62.74
N ALA L 101 59.16 -40.44 -61.62
CA ALA L 101 59.86 -39.16 -61.66
C ALA L 101 61.27 -39.36 -62.23
N LYS L 102 62.00 -40.35 -61.72
CA LYS L 102 63.31 -40.74 -62.24
C LYS L 102 63.28 -40.87 -63.76
N LEU L 103 62.19 -41.42 -64.28
CA LEU L 103 62.01 -41.58 -65.72
C LEU L 103 61.86 -40.25 -66.43
N LEU L 104 61.13 -39.32 -65.84
CA LEU L 104 60.92 -38.00 -66.46
C LEU L 104 62.19 -37.14 -66.48
N VAL L 105 63.09 -37.38 -65.53
CA VAL L 105 64.40 -36.74 -65.53
C VAL L 105 65.10 -37.09 -66.83
N GLN L 106 65.08 -38.39 -67.16
CA GLN L 106 65.68 -38.91 -68.39
C GLN L 106 64.90 -38.47 -69.63
N LEU L 107 63.64 -38.11 -69.46
CA LEU L 107 62.82 -37.64 -70.58
C LEU L 107 63.29 -36.26 -71.01
N SER L 108 63.50 -35.38 -70.03
CA SER L 108 64.01 -34.06 -70.28
C SER L 108 65.48 -34.14 -70.73
N LYS L 109 66.24 -34.98 -70.04
CA LYS L 109 67.66 -35.24 -70.37
C LYS L 109 67.81 -35.71 -71.82
N SER L 110 66.80 -36.44 -72.31
CA SER L 110 66.75 -36.93 -73.68
C SER L 110 66.61 -35.79 -74.67
N GLN L 111 65.61 -34.94 -74.44
CA GLN L 111 65.33 -33.81 -75.32
C GLN L 111 66.56 -32.91 -75.49
N ASP L 112 67.19 -32.56 -74.38
CA ASP L 112 68.38 -31.69 -74.37
C ASP L 112 69.44 -32.18 -75.36
N ASP L 113 69.66 -33.50 -75.40
CA ASP L 113 70.63 -34.10 -76.30
C ASP L 113 70.15 -34.03 -77.75
N GLU L 114 68.92 -34.51 -78.00
CA GLU L 114 68.36 -34.54 -79.35
C GLU L 114 68.16 -33.16 -79.94
N ILE L 115 67.83 -32.19 -79.09
CA ILE L 115 67.57 -30.82 -79.55
C ILE L 115 68.39 -29.77 -78.79
N GLY L 116 68.17 -29.63 -77.48
CA GLY L 116 68.82 -28.59 -76.70
C GLY L 116 67.84 -27.66 -76.02
N ASP L 117 66.76 -27.35 -76.73
CA ASP L 117 65.64 -26.58 -76.19
C ASP L 117 64.38 -27.44 -76.10
N GLY L 118 63.42 -27.03 -75.28
CA GLY L 118 62.17 -27.78 -75.15
C GLY L 118 62.08 -28.58 -73.87
N THR L 119 63.23 -28.81 -73.24
CA THR L 119 63.36 -29.63 -72.03
C THR L 119 62.28 -29.40 -70.97
N THR L 120 61.80 -28.16 -70.88
CA THR L 120 60.80 -27.76 -69.89
C THR L 120 59.42 -28.30 -70.23
N GLY L 121 58.89 -27.94 -71.41
CA GLY L 121 57.55 -28.34 -71.80
C GLY L 121 57.35 -29.83 -72.05
N VAL L 122 58.43 -30.52 -72.38
CA VAL L 122 58.41 -31.96 -72.66
C VAL L 122 57.78 -32.72 -71.51
N VAL L 123 58.17 -32.35 -70.29
CA VAL L 123 57.69 -33.00 -69.07
C VAL L 123 56.22 -32.62 -68.77
N VAL L 124 55.90 -31.34 -68.90
CA VAL L 124 54.53 -30.86 -68.68
C VAL L 124 53.52 -31.65 -69.52
N LEU L 125 53.81 -31.81 -70.80
CA LEU L 125 52.98 -32.56 -71.72
C LEU L 125 52.81 -34.00 -71.26
N ALA L 126 53.93 -34.65 -70.94
CA ALA L 126 53.94 -36.05 -70.53
C ALA L 126 53.04 -36.31 -69.32
N SER L 127 53.13 -35.44 -68.32
CA SER L 127 52.33 -35.56 -67.09
C SER L 127 50.85 -35.33 -67.35
N ALA L 128 50.56 -34.30 -68.16
CA ALA L 128 49.19 -33.99 -68.57
C ALA L 128 48.57 -35.14 -69.34
N LEU L 129 49.37 -35.78 -70.20
CA LEU L 129 48.94 -36.97 -70.91
C LEU L 129 48.66 -38.15 -69.98
N LEU L 130 49.50 -38.29 -68.96
CA LEU L 130 49.33 -39.34 -67.98
C LEU L 130 48.13 -39.06 -67.07
N ASP L 131 47.90 -37.77 -66.78
CA ASP L 131 46.70 -37.34 -66.05
C ASP L 131 45.45 -37.72 -66.80
N GLN L 132 45.40 -37.34 -68.07
CA GLN L 132 44.24 -37.58 -68.90
C GLN L 132 43.95 -39.06 -68.96
N ALA L 133 45.01 -39.85 -68.98
CA ALA L 133 44.90 -41.31 -68.94
C ALA L 133 44.29 -41.80 -67.61
N LEU L 134 44.70 -41.20 -66.50
CA LEU L 134 44.18 -41.58 -65.18
C LEU L 134 42.68 -41.33 -65.09
N GLU L 135 42.24 -40.21 -65.65
CA GLU L 135 40.82 -39.85 -65.67
C GLU L 135 40.01 -40.88 -66.46
N LEU L 136 40.62 -41.38 -67.54
CA LEU L 136 39.96 -42.39 -68.38
C LEU L 136 40.04 -43.81 -67.82
N ILE L 137 41.13 -44.15 -67.11
CA ILE L 137 41.25 -45.47 -66.52
C ILE L 137 40.21 -45.68 -65.41
N GLN L 138 39.99 -44.65 -64.58
CA GLN L 138 38.95 -44.68 -63.56
C GLN L 138 37.54 -44.75 -64.18
N LYS L 139 37.49 -44.61 -65.50
CA LYS L 139 36.27 -44.83 -66.26
C LYS L 139 36.21 -46.25 -66.82
N GLY L 140 37.21 -47.07 -66.46
CA GLY L 140 37.22 -48.51 -66.75
C GLY L 140 37.80 -48.95 -68.09
N ILE L 141 38.92 -48.36 -68.47
CA ILE L 141 39.51 -48.59 -69.79
C ILE L 141 40.89 -49.23 -69.71
N HIS L 142 41.15 -50.17 -70.62
CA HIS L 142 42.44 -50.84 -70.70
C HIS L 142 43.52 -49.86 -71.15
N PRO L 143 44.59 -49.74 -70.36
CA PRO L 143 45.68 -48.79 -70.57
C PRO L 143 46.47 -49.00 -71.87
N ILE L 144 46.66 -50.26 -72.29
CA ILE L 144 47.38 -50.54 -73.53
C ILE L 144 46.59 -50.07 -74.74
N LYS L 145 45.27 -50.06 -74.62
CA LYS L 145 44.38 -49.50 -75.63
C LYS L 145 44.42 -47.97 -75.62
N ILE L 146 44.66 -47.38 -74.45
CA ILE L 146 44.83 -45.94 -74.29
C ILE L 146 46.15 -45.47 -74.89
N ALA L 147 47.22 -46.18 -74.58
CA ALA L 147 48.55 -45.89 -75.11
C ALA L 147 48.58 -46.02 -76.63
N ASN L 148 47.95 -47.09 -77.14
CA ASN L 148 47.78 -47.30 -78.56
C ASN L 148 46.89 -46.24 -79.18
N GLY L 149 45.90 -45.77 -78.41
CA GLY L 149 45.05 -44.66 -78.80
C GLY L 149 45.79 -43.33 -78.85
N PHE L 150 46.72 -43.14 -77.92
CA PHE L 150 47.57 -41.95 -77.89
C PHE L 150 48.51 -41.87 -79.09
N ASP L 151 49.20 -42.97 -79.38
CA ASP L 151 50.22 -42.99 -80.44
C ASP L 151 49.64 -42.75 -81.82
N GLU L 152 48.46 -43.32 -82.08
CA GLU L 152 47.74 -43.08 -83.32
C GLU L 152 47.23 -41.64 -83.36
N ALA L 153 47.03 -41.04 -82.18
CA ALA L 153 46.62 -39.64 -82.06
C ALA L 153 47.81 -38.69 -82.18
N ALA L 154 48.96 -39.13 -81.68
CA ALA L 154 50.20 -38.35 -81.79
C ALA L 154 50.71 -38.30 -83.24
N LYS L 155 50.45 -39.36 -83.99
CA LYS L 155 50.84 -39.45 -85.41
C LYS L 155 49.97 -38.56 -86.31
N LEU L 156 48.85 -38.09 -85.76
CA LEU L 156 47.94 -37.18 -86.47
C LEU L 156 48.25 -35.72 -86.16
N ALA L 157 48.82 -35.48 -84.98
CA ALA L 157 49.25 -34.15 -84.58
C ALA L 157 50.49 -33.71 -85.35
N ILE L 158 51.52 -34.56 -85.37
CA ILE L 158 52.77 -34.27 -86.08
C ILE L 158 52.57 -34.08 -87.59
N SER L 159 51.54 -34.73 -88.12
CA SER L 159 51.20 -34.64 -89.54
C SER L 159 50.57 -33.29 -89.89
N LYS L 160 49.74 -32.78 -88.97
CA LYS L 160 49.14 -31.47 -89.15
C LYS L 160 50.14 -30.34 -88.99
N LEU L 161 51.12 -30.56 -88.11
CA LEU L 161 52.21 -29.60 -87.92
C LEU L 161 53.13 -29.54 -89.15
N GLU L 162 53.43 -30.70 -89.73
CA GLU L 162 54.27 -30.80 -90.94
C GLU L 162 53.59 -30.17 -92.15
N GLU L 163 52.26 -30.19 -92.14
CA GLU L 163 51.44 -29.62 -93.22
C GLU L 163 51.36 -28.10 -93.11
N THR L 164 51.35 -27.59 -91.89
CA THR L 164 51.12 -26.16 -91.68
C THR L 164 52.39 -25.35 -91.43
N CYS L 165 53.44 -26.00 -90.95
CA CYS L 165 54.68 -25.32 -90.60
C CYS L 165 55.21 -24.42 -91.71
N ASP L 166 55.73 -23.26 -91.31
CA ASP L 166 56.32 -22.33 -92.26
C ASP L 166 57.73 -22.80 -92.61
N ASP L 167 58.28 -22.25 -93.70
CA ASP L 167 59.56 -22.71 -94.25
C ASP L 167 60.51 -21.56 -94.60
N ILE L 168 61.76 -21.65 -94.16
CA ILE L 168 62.77 -20.64 -94.47
C ILE L 168 63.75 -21.13 -95.57
N SER L 169 63.46 -22.27 -96.18
CA SER L 169 64.27 -22.79 -97.28
C SER L 169 64.05 -21.98 -98.56
N ALA L 170 62.82 -21.55 -98.78
CA ALA L 170 62.48 -20.75 -99.95
C ALA L 170 62.79 -19.26 -99.74
N SER L 171 63.70 -18.99 -98.81
CA SER L 171 64.08 -17.62 -98.48
C SER L 171 65.38 -17.16 -99.14
N ASN L 172 65.54 -15.84 -99.23
CA ASN L 172 66.80 -15.20 -99.60
C ASN L 172 67.81 -15.28 -98.45
N ASP L 173 69.05 -14.87 -98.70
CA ASP L 173 70.11 -14.90 -97.70
C ASP L 173 69.84 -13.90 -96.55
N GLU L 174 69.24 -12.77 -96.90
CA GLU L 174 68.94 -11.69 -95.95
C GLU L 174 67.86 -12.05 -94.93
N LEU L 175 66.93 -12.91 -95.33
CA LEU L 175 65.78 -13.27 -94.50
C LEU L 175 66.05 -14.51 -93.65
N PHE L 176 66.90 -15.40 -94.15
CA PHE L 176 67.30 -16.60 -93.43
C PHE L 176 68.06 -16.21 -92.17
N ARG L 177 68.96 -15.23 -92.30
CA ARG L 177 69.75 -14.72 -91.18
C ARG L 177 68.89 -14.01 -90.13
N ASP L 178 67.67 -13.64 -90.52
CA ASP L 178 66.74 -12.98 -89.63
C ASP L 178 65.91 -13.99 -88.83
N PHE L 179 65.42 -15.02 -89.51
CA PHE L 179 64.61 -16.06 -88.87
C PHE L 179 65.39 -16.82 -87.79
N LEU L 180 66.69 -16.97 -88.00
CA LEU L 180 67.58 -17.60 -87.02
C LEU L 180 67.72 -16.75 -85.76
N LEU L 181 67.71 -15.42 -85.94
CA LEU L 181 67.69 -14.48 -84.83
C LEU L 181 66.37 -14.55 -84.07
N ARG L 182 65.27 -14.62 -84.82
CA ARG L 182 63.94 -14.70 -84.23
C ARG L 182 63.78 -15.93 -83.33
N ALA L 183 64.37 -17.05 -83.75
CA ALA L 183 64.37 -18.27 -82.95
C ALA L 183 65.23 -18.11 -81.70
N ALA L 184 66.42 -17.54 -81.89
CA ALA L 184 67.34 -17.27 -80.78
C ALA L 184 66.67 -16.36 -79.76
N LYS L 185 66.04 -15.30 -80.26
CA LYS L 185 65.24 -14.36 -79.47
C LYS L 185 64.21 -15.10 -78.61
N THR L 186 63.46 -16.00 -79.24
CA THR L 186 62.40 -16.77 -78.58
C THR L 186 62.96 -17.69 -77.50
N SER L 187 64.01 -18.43 -77.84
CA SER L 187 64.61 -19.38 -76.92
C SER L 187 65.19 -18.68 -75.72
N LEU L 188 65.77 -17.50 -75.92
CA LEU L 188 66.40 -16.76 -74.83
C LEU L 188 65.40 -16.13 -73.85
N GLY L 189 64.43 -15.38 -74.38
CA GLY L 189 63.41 -14.70 -73.57
C GLY L 189 62.57 -15.66 -72.74
N SER L 190 63.05 -15.94 -71.53
CA SER L 190 62.54 -17.01 -70.69
C SER L 190 63.51 -17.09 -69.54
N LYS L 191 64.76 -16.77 -69.87
CA LYS L 191 65.89 -16.87 -68.96
C LYS L 191 66.41 -15.46 -68.64
N ILE L 192 67.08 -15.32 -67.50
CA ILE L 192 67.53 -14.02 -66.99
C ILE L 192 68.46 -13.26 -67.94
N VAL L 193 68.83 -13.93 -69.04
CA VAL L 193 69.62 -13.34 -70.11
C VAL L 193 68.78 -12.32 -70.89
N SER L 194 67.45 -12.41 -70.77
CA SER L 194 66.50 -11.54 -71.47
C SER L 194 66.87 -10.05 -71.54
N LYS L 195 67.68 -9.59 -70.58
CA LYS L 195 68.18 -8.21 -70.59
C LYS L 195 68.85 -7.85 -71.91
N ASP L 196 69.90 -8.57 -72.26
CA ASP L 196 70.69 -8.29 -73.46
C ASP L 196 70.41 -9.28 -74.60
N HIS L 197 69.18 -9.78 -74.69
CA HIS L 197 68.86 -10.82 -75.67
C HIS L 197 68.91 -10.36 -77.14
N ASP L 198 69.22 -9.08 -77.34
CA ASP L 198 69.57 -8.58 -78.65
C ASP L 198 71.02 -8.96 -78.94
N ARG L 199 71.87 -8.77 -77.93
CA ARG L 199 73.28 -9.12 -78.03
C ARG L 199 73.44 -10.63 -77.98
N PHE L 200 72.80 -11.26 -76.99
CA PHE L 200 72.94 -12.69 -76.76
C PHE L 200 72.47 -13.54 -77.94
N ALA L 201 71.39 -13.10 -78.59
CA ALA L 201 70.90 -13.79 -79.77
C ALA L 201 71.89 -13.66 -80.92
N GLU L 202 72.34 -12.43 -81.17
CA GLU L 202 73.29 -12.13 -82.25
C GLU L 202 74.64 -12.82 -82.05
N MET L 203 74.80 -13.48 -80.90
CA MET L 203 75.95 -14.33 -80.67
C MET L 203 75.66 -15.73 -81.17
N ALA L 204 74.47 -16.23 -80.81
CA ALA L 204 74.04 -17.60 -81.12
C ALA L 204 73.97 -17.90 -82.62
N VAL L 205 73.54 -16.92 -83.41
CA VAL L 205 73.47 -17.06 -84.86
C VAL L 205 74.87 -16.99 -85.47
N GLU L 206 75.66 -16.01 -85.04
CA GLU L 206 77.02 -15.80 -85.52
C GLU L 206 77.89 -17.05 -85.35
N ALA L 207 77.67 -17.77 -84.25
CA ALA L 207 78.44 -18.96 -83.92
C ALA L 207 78.18 -20.14 -84.86
N VAL L 208 76.92 -20.35 -85.23
CA VAL L 208 76.52 -21.50 -86.06
C VAL L 208 76.91 -21.34 -87.54
N ILE L 209 76.79 -20.12 -88.07
CA ILE L 209 77.17 -19.85 -89.46
C ILE L 209 78.64 -20.18 -89.71
N ASN L 210 79.49 -19.67 -88.82
CA ASN L 210 80.94 -19.82 -88.90
C ASN L 210 81.43 -21.28 -88.94
N VAL L 211 80.79 -22.15 -88.16
CA VAL L 211 81.37 -23.46 -87.83
C VAL L 211 80.78 -24.69 -88.55
N MET L 212 79.58 -24.56 -89.09
CA MET L 212 78.89 -25.69 -89.71
C MET L 212 79.07 -25.73 -91.23
N ASP L 213 79.66 -26.82 -91.73
CA ASP L 213 79.85 -27.06 -93.17
C ASP L 213 78.50 -27.05 -93.88
N LYS L 214 78.34 -26.10 -94.80
CA LYS L 214 77.04 -25.80 -95.44
C LYS L 214 76.38 -27.03 -96.07
N ASP L 215 77.12 -27.68 -96.97
CA ASP L 215 76.64 -28.84 -97.74
C ASP L 215 76.45 -30.11 -96.90
N ARG L 216 77.18 -30.23 -95.79
CA ARG L 216 76.98 -31.31 -94.82
C ARG L 216 75.85 -30.94 -93.84
N LYS L 217 75.53 -29.64 -93.77
CA LYS L 217 74.54 -29.06 -92.85
C LYS L 217 74.70 -29.54 -91.39
N ASP L 218 75.94 -29.84 -91.02
CA ASP L 218 76.29 -30.48 -89.75
C ASP L 218 77.13 -29.55 -88.86
N VAL L 219 76.66 -29.31 -87.64
CA VAL L 219 77.33 -28.42 -86.70
C VAL L 219 77.94 -29.18 -85.52
N ASP L 220 79.25 -28.99 -85.31
CA ASP L 220 79.94 -29.61 -84.18
C ASP L 220 80.00 -28.66 -82.98
N PHE L 221 79.57 -29.16 -81.81
CA PHE L 221 79.65 -28.40 -80.56
C PHE L 221 80.94 -28.66 -79.78
N ASP L 222 81.81 -29.48 -80.38
CA ASP L 222 83.18 -29.68 -79.92
C ASP L 222 84.07 -28.61 -80.57
N LEU L 223 83.52 -27.93 -81.56
CA LEU L 223 84.19 -26.84 -82.27
C LEU L 223 83.98 -25.49 -81.57
N ILE L 224 82.74 -25.23 -81.15
CA ILE L 224 82.42 -24.05 -80.35
C ILE L 224 82.79 -24.33 -78.90
N LYS L 225 83.74 -23.54 -78.38
CA LYS L 225 84.13 -23.65 -76.98
C LYS L 225 83.34 -22.67 -76.13
N MET L 226 82.79 -23.15 -75.02
CA MET L 226 82.18 -22.27 -74.04
C MET L 226 83.23 -21.87 -73.01
N GLN L 227 83.43 -20.57 -72.86
CA GLN L 227 84.35 -20.04 -71.85
C GLN L 227 83.63 -19.04 -70.98
N GLY L 228 83.94 -19.04 -69.70
CA GLY L 228 83.29 -18.15 -68.77
C GLY L 228 84.25 -17.62 -67.73
N ARG L 229 84.33 -16.30 -67.65
CA ARG L 229 85.10 -15.64 -66.63
C ARG L 229 84.23 -14.60 -65.95
N VAL L 230 84.24 -14.59 -64.62
CA VAL L 230 83.38 -13.71 -63.84
C VAL L 230 83.93 -12.28 -63.79
N GLY L 231 83.05 -11.29 -63.92
CA GLY L 231 83.45 -9.89 -63.86
C GLY L 231 82.56 -8.92 -64.63
N GLY L 232 82.32 -7.75 -64.05
CA GLY L 232 81.53 -6.71 -64.71
C GLY L 232 80.03 -6.97 -64.81
N SER L 233 79.56 -7.18 -66.05
CA SER L 233 78.13 -7.34 -66.35
C SER L 233 77.96 -8.41 -67.44
N ILE L 234 76.75 -8.94 -67.61
CA ILE L 234 76.48 -9.86 -68.73
C ILE L 234 76.43 -9.13 -70.06
N SER L 235 76.43 -7.80 -69.99
CA SER L 235 76.50 -6.93 -71.17
C SER L 235 77.86 -7.06 -71.85
N ASP L 236 78.88 -7.33 -71.04
CA ASP L 236 80.26 -7.38 -71.50
C ASP L 236 80.63 -8.73 -72.11
N SER L 237 79.63 -9.58 -72.32
CA SER L 237 79.84 -10.89 -72.92
C SER L 237 80.01 -10.76 -74.43
N LYS L 238 81.23 -11.02 -74.90
CA LYS L 238 81.58 -10.91 -76.32
C LYS L 238 81.87 -12.26 -76.96
N LEU L 239 81.78 -12.30 -78.29
CA LEU L 239 82.18 -13.46 -79.07
C LEU L 239 83.53 -13.12 -79.68
N ILE L 240 84.51 -14.01 -79.49
CA ILE L 240 85.85 -13.74 -79.97
C ILE L 240 86.25 -14.71 -81.08
N ASN L 241 86.70 -14.14 -82.20
CA ASN L 241 87.06 -14.90 -83.39
C ASN L 241 88.42 -15.59 -83.24
N GLY L 242 88.49 -16.54 -82.31
CA GLY L 242 89.72 -17.28 -82.05
C GLY L 242 89.64 -18.13 -80.79
N VAL L 243 90.56 -17.88 -79.87
CA VAL L 243 90.63 -18.64 -78.62
C VAL L 243 91.08 -17.75 -77.46
N ILE L 244 90.62 -18.11 -76.26
CA ILE L 244 91.07 -17.46 -75.03
C ILE L 244 91.68 -18.50 -74.08
N LEU L 245 92.94 -18.29 -73.71
CA LEU L 245 93.67 -19.22 -72.85
C LEU L 245 93.86 -18.68 -71.43
N ASP L 246 94.02 -19.60 -70.48
CA ASP L 246 94.34 -19.26 -69.10
C ASP L 246 95.86 -19.15 -68.87
N LYS L 247 96.63 -19.09 -69.96
CA LYS L 247 98.08 -19.02 -69.89
C LYS L 247 98.62 -17.61 -70.05
N ASP L 248 99.80 -17.36 -69.49
CA ASP L 248 100.50 -16.09 -69.61
C ASP L 248 101.55 -16.17 -70.70
N PHE L 249 102.40 -15.15 -70.79
CA PHE L 249 103.60 -15.25 -71.59
C PHE L 249 104.71 -15.87 -70.75
N SER L 250 105.50 -16.73 -71.39
CA SER L 250 106.52 -17.55 -70.72
C SER L 250 107.53 -16.77 -69.88
N HIS L 251 107.94 -15.62 -70.40
CA HIS L 251 108.85 -14.73 -69.69
C HIS L 251 108.14 -13.41 -69.37
N PRO L 252 108.29 -12.91 -68.12
CA PRO L 252 107.61 -11.68 -67.70
C PRO L 252 107.99 -10.43 -68.53
N GLN L 253 109.22 -10.37 -69.02
CA GLN L 253 109.71 -9.22 -69.79
C GLN L 253 109.02 -9.10 -71.16
N MET L 254 108.60 -10.24 -71.71
CA MET L 254 107.92 -10.29 -73.01
C MET L 254 106.75 -9.32 -73.09
N PRO L 255 106.51 -8.73 -74.29
CA PRO L 255 105.45 -7.72 -74.43
C PRO L 255 104.05 -8.32 -74.34
N LYS L 256 103.05 -7.47 -74.08
CA LYS L 256 101.65 -7.90 -74.02
C LYS L 256 101.08 -8.04 -75.43
N CYS L 257 101.18 -6.97 -76.23
CA CYS L 257 100.73 -6.97 -77.61
C CYS L 257 101.75 -7.60 -78.55
N VAL L 258 101.25 -8.23 -79.61
CA VAL L 258 102.08 -8.73 -80.69
C VAL L 258 101.52 -8.20 -82.01
N LEU L 259 102.31 -7.36 -82.68
CA LEU L 259 101.89 -6.70 -83.91
C LEU L 259 102.48 -7.43 -85.12
N PRO L 260 101.66 -7.64 -86.16
CA PRO L 260 102.15 -8.30 -87.38
C PRO L 260 103.22 -7.46 -88.10
N LYS L 261 104.31 -8.11 -88.49
CA LYS L 261 105.34 -7.47 -89.31
C LYS L 261 104.64 -6.93 -90.55
N GLU L 262 104.81 -5.62 -90.78
CA GLU L 262 103.95 -4.86 -91.70
C GLU L 262 103.63 -5.58 -93.02
N GLY L 263 104.66 -6.04 -93.72
CA GLY L 263 104.50 -6.62 -95.05
C GLY L 263 103.89 -8.02 -95.14
N SER L 264 103.52 -8.59 -94.00
CA SER L 264 103.03 -9.97 -93.96
C SER L 264 101.51 -10.11 -93.86
N ASP L 265 100.86 -9.11 -93.26
CA ASP L 265 99.40 -9.14 -93.01
C ASP L 265 98.94 -10.26 -92.06
N GLY L 266 99.90 -10.85 -91.35
CA GLY L 266 99.64 -11.91 -90.37
C GLY L 266 100.75 -12.02 -89.35
N VAL L 267 100.50 -12.72 -88.26
CA VAL L 267 101.46 -12.83 -87.16
C VAL L 267 102.40 -14.04 -87.31
N LYS L 268 101.84 -15.18 -87.71
CA LYS L 268 102.58 -16.45 -87.82
C LYS L 268 102.83 -17.06 -86.44
N LEU L 269 102.48 -18.34 -86.30
CA LEU L 269 102.61 -19.03 -85.02
C LEU L 269 103.38 -20.33 -85.11
N ALA L 270 104.29 -20.53 -84.16
CA ALA L 270 105.02 -21.77 -84.04
C ALA L 270 104.27 -22.72 -83.11
N ILE L 271 103.28 -23.41 -83.67
CA ILE L 271 102.49 -24.40 -82.94
C ILE L 271 103.28 -25.70 -82.81
N LEU L 272 103.66 -26.04 -81.58
CA LEU L 272 104.55 -27.18 -81.31
C LEU L 272 104.02 -28.17 -80.27
N THR L 273 104.39 -29.44 -80.43
CA THR L 273 103.98 -30.52 -79.54
C THR L 273 105.22 -31.18 -78.92
N CYS L 274 106.33 -30.46 -78.94
CA CYS L 274 107.60 -30.94 -78.38
C CYS L 274 108.11 -29.94 -77.36
N PRO L 275 108.77 -30.43 -76.29
CA PRO L 275 109.23 -29.47 -75.28
C PRO L 275 110.50 -28.76 -75.69
N PHE L 276 110.64 -27.50 -75.28
CA PHE L 276 111.90 -26.78 -75.42
C PHE L 276 112.87 -27.33 -74.38
N GLU L 277 113.26 -28.59 -74.59
CA GLU L 277 114.08 -29.36 -73.66
C GLU L 277 114.91 -30.36 -74.45
N PRO L 278 116.19 -30.55 -74.08
CA PRO L 278 117.06 -31.49 -74.79
C PRO L 278 116.36 -32.82 -75.03
N PRO L 279 116.34 -33.30 -76.30
CA PRO L 279 115.57 -34.49 -76.69
C PRO L 279 115.97 -35.74 -75.91
N LYS L 280 114.97 -36.43 -75.39
CA LYS L 280 115.17 -37.68 -74.66
C LYS L 280 114.27 -38.76 -75.25
N PRO L 281 114.79 -40.00 -75.39
CA PRO L 281 114.03 -41.05 -76.06
C PRO L 281 112.93 -41.62 -75.18
N LYS L 282 111.98 -42.31 -75.80
CA LYS L 282 110.84 -42.90 -75.10
C LYS L 282 111.23 -44.14 -74.28
N THR L 283 112.05 -45.01 -74.87
CA THR L 283 112.47 -46.24 -74.20
C THR L 283 113.57 -45.99 -73.17
N LYS L 284 113.53 -46.74 -72.07
CA LYS L 284 114.47 -46.57 -70.96
C LYS L 284 115.92 -46.52 -71.43
N HIS L 285 116.69 -45.61 -70.85
CA HIS L 285 118.05 -45.35 -71.31
C HIS L 285 119.01 -44.96 -70.19
N LYS L 286 120.28 -44.83 -70.54
CA LYS L 286 121.32 -44.27 -69.69
C LYS L 286 122.57 -44.00 -70.53
N LEU L 287 123.34 -42.99 -70.14
CA LEU L 287 124.69 -42.83 -70.69
C LEU L 287 125.66 -43.65 -69.83
N ASP L 288 126.89 -43.79 -70.31
CA ASP L 288 127.95 -44.47 -69.56
C ASP L 288 129.26 -43.73 -69.80
N ILE L 289 129.35 -42.56 -69.19
CA ILE L 289 130.46 -41.63 -69.42
C ILE L 289 131.68 -42.00 -68.58
N SER L 290 132.80 -42.28 -69.26
CA SER L 290 134.05 -42.60 -68.58
C SER L 290 135.09 -41.49 -68.79
N SER L 291 135.08 -40.87 -69.98
CA SER L 291 136.04 -39.82 -70.30
C SER L 291 135.52 -38.45 -69.89
N VAL L 292 136.35 -37.72 -69.13
CA VAL L 292 136.03 -36.37 -68.66
C VAL L 292 135.73 -35.42 -69.81
N GLU L 293 136.54 -35.53 -70.86
CA GLU L 293 136.37 -34.71 -72.06
C GLU L 293 135.10 -35.06 -72.83
N GLU L 294 134.59 -36.27 -72.61
CA GLU L 294 133.35 -36.71 -73.27
C GLU L 294 132.12 -36.22 -72.50
N TYR L 295 132.32 -35.89 -71.23
CA TYR L 295 131.32 -35.23 -70.41
C TYR L 295 131.31 -33.74 -70.72
N GLN L 296 132.46 -33.25 -71.19
CA GLN L 296 132.59 -31.89 -71.67
C GLN L 296 131.93 -31.77 -73.04
N LYS L 297 132.03 -32.84 -73.83
CA LYS L 297 131.39 -32.91 -75.15
C LYS L 297 129.87 -33.03 -75.02
N LEU L 298 129.42 -33.46 -73.83
CA LEU L 298 128.01 -33.51 -73.49
C LEU L 298 127.53 -32.16 -72.95
N GLN L 299 128.36 -31.52 -72.13
CA GLN L 299 128.07 -30.21 -71.57
C GLN L 299 127.87 -29.15 -72.65
N THR L 300 128.70 -29.19 -73.69
CA THR L 300 128.62 -28.25 -74.84
C THR L 300 127.61 -28.74 -75.90
N TYR L 301 126.87 -29.79 -75.55
CA TYR L 301 125.75 -30.27 -76.37
C TYR L 301 124.45 -29.72 -75.82
N GLU L 302 124.41 -29.54 -74.50
CA GLU L 302 123.24 -29.02 -73.83
C GLU L 302 122.87 -27.63 -74.36
N GLN L 303 123.83 -26.70 -74.26
CA GLN L 303 123.61 -25.34 -74.72
C GLN L 303 123.31 -25.27 -76.22
N ASP L 304 124.02 -26.10 -77.00
CA ASP L 304 123.88 -26.16 -78.46
C ASP L 304 122.52 -26.72 -78.90
N LYS L 305 122.07 -27.78 -78.22
CA LYS L 305 120.77 -28.39 -78.51
C LYS L 305 119.64 -27.38 -78.25
N PHE L 306 119.95 -26.38 -77.43
CA PHE L 306 119.01 -25.28 -77.18
C PHE L 306 119.01 -24.25 -78.31
N LYS L 307 120.19 -23.81 -78.71
CA LYS L 307 120.33 -22.82 -79.78
C LYS L 307 119.79 -23.33 -81.12
N GLU L 308 119.88 -24.65 -81.31
CA GLU L 308 119.36 -25.31 -82.50
C GLU L 308 117.83 -25.45 -82.46
N MET L 309 117.24 -25.02 -81.35
CA MET L 309 115.77 -24.96 -81.23
C MET L 309 115.25 -23.57 -81.54
N ILE L 310 115.94 -22.54 -81.03
CA ILE L 310 115.55 -21.15 -81.23
C ILE L 310 115.81 -20.69 -82.67
N ASP L 311 116.98 -21.04 -83.21
CA ASP L 311 117.30 -20.78 -84.63
C ASP L 311 116.27 -21.47 -85.52
N ASP L 312 115.84 -22.66 -85.11
CA ASP L 312 114.87 -23.46 -85.86
C ASP L 312 113.53 -22.74 -86.01
N VAL L 313 113.18 -21.94 -85.00
CA VAL L 313 111.95 -21.14 -85.04
C VAL L 313 112.18 -19.80 -85.73
N LYS L 314 113.27 -19.11 -85.36
CA LYS L 314 113.63 -17.83 -85.96
C LYS L 314 113.73 -17.95 -87.47
N LYS L 315 114.34 -19.06 -87.93
CA LYS L 315 114.51 -19.34 -89.36
C LYS L 315 113.24 -19.80 -90.06
N ALA L 316 112.22 -20.19 -89.28
CA ALA L 316 110.90 -20.51 -89.80
C ALA L 316 110.06 -19.25 -90.00
N GLY L 317 110.48 -18.17 -89.35
CA GLY L 317 109.85 -16.87 -89.51
C GLY L 317 108.61 -16.65 -88.68
N ALA L 318 108.47 -17.44 -87.60
CA ALA L 318 107.35 -17.31 -86.67
C ALA L 318 107.59 -16.16 -85.68
N ASP L 319 106.52 -15.47 -85.30
CA ASP L 319 106.62 -14.35 -84.35
C ASP L 319 106.23 -14.74 -82.92
N VAL L 320 105.38 -15.75 -82.78
CA VAL L 320 104.95 -16.22 -81.46
C VAL L 320 104.94 -17.76 -81.39
N VAL L 321 105.49 -18.30 -80.31
CA VAL L 321 105.55 -19.74 -80.09
C VAL L 321 104.46 -20.20 -79.12
N ILE L 322 103.60 -21.09 -79.58
CA ILE L 322 102.59 -21.73 -78.72
C ILE L 322 102.88 -23.23 -78.68
N CYS L 323 103.28 -23.73 -77.51
CA CYS L 323 103.70 -25.12 -77.36
C CYS L 323 102.95 -25.88 -76.26
N GLN L 324 102.69 -27.16 -76.53
CA GLN L 324 101.89 -28.03 -75.67
C GLN L 324 102.56 -28.37 -74.34
N TRP L 325 103.79 -28.87 -74.39
CA TRP L 325 104.54 -29.18 -73.18
C TRP L 325 105.36 -27.97 -72.74
N GLY L 326 106.15 -28.10 -71.67
CA GLY L 326 106.79 -26.95 -71.03
C GLY L 326 108.20 -26.59 -71.47
N PHE L 327 108.51 -25.29 -71.46
CA PHE L 327 109.84 -24.79 -71.85
C PHE L 327 110.83 -24.90 -70.71
N ASP L 328 112.08 -25.22 -71.06
CA ASP L 328 113.16 -25.25 -70.09
C ASP L 328 113.59 -23.83 -69.74
N ASP L 329 114.21 -23.68 -68.57
CA ASP L 329 114.60 -22.38 -68.05
C ASP L 329 115.60 -21.65 -68.95
N GLU L 330 116.57 -22.40 -69.48
CA GLU L 330 117.57 -21.85 -70.40
C GLU L 330 116.93 -21.48 -71.73
N ALA L 331 115.94 -22.27 -72.15
CA ALA L 331 115.25 -22.07 -73.43
C ALA L 331 114.28 -20.88 -73.42
N ASN L 332 113.93 -20.42 -72.22
CA ASN L 332 112.97 -19.34 -72.08
C ASN L 332 113.59 -17.97 -72.33
N HIS L 333 114.79 -17.78 -71.80
CA HIS L 333 115.50 -16.50 -71.92
C HIS L 333 115.98 -16.24 -73.36
N LEU L 334 116.43 -17.29 -74.03
CA LEU L 334 116.82 -17.22 -75.43
C LEU L 334 115.60 -17.04 -76.32
N LEU L 335 114.43 -17.29 -75.75
CA LEU L 335 113.15 -17.04 -76.43
C LEU L 335 112.74 -15.59 -76.23
N LEU L 336 113.24 -14.97 -75.16
CA LEU L 336 113.04 -13.54 -74.92
C LEU L 336 114.02 -12.74 -75.79
N GLN L 337 115.31 -13.00 -75.63
CA GLN L 337 116.36 -12.28 -76.35
C GLN L 337 116.02 -12.09 -77.83
N ASN L 338 115.67 -13.20 -78.50
CA ASN L 338 115.39 -13.19 -79.93
C ASN L 338 113.97 -12.78 -80.31
N ASP L 339 113.29 -12.08 -79.39
CA ASP L 339 111.97 -11.51 -79.62
C ASP L 339 110.94 -12.57 -80.07
N LEU L 340 110.80 -13.61 -79.25
CA LEU L 340 109.82 -14.66 -79.52
C LEU L 340 108.90 -14.89 -78.31
N PRO L 341 107.79 -14.12 -78.20
CA PRO L 341 106.78 -14.35 -77.16
C PRO L 341 106.31 -15.79 -77.17
N ALA L 342 106.31 -16.41 -75.99
CA ALA L 342 106.05 -17.84 -75.88
C ALA L 342 104.90 -18.16 -74.92
N VAL L 343 104.22 -19.27 -75.19
CA VAL L 343 103.12 -19.73 -74.35
C VAL L 343 103.42 -21.11 -73.76
N ARG L 344 103.83 -21.10 -72.49
CA ARG L 344 104.17 -22.31 -71.76
C ARG L 344 102.93 -23.18 -71.55
N TRP L 345 103.09 -24.49 -71.75
CA TRP L 345 102.04 -25.49 -71.45
C TRP L 345 100.66 -25.14 -72.00
N VAL L 346 100.33 -25.69 -73.16
CA VAL L 346 99.03 -25.44 -73.77
C VAL L 346 98.26 -26.75 -73.92
N GLY L 347 96.95 -26.69 -73.63
CA GLY L 347 96.08 -27.86 -73.66
C GLY L 347 96.00 -28.53 -75.02
N GLY L 348 95.77 -29.83 -75.00
CA GLY L 348 95.66 -30.64 -76.21
C GLY L 348 94.50 -30.21 -77.09
N GLN L 349 93.31 -30.13 -76.47
CA GLN L 349 92.12 -29.64 -77.16
C GLN L 349 92.29 -28.18 -77.57
N GLU L 350 92.94 -27.39 -76.72
CA GLU L 350 93.15 -25.97 -76.96
C GLU L 350 94.12 -25.67 -78.12
N LEU L 351 95.13 -26.52 -78.31
CA LEU L 351 96.03 -26.41 -79.47
C LEU L 351 95.30 -26.67 -80.78
N GLU L 352 94.45 -27.70 -80.77
CA GLU L 352 93.61 -28.03 -81.90
C GLU L 352 92.77 -26.84 -82.35
N HIS L 353 92.25 -26.08 -81.39
CA HIS L 353 91.45 -24.89 -81.69
C HIS L 353 92.27 -23.71 -82.22
N ILE L 354 93.49 -23.56 -81.71
CA ILE L 354 94.40 -22.54 -82.22
C ILE L 354 94.72 -22.80 -83.70
N ALA L 355 95.19 -24.02 -83.99
CA ALA L 355 95.64 -24.41 -85.33
C ALA L 355 94.55 -24.32 -86.40
N ILE L 356 93.29 -24.33 -85.96
CA ILE L 356 92.16 -24.23 -86.87
C ILE L 356 91.71 -22.78 -87.07
N SER L 357 91.84 -21.95 -86.03
CA SER L 357 91.47 -20.54 -86.12
C SER L 357 92.54 -19.71 -86.82
N THR L 358 93.79 -20.16 -86.73
CA THR L 358 94.93 -19.43 -87.27
C THR L 358 95.29 -19.91 -88.68
N ASN L 359 94.61 -20.96 -89.13
CA ASN L 359 94.85 -21.60 -90.42
C ASN L 359 96.14 -22.43 -90.43
N GLY L 360 96.91 -22.35 -89.34
CA GLY L 360 98.21 -23.02 -89.24
C GLY L 360 98.15 -24.53 -89.12
N ARG L 361 99.31 -25.13 -88.87
CA ARG L 361 99.44 -26.59 -88.73
C ARG L 361 100.19 -26.95 -87.45
N ILE L 362 100.01 -28.18 -86.98
CA ILE L 362 100.64 -28.64 -85.74
C ILE L 362 101.94 -29.41 -86.03
N VAL L 363 103.01 -29.00 -85.37
CA VAL L 363 104.37 -29.46 -85.71
C VAL L 363 105.00 -30.32 -84.60
N PRO L 364 105.22 -31.62 -84.89
CA PRO L 364 105.87 -32.57 -83.97
C PRO L 364 107.25 -32.14 -83.49
N ARG L 365 108.28 -32.25 -84.33
CA ARG L 365 109.66 -31.92 -83.93
C ARG L 365 110.20 -30.67 -84.64
N PHE L 366 111.25 -30.08 -84.06
CA PHE L 366 111.86 -28.85 -84.57
C PHE L 366 112.26 -28.94 -86.04
N GLN L 367 112.81 -30.08 -86.43
CA GLN L 367 113.19 -30.38 -87.81
C GLN L 367 112.05 -30.23 -88.83
N ASP L 368 110.81 -30.31 -88.34
CA ASP L 368 109.61 -30.29 -89.19
C ASP L 368 108.91 -28.92 -89.27
N LEU L 369 109.54 -27.90 -88.69
CA LEU L 369 109.00 -26.55 -88.71
C LEU L 369 109.32 -25.83 -90.03
N SER L 370 108.29 -25.33 -90.69
CA SER L 370 108.42 -24.65 -91.97
C SER L 370 107.60 -23.37 -91.99
N LYS L 371 108.02 -22.39 -92.78
CA LYS L 371 107.32 -21.13 -92.92
C LYS L 371 105.90 -21.31 -93.47
N ASP L 372 105.55 -22.55 -93.80
CA ASP L 372 104.25 -22.88 -94.37
C ASP L 372 103.27 -23.41 -93.31
N LYS L 373 103.82 -23.97 -92.23
CA LYS L 373 103.00 -24.49 -91.14
C LYS L 373 102.81 -23.45 -90.02
N LEU L 374 102.76 -22.18 -90.41
CA LEU L 374 102.63 -21.07 -89.46
C LEU L 374 101.17 -20.66 -89.27
N GLY L 375 100.84 -20.15 -88.09
CA GLY L 375 99.49 -19.69 -87.80
C GLY L 375 99.30 -18.20 -88.01
N THR L 376 98.37 -17.84 -88.88
CA THR L 376 98.10 -16.44 -89.22
C THR L 376 97.11 -15.79 -88.25
N CYS L 377 97.53 -14.67 -87.65
CA CYS L 377 96.69 -13.94 -86.72
C CYS L 377 96.59 -12.47 -87.05
N SER L 378 95.63 -11.80 -86.42
CA SER L 378 95.47 -10.36 -86.58
C SER L 378 95.91 -9.63 -85.31
N ARG L 379 96.13 -10.40 -84.24
CA ARG L 379 96.54 -9.84 -82.94
C ARG L 379 96.69 -10.94 -81.89
N ILE L 380 97.66 -10.78 -80.98
CA ILE L 380 97.78 -11.61 -79.77
C ILE L 380 98.08 -10.72 -78.58
N TYR L 381 97.16 -10.69 -77.61
CA TYR L 381 97.28 -9.79 -76.47
C TYR L 381 96.89 -10.41 -75.13
N GLU L 382 97.76 -10.22 -74.15
CA GLU L 382 97.50 -10.64 -72.78
C GLU L 382 96.59 -9.60 -72.14
N GLN L 383 95.34 -10.00 -71.95
CA GLN L 383 94.32 -9.15 -71.36
C GLN L 383 94.33 -9.30 -69.85
N GLU L 384 94.20 -8.17 -69.16
CA GLU L 384 93.97 -8.19 -67.73
C GLU L 384 92.52 -8.62 -67.50
N PHE L 385 92.26 -9.93 -67.62
CA PHE L 385 90.92 -10.52 -67.41
C PHE L 385 90.23 -9.92 -66.19
N GLY L 386 90.89 -10.00 -65.04
CA GLY L 386 90.39 -9.39 -63.83
C GLY L 386 91.07 -8.06 -63.58
N THR L 387 90.67 -7.39 -62.52
CA THR L 387 91.33 -6.17 -62.08
C THR L 387 92.45 -6.54 -61.11
N THR L 388 92.32 -7.71 -60.50
CA THR L 388 93.31 -8.14 -59.53
C THR L 388 93.68 -9.60 -59.78
N LYS L 389 92.80 -10.33 -60.44
CA LYS L 389 92.95 -11.77 -60.63
C LYS L 389 94.14 -12.17 -61.53
N ASP L 390 93.84 -12.83 -62.65
CA ASP L 390 94.89 -13.38 -63.52
C ASP L 390 94.78 -12.88 -64.94
N ARG L 391 95.87 -13.00 -65.69
CA ARG L 391 95.88 -12.57 -67.09
C ARG L 391 95.47 -13.72 -68.01
N MET L 392 94.93 -13.37 -69.18
CA MET L 392 94.50 -14.34 -70.19
C MET L 392 95.04 -13.98 -71.56
N LEU L 393 95.24 -14.98 -72.42
CA LEU L 393 95.76 -14.75 -73.77
C LEU L 393 94.69 -14.86 -74.85
N ILE L 394 94.38 -13.73 -75.47
CA ILE L 394 93.39 -13.69 -76.53
C ILE L 394 94.09 -13.71 -77.89
N ILE L 395 93.75 -14.71 -78.70
CA ILE L 395 94.20 -14.77 -80.09
C ILE L 395 92.98 -14.53 -80.98
N GLU L 396 92.86 -13.30 -81.48
CA GLU L 396 91.69 -12.88 -82.25
C GLU L 396 91.93 -12.81 -83.76
N GLN L 397 90.85 -12.67 -84.52
CA GLN L 397 90.91 -12.52 -85.98
C GLN L 397 89.84 -11.52 -86.46
N SER L 398 90.08 -10.93 -87.62
CA SER L 398 89.09 -10.07 -88.27
C SER L 398 88.31 -10.85 -89.34
N LYS L 399 88.88 -11.98 -89.76
CA LYS L 399 88.24 -12.90 -90.72
C LYS L 399 87.50 -14.03 -89.98
N GLU L 400 86.56 -14.67 -90.69
CA GLU L 400 85.75 -15.76 -90.12
C GLU L 400 86.55 -17.07 -90.02
N THR L 401 86.57 -17.65 -88.83
CA THR L 401 87.39 -18.83 -88.54
C THR L 401 86.53 -19.98 -88.05
N LYS L 402 86.91 -21.20 -88.43
CA LYS L 402 86.13 -22.42 -88.14
C LYS L 402 85.84 -22.71 -86.66
N THR L 403 86.78 -22.36 -85.77
CA THR L 403 86.52 -22.40 -84.31
C THR L 403 86.19 -20.99 -83.86
N VAL L 404 85.27 -20.88 -82.90
CA VAL L 404 84.91 -19.57 -82.33
C VAL L 404 84.62 -19.67 -80.83
N THR L 405 85.43 -18.97 -80.05
CA THR L 405 85.32 -19.02 -78.59
C THR L 405 84.31 -17.99 -78.12
N CYS L 406 83.34 -18.47 -77.32
CA CYS L 406 82.22 -17.67 -76.85
C CYS L 406 82.40 -17.31 -75.36
N PHE L 407 82.94 -16.11 -75.13
CA PHE L 407 83.36 -15.66 -73.80
C PHE L 407 82.19 -15.01 -73.09
N VAL L 408 81.67 -15.66 -72.07
CA VAL L 408 80.54 -15.12 -71.31
C VAL L 408 81.03 -14.56 -69.99
N ARG L 409 80.49 -13.40 -69.65
CA ARG L 409 80.89 -12.71 -68.44
C ARG L 409 79.62 -12.30 -67.69
N GLY L 410 79.74 -12.08 -66.39
CA GLY L 410 78.60 -11.65 -65.58
C GLY L 410 79.05 -11.05 -64.26
N SER L 411 78.09 -10.74 -63.39
CA SER L 411 78.38 -10.14 -62.07
C SER L 411 78.49 -11.18 -60.95
N ASN L 412 78.31 -12.45 -61.29
CA ASN L 412 78.23 -13.49 -60.28
C ASN L 412 78.35 -14.90 -60.88
N LYS L 413 79.12 -15.75 -60.19
CA LYS L 413 79.34 -17.15 -60.57
C LYS L 413 78.09 -17.88 -61.06
N MET L 414 76.95 -17.58 -60.43
CA MET L 414 75.67 -18.21 -60.79
C MET L 414 75.04 -17.63 -62.06
N ILE L 415 75.29 -16.34 -62.33
CA ILE L 415 74.80 -15.68 -63.55
C ILE L 415 75.63 -16.11 -64.76
N VAL L 416 76.94 -16.18 -64.54
CA VAL L 416 77.86 -16.65 -65.56
C VAL L 416 77.38 -18.01 -66.07
N ASP L 417 77.30 -18.99 -65.17
CA ASP L 417 76.93 -20.35 -65.53
C ASP L 417 75.59 -20.43 -66.26
N GLU L 418 74.58 -19.72 -65.74
CA GLU L 418 73.24 -19.69 -66.33
C GLU L 418 73.21 -18.99 -67.70
N ALA L 419 74.08 -17.99 -67.87
CA ALA L 419 74.20 -17.34 -69.16
C ALA L 419 74.79 -18.29 -70.20
N GLU L 420 75.83 -19.05 -69.82
CA GLU L 420 76.43 -20.09 -70.67
C GLU L 420 75.37 -21.13 -71.05
N ARG L 421 74.52 -21.46 -70.07
CA ARG L 421 73.44 -22.43 -70.20
C ARG L 421 72.29 -21.85 -71.04
N ALA L 422 72.26 -20.52 -71.16
CA ALA L 422 71.27 -19.83 -71.98
C ALA L 422 71.72 -19.75 -73.45
N LEU L 423 73.00 -19.45 -73.66
CA LEU L 423 73.58 -19.46 -74.99
C LEU L 423 73.50 -20.85 -75.61
N HIS L 424 73.89 -21.88 -74.86
CA HIS L 424 73.89 -23.26 -75.34
C HIS L 424 72.50 -23.74 -75.75
N ASP L 425 71.47 -23.24 -75.07
CA ASP L 425 70.09 -23.48 -75.46
C ASP L 425 69.73 -22.66 -76.71
N SER L 426 70.23 -21.43 -76.75
CA SER L 426 69.99 -20.53 -77.88
C SER L 426 70.77 -20.97 -79.10
N LEU L 427 71.97 -21.48 -78.86
CA LEU L 427 72.86 -21.95 -79.92
C LEU L 427 72.28 -23.20 -80.56
N CYS L 428 71.62 -24.01 -79.73
CA CYS L 428 71.01 -25.27 -80.17
C CYS L 428 69.80 -25.05 -81.09
N VAL L 429 68.96 -24.06 -80.79
CA VAL L 429 67.79 -23.79 -81.63
C VAL L 429 68.17 -23.31 -83.03
N VAL L 430 69.36 -22.72 -83.15
CA VAL L 430 69.89 -22.29 -84.46
C VAL L 430 70.55 -23.47 -85.19
N ARG L 431 71.21 -24.36 -84.44
CA ARG L 431 71.77 -25.59 -85.00
C ARG L 431 70.68 -26.49 -85.57
N ASN L 432 69.51 -26.49 -84.93
CA ASN L 432 68.37 -27.26 -85.38
C ASN L 432 67.74 -26.67 -86.63
N LEU L 433 67.91 -25.37 -86.81
CA LEU L 433 67.36 -24.67 -87.96
C LEU L 433 68.22 -24.79 -89.21
N VAL L 434 69.49 -25.11 -89.02
CA VAL L 434 70.39 -25.42 -90.13
C VAL L 434 70.11 -26.85 -90.63
N LYS L 435 69.84 -27.76 -89.70
CA LYS L 435 69.44 -29.13 -90.02
C LYS L 435 68.07 -29.12 -90.70
N ASP L 436 67.05 -28.65 -89.98
CA ASP L 436 65.70 -28.52 -90.51
C ASP L 436 65.33 -27.05 -90.64
N SER L 437 65.42 -26.54 -91.86
CA SER L 437 65.16 -25.13 -92.09
C SER L 437 63.67 -24.76 -92.10
N ARG L 438 62.85 -25.50 -91.35
CA ARG L 438 61.43 -25.16 -91.24
C ARG L 438 61.00 -24.75 -89.83
N VAL L 439 60.04 -23.82 -89.77
CA VAL L 439 59.59 -23.22 -88.50
C VAL L 439 58.08 -23.31 -88.24
N VAL L 440 57.72 -23.37 -86.95
CA VAL L 440 56.34 -23.25 -86.50
C VAL L 440 56.27 -22.12 -85.48
N TYR L 441 55.06 -21.65 -85.18
CA TYR L 441 54.89 -20.52 -84.30
C TYR L 441 54.41 -20.94 -82.91
N GLY L 442 55.14 -20.49 -81.89
CA GLY L 442 54.88 -20.89 -80.51
C GLY L 442 53.77 -20.11 -79.84
N GLY L 443 53.96 -19.78 -78.56
CA GLY L 443 52.94 -19.10 -77.77
C GLY L 443 51.69 -19.94 -77.64
N GLY L 444 51.85 -21.26 -77.80
CA GLY L 444 50.73 -22.19 -77.74
C GLY L 444 50.16 -22.55 -79.10
N ALA L 445 50.26 -21.62 -80.05
CA ALA L 445 49.67 -21.80 -81.38
C ALA L 445 49.87 -23.21 -81.93
N ALA L 446 51.14 -23.65 -81.97
CA ALA L 446 51.50 -24.96 -82.48
C ALA L 446 50.76 -26.07 -81.73
N GLU L 447 50.74 -26.00 -80.40
CA GLU L 447 50.02 -26.96 -79.58
C GLU L 447 48.51 -26.88 -79.86
N VAL L 448 48.03 -25.67 -80.14
CA VAL L 448 46.60 -25.42 -80.36
C VAL L 448 46.09 -26.02 -81.67
N THR L 449 46.85 -25.81 -82.75
CA THR L 449 46.49 -26.36 -84.06
C THR L 449 46.36 -27.88 -83.98
N MET L 450 47.32 -28.51 -83.32
CA MET L 450 47.33 -29.94 -83.11
C MET L 450 46.12 -30.37 -82.31
N SER L 451 45.87 -29.68 -81.20
CA SER L 451 44.72 -29.98 -80.36
C SER L 451 43.43 -29.88 -81.17
N LEU L 452 43.31 -28.83 -81.97
CA LEU L 452 42.14 -28.63 -82.81
C LEU L 452 41.99 -29.72 -83.87
N ALA L 453 43.11 -30.09 -84.47
CA ALA L 453 43.13 -31.07 -85.56
C ALA L 453 42.85 -32.49 -85.07
N VAL L 454 43.34 -32.81 -83.88
CA VAL L 454 43.09 -34.10 -83.28
C VAL L 454 41.65 -34.13 -82.77
N SER L 455 41.20 -33.00 -82.24
CA SER L 455 39.84 -32.85 -81.73
C SER L 455 38.79 -33.17 -82.80
N GLU L 456 38.93 -32.56 -83.98
CA GLU L 456 37.96 -32.73 -85.08
C GLU L 456 37.90 -34.15 -85.62
N GLU L 457 39.03 -34.86 -85.54
CA GLU L 457 39.13 -36.22 -86.05
C GLU L 457 38.80 -37.26 -84.98
N ALA L 458 38.52 -36.80 -83.76
CA ALA L 458 38.10 -37.67 -82.67
C ALA L 458 36.71 -38.26 -82.92
N ASP L 459 35.84 -37.42 -83.46
CA ASP L 459 34.45 -37.80 -83.77
C ASP L 459 34.42 -38.72 -84.99
N LYS L 460 35.44 -38.58 -85.85
CA LYS L 460 35.63 -39.41 -87.04
C LYS L 460 36.40 -40.72 -86.72
N GLN L 461 36.93 -40.82 -85.49
CA GLN L 461 37.56 -42.05 -85.03
C GLN L 461 36.51 -43.02 -84.49
N ARG L 462 35.64 -42.50 -83.61
CA ARG L 462 34.57 -43.27 -82.94
C ARG L 462 35.08 -44.49 -82.17
N GLY L 463 34.16 -45.23 -81.57
CA GLY L 463 34.48 -46.41 -80.79
C GLY L 463 35.21 -46.11 -79.48
N ILE L 464 36.20 -46.94 -79.18
CA ILE L 464 36.97 -46.85 -77.93
C ILE L 464 37.95 -45.68 -77.97
N ASP L 465 38.63 -45.54 -79.11
CA ASP L 465 39.67 -44.52 -79.32
C ASP L 465 39.11 -43.10 -79.27
N GLN L 466 37.79 -42.96 -79.44
CA GLN L 466 37.11 -41.68 -79.42
C GLN L 466 37.39 -40.87 -78.14
N TYR L 467 37.63 -41.59 -77.04
CA TYR L 467 37.95 -40.97 -75.75
C TYR L 467 39.46 -40.69 -75.62
N ALA L 468 40.26 -41.54 -76.25
CA ALA L 468 41.72 -41.45 -76.20
C ALA L 468 42.24 -40.26 -77.00
N PHE L 469 41.70 -40.09 -78.21
CA PHE L 469 42.02 -38.95 -79.04
C PHE L 469 41.60 -37.67 -78.34
N ARG L 470 40.39 -37.67 -77.81
CA ARG L 470 39.84 -36.53 -77.06
C ARG L 470 40.76 -36.20 -75.89
N GLY L 471 41.26 -37.24 -75.24
CA GLY L 471 42.23 -37.09 -74.17
C GLY L 471 43.49 -36.40 -74.63
N PHE L 472 44.16 -36.99 -75.63
CA PHE L 472 45.43 -36.49 -76.14
C PHE L 472 45.40 -34.98 -76.40
N ALA L 473 44.36 -34.54 -77.10
CA ALA L 473 44.19 -33.13 -77.45
C ALA L 473 43.92 -32.27 -76.22
N GLN L 474 43.09 -32.78 -75.32
CA GLN L 474 42.70 -32.03 -74.13
C GLN L 474 43.88 -31.82 -73.18
N ALA L 475 44.77 -32.81 -73.14
CA ALA L 475 45.98 -32.73 -72.33
C ALA L 475 46.98 -31.76 -72.93
N LEU L 476 47.01 -31.68 -74.26
CA LEU L 476 47.85 -30.72 -74.96
C LEU L 476 47.54 -29.30 -74.54
N ASP L 477 46.26 -29.03 -74.32
CA ASP L 477 45.77 -27.71 -73.97
C ASP L 477 46.31 -27.16 -72.64
N THR L 478 47.00 -28.01 -71.89
CA THR L 478 47.61 -27.59 -70.64
C THR L 478 48.81 -26.69 -70.89
N ILE L 479 49.53 -26.91 -71.99
CA ILE L 479 50.65 -26.06 -72.37
C ILE L 479 50.25 -24.57 -72.51
N PRO L 480 49.23 -24.26 -73.34
CA PRO L 480 48.76 -22.88 -73.49
C PRO L 480 48.11 -22.34 -72.22
N MET L 481 47.33 -23.20 -71.55
CA MET L 481 46.69 -22.79 -70.30
C MET L 481 47.72 -22.41 -69.24
N THR L 482 48.72 -23.27 -69.04
CA THR L 482 49.78 -22.97 -68.07
C THR L 482 50.75 -21.91 -68.55
N LEU L 483 50.67 -21.53 -69.82
CA LEU L 483 51.37 -20.34 -70.27
C LEU L 483 50.59 -19.12 -69.83
N ALA L 484 49.30 -19.13 -70.17
CA ALA L 484 48.36 -18.06 -69.82
C ALA L 484 48.28 -17.89 -68.31
N GLU L 485 48.46 -19.01 -67.61
CA GLU L 485 48.45 -19.05 -66.17
C GLU L 485 49.63 -18.24 -65.63
N ASN L 486 50.84 -18.64 -66.03
CA ASN L 486 52.08 -18.03 -65.54
C ASN L 486 52.18 -16.56 -65.93
N SER L 487 51.69 -16.26 -67.13
CA SER L 487 51.72 -14.91 -67.66
C SER L 487 50.68 -14.00 -67.01
N GLY L 488 49.70 -14.60 -66.35
CA GLY L 488 48.76 -13.84 -65.51
C GLY L 488 47.38 -13.64 -66.10
N LEU L 489 47.02 -14.45 -67.08
CA LEU L 489 45.72 -14.37 -67.71
C LEU L 489 44.86 -15.59 -67.38
N ASP L 490 43.57 -15.49 -67.67
CA ASP L 490 42.63 -16.59 -67.47
C ASP L 490 42.97 -17.77 -68.38
N PRO L 491 43.06 -18.97 -67.81
CA PRO L 491 43.32 -20.19 -68.58
C PRO L 491 42.22 -20.58 -69.58
N ILE L 492 40.95 -20.58 -69.16
CA ILE L 492 39.84 -20.88 -70.09
C ILE L 492 39.73 -19.79 -71.14
N GLY L 493 39.79 -18.53 -70.69
CA GLY L 493 39.65 -17.37 -71.56
C GLY L 493 40.61 -17.39 -72.73
N THR L 494 41.90 -17.44 -72.42
CA THR L 494 42.97 -17.47 -73.42
C THR L 494 42.82 -18.67 -74.36
N LEU L 495 42.40 -19.80 -73.80
CA LEU L 495 42.19 -21.03 -74.57
C LEU L 495 40.99 -20.89 -75.53
N SER L 496 39.87 -20.39 -75.01
CA SER L 496 38.64 -20.30 -75.79
C SER L 496 38.63 -19.10 -76.76
N THR L 497 39.46 -18.10 -76.49
CA THR L 497 39.67 -17.01 -77.44
C THR L 497 40.57 -17.51 -78.56
N LEU L 498 41.59 -18.27 -78.18
CA LEU L 498 42.67 -18.69 -79.08
C LEU L 498 42.25 -19.80 -80.04
N LYS L 499 41.64 -20.87 -79.51
CA LYS L 499 41.19 -22.01 -80.31
C LYS L 499 40.10 -21.60 -81.30
N SER L 500 39.29 -20.64 -80.89
CA SER L 500 38.18 -20.12 -81.70
C SER L 500 38.67 -19.22 -82.84
N LYS L 501 39.60 -18.32 -82.53
CA LYS L 501 40.21 -17.43 -83.54
C LYS L 501 41.05 -18.20 -84.56
N GLN L 502 41.29 -19.49 -84.30
CA GLN L 502 42.07 -20.33 -85.19
C GLN L 502 41.15 -21.21 -86.04
N LEU L 503 39.85 -21.01 -85.89
CA LEU L 503 38.85 -21.67 -86.71
C LEU L 503 38.09 -20.65 -87.57
N LYS L 504 37.68 -19.55 -86.93
CA LYS L 504 37.00 -18.45 -87.61
C LYS L 504 37.87 -17.88 -88.74
N GLU L 505 39.18 -17.82 -88.49
CA GLU L 505 40.14 -17.51 -89.54
C GLU L 505 40.78 -18.81 -90.02
N LYS L 506 41.43 -18.78 -91.18
CA LYS L 506 42.14 -19.94 -91.69
C LYS L 506 43.49 -20.09 -90.97
N ILE L 507 43.98 -18.97 -90.44
CA ILE L 507 45.29 -18.88 -89.77
C ILE L 507 45.43 -19.96 -88.69
N SER L 508 46.64 -20.50 -88.56
CA SER L 508 46.97 -21.45 -87.50
C SER L 508 48.10 -20.93 -86.60
N ASN L 509 48.47 -19.66 -86.80
CA ASN L 509 49.57 -19.03 -86.10
C ASN L 509 49.10 -17.91 -85.17
N ILE L 510 48.12 -18.24 -84.34
CA ILE L 510 47.53 -17.32 -83.36
C ILE L 510 47.89 -17.81 -81.97
N GLY L 511 48.44 -16.94 -81.13
CA GLY L 511 48.91 -17.36 -79.80
C GLY L 511 48.57 -16.43 -78.65
N VAL L 512 49.35 -16.54 -77.58
CA VAL L 512 49.14 -15.69 -76.40
C VAL L 512 50.19 -14.58 -76.35
N ASP L 513 49.73 -13.37 -76.08
CA ASP L 513 50.63 -12.23 -75.89
C ASP L 513 51.16 -12.24 -74.46
N CYS L 514 51.99 -13.24 -74.16
CA CYS L 514 52.61 -13.39 -72.85
C CYS L 514 53.30 -12.12 -72.36
N LEU L 515 54.00 -11.44 -73.27
CA LEU L 515 54.66 -10.19 -72.92
C LEU L 515 53.61 -9.12 -72.65
N GLY L 516 52.61 -9.00 -73.53
CA GLY L 516 51.48 -8.11 -73.30
C GLY L 516 51.30 -7.01 -74.34
N TYR L 517 51.40 -7.39 -75.61
CA TYR L 517 51.10 -6.46 -76.69
C TYR L 517 49.67 -6.69 -77.15
N GLY L 518 49.17 -5.82 -78.03
CA GLY L 518 47.78 -5.85 -78.46
C GLY L 518 47.30 -7.08 -79.21
N SER L 519 48.12 -7.58 -80.12
CA SER L 519 47.76 -8.69 -81.00
C SER L 519 48.00 -10.08 -80.41
N ASN L 520 47.40 -11.09 -81.06
CA ASN L 520 47.66 -12.50 -80.79
C ASN L 520 48.47 -13.13 -81.93
N ASP L 521 48.87 -12.29 -82.89
CA ASP L 521 49.53 -12.73 -84.11
C ASP L 521 51.01 -13.05 -83.88
N MET L 522 51.30 -14.33 -83.63
CA MET L 522 52.66 -14.80 -83.36
C MET L 522 53.64 -14.53 -84.51
N LYS L 523 53.11 -14.44 -85.73
CA LYS L 523 53.91 -14.13 -86.91
C LYS L 523 54.54 -12.75 -86.74
N GLU L 524 53.69 -11.73 -86.64
CA GLU L 524 54.13 -10.33 -86.51
C GLU L 524 54.90 -10.07 -85.22
N LEU L 525 54.75 -10.96 -84.25
CA LEU L 525 55.36 -10.81 -82.93
C LEU L 525 56.73 -11.50 -82.79
N PHE L 526 57.12 -12.27 -83.81
CA PHE L 526 58.41 -12.96 -83.84
C PHE L 526 58.61 -13.97 -82.70
N VAL L 527 57.54 -14.68 -82.35
CA VAL L 527 57.63 -15.80 -81.44
C VAL L 527 57.69 -17.05 -82.31
N VAL L 528 58.90 -17.56 -82.48
CA VAL L 528 59.17 -18.61 -83.45
C VAL L 528 59.88 -19.80 -82.79
N ASP L 529 59.29 -20.99 -82.96
CA ASP L 529 59.88 -22.23 -82.51
C ASP L 529 60.23 -23.11 -83.71
N PRO L 530 61.42 -23.75 -83.69
CA PRO L 530 61.78 -24.68 -84.77
C PRO L 530 60.75 -25.80 -84.95
N PHE L 531 60.81 -26.51 -86.07
CA PHE L 531 59.85 -27.58 -86.31
C PHE L 531 60.19 -28.86 -85.57
N ILE L 532 61.37 -29.42 -85.83
CA ILE L 532 61.82 -30.65 -85.16
C ILE L 532 61.68 -30.53 -83.64
N GLY L 533 61.99 -29.33 -83.13
CA GLY L 533 61.76 -28.98 -81.74
C GLY L 533 60.39 -29.44 -81.24
N LYS L 534 59.34 -28.85 -81.79
CA LYS L 534 57.98 -29.21 -81.40
C LYS L 534 57.69 -30.70 -81.57
N LYS L 535 58.07 -31.28 -82.72
CA LYS L 535 57.76 -32.69 -83.03
C LYS L 535 58.34 -33.69 -82.04
N GLN L 536 59.62 -33.51 -81.73
CA GLN L 536 60.32 -34.34 -80.75
C GLN L 536 59.71 -34.15 -79.36
N GLN L 537 59.30 -32.92 -79.06
CA GLN L 537 58.63 -32.57 -77.80
C GLN L 537 57.22 -33.16 -77.70
N ILE L 538 56.85 -34.01 -78.66
CA ILE L 538 55.59 -34.72 -78.60
C ILE L 538 55.83 -36.22 -78.61
N LEU L 539 56.59 -36.69 -79.60
CA LEU L 539 56.91 -38.10 -79.73
C LEU L 539 57.55 -38.70 -78.47
N LEU L 540 58.44 -37.94 -77.85
CA LEU L 540 59.12 -38.38 -76.63
C LEU L 540 58.14 -38.48 -75.47
N ALA L 541 57.12 -37.62 -75.46
CA ALA L 541 56.11 -37.63 -74.43
C ALA L 541 55.17 -38.82 -74.57
N THR L 542 54.62 -39.00 -75.78
CA THR L 542 53.66 -40.08 -76.04
C THR L 542 54.27 -41.46 -75.93
N GLN L 543 55.53 -41.60 -76.32
CA GLN L 543 56.23 -42.87 -76.25
C GLN L 543 56.52 -43.30 -74.81
N LEU L 544 57.04 -42.37 -74.01
CA LEU L 544 57.27 -42.63 -72.59
C LEU L 544 55.96 -42.87 -71.87
N CYS L 545 54.94 -42.11 -72.26
CA CYS L 545 53.59 -42.26 -71.73
C CYS L 545 53.07 -43.67 -71.97
N ARG L 546 53.41 -44.25 -73.12
CA ARG L 546 53.05 -45.61 -73.45
C ARG L 546 53.77 -46.62 -72.55
N MET L 547 55.03 -46.31 -72.20
CA MET L 547 55.83 -47.18 -71.35
C MET L 547 55.26 -47.29 -69.93
N ILE L 548 54.83 -46.17 -69.37
CA ILE L 548 54.25 -46.13 -68.03
C ILE L 548 52.94 -46.92 -68.00
N LEU L 549 52.13 -46.72 -69.04
CA LEU L 549 50.84 -47.40 -69.16
C LEU L 549 51.00 -48.91 -69.31
N LYS L 550 52.02 -49.33 -70.06
CA LYS L 550 52.34 -50.74 -70.23
C LYS L 550 52.65 -51.42 -68.90
N ILE L 551 53.28 -50.67 -67.99
CA ILE L 551 53.58 -51.14 -66.64
C ILE L 551 52.29 -51.25 -65.82
N ASP L 552 52.11 -52.38 -65.14
CA ASP L 552 51.05 -52.55 -64.15
C ASP L 552 51.51 -53.40 -62.96
N ASN L 553 52.57 -54.19 -63.19
CA ASN L 553 53.18 -54.99 -62.14
C ASN L 553 54.55 -54.40 -61.80
N VAL L 554 54.73 -53.97 -60.55
CA VAL L 554 55.99 -53.35 -60.12
C VAL L 554 56.60 -54.09 -58.92
N ILE L 555 57.88 -54.41 -59.03
CA ILE L 555 58.64 -55.09 -57.97
C ILE L 555 59.91 -54.31 -57.63
N ILE L 556 59.93 -53.68 -56.46
CA ILE L 556 61.07 -52.87 -56.02
C ILE L 556 61.81 -53.54 -54.86
N SER L 557 63.13 -53.65 -54.99
CA SER L 557 63.99 -54.17 -53.93
C SER L 557 64.21 -53.13 -52.81
N GLY L 558 65.09 -53.45 -51.87
CA GLY L 558 65.36 -52.57 -50.74
C GLY L 558 66.60 -51.71 -50.88
N LYS L 559 66.68 -50.68 -50.03
CA LYS L 559 67.85 -49.80 -49.99
C LYS L 559 68.63 -50.00 -48.69
N VAL M 3 52.16 -38.44 -51.90
CA VAL M 3 53.16 -39.19 -52.66
C VAL M 3 54.49 -38.41 -52.72
N GLN M 4 55.47 -38.91 -51.97
CA GLN M 4 56.80 -38.29 -51.89
C GLN M 4 57.59 -38.56 -53.18
N ILE M 5 58.42 -37.59 -53.55
CA ILE M 5 59.13 -37.63 -54.83
C ILE M 5 60.63 -37.81 -54.66
N PHE M 6 61.22 -36.97 -53.82
CA PHE M 6 62.66 -36.87 -53.64
C PHE M 6 63.20 -37.96 -52.71
N GLY M 7 64.52 -37.99 -52.52
CA GLY M 7 65.14 -38.86 -51.52
C GLY M 7 64.95 -38.31 -50.11
N ASP M 8 65.56 -38.98 -49.12
CA ASP M 8 65.47 -38.52 -47.73
C ASP M 8 66.48 -37.40 -47.45
N GLN M 9 66.24 -36.67 -46.36
CA GLN M 9 67.05 -35.50 -46.00
C GLN M 9 67.16 -34.50 -47.15
N VAL M 10 66.12 -34.46 -48.00
CA VAL M 10 66.01 -33.49 -49.09
C VAL M 10 64.97 -32.43 -48.73
N THR M 11 65.30 -31.16 -49.01
CA THR M 11 64.45 -30.03 -48.64
C THR M 11 63.82 -29.39 -49.86
N GLU M 12 62.51 -29.15 -49.81
CA GLU M 12 61.84 -28.44 -50.88
C GLU M 12 61.14 -27.18 -50.37
N GLU M 13 61.78 -26.03 -50.56
CA GLU M 13 61.17 -24.77 -50.21
C GLU M 13 60.52 -24.16 -51.45
N ARG M 14 59.19 -24.21 -51.55
CA ARG M 14 58.49 -23.74 -52.75
C ARG M 14 58.09 -22.27 -52.66
N ALA M 15 57.62 -21.71 -53.78
CA ALA M 15 57.23 -20.29 -53.94
C ALA M 15 57.14 -19.44 -52.67
N GLU M 16 55.98 -19.53 -52.01
CA GLU M 16 55.67 -18.83 -50.78
C GLU M 16 56.81 -18.86 -49.75
N ASN M 17 57.40 -20.04 -49.55
CA ASN M 17 58.54 -20.23 -48.62
C ASN M 17 59.91 -19.95 -49.24
N ALA M 18 60.01 -20.11 -50.56
CA ALA M 18 61.26 -19.89 -51.27
C ALA M 18 61.59 -18.41 -51.24
N ARG M 19 60.56 -17.60 -51.47
CA ARG M 19 60.69 -16.15 -51.35
C ARG M 19 61.16 -15.75 -49.95
N LEU M 20 60.68 -16.45 -48.94
CA LEU M 20 61.11 -16.17 -47.57
C LEU M 20 62.62 -16.37 -47.43
N SER M 21 63.13 -17.52 -47.89
CA SER M 21 64.57 -17.80 -47.86
C SER M 21 65.36 -16.77 -48.61
N ALA M 22 64.97 -16.53 -49.86
CA ALA M 22 65.60 -15.53 -50.71
C ALA M 22 65.78 -14.21 -49.98
N PHE M 23 64.68 -13.66 -49.48
CA PHE M 23 64.70 -12.38 -48.79
C PHE M 23 65.48 -12.48 -47.48
N VAL M 24 64.96 -13.27 -46.54
CA VAL M 24 65.58 -13.42 -45.22
C VAL M 24 67.09 -13.66 -45.31
N GLY M 25 67.53 -14.37 -46.36
CA GLY M 25 68.94 -14.66 -46.57
C GLY M 25 69.77 -13.46 -46.96
N ALA M 26 69.28 -12.72 -47.96
CA ALA M 26 69.94 -11.51 -48.44
C ALA M 26 69.97 -10.42 -47.37
N ILE M 27 68.78 -10.08 -46.85
CA ILE M 27 68.61 -9.05 -45.82
C ILE M 27 69.48 -9.34 -44.59
N ALA M 28 69.60 -10.61 -44.23
CA ALA M 28 70.45 -11.02 -43.11
C ALA M 28 71.91 -10.65 -43.36
N VAL M 29 72.37 -10.92 -44.58
CA VAL M 29 73.74 -10.63 -44.99
C VAL M 29 73.98 -9.13 -45.07
N GLY M 30 73.02 -8.41 -45.66
CA GLY M 30 73.07 -6.96 -45.71
C GLY M 30 73.10 -6.35 -44.32
N ASP M 31 72.15 -6.76 -43.49
CA ASP M 31 72.05 -6.30 -42.11
C ASP M 31 73.25 -6.72 -41.25
N LEU M 32 74.16 -7.53 -41.81
CA LEU M 32 75.38 -7.90 -41.10
C LEU M 32 76.52 -6.90 -41.35
N VAL M 33 76.60 -6.40 -42.58
CA VAL M 33 77.70 -5.50 -42.95
C VAL M 33 77.34 -4.01 -42.88
N LYS M 34 76.08 -3.69 -42.60
CA LYS M 34 75.58 -2.30 -42.54
C LYS M 34 76.42 -1.35 -41.70
N SER M 35 77.01 -1.89 -40.64
CA SER M 35 77.84 -1.11 -39.73
C SER M 35 79.25 -0.82 -40.27
N THR M 36 79.65 -1.54 -41.32
CA THR M 36 80.93 -1.32 -41.98
C THR M 36 80.97 -0.03 -42.81
N LEU M 37 79.80 0.35 -43.34
CA LEU M 37 79.68 1.45 -44.28
C LEU M 37 79.96 2.80 -43.65
N GLY M 38 80.77 3.60 -44.33
CA GLY M 38 80.91 5.01 -43.99
C GLY M 38 82.04 5.40 -43.06
N PRO M 39 82.33 6.71 -42.99
CA PRO M 39 83.39 7.31 -42.17
C PRO M 39 83.29 6.84 -40.73
N LYS M 40 82.24 7.29 -40.02
CA LYS M 40 82.00 6.86 -38.65
C LYS M 40 81.36 5.46 -38.60
N GLY M 41 81.96 4.54 -39.36
CA GLY M 41 81.57 3.14 -39.38
C GLY M 41 82.54 2.30 -38.55
N MET M 42 82.07 1.11 -38.16
CA MET M 42 82.78 0.26 -37.20
C MET M 42 83.21 -1.09 -37.78
N ASP M 43 84.20 -1.71 -37.14
CA ASP M 43 84.81 -2.95 -37.60
C ASP M 43 84.23 -4.20 -36.92
N LYS M 44 84.30 -5.34 -37.64
CA LYS M 44 83.86 -6.64 -37.14
C LYS M 44 85.06 -7.46 -36.68
N LEU M 45 84.86 -8.32 -35.68
CA LEU M 45 85.90 -9.29 -35.25
C LEU M 45 85.55 -10.74 -35.62
N LEU M 46 86.15 -11.20 -36.72
CA LEU M 46 85.91 -12.55 -37.21
C LEU M 46 86.87 -13.50 -36.55
N GLN M 47 86.37 -14.66 -36.15
CA GLN M 47 87.19 -15.68 -35.54
C GLN M 47 86.77 -17.07 -35.98
N SER M 48 87.73 -17.84 -36.50
CA SER M 48 87.50 -19.23 -36.89
C SER M 48 87.55 -20.15 -35.69
N ALA M 49 86.80 -21.25 -35.76
CA ALA M 49 86.88 -22.32 -34.77
C ALA M 49 88.16 -23.14 -34.97
N SER M 50 88.57 -23.29 -36.22
CA SER M 50 89.85 -23.90 -36.55
C SER M 50 91.00 -22.93 -36.28
N SER M 51 92.13 -23.49 -35.85
CA SER M 51 93.42 -22.77 -35.71
C SER M 51 93.56 -21.82 -34.50
N ASN M 52 92.42 -21.35 -33.96
CA ASN M 52 92.39 -20.31 -32.91
C ASN M 52 92.82 -18.92 -33.47
N THR M 53 92.49 -18.71 -34.75
CA THR M 53 92.86 -17.50 -35.49
C THR M 53 91.67 -16.54 -35.51
N CYS M 54 91.95 -15.27 -35.81
CA CYS M 54 90.92 -14.25 -35.95
C CYS M 54 91.38 -13.15 -36.90
N MET M 55 90.54 -12.14 -37.09
CA MET M 55 90.88 -10.94 -37.87
C MET M 55 89.92 -9.79 -37.56
N VAL M 56 90.46 -8.59 -37.41
CA VAL M 56 89.65 -7.42 -37.12
C VAL M 56 89.52 -6.59 -38.40
N THR M 57 88.33 -6.60 -39.00
CA THR M 57 88.18 -6.16 -40.39
C THR M 57 87.04 -5.17 -40.63
N ASN M 58 87.17 -4.43 -41.73
CA ASN M 58 86.11 -3.62 -42.30
C ASN M 58 85.72 -4.17 -43.68
N ASP M 59 86.73 -4.42 -44.52
CA ASP M 59 86.50 -4.85 -45.92
C ASP M 59 85.34 -5.83 -45.97
N GLY M 60 84.20 -5.34 -46.43
CA GLY M 60 82.94 -6.09 -46.44
C GLY M 60 83.07 -7.48 -47.03
N ALA M 61 83.89 -7.60 -48.08
CA ALA M 61 84.19 -8.88 -48.72
C ALA M 61 84.82 -9.85 -47.73
N THR M 62 85.83 -9.38 -47.01
CA THR M 62 86.56 -10.20 -46.04
C THR M 62 85.67 -10.74 -44.92
N ILE M 63 84.57 -10.04 -44.62
CA ILE M 63 83.58 -10.51 -43.66
C ILE M 63 82.75 -11.62 -44.30
N LEU M 64 82.14 -11.30 -45.45
CA LEU M 64 81.24 -12.21 -46.15
C LEU M 64 81.92 -13.46 -46.70
N LYS M 65 83.10 -13.29 -47.28
CA LYS M 65 83.89 -14.41 -47.79
C LYS M 65 84.31 -15.38 -46.68
N SER M 66 84.35 -14.87 -45.44
CA SER M 66 84.79 -15.68 -44.30
C SER M 66 83.67 -16.49 -43.67
N ILE M 67 82.66 -15.81 -43.12
CA ILE M 67 81.58 -16.48 -42.37
C ILE M 67 80.87 -17.56 -43.18
N PRO M 68 80.64 -18.74 -42.57
CA PRO M 68 79.95 -19.79 -43.30
C PRO M 68 78.47 -19.46 -43.38
N LEU M 69 77.80 -19.94 -44.44
CA LEU M 69 76.37 -19.67 -44.60
C LEU M 69 75.68 -20.86 -45.27
N ASP M 70 74.37 -20.98 -45.05
CA ASP M 70 73.58 -22.08 -45.60
C ASP M 70 72.60 -21.58 -46.64
N ASN M 71 72.11 -20.37 -46.41
CA ASN M 71 71.06 -19.78 -47.21
C ASN M 71 71.54 -19.37 -48.60
N PRO M 72 71.07 -20.07 -49.63
CA PRO M 72 71.61 -19.92 -50.97
C PRO M 72 71.55 -18.48 -51.41
N ALA M 73 70.43 -17.82 -51.12
CA ALA M 73 70.21 -16.43 -51.50
C ALA M 73 71.27 -15.55 -50.89
N ALA M 74 71.71 -15.90 -49.69
CA ALA M 74 72.82 -15.21 -49.05
C ALA M 74 74.14 -15.49 -49.78
N LYS M 75 74.43 -16.76 -50.04
CA LYS M 75 75.63 -17.16 -50.76
C LYS M 75 75.76 -16.51 -52.14
N VAL M 76 74.64 -16.05 -52.69
CA VAL M 76 74.63 -15.30 -53.94
C VAL M 76 75.30 -13.94 -53.76
N LEU M 77 74.82 -13.18 -52.77
CA LEU M 77 75.38 -11.86 -52.45
C LEU M 77 76.82 -11.93 -51.98
N VAL M 78 77.19 -13.05 -51.34
CA VAL M 78 78.57 -13.31 -50.90
C VAL M 78 79.51 -13.29 -52.10
N ASN M 79 79.09 -13.94 -53.18
CA ASN M 79 79.90 -14.01 -54.39
C ASN M 79 80.03 -12.66 -55.07
N ILE M 80 78.91 -11.97 -55.22
CA ILE M 80 78.87 -10.64 -55.84
C ILE M 80 79.77 -9.66 -55.08
N SER M 81 80.05 -10.00 -53.82
CA SER M 81 80.99 -9.23 -53.02
C SER M 81 82.42 -9.55 -53.45
N LYS M 82 82.69 -10.81 -53.74
CA LYS M 82 84.01 -11.23 -54.24
C LYS M 82 84.28 -10.63 -55.63
N VAL M 83 83.26 -10.70 -56.49
CA VAL M 83 83.30 -10.12 -57.82
C VAL M 83 83.76 -8.66 -57.78
N GLN M 84 83.09 -7.87 -56.94
CA GLN M 84 83.41 -6.45 -56.78
C GLN M 84 84.85 -6.23 -56.30
N ASP M 85 85.32 -7.11 -55.42
CA ASP M 85 86.69 -7.04 -54.92
C ASP M 85 87.68 -7.43 -56.02
N ASP M 86 87.24 -8.30 -56.93
CA ASP M 86 88.06 -8.69 -58.07
C ASP M 86 88.08 -7.63 -59.15
N GLU M 87 86.90 -7.08 -59.47
CA GLU M 87 86.71 -6.14 -60.58
C GLU M 87 87.00 -4.67 -60.26
N VAL M 88 87.03 -4.32 -58.98
CA VAL M 88 87.29 -2.93 -58.56
C VAL M 88 88.20 -2.83 -57.33
N GLY M 89 88.06 -3.78 -56.42
CA GLY M 89 88.83 -3.78 -55.18
C GLY M 89 88.09 -3.12 -54.02
N ASP M 90 87.38 -2.03 -54.32
CA ASP M 90 86.56 -1.35 -53.31
C ASP M 90 85.10 -1.39 -53.71
N GLY M 91 84.22 -1.15 -52.74
CA GLY M 91 82.78 -1.15 -52.96
C GLY M 91 82.13 -2.46 -52.57
N THR M 92 82.83 -3.27 -51.80
CA THR M 92 82.35 -4.60 -51.40
C THR M 92 81.07 -4.49 -50.59
N THR M 93 81.10 -3.65 -49.57
CA THR M 93 79.98 -3.45 -48.67
C THR M 93 78.82 -2.71 -49.36
N SER M 94 79.16 -1.65 -50.10
CA SER M 94 78.17 -0.87 -50.86
C SER M 94 77.37 -1.76 -51.78
N VAL M 95 78.05 -2.66 -52.48
CA VAL M 95 77.40 -3.62 -53.38
C VAL M 95 76.36 -4.43 -52.62
N THR M 96 76.77 -5.00 -51.49
CA THR M 96 75.92 -5.94 -50.78
C THR M 96 74.71 -5.24 -50.17
N VAL M 97 74.92 -4.09 -49.54
CA VAL M 97 73.82 -3.35 -48.92
C VAL M 97 72.77 -2.92 -49.95
N LEU M 98 73.22 -2.33 -51.06
CA LEU M 98 72.31 -1.94 -52.14
C LEU M 98 71.69 -3.19 -52.77
N SER M 99 72.45 -4.28 -52.74
CA SER M 99 71.96 -5.56 -53.23
C SER M 99 70.77 -6.02 -52.39
N ALA M 100 70.91 -5.92 -51.07
CA ALA M 100 69.86 -6.33 -50.13
C ALA M 100 68.68 -5.38 -50.14
N GLU M 101 68.97 -4.09 -50.05
CA GLU M 101 67.93 -3.06 -49.95
C GLU M 101 66.98 -3.07 -51.15
N LEU M 102 67.46 -3.52 -52.30
CA LEU M 102 66.63 -3.73 -53.48
C LEU M 102 65.69 -4.90 -53.23
N LEU M 103 66.22 -5.96 -52.64
CA LEU M 103 65.41 -7.13 -52.35
C LEU M 103 64.47 -6.88 -51.18
N ARG M 104 64.88 -6.03 -50.24
CA ARG M 104 64.01 -5.60 -49.13
C ARG M 104 62.80 -4.85 -49.66
N GLU M 105 63.03 -4.02 -50.68
CA GLU M 105 61.97 -3.24 -51.28
C GLU M 105 61.14 -4.08 -52.24
N ALA M 106 61.57 -5.31 -52.49
CA ALA M 106 60.82 -6.25 -53.33
C ALA M 106 59.79 -7.03 -52.53
N GLU M 107 60.20 -7.57 -51.38
CA GLU M 107 59.28 -8.23 -50.45
C GLU M 107 58.14 -7.28 -50.09
N LYS M 108 58.49 -6.02 -49.86
CA LYS M 108 57.52 -4.98 -49.56
C LYS M 108 56.53 -4.76 -50.71
N LEU M 109 56.94 -5.09 -51.93
CA LEU M 109 56.05 -4.97 -53.08
C LEU M 109 55.31 -6.27 -53.34
N ILE M 110 56.02 -7.38 -53.24
CA ILE M 110 55.45 -8.70 -53.48
C ILE M 110 54.37 -9.01 -52.44
N ASP M 111 54.59 -8.64 -51.19
CA ASP M 111 53.59 -8.87 -50.18
C ASP M 111 52.60 -7.71 -50.08
N GLN M 112 53.06 -6.54 -49.61
CA GLN M 112 52.16 -5.43 -49.30
C GLN M 112 51.33 -4.92 -50.49
N SER M 113 51.90 -5.00 -51.70
CA SER M 113 51.22 -4.50 -52.92
C SER M 113 50.63 -5.59 -53.81
N LYS M 114 51.21 -6.79 -53.73
CA LYS M 114 50.90 -7.91 -54.63
C LYS M 114 51.21 -7.54 -56.10
N ILE M 115 52.50 -7.55 -56.43
CA ILE M 115 53.01 -7.28 -57.78
C ILE M 115 53.91 -8.42 -58.22
N HIS M 116 53.71 -8.90 -59.46
CA HIS M 116 54.45 -10.06 -59.98
C HIS M 116 55.95 -9.76 -60.04
N PRO M 117 56.77 -10.71 -59.56
CA PRO M 117 58.22 -10.55 -59.52
C PRO M 117 58.84 -10.27 -60.88
N GLN M 118 58.33 -10.90 -61.93
CA GLN M 118 58.82 -10.65 -63.28
C GLN M 118 58.55 -9.20 -63.71
N THR M 119 57.47 -8.63 -63.18
CA THR M 119 57.09 -7.24 -63.45
C THR M 119 57.91 -6.24 -62.62
N ILE M 120 58.37 -6.67 -61.44
CA ILE M 120 59.32 -5.89 -60.65
C ILE M 120 60.69 -5.96 -61.33
N ILE M 121 61.01 -7.13 -61.89
CA ILE M 121 62.22 -7.31 -62.67
C ILE M 121 62.18 -6.40 -63.90
N GLU M 122 61.04 -6.38 -64.59
CA GLU M 122 60.83 -5.57 -65.80
C GLU M 122 60.70 -4.08 -65.50
N GLY M 123 60.77 -3.71 -64.21
CA GLY M 123 60.76 -2.33 -63.77
C GLY M 123 62.12 -1.93 -63.22
N TYR M 124 62.70 -2.80 -62.39
CA TYR M 124 64.07 -2.65 -61.90
C TYR M 124 65.05 -2.49 -63.05
N ARG M 125 64.74 -3.15 -64.17
CA ARG M 125 65.56 -3.10 -65.37
C ARG M 125 65.52 -1.71 -66.01
N LEU M 126 64.34 -1.10 -66.03
CA LEU M 126 64.15 0.24 -66.60
C LEU M 126 64.83 1.30 -65.77
N ALA M 127 64.86 1.08 -64.46
CA ALA M 127 65.50 2.00 -63.54
C ALA M 127 67.03 1.89 -63.60
N SER M 128 67.54 0.66 -63.69
CA SER M 128 68.99 0.38 -63.69
C SER M 128 69.75 0.99 -64.86
N ALA M 129 69.13 1.03 -66.04
CA ALA M 129 69.74 1.62 -67.23
C ALA M 129 69.66 3.15 -67.21
N ALA M 130 68.81 3.67 -66.33
CA ALA M 130 68.62 5.10 -66.15
C ALA M 130 69.48 5.65 -65.00
N ALA M 131 69.75 4.81 -64.01
CA ALA M 131 70.69 5.14 -62.92
C ALA M 131 72.13 5.15 -63.43
N LEU M 132 72.45 4.19 -64.30
CA LEU M 132 73.74 4.14 -65.00
C LEU M 132 73.87 5.25 -66.04
N ASP M 133 72.73 5.71 -66.55
CA ASP M 133 72.68 6.82 -67.49
C ASP M 133 73.17 8.09 -66.81
N ALA M 134 72.40 8.57 -65.84
CA ALA M 134 72.70 9.84 -65.15
C ALA M 134 73.99 9.80 -64.36
N LEU M 135 74.61 8.62 -64.30
CA LEU M 135 75.91 8.46 -63.68
C LEU M 135 76.99 9.00 -64.61
N THR M 136 76.93 8.57 -65.87
CA THR M 136 77.89 9.00 -66.89
C THR M 136 77.76 10.49 -67.17
N LYS M 137 76.52 11.00 -67.15
CA LYS M 137 76.23 12.43 -67.35
C LYS M 137 76.80 13.31 -66.23
N ALA M 138 76.82 12.75 -65.02
CA ALA M 138 77.35 13.42 -63.83
C ALA M 138 78.83 13.12 -63.61
N ALA M 139 79.40 12.32 -64.50
CA ALA M 139 80.81 11.92 -64.40
C ALA M 139 81.76 13.06 -64.76
N VAL M 140 82.84 13.17 -63.98
CA VAL M 140 83.84 14.21 -64.18
C VAL M 140 85.17 13.56 -64.60
N ASP M 141 85.37 13.45 -65.92
CA ASP M 141 86.59 12.84 -66.47
C ASP M 141 87.73 13.84 -66.44
N ASN M 142 88.90 13.42 -65.98
CA ASN M 142 90.04 14.33 -65.93
C ASN M 142 91.06 14.09 -67.03
N SER M 143 91.25 15.13 -67.84
CA SER M 143 92.02 15.04 -69.08
C SER M 143 93.54 15.07 -68.87
N HIS M 144 94.22 15.86 -69.70
CA HIS M 144 95.68 15.93 -69.75
C HIS M 144 96.34 16.49 -68.48
N ASP M 145 95.62 17.34 -67.75
CA ASP M 145 96.18 17.96 -66.55
C ASP M 145 96.45 16.95 -65.45
N LYS M 146 97.63 16.32 -65.55
CA LYS M 146 98.11 15.37 -64.57
C LYS M 146 98.28 16.04 -63.21
N THR M 147 98.49 17.36 -63.23
CA THR M 147 98.51 18.18 -62.01
C THR M 147 97.13 18.14 -61.36
N MET M 148 96.09 18.39 -62.16
CA MET M 148 94.71 18.32 -61.67
C MET M 148 94.29 16.88 -61.31
N PHE M 149 94.90 15.90 -62.00
CA PHE M 149 94.54 14.50 -61.82
C PHE M 149 95.21 13.84 -60.60
N ARG M 150 96.39 14.32 -60.22
CA ARG M 150 97.04 13.81 -59.01
C ARG M 150 96.25 14.19 -57.75
N GLU M 151 95.95 15.48 -57.60
CA GLU M 151 95.14 15.99 -56.49
C GLU M 151 93.74 15.37 -56.49
N ASP M 152 93.36 14.84 -57.64
CA ASP M 152 92.10 14.11 -57.83
C ASP M 152 92.23 12.69 -57.25
N LEU M 153 93.32 12.00 -57.59
CA LEU M 153 93.57 10.65 -57.11
C LEU M 153 93.73 10.58 -55.60
N ILE M 154 94.51 11.51 -55.05
CA ILE M 154 94.70 11.59 -53.60
C ILE M 154 93.34 11.60 -52.89
N HIS M 155 92.41 12.41 -53.38
CA HIS M 155 91.06 12.45 -52.83
C HIS M 155 90.47 11.04 -52.79
N ILE M 156 90.47 10.35 -53.94
CA ILE M 156 89.94 8.98 -54.05
C ILE M 156 90.39 8.12 -52.89
N ALA M 157 91.69 8.17 -52.59
CA ALA M 157 92.27 7.44 -51.48
C ALA M 157 91.69 7.91 -50.14
N LYS M 158 91.72 9.22 -49.91
CA LYS M 158 91.19 9.84 -48.69
C LYS M 158 89.77 9.39 -48.40
N THR M 159 88.98 9.27 -49.47
CA THR M 159 87.59 8.82 -49.38
C THR M 159 87.51 7.32 -49.09
N THR M 160 88.35 6.54 -49.76
CA THR M 160 88.39 5.08 -49.61
C THR M 160 88.86 4.67 -48.21
N LEU M 161 89.83 5.41 -47.68
CA LEU M 161 90.48 5.03 -46.44
C LEU M 161 89.69 5.38 -45.18
N SER M 162 88.88 6.43 -45.22
CA SER M 162 88.12 6.85 -44.02
C SER M 162 86.90 5.97 -43.72
N SER M 163 87.14 4.98 -42.87
CA SER M 163 86.16 3.96 -42.46
C SER M 163 86.98 2.80 -41.89
N LYS M 164 88.26 2.76 -42.27
CA LYS M 164 89.24 1.82 -41.74
C LYS M 164 90.13 2.49 -40.68
N ILE M 165 90.95 1.70 -39.99
CA ILE M 165 91.85 2.21 -38.95
C ILE M 165 92.65 3.41 -39.45
N LEU M 166 92.87 3.41 -40.76
CA LEU M 166 93.70 4.42 -41.42
C LEU M 166 92.97 5.76 -41.60
N SER M 167 91.79 5.88 -40.99
CA SER M 167 91.01 7.13 -41.01
C SER M 167 91.79 8.29 -40.40
N GLN M 168 92.38 8.06 -39.22
CA GLN M 168 93.11 9.09 -38.50
C GLN M 168 94.36 9.52 -39.26
N ASP M 169 94.95 8.58 -39.99
CA ASP M 169 96.14 8.85 -40.79
C ASP M 169 95.86 8.82 -42.31
N LYS M 170 94.74 9.45 -42.71
CA LYS M 170 94.30 9.45 -44.10
C LYS M 170 95.28 10.17 -45.02
N ASP M 171 95.57 11.43 -44.71
CA ASP M 171 96.45 12.26 -45.53
C ASP M 171 97.79 11.60 -45.80
N HIS M 172 98.31 10.94 -44.77
CA HIS M 172 99.62 10.28 -44.86
C HIS M 172 99.59 9.05 -45.76
N PHE M 173 98.57 8.20 -45.60
CA PHE M 173 98.48 6.97 -46.36
C PHE M 173 98.01 7.20 -47.80
N ALA M 174 97.25 8.28 -48.01
CA ALA M 174 96.80 8.64 -49.34
C ALA M 174 98.00 8.97 -50.24
N GLU M 175 98.94 9.76 -49.70
CA GLU M 175 100.14 10.12 -50.44
C GLU M 175 101.08 8.94 -50.63
N LEU M 176 100.98 7.95 -49.74
CA LEU M 176 101.78 6.73 -49.88
C LEU M 176 101.22 5.84 -50.99
N ALA M 177 99.90 5.83 -51.13
CA ALA M 177 99.25 5.05 -52.17
C ALA M 177 99.37 5.76 -53.51
N THR M 178 99.08 7.07 -53.51
CA THR M 178 99.12 7.86 -54.73
C THR M 178 100.52 7.83 -55.35
N ASN M 179 101.54 8.03 -54.52
CA ASN M 179 102.92 7.97 -54.98
C ASN M 179 103.29 6.59 -55.56
N ALA M 180 102.76 5.54 -54.94
CA ALA M 180 103.09 4.15 -55.32
C ALA M 180 102.49 3.73 -56.65
N ILE M 181 101.27 4.17 -56.92
CA ILE M 181 100.57 3.83 -58.15
C ILE M 181 101.08 4.68 -59.33
N LEU M 182 101.27 5.98 -59.09
CA LEU M 182 101.85 6.87 -60.10
C LEU M 182 103.27 6.43 -60.45
N ARG M 183 103.96 5.87 -59.45
CA ARG M 183 105.32 5.34 -59.61
C ARG M 183 105.30 4.03 -60.39
N LEU M 184 104.17 3.33 -60.31
CA LEU M 184 104.01 2.04 -60.97
C LEU M 184 103.93 2.20 -62.50
N LYS M 185 103.80 3.45 -62.94
CA LYS M 185 103.82 3.84 -64.36
C LYS M 185 102.72 3.20 -65.23
N GLY M 186 101.51 3.14 -64.68
CA GLY M 186 100.35 2.65 -65.44
C GLY M 186 100.03 1.19 -65.25
N SER M 187 101.08 0.39 -65.00
CA SER M 187 100.93 -1.05 -64.75
C SER M 187 99.79 -1.30 -63.78
N THR M 188 98.87 -2.19 -64.15
CA THR M 188 97.70 -2.47 -63.33
C THR M 188 97.87 -3.74 -62.48
N ASN M 189 99.12 -4.22 -62.36
CA ASN M 189 99.44 -5.39 -61.54
C ASN M 189 100.01 -5.01 -60.18
N LEU M 190 99.42 -5.55 -59.13
CA LEU M 190 99.73 -5.13 -57.77
C LEU M 190 100.91 -5.89 -57.14
N GLU M 191 101.35 -6.96 -57.80
CA GLU M 191 102.54 -7.71 -57.37
C GLU M 191 103.76 -6.80 -57.26
N HIS M 192 103.79 -5.80 -58.13
CA HIS M 192 104.87 -4.82 -58.19
C HIS M 192 105.03 -4.01 -56.90
N ILE M 193 103.95 -3.87 -56.15
CA ILE M 193 104.00 -3.24 -54.83
C ILE M 193 104.07 -4.34 -53.77
N GLN M 194 105.27 -4.56 -53.23
CA GLN M 194 105.45 -5.52 -52.12
C GLN M 194 104.96 -4.87 -50.82
N ILE M 195 104.06 -5.55 -50.11
CA ILE M 195 103.54 -5.03 -48.85
C ILE M 195 104.12 -5.82 -47.68
N ILE M 196 105.26 -5.38 -47.20
CA ILE M 196 105.91 -6.04 -46.06
C ILE M 196 105.43 -5.41 -44.76
N LYS M 197 104.74 -6.21 -43.94
CA LYS M 197 104.28 -5.75 -42.63
C LYS M 197 105.23 -6.22 -41.53
N ILE M 198 105.81 -5.26 -40.80
CA ILE M 198 106.66 -5.57 -39.66
C ILE M 198 106.12 -4.88 -38.41
N LEU M 199 105.99 -5.67 -37.35
CA LEU M 199 105.36 -5.25 -36.10
C LEU M 199 106.16 -4.18 -35.38
N GLY M 200 105.46 -3.25 -34.72
CA GLY M 200 106.11 -2.27 -33.84
C GLY M 200 105.91 -0.82 -34.22
N GLY M 201 106.14 0.06 -33.25
CA GLY M 201 106.02 1.51 -33.45
C GLY M 201 104.60 1.99 -33.70
N LYS M 202 104.48 3.19 -34.29
CA LYS M 202 103.17 3.77 -34.57
C LYS M 202 102.61 3.33 -35.92
N LEU M 203 101.46 3.92 -36.29
CA LEU M 203 100.83 3.67 -37.58
C LEU M 203 101.26 4.76 -38.55
N SER M 204 101.58 5.93 -38.00
CA SER M 204 102.13 7.06 -38.74
C SER M 204 103.53 6.74 -39.22
N ASP M 205 104.09 5.66 -38.70
CA ASP M 205 105.46 5.27 -38.98
C ASP M 205 105.61 4.43 -40.26
N SER M 206 104.49 4.01 -40.84
CA SER M 206 104.50 3.30 -42.12
C SER M 206 105.03 4.20 -43.25
N PHE M 207 105.68 3.60 -44.25
CA PHE M 207 106.29 4.36 -45.35
C PHE M 207 106.43 3.59 -46.66
N LEU M 208 106.50 4.33 -47.76
CA LEU M 208 106.90 3.79 -49.06
C LEU M 208 108.36 4.13 -49.29
N ASP M 209 109.19 3.11 -49.49
CA ASP M 209 110.63 3.31 -49.67
C ASP M 209 110.93 3.86 -51.06
N GLU M 210 111.84 4.83 -51.12
CA GLU M 210 112.36 5.33 -52.38
C GLU M 210 113.35 4.33 -52.94
N GLY M 211 112.82 3.34 -53.64
CA GLY M 211 113.57 2.18 -54.09
C GLY M 211 112.85 0.91 -53.70
N PHE M 212 113.62 -0.08 -53.28
CA PHE M 212 113.06 -1.38 -52.94
C PHE M 212 113.75 -1.92 -51.72
N ILE M 213 112.98 -2.61 -50.89
CA ILE M 213 113.55 -3.33 -49.77
C ILE M 213 113.28 -4.81 -49.98
N LEU M 214 114.32 -5.62 -49.81
CA LEU M 214 114.22 -7.05 -50.12
C LEU M 214 114.33 -7.94 -48.88
N ALA M 215 113.40 -8.87 -48.75
CA ALA M 215 113.40 -9.82 -47.66
C ALA M 215 114.44 -10.93 -47.89
N LYS M 216 115.68 -10.52 -48.16
CA LYS M 216 116.76 -11.46 -48.39
C LYS M 216 118.06 -11.02 -47.72
N LYS M 217 119.12 -11.80 -47.89
CA LYS M 217 120.41 -11.52 -47.27
C LYS M 217 121.54 -11.57 -48.30
N PHE M 218 122.73 -11.17 -47.88
CA PHE M 218 123.93 -11.27 -48.73
C PHE M 218 124.59 -12.66 -48.64
N GLY M 219 125.35 -13.00 -49.69
CA GLY M 219 125.89 -14.35 -49.89
C GLY M 219 126.84 -14.96 -48.87
N ASN M 220 127.12 -14.24 -47.77
CA ASN M 220 127.80 -14.80 -46.60
C ASN M 220 128.58 -13.79 -45.75
N ASN M 221 129.91 -13.78 -45.91
CA ASN M 221 130.79 -12.84 -45.23
C ASN M 221 131.02 -11.62 -46.12
N GLN M 222 130.20 -11.51 -47.16
CA GLN M 222 130.29 -10.46 -48.18
C GLN M 222 130.07 -9.04 -47.63
N PRO M 223 130.57 -8.01 -48.35
CA PRO M 223 130.35 -6.60 -47.96
C PRO M 223 128.88 -6.25 -47.71
N LYS M 224 128.62 -5.59 -46.58
CA LYS M 224 127.27 -5.30 -46.10
C LYS M 224 126.53 -4.22 -46.89
N ARG M 225 127.28 -3.26 -47.42
CA ARG M 225 126.69 -2.15 -48.19
C ARG M 225 127.42 -1.89 -49.51
N ILE M 226 126.75 -2.19 -50.62
CA ILE M 226 127.29 -1.89 -51.94
C ILE M 226 126.91 -0.48 -52.38
N GLU M 227 127.90 0.22 -52.92
CA GLU M 227 127.72 1.58 -53.44
C GLU M 227 128.03 1.59 -54.92
N ASN M 228 127.25 2.37 -55.68
CA ASN M 228 127.31 2.40 -57.15
C ASN M 228 127.13 1.00 -57.74
N ALA M 229 125.94 0.45 -57.54
CA ALA M 229 125.64 -0.93 -57.92
C ALA M 229 125.48 -1.11 -59.42
N LYS M 230 125.78 -2.33 -59.86
CA LYS M 230 125.38 -2.83 -61.18
C LYS M 230 124.94 -4.27 -61.00
N ILE M 231 123.77 -4.60 -61.56
CA ILE M 231 123.07 -5.82 -61.20
C ILE M 231 122.80 -6.74 -62.38
N LEU M 232 123.07 -8.03 -62.18
CA LEU M 232 122.58 -9.09 -63.05
C LEU M 232 121.50 -9.88 -62.31
N ILE M 233 120.35 -10.03 -62.96
CA ILE M 233 119.22 -10.76 -62.38
C ILE M 233 119.07 -12.09 -63.10
N ALA M 234 119.00 -13.19 -62.35
CA ALA M 234 119.13 -14.53 -62.94
C ALA M 234 118.09 -15.55 -62.52
N ASN M 235 117.87 -16.54 -63.39
CA ASN M 235 116.97 -17.66 -63.16
C ASN M 235 117.67 -19.02 -63.18
N THR M 236 118.93 -19.04 -63.59
CA THR M 236 119.65 -20.30 -63.82
C THR M 236 119.95 -21.04 -62.51
N THR M 237 120.05 -22.36 -62.64
CA THR M 237 120.37 -23.29 -61.56
C THR M 237 121.77 -23.05 -60.95
N LEU M 238 121.91 -23.32 -59.65
CA LEU M 238 123.23 -23.30 -59.00
C LEU M 238 123.54 -24.47 -58.06
N ASP M 239 122.78 -24.65 -56.99
CA ASP M 239 123.03 -25.75 -56.05
C ASP M 239 122.69 -27.11 -56.66
N THR M 240 121.61 -27.13 -57.45
CA THR M 240 121.08 -28.36 -58.04
C THR M 240 122.10 -29.05 -58.93
N ASP M 241 123.06 -28.27 -59.43
CA ASP M 241 124.06 -28.71 -60.41
C ASP M 241 123.41 -29.03 -61.75
N LYS M 242 123.56 -28.10 -62.70
CA LYS M 242 122.97 -28.21 -64.04
C LYS M 242 123.33 -29.51 -64.74
N VAL M 243 122.31 -30.29 -65.08
CA VAL M 243 122.47 -31.57 -65.78
C VAL M 243 121.57 -31.56 -67.02
N LYS M 244 122.01 -32.27 -68.06
CA LYS M 244 121.18 -32.49 -69.23
C LYS M 244 120.10 -33.52 -68.87
N ILE M 245 118.86 -33.06 -68.87
CA ILE M 245 117.71 -33.70 -68.20
C ILE M 245 117.63 -35.23 -68.19
N PHE M 246 117.99 -35.86 -69.31
CA PHE M 246 117.62 -37.25 -69.60
C PHE M 246 117.97 -38.36 -68.59
N GLY M 247 119.26 -38.63 -68.41
CA GLY M 247 119.68 -39.70 -67.50
C GLY M 247 121.15 -40.01 -67.67
N THR M 248 121.98 -39.06 -67.26
CA THR M 248 123.42 -39.17 -67.44
C THR M 248 124.06 -39.97 -66.29
N LYS M 249 124.04 -41.29 -66.42
CA LYS M 249 124.61 -42.19 -65.40
C LYS M 249 126.10 -42.51 -65.65
N PHE M 250 126.94 -42.26 -64.65
CA PHE M 250 128.36 -42.57 -64.75
C PHE M 250 128.63 -44.03 -64.45
N LYS M 251 129.28 -44.71 -65.39
CA LYS M 251 129.70 -46.10 -65.21
C LYS M 251 131.22 -46.20 -65.24
N VAL M 252 131.85 -45.86 -64.12
CA VAL M 252 133.31 -45.85 -64.02
C VAL M 252 133.85 -47.27 -63.83
N ASP M 253 134.69 -47.69 -64.76
CA ASP M 253 135.29 -49.01 -64.75
C ASP M 253 136.04 -49.27 -63.44
N SER M 254 136.85 -48.29 -63.02
CA SER M 254 137.59 -48.37 -61.77
C SER M 254 137.71 -46.99 -61.14
N THR M 255 137.43 -46.92 -59.84
CA THR M 255 137.41 -45.68 -59.02
C THR M 255 138.16 -44.46 -59.58
N ALA M 256 139.31 -44.69 -60.21
CA ALA M 256 140.21 -43.64 -60.71
C ALA M 256 139.54 -42.54 -61.53
N LYS M 257 138.56 -42.92 -62.34
CA LYS M 257 137.82 -41.98 -63.19
C LYS M 257 136.70 -41.24 -62.46
N LEU M 258 136.34 -41.69 -61.27
CA LEU M 258 135.32 -41.01 -60.46
C LEU M 258 135.86 -39.69 -59.89
N ALA M 259 137.12 -39.71 -59.45
CA ALA M 259 137.78 -38.52 -58.92
C ALA M 259 137.80 -37.39 -59.95
N GLN M 260 138.23 -37.72 -61.17
CA GLN M 260 138.24 -36.79 -62.29
C GLN M 260 136.85 -36.25 -62.60
N LEU M 261 135.86 -37.14 -62.64
CA LEU M 261 134.48 -36.76 -62.94
C LEU M 261 133.82 -35.97 -61.81
N GLU M 262 134.39 -36.09 -60.60
CA GLU M 262 133.96 -35.28 -59.47
C GLU M 262 134.45 -33.85 -59.64
N LYS M 263 135.73 -33.71 -59.96
CA LYS M 263 136.33 -32.41 -60.23
C LYS M 263 135.78 -31.79 -61.52
N ALA M 264 135.23 -32.64 -62.39
CA ALA M 264 134.63 -32.19 -63.64
C ALA M 264 133.39 -31.33 -63.39
N GLU M 265 132.53 -31.79 -62.48
CA GLU M 265 131.33 -31.05 -62.10
C GLU M 265 131.69 -29.70 -61.47
N ARG M 266 132.80 -29.68 -60.75
CA ARG M 266 133.34 -28.45 -60.17
C ARG M 266 133.81 -27.51 -61.28
N GLU M 267 134.44 -28.07 -62.31
CA GLU M 267 134.91 -27.31 -63.47
C GLU M 267 133.74 -26.74 -64.28
N LYS M 268 132.66 -27.52 -64.38
CA LYS M 268 131.45 -27.12 -65.10
C LYS M 268 130.82 -25.90 -64.43
N MET M 269 131.03 -25.79 -63.12
CA MET M 269 130.55 -24.67 -62.34
C MET M 269 131.50 -23.48 -62.49
N LYS M 270 132.79 -23.70 -62.20
CA LYS M 270 133.81 -22.67 -62.33
C LYS M 270 133.71 -21.95 -63.67
N ASN M 271 133.36 -22.71 -64.72
CA ASN M 271 133.21 -22.17 -66.07
C ASN M 271 131.90 -21.39 -66.23
N LYS M 272 130.86 -21.85 -65.57
CA LYS M 272 129.54 -21.19 -65.58
C LYS M 272 129.51 -19.92 -64.74
N ILE M 273 130.52 -19.74 -63.89
CA ILE M 273 130.68 -18.51 -63.10
C ILE M 273 131.61 -17.55 -63.84
N ALA M 274 132.58 -18.10 -64.57
CA ALA M 274 133.46 -17.32 -65.43
C ALA M 274 132.70 -16.72 -66.61
N LYS M 275 131.75 -17.50 -67.14
CA LYS M 275 130.87 -17.03 -68.22
C LYS M 275 130.05 -15.82 -67.73
N ILE M 276 129.74 -15.83 -66.43
CA ILE M 276 129.07 -14.73 -65.76
C ILE M 276 130.05 -13.60 -65.40
N SER M 277 131.24 -13.97 -64.93
CA SER M 277 132.28 -13.00 -64.60
C SER M 277 132.47 -12.01 -65.75
N LYS M 278 132.45 -12.53 -66.98
CA LYS M 278 132.63 -11.75 -68.20
C LYS M 278 131.60 -10.63 -68.38
N PHE M 279 130.50 -10.72 -67.64
CA PHE M 279 129.45 -9.69 -67.66
C PHE M 279 129.90 -8.37 -67.03
N GLY M 280 130.89 -8.44 -66.14
CA GLY M 280 131.47 -7.26 -65.50
C GLY M 280 130.47 -6.59 -64.57
N ILE M 281 130.08 -7.31 -63.52
CA ILE M 281 128.97 -6.93 -62.66
C ILE M 281 129.30 -7.19 -61.19
N ASN M 282 129.05 -6.20 -60.34
CA ASN M 282 129.33 -6.36 -58.90
C ASN M 282 128.16 -6.92 -58.08
N THR M 283 126.98 -7.07 -58.70
CA THR M 283 125.80 -7.57 -57.99
C THR M 283 125.05 -8.67 -58.77
N PHE M 284 125.01 -9.87 -58.20
CA PHE M 284 124.33 -11.02 -58.82
C PHE M 284 123.16 -11.48 -57.96
N ILE M 285 121.95 -11.27 -58.46
CA ILE M 285 120.73 -11.79 -57.80
C ILE M 285 120.08 -12.91 -58.61
N ASN M 286 119.70 -13.97 -57.92
CA ASN M 286 119.23 -15.19 -58.57
C ASN M 286 118.04 -15.80 -57.81
N ARG M 287 116.98 -16.14 -58.54
CA ARG M 287 115.78 -16.76 -57.95
C ARG M 287 116.13 -18.05 -57.21
N GLN M 288 116.99 -18.85 -57.84
CA GLN M 288 117.44 -20.14 -57.29
C GLN M 288 118.37 -19.97 -56.10
N LEU M 289 118.76 -21.10 -55.51
CA LEU M 289 119.73 -21.12 -54.43
C LEU M 289 121.14 -20.96 -55.00
N ILE M 290 122.01 -20.35 -54.20
CA ILE M 290 123.45 -20.31 -54.50
C ILE M 290 124.14 -21.39 -53.68
N TYR M 291 124.59 -22.45 -54.36
CA TYR M 291 125.33 -23.55 -53.73
C TYR M 291 126.46 -23.02 -52.86
N ASP M 292 126.77 -23.76 -51.80
CA ASP M 292 127.87 -23.41 -50.88
C ASP M 292 129.18 -23.08 -51.61
N TYR M 293 129.31 -23.61 -52.84
CA TYR M 293 130.49 -23.39 -53.66
C TYR M 293 130.44 -22.07 -54.46
N PRO M 294 129.48 -21.91 -55.40
CA PRO M 294 129.34 -20.62 -56.10
C PRO M 294 129.23 -19.41 -55.18
N GLU M 295 128.65 -19.60 -53.99
CA GLU M 295 128.54 -18.54 -53.00
C GLU M 295 129.90 -17.95 -52.66
N GLN M 296 130.92 -18.80 -52.66
CA GLN M 296 132.29 -18.38 -52.40
C GLN M 296 132.95 -17.79 -53.65
N LEU M 297 132.73 -18.42 -54.81
CA LEU M 297 133.32 -17.97 -56.07
C LEU M 297 132.96 -16.51 -56.39
N PHE M 298 131.78 -16.09 -55.96
CA PHE M 298 131.37 -14.69 -56.09
C PHE M 298 132.05 -13.79 -55.06
N THR M 299 132.26 -14.32 -53.85
CA THR M 299 132.89 -13.58 -52.77
C THR M 299 134.37 -13.27 -53.06
N ASP M 300 135.10 -14.26 -53.55
CA ASP M 300 136.51 -14.11 -53.92
C ASP M 300 136.70 -13.11 -55.05
N LEU M 301 135.70 -13.03 -55.93
CA LEU M 301 135.72 -12.11 -57.06
C LEU M 301 135.22 -10.72 -56.67
N GLY M 302 134.50 -10.64 -55.56
CA GLY M 302 133.98 -9.37 -55.06
C GLY M 302 132.53 -9.11 -55.43
N ILE M 303 131.95 -10.00 -56.23
CA ILE M 303 130.54 -9.90 -56.61
C ILE M 303 129.65 -10.27 -55.42
N ASN M 304 128.73 -9.38 -55.09
CA ASN M 304 127.71 -9.67 -54.10
C ASN M 304 126.62 -10.56 -54.66
N SER M 305 126.33 -11.64 -53.93
CA SER M 305 125.37 -12.65 -54.37
C SER M 305 124.20 -12.84 -53.40
N ILE M 306 122.99 -12.65 -53.91
CA ILE M 306 121.79 -12.80 -53.12
C ILE M 306 121.04 -14.04 -53.62
N GLU M 307 120.68 -14.94 -52.70
CA GLU M 307 119.91 -16.13 -53.03
C GLU M 307 118.44 -16.04 -52.62
N HIS M 308 117.61 -16.87 -53.23
CA HIS M 308 116.19 -17.01 -52.92
C HIS M 308 115.42 -15.69 -52.92
N ALA M 309 115.06 -15.24 -54.11
CA ALA M 309 114.04 -14.22 -54.30
C ALA M 309 113.28 -14.69 -55.53
N ASP M 310 112.13 -15.30 -55.28
CA ASP M 310 111.41 -16.07 -56.29
C ASP M 310 110.95 -15.27 -57.51
N PHE M 311 110.10 -15.90 -58.33
CA PHE M 311 109.46 -15.28 -59.50
C PHE M 311 108.88 -13.91 -59.17
N GLU M 312 108.36 -13.81 -57.94
CA GLU M 312 107.89 -12.55 -57.37
C GLU M 312 109.03 -11.53 -57.26
N GLY M 313 109.90 -11.71 -56.26
CA GLY M 313 111.03 -10.81 -55.99
C GLY M 313 111.82 -10.39 -57.23
N VAL M 314 112.19 -11.36 -58.05
CA VAL M 314 112.96 -11.12 -59.28
C VAL M 314 112.28 -10.16 -60.25
N GLU M 315 110.98 -10.35 -60.47
CA GLU M 315 110.19 -9.54 -61.40
C GLU M 315 110.14 -8.06 -61.01
N ARG M 316 110.07 -7.80 -59.70
CA ARG M 316 110.04 -6.43 -59.18
C ARG M 316 111.43 -5.79 -59.31
N LEU M 317 112.46 -6.52 -58.92
CA LEU M 317 113.85 -6.06 -59.04
C LEU M 317 114.17 -5.67 -60.48
N ALA M 318 113.69 -6.47 -61.43
CA ALA M 318 113.86 -6.18 -62.86
C ALA M 318 113.17 -4.89 -63.30
N LEU M 319 112.09 -4.52 -62.59
CA LEU M 319 111.35 -3.31 -62.88
C LEU M 319 111.89 -2.08 -62.15
N VAL M 320 112.44 -2.29 -60.97
CA VAL M 320 113.02 -1.20 -60.17
C VAL M 320 114.46 -0.86 -60.56
N THR M 321 115.23 -1.89 -60.91
CA THR M 321 116.64 -1.69 -61.28
C THR M 321 116.78 -1.50 -62.79
N GLY M 322 115.74 -1.88 -63.53
CA GLY M 322 115.74 -1.79 -65.00
C GLY M 322 116.52 -2.91 -65.65
N GLY M 323 116.69 -4.01 -64.93
CA GLY M 323 117.44 -5.17 -65.41
C GLY M 323 116.58 -6.14 -66.16
N GLU M 324 117.07 -7.37 -66.29
CA GLU M 324 116.42 -8.40 -67.08
C GLU M 324 116.47 -9.73 -66.36
N VAL M 325 115.39 -10.50 -66.41
CA VAL M 325 115.33 -11.82 -65.81
C VAL M 325 116.10 -12.80 -66.71
N VAL M 326 117.40 -12.93 -66.43
CA VAL M 326 118.36 -13.58 -67.33
C VAL M 326 118.66 -15.04 -66.97
N SER M 327 118.80 -15.89 -67.99
CA SER M 327 119.32 -17.25 -67.84
C SER M 327 120.61 -17.41 -68.68
N THR M 328 120.69 -18.48 -69.48
CA THR M 328 121.78 -18.70 -70.47
C THR M 328 123.18 -18.20 -70.09
N PHE M 329 123.36 -16.88 -70.18
CA PHE M 329 124.62 -16.21 -69.86
C PHE M 329 125.76 -16.64 -70.79
N ASP M 330 125.42 -16.91 -72.06
CA ASP M 330 126.41 -17.30 -73.06
C ASP M 330 126.91 -16.10 -73.88
N GLU M 331 126.07 -15.09 -74.03
CA GLU M 331 126.41 -13.90 -74.85
C GLU M 331 125.99 -12.58 -74.20
N PRO M 332 126.77 -12.10 -73.20
CA PRO M 332 126.45 -10.95 -72.35
C PRO M 332 126.07 -9.65 -73.06
N SER M 333 126.50 -9.50 -74.32
CA SER M 333 126.31 -8.24 -75.04
C SER M 333 124.84 -7.92 -75.32
N LYS M 334 124.05 -8.97 -75.54
CA LYS M 334 122.67 -8.81 -75.97
C LYS M 334 121.66 -8.54 -74.84
N CYS M 335 121.98 -8.98 -73.62
CA CYS M 335 121.06 -8.80 -72.48
C CYS M 335 121.32 -7.53 -71.66
N LYS M 336 120.25 -6.99 -71.09
CA LYS M 336 120.28 -5.68 -70.41
C LYS M 336 120.44 -5.77 -68.89
N LEU M 337 121.49 -5.11 -68.38
CA LEU M 337 121.81 -5.07 -66.95
C LEU M 337 120.83 -4.18 -66.16
N GLY M 338 120.88 -4.30 -64.84
CA GLY M 338 120.15 -3.40 -63.94
C GLY M 338 121.14 -2.59 -63.11
N GLU M 339 120.78 -1.34 -62.82
CA GLU M 339 121.65 -0.46 -62.04
C GLU M 339 120.88 0.34 -61.00
N CYS M 340 121.50 0.52 -59.83
CA CYS M 340 121.01 1.45 -58.82
C CYS M 340 122.18 2.11 -58.09
N ASP M 341 121.86 2.93 -57.08
CA ASP M 341 122.87 3.76 -56.42
C ASP M 341 123.53 3.07 -55.23
N VAL M 342 122.73 2.62 -54.27
CA VAL M 342 123.25 1.98 -53.05
C VAL M 342 122.35 0.83 -52.58
N ILE M 343 122.96 -0.32 -52.28
CA ILE M 343 122.28 -1.46 -51.62
C ILE M 343 122.91 -1.70 -50.26
N GLU M 344 122.46 -0.93 -49.26
CA GLU M 344 122.88 -1.12 -47.88
C GLU M 344 121.84 -1.90 -47.07
N GLU M 345 122.29 -2.85 -46.25
CA GLU M 345 121.41 -3.69 -45.44
C GLU M 345 120.96 -2.96 -44.18
N ILE M 346 119.69 -2.60 -44.11
CA ILE M 346 119.12 -1.93 -42.94
C ILE M 346 118.55 -2.94 -41.92
N MET M 347 118.24 -2.43 -40.73
CA MET M 347 117.48 -3.18 -39.73
C MET M 347 116.12 -2.52 -39.56
N LEU M 348 115.09 -3.34 -39.36
CA LEU M 348 113.74 -2.84 -39.10
C LEU M 348 113.09 -3.60 -37.94
N GLY M 349 113.45 -3.19 -36.72
CA GLY M 349 112.92 -3.83 -35.51
C GLY M 349 113.69 -5.06 -35.08
N GLU M 350 114.03 -5.93 -36.03
CA GLU M 350 114.76 -7.18 -35.76
C GLU M 350 115.39 -7.78 -37.03
N GLN M 351 114.59 -7.93 -38.08
CA GLN M 351 115.01 -8.61 -39.30
C GLN M 351 115.87 -7.72 -40.18
N PRO M 352 116.89 -8.31 -40.84
CA PRO M 352 117.83 -7.62 -41.72
C PRO M 352 117.43 -7.61 -43.21
N PHE M 353 117.04 -6.43 -43.70
CA PHE M 353 116.59 -6.25 -45.07
C PHE M 353 117.61 -5.44 -45.88
N LEU M 354 117.81 -5.83 -47.14
CA LEU M 354 118.72 -5.10 -48.02
C LEU M 354 117.93 -4.09 -48.85
N LYS M 355 118.08 -2.81 -48.52
CA LYS M 355 117.30 -1.72 -49.14
C LYS M 355 118.00 -1.07 -50.31
N PHE M 356 117.58 -1.46 -51.51
CA PHE M 356 118.00 -0.81 -52.73
C PHE M 356 117.45 0.62 -52.70
N SER M 357 118.34 1.60 -52.87
CA SER M 357 117.98 3.01 -52.80
C SER M 357 118.59 3.80 -53.96
N GLY M 358 117.75 4.58 -54.64
CA GLY M 358 118.18 5.36 -55.80
C GLY M 358 118.32 4.48 -57.04
N CYS M 359 117.17 4.10 -57.60
CA CYS M 359 117.13 3.16 -58.72
C CYS M 359 117.02 3.86 -60.07
N LYS M 360 117.14 3.09 -61.15
CA LYS M 360 117.10 3.64 -62.51
C LYS M 360 115.69 4.00 -62.98
N ALA M 361 114.72 3.14 -62.66
CA ALA M 361 113.32 3.39 -62.99
C ALA M 361 112.43 2.83 -61.89
N GLY M 362 111.58 3.68 -61.30
CA GLY M 362 110.82 3.31 -60.10
C GLY M 362 109.63 2.37 -60.26
N GLU M 363 109.57 1.67 -61.39
CA GLU M 363 108.36 0.92 -61.81
C GLU M 363 107.92 -0.26 -60.93
N ALA M 364 108.62 -0.48 -59.82
CA ALA M 364 108.20 -1.46 -58.80
C ALA M 364 108.66 -1.02 -57.41
N CYS M 365 107.75 -1.10 -56.44
CA CYS M 365 108.00 -0.51 -55.13
C CYS M 365 107.66 -1.42 -53.94
N THR M 366 108.09 -0.99 -52.76
CA THR M 366 107.80 -1.69 -51.53
C THR M 366 107.28 -0.70 -50.50
N ILE M 367 106.09 -0.98 -49.97
CA ILE M 367 105.52 -0.22 -48.86
C ILE M 367 105.68 -1.03 -47.58
N VAL M 368 106.33 -0.43 -46.58
CA VAL M 368 106.45 -1.08 -45.27
C VAL M 368 105.41 -0.51 -44.31
N LEU M 369 104.50 -1.38 -43.87
CA LEU M 369 103.46 -1.01 -42.92
C LEU M 369 103.94 -1.25 -41.50
N ARG M 370 103.53 -0.38 -40.59
CA ARG M 370 103.91 -0.48 -39.19
C ARG M 370 102.69 -0.39 -38.26
N GLY M 371 102.86 -0.85 -37.01
CA GLY M 371 101.74 -0.84 -36.06
C GLY M 371 101.96 -1.68 -34.82
N ALA M 372 101.03 -1.57 -33.88
CA ALA M 372 101.18 -2.13 -32.53
C ALA M 372 100.67 -3.56 -32.38
N THR M 373 99.91 -4.03 -33.37
CA THR M 373 99.19 -5.31 -33.24
C THR M 373 99.14 -6.03 -34.59
N ASP M 374 99.30 -7.34 -34.57
CA ASP M 374 99.25 -8.16 -35.79
C ASP M 374 97.95 -7.99 -36.59
N GLN M 375 96.84 -7.73 -35.89
CA GLN M 375 95.58 -7.41 -36.56
C GLN M 375 95.60 -6.04 -37.20
N THR M 376 96.16 -5.06 -36.48
CA THR M 376 96.27 -3.70 -37.00
C THR M 376 96.99 -3.76 -38.36
N LEU M 377 98.09 -4.52 -38.42
CA LEU M 377 98.84 -4.76 -39.67
C LEU M 377 97.99 -5.47 -40.72
N ASP M 378 97.38 -6.59 -40.35
CA ASP M 378 96.47 -7.31 -41.22
C ASP M 378 95.54 -6.35 -41.94
N GLU M 379 94.91 -5.47 -41.17
CA GLU M 379 93.89 -4.56 -41.66
C GLU M 379 94.48 -3.47 -42.53
N ALA M 380 95.64 -2.94 -42.12
CA ALA M 380 96.35 -1.92 -42.88
C ALA M 380 96.65 -2.40 -44.31
N GLU M 381 97.02 -3.68 -44.43
CA GLU M 381 97.25 -4.33 -45.72
C GLU M 381 95.97 -4.46 -46.55
N ARG M 382 94.90 -4.90 -45.88
CA ARG M 382 93.56 -5.08 -46.48
C ARG M 382 92.92 -3.73 -46.83
N SER M 383 93.06 -2.77 -45.92
CA SER M 383 92.67 -1.38 -46.17
C SER M 383 93.47 -0.82 -47.35
N LEU M 384 94.79 -1.06 -47.34
CA LEU M 384 95.67 -0.55 -48.39
C LEU M 384 95.36 -1.17 -49.74
N HIS M 385 95.11 -2.48 -49.79
CA HIS M 385 94.73 -3.13 -51.04
C HIS M 385 93.48 -2.46 -51.63
N ASP M 386 92.54 -2.06 -50.77
CA ASP M 386 91.35 -1.36 -51.21
C ASP M 386 91.73 -0.01 -51.85
N ALA M 387 92.77 0.63 -51.31
CA ALA M 387 93.23 1.92 -51.84
C ALA M 387 94.06 1.76 -53.12
N LEU M 388 94.94 0.75 -53.15
CA LEU M 388 95.77 0.47 -54.34
C LEU M 388 94.97 -0.21 -55.46
N SER M 389 93.66 -0.30 -55.27
CA SER M 389 92.76 -0.88 -56.26
C SER M 389 91.99 0.20 -57.00
N VAL M 390 91.24 1.02 -56.25
CA VAL M 390 90.52 2.16 -56.82
C VAL M 390 91.47 3.05 -57.63
N LEU M 391 92.59 3.42 -57.01
CA LEU M 391 93.59 4.28 -57.63
C LEU M 391 94.30 3.63 -58.83
N SER M 392 94.50 2.31 -58.76
CA SER M 392 95.09 1.58 -59.88
C SER M 392 94.11 1.42 -61.05
N GLN M 393 92.82 1.28 -60.74
CA GLN M 393 91.78 1.12 -61.75
C GLN M 393 91.29 2.44 -62.33
N THR M 394 91.59 3.54 -61.64
CA THR M 394 91.31 4.88 -62.14
C THR M 394 92.47 5.39 -63.02
N THR M 395 93.55 4.61 -63.08
CA THR M 395 94.59 4.81 -64.09
C THR M 395 94.08 4.29 -65.43
N LYS M 396 93.26 3.24 -65.38
CA LYS M 396 92.58 2.73 -66.55
C LYS M 396 91.27 3.50 -66.80
N GLU M 397 90.39 3.55 -65.80
CA GLU M 397 89.13 4.29 -65.91
C GLU M 397 89.17 5.66 -65.23
N THR M 398 89.54 6.68 -66.01
CA THR M 398 89.95 7.99 -65.47
C THR M 398 88.84 8.99 -65.14
N ARG M 399 87.57 8.55 -65.15
CA ARG M 399 86.47 9.43 -64.75
C ARG M 399 86.15 9.34 -63.27
N THR M 400 85.56 10.40 -62.73
CA THR M 400 85.29 10.49 -61.30
C THR M 400 83.83 10.85 -61.02
N VAL M 401 83.36 10.42 -59.85
CA VAL M 401 82.01 10.74 -59.40
C VAL M 401 82.10 11.12 -57.93
N LEU M 402 81.35 12.15 -57.54
CA LEU M 402 81.34 12.64 -56.16
C LEU M 402 80.63 11.66 -55.22
N GLY M 403 81.38 11.20 -54.21
CA GLY M 403 80.84 10.30 -53.18
C GLY M 403 80.15 11.03 -52.04
N GLY M 404 80.10 10.38 -50.88
CA GLY M 404 79.41 10.91 -49.70
C GLY M 404 77.90 10.78 -49.81
N GLY M 405 77.45 9.81 -50.58
CA GLY M 405 76.02 9.64 -50.84
C GLY M 405 75.53 10.42 -52.05
N CYS M 406 76.30 11.40 -52.48
CA CYS M 406 75.96 12.22 -53.61
C CYS M 406 75.75 11.38 -54.87
N ALA M 407 76.76 10.60 -55.23
CA ALA M 407 76.69 9.74 -56.41
C ALA M 407 75.38 8.96 -56.47
N GLU M 408 75.07 8.23 -55.39
CA GLU M 408 73.85 7.43 -55.28
C GLU M 408 72.55 8.26 -55.27
N MET M 409 72.65 9.52 -54.84
CA MET M 409 71.51 10.41 -54.84
C MET M 409 71.16 10.91 -56.23
N VAL M 410 72.19 11.27 -57.00
CA VAL M 410 71.99 11.76 -58.37
C VAL M 410 71.29 10.71 -59.24
N MET M 411 71.54 9.43 -58.93
CA MET M 411 70.84 8.35 -59.61
C MET M 411 69.45 8.21 -59.06
N SER M 412 69.29 8.43 -57.76
CA SER M 412 67.98 8.39 -57.10
C SER M 412 67.07 9.46 -57.67
N LYS M 413 67.67 10.55 -58.10
CA LYS M 413 66.98 11.62 -58.80
C LYS M 413 66.40 11.13 -60.13
N ALA M 414 67.31 10.79 -61.06
CA ALA M 414 66.91 10.40 -62.41
C ALA M 414 66.00 9.17 -62.45
N VAL M 415 66.23 8.20 -61.57
CA VAL M 415 65.38 7.02 -61.50
C VAL M 415 63.98 7.42 -61.01
N ASP M 416 63.92 8.42 -60.15
CA ASP M 416 62.65 8.89 -59.60
C ASP M 416 61.84 9.75 -60.58
N THR M 417 62.51 10.41 -61.52
CA THR M 417 61.81 11.22 -62.53
C THR M 417 61.41 10.37 -63.73
N GLU M 418 62.17 9.31 -63.99
CA GLU M 418 61.84 8.35 -65.03
C GLU M 418 60.60 7.54 -64.61
N ALA M 419 60.38 7.45 -63.30
CA ALA M 419 59.18 6.81 -62.76
C ALA M 419 57.92 7.67 -63.01
N GLN M 420 58.08 9.00 -62.97
CA GLN M 420 57.01 9.94 -63.30
C GLN M 420 56.75 9.96 -64.80
N ASN M 421 57.51 9.12 -65.51
CA ASN M 421 57.43 9.00 -66.96
C ASN M 421 56.92 7.64 -67.41
N ILE M 422 57.24 6.58 -66.64
CA ILE M 422 56.95 5.20 -67.04
C ILE M 422 55.52 4.75 -66.81
N ASP M 423 55.00 4.94 -65.59
CA ASP M 423 53.60 4.63 -65.25
C ASP M 423 53.17 3.15 -65.37
N GLY M 424 52.18 2.76 -64.58
CA GLY M 424 51.70 1.38 -64.52
C GLY M 424 52.00 0.76 -63.16
N LYS M 425 52.14 -0.56 -63.13
CA LYS M 425 52.51 -1.23 -61.90
C LYS M 425 54.01 -1.37 -61.82
N LYS M 426 54.68 -1.26 -62.95
CA LYS M 426 56.14 -1.23 -63.03
C LYS M 426 56.68 0.01 -62.33
N SER M 427 55.93 1.11 -62.46
CA SER M 427 56.29 2.42 -61.92
C SER M 427 56.72 2.29 -60.46
N LEU M 428 55.89 1.60 -59.69
CA LEU M 428 56.16 1.37 -58.27
C LEU M 428 57.55 0.75 -58.02
N ALA M 429 57.92 -0.22 -58.85
CA ALA M 429 59.21 -0.91 -58.71
C ALA M 429 60.35 -0.01 -59.15
N VAL M 430 60.06 0.92 -60.05
CA VAL M 430 61.04 1.90 -60.49
C VAL M 430 61.35 2.87 -59.35
N GLU M 431 60.31 3.41 -58.73
CA GLU M 431 60.47 4.28 -57.56
C GLU M 431 61.19 3.56 -56.43
N ALA M 432 60.84 2.29 -56.23
CA ALA M 432 61.45 1.46 -55.19
C ALA M 432 62.96 1.36 -55.38
N PHE M 433 63.39 1.20 -56.63
CA PHE M 433 64.82 1.15 -56.96
C PHE M 433 65.48 2.41 -56.42
N ALA M 434 64.86 3.56 -56.71
CA ALA M 434 65.34 4.86 -56.22
C ALA M 434 65.37 4.93 -54.70
N ARG M 435 64.31 4.40 -54.08
CA ARG M 435 64.20 4.34 -52.62
C ARG M 435 65.34 3.51 -52.01
N ALA M 436 65.70 2.44 -52.70
CA ALA M 436 66.77 1.56 -52.24
C ALA M 436 68.12 2.23 -52.34
N LEU M 437 68.32 3.02 -53.40
CA LEU M 437 69.55 3.78 -53.58
C LEU M 437 69.71 4.83 -52.48
N ARG M 438 68.58 5.42 -52.08
CA ARG M 438 68.55 6.37 -50.97
C ARG M 438 68.98 5.70 -49.66
N GLN M 439 68.61 4.42 -49.50
CA GLN M 439 68.87 3.68 -48.25
C GLN M 439 70.35 3.47 -47.97
N LEU M 440 71.22 3.86 -48.91
CA LEU M 440 72.66 3.82 -48.71
C LEU M 440 73.19 5.01 -47.90
N PRO M 441 73.00 6.26 -48.38
CA PRO M 441 73.30 7.42 -47.54
C PRO M 441 72.63 7.37 -46.16
N THR M 442 71.52 6.64 -46.06
CA THR M 442 70.78 6.48 -44.82
C THR M 442 71.63 5.83 -43.74
N ILE M 443 72.37 4.78 -44.10
CA ILE M 443 73.22 4.04 -43.15
C ILE M 443 74.56 4.73 -42.93
N LEU M 444 75.08 5.40 -43.97
CA LEU M 444 76.23 6.28 -43.84
C LEU M 444 75.97 7.28 -42.71
N ALA M 445 74.73 7.75 -42.63
CA ALA M 445 74.28 8.68 -41.60
C ALA M 445 73.93 7.98 -40.28
N ASP M 446 73.38 6.77 -40.37
CA ASP M 446 72.97 6.00 -39.18
C ASP M 446 74.16 5.56 -38.30
N ASN M 447 75.26 5.19 -38.95
CA ASN M 447 76.48 4.79 -38.23
C ASN M 447 77.20 5.93 -37.54
N ALA M 448 77.18 7.11 -38.17
CA ALA M 448 77.72 8.33 -37.58
C ALA M 448 76.91 8.77 -36.35
N GLY M 449 75.58 8.82 -36.50
CA GLY M 449 74.68 9.00 -35.35
C GLY M 449 73.50 9.97 -35.46
N PHE M 450 73.43 10.72 -36.55
CA PHE M 450 72.44 11.80 -36.67
C PHE M 450 71.13 11.29 -37.25
N ASP M 451 70.05 12.08 -37.14
CA ASP M 451 68.73 11.61 -37.56
C ASP M 451 68.73 11.24 -39.03
N SER M 452 68.95 9.95 -39.29
CA SER M 452 68.92 9.39 -40.63
C SER M 452 67.76 9.95 -41.44
N SER M 453 66.57 9.92 -40.84
CA SER M 453 65.37 10.47 -41.45
C SER M 453 65.56 11.93 -41.91
N GLU M 454 65.97 12.80 -40.98
CA GLU M 454 66.13 14.24 -41.27
C GLU M 454 67.21 14.54 -42.30
N LEU M 455 68.39 13.93 -42.14
CA LEU M 455 69.54 14.23 -43.00
C LEU M 455 69.39 13.77 -44.45
N VAL M 456 69.04 12.50 -44.65
CA VAL M 456 68.76 12.02 -46.00
C VAL M 456 67.67 12.89 -46.64
N SER M 457 66.66 13.24 -45.84
CA SER M 457 65.55 14.09 -46.27
C SER M 457 66.00 15.52 -46.59
N LYS M 458 67.09 15.96 -45.96
CA LYS M 458 67.65 17.28 -46.23
C LYS M 458 68.50 17.26 -47.51
N LEU M 459 69.25 16.18 -47.71
CA LEU M 459 70.13 16.04 -48.87
C LEU M 459 69.38 15.67 -50.16
N ARG M 460 68.31 14.91 -50.02
CA ARG M 460 67.38 14.67 -51.14
C ARG M 460 66.97 16.00 -51.75
N SER M 461 66.41 16.89 -50.91
CA SER M 461 65.87 18.16 -51.37
C SER M 461 66.83 18.95 -52.23
N SER M 462 68.10 19.01 -51.79
CA SER M 462 69.13 19.79 -52.47
C SER M 462 69.47 19.24 -53.84
N ILE M 463 69.80 17.95 -53.89
CA ILE M 463 70.19 17.30 -55.15
C ILE M 463 69.04 17.31 -56.14
N TYR M 464 67.83 17.03 -55.64
CA TYR M 464 66.61 17.11 -56.44
C TYR M 464 66.36 18.55 -56.92
N ASN M 465 66.74 19.53 -56.09
CA ASN M 465 66.63 20.95 -56.45
C ASN M 465 67.67 21.44 -57.45
N GLY M 466 68.64 20.59 -57.77
CA GLY M 466 69.59 20.88 -58.84
C GLY M 466 70.98 21.23 -58.36
N ILE M 467 71.21 21.16 -57.04
CA ILE M 467 72.54 21.35 -56.49
C ILE M 467 73.23 19.98 -56.45
N SER M 468 73.49 19.43 -57.64
CA SER M 468 73.97 18.05 -57.78
C SER M 468 75.43 17.83 -57.38
N THR M 469 75.86 18.58 -56.36
CA THR M 469 77.17 18.41 -55.73
C THR M 469 76.99 18.01 -54.27
N SER M 470 75.91 18.53 -53.68
CA SER M 470 75.52 18.28 -52.29
C SER M 470 75.75 16.85 -51.84
N GLY M 471 76.44 16.70 -50.71
CA GLY M 471 76.67 15.40 -50.12
C GLY M 471 76.64 15.48 -48.61
N LEU M 472 76.94 14.35 -47.96
CA LEU M 472 76.88 14.24 -46.50
C LEU M 472 78.21 14.60 -45.83
N ASP M 473 78.17 15.61 -44.95
CA ASP M 473 79.29 15.94 -44.08
C ASP M 473 79.11 15.12 -42.81
N LEU M 474 79.79 13.97 -42.77
CA LEU M 474 79.54 12.97 -41.74
C LEU M 474 80.34 13.13 -40.44
N ASN M 475 80.86 14.34 -40.23
CA ASN M 475 81.38 14.73 -38.92
C ASN M 475 80.56 15.87 -38.32
N ASN M 476 80.01 16.69 -39.21
CA ASN M 476 79.30 17.91 -38.84
C ASN M 476 77.79 17.74 -38.94
N GLY M 477 77.36 16.62 -39.52
CA GLY M 477 75.95 16.26 -39.64
C GLY M 477 75.15 17.22 -40.50
N THR M 478 75.78 17.70 -41.56
CA THR M 478 75.16 18.69 -42.43
C THR M 478 75.27 18.34 -43.92
N ILE M 479 74.52 19.05 -44.75
CA ILE M 479 74.67 18.97 -46.19
C ILE M 479 75.83 19.87 -46.63
N ALA M 480 76.86 19.24 -47.20
CA ALA M 480 78.06 19.96 -47.63
C ALA M 480 78.49 19.64 -49.05
N ASP M 481 79.08 20.63 -49.71
CA ASP M 481 79.58 20.54 -51.09
C ASP M 481 80.68 19.50 -51.19
N MET M 482 80.47 18.48 -52.01
CA MET M 482 81.42 17.38 -52.11
C MET M 482 82.63 17.70 -52.98
N ARG M 483 82.45 18.52 -53.99
CA ARG M 483 83.57 18.96 -54.83
C ARG M 483 84.52 19.81 -54.01
N GLN M 484 83.96 20.74 -53.22
CA GLN M 484 84.76 21.68 -52.43
C GLN M 484 85.33 21.05 -51.15
N LEU M 485 84.87 19.85 -50.80
CA LEU M 485 85.44 19.12 -49.65
C LEU M 485 86.20 17.85 -50.07
N GLY M 486 86.36 17.67 -51.37
CA GLY M 486 87.24 16.63 -51.94
C GLY M 486 86.89 15.18 -51.64
N ILE M 487 85.60 14.87 -51.62
CA ILE M 487 85.14 13.51 -51.38
C ILE M 487 84.80 12.92 -52.74
N VAL M 488 85.82 12.44 -53.44
CA VAL M 488 85.63 11.91 -54.78
C VAL M 488 85.80 10.39 -54.85
N GLU M 489 85.05 9.75 -55.75
CA GLU M 489 85.13 8.29 -55.95
C GLU M 489 85.22 7.91 -57.43
N SER M 490 85.68 6.68 -57.69
CA SER M 490 85.81 6.19 -59.05
C SER M 490 84.46 5.94 -59.70
N TYR M 491 84.34 6.31 -60.97
CA TYR M 491 83.17 6.01 -61.78
C TYR M 491 83.05 4.50 -61.91
N LYS M 492 84.17 3.84 -62.25
CA LYS M 492 84.20 2.38 -62.41
C LYS M 492 83.70 1.68 -61.15
N LEU M 493 83.94 2.29 -59.99
CA LEU M 493 83.39 1.80 -58.73
C LEU M 493 81.87 1.86 -58.75
N LYS M 494 81.34 3.09 -58.81
CA LYS M 494 79.90 3.30 -58.76
C LYS M 494 79.14 2.61 -59.89
N ARG M 495 79.77 2.53 -61.07
CA ARG M 495 79.16 1.85 -62.23
C ARG M 495 79.05 0.35 -61.98
N ALA M 496 80.00 -0.22 -61.24
CA ALA M 496 79.95 -1.63 -60.91
C ALA M 496 78.91 -1.93 -59.83
N VAL M 497 78.87 -1.08 -58.80
CA VAL M 497 77.95 -1.25 -57.67
C VAL M 497 76.51 -1.42 -58.13
N VAL M 498 76.01 -0.45 -58.88
CA VAL M 498 74.66 -0.50 -59.41
C VAL M 498 74.47 -1.69 -60.36
N SER M 499 75.42 -1.89 -61.28
CA SER M 499 75.40 -3.03 -62.21
C SER M 499 75.28 -4.35 -61.49
N SER M 500 76.27 -4.63 -60.64
CA SER M 500 76.34 -5.87 -59.91
C SER M 500 75.04 -6.10 -59.14
N ALA M 501 74.59 -5.12 -58.37
CA ALA M 501 73.40 -5.25 -57.52
C ALA M 501 72.12 -5.53 -58.30
N SER M 502 71.92 -4.81 -59.40
CA SER M 502 70.74 -4.99 -60.23
C SER M 502 70.62 -6.43 -60.73
N GLU M 503 71.77 -7.05 -61.00
CA GLU M 503 71.83 -8.45 -61.43
C GLU M 503 71.45 -9.40 -60.30
N ALA M 504 71.98 -9.16 -59.11
CA ALA M 504 71.66 -9.99 -57.96
C ALA M 504 70.14 -10.05 -57.82
N ALA M 505 69.52 -8.88 -57.91
CA ALA M 505 68.07 -8.71 -57.73
C ALA M 505 67.24 -9.57 -58.68
N GLU M 506 67.56 -9.50 -59.97
CA GLU M 506 66.84 -10.27 -61.00
C GLU M 506 67.02 -11.79 -60.88
N VAL M 507 68.21 -12.22 -60.46
CA VAL M 507 68.50 -13.63 -60.27
C VAL M 507 67.59 -14.17 -59.18
N LEU M 508 67.59 -13.48 -58.04
CA LEU M 508 66.83 -13.90 -56.89
C LEU M 508 65.33 -13.73 -57.05
N LEU M 509 64.92 -12.61 -57.64
CA LEU M 509 63.49 -12.33 -57.88
C LEU M 509 62.85 -13.32 -58.86
N ARG M 510 63.68 -13.95 -59.69
CA ARG M 510 63.24 -15.01 -60.58
C ARG M 510 63.07 -16.33 -59.82
N VAL M 511 63.82 -16.50 -58.74
CA VAL M 511 63.74 -17.72 -57.92
C VAL M 511 62.36 -17.92 -57.30
N ASP M 512 61.84 -19.15 -57.40
CA ASP M 512 60.57 -19.50 -56.77
C ASP M 512 60.58 -20.92 -56.17
N ASN M 513 61.71 -21.61 -56.26
CA ASN M 513 61.80 -22.96 -55.73
C ASN M 513 63.23 -23.28 -55.32
N ILE M 514 63.43 -23.46 -54.02
CA ILE M 514 64.73 -23.83 -53.47
C ILE M 514 64.74 -25.32 -53.13
N ILE M 515 65.62 -26.07 -53.79
CA ILE M 515 65.72 -27.51 -53.59
C ILE M 515 67.12 -27.91 -53.11
N ARG M 516 67.19 -28.52 -51.93
CA ARG M 516 68.47 -28.94 -51.35
C ARG M 516 68.56 -30.46 -51.27
N ALA M 517 69.67 -30.98 -51.79
CA ALA M 517 69.95 -32.43 -51.77
C ALA M 517 70.65 -32.83 -50.48
N ARG M 518 70.52 -34.11 -50.11
CA ARG M 518 71.10 -34.63 -48.86
C ARG M 518 72.59 -34.32 -48.84
N PRO M 519 73.05 -33.62 -47.78
CA PRO M 519 74.47 -33.24 -47.66
C PRO M 519 75.41 -34.45 -47.58
N ARG M 520 76.63 -34.28 -48.09
CA ARG M 520 77.60 -35.37 -48.28
C ARG M 520 77.95 -36.14 -47.00
N PRO N 6 63.97 18.83 -27.99
CA PRO N 6 64.47 17.55 -28.46
C PRO N 6 64.22 16.42 -27.46
N SER N 7 62.95 16.10 -27.23
CA SER N 7 62.59 14.98 -26.36
C SER N 7 62.49 13.66 -27.13
N ASN N 8 62.07 13.73 -28.38
CA ASN N 8 61.97 12.57 -29.26
C ASN N 8 63.33 12.04 -29.70
N ALA N 9 64.16 12.95 -30.22
CA ALA N 9 65.56 12.67 -30.57
C ALA N 9 65.78 11.54 -31.59
N THR N 10 66.99 11.00 -31.59
CA THR N 10 67.38 9.91 -32.48
C THR N 10 67.68 8.67 -31.63
N PHE N 11 66.91 7.61 -31.85
CA PHE N 11 67.02 6.40 -31.05
C PHE N 11 68.11 5.47 -31.54
N LYS N 12 68.97 5.04 -30.61
CA LYS N 12 70.00 4.03 -30.87
C LYS N 12 69.35 2.65 -30.89
N ASN N 13 69.26 2.04 -32.07
CA ASN N 13 68.46 0.83 -32.28
C ASN N 13 69.02 -0.45 -31.67
N LYS N 14 70.15 -0.91 -32.19
CA LYS N 14 70.77 -2.18 -31.78
C LYS N 14 71.71 -2.01 -30.59
N GLU N 15 71.74 -2.99 -29.69
CA GLU N 15 72.49 -2.88 -28.43
C GLU N 15 73.71 -3.80 -28.27
N LYS N 16 73.83 -4.82 -29.13
CA LYS N 16 75.01 -5.71 -29.09
C LYS N 16 76.32 -4.92 -29.04
N PRO N 17 76.49 -3.90 -29.91
CA PRO N 17 77.67 -3.04 -29.80
C PRO N 17 77.98 -2.63 -28.35
N GLN N 18 77.04 -1.95 -27.71
CA GLN N 18 77.21 -1.42 -26.35
C GLN N 18 77.73 -2.47 -25.39
N GLU N 19 77.21 -3.70 -25.52
CA GLU N 19 77.53 -4.79 -24.60
C GLU N 19 78.76 -5.62 -25.03
N VAL N 20 79.12 -5.55 -26.31
CA VAL N 20 80.30 -6.28 -26.79
C VAL N 20 81.57 -5.54 -26.39
N ARG N 21 81.61 -4.24 -26.66
CA ARG N 21 82.71 -3.39 -26.19
C ARG N 21 82.91 -3.62 -24.71
N LYS N 22 81.84 -3.44 -23.93
CA LYS N 22 81.85 -3.60 -22.48
C LYS N 22 82.49 -4.92 -22.07
N ALA N 23 82.09 -6.00 -22.74
CA ALA N 23 82.53 -7.36 -22.39
C ALA N 23 83.89 -7.73 -22.96
N ASN N 24 84.38 -6.95 -23.92
CA ASN N 24 85.74 -7.11 -24.42
C ASN N 24 86.76 -6.54 -23.47
N ILE N 25 86.53 -5.29 -23.06
CA ILE N 25 87.35 -4.61 -22.07
C ILE N 25 87.54 -5.50 -20.83
N ILE N 26 86.45 -6.05 -20.30
CA ILE N 26 86.51 -6.95 -19.14
C ILE N 26 87.41 -8.13 -19.44
N ALA N 27 87.14 -8.79 -20.57
CA ALA N 27 87.93 -9.94 -21.00
C ALA N 27 89.40 -9.59 -21.14
N ALA N 28 89.68 -8.32 -21.47
CA ALA N 28 91.04 -7.85 -21.65
C ALA N 28 91.69 -7.46 -20.32
N ARG N 29 90.98 -6.66 -19.52
CA ARG N 29 91.47 -6.20 -18.20
C ARG N 29 91.90 -7.37 -17.31
N SER N 30 91.33 -8.54 -17.55
CA SER N 30 91.64 -9.76 -16.80
C SER N 30 93.08 -10.26 -17.02
N VAL N 31 93.54 -10.17 -18.27
CA VAL N 31 94.92 -10.55 -18.63
C VAL N 31 95.91 -9.57 -18.00
N ALA N 32 95.64 -8.28 -18.16
CA ALA N 32 96.45 -7.23 -17.55
C ALA N 32 96.49 -7.39 -16.04
N ASP N 33 95.45 -8.02 -15.49
CA ASP N 33 95.36 -8.27 -14.05
C ASP N 33 96.16 -9.47 -13.59
N ALA N 34 96.26 -10.49 -14.44
CA ALA N 34 97.07 -11.67 -14.12
C ALA N 34 98.55 -11.31 -14.00
N ILE N 35 98.95 -10.25 -14.68
CA ILE N 35 100.36 -9.82 -14.74
C ILE N 35 100.81 -8.87 -13.60
N ARG N 36 99.88 -8.12 -13.03
CA ARG N 36 100.24 -7.07 -12.04
C ARG N 36 101.24 -7.52 -10.96
N THR N 37 101.23 -8.81 -10.60
CA THR N 37 102.15 -9.33 -9.58
C THR N 37 103.60 -9.40 -10.04
N SER N 38 103.82 -9.30 -11.35
CA SER N 38 105.16 -9.50 -11.93
C SER N 38 105.81 -8.23 -12.51
N LEU N 39 105.54 -7.09 -11.87
CA LEU N 39 106.12 -5.81 -12.27
C LEU N 39 107.06 -5.25 -11.21
N GLY N 40 108.22 -4.77 -11.66
CA GLY N 40 109.17 -4.11 -10.76
C GLY N 40 110.06 -5.06 -9.97
N PRO N 41 110.87 -4.51 -9.05
CA PRO N 41 111.84 -5.27 -8.24
C PRO N 41 111.17 -6.11 -7.15
N LYS N 42 109.98 -5.71 -6.72
CA LYS N 42 109.20 -6.50 -5.77
C LYS N 42 108.18 -7.36 -6.52
N GLY N 43 108.42 -7.53 -7.83
CA GLY N 43 107.57 -8.37 -8.69
C GLY N 43 107.95 -9.84 -8.64
N MET N 44 106.96 -10.71 -8.82
CA MET N 44 107.13 -12.15 -8.67
C MET N 44 107.00 -12.92 -9.98
N ASP N 45 107.76 -14.01 -10.10
CA ASP N 45 107.78 -14.81 -11.32
C ASP N 45 106.62 -15.80 -11.38
N LYS N 46 106.30 -16.25 -12.59
CA LYS N 46 105.23 -17.24 -12.81
C LYS N 46 105.74 -18.49 -13.52
N MET N 47 105.29 -19.64 -13.03
CA MET N 47 105.62 -20.94 -13.62
C MET N 47 104.51 -21.42 -14.56
N ILE N 48 104.87 -21.66 -15.81
CA ILE N 48 103.92 -22.15 -16.80
C ILE N 48 104.36 -23.54 -17.26
N LYS N 49 103.43 -24.49 -17.23
CA LYS N 49 103.70 -25.82 -17.79
C LYS N 49 103.11 -25.89 -19.21
N THR N 50 103.99 -26.12 -20.17
CA THR N 50 103.64 -26.11 -21.59
C THR N 50 102.60 -27.18 -21.90
N SER N 51 101.81 -26.95 -22.95
CA SER N 51 100.93 -27.97 -23.52
C SER N 51 101.71 -29.22 -23.90
N ARG N 52 102.95 -29.01 -24.36
CA ARG N 52 103.88 -30.09 -24.71
C ARG N 52 104.45 -30.79 -23.47
N GLY N 53 104.65 -30.05 -22.39
CA GLY N 53 105.10 -30.63 -21.12
C GLY N 53 106.22 -29.90 -20.39
N GLU N 54 106.99 -29.09 -21.12
CA GLU N 54 108.14 -28.36 -20.57
C GLU N 54 107.74 -27.38 -19.47
N ILE N 55 108.62 -27.20 -18.49
CA ILE N 55 108.39 -26.27 -17.39
C ILE N 55 109.10 -24.94 -17.66
N ILE N 56 108.37 -23.84 -17.49
CA ILE N 56 108.91 -22.50 -17.76
C ILE N 56 108.69 -21.56 -16.56
N ILE N 57 109.78 -20.94 -16.11
CA ILE N 57 109.75 -19.97 -15.01
C ILE N 57 110.26 -18.64 -15.53
N SER N 58 109.45 -17.59 -15.44
CA SER N 58 109.82 -16.30 -16.03
C SER N 58 109.26 -15.06 -15.33
N ASN N 59 109.85 -13.91 -15.67
CA ASN N 59 109.34 -12.58 -15.27
C ASN N 59 109.19 -11.66 -16.48
N ASP N 60 109.82 -12.05 -17.59
CA ASP N 60 109.68 -11.33 -18.86
C ASP N 60 108.24 -11.48 -19.36
N GLY N 61 107.47 -10.40 -19.26
CA GLY N 61 106.02 -10.39 -19.50
C GLY N 61 105.52 -11.03 -20.80
N HIS N 62 106.24 -10.78 -21.89
CA HIS N 62 105.91 -11.37 -23.19
C HIS N 62 106.03 -12.91 -23.13
N THR N 63 107.13 -13.40 -22.55
CA THR N 63 107.37 -14.84 -22.44
C THR N 63 106.31 -15.51 -21.57
N ILE N 64 105.76 -14.76 -20.62
CA ILE N 64 104.66 -15.21 -19.78
C ILE N 64 103.35 -15.29 -20.60
N LEU N 65 103.05 -14.22 -21.32
CA LEU N 65 101.81 -14.12 -22.10
C LEU N 65 101.76 -15.05 -23.30
N LYS N 66 102.90 -15.23 -23.95
CA LYS N 66 103.02 -16.13 -25.10
C LYS N 66 102.84 -17.58 -24.67
N GLN N 67 103.11 -17.87 -23.40
CA GLN N 67 103.14 -19.25 -22.94
C GLN N 67 101.96 -19.73 -22.11
N MET N 68 101.29 -18.84 -21.39
CA MET N 68 99.97 -19.20 -20.84
C MET N 68 99.00 -19.32 -22.01
N ALA N 69 97.84 -19.92 -21.82
CA ALA N 69 96.97 -20.12 -22.94
C ALA N 69 95.84 -19.12 -22.93
N ILE N 70 96.01 -18.00 -23.63
CA ILE N 70 94.95 -17.00 -23.70
C ILE N 70 94.01 -17.27 -24.87
N LEU N 71 92.72 -17.31 -24.55
CA LEU N 71 91.70 -17.81 -25.47
C LEU N 71 90.96 -16.70 -26.20
N HIS N 72 90.41 -15.76 -25.44
CA HIS N 72 89.60 -14.68 -26.00
C HIS N 72 90.41 -13.86 -27.01
N PRO N 73 89.92 -13.76 -28.26
CA PRO N 73 90.70 -13.18 -29.37
C PRO N 73 91.18 -11.75 -29.08
N VAL N 74 90.32 -10.95 -28.45
CA VAL N 74 90.66 -9.59 -28.04
C VAL N 74 91.75 -9.62 -26.96
N ALA N 75 91.68 -10.61 -26.08
CA ALA N 75 92.70 -10.81 -25.06
C ALA N 75 94.02 -11.33 -25.66
N ARG N 76 93.92 -12.07 -26.76
CA ARG N 76 95.08 -12.56 -27.48
C ARG N 76 95.86 -11.40 -28.09
N MET N 77 95.16 -10.33 -28.41
CA MET N 77 95.76 -9.12 -28.96
C MET N 77 96.75 -8.51 -27.99
N LEU N 78 96.49 -8.61 -26.70
CA LEU N 78 97.38 -8.12 -25.66
C LEU N 78 98.76 -8.78 -25.70
N VAL N 79 98.81 -10.03 -26.17
CA VAL N 79 100.09 -10.76 -26.33
C VAL N 79 100.89 -10.15 -27.48
N GLU N 80 100.17 -9.69 -28.49
CA GLU N 80 100.77 -9.07 -29.67
C GLU N 80 101.39 -7.70 -29.34
N VAL N 81 100.73 -6.93 -28.47
CA VAL N 81 101.24 -5.65 -27.98
C VAL N 81 102.52 -5.90 -27.19
N SER N 82 102.50 -6.92 -26.35
CA SER N 82 103.66 -7.30 -25.55
C SER N 82 104.76 -7.94 -26.40
N ALA N 83 104.37 -8.52 -27.53
CA ALA N 83 105.32 -9.01 -28.52
C ALA N 83 105.97 -7.84 -29.25
N ALA N 84 105.17 -6.81 -29.51
CA ALA N 84 105.62 -5.60 -30.19
C ALA N 84 106.57 -4.79 -29.35
N GLN N 85 106.32 -4.69 -28.05
CA GLN N 85 107.22 -3.96 -27.17
C GLN N 85 108.59 -4.63 -27.06
N ASP N 86 108.62 -5.97 -27.15
CA ASP N 86 109.86 -6.75 -27.16
C ASP N 86 110.69 -6.47 -28.43
N SER N 87 110.00 -6.24 -29.55
CA SER N 87 110.65 -5.97 -30.84
C SER N 87 110.78 -4.47 -31.13
N GLU N 88 110.83 -3.68 -30.05
CA GLU N 88 111.06 -2.24 -30.14
C GLU N 88 111.94 -1.80 -28.99
N ALA N 89 112.00 -2.64 -27.96
CA ALA N 89 112.69 -2.29 -26.73
C ALA N 89 113.30 -3.50 -26.02
N GLY N 90 112.59 -4.63 -26.05
CA GLY N 90 113.01 -5.82 -25.30
C GLY N 90 112.70 -5.72 -23.82
N ASP N 91 112.41 -4.49 -23.38
CA ASP N 91 112.00 -4.23 -21.99
C ASP N 91 110.66 -3.48 -22.00
N GLY N 92 109.92 -3.59 -20.91
CA GLY N 92 108.62 -2.93 -20.80
C GLY N 92 107.46 -3.75 -21.31
N THR N 93 107.69 -5.05 -21.51
CA THR N 93 106.65 -5.97 -22.00
C THR N 93 105.53 -6.14 -20.97
N THR N 94 105.89 -5.99 -19.70
CA THR N 94 104.93 -6.02 -18.60
C THR N 94 104.19 -4.69 -18.49
N SER N 95 104.94 -3.58 -18.49
CA SER N 95 104.37 -2.25 -18.37
C SER N 95 103.39 -1.90 -19.49
N VAL N 96 103.67 -2.40 -20.69
CA VAL N 96 102.85 -2.11 -21.87
C VAL N 96 101.48 -2.78 -21.83
N VAL N 97 101.39 -3.87 -21.07
CA VAL N 97 100.15 -4.63 -20.92
C VAL N 97 99.24 -4.00 -19.86
N ILE N 98 99.81 -3.73 -18.69
CA ILE N 98 99.07 -3.11 -17.58
C ILE N 98 98.52 -1.75 -17.98
N LEU N 99 99.31 -0.99 -18.74
CA LEU N 99 98.86 0.28 -19.31
C LEU N 99 97.62 0.10 -20.17
N THR N 100 97.59 -0.96 -20.96
CA THR N 100 96.42 -1.26 -21.77
C THR N 100 95.24 -1.64 -20.88
N GLY N 101 95.54 -2.35 -19.78
CA GLY N 101 94.51 -2.79 -18.83
C GLY N 101 93.84 -1.68 -18.04
N ALA N 102 94.52 -0.54 -17.94
CA ALA N 102 93.96 0.62 -17.25
C ALA N 102 93.39 1.64 -18.24
N LEU N 103 93.97 1.69 -19.44
CA LEU N 103 93.46 2.53 -20.52
C LEU N 103 92.08 2.05 -20.95
N LEU N 104 91.93 0.73 -21.09
CA LEU N 104 90.64 0.15 -21.43
C LEU N 104 89.66 0.36 -20.28
N GLY N 105 90.16 0.20 -19.05
CA GLY N 105 89.40 0.49 -17.85
C GLY N 105 88.93 1.93 -17.85
N ALA N 106 89.79 2.82 -18.35
CA ALA N 106 89.45 4.23 -18.53
C ALA N 106 88.37 4.39 -19.60
N ALA N 107 88.56 3.73 -20.73
CA ALA N 107 87.57 3.75 -21.81
C ALA N 107 86.22 3.22 -21.35
N GLU N 108 86.26 2.21 -20.47
CA GLU N 108 85.05 1.62 -19.91
C GLU N 108 84.22 2.66 -19.17
N ARG N 109 84.90 3.47 -18.36
CA ARG N 109 84.27 4.53 -17.57
C ARG N 109 83.69 5.63 -18.46
N LEU N 110 84.39 5.93 -19.56
CA LEU N 110 83.95 6.93 -20.53
C LEU N 110 82.74 6.44 -21.33
N LEU N 111 82.73 5.16 -21.65
CA LEU N 111 81.57 4.55 -22.32
C LEU N 111 80.35 4.54 -21.40
N ASN N 112 80.56 4.24 -20.11
CA ASN N 112 79.52 4.41 -19.07
C ASN N 112 78.97 5.83 -19.07
N LYS N 113 79.87 6.78 -19.31
CA LYS N 113 79.51 8.20 -19.41
C LYS N 113 78.99 8.55 -20.81
N GLY N 114 78.75 7.53 -21.64
CA GLY N 114 78.11 7.70 -22.95
C GLY N 114 78.84 8.56 -23.95
N ILE N 115 80.10 8.24 -24.19
CA ILE N 115 80.91 8.90 -25.24
C ILE N 115 81.12 7.89 -26.35
N HIS N 116 80.98 8.34 -27.61
CA HIS N 116 81.22 7.47 -28.75
C HIS N 116 82.68 7.02 -28.77
N PRO N 117 82.93 5.70 -28.94
CA PRO N 117 84.27 5.08 -28.91
C PRO N 117 85.27 5.61 -29.95
N THR N 118 84.77 6.08 -31.09
CA THR N 118 85.63 6.71 -32.11
C THR N 118 86.22 8.05 -31.61
N ILE N 119 85.46 8.79 -30.81
CA ILE N 119 85.97 10.00 -30.16
C ILE N 119 86.99 9.62 -29.08
N ILE N 120 86.73 8.53 -28.36
CA ILE N 120 87.66 8.02 -27.35
C ILE N 120 88.95 7.48 -28.00
N ALA N 121 88.80 6.73 -29.10
CA ALA N 121 89.94 6.14 -29.81
C ALA N 121 90.96 7.16 -30.30
N ASP N 122 90.47 8.22 -30.95
CA ASP N 122 91.34 9.23 -31.51
C ASP N 122 91.93 10.20 -30.47
N SER N 123 91.15 10.52 -29.45
CA SER N 123 91.64 11.39 -28.36
C SER N 123 92.65 10.68 -27.45
N PHE N 124 92.58 9.34 -27.39
CA PHE N 124 93.57 8.53 -26.67
C PHE N 124 94.91 8.47 -27.39
N GLN N 125 94.86 8.49 -28.72
CA GLN N 125 96.07 8.55 -29.53
C GLN N 125 96.61 9.97 -29.54
N SER N 126 95.70 10.96 -29.45
CA SER N 126 96.07 12.36 -29.23
C SER N 126 96.79 12.49 -27.89
N ALA N 127 96.42 11.59 -26.97
CA ALA N 127 97.05 11.49 -25.67
C ALA N 127 98.44 10.85 -25.76
N ALA N 128 98.60 9.96 -26.74
CA ALA N 128 99.90 9.38 -27.03
C ALA N 128 100.85 10.45 -27.54
N LYS N 129 100.41 11.17 -28.56
CA LYS N 129 101.23 12.21 -29.20
C LYS N 129 101.80 13.23 -28.22
N ARG N 130 100.96 13.75 -27.33
CA ARG N 130 101.39 14.75 -26.35
C ARG N 130 102.32 14.16 -25.30
N SER N 131 102.07 12.90 -24.95
CA SER N 131 102.86 12.19 -23.92
C SER N 131 104.24 11.76 -24.41
N VAL N 132 104.31 11.33 -25.68
CA VAL N 132 105.57 10.98 -26.33
C VAL N 132 106.45 12.22 -26.41
N ASP N 133 105.84 13.35 -26.74
CA ASP N 133 106.52 14.64 -26.78
C ASP N 133 107.13 15.02 -25.44
N ILE N 134 106.37 14.81 -24.36
CA ILE N 134 106.82 15.16 -23.01
C ILE N 134 108.02 14.31 -22.59
N LEU N 135 107.97 13.02 -22.90
CA LEU N 135 109.08 12.09 -22.64
C LEU N 135 110.37 12.50 -23.37
N LEU N 136 110.23 13.01 -24.59
CA LEU N 136 111.36 13.48 -25.38
C LEU N 136 111.89 14.85 -24.92
N GLU N 137 111.06 15.62 -24.23
CA GLU N 137 111.45 16.95 -23.73
C GLU N 137 111.98 16.91 -22.30
N MET N 138 111.63 15.85 -21.56
CA MET N 138 112.03 15.68 -20.16
C MET N 138 113.33 14.89 -20.02
N CYS N 139 113.55 13.97 -20.96
CA CYS N 139 114.66 13.03 -20.89
C CYS N 139 116.01 13.72 -20.96
N HIS N 140 116.96 13.18 -20.21
CA HIS N 140 118.32 13.71 -20.16
C HIS N 140 119.18 12.82 -21.05
N LYS N 141 119.76 13.42 -22.10
CA LYS N 141 120.56 12.70 -23.10
C LYS N 141 121.80 12.06 -22.49
N VAL N 142 122.30 11.01 -23.14
CA VAL N 142 123.47 10.28 -22.64
C VAL N 142 124.60 10.27 -23.67
N SER N 143 125.83 10.44 -23.18
CA SER N 143 127.02 10.23 -24.00
C SER N 143 127.06 8.75 -24.40
N LEU N 144 126.96 8.48 -25.70
CA LEU N 144 126.79 7.11 -26.23
C LEU N 144 127.80 6.08 -25.70
N SER N 145 128.93 6.57 -25.21
CA SER N 145 129.94 5.73 -24.57
C SER N 145 130.28 6.25 -23.16
N ASP N 146 129.28 6.23 -22.28
CA ASP N 146 129.43 6.59 -20.87
C ASP N 146 129.10 5.38 -19.99
N ARG N 147 130.15 4.68 -19.55
CA ARG N 147 129.99 3.45 -18.77
C ARG N 147 129.21 3.68 -17.48
N GLU N 148 129.53 4.75 -16.76
CA GLU N 148 128.97 5.03 -15.44
C GLU N 148 127.44 5.01 -15.35
N GLN N 149 126.78 5.49 -16.40
CA GLN N 149 125.32 5.52 -16.41
C GLN N 149 124.72 4.39 -17.27
N LEU N 150 125.40 4.04 -18.35
CA LEU N 150 124.99 2.92 -19.22
C LEU N 150 124.83 1.63 -18.43
N VAL N 151 125.72 1.41 -17.48
CA VAL N 151 125.65 0.25 -16.61
C VAL N 151 124.53 0.42 -15.58
N ARG N 152 124.28 1.67 -15.18
CA ARG N 152 123.19 1.98 -14.25
C ARG N 152 121.82 1.67 -14.85
N ALA N 153 121.75 1.69 -16.19
CA ALA N 153 120.52 1.36 -16.93
C ALA N 153 120.22 -0.13 -16.95
N ALA N 154 121.26 -0.94 -17.17
CA ALA N 154 121.14 -2.40 -17.20
C ALA N 154 120.87 -2.95 -15.81
N SER N 155 121.52 -2.36 -14.81
CA SER N 155 121.33 -2.78 -13.43
C SER N 155 119.98 -2.35 -12.86
N THR N 156 119.26 -1.52 -13.63
CA THR N 156 117.89 -1.18 -13.29
C THR N 156 116.92 -2.21 -13.88
N SER N 157 117.19 -2.61 -15.12
CA SER N 157 116.31 -3.54 -15.84
C SER N 157 116.36 -4.96 -15.27
N LEU N 158 117.54 -5.36 -14.81
CA LEU N 158 117.74 -6.70 -14.25
C LEU N 158 117.08 -6.90 -12.88
N SER N 159 117.27 -5.92 -11.99
CA SER N 159 116.78 -6.00 -10.61
C SER N 159 115.25 -6.10 -10.55
N SER N 160 114.75 -7.28 -10.88
CA SER N 160 113.35 -7.53 -11.14
C SER N 160 113.19 -9.01 -11.49
N LYS N 161 114.31 -9.63 -11.85
CA LYS N 161 114.34 -11.01 -12.28
C LYS N 161 115.26 -11.86 -11.39
N ILE N 162 115.03 -13.17 -11.39
CA ILE N 162 115.76 -14.10 -10.52
C ILE N 162 117.29 -13.96 -10.59
N VAL N 163 117.78 -13.26 -11.61
CA VAL N 163 119.22 -13.04 -11.81
C VAL N 163 119.75 -11.76 -11.14
N SER N 164 118.89 -11.07 -10.38
CA SER N 164 119.25 -9.82 -9.71
C SER N 164 120.28 -10.02 -8.59
N GLN N 165 120.49 -11.28 -8.23
CA GLN N 165 121.50 -11.69 -7.24
C GLN N 165 122.92 -11.35 -7.75
N TYR N 166 123.14 -11.63 -9.03
CA TYR N 166 124.43 -11.40 -9.66
C TYR N 166 124.32 -10.29 -10.70
N SER N 167 123.53 -9.26 -10.38
CA SER N 167 123.35 -8.11 -11.26
C SER N 167 124.58 -7.22 -11.25
N SER N 168 125.41 -7.41 -10.23
CA SER N 168 126.67 -6.70 -10.06
C SER N 168 127.66 -6.96 -11.19
N PHE N 169 127.77 -8.22 -11.61
CA PHE N 169 128.70 -8.59 -12.69
C PHE N 169 127.97 -8.83 -14.02
N LEU N 170 126.66 -9.00 -13.96
CA LEU N 170 125.88 -9.33 -15.15
C LEU N 170 125.49 -8.09 -15.96
N ALA N 171 125.21 -6.98 -15.26
CA ALA N 171 124.86 -5.72 -15.92
C ALA N 171 125.99 -5.14 -16.76
N PRO N 172 127.21 -4.99 -16.19
CA PRO N 172 128.33 -4.51 -17.00
C PRO N 172 128.63 -5.44 -18.18
N LEU N 173 128.77 -6.74 -17.93
CA LEU N 173 129.10 -7.71 -18.98
C LEU N 173 128.02 -7.86 -20.04
N ALA N 174 126.93 -7.11 -19.86
CA ALA N 174 125.92 -6.94 -20.89
C ALA N 174 126.20 -5.64 -21.65
N VAL N 175 126.52 -4.58 -20.90
CA VAL N 175 126.89 -3.27 -21.47
C VAL N 175 128.20 -3.40 -22.23
N ASP N 176 129.15 -4.11 -21.61
CA ASP N 176 130.44 -4.42 -22.21
C ASP N 176 130.27 -5.06 -23.57
N SER N 177 129.18 -5.80 -23.75
CA SER N 177 128.94 -6.58 -24.95
C SER N 177 128.37 -5.78 -26.13
N VAL N 178 127.28 -5.05 -25.90
CA VAL N 178 126.56 -4.33 -26.95
C VAL N 178 127.42 -3.28 -27.66
N LEU N 179 128.18 -2.52 -26.88
CA LEU N 179 129.05 -1.46 -27.42
C LEU N 179 130.15 -2.01 -28.32
N LYS N 180 130.69 -3.17 -27.95
CA LYS N 180 131.72 -3.84 -28.74
C LYS N 180 131.17 -4.35 -30.07
N ILE N 181 129.86 -4.61 -30.10
CA ILE N 181 129.21 -5.15 -31.28
C ILE N 181 128.46 -4.07 -32.07
N SER N 182 128.42 -2.86 -31.50
CA SER N 182 127.65 -1.75 -32.07
C SER N 182 128.25 -1.20 -33.36
N ASP N 183 128.75 0.04 -33.31
CA ASP N 183 129.33 0.76 -34.46
C ASP N 183 129.49 2.24 -34.14
N GLU N 184 130.30 2.93 -34.93
CA GLU N 184 130.43 4.38 -34.85
C GLU N 184 129.16 5.04 -35.43
N ASN N 185 128.64 4.45 -36.50
CA ASN N 185 127.41 4.92 -37.14
C ASN N 185 126.15 4.46 -36.39
N SER N 186 126.35 3.91 -35.19
CA SER N 186 125.27 3.44 -34.32
C SER N 186 124.22 2.59 -35.04
N LYS N 187 123.25 3.26 -35.67
CA LYS N 187 122.16 2.60 -36.42
C LYS N 187 121.20 1.80 -35.52
N ASN N 188 121.19 0.48 -35.65
CA ASN N 188 120.14 -0.32 -35.01
C ASN N 188 120.59 -1.55 -34.20
N VAL N 189 121.79 -2.06 -34.47
CA VAL N 189 122.40 -3.19 -33.72
C VAL N 189 121.64 -4.52 -33.77
N ASP N 190 122.30 -5.54 -34.33
CA ASP N 190 121.75 -6.89 -34.39
C ASP N 190 122.24 -7.70 -33.20
N LEU N 191 121.31 -8.30 -32.48
CA LEU N 191 121.65 -9.10 -31.31
C LEU N 191 121.97 -10.55 -31.66
N ASN N 192 121.75 -10.93 -32.92
CA ASN N 192 122.12 -12.26 -33.42
C ASN N 192 123.63 -12.49 -33.33
N ASP N 193 124.38 -11.38 -33.25
CA ASP N 193 125.84 -11.40 -33.14
C ASP N 193 126.30 -11.73 -31.71
N ILE N 194 125.48 -11.41 -30.72
CA ILE N 194 125.74 -11.78 -29.32
C ILE N 194 125.44 -13.26 -29.13
N ARG N 195 126.48 -14.03 -28.82
CA ARG N 195 126.34 -15.47 -28.69
C ARG N 195 126.01 -15.88 -27.25
N LEU N 196 124.83 -16.47 -27.08
CA LEU N 196 124.39 -16.95 -25.78
C LEU N 196 124.20 -18.46 -25.82
N VAL N 197 125.12 -19.18 -25.19
CA VAL N 197 125.07 -20.64 -25.13
C VAL N 197 124.71 -21.11 -23.72
N LYS N 198 123.94 -22.19 -23.62
CA LYS N 198 123.57 -22.75 -22.31
C LYS N 198 124.34 -24.03 -22.01
N LYS N 199 124.56 -24.28 -20.73
CA LYS N 199 125.10 -25.54 -20.23
C LYS N 199 124.58 -25.73 -18.82
N VAL N 200 123.91 -26.85 -18.58
CA VAL N 200 123.27 -27.10 -17.29
C VAL N 200 124.28 -27.58 -16.24
N GLY N 201 124.26 -26.96 -15.06
CA GLY N 201 125.16 -27.32 -13.97
C GLY N 201 125.81 -26.13 -13.28
N GLY N 202 125.91 -26.20 -11.96
CA GLY N 202 126.58 -25.16 -11.17
C GLY N 202 125.64 -24.10 -10.63
N THR N 203 125.90 -22.85 -11.01
CA THR N 203 125.19 -21.69 -10.47
C THR N 203 125.23 -20.60 -11.53
N ILE N 204 124.27 -19.66 -11.47
CA ILE N 204 124.29 -18.46 -12.33
C ILE N 204 125.64 -17.75 -12.22
N ASP N 205 126.23 -17.83 -11.02
CA ASP N 205 127.59 -17.33 -10.74
C ASP N 205 128.59 -17.65 -11.87
N ASP N 206 128.62 -18.91 -12.29
CA ASP N 206 129.63 -19.44 -13.21
C ASP N 206 129.61 -18.87 -14.65
N THR N 207 128.63 -18.02 -14.92
CA THR N 207 128.52 -17.32 -16.21
C THR N 207 129.81 -16.55 -16.51
N GLU N 208 130.32 -16.67 -17.74
CA GLU N 208 131.57 -16.03 -18.13
C GLU N 208 131.56 -15.45 -19.55
N MET N 209 132.00 -14.20 -19.67
CA MET N 209 132.29 -13.59 -20.96
C MET N 209 133.54 -14.26 -21.52
N ILE N 210 133.44 -14.85 -22.70
CA ILE N 210 134.60 -15.53 -23.30
C ILE N 210 135.29 -14.65 -24.34
N ASP N 211 136.61 -14.49 -24.17
CA ASP N 211 137.45 -13.71 -25.07
C ASP N 211 137.67 -14.40 -26.41
N GLY N 212 136.58 -14.58 -27.15
CA GLY N 212 136.63 -15.21 -28.45
C GLY N 212 135.32 -15.83 -28.88
N VAL N 213 135.32 -17.14 -29.02
CA VAL N 213 134.19 -17.87 -29.61
C VAL N 213 133.85 -19.14 -28.81
N VAL N 214 132.55 -19.37 -28.65
CA VAL N 214 132.05 -20.63 -28.09
C VAL N 214 131.40 -21.44 -29.19
N LEU N 215 131.71 -22.73 -29.25
CA LEU N 215 131.13 -23.63 -30.24
C LEU N 215 130.18 -24.63 -29.60
N THR N 216 129.29 -25.18 -30.41
CA THR N 216 128.23 -26.07 -29.92
C THR N 216 128.60 -27.55 -30.02
N GLN N 217 129.53 -27.87 -30.91
CA GLN N 217 129.94 -29.25 -31.16
C GLN N 217 131.15 -29.67 -30.29
N THR N 218 131.71 -30.84 -30.55
CA THR N 218 132.89 -31.34 -29.83
C THR N 218 133.90 -32.03 -30.74
N ALA N 219 135.12 -32.21 -30.24
CA ALA N 219 136.17 -32.96 -30.93
C ALA N 219 135.76 -34.42 -31.07
N ILE N 220 135.76 -34.92 -32.30
CA ILE N 220 135.16 -36.22 -32.62
C ILE N 220 135.70 -37.39 -31.79
N LYS N 221 137.03 -37.44 -31.64
CA LYS N 221 137.72 -38.42 -30.80
C LYS N 221 137.42 -39.90 -31.11
N SER N 222 136.73 -40.15 -32.22
CA SER N 222 136.46 -41.51 -32.71
C SER N 222 137.76 -42.21 -33.07
N ALA N 223 138.68 -41.45 -33.65
CA ALA N 223 140.04 -41.90 -33.90
C ALA N 223 141.03 -40.94 -33.25
N GLY N 224 141.98 -41.49 -32.49
CA GLY N 224 142.98 -40.71 -31.76
C GLY N 224 142.39 -39.85 -30.65
N GLY N 225 143.14 -38.84 -30.24
CA GLY N 225 142.69 -37.92 -29.20
C GLY N 225 143.14 -36.47 -29.31
N PRO N 226 142.85 -35.79 -30.44
CA PRO N 226 143.10 -34.35 -30.48
C PRO N 226 141.94 -33.56 -29.86
N THR N 227 142.26 -32.68 -28.91
CA THR N 227 141.25 -31.94 -28.13
C THR N 227 141.68 -30.49 -27.85
N ARG N 228 142.88 -30.31 -27.31
CA ARG N 228 143.36 -28.98 -26.94
C ARG N 228 144.57 -28.58 -27.78
N LYS N 229 144.31 -27.89 -28.89
CA LYS N 229 145.37 -27.48 -29.83
C LYS N 229 145.89 -26.08 -29.55
N GLU N 230 147.16 -26.01 -29.16
CA GLU N 230 147.83 -24.76 -28.79
C GLU N 230 148.43 -24.05 -29.99
N LYS N 231 148.53 -22.72 -29.91
CA LYS N 231 149.00 -21.87 -31.01
C LYS N 231 148.36 -22.31 -32.32
N ALA N 232 147.03 -22.23 -32.35
CA ALA N 232 146.24 -22.91 -33.38
C ALA N 232 145.88 -22.06 -34.58
N LYS N 233 145.78 -22.73 -35.72
CA LYS N 233 145.24 -22.16 -36.94
C LYS N 233 143.96 -22.91 -37.30
N ILE N 234 142.88 -22.17 -37.53
CA ILE N 234 141.57 -22.78 -37.69
C ILE N 234 141.06 -22.72 -39.14
N GLY N 235 140.94 -23.89 -39.75
CA GLY N 235 140.32 -24.00 -41.07
C GLY N 235 138.82 -24.13 -40.92
N LEU N 236 138.09 -23.80 -41.98
CA LEU N 236 136.62 -23.89 -41.98
C LEU N 236 136.15 -24.47 -43.30
N ILE N 237 135.53 -25.65 -43.23
CA ILE N 237 135.23 -26.43 -44.42
C ILE N 237 133.74 -26.45 -44.74
N GLN N 238 133.39 -26.14 -46.00
CA GLN N 238 132.03 -26.29 -46.50
C GLN N 238 131.87 -27.68 -47.13
N PHE N 239 132.99 -28.32 -47.44
CA PHE N 239 132.97 -29.55 -48.25
C PHE N 239 133.03 -30.88 -47.51
N GLN N 240 132.78 -31.94 -48.28
CA GLN N 240 132.79 -33.31 -47.78
C GLN N 240 134.20 -33.89 -47.84
N ILE N 241 134.71 -34.36 -46.70
CA ILE N 241 135.94 -35.17 -46.66
C ILE N 241 135.53 -36.64 -46.65
N SER N 242 135.25 -37.17 -47.83
CA SER N 242 134.78 -38.55 -48.00
C SER N 242 135.34 -39.14 -49.31
N PRO N 243 134.86 -40.33 -49.73
CA PRO N 243 135.20 -40.79 -51.06
C PRO N 243 134.06 -40.45 -52.03
N PRO N 244 133.90 -39.15 -52.33
CA PRO N 244 132.61 -38.61 -52.73
C PRO N 244 132.20 -38.92 -54.16
N LYS N 245 130.89 -38.98 -54.36
CA LYS N 245 130.32 -39.18 -55.68
C LYS N 245 129.88 -37.82 -56.22
N PRO N 246 129.93 -37.65 -57.55
CA PRO N 246 129.38 -36.43 -58.16
C PRO N 246 127.86 -36.38 -58.04
N ASP N 247 127.27 -35.21 -58.31
CA ASP N 247 125.85 -34.97 -58.14
C ASP N 247 124.97 -35.78 -59.11
N THR N 248 125.61 -36.57 -59.98
CA THR N 248 124.89 -37.40 -60.95
C THR N 248 124.98 -38.89 -60.62
N GLU N 249 123.83 -39.59 -60.73
CA GLU N 249 123.71 -41.02 -60.35
C GLU N 249 124.82 -41.91 -60.94
N ASN N 250 125.78 -42.27 -60.09
CA ASN N 250 127.02 -42.95 -60.49
C ASN N 250 127.25 -44.24 -59.72
N ASN N 251 127.73 -45.27 -60.42
CA ASN N 251 128.05 -46.52 -59.76
C ASN N 251 129.30 -47.20 -60.30
N ILE N 252 130.19 -47.59 -59.38
CA ILE N 252 131.44 -48.27 -59.75
C ILE N 252 131.15 -49.73 -60.11
N ILE N 253 131.20 -50.03 -61.40
CA ILE N 253 131.02 -51.41 -61.89
C ILE N 253 132.38 -52.11 -61.91
N VAL N 254 132.43 -53.33 -61.39
CA VAL N 254 133.66 -54.12 -61.32
C VAL N 254 133.62 -55.35 -62.23
N ASN N 255 134.65 -55.48 -63.06
CA ASN N 255 134.78 -56.57 -64.02
C ASN N 255 135.86 -57.58 -63.62
N ASP N 256 137.05 -57.07 -63.27
CA ASP N 256 138.20 -57.90 -62.93
C ASP N 256 138.51 -57.91 -61.44
N TYR N 257 139.10 -59.01 -60.95
CA TYR N 257 139.63 -59.09 -59.60
C TYR N 257 140.69 -58.02 -59.35
N ARG N 258 141.47 -57.74 -60.39
CA ARG N 258 142.57 -56.78 -60.37
C ARG N 258 142.11 -55.33 -60.23
N GLN N 259 140.81 -55.10 -60.40
CA GLN N 259 140.21 -53.78 -60.25
C GLN N 259 140.00 -53.45 -58.78
N MET N 260 139.67 -54.47 -57.99
CA MET N 260 139.21 -54.29 -56.62
C MET N 260 140.26 -53.70 -55.67
N ASP N 261 141.39 -54.38 -55.54
CA ASP N 261 142.46 -53.94 -54.64
C ASP N 261 143.00 -52.56 -55.04
N LYS N 262 142.82 -52.20 -56.31
CA LYS N 262 143.22 -50.89 -56.82
C LYS N 262 142.16 -49.81 -56.57
N ILE N 263 140.91 -50.24 -56.39
CA ILE N 263 139.82 -49.33 -56.02
C ILE N 263 140.04 -48.77 -54.62
N LEU N 264 140.42 -49.65 -53.69
CA LEU N 264 140.83 -49.27 -52.34
C LEU N 264 142.08 -48.39 -52.35
N LYS N 265 143.01 -48.70 -53.25
CA LYS N 265 144.28 -47.98 -53.36
C LYS N 265 144.07 -46.49 -53.61
N GLU N 266 143.28 -46.16 -54.62
CA GLU N 266 142.93 -44.77 -54.90
C GLU N 266 141.98 -44.20 -53.84
N GLU N 267 141.09 -45.05 -53.32
CA GLU N 267 140.19 -44.63 -52.24
C GLU N 267 141.03 -44.11 -51.07
N ARG N 268 141.88 -44.98 -50.51
CA ARG N 268 142.79 -44.61 -49.43
C ARG N 268 143.61 -43.37 -49.80
N ALA N 269 144.04 -43.30 -51.06
CA ALA N 269 144.83 -42.18 -51.57
C ALA N 269 144.05 -40.86 -51.58
N TYR N 270 142.81 -40.88 -52.08
CA TYR N 270 142.00 -39.67 -52.24
C TYR N 270 141.76 -38.95 -50.92
N LEU N 271 141.48 -39.72 -49.88
CA LEU N 271 141.24 -39.16 -48.55
C LEU N 271 142.53 -38.64 -47.92
N LEU N 272 143.65 -39.26 -48.29
CA LEU N 272 144.98 -38.88 -47.78
C LEU N 272 145.49 -37.57 -48.39
N ASN N 273 145.11 -37.30 -49.64
CA ASN N 273 145.49 -36.07 -50.33
C ASN N 273 144.83 -34.84 -49.73
N ILE N 274 143.53 -34.96 -49.44
CA ILE N 274 142.77 -33.86 -48.82
C ILE N 274 143.31 -33.57 -47.43
N CYS N 275 143.55 -34.62 -46.65
CA CYS N 275 144.15 -34.48 -45.33
C CYS N 275 145.57 -33.92 -45.42
N LYS N 276 146.33 -34.35 -46.43
CA LYS N 276 147.69 -33.86 -46.65
C LYS N 276 147.71 -32.39 -47.02
N LYS N 277 146.79 -31.98 -47.90
CA LYS N 277 146.69 -30.58 -48.33
C LYS N 277 146.29 -29.65 -47.18
N ILE N 278 145.55 -30.20 -46.21
CA ILE N 278 145.17 -29.47 -44.99
C ILE N 278 146.41 -29.17 -44.15
N LYS N 279 147.23 -30.20 -43.92
CA LYS N 279 148.49 -30.07 -43.18
C LYS N 279 149.49 -29.22 -43.95
N LYS N 280 149.30 -29.16 -45.27
CA LYS N 280 150.16 -28.39 -46.16
C LYS N 280 149.92 -26.88 -46.05
N ALA N 281 148.65 -26.49 -45.97
CA ALA N 281 148.30 -25.08 -45.75
C ALA N 281 148.60 -24.68 -44.30
N LYS N 282 148.69 -25.68 -43.42
CA LYS N 282 149.14 -25.55 -42.03
C LYS N 282 148.03 -25.09 -41.07
N CYS N 283 147.05 -25.96 -40.85
CA CYS N 283 146.05 -25.74 -39.81
C CYS N 283 145.81 -27.01 -38.99
N ASN N 284 145.67 -26.82 -37.67
CA ASN N 284 145.52 -27.95 -36.74
C ASN N 284 144.11 -28.09 -36.20
N VAL N 285 143.19 -27.30 -36.74
CA VAL N 285 141.79 -27.33 -36.35
C VAL N 285 140.88 -27.31 -37.58
N LEU N 286 140.03 -28.33 -37.68
CA LEU N 286 139.05 -28.41 -38.76
C LEU N 286 137.62 -28.25 -38.28
N LEU N 287 136.85 -27.48 -39.03
CA LEU N 287 135.43 -27.29 -38.78
C LEU N 287 134.67 -27.56 -40.07
N ILE N 288 133.66 -28.43 -39.99
CA ILE N 288 132.92 -28.88 -41.17
C ILE N 288 131.42 -28.63 -40.98
N GLN N 289 130.75 -28.20 -42.05
CA GLN N 289 129.32 -27.89 -41.99
C GLN N 289 128.45 -29.15 -42.09
N LYS N 290 127.13 -28.96 -41.95
CA LYS N 290 126.15 -30.05 -41.99
C LYS N 290 126.27 -30.90 -43.24
N SER N 291 126.26 -32.22 -43.04
CA SER N 291 126.46 -33.18 -44.11
C SER N 291 125.20 -33.98 -44.43
N ILE N 292 124.06 -33.50 -43.93
CA ILE N 292 122.76 -34.13 -44.18
C ILE N 292 122.58 -34.43 -45.67
N LEU N 293 123.27 -33.67 -46.53
CA LEU N 293 123.34 -33.95 -47.96
C LEU N 293 123.66 -35.43 -48.24
N ARG N 294 124.93 -35.81 -48.08
CA ARG N 294 125.37 -37.15 -48.46
C ARG N 294 126.50 -37.77 -47.64
N ASP N 295 127.63 -37.08 -47.56
CA ASP N 295 128.88 -37.73 -47.18
C ASP N 295 129.26 -37.66 -45.71
N ALA N 296 129.53 -36.45 -45.22
CA ALA N 296 130.11 -36.21 -43.88
C ALA N 296 131.64 -36.21 -43.91
N VAL N 297 132.25 -36.73 -42.85
CA VAL N 297 133.71 -36.92 -42.76
C VAL N 297 134.01 -38.36 -42.35
N ASN N 298 134.64 -39.10 -43.26
CA ASN N 298 134.77 -40.55 -43.16
C ASN N 298 135.60 -41.05 -41.97
N ASP N 299 135.22 -42.22 -41.45
CA ASP N 299 135.96 -42.90 -40.40
C ASP N 299 137.38 -43.26 -40.85
N LEU N 300 137.52 -43.55 -42.14
CA LEU N 300 138.83 -43.81 -42.75
C LEU N 300 139.64 -42.52 -42.86
N ALA N 301 138.98 -41.42 -43.23
CA ALA N 301 139.61 -40.11 -43.34
C ALA N 301 139.87 -39.49 -41.98
N LEU N 302 139.27 -40.10 -40.94
CA LEU N 302 139.37 -39.57 -39.59
C LEU N 302 140.61 -40.08 -38.86
N HIS N 303 141.12 -41.25 -39.26
CA HIS N 303 142.37 -41.77 -38.71
C HIS N 303 143.56 -41.04 -39.30
N PHE N 304 143.47 -40.72 -40.60
CA PHE N 304 144.46 -39.87 -41.26
C PHE N 304 144.59 -38.55 -40.51
N LEU N 305 143.43 -37.97 -40.18
CA LEU N 305 143.34 -36.66 -39.55
C LEU N 305 143.83 -36.69 -38.10
N SER N 306 143.72 -37.86 -37.48
CA SER N 306 144.14 -38.05 -36.09
C SER N 306 145.65 -38.17 -35.95
N LYS N 307 146.25 -39.11 -36.69
CA LYS N 307 147.69 -39.34 -36.66
C LYS N 307 148.45 -38.13 -37.19
N LEU N 308 147.81 -37.39 -38.10
CA LEU N 308 148.38 -36.15 -38.64
C LEU N 308 148.16 -34.96 -37.70
N ASN N 309 147.63 -35.25 -36.52
CA ASN N 309 147.44 -34.26 -35.44
C ASN N 309 146.62 -33.03 -35.86
N ILE N 310 145.51 -33.28 -36.55
CA ILE N 310 144.55 -32.23 -36.86
C ILE N 310 143.26 -32.50 -36.09
N MET N 311 142.86 -31.51 -35.30
CA MET N 311 141.73 -31.62 -34.39
C MET N 311 140.42 -31.28 -35.12
N VAL N 312 139.51 -32.24 -35.19
CA VAL N 312 138.31 -32.15 -36.04
C VAL N 312 137.06 -31.76 -35.25
N VAL N 313 136.18 -30.97 -35.88
CA VAL N 313 134.85 -30.65 -35.32
C VAL N 313 133.77 -30.82 -36.40
N LYS N 314 132.97 -31.87 -36.27
CA LYS N 314 131.94 -32.17 -37.26
C LYS N 314 130.63 -31.48 -36.89
N ASP N 315 129.68 -31.49 -37.83
CA ASP N 315 128.31 -30.99 -37.62
C ASP N 315 128.22 -29.55 -37.10
N ILE N 316 128.08 -28.61 -38.03
CA ILE N 316 127.88 -27.20 -37.69
C ILE N 316 126.83 -26.63 -38.64
N GLU N 317 125.76 -26.10 -38.07
CA GLU N 317 124.63 -25.58 -38.86
C GLU N 317 125.06 -24.49 -39.86
N ARG N 318 124.30 -24.34 -40.94
CA ARG N 318 124.59 -23.36 -42.00
C ARG N 318 124.43 -21.92 -41.53
N GLU N 319 123.50 -21.71 -40.59
CA GLU N 319 123.28 -20.40 -39.96
C GLU N 319 124.49 -19.94 -39.14
N GLU N 320 125.26 -20.92 -38.67
CA GLU N 320 126.42 -20.66 -37.82
C GLU N 320 127.65 -20.19 -38.59
N ILE N 321 127.64 -20.36 -39.92
CA ILE N 321 128.80 -20.03 -40.77
C ILE N 321 129.14 -18.54 -40.78
N GLU N 322 128.13 -17.69 -40.97
CA GLU N 322 128.31 -16.24 -41.04
C GLU N 322 128.94 -15.67 -39.77
N PHE N 323 128.43 -16.10 -38.62
CA PHE N 323 128.97 -15.73 -37.31
C PHE N 323 130.41 -16.25 -37.12
N LEU N 324 130.60 -17.54 -37.39
CA LEU N 324 131.86 -18.23 -37.17
C LEU N 324 132.97 -17.70 -38.08
N SER N 325 132.60 -17.30 -39.28
CA SER N 325 133.52 -16.69 -40.23
C SER N 325 134.04 -15.36 -39.67
N LYS N 326 133.13 -14.58 -39.08
CA LYS N 326 133.48 -13.27 -38.49
C LYS N 326 134.23 -13.42 -37.17
N GLY N 327 133.76 -14.31 -36.31
CA GLY N 327 134.35 -14.51 -34.99
C GLY N 327 135.78 -15.03 -35.02
N LEU N 328 136.05 -15.94 -35.96
CA LEU N 328 137.34 -16.62 -36.03
C LEU N 328 138.24 -16.11 -37.14
N GLY N 329 138.03 -14.86 -37.57
CA GLY N 329 138.83 -14.24 -38.65
C GLY N 329 139.28 -15.20 -39.74
N CYS N 330 138.36 -16.05 -40.18
CA CYS N 330 138.65 -17.17 -41.07
C CYS N 330 137.64 -17.21 -42.21
N LYS N 331 138.13 -17.02 -43.43
CA LYS N 331 137.28 -17.10 -44.62
C LYS N 331 136.84 -18.54 -44.86
N PRO N 332 135.52 -18.77 -45.06
CA PRO N 332 135.00 -20.12 -45.28
C PRO N 332 135.49 -20.70 -46.61
N ILE N 333 135.64 -22.03 -46.66
CA ILE N 333 136.25 -22.71 -47.81
C ILE N 333 135.35 -23.81 -48.38
N ALA N 334 134.97 -23.66 -49.65
CA ALA N 334 133.96 -24.52 -50.29
C ALA N 334 134.50 -25.80 -50.94
N ASP N 335 135.54 -25.68 -51.77
CA ASP N 335 136.18 -26.84 -52.40
C ASP N 335 137.59 -27.02 -51.84
N ILE N 336 138.17 -28.20 -52.04
CA ILE N 336 139.55 -28.49 -51.61
C ILE N 336 140.54 -27.64 -52.39
N GLU N 337 140.25 -27.43 -53.67
CA GLU N 337 141.08 -26.61 -54.56
C GLU N 337 141.00 -25.12 -54.23
N LEU N 338 140.47 -24.80 -53.05
CA LEU N 338 140.42 -23.43 -52.56
C LEU N 338 140.78 -23.33 -51.08
N PHE N 339 141.41 -24.38 -50.56
CA PHE N 339 141.90 -24.41 -49.19
C PHE N 339 143.32 -23.84 -49.14
N THR N 340 143.50 -22.72 -48.43
CA THR N 340 144.77 -22.00 -48.44
C THR N 340 145.17 -21.51 -47.05
N GLU N 341 146.48 -21.36 -46.85
CA GLU N 341 147.04 -20.71 -45.66
C GLU N 341 146.51 -19.28 -45.53
N ASP N 342 146.00 -18.77 -46.66
CA ASP N 342 145.38 -17.45 -46.74
C ASP N 342 144.12 -17.34 -45.88
N ARG N 343 143.23 -18.33 -45.98
CA ARG N 343 141.89 -18.25 -45.39
C ARG N 343 141.79 -18.88 -43.98
N LEU N 344 142.93 -19.23 -43.42
CA LEU N 344 142.99 -19.84 -42.09
C LEU N 344 142.87 -18.80 -40.98
N ASP N 345 142.47 -19.25 -39.78
CA ASP N 345 142.50 -18.42 -38.58
C ASP N 345 143.89 -18.47 -37.95
N SER N 346 144.15 -17.57 -37.02
CA SER N 346 145.36 -17.61 -36.20
C SER N 346 145.00 -17.36 -34.75
N ALA N 347 144.52 -18.41 -34.08
CA ALA N 347 144.08 -18.32 -32.69
C ALA N 347 145.14 -18.84 -31.72
N ASP N 348 145.19 -18.23 -30.54
CA ASP N 348 146.14 -18.62 -29.50
C ASP N 348 145.85 -20.01 -28.92
N LEU N 349 144.62 -20.22 -28.44
CA LEU N 349 144.25 -21.50 -27.83
C LEU N 349 142.81 -21.94 -28.13
N VAL N 350 142.68 -23.23 -28.47
CA VAL N 350 141.38 -23.89 -28.64
C VAL N 350 141.36 -25.18 -27.79
N GLU N 351 140.72 -25.10 -26.62
CA GLU N 351 140.74 -26.23 -25.68
C GLU N 351 139.36 -26.59 -25.15
N GLU N 352 138.88 -27.78 -25.50
CA GLU N 352 137.59 -28.27 -25.03
C GLU N 352 137.69 -28.67 -23.55
N ILE N 353 136.86 -28.03 -22.73
CA ILE N 353 136.85 -28.24 -21.29
C ILE N 353 135.79 -29.30 -20.90
N ASP N 354 135.79 -29.72 -19.63
CA ASP N 354 134.79 -30.65 -19.11
C ASP N 354 134.00 -30.07 -17.94
N SER N 355 132.84 -29.49 -18.25
CA SER N 355 131.98 -28.83 -17.26
C SER N 355 130.74 -29.67 -16.97
N ASP N 356 130.59 -30.11 -15.71
CA ASP N 356 129.43 -30.92 -15.27
C ASP N 356 129.45 -32.33 -15.87
N GLY N 357 130.54 -32.65 -16.58
CA GLY N 357 130.63 -33.88 -17.36
C GLY N 357 130.12 -33.72 -18.78
N SER N 358 129.83 -32.47 -19.16
CA SER N 358 129.38 -32.13 -20.52
C SER N 358 130.22 -31.00 -21.15
N LYS N 359 131.03 -31.38 -22.13
CA LYS N 359 132.06 -30.51 -22.71
C LYS N 359 131.53 -29.29 -23.46
N ILE N 360 132.38 -28.27 -23.57
CA ILE N 360 132.16 -27.10 -24.45
C ILE N 360 133.48 -26.78 -25.19
N VAL N 361 133.37 -26.11 -26.34
CA VAL N 361 134.56 -25.76 -27.12
C VAL N 361 134.89 -24.26 -27.02
N ARG N 362 136.14 -23.98 -26.65
CA ARG N 362 136.58 -22.61 -26.43
C ARG N 362 137.64 -22.17 -27.45
N VAL N 363 137.52 -20.94 -27.93
CA VAL N 363 138.57 -20.31 -28.75
C VAL N 363 138.99 -18.97 -28.13
N THR N 364 140.06 -19.00 -27.33
CA THR N 364 140.55 -17.82 -26.59
C THR N 364 141.74 -17.17 -27.30
N GLY N 365 141.70 -15.85 -27.41
CA GLY N 365 142.79 -15.09 -28.02
C GLY N 365 142.84 -15.26 -29.52
N ILE N 366 142.42 -14.23 -30.24
CA ILE N 366 142.29 -14.28 -31.69
C ILE N 366 143.16 -13.22 -32.38
N ARG N 367 144.14 -13.67 -33.15
CA ARG N 367 145.01 -12.75 -33.90
C ARG N 367 144.40 -12.47 -35.28
N ASN N 368 144.52 -11.20 -35.70
CA ASN N 368 143.96 -10.69 -36.98
C ASN N 368 143.35 -9.30 -36.81
N ASN N 369 142.87 -8.72 -37.92
CA ASN N 369 142.13 -7.46 -37.89
C ASN N 369 140.63 -7.74 -37.77
N ASN N 370 140.08 -7.46 -36.59
CA ASN N 370 138.67 -7.73 -36.31
C ASN N 370 137.71 -6.68 -36.90
N ALA N 371 137.68 -6.61 -38.23
CA ALA N 371 136.76 -5.73 -38.97
C ALA N 371 135.30 -6.03 -38.63
N ARG N 372 135.02 -7.29 -38.35
CA ARG N 372 133.77 -7.68 -37.72
C ARG N 372 134.08 -8.04 -36.26
N PRO N 373 133.28 -7.50 -35.31
CA PRO N 373 133.47 -7.80 -33.90
C PRO N 373 132.37 -8.74 -33.36
N THR N 374 132.79 -9.77 -32.64
CA THR N 374 131.88 -10.81 -32.15
C THR N 374 132.15 -11.15 -30.70
N VAL N 375 131.08 -11.24 -29.92
CA VAL N 375 131.17 -11.61 -28.51
C VAL N 375 130.53 -12.98 -28.27
N SER N 376 130.99 -13.68 -27.24
CA SER N 376 130.41 -14.97 -26.83
C SER N 376 130.37 -15.10 -25.32
N VAL N 377 129.19 -15.43 -24.80
CA VAL N 377 128.99 -15.57 -23.36
C VAL N 377 128.38 -16.95 -23.04
N VAL N 378 128.97 -17.64 -22.07
CA VAL N 378 128.46 -18.94 -21.61
C VAL N 378 127.66 -18.79 -20.32
N ILE N 379 126.41 -19.21 -20.37
CA ILE N 379 125.50 -19.16 -19.22
C ILE N 379 125.42 -20.51 -18.54
N ARG N 380 125.78 -20.54 -17.26
CA ARG N 380 125.61 -21.74 -16.43
C ARG N 380 124.50 -21.49 -15.40
N GLY N 381 123.98 -22.58 -14.83
CA GLY N 381 122.89 -22.49 -13.85
C GLY N 381 122.47 -23.83 -13.30
N ALA N 382 122.01 -23.83 -12.05
CA ALA N 382 121.68 -25.06 -11.30
C ALA N 382 120.56 -25.91 -11.92
N ASN N 383 119.51 -25.25 -12.37
CA ASN N 383 118.31 -25.93 -12.87
C ASN N 383 117.92 -25.44 -14.26
N ASN N 384 117.52 -26.38 -15.11
CA ASN N 384 117.26 -26.12 -16.53
C ASN N 384 116.46 -24.84 -16.85
N MET N 385 115.51 -24.51 -15.98
CA MET N 385 114.62 -23.36 -16.18
C MET N 385 115.27 -22.05 -15.79
N ILE N 386 116.19 -22.11 -14.82
CA ILE N 386 116.88 -20.92 -14.33
C ILE N 386 118.05 -20.53 -15.24
N ILE N 387 118.24 -21.29 -16.31
CA ILE N 387 119.21 -20.95 -17.35
C ILE N 387 118.49 -20.20 -18.48
N ASP N 388 117.32 -20.71 -18.86
CA ASP N 388 116.47 -20.07 -19.87
C ASP N 388 116.07 -18.67 -19.45
N GLU N 389 115.84 -18.49 -18.15
CA GLU N 389 115.45 -17.21 -17.57
C GLU N 389 116.62 -16.23 -17.52
N THR N 390 117.82 -16.74 -17.23
CA THR N 390 119.04 -15.94 -17.24
C THR N 390 119.28 -15.35 -18.63
N GLU N 391 119.08 -16.17 -19.66
CA GLU N 391 119.22 -15.75 -21.05
C GLU N 391 118.17 -14.69 -21.42
N ARG N 392 116.95 -14.87 -20.92
CA ARG N 392 115.86 -13.91 -21.14
C ARG N 392 116.03 -12.61 -20.36
N SER N 393 116.69 -12.71 -19.20
CA SER N 393 116.98 -11.53 -18.40
C SER N 393 118.20 -10.79 -18.96
N LEU N 394 119.14 -11.54 -19.52
CA LEU N 394 120.25 -10.95 -20.23
C LEU N 394 119.75 -10.24 -21.48
N HIS N 395 118.90 -10.91 -22.25
CA HIS N 395 118.37 -10.36 -23.50
C HIS N 395 117.56 -9.09 -23.27
N ASP N 396 116.85 -9.02 -22.14
CA ASP N 396 116.11 -7.81 -21.75
C ASP N 396 117.05 -6.65 -21.43
N ALA N 397 118.15 -6.94 -20.72
CA ALA N 397 119.16 -5.94 -20.39
C ALA N 397 120.00 -5.52 -21.60
N LEU N 398 120.46 -6.51 -22.37
CA LEU N 398 121.15 -6.27 -23.65
C LEU N 398 120.28 -5.40 -24.56
N CYS N 399 118.97 -5.56 -24.44
CA CYS N 399 118.01 -4.79 -25.21
C CYS N 399 117.90 -3.32 -24.77
N VAL N 400 117.99 -3.07 -23.47
CA VAL N 400 117.89 -1.69 -22.96
C VAL N 400 119.05 -0.83 -23.48
N ILE N 401 120.22 -1.45 -23.61
CA ILE N 401 121.42 -0.81 -24.16
C ILE N 401 121.25 -0.59 -25.66
N ARG N 402 120.59 -1.55 -26.32
CA ARG N 402 120.22 -1.42 -27.72
C ARG N 402 119.23 -0.27 -27.92
N CYS N 403 118.37 -0.06 -26.91
CA CYS N 403 117.43 1.07 -26.90
C CYS N 403 118.13 2.41 -26.80
N LEU N 404 119.27 2.42 -26.11
CA LEU N 404 120.08 3.62 -25.99
C LEU N 404 120.83 3.92 -27.29
N VAL N 405 121.14 2.89 -28.06
CA VAL N 405 121.76 3.06 -29.38
C VAL N 405 120.79 3.76 -30.32
N LYS N 406 119.52 3.38 -30.24
CA LYS N 406 118.46 3.87 -31.13
C LYS N 406 118.04 5.32 -30.83
N GLU N 407 117.62 5.58 -29.59
CA GLU N 407 117.35 6.95 -29.14
C GLU N 407 118.25 7.26 -27.93
N ARG N 408 119.24 8.12 -28.16
CA ARG N 408 120.31 8.37 -27.19
C ARG N 408 119.91 9.23 -26.00
N GLY N 409 118.69 8.99 -25.48
CA GLY N 409 118.20 9.67 -24.28
C GLY N 409 117.95 8.70 -23.14
N LEU N 410 117.65 9.24 -21.97
CA LEU N 410 117.36 8.43 -20.77
C LEU N 410 116.45 9.18 -19.79
N ILE N 411 115.51 8.46 -19.19
CA ILE N 411 114.57 9.05 -18.24
C ILE N 411 114.76 8.50 -16.83
N ALA N 412 114.24 9.24 -15.86
CA ALA N 412 114.08 8.74 -14.49
C ALA N 412 113.05 7.62 -14.50
N GLY N 413 113.20 6.68 -13.57
CA GLY N 413 112.32 5.52 -13.50
C GLY N 413 111.48 5.42 -12.24
N GLY N 414 110.91 4.24 -12.00
CA GLY N 414 110.11 3.99 -10.81
C GLY N 414 108.80 4.76 -10.80
N GLY N 415 108.20 4.92 -11.97
CA GLY N 415 106.90 5.59 -12.10
C GLY N 415 106.98 7.08 -12.35
N ALA N 416 108.14 7.67 -12.09
CA ALA N 416 108.36 9.11 -12.24
C ALA N 416 107.83 9.73 -13.54
N PRO N 417 108.06 9.06 -14.69
CA PRO N 417 107.48 9.58 -15.94
C PRO N 417 105.97 9.45 -15.95
N GLU N 418 105.46 8.31 -15.50
CA GLU N 418 104.03 8.05 -15.49
C GLU N 418 103.29 9.13 -14.69
N ILE N 419 103.88 9.50 -13.55
CA ILE N 419 103.31 10.52 -12.65
C ILE N 419 103.32 11.92 -13.28
N GLU N 420 104.45 12.30 -13.88
CA GLU N 420 104.57 13.61 -14.51
C GLU N 420 103.57 13.77 -15.66
N ILE N 421 103.54 12.79 -16.56
CA ILE N 421 102.59 12.79 -17.66
C ILE N 421 101.16 12.85 -17.14
N SER N 422 100.91 12.21 -16.00
CA SER N 422 99.61 12.28 -15.32
C SER N 422 99.30 13.70 -14.85
N ARG N 423 100.31 14.42 -14.37
CA ARG N 423 100.15 15.80 -13.92
C ARG N 423 100.10 16.77 -15.10
N ARG N 424 100.97 16.56 -16.09
CA ARG N 424 101.04 17.42 -17.28
C ARG N 424 99.74 17.37 -18.08
N LEU N 425 99.32 16.17 -18.47
CA LEU N 425 98.12 16.00 -19.30
C LEU N 425 96.85 16.48 -18.60
N SER N 426 96.89 16.57 -17.27
CA SER N 426 95.78 17.12 -16.49
C SER N 426 95.61 18.62 -16.77
N LYS N 427 96.73 19.35 -16.75
CA LYS N 427 96.74 20.77 -17.05
C LYS N 427 96.29 21.01 -18.49
N GLU N 428 96.84 20.21 -19.41
CA GLU N 428 96.50 20.28 -20.84
C GLU N 428 94.99 20.20 -21.06
N ALA N 429 94.35 19.30 -20.32
CA ALA N 429 92.91 19.04 -20.47
C ALA N 429 92.06 20.03 -19.69
N ARG N 430 92.66 20.73 -18.75
CA ARG N 430 91.97 21.81 -18.04
C ARG N 430 91.68 22.96 -18.99
N SER N 431 92.62 23.23 -19.90
CA SER N 431 92.50 24.28 -20.91
C SER N 431 91.65 23.85 -22.10
N MET N 432 91.44 22.53 -22.23
CA MET N 432 90.68 21.93 -23.31
C MET N 432 89.19 22.28 -23.27
N GLU N 433 88.55 21.95 -22.15
CA GLU N 433 87.12 22.15 -21.95
C GLU N 433 86.28 21.35 -22.93
N GLY N 434 85.01 21.14 -22.59
CA GLY N 434 84.11 20.36 -23.43
C GLY N 434 84.27 18.87 -23.23
N VAL N 435 84.16 18.13 -24.33
CA VAL N 435 84.11 16.66 -24.29
C VAL N 435 85.51 16.00 -24.30
N GLN N 436 86.34 16.37 -25.27
CA GLN N 436 87.66 15.77 -25.42
C GLN N 436 88.64 16.17 -24.30
N ALA N 437 88.09 16.74 -23.22
CA ALA N 437 88.85 17.09 -22.02
C ALA N 437 88.75 15.97 -20.97
N PHE N 438 87.53 15.51 -20.74
CA PHE N 438 87.26 14.39 -19.81
C PHE N 438 88.01 13.13 -20.20
N ILE N 439 88.22 12.96 -21.50
CA ILE N 439 88.96 11.82 -22.03
C ILE N 439 90.41 11.90 -21.56
N TRP N 440 91.06 13.01 -21.89
CA TRP N 440 92.45 13.24 -21.48
C TRP N 440 92.61 13.08 -19.96
N GLN N 441 91.66 13.63 -19.19
CA GLN N 441 91.69 13.56 -17.73
C GLN N 441 91.72 12.12 -17.24
N GLU N 442 90.86 11.28 -17.82
CA GLU N 442 90.79 9.86 -17.47
C GLU N 442 91.96 9.05 -18.08
N PHE N 443 92.64 9.66 -19.05
CA PHE N 443 93.87 9.07 -19.62
C PHE N 443 95.02 9.32 -18.66
N ALA N 444 95.07 10.53 -18.11
CA ALA N 444 96.10 10.92 -17.13
C ALA N 444 95.92 10.15 -15.82
N SER N 445 94.67 9.83 -15.50
CA SER N 445 94.32 9.03 -14.33
C SER N 445 94.77 7.57 -14.51
N ALA N 446 94.78 7.11 -15.77
CA ALA N 446 95.17 5.75 -16.09
C ALA N 446 96.66 5.52 -15.92
N LEU N 447 97.48 6.36 -16.56
CA LEU N 447 98.95 6.23 -16.56
C LEU N 447 99.53 6.10 -15.17
N GLU N 448 98.76 6.56 -14.20
CA GLU N 448 99.11 6.52 -12.78
C GLU N 448 99.07 5.09 -12.22
N VAL N 449 98.61 4.14 -13.04
CA VAL N 449 98.47 2.74 -12.64
C VAL N 449 99.81 2.02 -12.47
N ILE N 450 100.82 2.38 -13.27
CA ILE N 450 102.17 1.82 -13.13
C ILE N 450 102.78 2.06 -11.73
N PRO N 451 102.81 3.32 -11.25
CA PRO N 451 103.27 3.55 -9.87
C PRO N 451 102.45 2.81 -8.82
N THR N 452 101.13 2.70 -9.05
CA THR N 452 100.23 2.02 -8.12
C THR N 452 100.60 0.55 -7.94
N THR N 453 100.67 -0.19 -9.05
CA THR N 453 101.02 -1.62 -9.01
C THR N 453 102.49 -1.85 -8.63
N LEU N 454 103.33 -0.85 -8.88
CA LEU N 454 104.70 -0.87 -8.38
C LEU N 454 104.68 -0.84 -6.85
N ALA N 455 103.90 0.07 -6.28
CA ALA N 455 103.82 0.25 -4.84
C ALA N 455 103.06 -0.87 -4.13
N GLU N 456 102.04 -1.40 -4.79
CA GLU N 456 101.20 -2.45 -4.19
C GLU N 456 101.90 -3.81 -4.16
N ASN N 457 102.85 -4.00 -5.06
CA ASN N 457 103.75 -5.15 -5.00
C ASN N 457 104.71 -5.02 -3.82
N ALA N 458 105.06 -3.78 -3.47
CA ALA N 458 105.94 -3.51 -2.34
C ALA N 458 105.21 -3.56 -0.99
N GLY N 459 103.90 -3.74 -1.04
CA GLY N 459 103.08 -3.82 0.18
C GLY N 459 102.82 -2.48 0.84
N LEU N 460 102.93 -1.42 0.06
CA LEU N 460 102.71 -0.06 0.54
C LEU N 460 101.28 0.40 0.30
N ASN N 461 100.85 1.39 1.07
CA ASN N 461 99.57 2.05 0.83
C ASN N 461 99.71 2.87 -0.44
N SER N 462 99.39 2.25 -1.56
CA SER N 462 99.57 2.84 -2.89
C SER N 462 98.92 4.21 -3.04
N ILE N 463 97.79 4.41 -2.37
CA ILE N 463 97.11 5.72 -2.37
C ILE N 463 97.95 6.78 -1.63
N LYS N 464 98.45 6.43 -0.45
CA LYS N 464 99.32 7.35 0.31
C LYS N 464 100.59 7.68 -0.47
N VAL N 465 101.14 6.68 -1.16
CA VAL N 465 102.38 6.85 -1.94
C VAL N 465 102.17 7.80 -3.11
N VAL N 466 101.07 7.64 -3.83
CA VAL N 466 100.82 8.43 -5.04
C VAL N 466 100.37 9.87 -4.76
N THR N 467 99.50 10.04 -3.77
CA THR N 467 99.04 11.38 -3.38
C THR N 467 100.23 12.26 -2.99
N GLU N 468 101.19 11.65 -2.29
CA GLU N 468 102.43 12.32 -1.89
C GLU N 468 103.44 12.41 -3.02
N LEU N 469 103.33 11.50 -3.99
CA LEU N 469 104.25 11.48 -5.13
C LEU N 469 103.84 12.51 -6.19
N ARG N 470 102.53 12.76 -6.30
CA ARG N 470 101.99 13.79 -7.19
C ARG N 470 102.21 15.18 -6.60
N SER N 471 102.07 15.27 -5.28
CA SER N 471 102.28 16.51 -4.54
C SER N 471 103.72 16.99 -4.64
N LYS N 472 104.67 16.06 -4.49
CA LYS N 472 106.09 16.35 -4.64
C LYS N 472 106.47 16.59 -6.10
N HIS N 473 105.67 16.05 -7.02
CA HIS N 473 105.91 16.20 -8.46
C HIS N 473 105.30 17.50 -9.02
N GLU N 474 104.50 18.17 -8.19
CA GLU N 474 103.91 19.45 -8.57
C GLU N 474 104.89 20.59 -8.27
N ASN N 475 105.99 20.27 -7.61
CA ASN N 475 107.07 21.21 -7.33
C ASN N 475 108.41 20.71 -7.89
N GLY N 476 108.99 19.73 -7.19
CA GLY N 476 110.32 19.19 -7.51
C GLY N 476 110.45 18.53 -8.88
N GLU N 477 109.35 18.47 -9.60
CA GLU N 477 109.31 17.99 -10.99
C GLU N 477 109.87 16.58 -11.22
N LEU N 478 110.62 16.43 -12.31
CA LEU N 478 110.84 15.12 -12.95
C LEU N 478 111.88 14.16 -12.37
N ASN N 479 111.66 13.73 -11.14
CA ASN N 479 112.57 12.81 -10.47
C ASN N 479 111.89 12.04 -9.35
N ASP N 480 110.74 12.53 -8.89
CA ASP N 480 110.02 11.90 -7.79
C ASP N 480 109.29 10.63 -8.21
N GLY N 481 109.64 9.53 -7.54
CA GLY N 481 109.03 8.23 -7.79
C GLY N 481 109.33 7.28 -6.65
N ILE N 482 108.81 6.06 -6.75
CA ILE N 482 108.99 5.05 -5.71
C ILE N 482 110.35 4.38 -5.87
N SER N 483 111.12 4.37 -4.79
CA SER N 483 112.34 3.59 -4.71
C SER N 483 112.10 2.44 -3.74
N VAL N 484 112.35 1.22 -4.21
CA VAL N 484 112.11 0.02 -3.40
C VAL N 484 112.98 -0.01 -2.14
N ARG N 485 114.25 0.36 -2.30
CA ARG N 485 115.19 0.44 -1.19
C ARG N 485 114.75 1.44 -0.11
N ARG N 486 114.29 2.62 -0.55
CA ARG N 486 113.87 3.69 0.36
C ARG N 486 112.44 3.52 0.87
N SER N 487 111.66 2.72 0.15
CA SER N 487 110.26 2.40 0.49
C SER N 487 109.31 3.62 0.43
N GLY N 488 109.76 4.70 -0.21
CA GLY N 488 108.95 5.92 -0.33
C GLY N 488 109.37 6.94 -1.37
N THR N 489 108.97 8.19 -1.13
CA THR N 489 109.22 9.31 -2.05
C THR N 489 110.71 9.69 -2.08
N THR N 490 111.37 9.39 -3.20
CA THR N 490 112.79 9.72 -3.38
C THR N 490 113.15 10.00 -4.85
N ASN N 491 114.10 10.91 -5.05
CA ASN N 491 114.65 11.26 -6.36
C ASN N 491 115.23 10.06 -7.10
N THR N 492 114.47 9.56 -8.07
CA THR N 492 114.81 8.30 -8.76
C THR N 492 115.90 8.42 -9.81
N TYR N 493 116.05 9.60 -10.41
CA TYR N 493 117.13 9.82 -11.38
C TYR N 493 118.48 9.77 -10.67
N GLU N 494 118.55 10.38 -9.48
CA GLU N 494 119.77 10.38 -8.67
C GLU N 494 119.98 9.04 -7.96
N GLU N 495 118.88 8.34 -7.70
CA GLU N 495 118.91 7.00 -7.10
C GLU N 495 119.46 5.96 -8.09
N HIS N 496 119.82 6.41 -9.29
CA HIS N 496 120.34 5.55 -10.36
C HIS N 496 119.33 4.52 -10.88
N ILE N 497 118.04 4.83 -10.73
CA ILE N 497 116.98 3.96 -11.24
C ILE N 497 116.55 4.52 -12.60
N LEU N 498 117.07 3.92 -13.67
CA LEU N 498 117.01 4.51 -15.00
C LEU N 498 116.52 3.55 -16.07
N GLN N 499 115.61 4.05 -16.91
CA GLN N 499 115.06 3.28 -18.05
C GLN N 499 115.06 4.11 -19.34
N PRO N 500 115.31 3.46 -20.50
CA PRO N 500 115.44 4.16 -21.78
C PRO N 500 114.17 4.91 -22.19
N VAL N 501 114.34 5.98 -22.96
CA VAL N 501 113.21 6.78 -23.43
C VAL N 501 112.33 5.92 -24.32
N LEU N 502 112.96 5.09 -25.16
CA LEU N 502 112.25 4.23 -26.09
C LEU N 502 111.32 3.25 -25.37
N VAL N 503 111.74 2.79 -24.19
CA VAL N 503 110.94 1.86 -23.41
C VAL N 503 109.63 2.49 -22.93
N SER N 504 109.59 3.82 -22.84
CA SER N 504 108.35 4.53 -22.51
C SER N 504 107.68 5.18 -23.72
N THR N 505 108.49 5.67 -24.66
CA THR N 505 108.00 6.20 -25.93
C THR N 505 107.16 5.16 -26.68
N SER N 506 107.65 3.93 -26.72
CA SER N 506 106.92 2.86 -27.39
C SER N 506 105.84 2.25 -26.50
N ALA N 507 106.07 2.25 -25.19
CA ALA N 507 105.12 1.67 -24.24
C ALA N 507 103.73 2.29 -24.36
N ILE N 508 103.66 3.61 -24.34
CA ILE N 508 102.39 4.33 -24.40
C ILE N 508 101.78 4.27 -25.80
N THR N 509 102.62 4.50 -26.81
CA THR N 509 102.19 4.50 -28.20
C THR N 509 101.50 3.19 -28.61
N LEU N 510 102.07 2.06 -28.21
CA LEU N 510 101.49 0.75 -28.54
C LEU N 510 100.16 0.55 -27.83
N ALA N 511 100.15 0.80 -26.53
CA ALA N 511 98.94 0.66 -25.73
C ALA N 511 97.81 1.52 -26.30
N SER N 512 98.06 2.82 -26.43
CA SER N 512 97.09 3.77 -26.97
C SER N 512 96.63 3.38 -28.38
N GLU N 513 97.53 2.81 -29.17
CA GLU N 513 97.22 2.32 -30.52
C GLU N 513 96.38 1.06 -30.50
N CYS N 514 96.66 0.19 -29.53
CA CYS N 514 95.94 -1.07 -29.40
C CYS N 514 94.50 -0.80 -28.98
N VAL N 515 94.34 0.05 -27.98
CA VAL N 515 93.02 0.49 -27.50
C VAL N 515 92.17 0.96 -28.68
N LYS N 516 92.77 1.74 -29.56
CA LYS N 516 92.12 2.22 -30.77
C LYS N 516 91.59 1.06 -31.63
N SER N 517 92.33 -0.04 -31.68
CA SER N 517 91.91 -1.19 -32.49
C SER N 517 91.03 -2.18 -31.73
N ILE N 518 90.94 -2.00 -30.41
CA ILE N 518 89.99 -2.77 -29.60
C ILE N 518 88.63 -2.07 -29.62
N LEU N 519 88.63 -0.74 -29.63
CA LEU N 519 87.39 0.03 -29.62
C LEU N 519 86.72 0.10 -31.00
N ARG N 520 87.44 -0.28 -32.05
CA ARG N 520 86.87 -0.40 -33.40
C ARG N 520 85.81 -1.50 -33.43
N ILE N 521 85.98 -2.48 -32.56
CA ILE N 521 85.14 -3.67 -32.52
C ILE N 521 83.76 -3.34 -31.96
N ASP N 522 82.73 -3.73 -32.71
CA ASP N 522 81.35 -3.54 -32.29
C ASP N 522 80.54 -4.85 -32.39
N ASP N 523 81.18 -5.91 -32.87
CA ASP N 523 80.57 -7.23 -32.95
C ASP N 523 81.63 -8.30 -33.13
N ILE N 524 81.37 -9.47 -32.56
CA ILE N 524 82.17 -10.66 -32.85
C ILE N 524 81.23 -11.66 -33.51
N ALA N 525 81.73 -12.31 -34.56
CA ALA N 525 81.02 -13.39 -35.23
C ALA N 525 82.01 -14.48 -35.60
N PHE N 526 81.61 -15.74 -35.41
CA PHE N 526 82.51 -16.88 -35.64
C PHE N 526 82.57 -17.30 -37.12
N SER N 527 83.79 -17.32 -37.66
CA SER N 527 84.02 -17.62 -39.08
C SER N 527 84.33 -19.10 -39.34
N ARG N 528 84.40 -19.47 -40.61
CA ARG N 528 84.56 -20.85 -41.06
C ARG N 528 85.74 -21.60 -40.42
N GLN O 3 92.42 -25.95 2.14
CA GLN O 3 92.77 -26.58 0.87
C GLN O 3 91.53 -27.19 0.19
N LEU O 4 90.48 -26.37 0.08
CA LEU O 4 89.30 -26.69 -0.75
C LEU O 4 89.65 -26.42 -2.22
N PHE O 5 89.31 -27.37 -3.09
CA PHE O 5 89.64 -27.25 -4.52
C PHE O 5 89.17 -25.90 -5.08
N ASN O 6 90.12 -25.13 -5.61
CA ASN O 6 89.91 -23.74 -6.06
C ASN O 6 89.00 -23.65 -7.30
N ASN O 7 88.24 -22.55 -7.39
CA ASN O 7 87.30 -22.34 -8.49
C ASN O 7 87.96 -21.61 -9.65
N SER O 8 87.65 -22.02 -10.89
CA SER O 8 88.16 -21.34 -12.09
C SER O 8 87.50 -19.96 -12.23
N ARG O 9 88.31 -18.93 -12.42
CA ARG O 9 87.85 -17.54 -12.45
C ARG O 9 86.76 -17.35 -13.50
N SER O 10 85.86 -16.39 -13.28
CA SER O 10 84.75 -16.19 -14.20
C SER O 10 85.03 -15.12 -15.26
N ASP O 11 86.22 -14.49 -15.19
CA ASP O 11 86.62 -13.46 -16.14
C ASP O 11 87.69 -13.94 -17.11
N THR O 12 88.73 -14.53 -16.54
CA THR O 12 89.90 -15.00 -17.28
C THR O 12 89.58 -16.25 -18.10
N LEU O 13 90.17 -16.36 -19.29
CA LEU O 13 89.85 -17.48 -20.17
C LEU O 13 91.12 -18.18 -20.67
N PHE O 14 91.46 -19.27 -19.99
CA PHE O 14 92.65 -20.08 -20.31
C PHE O 14 92.25 -21.50 -20.73
N LEU O 15 93.08 -22.14 -21.55
CA LEU O 15 92.69 -23.39 -22.22
C LEU O 15 93.39 -24.64 -21.72
N GLY O 16 92.62 -25.74 -21.63
CA GLY O 16 93.09 -27.03 -21.14
C GLY O 16 94.10 -26.76 -20.04
N GLY O 17 93.80 -25.76 -19.22
CA GLY O 17 94.74 -25.24 -18.24
C GLY O 17 94.10 -24.48 -17.12
N GLU O 18 94.61 -24.71 -15.91
CA GLU O 18 94.13 -24.05 -14.71
C GLU O 18 95.25 -23.26 -14.05
N LYS O 19 94.89 -22.20 -13.34
CA LYS O 19 95.87 -21.32 -12.70
C LYS O 19 95.57 -21.07 -11.22
N ILE O 20 96.52 -21.43 -10.37
CA ILE O 20 96.44 -21.16 -8.94
C ILE O 20 97.47 -20.11 -8.54
N SER O 21 97.01 -19.08 -7.83
CA SER O 21 97.83 -17.91 -7.58
C SER O 21 98.11 -17.68 -6.10
N GLY O 22 99.12 -16.87 -5.83
CA GLY O 22 99.45 -16.42 -4.48
C GLY O 22 99.68 -17.53 -3.47
N ASP O 23 98.80 -17.58 -2.47
CA ASP O 23 98.97 -18.49 -1.36
C ASP O 23 98.83 -19.95 -1.80
N ASP O 24 97.78 -20.22 -2.58
CA ASP O 24 97.44 -21.57 -3.00
C ASP O 24 98.60 -22.29 -3.67
N ILE O 25 99.35 -21.57 -4.50
CA ILE O 25 100.52 -22.16 -5.17
C ILE O 25 101.72 -22.25 -4.25
N ARG O 26 102.01 -21.17 -3.52
CA ARG O 26 103.14 -21.09 -2.60
C ARG O 26 103.16 -22.24 -1.59
N ASN O 27 101.96 -22.65 -1.18
CA ASN O 27 101.79 -23.77 -0.28
C ASN O 27 101.89 -25.10 -1.02
N GLN O 28 101.30 -25.18 -2.21
CA GLN O 28 101.37 -26.37 -3.04
C GLN O 28 102.83 -26.74 -3.31
N ASN O 29 103.63 -25.74 -3.70
CA ASN O 29 105.07 -25.91 -3.92
C ASN O 29 105.77 -26.53 -2.71
N VAL O 30 105.56 -25.93 -1.55
CA VAL O 30 106.17 -26.38 -0.30
C VAL O 30 105.70 -27.79 0.07
N LEU O 31 104.41 -28.07 -0.12
CA LEU O 31 103.87 -29.40 0.18
C LEU O 31 104.45 -30.48 -0.74
N ALA O 32 104.59 -30.15 -2.02
CA ALA O 32 105.17 -31.08 -2.98
C ALA O 32 106.68 -31.24 -2.77
N THR O 33 107.30 -30.21 -2.22
CA THR O 33 108.74 -30.20 -1.93
C THR O 33 109.06 -31.10 -0.71
N MET O 34 108.21 -31.03 0.31
CA MET O 34 108.35 -31.89 1.48
C MET O 34 108.06 -33.33 1.10
N ALA O 35 107.10 -33.53 0.22
CA ALA O 35 106.74 -34.86 -0.26
C ALA O 35 107.97 -35.62 -0.74
N VAL O 36 108.70 -34.99 -1.65
CA VAL O 36 109.93 -35.54 -2.21
C VAL O 36 111.05 -35.66 -1.18
N ALA O 37 111.16 -34.66 -0.31
CA ALA O 37 112.21 -34.65 0.70
C ALA O 37 111.96 -35.64 1.84
N ASN O 38 110.73 -35.70 2.34
CA ASN O 38 110.39 -36.56 3.47
C ASN O 38 110.54 -38.05 3.17
N VAL O 39 110.40 -38.42 1.90
CA VAL O 39 110.59 -39.81 1.46
C VAL O 39 112.02 -40.29 1.75
N VAL O 40 112.99 -39.41 1.56
CA VAL O 40 114.40 -39.76 1.73
C VAL O 40 115.05 -39.27 3.05
N LYS O 41 114.25 -38.79 4.00
CA LYS O 41 114.80 -38.39 5.30
C LYS O 41 115.07 -39.60 6.19
N SER O 42 114.43 -40.72 5.88
CA SER O 42 114.61 -41.97 6.62
C SER O 42 115.95 -42.62 6.26
N SER O 43 116.48 -42.21 5.12
CA SER O 43 117.67 -42.81 4.55
C SER O 43 118.94 -41.97 4.76
N LEU O 44 118.95 -41.15 5.80
CA LEU O 44 120.09 -40.28 6.08
C LEU O 44 120.80 -40.63 7.39
N GLY O 45 122.12 -40.69 7.31
CA GLY O 45 122.94 -40.99 8.48
C GLY O 45 123.41 -42.42 8.47
N PRO O 46 124.45 -42.73 9.26
CA PRO O 46 124.88 -44.12 9.39
C PRO O 46 123.76 -44.98 9.98
N VAL O 47 122.89 -44.33 10.77
CA VAL O 47 121.71 -44.97 11.36
C VAL O 47 120.58 -45.02 10.34
N GLY O 48 120.83 -44.47 9.16
CA GLY O 48 119.88 -44.48 8.05
C GLY O 48 119.70 -45.86 7.48
N LEU O 49 118.56 -46.06 6.82
CA LEU O 49 118.17 -47.37 6.34
C LEU O 49 117.87 -47.34 4.84
N ASP O 50 117.62 -48.52 4.26
CA ASP O 50 117.43 -48.65 2.82
C ASP O 50 115.98 -48.89 2.42
N LYS O 51 115.67 -48.60 1.16
CA LYS O 51 114.31 -48.68 0.62
C LYS O 51 114.19 -49.72 -0.50
N MET O 52 113.00 -50.31 -0.63
CA MET O 52 112.75 -51.39 -1.59
C MET O 52 111.74 -50.89 -2.62
N LEU O 53 112.16 -50.74 -3.86
CA LEU O 53 111.36 -50.08 -4.90
C LEU O 53 110.86 -51.03 -6.01
N VAL O 54 109.57 -51.37 -5.99
CA VAL O 54 108.98 -52.36 -6.91
C VAL O 54 108.65 -51.79 -8.30
N ASP O 55 109.13 -52.45 -9.36
CA ASP O 55 108.91 -52.04 -10.77
C ASP O 55 107.42 -51.98 -11.10
N ASP O 56 106.66 -52.76 -10.34
CA ASP O 56 105.21 -53.02 -10.52
C ASP O 56 105.03 -54.42 -11.09
N ILE O 57 106.06 -54.91 -11.79
CA ILE O 57 106.09 -56.29 -12.29
C ILE O 57 106.86 -57.19 -11.31
N GLY O 58 106.90 -56.77 -10.05
CA GLY O 58 107.65 -57.49 -9.03
C GLY O 58 109.08 -56.98 -8.98
N ASP O 59 109.75 -57.03 -10.13
CA ASP O 59 111.14 -56.55 -10.30
C ASP O 59 111.38 -55.28 -9.51
N PHE O 60 112.56 -55.16 -8.92
CA PHE O 60 112.79 -54.08 -7.99
C PHE O 60 114.26 -53.75 -7.83
N THR O 61 114.53 -52.68 -7.10
CA THR O 61 115.88 -52.32 -6.70
C THR O 61 115.89 -51.79 -5.26
N VAL O 62 116.93 -52.18 -4.53
CA VAL O 62 117.12 -51.77 -3.14
C VAL O 62 118.28 -50.79 -3.13
N THR O 63 118.07 -49.58 -2.59
CA THR O 63 119.16 -48.58 -2.53
C THR O 63 119.03 -47.51 -1.43
N ASN O 64 120.17 -46.90 -1.10
CA ASN O 64 120.23 -45.71 -0.27
C ASN O 64 120.43 -44.46 -1.12
N ASP O 65 121.35 -44.55 -2.09
CA ASP O 65 121.75 -43.42 -2.95
C ASP O 65 120.56 -42.55 -3.37
N GLY O 66 120.34 -41.47 -2.61
CA GLY O 66 119.16 -40.61 -2.73
C GLY O 66 118.71 -40.27 -4.12
N ALA O 67 119.66 -39.91 -4.97
CA ALA O 67 119.36 -39.55 -6.34
C ALA O 67 118.84 -40.74 -7.14
N THR O 68 119.23 -41.95 -6.75
CA THR O 68 118.80 -43.16 -7.44
C THR O 68 117.39 -43.54 -6.99
N ILE O 69 117.03 -43.15 -5.77
CA ILE O 69 115.68 -43.33 -5.24
C ILE O 69 114.73 -42.35 -5.91
N LEU O 70 115.15 -41.08 -5.95
CA LEU O 70 114.36 -39.97 -6.52
C LEU O 70 114.18 -40.07 -8.03
N SER O 71 115.13 -40.74 -8.68
CA SER O 71 115.02 -41.01 -10.10
C SER O 71 113.93 -42.04 -10.32
N LEU O 72 113.91 -43.04 -9.45
CA LEU O 72 112.98 -44.16 -9.60
C LEU O 72 111.53 -43.76 -9.30
N LEU O 73 111.30 -43.08 -8.18
CA LEU O 73 109.97 -42.56 -7.83
C LEU O 73 109.42 -41.71 -8.97
N ASP O 74 108.22 -42.03 -9.41
CA ASP O 74 107.56 -41.22 -10.41
C ASP O 74 107.12 -39.92 -9.74
N VAL O 75 107.75 -38.82 -10.14
CA VAL O 75 107.45 -37.50 -9.59
C VAL O 75 106.57 -36.72 -10.56
N GLN O 76 105.41 -36.26 -10.08
CA GLN O 76 104.45 -35.60 -10.96
C GLN O 76 104.51 -34.07 -10.91
N HIS O 77 104.83 -33.50 -9.75
CA HIS O 77 104.83 -32.04 -9.61
C HIS O 77 106.12 -31.40 -10.12
N PRO O 78 106.01 -30.22 -10.78
CA PRO O 78 107.16 -29.43 -11.21
C PRO O 78 108.16 -29.14 -10.08
N ALA O 79 107.68 -28.50 -9.01
CA ALA O 79 108.51 -28.16 -7.85
C ALA O 79 109.06 -29.40 -7.15
N GLY O 80 108.46 -30.56 -7.43
CA GLY O 80 108.98 -31.84 -6.98
C GLY O 80 110.11 -32.28 -7.88
N LYS O 81 109.86 -32.26 -9.19
CA LYS O 81 110.83 -32.67 -10.21
C LYS O 81 112.07 -31.76 -10.25
N ILE O 82 111.93 -30.53 -9.74
CA ILE O 82 113.05 -29.58 -9.64
C ILE O 82 114.07 -30.02 -8.60
N LEU O 83 113.60 -30.53 -7.47
CA LEU O 83 114.46 -31.10 -6.44
C LEU O 83 115.16 -32.38 -6.93
N VAL O 84 114.46 -33.18 -7.72
CA VAL O 84 115.01 -34.41 -8.31
C VAL O 84 116.08 -34.08 -9.35
N GLU O 85 115.85 -33.00 -10.10
CA GLU O 85 116.81 -32.53 -11.09
C GLU O 85 118.06 -31.95 -10.41
N LEU O 86 117.87 -31.38 -9.22
CA LEU O 86 118.98 -30.88 -8.41
C LEU O 86 119.68 -32.04 -7.69
N ALA O 87 118.90 -33.08 -7.39
CA ALA O 87 119.41 -34.27 -6.72
C ALA O 87 120.39 -35.03 -7.60
N GLN O 88 120.11 -35.01 -8.90
CA GLN O 88 120.97 -35.66 -9.87
C GLN O 88 122.12 -34.75 -10.28
N GLN O 89 121.86 -33.44 -10.24
CA GLN O 89 122.90 -32.43 -10.52
C GLN O 89 124.05 -32.50 -9.52
N GLN O 90 123.77 -33.06 -8.34
CA GLN O 90 124.80 -33.36 -7.36
C GLN O 90 125.59 -34.62 -7.74
N ASP O 91 124.89 -35.66 -8.18
CA ASP O 91 125.55 -36.94 -8.50
C ASP O 91 126.38 -36.85 -9.79
N ARG O 92 126.40 -35.67 -10.40
CA ARG O 92 127.23 -35.42 -11.58
C ARG O 92 128.30 -34.34 -11.33
N GLU O 93 128.29 -33.76 -10.13
CA GLU O 93 129.25 -32.72 -9.76
C GLU O 93 130.06 -33.07 -8.50
N ILE O 94 129.57 -33.99 -7.70
CA ILE O 94 130.30 -34.48 -6.54
C ILE O 94 130.26 -35.99 -6.48
N GLY O 95 129.06 -36.56 -6.63
CA GLY O 95 128.87 -38.01 -6.59
C GLY O 95 128.22 -38.49 -5.30
N ASP O 96 128.48 -37.78 -4.22
CA ASP O 96 127.87 -38.07 -2.92
C ASP O 96 127.27 -36.81 -2.31
N GLY O 97 126.28 -37.00 -1.44
CA GLY O 97 125.56 -35.87 -0.84
C GLY O 97 124.18 -35.64 -1.43
N THR O 98 123.78 -36.51 -2.36
CA THR O 98 122.52 -36.38 -3.10
C THR O 98 121.30 -36.28 -2.19
N THR O 99 121.30 -37.10 -1.14
CA THR O 99 120.22 -37.12 -0.18
C THR O 99 120.17 -35.82 0.62
N SER O 100 121.33 -35.39 1.10
CA SER O 100 121.45 -34.19 1.95
C SER O 100 120.96 -32.94 1.21
N VAL O 101 121.46 -32.74 -0.01
CA VAL O 101 121.12 -31.57 -0.85
C VAL O 101 119.62 -31.35 -1.01
N VAL O 102 118.87 -32.45 -1.17
CA VAL O 102 117.41 -32.40 -1.26
C VAL O 102 116.81 -31.90 0.06
N ILE O 103 117.22 -32.51 1.16
CA ILE O 103 116.67 -32.19 2.48
C ILE O 103 116.93 -30.73 2.86
N ILE O 104 118.10 -30.20 2.49
CA ILE O 104 118.41 -28.80 2.74
C ILE O 104 117.40 -27.90 2.00
N ALA O 105 117.32 -28.07 0.69
CA ALA O 105 116.45 -27.25 -0.15
C ALA O 105 115.03 -27.16 0.41
N SER O 106 114.46 -28.30 0.80
CA SER O 106 113.08 -28.38 1.27
C SER O 106 112.83 -27.49 2.48
N GLU O 107 113.77 -27.53 3.43
CA GLU O 107 113.66 -26.77 4.68
C GLU O 107 113.91 -25.28 4.45
N LEU O 108 114.66 -24.98 3.38
CA LEU O 108 114.91 -23.60 2.99
C LEU O 108 113.66 -22.98 2.37
N LEU O 109 112.90 -23.79 1.64
CA LEU O 109 111.59 -23.41 1.14
C LEU O 109 110.56 -23.37 2.26
N LYS O 110 110.42 -24.50 2.97
CA LYS O 110 109.47 -24.67 4.06
C LYS O 110 109.55 -23.51 5.07
N ARG O 111 110.77 -23.20 5.49
CA ARG O 111 111.01 -22.10 6.42
C ARG O 111 110.72 -20.73 5.79
N ALA O 112 111.23 -20.51 4.57
CA ALA O 112 111.05 -19.23 3.87
C ALA O 112 109.58 -18.88 3.69
N ASN O 113 108.80 -19.85 3.24
CA ASN O 113 107.37 -19.69 3.06
C ASN O 113 106.67 -19.29 4.36
N GLU O 114 107.07 -19.92 5.46
CA GLU O 114 106.49 -19.64 6.78
C GLU O 114 106.72 -18.19 7.20
N LEU O 115 107.69 -17.54 6.56
CA LEU O 115 107.90 -16.11 6.75
C LEU O 115 106.98 -15.30 5.85
N VAL O 116 106.70 -15.81 4.65
CA VAL O 116 105.76 -15.15 3.74
C VAL O 116 104.34 -15.38 4.23
N LYS O 117 104.07 -16.61 4.68
CA LYS O 117 102.80 -16.97 5.30
C LYS O 117 102.57 -16.11 6.53
N ASN O 118 103.64 -15.53 7.07
CA ASN O 118 103.52 -14.55 8.14
C ASN O 118 103.12 -13.20 7.55
N LYS O 119 104.09 -12.37 7.17
CA LYS O 119 103.85 -11.13 6.42
C LYS O 119 105.02 -10.71 5.55
N ILE O 120 106.21 -11.23 5.86
CA ILE O 120 107.46 -10.85 5.21
C ILE O 120 107.46 -11.11 3.69
N HIS O 121 107.88 -10.10 2.92
CA HIS O 121 107.92 -10.19 1.47
C HIS O 121 108.98 -11.17 0.97
N PRO O 122 108.67 -11.91 -0.11
CA PRO O 122 109.59 -12.91 -0.72
C PRO O 122 110.96 -12.38 -1.13
N THR O 123 111.01 -11.16 -1.67
CA THR O 123 112.27 -10.55 -2.09
C THR O 123 113.19 -10.34 -0.88
N THR O 124 112.60 -9.91 0.23
CA THR O 124 113.33 -9.69 1.48
C THR O 124 114.03 -10.96 1.95
N ILE O 125 113.35 -12.10 1.84
CA ILE O 125 113.90 -13.40 2.23
C ILE O 125 115.00 -13.84 1.25
N ILE O 126 114.74 -13.66 -0.04
CA ILE O 126 115.69 -14.03 -1.10
C ILE O 126 117.01 -13.24 -1.01
N THR O 127 116.92 -12.01 -0.52
CA THR O 127 118.10 -11.21 -0.18
C THR O 127 118.77 -11.77 1.08
N GLY O 128 117.96 -12.13 2.07
CA GLY O 128 118.45 -12.65 3.35
C GLY O 128 119.15 -13.99 3.24
N PHE O 129 118.72 -14.80 2.27
CA PHE O 129 119.35 -16.08 2.00
C PHE O 129 120.68 -15.85 1.27
N ARG O 130 120.67 -14.92 0.32
CA ARG O 130 121.87 -14.53 -0.44
C ARG O 130 123.01 -14.19 0.50
N VAL O 131 122.74 -13.33 1.47
CA VAL O 131 123.76 -12.87 2.43
C VAL O 131 124.22 -14.04 3.31
N ALA O 132 123.28 -14.88 3.70
CA ALA O 132 123.59 -16.05 4.52
C ALA O 132 124.55 -17.01 3.80
N LEU O 133 124.28 -17.26 2.51
CA LEU O 133 125.10 -18.19 1.74
C LEU O 133 126.51 -17.66 1.45
N ARG O 134 126.61 -16.36 1.19
CA ARG O 134 127.90 -15.70 0.98
C ARG O 134 128.79 -15.84 2.21
N GLU O 135 128.18 -15.73 3.39
CA GLU O 135 128.90 -15.82 4.66
C GLU O 135 129.20 -17.27 5.02
N ALA O 136 128.27 -18.16 4.71
CA ALA O 136 128.39 -19.59 5.02
C ALA O 136 129.58 -20.23 4.33
N ILE O 137 129.73 -19.96 3.02
CA ILE O 137 130.84 -20.49 2.23
C ILE O 137 132.17 -19.87 2.68
N ARG O 138 132.13 -18.59 3.05
CA ARG O 138 133.30 -17.87 3.57
C ARG O 138 133.80 -18.46 4.88
N PHE O 139 132.85 -18.92 5.70
CA PHE O 139 133.14 -19.58 6.98
C PHE O 139 133.64 -21.01 6.76
N ILE O 140 132.98 -21.73 5.85
CA ILE O 140 133.36 -23.12 5.54
C ILE O 140 134.82 -23.19 5.12
N ASN O 141 135.24 -22.28 4.24
CA ASN O 141 136.61 -22.21 3.75
C ASN O 141 137.64 -21.81 4.83
N GLU O 142 137.15 -21.18 5.90
CA GLU O 142 137.97 -20.91 7.09
C GLU O 142 137.69 -21.94 8.20
N VAL O 143 137.01 -23.04 7.83
CA VAL O 143 136.70 -24.16 8.73
C VAL O 143 137.02 -25.53 8.07
N LEU O 144 137.52 -25.46 6.84
CA LEU O 144 138.05 -26.64 6.14
C LEU O 144 139.45 -26.94 6.63
N SER O 145 139.86 -28.21 6.53
CA SER O 145 141.22 -28.61 6.87
C SER O 145 141.91 -29.28 5.68
N THR O 146 143.06 -28.74 5.29
CA THR O 146 143.89 -29.34 4.24
C THR O 146 144.76 -30.43 4.86
N SER O 147 144.65 -31.64 4.34
CA SER O 147 145.43 -32.77 4.86
C SER O 147 146.85 -32.72 4.30
N GLU O 154 146.37 -42.17 4.18
CA GLU O 154 145.99 -42.09 5.59
C GLU O 154 144.64 -41.40 5.79
N THR O 155 144.44 -40.29 5.08
CA THR O 155 143.22 -39.46 5.17
C THR O 155 142.12 -39.90 4.20
N LEU O 156 142.52 -40.50 3.08
CA LEU O 156 141.60 -41.02 2.07
C LEU O 156 140.83 -42.26 2.54
N ILE O 157 141.45 -43.06 3.41
CA ILE O 157 140.83 -44.26 3.98
C ILE O 157 139.62 -43.89 4.85
N ASN O 158 139.63 -42.68 5.40
CA ASN O 158 138.51 -42.17 6.19
C ASN O 158 137.37 -41.60 5.34
N ILE O 159 137.72 -40.76 4.37
CA ILE O 159 136.73 -40.15 3.46
C ILE O 159 136.00 -41.24 2.67
N ALA O 160 136.70 -42.34 2.38
CA ALA O 160 136.07 -43.52 1.78
C ALA O 160 135.09 -44.20 2.76
N LYS O 161 135.52 -44.38 4.01
CA LYS O 161 134.72 -45.05 5.04
C LYS O 161 133.56 -44.21 5.57
N THR O 162 133.62 -42.89 5.37
CA THR O 162 132.54 -41.99 5.73
C THR O 162 131.37 -42.19 4.77
N SER O 163 131.68 -42.46 3.52
CA SER O 163 130.67 -42.73 2.50
C SER O 163 130.29 -44.21 2.44
N MET O 164 130.93 -45.01 3.29
CA MET O 164 130.59 -46.42 3.41
C MET O 164 129.40 -46.60 4.33
N SER O 165 129.50 -45.97 5.52
CA SER O 165 128.39 -45.95 6.48
C SER O 165 127.24 -45.15 5.90
N SER O 166 126.02 -45.62 6.17
CA SER O 166 124.81 -45.15 5.50
C SER O 166 124.44 -46.06 4.33
N LYS O 167 125.37 -46.92 3.93
CA LYS O 167 125.13 -47.86 2.84
C LYS O 167 125.61 -49.27 3.19
N ILE O 168 125.26 -50.24 2.33
CA ILE O 168 125.41 -51.68 2.63
C ILE O 168 126.83 -52.12 3.01
N ILE O 169 127.82 -51.55 2.35
CA ILE O 169 129.22 -51.94 2.56
C ILE O 169 129.89 -51.13 3.66
N GLY O 170 129.07 -50.60 4.58
CA GLY O 170 129.57 -49.95 5.79
C GLY O 170 129.73 -50.93 6.94
N ALA O 171 129.18 -52.13 6.78
CA ALA O 171 129.34 -53.22 7.73
C ALA O 171 130.65 -53.92 7.47
N ASP O 172 131.16 -53.76 6.26
CA ASP O 172 132.49 -54.22 5.90
C ASP O 172 133.30 -53.04 5.34
N SER O 173 133.25 -51.93 6.07
CA SER O 173 133.73 -50.62 5.59
C SER O 173 135.23 -50.55 5.41
N ASP O 174 135.95 -51.26 6.28
CA ASP O 174 137.41 -51.23 6.26
C ASP O 174 137.97 -51.93 5.03
N PHE O 175 137.28 -52.99 4.58
CA PHE O 175 137.69 -53.71 3.39
C PHE O 175 137.45 -52.87 2.13
N PHE O 176 136.22 -52.40 1.98
CA PHE O 176 135.82 -51.59 0.83
C PHE O 176 136.36 -50.16 0.90
N SER O 177 137.05 -49.86 1.98
CA SER O 177 137.73 -48.58 2.12
C SER O 177 139.05 -48.65 1.35
N ASN O 178 139.87 -49.63 1.69
CA ASN O 178 141.19 -49.81 1.06
C ASN O 178 141.09 -50.35 -0.37
N MET O 179 139.95 -50.95 -0.72
CA MET O 179 139.66 -51.32 -2.10
C MET O 179 139.49 -50.06 -2.95
N VAL O 180 138.68 -49.13 -2.45
CA VAL O 180 138.37 -47.87 -3.14
C VAL O 180 139.61 -46.99 -3.34
N VAL O 181 140.29 -46.67 -2.24
CA VAL O 181 141.45 -45.78 -2.28
C VAL O 181 142.49 -46.26 -3.30
N ASP O 182 142.87 -47.54 -3.19
CA ASP O 182 143.90 -48.13 -4.05
C ASP O 182 143.50 -48.21 -5.53
N ALA O 183 142.26 -48.60 -5.80
CA ALA O 183 141.78 -48.72 -7.18
C ALA O 183 141.91 -47.41 -7.94
N LEU O 184 141.48 -46.32 -7.32
CA LEU O 184 141.51 -45.00 -7.94
C LEU O 184 142.92 -44.46 -8.02
N LEU O 185 143.65 -44.57 -6.93
CA LEU O 185 145.02 -44.08 -6.85
C LEU O 185 145.87 -44.61 -8.00
N ALA O 186 145.43 -45.73 -8.59
CA ALA O 186 146.19 -46.44 -9.60
C ALA O 186 145.98 -45.94 -11.03
N VAL O 187 145.04 -45.00 -11.23
CA VAL O 187 144.73 -44.54 -12.59
C VAL O 187 145.01 -43.06 -12.89
N LYS O 188 145.80 -42.41 -12.02
CA LYS O 188 146.20 -41.01 -12.18
C LYS O 188 146.64 -40.71 -13.62
N THR O 189 146.10 -39.64 -14.22
CA THR O 189 146.50 -39.26 -15.58
C THR O 189 146.56 -37.73 -15.74
N GLN O 190 147.35 -37.28 -16.72
CA GLN O 190 147.51 -35.86 -17.06
C GLN O 190 146.74 -35.47 -18.35
N ASN O 191 145.95 -34.40 -18.25
CA ASN O 191 145.24 -33.82 -19.40
C ASN O 191 145.54 -32.32 -19.55
N SER O 192 145.24 -31.77 -20.73
CA SER O 192 145.47 -30.35 -21.03
C SER O 192 146.84 -29.87 -20.52
N LYS O 193 147.87 -30.66 -20.81
CA LYS O 193 149.25 -30.38 -20.44
C LYS O 193 149.48 -30.02 -18.96
N GLY O 194 148.86 -30.79 -18.06
CA GLY O 194 149.10 -30.62 -16.63
C GLY O 194 147.99 -31.00 -15.66
N GLU O 195 146.74 -30.94 -16.12
CA GLU O 195 145.61 -31.32 -15.28
C GLU O 195 145.78 -32.75 -14.77
N ILE O 196 146.15 -32.87 -13.48
CA ILE O 196 146.33 -34.20 -12.86
C ILE O 196 145.02 -34.65 -12.20
N LYS O 197 144.15 -35.24 -13.02
CA LYS O 197 142.83 -35.69 -12.56
C LYS O 197 142.73 -37.22 -12.47
N TYR O 198 141.81 -37.69 -11.64
CA TYR O 198 141.57 -39.12 -11.44
C TYR O 198 140.28 -39.49 -12.16
N PRO O 199 140.39 -40.27 -13.25
CA PRO O 199 139.30 -40.51 -14.19
C PRO O 199 137.96 -40.88 -13.56
N VAL O 200 136.94 -40.11 -13.94
CA VAL O 200 135.57 -40.36 -13.53
C VAL O 200 135.10 -41.70 -14.07
N LYS O 201 135.23 -42.73 -13.23
CA LYS O 201 134.81 -44.11 -13.51
C LYS O 201 135.63 -44.82 -14.60
N ALA O 202 136.95 -44.83 -14.42
CA ALA O 202 137.83 -45.62 -15.28
C ALA O 202 138.09 -46.98 -14.64
N VAL O 203 137.74 -47.09 -13.36
CA VAL O 203 137.76 -48.37 -12.66
C VAL O 203 136.53 -49.15 -13.14
N ASN O 204 136.75 -50.14 -14.00
CA ASN O 204 135.67 -50.97 -14.51
C ASN O 204 135.16 -51.89 -13.40
N VAL O 205 133.95 -51.60 -12.92
CA VAL O 205 133.36 -52.36 -11.82
C VAL O 205 132.50 -53.49 -12.35
N LEU O 206 132.89 -54.72 -12.01
CA LEU O 206 132.11 -55.91 -12.35
C LEU O 206 131.45 -56.54 -11.13
N LYS O 207 130.23 -57.05 -11.31
CA LYS O 207 129.55 -57.78 -10.26
C LYS O 207 129.33 -59.23 -10.71
N ALA O 208 129.46 -60.16 -9.77
CA ALA O 208 129.22 -61.59 -10.02
C ALA O 208 128.78 -62.32 -8.75
N HIS O 209 127.56 -62.87 -8.79
CA HIS O 209 126.96 -63.47 -7.61
C HIS O 209 127.59 -64.81 -7.23
N GLY O 210 128.39 -64.76 -6.17
CA GLY O 210 129.03 -65.93 -5.59
C GLY O 210 129.85 -65.48 -4.41
N LYS O 211 130.44 -66.44 -3.70
CA LYS O 211 131.37 -66.18 -2.58
C LYS O 211 130.81 -65.23 -1.50
N SER O 212 131.73 -64.60 -0.76
CA SER O 212 131.40 -63.64 0.30
C SER O 212 131.60 -62.22 -0.19
N ALA O 213 131.24 -61.25 0.66
CA ALA O 213 131.47 -59.83 0.35
C ALA O 213 132.95 -59.47 0.48
N THR O 214 133.62 -60.10 1.44
CA THR O 214 135.04 -59.90 1.66
C THR O 214 135.87 -60.44 0.49
N GLU O 215 135.42 -61.53 -0.11
CA GLU O 215 136.16 -62.20 -1.19
C GLU O 215 136.06 -61.49 -2.56
N SER O 216 135.64 -60.23 -2.53
CA SER O 216 135.60 -59.41 -3.75
C SER O 216 137.02 -58.93 -4.06
N LEU O 217 137.63 -59.56 -5.06
CA LEU O 217 139.04 -59.33 -5.34
C LEU O 217 139.28 -58.22 -6.36
N LEU O 218 140.14 -57.28 -5.96
CA LEU O 218 140.62 -56.19 -6.79
C LEU O 218 141.60 -56.72 -7.83
N VAL O 219 141.49 -56.23 -9.06
CA VAL O 219 142.36 -56.67 -10.15
C VAL O 219 143.53 -55.71 -10.34
N PRO O 220 144.78 -56.20 -10.22
CA PRO O 220 145.96 -55.37 -10.48
C PRO O 220 146.23 -55.12 -11.98
N GLY O 221 145.15 -54.97 -12.75
CA GLY O 221 145.23 -54.72 -14.19
C GLY O 221 143.93 -54.17 -14.76
N TYR O 222 143.18 -55.02 -15.44
CA TYR O 222 141.89 -54.62 -15.98
C TYR O 222 140.96 -55.80 -16.21
N ALA O 223 139.67 -55.58 -15.95
CA ALA O 223 138.65 -56.61 -16.13
C ALA O 223 137.85 -56.37 -17.41
N LEU O 224 137.93 -57.33 -18.33
CA LEU O 224 137.09 -57.35 -19.51
C LEU O 224 136.00 -58.40 -19.34
N ASN O 225 134.76 -58.00 -19.62
CA ASN O 225 133.64 -58.93 -19.56
C ASN O 225 133.34 -59.56 -20.92
N CYS O 226 134.34 -60.24 -21.44
CA CYS O 226 134.26 -60.95 -22.73
C CYS O 226 135.02 -62.25 -22.61
N THR O 227 134.74 -63.18 -23.52
CA THR O 227 135.43 -64.46 -23.54
C THR O 227 136.26 -64.61 -24.80
N VAL O 228 137.20 -65.56 -24.78
CA VAL O 228 137.94 -65.90 -25.98
C VAL O 228 136.91 -66.39 -27.00
N ALA O 229 136.80 -65.64 -28.10
CA ALA O 229 135.76 -65.88 -29.11
C ALA O 229 135.63 -67.33 -29.56
N SER O 230 136.76 -67.97 -29.84
CA SER O 230 136.78 -69.38 -30.22
C SER O 230 137.23 -70.26 -29.06
N GLN O 231 136.60 -71.43 -28.97
CA GLN O 231 136.86 -72.37 -27.88
C GLN O 231 138.17 -73.14 -28.05
N ALA O 232 138.71 -73.13 -29.28
CA ALA O 232 139.96 -73.82 -29.56
C ALA O 232 141.18 -72.94 -29.29
N MET O 233 140.93 -71.68 -28.93
CA MET O 233 141.99 -70.75 -28.54
C MET O 233 142.46 -71.05 -27.12
N PRO O 234 143.68 -70.60 -26.76
CA PRO O 234 144.13 -70.79 -25.38
C PRO O 234 143.48 -69.78 -24.42
N LYS O 235 142.92 -70.28 -23.32
CA LYS O 235 142.23 -69.44 -22.34
C LYS O 235 143.18 -68.72 -21.38
N ARG O 236 144.48 -68.77 -21.70
CA ARG O 236 145.54 -68.08 -20.93
C ARG O 236 146.85 -67.98 -21.71
N ILE O 237 147.56 -66.87 -21.52
CA ILE O 237 148.95 -66.70 -21.99
C ILE O 237 149.79 -65.98 -20.92
N ALA O 238 150.81 -66.68 -20.41
CA ALA O 238 151.51 -66.26 -19.18
C ALA O 238 152.98 -65.90 -19.36
N GLY O 239 153.55 -65.24 -18.35
CA GLY O 239 154.94 -64.81 -18.37
C GLY O 239 155.07 -63.33 -18.72
N GLY O 240 156.26 -62.78 -18.54
CA GLY O 240 156.52 -61.37 -18.84
C GLY O 240 156.37 -61.00 -20.31
N ASN O 241 156.20 -59.71 -20.57
CA ASN O 241 156.08 -59.17 -21.93
C ASN O 241 155.09 -59.89 -22.86
N VAL O 242 153.80 -59.68 -22.61
CA VAL O 242 152.74 -60.21 -23.46
C VAL O 242 152.25 -59.10 -24.40
N LYS O 243 152.06 -59.44 -25.68
CA LYS O 243 151.64 -58.46 -26.68
C LYS O 243 150.12 -58.46 -26.91
N ILE O 244 149.52 -57.27 -26.84
CA ILE O 244 148.06 -57.09 -26.96
C ILE O 244 147.68 -56.16 -28.11
N ALA O 245 146.91 -56.68 -29.05
CA ALA O 245 146.44 -55.90 -30.18
C ALA O 245 145.07 -55.26 -29.94
N CYS O 246 145.06 -53.95 -29.70
CA CYS O 246 143.83 -53.21 -29.51
C CYS O 246 143.26 -52.75 -30.85
N LEU O 247 142.35 -53.54 -31.40
CA LEU O 247 141.76 -53.25 -32.71
C LEU O 247 140.39 -52.57 -32.63
N ASP O 248 139.94 -52.04 -33.76
CA ASP O 248 138.72 -51.24 -33.84
C ASP O 248 137.94 -51.52 -35.14
N LEU O 249 138.60 -52.08 -36.14
CA LEU O 249 137.94 -52.45 -37.40
C LEU O 249 137.69 -53.96 -37.49
N ASN O 250 136.52 -54.33 -38.01
CA ASN O 250 136.10 -55.73 -38.08
C ASN O 250 136.88 -56.59 -39.06
N LEU O 251 137.04 -57.85 -38.71
CA LEU O 251 137.77 -58.83 -39.51
C LEU O 251 136.80 -59.85 -40.14
N GLN O 252 136.09 -59.40 -41.17
CA GLN O 252 135.11 -60.23 -41.88
C GLN O 252 135.20 -59.93 -43.38
N LYS O 253 134.34 -60.54 -44.19
CA LYS O 253 134.28 -60.25 -45.63
C LYS O 253 133.40 -59.05 -45.94
N ALA O 254 133.84 -58.23 -46.89
CA ALA O 254 133.15 -56.98 -47.24
C ALA O 254 132.21 -57.12 -48.43
N ARG O 255 131.08 -56.42 -48.37
CA ARG O 255 130.27 -56.12 -49.54
C ARG O 255 131.07 -55.09 -50.31
N MET O 256 130.89 -55.03 -51.63
CA MET O 256 131.77 -54.18 -52.46
C MET O 256 131.88 -52.74 -51.94
N ALA O 257 132.93 -52.51 -51.15
CA ALA O 257 133.18 -51.27 -50.40
C ALA O 257 131.92 -50.51 -50.01
N MET O 258 131.48 -49.60 -50.88
CA MET O 258 130.27 -48.82 -50.65
C MET O 258 129.44 -48.65 -51.92
N GLY O 259 129.87 -47.73 -52.79
CA GLY O 259 129.15 -47.46 -54.03
C GLY O 259 129.55 -48.39 -55.16
N VAL O 260 130.15 -49.52 -54.79
CA VAL O 260 130.67 -50.47 -55.77
C VAL O 260 129.69 -51.60 -56.05
N GLN O 261 129.54 -51.93 -57.32
CA GLN O 261 128.68 -53.03 -57.77
C GLN O 261 129.46 -53.92 -58.73
N ILE O 262 128.92 -55.11 -58.98
CA ILE O 262 129.57 -56.08 -59.85
C ILE O 262 128.76 -56.35 -61.11
N ASN O 263 129.43 -56.27 -62.27
CA ASN O 263 128.91 -56.84 -63.49
C ASN O 263 129.87 -57.90 -64.00
N ILE O 264 129.58 -59.15 -63.66
CA ILE O 264 130.35 -60.28 -64.18
C ILE O 264 130.08 -60.40 -65.67
N ASP O 265 131.14 -60.29 -66.47
CA ASP O 265 131.03 -60.37 -67.91
C ASP O 265 131.79 -61.59 -68.43
N ASP O 266 132.94 -61.86 -67.84
CA ASP O 266 133.72 -63.04 -68.17
C ASP O 266 133.64 -64.05 -67.03
N PRO O 267 132.85 -65.13 -67.21
CA PRO O 267 132.60 -66.23 -66.28
C PRO O 267 133.75 -66.54 -65.31
N GLU O 268 134.98 -66.56 -65.83
CA GLU O 268 136.16 -66.89 -65.02
C GLU O 268 136.37 -65.96 -63.81
N GLN O 269 135.75 -64.78 -63.83
CA GLN O 269 135.91 -63.78 -62.77
C GLN O 269 135.03 -63.99 -61.53
N LEU O 270 134.07 -64.91 -61.63
CA LEU O 270 133.20 -65.24 -60.49
C LEU O 270 134.01 -65.65 -59.28
N GLU O 271 134.86 -66.66 -59.46
CA GLU O 271 135.73 -67.15 -58.40
C GLU O 271 136.96 -66.28 -58.18
N GLN O 272 137.36 -65.51 -59.19
CA GLN O 272 138.48 -64.56 -59.07
C GLN O 272 138.14 -63.41 -58.12
N ILE O 273 136.88 -62.97 -58.18
CA ILE O 273 136.37 -61.92 -57.30
C ILE O 273 135.94 -62.50 -55.94
N ARG O 274 135.25 -63.64 -55.98
CA ARG O 274 134.72 -64.30 -54.78
C ARG O 274 135.80 -64.64 -53.75
N LYS O 275 136.89 -65.24 -54.22
CA LYS O 275 138.01 -65.61 -53.35
C LYS O 275 138.71 -64.40 -52.75
N ARG O 276 138.86 -63.34 -53.54
CA ARG O 276 139.57 -62.13 -53.13
C ARG O 276 138.85 -61.37 -52.01
N GLU O 277 137.58 -61.69 -51.79
CA GLU O 277 136.81 -61.17 -50.65
C GLU O 277 137.21 -61.86 -49.34
N ALA O 278 138.00 -62.93 -49.47
CA ALA O 278 138.61 -63.61 -48.33
C ALA O 278 140.00 -63.05 -48.07
N GLY O 279 140.71 -62.77 -49.17
CA GLY O 279 142.09 -62.29 -49.12
C GLY O 279 142.33 -61.06 -48.27
N ILE O 280 141.68 -59.95 -48.63
CA ILE O 280 141.91 -58.65 -47.98
C ILE O 280 141.79 -58.73 -46.47
N VAL O 281 140.94 -59.63 -46.00
CA VAL O 281 140.83 -59.93 -44.59
C VAL O 281 142.02 -60.77 -44.15
N LEU O 282 142.18 -61.94 -44.78
CA LEU O 282 143.28 -62.87 -44.48
C LEU O 282 144.65 -62.21 -44.50
N GLU O 283 144.82 -61.22 -45.39
CA GLU O 283 146.06 -60.45 -45.49
C GLU O 283 146.22 -59.47 -44.33
N ARG O 284 145.10 -58.89 -43.89
CA ARG O 284 145.09 -57.98 -42.76
C ARG O 284 145.16 -58.75 -41.44
N VAL O 285 144.73 -60.01 -41.48
CA VAL O 285 144.89 -60.95 -40.36
C VAL O 285 146.36 -61.32 -40.21
N LYS O 286 146.99 -61.62 -41.35
CA LYS O 286 148.41 -62.00 -41.40
C LYS O 286 149.31 -60.87 -40.88
N LYS O 287 149.06 -59.64 -41.32
CA LYS O 287 149.85 -58.47 -40.90
C LYS O 287 149.64 -58.08 -39.42
N ILE O 288 148.84 -58.87 -38.70
CA ILE O 288 148.65 -58.68 -37.26
C ILE O 288 149.21 -59.88 -36.49
N ILE O 289 149.08 -61.08 -37.06
CA ILE O 289 149.76 -62.26 -36.54
C ILE O 289 151.27 -62.08 -36.65
N ASP O 290 151.70 -61.61 -37.83
CA ASP O 290 153.12 -61.43 -38.15
C ASP O 290 153.78 -60.24 -37.46
N ALA O 291 152.98 -59.32 -36.94
CA ALA O 291 153.51 -58.20 -36.17
C ALA O 291 154.00 -58.65 -34.79
N GLY O 292 153.55 -59.83 -34.36
CA GLY O 292 154.00 -60.44 -33.11
C GLY O 292 152.95 -60.45 -32.01
N ALA O 293 151.68 -60.35 -32.40
CA ALA O 293 150.58 -60.26 -31.44
C ALA O 293 150.15 -61.64 -30.92
N GLN O 294 150.11 -61.78 -29.59
CA GLN O 294 149.68 -63.03 -28.95
C GLN O 294 148.23 -62.95 -28.48
N VAL O 295 147.74 -61.71 -28.30
CA VAL O 295 146.37 -61.45 -27.88
C VAL O 295 145.76 -60.33 -28.74
N VAL O 296 144.54 -60.56 -29.22
CA VAL O 296 143.85 -59.62 -30.10
C VAL O 296 142.47 -59.25 -29.54
N LEU O 297 142.23 -57.96 -29.35
CA LEU O 297 140.97 -57.47 -28.82
C LEU O 297 140.34 -56.48 -29.80
N THR O 298 139.18 -56.84 -30.35
CA THR O 298 138.54 -56.05 -31.41
C THR O 298 137.18 -55.52 -31.03
N THR O 299 136.98 -54.22 -31.26
CA THR O 299 135.69 -53.55 -31.06
C THR O 299 134.59 -54.17 -31.92
N LYS O 300 134.86 -54.33 -33.21
CA LYS O 300 133.88 -54.88 -34.14
C LYS O 300 134.01 -56.40 -34.30
N GLY O 301 133.43 -56.96 -35.36
CA GLY O 301 133.25 -58.42 -35.47
C GLY O 301 134.37 -59.27 -36.06
N ILE O 302 134.55 -60.46 -35.50
CA ILE O 302 135.52 -61.45 -36.00
C ILE O 302 134.79 -62.58 -36.72
N ASP O 303 135.08 -62.74 -38.02
CA ASP O 303 134.48 -63.80 -38.82
C ASP O 303 135.02 -65.16 -38.39
N ASP O 304 134.24 -66.21 -38.63
CA ASP O 304 134.65 -67.58 -38.37
C ASP O 304 135.83 -67.96 -39.28
N LEU O 305 135.94 -67.25 -40.40
CA LEU O 305 137.05 -67.36 -41.33
C LEU O 305 138.37 -66.94 -40.67
N CYS O 306 138.35 -65.83 -39.93
CA CYS O 306 139.55 -65.27 -39.32
C CYS O 306 139.88 -65.90 -37.96
N LEU O 307 138.90 -66.59 -37.37
CA LEU O 307 139.11 -67.32 -36.12
C LEU O 307 140.02 -68.51 -36.37
N LYS O 308 139.70 -69.27 -37.43
CA LYS O 308 140.49 -70.42 -37.86
C LYS O 308 141.97 -70.08 -37.96
N GLU O 309 142.25 -68.80 -38.26
CA GLU O 309 143.63 -68.31 -38.38
C GLU O 309 144.27 -68.05 -37.01
N PHE O 310 143.48 -67.53 -36.07
CA PHE O 310 143.99 -67.26 -34.73
C PHE O 310 144.10 -68.53 -33.88
N VAL O 311 143.28 -69.53 -34.21
CA VAL O 311 143.22 -70.79 -33.46
C VAL O 311 144.49 -71.63 -33.66
N GLU O 312 144.82 -71.90 -34.93
CA GLU O 312 146.03 -72.64 -35.27
C GLU O 312 147.27 -71.92 -34.75
N ALA O 313 147.21 -70.59 -34.74
CA ALA O 313 148.34 -69.75 -34.32
C ALA O 313 148.46 -69.54 -32.81
N LYS O 314 147.55 -70.16 -32.05
CA LYS O 314 147.51 -70.07 -30.57
C LYS O 314 147.31 -68.64 -30.04
N ILE O 315 146.67 -67.80 -30.86
CA ILE O 315 146.41 -66.42 -30.48
C ILE O 315 145.01 -66.28 -29.88
N MET O 316 144.99 -65.95 -28.59
CA MET O 316 143.77 -65.69 -27.85
C MET O 316 143.15 -64.37 -28.34
N GLY O 317 142.07 -64.48 -29.12
CA GLY O 317 141.44 -63.32 -29.77
C GLY O 317 139.98 -63.12 -29.38
N VAL O 318 139.66 -61.92 -28.91
CA VAL O 318 138.32 -61.56 -28.43
C VAL O 318 137.52 -60.76 -29.46
N ARG O 319 136.22 -60.99 -29.51
CA ARG O 319 135.33 -60.28 -30.44
C ARG O 319 134.25 -59.44 -29.74
N ARG O 320 133.79 -58.39 -30.44
CA ARG O 320 132.69 -57.54 -29.99
C ARG O 320 132.84 -57.02 -28.56
N CYS O 321 133.96 -56.37 -28.27
CA CYS O 321 134.17 -55.78 -26.95
C CYS O 321 133.91 -54.28 -26.95
N LYS O 322 133.49 -53.75 -25.81
CA LYS O 322 133.15 -52.33 -25.67
C LYS O 322 134.39 -51.46 -25.88
N LYS O 323 134.27 -50.46 -26.76
CA LYS O 323 135.37 -49.56 -27.10
C LYS O 323 135.73 -48.63 -25.95
N GLU O 324 134.80 -48.47 -25.00
CA GLU O 324 135.05 -47.74 -23.77
C GLU O 324 136.14 -48.45 -22.96
N ASP O 325 135.97 -49.77 -22.80
CA ASP O 325 136.95 -50.60 -22.09
C ASP O 325 138.30 -50.62 -22.81
N LEU O 326 138.27 -50.71 -24.13
CA LEU O 326 139.46 -50.95 -24.93
C LEU O 326 140.42 -49.77 -24.98
N ARG O 327 139.88 -48.54 -24.92
CA ARG O 327 140.71 -47.33 -24.89
C ARG O 327 141.44 -47.15 -23.56
N ARG O 328 140.83 -47.64 -22.48
CA ARG O 328 141.45 -47.59 -21.17
C ARG O 328 142.54 -48.67 -21.04
N ILE O 329 142.38 -49.76 -21.80
CA ILE O 329 143.41 -50.79 -21.95
C ILE O 329 144.55 -50.25 -22.82
N ALA O 330 144.21 -49.43 -23.80
CA ALA O 330 145.19 -48.78 -24.67
C ALA O 330 146.01 -47.77 -23.87
N ARG O 331 145.34 -47.03 -22.99
CA ARG O 331 146.00 -46.07 -22.10
C ARG O 331 146.94 -46.80 -21.12
N ALA O 332 146.54 -48.02 -20.74
CA ALA O 332 147.19 -48.77 -19.65
C ALA O 332 148.28 -49.77 -20.07
N THR O 333 148.07 -50.48 -21.17
CA THR O 333 149.04 -51.49 -21.64
C THR O 333 150.16 -50.86 -22.45
N GLY O 334 149.86 -49.73 -23.09
CA GLY O 334 150.83 -49.02 -23.91
C GLY O 334 150.52 -49.15 -25.39
N ALA O 335 149.49 -49.93 -25.70
CA ALA O 335 149.04 -50.13 -27.07
C ALA O 335 148.55 -48.83 -27.69
N THR O 336 148.03 -48.93 -28.91
CA THR O 336 147.35 -47.82 -29.56
C THR O 336 146.13 -48.38 -30.29
N LEU O 337 144.96 -47.77 -30.05
CA LEU O 337 143.73 -48.18 -30.70
C LEU O 337 143.79 -48.03 -32.22
N VAL O 338 143.60 -49.14 -32.93
CA VAL O 338 143.78 -49.18 -34.38
C VAL O 338 142.46 -49.10 -35.14
N SER O 339 142.08 -47.89 -35.54
CA SER O 339 140.85 -47.67 -36.30
C SER O 339 140.92 -48.24 -37.72
N SER O 340 142.08 -48.08 -38.35
CA SER O 340 142.42 -48.68 -39.65
C SER O 340 143.80 -48.20 -40.09
N MET O 341 144.70 -49.15 -40.33
CA MET O 341 146.10 -48.84 -40.59
C MET O 341 146.40 -48.60 -42.06
N SER O 342 146.72 -47.35 -42.40
CA SER O 342 147.24 -46.98 -43.73
C SER O 342 148.37 -45.96 -43.54
N ASN O 343 149.54 -46.26 -44.08
CA ASN O 343 150.75 -45.50 -43.77
C ASN O 343 150.83 -44.11 -44.40
N LEU O 344 152.05 -43.56 -44.44
CA LEU O 344 152.33 -42.32 -45.18
C LEU O 344 152.04 -42.49 -46.68
N GLU O 345 152.56 -43.57 -47.25
CA GLU O 345 152.12 -44.04 -48.57
C GLU O 345 150.78 -44.77 -48.39
N GLY O 346 150.10 -45.06 -49.49
CA GLY O 346 148.75 -45.67 -49.44
C GLY O 346 148.68 -47.08 -48.86
N GLU O 347 149.84 -47.72 -48.70
CA GLU O 347 149.95 -49.11 -48.24
C GLU O 347 149.44 -49.33 -46.82
N GLU O 348 148.81 -50.49 -46.62
CA GLU O 348 148.20 -50.84 -45.34
C GLU O 348 149.16 -51.67 -44.48
N THR O 349 149.83 -50.99 -43.55
CA THR O 349 150.87 -51.59 -42.72
C THR O 349 150.57 -51.50 -41.22
N PHE O 350 151.15 -52.41 -40.44
CA PHE O 350 150.89 -52.54 -38.99
C PHE O 350 152.17 -52.82 -38.21
N GLU O 351 152.90 -51.78 -37.84
CA GLU O 351 154.16 -51.94 -37.12
C GLU O 351 153.97 -52.58 -35.74
N SER O 352 154.98 -53.31 -35.31
CA SER O 352 154.95 -54.10 -34.07
C SER O 352 154.88 -53.24 -32.80
N SER O 353 155.13 -51.94 -32.95
CA SER O 353 155.19 -51.00 -31.83
C SER O 353 153.80 -50.60 -31.35
N TYR O 354 152.79 -51.01 -32.12
CA TYR O 354 151.39 -50.66 -31.84
C TYR O 354 150.76 -51.42 -30.67
N LEU O 355 151.47 -52.42 -30.17
CA LEU O 355 150.91 -53.33 -29.17
C LEU O 355 151.29 -52.92 -27.75
N GLY O 356 150.49 -53.37 -26.80
CA GLY O 356 150.74 -53.08 -25.40
C GLY O 356 151.62 -54.13 -24.76
N LEU O 357 152.14 -53.81 -23.58
CA LEU O 357 152.92 -54.75 -22.80
C LEU O 357 152.20 -54.96 -21.47
N CYS O 358 152.12 -56.21 -21.02
CA CYS O 358 151.53 -56.54 -19.72
C CYS O 358 152.24 -57.74 -19.07
N ASP O 359 151.61 -58.34 -18.07
CA ASP O 359 152.17 -59.49 -17.39
C ASP O 359 151.44 -60.79 -17.79
N GLU O 360 150.11 -60.78 -17.71
CA GLU O 360 149.31 -61.95 -18.04
C GLU O 360 147.98 -61.58 -18.68
N VAL O 361 147.48 -62.48 -19.54
CA VAL O 361 146.12 -62.37 -20.06
C VAL O 361 145.39 -63.68 -19.73
N VAL O 362 144.67 -63.65 -18.61
CA VAL O 362 144.00 -64.84 -18.06
C VAL O 362 142.49 -64.69 -18.17
N GLN O 363 141.82 -65.74 -18.60
CA GLN O 363 140.37 -65.81 -18.54
C GLN O 363 139.98 -66.59 -17.27
N ALA O 364 139.37 -65.90 -16.31
CA ALA O 364 139.06 -66.50 -15.01
C ALA O 364 137.58 -66.82 -14.86
N LYS O 365 137.29 -68.01 -14.33
CA LYS O 365 135.91 -68.46 -14.14
C LYS O 365 135.35 -68.06 -12.78
N PHE O 366 134.50 -67.04 -12.78
CA PHE O 366 133.77 -66.62 -11.59
C PHE O 366 132.35 -67.18 -11.61
N SER O 367 131.92 -67.76 -10.49
CA SER O 367 130.54 -68.22 -10.28
C SER O 367 129.70 -68.38 -11.56
N ASP O 368 129.99 -69.44 -12.32
CA ASP O 368 129.30 -69.74 -13.58
C ASP O 368 129.33 -68.54 -14.55
N ASP O 369 130.53 -68.23 -15.03
CA ASP O 369 130.78 -67.11 -15.95
C ASP O 369 132.29 -66.82 -16.03
N GLU O 370 132.86 -67.04 -17.20
CA GLU O 370 134.28 -66.75 -17.42
C GLU O 370 134.44 -65.37 -18.03
N CYS O 371 135.50 -64.67 -17.62
CA CYS O 371 135.83 -63.34 -18.16
C CYS O 371 137.35 -63.11 -18.17
N ILE O 372 137.82 -62.30 -19.12
CA ILE O 372 139.24 -62.12 -19.37
C ILE O 372 139.86 -60.97 -18.57
N LEU O 373 140.88 -61.32 -17.80
CA LEU O 373 141.68 -60.36 -17.05
C LEU O 373 143.01 -60.07 -17.75
N ILE O 374 143.29 -58.79 -17.94
CA ILE O 374 144.60 -58.35 -18.42
C ILE O 374 145.41 -57.91 -17.21
N LYS O 375 146.19 -58.83 -16.67
CA LYS O 375 146.92 -58.60 -15.42
C LYS O 375 148.31 -58.00 -15.63
N GLY O 376 148.69 -57.12 -14.70
CA GLY O 376 150.02 -56.51 -14.66
C GLY O 376 150.36 -55.63 -15.85
N THR O 377 149.70 -54.48 -15.94
CA THR O 377 149.86 -53.58 -17.06
C THR O 377 151.20 -52.85 -16.97
N SER O 378 151.82 -52.58 -18.11
CA SER O 378 153.17 -51.98 -18.13
C SER O 378 153.16 -50.45 -18.23
N LYS O 379 152.38 -49.90 -19.16
CA LYS O 379 152.37 -48.46 -19.44
C LYS O 379 152.02 -47.61 -18.23
N HIS O 380 151.00 -48.01 -17.49
CA HIS O 380 150.63 -47.35 -16.25
C HIS O 380 149.78 -48.30 -15.42
N SER O 381 149.67 -48.01 -14.12
CA SER O 381 148.83 -48.80 -13.22
C SER O 381 147.39 -48.74 -13.71
N SER O 382 146.70 -49.86 -13.61
CA SER O 382 145.29 -49.95 -13.97
C SER O 382 144.58 -50.79 -12.93
N SER O 383 143.38 -50.35 -12.54
CA SER O 383 142.65 -51.01 -11.48
C SER O 383 141.20 -51.32 -11.84
N SER O 384 140.73 -52.48 -11.39
CA SER O 384 139.35 -52.94 -11.60
C SER O 384 138.87 -53.75 -10.39
N ILE O 385 137.59 -53.61 -10.06
CA ILE O 385 136.97 -54.32 -8.93
C ILE O 385 135.95 -55.34 -9.43
N ILE O 386 136.03 -56.56 -8.91
CA ILE O 386 134.99 -57.57 -9.19
C ILE O 386 134.26 -57.95 -7.91
N LEU O 387 133.01 -57.51 -7.81
CA LEU O 387 132.20 -57.66 -6.60
C LEU O 387 131.55 -59.02 -6.50
N ARG O 388 131.52 -59.56 -5.29
CA ARG O 388 130.89 -60.85 -4.98
C ARG O 388 129.89 -60.68 -3.81
N GLY O 389 128.73 -61.35 -3.92
CA GLY O 389 127.69 -61.21 -2.89
C GLY O 389 126.54 -62.18 -3.06
N ALA O 390 125.49 -61.97 -2.26
CA ALA O 390 124.33 -62.87 -2.22
C ALA O 390 123.61 -63.00 -3.57
N ASN O 391 122.81 -62.00 -3.91
CA ASN O 391 122.08 -61.97 -5.18
C ASN O 391 122.33 -60.67 -5.98
N ASP O 392 121.56 -60.46 -7.03
CA ASP O 392 121.75 -59.32 -7.92
C ASP O 392 121.35 -58.00 -7.28
N TYR O 393 120.37 -58.04 -6.38
CA TYR O 393 119.88 -56.86 -5.68
C TYR O 393 120.92 -56.35 -4.68
N SER O 394 121.65 -57.31 -4.08
CA SER O 394 122.75 -57.00 -3.18
C SER O 394 123.86 -56.29 -3.93
N LEU O 395 124.36 -56.94 -4.99
CA LEU O 395 125.48 -56.42 -5.79
C LEU O 395 125.17 -55.09 -6.45
N ASP O 396 123.94 -54.94 -6.95
CA ASP O 396 123.52 -53.72 -7.62
C ASP O 396 123.76 -52.49 -6.74
N GLU O 397 123.40 -52.61 -5.47
CA GLU O 397 123.49 -51.48 -4.55
C GLU O 397 124.93 -51.21 -4.10
N MET O 398 125.69 -52.27 -3.78
CA MET O 398 127.09 -52.09 -3.37
C MET O 398 127.99 -51.54 -4.48
N GLU O 399 127.55 -51.68 -5.72
CA GLU O 399 128.20 -51.04 -6.87
C GLU O 399 127.86 -49.56 -6.89
N ARG O 400 126.59 -49.24 -6.58
CA ARG O 400 126.13 -47.85 -6.47
C ARG O 400 126.69 -47.18 -5.23
N SER O 401 127.06 -48.01 -4.24
CA SER O 401 127.69 -47.51 -3.03
C SER O 401 129.19 -47.27 -3.27
N LEU O 402 129.79 -48.11 -4.11
CA LEU O 402 131.17 -47.91 -4.53
C LEU O 402 131.29 -46.63 -5.36
N HIS O 403 130.44 -46.49 -6.38
CA HIS O 403 130.45 -45.29 -7.24
C HIS O 403 130.36 -44.02 -6.40
N ASP O 404 129.56 -44.07 -5.34
CA ASP O 404 129.41 -42.97 -4.41
C ASP O 404 130.70 -42.75 -3.59
N SER O 405 131.35 -43.85 -3.22
CA SER O 405 132.58 -43.81 -2.40
C SER O 405 133.86 -43.57 -3.22
N LEU O 406 133.87 -44.01 -4.48
CA LEU O 406 134.95 -43.74 -5.42
C LEU O 406 134.93 -42.27 -5.81
N SER O 407 133.77 -41.65 -5.70
CA SER O 407 133.58 -40.26 -6.07
C SER O 407 134.13 -39.31 -4.99
N VAL O 408 133.76 -39.53 -3.73
CA VAL O 408 134.23 -38.67 -2.65
C VAL O 408 135.76 -38.63 -2.55
N VAL O 409 136.41 -39.77 -2.82
CA VAL O 409 137.87 -39.88 -2.82
C VAL O 409 138.46 -39.09 -3.98
N LYS O 410 137.79 -39.16 -5.14
CA LYS O 410 138.21 -38.43 -6.32
C LYS O 410 138.23 -36.92 -6.10
N ARG O 411 137.20 -36.41 -5.41
CA ARG O 411 137.04 -34.97 -5.20
C ARG O 411 137.96 -34.45 -4.10
N THR O 412 138.47 -35.36 -3.28
CA THR O 412 139.47 -35.03 -2.27
C THR O 412 140.86 -34.99 -2.91
N LEU O 413 141.09 -35.88 -3.87
CA LEU O 413 142.32 -35.90 -4.64
C LEU O 413 142.40 -34.69 -5.59
N GLU O 414 141.26 -34.31 -6.17
CA GLU O 414 141.20 -33.14 -7.04
C GLU O 414 141.36 -31.82 -6.26
N SER O 415 140.61 -31.68 -5.17
CA SER O 415 140.63 -30.47 -4.33
C SER O 415 141.28 -30.73 -2.97
N GLY O 416 142.41 -30.06 -2.72
CA GLY O 416 143.16 -30.22 -1.48
C GLY O 416 142.52 -29.57 -0.26
N ASN O 417 141.31 -30.05 0.07
CA ASN O 417 140.52 -29.55 1.19
C ASN O 417 139.48 -30.59 1.62
N VAL O 418 139.25 -30.71 2.93
CA VAL O 418 138.18 -31.55 3.47
C VAL O 418 137.45 -30.86 4.59
N VAL O 419 136.20 -31.26 4.82
CA VAL O 419 135.42 -30.73 5.93
C VAL O 419 135.14 -31.82 6.95
N PRO O 420 135.32 -31.48 8.24
CA PRO O 420 134.89 -32.37 9.31
C PRO O 420 133.37 -32.56 9.27
N GLY O 421 132.94 -33.69 8.74
CA GLY O 421 131.51 -33.99 8.60
C GLY O 421 130.85 -34.33 9.93
N GLY O 422 129.95 -35.30 9.91
CA GLY O 422 129.24 -35.70 11.12
C GLY O 422 128.33 -34.59 11.61
N GLY O 423 127.87 -33.78 10.66
CA GLY O 423 126.91 -32.71 10.93
C GLY O 423 127.41 -31.61 11.85
N CYS O 424 128.73 -31.41 11.90
CA CYS O 424 129.27 -30.30 12.67
C CYS O 424 129.58 -29.10 11.78
N VAL O 425 129.63 -29.33 10.47
CA VAL O 425 129.70 -28.25 9.50
C VAL O 425 128.41 -27.46 9.65
N GLU O 426 127.30 -28.18 9.60
CA GLU O 426 125.96 -27.61 9.64
C GLU O 426 125.70 -26.94 10.99
N ALA O 427 126.09 -27.61 12.07
CA ALA O 427 125.84 -27.14 13.42
C ALA O 427 126.60 -25.86 13.77
N ALA O 428 127.81 -25.74 13.22
CA ALA O 428 128.63 -24.56 13.45
C ALA O 428 128.05 -23.34 12.74
N LEU O 429 127.60 -23.54 11.50
CA LEU O 429 126.99 -22.48 10.73
C LEU O 429 125.74 -21.95 11.42
N ASN O 430 124.99 -22.85 12.06
CA ASN O 430 123.78 -22.50 12.80
C ASN O 430 123.96 -21.26 13.65
N ILE O 431 124.88 -21.33 14.59
CA ILE O 431 125.04 -20.25 15.57
C ILE O 431 125.80 -19.07 14.97
N TYR O 432 126.79 -19.35 14.13
CA TYR O 432 127.57 -18.28 13.49
C TYR O 432 126.66 -17.36 12.67
N LEU O 433 125.83 -17.95 11.82
CA LEU O 433 124.90 -17.20 11.01
C LEU O 433 123.78 -16.58 11.85
N ASP O 434 123.45 -17.23 12.97
CA ASP O 434 122.45 -16.68 13.88
C ASP O 434 122.97 -15.44 14.58
N ASN O 435 124.26 -15.43 14.91
CA ASN O 435 124.89 -14.25 15.47
C ASN O 435 125.19 -13.18 14.44
N PHE O 436 125.39 -13.60 13.19
CA PHE O 436 125.59 -12.66 12.09
C PHE O 436 124.31 -11.90 11.75
N ALA O 437 123.17 -12.46 12.17
CA ALA O 437 121.84 -11.90 11.87
C ALA O 437 121.65 -10.48 12.38
N THR O 438 122.33 -10.14 13.48
CA THR O 438 122.21 -8.81 14.09
C THR O 438 123.04 -7.76 13.33
N THR O 439 124.01 -8.23 12.54
CA THR O 439 124.89 -7.34 11.76
C THR O 439 124.12 -6.57 10.69
N VAL O 440 123.06 -7.18 10.15
CA VAL O 440 122.19 -6.56 9.14
C VAL O 440 120.95 -5.92 9.79
N GLY O 441 120.19 -6.73 10.53
CA GLY O 441 119.01 -6.23 11.26
C GLY O 441 117.77 -6.03 10.41
N SER O 442 116.81 -5.30 10.97
CA SER O 442 115.48 -5.08 10.38
C SER O 442 114.72 -6.38 10.10
N ARG O 443 113.96 -6.38 9.00
CA ARG O 443 113.24 -7.56 8.56
C ARG O 443 114.23 -8.64 8.11
N GLU O 444 115.28 -8.21 7.40
CA GLU O 444 116.31 -9.11 6.84
C GLU O 444 116.91 -10.07 7.87
N GLN O 445 116.71 -9.77 9.15
CA GLN O 445 117.24 -10.57 10.24
C GLN O 445 116.55 -11.92 10.33
N LEU O 446 115.22 -11.90 10.39
CA LEU O 446 114.41 -13.11 10.54
C LEU O 446 114.70 -14.16 9.46
N ALA O 447 115.05 -13.70 8.26
CA ALA O 447 115.33 -14.58 7.13
C ALA O 447 116.60 -15.38 7.36
N ILE O 448 117.70 -14.68 7.64
CA ILE O 448 118.99 -15.30 7.93
C ILE O 448 118.87 -16.23 9.14
N ALA O 449 118.10 -15.80 10.14
CA ALA O 449 117.82 -16.59 11.33
C ALA O 449 117.06 -17.87 10.98
N GLU O 450 116.13 -17.78 10.02
CA GLU O 450 115.43 -18.94 9.51
C GLU O 450 116.34 -19.83 8.68
N PHE O 451 117.22 -19.22 7.88
CA PHE O 451 118.23 -19.93 7.10
C PHE O 451 119.17 -20.70 8.03
N ALA O 452 119.70 -20.00 9.04
CA ALA O 452 120.62 -20.60 10.01
C ALA O 452 119.97 -21.79 10.71
N ALA O 453 118.70 -21.63 11.08
CA ALA O 453 117.94 -22.68 11.74
C ALA O 453 117.50 -23.77 10.76
N ALA O 454 117.48 -23.45 9.46
CA ALA O 454 117.09 -24.43 8.44
C ALA O 454 118.18 -25.49 8.18
N LEU O 455 119.41 -25.16 8.59
CA LEU O 455 120.55 -26.07 8.48
C LEU O 455 120.56 -27.13 9.58
N LEU O 456 119.64 -27.00 10.54
CA LEU O 456 119.52 -27.93 11.67
C LEU O 456 119.02 -29.30 11.25
N ILE O 457 118.37 -29.38 10.09
CA ILE O 457 117.73 -30.61 9.64
C ILE O 457 118.68 -31.79 9.47
N ILE O 458 119.86 -31.55 8.90
CA ILE O 458 120.86 -32.61 8.75
C ILE O 458 121.18 -33.24 10.11
N PRO O 459 121.73 -32.44 11.06
CA PRO O 459 122.00 -32.98 12.39
C PRO O 459 120.76 -33.53 13.11
N LYS O 460 119.60 -32.90 12.88
CA LYS O 460 118.34 -33.33 13.51
C LYS O 460 117.92 -34.72 13.02
N THR O 461 117.82 -34.89 11.71
CA THR O 461 117.34 -36.15 11.12
C THR O 461 118.35 -37.29 11.22
N LEU O 462 119.63 -36.95 11.42
CA LEU O 462 120.64 -37.96 11.69
C LEU O 462 120.26 -38.76 12.94
N ALA O 463 119.91 -38.03 14.00
CA ALA O 463 119.61 -38.61 15.31
C ALA O 463 118.19 -39.14 15.46
N VAL O 464 117.26 -38.59 14.69
CA VAL O 464 115.89 -39.08 14.62
C VAL O 464 115.91 -40.54 14.19
N ASN O 465 116.71 -40.83 13.16
CA ASN O 465 116.83 -42.17 12.57
C ASN O 465 117.39 -43.25 13.50
N ALA O 466 117.79 -42.84 14.69
CA ALA O 466 118.28 -43.76 15.71
C ALA O 466 117.15 -44.35 16.56
N ALA O 467 115.95 -43.77 16.45
CA ALA O 467 114.75 -44.16 17.21
C ALA O 467 114.59 -43.43 18.56
N LYS O 468 115.71 -43.26 19.27
CA LYS O 468 115.72 -42.59 20.57
C LYS O 468 115.49 -41.07 20.45
N ASP O 469 115.67 -40.35 21.55
CA ASP O 469 115.43 -38.91 21.58
C ASP O 469 116.49 -38.10 20.83
N SER O 470 116.02 -37.14 20.04
CA SER O 470 116.89 -36.29 19.25
C SER O 470 117.42 -35.15 20.09
N SER O 471 116.49 -34.39 20.68
CA SER O 471 116.78 -33.12 21.34
C SER O 471 117.96 -33.14 22.34
N GLU O 472 118.15 -34.28 23.02
CA GLU O 472 119.26 -34.45 23.97
C GLU O 472 120.63 -34.25 23.30
N LEU O 473 120.82 -34.84 22.13
CA LEU O 473 122.04 -34.66 21.34
C LEU O 473 122.04 -33.30 20.66
N VAL O 474 120.94 -32.99 19.96
CA VAL O 474 120.81 -31.79 19.13
C VAL O 474 121.08 -30.48 19.88
N ALA O 475 120.43 -30.28 21.02
CA ALA O 475 120.61 -29.06 21.80
C ALA O 475 121.97 -29.00 22.50
N LYS O 476 122.43 -30.15 22.99
CA LYS O 476 123.74 -30.26 23.62
C LYS O 476 124.87 -30.22 22.60
N LEU O 477 124.53 -30.47 21.33
CA LEU O 477 125.46 -30.24 20.22
C LEU O 477 125.69 -28.76 20.02
N ARG O 478 124.59 -28.00 19.96
CA ARG O 478 124.64 -26.57 19.72
C ARG O 478 125.45 -25.80 20.76
N SER O 479 125.38 -26.25 22.02
CA SER O 479 126.14 -25.63 23.10
C SER O 479 127.65 -25.79 22.90
N TYR O 480 128.06 -26.98 22.43
CA TYR O 480 129.46 -27.26 22.13
C TYR O 480 130.01 -26.34 21.03
N HIS O 481 129.17 -26.00 20.04
CA HIS O 481 129.56 -25.09 18.97
C HIS O 481 129.32 -23.63 19.36
N ALA O 482 128.55 -23.44 20.43
CA ALA O 482 128.38 -22.12 21.03
C ALA O 482 129.50 -21.87 22.03
N ALA O 483 130.38 -22.87 22.17
CA ALA O 483 131.57 -22.74 22.99
C ALA O 483 132.78 -22.28 22.17
N SER O 484 132.67 -22.36 20.84
CA SER O 484 133.75 -21.96 19.94
C SER O 484 133.78 -20.44 19.68
N GLN O 485 132.62 -19.80 19.80
CA GLN O 485 132.47 -18.39 19.50
C GLN O 485 132.73 -17.50 20.72
N MET O 486 132.55 -18.08 21.90
CA MET O 486 132.83 -17.39 23.16
C MET O 486 134.28 -17.63 23.60
N ALA O 487 134.99 -18.48 22.85
CA ALA O 487 136.36 -18.86 23.20
C ALA O 487 137.40 -17.84 22.74
N LYS O 488 138.34 -17.54 23.63
CA LYS O 488 139.40 -16.58 23.36
C LYS O 488 140.46 -17.14 22.39
N PRO O 489 141.42 -16.31 21.95
CA PRO O 489 142.56 -16.74 21.12
C PRO O 489 143.34 -17.92 21.73
N GLU O 490 144.05 -17.67 22.84
CA GLU O 490 144.80 -18.72 23.54
C GLU O 490 143.86 -19.70 24.22
N ASP O 491 142.93 -19.18 25.01
CA ASP O 491 141.91 -19.98 25.69
C ASP O 491 140.86 -20.47 24.71
N ARG O 495 140.41 -22.57 20.16
CA ARG O 495 141.56 -23.46 20.35
C ARG O 495 141.33 -24.45 21.50
N SER O 496 141.73 -24.05 22.71
CA SER O 496 141.59 -24.89 23.91
C SER O 496 140.14 -25.23 24.28
N TYR O 497 139.19 -24.42 23.82
CA TYR O 497 137.75 -24.71 23.96
C TYR O 497 137.16 -25.27 22.68
N ARG O 498 137.88 -25.13 21.57
CA ARG O 498 137.41 -25.55 20.25
C ARG O 498 137.32 -27.07 20.11
N ASN O 499 136.13 -27.54 19.75
CA ASN O 499 135.84 -28.93 19.47
C ASN O 499 134.61 -29.00 18.58
N TYR O 500 134.45 -30.12 17.87
CA TYR O 500 133.30 -30.32 16.97
C TYR O 500 133.10 -31.77 16.51
N GLY O 501 131.84 -32.13 16.26
CA GLY O 501 131.49 -33.44 15.71
C GLY O 501 130.24 -34.10 16.31
N LEU O 502 129.84 -35.23 15.73
CA LEU O 502 128.70 -36.02 16.23
C LEU O 502 128.82 -37.50 15.90
N ASP O 503 128.67 -38.36 16.91
CA ASP O 503 128.69 -39.81 16.75
C ASP O 503 127.37 -40.45 17.20
N LEU O 504 126.86 -41.38 16.38
CA LEU O 504 125.48 -41.88 16.50
C LEU O 504 125.31 -43.34 16.94
N ILE O 505 126.26 -44.20 16.58
CA ILE O 505 126.21 -45.61 16.99
C ILE O 505 126.20 -45.68 18.52
N ARG O 506 127.15 -44.98 19.16
CA ARG O 506 127.21 -44.88 20.62
C ARG O 506 126.27 -43.79 21.15
N GLY O 507 126.04 -42.76 20.34
CA GLY O 507 125.10 -41.70 20.67
C GLY O 507 125.67 -40.63 21.60
N LYS O 508 126.82 -40.08 21.22
CA LYS O 508 127.46 -39.01 21.98
C LYS O 508 128.22 -38.07 21.05
N ILE O 509 128.61 -36.90 21.59
CA ILE O 509 129.36 -35.91 20.82
C ILE O 509 130.85 -36.25 20.87
N VAL O 510 131.45 -36.46 19.70
CA VAL O 510 132.87 -36.82 19.57
C VAL O 510 133.58 -35.91 18.55
N ASP O 511 134.92 -35.87 18.62
CA ASP O 511 135.76 -35.10 17.70
C ASP O 511 135.92 -35.84 16.37
N GLU O 512 135.17 -35.41 15.35
CA GLU O 512 135.13 -36.13 14.07
C GLU O 512 136.42 -36.10 13.24
N ILE O 513 137.34 -35.21 13.60
CA ILE O 513 138.69 -35.21 13.03
C ILE O 513 139.44 -36.42 13.56
N HIS O 514 139.33 -36.67 14.86
CA HIS O 514 140.03 -37.75 15.53
C HIS O 514 139.35 -39.10 15.29
N ALA O 515 138.01 -39.08 15.23
CA ALA O 515 137.23 -40.28 14.94
C ALA O 515 137.34 -40.69 13.46
N GLY O 516 137.59 -39.71 12.59
CA GLY O 516 137.81 -39.98 11.17
C GLY O 516 136.57 -39.86 10.32
N VAL O 517 135.66 -38.98 10.70
CA VAL O 517 134.44 -38.74 9.95
C VAL O 517 134.63 -37.50 9.08
N LEU O 518 134.90 -37.73 7.79
CA LEU O 518 135.35 -36.67 6.90
C LEU O 518 134.62 -36.67 5.57
N GLU O 519 134.02 -35.53 5.23
CA GLU O 519 133.42 -35.33 3.91
C GLU O 519 134.23 -34.28 3.12
N PRO O 520 134.31 -34.45 1.78
CA PRO O 520 135.08 -33.56 0.92
C PRO O 520 134.62 -32.11 0.98
N THR O 521 135.50 -31.21 0.56
CA THR O 521 135.24 -29.77 0.61
C THR O 521 134.08 -29.32 -0.26
N ILE O 522 134.04 -29.82 -1.50
CA ILE O 522 133.04 -29.40 -2.48
C ILE O 522 131.66 -29.97 -2.11
N SER O 523 131.66 -31.18 -1.56
CA SER O 523 130.43 -31.89 -1.17
C SER O 523 129.53 -31.07 -0.24
N LYS O 524 130.08 -29.99 0.31
CA LYS O 524 129.31 -29.10 1.16
C LYS O 524 129.20 -27.67 0.62
N VAL O 525 130.00 -27.35 -0.40
CA VAL O 525 129.90 -26.04 -1.04
C VAL O 525 128.91 -26.08 -2.20
N LYS O 526 129.15 -26.97 -3.17
CA LYS O 526 128.22 -27.16 -4.28
C LYS O 526 126.90 -27.80 -3.81
N SER O 527 126.92 -28.35 -2.60
CA SER O 527 125.72 -28.85 -1.93
C SER O 527 124.84 -27.68 -1.54
N LEU O 528 125.43 -26.67 -0.90
CA LEU O 528 124.70 -25.47 -0.46
C LEU O 528 124.38 -24.51 -1.61
N LYS O 529 125.33 -24.35 -2.52
CA LYS O 529 125.17 -23.47 -3.69
C LYS O 529 123.94 -23.85 -4.50
N SER O 530 123.80 -25.14 -4.81
CA SER O 530 122.64 -25.67 -5.54
C SER O 530 121.37 -25.51 -4.74
N ALA O 531 121.41 -25.95 -3.49
CA ALA O 531 120.25 -25.94 -2.62
C ALA O 531 119.51 -24.61 -2.59
N LEU O 532 120.27 -23.51 -2.68
CA LEU O 532 119.67 -22.17 -2.63
C LEU O 532 118.91 -21.83 -3.90
N GLU O 533 119.63 -21.85 -5.04
CA GLU O 533 119.04 -21.52 -6.34
C GLU O 533 117.80 -22.34 -6.65
N ALA O 534 117.66 -23.47 -5.96
CA ALA O 534 116.45 -24.28 -6.05
C ALA O 534 115.31 -23.51 -5.40
N CYS O 535 115.40 -23.32 -4.08
CA CYS O 535 114.32 -22.73 -3.31
C CYS O 535 114.07 -21.27 -3.68
N VAL O 536 115.11 -20.59 -4.14
CA VAL O 536 114.97 -19.23 -4.65
C VAL O 536 113.99 -19.24 -5.82
N ALA O 537 114.27 -20.10 -6.80
CA ALA O 537 113.44 -20.24 -7.99
C ALA O 537 112.00 -20.55 -7.62
N ILE O 538 111.82 -21.49 -6.68
CA ILE O 538 110.48 -21.86 -6.24
C ILE O 538 109.85 -20.76 -5.38
N LEU O 539 110.69 -20.01 -4.66
CA LEU O 539 110.24 -18.90 -3.80
C LEU O 539 109.74 -17.75 -4.64
N ARG O 540 110.27 -17.65 -5.86
CA ARG O 540 109.86 -16.62 -6.81
C ARG O 540 108.55 -16.96 -7.53
N ILE O 541 108.08 -18.20 -7.37
CA ILE O 541 106.84 -18.62 -8.01
C ILE O 541 105.64 -18.14 -7.20
N ASP O 542 104.74 -17.40 -7.86
CA ASP O 542 103.49 -16.90 -7.26
C ASP O 542 102.25 -17.20 -8.10
N THR O 543 102.45 -17.79 -9.28
CA THR O 543 101.36 -18.21 -10.16
C THR O 543 101.83 -19.37 -11.03
N MET O 544 101.12 -20.49 -10.96
CA MET O 544 101.39 -21.61 -11.88
C MET O 544 100.25 -21.79 -12.86
N ILE O 545 100.59 -21.89 -14.14
CA ILE O 545 99.59 -22.10 -15.18
C ILE O 545 99.89 -23.38 -15.93
N THR O 546 99.06 -24.39 -15.71
CA THR O 546 99.26 -25.70 -16.30
C THR O 546 98.30 -25.89 -17.47
N VAL O 547 98.84 -26.28 -18.62
CA VAL O 547 98.05 -26.52 -19.83
C VAL O 547 98.05 -28.02 -20.16
N ASP O 548 96.90 -28.52 -20.60
CA ASP O 548 96.72 -29.95 -20.89
C ASP O 548 97.19 -30.36 -22.28
N PRO O 549 97.86 -31.52 -22.38
CA PRO O 549 98.55 -32.12 -23.54
C PRO O 549 97.99 -31.78 -24.93
N GLU O 550 98.89 -31.78 -25.91
CA GLU O 550 98.61 -31.39 -27.29
C GLU O 550 97.34 -32.03 -27.88
N VAL P 6 98.58 -34.04 -8.95
CA VAL P 6 99.19 -35.05 -8.09
C VAL P 6 100.37 -34.49 -7.29
N PHE P 7 100.75 -35.17 -6.22
CA PHE P 7 101.88 -34.78 -5.39
C PHE P 7 103.12 -35.63 -5.72
N MET P 8 102.96 -36.95 -5.60
CA MET P 8 103.98 -37.93 -5.94
C MET P 8 103.62 -38.52 -7.29
N ASN P 9 102.71 -39.51 -7.27
CA ASN P 9 102.09 -40.07 -8.47
C ASN P 9 100.67 -40.61 -8.20
N ALA P 10 100.38 -40.89 -6.92
CA ALA P 10 99.20 -41.67 -6.52
C ALA P 10 99.35 -43.13 -6.97
N SER P 11 98.46 -44.01 -6.51
CA SER P 11 98.54 -45.44 -6.83
C SER P 11 99.84 -46.06 -6.30
N GLN P 12 100.20 -45.67 -5.08
CA GLN P 12 101.45 -46.10 -4.43
C GLN P 12 101.20 -46.51 -2.97
N GLU P 13 101.40 -47.80 -2.67
CA GLU P 13 101.24 -48.32 -1.32
C GLU P 13 102.59 -48.40 -0.60
N ARG P 14 102.78 -47.53 0.39
CA ARG P 14 104.02 -47.47 1.16
C ARG P 14 103.91 -48.27 2.46
N THR P 15 104.87 -49.16 2.67
CA THR P 15 104.98 -49.95 3.90
C THR P 15 106.21 -49.47 4.66
N THR P 16 106.01 -48.90 5.85
CA THR P 16 107.10 -48.23 6.58
C THR P 16 107.22 -48.72 8.02
N GLY P 17 108.43 -48.69 8.55
CA GLY P 17 108.70 -49.06 9.93
C GLY P 17 108.62 -50.56 10.15
N ARG P 18 108.42 -50.95 11.40
CA ARG P 18 108.29 -52.36 11.78
C ARG P 18 107.30 -53.10 10.88
N GLN P 19 106.33 -52.35 10.37
CA GLN P 19 105.32 -52.85 9.43
C GLN P 19 105.95 -53.42 8.17
N ALA P 20 106.96 -52.71 7.66
CA ALA P 20 107.70 -53.15 6.50
C ALA P 20 108.58 -54.33 6.86
N GLN P 21 109.34 -54.18 7.94
CA GLN P 21 110.26 -55.22 8.42
C GLN P 21 109.57 -56.58 8.51
N ILE P 22 108.38 -56.60 9.12
CA ILE P 22 107.56 -57.81 9.25
C ILE P 22 107.28 -58.48 7.91
N SER P 23 106.94 -57.68 6.90
CA SER P 23 106.65 -58.18 5.55
C SER P 23 107.82 -58.97 4.97
N ASN P 24 109.03 -58.52 5.26
CA ASN P 24 110.24 -59.17 4.78
C ASN P 24 110.50 -60.50 5.49
N ILE P 25 110.62 -60.45 6.82
CA ILE P 25 110.86 -61.66 7.61
C ILE P 25 109.77 -62.72 7.36
N THR P 26 108.52 -62.25 7.26
CA THR P 26 107.36 -63.10 6.98
C THR P 26 107.53 -63.92 5.70
N ALA P 27 107.74 -63.22 4.57
CA ALA P 27 107.93 -63.88 3.28
C ALA P 27 109.12 -64.84 3.29
N ALA P 28 110.26 -64.32 3.73
CA ALA P 28 111.52 -65.08 3.75
C ALA P 28 111.38 -66.40 4.51
N LYS P 29 110.78 -66.35 5.71
CA LYS P 29 110.58 -67.54 6.52
C LYS P 29 109.61 -68.51 5.84
N ALA P 30 108.62 -67.94 5.15
CA ALA P 30 107.59 -68.72 4.47
C ALA P 30 108.05 -69.29 3.13
N VAL P 31 109.20 -68.82 2.65
CA VAL P 31 109.85 -69.45 1.50
C VAL P 31 110.43 -70.79 1.95
N ALA P 32 111.22 -70.75 3.03
CA ALA P 32 111.81 -71.95 3.61
C ALA P 32 110.74 -73.02 3.79
N ASP P 33 109.58 -72.60 4.33
CA ASP P 33 108.45 -73.51 4.58
C ASP P 33 108.13 -74.45 3.43
N VAL P 34 108.25 -73.98 2.19
CA VAL P 34 107.84 -74.78 1.03
C VAL P 34 108.93 -75.74 0.57
N ILE P 35 110.06 -75.75 1.26
CA ILE P 35 111.14 -76.67 0.94
C ILE P 35 111.68 -77.44 2.15
N ARG P 36 111.24 -77.06 3.35
CA ARG P 36 111.63 -77.76 4.59
C ARG P 36 111.49 -79.28 4.48
N THR P 37 110.46 -79.74 3.79
CA THR P 37 110.21 -81.16 3.63
C THR P 37 110.94 -81.75 2.42
N CYS P 38 111.91 -80.99 1.91
CA CYS P 38 112.79 -81.44 0.81
C CYS P 38 114.27 -81.54 1.20
N LEU P 39 114.55 -81.57 2.50
CA LEU P 39 115.92 -81.66 3.00
C LEU P 39 116.24 -83.09 3.41
N GLY P 40 117.50 -83.47 3.22
CA GLY P 40 118.01 -84.76 3.68
C GLY P 40 117.58 -85.96 2.84
N PRO P 41 117.57 -87.15 3.46
CA PRO P 41 117.31 -88.41 2.78
C PRO P 41 115.84 -88.81 2.70
N LYS P 42 115.07 -88.56 3.75
CA LYS P 42 113.66 -88.92 3.76
C LYS P 42 112.82 -87.90 2.98
N ALA P 43 113.51 -87.00 2.28
CA ALA P 43 112.89 -85.89 1.53
C ALA P 43 111.98 -86.35 0.40
N MET P 44 111.01 -85.50 0.07
CA MET P 44 109.94 -85.82 -0.91
C MET P 44 110.10 -85.08 -2.25
N LEU P 45 109.11 -85.26 -3.13
CA LEU P 45 109.19 -84.75 -4.50
C LEU P 45 108.05 -83.78 -4.83
N LYS P 46 108.32 -82.48 -4.75
CA LYS P 46 107.28 -81.47 -5.01
C LYS P 46 107.00 -81.31 -6.50
N MET P 47 106.05 -82.08 -7.03
CA MET P 47 105.74 -82.04 -8.46
C MET P 47 105.18 -80.70 -8.91
N LEU P 48 105.84 -80.08 -9.88
CA LEU P 48 105.51 -78.73 -10.33
C LEU P 48 104.95 -78.68 -11.72
N LEU P 49 103.86 -77.95 -11.91
CA LEU P 49 103.36 -77.63 -13.22
C LEU P 49 103.93 -76.28 -13.62
N ASP P 50 104.63 -76.25 -14.76
CA ASP P 50 105.13 -74.99 -15.30
C ASP P 50 104.03 -74.20 -16.06
N PRO P 51 104.39 -73.05 -16.68
CA PRO P 51 103.32 -72.22 -17.24
C PRO P 51 102.75 -72.75 -18.56
N MET P 52 103.63 -73.16 -19.47
CA MET P 52 103.23 -73.46 -20.84
C MET P 52 102.92 -74.93 -21.15
N GLY P 53 103.11 -75.82 -20.18
CA GLY P 53 102.58 -77.19 -20.28
C GLY P 53 103.44 -78.35 -19.85
N GLY P 54 104.72 -78.08 -19.57
CA GLY P 54 105.64 -79.14 -19.17
C GLY P 54 105.44 -79.61 -17.74
N LEU P 55 106.28 -80.55 -17.32
CA LEU P 55 106.23 -81.08 -15.97
C LEU P 55 107.63 -81.18 -15.38
N VAL P 56 107.74 -80.88 -14.09
CA VAL P 56 108.99 -80.96 -13.33
C VAL P 56 108.63 -81.55 -11.98
N LEU P 57 109.28 -82.64 -11.59
CA LEU P 57 109.05 -83.20 -10.26
C LEU P 57 110.36 -83.69 -9.64
N THR P 58 110.88 -82.92 -8.69
CA THR P 58 112.15 -83.29 -8.09
C THR P 58 112.29 -82.87 -6.65
N ASN P 59 113.54 -82.93 -6.18
CA ASN P 59 113.94 -82.57 -4.84
C ASN P 59 114.90 -81.38 -4.93
N ASP P 60 115.68 -81.32 -6.02
CA ASP P 60 116.70 -80.28 -6.20
C ASP P 60 116.06 -78.95 -5.85
N GLY P 61 116.45 -78.43 -4.68
CA GLY P 61 115.89 -77.21 -4.10
C GLY P 61 115.79 -76.07 -5.08
N HIS P 62 116.86 -75.85 -5.85
CA HIS P 62 116.85 -74.80 -6.85
C HIS P 62 115.93 -75.12 -8.04
N ALA P 63 115.81 -76.42 -8.38
CA ALA P 63 114.94 -76.84 -9.47
C ALA P 63 113.46 -76.79 -9.06
N ILE P 64 113.22 -76.76 -7.75
CA ILE P 64 111.89 -76.55 -7.20
C ILE P 64 111.55 -75.07 -7.28
N LEU P 65 112.42 -74.24 -6.71
CA LEU P 65 112.19 -72.80 -6.63
C LEU P 65 112.19 -72.12 -7.99
N ARG P 66 113.09 -72.57 -8.87
CA ARG P 66 113.23 -72.03 -10.22
C ARG P 66 111.89 -71.92 -10.95
N GLU P 67 111.04 -72.93 -10.76
CA GLU P 67 109.76 -73.02 -11.46
C GLU P 67 108.59 -72.40 -10.68
N ILE P 68 108.91 -71.58 -9.67
CA ILE P 68 107.90 -70.93 -8.81
C ILE P 68 107.94 -69.41 -8.93
N ASP P 69 106.80 -68.81 -9.26
CA ASP P 69 106.70 -67.35 -9.39
C ASP P 69 106.41 -66.71 -8.05
N VAL P 70 107.25 -65.76 -7.65
CA VAL P 70 107.09 -65.05 -6.40
C VAL P 70 106.99 -63.54 -6.61
N ALA P 71 105.99 -62.92 -5.99
CA ALA P 71 105.70 -61.50 -6.18
C ALA P 71 106.27 -60.60 -5.09
N HIS P 72 106.17 -61.03 -3.84
CA HIS P 72 106.70 -60.28 -2.70
C HIS P 72 108.23 -60.24 -2.79
N PRO P 73 108.82 -59.04 -2.91
CA PRO P 73 110.23 -58.82 -3.26
C PRO P 73 111.27 -59.51 -2.37
N ALA P 74 111.01 -59.56 -1.07
CA ALA P 74 111.91 -60.25 -0.14
C ALA P 74 112.00 -61.72 -0.50
N ALA P 75 110.90 -62.27 -0.99
CA ALA P 75 110.83 -63.67 -1.41
C ALA P 75 111.39 -63.87 -2.83
N LYS P 76 111.29 -62.82 -3.65
CA LYS P 76 111.93 -62.79 -4.96
C LYS P 76 113.45 -62.67 -4.75
N SER P 77 113.84 -62.03 -3.65
CA SER P 77 115.25 -61.97 -3.25
C SER P 77 115.71 -63.31 -2.71
N MET P 78 114.81 -64.03 -2.04
CA MET P 78 115.13 -65.31 -1.41
C MET P 78 115.32 -66.40 -2.46
N LEU P 79 114.46 -66.40 -3.47
CA LEU P 79 114.48 -67.41 -4.51
C LEU P 79 115.72 -67.28 -5.40
N GLU P 80 116.01 -66.06 -5.85
CA GLU P 80 117.19 -65.79 -6.66
C GLU P 80 118.49 -65.87 -5.83
N LEU P 81 118.38 -66.51 -4.67
CA LEU P 81 119.50 -66.72 -3.76
C LEU P 81 119.89 -68.21 -3.70
N SER P 82 118.97 -69.07 -4.12
CA SER P 82 119.25 -70.48 -4.34
C SER P 82 120.00 -70.60 -5.66
N ARG P 83 119.69 -69.67 -6.56
CA ARG P 83 120.33 -69.57 -7.87
C ARG P 83 121.83 -69.34 -7.72
N THR P 84 122.21 -68.45 -6.81
CA THR P 84 123.62 -68.18 -6.52
C THR P 84 124.33 -69.45 -6.03
N GLN P 85 123.65 -70.22 -5.20
CA GLN P 85 124.21 -71.45 -4.62
C GLN P 85 124.44 -72.55 -5.67
N ASP P 86 123.49 -72.70 -6.60
CA ASP P 86 123.63 -73.70 -7.67
C ASP P 86 124.71 -73.30 -8.68
N GLU P 87 124.84 -72.01 -8.94
CA GLU P 87 125.84 -71.49 -9.88
C GLU P 87 127.25 -71.52 -9.32
N GLU P 88 127.39 -71.95 -8.06
CA GLU P 88 128.70 -71.98 -7.41
C GLU P 88 129.18 -73.38 -7.09
N VAL P 89 128.35 -74.14 -6.39
CA VAL P 89 128.77 -75.43 -5.87
C VAL P 89 128.00 -76.59 -6.51
N GLY P 90 126.68 -76.43 -6.62
CA GLY P 90 125.84 -77.44 -7.27
C GLY P 90 124.85 -78.06 -6.31
N ASP P 91 125.37 -78.54 -5.18
CA ASP P 91 124.56 -79.08 -4.08
C ASP P 91 124.44 -78.04 -2.97
N GLY P 92 123.49 -78.25 -2.06
CA GLY P 92 123.27 -77.33 -0.95
C GLY P 92 122.26 -76.25 -1.26
N THR P 93 121.51 -76.44 -2.35
CA THR P 93 120.56 -75.44 -2.82
C THR P 93 119.32 -75.38 -1.93
N THR P 94 118.99 -76.51 -1.32
CA THR P 94 117.89 -76.61 -0.35
C THR P 94 118.29 -75.90 0.96
N THR P 95 119.49 -76.21 1.43
CA THR P 95 119.98 -75.73 2.72
C THR P 95 120.06 -74.21 2.82
N VAL P 96 120.49 -73.57 1.73
CA VAL P 96 120.68 -72.13 1.73
C VAL P 96 119.43 -71.36 2.15
N ILE P 97 118.29 -71.66 1.53
CA ILE P 97 117.06 -70.92 1.83
C ILE P 97 116.48 -71.23 3.22
N ILE P 98 116.64 -72.46 3.70
CA ILE P 98 116.15 -72.83 5.03
C ILE P 98 116.90 -72.03 6.10
N LEU P 99 118.21 -71.86 5.90
CA LEU P 99 119.04 -71.01 6.73
C LEU P 99 118.73 -69.53 6.56
N ALA P 100 118.73 -69.05 5.30
CA ALA P 100 118.40 -67.66 5.01
C ALA P 100 117.08 -67.27 5.67
N GLY P 101 116.23 -68.27 5.90
CA GLY P 101 114.97 -68.09 6.59
C GLY P 101 115.12 -68.05 8.10
N GLU P 102 115.59 -69.14 8.69
CA GLU P 102 115.70 -69.21 10.14
C GLU P 102 116.85 -68.38 10.76
N ILE P 103 117.59 -67.65 9.91
CA ILE P 103 118.51 -66.60 10.38
C ILE P 103 117.67 -65.35 10.62
N LEU P 104 116.74 -65.06 9.72
CA LEU P 104 115.83 -63.95 9.89
C LEU P 104 114.76 -64.27 10.95
N ALA P 105 114.44 -65.56 11.11
CA ALA P 105 113.39 -65.97 12.04
C ALA P 105 113.86 -65.99 13.49
N GLN P 106 114.92 -66.75 13.78
CA GLN P 106 115.47 -66.87 15.15
C GLN P 106 116.20 -65.61 15.59
N CYS P 107 116.50 -64.75 14.61
CA CYS P 107 117.21 -63.50 14.84
C CYS P 107 116.24 -62.33 14.96
N ALA P 108 115.62 -61.96 13.84
CA ALA P 108 114.89 -60.70 13.77
C ALA P 108 113.84 -60.47 14.86
N PRO P 109 112.66 -61.11 14.74
CA PRO P 109 111.51 -60.69 15.55
C PRO P 109 111.78 -60.75 17.05
N TYR P 110 112.60 -61.71 17.48
CA TYR P 110 112.91 -61.82 18.90
C TYR P 110 113.73 -60.61 19.38
N LEU P 111 114.41 -59.94 18.45
CA LEU P 111 115.35 -58.88 18.79
C LEU P 111 115.12 -57.56 18.06
N ILE P 112 114.32 -57.59 16.99
CA ILE P 112 113.87 -56.36 16.32
C ILE P 112 112.63 -55.80 17.02
N GLU P 113 111.88 -56.67 17.70
CA GLU P 113 110.74 -56.25 18.53
C GLU P 113 111.17 -56.10 20.00
N LYS P 114 112.48 -56.03 20.20
CA LYS P 114 113.07 -55.69 21.49
C LYS P 114 113.68 -54.29 21.44
N ASN P 115 113.52 -53.63 20.28
CA ASN P 115 114.00 -52.26 20.00
C ASN P 115 115.49 -52.09 19.61
N ILE P 116 116.15 -53.20 19.26
CA ILE P 116 117.53 -53.17 18.76
C ILE P 116 117.55 -52.68 17.31
N HIS P 117 118.40 -51.69 17.03
CA HIS P 117 118.50 -51.08 15.69
C HIS P 117 119.21 -51.98 14.67
N PRO P 118 118.67 -52.04 13.42
CA PRO P 118 119.20 -52.91 12.36
C PRO P 118 120.71 -52.84 12.11
N VAL P 119 121.27 -51.63 12.03
CA VAL P 119 122.69 -51.49 11.65
C VAL P 119 123.67 -52.13 12.63
N ILE P 120 123.27 -52.22 13.91
CA ILE P 120 124.07 -52.91 14.91
C ILE P 120 124.01 -54.41 14.66
N ILE P 121 122.81 -54.89 14.33
CA ILE P 121 122.57 -56.30 14.08
C ILE P 121 123.35 -56.81 12.88
N ILE P 122 123.37 -56.04 11.80
CA ILE P 122 124.16 -56.39 10.61
C ILE P 122 125.64 -56.53 10.98
N GLN P 123 126.13 -55.64 11.83
CA GLN P 123 127.53 -55.67 12.29
C GLN P 123 127.82 -56.91 13.12
N ALA P 124 126.87 -57.29 13.98
CA ALA P 124 126.98 -58.50 14.76
C ALA P 124 126.98 -59.73 13.86
N LEU P 125 125.99 -59.81 12.96
CA LEU P 125 125.84 -60.96 12.04
C LEU P 125 127.00 -61.09 11.06
N LYS P 126 127.76 -60.01 10.88
CA LYS P 126 128.93 -60.02 10.02
C LYS P 126 130.09 -60.70 10.75
N LYS P 127 130.22 -60.43 12.04
CA LYS P 127 131.30 -61.01 12.85
C LYS P 127 131.06 -62.48 13.12
N ALA P 128 129.79 -62.88 13.13
CA ALA P 128 129.42 -64.28 13.33
C ALA P 128 129.77 -65.16 12.13
N LEU P 129 129.80 -64.55 10.94
CA LEU P 129 130.15 -65.27 9.71
C LEU P 129 131.64 -65.59 9.62
N THR P 130 132.47 -64.56 9.80
CA THR P 130 133.92 -64.71 9.82
C THR P 130 134.31 -65.73 10.90
N ASP P 131 133.46 -65.83 11.92
CA ASP P 131 133.63 -66.79 12.99
C ASP P 131 133.13 -68.17 12.60
N ALA P 132 131.99 -68.21 11.91
CA ALA P 132 131.41 -69.46 11.45
C ALA P 132 132.28 -70.15 10.39
N LEU P 133 132.90 -69.35 9.53
CA LEU P 133 133.77 -69.86 8.46
C LEU P 133 135.03 -70.54 8.99
N GLU P 134 135.63 -69.94 10.02
CA GLU P 134 136.84 -70.50 10.66
C GLU P 134 136.52 -71.77 11.47
N VAL P 135 135.25 -71.93 11.84
CA VAL P 135 134.81 -73.13 12.54
C VAL P 135 134.63 -74.29 11.56
N ILE P 136 133.92 -74.03 10.47
CA ILE P 136 133.69 -75.03 9.43
C ILE P 136 135.01 -75.59 8.88
N LYS P 137 135.95 -74.69 8.59
CA LYS P 137 137.27 -75.08 8.08
C LYS P 137 138.07 -75.85 9.12
N GLN P 138 137.74 -75.65 10.40
CA GLN P 138 138.47 -76.30 11.49
C GLN P 138 137.85 -77.64 11.89
N VAL P 139 136.57 -77.82 11.57
CA VAL P 139 135.90 -79.10 11.85
C VAL P 139 136.01 -80.05 10.65
N SER P 140 136.41 -79.50 9.51
CA SER P 140 136.62 -80.28 8.29
C SER P 140 137.97 -81.01 8.27
N LYS P 141 138.05 -82.07 7.47
CA LYS P 141 139.27 -82.83 7.31
C LYS P 141 139.59 -83.02 5.81
N PRO P 142 140.78 -82.56 5.36
CA PRO P 142 141.19 -82.67 3.96
C PRO P 142 141.19 -84.11 3.43
N VAL P 143 140.88 -84.26 2.15
CA VAL P 143 140.75 -85.59 1.53
C VAL P 143 141.57 -85.75 0.25
N ASP P 144 142.03 -86.98 0.01
CA ASP P 144 142.80 -87.33 -1.19
C ASP P 144 141.93 -87.32 -2.45
N VAL P 145 142.05 -86.24 -3.23
CA VAL P 145 141.22 -86.01 -4.42
C VAL P 145 141.37 -87.06 -5.51
N GLU P 146 142.45 -87.84 -5.42
CA GLU P 146 142.77 -88.84 -6.43
C GLU P 146 142.85 -90.25 -5.85
N ASN P 147 142.18 -90.44 -4.71
CA ASN P 147 141.87 -91.77 -4.24
C ASN P 147 140.51 -92.11 -4.82
N ASP P 148 140.56 -92.77 -5.99
CA ASP P 148 139.39 -93.09 -6.78
C ASP P 148 138.28 -93.73 -5.95
N ALA P 149 138.68 -94.63 -5.05
CA ALA P 149 137.74 -95.33 -4.17
C ALA P 149 137.17 -94.44 -3.06
N ALA P 150 137.97 -93.47 -2.60
CA ALA P 150 137.54 -92.57 -1.52
C ALA P 150 136.63 -91.44 -1.99
N MET P 151 136.78 -91.02 -3.25
CA MET P 151 135.90 -90.01 -3.81
C MET P 151 134.57 -90.60 -4.25
N LYS P 152 134.53 -91.94 -4.39
CA LYS P 152 133.29 -92.65 -4.67
C LYS P 152 132.37 -92.63 -3.45
N LYS P 153 132.95 -92.47 -2.26
CA LYS P 153 132.20 -92.33 -1.01
C LYS P 153 131.76 -90.89 -0.79
N LEU P 154 132.33 -89.97 -1.57
CA LEU P 154 131.90 -88.57 -1.59
C LEU P 154 130.60 -88.39 -2.35
N ILE P 155 130.58 -88.95 -3.56
CA ILE P 155 129.43 -88.87 -4.45
C ILE P 155 128.32 -89.81 -3.97
N GLN P 156 128.69 -90.90 -3.29
CA GLN P 156 127.72 -91.85 -2.72
C GLN P 156 126.88 -91.22 -1.62
N ALA P 157 127.45 -90.19 -0.99
CA ALA P 157 126.80 -89.44 0.09
C ALA P 157 125.88 -88.34 -0.43
N SER P 158 126.30 -87.64 -1.49
CA SER P 158 125.54 -86.52 -2.03
C SER P 158 124.39 -86.93 -2.96
N ILE P 159 124.48 -88.12 -3.55
CA ILE P 159 123.39 -88.68 -4.34
C ILE P 159 122.35 -89.30 -3.41
N GLY P 160 122.82 -89.86 -2.29
CA GLY P 160 121.96 -90.48 -1.28
C GLY P 160 120.92 -89.54 -0.71
N THR P 161 120.21 -88.85 -1.62
CA THR P 161 119.17 -87.90 -1.28
C THR P 161 118.00 -88.11 -2.22
N LYS P 162 118.23 -87.92 -3.52
CA LYS P 162 117.14 -87.94 -4.49
C LYS P 162 117.00 -89.30 -5.18
N TYR P 163 115.84 -89.50 -5.82
CA TYR P 163 115.39 -90.78 -6.40
C TYR P 163 116.48 -91.75 -6.94
N VAL P 164 117.67 -91.23 -7.18
CA VAL P 164 118.76 -92.00 -7.80
C VAL P 164 119.56 -92.94 -6.84
N ILE P 165 119.26 -92.89 -5.53
CA ILE P 165 119.95 -93.74 -4.53
C ILE P 165 120.02 -95.20 -4.99
N HIS P 166 118.85 -95.73 -5.37
CA HIS P 166 118.67 -97.11 -5.88
C HIS P 166 119.85 -97.65 -6.69
N TRP P 167 120.57 -96.77 -7.39
CA TRP P 167 121.70 -97.18 -8.22
C TRP P 167 122.89 -96.25 -8.04
N SER P 168 123.25 -95.92 -6.80
CA SER P 168 124.38 -95.02 -6.53
C SER P 168 125.71 -95.56 -7.07
N GLU P 169 125.97 -96.86 -6.85
CA GLU P 169 127.22 -97.51 -7.27
C GLU P 169 127.55 -97.28 -8.75
N LYS P 170 126.52 -97.25 -9.59
CA LYS P 170 126.69 -97.01 -11.03
C LYS P 170 126.80 -95.53 -11.35
N MET P 171 126.11 -94.70 -10.55
CA MET P 171 126.11 -93.25 -10.76
C MET P 171 127.44 -92.61 -10.41
N CYS P 172 128.07 -93.11 -9.34
CA CYS P 172 129.37 -92.62 -8.90
C CYS P 172 130.46 -92.85 -9.95
N GLU P 173 130.50 -94.06 -10.50
CA GLU P 173 131.45 -94.41 -11.56
C GLU P 173 131.22 -93.59 -12.83
N LEU P 174 129.96 -93.21 -13.08
CA LEU P 174 129.63 -92.31 -14.19
C LEU P 174 130.06 -90.89 -13.89
N ALA P 175 129.77 -90.44 -12.66
CA ALA P 175 130.10 -89.08 -12.23
C ALA P 175 131.60 -88.86 -12.16
N LEU P 176 132.30 -89.75 -11.45
CA LEU P 176 133.74 -89.63 -11.24
C LEU P 176 134.49 -89.78 -12.55
N ASP P 177 134.03 -90.68 -13.41
CA ASP P 177 134.69 -90.95 -14.69
C ASP P 177 134.40 -89.89 -15.75
N ALA P 178 133.35 -89.11 -15.55
CA ALA P 178 133.04 -88.00 -16.45
C ALA P 178 133.87 -86.77 -16.11
N VAL P 179 134.10 -86.56 -14.81
CA VAL P 179 134.91 -85.45 -14.34
C VAL P 179 136.41 -85.76 -14.50
N LYS P 180 136.76 -87.05 -14.43
CA LYS P 180 138.15 -87.50 -14.59
C LYS P 180 138.66 -87.36 -16.03
N THR P 181 137.75 -87.31 -17.00
CA THR P 181 138.12 -87.15 -18.40
C THR P 181 137.78 -85.77 -18.97
N VAL P 182 137.84 -84.74 -18.12
CA VAL P 182 137.76 -83.34 -18.57
C VAL P 182 138.78 -82.45 -17.86
N ARG P 183 139.54 -83.04 -16.93
CA ARG P 183 140.56 -82.32 -16.16
C ARG P 183 141.84 -82.13 -16.96
N GLU P 197 146.29 -77.15 -14.95
CA GLU P 197 145.02 -77.14 -15.68
C GLU P 197 143.84 -77.62 -14.84
N ILE P 198 142.67 -77.02 -15.07
CA ILE P 198 141.45 -77.33 -14.30
C ILE P 198 140.16 -77.31 -15.18
N ASP P 199 139.15 -78.09 -14.77
CA ASP P 199 137.99 -78.48 -15.59
C ASP P 199 136.86 -77.46 -15.78
N ILE P 200 135.98 -77.75 -16.75
CA ILE P 200 134.71 -77.03 -16.98
C ILE P 200 133.62 -78.05 -17.36
N LYS P 201 132.64 -78.22 -16.48
CA LYS P 201 131.56 -79.20 -16.73
C LYS P 201 130.52 -78.67 -17.72
N ARG P 202 130.96 -78.51 -18.97
CA ARG P 202 130.12 -78.12 -20.10
C ARG P 202 130.75 -78.66 -21.40
N TYR P 203 131.82 -79.44 -21.23
CA TYR P 203 132.39 -80.30 -22.27
C TYR P 203 131.81 -81.72 -22.12
N VAL P 204 130.77 -81.84 -21.30
CA VAL P 204 130.10 -83.12 -21.03
C VAL P 204 128.63 -83.08 -21.51
N ARG P 205 128.39 -83.69 -22.67
CA ARG P 205 127.04 -83.79 -23.24
C ARG P 205 126.28 -84.94 -22.58
N VAL P 206 125.08 -84.65 -22.08
CA VAL P 206 124.32 -85.63 -21.31
C VAL P 206 123.12 -86.17 -22.10
N GLU P 207 123.38 -86.66 -23.30
CA GLU P 207 122.35 -87.17 -24.21
C GLU P 207 121.47 -88.27 -23.59
N LYS P 208 120.28 -87.89 -23.13
CA LYS P 208 119.33 -88.80 -22.49
C LYS P 208 118.54 -89.62 -23.51
N ILE P 209 118.58 -90.95 -23.36
CA ILE P 209 117.89 -91.86 -24.26
C ILE P 209 116.91 -92.73 -23.48
N PRO P 210 115.59 -92.58 -23.74
CA PRO P 210 114.50 -93.26 -23.01
C PRO P 210 114.55 -94.78 -23.09
N GLY P 211 114.23 -95.44 -21.97
CA GLY P 211 114.17 -96.91 -21.92
C GLY P 211 115.42 -97.63 -21.41
N GLY P 212 115.43 -98.95 -21.58
CA GLY P 212 116.48 -99.81 -21.04
C GLY P 212 116.38 -99.88 -19.52
N ASP P 213 117.51 -99.64 -18.86
CA ASP P 213 117.54 -99.30 -17.44
C ASP P 213 118.88 -98.64 -17.11
N VAL P 214 119.01 -98.08 -15.92
CA VAL P 214 120.21 -97.32 -15.53
C VAL P 214 121.48 -98.14 -15.65
N LEU P 215 121.36 -99.44 -15.40
CA LEU P 215 122.46 -100.40 -15.55
C LEU P 215 122.94 -100.54 -17.01
N ASP P 216 122.25 -99.87 -17.94
CA ASP P 216 122.65 -99.78 -19.34
C ASP P 216 123.45 -98.51 -19.63
N SER P 217 123.30 -97.52 -18.74
CA SER P 217 124.00 -96.24 -18.87
C SER P 217 125.51 -96.43 -18.87
N ARG P 218 126.19 -95.73 -19.79
CA ARG P 218 127.64 -95.82 -19.89
C ARG P 218 128.26 -94.50 -20.34
N VAL P 219 129.29 -94.07 -19.61
CA VAL P 219 130.11 -92.92 -20.01
C VAL P 219 131.05 -93.35 -21.15
N LEU P 220 130.83 -92.79 -22.33
CA LEU P 220 131.72 -93.04 -23.47
C LEU P 220 132.79 -91.96 -23.52
N LYS P 221 134.04 -92.39 -23.65
CA LYS P 221 135.17 -91.49 -23.81
C LYS P 221 135.17 -90.92 -25.24
N GLY P 222 134.05 -90.30 -25.60
CA GLY P 222 133.83 -89.79 -26.94
C GLY P 222 132.55 -88.98 -27.04
N VAL P 223 131.98 -88.91 -28.24
CA VAL P 223 130.80 -88.09 -28.51
C VAL P 223 129.71 -88.91 -29.22
N LEU P 224 128.46 -88.62 -28.88
CA LEU P 224 127.29 -89.24 -29.52
C LEU P 224 126.44 -88.21 -30.25
N LEU P 225 126.08 -88.52 -31.48
CA LEU P 225 125.28 -87.64 -32.35
C LEU P 225 124.01 -88.30 -32.88
N ASN P 226 122.99 -87.49 -33.15
CA ASN P 226 121.71 -87.97 -33.67
C ASN P 226 121.59 -87.88 -35.19
N LYS P 227 122.70 -87.63 -35.86
CA LYS P 227 122.72 -87.55 -37.32
C LYS P 227 123.09 -88.91 -37.92
N ASP P 228 122.66 -89.13 -39.17
CA ASP P 228 123.05 -90.30 -39.95
C ASP P 228 124.01 -89.85 -41.04
N VAL P 229 124.74 -90.82 -41.60
CA VAL P 229 125.61 -90.57 -42.74
C VAL P 229 124.78 -90.06 -43.92
N VAL P 230 125.22 -88.96 -44.52
CA VAL P 230 124.42 -88.23 -45.52
C VAL P 230 124.18 -89.01 -46.83
N HIS P 231 125.05 -89.97 -47.13
CA HIS P 231 124.88 -90.79 -48.33
C HIS P 231 124.88 -92.29 -48.01
N PRO P 232 123.89 -93.03 -48.53
CA PRO P 232 123.72 -94.47 -48.33
C PRO P 232 124.99 -95.29 -48.52
N LYS P 233 125.66 -95.10 -49.67
CA LYS P 233 126.85 -95.90 -50.04
C LYS P 233 128.09 -95.58 -49.21
N MET P 234 128.03 -94.53 -48.40
CA MET P 234 129.09 -94.22 -47.43
C MET P 234 129.05 -95.21 -46.29
N SER P 235 130.22 -95.46 -45.69
CA SER P 235 130.34 -96.47 -44.65
C SER P 235 129.70 -96.06 -43.32
N ARG P 236 128.97 -97.00 -42.74
CA ARG P 236 128.40 -96.83 -41.39
C ARG P 236 129.32 -97.45 -40.33
N HIS P 237 130.42 -98.04 -40.78
CA HIS P 237 131.43 -98.61 -39.88
C HIS P 237 132.82 -98.36 -40.46
N ILE P 238 133.61 -97.54 -39.76
CA ILE P 238 135.02 -97.32 -40.13
C ILE P 238 135.92 -97.77 -38.97
N GLU P 239 137.00 -98.51 -39.31
CA GLU P 239 137.89 -99.10 -38.31
C GLU P 239 138.60 -98.03 -37.46
N ASN P 240 139.59 -97.38 -38.03
CA ASN P 240 140.23 -96.22 -37.40
C ASN P 240 140.12 -95.01 -38.33
N PRO P 241 139.10 -94.16 -38.10
CA PRO P 241 138.87 -93.04 -39.01
C PRO P 241 139.73 -91.83 -38.74
N ARG P 242 140.27 -91.25 -39.81
CA ARG P 242 140.93 -89.95 -39.75
C ARG P 242 139.85 -88.90 -39.94
N VAL P 243 139.74 -87.98 -38.99
CA VAL P 243 138.57 -87.10 -38.89
C VAL P 243 138.89 -85.62 -39.17
N VAL P 244 138.16 -85.04 -40.13
CA VAL P 244 138.28 -83.62 -40.44
C VAL P 244 137.01 -82.89 -40.04
N LEU P 245 137.16 -81.85 -39.22
CA LEU P 245 136.03 -81.05 -38.77
C LEU P 245 135.96 -79.73 -39.54
N LEU P 246 134.75 -79.33 -39.90
CA LEU P 246 134.56 -78.13 -40.71
C LEU P 246 133.63 -77.07 -40.13
N ASP P 247 134.06 -75.83 -40.27
CA ASP P 247 133.41 -74.65 -39.70
C ASP P 247 132.73 -73.85 -40.82
N CYS P 248 132.48 -74.53 -41.94
CA CYS P 248 132.01 -73.86 -43.15
C CYS P 248 131.02 -74.74 -43.91
N PRO P 249 130.24 -74.13 -44.85
CA PRO P 249 129.27 -74.90 -45.64
C PRO P 249 129.94 -75.78 -46.70
N LEU P 250 129.31 -76.91 -47.04
CA LEU P 250 129.84 -77.79 -48.10
C LEU P 250 129.08 -77.66 -49.42
N GLU P 251 128.77 -76.41 -49.76
CA GLU P 251 128.21 -76.05 -51.07
C GLU P 251 128.99 -74.84 -51.56
N TYR P 252 128.77 -74.42 -52.80
CA TYR P 252 129.43 -73.22 -53.32
C TYR P 252 128.90 -71.97 -52.61
N LYS P 253 129.82 -71.05 -52.28
CA LYS P 253 129.46 -69.81 -51.59
C LYS P 253 129.17 -68.70 -52.59
N LYS P 254 128.33 -67.76 -52.17
CA LYS P 254 127.97 -66.60 -53.00
C LYS P 254 128.99 -65.48 -52.81
N GLY P 255 128.85 -64.42 -53.60
CA GLY P 255 129.63 -63.22 -53.42
C GLY P 255 129.03 -62.37 -52.31
N GLU P 256 129.79 -62.18 -51.24
CA GLU P 256 129.38 -61.33 -50.11
C GLU P 256 129.16 -59.89 -50.57
N SER P 257 129.57 -59.61 -51.80
CA SER P 257 129.53 -58.29 -52.41
C SER P 257 128.33 -58.08 -53.36
N GLN P 258 127.32 -58.93 -53.19
CA GLN P 258 126.13 -58.99 -54.07
C GLN P 258 126.48 -58.94 -55.56
N THR P 259 127.13 -60.02 -56.02
CA THR P 259 127.51 -60.21 -57.40
C THR P 259 126.29 -60.60 -58.23
N ASN P 260 126.10 -59.93 -59.37
CA ASN P 260 125.08 -60.31 -60.34
C ASN P 260 125.64 -60.44 -61.76
N ILE P 261 125.30 -61.53 -62.44
CA ILE P 261 125.87 -61.86 -63.77
C ILE P 261 125.03 -61.29 -64.91
N GLU P 262 125.72 -60.75 -65.92
CA GLU P 262 125.08 -60.21 -67.12
C GLU P 262 125.48 -61.04 -68.34
N ILE P 263 124.59 -61.92 -68.77
CA ILE P 263 124.86 -62.83 -69.89
C ILE P 263 124.56 -62.17 -71.24
N GLU P 264 125.47 -62.35 -72.20
CA GLU P 264 125.29 -61.84 -73.56
C GLU P 264 125.43 -62.94 -74.62
N LYS P 265 126.53 -63.69 -74.57
CA LYS P 265 126.83 -64.74 -75.55
C LYS P 265 126.12 -66.06 -75.25
N GLU P 266 125.98 -66.90 -76.29
CA GLU P 266 125.26 -68.16 -76.20
C GLU P 266 125.91 -69.17 -75.25
N GLU P 267 127.24 -69.29 -75.35
CA GLU P 267 128.00 -70.29 -74.60
C GLU P 267 128.12 -70.02 -73.09
N ASP P 268 127.92 -68.75 -72.70
CA ASP P 268 128.15 -68.30 -71.31
C ASP P 268 127.44 -69.08 -70.20
N TRP P 269 126.27 -69.63 -70.50
CA TRP P 269 125.43 -70.33 -69.51
C TRP P 269 126.09 -71.55 -68.87
N ASN P 270 126.49 -72.51 -69.71
CA ASN P 270 127.09 -73.76 -69.24
C ASN P 270 128.39 -73.56 -68.47
N ARG P 271 129.21 -72.61 -68.93
CA ARG P 271 130.48 -72.28 -68.28
C ARG P 271 130.28 -71.86 -66.81
N ILE P 272 129.37 -70.92 -66.57
CA ILE P 272 129.10 -70.45 -65.21
C ILE P 272 128.38 -71.48 -64.35
N LEU P 273 127.44 -72.22 -64.94
CA LEU P 273 126.66 -73.22 -64.21
C LEU P 273 127.49 -74.48 -63.87
N GLN P 274 128.68 -74.56 -64.44
CA GLN P 274 129.63 -75.60 -64.09
C GLN P 274 130.73 -75.12 -63.14
N ILE P 275 130.88 -73.80 -63.02
CA ILE P 275 131.80 -73.23 -62.03
C ILE P 275 131.39 -73.69 -60.64
N GLU P 276 130.09 -73.59 -60.35
CA GLU P 276 129.54 -74.05 -59.07
C GLU P 276 129.53 -75.58 -58.96
N GLU P 277 129.61 -76.27 -60.10
CA GLU P 277 129.81 -77.71 -60.11
C GLU P 277 131.28 -78.02 -59.85
N GLU P 278 132.16 -77.10 -60.23
CA GLU P 278 133.61 -77.27 -60.10
C GLU P 278 134.17 -76.70 -58.80
N GLN P 279 133.56 -75.61 -58.30
CA GLN P 279 133.97 -75.00 -57.03
C GLN P 279 133.93 -76.04 -55.90
N VAL P 280 132.91 -76.90 -55.92
CA VAL P 280 132.77 -78.01 -54.98
C VAL P 280 133.87 -79.05 -55.19
N GLN P 281 134.15 -79.34 -56.47
CA GLN P 281 135.23 -80.25 -56.82
C GLN P 281 136.59 -79.67 -56.41
N LEU P 282 136.67 -78.35 -56.32
CA LEU P 282 137.87 -77.68 -55.83
C LEU P 282 137.94 -77.73 -54.30
N MET P 283 136.78 -77.73 -53.65
CA MET P 283 136.68 -77.96 -52.21
C MET P 283 137.05 -79.40 -51.89
N CYS P 284 136.33 -80.34 -52.52
CA CYS P 284 136.47 -81.77 -52.24
C CYS P 284 137.87 -82.31 -52.56
N GLU P 285 138.52 -81.75 -53.57
CA GLU P 285 139.90 -82.10 -53.90
C GLU P 285 140.86 -81.57 -52.82
N GLN P 286 140.43 -80.54 -52.11
CA GLN P 286 141.23 -79.94 -51.05
C GLN P 286 140.90 -80.57 -49.70
N ILE P 287 139.70 -81.15 -49.59
CA ILE P 287 139.27 -81.85 -48.38
C ILE P 287 139.85 -83.25 -48.34
N LEU P 288 139.78 -83.94 -49.49
CA LEU P 288 140.26 -85.31 -49.63
C LEU P 288 141.79 -85.42 -49.65
N ALA P 289 142.48 -84.30 -49.87
CA ALA P 289 143.94 -84.25 -49.97
C ALA P 289 144.70 -84.57 -48.68
N VAL P 290 143.97 -84.76 -47.57
CA VAL P 290 144.59 -85.06 -46.28
C VAL P 290 144.36 -86.52 -45.89
N ARG P 291 143.92 -87.31 -46.86
CA ARG P 291 143.61 -88.73 -46.69
C ARG P 291 142.68 -89.02 -45.49
N PRO P 292 141.45 -88.45 -45.53
CA PRO P 292 140.47 -88.68 -44.45
C PRO P 292 139.48 -89.79 -44.76
N THR P 293 138.68 -90.16 -43.77
CA THR P 293 137.61 -91.14 -43.91
C THR P 293 136.30 -90.61 -43.33
N LEU P 294 136.41 -89.54 -42.54
CA LEU P 294 135.25 -88.95 -41.87
C LEU P 294 135.29 -87.43 -41.86
N VAL P 295 134.22 -86.82 -42.35
CA VAL P 295 134.10 -85.36 -42.41
C VAL P 295 132.77 -84.88 -41.77
N ILE P 296 132.87 -83.98 -40.79
CA ILE P 296 131.72 -83.44 -40.09
C ILE P 296 131.68 -81.91 -40.19
N THR P 297 130.53 -81.37 -40.56
CA THR P 297 130.36 -79.94 -40.83
C THR P 297 129.37 -79.28 -39.89
N GLU P 298 129.60 -78.00 -39.59
CA GLU P 298 128.64 -77.20 -38.81
C GLU P 298 127.44 -76.76 -39.68
N LYS P 299 127.70 -76.38 -40.91
CA LYS P 299 126.63 -76.04 -41.86
C LYS P 299 126.28 -77.24 -42.76
N GLY P 300 125.38 -77.01 -43.72
CA GLY P 300 124.88 -78.09 -44.60
C GLY P 300 125.81 -78.59 -45.69
N VAL P 301 125.51 -79.77 -46.23
CA VAL P 301 126.33 -80.42 -47.25
C VAL P 301 125.56 -80.58 -48.58
N SER P 302 126.23 -80.22 -49.68
CA SER P 302 125.63 -80.26 -51.03
C SER P 302 125.45 -81.68 -51.57
N ASP P 303 124.42 -81.86 -52.39
CA ASP P 303 124.12 -83.14 -53.03
C ASP P 303 125.17 -83.55 -54.06
N LEU P 304 126.02 -82.62 -54.48
CA LEU P 304 127.11 -82.92 -55.40
C LEU P 304 128.43 -83.17 -54.66
N ALA P 305 128.58 -82.54 -53.50
CA ALA P 305 129.76 -82.73 -52.65
C ALA P 305 129.86 -84.17 -52.20
N GLN P 306 128.71 -84.79 -52.01
CA GLN P 306 128.60 -86.18 -51.55
C GLN P 306 129.23 -87.17 -52.53
N HIS P 307 129.01 -86.95 -53.82
CA HIS P 307 129.56 -87.84 -54.83
C HIS P 307 131.08 -87.82 -54.84
N TYR P 308 131.66 -86.65 -54.62
CA TYR P 308 133.12 -86.48 -54.63
C TYR P 308 133.78 -86.91 -53.31
N LEU P 309 132.95 -87.09 -52.28
CA LEU P 309 133.44 -87.60 -51.00
C LEU P 309 133.08 -89.08 -50.81
N LEU P 310 132.28 -89.61 -51.73
CA LEU P 310 132.04 -91.04 -51.84
C LEU P 310 133.21 -91.69 -52.58
N LYS P 311 133.66 -91.02 -53.65
CA LYS P 311 134.84 -91.45 -54.41
C LYS P 311 136.12 -91.27 -53.59
N GLY P 312 136.08 -90.37 -52.63
CA GLY P 312 137.18 -90.17 -51.69
C GLY P 312 137.21 -91.18 -50.58
N GLY P 313 136.10 -91.87 -50.37
CA GLY P 313 135.97 -92.87 -49.31
C GLY P 313 135.62 -92.29 -47.95
N CYS P 314 135.07 -91.07 -47.96
CA CYS P 314 134.73 -90.37 -46.72
C CYS P 314 133.25 -90.49 -46.41
N SER P 315 132.93 -90.94 -45.21
CA SER P 315 131.57 -90.85 -44.71
C SER P 315 131.40 -89.43 -44.15
N VAL P 316 130.33 -88.77 -44.59
CA VAL P 316 130.12 -87.35 -44.25
C VAL P 316 128.93 -87.13 -43.31
N LEU P 317 129.09 -86.18 -42.38
CA LEU P 317 128.01 -85.78 -41.47
C LEU P 317 127.72 -84.27 -41.60
N ARG P 318 126.45 -83.94 -41.86
CA ARG P 318 126.04 -82.57 -42.13
C ARG P 318 125.40 -81.88 -40.92
N ARG P 319 125.35 -80.56 -40.97
CA ARG P 319 124.70 -79.72 -39.97
C ARG P 319 124.74 -80.32 -38.56
N VAL P 320 125.85 -80.07 -37.87
CA VAL P 320 126.03 -80.53 -36.49
C VAL P 320 126.29 -79.31 -35.60
N LYS P 321 125.71 -79.32 -34.40
CA LYS P 321 125.77 -78.18 -33.48
C LYS P 321 127.18 -77.61 -33.27
N LYS P 322 127.24 -76.27 -33.13
CA LYS P 322 128.49 -75.52 -32.92
C LYS P 322 129.22 -76.00 -31.68
N SER P 323 128.49 -76.24 -30.61
CA SER P 323 129.05 -76.74 -29.35
C SER P 323 129.42 -78.22 -29.40
N ASP P 324 128.80 -78.98 -30.32
CA ASP P 324 129.15 -80.38 -30.55
C ASP P 324 130.50 -80.52 -31.22
N ASN P 325 130.82 -79.56 -32.08
CA ASN P 325 132.10 -79.54 -32.79
C ASN P 325 133.31 -79.38 -31.88
N ASN P 326 133.25 -78.39 -30.99
CA ASN P 326 134.31 -78.19 -30.00
C ASN P 326 134.44 -79.39 -29.06
N ARG P 327 133.33 -80.10 -28.88
CA ARG P 327 133.31 -81.30 -28.06
C ARG P 327 133.98 -82.47 -28.79
N ILE P 328 133.73 -82.60 -30.09
CA ILE P 328 134.37 -83.63 -30.92
C ILE P 328 135.86 -83.33 -31.11
N ALA P 329 136.17 -82.07 -31.39
CA ALA P 329 137.54 -81.60 -31.63
C ALA P 329 138.49 -81.89 -30.47
N ARG P 330 137.92 -82.01 -29.27
CA ARG P 330 138.68 -82.26 -28.05
C ARG P 330 138.98 -83.76 -27.84
N VAL P 331 138.04 -84.62 -28.24
CA VAL P 331 138.21 -86.09 -28.13
C VAL P 331 139.13 -86.60 -29.23
N THR P 332 138.76 -86.31 -30.48
CA THR P 332 139.51 -86.79 -31.65
C THR P 332 140.88 -86.13 -31.78
N GLY P 333 141.00 -84.92 -31.25
CA GLY P 333 142.27 -84.19 -31.26
C GLY P 333 142.51 -83.43 -32.54
N ALA P 334 141.49 -83.38 -33.40
CA ALA P 334 141.54 -82.58 -34.62
C ALA P 334 141.09 -81.16 -34.32
N THR P 335 141.56 -80.22 -35.14
CA THR P 335 141.18 -78.82 -34.97
C THR P 335 140.31 -78.33 -36.13
N ILE P 336 139.26 -77.60 -35.78
CA ILE P 336 138.25 -77.14 -36.74
C ILE P 336 138.75 -75.94 -37.53
N VAL P 337 138.59 -76.00 -38.85
CA VAL P 337 139.00 -74.90 -39.73
C VAL P 337 137.88 -74.47 -40.68
N ASN P 338 137.66 -73.15 -40.77
CA ASN P 338 136.69 -72.54 -41.70
C ASN P 338 137.19 -72.51 -43.14
N ARG P 339 138.49 -72.28 -43.31
CA ARG P 339 139.10 -72.19 -44.62
C ARG P 339 139.44 -73.58 -45.15
N VAL P 340 138.82 -73.95 -46.28
CA VAL P 340 139.08 -75.23 -46.94
C VAL P 340 140.47 -75.15 -47.57
N GLU P 341 140.81 -73.95 -48.02
CA GLU P 341 142.07 -73.64 -48.70
C GLU P 341 143.34 -73.99 -47.93
N ASP P 342 143.31 -73.83 -46.61
CA ASP P 342 144.52 -73.98 -45.79
C ASP P 342 144.50 -75.20 -44.85
N LEU P 343 143.78 -76.24 -45.25
CA LEU P 343 143.65 -77.46 -44.46
C LEU P 343 145.00 -78.18 -44.32
N LYS P 344 145.49 -78.27 -43.08
CA LYS P 344 146.82 -78.80 -42.80
C LYS P 344 146.81 -80.21 -42.19
N GLU P 345 147.97 -80.86 -42.20
CA GLU P 345 148.14 -82.23 -41.72
C GLU P 345 147.91 -82.40 -40.22
N SER P 346 147.75 -81.28 -39.51
CA SER P 346 147.54 -81.26 -38.06
C SER P 346 146.06 -81.41 -37.71
N ASP P 347 145.22 -80.93 -38.62
CA ASP P 347 143.80 -80.77 -38.33
C ASP P 347 143.02 -82.08 -38.49
N VAL P 348 143.72 -83.21 -38.44
CA VAL P 348 143.12 -84.52 -38.66
C VAL P 348 143.01 -85.36 -37.38
N GLY P 349 141.89 -86.05 -37.22
CA GLY P 349 141.55 -86.75 -35.98
C GLY P 349 142.34 -88.01 -35.70
N THR P 350 143.57 -87.83 -35.24
CA THR P 350 144.42 -88.94 -34.84
C THR P 350 143.91 -89.53 -33.52
N ASN P 351 143.92 -90.86 -33.46
CA ASN P 351 143.41 -91.63 -32.32
C ASN P 351 141.97 -91.31 -31.90
N CYS P 352 141.06 -91.54 -32.86
CA CYS P 352 139.69 -91.86 -32.57
C CYS P 352 139.52 -93.29 -33.04
N GLY P 353 139.25 -94.19 -32.10
CA GLY P 353 139.35 -95.62 -32.34
C GLY P 353 138.20 -96.31 -33.05
N LEU P 354 137.10 -95.61 -33.26
CA LEU P 354 135.93 -96.20 -33.90
C LEU P 354 135.00 -95.15 -34.49
N PHE P 355 134.21 -95.57 -35.47
CA PHE P 355 133.03 -94.83 -35.93
C PHE P 355 131.95 -95.84 -36.29
N LYS P 356 130.81 -95.76 -35.62
CA LYS P 356 129.72 -96.70 -35.83
C LYS P 356 128.36 -96.01 -35.87
N VAL P 357 127.49 -96.49 -36.75
CA VAL P 357 126.12 -96.01 -36.82
C VAL P 357 125.17 -97.12 -36.35
N GLU P 358 125.08 -97.26 -35.02
CA GLU P 358 124.15 -98.20 -34.39
C GLU P 358 122.77 -97.59 -34.31
N MET P 359 121.75 -98.44 -34.40
CA MET P 359 120.36 -98.02 -34.46
C MET P 359 119.63 -98.37 -33.16
N ILE P 360 119.33 -97.37 -32.36
CA ILE P 360 118.64 -97.58 -31.09
C ILE P 360 117.13 -97.55 -31.33
N GLY P 361 116.65 -98.56 -32.06
CA GLY P 361 115.21 -98.74 -32.33
C GLY P 361 114.54 -97.55 -32.99
N ASP P 362 114.38 -97.63 -34.30
CA ASP P 362 113.75 -96.57 -35.11
C ASP P 362 114.66 -95.37 -35.42
N GLU P 363 115.34 -94.84 -34.40
CA GLU P 363 116.20 -93.66 -34.59
C GLU P 363 117.69 -94.02 -34.74
N TYR P 364 118.34 -93.44 -35.75
CA TYR P 364 119.77 -93.68 -36.03
C TYR P 364 120.69 -92.77 -35.23
N PHE P 365 121.65 -93.36 -34.53
CA PHE P 365 122.63 -92.59 -33.76
C PHE P 365 124.04 -92.89 -34.26
N SER P 366 124.90 -91.87 -34.28
CA SER P 366 126.29 -92.05 -34.71
C SER P 366 127.28 -91.91 -33.56
N PHE P 367 127.97 -93.01 -33.28
CA PHE P 367 128.92 -93.12 -32.18
C PHE P 367 130.34 -92.75 -32.62
N LEU P 368 131.13 -92.25 -31.67
CA LEU P 368 132.53 -91.88 -31.92
C LEU P 368 133.38 -92.27 -30.71
N ASP P 369 133.70 -93.57 -30.61
CA ASP P 369 134.37 -94.16 -29.44
C ASP P 369 135.90 -94.12 -29.49
N ASN P 370 136.51 -94.48 -28.36
CA ASN P 370 137.97 -94.59 -28.21
C ASN P 370 138.74 -93.36 -28.67
N GLY P 428 143.32 -91.75 -27.66
CA GLY P 428 144.34 -91.37 -26.70
C GLY P 428 143.86 -90.36 -25.65
N SER P 429 144.29 -89.11 -25.82
CA SER P 429 144.03 -88.03 -24.85
C SER P 429 142.62 -87.42 -24.96
N GLY P 430 141.75 -87.79 -24.02
CA GLY P 430 140.42 -87.22 -23.95
C GLY P 430 140.40 -86.00 -23.04
N LYS P 431 139.55 -85.03 -23.39
CA LYS P 431 139.29 -83.87 -22.54
C LYS P 431 137.82 -83.39 -22.64
N ALA P 432 137.01 -84.18 -23.33
CA ALA P 432 135.55 -83.96 -23.42
C ALA P 432 134.85 -85.32 -23.39
N CYS P 433 133.60 -85.35 -22.94
CA CYS P 433 132.91 -86.62 -22.75
C CYS P 433 131.43 -86.55 -23.09
N THR P 434 130.81 -87.71 -23.33
CA THR P 434 129.36 -87.82 -23.48
C THR P 434 128.79 -88.90 -22.56
N ILE P 435 127.84 -88.50 -21.70
CA ILE P 435 127.18 -89.42 -20.77
C ILE P 435 125.86 -89.96 -21.34
N MET P 436 125.85 -91.25 -21.61
CA MET P 436 124.67 -91.95 -22.10
C MET P 436 123.80 -92.29 -20.91
N LEU P 437 122.56 -91.80 -20.91
CA LEU P 437 121.62 -92.11 -19.84
C LEU P 437 120.43 -92.95 -20.30
N ARG P 438 120.12 -93.97 -19.50
CA ARG P 438 118.99 -94.84 -19.73
C ARG P 438 118.17 -94.93 -18.45
N GLY P 439 116.85 -94.96 -18.59
CA GLY P 439 115.96 -94.95 -17.42
C GLY P 439 114.71 -95.78 -17.63
N GLY P 440 113.58 -95.11 -17.77
CA GLY P 440 112.31 -95.80 -17.96
C GLY P 440 111.24 -94.91 -18.55
N SER P 441 111.64 -93.67 -18.88
CA SER P 441 110.77 -92.65 -19.46
C SER P 441 111.61 -91.43 -19.77
N LYS P 442 111.16 -90.65 -20.74
CA LYS P 442 111.79 -89.38 -21.07
C LYS P 442 111.71 -88.43 -19.87
N ASP P 443 110.61 -88.54 -19.12
CA ASP P 443 110.38 -87.69 -17.95
C ASP P 443 111.35 -87.96 -16.81
N ILE P 444 111.36 -89.19 -16.32
CA ILE P 444 112.17 -89.55 -15.15
C ILE P 444 113.68 -89.56 -15.42
N LEU P 445 114.05 -89.49 -16.70
CA LEU P 445 115.46 -89.35 -17.10
C LEU P 445 116.02 -87.97 -16.80
N ASN P 446 115.16 -86.96 -16.87
CA ASN P 446 115.51 -85.58 -16.56
C ASN P 446 115.84 -85.43 -15.08
N GLU P 447 115.06 -86.11 -14.24
CA GLU P 447 115.26 -86.08 -12.79
C GLU P 447 116.53 -86.84 -12.42
N ILE P 448 116.93 -87.79 -13.28
CA ILE P 448 118.20 -88.51 -13.12
C ILE P 448 119.37 -87.58 -13.48
N ASP P 449 119.26 -86.92 -14.63
CA ASP P 449 120.24 -85.92 -15.03
C ASP P 449 120.37 -84.82 -13.97
N ARG P 450 119.23 -84.32 -13.47
CA ARG P 450 119.19 -83.32 -12.40
C ARG P 450 119.98 -83.78 -11.18
N ASN P 451 120.01 -85.09 -10.99
CA ASN P 451 120.75 -85.70 -9.92
C ASN P 451 122.23 -85.88 -10.28
N LEU P 452 122.49 -86.26 -11.52
CA LEU P 452 123.86 -86.51 -11.97
C LEU P 452 124.65 -85.20 -11.97
N GLN P 453 124.01 -84.12 -12.43
CA GLN P 453 124.62 -82.79 -12.42
C GLN P 453 125.01 -82.35 -11.01
N ASP P 454 124.17 -82.69 -10.03
CA ASP P 454 124.44 -82.42 -8.62
C ASP P 454 125.52 -83.35 -8.08
N ALA P 455 125.79 -84.44 -8.81
CA ALA P 455 126.77 -85.44 -8.41
C ALA P 455 128.15 -85.18 -9.01
N MET P 456 128.14 -84.71 -10.26
CA MET P 456 129.37 -84.33 -10.93
C MET P 456 129.91 -83.03 -10.35
N ALA P 457 129.02 -82.20 -9.83
CA ALA P 457 129.40 -80.94 -9.22
C ALA P 457 130.19 -81.18 -7.93
N VAL P 458 129.76 -82.15 -7.14
CA VAL P 458 130.42 -82.45 -5.87
C VAL P 458 131.77 -83.14 -6.06
N ALA P 459 131.94 -83.75 -7.24
CA ALA P 459 133.21 -84.32 -7.63
C ALA P 459 134.19 -83.22 -8.03
N ARG P 460 133.71 -82.26 -8.82
CA ARG P 460 134.55 -81.16 -9.32
C ARG P 460 134.91 -80.13 -8.24
N ASN P 461 134.07 -80.00 -7.21
CA ASN P 461 134.35 -79.11 -6.10
C ASN P 461 135.59 -79.57 -5.34
N VAL P 462 135.59 -80.86 -5.00
CA VAL P 462 136.62 -81.47 -4.16
C VAL P 462 137.99 -81.39 -4.81
N MET P 463 138.03 -81.61 -6.13
CA MET P 463 139.28 -81.49 -6.88
C MET P 463 139.85 -80.07 -6.83
N LEU P 464 138.95 -79.09 -6.72
CA LEU P 464 139.34 -77.68 -6.59
C LEU P 464 139.60 -77.25 -5.15
N SER P 465 138.84 -77.80 -4.21
CA SER P 465 139.08 -77.60 -2.79
C SER P 465 139.13 -78.96 -2.07
N PRO P 466 140.35 -79.41 -1.73
CA PRO P 466 140.67 -80.76 -1.27
C PRO P 466 140.18 -81.15 0.14
N SER P 467 139.27 -80.35 0.72
CA SER P 467 138.78 -80.60 2.08
C SER P 467 137.30 -80.94 2.17
N LEU P 468 136.94 -81.73 3.19
CA LEU P 468 135.59 -82.25 3.38
C LEU P 468 135.02 -81.99 4.78
N SER P 469 133.85 -81.37 4.83
CA SER P 469 133.16 -81.09 6.09
C SER P 469 132.34 -82.29 6.54
N PRO P 470 132.27 -82.52 7.87
CA PRO P 470 131.44 -83.59 8.41
C PRO P 470 129.95 -83.22 8.35
N GLY P 471 129.26 -83.71 7.32
CA GLY P 471 127.86 -83.38 7.09
C GLY P 471 126.90 -84.08 8.02
N GLY P 472 125.64 -84.17 7.59
CA GLY P 472 124.60 -84.80 8.39
C GLY P 472 124.26 -83.96 9.60
N GLY P 473 124.22 -82.65 9.40
CA GLY P 473 123.88 -81.71 10.45
C GLY P 473 124.97 -81.50 11.47
N ALA P 474 126.05 -82.28 11.34
CA ALA P 474 127.15 -82.25 12.31
C ALA P 474 127.97 -80.96 12.22
N THR P 475 128.31 -80.55 11.00
CA THR P 475 129.03 -79.30 10.77
C THR P 475 128.23 -78.11 11.30
N GLU P 476 126.93 -78.08 11.00
CA GLU P 476 126.04 -76.99 11.44
C GLU P 476 125.85 -76.89 12.96
N MET P 477 125.84 -78.04 13.65
CA MET P 477 125.81 -78.03 15.11
C MET P 477 127.15 -77.59 15.71
N ALA P 478 128.23 -77.84 14.98
CA ALA P 478 129.56 -77.42 15.39
C ALA P 478 129.68 -75.90 15.44
N VAL P 479 128.97 -75.23 14.53
CA VAL P 479 128.91 -73.76 14.49
C VAL P 479 128.05 -73.23 15.63
N SER P 480 127.02 -73.98 16.01
CA SER P 480 126.08 -73.56 17.04
C SER P 480 126.72 -73.31 18.41
N VAL P 481 127.47 -74.29 18.90
CA VAL P 481 128.06 -74.19 20.24
C VAL P 481 129.34 -73.35 20.28
N LYS P 482 130.07 -73.32 19.16
CA LYS P 482 131.25 -72.47 19.03
C LYS P 482 130.86 -70.99 19.05
N LEU P 483 129.70 -70.67 18.49
CA LEU P 483 129.14 -69.30 18.53
C LEU P 483 128.37 -69.01 19.82
N ALA P 484 127.84 -70.05 20.45
CA ALA P 484 127.13 -69.91 21.73
C ALA P 484 128.09 -69.58 22.87
N GLU P 485 129.32 -70.10 22.77
CA GLU P 485 130.40 -69.77 23.71
C GLU P 485 130.89 -68.35 23.46
N LYS P 486 131.13 -68.02 22.19
CA LYS P 486 131.61 -66.71 21.78
C LYS P 486 130.57 -65.63 22.06
N ALA P 487 129.30 -66.01 22.05
CA ALA P 487 128.20 -65.09 22.37
C ALA P 487 128.28 -64.63 23.83
N LYS P 488 128.43 -65.57 24.74
CA LYS P 488 128.55 -65.29 26.17
C LYS P 488 129.81 -64.50 26.51
N GLN P 489 130.88 -64.78 25.77
CA GLN P 489 132.17 -64.12 25.98
C GLN P 489 132.24 -62.69 25.40
N LEU P 490 131.27 -62.34 24.56
CA LEU P 490 131.19 -60.98 24.00
C LEU P 490 130.52 -59.98 24.95
N GLU P 491 129.32 -60.32 25.40
CA GLU P 491 128.49 -59.45 26.25
C GLU P 491 128.17 -58.08 25.60
N GLY P 492 127.18 -57.37 26.18
CA GLY P 492 126.75 -56.09 25.65
C GLY P 492 125.46 -56.15 24.86
N ILE P 493 125.32 -55.28 23.87
CA ILE P 493 124.10 -55.20 23.06
C ILE P 493 124.28 -56.03 21.79
N GLN P 494 125.52 -56.12 21.34
CA GLN P 494 125.91 -56.87 20.14
C GLN P 494 125.75 -58.38 20.30
N GLN P 495 125.56 -58.82 21.54
CA GLN P 495 125.47 -60.24 21.89
C GLN P 495 124.19 -60.88 21.35
N TRP P 496 123.06 -60.20 21.52
CA TRP P 496 121.75 -60.75 21.16
C TRP P 496 121.66 -61.27 19.71
N PRO P 497 122.08 -60.45 18.72
CA PRO P 497 122.04 -60.93 17.34
C PRO P 497 123.02 -62.06 17.11
N TYR P 498 124.20 -61.93 17.70
CA TYR P 498 125.24 -62.95 17.60
C TYR P 498 124.71 -64.30 18.07
N GLN P 499 124.06 -64.30 19.24
CA GLN P 499 123.52 -65.50 19.86
C GLN P 499 122.27 -66.02 19.13
N ALA P 500 121.95 -65.41 18.00
CA ALA P 500 120.80 -65.83 17.20
C ALA P 500 121.23 -66.54 15.92
N VAL P 501 122.50 -66.37 15.55
CA VAL P 501 123.11 -67.14 14.46
C VAL P 501 123.40 -68.54 14.99
N ALA P 502 123.88 -68.60 16.23
CA ALA P 502 124.08 -69.84 16.97
C ALA P 502 122.76 -70.58 17.13
N ASP P 503 121.67 -69.83 17.29
CA ASP P 503 120.33 -70.39 17.33
C ASP P 503 119.93 -70.92 15.95
N ALA P 504 120.32 -70.18 14.91
CA ALA P 504 119.90 -70.48 13.55
C ALA P 504 120.53 -71.74 12.98
N MET P 505 121.76 -72.04 13.38
CA MET P 505 122.51 -73.18 12.85
C MET P 505 121.87 -74.53 13.12
N GLU P 506 121.26 -74.67 14.30
CA GLU P 506 120.64 -75.92 14.73
C GLU P 506 119.41 -76.31 13.90
N CYS P 507 118.95 -75.40 13.04
CA CYS P 507 117.73 -75.60 12.25
C CYS P 507 117.83 -76.75 11.25
N ILE P 508 119.04 -77.00 10.74
CA ILE P 508 119.26 -78.12 9.83
C ILE P 508 119.09 -79.44 10.58
N PRO P 509 119.81 -79.63 11.72
CA PRO P 509 119.49 -80.80 12.52
C PRO P 509 117.98 -80.86 12.84
N ARG P 510 117.43 -79.72 13.26
CA ARG P 510 116.01 -79.64 13.67
C ARG P 510 115.05 -80.05 12.57
N THR P 511 115.46 -79.88 11.31
CA THR P 511 114.65 -80.32 10.18
C THR P 511 114.97 -81.75 9.77
N LEU P 512 116.21 -82.16 9.99
CA LEU P 512 116.66 -83.52 9.63
C LEU P 512 116.08 -84.58 10.55
N ILE P 513 115.91 -84.23 11.82
CA ILE P 513 115.22 -85.09 12.76
C ILE P 513 113.73 -85.20 12.36
N GLN P 514 113.15 -84.05 11.99
CA GLN P 514 111.73 -83.92 11.65
C GLN P 514 111.37 -84.69 10.39
N ASN P 515 112.20 -84.56 9.37
CA ASN P 515 112.04 -85.31 8.14
C ASN P 515 112.26 -86.82 8.38
N ALA P 516 113.19 -87.16 9.29
CA ALA P 516 113.40 -88.55 9.71
C ALA P 516 112.16 -89.12 10.39
N GLY P 517 111.68 -88.44 11.43
CA GLY P 517 110.45 -88.82 12.12
C GLY P 517 110.54 -88.94 13.63
N GLY P 518 111.70 -88.56 14.18
CA GLY P 518 111.92 -88.62 15.62
C GLY P 518 111.48 -87.36 16.32
N ASP P 519 111.62 -87.35 17.65
CA ASP P 519 111.30 -86.18 18.46
C ASP P 519 112.49 -85.23 18.49
N PRO P 520 112.34 -84.05 17.86
CA PRO P 520 113.44 -83.09 17.66
C PRO P 520 114.07 -82.54 18.93
N ILE P 521 113.25 -82.25 19.94
CA ILE P 521 113.74 -81.72 21.23
C ILE P 521 114.54 -82.74 22.05
N ARG P 522 114.18 -84.02 21.89
CA ARG P 522 114.85 -85.12 22.58
C ARG P 522 116.22 -85.42 21.97
N LEU P 523 116.32 -85.28 20.64
CA LEU P 523 117.53 -85.65 19.90
C LEU P 523 118.51 -84.50 19.72
N LEU P 524 118.01 -83.27 19.65
CA LEU P 524 118.85 -82.06 19.66
C LEU P 524 119.58 -81.89 20.99
N SER P 525 118.88 -82.18 22.08
CA SER P 525 119.49 -82.15 23.40
C SER P 525 120.66 -83.13 23.45
N GLN P 526 120.39 -84.39 23.07
CA GLN P 526 121.41 -85.45 23.04
C GLN P 526 122.43 -85.25 21.91
N LEU P 527 122.24 -84.19 21.12
CA LEU P 527 123.22 -83.84 20.09
C LEU P 527 124.05 -82.63 20.50
N ARG P 528 123.40 -81.61 21.08
CA ARG P 528 124.08 -80.39 21.51
C ARG P 528 125.08 -80.66 22.63
N ALA P 529 124.62 -81.36 23.66
CA ALA P 529 125.47 -81.71 24.79
C ALA P 529 126.55 -82.73 24.40
N LYS P 530 126.15 -83.73 23.62
CA LYS P 530 127.08 -84.75 23.13
C LYS P 530 127.92 -84.25 21.93
N HIS P 531 128.06 -82.93 21.84
CA HIS P 531 128.90 -82.30 20.82
C HIS P 531 130.03 -81.49 21.47
N ALA P 532 129.69 -80.77 22.53
CA ALA P 532 130.66 -79.95 23.26
C ALA P 532 131.85 -80.76 23.80
N GLN P 533 131.63 -82.04 24.11
CA GLN P 533 132.68 -82.90 24.63
C GLN P 533 132.79 -84.23 23.87
N GLY P 534 132.14 -84.32 22.71
CA GLY P 534 132.07 -85.58 21.96
C GLY P 534 132.33 -85.47 20.46
N ASN P 535 133.36 -84.69 20.11
CA ASN P 535 133.83 -84.54 18.72
C ASN P 535 132.89 -83.80 17.77
N PHE P 536 133.50 -83.22 16.74
CA PHE P 536 132.80 -82.43 15.73
C PHE P 536 131.92 -83.29 14.84
N THR P 537 132.31 -84.56 14.68
CA THR P 537 131.67 -85.44 13.69
C THR P 537 130.40 -86.10 14.22
N THR P 538 129.70 -85.41 15.12
CA THR P 538 128.49 -85.95 15.72
C THR P 538 127.27 -85.35 15.06
N GLY P 539 126.58 -86.18 14.28
CA GLY P 539 125.41 -85.74 13.51
C GLY P 539 124.27 -86.74 13.52
N ILE P 540 123.29 -86.51 12.65
CA ILE P 540 122.08 -87.33 12.61
C ILE P 540 122.06 -88.26 11.40
N ASP P 541 121.72 -89.52 11.65
CA ASP P 541 121.45 -90.49 10.59
C ASP P 541 120.02 -90.29 10.10
N GLY P 542 119.85 -90.17 8.79
CA GLY P 542 118.56 -89.86 8.19
C GLY P 542 117.49 -90.90 8.40
N ASP P 543 117.84 -92.16 8.08
CA ASP P 543 116.86 -93.26 8.08
C ASP P 543 116.56 -93.84 9.46
N LYS P 544 117.41 -93.51 10.43
CA LYS P 544 117.20 -93.98 11.79
C LYS P 544 116.50 -92.92 12.65
N GLY P 545 117.05 -91.70 12.66
CA GLY P 545 116.57 -90.65 13.54
C GLY P 545 117.25 -90.74 14.89
N LYS P 546 118.55 -90.98 14.87
CA LYS P 546 119.39 -91.12 16.06
C LYS P 546 120.81 -90.57 15.83
N ILE P 547 121.48 -90.20 16.94
CA ILE P 547 122.84 -89.66 16.89
C ILE P 547 123.85 -90.67 16.37
N VAL P 548 124.67 -90.23 15.43
CA VAL P 548 125.66 -91.09 14.81
C VAL P 548 126.95 -90.32 14.58
N ASP P 549 128.09 -90.97 14.83
CA ASP P 549 129.41 -90.42 14.54
C ASP P 549 129.70 -90.56 13.04
N MET P 550 129.75 -89.42 12.35
CA MET P 550 129.83 -89.39 10.88
C MET P 550 131.08 -90.03 10.28
N VAL P 551 132.12 -90.22 11.11
CA VAL P 551 133.34 -90.91 10.70
C VAL P 551 133.00 -92.37 10.35
N SER P 552 132.27 -93.02 11.25
CA SER P 552 131.92 -94.43 11.12
C SER P 552 130.78 -94.69 10.13
N TYR P 553 129.95 -93.68 9.89
CA TYR P 553 128.81 -93.86 8.99
C TYR P 553 129.14 -93.57 7.53
N GLY P 554 129.61 -92.35 7.25
CA GLY P 554 130.05 -92.00 5.90
C GLY P 554 129.23 -90.93 5.21
N ILE P 555 128.69 -89.99 5.98
CA ILE P 555 128.05 -88.81 5.40
C ILE P 555 128.94 -87.59 5.62
N TRP P 556 129.67 -87.23 4.58
CA TRP P 556 130.51 -86.04 4.57
C TRP P 556 130.18 -85.20 3.34
N GLU P 557 129.97 -83.89 3.54
CA GLU P 557 129.69 -82.95 2.45
C GLU P 557 130.92 -82.05 2.18
N PRO P 558 131.24 -81.80 0.89
CA PRO P 558 132.38 -80.95 0.52
C PRO P 558 132.40 -79.61 1.25
N GLU P 559 133.59 -79.13 1.62
CA GLU P 559 133.73 -77.97 2.51
C GLU P 559 133.22 -76.66 1.93
N VAL P 560 133.16 -76.57 0.61
CA VAL P 560 132.68 -75.35 -0.04
C VAL P 560 131.17 -75.23 0.08
N ILE P 561 130.47 -76.36 0.14
CA ILE P 561 129.03 -76.38 0.35
C ILE P 561 128.70 -75.66 1.65
N LYS P 562 129.19 -76.19 2.77
CA LYS P 562 128.98 -75.58 4.07
C LYS P 562 129.53 -74.15 4.13
N GLN P 563 130.56 -73.87 3.32
CA GLN P 563 131.15 -72.54 3.24
C GLN P 563 130.16 -71.54 2.65
N GLN P 564 129.83 -71.71 1.37
CA GLN P 564 128.90 -70.83 0.65
C GLN P 564 127.51 -70.78 1.28
N SER P 565 127.03 -71.94 1.73
CA SER P 565 125.76 -72.08 2.45
C SER P 565 125.62 -71.01 3.53
N VAL P 566 126.60 -70.95 4.43
CA VAL P 566 126.61 -69.99 5.53
C VAL P 566 127.02 -68.60 5.07
N LYS P 567 127.80 -68.53 3.99
CA LYS P 567 128.24 -67.25 3.44
C LYS P 567 127.06 -66.42 2.95
N THR P 568 126.38 -66.90 1.91
CA THR P 568 125.23 -66.19 1.32
C THR P 568 124.04 -66.14 2.26
N ALA P 569 123.80 -67.22 3.00
CA ALA P 569 122.69 -67.28 3.94
C ALA P 569 122.67 -66.06 4.87
N ILE P 570 123.86 -65.68 5.34
CA ILE P 570 124.00 -64.50 6.19
C ILE P 570 123.91 -63.21 5.36
N GLU P 571 124.68 -63.13 4.28
CA GLU P 571 124.62 -61.98 3.37
C GLU P 571 123.17 -61.59 3.05
N SER P 572 122.30 -62.60 2.93
CA SER P 572 120.88 -62.39 2.60
C SER P 572 120.12 -61.69 3.70
N ALA P 573 120.24 -62.23 4.91
CA ALA P 573 119.61 -61.66 6.10
C ALA P 573 120.12 -60.25 6.37
N CYS P 574 121.35 -60.00 5.95
CA CYS P 574 121.99 -58.70 6.12
C CYS P 574 121.56 -57.70 5.04
N LEU P 575 120.94 -58.19 3.97
CA LEU P 575 120.35 -57.33 2.96
C LEU P 575 118.93 -56.96 3.33
N LEU P 576 118.14 -57.96 3.72
CA LEU P 576 116.74 -57.75 4.07
C LEU P 576 116.56 -56.88 5.31
N LEU P 577 117.46 -57.04 6.28
CA LEU P 577 117.44 -56.24 7.51
C LEU P 577 117.63 -54.74 7.28
N ARG P 578 118.18 -54.39 6.11
CA ARG P 578 118.43 -53.00 5.75
C ARG P 578 117.17 -52.30 5.24
N VAL P 579 116.17 -53.10 4.87
CA VAL P 579 114.91 -52.57 4.35
C VAL P 579 114.01 -52.14 5.51
N ASP P 580 113.49 -50.93 5.41
CA ASP P 580 112.55 -50.37 6.38
C ASP P 580 111.36 -49.76 5.64
N ASP P 581 111.46 -49.73 4.31
CA ASP P 581 110.51 -49.01 3.49
C ASP P 581 110.35 -49.70 2.15
N ILE P 582 109.14 -50.16 1.83
CA ILE P 582 108.86 -50.77 0.54
C ILE P 582 107.89 -49.89 -0.22
N VAL P 583 108.40 -49.18 -1.21
CA VAL P 583 107.57 -48.32 -2.05
C VAL P 583 107.19 -49.10 -3.31
N SER P 584 105.89 -49.14 -3.60
CA SER P 584 105.39 -49.87 -4.76
C SER P 584 104.75 -48.90 -5.76
N GLY P 585 104.86 -49.24 -7.05
CA GLY P 585 104.36 -48.38 -8.13
C GLY P 585 105.42 -47.35 -8.52
N VAL P 586 106.55 -47.86 -9.02
CA VAL P 586 107.76 -47.07 -9.20
C VAL P 586 108.05 -46.69 -10.66
N ARG P 587 107.85 -47.64 -11.58
CA ARG P 587 108.00 -47.39 -13.03
C ARG P 587 109.44 -47.28 -13.56
N LYS P 588 109.55 -47.27 -14.89
CA LYS P 588 110.83 -47.22 -15.61
C LYS P 588 111.68 -48.48 -15.40
N SER Q 2 -98.89 85.92 15.00
CA SER Q 2 -100.33 85.95 15.40
C SER Q 2 -100.86 84.53 15.46
N LEU Q 3 -100.66 83.79 14.38
CA LEU Q 3 -101.09 82.39 14.29
C LEU Q 3 -100.16 81.45 15.06
N GLN Q 4 -98.88 81.83 15.12
CA GLN Q 4 -97.83 81.01 15.72
C GLN Q 4 -98.00 80.80 17.24
N LEU Q 5 -98.94 81.54 17.83
CA LEU Q 5 -99.25 81.48 19.25
C LEU Q 5 -100.34 80.44 19.57
N LEU Q 6 -101.12 80.08 18.54
CA LEU Q 6 -102.17 79.09 18.69
C LEU Q 6 -101.64 77.67 18.52
N ASN Q 7 -100.65 77.53 17.65
CA ASN Q 7 -99.97 76.25 17.44
C ASN Q 7 -98.47 76.50 17.29
N PRO Q 8 -97.66 75.92 18.20
CA PRO Q 8 -96.21 76.05 18.10
C PRO Q 8 -95.67 75.40 16.83
N LYS Q 9 -96.23 74.25 16.47
CA LYS Q 9 -95.76 73.46 15.33
C LYS Q 9 -96.75 73.45 14.17
N ALA Q 10 -96.94 74.62 13.55
CA ALA Q 10 -97.79 74.75 12.37
C ALA Q 10 -97.07 75.50 11.24
N GLU Q 11 -96.89 74.83 10.11
CA GLU Q 11 -96.29 75.47 8.93
C GLU Q 11 -97.33 76.32 8.21
N SER Q 12 -96.91 77.48 7.72
CA SER Q 12 -97.81 78.37 6.99
C SER Q 12 -97.08 79.17 5.93
N LEU Q 13 -97.76 79.38 4.81
CA LEU Q 13 -97.29 80.31 3.79
C LEU Q 13 -98.31 81.44 3.68
N ARG Q 14 -97.93 82.61 4.18
CA ARG Q 14 -98.84 83.75 4.25
C ARG Q 14 -98.71 84.71 3.05
N ARG Q 15 -99.52 85.77 3.07
CA ARG Q 15 -99.43 86.92 2.16
C ARG Q 15 -99.09 86.61 0.69
N ASP Q 16 -98.06 87.28 0.18
CA ASP Q 16 -97.71 87.24 -1.23
C ASP Q 16 -96.99 85.95 -1.63
N ALA Q 17 -96.32 85.33 -0.67
CA ALA Q 17 -95.63 84.06 -0.90
C ALA Q 17 -96.61 82.92 -1.15
N ALA Q 18 -97.78 82.98 -0.51
CA ALA Q 18 -98.86 82.01 -0.71
C ALA Q 18 -99.31 81.96 -2.17
N LEU Q 19 -99.42 83.14 -2.79
CA LEU Q 19 -99.61 83.24 -4.22
C LEU Q 19 -98.43 82.60 -4.95
N LYS Q 20 -97.22 83.04 -4.60
CA LYS Q 20 -95.99 82.62 -5.27
C LYS Q 20 -95.82 81.10 -5.31
N VAL Q 21 -96.07 80.45 -4.19
CA VAL Q 21 -95.96 78.99 -4.09
C VAL Q 21 -96.99 78.27 -4.98
N ASN Q 22 -98.22 78.78 -4.99
CA ASN Q 22 -99.29 78.22 -5.83
C ASN Q 22 -98.96 78.30 -7.32
N VAL Q 23 -98.58 79.49 -7.78
CA VAL Q 23 -98.25 79.75 -9.19
C VAL Q 23 -97.03 78.93 -9.65
N THR Q 24 -95.93 79.00 -8.88
CA THR Q 24 -94.73 78.22 -9.20
C THR Q 24 -95.09 76.76 -9.44
N SER Q 25 -95.93 76.24 -8.56
CA SER Q 25 -96.37 74.85 -8.58
C SER Q 25 -97.18 74.54 -9.83
N ALA Q 26 -98.18 75.38 -10.13
CA ALA Q 26 -99.01 75.20 -11.32
C ALA Q 26 -98.19 75.38 -12.60
N GLU Q 27 -97.33 76.41 -12.60
CA GLU Q 27 -96.35 76.64 -13.68
C GLU Q 27 -95.46 75.42 -13.80
N GLY Q 28 -95.11 74.82 -12.65
CA GLY Q 28 -94.30 73.62 -12.61
C GLY Q 28 -95.02 72.39 -13.14
N LEU Q 29 -96.28 72.20 -12.73
CA LEU Q 29 -97.07 71.02 -13.13
C LEU Q 29 -97.31 71.00 -14.63
N GLN Q 30 -97.51 72.18 -15.22
CA GLN Q 30 -97.64 72.30 -16.67
C GLN Q 30 -96.29 72.10 -17.39
N SER Q 31 -95.20 72.28 -16.65
CA SER Q 31 -93.85 72.06 -17.19
C SER Q 31 -93.56 70.58 -17.39
N VAL Q 32 -94.20 69.73 -16.58
CA VAL Q 32 -93.97 68.29 -16.66
C VAL Q 32 -95.12 67.57 -17.38
N LEU Q 33 -96.10 68.34 -17.86
CA LEU Q 33 -97.24 67.78 -18.59
C LEU Q 33 -97.48 68.37 -19.98
N GLU Q 34 -96.58 69.22 -20.45
CA GLU Q 34 -96.71 69.76 -21.81
C GLU Q 34 -95.96 68.92 -22.85
N THR Q 35 -95.27 67.89 -22.37
CA THR Q 35 -94.56 66.96 -23.24
C THR Q 35 -95.54 65.99 -23.89
N ASN Q 36 -96.82 66.15 -23.52
CA ASN Q 36 -97.86 65.20 -23.91
C ASN Q 36 -98.94 65.77 -24.84
N LEU Q 37 -98.88 67.07 -25.13
CA LEU Q 37 -99.91 67.72 -25.94
C LEU Q 37 -99.75 67.47 -27.45
N GLY Q 38 -100.78 66.85 -28.04
CA GLY Q 38 -100.83 66.56 -29.47
C GLY Q 38 -100.07 65.32 -29.88
N PRO Q 39 -100.11 64.97 -31.18
CA PRO Q 39 -99.36 63.83 -31.69
C PRO Q 39 -97.87 64.16 -31.81
N LYS Q 40 -97.54 65.44 -31.72
CA LYS Q 40 -96.16 65.90 -31.74
C LYS Q 40 -95.43 65.62 -30.42
N GLY Q 41 -96.19 65.20 -29.41
CA GLY Q 41 -95.65 64.90 -28.07
C GLY Q 41 -94.78 63.66 -28.01
N THR Q 42 -94.37 63.29 -26.79
CA THR Q 42 -93.42 62.19 -26.58
C THR Q 42 -93.91 61.17 -25.56
N LEU Q 43 -93.60 59.90 -25.82
CA LEU Q 43 -94.02 58.78 -24.98
C LEU Q 43 -93.10 58.59 -23.79
N LYS Q 44 -93.70 58.48 -22.61
CA LYS Q 44 -92.97 58.34 -21.36
C LYS Q 44 -93.15 56.95 -20.81
N MET Q 45 -92.07 56.35 -20.33
CA MET Q 45 -92.12 55.04 -19.68
C MET Q 45 -92.05 55.17 -18.17
N LEU Q 46 -93.04 54.59 -17.51
CA LEU Q 46 -93.16 54.72 -16.06
C LEU Q 46 -92.97 53.36 -15.41
N VAL Q 47 -92.24 53.33 -14.29
CA VAL Q 47 -92.07 52.11 -13.50
C VAL Q 47 -92.38 52.42 -12.03
N ASP Q 48 -93.31 51.64 -11.46
CA ASP Q 48 -93.70 51.77 -10.05
C ASP Q 48 -92.80 50.95 -9.12
N GLY Q 49 -93.01 51.10 -7.82
CA GLY Q 49 -92.20 50.42 -6.81
C GLY Q 49 -92.12 48.90 -6.91
N ALA Q 50 -93.05 48.31 -7.66
CA ALA Q 50 -93.10 46.85 -7.85
C ALA Q 50 -92.38 46.40 -9.13
N GLY Q 51 -92.13 47.33 -10.03
CA GLY Q 51 -91.44 47.03 -11.28
C GLY Q 51 -92.37 46.96 -12.47
N ASN Q 52 -93.64 47.30 -12.25
CA ASN Q 52 -94.65 47.26 -13.31
C ASN Q 52 -94.52 48.42 -14.30
N ILE Q 53 -94.39 48.07 -15.58
CA ILE Q 53 -94.20 49.06 -16.64
C ILE Q 53 -95.53 49.48 -17.29
N LYS Q 54 -95.96 50.72 -17.04
CA LYS Q 54 -97.05 51.36 -17.80
C LYS Q 54 -96.45 52.40 -18.75
N LEU Q 55 -97.06 52.55 -19.92
CA LEU Q 55 -96.41 53.25 -21.04
C LEU Q 55 -97.38 54.12 -21.83
N THR Q 56 -97.57 55.37 -21.41
CA THR Q 56 -98.63 56.20 -21.99
C THR Q 56 -98.25 57.67 -22.19
N LYS Q 57 -98.96 58.33 -23.11
CA LYS Q 57 -98.85 59.76 -23.38
C LYS Q 57 -100.08 60.54 -22.86
N ASP Q 58 -101.10 59.79 -22.43
CA ASP Q 58 -102.32 60.37 -21.83
C ASP Q 58 -101.99 61.24 -20.62
N GLY Q 59 -102.68 62.37 -20.51
CA GLY Q 59 -102.51 63.29 -19.38
C GLY Q 59 -102.99 62.73 -18.05
N LYS Q 60 -104.20 62.15 -18.04
CA LYS Q 60 -104.80 61.57 -16.83
C LYS Q 60 -104.04 60.35 -16.32
N VAL Q 61 -103.38 59.62 -17.22
CA VAL Q 61 -102.54 58.49 -16.84
C VAL Q 61 -101.38 58.92 -15.93
N LEU Q 62 -100.62 59.93 -16.36
CA LEU Q 62 -99.48 60.44 -15.58
C LEU Q 62 -99.88 60.89 -14.18
N LEU Q 63 -101.10 61.41 -14.06
CA LEU Q 63 -101.58 62.00 -12.80
C LEU Q 63 -102.02 60.96 -11.76
N THR Q 64 -102.62 59.87 -12.22
CA THR Q 64 -103.04 58.77 -11.33
C THR Q 64 -101.86 57.90 -10.94
N GLU Q 65 -100.91 57.73 -11.86
CA GLU Q 65 -99.75 56.84 -11.68
C GLU Q 65 -98.72 57.33 -10.66
N MET Q 66 -98.72 58.63 -10.36
CA MET Q 66 -97.67 59.23 -9.55
C MET Q 66 -98.14 59.81 -8.21
N GLN Q 67 -97.23 59.83 -7.25
CA GLN Q 67 -97.48 60.41 -5.93
C GLN Q 67 -97.30 61.93 -5.95
N ILE Q 68 -98.42 62.66 -5.79
CA ILE Q 68 -98.43 64.12 -5.83
C ILE Q 68 -98.38 64.68 -4.41
N GLN Q 69 -97.31 65.42 -4.12
CA GLN Q 69 -97.08 65.99 -2.79
C GLN Q 69 -97.58 67.44 -2.69
N SER Q 70 -97.39 68.20 -3.77
CA SER Q 70 -97.77 69.61 -3.79
C SER Q 70 -99.29 69.78 -3.64
N PRO Q 71 -99.72 70.54 -2.62
CA PRO Q 71 -101.14 70.67 -2.34
C PRO Q 71 -101.86 71.41 -3.46
N THR Q 72 -101.28 72.53 -3.90
CA THR Q 72 -101.81 73.27 -5.04
C THR Q 72 -101.79 72.44 -6.32
N ALA Q 73 -101.02 71.35 -6.34
CA ALA Q 73 -100.91 70.50 -7.51
C ALA Q 73 -101.89 69.32 -7.50
N VAL Q 74 -102.19 68.79 -6.31
CA VAL Q 74 -103.17 67.73 -6.17
C VAL Q 74 -104.58 68.26 -6.41
N LEU Q 75 -104.73 69.59 -6.32
CA LEU Q 75 -106.01 70.24 -6.57
C LEU Q 75 -106.27 70.36 -8.06
N ILE Q 76 -105.21 70.64 -8.82
CA ILE Q 76 -105.29 70.73 -10.28
C ILE Q 76 -105.49 69.34 -10.89
N ALA Q 77 -104.83 68.34 -10.30
CA ALA Q 77 -104.95 66.93 -10.73
C ALA Q 77 -106.38 66.42 -10.59
N ARG Q 78 -107.13 67.02 -9.68
CA ARG Q 78 -108.53 66.68 -9.46
C ARG Q 78 -109.43 67.20 -10.57
N ALA Q 79 -109.07 68.35 -11.15
CA ALA Q 79 -109.79 68.91 -12.29
C ALA Q 79 -109.54 68.07 -13.55
N ALA Q 80 -108.37 67.43 -13.60
CA ALA Q 80 -108.02 66.54 -14.70
C ALA Q 80 -108.67 65.16 -14.55
N ALA Q 81 -109.02 64.82 -13.31
CA ALA Q 81 -109.81 63.64 -13.04
C ALA Q 81 -111.26 63.91 -13.41
N ALA Q 82 -111.80 65.02 -12.93
CA ALA Q 82 -113.16 65.44 -13.23
C ALA Q 82 -113.36 65.71 -14.73
N GLN Q 83 -112.26 65.80 -15.46
CA GLN Q 83 -112.30 65.94 -16.92
C GLN Q 83 -112.43 64.59 -17.64
N ASP Q 84 -111.55 63.64 -17.30
CA ASP Q 84 -111.56 62.32 -17.93
C ASP Q 84 -112.80 61.50 -17.56
N GLU Q 85 -113.37 61.78 -16.39
CA GLU Q 85 -114.55 61.07 -15.91
C GLU Q 85 -115.85 61.62 -16.47
N ILE Q 86 -115.81 62.85 -16.99
CA ILE Q 86 -117.00 63.52 -17.54
C ILE Q 86 -116.91 63.74 -19.06
N THR Q 87 -115.68 63.76 -19.58
CA THR Q 87 -115.45 63.96 -21.02
C THR Q 87 -114.68 62.79 -21.65
N GLY Q 88 -113.61 62.35 -20.99
CA GLY Q 88 -112.77 61.28 -21.52
C GLY Q 88 -111.46 61.81 -22.09
N ASP Q 89 -111.53 62.99 -22.71
CA ASP Q 89 -110.36 63.63 -23.32
C ASP Q 89 -110.12 65.03 -22.76
N GLY Q 90 -108.92 65.55 -23.01
CA GLY Q 90 -108.58 66.92 -22.61
C GLY Q 90 -108.21 67.06 -21.15
N THR Q 91 -107.44 66.10 -20.64
CA THR Q 91 -106.93 66.16 -19.27
C THR Q 91 -105.62 66.94 -19.21
N THR Q 92 -104.91 66.99 -20.33
CA THR Q 92 -103.67 67.73 -20.44
C THR Q 92 -103.96 69.21 -20.64
N THR Q 93 -104.96 69.50 -21.48
CA THR Q 93 -105.39 70.87 -21.73
C THR Q 93 -105.62 71.63 -20.43
N VAL Q 94 -106.44 71.06 -19.54
CA VAL Q 94 -106.79 71.73 -18.27
C VAL Q 94 -105.55 72.09 -17.46
N VAL Q 95 -104.60 71.16 -17.35
CA VAL Q 95 -103.39 71.38 -16.57
C VAL Q 95 -102.63 72.62 -17.03
N CYS Q 96 -102.17 72.60 -18.28
CA CYS Q 96 -101.40 73.75 -18.80
C CYS Q 96 -102.24 75.01 -18.96
N LEU Q 97 -103.54 74.84 -19.15
CA LEU Q 97 -104.45 75.96 -19.27
C LEU Q 97 -104.58 76.70 -17.94
N VAL Q 98 -104.48 75.95 -16.83
CA VAL Q 98 -104.37 76.54 -15.50
C VAL Q 98 -102.97 77.14 -15.36
N GLY Q 99 -101.98 76.46 -15.96
CA GLY Q 99 -100.58 76.89 -15.88
C GLY Q 99 -100.38 78.28 -16.45
N GLU Q 100 -100.49 78.38 -17.77
CA GLU Q 100 -100.39 79.67 -18.46
C GLU Q 100 -101.42 80.66 -17.92
N LEU Q 101 -102.57 80.15 -17.46
CA LEU Q 101 -103.62 80.99 -16.89
C LEU Q 101 -103.10 81.71 -15.65
N LEU Q 102 -102.57 80.95 -14.71
CA LEU Q 102 -101.98 81.52 -13.52
C LEU Q 102 -100.74 82.33 -13.91
N ARG Q 103 -99.92 81.74 -14.79
CA ARG Q 103 -98.70 82.38 -15.26
C ARG Q 103 -98.95 83.80 -15.80
N GLN Q 104 -99.91 83.94 -16.72
CA GLN Q 104 -100.23 85.24 -17.32
C GLN Q 104 -100.89 86.20 -16.32
N ALA Q 105 -101.70 85.66 -15.42
CA ALA Q 105 -102.36 86.45 -14.39
C ALA Q 105 -101.36 87.01 -13.38
N HIS Q 106 -100.31 86.22 -13.11
CA HIS Q 106 -99.28 86.59 -12.14
C HIS Q 106 -98.43 87.77 -12.61
N ARG Q 107 -98.22 87.85 -13.92
CA ARG Q 107 -97.47 88.96 -14.50
C ARG Q 107 -98.03 90.30 -14.05
N PHE Q 108 -99.36 90.38 -13.95
CA PHE Q 108 -100.04 91.61 -13.56
C PHE Q 108 -100.10 91.86 -12.05
N ILE Q 109 -100.14 90.79 -11.26
CA ILE Q 109 -100.19 90.92 -9.80
C ILE Q 109 -98.82 91.32 -9.23
N GLN Q 110 -97.75 90.88 -9.89
CA GLN Q 110 -96.39 91.28 -9.56
C GLN Q 110 -96.15 92.75 -9.92
N GLU Q 111 -97.01 93.27 -10.79
CA GLU Q 111 -96.99 94.67 -11.19
C GLU Q 111 -97.79 95.53 -10.21
N GLY Q 112 -98.65 94.88 -9.42
CA GLY Q 112 -99.39 95.54 -8.35
C GLY Q 112 -100.89 95.61 -8.57
N VAL Q 113 -101.50 94.46 -8.87
CA VAL Q 113 -102.94 94.39 -9.13
C VAL Q 113 -103.60 93.39 -8.19
N HIS Q 114 -104.62 93.83 -7.46
CA HIS Q 114 -105.38 92.95 -6.55
C HIS Q 114 -105.84 91.72 -7.33
N PRO Q 115 -105.67 90.51 -6.76
CA PRO Q 115 -106.09 89.29 -7.45
C PRO Q 115 -107.58 89.25 -7.80
N ARG Q 116 -108.43 89.83 -6.95
CA ARG Q 116 -109.89 89.86 -7.16
C ARG Q 116 -110.28 90.66 -8.40
N ILE Q 117 -109.39 91.55 -8.82
CA ILE Q 117 -109.54 92.33 -10.05
C ILE Q 117 -109.39 91.43 -11.28
N ILE Q 118 -108.34 90.62 -11.29
CA ILE Q 118 -108.06 89.67 -12.36
C ILE Q 118 -109.05 88.49 -12.32
N THR Q 119 -109.44 88.08 -11.12
CA THR Q 119 -110.43 87.03 -10.90
C THR Q 119 -111.76 87.33 -11.60
N ASP Q 120 -112.19 88.60 -11.52
CA ASP Q 120 -113.40 89.06 -12.18
C ASP Q 120 -113.22 89.07 -13.70
N GLY Q 121 -112.04 89.54 -14.14
CA GLY Q 121 -111.68 89.52 -15.54
C GLY Q 121 -111.62 88.12 -16.11
N PHE Q 122 -111.34 87.14 -15.24
CA PHE Q 122 -111.37 85.74 -15.61
C PHE Q 122 -112.81 85.29 -15.88
N GLU Q 123 -113.70 85.57 -14.93
CA GLU Q 123 -115.11 85.16 -15.03
C GLU Q 123 -115.81 85.84 -16.20
N ILE Q 124 -115.64 87.16 -16.31
CA ILE Q 124 -116.29 87.95 -17.35
C ILE Q 124 -115.78 87.57 -18.74
N ALA Q 125 -114.66 86.86 -18.78
CA ALA Q 125 -114.08 86.34 -20.02
C ALA Q 125 -114.50 84.90 -20.27
N ARG Q 126 -114.66 84.13 -19.19
CA ARG Q 126 -115.13 82.74 -19.28
C ARG Q 126 -116.58 82.68 -19.77
N LYS Q 127 -117.41 83.58 -19.25
CA LYS Q 127 -118.81 83.70 -19.66
C LYS Q 127 -118.92 84.09 -21.12
N GLU Q 128 -117.95 84.87 -21.60
CA GLU Q 128 -117.89 85.27 -23.01
C GLU Q 128 -117.32 84.15 -23.88
N SER Q 129 -116.36 83.39 -23.32
CA SER Q 129 -115.75 82.26 -24.01
C SER Q 129 -116.78 81.16 -24.26
N MET Q 130 -117.75 81.06 -23.36
CA MET Q 130 -118.83 80.07 -23.44
C MET Q 130 -119.93 80.48 -24.42
N LYS Q 131 -120.15 81.78 -24.55
CA LYS Q 131 -121.07 82.34 -25.53
C LYS Q 131 -120.47 82.30 -26.92
N PHE Q 132 -119.14 82.40 -26.99
CA PHE Q 132 -118.39 82.32 -28.23
C PHE Q 132 -118.39 80.89 -28.79
N LEU Q 133 -118.20 79.92 -27.91
CA LEU Q 133 -118.14 78.49 -28.28
C LEU Q 133 -119.42 78.00 -28.93
N ASP Q 134 -120.57 78.37 -28.34
CA ASP Q 134 -121.90 78.06 -28.91
C ASP Q 134 -122.07 78.59 -30.33
N GLU Q 135 -121.21 79.54 -30.71
CA GLU Q 135 -121.30 80.21 -32.01
C GLU Q 135 -120.14 79.84 -32.94
N PHE Q 136 -119.12 79.19 -32.39
CA PHE Q 136 -117.91 78.82 -33.15
C PHE Q 136 -117.99 77.41 -33.73
N LYS Q 137 -118.69 76.53 -33.02
CA LYS Q 137 -118.86 75.13 -33.44
C LYS Q 137 -119.53 75.00 -34.81
N ILE Q 138 -119.24 73.91 -35.51
CA ILE Q 138 -119.97 73.57 -36.74
C ILE Q 138 -120.90 72.37 -36.50
N SER Q 139 -122.21 72.59 -36.67
CA SER Q 139 -123.23 71.57 -36.41
C SER Q 139 -123.29 70.50 -37.50
N LYS Q 140 -122.67 69.35 -37.22
CA LYS Q 140 -122.74 68.19 -38.11
C LYS Q 140 -124.03 67.42 -37.80
N THR Q 141 -124.78 67.06 -38.86
CA THR Q 141 -126.06 66.36 -38.72
C THR Q 141 -125.85 64.91 -38.28
N ASN Q 142 -125.67 64.75 -36.98
CA ASN Q 142 -125.35 63.45 -36.37
C ASN Q 142 -126.55 62.50 -36.34
N LEU Q 143 -127.75 63.09 -36.44
CA LEU Q 143 -128.97 62.33 -36.61
C LEU Q 143 -128.98 61.62 -37.96
N SER Q 144 -128.08 62.05 -38.86
CA SER Q 144 -127.88 61.41 -40.16
C SER Q 144 -126.76 60.34 -40.13
N ASN Q 145 -126.02 60.30 -39.02
CA ASN Q 145 -124.93 59.32 -38.81
C ASN Q 145 -123.95 59.26 -39.98
N ASP Q 146 -123.11 60.28 -40.08
CA ASP Q 146 -122.12 60.38 -41.16
C ASP Q 146 -121.02 59.34 -40.97
N ARG Q 147 -120.98 58.35 -41.88
CA ARG Q 147 -120.08 57.20 -41.79
C ARG Q 147 -118.60 57.52 -41.72
N GLU Q 148 -118.16 58.52 -42.49
CA GLU Q 148 -116.74 58.84 -42.60
C GLU Q 148 -116.31 60.07 -41.78
N PHE Q 149 -117.24 60.98 -41.50
CA PHE Q 149 -116.96 62.11 -40.62
C PHE Q 149 -116.64 61.62 -39.20
N LEU Q 150 -117.38 60.60 -38.75
CA LEU Q 150 -117.14 59.93 -37.48
C LEU Q 150 -115.83 59.13 -37.51
N LEU Q 151 -115.40 58.76 -38.72
CA LEU Q 151 -114.12 58.07 -38.90
C LEU Q 151 -112.93 59.01 -38.76
N GLN Q 152 -113.18 60.32 -38.89
CA GLN Q 152 -112.14 61.35 -38.74
C GLN Q 152 -112.09 61.96 -37.34
N VAL Q 153 -112.92 61.45 -36.43
CA VAL Q 153 -112.86 61.85 -35.03
C VAL Q 153 -112.12 60.77 -34.24
N ALA Q 154 -112.22 59.53 -34.73
CA ALA Q 154 -111.42 58.43 -34.22
C ALA Q 154 -109.97 58.62 -34.67
N ARG Q 155 -109.80 59.00 -35.94
CA ARG Q 155 -108.46 59.22 -36.52
C ARG Q 155 -107.77 60.46 -35.95
N SER Q 156 -108.54 61.31 -35.26
CA SER Q 156 -108.02 62.55 -34.66
C SER Q 156 -107.73 62.41 -33.16
N SER Q 157 -108.48 61.56 -32.48
CA SER Q 157 -108.29 61.33 -31.05
C SER Q 157 -107.27 60.24 -30.74
N LEU Q 158 -107.17 59.25 -31.62
CA LEU Q 158 -106.22 58.13 -31.45
C LEU Q 158 -104.78 58.50 -31.79
N LEU Q 159 -104.60 59.30 -32.85
CA LEU Q 159 -103.28 59.73 -33.31
C LEU Q 159 -102.50 60.49 -32.22
N THR Q 160 -103.24 61.02 -31.23
CA THR Q 160 -102.64 61.73 -30.10
C THR Q 160 -102.29 60.78 -28.96
N LYS Q 161 -102.34 59.49 -29.23
CA LYS Q 161 -102.12 58.47 -28.21
C LYS Q 161 -101.16 57.36 -28.62
N VAL Q 162 -101.11 57.05 -29.92
CA VAL Q 162 -100.31 55.92 -30.41
C VAL Q 162 -99.56 56.16 -31.74
N ASP Q 163 -99.35 55.08 -32.50
CA ASP Q 163 -98.51 55.09 -33.71
C ASP Q 163 -99.14 55.82 -34.89
N ALA Q 164 -98.45 55.77 -36.03
CA ALA Q 164 -98.99 56.24 -37.30
C ALA Q 164 -99.72 55.10 -38.02
N ASP Q 165 -99.24 53.88 -37.83
CA ASP Q 165 -99.85 52.70 -38.46
C ASP Q 165 -100.75 51.87 -37.54
N LEU Q 166 -100.65 52.10 -36.23
CA LEU Q 166 -101.55 51.44 -35.28
C LEU Q 166 -102.89 52.16 -35.20
N THR Q 167 -102.86 53.48 -35.40
CA THR Q 167 -104.09 54.29 -35.37
C THR Q 167 -104.97 53.99 -36.58
N GLU Q 168 -104.35 53.73 -37.73
CA GLU Q 168 -105.09 53.36 -38.94
C GLU Q 168 -105.77 51.99 -38.81
N VAL Q 169 -105.32 51.19 -37.84
CA VAL Q 169 -105.94 49.90 -37.51
C VAL Q 169 -107.08 50.10 -36.51
N LEU Q 170 -106.83 50.89 -35.48
CA LEU Q 170 -107.80 51.12 -34.41
C LEU Q 170 -108.96 52.03 -34.82
N THR Q 171 -108.70 52.97 -35.74
CA THR Q 171 -109.71 53.95 -36.18
C THR Q 171 -111.10 53.36 -36.45
N PRO Q 172 -111.21 52.37 -37.37
CA PRO Q 172 -112.52 51.79 -37.67
C PRO Q 172 -113.12 51.08 -36.47
N ILE Q 173 -112.31 50.29 -35.77
CA ILE Q 173 -112.77 49.47 -34.65
C ILE Q 173 -113.37 50.31 -33.53
N VAL Q 174 -112.85 51.54 -33.35
CA VAL Q 174 -113.40 52.49 -32.39
C VAL Q 174 -114.73 53.06 -32.89
N THR Q 175 -114.72 53.58 -34.11
CA THR Q 175 -115.91 54.18 -34.71
C THR Q 175 -117.05 53.16 -34.79
N ASP Q 176 -116.78 52.02 -35.42
CA ASP Q 176 -117.77 50.96 -35.58
C ASP Q 176 -118.34 50.46 -34.26
N ALA Q 177 -117.58 50.63 -33.17
CA ALA Q 177 -118.02 50.26 -31.84
C ALA Q 177 -119.13 51.19 -31.35
N VAL Q 178 -118.86 52.50 -31.36
CA VAL Q 178 -119.81 53.50 -30.90
C VAL Q 178 -121.10 53.45 -31.71
N LEU Q 179 -120.96 53.26 -33.02
CA LEU Q 179 -122.10 53.15 -33.93
C LEU Q 179 -122.97 51.93 -33.62
N SER Q 180 -122.34 50.84 -33.18
CA SER Q 180 -123.07 49.62 -32.83
C SER Q 180 -123.57 49.64 -31.38
N VAL Q 181 -123.83 50.84 -30.87
CA VAL Q 181 -124.42 51.04 -29.53
C VAL Q 181 -125.60 51.99 -29.62
N TYR Q 182 -125.41 53.05 -30.41
CA TYR Q 182 -126.34 54.17 -30.51
C TYR Q 182 -127.71 53.78 -31.09
N ASP Q 183 -128.76 54.35 -30.49
CA ASP Q 183 -130.14 54.04 -30.88
C ASP Q 183 -130.83 55.25 -31.51
N ALA Q 184 -131.95 54.99 -32.20
CA ALA Q 184 -132.80 56.04 -32.76
C ALA Q 184 -133.43 56.92 -31.67
N GLN Q 185 -133.65 56.33 -30.49
CA GLN Q 185 -134.18 57.06 -29.34
C GLN Q 185 -133.11 57.90 -28.61
N ALA Q 186 -132.00 58.15 -29.32
CA ALA Q 186 -130.89 59.00 -28.86
C ALA Q 186 -130.12 58.50 -27.63
N ASP Q 187 -130.17 57.18 -27.40
CA ASP Q 187 -129.47 56.54 -26.25
C ASP Q 187 -128.07 56.03 -26.60
N ASN Q 188 -127.20 55.95 -25.59
CA ASN Q 188 -125.86 55.39 -25.73
C ASN Q 188 -125.26 54.96 -24.39
N LEU Q 189 -125.70 53.80 -23.90
CA LEU Q 189 -125.23 53.23 -22.62
C LEU Q 189 -123.86 52.56 -22.78
N ASP Q 190 -122.85 53.39 -23.08
CA ASP Q 190 -121.52 52.94 -23.52
C ASP Q 190 -121.06 51.58 -22.96
N LEU Q 191 -121.09 51.45 -21.63
CA LEU Q 191 -120.54 50.27 -20.93
C LEU Q 191 -120.99 48.90 -21.44
N HIS Q 192 -122.09 48.85 -22.19
CA HIS Q 192 -122.57 47.59 -22.77
C HIS Q 192 -121.74 47.16 -23.98
N MET Q 193 -121.78 47.96 -25.04
CA MET Q 193 -121.04 47.67 -26.27
C MET Q 193 -119.55 47.90 -26.08
N VAL Q 194 -119.21 48.70 -25.08
CA VAL Q 194 -117.86 48.71 -24.59
C VAL Q 194 -117.66 47.40 -23.83
N GLU Q 195 -117.12 46.40 -24.50
CA GLU Q 195 -116.40 45.39 -23.78
C GLU Q 195 -114.99 45.31 -24.32
N ILE Q 196 -114.07 45.90 -23.56
CA ILE Q 196 -112.66 45.89 -23.89
C ILE Q 196 -112.10 44.58 -23.35
N MET Q 197 -111.68 43.71 -24.27
CA MET Q 197 -111.11 42.42 -23.93
C MET Q 197 -109.65 42.34 -24.38
N GLN Q 198 -108.76 41.97 -23.46
CA GLN Q 198 -107.33 41.93 -23.77
C GLN Q 198 -106.74 40.51 -23.82
N MET Q 199 -105.95 40.25 -24.85
CA MET Q 199 -105.22 38.98 -25.03
C MET Q 199 -103.71 39.18 -25.01
N GLN Q 200 -103.00 38.34 -24.26
CA GLN Q 200 -101.53 38.37 -24.26
C GLN Q 200 -100.97 37.45 -25.35
N HIS Q 201 -100.98 37.94 -26.59
CA HIS Q 201 -100.44 37.22 -27.76
C HIS Q 201 -100.39 38.12 -29.01
N LEU Q 202 -99.41 37.86 -29.87
CA LEU Q 202 -99.24 38.53 -31.18
C LEU Q 202 -98.71 39.98 -31.13
N SER Q 203 -99.60 40.95 -31.36
CA SER Q 203 -99.22 42.36 -31.53
C SER Q 203 -100.39 43.32 -31.29
N PRO Q 204 -100.11 44.54 -30.76
CA PRO Q 204 -101.13 45.58 -30.61
C PRO Q 204 -101.88 45.88 -31.92
N LYS Q 205 -101.18 45.79 -33.05
CA LYS Q 205 -101.77 46.03 -34.36
C LYS Q 205 -102.67 44.87 -34.82
N ASP Q 206 -102.80 43.85 -33.97
CA ASP Q 206 -103.63 42.68 -34.28
C ASP Q 206 -105.01 42.71 -33.62
N THR Q 207 -105.38 43.88 -33.11
CA THR Q 207 -106.70 44.09 -32.50
C THR Q 207 -107.80 43.91 -33.54
N THR Q 208 -108.82 43.13 -33.19
CA THR Q 208 -109.96 42.86 -34.08
C THR Q 208 -111.27 43.41 -33.50
N PHE Q 209 -112.09 43.97 -34.37
CA PHE Q 209 -113.46 44.35 -34.01
C PHE Q 209 -114.37 43.14 -34.12
N ILE Q 210 -115.09 42.85 -33.05
CA ILE Q 210 -116.05 41.76 -33.06
C ILE Q 210 -117.45 42.27 -32.72
N LYS Q 211 -118.34 42.17 -33.70
CA LYS Q 211 -119.72 42.65 -33.59
C LYS Q 211 -120.60 41.67 -32.80
N GLY Q 212 -120.06 41.24 -31.66
CA GLY Q 212 -120.77 40.33 -30.77
C GLY Q 212 -120.21 40.43 -29.37
N LEU Q 213 -119.61 39.34 -28.90
CA LEU Q 213 -119.05 39.28 -27.55
C LEU Q 213 -118.05 38.13 -27.42
N VAL Q 214 -116.83 38.48 -27.04
CA VAL Q 214 -115.81 37.47 -26.76
C VAL Q 214 -115.63 37.37 -25.26
N LEU Q 215 -115.74 36.16 -24.72
CA LEU Q 215 -115.72 35.96 -23.27
C LEU Q 215 -114.39 35.44 -22.70
N ASP Q 216 -114.28 35.51 -21.38
CA ASP Q 216 -113.03 35.26 -20.65
C ASP Q 216 -113.00 33.86 -20.03
N HIS Q 217 -113.80 32.94 -20.59
CA HIS Q 217 -113.88 31.56 -20.10
C HIS Q 217 -114.22 30.57 -21.23
N GLY Q 218 -114.49 29.31 -20.85
CA GLY Q 218 -114.85 28.28 -21.81
C GLY Q 218 -115.60 27.11 -21.21
N GLY Q 219 -115.88 26.11 -22.04
CA GLY Q 219 -116.51 24.86 -21.59
C GLY Q 219 -115.54 24.02 -20.77
N ARG Q 220 -115.71 24.05 -19.46
CA ARG Q 220 -114.76 23.45 -18.51
C ARG Q 220 -114.53 21.94 -18.66
N HIS Q 221 -115.42 21.28 -19.40
CA HIS Q 221 -115.29 19.84 -19.68
C HIS Q 221 -114.73 19.57 -21.08
N PRO Q 222 -113.72 18.68 -21.17
CA PRO Q 222 -113.02 18.34 -22.43
C PRO Q 222 -113.91 17.79 -23.55
N ASP Q 223 -115.07 17.23 -23.20
CA ASP Q 223 -115.97 16.64 -24.19
C ASP Q 223 -117.05 17.62 -24.68
N MET Q 224 -116.94 18.88 -24.27
CA MET Q 224 -117.88 19.91 -24.70
C MET Q 224 -117.54 20.41 -26.11
N PRO Q 225 -118.56 20.90 -26.86
CA PRO Q 225 -118.35 21.29 -28.26
C PRO Q 225 -117.43 22.52 -28.44
N THR Q 226 -116.49 22.40 -29.38
CA THR Q 226 -115.59 23.49 -29.73
C THR Q 226 -116.33 24.55 -30.53
N ARG Q 227 -116.95 24.14 -31.63
CA ARG Q 227 -117.73 25.04 -32.47
C ARG Q 227 -119.20 24.65 -32.49
N VAL Q 228 -120.06 25.65 -32.38
CA VAL Q 228 -121.51 25.45 -32.46
C VAL Q 228 -122.05 26.19 -33.69
N LYS Q 229 -122.70 25.44 -34.57
CA LYS Q 229 -123.10 25.91 -35.91
C LYS Q 229 -124.24 26.95 -35.91
N ASN Q 230 -125.29 26.71 -35.13
CA ASN Q 230 -126.38 27.67 -34.97
C ASN Q 230 -126.85 27.75 -33.53
N ALA Q 231 -126.15 28.56 -32.73
CA ALA Q 231 -126.33 28.56 -31.29
C ALA Q 231 -127.58 29.29 -30.79
N TYR Q 232 -128.41 28.54 -30.07
CA TYR Q 232 -129.42 29.13 -29.20
C TYR Q 232 -128.76 29.39 -27.86
N VAL Q 233 -128.54 30.66 -27.55
CA VAL Q 233 -127.84 31.07 -26.33
C VAL Q 233 -128.83 31.20 -25.17
N LEU Q 234 -128.51 30.53 -24.06
CA LEU Q 234 -129.28 30.67 -22.82
C LEU Q 234 -128.50 31.47 -21.78
N ILE Q 235 -129.16 32.49 -21.24
CA ILE Q 235 -128.55 33.38 -20.25
C ILE Q 235 -129.12 33.07 -18.86
N LEU Q 236 -128.33 32.37 -18.04
CA LEU Q 236 -128.73 31.99 -16.69
C LEU Q 236 -127.84 32.60 -15.61
N ASN Q 237 -128.37 32.67 -14.39
CA ASN Q 237 -127.60 33.20 -13.25
C ASN Q 237 -127.73 32.38 -11.97
N VAL Q 238 -128.78 31.57 -11.88
CA VAL Q 238 -129.02 30.74 -10.70
C VAL Q 238 -128.06 29.55 -10.68
N SER Q 239 -127.43 29.37 -9.51
CA SER Q 239 -126.35 28.42 -9.32
C SER Q 239 -126.73 26.97 -9.61
N LEU Q 240 -125.84 26.28 -10.31
CA LEU Q 240 -125.99 24.86 -10.57
C LEU Q 240 -124.87 24.09 -9.89
N GLU Q 241 -124.71 24.37 -8.60
CA GLU Q 241 -123.70 23.76 -7.74
C GLU Q 241 -124.37 23.19 -6.50
N TYR Q 242 -123.64 22.34 -5.78
CA TYR Q 242 -124.05 21.87 -4.46
C TYR Q 242 -124.10 23.06 -3.50
N GLU Q 243 -125.24 23.22 -2.82
CA GLU Q 243 -125.40 24.28 -1.83
C GLU Q 243 -126.16 23.77 -0.61
N LYS Q 244 -125.59 23.99 0.58
CA LYS Q 244 -126.27 23.68 1.83
C LYS Q 244 -127.40 24.67 2.07
N THR Q 245 -128.27 24.37 3.02
CA THR Q 245 -129.35 25.27 3.41
C THR Q 245 -128.84 26.35 4.37
N GLU Q 246 -129.37 27.56 4.25
CA GLU Q 246 -128.93 28.69 5.09
C GLU Q 246 -129.24 28.47 6.57
N VAL Q 247 -130.23 27.61 6.82
CA VAL Q 247 -130.52 27.13 8.17
C VAL Q 247 -129.70 25.86 8.40
N ASN Q 248 -128.96 25.80 9.52
CA ASN Q 248 -127.98 24.73 9.78
C ASN Q 248 -128.38 23.34 9.26
N SER Q 249 -127.56 22.78 8.39
CA SER Q 249 -127.95 21.61 7.58
C SER Q 249 -127.58 20.23 8.10
N GLY Q 250 -126.59 20.16 9.00
CA GLY Q 250 -126.08 18.89 9.53
C GLY Q 250 -127.12 17.81 9.78
N PHE Q 251 -126.92 16.64 9.21
CA PHE Q 251 -127.92 15.57 9.28
C PHE Q 251 -127.48 14.28 9.99
N PHE Q 252 -128.43 13.37 10.20
CA PHE Q 252 -128.19 12.11 10.88
C PHE Q 252 -128.74 10.91 10.08
N TYR Q 253 -127.94 9.86 9.97
CA TYR Q 253 -128.34 8.63 9.26
C TYR Q 253 -127.81 7.36 9.96
N SER Q 254 -128.64 6.33 10.05
CA SER Q 254 -128.30 5.13 10.82
C SER Q 254 -128.32 3.81 10.05
N SER Q 255 -127.88 3.84 8.79
CA SER Q 255 -127.81 2.64 7.97
C SER Q 255 -126.80 2.79 6.84
N ALA Q 256 -126.11 1.68 6.54
CA ALA Q 256 -125.06 1.67 5.51
C ALA Q 256 -125.57 2.02 4.12
N ASP Q 257 -126.88 1.92 3.94
CA ASP Q 257 -127.55 2.28 2.69
C ASP Q 257 -128.09 3.69 2.73
N GLN Q 258 -128.56 4.11 3.91
CA GLN Q 258 -129.11 5.45 4.10
C GLN Q 258 -128.10 6.52 3.65
N ARG Q 259 -126.82 6.20 3.79
CA ARG Q 259 -125.71 7.00 3.24
C ARG Q 259 -125.91 7.32 1.76
N ASP Q 260 -125.89 6.26 0.95
CA ASP Q 260 -125.94 6.36 -0.51
C ASP Q 260 -127.27 6.93 -0.98
N LYS Q 261 -128.37 6.51 -0.34
CA LYS Q 261 -129.71 7.00 -0.62
C LYS Q 261 -129.81 8.51 -0.35
N LEU Q 262 -128.95 9.01 0.51
CA LEU Q 262 -128.88 10.45 0.78
C LEU Q 262 -127.78 11.13 -0.04
N ALA Q 263 -126.77 10.36 -0.45
CA ALA Q 263 -125.65 10.89 -1.24
C ALA Q 263 -126.10 11.47 -2.58
N ALA Q 264 -127.22 10.97 -3.09
CA ALA Q 264 -127.84 11.47 -4.32
C ALA Q 264 -128.92 12.52 -4.02
N SER Q 265 -129.50 12.45 -2.81
CA SER Q 265 -130.52 13.40 -2.37
C SER Q 265 -129.99 14.84 -2.31
N GLU Q 266 -128.73 14.98 -1.92
CA GLU Q 266 -128.08 16.28 -1.79
C GLU Q 266 -127.68 16.87 -3.16
N ARG Q 267 -127.68 16.01 -4.18
CA ARG Q 267 -127.43 16.41 -5.55
C ARG Q 267 -128.72 16.48 -6.36
N LYS Q 268 -129.83 16.06 -5.74
CA LYS Q 268 -131.13 15.97 -6.41
C LYS Q 268 -131.75 17.32 -6.74
N PHE Q 269 -131.47 18.33 -5.92
CA PHE Q 269 -131.94 19.70 -6.17
C PHE Q 269 -131.25 20.30 -7.39
N VAL Q 270 -129.94 20.02 -7.52
CA VAL Q 270 -129.15 20.45 -8.66
C VAL Q 270 -129.59 19.74 -9.93
N ASP Q 271 -129.83 18.43 -9.82
CA ASP Q 271 -130.29 17.60 -10.93
C ASP Q 271 -131.69 17.97 -11.43
N ALA Q 272 -132.55 18.40 -10.50
CA ALA Q 272 -133.89 18.86 -10.83
C ALA Q 272 -133.86 20.17 -11.61
N LYS Q 273 -132.95 21.07 -11.23
CA LYS Q 273 -132.72 22.32 -11.95
C LYS Q 273 -132.08 22.04 -13.31
N LEU Q 274 -131.22 21.02 -13.36
CA LEU Q 274 -130.57 20.57 -14.59
C LEU Q 274 -131.58 20.05 -15.60
N LYS Q 275 -132.60 19.35 -15.12
CA LYS Q 275 -133.59 18.68 -15.95
C LYS Q 275 -134.37 19.63 -16.87
N LYS Q 276 -134.89 20.71 -16.31
CA LYS Q 276 -135.69 21.68 -17.05
C LYS Q 276 -134.87 22.48 -18.06
N ILE Q 277 -133.55 22.51 -17.87
CA ILE Q 277 -132.62 23.07 -18.86
C ILE Q 277 -132.47 22.12 -20.04
N ILE Q 278 -132.28 20.83 -19.76
CA ILE Q 278 -132.14 19.79 -20.80
C ILE Q 278 -133.48 19.60 -21.54
N ASP Q 279 -134.59 19.87 -20.86
CA ASP Q 279 -135.93 19.80 -21.47
C ASP Q 279 -136.17 20.89 -22.52
N LEU Q 280 -135.47 22.02 -22.37
CA LEU Q 280 -135.52 23.11 -23.33
C LEU Q 280 -134.50 22.90 -24.45
N LYS Q 281 -133.35 22.34 -24.09
CA LYS Q 281 -132.29 21.98 -25.04
C LYS Q 281 -132.68 20.81 -25.93
N ASN Q 282 -133.66 20.00 -25.47
CA ASN Q 282 -134.23 18.93 -26.28
C ASN Q 282 -135.45 19.37 -27.07
N GLU Q 283 -136.16 20.36 -26.55
CA GLU Q 283 -137.35 20.90 -27.22
C GLU Q 283 -137.03 21.93 -28.30
N VAL Q 284 -135.76 22.33 -28.39
CA VAL Q 284 -135.32 23.31 -29.39
C VAL Q 284 -134.34 22.69 -30.39
N CYS Q 285 -133.38 21.90 -29.89
CA CYS Q 285 -132.35 21.28 -30.74
C CYS Q 285 -132.81 20.00 -31.42
N GLY Q 286 -133.48 19.12 -30.67
CA GLY Q 286 -133.93 17.83 -31.19
C GLY Q 286 -134.37 17.90 -32.64
N MET Q 287 -135.21 18.89 -32.95
CA MET Q 287 -135.77 19.08 -34.29
C MET Q 287 -134.74 19.54 -35.33
N ASP Q 288 -133.81 20.41 -34.93
CA ASP Q 288 -132.84 20.98 -35.86
C ASP Q 288 -131.40 20.53 -35.58
N PRO Q 289 -130.83 19.70 -36.47
CA PRO Q 289 -129.42 19.31 -36.42
C PRO Q 289 -128.47 20.50 -36.64
N ASP Q 290 -129.00 21.59 -37.18
CA ASP Q 290 -128.23 22.83 -37.34
C ASP Q 290 -128.20 23.64 -36.06
N LYS Q 291 -129.36 23.74 -35.39
CA LYS Q 291 -129.51 24.54 -34.18
C LYS Q 291 -128.86 23.93 -32.95
N GLY Q 292 -127.92 24.66 -32.35
CA GLY Q 292 -127.22 24.24 -31.14
C GLY Q 292 -127.73 24.94 -29.89
N PHE Q 293 -127.25 24.49 -28.73
CA PHE Q 293 -127.69 25.02 -27.44
C PHE Q 293 -126.48 25.31 -26.56
N VAL Q 294 -126.31 26.59 -26.21
CA VAL Q 294 -125.16 27.07 -25.43
C VAL Q 294 -125.64 27.81 -24.18
N ILE Q 295 -125.00 27.55 -23.05
CA ILE Q 295 -125.32 28.26 -21.80
C ILE Q 295 -124.16 29.18 -21.38
N ILE Q 296 -124.51 30.38 -20.93
CA ILE Q 296 -123.56 31.29 -20.32
C ILE Q 296 -124.11 31.65 -18.93
N ASN Q 297 -123.45 31.13 -17.89
CA ASN Q 297 -123.94 31.22 -16.50
C ASN Q 297 -123.12 32.14 -15.60
N GLN Q 298 -123.82 33.06 -14.93
CA GLN Q 298 -123.22 34.00 -13.99
C GLN Q 298 -122.71 33.30 -12.74
N LYS Q 299 -123.46 32.29 -12.29
CA LYS Q 299 -123.07 31.48 -11.15
C LYS Q 299 -122.37 30.19 -11.59
N GLY Q 300 -121.97 29.37 -10.62
CA GLY Q 300 -121.12 28.20 -10.87
C GLY Q 300 -121.80 27.03 -11.57
N ILE Q 301 -120.98 26.14 -12.11
CA ILE Q 301 -121.43 24.87 -12.67
C ILE Q 301 -120.59 23.74 -12.07
N ASP Q 302 -121.28 22.84 -11.37
CA ASP Q 302 -120.67 21.72 -10.64
C ASP Q 302 -119.93 20.74 -11.57
N PRO Q 303 -118.76 20.22 -11.14
CA PRO Q 303 -118.09 19.14 -11.85
C PRO Q 303 -118.98 17.92 -12.10
N MET Q 304 -119.99 17.71 -11.23
CA MET Q 304 -121.01 16.70 -11.46
C MET Q 304 -121.94 17.11 -12.60
N SER Q 305 -122.26 18.40 -12.66
CA SER Q 305 -123.14 18.95 -13.68
C SER Q 305 -122.41 19.27 -14.99
N LEU Q 306 -121.07 19.33 -14.93
CA LEU Q 306 -120.24 19.57 -16.11
C LEU Q 306 -120.18 18.34 -17.02
N ASP Q 307 -120.16 17.16 -16.41
CA ASP Q 307 -120.21 15.91 -17.16
C ASP Q 307 -121.59 15.72 -17.80
N VAL Q 308 -122.62 16.28 -17.17
CA VAL Q 308 -124.00 16.23 -17.67
C VAL Q 308 -124.18 17.05 -18.94
N PHE Q 309 -123.65 18.27 -18.95
CA PHE Q 309 -123.73 19.13 -20.12
C PHE Q 309 -122.89 18.58 -21.27
N ALA Q 310 -121.75 17.98 -20.93
CA ALA Q 310 -120.87 17.32 -21.90
C ALA Q 310 -121.53 16.11 -22.55
N LYS Q 311 -122.40 15.44 -21.79
CA LYS Q 311 -123.12 14.26 -22.26
C LYS Q 311 -124.21 14.59 -23.27
N HIS Q 312 -124.99 15.65 -22.99
CA HIS Q 312 -126.07 16.09 -23.88
C HIS Q 312 -125.59 17.12 -24.92
N ASN Q 313 -124.29 17.09 -25.19
CA ASN Q 313 -123.62 17.96 -26.18
C ASN Q 313 -123.95 19.46 -26.05
N ILE Q 314 -123.87 19.96 -24.81
CA ILE Q 314 -124.15 21.36 -24.51
C ILE Q 314 -122.85 22.08 -24.15
N LEU Q 315 -122.65 23.25 -24.76
CA LEU Q 315 -121.54 24.13 -24.37
C LEU Q 315 -121.95 24.93 -23.13
N ALA Q 316 -121.49 24.48 -21.98
CA ALA Q 316 -121.73 25.17 -20.72
C ALA Q 316 -120.60 26.14 -20.39
N LEU Q 317 -120.95 27.22 -19.73
CA LEU Q 317 -120.01 28.29 -19.46
C LEU Q 317 -120.31 28.84 -18.07
N ARG Q 318 -119.31 28.78 -17.19
CA ARG Q 318 -119.51 29.13 -15.80
C ARG Q 318 -118.97 30.50 -15.41
N ARG Q 319 -119.58 31.08 -14.37
CA ARG Q 319 -119.13 32.30 -13.70
C ARG Q 319 -118.76 33.44 -14.64
N ALA Q 320 -119.69 33.76 -15.54
CA ALA Q 320 -119.54 34.91 -16.44
C ALA Q 320 -119.73 36.20 -15.66
N LYS Q 321 -119.11 37.29 -16.14
CA LYS Q 321 -119.20 38.60 -15.50
C LYS Q 321 -120.66 39.00 -15.31
N ARG Q 322 -120.99 39.44 -14.09
CA ARG Q 322 -122.36 39.80 -13.72
C ARG Q 322 -122.97 40.86 -14.66
N ARG Q 323 -122.11 41.63 -15.30
CA ARG Q 323 -122.51 42.69 -16.22
C ARG Q 323 -122.78 42.15 -17.62
N ASN Q 324 -122.20 40.99 -17.94
CA ASN Q 324 -122.38 40.36 -19.25
C ASN Q 324 -123.78 39.79 -19.51
N MET Q 325 -124.57 39.68 -18.45
CA MET Q 325 -125.97 39.25 -18.54
C MET Q 325 -126.76 40.21 -19.42
N GLU Q 326 -126.49 41.50 -19.25
CA GLU Q 326 -127.14 42.56 -20.00
C GLU Q 326 -126.50 42.73 -21.38
N ARG Q 327 -125.20 42.48 -21.47
CA ARG Q 327 -124.45 42.64 -22.71
C ARG Q 327 -124.88 41.59 -23.75
N LEU Q 328 -125.20 40.38 -23.29
CA LEU Q 328 -125.66 39.28 -24.15
C LEU Q 328 -127.11 39.43 -24.64
N GLN Q 329 -127.95 40.09 -23.83
CA GLN Q 329 -129.35 40.33 -24.18
C GLN Q 329 -129.48 41.21 -25.40
N LEU Q 330 -128.61 42.22 -25.50
CA LEU Q 330 -128.60 43.11 -26.65
C LEU Q 330 -127.81 42.53 -27.83
N VAL Q 331 -127.06 41.45 -27.57
CA VAL Q 331 -126.29 40.76 -28.61
C VAL Q 331 -127.14 39.69 -29.30
N THR Q 332 -127.72 38.78 -28.52
CA THR Q 332 -128.51 37.68 -29.07
C THR Q 332 -129.98 38.05 -29.19
N GLY Q 333 -130.55 38.59 -28.11
CA GLY Q 333 -131.95 39.00 -28.10
C GLY Q 333 -132.67 38.59 -26.83
N GLY Q 334 -132.47 37.34 -26.42
CA GLY Q 334 -133.18 36.76 -25.28
C GLY Q 334 -132.89 37.39 -23.94
N GLU Q 335 -133.92 37.44 -23.09
CA GLU Q 335 -133.83 38.04 -21.76
C GLU Q 335 -133.05 37.13 -20.82
N ALA Q 336 -132.30 37.74 -19.91
CA ALA Q 336 -131.56 36.98 -18.91
C ALA Q 336 -132.53 36.39 -17.89
N GLN Q 337 -132.58 35.06 -17.86
CA GLN Q 337 -133.45 34.36 -16.91
C GLN Q 337 -132.67 34.00 -15.65
N ASN Q 338 -133.28 34.24 -14.51
CA ASN Q 338 -132.70 33.86 -13.23
C ASN Q 338 -133.05 32.42 -12.88
N SER Q 339 -134.33 32.18 -12.54
CA SER Q 339 -134.82 30.86 -12.19
C SER Q 339 -135.00 29.95 -13.41
N VAL Q 340 -134.77 28.66 -13.22
CA VAL Q 340 -134.90 27.66 -14.27
C VAL Q 340 -136.36 27.31 -14.45
N GLU Q 341 -137.12 27.38 -13.36
CA GLU Q 341 -138.47 26.81 -13.30
C GLU Q 341 -139.53 27.60 -14.09
N ASP Q 342 -139.17 28.79 -14.54
CA ASP Q 342 -140.07 29.63 -15.33
C ASP Q 342 -139.39 29.99 -16.66
N LEU Q 343 -139.03 28.94 -17.43
CA LEU Q 343 -138.18 29.09 -18.62
C LEU Q 343 -138.87 28.56 -19.88
N SER Q 344 -139.04 29.43 -20.88
CA SER Q 344 -139.66 29.06 -22.17
C SER Q 344 -138.71 29.25 -23.35
N PRO Q 345 -139.00 28.60 -24.51
CA PRO Q 345 -138.13 28.71 -25.69
C PRO Q 345 -138.20 30.07 -26.39
N GLN Q 346 -139.15 30.90 -26.00
CA GLN Q 346 -139.27 32.26 -26.53
C GLN Q 346 -138.27 33.23 -25.89
N ILE Q 347 -137.53 32.73 -24.89
CA ILE Q 347 -136.54 33.54 -24.17
C ILE Q 347 -135.11 33.26 -24.64
N LEU Q 348 -134.90 32.11 -25.27
CA LEU Q 348 -133.60 31.76 -25.85
C LEU Q 348 -133.17 32.78 -26.91
N GLY Q 349 -132.03 33.42 -26.68
CA GLY Q 349 -131.44 34.30 -27.70
C GLY Q 349 -130.78 33.45 -28.78
N PHE Q 350 -130.42 34.08 -29.89
CA PHE Q 350 -129.76 33.34 -30.97
C PHE Q 350 -128.55 34.05 -31.53
N SER Q 351 -127.45 33.30 -31.61
CA SER Q 351 -126.24 33.76 -32.27
C SER Q 351 -125.92 32.79 -33.40
N GLY Q 352 -125.49 33.34 -34.54
CA GLY Q 352 -125.23 32.54 -35.73
C GLY Q 352 -124.01 31.64 -35.65
N LEU Q 353 -123.15 31.88 -34.66
CA LEU Q 353 -121.94 31.10 -34.46
C LEU Q 353 -121.33 31.37 -33.09
N VAL Q 354 -121.01 30.30 -32.37
CA VAL Q 354 -120.31 30.39 -31.10
C VAL Q 354 -119.17 29.39 -31.10
N TYR Q 355 -117.95 29.87 -30.95
CA TYR Q 355 -116.79 28.99 -30.93
C TYR Q 355 -115.81 29.28 -29.78
N GLN Q 356 -115.02 28.27 -29.44
CA GLN Q 356 -114.11 28.34 -28.30
C GLN Q 356 -112.66 28.19 -28.75
N GLU Q 357 -111.96 29.30 -28.84
CA GLU Q 357 -110.53 29.31 -29.16
C GLU Q 357 -109.70 29.14 -27.88
N THR Q 358 -108.72 28.24 -27.93
CA THR Q 358 -107.86 27.97 -26.78
C THR Q 358 -106.42 28.45 -27.05
N ILE Q 359 -105.91 29.28 -26.15
CA ILE Q 359 -104.53 29.77 -26.22
C ILE Q 359 -103.76 29.27 -24.99
N GLY Q 360 -102.94 28.24 -25.21
CA GLY Q 360 -102.21 27.59 -24.13
C GLY Q 360 -103.15 26.85 -23.19
N GLU Q 361 -103.51 27.51 -22.08
CA GLU Q 361 -104.43 26.95 -21.09
C GLU Q 361 -105.73 27.76 -20.97
N GLU Q 362 -105.66 29.05 -21.30
CA GLU Q 362 -106.81 29.95 -21.25
C GLU Q 362 -107.74 29.75 -22.44
N LYS Q 363 -109.04 29.92 -22.22
CA LYS Q 363 -110.06 29.72 -23.26
C LYS Q 363 -110.94 30.94 -23.48
N PHE Q 364 -111.19 31.27 -24.74
CA PHE Q 364 -112.04 32.40 -25.11
C PHE Q 364 -113.24 31.91 -25.91
N THR Q 365 -114.44 32.27 -25.44
CA THR Q 365 -115.67 31.90 -26.13
C THR Q 365 -116.22 33.10 -26.91
N TYR Q 366 -116.35 32.92 -28.22
CA TYR Q 366 -116.82 33.97 -29.13
C TYR Q 366 -118.33 33.88 -29.35
N VAL Q 367 -118.96 35.02 -29.65
CA VAL Q 367 -120.38 35.07 -29.99
C VAL Q 367 -120.53 35.84 -31.32
N THR Q 368 -120.51 35.13 -32.42
CA THR Q 368 -120.39 35.73 -33.77
C THR Q 368 -121.60 35.49 -34.67
N GLU Q 369 -121.66 36.24 -35.78
CA GLU Q 369 -122.72 36.12 -36.81
C GLU Q 369 -124.14 36.29 -36.25
N ASN Q 370 -124.30 37.24 -35.33
CA ASN Q 370 -125.59 37.54 -34.72
C ASN Q 370 -126.51 38.23 -35.71
N THR Q 371 -127.82 37.97 -35.58
CA THR Q 371 -128.81 38.57 -36.48
C THR Q 371 -128.92 40.08 -36.30
N ASP Q 372 -129.08 40.52 -35.05
CA ASP Q 372 -129.20 41.94 -34.74
C ASP Q 372 -128.60 42.28 -33.38
N PRO Q 373 -127.33 42.76 -33.37
CA PRO Q 373 -126.66 43.14 -32.13
C PRO Q 373 -126.71 44.66 -31.83
N LYS Q 374 -126.84 44.99 -30.54
CA LYS Q 374 -126.78 46.37 -30.07
C LYS Q 374 -125.59 46.57 -29.12
N SER Q 375 -124.79 45.51 -28.97
CA SER Q 375 -123.59 45.50 -28.13
C SER Q 375 -122.47 44.70 -28.81
N CYS Q 376 -121.27 45.25 -28.82
CA CYS Q 376 -120.13 44.61 -29.49
C CYS Q 376 -118.94 44.38 -28.56
N THR Q 377 -117.80 44.04 -29.14
CA THR Q 377 -116.57 43.76 -28.39
C THR Q 377 -115.33 44.10 -29.20
N ILE Q 378 -114.50 45.00 -28.65
CA ILE Q 378 -113.19 45.30 -29.21
C ILE Q 378 -112.16 44.35 -28.58
N LEU Q 379 -111.72 43.36 -29.35
CA LEU Q 379 -110.75 42.39 -28.86
C LEU Q 379 -109.33 42.94 -29.07
N ILE Q 380 -108.81 43.60 -28.03
CA ILE Q 380 -107.44 44.13 -28.08
C ILE Q 380 -106.41 43.01 -27.93
N LYS Q 381 -105.74 42.69 -29.04
CA LYS Q 381 -104.61 41.77 -29.05
C LYS Q 381 -103.35 42.60 -28.80
N GLY Q 382 -102.42 42.04 -28.02
CA GLY Q 382 -101.17 42.72 -27.70
C GLY Q 382 -100.15 41.76 -27.14
N SER Q 383 -98.91 41.89 -27.60
CA SER Q 383 -97.82 40.96 -27.25
C SER Q 383 -97.47 40.91 -25.75
N THR Q 384 -97.15 42.07 -25.18
CA THR Q 384 -96.71 42.15 -23.79
C THR Q 384 -97.88 42.38 -22.81
N HIS Q 385 -97.62 43.13 -21.74
CA HIS Q 385 -98.66 43.49 -20.78
C HIS Q 385 -98.78 45.01 -20.68
N TYR Q 386 -97.65 45.69 -20.88
CA TYR Q 386 -97.60 47.16 -20.85
C TYR Q 386 -98.41 47.77 -21.97
N ALA Q 387 -98.39 47.12 -23.13
CA ALA Q 387 -99.09 47.62 -24.31
C ALA Q 387 -100.58 47.31 -24.22
N LEU Q 388 -100.95 46.31 -23.41
CA LEU Q 388 -102.34 45.89 -23.27
C LEU Q 388 -103.18 46.82 -22.39
N ALA Q 389 -102.52 47.64 -21.59
CA ALA Q 389 -103.17 48.71 -20.87
C ALA Q 389 -103.00 50.04 -21.62
N GLN Q 390 -101.89 50.15 -22.34
CA GLN Q 390 -101.54 51.32 -23.16
C GLN Q 390 -102.49 51.51 -24.35
N THR Q 391 -102.82 50.41 -25.01
CA THR Q 391 -103.71 50.45 -26.18
C THR Q 391 -105.19 50.52 -25.78
N LYS Q 392 -105.50 50.17 -24.53
CA LYS Q 392 -106.84 50.35 -23.97
C LYS Q 392 -107.08 51.80 -23.55
N ASP Q 393 -106.07 52.41 -22.91
CA ASP Q 393 -106.08 53.83 -22.56
C ASP Q 393 -106.07 54.72 -23.79
N ALA Q 394 -105.87 54.10 -24.95
CA ALA Q 394 -105.91 54.78 -26.23
C ALA Q 394 -107.31 54.67 -26.83
N VAL Q 395 -107.88 53.46 -26.80
CA VAL Q 395 -109.23 53.20 -27.30
C VAL Q 395 -110.27 53.95 -26.45
N ARG Q 396 -110.10 53.91 -25.13
CA ARG Q 396 -111.00 54.59 -24.21
C ARG Q 396 -111.12 56.10 -24.53
N ASP Q 397 -109.97 56.73 -24.76
CA ASP Q 397 -109.90 58.16 -25.10
C ASP Q 397 -110.34 58.44 -26.55
N GLY Q 398 -110.68 57.37 -27.27
CA GLY Q 398 -111.20 57.48 -28.62
C GLY Q 398 -112.66 57.06 -28.70
N LEU Q 399 -113.02 56.05 -27.90
CA LEU Q 399 -114.39 55.52 -27.83
C LEU Q 399 -115.35 56.53 -27.20
N ARG Q 400 -114.83 57.27 -26.22
CA ARG Q 400 -115.56 58.35 -25.57
C ARG Q 400 -115.60 59.61 -26.46
N ALA Q 401 -114.49 59.86 -27.16
CA ALA Q 401 -114.36 61.04 -28.04
C ALA Q 401 -115.37 60.99 -29.17
N VAL Q 402 -115.55 59.81 -29.76
CA VAL Q 402 -116.53 59.62 -30.84
C VAL Q 402 -117.95 59.70 -30.29
N ALA Q 403 -118.17 59.11 -29.12
CA ALA Q 403 -119.47 59.18 -28.46
C ALA Q 403 -119.83 60.62 -28.10
N ASN Q 404 -118.80 61.45 -27.92
CA ASN Q 404 -118.98 62.89 -27.66
C ASN Q 404 -119.47 63.66 -28.88
N VAL Q 405 -119.26 63.10 -30.07
CA VAL Q 405 -119.73 63.72 -31.30
C VAL Q 405 -121.20 63.38 -31.52
N LEU Q 406 -121.63 62.25 -30.96
CA LEU Q 406 -123.03 61.82 -31.05
C LEU Q 406 -123.88 62.43 -29.96
N LYS Q 407 -123.38 62.39 -28.71
CA LYS Q 407 -124.08 62.98 -27.58
C LYS Q 407 -124.29 64.49 -27.77
N ASP Q 408 -123.19 65.21 -28.03
CA ASP Q 408 -123.27 66.63 -28.44
C ASP Q 408 -123.56 66.66 -29.93
N LYS Q 409 -124.56 67.43 -30.34
CA LYS Q 409 -124.93 67.54 -31.75
C LYS Q 409 -123.99 68.48 -32.52
N ASN Q 410 -122.77 68.64 -32.02
CA ASN Q 410 -121.80 69.60 -32.57
C ASN Q 410 -120.35 69.11 -32.52
N ILE Q 411 -119.46 69.83 -33.23
CA ILE Q 411 -118.00 69.58 -33.21
C ILE Q 411 -117.21 70.87 -33.49
N ILE Q 412 -115.98 70.92 -32.97
CA ILE Q 412 -115.12 72.10 -33.12
C ILE Q 412 -113.89 71.74 -33.97
N PRO Q 413 -113.58 72.59 -34.97
CA PRO Q 413 -112.32 72.46 -35.71
C PRO Q 413 -111.12 72.56 -34.77
N GLY Q 414 -110.23 71.57 -34.85
CA GLY Q 414 -109.14 71.42 -33.88
C GLY Q 414 -107.94 72.30 -34.15
N ALA Q 415 -106.76 71.69 -34.11
CA ALA Q 415 -105.48 72.39 -34.29
C ALA Q 415 -105.33 73.64 -33.41
N GLY Q 416 -106.25 73.79 -32.45
CA GLY Q 416 -106.27 74.93 -31.55
C GLY Q 416 -106.80 76.19 -32.19
N ALA Q 417 -107.62 76.04 -33.22
CA ALA Q 417 -108.20 77.19 -33.92
C ALA Q 417 -109.12 77.98 -32.98
N PHE Q 418 -109.86 77.27 -32.14
CA PHE Q 418 -110.80 77.86 -31.20
C PHE Q 418 -110.14 78.85 -30.24
N TYR Q 419 -108.98 78.46 -29.71
CA TYR Q 419 -108.25 79.27 -28.74
C TYR Q 419 -107.66 80.54 -29.37
N ILE Q 420 -107.14 80.41 -30.58
CA ILE Q 420 -106.60 81.56 -31.33
C ILE Q 420 -107.72 82.56 -31.60
N ALA Q 421 -108.88 82.04 -32.02
CA ALA Q 421 -110.06 82.86 -32.30
C ALA Q 421 -110.49 83.71 -31.10
N LEU Q 422 -110.52 83.09 -29.92
CA LEU Q 422 -110.85 83.81 -28.68
C LEU Q 422 -109.82 84.88 -28.34
N SER Q 423 -108.54 84.51 -28.41
CA SER Q 423 -107.43 85.41 -28.07
C SER Q 423 -107.46 86.72 -28.86
N ARG Q 424 -107.95 86.63 -30.09
CA ARG Q 424 -108.10 87.81 -30.93
C ARG Q 424 -109.37 88.57 -30.56
N TYR Q 425 -110.49 87.84 -30.46
CA TYR Q 425 -111.79 88.43 -30.14
C TYR Q 425 -111.81 89.14 -28.78
N LEU Q 426 -111.27 88.47 -27.78
CA LEU Q 426 -111.24 89.00 -26.41
C LEU Q 426 -110.30 90.20 -26.30
N ARG Q 427 -109.30 90.26 -27.16
CA ARG Q 427 -108.37 91.39 -27.19
C ARG Q 427 -109.00 92.64 -27.80
N SER Q 428 -110.07 92.46 -28.57
CA SER Q 428 -110.71 93.57 -29.27
C SER Q 428 -111.99 94.08 -28.58
N ALA Q 429 -112.81 93.14 -28.11
CA ALA Q 429 -114.13 93.49 -27.56
C ALA Q 429 -114.14 93.78 -26.05
N ASN Q 430 -112.99 94.14 -25.49
CA ASN Q 430 -112.88 94.51 -24.08
C ASN Q 430 -113.56 95.84 -23.79
N MET Q 431 -113.33 96.81 -24.67
CA MET Q 431 -114.05 98.08 -24.65
C MET Q 431 -115.51 97.89 -25.08
N ASN Q 432 -115.78 96.80 -25.80
CA ASN Q 432 -117.13 96.47 -26.23
C ASN Q 432 -117.95 95.66 -25.23
N LYS Q 433 -117.27 94.77 -24.48
CA LYS Q 433 -117.91 93.85 -23.53
C LYS Q 433 -118.83 94.57 -22.55
N LEU Q 434 -118.30 95.64 -21.96
CA LEU Q 434 -119.04 96.44 -21.00
C LEU Q 434 -118.76 97.92 -21.27
N GLY Q 435 -117.53 98.21 -21.72
CA GLY Q 435 -116.89 99.49 -21.47
C GLY Q 435 -116.37 99.37 -20.04
N ALA Q 436 -115.68 98.24 -19.80
CA ALA Q 436 -115.48 97.64 -18.46
C ALA Q 436 -114.72 98.47 -17.42
N LYS Q 437 -114.70 97.95 -16.19
CA LYS Q 437 -114.13 98.64 -15.01
C LYS Q 437 -112.63 99.00 -15.12
N GLY Q 438 -112.05 98.84 -16.30
CA GLY Q 438 -110.65 99.15 -16.54
C GLY Q 438 -109.71 98.16 -15.87
N LYS Q 439 -109.90 97.96 -14.57
CA LYS Q 439 -109.19 96.95 -13.80
C LYS Q 439 -109.61 95.54 -14.26
N THR Q 440 -110.92 95.32 -14.34
CA THR Q 440 -111.44 94.07 -14.87
C THR Q 440 -110.86 93.78 -16.27
N LYS Q 441 -110.52 94.85 -16.99
CA LYS Q 441 -110.00 94.78 -18.36
C LYS Q 441 -108.65 94.06 -18.49
N THR Q 442 -107.79 94.26 -17.50
CA THR Q 442 -106.46 93.62 -17.51
C THR Q 442 -106.53 92.11 -17.26
N GLY Q 443 -107.55 91.69 -16.51
CA GLY Q 443 -107.78 90.27 -16.24
C GLY Q 443 -108.15 89.48 -17.49
N ILE Q 444 -108.93 90.10 -18.37
CA ILE Q 444 -109.25 89.52 -19.67
C ILE Q 444 -107.97 89.49 -20.50
N GLU Q 445 -107.31 90.65 -20.60
CA GLU Q 445 -106.09 90.82 -21.38
C GLU Q 445 -105.06 89.71 -21.12
N ALA Q 446 -105.06 89.19 -19.90
CA ALA Q 446 -104.29 88.01 -19.56
C ALA Q 446 -105.01 86.78 -20.10
N PHE Q 447 -106.14 86.43 -19.49
CA PHE Q 447 -106.94 85.26 -19.87
C PHE Q 447 -106.97 85.05 -21.39
N ALA Q 448 -107.22 86.15 -22.12
CA ALA Q 448 -107.28 86.13 -23.57
C ALA Q 448 -106.00 85.59 -24.17
N GLU Q 449 -104.89 86.27 -23.89
CA GLU Q 449 -103.58 85.88 -24.42
C GLU Q 449 -103.09 84.60 -23.75
N ALA Q 450 -103.68 84.26 -22.60
CA ALA Q 450 -103.33 83.05 -21.85
C ALA Q 450 -103.70 81.79 -22.59
N LEU Q 451 -104.89 81.79 -23.20
CA LEU Q 451 -105.43 80.63 -23.93
C LEU Q 451 -104.49 80.09 -25.00
N LEU Q 452 -103.55 80.93 -25.43
CA LEU Q 452 -102.63 80.60 -26.51
C LEU Q 452 -101.62 79.50 -26.16
N VAL Q 453 -101.78 78.87 -25.00
CA VAL Q 453 -100.94 77.74 -24.62
C VAL Q 453 -101.05 76.59 -25.60
N ILE Q 454 -102.28 76.06 -25.75
CA ILE Q 454 -102.52 74.91 -26.62
C ILE Q 454 -101.86 75.08 -27.99
N PRO Q 455 -102.00 76.27 -28.62
CA PRO Q 455 -101.25 76.58 -29.84
C PRO Q 455 -99.73 76.55 -29.69
N LYS Q 456 -99.19 77.39 -28.80
CA LYS Q 456 -97.73 77.48 -28.58
C LYS Q 456 -97.11 76.13 -28.19
N THR Q 457 -97.70 75.46 -27.21
CA THR Q 457 -97.19 74.19 -26.70
C THR Q 457 -97.32 73.03 -27.68
N LEU Q 458 -98.20 73.19 -28.67
CA LEU Q 458 -98.27 72.23 -29.78
C LEU Q 458 -97.08 72.38 -30.71
N VAL Q 459 -96.76 73.63 -31.03
CA VAL Q 459 -95.60 73.94 -31.86
C VAL Q 459 -94.30 73.67 -31.09
N LYS Q 460 -94.33 73.90 -29.77
CA LYS Q 460 -93.21 73.53 -28.90
C LYS Q 460 -92.89 72.05 -29.04
N ASN Q 461 -93.93 71.21 -28.97
CA ASN Q 461 -93.78 69.76 -29.15
C ASN Q 461 -93.39 69.39 -30.57
N SER Q 462 -93.88 70.18 -31.53
CA SER Q 462 -93.55 69.98 -32.94
C SER Q 462 -92.06 70.14 -33.19
N GLY Q 463 -91.44 71.13 -32.54
CA GLY Q 463 -90.04 71.43 -32.74
C GLY Q 463 -89.90 72.81 -33.35
N PHE Q 464 -90.79 73.12 -34.30
CA PHE Q 464 -90.83 74.43 -34.96
C PHE Q 464 -90.95 75.57 -33.95
N ASP Q 465 -90.60 76.77 -34.40
CA ASP Q 465 -90.61 77.95 -33.54
C ASP Q 465 -92.03 78.31 -33.14
N PRO Q 466 -92.34 78.21 -31.83
CA PRO Q 466 -93.70 78.38 -31.32
C PRO Q 466 -94.29 79.77 -31.57
N LEU Q 467 -93.45 80.81 -31.45
CA LEU Q 467 -93.87 82.20 -31.63
C LEU Q 467 -93.97 82.59 -33.11
N ASP Q 468 -93.26 81.85 -33.96
CA ASP Q 468 -93.25 82.13 -35.41
C ASP Q 468 -94.48 81.56 -36.12
N VAL Q 469 -94.84 80.32 -35.77
CA VAL Q 469 -95.97 79.62 -36.38
C VAL Q 469 -97.30 80.13 -35.81
N LEU Q 470 -97.26 80.62 -34.58
CA LEU Q 470 -98.39 81.34 -33.98
C LEU Q 470 -98.67 82.60 -34.79
N ALA Q 471 -97.62 83.39 -35.02
CA ALA Q 471 -97.71 84.61 -35.83
C ALA Q 471 -97.99 84.30 -37.30
N MET Q 472 -97.80 83.04 -37.71
CA MET Q 472 -98.12 82.60 -39.07
C MET Q 472 -99.62 82.33 -39.26
N VAL Q 473 -100.26 81.79 -38.22
CA VAL Q 473 -101.72 81.60 -38.24
C VAL Q 473 -102.42 82.93 -38.03
N GLU Q 474 -101.83 83.78 -37.18
CA GLU Q 474 -102.31 85.15 -36.96
C GLU Q 474 -102.36 85.95 -38.25
N ASP Q 475 -101.36 85.77 -39.10
CA ASP Q 475 -101.23 86.50 -40.38
C ASP Q 475 -102.18 85.98 -41.44
N GLU Q 476 -102.28 84.66 -41.57
CA GLU Q 476 -103.16 84.05 -42.58
C GLU Q 476 -104.64 84.08 -42.18
N LEU Q 477 -104.92 84.54 -40.96
CA LEU Q 477 -106.30 84.77 -40.51
C LEU Q 477 -106.74 86.17 -40.92
N ASP Q 478 -105.85 87.16 -40.70
CA ASP Q 478 -106.11 88.56 -41.05
C ASP Q 478 -106.39 88.75 -42.54
N ASP Q 479 -105.90 87.80 -43.35
CA ASP Q 479 -106.14 87.79 -44.80
C ASP Q 479 -107.56 87.40 -45.17
N ALA Q 480 -108.19 86.57 -44.33
CA ALA Q 480 -109.58 86.17 -44.52
C ALA Q 480 -110.55 87.05 -43.71
N GLN Q 481 -110.02 87.72 -42.69
CA GLN Q 481 -110.78 88.71 -41.92
C GLN Q 481 -110.98 89.97 -42.75
N ASP Q 482 -109.98 90.28 -43.59
CA ASP Q 482 -110.07 91.39 -44.54
C ASP Q 482 -110.82 91.00 -45.81
N SER Q 483 -110.91 89.70 -46.07
CA SER Q 483 -111.61 89.17 -47.26
C SER Q 483 -113.05 88.72 -46.95
N ASP Q 484 -113.56 89.15 -45.79
CA ASP Q 484 -114.95 88.93 -45.37
C ASP Q 484 -115.29 87.49 -44.99
N GLU Q 485 -115.22 86.58 -45.96
CA GLU Q 485 -115.55 85.17 -45.73
C GLU Q 485 -114.53 84.49 -44.82
N THR Q 486 -114.93 84.24 -43.57
CA THR Q 486 -114.06 83.65 -42.57
C THR Q 486 -113.99 82.12 -42.73
N ARG Q 487 -112.76 81.62 -42.85
CA ARG Q 487 -112.49 80.19 -42.86
C ARG Q 487 -111.62 79.86 -41.64
N TYR Q 488 -111.83 78.68 -41.06
CA TYR Q 488 -111.08 78.26 -39.88
C TYR Q 488 -109.60 78.06 -40.19
N VAL Q 489 -108.76 78.44 -39.25
CA VAL Q 489 -107.31 78.27 -39.40
C VAL Q 489 -106.65 77.84 -38.09
N GLY Q 490 -105.99 76.69 -38.13
CA GLY Q 490 -105.23 76.15 -37.01
C GLY Q 490 -103.79 75.86 -37.39
N VAL Q 491 -103.03 75.30 -36.46
CA VAL Q 491 -101.61 75.06 -36.67
C VAL Q 491 -101.32 73.71 -37.31
N ASP Q 492 -100.56 73.73 -38.41
CA ASP Q 492 -100.05 72.51 -39.04
C ASP Q 492 -98.79 72.06 -38.31
N LEU Q 493 -98.82 70.85 -37.78
CA LEU Q 493 -97.74 70.31 -36.94
C LEU Q 493 -96.66 69.53 -37.70
N ASN Q 494 -96.85 69.39 -39.01
CA ASN Q 494 -95.87 68.69 -39.87
C ASN Q 494 -94.90 69.63 -40.57
N ILE Q 495 -95.42 70.69 -41.18
CA ILE Q 495 -94.61 71.61 -41.98
C ILE Q 495 -94.29 72.93 -41.25
N GLY Q 496 -95.02 73.18 -40.16
CA GLY Q 496 -94.83 74.40 -39.37
C GLY Q 496 -95.42 75.63 -40.05
N ASP Q 497 -96.60 75.45 -40.64
CA ASP Q 497 -97.30 76.51 -41.37
C ASP Q 497 -98.76 76.65 -40.93
N SER Q 498 -99.42 77.68 -41.47
CA SER Q 498 -100.85 77.87 -41.29
C SER Q 498 -101.61 76.81 -42.08
N CYS Q 499 -102.78 76.40 -41.56
CA CYS Q 499 -103.54 75.29 -42.12
C CYS Q 499 -105.03 75.33 -41.74
N ASP Q 500 -105.86 74.70 -42.57
CA ASP Q 500 -107.30 74.59 -42.32
C ASP Q 500 -107.64 73.22 -41.75
N PRO Q 501 -108.12 73.16 -40.48
CA PRO Q 501 -108.44 71.89 -39.83
C PRO Q 501 -109.66 71.20 -40.42
N THR Q 502 -110.60 71.96 -40.97
CA THR Q 502 -111.78 71.39 -41.64
C THR Q 502 -111.34 70.64 -42.89
N ILE Q 503 -110.34 71.19 -43.59
CA ILE Q 503 -109.77 70.57 -44.78
C ILE Q 503 -108.88 69.37 -44.41
N GLU Q 504 -107.94 69.58 -43.48
CA GLU Q 504 -107.00 68.53 -43.08
C GLU Q 504 -107.69 67.36 -42.38
N GLY Q 505 -108.88 67.60 -41.85
CA GLY Q 505 -109.69 66.56 -41.21
C GLY Q 505 -109.27 66.22 -39.80
N ILE Q 506 -108.96 67.24 -39.01
CA ILE Q 506 -108.57 67.07 -37.61
C ILE Q 506 -109.61 67.77 -36.74
N TRP Q 507 -110.33 67.00 -35.93
CA TRP Q 507 -111.45 67.52 -35.15
C TRP Q 507 -111.35 67.34 -33.63
N ASP Q 508 -112.12 68.15 -32.90
CA ASP Q 508 -112.02 68.28 -31.45
C ASP Q 508 -113.42 68.49 -30.83
N SER Q 509 -113.80 67.61 -29.90
CA SER Q 509 -115.17 67.55 -29.34
C SER Q 509 -115.65 68.83 -28.63
N TYR Q 510 -116.97 68.97 -28.53
CA TYR Q 510 -117.59 70.15 -27.93
C TYR Q 510 -117.54 70.12 -26.40
N ARG Q 511 -118.02 69.03 -25.81
CA ARG Q 511 -118.05 68.88 -24.35
C ARG Q 511 -116.64 68.96 -23.74
N VAL Q 512 -115.64 68.51 -24.50
CA VAL Q 512 -114.23 68.65 -24.10
C VAL Q 512 -113.92 70.12 -23.79
N LEU Q 513 -114.05 70.98 -24.79
CA LEU Q 513 -113.70 72.40 -24.67
C LEU Q 513 -114.63 73.18 -23.75
N ARG Q 514 -115.87 72.72 -23.65
CA ARG Q 514 -116.86 73.35 -22.79
C ARG Q 514 -116.48 73.17 -21.32
N ASN Q 515 -116.11 71.95 -20.95
CA ASN Q 515 -115.72 71.64 -19.58
C ASN Q 515 -114.22 71.81 -19.36
N ALA Q 516 -113.49 72.15 -20.42
CA ALA Q 516 -112.08 72.46 -20.30
C ALA Q 516 -111.91 73.87 -19.72
N ILE Q 517 -112.67 74.82 -20.28
CA ILE Q 517 -112.59 76.22 -19.87
C ILE Q 517 -113.18 76.46 -18.49
N THR Q 518 -114.38 75.92 -18.26
CA THR Q 518 -115.08 76.11 -16.98
C THR Q 518 -114.36 75.41 -15.81
N GLY Q 519 -113.47 74.48 -16.14
CA GLY Q 519 -112.67 73.75 -15.15
C GLY Q 519 -111.36 74.42 -14.83
N ALA Q 520 -110.73 75.00 -15.86
CA ALA Q 520 -109.48 75.73 -15.70
C ALA Q 520 -109.68 77.07 -15.02
N THR Q 521 -110.69 77.82 -15.46
CA THR Q 521 -111.05 79.10 -14.85
C THR Q 521 -111.39 78.88 -13.37
N GLY Q 522 -112.27 77.92 -13.10
CA GLY Q 522 -112.70 77.61 -11.74
C GLY Q 522 -111.59 77.34 -10.75
N ILE Q 523 -110.51 76.70 -11.21
CA ILE Q 523 -109.40 76.37 -10.32
C ILE Q 523 -108.37 77.49 -10.27
N ALA Q 524 -108.00 78.02 -11.43
CA ALA Q 524 -107.05 79.12 -11.50
C ALA Q 524 -107.58 80.36 -10.80
N SER Q 525 -108.83 80.73 -11.12
CA SER Q 525 -109.50 81.90 -10.54
C SER Q 525 -109.88 81.68 -9.08
N ASN Q 526 -109.49 80.53 -8.54
CA ASN Q 526 -109.66 80.25 -7.13
C ASN Q 526 -108.30 80.25 -6.44
N LEU Q 527 -107.29 79.76 -7.16
CA LEU Q 527 -105.92 79.70 -6.69
C LEU Q 527 -105.32 81.11 -6.52
N LEU Q 528 -105.86 82.08 -7.26
CA LEU Q 528 -105.41 83.47 -7.16
C LEU Q 528 -105.94 84.15 -5.91
N LEU Q 529 -107.14 83.78 -5.50
CA LEU Q 529 -107.84 84.43 -4.40
C LEU Q 529 -107.33 84.08 -2.99
N CYS Q 530 -106.49 83.06 -2.89
CA CYS Q 530 -105.97 82.61 -1.59
C CYS Q 530 -104.80 83.46 -1.09
N ASP Q 531 -104.76 83.70 0.22
CA ASP Q 531 -103.69 84.49 0.82
C ASP Q 531 -102.89 83.74 1.91
N GLU Q 532 -103.35 82.54 2.23
CA GLU Q 532 -102.68 81.66 3.20
C GLU Q 532 -102.76 80.19 2.80
N LEU Q 533 -101.72 79.44 3.13
CA LEU Q 533 -101.75 77.97 3.03
C LEU Q 533 -101.41 77.39 4.39
N LEU Q 534 -102.43 76.87 5.07
CA LEU Q 534 -102.28 76.43 6.46
C LEU Q 534 -102.12 74.93 6.62
N ARG Q 535 -101.37 74.54 7.64
CA ARG Q 535 -101.25 73.16 8.06
C ARG Q 535 -101.41 73.11 9.58
N ALA Q 536 -102.55 72.60 10.02
CA ALA Q 536 -102.83 72.42 11.45
C ALA Q 536 -103.77 71.23 11.61
N GLY Q 537 -103.43 70.32 12.53
CA GLY Q 537 -104.24 69.13 12.78
C GLY Q 537 -103.70 68.27 13.90
N ARG Q 538 -104.42 67.19 14.21
CA ARG Q 538 -104.02 66.23 15.24
C ARG Q 538 -102.82 65.41 14.77
N SER Q 539 -101.94 65.04 15.70
CA SER Q 539 -100.73 64.27 15.38
C SER Q 539 -101.02 62.80 15.02
N PRO R 6 -70.88 77.42 -0.33
CA PRO R 6 -71.32 76.69 -1.52
C PRO R 6 -72.79 76.26 -1.44
N GLN R 7 -73.12 75.11 -2.03
CA GLN R 7 -74.45 74.47 -1.96
C GLN R 7 -75.40 74.83 -3.10
N ASN R 8 -76.13 73.82 -3.57
CA ASN R 8 -77.04 73.91 -4.72
C ASN R 8 -78.52 74.01 -4.36
N PRO R 9 -79.30 74.72 -5.20
CA PRO R 9 -80.76 74.74 -5.11
C PRO R 9 -81.46 73.49 -5.71
N ASN R 10 -82.77 73.41 -5.50
CA ASN R 10 -83.60 72.33 -6.02
C ASN R 10 -84.22 72.66 -7.40
N ALA R 11 -84.92 71.70 -7.99
CA ALA R 11 -85.51 71.86 -9.31
C ALA R 11 -87.03 71.99 -9.28
N GLY R 12 -87.69 70.98 -8.74
CA GLY R 12 -89.14 70.96 -8.61
C GLY R 12 -89.57 69.80 -7.72
N LEU R 13 -90.25 70.13 -6.63
CA LEU R 13 -90.72 69.12 -5.68
C LEU R 13 -92.25 68.93 -5.72
N PHE R 14 -92.70 68.09 -6.63
CA PHE R 14 -94.12 67.77 -6.71
C PHE R 14 -94.33 66.38 -6.13
N LYS R 15 -93.27 65.58 -6.10
CA LYS R 15 -93.37 64.15 -5.81
C LYS R 15 -92.73 63.74 -4.49
N GLN R 16 -93.04 62.51 -4.05
CA GLN R 16 -92.56 61.99 -2.77
C GLN R 16 -91.08 61.62 -2.75
N GLY R 17 -90.51 61.35 -3.94
CA GLY R 17 -89.11 60.96 -4.06
C GLY R 17 -88.88 60.04 -5.24
N TYR R 18 -88.59 60.63 -6.40
CA TYR R 18 -88.44 59.91 -7.68
C TYR R 18 -87.09 60.16 -8.36
N ASN R 19 -86.95 59.62 -9.58
CA ASN R 19 -85.81 59.87 -10.46
C ASN R 19 -86.26 59.88 -11.93
N SER R 20 -85.95 60.96 -12.65
CA SER R 20 -86.33 61.08 -14.06
C SER R 20 -85.12 61.01 -15.00
N TYR R 21 -85.25 60.19 -16.04
CA TYR R 21 -84.17 59.94 -16.99
C TYR R 21 -84.58 60.50 -18.36
N SER R 22 -84.20 61.76 -18.59
CA SER R 22 -84.75 62.56 -19.69
C SER R 22 -83.81 62.72 -20.91
N ASN R 23 -84.07 63.75 -21.73
CA ASN R 23 -83.35 64.04 -23.00
C ASN R 23 -82.99 62.81 -23.85
N ALA R 24 -83.79 61.75 -23.69
CA ALA R 24 -83.53 60.44 -24.29
C ALA R 24 -82.20 59.82 -23.82
N ASP R 25 -81.52 60.49 -22.89
CA ASP R 25 -80.23 60.03 -22.37
C ASP R 25 -80.37 58.57 -21.90
N GLY R 26 -81.24 58.37 -20.90
CA GLY R 26 -81.55 57.05 -20.36
C GLY R 26 -82.13 56.10 -21.41
N GLN R 27 -82.19 56.58 -22.65
CA GLN R 27 -82.66 55.79 -23.79
C GLN R 27 -81.63 55.71 -24.92
N ILE R 28 -81.25 56.87 -25.47
CA ILE R 28 -80.27 56.92 -26.56
C ILE R 28 -78.91 56.34 -26.17
N ILE R 29 -78.46 56.60 -24.94
CA ILE R 29 -77.16 56.11 -24.52
C ILE R 29 -77.29 55.09 -23.40
N LYS R 30 -77.70 55.57 -22.22
CA LYS R 30 -77.70 54.78 -20.98
C LYS R 30 -78.50 53.49 -21.10
N SER R 31 -79.50 53.50 -21.98
CA SER R 31 -80.32 52.32 -22.23
C SER R 31 -79.63 51.33 -23.16
N ILE R 32 -79.13 51.82 -24.29
CA ILE R 32 -78.45 50.97 -25.26
C ILE R 32 -77.33 50.18 -24.61
N ALA R 33 -76.53 50.86 -23.79
CA ALA R 33 -75.40 50.23 -23.09
C ALA R 33 -75.83 49.23 -22.02
N ALA R 34 -76.98 49.47 -21.39
CA ALA R 34 -77.52 48.56 -20.38
C ALA R 34 -78.05 47.29 -21.02
N ILE R 35 -78.56 47.42 -22.24
CA ILE R 35 -78.96 46.25 -23.03
C ILE R 35 -77.71 45.55 -23.57
N ARG R 36 -76.66 46.31 -23.87
CA ARG R 36 -75.37 45.78 -24.35
C ARG R 36 -74.70 44.79 -23.39
N GLU R 37 -75.01 44.92 -22.11
CA GLU R 37 -74.50 44.01 -21.09
C GLU R 37 -75.17 42.63 -21.21
N LEU R 38 -76.49 42.62 -21.40
CA LEU R 38 -77.23 41.39 -21.61
C LEU R 38 -77.24 40.91 -23.05
N HIS R 39 -76.84 41.78 -23.97
CA HIS R 39 -76.65 41.41 -25.37
C HIS R 39 -75.43 40.52 -25.45
N GLN R 40 -74.31 40.98 -24.91
CA GLN R 40 -73.06 40.22 -24.84
C GLN R 40 -73.19 38.95 -23.99
N MET R 41 -74.30 38.84 -23.27
CA MET R 41 -74.60 37.68 -22.44
C MET R 41 -74.97 36.47 -23.31
N CYS R 42 -76.08 36.59 -24.03
CA CYS R 42 -76.61 35.51 -24.86
C CYS R 42 -76.03 35.53 -26.28
N LEU R 43 -75.07 36.43 -26.50
CA LEU R 43 -74.30 36.48 -27.74
C LEU R 43 -73.41 35.24 -27.83
N THR R 44 -72.95 34.77 -26.68
CA THR R 44 -72.06 33.61 -26.60
C THR R 44 -72.83 32.32 -26.35
N SER R 45 -74.15 32.39 -26.39
CA SER R 45 -74.98 31.22 -26.17
C SER R 45 -75.60 30.72 -27.46
N MET R 46 -75.66 31.62 -28.45
CA MET R 46 -76.22 31.31 -29.75
C MET R 46 -75.54 30.10 -30.37
N GLY R 47 -76.35 29.14 -30.79
CA GLY R 47 -75.89 28.03 -31.63
C GLY R 47 -75.18 26.89 -30.91
N PRO R 48 -74.72 25.89 -31.70
CA PRO R 48 -74.08 24.67 -31.23
C PRO R 48 -72.80 24.98 -30.49
N CYS R 49 -72.06 25.97 -30.99
CA CYS R 49 -70.81 26.39 -30.38
C CYS R 49 -71.04 27.20 -29.10
N GLY R 50 -72.25 27.74 -28.95
CA GLY R 50 -72.63 28.53 -27.77
C GLY R 50 -72.41 27.83 -26.44
N ARG R 51 -72.08 28.61 -25.41
CA ARG R 51 -71.78 28.08 -24.08
C ARG R 51 -72.93 28.28 -23.08
N ASN R 52 -73.16 27.27 -22.25
CA ASN R 52 -74.16 27.32 -21.19
C ASN R 52 -73.76 28.26 -20.07
N LYS R 53 -74.74 28.76 -19.33
CA LYS R 53 -74.47 29.62 -18.18
C LYS R 53 -75.18 29.11 -16.95
N ILE R 54 -74.43 28.93 -15.87
CA ILE R 54 -74.97 28.39 -14.61
C ILE R 54 -75.55 29.51 -13.73
N ILE R 55 -76.85 29.46 -13.50
CA ILE R 55 -77.57 30.52 -12.79
C ILE R 55 -78.22 30.01 -11.52
N VAL R 56 -77.80 30.58 -10.39
CA VAL R 56 -78.38 30.24 -9.09
C VAL R 56 -79.41 31.31 -8.68
N ASN R 57 -80.64 30.86 -8.46
CA ASN R 57 -81.80 31.75 -8.29
C ASN R 57 -81.94 32.37 -6.90
N HIS R 58 -83.10 32.99 -6.67
CA HIS R 58 -83.43 33.64 -5.40
C HIS R 58 -83.50 32.67 -4.21
N LEU R 59 -83.69 31.38 -4.52
CA LEU R 59 -83.95 30.37 -3.50
C LEU R 59 -82.83 29.31 -3.43
N GLY R 60 -81.78 29.49 -4.23
CA GLY R 60 -80.61 28.61 -4.17
C GLY R 60 -80.55 27.47 -5.17
N LYS R 61 -81.65 27.23 -5.87
CA LYS R 61 -81.72 26.14 -6.87
C LYS R 61 -80.92 26.48 -8.13
N ILE R 62 -79.97 25.62 -8.47
CA ILE R 62 -79.12 25.80 -9.65
C ILE R 62 -79.90 25.49 -10.93
N ILE R 63 -79.66 26.29 -11.97
CA ILE R 63 -80.27 26.08 -13.30
C ILE R 63 -79.22 26.36 -14.37
N ILE R 64 -79.10 25.45 -15.34
CA ILE R 64 -78.15 25.58 -16.46
C ILE R 64 -78.91 25.55 -17.79
N THR R 65 -78.76 26.60 -18.59
CA THR R 65 -79.49 26.72 -19.84
C THR R 65 -78.68 27.39 -20.95
N ASN R 66 -78.83 26.88 -22.16
CA ASN R 66 -78.35 27.52 -23.38
C ASN R 66 -79.40 28.51 -23.88
N ASP R 67 -80.65 28.26 -23.52
CA ASP R 67 -81.80 29.09 -23.89
C ASP R 67 -81.61 30.53 -23.44
N ALA R 68 -82.06 31.47 -24.27
CA ALA R 68 -82.06 32.88 -23.93
C ALA R 68 -83.17 33.19 -22.93
N ALA R 69 -84.41 32.84 -23.30
CA ALA R 69 -85.60 33.14 -22.50
C ALA R 69 -85.62 32.47 -21.13
N THR R 70 -85.08 31.26 -21.04
CA THR R 70 -85.01 30.53 -19.77
C THR R 70 -83.91 31.13 -18.92
N MET R 71 -82.82 31.50 -19.57
CA MET R 71 -81.67 32.15 -18.95
C MET R 71 -82.03 33.56 -18.43
N LEU R 72 -82.93 34.24 -19.15
CA LEU R 72 -83.38 35.59 -18.78
C LEU R 72 -84.51 35.58 -17.74
N ARG R 73 -85.40 34.59 -17.82
CA ARG R 73 -86.51 34.43 -16.88
C ARG R 73 -86.01 34.18 -15.47
N GLU R 74 -84.85 33.51 -15.36
CA GLU R 74 -84.26 33.20 -14.06
C GLU R 74 -83.45 34.35 -13.48
N LEU R 75 -83.36 35.44 -14.23
CA LEU R 75 -82.64 36.64 -13.80
C LEU R 75 -83.54 37.66 -13.13
N ASP R 76 -83.02 38.31 -12.10
CA ASP R 76 -83.69 39.47 -11.50
C ASP R 76 -83.18 40.74 -12.17
N ILE R 77 -84.08 41.41 -12.88
CA ILE R 77 -83.74 42.53 -13.74
C ILE R 77 -84.40 43.83 -13.27
N VAL R 78 -83.68 44.94 -13.41
CA VAL R 78 -84.17 46.24 -12.95
C VAL R 78 -84.46 47.17 -14.12
N HIS R 79 -83.43 47.48 -14.91
CA HIS R 79 -83.52 48.48 -15.99
C HIS R 79 -84.74 48.26 -16.89
N PRO R 80 -85.66 49.24 -16.92
CA PRO R 80 -86.94 49.13 -17.62
C PRO R 80 -86.78 48.85 -19.12
N ALA R 81 -85.80 49.50 -19.75
CA ALA R 81 -85.58 49.33 -21.18
C ALA R 81 -84.91 48.00 -21.52
N VAL R 82 -84.32 47.36 -20.53
CA VAL R 82 -83.82 46.00 -20.68
C VAL R 82 -84.99 45.03 -20.56
N LYS R 83 -85.83 45.24 -19.54
CA LYS R 83 -87.03 44.43 -19.31
C LYS R 83 -87.88 44.24 -20.56
N VAL R 84 -87.94 45.28 -21.39
CA VAL R 84 -88.71 45.26 -22.63
C VAL R 84 -88.30 44.10 -23.55
N LEU R 85 -86.99 43.95 -23.76
CA LEU R 85 -86.47 42.87 -24.60
C LEU R 85 -86.54 41.51 -23.90
N VAL R 86 -86.67 41.55 -22.57
CA VAL R 86 -86.81 40.32 -21.77
C VAL R 86 -88.22 39.75 -21.96
N MET R 87 -89.22 40.63 -21.94
CA MET R 87 -90.60 40.23 -22.21
C MET R 87 -90.76 39.84 -23.66
N ALA R 88 -89.89 40.36 -24.52
CA ALA R 88 -89.88 40.04 -25.94
C ALA R 88 -89.37 38.63 -26.18
N THR R 89 -88.37 38.21 -25.41
CA THR R 89 -87.85 36.85 -25.50
C THR R 89 -88.86 35.86 -24.94
N GLU R 90 -89.61 36.29 -23.93
CA GLU R 90 -90.70 35.51 -23.36
C GLU R 90 -91.92 35.49 -24.28
N GLN R 91 -91.97 36.43 -25.23
CA GLN R 91 -93.00 36.42 -26.26
C GLN R 91 -92.83 35.24 -27.21
N GLN R 92 -91.62 35.07 -27.74
CA GLN R 92 -91.36 34.04 -28.73
C GLN R 92 -91.13 32.65 -28.12
N LYS R 93 -91.08 32.58 -26.79
CA LYS R 93 -91.00 31.31 -26.08
C LYS R 93 -92.36 30.64 -26.06
N ILE R 94 -93.39 31.43 -25.79
CA ILE R 94 -94.77 30.94 -25.71
C ILE R 94 -95.31 30.67 -27.12
N ASP R 95 -94.99 31.55 -28.06
CA ASP R 95 -95.60 31.54 -29.40
C ASP R 95 -94.80 30.81 -30.49
N MET R 96 -93.68 30.19 -30.12
CA MET R 96 -92.87 29.41 -31.08
C MET R 96 -92.00 28.32 -30.46
N GLY R 97 -91.45 28.58 -29.26
CA GLY R 97 -90.59 27.61 -28.59
C GLY R 97 -89.12 27.78 -28.95
N ASP R 98 -88.87 28.19 -30.20
CA ASP R 98 -87.51 28.47 -30.67
C ASP R 98 -87.38 29.94 -31.06
N GLY R 99 -86.16 30.36 -31.38
CA GLY R 99 -85.90 31.73 -31.86
C GLY R 99 -85.64 32.73 -30.75
N THR R 100 -85.87 32.31 -29.51
CA THR R 100 -85.74 33.18 -28.35
C THR R 100 -84.39 33.89 -28.25
N ASN R 101 -83.33 33.21 -28.66
CA ASN R 101 -81.98 33.78 -28.64
C ASN R 101 -81.79 34.80 -29.74
N LEU R 102 -82.44 34.54 -30.88
CA LEU R 102 -82.41 35.44 -32.02
C LEU R 102 -83.22 36.70 -31.76
N VAL R 103 -84.27 36.59 -30.93
CA VAL R 103 -85.04 37.76 -30.49
C VAL R 103 -84.09 38.78 -29.87
N MET R 104 -83.31 38.33 -28.89
CA MET R 104 -82.38 39.21 -28.20
C MET R 104 -81.31 39.73 -29.14
N ILE R 105 -80.62 38.82 -29.82
CA ILE R 105 -79.50 39.19 -30.68
C ILE R 105 -79.85 40.24 -31.75
N LEU R 106 -81.06 40.19 -32.31
CA LEU R 106 -81.51 41.23 -33.22
C LEU R 106 -81.80 42.53 -32.50
N ALA R 107 -82.81 42.50 -31.62
CA ALA R 107 -83.23 43.67 -30.86
C ALA R 107 -82.07 44.37 -30.15
N GLY R 108 -81.09 43.57 -29.73
CA GLY R 108 -79.89 44.08 -29.07
C GLY R 108 -78.96 44.79 -30.03
N GLU R 109 -78.85 44.27 -31.25
CA GLU R 109 -77.99 44.90 -32.25
C GLU R 109 -78.74 46.00 -32.99
N LEU R 110 -80.04 45.81 -33.19
CA LEU R 110 -80.90 46.81 -33.82
C LEU R 110 -80.74 48.17 -33.15
N LEU R 111 -80.50 48.15 -31.84
CA LEU R 111 -80.24 49.38 -31.09
C LEU R 111 -78.76 49.70 -31.09
N ASN R 112 -77.93 48.65 -31.00
CA ASN R 112 -76.48 48.77 -30.97
C ASN R 112 -75.93 49.39 -32.25
N VAL R 113 -76.66 49.19 -33.35
CA VAL R 113 -76.32 49.78 -34.63
C VAL R 113 -77.18 51.03 -34.90
N SER R 114 -78.11 51.31 -33.99
CA SER R 114 -78.93 52.52 -34.06
C SER R 114 -78.26 53.69 -33.36
N GLU R 115 -77.22 53.39 -32.58
CA GLU R 115 -76.42 54.41 -31.92
C GLU R 115 -75.71 55.28 -32.95
N LYS R 116 -75.15 54.63 -33.97
CA LYS R 116 -74.50 55.31 -35.09
C LYS R 116 -75.43 56.34 -35.74
N LEU R 117 -76.72 56.01 -35.83
CA LEU R 117 -77.71 56.89 -36.40
C LEU R 117 -78.13 58.01 -35.46
N ILE R 118 -78.38 57.67 -34.19
CA ILE R 118 -78.81 58.66 -33.20
C ILE R 118 -77.79 59.79 -33.12
N SER R 119 -76.52 59.43 -33.16
CA SER R 119 -75.42 60.40 -33.14
C SER R 119 -75.27 61.12 -34.47
N MET R 120 -75.56 60.42 -35.57
CA MET R 120 -75.44 60.99 -36.91
C MET R 120 -76.26 62.28 -37.05
N GLY R 121 -77.41 62.32 -36.39
CA GLY R 121 -78.28 63.49 -36.40
C GLY R 121 -79.74 63.16 -36.68
N LEU R 122 -80.03 61.87 -36.83
CA LEU R 122 -81.39 61.39 -37.06
C LEU R 122 -82.28 61.52 -35.83
N SER R 123 -83.57 61.68 -36.08
CA SER R 123 -84.55 61.73 -35.02
C SER R 123 -84.98 60.33 -34.64
N ALA R 124 -85.57 60.21 -33.45
CA ALA R 124 -86.13 58.95 -33.00
C ALA R 124 -87.21 58.50 -33.98
N VAL R 125 -88.26 59.31 -34.12
CA VAL R 125 -89.39 59.01 -35.01
C VAL R 125 -88.93 58.67 -36.44
N GLU R 126 -87.75 59.15 -36.81
CA GLU R 126 -87.12 58.88 -38.12
C GLU R 126 -86.71 57.41 -38.21
N ILE R 127 -85.94 56.97 -37.22
CA ILE R 127 -85.43 55.60 -37.16
C ILE R 127 -86.58 54.60 -36.96
N ILE R 128 -87.51 54.93 -36.08
CA ILE R 128 -88.70 54.12 -35.82
C ILE R 128 -89.43 53.78 -37.12
N GLN R 129 -89.70 54.80 -37.93
CA GLN R 129 -90.40 54.63 -39.21
C GLN R 129 -89.53 53.92 -40.25
N GLY R 130 -88.24 54.20 -40.23
CA GLY R 130 -87.29 53.56 -41.15
C GLY R 130 -87.15 52.07 -40.91
N TYR R 131 -87.15 51.69 -39.64
CA TYR R 131 -87.06 50.29 -39.25
C TYR R 131 -88.35 49.53 -39.56
N ASN R 132 -89.49 50.18 -39.35
CA ASN R 132 -90.81 49.61 -39.69
C ASN R 132 -90.93 49.33 -41.19
N MET R 133 -90.43 50.27 -41.99
CA MET R 133 -90.37 50.12 -43.45
C MET R 133 -89.42 49.00 -43.85
N ALA R 134 -88.42 48.74 -43.00
CA ALA R 134 -87.43 47.70 -43.26
C ALA R 134 -87.91 46.31 -42.83
N ARG R 135 -88.58 46.25 -41.67
CA ARG R 135 -89.14 45.01 -41.14
C ARG R 135 -90.20 44.46 -42.08
N LYS R 136 -91.09 45.34 -42.53
CA LYS R 136 -92.18 44.97 -43.46
C LYS R 136 -91.66 44.45 -44.81
N PHE R 137 -90.45 44.86 -45.18
CA PHE R 137 -89.79 44.36 -46.38
C PHE R 137 -89.08 43.04 -46.12
N THR R 138 -88.53 42.90 -44.92
CA THR R 138 -87.79 41.71 -44.53
C THR R 138 -88.69 40.49 -44.40
N LEU R 139 -89.94 40.71 -43.98
CA LEU R 139 -90.94 39.63 -43.90
C LEU R 139 -91.42 39.16 -45.28
N LYS R 140 -91.65 40.11 -46.19
CA LYS R 140 -92.09 39.82 -47.55
C LYS R 140 -91.00 39.13 -48.37
N GLU R 141 -89.81 39.74 -48.40
CA GLU R 141 -88.67 39.19 -49.16
C GLU R 141 -88.08 37.92 -48.54
N LEU R 142 -88.68 37.44 -47.46
CA LEU R 142 -88.30 36.14 -46.87
C LEU R 142 -89.23 35.04 -47.35
N ASP R 143 -90.50 35.38 -47.53
CA ASP R 143 -91.51 34.43 -47.98
C ASP R 143 -91.16 33.82 -49.34
N GLU R 144 -90.35 34.54 -50.13
CA GLU R 144 -89.92 34.07 -51.45
C GLU R 144 -88.48 33.54 -51.44
N MET R 145 -88.08 32.92 -50.33
CA MET R 145 -86.79 32.24 -50.22
C MET R 145 -86.97 30.81 -49.72
N VAL R 146 -88.23 30.44 -49.51
CA VAL R 146 -88.61 29.15 -48.92
C VAL R 146 -88.20 27.96 -49.80
N VAL R 147 -87.72 26.90 -49.14
CA VAL R 147 -87.40 25.63 -49.81
C VAL R 147 -88.26 24.51 -49.18
N GLY R 148 -88.44 23.42 -49.93
CA GLY R 148 -89.11 22.19 -49.45
C GLY R 148 -90.16 22.37 -48.37
N GLU R 149 -91.34 22.84 -48.78
CA GLU R 149 -92.49 22.94 -47.88
C GLU R 149 -93.02 21.52 -47.59
N ILE R 150 -92.23 20.76 -46.84
CA ILE R 150 -92.47 19.34 -46.56
C ILE R 150 -93.74 19.16 -45.73
N THR R 151 -94.73 18.51 -46.35
CA THR R 151 -96.03 18.29 -45.74
C THR R 151 -96.50 16.86 -46.01
N ASP R 152 -95.63 15.90 -45.75
CA ASP R 152 -95.93 14.50 -46.06
C ASP R 152 -96.86 13.89 -44.99
N LYS R 153 -98.15 14.23 -45.09
CA LYS R 153 -99.15 13.92 -44.06
C LYS R 153 -98.57 14.16 -42.66
N ASN R 154 -98.40 13.08 -41.91
CA ASN R 154 -97.73 13.12 -40.61
C ASN R 154 -96.53 12.17 -40.59
N ASP R 155 -95.58 12.43 -41.51
CA ASP R 155 -94.45 11.52 -41.77
C ASP R 155 -93.44 11.46 -40.63
N LYS R 156 -92.94 10.25 -40.37
CA LYS R 156 -91.96 10.02 -39.31
C LYS R 156 -90.54 10.42 -39.73
N ASN R 157 -90.13 10.01 -40.92
CA ASN R 157 -88.79 10.29 -41.44
C ASN R 157 -88.50 11.79 -41.62
N GLU R 158 -89.52 12.53 -42.05
CA GLU R 158 -89.40 13.96 -42.27
C GLU R 158 -89.25 14.77 -40.97
N LEU R 159 -89.95 14.32 -39.92
CA LEU R 159 -89.89 14.99 -38.62
C LEU R 159 -88.48 14.98 -38.03
N LEU R 160 -87.71 13.95 -38.38
CA LEU R 160 -86.32 13.79 -37.96
C LEU R 160 -85.41 14.87 -38.57
N LYS R 161 -85.58 15.12 -39.87
CA LYS R 161 -84.76 16.11 -40.58
C LYS R 161 -85.07 17.54 -40.13
N MET R 162 -86.31 17.75 -39.70
CA MET R 162 -86.79 19.05 -39.24
C MET R 162 -86.33 19.37 -37.81
N ILE R 163 -86.37 18.36 -36.93
CA ILE R 163 -86.03 18.53 -35.51
C ILE R 163 -84.51 18.56 -35.23
N LYS R 164 -83.74 17.78 -35.99
CA LYS R 164 -82.29 17.69 -35.80
C LYS R 164 -81.58 19.04 -35.52
N PRO R 165 -81.82 20.07 -36.35
CA PRO R 165 -81.14 21.37 -36.13
C PRO R 165 -81.60 22.16 -34.90
N VAL R 166 -82.88 22.04 -34.54
CA VAL R 166 -83.45 22.72 -33.36
C VAL R 166 -82.80 22.23 -32.08
N ILE R 167 -82.75 20.90 -31.95
CA ILE R 167 -82.10 20.22 -30.82
C ILE R 167 -80.60 20.51 -30.77
N SER R 168 -79.98 20.51 -31.95
CA SER R 168 -78.53 20.67 -32.10
C SER R 168 -77.97 21.92 -31.44
N SER R 169 -78.65 23.06 -31.64
CA SER R 169 -78.17 24.35 -31.13
C SER R 169 -78.28 24.48 -29.61
N LYS R 170 -79.24 23.77 -29.03
CA LYS R 170 -79.46 23.82 -27.59
C LYS R 170 -78.53 22.89 -26.80
N LYS R 171 -78.39 21.64 -27.26
CA LYS R 171 -77.47 20.69 -26.62
C LYS R 171 -76.77 19.85 -27.69
N TYR R 172 -75.67 20.40 -28.19
CA TYR R 172 -74.96 19.85 -29.35
C TYR R 172 -74.39 18.45 -29.12
N GLY R 173 -74.41 18.00 -27.87
CA GLY R 173 -73.93 16.68 -27.48
C GLY R 173 -74.44 15.54 -28.35
N SER R 174 -75.76 15.42 -28.43
CA SER R 174 -76.38 14.40 -29.27
C SER R 174 -77.67 14.87 -29.91
N GLU R 175 -77.52 15.56 -31.04
CA GLU R 175 -78.65 15.98 -31.86
C GLU R 175 -79.35 14.77 -32.49
N ASP R 176 -78.57 13.74 -32.81
CA ASP R 176 -79.06 12.53 -33.46
C ASP R 176 -79.80 11.61 -32.48
N ILE R 177 -79.20 11.37 -31.31
CA ILE R 177 -79.77 10.44 -30.33
C ILE R 177 -81.00 11.04 -29.61
N LEU R 178 -81.04 12.37 -29.52
CA LEU R 178 -82.19 13.03 -28.92
C LEU R 178 -83.40 13.05 -29.86
N SER R 179 -83.24 13.66 -31.03
CA SER R 179 -84.35 13.84 -31.99
C SER R 179 -84.98 12.53 -32.44
N GLU R 180 -84.27 11.42 -32.29
CA GLU R 180 -84.79 10.08 -32.56
C GLU R 180 -85.77 9.63 -31.50
N LEU R 181 -85.63 10.19 -30.29
CA LEU R 181 -86.56 9.94 -29.19
C LEU R 181 -87.79 10.84 -29.33
N VAL R 182 -87.55 12.11 -29.66
CA VAL R 182 -88.61 13.12 -29.83
C VAL R 182 -89.56 12.72 -30.95
N SER R 183 -89.01 12.50 -32.14
CA SER R 183 -89.78 12.09 -33.31
C SER R 183 -90.60 10.83 -33.05
N GLU R 184 -90.00 9.87 -32.36
CA GLU R 184 -90.64 8.59 -32.06
C GLU R 184 -91.88 8.75 -31.20
N ALA R 185 -91.79 9.63 -30.20
CA ALA R 185 -92.90 9.91 -29.29
C ALA R 185 -94.04 10.62 -30.01
N VAL R 186 -93.70 11.59 -30.86
CA VAL R 186 -94.70 12.32 -31.66
C VAL R 186 -95.30 11.38 -32.72
N SER R 187 -94.51 10.42 -33.20
CA SER R 187 -94.99 9.40 -34.14
C SER R 187 -96.07 8.52 -33.52
N HIS R 188 -96.03 8.38 -32.20
CA HIS R 188 -97.02 7.61 -31.45
C HIS R 188 -98.29 8.41 -31.10
N VAL R 189 -98.28 9.70 -31.42
CA VAL R 189 -99.42 10.57 -31.15
C VAL R 189 -100.20 10.90 -32.43
N LEU R 190 -99.46 11.26 -33.49
CA LEU R 190 -100.06 11.69 -34.76
C LEU R 190 -100.89 10.60 -35.45
N PRO R 191 -102.04 10.99 -36.05
CA PRO R 191 -102.89 10.06 -36.79
C PRO R 191 -102.34 9.78 -38.19
N TYR R 201 -104.98 20.10 -32.04
CA TYR R 201 -104.03 19.87 -33.13
C TYR R 201 -102.64 19.48 -32.60
N PHE R 202 -102.32 18.19 -32.76
CA PHE R 202 -101.02 17.61 -32.35
C PHE R 202 -100.47 18.19 -31.06
N ASN R 203 -101.30 18.15 -30.02
CA ASN R 203 -101.04 18.83 -28.73
C ASN R 203 -99.60 18.79 -28.24
N VAL R 204 -99.10 19.93 -27.80
CA VAL R 204 -97.82 20.01 -27.11
C VAL R 204 -97.93 19.15 -25.86
N ASP R 205 -99.14 19.10 -25.30
CA ASP R 205 -99.41 18.41 -24.05
C ASP R 205 -99.51 16.89 -24.21
N SER R 206 -99.84 16.44 -25.41
CA SER R 206 -99.97 15.00 -25.69
C SER R 206 -98.65 14.25 -25.55
N ILE R 207 -97.54 14.98 -25.52
CA ILE R 207 -96.22 14.40 -25.24
C ILE R 207 -95.76 14.86 -23.87
N ARG R 208 -95.45 13.90 -23.01
CA ARG R 208 -94.97 14.16 -21.66
C ARG R 208 -93.54 13.63 -21.52
N VAL R 209 -92.75 14.25 -20.65
CA VAL R 209 -91.38 13.79 -20.39
C VAL R 209 -91.18 13.47 -18.90
N VAL R 210 -90.58 12.30 -18.64
CA VAL R 210 -90.22 11.87 -17.29
C VAL R 210 -88.72 11.65 -17.20
N LYS R 211 -88.06 12.33 -16.26
CA LYS R 211 -86.60 12.27 -16.11
C LYS R 211 -86.19 11.59 -14.79
N ILE R 212 -85.54 10.43 -14.89
CA ILE R 212 -85.04 9.67 -13.72
C ILE R 212 -83.54 9.41 -13.80
N MET R 213 -82.81 9.78 -12.74
CA MET R 213 -81.34 9.74 -12.69
C MET R 213 -80.74 8.34 -12.71
N GLY R 214 -79.58 8.22 -13.36
CA GLY R 214 -78.89 6.94 -13.53
C GLY R 214 -78.70 6.55 -14.98
N GLY R 215 -77.47 6.21 -15.34
CA GLY R 215 -77.14 5.79 -16.71
C GLY R 215 -76.52 6.90 -17.54
N SER R 216 -76.68 6.79 -18.86
CA SER R 216 -76.23 7.83 -19.78
C SER R 216 -77.41 8.38 -20.59
N LEU R 217 -77.15 9.45 -21.34
CA LEU R 217 -78.14 10.08 -22.20
C LEU R 217 -78.69 9.11 -23.23
N SER R 218 -77.95 8.03 -23.48
CA SER R 218 -78.31 7.00 -24.46
C SER R 218 -79.18 5.88 -23.88
N ASN R 219 -79.20 5.77 -22.55
CA ASN R 219 -80.04 4.78 -21.86
C ASN R 219 -81.53 5.15 -21.89
N SER R 220 -81.81 6.36 -22.39
CA SER R 220 -83.17 6.89 -22.49
C SER R 220 -84.02 6.10 -23.46
N THR R 221 -85.32 6.06 -23.19
CA THR R 221 -86.25 5.24 -23.97
C THR R 221 -87.55 6.01 -24.24
N VAL R 222 -88.33 5.51 -25.19
CA VAL R 222 -89.65 6.06 -25.49
C VAL R 222 -90.71 5.00 -25.19
N ILE R 223 -91.68 5.37 -24.36
CA ILE R 223 -92.74 4.46 -23.97
C ILE R 223 -94.09 4.90 -24.54
N LYS R 224 -94.77 3.96 -25.19
CA LYS R 224 -96.05 4.21 -25.88
C LYS R 224 -97.22 4.35 -24.89
N GLY R 225 -96.97 5.00 -23.77
CA GLY R 225 -97.98 5.23 -22.75
C GLY R 225 -97.61 6.34 -21.79
N MET R 226 -97.13 5.95 -20.62
CA MET R 226 -96.91 6.87 -19.52
C MET R 226 -96.10 6.20 -18.41
N VAL R 227 -95.60 6.99 -17.48
CA VAL R 227 -94.84 6.47 -16.34
C VAL R 227 -95.32 7.13 -15.04
N PHE R 228 -95.63 6.29 -14.05
CA PHE R 228 -96.10 6.77 -12.77
C PHE R 228 -95.12 6.38 -11.67
N ASN R 229 -94.57 7.38 -10.99
CA ASN R 229 -93.65 7.17 -9.88
C ASN R 229 -94.38 6.95 -8.55
N ARG R 230 -95.69 6.74 -8.65
CA ARG R 230 -96.54 6.47 -7.49
C ARG R 230 -96.47 4.99 -7.09
N GLU R 231 -96.90 4.69 -5.88
CA GLU R 231 -96.93 3.31 -5.38
C GLU R 231 -98.17 2.55 -5.87
N PRO R 232 -97.97 1.31 -6.37
CA PRO R 232 -99.09 0.39 -6.65
C PRO R 232 -99.56 -0.28 -5.36
N GLU R 233 -100.81 -0.72 -5.32
CA GLU R 233 -101.45 -1.10 -4.03
C GLU R 233 -101.53 -2.60 -3.74
N GLY R 234 -102.61 -3.21 -4.24
CA GLY R 234 -102.91 -4.63 -4.00
C GLY R 234 -101.88 -5.56 -4.62
N HIS R 235 -101.92 -5.68 -5.96
CA HIS R 235 -100.92 -6.46 -6.72
C HIS R 235 -100.84 -6.02 -8.18
N VAL R 236 -99.75 -6.41 -8.85
CA VAL R 236 -99.42 -5.97 -10.23
C VAL R 236 -99.91 -6.95 -11.30
N LYS R 237 -100.56 -6.40 -12.34
CA LYS R 237 -101.26 -7.21 -13.37
C LYS R 237 -100.36 -8.04 -14.28
N SER R 238 -100.29 -9.34 -13.97
CA SER R 238 -99.44 -10.29 -14.70
C SER R 238 -100.10 -10.89 -15.94
N LEU R 239 -101.36 -10.51 -16.18
CA LEU R 239 -102.00 -10.80 -17.46
C LEU R 239 -101.33 -9.92 -18.53
N SER R 240 -100.35 -9.13 -18.09
CA SER R 240 -99.53 -8.25 -18.94
C SER R 240 -98.71 -9.00 -19.97
N GLU R 241 -98.31 -10.22 -19.61
CA GLU R 241 -97.69 -11.13 -20.55
C GLU R 241 -98.75 -11.68 -21.53
N ASP R 242 -99.97 -11.90 -21.02
CA ASP R 242 -101.07 -12.48 -21.80
C ASP R 242 -101.79 -11.49 -22.73
N LYS R 243 -101.79 -10.21 -22.35
CA LYS R 243 -102.36 -9.10 -23.14
C LYS R 243 -103.84 -8.81 -22.90
N LYS R 244 -104.30 -7.67 -23.42
CA LYS R 244 -105.70 -7.24 -23.40
C LYS R 244 -106.32 -7.15 -22.00
N HIS R 245 -105.97 -6.06 -21.29
CA HIS R 245 -106.49 -5.81 -19.95
C HIS R 245 -107.48 -4.65 -19.97
N LYS R 246 -108.58 -4.80 -19.26
CA LYS R 246 -109.63 -3.78 -19.24
C LYS R 246 -109.43 -2.76 -18.12
N VAL R 247 -109.75 -1.51 -18.40
CA VAL R 247 -109.48 -0.39 -17.49
C VAL R 247 -110.72 0.48 -17.21
N ALA R 248 -110.78 1.02 -15.99
CA ALA R 248 -111.80 1.99 -15.59
C ALA R 248 -111.19 3.11 -14.74
N VAL R 249 -111.67 4.35 -14.96
CA VAL R 249 -111.14 5.54 -14.27
C VAL R 249 -112.24 6.25 -13.47
N PHE R 250 -111.93 6.60 -12.23
CA PHE R 250 -112.88 7.31 -11.36
C PHE R 250 -112.35 8.66 -10.87
N THR R 251 -113.27 9.63 -10.79
CA THR R 251 -113.01 10.93 -10.15
C THR R 251 -113.30 10.85 -8.65
N CYS R 252 -114.38 10.12 -8.32
CA CYS R 252 -114.78 9.85 -6.94
C CYS R 252 -113.77 8.97 -6.21
N PRO R 253 -113.66 9.13 -4.88
CA PRO R 253 -112.88 8.16 -4.11
C PRO R 253 -113.50 6.76 -4.12
N LEU R 254 -112.66 5.73 -4.13
CA LEU R 254 -113.13 4.35 -4.02
C LEU R 254 -113.33 3.96 -2.56
N ASP R 255 -114.36 4.54 -1.95
CA ASP R 255 -114.71 4.31 -0.54
C ASP R 255 -116.22 4.48 -0.40
N ILE R 256 -116.74 4.37 0.82
CA ILE R 256 -118.15 4.58 1.09
C ILE R 256 -118.49 6.05 0.87
N ALA R 257 -119.49 6.31 0.03
CA ALA R 257 -119.83 7.67 -0.37
C ALA R 257 -120.41 8.51 0.76
N ASN R 258 -119.60 9.42 1.29
CA ASN R 258 -120.05 10.41 2.28
C ASN R 258 -120.71 11.61 1.61
N THR R 259 -121.56 12.31 2.37
CA THR R 259 -122.22 13.50 1.87
C THR R 259 -121.39 14.74 2.19
N GLU R 260 -121.56 15.78 1.39
CA GLU R 260 -120.83 17.04 1.56
C GLU R 260 -121.18 17.72 2.89
N THR R 261 -122.43 17.52 3.33
CA THR R 261 -122.88 17.97 4.65
C THR R 261 -122.44 16.94 5.69
N LYS R 262 -121.98 17.41 6.84
CA LYS R 262 -121.46 16.55 7.93
C LYS R 262 -122.30 15.30 8.16
N GLY R 263 -121.68 14.14 8.01
CA GLY R 263 -122.39 12.86 8.11
C GLY R 263 -122.31 12.21 9.47
N THR R 264 -123.29 12.52 10.33
CA THR R 264 -123.39 11.91 11.65
C THR R 264 -124.14 10.59 11.51
N VAL R 265 -123.83 9.61 12.37
CA VAL R 265 -124.44 8.27 12.31
C VAL R 265 -125.25 7.93 13.59
N LEU R 266 -126.50 8.40 13.65
CA LEU R 266 -127.35 8.21 14.83
C LEU R 266 -127.89 6.80 15.01
N LEU R 267 -127.27 6.03 15.90
CA LEU R 267 -127.75 4.69 16.23
C LEU R 267 -128.65 4.73 17.46
N HIS R 268 -129.87 4.26 17.33
CA HIS R 268 -130.87 4.33 18.41
C HIS R 268 -130.96 3.02 19.17
N ASN R 269 -131.08 1.92 18.45
CA ASN R 269 -131.24 0.58 19.02
C ASN R 269 -130.00 -0.27 18.84
N ALA R 270 -129.91 -1.35 19.63
CA ALA R 270 -128.77 -2.26 19.60
C ALA R 270 -128.64 -3.01 18.28
N GLN R 271 -129.78 -3.31 17.66
CA GLN R 271 -129.84 -4.04 16.40
C GLN R 271 -129.27 -3.24 15.22
N GLU R 272 -128.99 -1.96 15.47
CA GLU R 272 -128.43 -1.05 14.46
C GLU R 272 -126.90 -1.11 14.38
N MET R 273 -126.25 -1.39 15.50
CA MET R 273 -124.79 -1.50 15.53
C MET R 273 -124.35 -2.71 14.72
N LEU R 274 -124.83 -3.89 15.12
CA LEU R 274 -124.44 -5.15 14.48
C LEU R 274 -124.70 -5.14 12.98
N ASP R 275 -125.77 -4.49 12.56
CA ASP R 275 -126.17 -4.45 11.15
C ASP R 275 -125.58 -3.26 10.36
N PHE R 276 -125.11 -2.23 11.07
CA PHE R 276 -124.46 -1.10 10.42
C PHE R 276 -123.05 -1.46 9.95
N SER R 277 -122.24 -1.97 10.88
CA SER R 277 -120.86 -2.33 10.61
C SER R 277 -120.78 -3.48 9.59
N LYS R 278 -121.63 -4.50 9.78
CA LYS R 278 -121.71 -5.64 8.87
C LYS R 278 -122.41 -5.29 7.56
N GLY R 279 -123.28 -4.30 7.61
CA GLY R 279 -123.94 -3.77 6.42
C GLY R 279 -122.97 -2.95 5.61
N GLU R 280 -122.07 -2.25 6.30
CA GLU R 280 -121.01 -1.46 5.67
C GLU R 280 -120.03 -2.38 4.94
N GLU R 281 -119.87 -3.59 5.46
CA GLU R 281 -119.06 -4.62 4.82
C GLU R 281 -119.61 -4.95 3.44
N LYS R 282 -120.94 -5.13 3.37
CA LYS R 282 -121.63 -5.50 2.13
C LYS R 282 -121.96 -4.31 1.23
N GLN R 283 -122.00 -3.10 1.80
CA GLN R 283 -122.31 -1.87 1.06
C GLN R 283 -121.24 -1.49 0.04
N ILE R 284 -119.97 -1.76 0.39
CA ILE R 284 -118.84 -1.45 -0.51
C ILE R 284 -118.29 -2.68 -1.24
N ASP R 285 -118.58 -3.87 -0.73
CA ASP R 285 -118.33 -5.12 -1.46
C ASP R 285 -119.22 -5.14 -2.70
N ALA R 286 -120.46 -4.68 -2.53
CA ALA R 286 -121.41 -4.56 -3.63
C ALA R 286 -121.05 -3.42 -4.58
N MET R 287 -120.31 -2.43 -4.08
CA MET R 287 -119.79 -1.36 -4.93
C MET R 287 -118.68 -1.88 -5.84
N MET R 288 -117.83 -2.73 -5.28
CA MET R 288 -116.69 -3.31 -5.99
C MET R 288 -117.09 -4.47 -6.92
N LYS R 289 -118.14 -5.20 -6.53
CA LYS R 289 -118.65 -6.33 -7.32
C LYS R 289 -119.36 -5.89 -8.59
N GLU R 290 -119.90 -4.67 -8.59
CA GLU R 290 -120.54 -4.09 -9.78
C GLU R 290 -119.51 -3.63 -10.81
N ILE R 291 -118.24 -3.53 -10.40
CA ILE R 291 -117.15 -3.15 -11.30
C ILE R 291 -116.38 -4.40 -11.76
N ALA R 292 -116.29 -5.40 -10.88
CA ALA R 292 -115.60 -6.65 -11.21
C ALA R 292 -116.43 -7.53 -12.16
N ASP R 293 -117.75 -7.47 -12.01
CA ASP R 293 -118.65 -8.21 -12.89
C ASP R 293 -118.75 -7.59 -14.29
N MET R 294 -118.08 -6.45 -14.48
CA MET R 294 -117.97 -5.81 -15.80
C MET R 294 -116.65 -6.18 -16.49
N GLY R 295 -115.89 -7.07 -15.85
CA GLY R 295 -114.64 -7.58 -16.42
C GLY R 295 -113.52 -6.57 -16.50
N VAL R 296 -113.37 -5.77 -15.44
CA VAL R 296 -112.30 -4.78 -15.33
C VAL R 296 -111.06 -5.43 -14.70
N GLU R 297 -109.88 -4.97 -15.10
CA GLU R 297 -108.63 -5.51 -14.55
C GLU R 297 -107.74 -4.48 -13.88
N CYS R 298 -108.04 -3.20 -14.09
CA CYS R 298 -107.26 -2.11 -13.50
C CYS R 298 -108.12 -0.86 -13.28
N ILE R 299 -108.12 -0.36 -12.04
CA ILE R 299 -108.83 0.86 -11.69
C ILE R 299 -107.83 1.94 -11.30
N VAL R 300 -108.01 3.13 -11.89
CA VAL R 300 -107.12 4.25 -11.63
C VAL R 300 -107.84 5.32 -10.80
N ALA R 301 -107.35 5.55 -9.58
CA ALA R 301 -108.02 6.45 -8.65
C ALA R 301 -107.29 7.79 -8.45
N GLY R 302 -107.95 8.86 -8.89
CA GLY R 302 -107.44 10.22 -8.72
C GLY R 302 -107.72 10.74 -7.32
N ALA R 303 -108.76 10.18 -6.70
CA ALA R 303 -109.14 10.53 -5.33
C ALA R 303 -108.78 9.41 -4.36
N GLY R 304 -109.34 9.47 -3.14
CA GLY R 304 -109.01 8.52 -2.08
C GLY R 304 -109.50 7.11 -2.32
N VAL R 305 -108.99 6.17 -1.52
CA VAL R 305 -109.43 4.77 -1.56
C VAL R 305 -109.47 4.25 -0.12
N GLY R 306 -110.62 3.69 0.26
CA GLY R 306 -110.83 3.15 1.61
C GLY R 306 -110.23 1.78 1.83
N GLU R 307 -109.71 1.55 3.04
CA GLU R 307 -109.03 0.29 3.38
C GLU R 307 -109.95 -0.94 3.40
N LEU R 308 -111.25 -0.70 3.57
CA LEU R 308 -112.26 -1.75 3.44
C LEU R 308 -112.47 -2.06 1.97
N ALA R 309 -112.48 -1.01 1.15
CA ALA R 309 -112.75 -1.13 -0.28
C ALA R 309 -111.60 -1.78 -1.06
N LEU R 310 -110.36 -1.41 -0.71
CA LEU R 310 -109.19 -2.01 -1.34
C LEU R 310 -109.02 -3.47 -0.94
N HIS R 311 -109.59 -3.84 0.21
CA HIS R 311 -109.56 -5.21 0.72
C HIS R 311 -110.35 -6.17 -0.17
N TYR R 312 -111.54 -5.76 -0.58
CA TYR R 312 -112.38 -6.57 -1.46
C TYR R 312 -111.79 -6.64 -2.87
N LEU R 313 -111.35 -5.48 -3.36
CA LEU R 313 -110.70 -5.38 -4.66
C LEU R 313 -109.40 -6.20 -4.67
N ASN R 314 -108.74 -6.27 -3.51
CA ASN R 314 -107.55 -7.10 -3.32
C ASN R 314 -107.86 -8.58 -3.58
N ARG R 315 -109.07 -9.00 -3.20
CA ARG R 315 -109.52 -10.39 -3.36
C ARG R 315 -110.02 -10.68 -4.78
N TYR R 316 -110.58 -9.65 -5.42
CA TYR R 316 -111.19 -9.78 -6.76
C TYR R 316 -110.14 -9.75 -7.88
N GLY R 317 -108.87 -9.69 -7.52
CA GLY R 317 -107.75 -9.77 -8.45
C GLY R 317 -107.64 -8.57 -9.37
N ILE R 318 -107.53 -7.38 -8.77
CA ILE R 318 -107.50 -6.13 -9.52
C ILE R 318 -106.38 -5.20 -9.03
N LEU R 319 -105.68 -4.59 -9.98
CA LEU R 319 -104.61 -3.63 -9.69
C LEU R 319 -105.18 -2.23 -9.46
N VAL R 320 -104.70 -1.57 -8.41
CA VAL R 320 -105.12 -0.20 -8.04
C VAL R 320 -103.97 0.78 -8.14
N LEU R 321 -104.25 1.95 -8.69
CA LEU R 321 -103.24 2.99 -8.92
C LEU R 321 -103.70 4.36 -8.37
N LYS R 322 -103.40 4.63 -7.10
CA LYS R 322 -103.78 5.88 -6.44
C LYS R 322 -102.76 6.98 -6.73
N VAL R 323 -103.11 8.22 -6.37
CA VAL R 323 -102.22 9.42 -6.42
C VAL R 323 -102.49 10.45 -7.56
N PRO R 324 -102.84 9.99 -8.78
CA PRO R 324 -103.01 10.96 -9.87
C PRO R 324 -103.78 12.22 -9.45
N SER R 325 -103.17 13.38 -9.69
CA SER R 325 -103.92 14.63 -9.68
C SER R 325 -104.58 14.78 -11.06
N LYS R 326 -105.19 15.94 -11.31
CA LYS R 326 -105.94 16.19 -12.54
C LYS R 326 -105.13 16.02 -13.84
N PHE R 327 -103.83 16.26 -13.76
CA PHE R 327 -102.91 16.19 -14.91
C PHE R 327 -102.88 14.82 -15.59
N GLU R 328 -102.86 13.77 -14.77
CA GLU R 328 -102.61 12.41 -15.23
C GLU R 328 -103.89 11.72 -15.68
N LEU R 329 -104.98 11.93 -14.94
CA LEU R 329 -106.29 11.34 -15.26
C LEU R 329 -106.67 11.56 -16.72
N ARG R 330 -106.34 12.74 -17.25
CA ARG R 330 -106.65 13.10 -18.64
C ARG R 330 -105.57 12.69 -19.64
N ARG R 331 -104.33 12.53 -19.16
CA ARG R 331 -103.21 12.13 -20.04
C ARG R 331 -103.02 10.63 -20.06
N LEU R 332 -103.62 9.94 -19.09
CA LEU R 332 -103.73 8.48 -19.12
C LEU R 332 -104.96 8.10 -19.92
N CYS R 333 -106.02 8.90 -19.77
CA CYS R 333 -107.29 8.64 -20.44
C CYS R 333 -107.16 8.62 -21.96
N ARG R 334 -106.26 9.47 -22.48
CA ARG R 334 -106.01 9.53 -23.92
C ARG R 334 -105.13 8.40 -24.46
N VAL R 335 -104.51 7.61 -23.58
CA VAL R 335 -103.63 6.52 -24.03
C VAL R 335 -104.27 5.13 -23.99
N CYS R 336 -105.09 4.86 -22.98
CA CYS R 336 -105.78 3.58 -22.87
C CYS R 336 -107.14 3.61 -23.57
N GLY R 337 -107.72 4.81 -23.64
CA GLY R 337 -109.00 5.02 -24.30
C GLY R 337 -110.20 4.73 -23.42
N ALA R 338 -110.19 5.28 -22.21
CA ALA R 338 -111.32 5.20 -21.29
C ALA R 338 -112.02 6.55 -21.20
N THR R 339 -112.98 6.65 -20.29
CA THR R 339 -113.63 7.92 -19.97
C THR R 339 -113.97 7.90 -18.49
N PRO R 340 -113.49 8.93 -17.74
CA PRO R 340 -113.72 8.97 -16.30
C PRO R 340 -115.17 9.31 -15.93
N LEU R 341 -115.67 8.68 -14.88
CA LEU R 341 -117.00 8.95 -14.35
C LEU R 341 -116.96 9.28 -12.85
N PRO R 342 -117.56 10.43 -12.46
CA PRO R 342 -117.64 10.81 -11.05
C PRO R 342 -118.61 9.90 -10.27
N ARG R 343 -119.79 9.65 -10.85
CA ARG R 343 -120.78 8.76 -10.25
C ARG R 343 -120.28 7.32 -10.29
N LEU R 344 -120.11 6.74 -9.11
CA LEU R 344 -119.50 5.42 -8.94
C LEU R 344 -120.39 4.26 -9.44
N GLY R 345 -121.69 4.51 -9.52
CA GLY R 345 -122.66 3.46 -9.85
C GLY R 345 -122.93 3.22 -11.32
N ALA R 346 -122.08 3.76 -12.20
CA ALA R 346 -122.23 3.58 -13.64
C ALA R 346 -120.94 3.11 -14.34
N PRO R 347 -120.51 1.85 -14.08
CA PRO R 347 -119.35 1.32 -14.79
C PRO R 347 -119.73 0.79 -16.18
N THR R 348 -119.76 1.69 -17.15
CA THR R 348 -120.20 1.37 -18.51
C THR R 348 -119.12 0.68 -19.35
N PRO R 349 -119.52 -0.35 -20.12
CA PRO R 349 -118.63 -1.10 -21.01
C PRO R 349 -118.18 -0.27 -22.22
N GLU R 350 -118.99 0.73 -22.59
CA GLU R 350 -118.65 1.65 -23.67
C GLU R 350 -117.69 2.77 -23.22
N GLU R 351 -117.52 2.91 -21.91
CA GLU R 351 -116.65 3.95 -21.35
C GLU R 351 -115.39 3.38 -20.70
N LEU R 352 -115.09 2.12 -20.98
CA LEU R 352 -113.88 1.46 -20.44
C LEU R 352 -112.65 1.67 -21.33
N GLY R 353 -111.47 1.44 -20.76
CA GLY R 353 -110.20 1.57 -21.48
C GLY R 353 -109.63 0.24 -21.93
N LEU R 354 -108.35 0.26 -22.34
CA LEU R 354 -107.66 -0.93 -22.86
C LEU R 354 -106.15 -0.69 -22.83
N VAL R 355 -105.42 -1.51 -22.07
CA VAL R 355 -103.96 -1.37 -21.92
C VAL R 355 -103.24 -2.65 -22.31
N GLU R 356 -102.06 -2.50 -22.92
CA GLU R 356 -101.27 -3.65 -23.35
C GLU R 356 -100.36 -4.23 -22.25
N THR R 357 -99.82 -3.37 -21.38
CA THR R 357 -98.95 -3.79 -20.28
C THR R 357 -98.97 -2.82 -19.10
N VAL R 358 -99.22 -3.35 -17.89
CA VAL R 358 -99.23 -2.56 -16.66
C VAL R 358 -98.39 -3.22 -15.56
N LYS R 359 -97.08 -3.10 -15.68
CA LYS R 359 -96.14 -3.78 -14.77
C LYS R 359 -95.38 -2.81 -13.88
N THR R 360 -94.75 -3.35 -12.83
CA THR R 360 -93.92 -2.57 -11.93
C THR R 360 -92.44 -2.70 -12.31
N MET R 361 -92.06 -1.98 -13.36
CA MET R 361 -90.66 -1.90 -13.80
C MET R 361 -89.90 -0.99 -12.86
N GLU R 362 -88.72 -1.43 -12.43
CA GLU R 362 -87.93 -0.69 -11.45
C GLU R 362 -86.76 0.07 -12.09
N ILE R 363 -86.87 1.40 -12.14
CA ILE R 363 -85.88 2.26 -12.77
C ILE R 363 -85.14 3.12 -11.73
N GLY R 364 -83.83 2.89 -11.62
CA GLY R 364 -82.99 3.60 -10.65
C GLY R 364 -83.19 3.16 -9.21
N GLY R 365 -83.86 2.02 -9.04
CA GLY R 365 -84.22 1.51 -7.71
C GLY R 365 -85.65 1.81 -7.29
N ASP R 366 -86.36 2.60 -8.10
CA ASP R 366 -87.73 3.06 -7.79
C ASP R 366 -88.83 2.15 -8.35
N ARG R 367 -89.76 1.75 -7.48
CA ARG R 367 -90.94 0.99 -7.89
C ARG R 367 -91.90 1.89 -8.68
N VAL R 368 -91.78 1.82 -9.99
CA VAL R 368 -92.53 2.68 -10.92
C VAL R 368 -93.51 1.84 -11.74
N THR R 369 -94.74 2.34 -11.91
CA THR R 369 -95.77 1.65 -12.69
C THR R 369 -95.83 2.19 -14.13
N VAL R 370 -95.83 1.28 -15.10
CA VAL R 370 -95.82 1.67 -16.50
C VAL R 370 -97.20 1.44 -17.14
N PHE R 371 -97.50 2.19 -18.21
CA PHE R 371 -98.79 2.08 -18.90
C PHE R 371 -98.59 2.00 -20.42
N LYS R 372 -97.58 1.24 -20.85
CA LYS R 372 -97.16 1.21 -22.26
C LYS R 372 -98.17 0.55 -23.22
N GLN R 373 -98.25 1.09 -24.43
CA GLN R 373 -99.09 0.61 -25.54
C GLN R 373 -100.61 0.66 -25.28
N ARG R 380 -103.33 8.91 -29.12
CA ARG R 380 -102.63 8.39 -27.95
C ARG R 380 -101.70 9.43 -27.36
N THR R 381 -101.36 9.26 -26.09
CA THR R 381 -100.40 10.11 -25.39
C THR R 381 -99.19 9.27 -24.95
N SER R 382 -97.99 9.72 -25.34
CA SER R 382 -96.74 8.99 -25.07
C SER R 382 -95.83 9.68 -24.06
N THR R 383 -94.82 8.94 -23.57
CA THR R 383 -93.87 9.45 -22.56
C THR R 383 -92.43 9.04 -22.85
N ILE R 384 -91.54 10.04 -22.86
CA ILE R 384 -90.10 9.81 -23.02
C ILE R 384 -89.47 9.74 -21.62
N ILE R 385 -88.69 8.68 -21.38
CA ILE R 385 -87.97 8.54 -20.12
C ILE R 385 -86.48 8.93 -20.25
N LEU R 386 -86.20 10.22 -20.01
CA LEU R 386 -84.84 10.77 -20.16
C LEU R 386 -83.94 10.37 -19.00
N ARG R 387 -82.92 9.59 -19.32
CA ARG R 387 -81.99 9.08 -18.32
C ARG R 387 -80.62 9.70 -18.49
N GLY R 388 -79.97 10.00 -17.37
CA GLY R 388 -78.64 10.60 -17.34
C GLY R 388 -77.95 10.45 -15.99
N ALA R 389 -77.06 11.40 -15.67
CA ALA R 389 -76.33 11.36 -14.39
C ALA R 389 -76.68 12.55 -13.48
N THR R 390 -76.62 13.74 -14.04
CA THR R 390 -76.88 14.97 -13.30
C THR R 390 -78.33 15.39 -13.48
N GLN R 391 -79.10 15.38 -12.38
CA GLN R 391 -80.50 15.83 -12.40
C GLN R 391 -80.60 17.30 -12.79
N ASN R 392 -79.43 17.94 -12.90
CA ASN R 392 -79.28 19.34 -13.29
C ASN R 392 -79.35 19.52 -14.80
N ASN R 393 -78.54 18.74 -15.53
CA ASN R 393 -78.48 18.77 -17.00
C ASN R 393 -79.71 18.14 -17.65
N LEU R 394 -80.27 17.11 -17.00
CA LEU R 394 -81.46 16.42 -17.48
C LEU R 394 -82.69 17.34 -17.51
N ASP R 395 -82.61 18.45 -16.77
CA ASP R 395 -83.62 19.49 -16.79
C ASP R 395 -83.53 20.37 -18.05
N ASP R 396 -82.31 20.64 -18.51
CA ASP R 396 -82.07 21.49 -19.69
C ASP R 396 -82.45 20.80 -21.00
N ILE R 397 -82.14 19.50 -21.08
CA ILE R 397 -82.45 18.73 -22.29
C ILE R 397 -83.95 18.47 -22.43
N GLU R 398 -84.68 18.54 -21.32
CA GLU R 398 -86.15 18.54 -21.36
C GLU R 398 -86.65 19.84 -22.02
N ARG R 399 -85.95 20.93 -21.80
CA ARG R 399 -86.26 22.21 -22.45
C ARG R 399 -85.80 22.21 -23.91
N ALA R 400 -84.79 21.38 -24.21
CA ALA R 400 -84.35 21.15 -25.58
C ALA R 400 -85.36 20.29 -26.33
N ILE R 401 -85.86 19.25 -25.65
CA ILE R 401 -86.94 18.39 -26.19
C ILE R 401 -88.22 19.20 -26.43
N ASP R 402 -88.56 20.07 -25.47
CA ASP R 402 -89.75 20.92 -25.57
C ASP R 402 -89.64 22.01 -26.65
N ASP R 403 -88.41 22.36 -27.01
CA ASP R 403 -88.16 23.28 -28.13
C ASP R 403 -88.55 22.67 -29.48
N GLY R 404 -88.37 21.35 -29.60
CA GLY R 404 -88.72 20.62 -30.81
C GLY R 404 -90.14 20.06 -30.81
N VAL R 405 -90.64 19.68 -29.64
CA VAL R 405 -92.03 19.22 -29.48
C VAL R 405 -93.01 20.37 -29.78
N ALA R 406 -92.62 21.59 -29.43
CA ALA R 406 -93.40 22.80 -29.73
C ALA R 406 -93.13 23.33 -31.13
N ALA R 407 -92.05 22.84 -31.76
CA ALA R 407 -91.73 23.17 -33.14
C ALA R 407 -92.47 22.26 -34.14
N VAL R 408 -92.85 21.07 -33.68
CA VAL R 408 -93.71 20.17 -34.47
C VAL R 408 -95.13 20.72 -34.51
N LYS R 409 -95.66 21.10 -33.35
CA LYS R 409 -96.99 21.68 -33.23
C LYS R 409 -97.13 22.91 -34.13
N GLY R 410 -96.03 23.64 -34.31
CA GLY R 410 -96.00 24.83 -35.17
C GLY R 410 -95.89 24.52 -36.65
N LEU R 411 -95.67 23.24 -36.97
CA LEU R 411 -95.63 22.76 -38.34
C LEU R 411 -97.05 22.38 -38.80
N MET R 412 -97.84 21.87 -37.86
CA MET R 412 -99.18 21.35 -38.12
C MET R 412 -100.22 22.45 -38.32
N LYS R 413 -100.42 23.27 -37.28
CA LYS R 413 -101.47 24.29 -37.23
C LYS R 413 -101.48 25.24 -38.45
N PRO R 414 -100.37 25.98 -38.70
CA PRO R 414 -100.32 26.77 -39.94
C PRO R 414 -100.35 25.88 -41.19
N SER R 415 -100.93 26.41 -42.27
CA SER R 415 -101.08 25.63 -43.50
C SER R 415 -99.76 25.14 -44.08
N GLY R 416 -98.72 25.98 -43.96
CA GLY R 416 -97.40 25.64 -44.47
C GLY R 416 -96.40 25.39 -43.38
N GLY R 417 -95.71 24.26 -43.46
CA GLY R 417 -94.59 23.96 -42.57
C GLY R 417 -93.40 24.83 -42.94
N LYS R 418 -92.99 24.72 -44.21
CA LYS R 418 -91.98 25.60 -44.85
C LYS R 418 -90.56 25.47 -44.29
N LEU R 419 -89.56 25.80 -45.11
CA LEU R 419 -88.14 25.74 -44.70
C LEU R 419 -87.26 26.85 -45.27
N LEU R 420 -86.28 27.28 -44.47
CA LEU R 420 -85.29 28.29 -44.85
C LEU R 420 -83.86 27.76 -44.67
N PRO R 421 -82.91 28.21 -45.51
CA PRO R 421 -81.53 27.73 -45.39
C PRO R 421 -80.85 28.31 -44.15
N GLY R 422 -80.57 27.45 -43.17
CA GLY R 422 -80.05 27.86 -41.87
C GLY R 422 -78.57 28.15 -41.81
N ALA R 423 -78.04 28.25 -40.59
CA ALA R 423 -76.62 28.50 -40.31
C ALA R 423 -76.12 29.88 -40.73
N GLY R 424 -77.02 30.73 -41.20
CA GLY R 424 -76.66 32.09 -41.61
C GLY R 424 -77.08 32.48 -43.01
N ALA R 425 -77.15 31.50 -43.91
CA ALA R 425 -77.53 31.74 -45.31
C ALA R 425 -78.74 32.67 -45.46
N THR R 426 -79.80 32.38 -44.71
CA THR R 426 -81.01 33.21 -44.63
C THR R 426 -80.65 34.64 -44.23
N GLU R 427 -79.78 34.77 -43.23
CA GLU R 427 -79.40 36.06 -42.66
C GLU R 427 -78.55 36.88 -43.64
N ILE R 428 -77.59 36.24 -44.28
CA ILE R 428 -76.68 36.93 -45.20
C ILE R 428 -77.40 37.42 -46.45
N GLU R 429 -78.24 36.55 -47.02
CA GLU R 429 -79.08 36.93 -48.17
C GLU R 429 -79.95 38.14 -47.79
N LEU R 430 -80.38 38.21 -46.54
CA LEU R 430 -81.15 39.35 -46.05
C LEU R 430 -80.35 40.65 -46.04
N ILE R 431 -79.11 40.61 -45.55
CA ILE R 431 -78.22 41.77 -45.54
C ILE R 431 -78.10 42.39 -46.94
N SER R 432 -77.93 41.54 -47.94
CA SER R 432 -77.82 41.96 -49.33
C SER R 432 -79.15 42.48 -49.86
N ARG R 433 -80.24 41.78 -49.53
CA ARG R 433 -81.57 42.13 -50.04
C ARG R 433 -82.17 43.35 -49.36
N ILE R 434 -81.88 43.54 -48.08
CA ILE R 434 -82.39 44.69 -47.33
C ILE R 434 -81.68 45.99 -47.74
N THR R 435 -80.39 45.89 -48.04
CA THR R 435 -79.64 47.04 -48.55
C THR R 435 -80.10 47.43 -49.97
N LYS R 436 -80.57 46.44 -50.73
CA LYS R 436 -81.15 46.67 -52.05
C LYS R 436 -82.39 47.57 -51.96
N TYR R 437 -83.25 47.29 -50.98
CA TYR R 437 -84.43 48.12 -50.68
C TYR R 437 -84.03 49.43 -50.03
N GLY R 438 -82.85 49.45 -49.40
CA GLY R 438 -82.28 50.66 -48.84
C GLY R 438 -82.00 51.70 -49.91
N GLU R 439 -81.27 51.29 -50.95
CA GLU R 439 -80.88 52.18 -52.04
C GLU R 439 -82.02 52.61 -52.95
N ARG R 440 -83.19 52.00 -52.75
CA ARG R 440 -84.38 52.24 -53.58
C ARG R 440 -85.31 53.33 -53.05
N THR R 441 -85.02 53.85 -51.85
CA THR R 441 -85.99 54.69 -51.14
C THR R 441 -85.73 56.22 -51.12
N PRO R 442 -84.59 56.69 -51.68
CA PRO R 442 -83.94 57.94 -51.29
C PRO R 442 -84.32 58.52 -49.90
N GLY R 443 -84.36 59.85 -49.80
CA GLY R 443 -84.77 60.53 -48.57
C GLY R 443 -83.84 60.29 -47.38
N LEU R 444 -84.28 60.77 -46.21
CA LEU R 444 -83.52 60.63 -44.97
C LEU R 444 -83.62 59.20 -44.41
N LEU R 445 -84.78 58.58 -44.64
CA LEU R 445 -85.10 57.23 -44.12
C LEU R 445 -84.11 56.15 -44.53
N GLN R 446 -83.40 56.39 -45.63
CA GLN R 446 -82.50 55.44 -46.27
C GLN R 446 -81.51 54.76 -45.34
N LEU R 447 -80.95 55.55 -44.42
CA LEU R 447 -79.90 55.08 -43.52
C LEU R 447 -80.37 54.09 -42.44
N ALA R 448 -81.58 54.30 -41.92
CA ALA R 448 -82.17 53.39 -40.95
C ALA R 448 -82.41 52.02 -41.57
N ILE R 449 -82.89 52.02 -42.82
CA ILE R 449 -83.10 50.79 -43.59
C ILE R 449 -81.75 50.12 -43.87
N LYS R 450 -80.74 50.92 -44.21
CA LYS R 450 -79.41 50.42 -44.50
C LYS R 450 -78.74 49.83 -43.26
N GLN R 451 -79.00 50.42 -42.10
CA GLN R 451 -78.44 49.94 -40.84
C GLN R 451 -79.22 48.76 -40.26
N PHE R 452 -80.50 48.70 -40.60
CA PHE R 452 -81.35 47.55 -40.26
C PHE R 452 -80.74 46.27 -40.84
N ALA R 453 -80.03 46.42 -41.96
CA ALA R 453 -79.39 45.32 -42.65
C ALA R 453 -78.11 44.85 -41.97
N VAL R 454 -77.22 45.80 -41.67
CA VAL R 454 -75.91 45.49 -41.06
C VAL R 454 -76.07 44.85 -39.67
N ALA R 455 -77.25 45.03 -39.06
CA ALA R 455 -77.57 44.42 -37.77
C ALA R 455 -77.67 42.90 -37.86
N PHE R 456 -78.09 42.40 -39.02
CA PHE R 456 -78.24 40.95 -39.27
C PHE R 456 -76.90 40.21 -39.45
N GLU R 457 -75.80 40.94 -39.38
CA GLU R 457 -74.46 40.34 -39.44
C GLU R 457 -74.13 39.59 -38.15
N VAL R 458 -74.93 39.82 -37.11
CA VAL R 458 -74.66 39.26 -35.79
C VAL R 458 -74.87 37.74 -35.72
N VAL R 459 -75.97 37.26 -36.31
CA VAL R 459 -76.28 35.81 -36.31
C VAL R 459 -75.14 34.91 -36.83
N PRO R 460 -74.53 35.25 -37.99
CA PRO R 460 -73.35 34.48 -38.43
C PRO R 460 -72.08 34.82 -37.66
N ARG R 461 -71.89 36.11 -37.39
CA ARG R 461 -70.76 36.63 -36.64
C ARG R 461 -70.63 35.89 -35.32
N THR R 462 -71.74 35.77 -34.60
CA THR R 462 -71.78 35.06 -33.32
C THR R 462 -71.50 33.57 -33.48
N LEU R 463 -72.00 32.99 -34.56
CA LEU R 463 -71.75 31.58 -34.85
C LEU R 463 -70.26 31.34 -35.10
N ALA R 464 -69.62 32.28 -35.79
CA ALA R 464 -68.19 32.25 -36.01
C ALA R 464 -67.41 32.50 -34.71
N GLU R 465 -67.83 33.52 -33.96
CA GLU R 465 -67.15 33.93 -32.71
C GLU R 465 -67.25 32.89 -31.59
N THR R 466 -68.34 32.11 -31.60
CA THR R 466 -68.49 30.99 -30.66
C THR R 466 -67.62 29.81 -31.09
N ALA R 467 -67.43 29.66 -32.40
CA ALA R 467 -66.56 28.63 -32.94
C ALA R 467 -65.08 28.98 -32.73
N GLY R 468 -64.80 30.26 -32.57
CA GLY R 468 -63.43 30.73 -32.41
C GLY R 468 -62.73 30.76 -33.75
N LEU R 469 -63.29 31.51 -34.68
CA LEU R 469 -62.74 31.68 -36.02
C LEU R 469 -62.40 33.15 -36.25
N ASP R 470 -61.67 33.42 -37.33
CA ASP R 470 -61.33 34.78 -37.69
C ASP R 470 -62.54 35.52 -38.24
N VAL R 471 -63.21 36.26 -37.35
CA VAL R 471 -64.36 37.08 -37.70
C VAL R 471 -64.05 37.97 -38.91
N ASN R 472 -62.81 38.47 -38.95
CA ASN R 472 -62.34 39.33 -40.04
C ASN R 472 -61.99 38.58 -41.34
N GLU R 473 -62.02 37.24 -41.28
CA GLU R 473 -61.72 36.41 -42.46
C GLU R 473 -62.92 35.61 -42.98
N VAL R 474 -63.78 35.14 -42.07
CA VAL R 474 -64.94 34.32 -42.45
C VAL R 474 -66.05 35.15 -43.11
N LEU R 475 -66.42 36.27 -42.48
CA LEU R 475 -67.50 37.14 -42.98
C LEU R 475 -67.30 37.64 -44.43
N PRO R 476 -66.06 38.04 -44.79
CA PRO R 476 -65.79 38.39 -46.19
C PRO R 476 -65.88 37.18 -47.14
N ASN R 477 -65.43 36.01 -46.66
CA ASN R 477 -65.50 34.77 -47.43
C ASN R 477 -66.94 34.24 -47.56
N LEU R 478 -67.79 34.64 -46.62
CA LEU R 478 -69.18 34.24 -46.62
C LEU R 478 -70.06 35.14 -47.50
N TYR R 479 -69.77 36.45 -47.50
CA TYR R 479 -70.48 37.41 -48.37
C TYR R 479 -70.16 37.19 -49.85
N ALA R 480 -68.89 36.90 -50.14
CA ALA R 480 -68.39 36.75 -51.51
C ALA R 480 -68.95 35.52 -52.21
N ALA R 481 -69.20 34.46 -51.45
CA ALA R 481 -69.76 33.20 -51.99
C ALA R 481 -71.29 33.25 -52.08
N HIS R 482 -71.88 34.38 -51.69
CA HIS R 482 -73.33 34.54 -51.64
C HIS R 482 -73.85 35.51 -52.73
N ASN R 483 -72.93 36.05 -53.54
CA ASN R 483 -73.27 37.05 -54.55
C ASN R 483 -73.52 36.44 -55.92
N THR R 492 -78.68 29.16 -59.18
CA THR R 492 -79.04 29.57 -57.83
C THR R 492 -78.43 28.62 -56.81
N ASP R 493 -77.12 28.71 -56.64
CA ASP R 493 -76.39 27.88 -55.68
C ASP R 493 -75.80 28.73 -54.53
N HIS R 494 -75.87 30.05 -54.68
CA HIS R 494 -75.41 30.97 -53.65
C HIS R 494 -76.40 31.09 -52.49
N LEU R 495 -77.66 30.77 -52.75
CA LEU R 495 -78.74 30.90 -51.76
C LEU R 495 -78.68 29.86 -50.62
N TYR R 496 -77.85 28.83 -50.81
CA TYR R 496 -77.69 27.77 -49.81
C TYR R 496 -76.49 27.95 -48.89
N LYS R 497 -75.65 28.96 -49.17
CA LYS R 497 -74.36 29.11 -48.49
C LYS R 497 -74.40 29.84 -47.13
N GLY R 498 -74.19 29.07 -46.07
CA GLY R 498 -74.11 29.58 -44.70
C GLY R 498 -72.98 28.93 -43.92
N VAL R 499 -72.44 29.65 -42.93
CA VAL R 499 -71.21 29.27 -42.22
C VAL R 499 -71.29 27.97 -41.42
N ASP R 500 -70.14 27.30 -41.28
CA ASP R 500 -70.01 26.00 -40.63
C ASP R 500 -68.82 25.94 -39.63
N ILE R 501 -68.79 24.89 -38.82
CA ILE R 501 -67.78 24.69 -37.78
C ILE R 501 -66.71 23.66 -38.19
N ASP R 502 -65.51 23.80 -37.62
CA ASP R 502 -64.37 22.84 -37.69
C ASP R 502 -63.13 23.34 -38.47
N GLY R 503 -62.19 22.43 -38.74
CA GLY R 503 -60.90 22.75 -39.37
C GLY R 503 -60.86 22.90 -40.88
N GLU R 504 -61.59 22.03 -41.59
CA GLU R 504 -61.71 22.14 -43.06
C GLU R 504 -62.63 23.32 -43.42
N SER R 505 -63.64 23.53 -42.59
CA SER R 505 -64.58 24.64 -42.72
C SER R 505 -64.01 25.94 -42.14
N ASP R 506 -62.86 25.84 -41.48
CA ASP R 506 -62.11 27.03 -41.05
C ASP R 506 -61.76 27.87 -42.28
N GLU R 507 -61.70 27.18 -43.43
CA GLU R 507 -61.61 27.84 -44.73
C GLU R 507 -62.83 28.73 -44.99
N GLY R 508 -64.01 28.28 -44.56
CA GLY R 508 -65.22 29.11 -44.68
C GLY R 508 -66.57 28.51 -44.34
N VAL R 509 -67.29 28.10 -45.40
CA VAL R 509 -68.74 27.88 -45.36
C VAL R 509 -69.09 26.40 -45.64
N LYS R 510 -70.38 26.09 -45.71
CA LYS R 510 -70.85 24.76 -46.15
C LYS R 510 -72.17 24.85 -46.90
N ASP R 511 -72.33 24.00 -47.92
CA ASP R 511 -73.58 23.91 -48.68
C ASP R 511 -74.67 23.32 -47.78
N ILE R 512 -75.36 24.20 -47.07
CA ILE R 512 -76.37 23.84 -46.06
C ILE R 512 -77.50 22.93 -46.60
N ARG R 513 -77.64 22.91 -47.92
CA ARG R 513 -78.60 22.05 -48.63
C ARG R 513 -78.29 20.55 -48.53
N GLU R 514 -77.07 20.20 -48.13
CA GLU R 514 -76.62 18.81 -48.11
C GLU R 514 -76.50 18.19 -46.71
N GLU R 515 -76.26 19.01 -45.70
CA GLU R 515 -76.04 18.52 -44.34
C GLU R 515 -77.32 18.32 -43.53
N ASN R 516 -78.47 18.60 -44.16
CA ASN R 516 -79.78 18.62 -43.49
C ASN R 516 -79.85 19.66 -42.37
N ILE R 517 -79.51 20.91 -42.70
CA ILE R 517 -79.48 22.02 -41.73
C ILE R 517 -80.42 23.15 -42.16
N TYR R 518 -81.58 23.23 -41.51
CA TYR R 518 -82.58 24.25 -41.82
C TYR R 518 -83.33 24.65 -40.57
N ASP R 519 -83.68 25.93 -40.48
CA ASP R 519 -84.64 26.40 -39.48
C ASP R 519 -85.89 26.92 -40.19
N MET R 520 -87.03 26.81 -39.51
CA MET R 520 -88.35 27.06 -40.11
C MET R 520 -88.60 28.54 -40.44
N LEU R 521 -89.61 28.79 -41.28
CA LEU R 521 -90.01 30.17 -41.61
C LEU R 521 -90.69 30.84 -40.42
N ALA R 522 -91.73 30.19 -39.89
CA ALA R 522 -92.48 30.70 -38.74
C ALA R 522 -91.60 31.07 -37.55
N THR R 523 -90.46 30.39 -37.43
CA THR R 523 -89.44 30.69 -36.43
C THR R 523 -88.81 32.06 -36.67
N LYS R 524 -88.30 32.28 -37.88
CA LYS R 524 -87.71 33.57 -38.26
C LYS R 524 -88.75 34.68 -38.32
N LYS R 525 -90.02 34.29 -38.46
CA LYS R 525 -91.13 35.24 -38.60
C LYS R 525 -91.40 35.99 -37.30
N PHE R 526 -91.76 35.26 -36.25
CA PHE R 526 -91.99 35.86 -34.94
C PHE R 526 -90.77 36.63 -34.45
N ALA R 527 -89.59 36.03 -34.65
CA ALA R 527 -88.33 36.59 -34.19
C ALA R 527 -88.12 38.01 -34.71
N ILE R 528 -87.92 38.12 -36.02
CA ILE R 528 -87.64 39.40 -36.66
C ILE R 528 -88.70 40.44 -36.30
N ASN R 529 -89.96 40.03 -36.28
CA ASN R 529 -91.08 40.92 -35.94
C ASN R 529 -91.03 41.44 -34.49
N VAL R 530 -90.96 40.51 -33.53
CA VAL R 530 -90.95 40.87 -32.11
C VAL R 530 -89.69 41.66 -31.73
N ALA R 531 -88.56 41.29 -32.31
CA ALA R 531 -87.31 42.02 -32.11
C ALA R 531 -87.44 43.47 -32.57
N THR R 532 -88.09 43.68 -33.72
CA THR R 532 -88.28 45.01 -34.28
C THR R 532 -89.20 45.88 -33.42
N GLU R 533 -90.29 45.30 -32.92
CA GLU R 533 -91.16 45.96 -31.96
C GLU R 533 -90.38 46.35 -30.71
N ALA R 534 -89.58 45.39 -30.22
CA ALA R 534 -88.78 45.56 -29.02
C ALA R 534 -87.76 46.68 -29.16
N ALA R 535 -87.10 46.73 -30.32
CA ALA R 535 -86.11 47.78 -30.60
C ALA R 535 -86.79 49.12 -30.84
N THR R 536 -87.98 49.08 -31.44
CA THR R 536 -88.77 50.27 -31.70
C THR R 536 -89.28 50.88 -30.39
N THR R 537 -89.91 50.05 -29.56
CA THR R 537 -90.54 50.52 -28.33
C THR R 537 -89.56 51.17 -27.36
N VAL R 538 -88.30 50.75 -27.37
CA VAL R 538 -87.28 51.39 -26.54
C VAL R 538 -86.81 52.71 -27.15
N LEU R 539 -86.83 52.80 -28.47
CA LEU R 539 -86.56 54.05 -29.17
C LEU R 539 -87.71 55.05 -29.03
N SER R 540 -88.92 54.52 -28.78
CA SER R 540 -90.12 55.33 -28.58
C SER R 540 -90.02 56.22 -27.34
N ILE R 541 -89.26 55.75 -26.35
CA ILE R 541 -89.11 56.47 -25.09
C ILE R 541 -88.01 57.53 -25.18
N ASP R 542 -88.19 58.60 -24.42
CA ASP R 542 -87.14 59.60 -24.23
C ASP R 542 -87.21 60.22 -22.83
N GLN R 543 -88.08 59.67 -21.99
CA GLN R 543 -88.17 60.07 -20.58
C GLN R 543 -88.69 58.94 -19.69
N ILE R 544 -87.76 58.17 -19.12
CA ILE R 544 -88.14 57.12 -18.16
C ILE R 544 -88.29 57.73 -16.77
N ILE R 545 -89.33 57.31 -16.06
CA ILE R 545 -89.60 57.77 -14.71
C ILE R 545 -89.74 56.56 -13.79
N MET R 546 -88.92 56.48 -12.75
CA MET R 546 -88.91 55.34 -11.83
C MET R 546 -89.14 55.70 -10.36
N ALA R 547 -89.89 54.85 -9.67
CA ALA R 547 -90.15 55.01 -8.23
C ALA R 547 -89.16 54.21 -7.40
N LYS R 548 -89.04 54.58 -6.12
CA LYS R 548 -88.25 53.80 -5.15
C LYS R 548 -88.93 52.45 -4.88
N LYS R 549 -88.13 51.41 -4.66
CA LYS R 549 -88.63 50.04 -4.51
C LYS R 549 -89.40 49.82 -3.19
N ASN S 2 -86.66 67.89 -15.36
CA ASN S 2 -86.23 66.84 -14.44
C ASN S 2 -86.47 67.21 -12.97
N PHE S 3 -86.70 66.18 -12.16
CA PHE S 3 -87.06 66.36 -10.74
C PHE S 3 -85.82 66.43 -9.85
N GLY S 4 -84.85 65.57 -10.13
CA GLY S 4 -83.67 65.43 -9.28
C GLY S 4 -82.43 66.16 -9.78
N SER S 5 -81.75 66.83 -8.85
CA SER S 5 -80.43 67.41 -9.08
C SER S 5 -79.41 66.30 -9.29
N GLN S 6 -79.62 65.18 -8.61
CA GLN S 6 -78.89 63.93 -8.86
C GLN S 6 -79.86 62.87 -9.37
N THR S 7 -79.43 62.15 -10.40
CA THR S 7 -80.24 61.09 -11.02
C THR S 7 -79.33 59.89 -11.28
N PRO S 8 -79.18 59.00 -10.28
CA PRO S 8 -78.12 57.98 -10.24
C PRO S 8 -77.89 57.22 -11.56
N THR S 9 -77.91 55.90 -11.49
CA THR S 9 -77.74 55.07 -12.68
C THR S 9 -78.63 53.85 -12.58
N ILE S 10 -79.50 53.70 -13.58
CA ILE S 10 -80.31 52.51 -13.75
C ILE S 10 -79.44 51.25 -13.69
N VAL S 11 -79.86 50.31 -12.85
CA VAL S 11 -79.08 49.09 -12.61
C VAL S 11 -79.58 47.95 -13.51
N VAL S 12 -78.64 47.12 -13.97
CA VAL S 12 -78.96 45.94 -14.80
C VAL S 12 -79.47 44.79 -13.93
N LEU S 13 -78.85 44.60 -12.77
CA LEU S 13 -79.19 43.50 -11.86
C LEU S 13 -79.23 44.00 -10.41
N LYS S 14 -80.05 43.36 -9.56
CA LYS S 14 -80.25 43.78 -8.17
C LYS S 14 -78.95 43.73 -7.35
N GLU S 15 -78.78 44.70 -6.45
CA GLU S 15 -77.58 44.79 -5.61
C GLU S 15 -77.34 43.51 -4.80
N GLY S 16 -76.14 42.95 -4.95
CA GLY S 16 -75.77 41.67 -4.33
C GLY S 16 -75.74 40.51 -5.31
N THR S 17 -75.72 40.82 -6.61
CA THR S 17 -75.74 39.80 -7.65
C THR S 17 -74.34 39.53 -8.20
N ASP S 18 -73.84 38.33 -7.92
CA ASP S 18 -72.49 37.92 -8.28
C ASP S 18 -72.40 37.51 -9.75
N ALA S 19 -71.36 37.99 -10.43
CA ALA S 19 -71.12 37.64 -11.84
C ALA S 19 -69.67 37.28 -12.09
N SER S 20 -69.44 36.21 -12.86
CA SER S 20 -68.08 35.73 -13.16
C SER S 20 -67.94 35.31 -14.62
N GLN S 21 -66.99 35.92 -15.33
CA GLN S 21 -66.87 35.76 -16.79
C GLN S 21 -65.56 35.12 -17.25
N GLY S 22 -65.63 34.44 -18.40
CA GLY S 22 -64.45 34.02 -19.16
C GLY S 22 -63.65 32.85 -18.61
N LYS S 23 -62.32 32.96 -18.74
CA LYS S 23 -61.39 31.91 -18.29
C LYS S 23 -61.40 31.72 -16.77
N GLY S 24 -61.48 32.83 -16.05
CA GLY S 24 -61.64 32.80 -14.60
C GLY S 24 -62.74 31.83 -14.22
N GLN S 25 -63.90 32.01 -14.84
CA GLN S 25 -65.08 31.17 -14.62
C GLN S 25 -64.81 29.68 -14.87
N ILE S 26 -64.40 29.35 -16.08
CA ILE S 26 -64.12 27.96 -16.44
C ILE S 26 -63.12 27.35 -15.47
N ILE S 27 -61.95 27.97 -15.36
CA ILE S 27 -60.83 27.48 -14.55
C ILE S 27 -61.16 27.41 -13.06
N SER S 28 -61.93 28.37 -12.56
CA SER S 28 -62.40 28.34 -11.17
C SER S 28 -63.30 27.13 -10.90
N ASN S 29 -64.24 26.87 -11.81
CA ASN S 29 -65.15 25.73 -11.69
C ASN S 29 -64.42 24.40 -11.61
N ILE S 30 -63.40 24.24 -12.46
CA ILE S 30 -62.51 23.08 -12.42
C ILE S 30 -61.92 22.92 -11.02
N ASN S 31 -61.32 23.99 -10.53
CA ASN S 31 -60.66 24.01 -9.24
C ASN S 31 -61.60 23.76 -8.07
N ALA S 32 -62.84 24.22 -8.20
CA ALA S 32 -63.87 23.96 -7.21
C ALA S 32 -64.19 22.47 -7.15
N CYS S 33 -64.22 21.84 -8.32
CA CYS S 33 -64.48 20.41 -8.42
C CYS S 33 -63.31 19.58 -7.92
N VAL S 34 -62.10 20.00 -8.27
CA VAL S 34 -60.88 19.31 -7.84
C VAL S 34 -60.83 19.12 -6.32
N ALA S 35 -61.22 20.16 -5.57
CA ALA S 35 -61.22 20.11 -4.11
C ALA S 35 -62.18 19.07 -3.55
N VAL S 36 -63.39 19.00 -4.12
CA VAL S 36 -64.36 18.00 -3.69
C VAL S 36 -63.78 16.60 -3.93
N GLN S 37 -63.23 16.38 -5.13
CA GLN S 37 -62.57 15.11 -5.49
C GLN S 37 -61.37 14.80 -4.60
N GLU S 38 -60.53 15.79 -4.34
CA GLU S 38 -59.31 15.62 -3.56
C GLU S 38 -59.60 15.10 -2.15
N ALA S 39 -60.74 15.51 -1.60
CA ALA S 39 -61.14 15.15 -0.23
C ALA S 39 -61.71 13.74 -0.12
N LEU S 40 -62.20 13.23 -1.23
CA LEU S 40 -62.83 11.90 -1.29
C LEU S 40 -61.86 10.83 -1.81
N LYS S 41 -60.72 11.27 -2.35
CA LYS S 41 -59.72 10.40 -2.97
C LYS S 41 -59.03 9.38 -2.04
N PRO S 42 -58.84 9.72 -0.74
CA PRO S 42 -58.31 8.72 0.19
C PRO S 42 -59.14 7.44 0.38
N THR S 43 -60.47 7.53 0.28
CA THR S 43 -61.36 6.41 0.58
C THR S 43 -61.40 5.34 -0.51
N LEU S 44 -60.40 5.35 -1.39
CA LEU S 44 -60.37 4.46 -2.55
C LEU S 44 -59.41 3.30 -2.31
N GLY S 45 -59.85 2.09 -2.69
CA GLY S 45 -58.99 0.91 -2.62
C GLY S 45 -58.93 0.21 -1.27
N PRO S 46 -58.28 -0.97 -1.22
CA PRO S 46 -58.35 -1.87 -0.07
C PRO S 46 -57.77 -1.22 1.18
N LEU S 47 -56.78 -0.35 1.00
CA LEU S 47 -56.19 0.40 2.10
C LEU S 47 -56.64 1.86 2.08
N GLY S 48 -57.88 2.07 1.66
CA GLY S 48 -58.50 3.40 1.66
C GLY S 48 -58.82 3.90 3.06
N SER S 49 -58.77 5.23 3.22
CA SER S 49 -59.02 5.88 4.50
C SER S 49 -60.51 6.23 4.65
N ASP S 50 -61.02 6.09 5.87
CA ASP S 50 -62.40 6.49 6.17
C ASP S 50 -62.42 7.92 6.71
N ILE S 51 -63.57 8.56 6.63
CA ILE S 51 -63.72 9.97 7.03
C ILE S 51 -64.74 10.11 8.17
N LEU S 52 -64.45 10.99 9.12
CA LEU S 52 -65.37 11.27 10.24
C LEU S 52 -66.01 12.64 10.11
N ILE S 53 -67.30 12.66 9.78
CA ILE S 53 -68.00 13.92 9.56
C ILE S 53 -69.05 14.17 10.62
N VAL S 54 -68.90 15.29 11.33
CA VAL S 54 -69.94 15.76 12.23
C VAL S 54 -70.70 16.88 11.55
N THR S 55 -71.97 16.62 11.26
CA THR S 55 -72.83 17.58 10.54
C THR S 55 -73.28 18.72 11.47
N SER S 56 -73.84 19.77 10.87
CA SER S 56 -74.29 20.98 11.57
C SER S 56 -75.31 20.72 12.68
N ASN S 57 -75.90 19.52 12.70
CA ASN S 57 -76.83 19.13 13.76
C ASN S 57 -76.25 18.09 14.72
N GLN S 58 -74.92 18.03 14.80
CA GLN S 58 -74.18 17.18 15.74
C GLN S 58 -74.16 15.70 15.38
N LYS S 59 -74.90 15.34 14.32
CA LYS S 59 -75.00 13.95 13.87
C LYS S 59 -73.66 13.41 13.35
N THR S 60 -73.01 12.63 14.21
CA THR S 60 -71.69 12.10 13.94
C THR S 60 -71.79 10.86 13.06
N THR S 61 -71.13 10.88 11.89
CA THR S 61 -71.11 9.71 11.01
C THR S 61 -69.69 9.39 10.53
N ILE S 62 -69.37 8.10 10.47
CA ILE S 62 -68.09 7.61 9.95
C ILE S 62 -68.44 6.76 8.73
N SER S 63 -67.67 6.92 7.64
CA SER S 63 -67.96 6.16 6.43
C SER S 63 -66.84 6.07 5.38
N ASN S 64 -67.10 5.24 4.38
CA ASN S 64 -66.23 5.03 3.24
C ASN S 64 -67.05 5.16 1.96
N ASP S 65 -68.36 4.97 2.10
CA ASP S 65 -69.33 5.05 1.01
C ASP S 65 -69.37 6.47 0.43
N GLY S 66 -68.67 6.66 -0.69
CA GLY S 66 -68.55 7.94 -1.39
C GLY S 66 -69.81 8.78 -1.47
N ALA S 67 -70.92 8.17 -1.91
CA ALA S 67 -72.20 8.87 -2.01
C ALA S 67 -72.67 9.38 -0.66
N THR S 68 -72.27 8.68 0.39
CA THR S 68 -72.60 9.08 1.74
C THR S 68 -71.71 10.22 2.19
N ILE S 69 -70.43 10.17 1.82
CA ILE S 69 -69.49 11.23 2.19
C ILE S 69 -69.86 12.55 1.50
N LEU S 70 -70.03 12.51 0.17
CA LEU S 70 -70.37 13.70 -0.59
C LEU S 70 -71.76 14.26 -0.27
N LYS S 71 -72.65 13.40 0.23
CA LYS S 71 -74.00 13.83 0.61
C LYS S 71 -73.98 14.57 1.94
N LEU S 72 -73.19 14.07 2.88
CA LEU S 72 -73.06 14.68 4.19
C LEU S 72 -72.31 16.00 4.14
N LEU S 73 -71.29 16.08 3.29
CA LEU S 73 -70.68 17.36 2.94
C LEU S 73 -71.76 18.17 2.24
N ASP S 74 -71.96 19.40 2.70
CA ASP S 74 -72.90 20.29 2.02
C ASP S 74 -72.16 21.05 0.95
N VAL S 75 -72.29 20.60 -0.29
CA VAL S 75 -71.65 21.31 -1.38
C VAL S 75 -72.58 22.46 -1.80
N VAL S 76 -72.05 23.69 -1.79
CA VAL S 76 -72.83 24.85 -2.21
C VAL S 76 -72.46 25.24 -3.64
N HIS S 77 -71.17 25.29 -3.93
CA HIS S 77 -70.68 25.67 -5.26
C HIS S 77 -71.43 24.91 -6.33
N PRO S 78 -72.12 25.64 -7.22
CA PRO S 78 -72.99 25.03 -8.23
C PRO S 78 -72.29 23.98 -9.10
N ALA S 79 -71.06 24.27 -9.51
CA ALA S 79 -70.30 23.36 -10.37
C ALA S 79 -69.78 22.14 -9.62
N ALA S 80 -69.55 22.29 -8.32
CA ALA S 80 -69.09 21.17 -7.51
C ALA S 80 -70.24 20.27 -7.05
N LYS S 81 -71.45 20.83 -7.04
CA LYS S 81 -72.66 20.07 -6.67
C LYS S 81 -72.93 18.99 -7.71
N THR S 82 -72.32 19.16 -8.89
CA THR S 82 -72.40 18.18 -9.95
C THR S 82 -71.72 16.89 -9.54
N LEU S 83 -70.62 17.01 -8.79
CA LEU S 83 -69.93 15.85 -8.24
C LEU S 83 -70.78 15.12 -7.20
N VAL S 84 -71.73 15.84 -6.62
CA VAL S 84 -72.70 15.26 -5.70
C VAL S 84 -73.68 14.40 -6.49
N ASP S 85 -74.18 14.96 -7.60
CA ASP S 85 -75.15 14.29 -8.47
C ASP S 85 -74.54 13.13 -9.23
N ILE S 86 -73.26 13.27 -9.59
CA ILE S 86 -72.55 12.24 -10.34
C ILE S 86 -72.31 10.98 -9.48
N SER S 87 -72.09 11.19 -8.18
CA SER S 87 -71.90 10.08 -7.26
C SER S 87 -73.26 9.47 -6.90
N ARG S 88 -74.26 10.33 -6.73
CA ARG S 88 -75.62 9.92 -6.39
C ARG S 88 -76.23 8.99 -7.44
N ALA S 89 -75.95 9.29 -8.70
CA ALA S 89 -76.39 8.47 -9.83
C ALA S 89 -75.79 7.06 -9.77
N GLN S 90 -74.53 6.98 -9.35
CA GLN S 90 -73.82 5.72 -9.24
C GLN S 90 -74.42 4.81 -8.16
N ASP S 91 -74.81 5.41 -7.04
CA ASP S 91 -75.44 4.68 -5.94
C ASP S 91 -76.80 4.14 -6.38
N ALA S 92 -77.46 4.88 -7.27
CA ALA S 92 -78.81 4.55 -7.74
C ALA S 92 -78.83 3.36 -8.71
N GLU S 93 -77.89 3.35 -9.65
CA GLU S 93 -77.88 2.33 -10.70
C GLU S 93 -76.97 1.15 -10.41
N VAL S 94 -75.93 1.39 -9.61
CA VAL S 94 -74.94 0.34 -9.35
C VAL S 94 -74.84 -0.02 -7.88
N GLY S 95 -74.57 0.96 -7.03
CA GLY S 95 -74.35 0.71 -5.60
C GLY S 95 -72.89 0.88 -5.22
N ASP S 96 -72.01 0.31 -6.05
CA ASP S 96 -70.55 0.53 -5.95
C ASP S 96 -70.09 1.56 -6.99
N GLY S 97 -68.91 2.12 -6.79
CA GLY S 97 -68.32 3.06 -7.74
C GLY S 97 -68.39 4.51 -7.33
N THR S 98 -69.25 4.81 -6.35
CA THR S 98 -69.53 6.18 -5.89
C THR S 98 -68.30 7.07 -5.71
N THR S 99 -67.28 6.51 -5.07
CA THR S 99 -66.02 7.21 -4.85
C THR S 99 -65.23 7.40 -6.14
N SER S 100 -65.02 6.31 -6.87
CA SER S 100 -64.21 6.28 -8.09
C SER S 100 -64.78 7.15 -9.21
N VAL S 101 -66.10 7.35 -9.19
CA VAL S 101 -66.79 8.15 -10.18
C VAL S 101 -66.34 9.59 -10.10
N THR S 102 -66.40 10.14 -8.89
CA THR S 102 -66.02 11.50 -8.61
C THR S 102 -64.55 11.73 -8.92
N ILE S 103 -63.73 10.73 -8.61
CA ILE S 103 -62.28 10.77 -8.85
C ILE S 103 -61.96 10.90 -10.34
N LEU S 104 -62.59 10.07 -11.17
CA LEU S 104 -62.45 10.17 -12.63
C LEU S 104 -62.95 11.51 -13.15
N ALA S 105 -64.09 11.93 -12.63
CA ALA S 105 -64.75 13.17 -13.04
C ALA S 105 -63.84 14.39 -12.90
N GLY S 106 -63.31 14.60 -11.68
CA GLY S 106 -62.41 15.71 -11.41
C GLY S 106 -61.10 15.65 -12.17
N GLU S 107 -60.57 14.43 -12.33
CA GLU S 107 -59.30 14.23 -13.02
C GLU S 107 -59.37 14.52 -14.51
N LEU S 108 -60.54 14.31 -15.11
CA LEU S 108 -60.79 14.70 -16.50
C LEU S 108 -60.75 16.22 -16.65
N MET S 109 -61.37 16.91 -15.69
CA MET S 109 -61.42 18.36 -15.65
C MET S 109 -60.04 18.93 -15.37
N LYS S 110 -59.30 18.25 -14.50
CA LYS S 110 -57.95 18.66 -14.13
C LYS S 110 -56.98 18.53 -15.29
N GLU S 111 -57.17 17.50 -16.11
CA GLU S 111 -56.31 17.23 -17.27
C GLU S 111 -56.82 17.94 -18.50
N ALA S 112 -57.91 18.69 -18.33
CA ALA S 112 -58.44 19.57 -19.38
C ALA S 112 -57.88 20.97 -19.20
N LYS S 113 -57.51 21.29 -17.97
CA LYS S 113 -56.94 22.59 -17.61
C LYS S 113 -55.73 23.02 -18.47
N PRO S 114 -54.75 22.10 -18.74
CA PRO S 114 -53.58 22.43 -19.56
C PRO S 114 -53.90 22.97 -20.95
N PHE S 115 -54.90 22.39 -21.60
CA PHE S 115 -55.32 22.86 -22.91
C PHE S 115 -56.09 24.17 -22.80
N LEU S 116 -56.85 24.33 -21.71
CA LEU S 116 -57.61 25.55 -21.49
C LEU S 116 -56.71 26.73 -21.15
N GLU S 117 -55.53 26.45 -20.58
CA GLU S 117 -54.53 27.48 -20.27
C GLU S 117 -53.98 28.09 -21.56
N GLU S 118 -53.88 27.25 -22.59
CA GLU S 118 -53.62 27.72 -23.95
C GLU S 118 -54.95 28.13 -24.58
N GLY S 119 -54.91 28.97 -25.61
CA GLY S 119 -56.13 29.52 -26.22
C GLY S 119 -56.95 28.51 -27.02
N ILE S 120 -57.50 27.52 -26.30
CA ILE S 120 -58.30 26.46 -26.91
C ILE S 120 -59.76 26.62 -26.52
N SER S 121 -60.65 26.35 -27.47
CA SER S 121 -62.09 26.35 -27.22
C SER S 121 -62.49 25.11 -26.43
N SER S 122 -63.28 25.31 -25.39
CA SER S 122 -63.79 24.21 -24.58
C SER S 122 -64.77 23.36 -25.37
N HIS S 123 -65.35 23.94 -26.41
CA HIS S 123 -66.25 23.22 -27.30
C HIS S 123 -65.52 22.06 -27.97
N LEU S 124 -64.28 22.31 -28.41
CA LEU S 124 -63.45 21.29 -29.07
C LEU S 124 -62.92 20.23 -28.09
N ILE S 125 -62.70 20.62 -26.83
CA ILE S 125 -62.21 19.66 -25.82
C ILE S 125 -63.29 18.60 -25.50
N MET S 126 -64.53 19.04 -25.30
CA MET S 126 -65.60 18.13 -24.93
C MET S 126 -66.13 17.29 -26.11
N LYS S 127 -65.95 17.78 -27.34
CA LYS S 127 -66.27 16.99 -28.54
C LYS S 127 -65.19 15.91 -28.73
N GLY S 128 -64.07 16.07 -28.00
CA GLY S 128 -62.99 15.09 -27.97
C GLY S 128 -63.07 14.17 -26.78
N TYR S 129 -63.85 14.57 -25.77
CA TYR S 129 -64.18 13.70 -24.66
C TYR S 129 -65.42 12.89 -24.98
N ARG S 130 -66.35 13.50 -25.72
CA ARG S 130 -67.62 12.89 -26.10
C ARG S 130 -67.44 11.61 -26.92
N LYS S 131 -66.39 11.58 -27.73
CA LYS S 131 -66.03 10.41 -28.51
C LYS S 131 -65.19 9.41 -27.72
N ALA S 132 -64.39 9.94 -26.79
CA ALA S 132 -63.49 9.11 -25.97
C ALA S 132 -64.23 8.18 -25.03
N VAL S 133 -65.32 8.67 -24.43
CA VAL S 133 -66.15 7.85 -23.55
C VAL S 133 -66.96 6.83 -24.36
N SER S 134 -67.49 7.26 -25.50
CA SER S 134 -68.22 6.39 -26.43
C SER S 134 -67.33 5.26 -26.93
N LEU S 135 -66.01 5.49 -26.85
CA LEU S 135 -65.01 4.50 -27.23
C LEU S 135 -64.47 3.76 -26.01
N ALA S 136 -64.62 4.35 -24.83
CA ALA S 136 -64.29 3.68 -23.59
C ALA S 136 -65.33 2.60 -23.30
N VAL S 137 -66.58 2.90 -23.60
CA VAL S 137 -67.68 1.95 -23.44
C VAL S 137 -67.54 0.79 -24.44
N GLU S 138 -67.06 1.11 -25.65
CA GLU S 138 -66.77 0.09 -26.66
C GLU S 138 -65.63 -0.82 -26.19
N LYS S 139 -64.66 -0.23 -25.50
CA LYS S 139 -63.51 -0.96 -24.99
C LYS S 139 -63.90 -2.00 -23.93
N ILE S 140 -64.86 -1.65 -23.09
CA ILE S 140 -65.34 -2.53 -22.02
C ILE S 140 -66.28 -3.61 -22.55
N ASN S 141 -67.21 -3.24 -23.43
CA ASN S 141 -68.16 -4.18 -24.00
C ASN S 141 -67.47 -5.36 -24.72
N GLU S 142 -66.32 -5.08 -25.32
CA GLU S 142 -65.50 -6.10 -25.98
C GLU S 142 -64.62 -6.86 -24.98
N LEU S 143 -64.41 -6.26 -23.80
CA LEU S 143 -63.52 -6.81 -22.78
C LEU S 143 -64.27 -7.59 -21.70
N ALA S 144 -65.56 -7.28 -21.53
CA ALA S 144 -66.41 -7.97 -20.56
C ALA S 144 -66.46 -9.45 -20.86
N VAL S 145 -66.42 -10.26 -19.81
CA VAL S 145 -66.44 -11.72 -19.97
C VAL S 145 -67.78 -12.29 -19.51
N ASP S 146 -68.45 -13.00 -20.43
CA ASP S 146 -69.68 -13.72 -20.14
C ASP S 146 -69.29 -14.99 -19.40
N ILE S 147 -69.40 -14.93 -18.07
CA ILE S 147 -68.81 -15.94 -17.19
C ILE S 147 -69.60 -17.25 -17.21
N THR S 148 -70.88 -17.18 -17.58
CA THR S 148 -71.68 -18.39 -17.78
C THR S 148 -71.01 -19.37 -18.75
N SER S 149 -70.05 -18.86 -19.52
CA SER S 149 -69.33 -19.64 -20.53
C SER S 149 -68.12 -20.42 -19.98
N GLU S 150 -67.34 -19.78 -19.11
CA GLU S 150 -66.03 -20.31 -18.71
C GLU S 150 -65.82 -20.54 -17.20
N LYS S 151 -65.86 -21.83 -16.82
CA LYS S 151 -65.57 -22.32 -15.47
C LYS S 151 -65.82 -21.35 -14.30
N SER S 152 -67.08 -21.25 -13.90
CA SER S 152 -67.46 -20.46 -12.72
C SER S 152 -68.52 -21.20 -11.95
N SER S 153 -68.52 -21.03 -10.63
CA SER S 153 -69.55 -21.63 -9.78
C SER S 153 -70.86 -20.88 -9.92
N GLY S 154 -71.96 -21.58 -9.67
CA GLY S 154 -73.30 -20.99 -9.70
C GLY S 154 -73.44 -19.87 -8.69
N ARG S 155 -72.72 -19.98 -7.59
CA ARG S 155 -72.75 -18.98 -6.52
C ARG S 155 -71.40 -18.29 -6.25
N GLU S 156 -70.30 -18.88 -6.72
CA GLU S 156 -68.96 -18.26 -6.55
C GLU S 156 -68.72 -17.08 -7.48
N LEU S 157 -69.71 -16.80 -8.33
CA LEU S 157 -69.74 -15.59 -9.13
C LEU S 157 -70.08 -14.42 -8.23
N LEU S 158 -71.20 -14.55 -7.52
CA LEU S 158 -71.78 -13.51 -6.69
C LEU S 158 -70.96 -13.35 -5.41
N GLU S 159 -70.41 -14.47 -4.95
CA GLU S 159 -69.53 -14.48 -3.78
C GLU S 159 -68.23 -13.75 -4.09
N ARG S 160 -67.53 -14.17 -5.14
CA ARG S 160 -66.26 -13.55 -5.55
C ARG S 160 -66.43 -12.08 -5.93
N CYS S 161 -67.68 -11.71 -6.22
CA CYS S 161 -68.03 -10.36 -6.68
C CYS S 161 -68.29 -9.41 -5.53
N ALA S 162 -68.99 -9.91 -4.51
CA ALA S 162 -69.21 -9.15 -3.29
C ALA S 162 -67.91 -9.05 -2.52
N ARG S 163 -67.08 -10.10 -2.61
CA ARG S 163 -65.76 -10.16 -1.99
C ARG S 163 -64.90 -8.95 -2.31
N THR S 164 -65.05 -8.44 -3.52
CA THR S 164 -64.32 -7.28 -3.98
C THR S 164 -64.87 -6.00 -3.35
N ALA S 165 -66.21 -5.87 -3.36
CA ALA S 165 -66.88 -4.68 -2.84
C ALA S 165 -66.65 -4.47 -1.33
N MET S 166 -66.44 -5.58 -0.61
CA MET S 166 -66.17 -5.55 0.82
C MET S 166 -64.86 -4.84 1.12
N SER S 167 -63.80 -5.29 0.46
CA SER S 167 -62.45 -4.74 0.67
C SER S 167 -62.42 -3.23 0.50
N SER S 168 -61.86 -2.55 1.49
CA SER S 168 -61.80 -1.08 1.56
C SER S 168 -62.68 -0.56 2.68
N LYS S 169 -63.85 -1.17 2.85
CA LYS S 169 -64.81 -0.77 3.89
C LYS S 169 -64.56 -1.50 5.21
N LEU S 170 -65.13 -0.96 6.29
CA LEU S 170 -64.86 -1.42 7.66
C LEU S 170 -64.95 -2.93 7.90
N ILE S 171 -65.83 -3.60 7.15
CA ILE S 171 -66.08 -5.03 7.35
C ILE S 171 -65.16 -5.95 6.52
N HIS S 172 -64.00 -5.44 6.14
CA HIS S 172 -63.01 -6.16 5.34
C HIS S 172 -62.43 -7.39 6.04
N ASN S 173 -62.12 -7.27 7.33
CA ASN S 173 -61.57 -8.39 8.09
C ASN S 173 -62.63 -9.43 8.41
N ASN S 174 -63.89 -9.09 8.13
CA ASN S 174 -65.01 -9.97 8.41
C ASN S 174 -65.73 -10.42 7.15
N ALA S 175 -65.11 -10.18 6.00
CA ALA S 175 -65.69 -10.47 4.69
C ALA S 175 -66.29 -11.87 4.58
N ASP S 176 -65.48 -12.87 4.93
CA ASP S 176 -65.90 -14.28 4.95
C ASP S 176 -67.32 -14.47 5.48
N PHE S 177 -67.62 -13.80 6.59
CA PHE S 177 -68.93 -13.88 7.22
C PHE S 177 -69.98 -13.13 6.41
N PHE S 178 -69.69 -11.87 6.07
CA PHE S 178 -70.68 -11.00 5.43
C PHE S 178 -70.99 -11.36 3.98
N VAL S 179 -70.05 -12.02 3.30
CA VAL S 179 -70.24 -12.43 1.92
C VAL S 179 -71.20 -13.63 1.77
N LYS S 180 -70.91 -14.73 2.45
CA LYS S 180 -71.74 -15.94 2.39
C LYS S 180 -73.07 -15.72 3.11
N MET S 181 -73.39 -14.45 3.35
CA MET S 181 -74.61 -14.05 4.01
C MET S 181 -75.44 -13.10 3.14
N CYS S 182 -74.83 -12.00 2.71
CA CYS S 182 -75.56 -11.03 1.89
C CYS S 182 -75.74 -11.46 0.43
N VAL S 183 -74.81 -12.27 -0.08
CA VAL S 183 -74.97 -12.96 -1.37
C VAL S 183 -76.15 -13.92 -1.28
N ASP S 184 -76.19 -14.69 -0.19
CA ASP S 184 -77.29 -15.58 0.15
C ASP S 184 -78.60 -14.81 0.34
N ALA S 185 -78.50 -13.56 0.81
CA ALA S 185 -79.66 -12.70 1.04
C ALA S 185 -80.28 -12.17 -0.24
N VAL S 186 -79.53 -12.23 -1.35
CA VAL S 186 -80.05 -11.86 -2.68
C VAL S 186 -80.74 -13.06 -3.36
N LEU S 187 -80.36 -14.27 -2.94
CA LEU S 187 -80.95 -15.50 -3.44
C LEU S 187 -82.37 -15.73 -2.91
N SER S 188 -82.56 -15.53 -1.61
CA SER S 188 -83.87 -15.65 -0.97
C SER S 188 -84.80 -14.53 -1.41
N LEU S 189 -84.20 -13.35 -1.65
CA LEU S 189 -84.90 -12.20 -2.19
C LEU S 189 -85.56 -12.52 -3.53
N ASP S 190 -84.81 -13.24 -4.38
CA ASP S 190 -85.22 -13.51 -5.75
C ASP S 190 -86.70 -13.84 -5.91
N ARG S 191 -87.44 -12.85 -6.40
CA ARG S 191 -88.64 -13.12 -7.17
C ARG S 191 -88.12 -13.11 -8.60
N ASN S 192 -88.93 -13.52 -9.57
CA ASN S 192 -88.52 -13.43 -10.98
C ASN S 192 -87.71 -12.15 -11.24
N ASP S 193 -88.24 -11.02 -10.77
CA ASP S 193 -87.50 -9.77 -10.74
C ASP S 193 -87.60 -9.10 -9.36
N LEU S 194 -86.44 -8.77 -8.80
CA LEU S 194 -86.26 -8.53 -7.36
C LEU S 194 -86.07 -7.05 -6.96
N ASP S 195 -86.45 -6.73 -5.72
CA ASP S 195 -86.13 -5.43 -5.10
C ASP S 195 -85.62 -5.56 -3.67
N ASP S 196 -84.80 -4.60 -3.25
CA ASP S 196 -84.15 -4.61 -1.93
C ASP S 196 -85.10 -4.38 -0.75
N LYS S 197 -86.15 -3.57 -0.98
CA LYS S 197 -87.18 -3.26 0.02
C LYS S 197 -87.69 -4.52 0.78
N LEU S 198 -87.65 -5.67 0.09
CA LEU S 198 -88.07 -6.95 0.66
C LEU S 198 -87.04 -7.58 1.62
N ILE S 199 -85.76 -7.30 1.39
CA ILE S 199 -84.70 -7.69 2.33
C ILE S 199 -84.31 -6.51 3.21
N GLY S 200 -85.28 -6.02 3.98
CA GLY S 200 -85.06 -4.87 4.86
C GLY S 200 -84.18 -5.21 6.06
N ILE S 201 -83.27 -4.30 6.38
CA ILE S 201 -82.31 -4.50 7.47
C ILE S 201 -82.84 -3.92 8.79
N LYS S 202 -82.54 -4.61 9.89
CA LYS S 202 -82.90 -4.15 11.21
C LYS S 202 -81.62 -3.92 12.01
N LYS S 203 -81.55 -2.80 12.74
CA LYS S 203 -80.35 -2.41 13.50
C LYS S 203 -80.55 -2.55 15.00
N ILE S 204 -79.57 -3.14 15.67
CA ILE S 204 -79.68 -3.38 17.11
C ILE S 204 -78.38 -3.09 17.87
N PRO S 205 -78.43 -2.14 18.83
CA PRO S 205 -77.26 -1.66 19.58
C PRO S 205 -76.60 -2.75 20.41
N GLY S 206 -75.28 -2.84 20.30
CA GLY S 206 -74.51 -3.80 21.08
C GLY S 206 -74.07 -5.00 20.27
N GLY S 207 -73.18 -5.80 20.86
CA GLY S 207 -72.69 -7.03 20.23
C GLY S 207 -71.67 -6.81 19.13
N ALA S 208 -70.76 -7.77 18.98
CA ALA S 208 -69.78 -7.76 17.90
C ALA S 208 -70.51 -7.88 16.56
N MET S 209 -69.95 -7.25 15.52
CA MET S 209 -70.59 -7.27 14.20
C MET S 209 -70.56 -8.65 13.51
N GLU S 210 -69.80 -9.58 14.09
CA GLU S 210 -69.79 -10.97 13.65
C GLU S 210 -71.03 -11.70 14.13
N GLU S 211 -71.64 -11.17 15.20
CA GLU S 211 -72.82 -11.77 15.83
C GLU S 211 -74.14 -11.32 15.18
N SER S 212 -74.03 -10.75 13.99
CA SER S 212 -75.20 -10.42 13.17
C SER S 212 -75.87 -11.72 12.70
N LEU S 213 -77.18 -11.68 12.49
CA LEU S 213 -77.93 -12.93 12.28
C LEU S 213 -78.76 -12.91 11.00
N PHE S 214 -78.58 -13.94 10.16
CA PHE S 214 -79.38 -14.12 8.95
C PHE S 214 -80.69 -14.80 9.30
N ILE S 215 -81.79 -14.24 8.82
CA ILE S 215 -83.12 -14.78 9.07
C ILE S 215 -83.81 -15.15 7.75
N ASN S 216 -84.20 -16.42 7.65
CA ASN S 216 -84.87 -16.96 6.47
C ASN S 216 -86.37 -16.72 6.48
N GLY S 217 -86.81 -15.81 7.35
CA GLY S 217 -88.21 -15.41 7.46
C GLY S 217 -88.34 -13.91 7.53
N VAL S 218 -88.78 -13.41 8.69
CA VAL S 218 -88.87 -11.97 8.94
C VAL S 218 -88.46 -11.67 10.39
N ALA S 219 -88.32 -10.38 10.72
CA ALA S 219 -87.96 -9.95 12.07
C ALA S 219 -88.57 -8.60 12.45
N PHE S 220 -88.73 -8.38 13.75
CA PHE S 220 -89.15 -7.08 14.30
C PHE S 220 -88.14 -6.51 15.30
N LYS S 221 -87.57 -5.34 14.96
CA LYS S 221 -86.86 -4.51 15.94
C LYS S 221 -87.86 -4.01 16.97
N LYS S 222 -89.10 -4.47 16.81
CA LYS S 222 -90.26 -3.98 17.53
C LYS S 222 -90.89 -5.03 18.43
N THR S 223 -90.92 -4.75 19.72
CA THR S 223 -91.77 -5.46 20.66
C THR S 223 -92.84 -4.49 21.12
N PHE S 224 -94.07 -4.95 21.25
CA PHE S 224 -95.06 -4.16 21.99
C PHE S 224 -95.75 -4.92 23.11
N SER S 225 -95.78 -4.28 24.28
CA SER S 225 -96.33 -4.88 25.49
C SER S 225 -97.78 -4.43 25.76
N TYR S 226 -98.64 -5.42 26.00
CA TYR S 226 -99.94 -5.20 26.64
C TYR S 226 -100.15 -6.23 27.74
N ALA S 227 -101.08 -5.94 28.66
CA ALA S 227 -101.37 -6.80 29.80
C ALA S 227 -100.89 -8.24 29.62
N GLY S 228 -101.44 -8.93 28.62
CA GLY S 228 -101.19 -10.36 28.42
C GLY S 228 -99.97 -10.77 27.62
N PHE S 229 -99.34 -9.83 26.93
CA PHE S 229 -98.16 -10.13 26.10
C PHE S 229 -97.08 -10.94 26.85
N GLU S 230 -96.95 -10.69 28.15
CA GLU S 230 -96.03 -11.45 29.00
C GLU S 230 -96.61 -12.83 29.36
N GLN S 231 -97.94 -12.89 29.47
CA GLN S 231 -98.66 -14.10 29.86
C GLN S 231 -98.88 -15.04 28.67
N GLN S 232 -98.64 -14.53 27.45
CA GLN S 232 -98.75 -15.31 26.23
C GLN S 232 -97.53 -16.19 26.02
N PRO S 233 -97.70 -17.34 25.33
CA PRO S 233 -96.56 -18.12 24.88
C PRO S 233 -95.74 -17.31 23.86
N LYS S 234 -94.42 -17.31 24.04
CA LYS S 234 -93.54 -16.55 23.17
C LYS S 234 -92.64 -17.46 22.34
N LYS S 235 -93.12 -18.68 22.05
CA LYS S 235 -92.39 -19.66 21.25
C LYS S 235 -93.32 -20.70 20.61
N PHE S 236 -93.30 -20.78 19.29
CA PHE S 236 -94.08 -21.77 18.56
C PHE S 236 -93.20 -22.60 17.63
N ASN S 237 -93.72 -23.71 17.12
CA ASN S 237 -93.03 -24.54 16.13
C ASN S 237 -93.61 -24.34 14.74
N ASN S 238 -94.76 -24.96 14.48
CA ASN S 238 -95.49 -24.76 13.25
C ASN S 238 -96.77 -23.98 13.52
N PRO S 239 -96.72 -22.64 13.34
CA PRO S 239 -97.88 -21.81 13.57
C PRO S 239 -98.60 -21.41 12.28
N LYS S 240 -99.88 -21.08 12.43
CA LYS S 240 -100.64 -20.47 11.35
C LYS S 240 -100.68 -18.96 11.63
N ILE S 241 -99.96 -18.20 10.81
CA ILE S 241 -99.86 -16.75 10.99
C ILE S 241 -101.00 -16.02 10.26
N LEU S 242 -101.85 -15.35 11.05
CA LEU S 242 -102.91 -14.50 10.51
C LEU S 242 -102.38 -13.10 10.37
N SER S 243 -102.47 -12.57 9.16
CA SER S 243 -102.01 -11.21 8.86
C SER S 243 -103.21 -10.25 8.72
N LEU S 244 -103.54 -9.57 9.83
CA LEU S 244 -104.70 -8.66 9.88
C LEU S 244 -104.37 -7.21 9.53
N ASN S 245 -105.40 -6.38 9.46
CA ASN S 245 -105.21 -4.96 9.21
C ASN S 245 -105.93 -4.05 10.21
N VAL S 246 -107.18 -4.37 10.53
CA VAL S 246 -108.02 -3.47 11.36
C VAL S 246 -107.85 -3.66 12.87
N GLU S 247 -107.90 -2.55 13.60
CA GLU S 247 -107.68 -2.51 15.05
C GLU S 247 -108.69 -3.33 15.84
N LEU S 248 -108.16 -4.19 16.72
CA LEU S 248 -108.98 -5.00 17.60
C LEU S 248 -109.10 -4.38 18.99
N GLU S 249 -110.19 -3.64 19.20
CA GLU S 249 -110.51 -3.01 20.49
C GLU S 249 -111.96 -2.54 20.48
N LEU S 250 -112.28 -1.51 21.27
CA LEU S 250 -113.61 -0.91 21.25
C LEU S 250 -113.60 0.44 20.55
N LYS S 251 -113.18 0.43 19.28
CA LYS S 251 -113.06 1.62 18.43
C LYS S 251 -112.11 2.67 19.02
N ALA S 252 -110.81 2.49 18.76
CA ALA S 252 -109.74 3.34 19.32
C ALA S 252 -109.47 4.63 18.55
N GLU S 253 -109.69 4.57 17.22
CA GLU S 253 -109.58 5.74 16.35
C GLU S 253 -110.61 5.68 15.20
N LYS S 254 -111.59 4.78 15.36
CA LYS S 254 -112.61 4.51 14.33
C LYS S 254 -113.61 5.65 14.08
N ASP S 255 -114.50 5.41 13.11
CA ASP S 255 -115.54 6.36 12.74
C ASP S 255 -116.51 6.60 13.88
N ASN S 256 -116.63 7.86 14.27
CA ASN S 256 -117.50 8.27 15.37
C ASN S 256 -118.97 8.30 14.99
N ALA S 257 -119.80 7.79 15.88
CA ALA S 257 -121.24 7.79 15.71
C ALA S 257 -121.90 8.15 17.03
N GLU S 258 -122.93 8.99 16.95
CA GLU S 258 -123.70 9.39 18.14
C GLU S 258 -124.78 8.37 18.46
N VAL S 259 -125.01 8.10 19.74
CA VAL S 259 -126.06 7.19 20.17
C VAL S 259 -127.10 7.93 21.01
N ARG S 260 -128.36 7.87 20.57
CA ARG S 260 -129.48 8.45 21.30
C ARG S 260 -130.43 7.35 21.77
N VAL S 261 -130.61 7.28 23.09
CA VAL S 261 -131.42 6.24 23.71
C VAL S 261 -132.45 6.87 24.63
N GLU S 262 -133.73 6.64 24.33
CA GLU S 262 -134.81 7.18 25.15
C GLU S 262 -135.07 6.31 26.39
N HIS S 263 -135.20 5.00 26.18
CA HIS S 263 -135.55 4.05 27.24
C HIS S 263 -134.31 3.40 27.89
N VAL S 264 -134.33 3.28 29.22
CA VAL S 264 -133.18 2.81 30.01
C VAL S 264 -132.66 1.43 29.60
N GLU S 265 -133.57 0.47 29.46
CA GLU S 265 -133.24 -0.93 29.16
C GLU S 265 -132.43 -1.12 27.87
N ASP S 266 -132.32 -0.06 27.08
CA ASP S 266 -131.49 -0.05 25.87
C ASP S 266 -130.02 0.24 26.19
N TYR S 267 -129.73 0.52 27.46
CA TYR S 267 -128.37 0.87 27.86
C TYR S 267 -127.47 -0.35 27.96
N GLN S 268 -127.78 -1.27 28.87
CA GLN S 268 -127.02 -2.52 29.00
C GLN S 268 -127.08 -3.33 27.72
N ALA S 269 -127.92 -2.87 26.78
CA ALA S 269 -128.04 -3.49 25.47
C ALA S 269 -127.02 -2.91 24.48
N ILE S 270 -126.81 -1.59 24.53
CA ILE S 270 -125.84 -0.93 23.63
C ILE S 270 -124.39 -1.20 24.05
N VAL S 271 -124.16 -1.36 25.35
CA VAL S 271 -122.84 -1.71 25.85
C VAL S 271 -122.52 -3.19 25.63
N ASP S 272 -123.53 -4.06 25.83
CA ASP S 272 -123.41 -5.50 25.56
C ASP S 272 -123.35 -5.79 24.07
N ALA S 273 -123.72 -4.81 23.26
CA ALA S 273 -123.54 -4.89 21.81
C ALA S 273 -122.06 -4.79 21.48
N GLU S 274 -121.38 -3.85 22.15
CA GLU S 274 -119.96 -3.60 21.92
C GLU S 274 -119.07 -4.81 22.24
N TRP S 275 -119.27 -5.37 23.44
CA TRP S 275 -118.50 -6.54 23.87
C TRP S 275 -118.82 -7.79 23.03
N GLN S 276 -120.01 -7.81 22.44
CA GLN S 276 -120.38 -8.86 21.49
C GLN S 276 -119.77 -8.56 20.12
N LEU S 277 -119.72 -7.27 19.77
CA LEU S 277 -119.18 -6.81 18.48
C LEU S 277 -117.72 -7.17 18.26
N ILE S 278 -116.96 -7.26 19.35
CA ILE S 278 -115.57 -7.68 19.26
C ILE S 278 -115.36 -9.13 19.73
N PHE S 279 -116.42 -9.74 20.28
CA PHE S 279 -116.44 -11.20 20.47
C PHE S 279 -116.37 -11.84 19.09
N GLU S 280 -117.27 -11.40 18.21
CA GLU S 280 -117.31 -11.88 16.84
C GLU S 280 -115.98 -11.60 16.15
N LYS S 281 -115.47 -10.38 16.30
CA LYS S 281 -114.23 -9.98 15.66
C LYS S 281 -113.00 -10.75 16.18
N LEU S 282 -113.12 -11.32 17.39
CA LEU S 282 -112.02 -12.05 18.00
C LEU S 282 -112.18 -13.57 17.87
N ARG S 283 -113.35 -14.08 18.25
CA ARG S 283 -113.67 -15.50 18.10
C ARG S 283 -113.57 -15.91 16.63
N GLN S 284 -113.63 -14.90 15.75
CA GLN S 284 -113.41 -15.07 14.32
C GLN S 284 -111.97 -15.52 14.07
N VAL S 285 -111.04 -14.93 14.82
CA VAL S 285 -109.62 -15.23 14.73
C VAL S 285 -109.32 -16.62 15.31
N GLU S 286 -110.00 -16.97 16.39
CA GLU S 286 -109.87 -18.29 16.97
C GLU S 286 -110.39 -19.34 15.98
N GLU S 287 -111.55 -19.05 15.38
CA GLU S 287 -112.15 -19.93 14.37
C GLU S 287 -111.49 -19.76 12.99
N THR S 288 -110.20 -19.39 13.00
CA THR S 288 -109.37 -19.35 11.80
C THR S 288 -108.43 -20.55 11.80
N GLY S 289 -107.97 -20.92 13.00
CA GLY S 289 -106.97 -21.96 13.17
C GLY S 289 -105.63 -21.36 13.53
N ALA S 290 -105.62 -20.04 13.65
CA ALA S 290 -104.40 -19.27 13.88
C ALA S 290 -103.87 -19.45 15.29
N ASN S 291 -102.60 -19.11 15.48
CA ASN S 291 -101.94 -19.12 16.79
C ASN S 291 -100.94 -17.96 16.98
N ILE S 292 -100.78 -17.13 15.94
CA ILE S 292 -99.97 -15.91 15.98
C ILE S 292 -100.67 -14.81 15.14
N VAL S 293 -101.05 -13.73 15.80
CA VAL S 293 -101.88 -12.69 15.17
C VAL S 293 -101.14 -11.35 15.03
N LEU S 294 -100.98 -10.91 13.78
CA LEU S 294 -100.25 -9.66 13.47
C LEU S 294 -101.12 -8.68 12.69
N SER S 295 -101.13 -7.41 13.12
CA SER S 295 -101.96 -6.39 12.47
C SER S 295 -101.25 -5.05 12.31
N LYS S 296 -101.55 -4.37 11.19
CA LYS S 296 -100.99 -3.04 10.91
C LYS S 296 -101.48 -1.97 11.89
N LEU S 297 -102.67 -2.20 12.46
CA LEU S 297 -103.23 -1.32 13.50
C LEU S 297 -103.12 -1.99 14.89
N PRO S 298 -103.52 -1.27 15.96
CA PRO S 298 -103.35 -1.75 17.33
C PRO S 298 -104.15 -2.98 17.73
N ILE S 299 -103.57 -3.77 18.65
CA ILE S 299 -104.28 -4.82 19.39
C ILE S 299 -104.36 -4.36 20.85
N GLY S 300 -105.57 -4.06 21.32
CA GLY S 300 -105.78 -3.46 22.65
C GLY S 300 -105.56 -4.36 23.84
N ASP S 301 -105.76 -3.79 25.04
CA ASP S 301 -105.55 -4.53 26.29
C ASP S 301 -106.55 -5.66 26.46
N LEU S 302 -107.79 -5.42 26.05
CA LEU S 302 -108.90 -6.34 26.25
C LEU S 302 -109.03 -7.34 25.11
N ALA S 303 -108.31 -7.06 24.03
CA ALA S 303 -108.18 -8.00 22.93
C ALA S 303 -107.10 -9.02 23.26
N THR S 304 -105.94 -8.52 23.71
CA THR S 304 -104.80 -9.34 24.07
C THR S 304 -105.18 -10.41 25.10
N GLN S 305 -106.13 -10.09 25.96
CA GLN S 305 -106.61 -11.00 27.00
C GLN S 305 -107.05 -12.34 26.42
N PHE S 306 -107.91 -12.28 25.41
CA PHE S 306 -108.50 -13.49 24.83
C PHE S 306 -107.47 -14.38 24.15
N PHE S 307 -106.44 -13.77 23.56
CA PHE S 307 -105.35 -14.53 22.96
C PHE S 307 -104.44 -15.12 24.03
N ALA S 308 -104.29 -14.36 25.13
CA ALA S 308 -103.48 -14.77 26.28
C ALA S 308 -104.01 -16.04 26.91
N ASP S 309 -105.34 -16.15 27.00
CA ASP S 309 -105.99 -17.33 27.57
C ASP S 309 -106.11 -18.45 26.56
N ARG S 310 -106.53 -18.11 25.34
CA ARG S 310 -106.67 -19.10 24.26
C ARG S 310 -105.32 -19.51 23.67
N ASN S 311 -104.25 -19.24 24.41
CA ASN S 311 -102.89 -19.66 24.08
C ASN S 311 -102.42 -19.21 22.69
N ILE S 312 -102.83 -18.01 22.31
CA ILE S 312 -102.50 -17.44 21.01
C ILE S 312 -101.64 -16.19 21.21
N PHE S 313 -100.59 -16.07 20.42
CA PHE S 313 -99.72 -14.90 20.44
C PHE S 313 -100.32 -13.79 19.60
N CYS S 314 -100.10 -12.55 20.01
CA CYS S 314 -100.57 -11.38 19.26
C CYS S 314 -99.56 -10.23 19.29
N ALA S 315 -99.58 -9.40 18.25
CA ALA S 315 -98.72 -8.21 18.16
C ALA S 315 -99.35 -7.10 17.32
N GLY S 316 -99.47 -5.91 17.90
CA GLY S 316 -100.15 -4.78 17.26
C GLY S 316 -99.28 -3.58 16.95
N ARG S 317 -99.81 -2.69 16.10
CA ARG S 317 -99.11 -1.51 15.58
C ARG S 317 -97.84 -1.91 14.82
N VAL S 318 -97.92 -3.01 14.08
CA VAL S 318 -96.77 -3.54 13.37
C VAL S 318 -96.36 -2.59 12.26
N SER S 319 -95.04 -2.43 12.11
CA SER S 319 -94.46 -1.60 11.05
C SER S 319 -95.09 -1.88 9.69
N ALA S 320 -95.41 -0.81 8.97
CA ALA S 320 -96.08 -0.88 7.67
C ALA S 320 -95.32 -1.77 6.68
N ASP S 321 -94.02 -1.53 6.56
CA ASP S 321 -93.15 -2.25 5.65
C ASP S 321 -92.93 -3.68 6.10
N ASP S 322 -93.01 -3.91 7.41
CA ASP S 322 -92.79 -5.23 7.99
C ASP S 322 -93.94 -6.18 7.74
N MET S 323 -95.16 -5.63 7.64
CA MET S 323 -96.34 -6.44 7.30
C MET S 323 -96.29 -6.95 5.87
N ASN S 324 -95.67 -6.17 4.99
CA ASN S 324 -95.43 -6.61 3.62
C ASN S 324 -94.21 -7.52 3.52
N ARG S 325 -93.33 -7.42 4.52
CA ARG S 325 -92.18 -8.31 4.64
C ARG S 325 -92.59 -9.67 5.19
N VAL S 326 -93.63 -9.70 6.03
CA VAL S 326 -94.13 -10.97 6.59
C VAL S 326 -94.81 -11.84 5.54
N ILE S 327 -95.87 -11.32 4.93
CA ILE S 327 -96.66 -12.06 3.91
C ILE S 327 -95.80 -12.64 2.79
N GLN S 328 -94.71 -11.95 2.46
CA GLN S 328 -93.79 -12.38 1.42
C GLN S 328 -92.87 -13.51 1.87
N ALA S 329 -92.69 -13.63 3.18
CA ALA S 329 -91.88 -14.73 3.73
C ALA S 329 -92.75 -15.81 4.38
N VAL S 330 -93.99 -15.45 4.72
CA VAL S 330 -94.90 -16.37 5.41
C VAL S 330 -95.92 -16.97 4.44
N GLY S 331 -96.09 -16.34 3.28
CA GLY S 331 -96.98 -16.83 2.22
C GLY S 331 -98.46 -16.53 2.45
N GLY S 332 -98.74 -15.64 3.40
CA GLY S 332 -100.11 -15.27 3.75
C GLY S 332 -100.67 -14.15 2.90
N SER S 333 -101.73 -13.52 3.41
CA SER S 333 -102.35 -12.36 2.75
C SER S 333 -103.00 -11.44 3.76
N ILE S 334 -102.63 -10.17 3.72
CA ILE S 334 -103.19 -9.14 4.59
C ILE S 334 -104.69 -8.99 4.34
N GLN S 335 -105.48 -9.16 5.41
CA GLN S 335 -106.93 -8.99 5.36
C GLN S 335 -107.34 -7.78 6.19
N SER S 336 -108.29 -6.99 5.67
CA SER S 336 -108.77 -5.79 6.35
C SER S 336 -110.03 -6.03 7.14
N THR S 337 -110.47 -7.29 7.18
CA THR S 337 -111.61 -7.68 8.00
C THR S 337 -111.53 -9.13 8.43
N THR S 338 -111.98 -9.38 9.65
CA THR S 338 -112.01 -10.71 10.24
C THR S 338 -113.17 -11.54 9.71
N SER S 339 -114.30 -10.88 9.43
CA SER S 339 -115.55 -11.56 9.10
C SER S 339 -115.64 -12.15 7.67
N ASP S 340 -114.48 -12.41 7.06
CA ASP S 340 -114.41 -12.91 5.69
C ASP S 340 -113.39 -14.03 5.54
N ILE S 341 -112.40 -14.03 6.43
CA ILE S 341 -111.18 -14.82 6.28
C ILE S 341 -111.38 -16.33 6.10
N LYS S 342 -110.96 -16.80 4.93
CA LYS S 342 -110.86 -18.22 4.62
C LYS S 342 -109.44 -18.69 4.91
N PRO S 343 -109.26 -19.96 5.34
CA PRO S 343 -107.93 -20.51 5.64
C PRO S 343 -106.96 -20.57 4.45
N GLU S 344 -107.24 -19.79 3.40
CA GLU S 344 -106.33 -19.62 2.27
C GLU S 344 -105.48 -18.34 2.40
N HIS S 345 -105.47 -17.74 3.60
CA HIS S 345 -104.80 -16.47 3.83
C HIS S 345 -103.69 -16.51 4.89
N LEU S 346 -103.56 -17.64 5.58
CA LEU S 346 -102.64 -17.75 6.73
C LEU S 346 -101.18 -17.97 6.33
N GLY S 347 -100.28 -17.98 7.31
CA GLY S 347 -98.84 -18.18 7.06
C GLY S 347 -98.19 -19.25 7.93
N THR S 348 -97.02 -19.74 7.50
CA THR S 348 -96.28 -20.78 8.22
C THR S 348 -94.78 -20.50 8.33
N CYS S 349 -94.13 -21.14 9.31
CA CYS S 349 -92.68 -21.10 9.47
C CYS S 349 -92.18 -22.32 10.25
N ALA S 350 -90.85 -22.43 10.36
CA ALA S 350 -90.22 -23.54 11.08
C ALA S 350 -90.16 -23.28 12.58
N LEU S 351 -89.92 -22.02 12.96
CA LEU S 351 -89.82 -21.64 14.36
C LEU S 351 -90.09 -20.14 14.56
N PHE S 352 -91.04 -19.85 15.44
CA PHE S 352 -91.31 -18.49 15.91
C PHE S 352 -90.88 -18.38 17.38
N GLU S 353 -89.95 -17.47 17.66
CA GLU S 353 -89.53 -17.19 19.05
C GLU S 353 -89.17 -15.72 19.26
N GLU S 354 -89.41 -15.22 20.46
CA GLU S 354 -88.97 -13.87 20.84
C GLU S 354 -87.61 -13.94 21.53
N MET S 355 -86.56 -14.15 20.73
CA MET S 355 -85.19 -14.25 21.24
C MET S 355 -84.67 -12.87 21.58
N GLN S 356 -84.35 -12.64 22.85
CA GLN S 356 -83.87 -11.34 23.28
C GLN S 356 -82.43 -11.12 22.84
N ILE S 357 -82.23 -10.07 22.04
CA ILE S 357 -80.93 -9.73 21.46
C ILE S 357 -80.58 -8.27 21.77
N GLY S 358 -79.54 -8.06 22.56
CA GLY S 358 -79.05 -6.72 22.91
C GLY S 358 -79.98 -5.97 23.86
N SER S 359 -80.54 -6.71 24.81
CA SER S 359 -81.54 -6.20 25.77
C SER S 359 -82.69 -5.42 25.11
N GLU S 360 -83.12 -5.90 23.96
CA GLU S 360 -84.34 -5.45 23.30
C GLU S 360 -85.00 -6.67 22.67
N ARG S 361 -86.31 -6.83 22.90
CA ARG S 361 -87.06 -8.03 22.48
C ARG S 361 -87.39 -8.05 20.98
N TYR S 362 -86.88 -9.07 20.29
CA TYR S 362 -87.11 -9.24 18.85
C TYR S 362 -88.00 -10.43 18.52
N ASN S 363 -89.02 -10.19 17.70
CA ASN S 363 -89.89 -11.26 17.24
C ASN S 363 -89.37 -11.89 15.95
N LEU S 364 -88.78 -13.08 16.09
CA LEU S 364 -88.20 -13.81 14.97
C LEU S 364 -89.05 -15.02 14.58
N PHE S 365 -89.65 -14.95 13.40
CA PHE S 365 -90.29 -16.12 12.78
C PHE S 365 -89.57 -16.44 11.47
N GLN S 366 -88.89 -17.59 11.48
CA GLN S 366 -87.88 -17.92 10.49
C GLN S 366 -87.99 -19.36 10.00
N GLY S 367 -87.10 -19.72 9.07
CA GLY S 367 -87.08 -21.02 8.44
C GLY S 367 -88.32 -21.20 7.58
N CYS S 368 -88.40 -20.42 6.50
CA CYS S 368 -89.55 -20.45 5.60
C CYS S 368 -89.20 -21.06 4.24
N PRO S 369 -89.65 -22.32 4.00
CA PRO S 369 -89.32 -23.11 2.82
C PRO S 369 -89.23 -22.30 1.52
N GLN S 370 -90.38 -21.82 1.03
CA GLN S 370 -90.41 -21.01 -0.17
C GLN S 370 -90.76 -19.56 0.18
N ALA S 371 -89.73 -18.72 0.30
CA ALA S 371 -89.90 -17.32 0.67
C ALA S 371 -89.20 -16.40 -0.32
N LYS S 372 -89.91 -15.37 -0.76
CA LYS S 372 -89.39 -14.37 -1.71
C LYS S 372 -88.97 -13.10 -0.97
N THR S 373 -88.56 -13.29 0.29
CA THR S 373 -88.11 -12.22 1.19
C THR S 373 -87.24 -12.81 2.32
N CYS S 374 -86.34 -12.00 2.85
CA CYS S 374 -85.64 -12.34 4.09
C CYS S 374 -85.55 -11.09 4.96
N THR S 375 -84.90 -11.22 6.11
CA THR S 375 -84.59 -10.08 6.97
C THR S 375 -83.19 -10.22 7.57
N LEU S 376 -82.33 -9.26 7.26
CA LEU S 376 -81.03 -9.15 7.90
C LEU S 376 -81.17 -8.41 9.22
N LEU S 377 -80.47 -8.90 10.23
CA LEU S 377 -80.57 -8.39 11.59
C LEU S 377 -79.17 -8.09 12.13
N LEU S 378 -78.83 -6.81 12.19
CA LEU S 378 -77.45 -6.36 12.20
C LEU S 378 -76.94 -5.82 13.54
N ARG S 379 -75.79 -6.35 13.97
CA ARG S 379 -75.14 -5.94 15.22
C ARG S 379 -74.01 -4.94 14.93
N GLY S 380 -73.12 -4.74 15.92
CA GLY S 380 -72.00 -3.81 15.77
C GLY S 380 -71.64 -3.10 17.05
N GLY S 381 -70.35 -2.74 17.19
CA GLY S 381 -69.80 -2.11 18.40
C GLY S 381 -70.58 -0.92 18.95
N ALA S 382 -70.22 0.28 18.51
CA ALA S 382 -70.96 1.50 18.82
C ALA S 382 -72.10 1.72 17.82
N GLU S 383 -73.00 2.68 18.10
CA GLU S 383 -74.17 2.93 17.23
C GLU S 383 -73.85 3.69 15.92
N GLN S 384 -72.56 3.82 15.63
CA GLN S 384 -72.08 4.38 14.36
C GLN S 384 -71.37 3.37 13.44
N VAL S 385 -71.13 2.17 13.99
CA VAL S 385 -70.64 1.04 13.20
C VAL S 385 -71.84 0.42 12.45
N ILE S 386 -72.92 0.17 13.19
CA ILE S 386 -74.17 -0.39 12.66
C ILE S 386 -74.68 0.41 11.46
N ALA S 387 -74.22 1.65 11.33
CA ALA S 387 -74.55 2.50 10.20
C ALA S 387 -73.58 2.32 9.03
N GLU S 388 -72.31 2.04 9.33
CA GLU S 388 -71.28 1.81 8.31
C GLU S 388 -71.27 0.35 7.83
N VAL S 389 -72.00 -0.52 8.52
CA VAL S 389 -72.21 -1.90 8.09
C VAL S 389 -73.44 -1.97 7.17
N GLU S 390 -74.52 -1.27 7.56
CA GLU S 390 -75.74 -1.21 6.75
C GLU S 390 -75.46 -0.67 5.35
N ARG S 391 -74.72 0.44 5.30
CA ARG S 391 -74.33 1.08 4.03
C ARG S 391 -73.25 0.30 3.30
N SER S 392 -72.45 -0.46 4.07
CA SER S 392 -71.38 -1.31 3.52
C SER S 392 -71.97 -2.58 2.89
N LEU S 393 -73.09 -3.02 3.43
CA LEU S 393 -73.79 -4.20 2.93
C LEU S 393 -74.67 -3.85 1.74
N HIS S 394 -75.28 -2.67 1.77
CA HIS S 394 -76.06 -2.19 0.62
C HIS S 394 -75.17 -2.02 -0.62
N ASP S 395 -73.86 -1.88 -0.40
CA ASP S 395 -72.88 -1.78 -1.49
C ASP S 395 -72.55 -3.16 -2.09
N ALA S 396 -72.54 -4.19 -1.25
CA ALA S 396 -72.29 -5.56 -1.72
C ALA S 396 -73.53 -6.12 -2.40
N ILE S 397 -74.66 -6.11 -1.68
CA ILE S 397 -75.95 -6.61 -2.17
C ILE S 397 -76.25 -6.12 -3.59
N MET S 398 -76.08 -4.82 -3.82
CA MET S 398 -76.42 -4.24 -5.12
C MET S 398 -75.41 -4.57 -6.23
N ILE S 399 -74.18 -4.93 -5.84
CA ILE S 399 -73.23 -5.53 -6.80
C ILE S 399 -73.62 -6.97 -7.11
N VAL S 400 -74.07 -7.69 -6.08
CA VAL S 400 -74.60 -9.05 -6.25
C VAL S 400 -75.84 -9.02 -7.15
N LYS S 401 -76.73 -8.05 -6.93
CA LYS S 401 -77.95 -7.90 -7.75
C LYS S 401 -77.61 -7.59 -9.21
N ARG S 402 -76.53 -6.85 -9.42
CA ARG S 402 -76.07 -6.48 -10.76
C ARG S 402 -75.19 -7.56 -11.40
N ALA S 403 -74.93 -8.63 -10.65
CA ALA S 403 -74.17 -9.79 -11.12
C ALA S 403 -75.08 -10.91 -11.64
N LEU S 404 -76.35 -10.89 -11.23
CA LEU S 404 -77.38 -11.81 -11.73
C LEU S 404 -78.06 -11.19 -12.95
N GLN S 405 -78.26 -9.88 -12.88
CA GLN S 405 -78.82 -9.06 -13.95
C GLN S 405 -77.98 -9.18 -15.22
N ASN S 406 -76.66 -9.09 -15.05
CA ASN S 406 -75.68 -9.37 -16.11
C ASN S 406 -74.66 -10.39 -15.61
N LYS S 407 -74.69 -11.60 -16.18
CA LYS S 407 -73.64 -12.60 -15.92
C LYS S 407 -72.40 -12.20 -16.71
N LEU S 408 -71.95 -10.97 -16.46
CA LEU S 408 -70.96 -10.27 -17.28
C LEU S 408 -70.03 -9.49 -16.35
N ILE S 409 -68.71 -9.67 -16.54
CA ILE S 409 -67.74 -9.18 -15.56
C ILE S 409 -66.40 -8.64 -16.12
N VAL S 410 -65.87 -7.64 -15.42
CA VAL S 410 -64.60 -6.96 -15.76
C VAL S 410 -63.58 -7.09 -14.61
N ALA S 411 -62.29 -7.00 -14.96
CA ALA S 411 -61.20 -7.14 -13.98
C ALA S 411 -60.97 -5.87 -13.17
N GLY S 412 -60.93 -6.02 -11.84
CA GLY S 412 -60.73 -4.88 -10.95
C GLY S 412 -59.28 -4.52 -10.71
N GLY S 413 -59.04 -3.78 -9.63
CA GLY S 413 -57.69 -3.36 -9.23
C GLY S 413 -57.03 -2.36 -10.17
N GLY S 414 -57.84 -1.71 -11.00
CA GLY S 414 -57.33 -0.79 -12.01
C GLY S 414 -57.13 -1.42 -13.37
N ALA S 415 -57.04 -2.75 -13.40
CA ALA S 415 -56.83 -3.52 -14.63
C ALA S 415 -57.70 -3.02 -15.78
N THR S 416 -59.01 -2.95 -15.54
CA THR S 416 -59.99 -2.47 -16.53
C THR S 416 -59.58 -1.12 -17.10
N GLU S 417 -59.40 -0.15 -16.21
CA GLU S 417 -59.05 1.22 -16.63
C GLU S 417 -57.73 1.31 -17.38
N MET S 418 -56.78 0.45 -17.03
CA MET S 418 -55.46 0.44 -17.66
C MET S 418 -55.45 -0.06 -19.09
N GLU S 419 -56.40 -0.93 -19.42
CA GLU S 419 -56.58 -1.42 -20.80
C GLU S 419 -57.39 -0.43 -21.62
N VAL S 420 -58.43 0.15 -21.01
CA VAL S 420 -59.23 1.20 -21.63
C VAL S 420 -58.36 2.42 -21.91
N SER S 421 -57.40 2.67 -21.03
CA SER S 421 -56.38 3.69 -21.26
C SER S 421 -55.48 3.38 -22.46
N LYS S 422 -55.15 2.10 -22.63
CA LYS S 422 -54.36 1.67 -23.79
C LYS S 422 -55.17 1.76 -25.07
N CYS S 423 -56.46 1.44 -24.97
CA CYS S 423 -57.41 1.58 -26.08
C CYS S 423 -57.39 2.99 -26.64
N LEU S 424 -57.58 3.97 -25.76
CA LEU S 424 -57.59 5.36 -26.16
C LEU S 424 -56.18 5.85 -26.51
N ARG S 425 -55.15 5.24 -25.93
CA ARG S 425 -53.75 5.58 -26.24
C ARG S 425 -53.37 5.14 -27.64
N ASP S 426 -53.87 3.99 -28.06
CA ASP S 426 -53.59 3.46 -29.40
C ASP S 426 -54.42 4.17 -30.46
N TYR S 427 -55.66 4.50 -30.11
CA TYR S 427 -56.58 5.20 -31.02
C TYR S 427 -56.08 6.61 -31.35
N SER S 428 -55.17 7.12 -30.51
CA SER S 428 -54.53 8.42 -30.72
C SER S 428 -53.71 8.45 -32.02
N LYS S 429 -53.06 7.32 -32.32
CA LYS S 429 -52.24 7.19 -33.52
C LYS S 429 -53.03 7.46 -34.80
N THR S 430 -54.18 6.79 -34.93
CA THR S 430 -55.04 6.91 -36.12
C THR S 430 -55.68 8.29 -36.31
N ILE S 431 -56.00 8.96 -35.21
CA ILE S 431 -56.63 10.30 -35.25
C ILE S 431 -55.62 11.37 -35.65
N ALA S 432 -54.71 11.71 -34.72
CA ALA S 432 -53.70 12.78 -34.88
C ALA S 432 -54.28 14.21 -34.94
N GLY S 433 -53.57 15.15 -34.30
CA GLY S 433 -53.98 16.55 -34.30
C GLY S 433 -54.30 17.11 -32.91
N LYS S 434 -55.20 18.09 -32.87
CA LYS S 434 -55.60 18.73 -31.62
C LYS S 434 -56.57 17.87 -30.82
N GLN S 435 -57.39 17.07 -31.50
CA GLN S 435 -58.33 16.17 -30.84
C GLN S 435 -57.64 14.91 -30.27
N GLN S 436 -56.53 14.51 -30.90
CA GLN S 436 -55.73 13.39 -30.41
C GLN S 436 -55.28 13.60 -28.96
N MET S 437 -54.75 14.79 -28.69
CA MET S 437 -54.26 15.15 -27.36
C MET S 437 -55.37 15.11 -26.30
N ILE S 438 -56.60 15.42 -26.70
CA ILE S 438 -57.76 15.35 -25.80
C ILE S 438 -58.04 13.90 -25.41
N ILE S 439 -58.04 13.02 -26.41
CA ILE S 439 -58.23 11.59 -26.22
C ILE S 439 -57.04 11.00 -25.43
N ASN S 440 -55.84 11.49 -25.72
CA ASN S 440 -54.64 11.16 -24.93
C ASN S 440 -54.75 11.62 -23.48
N ALA S 441 -55.39 12.77 -23.27
CA ALA S 441 -55.63 13.29 -21.93
C ALA S 441 -56.59 12.40 -21.16
N PHE S 442 -57.70 12.03 -21.79
CA PHE S 442 -58.70 11.14 -21.20
C PHE S 442 -58.11 9.79 -20.79
N ALA S 443 -57.26 9.25 -21.64
CA ALA S 443 -56.58 7.97 -21.39
C ALA S 443 -55.61 8.11 -20.23
N LYS S 444 -54.89 9.23 -20.20
CA LYS S 444 -53.94 9.52 -19.14
C LYS S 444 -54.65 9.78 -17.81
N ALA S 445 -55.86 10.37 -17.89
CA ALA S 445 -56.67 10.68 -16.70
C ALA S 445 -57.30 9.42 -16.10
N LEU S 446 -57.49 8.41 -16.94
CA LEU S 446 -57.95 7.09 -16.51
C LEU S 446 -56.91 6.36 -15.67
N GLU S 447 -55.67 6.84 -15.71
CA GLU S 447 -54.57 6.23 -14.97
C GLU S 447 -54.55 6.64 -13.49
N VAL S 448 -55.59 7.32 -13.03
CA VAL S 448 -55.66 7.80 -11.64
C VAL S 448 -56.11 6.74 -10.64
N ILE S 449 -57.08 5.91 -11.04
CA ILE S 449 -57.60 4.84 -10.18
C ILE S 449 -56.50 3.89 -9.65
N PRO S 450 -55.59 3.41 -10.52
CA PRO S 450 -54.47 2.62 -10.00
C PRO S 450 -53.49 3.46 -9.18
N ARG S 451 -53.15 4.64 -9.71
CA ARG S 451 -52.24 5.57 -9.04
C ARG S 451 -52.67 5.82 -7.61
N GLN S 452 -53.98 5.94 -7.39
CA GLN S 452 -54.52 6.25 -6.07
C GLN S 452 -54.60 5.04 -5.14
N LEU S 453 -54.79 3.84 -5.70
CA LEU S 453 -54.76 2.62 -4.89
C LEU S 453 -53.37 2.37 -4.34
N CYS S 454 -52.38 2.93 -5.03
CA CYS S 454 -50.97 2.83 -4.64
C CYS S 454 -50.56 3.92 -3.64
N GLU S 455 -50.91 5.17 -3.93
CA GLU S 455 -50.59 6.31 -3.05
C GLU S 455 -51.29 6.16 -1.68
N ASN S 456 -52.51 5.63 -1.70
CA ASN S 456 -53.25 5.30 -0.47
C ASN S 456 -52.54 4.23 0.36
N ALA S 457 -52.15 3.13 -0.27
CA ALA S 457 -51.50 2.00 0.39
C ALA S 457 -50.00 2.23 0.62
N GLY S 458 -49.48 3.32 0.07
CA GLY S 458 -48.09 3.69 0.25
C GLY S 458 -47.10 2.87 -0.54
N PHE S 459 -47.52 2.41 -1.72
CA PHE S 459 -46.59 1.75 -2.65
C PHE S 459 -45.83 2.80 -3.46
N ASP S 460 -44.97 2.33 -4.36
CA ASP S 460 -44.28 3.19 -5.30
C ASP S 460 -45.21 3.43 -6.49
N ALA S 461 -45.98 4.51 -6.41
CA ALA S 461 -47.02 4.84 -7.39
C ALA S 461 -46.50 4.96 -8.82
N ILE S 462 -45.24 5.38 -8.97
CA ILE S 462 -44.66 5.58 -10.30
C ILE S 462 -43.92 4.34 -10.82
N GLU S 463 -43.37 3.53 -9.93
CA GLU S 463 -42.73 2.27 -10.34
C GLU S 463 -43.75 1.19 -10.72
N ILE S 464 -44.91 1.21 -10.05
CA ILE S 464 -45.99 0.27 -10.33
C ILE S 464 -46.65 0.60 -11.68
N LEU S 465 -47.07 1.85 -11.84
CA LEU S 465 -47.69 2.30 -13.08
C LEU S 465 -46.79 2.10 -14.31
N ASN S 466 -45.50 2.37 -14.13
CA ASN S 466 -44.50 2.24 -15.19
C ASN S 466 -44.24 0.78 -15.57
N LYS S 467 -44.29 -0.11 -14.58
CA LYS S 467 -44.11 -1.53 -14.79
C LYS S 467 -45.41 -2.19 -15.24
N LEU S 468 -46.53 -1.48 -15.06
CA LEU S 468 -47.84 -1.97 -15.46
C LEU S 468 -48.16 -1.61 -16.92
N ARG S 469 -47.91 -0.36 -17.29
CA ARG S 469 -48.16 0.13 -18.66
C ARG S 469 -47.41 -0.65 -19.73
N LEU S 470 -46.19 -1.07 -19.40
CA LEU S 470 -45.37 -1.89 -20.28
C LEU S 470 -45.92 -3.31 -20.36
N ALA S 471 -46.23 -3.88 -19.19
CA ALA S 471 -46.70 -5.26 -19.09
C ALA S 471 -48.18 -5.41 -19.50
N HIS S 472 -48.83 -4.31 -19.85
CA HIS S 472 -50.22 -4.33 -20.28
C HIS S 472 -50.29 -4.35 -21.80
N SER S 473 -49.16 -4.04 -22.43
CA SER S 473 -49.04 -4.04 -23.89
C SER S 473 -48.64 -5.41 -24.42
N LYS S 474 -48.04 -6.23 -23.56
CA LYS S 474 -47.66 -7.59 -23.93
C LYS S 474 -48.47 -8.63 -23.15
N GLY S 475 -48.83 -8.29 -21.90
CA GLY S 475 -49.52 -9.22 -20.99
C GLY S 475 -51.03 -9.07 -20.93
N GLU S 476 -51.58 -8.36 -21.90
CA GLU S 476 -53.03 -8.23 -22.11
C GLU S 476 -53.82 -7.59 -20.96
N LYS S 477 -55.15 -7.65 -21.09
CA LYS S 477 -56.10 -6.82 -20.36
C LYS S 477 -56.13 -6.94 -18.84
N TRP S 478 -56.16 -8.16 -18.33
CA TRP S 478 -56.54 -8.37 -16.94
C TRP S 478 -55.42 -8.20 -15.90
N TYR S 479 -54.42 -7.37 -16.22
CA TYR S 479 -53.33 -7.06 -15.31
C TYR S 479 -53.57 -5.79 -14.50
N GLY S 480 -53.64 -5.94 -13.18
CA GLY S 480 -53.86 -4.82 -12.29
C GLY S 480 -52.99 -4.84 -11.04
N VAL S 481 -53.36 -4.00 -10.07
CA VAL S 481 -52.65 -3.89 -8.80
C VAL S 481 -53.13 -4.95 -7.83
N VAL S 482 -52.26 -5.90 -7.49
CA VAL S 482 -52.55 -6.91 -6.49
C VAL S 482 -51.90 -6.52 -5.16
N PHE S 483 -52.75 -6.05 -4.24
CA PHE S 483 -52.33 -5.51 -2.94
C PHE S 483 -51.55 -6.52 -2.08
N GLU S 484 -51.73 -7.81 -2.36
CA GLU S 484 -51.19 -8.88 -1.52
C GLU S 484 -49.68 -9.10 -1.64
N THR S 485 -49.08 -8.58 -2.72
CA THR S 485 -47.64 -8.76 -2.95
C THR S 485 -46.93 -7.43 -3.22
N GLU S 486 -47.69 -6.34 -3.17
CA GLU S 486 -47.19 -5.00 -3.49
C GLU S 486 -46.58 -4.95 -4.89
N ASN S 487 -47.28 -5.55 -5.85
CA ASN S 487 -46.83 -5.61 -7.25
C ASN S 487 -47.95 -5.93 -8.25
N ILE S 488 -47.60 -5.91 -9.54
CA ILE S 488 -48.51 -6.16 -10.66
C ILE S 488 -48.96 -7.63 -10.69
N GLY S 489 -50.12 -7.88 -11.31
CA GLY S 489 -50.61 -9.26 -11.49
C GLY S 489 -51.96 -9.39 -12.19
N ASP S 490 -52.20 -10.57 -12.75
CA ASP S 490 -53.48 -10.89 -13.39
C ASP S 490 -54.57 -11.00 -12.33
N ASN S 491 -55.67 -10.28 -12.53
CA ASN S 491 -56.75 -10.23 -11.55
C ASN S 491 -57.89 -11.23 -11.79
N PHE S 492 -57.75 -12.08 -12.80
CA PHE S 492 -58.62 -13.25 -12.98
C PHE S 492 -58.25 -14.27 -11.90
N ALA S 493 -57.00 -14.71 -11.91
CA ALA S 493 -56.49 -15.68 -10.95
C ALA S 493 -56.48 -15.09 -9.54
N LYS S 494 -56.21 -13.79 -9.45
CA LYS S 494 -56.25 -13.08 -8.17
C LYS S 494 -57.69 -12.87 -7.69
N PHE S 495 -58.66 -13.16 -8.56
CA PHE S 495 -60.10 -13.12 -8.24
C PHE S 495 -60.67 -11.74 -7.89
N VAL S 496 -60.07 -10.68 -8.44
CA VAL S 496 -60.57 -9.30 -8.25
C VAL S 496 -61.62 -9.02 -9.32
N TRP S 497 -62.89 -9.15 -8.94
CA TRP S 497 -64.02 -9.14 -9.88
C TRP S 497 -65.06 -8.05 -9.57
N GLU S 498 -65.54 -7.39 -10.61
CA GLU S 498 -66.58 -6.37 -10.47
C GLU S 498 -67.46 -6.27 -11.72
N PRO S 499 -68.78 -6.07 -11.53
CA PRO S 499 -69.77 -6.15 -12.60
C PRO S 499 -69.52 -5.19 -13.75
N ALA S 500 -70.15 -5.48 -14.90
CA ALA S 500 -69.99 -4.67 -16.10
C ALA S 500 -70.47 -3.23 -15.89
N LEU S 501 -71.66 -3.08 -15.29
CA LEU S 501 -72.37 -1.79 -15.18
C LEU S 501 -71.59 -0.71 -14.47
N VAL S 502 -70.77 -1.10 -13.50
CA VAL S 502 -70.04 -0.16 -12.64
C VAL S 502 -69.15 0.78 -13.43
N LYS S 503 -68.21 0.20 -14.19
CA LYS S 503 -67.20 0.97 -14.91
C LYS S 503 -67.75 1.75 -16.08
N ILE S 504 -68.77 1.20 -16.74
CA ILE S 504 -69.42 1.88 -17.86
C ILE S 504 -70.18 3.10 -17.35
N ASN S 505 -71.08 2.89 -16.40
CA ASN S 505 -71.81 4.00 -15.78
C ASN S 505 -70.86 4.99 -15.13
N ALA S 506 -69.74 4.50 -14.62
CA ALA S 506 -68.70 5.37 -14.05
C ALA S 506 -68.22 6.38 -15.10
N LEU S 507 -67.76 5.87 -16.24
CA LEU S 507 -67.21 6.71 -17.30
C LEU S 507 -68.24 7.62 -17.96
N ASN S 508 -69.43 7.08 -18.22
CA ASN S 508 -70.53 7.84 -18.82
C ASN S 508 -71.00 9.00 -17.94
N SER S 509 -70.97 8.78 -16.63
CA SER S 509 -71.31 9.83 -15.67
C SER S 509 -70.19 10.86 -15.58
N ALA S 510 -68.95 10.37 -15.42
CA ALA S 510 -67.77 11.23 -15.26
C ALA S 510 -67.61 12.26 -16.38
N THR S 511 -67.97 11.87 -17.60
CA THR S 511 -67.94 12.79 -18.74
C THR S 511 -69.08 13.78 -18.69
N GLU S 512 -70.29 13.30 -18.38
CA GLU S 512 -71.46 14.17 -18.22
C GLU S 512 -71.14 15.38 -17.35
N ALA S 513 -70.51 15.13 -16.20
CA ALA S 513 -70.03 16.19 -15.34
C ALA S 513 -69.00 17.02 -16.09
N THR S 514 -67.88 16.39 -16.45
CA THR S 514 -66.76 17.07 -17.10
C THR S 514 -67.21 17.95 -18.26
N ASN S 515 -68.11 17.42 -19.08
CA ASN S 515 -68.61 18.16 -20.24
C ASN S 515 -69.57 19.29 -19.86
N LEU S 516 -70.37 19.05 -18.82
CA LEU S 516 -71.34 20.04 -18.36
C LEU S 516 -70.64 21.28 -17.80
N ILE S 517 -69.56 21.06 -17.04
CA ILE S 517 -68.81 22.14 -16.40
C ILE S 517 -68.05 22.97 -17.43
N LEU S 518 -67.44 22.27 -18.41
CA LEU S 518 -66.73 22.94 -19.50
C LEU S 518 -67.66 23.75 -20.42
N SER S 519 -68.97 23.49 -20.33
CA SER S 519 -69.97 24.24 -21.09
C SER S 519 -70.32 25.56 -20.41
N VAL S 520 -70.01 25.64 -19.12
CA VAL S 520 -70.31 26.80 -18.30
C VAL S 520 -69.25 27.90 -18.49
N ASP S 521 -69.70 29.10 -18.86
CA ASP S 521 -68.80 30.22 -19.11
C ASP S 521 -69.11 31.47 -18.27
N GLU S 522 -70.22 31.44 -17.54
CA GLU S 522 -70.69 32.59 -16.75
C GLU S 522 -71.60 32.15 -15.60
N THR S 523 -71.22 32.50 -14.38
CA THR S 523 -72.02 32.18 -13.21
C THR S 523 -72.70 33.43 -12.66
N ILE S 524 -74.02 33.41 -12.65
CA ILE S 524 -74.79 34.47 -12.02
C ILE S 524 -75.49 33.94 -10.77
N THR S 525 -75.34 34.65 -9.65
CA THR S 525 -75.95 34.26 -8.39
C THR S 525 -76.72 35.43 -7.80
N ASN S 526 -78.01 35.21 -7.48
CA ASN S 526 -78.87 36.26 -6.94
C ASN S 526 -78.91 36.30 -5.41
N LYS S 527 -79.38 37.41 -4.85
CA LYS S 527 -79.51 37.57 -3.40
C LYS S 527 -80.92 37.19 -2.93
N MET T 25 -56.09 35.01 -10.24
CA MET T 25 -56.25 33.55 -10.11
C MET T 25 -56.61 33.16 -8.67
N GLY T 26 -56.86 34.15 -7.82
CA GLY T 26 -57.28 33.88 -6.44
C GLY T 26 -58.70 34.38 -6.20
N ARG T 27 -59.62 33.45 -6.03
CA ARG T 27 -61.00 33.80 -5.72
C ARG T 27 -61.39 33.17 -4.37
N PRO T 28 -61.80 34.01 -3.40
CA PRO T 28 -62.37 33.51 -2.14
C PRO T 28 -63.68 32.77 -2.42
N PHE T 29 -63.70 31.48 -2.11
CA PHE T 29 -64.72 30.58 -2.66
C PHE T 29 -65.51 29.78 -1.63
N ILE T 30 -66.71 29.35 -2.02
CA ILE T 30 -67.59 28.62 -1.15
C ILE T 30 -67.79 27.20 -1.67
N ILE T 31 -66.93 26.28 -1.23
CA ILE T 31 -67.06 24.88 -1.59
C ILE T 31 -68.14 24.21 -0.76
N VAL T 32 -67.89 24.09 0.55
CA VAL T 32 -68.83 23.49 1.48
C VAL T 32 -69.68 24.59 2.16
N LYS T 33 -70.92 24.25 2.52
CA LYS T 33 -71.85 25.19 3.16
C LYS T 33 -71.42 25.58 4.56
N ASP T 34 -71.36 26.89 4.81
CA ASP T 34 -70.84 27.46 6.05
C ASP T 34 -69.40 26.97 6.27
N GLN T 35 -68.56 27.19 5.27
CA GLN T 35 -67.17 26.68 5.27
C GLN T 35 -66.31 27.28 6.38
N GLY T 36 -66.62 28.52 6.76
CA GLY T 36 -65.91 29.22 7.83
C GLY T 36 -66.02 28.54 9.18
N ASN T 37 -67.14 27.84 9.41
CA ASN T 37 -67.41 27.14 10.67
C ASN T 37 -67.08 25.65 10.66
N LYS T 38 -66.13 25.25 9.81
CA LYS T 38 -65.76 23.85 9.71
C LYS T 38 -64.26 23.58 9.86
N LYS T 39 -63.92 22.88 10.94
CA LYS T 39 -62.54 22.52 11.26
C LYS T 39 -62.18 21.13 10.74
N ARG T 40 -60.92 20.96 10.35
CA ARG T 40 -60.47 19.73 9.72
C ARG T 40 -59.19 19.13 10.33
N GLN T 41 -59.39 18.13 11.20
CA GLN T 41 -58.28 17.34 11.76
C GLN T 41 -57.74 16.38 10.69
N HIS T 42 -56.43 16.48 10.47
CA HIS T 42 -55.79 15.85 9.31
C HIS T 42 -54.67 14.88 9.69
N GLY T 43 -54.61 13.75 9.00
CA GLY T 43 -53.49 12.80 9.12
C GLY T 43 -53.04 12.42 10.52
N LEU T 44 -51.72 12.31 10.70
CA LEU T 44 -51.11 11.85 11.96
C LEU T 44 -51.48 12.69 13.16
N GLU T 45 -51.25 14.00 13.05
CA GLU T 45 -51.46 14.93 14.15
C GLU T 45 -52.92 14.92 14.63
N ALA T 46 -53.77 14.22 13.87
CA ALA T 46 -55.14 13.98 14.28
C ALA T 46 -55.23 12.69 15.07
N LYS T 47 -54.54 11.66 14.60
CA LYS T 47 -54.52 10.35 15.28
C LYS T 47 -53.97 10.44 16.71
N LYS T 48 -53.06 11.39 16.94
CA LYS T 48 -52.56 11.66 18.29
C LYS T 48 -53.66 12.28 19.17
N SER T 49 -54.43 13.19 18.59
CA SER T 49 -55.53 13.89 19.28
C SER T 49 -56.75 12.99 19.51
N HIS T 50 -56.73 11.82 18.90
CA HIS T 50 -57.80 10.85 19.03
C HIS T 50 -57.47 9.80 20.09
N ILE T 51 -56.27 9.21 19.98
CA ILE T 51 -55.79 8.21 20.93
C ILE T 51 -55.55 8.79 22.32
N LEU T 52 -55.02 10.01 22.38
CA LEU T 52 -54.78 10.70 23.66
C LEU T 52 -56.08 11.12 24.33
N ALA T 53 -57.11 11.33 23.52
CA ALA T 53 -58.44 11.59 24.03
C ALA T 53 -58.97 10.32 24.71
N ALA T 54 -58.86 9.20 23.99
CA ALA T 54 -59.23 7.88 24.51
C ALA T 54 -58.44 7.55 25.77
N ARG T 55 -57.16 7.92 25.75
CA ARG T 55 -56.25 7.79 26.89
C ARG T 55 -56.81 8.43 28.15
N SER T 56 -57.24 9.68 28.03
CA SER T 56 -57.74 10.45 29.16
C SER T 56 -59.06 9.89 29.67
N VAL T 57 -59.85 9.36 28.75
CA VAL T 57 -61.08 8.64 29.11
C VAL T 57 -60.74 7.45 29.98
N ALA T 58 -59.70 6.71 29.60
CA ALA T 58 -59.26 5.51 30.34
C ALA T 58 -58.69 5.81 31.71
N SER T 59 -57.99 6.93 31.86
CA SER T 59 -57.42 7.34 33.13
C SER T 59 -58.45 7.75 34.17
N ILE T 60 -59.62 8.20 33.72
CA ILE T 60 -60.74 8.51 34.62
C ILE T 60 -61.26 7.22 35.27
N ILE T 61 -61.33 6.13 34.48
CA ILE T 61 -61.99 4.88 34.91
C ILE T 61 -61.05 3.80 35.44
N LYS T 62 -59.79 3.79 34.99
CA LYS T 62 -58.83 2.75 35.37
C LYS T 62 -58.69 2.55 36.88
N THR T 63 -58.91 3.61 37.66
CA THR T 63 -58.87 3.54 39.13
C THR T 63 -60.16 2.97 39.72
N SER T 64 -61.09 2.61 38.84
CA SER T 64 -62.41 2.11 39.23
C SER T 64 -62.58 0.64 38.78
N LEU T 65 -61.46 -0.07 38.70
CA LEU T 65 -61.46 -1.47 38.25
C LEU T 65 -61.10 -2.43 39.39
N GLY T 66 -61.93 -3.44 39.57
CA GLY T 66 -61.61 -4.51 40.50
C GLY T 66 -62.29 -4.36 41.84
N PRO T 67 -62.04 -5.31 42.75
CA PRO T 67 -62.67 -5.34 44.07
C PRO T 67 -62.13 -4.23 44.95
N ARG T 68 -60.99 -3.67 44.56
CA ARG T 68 -60.36 -2.54 45.23
C ARG T 68 -60.72 -1.24 44.52
N GLY T 69 -61.70 -1.34 43.63
CA GLY T 69 -62.09 -0.25 42.72
C GLY T 69 -62.94 0.82 43.36
N LEU T 70 -62.62 2.07 43.04
CA LEU T 70 -63.23 3.23 43.68
C LEU T 70 -64.37 3.74 42.82
N ASP T 71 -65.28 4.50 43.44
CA ASP T 71 -66.49 4.96 42.78
C ASP T 71 -66.46 6.42 42.30
N LYS T 72 -67.07 6.66 41.14
CA LYS T 72 -67.22 8.00 40.60
C LYS T 72 -68.56 8.56 41.03
N ILE T 73 -68.62 9.88 41.15
CA ILE T 73 -69.82 10.56 41.62
C ILE T 73 -70.22 11.66 40.63
N LEU T 74 -71.28 11.38 39.87
CA LEU T 74 -71.69 12.22 38.75
C LEU T 74 -72.93 13.02 39.08
N ILE T 75 -72.94 14.27 38.63
CA ILE T 75 -74.08 15.14 38.86
C ILE T 75 -74.69 15.61 37.54
N SER T 76 -76.01 15.45 37.44
CA SER T 76 -76.79 15.88 36.27
C SER T 76 -76.86 17.40 36.21
N PRO T 77 -77.17 17.96 35.03
CA PRO T 77 -77.32 19.41 34.85
C PRO T 77 -78.44 20.00 35.71
N ASP T 78 -79.42 19.17 36.08
CA ASP T 78 -80.48 19.58 37.00
C ASP T 78 -80.04 19.55 38.47
N GLY T 79 -79.19 18.58 38.82
CA GLY T 79 -78.59 18.56 40.15
C GLY T 79 -78.63 17.22 40.86
N GLU T 80 -79.15 16.20 40.20
CA GLU T 80 -79.29 14.85 40.79
C GLU T 80 -77.96 14.14 40.88
N ILE T 81 -77.76 13.44 42.00
CA ILE T 81 -76.49 12.78 42.30
C ILE T 81 -76.56 11.29 42.03
N THR T 82 -75.54 10.78 41.34
CA THR T 82 -75.34 9.36 41.20
C THR T 82 -73.92 9.03 41.66
N ILE T 83 -73.78 7.93 42.38
CA ILE T 83 -72.46 7.45 42.81
C ILE T 83 -72.35 6.00 42.36
N THR T 84 -71.40 5.70 41.47
CA THR T 84 -71.41 4.42 40.75
C THR T 84 -70.07 3.77 40.47
N ASN T 85 -70.14 2.52 40.01
CA ASN T 85 -68.98 1.76 39.60
C ASN T 85 -69.22 1.14 38.22
N ASP T 86 -70.51 0.98 37.87
CA ASP T 86 -70.90 0.43 36.57
C ASP T 86 -70.41 1.38 35.48
N GLY T 87 -69.30 0.97 34.84
CA GLY T 87 -68.57 1.77 33.86
C GLY T 87 -69.40 2.43 32.79
N ALA T 88 -70.43 1.72 32.33
CA ALA T 88 -71.39 2.27 31.39
C ALA T 88 -72.04 3.53 31.97
N THR T 89 -72.58 3.42 33.19
CA THR T 89 -73.26 4.54 33.86
C THR T 89 -72.36 5.76 33.94
N ILE T 90 -71.14 5.54 34.44
CA ILE T 90 -70.12 6.58 34.57
C ILE T 90 -70.01 7.38 33.28
N LEU T 91 -69.79 6.66 32.18
CA LEU T 91 -69.59 7.27 30.88
C LEU T 91 -70.87 7.79 30.25
N SER T 92 -72.00 7.20 30.66
CA SER T 92 -73.30 7.61 30.16
C SER T 92 -73.67 9.00 30.70
N GLN T 93 -73.32 9.24 31.97
CA GLN T 93 -73.58 10.53 32.62
C GLN T 93 -72.76 11.65 32.00
N MET T 94 -71.47 11.67 32.34
CA MET T 94 -70.54 12.74 31.99
C MET T 94 -70.78 13.41 30.63
N GLU T 95 -70.77 14.75 30.64
CA GLU T 95 -70.99 15.52 29.42
C GLU T 95 -69.71 15.62 28.61
N LEU T 96 -69.53 14.67 27.68
CA LEU T 96 -68.34 14.60 26.86
C LEU T 96 -68.52 15.42 25.58
N ASP T 97 -67.47 15.47 24.75
CA ASP T 97 -67.46 16.31 23.56
C ASP T 97 -66.57 15.77 22.45
N ASN T 98 -65.36 15.36 22.83
CA ASN T 98 -64.43 14.79 21.87
C ASN T 98 -64.99 13.49 21.33
N GLU T 99 -65.15 13.45 20.00
CA GLU T 99 -65.88 12.38 19.33
C GLU T 99 -65.42 10.94 19.61
N ILE T 100 -64.12 10.76 19.88
CA ILE T 100 -63.58 9.46 20.22
C ILE T 100 -64.11 9.06 21.58
N ALA T 101 -64.14 10.02 22.50
CA ALA T 101 -64.72 9.80 23.81
C ALA T 101 -66.18 9.43 23.65
N LYS T 102 -66.93 10.26 22.90
CA LYS T 102 -68.32 9.97 22.58
C LYS T 102 -68.49 8.53 22.09
N LEU T 103 -67.50 8.04 21.34
CA LEU T 103 -67.52 6.67 20.84
C LEU T 103 -67.37 5.63 21.94
N LEU T 104 -66.48 5.90 22.90
CA LEU T 104 -66.23 4.98 24.01
C LEU T 104 -67.40 4.94 24.98
N VAL T 105 -68.12 6.05 25.08
CA VAL T 105 -69.39 6.10 25.82
C VAL T 105 -70.30 5.00 25.28
N GLN T 106 -70.42 4.97 23.95
CA GLN T 106 -71.23 3.98 23.25
C GLN T 106 -70.65 2.56 23.33
N LEU T 107 -69.33 2.45 23.49
CA LEU T 107 -68.66 1.14 23.59
C LEU T 107 -69.04 0.43 24.89
N SER T 108 -68.94 1.16 25.98
CA SER T 108 -69.36 0.66 27.28
C SER T 108 -70.87 0.42 27.23
N LYS T 109 -71.60 1.42 26.78
CA LYS T 109 -73.06 1.36 26.65
C LYS T 109 -73.50 0.09 25.91
N SER T 110 -72.66 -0.36 24.98
CA SER T 110 -72.91 -1.57 24.18
C SER T 110 -72.77 -2.86 24.97
N GLN T 111 -71.64 -3.00 25.67
CA GLN T 111 -71.40 -4.15 26.51
C GLN T 111 -72.53 -4.36 27.52
N ASP T 112 -72.98 -3.26 28.12
CA ASP T 112 -74.05 -3.28 29.13
C ASP T 112 -75.30 -3.99 28.62
N ASP T 113 -75.60 -3.80 27.34
CA ASP T 113 -76.80 -4.34 26.74
C ASP T 113 -76.62 -5.80 26.31
N GLU T 114 -75.50 -6.09 25.67
CA GLU T 114 -75.21 -7.46 25.22
C GLU T 114 -74.84 -8.40 26.38
N ILE T 115 -74.25 -7.86 27.44
CA ILE T 115 -73.88 -8.66 28.64
C ILE T 115 -74.52 -8.14 29.93
N GLY T 116 -74.07 -6.96 30.39
CA GLY T 116 -74.50 -6.41 31.68
C GLY T 116 -73.33 -6.09 32.59
N ASP T 117 -72.30 -6.94 32.53
CA ASP T 117 -71.04 -6.75 33.26
C ASP T 117 -69.89 -6.65 32.24
N GLY T 118 -68.78 -6.05 32.67
CA GLY T 118 -67.61 -5.89 31.81
C GLY T 118 -67.42 -4.46 31.33
N THR T 119 -68.49 -3.67 31.42
CA THR T 119 -68.53 -2.28 30.92
C THR T 119 -67.25 -1.48 31.20
N THR T 120 -66.70 -1.63 32.41
CA THR T 120 -65.53 -0.88 32.87
C THR T 120 -64.25 -1.27 32.10
N GLY T 121 -63.93 -2.57 32.11
CA GLY T 121 -62.71 -3.06 31.48
C GLY T 121 -62.70 -3.03 29.96
N VAL T 122 -63.88 -2.90 29.37
CA VAL T 122 -64.05 -2.80 27.93
C VAL T 122 -63.34 -1.58 27.36
N VAL T 123 -63.39 -0.47 28.10
CA VAL T 123 -62.81 0.80 27.69
C VAL T 123 -61.28 0.78 27.82
N VAL T 124 -60.80 0.27 28.96
CA VAL T 124 -59.37 0.21 29.27
C VAL T 124 -58.63 -0.53 28.16
N LEU T 125 -59.20 -1.64 27.73
CA LEU T 125 -58.64 -2.47 26.67
C LEU T 125 -58.55 -1.68 25.37
N ALA T 126 -59.65 -1.03 25.00
CA ALA T 126 -59.71 -0.23 23.80
C ALA T 126 -58.62 0.85 23.79
N SER T 127 -58.53 1.61 24.88
CA SER T 127 -57.58 2.73 24.98
C SER T 127 -56.13 2.27 24.94
N ALA T 128 -55.86 1.15 25.60
CA ALA T 128 -54.53 0.55 25.64
C ALA T 128 -54.17 -0.04 24.28
N LEU T 129 -55.16 -0.60 23.59
CA LEU T 129 -55.00 -1.00 22.19
C LEU T 129 -54.64 0.22 21.35
N LEU T 130 -55.47 1.26 21.45
CA LEU T 130 -55.23 2.50 20.70
C LEU T 130 -53.87 3.10 21.02
N ASP T 131 -53.47 3.02 22.29
CA ASP T 131 -52.15 3.46 22.71
C ASP T 131 -51.03 2.67 22.04
N GLN T 132 -51.17 1.34 22.05
CA GLN T 132 -50.16 0.45 21.49
C GLN T 132 -50.02 0.69 20.01
N ALA T 133 -51.12 1.07 19.38
CA ALA T 133 -51.13 1.43 17.98
C ALA T 133 -50.37 2.73 17.75
N LEU T 134 -50.62 3.73 18.59
CA LEU T 134 -50.00 5.06 18.48
C LEU T 134 -48.47 5.00 18.51
N GLU T 135 -47.95 4.07 19.33
CA GLU T 135 -46.51 3.84 19.44
C GLU T 135 -45.96 3.20 18.17
N LEU T 136 -46.79 2.41 17.50
CA LEU T 136 -46.40 1.76 16.25
C LEU T 136 -46.57 2.64 15.01
N ILE T 137 -47.52 3.59 15.07
CA ILE T 137 -47.72 4.54 13.96
C ILE T 137 -46.53 5.50 13.85
N GLN T 138 -46.12 6.10 14.97
CA GLN T 138 -44.93 6.95 15.03
C GLN T 138 -43.67 6.16 14.67
N LYS T 139 -43.82 4.84 14.51
CA LYS T 139 -42.74 3.98 14.06
C LYS T 139 -42.77 3.83 12.54
N GLY T 140 -43.86 4.29 11.92
CA GLY T 140 -43.97 4.36 10.47
C GLY T 140 -44.84 3.30 9.80
N ILE T 141 -45.90 2.88 10.49
CA ILE T 141 -46.75 1.79 10.04
C ILE T 141 -48.16 2.25 9.66
N HIS T 142 -48.65 1.75 8.53
CA HIS T 142 -50.00 2.02 8.06
C HIS T 142 -51.01 1.52 9.09
N PRO T 143 -51.96 2.39 9.49
CA PRO T 143 -52.96 2.09 10.51
C PRO T 143 -53.94 0.98 10.13
N ILE T 144 -54.32 0.90 8.86
CA ILE T 144 -55.22 -0.15 8.40
C ILE T 144 -54.56 -1.53 8.51
N LYS T 145 -53.27 -1.59 8.24
CA LYS T 145 -52.46 -2.81 8.40
C LYS T 145 -52.35 -3.24 9.87
N ILE T 146 -52.32 -2.25 10.77
CA ILE T 146 -52.36 -2.52 12.21
C ILE T 146 -53.76 -3.01 12.62
N ALA T 147 -54.79 -2.34 12.10
CA ALA T 147 -56.18 -2.71 12.35
C ALA T 147 -56.46 -4.15 11.94
N ASN T 148 -56.00 -4.52 10.75
CA ASN T 148 -56.06 -5.88 10.24
C ASN T 148 -55.22 -6.82 11.09
N GLY T 149 -54.02 -6.38 11.46
CA GLY T 149 -53.15 -7.14 12.37
C GLY T 149 -53.81 -7.41 13.71
N PHE T 150 -54.51 -6.41 14.25
CA PHE T 150 -55.20 -6.52 15.54
C PHE T 150 -56.33 -7.53 15.54
N ASP T 151 -57.12 -7.54 14.47
CA ASP T 151 -58.28 -8.42 14.37
C ASP T 151 -57.87 -9.88 14.22
N GLU T 152 -56.86 -10.13 13.39
CA GLU T 152 -56.30 -11.46 13.24
C GLU T 152 -55.68 -11.92 14.57
N ALA T 153 -55.21 -10.96 15.37
CA ALA T 153 -54.71 -11.24 16.70
C ALA T 153 -55.84 -11.47 17.71
N ALA T 154 -56.95 -10.74 17.55
CA ALA T 154 -58.10 -10.88 18.44
C ALA T 154 -58.75 -12.24 18.27
N LYS T 155 -58.75 -12.73 17.03
CA LYS T 155 -59.30 -14.05 16.70
C LYS T 155 -58.48 -15.18 17.33
N LEU T 156 -57.17 -14.95 17.50
CA LEU T 156 -56.27 -15.93 18.09
C LEU T 156 -56.43 -15.98 19.61
N ALA T 157 -56.82 -14.86 20.20
CA ALA T 157 -57.04 -14.77 21.63
C ALA T 157 -58.34 -15.44 22.05
N ILE T 158 -59.43 -15.13 21.34
CA ILE T 158 -60.72 -15.75 21.65
C ILE T 158 -60.69 -17.26 21.42
N SER T 159 -59.83 -17.72 20.51
CA SER T 159 -59.65 -19.16 20.23
C SER T 159 -59.02 -19.92 21.38
N LYS T 160 -58.00 -19.29 21.99
CA LYS T 160 -57.31 -19.87 23.14
C LYS T 160 -58.10 -19.76 24.43
N LEU T 161 -59.02 -18.80 24.49
CA LEU T 161 -59.93 -18.68 25.62
C LEU T 161 -61.03 -19.73 25.52
N GLU T 162 -61.51 -20.00 24.31
CA GLU T 162 -62.51 -21.02 24.07
C GLU T 162 -61.95 -22.43 24.36
N GLU T 163 -60.67 -22.63 24.04
CA GLU T 163 -60.01 -23.93 24.19
C GLU T 163 -59.62 -24.26 25.64
N THR T 164 -59.59 -23.25 26.51
CA THR T 164 -59.13 -23.43 27.89
C THR T 164 -60.19 -23.17 28.96
N CYS T 165 -61.33 -22.62 28.54
CA CYS T 165 -62.40 -22.27 29.47
C CYS T 165 -62.99 -23.51 30.13
N ASP T 166 -63.25 -23.39 31.42
CA ASP T 166 -63.88 -24.45 32.18
C ASP T 166 -65.38 -24.46 31.88
N ASP T 167 -66.01 -25.60 32.10
CA ASP T 167 -67.39 -25.80 31.67
C ASP T 167 -68.26 -26.33 32.80
N ILE T 168 -69.41 -25.68 33.01
CA ILE T 168 -70.34 -26.08 34.07
C ILE T 168 -71.46 -27.02 33.54
N SER T 169 -71.48 -27.24 32.22
CA SER T 169 -72.50 -28.08 31.58
C SER T 169 -72.44 -29.54 32.04
N ALA T 170 -71.23 -30.02 32.33
CA ALA T 170 -71.02 -31.42 32.71
C ALA T 170 -71.21 -31.66 34.22
N SER T 171 -71.75 -30.67 34.92
CA SER T 171 -71.87 -30.70 36.38
C SER T 171 -73.21 -31.29 36.87
N ASN T 172 -73.26 -31.58 38.16
CA ASN T 172 -74.49 -31.94 38.85
C ASN T 172 -75.42 -30.73 39.01
N ASP T 173 -76.58 -30.92 39.64
CA ASP T 173 -77.47 -29.81 39.94
C ASP T 173 -76.98 -29.04 41.16
N GLU T 174 -76.32 -29.75 42.07
CA GLU T 174 -75.75 -29.15 43.29
C GLU T 174 -74.58 -28.20 42.99
N LEU T 175 -73.77 -28.56 42.00
CA LEU T 175 -72.53 -27.85 41.70
C LEU T 175 -72.75 -26.73 40.68
N PHE T 176 -73.85 -26.80 39.93
CA PHE T 176 -74.21 -25.73 39.00
C PHE T 176 -74.74 -24.53 39.79
N ARG T 177 -75.54 -24.82 40.82
CA ARG T 177 -76.11 -23.79 41.70
C ARG T 177 -75.03 -23.04 42.49
N ASP T 178 -73.85 -23.65 42.61
CA ASP T 178 -72.72 -23.02 43.29
C ASP T 178 -71.93 -22.10 42.35
N PHE T 179 -71.64 -22.58 41.15
CA PHE T 179 -70.90 -21.79 40.16
C PHE T 179 -71.61 -20.50 39.79
N LEU T 180 -72.93 -20.50 39.90
CA LEU T 180 -73.74 -19.30 39.69
C LEU T 180 -73.52 -18.28 40.81
N LEU T 181 -73.42 -18.76 42.05
CA LEU T 181 -73.08 -17.91 43.19
C LEU T 181 -71.67 -17.34 43.02
N ARG T 182 -70.72 -18.21 42.67
CA ARG T 182 -69.32 -17.84 42.48
C ARG T 182 -69.14 -16.69 41.48
N ALA T 183 -69.96 -16.68 40.44
CA ALA T 183 -69.96 -15.58 39.47
C ALA T 183 -70.58 -14.33 40.09
N ALA T 184 -71.73 -14.49 40.73
CA ALA T 184 -72.45 -13.39 41.37
C ALA T 184 -71.58 -12.72 42.43
N LYS T 185 -70.89 -13.54 43.23
CA LYS T 185 -69.93 -13.08 44.21
C LYS T 185 -68.87 -12.18 43.57
N THR T 186 -68.32 -12.62 42.44
CA THR T 186 -67.22 -11.93 41.77
C THR T 186 -67.64 -10.58 41.16
N SER T 187 -68.75 -10.59 40.43
CA SER T 187 -69.27 -9.38 39.82
C SER T 187 -69.57 -8.33 40.88
N LEU T 188 -70.08 -8.79 42.03
CA LEU T 188 -70.47 -7.90 43.14
C LEU T 188 -69.27 -7.30 43.88
N GLY T 189 -68.31 -8.15 44.24
CA GLY T 189 -67.09 -7.70 44.95
C GLY T 189 -66.34 -6.68 44.13
N SER T 190 -66.72 -5.41 44.30
CA SER T 190 -66.33 -4.33 43.41
C SER T 190 -67.15 -3.11 43.79
N LYS T 191 -68.44 -3.34 43.99
CA LYS T 191 -69.39 -2.29 44.31
C LYS T 191 -69.66 -2.29 45.80
N ILE T 192 -70.08 -1.14 46.35
CA ILE T 192 -70.23 -0.96 47.82
C ILE T 192 -71.22 -1.93 48.47
N VAL T 193 -71.83 -2.76 47.65
CA VAL T 193 -72.73 -3.81 48.11
C VAL T 193 -71.93 -4.97 48.72
N SER T 194 -70.65 -5.05 48.40
CA SER T 194 -69.75 -6.11 48.92
C SER T 194 -70.00 -6.49 50.38
N LYS T 195 -70.49 -5.55 51.17
CA LYS T 195 -70.88 -5.78 52.58
C LYS T 195 -71.66 -7.09 52.76
N ASP T 196 -72.85 -7.16 52.19
CA ASP T 196 -73.72 -8.33 52.31
C ASP T 196 -73.69 -9.19 51.05
N HIS T 197 -72.53 -9.26 50.39
CA HIS T 197 -72.46 -9.93 49.10
C HIS T 197 -72.70 -11.44 49.18
N ASP T 198 -72.89 -11.94 50.41
CA ASP T 198 -73.43 -13.28 50.63
C ASP T 198 -74.93 -13.28 50.35
N ARG T 199 -75.63 -12.32 50.94
CA ARG T 199 -77.06 -12.16 50.75
C ARG T 199 -77.38 -11.68 49.34
N PHE T 200 -76.64 -10.67 48.88
CA PHE T 200 -76.89 -10.07 47.56
C PHE T 200 -76.62 -11.02 46.41
N ALA T 201 -75.67 -11.93 46.58
CA ALA T 201 -75.39 -12.95 45.57
C ALA T 201 -76.47 -14.02 45.56
N GLU T 202 -77.05 -14.29 46.73
CA GLU T 202 -78.09 -15.31 46.89
C GLU T 202 -79.50 -14.82 46.49
N MET T 203 -79.56 -13.62 45.93
CA MET T 203 -80.80 -13.08 45.38
C MET T 203 -80.77 -13.19 43.87
N ALA T 204 -79.64 -12.79 43.28
CA ALA T 204 -79.44 -12.80 41.82
C ALA T 204 -79.49 -14.21 41.22
N VAL T 205 -79.00 -15.20 41.97
CA VAL T 205 -79.06 -16.59 41.56
C VAL T 205 -80.52 -17.10 41.64
N GLU T 206 -81.20 -16.72 42.72
CA GLU T 206 -82.58 -17.14 43.00
C GLU T 206 -83.58 -16.57 41.97
N ALA T 207 -83.33 -15.35 41.51
CA ALA T 207 -84.22 -14.67 40.55
C ALA T 207 -84.20 -15.27 39.14
N VAL T 208 -83.01 -15.61 38.64
CA VAL T 208 -82.84 -16.18 37.29
C VAL T 208 -83.42 -17.60 37.19
N ILE T 209 -83.13 -18.44 38.19
CA ILE T 209 -83.68 -19.80 38.25
C ILE T 209 -85.20 -19.76 38.10
N ASN T 210 -85.84 -18.88 38.86
CA ASN T 210 -87.30 -18.77 38.92
C ASN T 210 -87.99 -18.28 37.64
N VAL T 211 -87.28 -17.51 36.81
CA VAL T 211 -87.93 -16.79 35.69
C VAL T 211 -87.58 -17.22 34.25
N MET T 212 -86.50 -17.97 34.08
CA MET T 212 -86.02 -18.37 32.75
C MET T 212 -86.46 -19.77 32.35
N ASP T 213 -87.17 -19.89 31.23
CA ASP T 213 -87.55 -21.19 30.66
C ASP T 213 -86.27 -21.97 30.40
N LYS T 214 -86.14 -23.12 31.05
CA LYS T 214 -84.92 -23.92 31.02
C LYS T 214 -84.56 -24.44 29.61
N ASP T 215 -85.54 -25.02 28.92
CA ASP T 215 -85.36 -25.55 27.55
C ASP T 215 -85.21 -24.48 26.46
N ARG T 216 -85.80 -23.30 26.69
CA ARG T 216 -85.64 -22.14 25.81
C ARG T 216 -84.40 -21.32 26.17
N LYS T 217 -83.80 -21.65 27.32
CA LYS T 217 -82.57 -21.03 27.85
C LYS T 217 -82.61 -19.48 27.87
N ASP T 218 -83.81 -18.94 27.93
CA ASP T 218 -84.04 -17.49 27.78
C ASP T 218 -84.58 -16.84 29.06
N VAL T 219 -83.90 -15.78 29.50
CA VAL T 219 -84.29 -15.01 30.69
C VAL T 219 -84.89 -13.66 30.31
N ASP T 220 -86.08 -13.36 30.84
CA ASP T 220 -86.74 -12.09 30.60
C ASP T 220 -86.47 -11.09 31.73
N PHE T 221 -85.91 -9.93 31.38
CA PHE T 221 -85.65 -8.85 32.35
C PHE T 221 -86.81 -7.85 32.46
N ASP T 222 -87.88 -8.12 31.72
CA ASP T 222 -89.16 -7.44 31.90
C ASP T 222 -89.98 -8.25 32.90
N LEU T 223 -89.51 -9.47 33.18
CA LEU T 223 -90.16 -10.39 34.10
C LEU T 223 -89.78 -10.09 35.54
N ILE T 224 -88.50 -9.79 35.79
CA ILE T 224 -88.01 -9.33 37.09
C ILE T 224 -88.26 -7.83 37.21
N LYS T 225 -88.94 -7.42 38.28
CA LYS T 225 -89.14 -5.99 38.55
C LYS T 225 -88.16 -5.51 39.63
N MET T 226 -87.47 -4.40 39.34
CA MET T 226 -86.57 -3.78 40.31
C MET T 226 -87.27 -2.68 41.10
N GLN T 227 -87.70 -3.03 42.32
CA GLN T 227 -88.33 -2.07 43.19
C GLN T 227 -87.28 -1.50 44.15
N GLY T 228 -87.39 -0.20 44.42
CA GLY T 228 -86.45 0.45 45.33
C GLY T 228 -87.12 1.39 46.31
N ARG T 229 -86.96 1.11 47.59
CA ARG T 229 -87.52 1.96 48.65
C ARG T 229 -86.49 2.18 49.74
N VAL T 230 -86.39 3.42 50.19
CA VAL T 230 -85.35 3.84 51.13
C VAL T 230 -85.73 3.48 52.58
N GLY T 231 -84.73 3.11 53.39
CA GLY T 231 -84.95 2.81 54.80
C GLY T 231 -84.10 1.68 55.33
N GLY T 232 -83.72 1.77 56.61
CA GLY T 232 -82.92 0.74 57.27
C GLY T 232 -81.48 0.67 56.79
N SER T 233 -81.13 -0.46 56.18
CA SER T 233 -79.78 -0.72 55.65
C SER T 233 -79.89 -1.53 54.36
N ILE T 234 -78.76 -1.86 53.75
CA ILE T 234 -78.78 -2.75 52.57
C ILE T 234 -78.90 -4.23 52.97
N SER T 235 -78.75 -4.50 54.26
CA SER T 235 -78.92 -5.84 54.82
C SER T 235 -80.39 -6.25 54.83
N ASP T 236 -81.27 -5.25 54.80
CA ASP T 236 -82.71 -5.46 54.86
C ASP T 236 -83.30 -5.60 53.46
N SER T 237 -82.43 -5.75 52.47
CA SER T 237 -82.84 -6.01 51.10
C SER T 237 -83.29 -7.45 50.97
N LYS T 238 -84.54 -7.64 50.57
CA LYS T 238 -85.12 -8.97 50.44
C LYS T 238 -85.59 -9.26 49.01
N LEU T 239 -85.72 -10.55 48.71
CA LEU T 239 -86.32 -11.02 47.48
C LEU T 239 -87.69 -11.58 47.83
N ILE T 240 -88.72 -11.07 47.16
CA ILE T 240 -90.10 -11.41 47.52
C ILE T 240 -90.81 -12.17 46.38
N ASN T 241 -91.33 -13.35 46.71
CA ASN T 241 -91.96 -14.24 45.74
C ASN T 241 -93.35 -13.78 45.30
N GLY T 242 -93.42 -12.60 44.69
CA GLY T 242 -94.68 -12.04 44.25
C GLY T 242 -94.53 -10.61 43.78
N VAL T 243 -95.37 -9.72 44.29
CA VAL T 243 -95.38 -8.32 43.87
C VAL T 243 -95.47 -7.37 45.06
N ILE T 244 -94.87 -6.20 44.93
CA ILE T 244 -95.03 -5.10 45.87
C ILE T 244 -95.60 -3.89 45.14
N LEU T 245 -96.68 -3.34 45.67
CA LEU T 245 -97.37 -2.21 45.05
C LEU T 245 -97.33 -0.99 45.96
N ASP T 246 -97.43 0.19 45.36
CA ASP T 246 -97.46 1.45 46.12
C ASP T 246 -98.87 1.83 46.55
N LYS T 247 -99.79 0.87 46.46
CA LYS T 247 -101.18 1.11 46.81
C LYS T 247 -101.49 0.76 48.26
N ASP T 248 -102.61 1.31 48.74
CA ASP T 248 -103.18 0.98 50.04
C ASP T 248 -104.38 0.08 49.78
N PHE T 249 -105.15 -0.22 50.82
CA PHE T 249 -106.46 -0.80 50.62
C PHE T 249 -107.46 0.32 50.35
N SER T 250 -108.45 0.03 49.51
CA SER T 250 -109.41 1.04 49.04
C SER T 250 -110.16 1.76 50.15
N HIS T 251 -110.58 1.00 51.16
CA HIS T 251 -111.29 1.55 52.30
C HIS T 251 -110.44 1.41 53.56
N PRO T 252 -110.43 2.45 54.42
CA PRO T 252 -109.62 2.44 55.65
C PRO T 252 -109.98 1.35 56.66
N GLN T 253 -111.25 0.94 56.67
CA GLN T 253 -111.76 -0.05 57.65
C GLN T 253 -111.41 -1.50 57.31
N MET T 254 -110.98 -1.73 56.07
CA MET T 254 -110.53 -3.05 55.62
C MET T 254 -109.29 -3.50 56.41
N PRO T 255 -109.15 -4.81 56.67
CA PRO T 255 -108.04 -5.30 57.47
C PRO T 255 -106.70 -5.26 56.74
N LYS T 256 -105.61 -5.37 57.50
CA LYS T 256 -104.26 -5.37 56.93
C LYS T 256 -103.91 -6.73 56.37
N CYS T 257 -103.94 -7.75 57.23
CA CYS T 257 -103.67 -9.13 56.83
C CYS T 257 -104.86 -9.75 56.11
N VAL T 258 -104.55 -10.56 55.09
CA VAL T 258 -105.56 -11.41 54.47
C VAL T 258 -105.15 -12.87 54.67
N LEU T 259 -106.06 -13.65 55.26
CA LEU T 259 -105.81 -15.04 55.58
C LEU T 259 -106.68 -15.93 54.69
N PRO T 260 -106.08 -16.98 54.10
CA PRO T 260 -106.80 -17.94 53.27
C PRO T 260 -107.88 -18.68 54.07
N LYS T 261 -109.07 -18.82 53.47
CA LYS T 261 -110.14 -19.63 54.06
C LYS T 261 -109.62 -21.06 54.18
N GLU T 262 -109.52 -21.53 55.42
CA GLU T 262 -108.68 -22.69 55.77
C GLU T 262 -108.65 -23.82 54.75
N GLY T 263 -109.82 -24.20 54.25
CA GLY T 263 -109.95 -25.36 53.35
C GLY T 263 -109.51 -25.15 51.91
N SER T 264 -109.05 -23.95 51.57
CA SER T 264 -108.72 -23.62 50.18
C SER T 264 -107.23 -23.66 49.83
N ASP T 265 -106.38 -23.48 50.84
CA ASP T 265 -104.92 -23.40 50.66
C ASP T 265 -104.53 -22.34 49.62
N GLY T 266 -105.33 -21.28 49.57
CA GLY T 266 -105.12 -20.16 48.67
C GLY T 266 -106.06 -19.02 49.02
N VAL T 267 -105.79 -17.83 48.50
CA VAL T 267 -106.58 -16.64 48.83
C VAL T 267 -107.67 -16.34 47.79
N LYS T 268 -107.37 -16.58 46.52
CA LYS T 268 -108.26 -16.26 45.38
C LYS T 268 -108.39 -14.75 45.15
N LEU T 269 -107.93 -14.30 43.98
CA LEU T 269 -107.93 -12.88 43.62
C LEU T 269 -108.88 -12.56 42.49
N ALA T 270 -109.60 -11.45 42.62
CA ALA T 270 -110.45 -10.97 41.54
C ALA T 270 -109.68 -9.95 40.71
N ILE T 271 -108.90 -10.46 39.75
CA ILE T 271 -108.10 -9.61 38.87
C ILE T 271 -108.98 -9.07 37.74
N LEU T 272 -109.39 -7.81 37.87
CA LEU T 272 -110.31 -7.17 36.92
C LEU T 272 -109.72 -6.00 36.13
N THR T 273 -110.37 -5.68 35.02
CA THR T 273 -109.91 -4.65 34.10
C THR T 273 -111.10 -3.76 33.74
N CYS T 274 -112.09 -3.76 34.61
CA CYS T 274 -113.29 -2.96 34.42
C CYS T 274 -113.54 -2.18 35.71
N PRO T 275 -114.04 -0.94 35.60
CA PRO T 275 -114.19 -0.14 36.80
C PRO T 275 -115.39 -0.59 37.61
N PHE T 276 -115.35 -0.39 38.92
CA PHE T 276 -116.49 -0.63 39.78
C PHE T 276 -117.45 0.57 39.66
N GLU T 277 -117.94 0.78 38.45
CA GLU T 277 -118.75 1.93 38.07
C GLU T 277 -119.84 1.49 37.08
N PRO T 278 -121.02 2.14 37.11
CA PRO T 278 -122.08 1.77 36.17
C PRO T 278 -121.57 1.83 34.72
N PRO T 279 -121.81 0.75 33.95
CA PRO T 279 -121.25 0.59 32.61
C PRO T 279 -121.70 1.66 31.62
N LYS T 280 -120.71 2.28 30.96
CA LYS T 280 -120.95 3.26 29.90
C LYS T 280 -120.28 2.78 28.59
N PRO T 281 -120.90 3.08 27.43
CA PRO T 281 -120.32 2.65 26.16
C PRO T 281 -119.10 3.47 25.71
N LYS T 282 -118.38 2.96 24.73
CA LYS T 282 -117.19 3.63 24.18
C LYS T 282 -117.55 4.73 23.20
N THR T 283 -118.64 4.53 22.45
CA THR T 283 -119.09 5.50 21.44
C THR T 283 -119.98 6.59 22.07
N LYS T 284 -119.75 7.84 21.65
CA LYS T 284 -120.46 9.01 22.19
C LYS T 284 -121.96 8.78 22.30
N HIS T 285 -122.54 9.11 23.45
CA HIS T 285 -123.94 8.78 23.73
C HIS T 285 -124.70 9.87 24.49
N LYS T 286 -125.96 9.57 24.82
CA LYS T 286 -126.81 10.40 25.67
C LYS T 286 -128.17 9.72 25.85
N LEU T 287 -128.75 9.88 27.04
CA LEU T 287 -130.15 9.50 27.25
C LEU T 287 -131.06 10.64 26.79
N ASP T 288 -132.35 10.37 26.75
CA ASP T 288 -133.35 11.39 26.42
C ASP T 288 -134.57 11.16 27.30
N ILE T 289 -134.37 11.44 28.59
CA ILE T 289 -135.37 11.14 29.61
C ILE T 289 -136.48 12.20 29.66
N SER T 290 -137.67 11.80 29.22
CA SER T 290 -138.83 12.67 29.28
C SER T 290 -139.67 12.33 30.51
N SER T 291 -139.88 11.04 30.74
CA SER T 291 -140.74 10.59 31.83
C SER T 291 -140.00 10.65 33.17
N VAL T 292 -140.67 11.24 34.16
CA VAL T 292 -140.18 11.31 35.54
C VAL T 292 -139.97 9.91 36.11
N GLU T 293 -140.95 9.03 35.89
CA GLU T 293 -140.88 7.63 36.33
C GLU T 293 -139.77 6.83 35.64
N GLU T 294 -139.40 7.25 34.44
CA GLU T 294 -138.32 6.58 33.71
C GLU T 294 -136.95 7.04 34.21
N TYR T 295 -136.93 8.20 34.87
CA TYR T 295 -135.77 8.67 35.61
C TYR T 295 -135.68 7.93 36.94
N GLN T 296 -136.84 7.50 37.43
CA GLN T 296 -136.93 6.69 38.65
C GLN T 296 -136.52 5.26 38.36
N LYS T 297 -136.79 4.79 37.14
CA LYS T 297 -136.33 3.49 36.67
C LYS T 297 -134.80 3.50 36.50
N LEU T 298 -134.27 4.67 36.15
CA LEU T 298 -132.83 4.87 36.03
C LEU T 298 -132.16 4.93 37.39
N GLN T 299 -132.74 5.71 38.30
CA GLN T 299 -132.19 5.91 39.65
C GLN T 299 -132.05 4.61 40.45
N THR T 300 -132.98 3.68 40.24
CA THR T 300 -132.93 2.37 40.93
C THR T 300 -132.19 1.34 40.08
N TYR T 301 -131.66 1.79 38.95
CA TYR T 301 -130.75 0.98 38.14
C TYR T 301 -129.30 1.20 38.58
N GLU T 302 -128.98 2.44 38.97
CA GLU T 302 -127.62 2.80 39.38
C GLU T 302 -127.19 2.11 40.68
N GLN T 303 -128.14 1.81 41.55
CA GLN T 303 -127.85 1.09 42.79
C GLN T 303 -127.76 -0.42 42.55
N ASP T 304 -128.60 -0.90 41.63
CA ASP T 304 -128.69 -2.32 41.29
C ASP T 304 -127.51 -2.80 40.45
N LYS T 305 -127.00 -1.92 39.59
CA LYS T 305 -125.81 -2.21 38.77
C LYS T 305 -124.55 -2.32 39.63
N PHE T 306 -124.60 -1.76 40.84
CA PHE T 306 -123.53 -1.88 41.82
C PHE T 306 -123.57 -3.24 42.50
N LYS T 307 -124.74 -3.57 43.07
CA LYS T 307 -124.94 -4.84 43.76
C LYS T 307 -124.67 -6.03 42.83
N GLU T 308 -124.93 -5.83 41.53
CA GLU T 308 -124.68 -6.85 40.50
C GLU T 308 -123.18 -7.02 40.18
N MET T 309 -122.36 -6.13 40.73
CA MET T 309 -120.91 -6.25 40.63
C MET T 309 -120.39 -7.02 41.84
N ILE T 310 -120.80 -6.59 43.03
CA ILE T 310 -120.38 -7.18 44.30
C ILE T 310 -120.76 -8.66 44.39
N ASP T 311 -122.01 -8.97 44.09
CA ASP T 311 -122.50 -10.35 44.04
C ASP T 311 -121.72 -11.18 43.03
N ASP T 312 -121.32 -10.55 41.92
CA ASP T 312 -120.58 -11.22 40.86
C ASP T 312 -119.19 -11.68 41.34
N VAL T 313 -118.58 -10.90 42.23
CA VAL T 313 -117.30 -11.24 42.85
C VAL T 313 -117.50 -12.20 44.01
N LYS T 314 -118.51 -11.93 44.84
CA LYS T 314 -118.82 -12.77 46.00
C LYS T 314 -119.22 -14.19 45.61
N LYS T 315 -119.94 -14.33 44.49
CA LYS T 315 -120.41 -15.63 44.00
C LYS T 315 -119.38 -16.36 43.15
N ALA T 316 -118.31 -15.66 42.78
CA ALA T 316 -117.18 -16.29 42.11
C ALA T 316 -116.27 -16.97 43.14
N GLY T 317 -116.17 -16.39 44.32
CA GLY T 317 -115.41 -16.98 45.42
C GLY T 317 -114.09 -16.32 45.73
N ALA T 318 -113.94 -15.07 45.28
CA ALA T 318 -112.73 -14.29 45.52
C ALA T 318 -112.73 -13.73 46.94
N ASP T 319 -111.54 -13.55 47.50
CA ASP T 319 -111.39 -12.91 48.81
C ASP T 319 -110.89 -11.47 48.69
N VAL T 320 -110.08 -11.22 47.67
CA VAL T 320 -109.49 -9.89 47.46
C VAL T 320 -109.68 -9.45 46.00
N VAL T 321 -109.92 -8.15 45.82
CA VAL T 321 -110.16 -7.53 44.50
C VAL T 321 -108.99 -6.62 44.09
N ILE T 322 -108.31 -6.99 43.00
CA ILE T 322 -107.22 -6.17 42.44
C ILE T 322 -107.59 -5.71 41.03
N CYS T 323 -108.11 -4.48 40.94
CA CYS T 323 -108.66 -3.96 39.70
C CYS T 323 -107.77 -2.88 39.09
N GLN T 324 -107.76 -2.79 37.76
CA GLN T 324 -106.95 -1.81 37.02
C GLN T 324 -107.47 -0.38 37.14
N TRP T 325 -108.77 -0.20 36.89
CA TRP T 325 -109.39 1.13 36.97
C TRP T 325 -110.10 1.35 38.30
N GLY T 326 -110.42 2.61 38.59
CA GLY T 326 -110.85 3.03 39.93
C GLY T 326 -112.26 2.69 40.34
N PHE T 327 -112.43 2.43 41.64
CA PHE T 327 -113.74 2.09 42.21
C PHE T 327 -114.57 3.34 42.49
N ASP T 328 -115.89 3.18 42.44
CA ASP T 328 -116.80 4.26 42.75
C ASP T 328 -117.14 4.27 44.23
N ASP T 329 -117.43 5.46 44.75
CA ASP T 329 -117.59 5.68 46.18
C ASP T 329 -118.63 4.78 46.84
N GLU T 330 -119.74 4.56 46.13
CA GLU T 330 -120.79 3.66 46.60
C GLU T 330 -120.32 2.22 46.56
N ALA T 331 -119.52 1.88 45.55
CA ALA T 331 -119.03 0.52 45.33
C ALA T 331 -117.96 0.11 46.33
N ASN T 332 -117.28 1.09 46.90
CA ASN T 332 -116.21 0.83 47.84
C ASN T 332 -116.72 0.37 49.20
N HIS T 333 -117.81 0.97 49.67
CA HIS T 333 -118.39 0.61 50.96
C HIS T 333 -119.06 -0.75 50.89
N LEU T 334 -119.66 -1.05 49.73
CA LEU T 334 -120.29 -2.34 49.49
C LEU T 334 -119.26 -3.45 49.32
N LEU T 335 -118.00 -3.07 49.10
CA LEU T 335 -116.93 -4.04 49.06
C LEU T 335 -116.42 -4.33 50.47
N LEU T 336 -116.48 -3.31 51.33
CA LEU T 336 -116.10 -3.44 52.74
C LEU T 336 -117.08 -4.36 53.45
N GLN T 337 -118.36 -4.00 53.42
CA GLN T 337 -119.42 -4.73 54.12
C GLN T 337 -119.35 -6.23 53.88
N ASN T 338 -119.14 -6.63 52.61
CA ASN T 338 -119.10 -8.03 52.22
C ASN T 338 -117.72 -8.69 52.37
N ASP T 339 -116.86 -8.05 53.17
CA ASP T 339 -115.51 -8.54 53.43
C ASP T 339 -114.73 -8.85 52.14
N LEU T 340 -114.60 -7.82 51.31
CA LEU T 340 -113.79 -7.91 50.11
C LEU T 340 -112.77 -6.78 50.04
N PRO T 341 -111.58 -6.99 50.65
CA PRO T 341 -110.47 -6.07 50.51
C PRO T 341 -110.23 -5.70 49.04
N ALA T 342 -109.98 -4.42 48.79
CA ALA T 342 -109.86 -3.92 47.42
C ALA T 342 -108.58 -3.14 47.18
N VAL T 343 -108.10 -3.16 45.95
CA VAL T 343 -106.92 -2.39 45.54
C VAL T 343 -107.25 -1.44 44.39
N ARG T 344 -107.48 -0.17 44.73
CA ARG T 344 -107.82 0.89 43.77
C ARG T 344 -106.66 1.14 42.80
N TRP T 345 -107.00 1.35 41.52
CA TRP T 345 -106.04 1.78 40.48
C TRP T 345 -104.71 0.98 40.45
N VAL T 346 -104.72 -0.17 39.78
CA VAL T 346 -103.51 -0.99 39.69
C VAL T 346 -102.87 -0.85 38.31
N GLY T 347 -101.55 -0.69 38.28
CA GLY T 347 -100.78 -0.55 37.05
C GLY T 347 -101.03 -1.65 36.02
N GLY T 348 -100.84 -1.29 34.75
CA GLY T 348 -101.00 -2.23 33.64
C GLY T 348 -99.96 -3.33 33.65
N GLN T 349 -98.69 -2.95 33.75
CA GLN T 349 -97.58 -3.90 33.85
C GLN T 349 -97.64 -4.68 35.17
N GLU T 350 -98.07 -4.00 36.23
CA GLU T 350 -98.15 -4.60 37.57
C GLU T 350 -99.31 -5.60 37.75
N LEU T 351 -100.41 -5.41 37.04
CA LEU T 351 -101.49 -6.40 37.00
C LEU T 351 -101.02 -7.72 36.41
N GLU T 352 -100.28 -7.65 35.31
CA GLU T 352 -99.71 -8.82 34.66
C GLU T 352 -98.75 -9.56 35.59
N HIS T 353 -97.90 -8.83 36.29
CA HIS T 353 -96.99 -9.41 37.28
C HIS T 353 -97.75 -10.05 38.44
N ILE T 354 -98.97 -9.57 38.70
CA ILE T 354 -99.84 -10.19 39.71
C ILE T 354 -100.43 -11.48 39.16
N ALA T 355 -101.03 -11.41 37.98
CA ALA T 355 -101.70 -12.56 37.36
C ALA T 355 -100.76 -13.74 37.18
N ILE T 356 -99.48 -13.42 36.95
CA ILE T 356 -98.46 -14.44 36.70
C ILE T 356 -98.05 -15.16 37.98
N SER T 357 -97.73 -14.39 39.02
CA SER T 357 -97.25 -14.97 40.29
C SER T 357 -98.37 -15.58 41.14
N THR T 358 -99.61 -15.25 40.80
CA THR T 358 -100.77 -15.80 41.51
C THR T 358 -101.38 -16.97 40.77
N ASN T 359 -100.86 -17.24 39.57
CA ASN T 359 -101.36 -18.31 38.68
C ASN T 359 -102.72 -17.92 38.07
N GLY T 360 -103.26 -16.79 38.51
CA GLY T 360 -104.60 -16.34 38.09
C GLY T 360 -104.65 -15.78 36.69
N ARG T 361 -105.86 -15.36 36.28
CA ARG T 361 -106.07 -14.81 34.94
C ARG T 361 -106.74 -13.44 35.02
N ILE T 362 -106.61 -12.69 33.93
CA ILE T 362 -107.13 -11.32 33.88
C ILE T 362 -108.54 -11.31 33.27
N VAL T 363 -109.47 -10.65 33.96
CA VAL T 363 -110.89 -10.72 33.64
C VAL T 363 -111.43 -9.37 33.13
N PRO T 364 -111.95 -9.34 31.89
CA PRO T 364 -112.45 -8.14 31.21
C PRO T 364 -113.63 -7.47 31.90
N ARG T 365 -114.73 -8.22 32.09
CA ARG T 365 -115.96 -7.70 32.67
C ARG T 365 -116.42 -8.53 33.86
N PHE T 366 -117.49 -8.11 34.53
CA PHE T 366 -118.04 -8.87 35.65
C PHE T 366 -118.67 -10.19 35.21
N GLN T 367 -119.29 -10.17 34.03
CA GLN T 367 -119.95 -11.34 33.45
C GLN T 367 -118.99 -12.52 33.17
N ASP T 368 -117.70 -12.22 33.14
CA ASP T 368 -116.66 -13.19 32.77
C ASP T 368 -115.91 -13.77 33.97
N LEU T 369 -116.27 -13.32 35.17
CA LEU T 369 -115.58 -13.74 36.38
C LEU T 369 -116.03 -15.14 36.82
N SER T 370 -115.05 -16.04 36.98
CA SER T 370 -115.32 -17.42 37.33
C SER T 370 -114.35 -17.92 38.41
N LYS T 371 -114.81 -18.89 39.21
CA LYS T 371 -114.00 -19.49 40.28
C LYS T 371 -112.67 -20.09 39.79
N ASP T 372 -112.49 -20.12 38.47
CA ASP T 372 -111.28 -20.67 37.85
C ASP T 372 -110.29 -19.60 37.41
N LYS T 373 -110.77 -18.35 37.32
CA LYS T 373 -109.95 -17.23 36.89
C LYS T 373 -109.47 -16.34 38.06
N LEU T 374 -109.26 -16.96 39.22
CA LEU T 374 -108.83 -16.25 40.43
C LEU T 374 -107.34 -16.47 40.71
N GLY T 375 -106.74 -15.54 41.45
CA GLY T 375 -105.32 -15.65 41.78
C GLY T 375 -105.06 -16.25 43.15
N THR T 376 -104.28 -17.31 43.19
CA THR T 376 -103.95 -18.02 44.44
C THR T 376 -102.80 -17.33 45.19
N CYS T 377 -102.98 -17.10 46.48
CA CYS T 377 -101.95 -16.47 47.31
C CYS T 377 -101.74 -17.16 48.64
N SER T 378 -100.59 -16.91 49.23
CA SER T 378 -100.28 -17.41 50.56
C SER T 378 -100.63 -16.33 51.57
N ARG T 379 -100.45 -15.07 51.18
CA ARG T 379 -100.61 -13.93 52.07
C ARG T 379 -100.66 -12.63 51.27
N ILE T 380 -101.55 -11.71 51.69
CA ILE T 380 -101.54 -10.33 51.20
C ILE T 380 -101.64 -9.40 52.41
N TYR T 381 -100.60 -8.61 52.62
CA TYR T 381 -100.52 -7.71 53.76
C TYR T 381 -100.09 -6.32 53.36
N GLU T 382 -100.61 -5.34 54.09
CA GLU T 382 -100.21 -3.95 53.94
C GLU T 382 -99.11 -3.64 54.95
N GLN T 383 -97.89 -3.55 54.43
CA GLN T 383 -96.69 -3.30 55.22
C GLN T 383 -96.51 -1.81 55.47
N GLU T 384 -96.15 -1.46 56.70
CA GLU T 384 -95.73 -0.10 57.01
C GLU T 384 -94.31 0.07 56.44
N PHE T 385 -94.25 0.31 55.12
CA PHE T 385 -92.98 0.53 54.39
C PHE T 385 -92.06 1.45 55.19
N GLY T 386 -92.51 2.69 55.41
CA GLY T 386 -91.74 3.63 56.23
C GLY T 386 -92.17 3.53 57.68
N THR T 387 -91.58 4.37 58.51
CA THR T 387 -92.02 4.53 59.89
C THR T 387 -93.11 5.59 59.93
N THR T 388 -93.02 6.53 59.00
CA THR T 388 -93.96 7.64 58.94
C THR T 388 -94.50 7.83 57.53
N LYS T 389 -93.78 7.29 56.54
CA LYS T 389 -94.10 7.52 55.13
C LYS T 389 -95.45 6.94 54.66
N ASP T 390 -95.41 5.98 53.74
CA ASP T 390 -96.62 5.41 53.14
C ASP T 390 -96.66 3.90 53.24
N ARG T 391 -97.86 3.35 53.21
CA ARG T 391 -98.02 1.90 53.18
C ARG T 391 -97.79 1.36 51.76
N MET T 392 -97.53 0.06 51.68
CA MET T 392 -97.38 -0.64 50.40
C MET T 392 -98.14 -1.97 50.48
N LEU T 393 -98.35 -2.64 49.35
CA LEU T 393 -99.04 -3.92 49.34
C LEU T 393 -98.20 -5.07 48.81
N ILE T 394 -97.92 -6.02 49.70
CA ILE T 394 -97.11 -7.18 49.36
C ILE T 394 -98.05 -8.35 49.11
N ILE T 395 -97.82 -9.06 48.00
CA ILE T 395 -98.55 -10.29 47.71
C ILE T 395 -97.53 -11.42 47.50
N GLU T 396 -97.20 -12.11 48.60
CA GLU T 396 -96.12 -13.08 48.61
C GLU T 396 -96.58 -14.51 48.38
N GLN T 397 -95.63 -15.38 48.07
CA GLN T 397 -95.87 -16.81 47.87
C GLN T 397 -94.80 -17.65 48.58
N SER T 398 -95.18 -18.86 48.95
CA SER T 398 -94.20 -19.83 49.46
C SER T 398 -93.67 -20.69 48.31
N LYS T 399 -94.46 -20.79 47.24
CA LYS T 399 -94.06 -21.49 46.01
C LYS T 399 -93.22 -20.58 45.10
N GLU T 400 -92.45 -21.19 44.20
CA GLU T 400 -91.64 -20.43 43.23
C GLU T 400 -92.52 -19.97 42.06
N THR T 401 -92.54 -18.65 41.85
CA THR T 401 -93.42 -18.04 40.87
C THR T 401 -92.63 -17.46 39.70
N LYS T 402 -93.23 -17.47 38.51
CA LYS T 402 -92.57 -16.98 37.29
C LYS T 402 -92.17 -15.49 37.31
N THR T 403 -92.84 -14.69 38.15
CA THR T 403 -92.43 -13.29 38.41
C THR T 403 -91.81 -13.18 39.80
N VAL T 404 -90.71 -12.45 39.91
CA VAL T 404 -90.12 -12.14 41.21
C VAL T 404 -89.72 -10.66 41.34
N THR T 405 -90.24 -10.02 42.38
CA THR T 405 -89.96 -8.61 42.68
C THR T 405 -88.78 -8.50 43.63
N CYS T 406 -87.77 -7.75 43.19
CA CYS T 406 -86.52 -7.60 43.93
C CYS T 406 -86.50 -6.29 44.70
N PHE T 407 -86.89 -6.36 45.97
CA PHE T 407 -87.08 -5.18 46.81
C PHE T 407 -85.78 -4.77 47.51
N VAL T 408 -85.17 -3.69 47.05
CA VAL T 408 -83.90 -3.22 47.59
C VAL T 408 -84.12 -2.08 48.58
N ARG T 409 -83.42 -2.16 49.70
CA ARG T 409 -83.46 -1.12 50.72
C ARG T 409 -82.05 -0.62 51.06
N GLY T 410 -81.98 0.63 51.53
CA GLY T 410 -80.70 1.23 51.94
C GLY T 410 -80.92 2.42 52.84
N SER T 411 -79.83 3.00 53.34
CA SER T 411 -79.90 4.16 54.24
C SER T 411 -79.77 5.50 53.53
N ASN T 412 -79.74 5.47 52.20
CA ASN T 412 -79.58 6.68 51.40
C ASN T 412 -79.94 6.50 49.92
N LYS T 413 -80.64 7.49 49.38
CA LYS T 413 -81.10 7.50 47.99
C LYS T 413 -80.02 7.18 46.94
N MET T 414 -78.75 7.30 47.31
CA MET T 414 -77.63 7.02 46.40
C MET T 414 -77.04 5.63 46.59
N ILE T 415 -77.37 4.99 47.71
CA ILE T 415 -76.96 3.60 47.98
C ILE T 415 -77.99 2.68 47.34
N VAL T 416 -79.27 2.96 47.60
CA VAL T 416 -80.37 2.22 47.00
C VAL T 416 -80.19 2.11 45.48
N ASP T 417 -80.01 3.25 44.82
CA ASP T 417 -79.82 3.27 43.37
C ASP T 417 -78.60 2.45 42.93
N GLU T 418 -77.50 2.58 43.66
CA GLU T 418 -76.29 1.81 43.39
C GLU T 418 -76.49 0.31 43.65
N ALA T 419 -77.22 0.00 44.71
CA ALA T 419 -77.51 -1.40 45.04
C ALA T 419 -78.36 -2.06 43.97
N GLU T 420 -79.46 -1.40 43.58
CA GLU T 420 -80.27 -1.85 42.45
C GLU T 420 -79.37 -2.09 41.24
N ARG T 421 -78.41 -1.21 41.06
CA ARG T 421 -77.51 -1.25 39.91
C ARG T 421 -76.51 -2.38 40.05
N ALA T 422 -76.18 -2.73 41.29
CA ALA T 422 -75.26 -3.82 41.59
C ALA T 422 -75.89 -5.20 41.41
N LEU T 423 -77.19 -5.30 41.74
CA LEU T 423 -77.95 -6.55 41.53
C LEU T 423 -78.11 -6.83 40.04
N HIS T 424 -78.51 -5.82 39.28
CA HIS T 424 -78.71 -5.95 37.83
C HIS T 424 -77.45 -6.40 37.12
N ASP T 425 -76.30 -5.89 37.55
CA ASP T 425 -75.01 -6.36 37.04
C ASP T 425 -74.73 -7.80 37.46
N SER T 426 -75.11 -8.13 38.69
CA SER T 426 -74.94 -9.47 39.24
C SER T 426 -75.94 -10.43 38.62
N LEU T 427 -77.17 -9.96 38.44
CA LEU T 427 -78.25 -10.74 37.88
C LEU T 427 -77.91 -11.13 36.43
N CYS T 428 -77.20 -10.23 35.75
CA CYS T 428 -76.82 -10.42 34.35
C CYS T 428 -75.75 -11.50 34.18
N VAL T 429 -74.72 -11.49 35.02
CA VAL T 429 -73.65 -12.48 34.90
C VAL T 429 -74.16 -13.89 35.16
N VAL T 430 -75.33 -13.99 35.79
CA VAL T 430 -76.01 -15.28 36.00
C VAL T 430 -76.85 -15.66 34.76
N ARG T 431 -77.51 -14.66 34.16
CA ARG T 431 -78.26 -14.87 32.93
C ARG T 431 -77.34 -15.31 31.80
N ASN T 432 -76.13 -14.75 31.75
CA ASN T 432 -75.14 -15.10 30.74
C ASN T 432 -74.66 -16.53 30.89
N LEU T 433 -74.64 -17.01 32.13
CA LEU T 433 -74.18 -18.37 32.42
C LEU T 433 -75.23 -19.43 32.14
N VAL T 434 -76.49 -19.04 32.23
CA VAL T 434 -77.59 -19.90 31.83
C VAL T 434 -77.57 -20.06 30.31
N LYS T 435 -77.33 -18.95 29.60
CA LYS T 435 -77.17 -18.99 28.13
C LYS T 435 -75.91 -19.78 27.78
N ASP T 436 -74.76 -19.31 28.28
CA ASP T 436 -73.49 -19.98 28.08
C ASP T 436 -72.99 -20.56 29.40
N SER T 437 -73.16 -21.86 29.56
CA SER T 437 -72.80 -22.54 30.79
C SER T 437 -71.31 -22.85 30.91
N ARG T 438 -70.46 -21.98 30.36
CA ARG T 438 -69.01 -22.15 30.49
C ARG T 438 -68.34 -20.93 31.12
N VAL T 439 -67.28 -21.17 31.89
CA VAL T 439 -66.61 -20.12 32.66
C VAL T 439 -65.10 -20.03 32.39
N VAL T 440 -64.56 -18.82 32.54
CA VAL T 440 -63.11 -18.62 32.60
C VAL T 440 -62.80 -18.01 33.96
N TYR T 441 -61.53 -17.85 34.28
CA TYR T 441 -61.13 -17.36 35.60
C TYR T 441 -60.54 -15.96 35.52
N GLY T 442 -61.13 -15.05 36.28
CA GLY T 442 -60.76 -13.64 36.25
C GLY T 442 -59.52 -13.31 37.03
N GLY T 443 -59.46 -12.10 37.58
CA GLY T 443 -58.28 -11.60 38.27
C GLY T 443 -57.14 -11.34 37.30
N GLY T 444 -57.46 -11.29 36.02
CA GLY T 444 -56.48 -11.09 34.97
C GLY T 444 -56.13 -12.37 34.25
N ALA T 445 -56.22 -13.49 34.96
CA ALA T 445 -55.81 -14.80 34.44
C ALA T 445 -56.16 -15.01 32.97
N ALA T 446 -57.42 -14.73 32.63
CA ALA T 446 -57.90 -14.85 31.27
C ALA T 446 -57.12 -13.94 30.32
N GLU T 447 -57.05 -12.65 30.64
CA GLU T 447 -56.29 -11.69 29.84
C GLU T 447 -54.83 -12.14 29.63
N VAL T 448 -54.28 -12.83 30.63
CA VAL T 448 -52.88 -13.27 30.61
C VAL T 448 -52.64 -14.48 29.70
N THR T 449 -53.54 -15.46 29.73
CA THR T 449 -53.43 -16.64 28.85
C THR T 449 -53.51 -16.21 27.38
N MET T 450 -54.34 -15.22 27.11
CA MET T 450 -54.47 -14.63 25.79
C MET T 450 -53.21 -13.89 25.39
N SER T 451 -52.72 -13.03 26.29
CA SER T 451 -51.49 -12.27 26.04
C SER T 451 -50.30 -13.18 25.83
N LEU T 452 -50.27 -14.30 26.53
CA LEU T 452 -49.23 -15.31 26.36
C LEU T 452 -49.40 -16.06 25.05
N ALA T 453 -50.64 -16.41 24.72
CA ALA T 453 -50.92 -17.17 23.50
C ALA T 453 -50.67 -16.35 22.24
N VAL T 454 -51.00 -15.06 22.29
CA VAL T 454 -50.78 -14.13 21.16
C VAL T 454 -49.29 -13.83 21.05
N SER T 455 -48.63 -13.73 22.20
CA SER T 455 -47.21 -13.44 22.25
C SER T 455 -46.42 -14.54 21.52
N GLU T 456 -46.64 -15.79 21.90
CA GLU T 456 -45.89 -16.92 21.34
C GLU T 456 -46.12 -17.10 19.84
N GLU T 457 -47.29 -16.72 19.37
CA GLU T 457 -47.63 -16.85 17.96
C GLU T 457 -47.29 -15.57 17.19
N ALA T 458 -46.61 -14.63 17.84
CA ALA T 458 -46.12 -13.42 17.17
C ALA T 458 -44.83 -13.69 16.39
N ASP T 459 -43.99 -14.56 16.95
CA ASP T 459 -42.72 -14.98 16.32
C ASP T 459 -43.00 -15.83 15.09
N LYS T 460 -44.04 -16.65 15.17
CA LYS T 460 -44.47 -17.49 14.05
C LYS T 460 -45.29 -16.71 13.01
N GLN T 461 -45.71 -15.48 13.34
CA GLN T 461 -46.38 -14.60 12.38
C GLN T 461 -45.34 -14.03 11.40
N ARG T 462 -44.32 -13.36 11.96
CA ARG T 462 -43.26 -12.67 11.20
C ARG T 462 -43.80 -11.53 10.30
N GLY T 463 -42.90 -10.86 9.58
CA GLY T 463 -43.27 -9.76 8.68
C GLY T 463 -43.76 -8.53 9.42
N ILE T 464 -44.80 -7.89 8.88
CA ILE T 464 -45.34 -6.63 9.41
C ILE T 464 -46.20 -6.88 10.65
N ASP T 465 -47.00 -7.95 10.60
CA ASP T 465 -47.95 -8.30 11.66
C ASP T 465 -47.26 -8.77 12.94
N GLN T 466 -45.95 -9.01 12.86
CA GLN T 466 -45.14 -9.38 14.02
C GLN T 466 -45.23 -8.34 15.13
N TYR T 467 -45.20 -7.06 14.74
CA TYR T 467 -45.29 -5.93 15.67
C TYR T 467 -46.72 -5.66 16.13
N ALA T 468 -47.69 -6.01 15.28
CA ALA T 468 -49.11 -5.82 15.58
C ALA T 468 -49.60 -6.81 16.63
N PHE T 469 -49.21 -8.07 16.48
CA PHE T 469 -49.55 -9.13 17.42
C PHE T 469 -48.93 -8.87 18.79
N ARG T 470 -47.63 -8.55 18.78
CA ARG T 470 -46.91 -8.19 20.00
C ARG T 470 -47.56 -7.01 20.70
N GLY T 471 -48.11 -6.09 19.91
CA GLY T 471 -48.85 -4.94 20.42
C GLY T 471 -50.16 -5.34 21.09
N PHE T 472 -50.97 -6.13 20.38
CA PHE T 472 -52.24 -6.61 20.90
C PHE T 472 -52.04 -7.26 22.26
N ALA T 473 -51.06 -8.15 22.32
CA ALA T 473 -50.75 -8.89 23.55
C ALA T 473 -50.28 -7.97 24.68
N GLN T 474 -49.46 -6.98 24.32
CA GLN T 474 -48.89 -6.05 25.30
C GLN T 474 -49.93 -5.09 25.86
N ALA T 475 -50.95 -4.78 25.04
CA ALA T 475 -52.04 -3.88 25.43
C ALA T 475 -53.05 -4.58 26.34
N LEU T 476 -53.11 -5.91 26.25
CA LEU T 476 -53.94 -6.71 27.15
C LEU T 476 -53.42 -6.70 28.58
N ASP T 477 -52.11 -6.59 28.71
CA ASP T 477 -51.45 -6.67 30.00
C ASP T 477 -51.73 -5.46 30.90
N THR T 478 -52.36 -4.42 30.35
CA THR T 478 -52.79 -3.29 31.16
C THR T 478 -53.90 -3.68 32.16
N ILE T 479 -54.77 -4.63 31.77
CA ILE T 479 -55.83 -5.13 32.67
C ILE T 479 -55.28 -5.74 33.98
N PRO T 480 -54.39 -6.76 33.89
CA PRO T 480 -53.79 -7.26 35.12
C PRO T 480 -52.92 -6.21 35.83
N MET T 481 -52.16 -5.43 35.07
CA MET T 481 -51.27 -4.43 35.65
C MET T 481 -52.01 -3.31 36.38
N THR T 482 -53.13 -2.87 35.80
CA THR T 482 -53.98 -1.86 36.45
C THR T 482 -54.95 -2.51 37.44
N LEU T 483 -54.86 -3.84 37.57
CA LEU T 483 -55.55 -4.52 38.65
C LEU T 483 -54.66 -4.64 39.89
N ALA T 484 -53.37 -4.91 39.66
CA ALA T 484 -52.36 -4.92 40.71
C ALA T 484 -52.00 -3.50 41.12
N GLU T 485 -52.24 -2.55 40.21
CA GLU T 485 -52.03 -1.13 40.43
C GLU T 485 -52.97 -0.60 41.50
N ASN T 486 -54.27 -0.78 41.28
CA ASN T 486 -55.32 -0.32 42.20
C ASN T 486 -55.29 -1.03 43.55
N SER T 487 -54.98 -2.33 43.50
CA SER T 487 -54.98 -3.20 44.67
C SER T 487 -53.80 -2.88 45.58
N GLY T 488 -52.67 -2.49 44.99
CA GLY T 488 -51.54 -1.96 45.76
C GLY T 488 -50.22 -2.69 45.61
N LEU T 489 -50.07 -3.44 44.53
CA LEU T 489 -48.86 -4.21 44.28
C LEU T 489 -47.99 -3.55 43.22
N ASP T 490 -46.86 -4.18 42.91
CA ASP T 490 -46.02 -3.79 41.79
C ASP T 490 -46.68 -4.24 40.48
N PRO T 491 -46.78 -3.34 39.49
CA PRO T 491 -47.31 -3.75 38.18
C PRO T 491 -46.46 -4.79 37.43
N ILE T 492 -45.16 -4.56 37.29
CA ILE T 492 -44.26 -5.51 36.61
C ILE T 492 -44.15 -6.82 37.40
N GLY T 493 -44.01 -6.68 38.72
CA GLY T 493 -43.84 -7.80 39.62
C GLY T 493 -44.96 -8.80 39.47
N THR T 494 -46.19 -8.34 39.68
CA THR T 494 -47.39 -9.16 39.55
C THR T 494 -47.52 -9.74 38.13
N LEU T 495 -47.14 -8.98 37.11
CA LEU T 495 -47.22 -9.45 35.73
C LEU T 495 -46.16 -10.51 35.41
N SER T 496 -44.93 -10.29 35.84
CA SER T 496 -43.84 -11.23 35.55
C SER T 496 -43.87 -12.48 36.43
N THR T 497 -44.52 -12.40 37.59
CA THR T 497 -44.72 -13.56 38.44
C THR T 497 -45.88 -14.39 37.91
N LEU T 498 -46.93 -13.71 37.50
CA LEU T 498 -48.16 -14.32 37.02
C LEU T 498 -47.96 -15.05 35.68
N LYS T 499 -47.53 -14.31 34.67
CA LYS T 499 -47.30 -14.87 33.33
C LYS T 499 -46.25 -15.99 33.36
N SER T 500 -45.22 -15.81 34.18
CA SER T 500 -44.17 -16.82 34.32
C SER T 500 -44.72 -18.11 34.92
N LYS T 501 -45.50 -17.98 35.98
CA LYS T 501 -46.13 -19.13 36.65
C LYS T 501 -47.17 -19.83 35.77
N GLN T 502 -47.61 -19.15 34.72
CA GLN T 502 -48.58 -19.72 33.80
C GLN T 502 -47.90 -20.51 32.68
N LEU T 503 -46.56 -20.53 32.71
CA LEU T 503 -45.76 -21.31 31.75
C LEU T 503 -45.06 -22.48 32.42
N LYS T 504 -44.44 -22.22 33.57
CA LYS T 504 -43.81 -23.26 34.39
C LYS T 504 -44.82 -24.36 34.69
N GLU T 505 -46.01 -23.95 35.12
CA GLU T 505 -47.14 -24.86 35.28
C GLU T 505 -47.99 -24.85 34.00
N LYS T 506 -48.64 -25.98 33.73
CA LYS T 506 -49.57 -26.08 32.59
C LYS T 506 -50.85 -25.29 32.87
N ILE T 507 -51.11 -25.00 34.15
CA ILE T 507 -52.27 -24.23 34.61
C ILE T 507 -52.37 -22.90 33.85
N SER T 508 -53.60 -22.52 33.52
CA SER T 508 -53.89 -21.22 32.91
C SER T 508 -54.88 -20.42 33.76
N ASN T 509 -55.00 -20.82 35.03
CA ASN T 509 -55.95 -20.23 35.98
C ASN T 509 -55.28 -19.58 37.20
N ILE T 510 -54.15 -18.91 36.95
CA ILE T 510 -53.38 -18.24 37.99
C ILE T 510 -53.63 -16.73 37.88
N GLY T 511 -53.94 -16.07 38.99
CA GLY T 511 -54.26 -14.64 38.97
C GLY T 511 -53.67 -13.79 40.08
N VAL T 512 -54.31 -12.64 40.34
CA VAL T 512 -53.89 -11.73 41.40
C VAL T 512 -54.77 -11.86 42.64
N ASP T 513 -54.14 -12.00 43.80
CA ASP T 513 -54.87 -11.98 45.06
C ASP T 513 -55.11 -10.52 45.43
N CYS T 514 -55.99 -9.88 44.68
CA CYS T 514 -56.39 -8.50 44.91
C CYS T 514 -56.98 -8.26 46.31
N LEU T 515 -57.49 -9.33 46.92
CA LEU T 515 -57.97 -9.27 48.30
C LEU T 515 -56.82 -9.44 49.30
N GLY T 516 -55.84 -10.27 48.94
CA GLY T 516 -54.65 -10.42 49.77
C GLY T 516 -54.59 -11.74 50.52
N TYR T 517 -55.05 -12.80 49.87
CA TYR T 517 -54.88 -14.15 50.39
C TYR T 517 -53.57 -14.73 49.85
N GLY T 518 -53.08 -15.80 50.48
CA GLY T 518 -51.77 -16.38 50.17
C GLY T 518 -51.52 -16.89 48.76
N SER T 519 -52.55 -17.50 48.16
CA SER T 519 -52.45 -18.12 46.82
C SER T 519 -52.92 -17.22 45.67
N ASN T 520 -52.36 -17.49 44.49
CA ASN T 520 -52.74 -16.82 43.25
C ASN T 520 -53.71 -17.70 42.45
N ASP T 521 -54.18 -18.76 43.08
CA ASP T 521 -55.01 -19.76 42.40
C ASP T 521 -56.47 -19.34 42.37
N MET T 522 -56.83 -18.64 41.29
CA MET T 522 -58.18 -18.10 41.10
C MET T 522 -59.28 -19.14 41.29
N LYS T 523 -59.01 -20.38 40.85
CA LYS T 523 -59.95 -21.49 40.96
C LYS T 523 -60.36 -21.72 42.41
N GLU T 524 -59.36 -21.91 43.27
CA GLU T 524 -59.58 -22.13 44.71
C GLU T 524 -60.16 -20.89 45.39
N LEU T 525 -59.85 -19.72 44.84
CA LEU T 525 -60.28 -18.45 45.41
C LEU T 525 -61.65 -17.97 44.91
N PHE T 526 -62.26 -18.72 43.98
CA PHE T 526 -63.59 -18.43 43.46
C PHE T 526 -63.70 -17.05 42.78
N VAL T 527 -62.69 -16.70 41.99
CA VAL T 527 -62.75 -15.51 41.14
C VAL T 527 -63.09 -15.96 39.72
N VAL T 528 -64.39 -15.92 39.41
CA VAL T 528 -64.95 -16.55 38.21
C VAL T 528 -65.73 -15.55 37.32
N ASP T 529 -65.30 -15.43 36.07
CA ASP T 529 -65.98 -14.60 35.06
C ASP T 529 -66.60 -15.50 33.97
N PRO T 530 -67.87 -15.23 33.58
CA PRO T 530 -68.50 -15.99 32.47
C PRO T 530 -67.71 -15.87 31.17
N PHE T 531 -67.82 -16.85 30.28
CA PHE T 531 -66.98 -16.88 29.07
C PHE T 531 -67.38 -15.86 28.01
N ILE T 532 -68.68 -15.75 27.73
CA ILE T 532 -69.18 -14.75 26.79
C ILE T 532 -68.84 -13.36 27.33
N GLY T 533 -68.83 -13.25 28.66
CA GLY T 533 -68.39 -12.04 29.35
C GLY T 533 -67.07 -11.54 28.81
N LYS T 534 -66.05 -12.40 28.88
CA LYS T 534 -64.70 -12.05 28.45
C LYS T 534 -64.53 -11.89 26.94
N LYS T 535 -65.10 -12.79 26.13
CA LYS T 535 -64.97 -12.74 24.67
C LYS T 535 -65.49 -11.43 24.06
N GLN T 536 -66.71 -11.06 24.44
CA GLN T 536 -67.34 -9.80 24.02
C GLN T 536 -66.50 -8.59 24.45
N GLN T 537 -65.87 -8.71 25.62
CA GLN T 537 -65.00 -7.66 26.14
C GLN T 537 -63.68 -7.57 25.38
N ILE T 538 -63.58 -8.27 24.25
CA ILE T 538 -62.38 -8.19 23.40
C ILE T 538 -62.77 -7.77 21.99
N LEU T 539 -63.76 -8.45 21.43
CA LEU T 539 -64.25 -8.14 20.09
C LEU T 539 -64.73 -6.69 19.95
N LEU T 540 -65.43 -6.20 20.98
CA LEU T 540 -65.96 -4.85 20.99
C LEU T 540 -64.87 -3.79 20.96
N ALA T 541 -63.78 -4.08 21.66
CA ALA T 541 -62.63 -3.19 21.70
C ALA T 541 -61.81 -3.25 20.42
N THR T 542 -61.62 -4.45 19.86
CA THR T 542 -60.83 -4.64 18.65
C THR T 542 -61.54 -4.10 17.41
N GLN T 543 -62.88 -4.12 17.45
CA GLN T 543 -63.68 -3.61 16.34
C GLN T 543 -63.86 -2.10 16.36
N LEU T 544 -64.15 -1.55 17.54
CA LEU T 544 -64.19 -0.10 17.70
C LEU T 544 -62.79 0.50 17.44
N CYS T 545 -61.76 -0.25 17.82
CA CYS T 545 -60.37 0.15 17.59
C CYS T 545 -60.04 0.24 16.10
N ARG T 546 -60.47 -0.75 15.33
CA ARG T 546 -60.30 -0.75 13.87
C ARG T 546 -60.98 0.45 13.22
N MET T 547 -62.18 0.78 13.71
CA MET T 547 -62.92 1.95 13.25
C MET T 547 -62.14 3.25 13.44
N ILE T 548 -61.51 3.41 14.61
CA ILE T 548 -60.71 4.60 14.89
C ILE T 548 -59.51 4.72 13.95
N LEU T 549 -58.86 3.59 13.67
CA LEU T 549 -57.68 3.55 12.81
C LEU T 549 -58.02 3.83 11.36
N LYS T 550 -59.21 3.41 10.93
CA LYS T 550 -59.70 3.67 9.58
C LYS T 550 -59.88 5.16 9.32
N ILE T 551 -60.26 5.89 10.36
CA ILE T 551 -60.41 7.34 10.27
C ILE T 551 -59.03 8.01 10.19
N ASP T 552 -58.86 8.90 9.21
CA ASP T 552 -57.69 9.76 9.14
C ASP T 552 -58.08 11.17 8.71
N ASN T 553 -59.20 11.28 8.03
CA ASN T 553 -59.72 12.58 7.62
C ASN T 553 -60.95 12.87 8.46
N VAL T 554 -60.97 14.03 9.10
CA VAL T 554 -62.04 14.39 10.01
C VAL T 554 -62.57 15.77 9.70
N ILE T 555 -63.89 15.89 9.55
CA ILE T 555 -64.52 17.20 9.38
C ILE T 555 -65.63 17.38 10.41
N ILE T 556 -65.49 18.44 11.20
CA ILE T 556 -66.46 18.78 12.24
C ILE T 556 -67.06 20.15 11.93
N SER T 557 -68.39 20.26 12.05
CA SER T 557 -69.08 21.53 11.85
C SER T 557 -69.08 22.40 13.12
N GLY T 558 -69.80 23.52 13.06
CA GLY T 558 -69.90 24.42 14.21
C GLY T 558 -70.86 23.93 15.28
N LYS T 559 -70.83 24.60 16.42
CA LYS T 559 -71.72 24.31 17.55
C LYS T 559 -72.65 25.48 17.85
N VAL U 3 -55.47 17.54 25.70
CA VAL U 3 -56.71 17.42 24.95
C VAL U 3 -57.93 17.44 25.86
N GLN U 4 -58.79 18.43 25.65
CA GLN U 4 -60.01 18.57 26.45
C GLN U 4 -61.05 17.55 26.00
N ILE U 5 -61.73 16.97 26.98
CA ILE U 5 -62.63 15.85 26.73
C ILE U 5 -64.09 16.30 26.86
N PHE U 6 -64.40 16.91 28.00
CA PHE U 6 -65.78 17.24 28.36
C PHE U 6 -66.27 18.48 27.62
N GLY U 7 -67.58 18.70 27.63
CA GLY U 7 -68.19 19.92 27.13
C GLY U 7 -67.91 21.09 28.05
N ASP U 8 -68.49 22.26 27.73
CA ASP U 8 -68.18 23.49 28.47
C ASP U 8 -68.97 23.62 29.78
N GLN U 9 -68.43 24.41 30.70
CA GLN U 9 -68.96 24.61 32.05
C GLN U 9 -69.02 23.30 32.88
N VAL U 10 -68.17 22.34 32.52
CA VAL U 10 -68.12 21.01 33.19
C VAL U 10 -66.90 20.93 34.12
N THR U 11 -67.12 20.41 35.34
CA THR U 11 -66.12 20.39 36.41
C THR U 11 -65.59 19.01 36.70
N GLU U 12 -64.27 18.87 36.71
CA GLU U 12 -63.66 17.58 37.03
C GLU U 12 -62.80 17.65 38.29
N GLU U 13 -63.36 17.18 39.41
CA GLU U 13 -62.62 17.12 40.65
C GLU U 13 -62.14 15.70 40.90
N ARG U 14 -60.90 15.42 40.53
CA ARG U 14 -60.36 14.05 40.63
C ARG U 14 -59.71 13.77 41.98
N ALA U 15 -59.44 12.48 42.23
CA ALA U 15 -58.86 11.94 43.47
C ALA U 15 -58.47 12.93 44.55
N GLU U 16 -57.22 13.39 44.44
CA GLU U 16 -56.62 14.35 45.35
C GLU U 16 -57.56 15.50 45.74
N ASN U 17 -58.25 16.08 44.74
CA ASN U 17 -59.25 17.15 44.96
C ASN U 17 -60.64 16.61 45.31
N ALA U 18 -60.97 15.42 44.79
CA ALA U 18 -62.26 14.77 45.02
C ALA U 18 -62.47 14.45 46.48
N ARG U 19 -61.41 13.97 47.12
CA ARG U 19 -61.42 13.75 48.56
C ARG U 19 -61.70 15.04 49.33
N LEU U 20 -61.02 16.12 48.94
CA LEU U 20 -61.20 17.40 49.61
C LEU U 20 -62.67 17.81 49.64
N SER U 21 -63.34 17.72 48.48
CA SER U 21 -64.77 17.99 48.40
C SER U 21 -65.55 17.09 49.35
N ALA U 22 -65.35 15.78 49.21
CA ALA U 22 -66.07 14.79 49.99
C ALA U 22 -66.01 15.04 51.49
N PHE U 23 -64.83 15.40 51.97
CA PHE U 23 -64.65 15.71 53.38
C PHE U 23 -65.18 17.09 53.73
N VAL U 24 -64.53 18.13 53.21
CA VAL U 24 -64.93 19.54 53.44
C VAL U 24 -66.46 19.71 53.42
N GLY U 25 -67.13 18.99 52.52
CA GLY U 25 -68.58 18.98 52.46
C GLY U 25 -69.21 18.38 53.71
N ALA U 26 -68.88 17.12 53.98
CA ALA U 26 -69.43 16.38 55.11
C ALA U 26 -69.20 17.08 56.45
N ILE U 27 -67.98 17.55 56.65
CA ILE U 27 -67.58 18.25 57.87
C ILE U 27 -68.36 19.54 58.05
N ALA U 28 -68.44 20.35 57.00
CA ALA U 28 -69.19 21.61 57.06
C ALA U 28 -70.64 21.38 57.46
N VAL U 29 -71.24 20.32 56.91
CA VAL U 29 -72.63 19.94 57.20
C VAL U 29 -72.76 19.52 58.66
N GLY U 30 -71.87 18.63 59.09
CA GLY U 30 -71.81 18.22 60.49
C GLY U 30 -71.63 19.42 61.40
N ASP U 31 -70.66 20.26 61.07
CA ASP U 31 -70.32 21.48 61.82
C ASP U 31 -71.43 22.54 61.81
N LEU U 32 -72.40 22.39 60.92
CA LEU U 32 -73.55 23.30 60.92
C LEU U 32 -74.55 22.97 62.03
N VAL U 33 -74.78 21.67 62.27
CA VAL U 33 -75.81 21.22 63.20
C VAL U 33 -75.30 20.81 64.59
N LYS U 34 -73.98 20.83 64.77
CA LYS U 34 -73.33 20.46 66.06
C LYS U 34 -73.91 21.18 67.27
N SER U 35 -74.47 22.37 67.04
CA SER U 35 -75.04 23.19 68.11
C SER U 35 -76.46 22.78 68.50
N THR U 36 -77.08 21.93 67.69
CA THR U 36 -78.40 21.37 68.00
C THR U 36 -78.35 20.30 69.09
N LEU U 37 -77.31 19.47 69.02
CA LEU U 37 -77.21 18.22 69.78
C LEU U 37 -77.25 18.41 71.30
N GLY U 38 -78.29 17.86 71.91
CA GLY U 38 -78.34 17.71 73.36
C GLY U 38 -79.13 18.73 74.17
N PRO U 39 -79.33 18.44 75.47
CA PRO U 39 -80.08 19.27 76.42
C PRO U 39 -79.75 20.74 76.32
N LYS U 40 -78.53 21.13 76.67
CA LYS U 40 -78.13 22.53 76.66
C LYS U 40 -77.82 23.02 75.24
N GLY U 41 -78.30 22.28 74.25
CA GLY U 41 -78.18 22.64 72.83
C GLY U 41 -79.00 23.85 72.43
N MET U 42 -78.72 24.38 71.23
CA MET U 42 -79.32 25.64 70.76
C MET U 42 -80.01 25.51 69.40
N ASP U 43 -80.87 26.48 69.09
CA ASP U 43 -81.70 26.47 67.86
C ASP U 43 -81.19 27.41 66.77
N LYS U 44 -81.32 27.00 65.51
CA LYS U 44 -80.97 27.83 64.35
C LYS U 44 -82.20 28.53 63.80
N LEU U 45 -82.01 29.73 63.27
CA LEU U 45 -83.10 30.45 62.58
C LEU U 45 -82.91 30.45 61.05
N LEU U 46 -83.65 29.58 60.37
CA LEU U 46 -83.57 29.45 58.92
C LEU U 46 -84.51 30.44 58.26
N GLN U 47 -84.05 31.06 57.17
CA GLN U 47 -84.90 32.00 56.43
C GLN U 47 -84.79 31.92 54.90
N SER U 48 -85.94 31.67 54.27
CA SER U 48 -86.05 31.61 52.81
C SER U 48 -85.87 32.98 52.19
N ALA U 49 -85.25 32.98 51.00
CA ALA U 49 -85.23 34.16 50.14
C ALA U 49 -86.62 34.39 49.54
N SER U 50 -87.30 33.28 49.24
CA SER U 50 -88.70 33.32 48.82
C SER U 50 -89.64 33.57 50.00
N SER U 51 -90.82 34.12 49.69
CA SER U 51 -91.95 34.26 50.63
C SER U 51 -91.83 35.25 51.82
N ASN U 52 -90.60 35.56 52.25
CA ASN U 52 -90.37 36.35 53.48
C ASN U 52 -90.73 35.53 54.73
N THR U 53 -90.62 34.20 54.60
CA THR U 53 -90.93 33.25 55.67
C THR U 53 -89.65 32.84 56.40
N CYS U 54 -89.80 32.23 57.57
CA CYS U 54 -88.68 31.69 58.33
C CYS U 54 -89.17 30.63 59.32
N MET U 55 -88.24 30.06 60.09
CA MET U 55 -88.56 29.12 61.16
C MET U 55 -87.43 28.99 62.15
N VAL U 56 -87.78 28.74 63.42
CA VAL U 56 -86.81 28.52 64.49
C VAL U 56 -86.86 27.04 64.89
N THR U 57 -85.76 26.32 64.66
CA THR U 57 -85.77 24.85 64.74
C THR U 57 -84.58 24.22 65.44
N ASN U 58 -84.76 22.97 65.86
CA ASN U 58 -83.70 22.11 66.35
C ASN U 58 -83.58 20.88 65.44
N ASP U 59 -84.74 20.25 65.15
CA ASP U 59 -84.84 19.02 64.35
C ASP U 59 -83.83 19.05 63.20
N GLY U 60 -82.70 18.40 63.42
CA GLY U 60 -81.57 18.39 62.48
C GLY U 60 -81.96 18.13 61.04
N ALA U 61 -83.01 17.34 60.85
CA ALA U 61 -83.54 17.08 59.53
C ALA U 61 -84.04 18.37 58.90
N THR U 62 -84.84 19.11 59.66
CA THR U 62 -85.48 20.33 59.17
C THR U 62 -84.46 21.41 58.76
N ILE U 63 -83.25 21.34 59.32
CA ILE U 63 -82.20 22.31 59.01
C ILE U 63 -81.50 21.96 57.71
N LEU U 64 -81.05 20.72 57.61
CA LEU U 64 -80.33 20.23 56.42
C LEU U 64 -81.23 20.19 55.19
N LYS U 65 -82.47 19.72 55.37
CA LYS U 65 -83.45 19.68 54.30
C LYS U 65 -83.66 21.07 53.71
N SER U 66 -83.71 22.08 54.59
CA SER U 66 -84.05 23.45 54.19
C SER U 66 -82.94 24.18 53.47
N ILE U 67 -81.77 24.27 54.12
CA ILE U 67 -80.62 25.01 53.58
C ILE U 67 -80.08 24.43 52.26
N PRO U 68 -79.92 25.28 51.23
CA PRO U 68 -79.47 24.74 49.96
C PRO U 68 -77.98 24.42 49.98
N LEU U 69 -77.56 23.50 49.11
CA LEU U 69 -76.17 23.04 49.05
C LEU U 69 -75.72 22.63 47.64
N ASP U 70 -74.42 22.69 47.38
CA ASP U 70 -73.86 22.33 46.08
C ASP U 70 -72.99 21.09 46.15
N ASN U 71 -72.20 21.00 47.22
CA ASN U 71 -71.26 19.90 47.41
C ASN U 71 -71.96 18.57 47.60
N PRO U 72 -71.82 17.67 46.62
CA PRO U 72 -72.60 16.43 46.52
C PRO U 72 -72.49 15.56 47.76
N ALA U 73 -71.31 15.59 48.39
CA ALA U 73 -71.05 14.85 49.61
C ALA U 73 -71.93 15.34 50.75
N ALA U 74 -72.16 16.65 50.79
CA ALA U 74 -73.05 17.24 51.77
C ALA U 74 -74.47 16.71 51.61
N LYS U 75 -74.98 16.79 50.38
CA LYS U 75 -76.34 16.35 50.10
C LYS U 75 -76.56 14.88 50.47
N VAL U 76 -75.54 14.06 50.32
CA VAL U 76 -75.61 12.64 50.70
C VAL U 76 -76.01 12.56 52.16
N LEU U 77 -75.25 13.26 53.01
CA LEU U 77 -75.54 13.34 54.45
C LEU U 77 -76.90 14.01 54.71
N VAL U 78 -77.25 14.99 53.89
CA VAL U 78 -78.54 15.68 53.98
C VAL U 78 -79.67 14.66 53.82
N ASN U 79 -79.53 13.79 52.82
CA ASN U 79 -80.48 12.72 52.59
C ASN U 79 -80.52 11.71 53.75
N ILE U 80 -79.34 11.34 54.26
CA ILE U 80 -79.24 10.37 55.37
C ILE U 80 -79.95 10.91 56.61
N SER U 81 -80.15 12.23 56.65
CA SER U 81 -80.92 12.87 57.70
C SER U 81 -82.41 12.61 57.55
N LYS U 82 -82.91 12.72 56.32
CA LYS U 82 -84.31 12.45 56.00
C LYS U 82 -84.64 10.99 56.25
N VAL U 83 -83.77 10.10 55.74
CA VAL U 83 -83.87 8.68 55.97
C VAL U 83 -84.17 8.42 57.44
N GLN U 84 -83.30 8.93 58.31
CA GLN U 84 -83.47 8.79 59.76
C GLN U 84 -84.77 9.38 60.28
N ASP U 85 -85.24 10.47 59.67
CA ASP U 85 -86.49 11.10 60.11
C ASP U 85 -87.71 10.32 59.62
N ASP U 86 -87.49 9.49 58.58
CA ASP U 86 -88.54 8.62 58.07
C ASP U 86 -88.62 7.31 58.85
N GLU U 87 -87.46 6.70 59.10
CA GLU U 87 -87.37 5.38 59.73
C GLU U 87 -87.50 5.38 61.24
N VAL U 88 -87.29 6.53 61.88
CA VAL U 88 -87.33 6.60 63.35
C VAL U 88 -88.04 7.87 63.83
N GLY U 89 -87.81 8.98 63.15
CA GLY U 89 -88.37 10.28 63.52
C GLY U 89 -87.38 11.16 64.25
N ASP U 90 -86.58 10.53 65.12
CA ASP U 90 -85.54 11.22 65.89
C ASP U 90 -84.17 10.62 65.63
N GLY U 91 -83.13 11.32 66.08
CA GLY U 91 -81.75 10.93 65.83
C GLY U 91 -81.23 11.57 64.57
N THR U 92 -81.88 12.67 64.17
CA THR U 92 -81.62 13.39 62.91
C THR U 92 -80.26 14.10 62.90
N THR U 93 -79.90 14.69 64.04
CA THR U 93 -78.61 15.35 64.21
C THR U 93 -77.55 14.32 64.64
N SER U 94 -77.96 13.36 65.47
CA SER U 94 -77.08 12.29 65.94
C SER U 94 -76.47 11.50 64.77
N VAL U 95 -77.27 11.23 63.74
CA VAL U 95 -76.79 10.53 62.56
C VAL U 95 -75.80 11.39 61.79
N THR U 96 -76.18 12.64 61.52
CA THR U 96 -75.39 13.51 60.69
C THR U 96 -74.02 13.77 61.30
N VAL U 97 -73.99 14.08 62.59
CA VAL U 97 -72.74 14.38 63.27
C VAL U 97 -71.77 13.19 63.25
N LEU U 98 -72.28 12.02 63.63
CA LEU U 98 -71.48 10.78 63.61
C LEU U 98 -71.00 10.46 62.20
N SER U 99 -71.86 10.71 61.22
CA SER U 99 -71.54 10.47 59.82
C SER U 99 -70.37 11.35 59.40
N ALA U 100 -70.42 12.62 59.77
CA ALA U 100 -69.35 13.56 59.48
C ALA U 100 -68.08 13.18 60.21
N GLU U 101 -68.20 12.91 61.50
CA GLU U 101 -67.05 12.69 62.35
C GLU U 101 -66.25 11.44 61.98
N LEU U 102 -66.91 10.46 61.37
CA LEU U 102 -66.24 9.30 60.79
C LEU U 102 -65.46 9.68 59.54
N LEU U 103 -65.97 10.67 58.82
CA LEU U 103 -65.30 11.15 57.62
C LEU U 103 -64.15 12.07 58.00
N ARG U 104 -64.32 12.82 59.10
CA ARG U 104 -63.23 13.62 59.66
C ARG U 104 -62.05 12.73 59.99
N GLU U 105 -62.34 11.60 60.63
CA GLU U 105 -61.34 10.65 61.08
C GLU U 105 -60.66 9.90 59.93
N ALA U 106 -61.33 9.81 58.80
CA ALA U 106 -60.76 9.18 57.60
C ALA U 106 -59.69 10.06 56.99
N GLU U 107 -60.02 11.33 56.77
CA GLU U 107 -59.07 12.30 56.22
C GLU U 107 -57.78 12.25 57.04
N LYS U 108 -57.92 12.31 58.36
CA LYS U 108 -56.81 12.27 59.30
C LYS U 108 -55.98 11.01 59.07
N LEU U 109 -56.63 9.95 58.57
CA LEU U 109 -55.93 8.71 58.29
C LEU U 109 -55.34 8.69 56.88
N ILE U 110 -56.13 9.13 55.90
CA ILE U 110 -55.70 9.10 54.50
C ILE U 110 -54.55 10.07 54.26
N ASP U 111 -54.63 11.26 54.84
CA ASP U 111 -53.53 12.22 54.76
C ASP U 111 -52.39 11.85 55.72
N GLN U 112 -52.57 12.12 57.02
CA GLN U 112 -51.50 12.00 58.01
C GLN U 112 -50.80 10.63 58.10
N SER U 113 -51.56 9.55 57.91
CA SER U 113 -51.03 8.17 57.99
C SER U 113 -50.75 7.56 56.61
N LYS U 114 -51.52 7.99 55.61
CA LYS U 114 -51.49 7.43 54.27
C LYS U 114 -51.86 5.94 54.27
N ILE U 115 -53.15 5.67 54.51
CA ILE U 115 -53.72 4.32 54.40
C ILE U 115 -54.78 4.33 53.31
N HIS U 116 -54.90 3.21 52.59
CA HIS U 116 -55.85 3.12 51.48
C HIS U 116 -57.30 3.22 51.97
N PRO U 117 -58.12 4.05 51.29
CA PRO U 117 -59.51 4.29 51.71
C PRO U 117 -60.38 3.03 51.70
N GLN U 118 -60.03 2.07 50.85
CA GLN U 118 -60.75 0.79 50.81
C GLN U 118 -60.34 -0.09 52.00
N THR U 119 -59.12 0.11 52.50
CA THR U 119 -58.64 -0.56 53.70
C THR U 119 -59.27 0.05 54.95
N ILE U 120 -59.51 1.35 54.91
CA ILE U 120 -60.25 2.06 55.98
C ILE U 120 -61.71 1.61 55.99
N ILE U 121 -62.30 1.47 54.80
CA ILE U 121 -63.62 0.89 54.65
C ILE U 121 -63.61 -0.52 55.26
N GLU U 122 -62.60 -1.32 54.90
CA GLU U 122 -62.47 -2.72 55.34
C GLU U 122 -62.24 -2.85 56.84
N GLY U 123 -61.96 -1.72 57.49
CA GLY U 123 -61.86 -1.64 58.94
C GLY U 123 -63.15 -1.14 59.54
N TYR U 124 -63.60 0.02 59.08
CA TYR U 124 -64.87 0.61 59.52
C TYR U 124 -65.99 -0.41 59.58
N ARG U 125 -66.04 -1.25 58.55
CA ARG U 125 -67.00 -2.36 58.46
C ARG U 125 -66.94 -3.23 59.73
N LEU U 126 -65.73 -3.72 60.04
CA LEU U 126 -65.52 -4.60 61.20
C LEU U 126 -65.98 -3.93 62.49
N ALA U 127 -65.73 -2.63 62.58
CA ALA U 127 -66.09 -1.86 63.76
C ALA U 127 -67.59 -1.69 63.89
N SER U 128 -68.25 -1.38 62.77
CA SER U 128 -69.68 -1.14 62.75
C SER U 128 -70.48 -2.33 63.28
N ALA U 129 -70.14 -3.53 62.82
CA ALA U 129 -70.82 -4.75 63.27
C ALA U 129 -70.52 -5.06 64.73
N ALA U 130 -69.33 -4.67 65.18
CA ALA U 130 -68.91 -4.87 66.57
C ALA U 130 -69.54 -3.87 67.52
N ALA U 131 -69.77 -2.64 67.02
CA ALA U 131 -70.48 -1.63 67.78
C ALA U 131 -71.91 -2.08 68.00
N LEU U 132 -72.61 -2.34 66.89
CA LEU U 132 -73.98 -2.86 66.88
C LEU U 132 -74.13 -4.15 67.70
N ASP U 133 -73.09 -4.97 67.68
CA ASP U 133 -73.05 -6.18 68.48
C ASP U 133 -73.28 -5.81 69.93
N ALA U 134 -72.45 -4.87 70.40
CA ALA U 134 -72.42 -4.44 71.79
C ALA U 134 -73.70 -3.72 72.22
N LEU U 135 -74.38 -3.12 71.24
CA LEU U 135 -75.62 -2.40 71.50
C LEU U 135 -76.74 -3.33 71.97
N THR U 136 -76.89 -4.47 71.28
CA THR U 136 -77.93 -5.47 71.57
C THR U 136 -77.69 -6.16 72.91
N LYS U 137 -76.42 -6.43 73.22
CA LYS U 137 -76.02 -7.08 74.47
C LYS U 137 -76.25 -6.18 75.69
N ALA U 138 -76.25 -4.87 75.43
CA ALA U 138 -76.48 -3.85 76.47
C ALA U 138 -77.93 -3.35 76.44
N ALA U 139 -78.70 -3.86 75.50
CA ALA U 139 -80.10 -3.49 75.35
C ALA U 139 -80.91 -4.01 76.52
N VAL U 140 -81.93 -3.26 76.89
CA VAL U 140 -82.83 -3.64 77.97
C VAL U 140 -84.25 -3.72 77.42
N ASP U 141 -84.64 -4.91 76.96
CA ASP U 141 -86.01 -5.14 76.45
C ASP U 141 -86.97 -5.15 77.62
N ASN U 142 -88.12 -4.50 77.46
CA ASN U 142 -89.11 -4.53 78.51
C ASN U 142 -90.32 -5.38 78.16
N SER U 143 -90.53 -6.40 78.99
CA SER U 143 -91.46 -7.50 78.70
C SER U 143 -92.92 -7.14 78.98
N HIS U 144 -93.64 -8.12 79.52
CA HIS U 144 -95.07 -8.02 79.80
C HIS U 144 -95.40 -6.76 80.60
N ASP U 145 -94.61 -6.49 81.65
CA ASP U 145 -94.87 -5.36 82.54
C ASP U 145 -95.20 -4.08 81.81
N LYS U 146 -96.50 -3.87 81.62
CA LYS U 146 -97.03 -2.65 81.06
C LYS U 146 -96.67 -1.48 81.97
N THR U 147 -96.81 -1.68 83.28
CA THR U 147 -96.47 -0.65 84.28
C THR U 147 -95.01 -0.23 84.18
N MET U 148 -94.11 -1.21 84.17
CA MET U 148 -92.68 -0.96 84.04
C MET U 148 -92.37 -0.37 82.66
N PHE U 149 -93.22 -0.64 81.68
CA PHE U 149 -93.00 -0.16 80.31
C PHE U 149 -93.55 1.25 80.06
N ARG U 150 -94.62 1.63 80.74
CA ARG U 150 -95.17 2.98 80.63
C ARG U 150 -94.19 4.01 81.20
N GLU U 151 -93.72 3.79 82.43
CA GLU U 151 -92.70 4.64 83.04
C GLU U 151 -91.40 4.63 82.22
N ASP U 152 -91.21 3.57 81.43
CA ASP U 152 -90.07 3.46 80.52
C ASP U 152 -90.29 4.31 79.27
N LEU U 153 -91.54 4.39 78.80
CA LEU U 153 -91.88 5.23 77.66
C LEU U 153 -91.83 6.71 78.01
N ILE U 154 -92.21 7.05 79.24
CA ILE U 154 -92.17 8.42 79.73
C ILE U 154 -90.75 8.98 79.65
N HIS U 155 -89.76 8.15 80.03
CA HIS U 155 -88.35 8.54 79.95
C HIS U 155 -87.87 8.83 78.52
N ILE U 156 -88.23 7.95 77.58
CA ILE U 156 -87.88 8.11 76.15
C ILE U 156 -88.23 9.52 75.67
N ALA U 157 -89.47 9.93 75.93
CA ALA U 157 -89.95 11.26 75.61
C ALA U 157 -89.10 12.32 76.31
N LYS U 158 -89.02 12.22 77.63
CA LYS U 158 -88.25 13.14 78.46
C LYS U 158 -86.85 13.39 77.90
N THR U 159 -86.21 12.32 77.44
CA THR U 159 -84.89 12.38 76.84
C THR U 159 -84.94 13.01 75.43
N THR U 160 -85.95 12.65 74.65
CA THR U 160 -86.15 13.20 73.31
C THR U 160 -86.40 14.71 73.31
N LEU U 161 -87.27 15.14 74.22
CA LEU U 161 -87.74 16.53 74.30
C LEU U 161 -86.70 17.55 74.77
N SER U 162 -85.95 17.21 75.83
CA SER U 162 -84.93 18.09 76.37
C SER U 162 -83.81 18.38 75.35
N SER U 163 -84.05 19.41 74.54
CA SER U 163 -83.16 19.88 73.47
C SER U 163 -83.97 20.84 72.60
N LYS U 164 -85.29 20.75 72.72
CA LYS U 164 -86.20 21.69 72.08
C LYS U 164 -86.79 22.63 73.13
N ILE U 165 -87.63 23.57 72.69
CA ILE U 165 -88.27 24.57 73.56
C ILE U 165 -89.06 23.90 74.70
N LEU U 166 -89.47 22.66 74.45
CA LEU U 166 -90.24 21.87 75.39
C LEU U 166 -89.38 21.28 76.52
N SER U 167 -88.11 21.68 76.60
CA SER U 167 -87.21 21.22 77.66
C SER U 167 -87.71 21.64 79.04
N GLN U 168 -88.19 22.88 79.15
CA GLN U 168 -88.69 23.43 80.41
C GLN U 168 -89.95 22.71 80.90
N ASP U 169 -90.80 22.31 79.97
CA ASP U 169 -92.05 21.62 80.31
C ASP U 169 -92.01 20.13 79.95
N LYS U 170 -90.80 19.56 79.92
CA LYS U 170 -90.58 18.18 79.50
C LYS U 170 -91.57 17.21 80.14
N ASP U 171 -91.65 17.24 81.46
CA ASP U 171 -92.54 16.33 82.19
C ASP U 171 -93.96 16.43 81.68
N HIS U 172 -94.43 17.66 81.45
CA HIS U 172 -95.80 17.90 81.01
C HIS U 172 -96.11 17.32 79.64
N PHE U 173 -95.22 17.54 78.68
CA PHE U 173 -95.43 17.06 77.32
C PHE U 173 -95.21 15.56 77.23
N ALA U 174 -94.31 15.03 78.05
CA ALA U 174 -94.00 13.61 78.05
C ALA U 174 -95.23 12.76 78.32
N GLU U 175 -96.07 13.22 79.25
CA GLU U 175 -97.32 12.55 79.58
C GLU U 175 -98.36 12.72 78.47
N LEU U 176 -98.29 13.84 77.74
CA LEU U 176 -99.17 14.07 76.60
C LEU U 176 -98.86 13.07 75.49
N ALA U 177 -97.56 12.88 75.23
CA ALA U 177 -97.09 11.97 74.17
C ALA U 177 -97.35 10.52 74.53
N THR U 178 -96.91 10.12 75.74
CA THR U 178 -97.09 8.76 76.22
C THR U 178 -98.57 8.36 76.20
N ASN U 179 -99.42 9.20 76.79
CA ASN U 179 -100.87 8.95 76.78
C ASN U 179 -101.44 8.91 75.37
N ALA U 180 -100.90 9.71 74.47
CA ALA U 180 -101.38 9.79 73.08
C ALA U 180 -101.12 8.51 72.29
N ILE U 181 -99.92 7.97 72.40
CA ILE U 181 -99.53 6.76 71.65
C ILE U 181 -100.08 5.47 72.27
N LEU U 182 -100.11 5.40 73.60
CA LEU U 182 -100.77 4.28 74.29
C LEU U 182 -102.26 4.25 73.93
N ARG U 183 -102.87 5.43 73.95
CA ARG U 183 -104.27 5.60 73.56
C ARG U 183 -104.50 5.13 72.14
N LEU U 184 -103.46 5.26 71.32
CA LEU U 184 -103.50 4.89 69.91
C LEU U 184 -103.69 3.38 69.74
N LYS U 185 -103.44 2.64 70.82
CA LYS U 185 -103.64 1.18 70.90
C LYS U 185 -102.72 0.37 69.97
N GLY U 186 -101.55 0.92 69.69
CA GLY U 186 -100.51 0.20 68.96
C GLY U 186 -100.35 0.55 67.49
N SER U 187 -101.35 1.25 66.93
CA SER U 187 -101.25 1.71 65.53
C SER U 187 -100.03 2.61 65.38
N THR U 188 -99.33 2.48 64.26
CA THR U 188 -98.10 3.27 64.05
C THR U 188 -98.32 4.42 63.07
N ASN U 189 -99.58 4.70 62.74
CA ASN U 189 -99.93 5.81 61.85
C ASN U 189 -100.27 7.04 62.66
N LEU U 190 -99.58 8.13 62.35
CA LEU U 190 -99.62 9.35 63.13
C LEU U 190 -100.69 10.34 62.66
N GLU U 191 -101.37 10.00 61.57
CA GLU U 191 -102.53 10.78 61.10
C GLU U 191 -103.63 10.74 62.15
N HIS U 192 -103.60 9.70 62.98
CA HIS U 192 -104.57 9.50 64.05
C HIS U 192 -104.43 10.49 65.19
N ILE U 193 -103.27 11.13 65.28
CA ILE U 193 -103.07 12.21 66.23
C ILE U 193 -103.07 13.53 65.49
N GLN U 194 -104.21 14.22 65.53
CA GLN U 194 -104.31 15.54 64.90
C GLN U 194 -103.61 16.57 65.76
N ILE U 195 -102.72 17.33 65.14
CA ILE U 195 -102.00 18.37 65.84
C ILE U 195 -102.59 19.72 65.41
N ILE U 196 -103.42 20.29 66.28
CA ILE U 196 -104.00 21.60 66.06
C ILE U 196 -103.22 22.64 66.86
N LYS U 197 -102.61 23.58 66.15
CA LYS U 197 -101.90 24.70 66.79
C LYS U 197 -102.69 26.01 66.74
N ILE U 198 -103.11 26.45 67.92
CA ILE U 198 -103.84 27.71 68.10
C ILE U 198 -103.02 28.68 68.94
N LEU U 199 -102.72 29.84 68.37
CA LEU U 199 -101.89 30.85 69.00
C LEU U 199 -102.49 31.37 70.30
N GLY U 200 -101.64 31.64 71.28
CA GLY U 200 -102.08 32.31 72.51
C GLY U 200 -101.79 31.55 73.81
N GLY U 201 -101.64 32.32 74.90
CA GLY U 201 -101.42 31.76 76.24
C GLY U 201 -100.01 31.26 76.49
N LYS U 202 -99.88 30.32 77.43
CA LYS U 202 -98.59 29.71 77.76
C LYS U 202 -98.34 28.45 76.93
N LEU U 203 -97.15 27.88 77.08
CA LEU U 203 -96.79 26.61 76.43
C LEU U 203 -97.21 25.48 77.36
N SER U 204 -97.39 25.85 78.64
CA SER U 204 -97.81 24.95 79.71
C SER U 204 -99.31 24.67 79.65
N ASP U 205 -100.00 25.39 78.78
CA ASP U 205 -101.45 25.26 78.62
C ASP U 205 -101.83 24.25 77.53
N SER U 206 -100.83 23.70 76.85
CA SER U 206 -101.05 22.70 75.80
C SER U 206 -101.70 21.45 76.41
N PHE U 207 -102.61 20.81 75.66
CA PHE U 207 -103.28 19.61 76.17
C PHE U 207 -103.67 18.57 75.13
N LEU U 208 -103.82 17.33 75.60
CA LEU U 208 -104.44 16.27 74.84
C LEU U 208 -105.89 16.19 75.33
N ASP U 209 -106.84 16.33 74.41
CA ASP U 209 -108.25 16.26 74.80
C ASP U 209 -108.69 14.82 75.02
N GLU U 210 -109.63 14.63 75.94
CA GLU U 210 -110.22 13.32 76.20
C GLU U 210 -111.37 13.03 75.24
N GLY U 211 -110.99 12.71 74.00
CA GLY U 211 -111.93 12.52 72.91
C GLY U 211 -111.33 13.06 71.63
N PHE U 212 -112.01 14.02 71.03
CA PHE U 212 -111.59 14.57 69.75
C PHE U 212 -112.12 15.98 69.59
N ILE U 213 -111.28 16.88 69.11
CA ILE U 213 -111.70 18.24 68.77
C ILE U 213 -111.63 18.40 67.25
N LEU U 214 -112.73 18.83 66.65
CA LEU U 214 -112.85 18.87 65.20
C LEU U 214 -112.89 20.30 64.64
N ALA U 215 -112.08 20.53 63.61
CA ALA U 215 -112.02 21.81 62.92
C ALA U 215 -113.17 21.97 61.93
N LYS U 216 -114.39 21.93 62.46
CA LYS U 216 -115.60 22.05 61.64
C LYS U 216 -116.75 22.71 62.39
N LYS U 217 -117.86 22.95 61.70
CA LYS U 217 -119.03 23.61 62.27
C LYS U 217 -120.27 22.72 62.14
N PHE U 218 -121.38 23.17 62.73
CA PHE U 218 -122.68 22.48 62.61
C PHE U 218 -123.54 22.99 61.46
N GLY U 219 -124.42 22.11 60.97
CA GLY U 219 -125.21 22.31 59.75
C GLY U 219 -125.91 23.64 59.49
N ASN U 220 -126.22 24.38 60.56
CA ASN U 220 -126.63 25.79 60.47
C ASN U 220 -127.20 26.37 61.77
N ASN U 221 -128.53 26.53 61.83
CA ASN U 221 -129.20 27.00 63.03
C ASN U 221 -129.48 25.84 63.98
N GLN U 222 -128.70 24.77 63.80
CA GLN U 222 -128.81 23.54 64.57
C GLN U 222 -128.39 23.72 66.04
N PRO U 223 -128.79 22.78 66.93
CA PRO U 223 -128.34 22.79 68.33
C PRO U 223 -126.81 22.83 68.48
N LYS U 224 -126.35 23.68 69.40
CA LYS U 224 -124.92 23.95 69.61
C LYS U 224 -124.21 22.93 70.51
N ARG U 225 -124.99 22.05 71.15
CA ARG U 225 -124.43 20.97 71.97
C ARG U 225 -125.34 19.73 72.03
N ILE U 226 -124.87 18.64 71.41
CA ILE U 226 -125.56 17.35 71.49
C ILE U 226 -125.09 16.60 72.73
N GLU U 227 -126.05 15.94 73.38
CA GLU U 227 -125.81 15.09 74.53
C GLU U 227 -126.22 13.67 74.15
N ASN U 228 -125.51 12.69 74.69
CA ASN U 228 -125.70 11.26 74.37
C ASN U 228 -125.77 10.98 72.87
N ALA U 229 -124.63 11.09 72.20
CA ALA U 229 -124.54 11.04 70.74
C ALA U 229 -124.65 9.63 70.17
N LYS U 230 -125.24 9.55 68.98
CA LYS U 230 -125.17 8.37 68.11
C LYS U 230 -124.97 8.84 66.68
N ILE U 231 -123.85 8.45 66.09
CA ILE U 231 -123.36 9.09 64.88
C ILE U 231 -123.29 8.15 63.67
N LEU U 232 -123.50 8.71 62.49
CA LEU U 232 -123.20 8.04 61.22
C LEU U 232 -122.11 8.82 60.50
N ILE U 233 -121.14 8.10 59.96
CA ILE U 233 -120.01 8.71 59.24
C ILE U 233 -120.08 8.36 57.75
N ALA U 234 -120.05 9.38 56.90
CA ALA U 234 -120.42 9.21 55.50
C ALA U 234 -119.39 9.68 54.48
N ASN U 235 -119.49 9.11 53.28
CA ASN U 235 -118.68 9.50 52.13
C ASN U 235 -119.55 9.92 50.96
N THR U 236 -120.87 9.71 51.10
CA THR U 236 -121.81 9.88 49.99
C THR U 236 -122.02 11.34 49.59
N THR U 237 -122.15 11.55 48.29
CA THR U 237 -122.49 12.82 47.66
C THR U 237 -123.71 13.50 48.31
N LEU U 238 -123.73 14.83 48.27
CA LEU U 238 -124.93 15.60 48.65
C LEU U 238 -125.18 16.83 47.77
N ASP U 239 -124.30 17.82 47.83
CA ASP U 239 -124.43 19.03 47.02
C ASP U 239 -124.38 18.72 45.53
N THR U 240 -123.38 17.91 45.15
CA THR U 240 -123.10 17.63 43.74
C THR U 240 -124.31 17.02 43.03
N ASP U 241 -125.23 16.48 43.82
CA ASP U 241 -126.39 15.74 43.31
C ASP U 241 -125.97 14.49 42.55
N LYS U 242 -125.98 13.36 43.25
CA LYS U 242 -125.55 12.08 42.70
C LYS U 242 -126.28 11.67 41.40
N VAL U 243 -125.49 11.46 40.34
CA VAL U 243 -125.98 11.07 39.02
C VAL U 243 -125.27 9.79 38.56
N LYS U 244 -125.94 8.95 37.76
CA LYS U 244 -125.29 7.80 37.13
C LYS U 244 -124.29 8.28 36.08
N ILE U 245 -123.01 7.95 36.29
CA ILE U 245 -121.86 8.67 35.70
C ILE U 245 -121.97 9.12 34.23
N PHE U 246 -122.56 8.26 33.39
CA PHE U 246 -122.46 8.40 31.93
C PHE U 246 -122.81 9.77 31.30
N GLY U 247 -124.10 10.06 31.13
CA GLY U 247 -124.52 11.27 30.42
C GLY U 247 -126.01 11.29 30.20
N THR U 248 -126.73 11.48 31.31
CA THR U 248 -128.18 11.44 31.32
C THR U 248 -128.76 12.80 30.96
N LYS U 249 -128.61 13.18 29.70
CA LYS U 249 -129.15 14.46 29.20
C LYS U 249 -130.67 14.43 29.12
N PHE U 250 -131.30 15.51 29.57
CA PHE U 250 -132.76 15.63 29.49
C PHE U 250 -133.19 16.34 28.20
N LYS U 251 -133.95 15.62 27.39
CA LYS U 251 -134.50 16.18 26.16
C LYS U 251 -136.01 16.34 26.31
N VAL U 252 -136.41 17.46 26.90
CA VAL U 252 -137.81 17.74 27.17
C VAL U 252 -138.49 18.33 25.91
N ASP U 253 -139.58 17.70 25.50
CA ASP U 253 -140.34 18.10 24.30
C ASP U 253 -141.04 19.45 24.46
N SER U 254 -141.53 19.72 25.68
CA SER U 254 -142.16 21.00 26.00
C SER U 254 -142.00 21.30 27.48
N THR U 255 -141.60 22.53 27.79
CA THR U 255 -141.25 22.99 29.15
C THR U 255 -141.94 22.29 30.32
N ALA U 256 -143.18 21.85 30.10
CA ALA U 256 -144.00 21.19 31.13
C ALA U 256 -143.27 20.09 31.89
N LYS U 257 -142.51 19.26 31.18
CA LYS U 257 -141.81 18.13 31.78
C LYS U 257 -140.57 18.54 32.57
N LEU U 258 -140.03 19.72 32.27
CA LEU U 258 -138.86 20.24 32.99
C LEU U 258 -139.19 20.59 34.44
N ALA U 259 -140.42 21.03 34.68
CA ALA U 259 -140.89 21.33 36.03
C ALA U 259 -140.99 20.04 36.86
N GLN U 260 -141.40 18.95 36.22
CA GLN U 260 -141.48 17.64 36.87
C GLN U 260 -140.08 17.09 37.18
N LEU U 261 -139.20 17.12 36.18
CA LEU U 261 -137.84 16.59 36.29
C LEU U 261 -136.95 17.40 37.23
N GLU U 262 -137.32 18.66 37.48
CA GLU U 262 -136.62 19.48 38.47
C GLU U 262 -137.08 19.08 39.87
N LYS U 263 -138.37 18.79 39.98
CA LYS U 263 -138.95 18.30 41.24
C LYS U 263 -138.58 16.84 41.48
N ALA U 264 -138.06 16.18 40.45
CA ALA U 264 -137.59 14.80 40.54
C ALA U 264 -136.23 14.66 41.20
N GLU U 265 -135.35 15.63 40.94
CA GLU U 265 -134.03 15.68 41.57
C GLU U 265 -134.16 16.00 43.07
N ARG U 266 -135.18 16.79 43.41
CA ARG U 266 -135.49 17.12 44.79
C ARG U 266 -135.95 15.87 45.56
N GLU U 267 -136.78 15.06 44.92
CA GLU U 267 -137.29 13.82 45.53
C GLU U 267 -136.25 12.68 45.55
N LYS U 268 -135.24 12.78 44.68
CA LYS U 268 -134.12 11.84 44.66
C LYS U 268 -133.26 12.03 45.91
N MET U 269 -133.30 13.25 46.44
CA MET U 269 -132.59 13.59 47.67
C MET U 269 -133.44 13.26 48.90
N LYS U 270 -134.68 13.75 48.92
CA LYS U 270 -135.61 13.49 50.02
C LYS U 270 -135.60 12.01 50.38
N ASN U 271 -135.45 11.16 49.36
CA ASN U 271 -135.40 9.71 49.55
C ASN U 271 -134.06 9.21 50.07
N LYS U 272 -132.96 9.84 49.63
CA LYS U 272 -131.61 9.50 50.10
C LYS U 272 -131.36 9.99 51.53
N ILE U 273 -132.17 10.95 51.96
CA ILE U 273 -132.16 11.42 53.33
C ILE U 273 -133.05 10.54 54.20
N ALA U 274 -134.16 10.07 53.62
CA ALA U 274 -135.07 9.13 54.29
C ALA U 274 -134.44 7.75 54.51
N LYS U 275 -133.71 7.27 53.50
CA LYS U 275 -132.95 6.02 53.61
C LYS U 275 -131.91 6.13 54.73
N ILE U 276 -131.41 7.34 54.95
CA ILE U 276 -130.52 7.64 56.06
C ILE U 276 -131.31 7.88 57.36
N SER U 277 -132.54 8.38 57.25
CA SER U 277 -133.39 8.59 58.42
C SER U 277 -133.72 7.28 59.11
N LYS U 278 -133.75 6.19 58.34
CA LYS U 278 -134.06 4.84 58.84
C LYS U 278 -132.97 4.28 59.76
N PHE U 279 -131.79 4.88 59.70
CA PHE U 279 -130.64 4.48 60.51
C PHE U 279 -130.83 4.74 62.01
N GLY U 280 -131.67 5.72 62.34
CA GLY U 280 -131.95 6.09 63.74
C GLY U 280 -130.76 6.77 64.40
N ILE U 281 -130.39 7.93 63.88
CA ILE U 281 -129.14 8.60 64.24
C ILE U 281 -129.36 10.10 64.44
N ASN U 282 -128.77 10.66 65.51
CA ASN U 282 -128.88 12.09 65.80
C ASN U 282 -127.71 12.94 65.29
N THR U 283 -126.66 12.30 64.78
CA THR U 283 -125.50 13.01 64.27
C THR U 283 -125.02 12.41 62.95
N PHE U 284 -125.12 13.20 61.89
CA PHE U 284 -124.67 12.76 60.56
C PHE U 284 -123.47 13.57 60.08
N ILE U 285 -122.30 12.94 60.11
CA ILE U 285 -121.06 13.58 59.62
C ILE U 285 -120.64 12.99 58.27
N ASN U 286 -120.11 13.86 57.41
CA ASN U 286 -119.83 13.52 56.01
C ASN U 286 -118.57 14.20 55.49
N ARG U 287 -117.71 13.43 54.83
CA ARG U 287 -116.52 13.99 54.17
C ARG U 287 -116.93 15.05 53.16
N GLN U 288 -117.90 14.72 52.32
CA GLN U 288 -118.42 15.63 51.30
C GLN U 288 -119.14 16.82 51.93
N LEU U 289 -119.55 17.75 51.07
CA LEU U 289 -120.36 18.89 51.49
C LEU U 289 -121.80 18.47 51.75
N ILE U 290 -122.54 19.30 52.48
CA ILE U 290 -123.98 19.17 52.59
C ILE U 290 -124.62 20.31 51.81
N TYR U 291 -125.34 19.97 50.75
CA TYR U 291 -126.08 20.93 49.94
C TYR U 291 -127.02 21.76 50.83
N ASP U 292 -127.32 22.97 50.38
CA ASP U 292 -128.17 23.91 51.12
C ASP U 292 -129.56 23.34 51.46
N TYR U 293 -129.96 22.30 50.72
CA TYR U 293 -131.26 21.65 50.91
C TYR U 293 -131.23 20.49 51.92
N PRO U 294 -130.38 19.46 51.71
CA PRO U 294 -130.26 18.41 52.73
C PRO U 294 -129.94 18.96 54.12
N GLU U 295 -129.07 19.97 54.18
CA GLU U 295 -128.68 20.61 55.45
C GLU U 295 -129.87 21.17 56.23
N GLN U 296 -131.00 21.33 55.56
CA GLN U 296 -132.24 21.73 56.21
C GLN U 296 -133.09 20.50 56.54
N LEU U 297 -133.04 19.51 55.66
CA LEU U 297 -133.80 18.26 55.85
C LEU U 297 -133.40 17.54 57.13
N PHE U 298 -132.12 17.60 57.48
CA PHE U 298 -131.61 17.04 58.74
C PHE U 298 -132.06 17.88 59.94
N THR U 299 -131.96 19.20 59.80
CA THR U 299 -132.33 20.15 60.86
C THR U 299 -133.77 19.95 61.30
N ASP U 300 -134.69 19.94 60.33
CA ASP U 300 -136.10 19.70 60.59
C ASP U 300 -136.29 18.36 61.29
N LEU U 301 -135.53 17.36 60.86
CA LEU U 301 -135.59 16.01 61.44
C LEU U 301 -134.92 15.93 62.81
N GLY U 302 -134.03 16.88 63.10
CA GLY U 302 -133.36 16.95 64.40
C GLY U 302 -131.94 16.44 64.38
N ILE U 303 -131.57 15.83 63.26
CA ILE U 303 -130.23 15.28 63.07
C ILE U 303 -129.20 16.40 62.86
N ASN U 304 -128.16 16.42 63.68
CA ASN U 304 -127.04 17.34 63.50
C ASN U 304 -126.15 16.93 62.32
N SER U 305 -125.95 17.87 61.39
CA SER U 305 -125.16 17.61 60.19
C SER U 305 -123.84 18.38 60.19
N ILE U 306 -122.76 17.67 59.88
CA ILE U 306 -121.42 18.28 59.83
C ILE U 306 -120.75 17.97 58.49
N GLU U 307 -120.48 19.01 57.71
CA GLU U 307 -119.86 18.86 56.40
C GLU U 307 -118.35 19.09 56.42
N HIS U 308 -117.71 18.69 55.32
CA HIS U 308 -116.28 18.92 55.08
C HIS U 308 -115.34 18.55 56.24
N ALA U 309 -115.23 17.24 56.48
CA ALA U 309 -114.14 16.67 57.26
C ALA U 309 -113.58 15.58 56.37
N ASP U 310 -112.43 15.85 55.77
CA ASP U 310 -111.91 15.03 54.67
C ASP U 310 -111.48 13.62 55.06
N PHE U 311 -110.99 12.85 54.09
CA PHE U 311 -110.47 11.49 54.27
C PHE U 311 -109.65 11.39 55.56
N GLU U 312 -108.98 12.51 55.89
CA GLU U 312 -108.30 12.68 57.16
C GLU U 312 -109.32 12.64 58.30
N GLY U 313 -110.08 13.72 58.46
CA GLY U 313 -111.07 13.89 59.55
C GLY U 313 -112.00 12.70 59.78
N VAL U 314 -112.56 12.17 58.69
CA VAL U 314 -113.49 11.05 58.72
C VAL U 314 -112.90 9.74 59.30
N GLU U 315 -111.66 9.43 58.93
CA GLU U 315 -110.98 8.22 59.39
C GLU U 315 -110.72 8.25 60.89
N ARG U 316 -110.50 9.45 61.43
CA ARG U 316 -110.25 9.64 62.86
C ARG U 316 -111.52 9.43 63.68
N LEU U 317 -112.59 10.11 63.28
CA LEU U 317 -113.90 10.00 63.93
C LEU U 317 -114.37 8.56 64.01
N ALA U 318 -114.12 7.79 62.96
CA ALA U 318 -114.43 6.36 62.91
C ALA U 318 -113.62 5.54 63.92
N LEU U 319 -112.42 6.02 64.23
CA LEU U 319 -111.58 5.36 65.22
C LEU U 319 -111.94 5.79 66.63
N VAL U 320 -112.29 7.08 66.77
CA VAL U 320 -112.61 7.67 68.07
C VAL U 320 -114.07 7.46 68.50
N THR U 321 -114.99 7.39 67.54
CA THR U 321 -116.41 7.21 67.84
C THR U 321 -116.85 5.74 67.66
N GLY U 322 -116.01 4.95 67.00
CA GLY U 322 -116.26 3.52 66.82
C GLY U 322 -117.26 3.19 65.71
N GLY U 323 -117.41 4.13 64.78
CA GLY U 323 -118.34 3.98 63.67
C GLY U 323 -117.70 3.36 62.45
N GLU U 324 -118.20 3.77 61.29
CA GLU U 324 -117.74 3.22 60.02
C GLU U 324 -117.86 4.29 58.94
N VAL U 325 -116.87 4.34 58.04
CA VAL U 325 -116.95 5.22 56.89
C VAL U 325 -117.95 4.63 55.90
N VAL U 326 -119.19 5.11 55.97
CA VAL U 326 -120.32 4.51 55.27
C VAL U 326 -120.72 5.31 54.01
N SER U 327 -120.89 4.60 52.90
CA SER U 327 -121.54 5.16 51.72
C SER U 327 -122.93 4.54 51.59
N THR U 328 -123.28 4.04 50.39
CA THR U 328 -124.49 3.23 50.16
C THR U 328 -125.74 3.69 50.94
N PHE U 329 -125.85 3.22 52.19
CA PHE U 329 -126.97 3.52 53.08
C PHE U 329 -128.30 2.91 52.61
N ASP U 330 -128.22 1.77 51.93
CA ASP U 330 -129.41 1.06 51.44
C ASP U 330 -129.86 -0.03 52.42
N GLU U 331 -128.91 -0.52 53.23
CA GLU U 331 -129.19 -1.49 54.28
C GLU U 331 -128.48 -1.07 55.58
N PRO U 332 -129.24 -0.46 56.52
CA PRO U 332 -128.67 0.07 57.76
C PRO U 332 -128.29 -0.98 58.81
N SER U 333 -128.84 -2.18 58.68
CA SER U 333 -128.64 -3.26 59.65
C SER U 333 -127.17 -3.69 59.78
N LYS U 334 -126.51 -3.90 58.64
CA LYS U 334 -125.17 -4.47 58.60
C LYS U 334 -124.09 -3.53 59.12
N CYS U 335 -124.22 -2.23 58.83
CA CYS U 335 -123.18 -1.25 59.14
C CYS U 335 -123.13 -0.80 60.61
N LYS U 336 -121.93 -0.48 61.09
CA LYS U 336 -121.68 -0.15 62.49
C LYS U 336 -121.71 1.36 62.78
N LEU U 337 -122.61 1.76 63.66
CA LEU U 337 -122.75 3.14 64.08
C LEU U 337 -121.64 3.57 65.01
N GLY U 338 -121.42 4.88 65.09
CA GLY U 338 -120.51 5.46 66.07
C GLY U 338 -121.27 6.16 67.16
N GLU U 339 -120.69 6.20 68.37
CA GLU U 339 -121.33 6.84 69.50
C GLU U 339 -120.32 7.45 70.46
N CYS U 340 -120.64 8.61 71.01
CA CYS U 340 -119.89 9.21 72.12
C CYS U 340 -120.85 9.83 73.15
N ASP U 341 -120.31 10.56 74.11
CA ASP U 341 -121.09 11.08 75.24
C ASP U 341 -121.70 12.47 74.99
N VAL U 342 -120.85 13.45 74.65
CA VAL U 342 -121.31 14.83 74.40
C VAL U 342 -120.50 15.50 73.28
N ILE U 343 -121.22 16.11 72.32
CA ILE U 343 -120.61 16.93 71.27
C ILE U 343 -120.99 18.40 71.47
N GLU U 344 -120.26 19.09 72.34
CA GLU U 344 -120.49 20.51 72.61
C GLU U 344 -119.43 21.34 71.89
N GLU U 345 -119.85 22.44 71.29
CA GLU U 345 -118.94 23.36 70.62
C GLU U 345 -118.23 24.25 71.63
N ILE U 346 -116.90 24.24 71.61
CA ILE U 346 -116.10 25.09 72.50
C ILE U 346 -115.42 26.22 71.73
N MET U 347 -115.02 27.26 72.46
CA MET U 347 -114.20 28.34 71.93
C MET U 347 -112.75 28.15 72.38
N LEU U 348 -111.81 28.40 71.46
CA LEU U 348 -110.38 28.32 71.77
C LEU U 348 -109.63 29.50 71.16
N GLY U 349 -109.58 30.60 71.92
CA GLY U 349 -108.97 31.84 71.46
C GLY U 349 -109.90 32.68 70.62
N GLU U 350 -110.43 32.09 69.55
CA GLU U 350 -111.33 32.79 68.61
C GLU U 350 -112.15 31.82 67.77
N GLN U 351 -111.50 30.77 67.27
CA GLN U 351 -112.13 29.81 66.35
C GLN U 351 -113.01 28.80 67.09
N PRO U 352 -114.21 28.53 66.54
CA PRO U 352 -115.12 27.55 67.13
C PRO U 352 -114.77 26.12 66.72
N PHE U 353 -114.63 25.23 67.71
CA PHE U 353 -114.34 23.81 67.47
C PHE U 353 -115.38 22.94 68.17
N LEU U 354 -115.80 21.86 67.51
CA LEU U 354 -116.72 20.90 68.11
C LEU U 354 -115.92 19.84 68.85
N LYS U 355 -116.17 19.70 70.15
CA LYS U 355 -115.41 18.76 70.98
C LYS U 355 -116.22 17.53 71.35
N PHE U 356 -115.87 16.42 70.71
CA PHE U 356 -116.42 15.11 71.04
C PHE U 356 -115.82 14.64 72.35
N SER U 357 -116.65 14.55 73.38
CA SER U 357 -116.20 14.24 74.73
C SER U 357 -116.80 12.93 75.23
N GLY U 358 -115.97 12.10 75.86
CA GLY U 358 -116.39 10.79 76.33
C GLY U 358 -116.76 9.88 75.17
N CYS U 359 -115.74 9.28 74.56
CA CYS U 359 -115.94 8.47 73.35
C CYS U 359 -115.92 6.97 73.65
N LYS U 360 -116.47 6.17 72.74
CA LYS U 360 -116.56 4.71 72.91
C LYS U 360 -115.20 4.01 72.88
N ALA U 361 -114.31 4.51 72.02
CA ALA U 361 -112.96 3.96 71.87
C ALA U 361 -111.97 5.06 71.53
N GLY U 362 -110.96 5.24 72.39
CA GLY U 362 -109.98 6.32 72.21
C GLY U 362 -108.89 6.06 71.19
N GLU U 363 -109.22 5.29 70.14
CA GLU U 363 -108.23 4.87 69.14
C GLU U 363 -107.81 5.97 68.13
N ALA U 364 -108.23 7.21 68.38
CA ALA U 364 -107.73 8.39 67.65
C ALA U 364 -107.88 9.64 68.50
N CYS U 365 -106.92 10.57 68.43
CA CYS U 365 -106.87 11.71 69.35
C CYS U 365 -106.40 13.05 68.74
N THR U 366 -106.66 14.12 69.49
CA THR U 366 -106.30 15.48 69.08
C THR U 366 -105.48 16.15 70.17
N ILE U 367 -104.30 16.65 69.81
CA ILE U 367 -103.46 17.43 70.72
C ILE U 367 -103.47 18.89 70.29
N VAL U 368 -103.95 19.76 71.18
CA VAL U 368 -103.99 21.20 70.93
C VAL U 368 -102.77 21.88 71.56
N LEU U 369 -101.89 22.38 70.70
CA LEU U 369 -100.68 23.07 71.14
C LEU U 369 -100.94 24.56 71.24
N ARG U 370 -100.35 25.19 72.25
CA ARG U 370 -100.49 26.63 72.49
C ARG U 370 -99.11 27.27 72.61
N GLY U 371 -99.06 28.61 72.64
CA GLY U 371 -97.79 29.31 72.72
C GLY U 371 -97.88 30.78 72.33
N ALA U 372 -96.77 31.48 72.46
CA ALA U 372 -96.74 32.93 72.29
C ALA U 372 -96.49 33.39 70.86
N THR U 373 -95.77 32.58 70.09
CA THR U 373 -95.30 32.98 68.76
C THR U 373 -95.54 31.87 67.75
N ASP U 374 -95.89 32.25 66.52
CA ASP U 374 -96.16 31.29 65.46
C ASP U 374 -95.00 30.34 65.17
N GLN U 375 -93.78 30.75 65.47
CA GLN U 375 -92.63 29.85 65.35
C GLN U 375 -92.50 28.90 66.52
N THR U 376 -92.97 29.33 67.70
CA THR U 376 -92.98 28.47 68.87
C THR U 376 -93.89 27.27 68.56
N LEU U 377 -95.08 27.54 68.01
CA LEU U 377 -96.01 26.50 67.60
C LEU U 377 -95.37 25.56 66.58
N ASP U 378 -94.86 26.13 65.49
CA ASP U 378 -94.07 25.39 64.51
C ASP U 378 -93.19 24.36 65.20
N GLU U 379 -92.33 24.84 66.10
CA GLU U 379 -91.34 24.01 66.75
C GLU U 379 -91.96 23.01 67.71
N ALA U 380 -93.01 23.43 68.41
CA ALA U 380 -93.75 22.53 69.29
C ALA U 380 -94.33 21.36 68.48
N GLU U 381 -94.72 21.65 67.25
CA GLU U 381 -95.22 20.63 66.33
C GLU U 381 -94.11 19.67 65.90
N ARG U 382 -93.00 20.23 65.41
CA ARG U 382 -91.86 19.44 64.92
C ARG U 382 -91.22 18.61 66.03
N SER U 383 -91.02 19.26 67.19
CA SER U 383 -90.53 18.61 68.40
C SER U 383 -91.45 17.46 68.84
N LEU U 384 -92.75 17.72 68.84
CA LEU U 384 -93.71 16.70 69.22
C LEU U 384 -93.61 15.53 68.25
N HIS U 385 -93.57 15.82 66.95
CA HIS U 385 -93.43 14.75 65.96
C HIS U 385 -92.21 13.89 66.24
N ASP U 386 -91.14 14.50 66.75
CA ASP U 386 -89.96 13.75 67.15
C ASP U 386 -90.27 12.86 68.35
N ALA U 387 -91.11 13.35 69.26
CA ALA U 387 -91.54 12.56 70.41
C ALA U 387 -92.54 11.47 70.03
N LEU U 388 -93.52 11.82 69.21
CA LEU U 388 -94.54 10.86 68.75
C LEU U 388 -93.98 9.88 67.71
N SER U 389 -92.67 9.91 67.53
CA SER U 389 -92.00 9.01 66.63
C SER U 389 -91.29 7.91 67.39
N VAL U 390 -90.33 8.29 68.25
CA VAL U 390 -89.62 7.31 69.07
C VAL U 390 -90.59 6.39 69.78
N LEU U 391 -91.55 6.98 70.48
CA LEU U 391 -92.50 6.23 71.28
C LEU U 391 -93.34 5.26 70.44
N SER U 392 -93.85 5.75 69.31
CA SER U 392 -94.66 4.93 68.41
C SER U 392 -93.85 3.76 67.85
N GLN U 393 -92.58 4.03 67.55
CA GLN U 393 -91.67 3.02 67.02
C GLN U 393 -91.10 2.09 68.09
N THR U 394 -91.17 2.54 69.34
CA THR U 394 -90.79 1.70 70.48
C THR U 394 -91.97 0.78 70.86
N THR U 395 -93.17 1.14 70.42
CA THR U 395 -94.33 0.24 70.48
C THR U 395 -94.07 -0.93 69.55
N LYS U 396 -93.49 -0.63 68.39
CA LYS U 396 -93.04 -1.65 67.46
C LYS U 396 -91.78 -2.32 67.99
N GLU U 397 -90.74 -1.53 68.23
CA GLU U 397 -89.46 -2.06 68.73
C GLU U 397 -89.24 -1.78 70.21
N THR U 398 -89.61 -2.75 71.05
CA THR U 398 -89.76 -2.54 72.49
C THR U 398 -88.47 -2.58 73.34
N ARG U 399 -87.30 -2.59 72.72
CA ARG U 399 -86.05 -2.57 73.48
C ARG U 399 -85.50 -1.16 73.67
N THR U 400 -84.87 -0.94 74.83
CA THR U 400 -84.37 0.38 75.20
C THR U 400 -82.88 0.38 75.52
N VAL U 401 -82.23 1.51 75.27
CA VAL U 401 -80.83 1.69 75.60
C VAL U 401 -80.66 3.03 76.31
N LEU U 402 -79.81 3.04 77.32
CA LEU U 402 -79.58 4.20 78.14
C LEU U 402 -78.75 5.24 77.38
N GLY U 403 -79.33 6.42 77.18
CA GLY U 403 -78.69 7.53 76.46
C GLY U 403 -77.73 8.34 77.32
N GLY U 404 -77.57 9.61 76.98
CA GLY U 404 -76.69 10.51 77.72
C GLY U 404 -75.22 10.29 77.40
N GLY U 405 -74.95 9.80 76.19
CA GLY U 405 -73.57 9.53 75.76
C GLY U 405 -73.11 8.11 76.08
N CYS U 406 -73.83 7.48 77.02
CA CYS U 406 -73.52 6.15 77.47
C CYS U 406 -73.65 5.12 76.37
N ALA U 407 -74.80 5.10 75.70
CA ALA U 407 -75.03 4.20 74.58
C ALA U 407 -73.84 4.24 73.60
N GLU U 408 -73.50 5.45 73.14
CA GLU U 408 -72.38 5.65 72.21
C GLU U 408 -71.01 5.32 72.83
N MET U 409 -70.94 5.31 74.15
CA MET U 409 -69.71 4.91 74.83
C MET U 409 -69.53 3.40 74.95
N VAL U 410 -70.64 2.70 75.19
CA VAL U 410 -70.64 1.24 75.30
C VAL U 410 -70.14 0.60 74.00
N MET U 411 -70.47 1.21 72.87
CA MET U 411 -69.98 0.73 71.59
C MET U 411 -68.52 1.15 71.44
N SER U 412 -68.18 2.37 71.85
CA SER U 412 -66.80 2.85 71.80
C SER U 412 -65.87 1.92 72.57
N LYS U 413 -66.43 1.24 73.56
CA LYS U 413 -65.72 0.23 74.33
C LYS U 413 -65.40 -1.00 73.48
N ALA U 414 -66.44 -1.68 73.02
CA ALA U 414 -66.27 -2.90 72.24
C ALA U 414 -65.44 -2.65 70.98
N VAL U 415 -65.69 -1.54 70.29
CA VAL U 415 -64.96 -1.22 69.08
C VAL U 415 -63.48 -1.13 69.40
N ASP U 416 -63.19 -0.51 70.54
CA ASP U 416 -61.82 -0.30 70.99
C ASP U 416 -61.15 -1.60 71.44
N THR U 417 -61.92 -2.49 72.05
CA THR U 417 -61.39 -3.79 72.45
C THR U 417 -61.20 -4.68 71.24
N GLU U 418 -62.18 -4.68 70.34
CA GLU U 418 -62.12 -5.48 69.12
C GLU U 418 -60.93 -5.05 68.25
N ALA U 419 -60.46 -3.81 68.44
CA ALA U 419 -59.25 -3.32 67.77
C ALA U 419 -58.00 -3.91 68.39
N GLN U 420 -58.08 -4.20 69.68
CA GLN U 420 -57.00 -4.86 70.41
C GLN U 420 -56.91 -6.31 69.97
N ASN U 421 -57.74 -6.65 68.97
CA ASN U 421 -57.84 -8.03 68.53
C ASN U 421 -57.55 -8.19 67.04
N ILE U 422 -57.83 -7.15 66.26
CA ILE U 422 -57.79 -7.22 64.79
C ILE U 422 -56.38 -7.14 64.17
N ASP U 423 -55.67 -6.04 64.45
CA ASP U 423 -54.30 -5.85 63.96
C ASP U 423 -54.17 -5.67 62.43
N GLY U 424 -53.13 -4.92 62.04
CA GLY U 424 -52.92 -4.52 60.65
C GLY U 424 -53.04 -3.01 60.55
N LYS U 425 -53.18 -2.49 59.33
CA LYS U 425 -53.44 -1.08 59.14
C LYS U 425 -54.92 -0.82 59.34
N LYS U 426 -55.71 -1.89 59.26
CA LYS U 426 -57.16 -1.86 59.50
C LYS U 426 -57.48 -1.44 60.94
N SER U 427 -56.61 -1.84 61.87
CA SER U 427 -56.76 -1.60 63.31
C SER U 427 -56.89 -0.10 63.62
N LEU U 428 -56.07 0.70 62.97
CA LEU U 428 -56.10 2.14 63.15
C LEU U 428 -57.48 2.71 62.78
N ALA U 429 -58.11 2.16 61.75
CA ALA U 429 -59.44 2.60 61.33
C ALA U 429 -60.53 2.09 62.26
N VAL U 430 -60.29 0.92 62.86
CA VAL U 430 -61.20 0.36 63.86
C VAL U 430 -61.22 1.29 65.06
N GLU U 431 -60.04 1.66 65.54
CA GLU U 431 -59.88 2.60 66.63
C GLU U 431 -60.46 3.99 66.34
N ALA U 432 -60.33 4.43 65.08
CA ALA U 432 -60.89 5.69 64.64
C ALA U 432 -62.40 5.70 64.79
N PHE U 433 -63.04 4.57 64.45
CA PHE U 433 -64.50 4.43 64.51
C PHE U 433 -65.00 4.66 65.93
N ALA U 434 -64.30 4.06 66.89
CA ALA U 434 -64.59 4.26 68.31
C ALA U 434 -64.39 5.72 68.67
N ARG U 435 -63.29 6.29 68.20
CA ARG U 435 -62.92 7.68 68.45
C ARG U 435 -63.98 8.64 67.95
N ALA U 436 -64.63 8.26 66.84
CA ALA U 436 -65.73 9.05 66.28
C ALA U 436 -66.98 8.94 67.16
N LEU U 437 -67.32 7.72 67.57
CA LEU U 437 -68.44 7.49 68.47
C LEU U 437 -68.29 8.34 69.72
N ARG U 438 -67.05 8.43 70.20
CA ARG U 438 -66.71 9.24 71.36
C ARG U 438 -66.99 10.71 71.11
N GLN U 439 -66.67 11.19 69.90
CA GLN U 439 -66.82 12.61 69.58
C GLN U 439 -68.27 13.09 69.71
N LEU U 440 -69.20 12.16 69.98
CA LEU U 440 -70.61 12.49 70.17
C LEU U 440 -70.88 13.06 71.57
N PRO U 441 -70.63 12.28 72.64
CA PRO U 441 -70.71 12.85 73.98
C PRO U 441 -69.87 14.10 74.12
N THR U 442 -68.81 14.21 73.31
CA THR U 442 -67.95 15.38 73.27
C THR U 442 -68.76 16.66 73.04
N ILE U 443 -69.62 16.62 72.02
CA ILE U 443 -70.45 17.77 71.65
C ILE U 443 -71.55 18.01 72.67
N LEU U 444 -72.22 16.93 73.08
CA LEU U 444 -73.19 16.99 74.17
C LEU U 444 -72.63 17.87 75.28
N ALA U 445 -71.41 17.55 75.72
CA ALA U 445 -70.75 18.29 76.77
C ALA U 445 -70.31 19.67 76.30
N ASP U 446 -69.77 19.75 75.08
CA ASP U 446 -69.29 21.03 74.54
C ASP U 446 -70.36 22.13 74.54
N ASN U 447 -71.59 21.75 74.19
CA ASN U 447 -72.71 22.69 74.11
C ASN U 447 -73.15 23.19 75.48
N ALA U 448 -73.13 22.29 76.46
CA ALA U 448 -73.41 22.63 77.85
C ALA U 448 -72.39 23.64 78.38
N GLY U 449 -71.10 23.39 78.11
CA GLY U 449 -70.04 24.33 78.38
C GLY U 449 -68.90 23.88 79.29
N PHE U 450 -68.91 22.61 79.70
CA PHE U 450 -67.85 22.10 80.58
C PHE U 450 -66.64 21.61 79.78
N ASP U 451 -65.54 21.37 80.46
CA ASP U 451 -64.33 20.90 79.81
C ASP U 451 -64.60 19.57 79.12
N SER U 452 -65.06 19.66 77.88
CA SER U 452 -65.34 18.51 77.07
C SER U 452 -64.23 17.46 77.23
N SER U 453 -62.99 17.88 77.01
CA SER U 453 -61.84 16.98 77.07
C SER U 453 -61.79 16.14 78.35
N GLU U 454 -62.10 16.76 79.50
CA GLU U 454 -62.02 16.09 80.81
C GLU U 454 -63.27 15.31 81.21
N LEU U 455 -64.44 15.71 80.72
CA LEU U 455 -65.68 14.99 81.01
C LEU U 455 -65.81 13.70 80.20
N VAL U 456 -65.59 13.79 78.89
CA VAL U 456 -65.50 12.63 78.01
C VAL U 456 -64.48 11.61 78.56
N SER U 457 -63.32 12.12 78.96
CA SER U 457 -62.23 11.33 79.53
C SER U 457 -62.60 10.66 80.86
N LYS U 458 -63.36 11.38 81.70
CA LYS U 458 -63.82 10.84 82.98
C LYS U 458 -64.90 9.79 82.75
N LEU U 459 -65.75 10.02 81.76
CA LEU U 459 -66.80 9.07 81.40
C LEU U 459 -66.24 7.84 80.70
N ARG U 460 -65.29 8.03 79.78
CA ARG U 460 -64.57 6.92 79.16
C ARG U 460 -64.15 5.92 80.23
N SER U 461 -63.44 6.40 81.24
CA SER U 461 -62.89 5.54 82.28
C SER U 461 -63.93 4.64 82.92
N SER U 462 -65.03 5.26 83.35
CA SER U 462 -66.09 4.55 84.09
C SER U 462 -66.66 3.39 83.31
N ILE U 463 -67.00 3.65 82.04
CA ILE U 463 -67.61 2.66 81.17
C ILE U 463 -66.60 1.61 80.72
N TYR U 464 -65.40 2.05 80.34
CA TYR U 464 -64.30 1.14 80.04
C TYR U 464 -63.95 0.30 81.26
N ASN U 465 -64.15 0.87 82.45
CA ASN U 465 -63.93 0.16 83.71
C ASN U 465 -65.04 -0.82 84.11
N GLY U 466 -66.21 -0.67 83.50
CA GLY U 466 -67.27 -1.68 83.64
C GLY U 466 -68.60 -1.17 84.14
N ILE U 467 -68.64 0.07 84.64
CA ILE U 467 -69.89 0.69 85.03
C ILE U 467 -70.59 1.08 83.74
N SER U 468 -71.23 0.11 83.10
CA SER U 468 -71.82 0.33 81.78
C SER U 468 -73.21 1.00 81.87
N THR U 469 -73.37 1.84 82.89
CA THR U 469 -74.57 2.65 83.06
C THR U 469 -74.20 4.13 83.00
N SER U 470 -73.05 4.46 83.57
CA SER U 470 -72.51 5.82 83.62
C SER U 470 -72.71 6.61 82.33
N GLY U 471 -73.23 7.82 82.49
CA GLY U 471 -73.43 8.74 81.37
C GLY U 471 -73.21 10.19 81.80
N LEU U 472 -73.68 11.12 80.96
CA LEU U 472 -73.45 12.55 81.19
C LEU U 472 -74.62 13.26 81.87
N ASP U 473 -74.38 13.78 83.07
CA ASP U 473 -75.32 14.70 83.72
C ASP U 473 -74.99 16.10 83.21
N LEU U 474 -75.73 16.53 82.19
CA LEU U 474 -75.41 17.75 81.46
C LEU U 474 -75.84 19.08 82.10
N ASN U 475 -76.27 19.04 83.35
CA ASN U 475 -76.60 20.26 84.08
C ASN U 475 -75.69 20.48 85.27
N ASN U 476 -74.98 19.43 85.64
CA ASN U 476 -74.08 19.46 86.77
C ASN U 476 -72.63 19.30 86.33
N GLY U 477 -72.45 18.71 85.14
CA GLY U 477 -71.13 18.50 84.57
C GLY U 477 -70.41 17.35 85.25
N THR U 478 -71.12 16.25 85.44
CA THR U 478 -70.56 15.08 86.12
C THR U 478 -71.01 13.76 85.49
N ILE U 479 -70.26 12.71 85.74
CA ILE U 479 -70.67 11.38 85.36
C ILE U 479 -71.73 10.95 86.36
N ALA U 480 -72.92 10.62 85.86
CA ALA U 480 -74.00 10.11 86.70
C ALA U 480 -74.65 8.85 86.11
N ASP U 481 -75.35 8.10 86.96
CA ASP U 481 -76.02 6.86 86.55
C ASP U 481 -77.22 7.18 85.67
N MET U 482 -77.22 6.63 84.45
CA MET U 482 -78.27 6.94 83.50
C MET U 482 -79.57 6.17 83.74
N ARG U 483 -79.49 4.93 84.24
CA ARG U 483 -80.67 4.17 84.60
C ARG U 483 -81.44 4.85 85.74
N GLN U 484 -80.70 5.25 86.78
CA GLN U 484 -81.27 5.88 87.97
C GLN U 484 -81.71 7.34 87.75
N LEU U 485 -81.26 7.97 86.66
CA LEU U 485 -81.74 9.32 86.30
C LEU U 485 -82.74 9.29 85.15
N GLY U 486 -82.95 8.11 84.58
CA GLY U 486 -83.97 7.89 83.56
C GLY U 486 -83.76 8.57 82.22
N ILE U 487 -82.53 8.54 81.71
CA ILE U 487 -82.21 9.12 80.42
C ILE U 487 -82.17 8.02 79.36
N VAL U 488 -83.33 7.42 79.09
CA VAL U 488 -83.42 6.26 78.17
C VAL U 488 -83.78 6.63 76.73
N GLU U 489 -83.40 5.77 75.80
CA GLU U 489 -83.70 5.96 74.39
C GLU U 489 -84.13 4.66 73.73
N SER U 490 -84.65 4.75 72.50
CA SER U 490 -85.06 3.59 71.73
C SER U 490 -83.85 2.86 71.14
N TYR U 491 -83.87 1.53 71.18
CA TYR U 491 -82.81 0.71 70.57
C TYR U 491 -82.81 0.89 69.05
N LYS U 492 -83.99 0.84 68.43
CA LYS U 492 -84.14 1.07 67.00
C LYS U 492 -83.41 2.33 66.58
N LEU U 493 -83.52 3.38 67.39
CA LEU U 493 -82.94 4.70 67.12
C LEU U 493 -81.42 4.62 66.97
N LYS U 494 -80.75 4.15 68.01
CA LYS U 494 -79.30 4.06 67.98
C LYS U 494 -78.82 3.08 66.93
N ARG U 495 -79.45 1.90 66.87
CA ARG U 495 -79.10 0.90 65.86
C ARG U 495 -79.02 1.54 64.48
N ALA U 496 -79.98 2.41 64.19
CA ALA U 496 -80.03 3.14 62.93
C ALA U 496 -78.90 4.16 62.80
N VAL U 497 -78.71 4.98 63.82
CA VAL U 497 -77.69 6.02 63.80
C VAL U 497 -76.35 5.47 63.30
N VAL U 498 -75.95 4.36 63.90
CA VAL U 498 -74.69 3.69 63.57
C VAL U 498 -74.74 3.05 62.17
N SER U 499 -75.77 2.23 61.91
CA SER U 499 -75.95 1.63 60.59
C SER U 499 -75.89 2.71 59.52
N SER U 500 -76.78 3.69 59.62
CA SER U 500 -76.87 4.77 58.67
C SER U 500 -75.53 5.48 58.42
N ALA U 501 -74.87 5.90 59.51
CA ALA U 501 -73.61 6.62 59.39
C ALA U 501 -72.52 5.76 58.75
N SER U 502 -72.44 4.52 59.19
CA SER U 502 -71.47 3.58 58.66
C SER U 502 -71.61 3.41 57.15
N GLU U 503 -72.83 3.58 56.66
CA GLU U 503 -73.09 3.52 55.22
C GLU U 503 -72.63 4.79 54.50
N ALA U 504 -72.88 5.95 55.10
CA ALA U 504 -72.46 7.23 54.52
C ALA U 504 -70.96 7.25 54.24
N ALA U 505 -70.20 6.82 55.25
CA ALA U 505 -68.76 6.71 55.15
C ALA U 505 -68.35 5.83 53.99
N GLU U 506 -68.82 4.58 53.99
CA GLU U 506 -68.50 3.62 52.93
C GLU U 506 -68.86 4.12 51.54
N VAL U 507 -69.83 5.03 51.45
CA VAL U 507 -70.22 5.64 50.19
C VAL U 507 -69.16 6.67 49.79
N LEU U 508 -68.97 7.68 50.63
CA LEU U 508 -68.11 8.79 50.31
C LEU U 508 -66.62 8.44 50.23
N LEU U 509 -66.20 7.44 51.02
CA LEU U 509 -64.79 7.01 51.07
C LEU U 509 -64.36 6.26 49.83
N ARG U 510 -65.33 5.70 49.12
CA ARG U 510 -65.09 5.05 47.83
C ARG U 510 -65.01 6.08 46.69
N VAL U 511 -65.51 7.29 46.94
CA VAL U 511 -65.47 8.37 45.94
C VAL U 511 -64.03 8.81 45.69
N ASP U 512 -63.67 8.95 44.42
CA ASP U 512 -62.37 9.52 44.07
C ASP U 512 -62.41 10.40 42.83
N ASN U 513 -63.61 10.76 42.39
CA ASN U 513 -63.76 11.58 41.19
C ASN U 513 -65.15 12.16 41.12
N ILE U 514 -65.25 13.48 41.28
CA ILE U 514 -66.54 14.16 41.14
C ILE U 514 -66.66 14.88 39.80
N ILE U 515 -67.75 14.58 39.09
CA ILE U 515 -68.01 15.17 37.79
C ILE U 515 -69.38 15.87 37.78
N ARG U 516 -69.37 17.16 37.44
CA ARG U 516 -70.56 18.00 37.42
C ARG U 516 -70.84 18.56 36.04
N ALA U 517 -72.04 18.27 35.53
CA ALA U 517 -72.45 18.71 34.20
C ALA U 517 -72.85 20.19 34.20
N ARG U 518 -72.73 20.83 33.03
CA ARG U 518 -73.11 22.24 32.85
C ARG U 518 -74.57 22.42 33.23
N PRO U 519 -74.83 23.19 34.31
CA PRO U 519 -76.18 23.42 34.84
C PRO U 519 -77.22 23.83 33.79
N ARG U 520 -78.48 23.47 34.02
CA ARG U 520 -79.54 23.58 33.01
C ARG U 520 -79.82 25.00 32.51
N PRO V 6 -57.76 27.86 88.26
CA PRO V 6 -58.43 27.91 86.96
C PRO V 6 -57.85 29.02 86.07
N SER V 7 -56.58 28.86 85.68
CA SER V 7 -55.91 29.81 84.79
C SER V 7 -56.11 29.49 83.32
N ASN V 8 -56.15 28.20 83.00
CA ASN V 8 -56.28 27.72 81.62
C ASN V 8 -57.72 27.65 81.13
N ALA V 9 -58.61 27.02 81.92
CA ALA V 9 -60.06 27.03 81.68
C ALA V 9 -60.55 26.45 80.35
N THR V 10 -61.87 26.43 80.19
CA THR V 10 -62.51 25.92 78.97
C THR V 10 -62.76 27.09 78.03
N PHE V 11 -61.97 27.15 76.96
CA PHE V 11 -62.06 28.25 76.01
C PHE V 11 -63.31 28.18 75.12
N LYS V 12 -64.01 29.32 75.03
CA LYS V 12 -65.18 29.46 74.16
C LYS V 12 -64.74 29.75 72.73
N ASN V 13 -64.87 28.75 71.86
CA ASN V 13 -64.31 28.74 70.50
C ASN V 13 -64.96 29.69 69.49
N LYS V 14 -66.17 29.37 69.05
CA LYS V 14 -66.87 30.14 68.02
C LYS V 14 -67.62 31.33 68.62
N GLU V 15 -67.59 32.46 67.92
CA GLU V 15 -68.14 33.71 68.46
C GLU V 15 -69.42 34.23 67.77
N LYS V 16 -69.81 33.62 66.65
CA LYS V 16 -71.07 33.98 65.97
C LYS V 16 -72.25 34.00 66.95
N PRO V 17 -72.44 32.93 67.76
CA PRO V 17 -73.42 32.96 68.85
C PRO V 17 -73.42 34.27 69.63
N GLN V 18 -72.27 34.66 70.17
CA GLN V 18 -72.16 35.91 70.96
C GLN V 18 -72.72 37.12 70.20
N GLU V 19 -72.30 37.28 68.94
CA GLU V 19 -72.65 38.45 68.14
C GLU V 19 -74.04 38.42 67.50
N VAL V 20 -74.61 37.23 67.30
CA VAL V 20 -75.96 37.09 66.72
C VAL V 20 -77.04 37.45 67.73
N ARG V 21 -76.94 36.89 68.94
CA ARG V 21 -77.87 37.22 70.00
C ARG V 21 -77.90 38.73 70.21
N LYS V 22 -76.72 39.33 70.35
CA LYS V 22 -76.60 40.77 70.55
C LYS V 22 -77.37 41.53 69.48
N ALA V 23 -77.14 41.13 68.22
CA ALA V 23 -77.68 41.82 67.04
C ALA V 23 -79.18 41.61 66.82
N ASN V 24 -79.72 40.49 67.28
CA ASN V 24 -81.16 40.23 67.21
C ASN V 24 -81.93 41.11 68.18
N ILE V 25 -81.41 41.23 69.42
CA ILE V 25 -82.02 42.09 70.43
C ILE V 25 -82.08 43.55 69.96
N ILE V 26 -81.02 44.01 69.30
CA ILE V 26 -80.97 45.38 68.77
C ILE V 26 -82.02 45.54 67.67
N ALA V 27 -82.10 44.54 66.78
CA ALA V 27 -83.04 44.56 65.65
C ALA V 27 -84.49 44.47 66.11
N ALA V 28 -84.69 43.94 67.31
CA ALA V 28 -86.03 43.80 67.88
C ALA V 28 -86.44 44.97 68.76
N ARG V 29 -85.53 45.45 69.62
CA ARG V 29 -85.79 46.64 70.46
C ARG V 29 -86.21 47.85 69.59
N SER V 30 -85.68 47.91 68.37
CA SER V 30 -85.99 48.97 67.41
C SER V 30 -87.47 48.99 67.04
N VAL V 31 -88.07 47.81 66.91
CA VAL V 31 -89.49 47.67 66.61
C VAL V 31 -90.33 48.14 67.82
N ALA V 32 -89.94 47.70 69.01
CA ALA V 32 -90.62 48.12 70.24
C ALA V 32 -90.46 49.61 70.50
N ASP V 33 -89.41 50.21 69.92
CA ASP V 33 -89.16 51.64 70.08
C ASP V 33 -90.09 52.48 69.22
N ALA V 34 -90.28 52.08 67.97
CA ALA V 34 -91.18 52.77 67.04
C ALA V 34 -92.61 52.88 67.56
N ILE V 35 -92.98 51.96 68.46
CA ILE V 35 -94.33 51.91 69.03
C ILE V 35 -94.53 52.82 70.24
N ARG V 36 -93.44 53.12 70.95
CA ARG V 36 -93.52 53.81 72.26
C ARG V 36 -94.37 55.09 72.25
N THR V 37 -94.41 55.78 71.11
CA THR V 37 -95.19 57.01 70.96
C THR V 37 -96.70 56.77 71.05
N SER V 38 -97.13 55.51 70.87
CA SER V 38 -98.54 55.18 70.72
C SER V 38 -99.15 54.44 71.92
N LEU V 39 -98.53 54.61 73.10
CA LEU V 39 -99.03 54.00 74.31
C LEU V 39 -99.80 55.00 75.16
N GLY V 40 -100.98 54.60 75.62
CA GLY V 40 -101.74 55.38 76.60
C GLY V 40 -102.54 56.55 76.06
N PRO V 41 -103.18 57.32 76.97
CA PRO V 41 -104.06 58.45 76.65
C PRO V 41 -103.32 59.58 75.96
N LYS V 42 -102.07 59.79 76.35
CA LYS V 42 -101.21 60.76 75.69
C LYS V 42 -100.39 60.08 74.59
N GLY V 43 -100.93 58.98 74.06
CA GLY V 43 -100.31 58.26 72.94
C GLY V 43 -100.82 58.78 71.60
N MET V 44 -100.01 58.64 70.55
CA MET V 44 -100.34 59.18 69.24
C MET V 44 -100.46 58.12 68.13
N ASP V 45 -101.35 58.39 67.17
CA ASP V 45 -101.66 57.49 66.05
C ASP V 45 -100.60 57.54 64.94
N LYS V 46 -100.54 56.46 64.17
CA LYS V 46 -99.62 56.37 63.05
C LYS V 46 -100.36 56.11 61.74
N MET V 47 -99.82 56.64 60.65
CA MET V 47 -100.41 56.46 59.33
C MET V 47 -99.54 55.50 58.50
N ILE V 48 -100.15 54.43 58.00
CA ILE V 48 -99.43 53.46 57.18
C ILE V 48 -100.08 53.32 55.81
N LYS V 49 -99.35 53.69 54.76
CA LYS V 49 -99.83 53.50 53.40
C LYS V 49 -99.42 52.11 52.91
N THR V 50 -100.43 51.31 52.56
CA THR V 50 -100.26 49.90 52.21
C THR V 50 -99.39 49.73 50.97
N SER V 51 -98.73 48.56 50.91
CA SER V 51 -98.08 48.11 49.69
C SER V 51 -99.03 48.22 48.49
N ARG V 52 -100.30 47.86 48.72
CA ARG V 52 -101.33 47.92 47.68
C ARG V 52 -101.84 49.35 47.43
N GLY V 53 -101.74 50.22 48.44
CA GLY V 53 -102.06 51.63 48.25
C GLY V 53 -103.11 52.28 49.15
N GLU V 54 -103.78 51.49 49.99
CA GLU V 54 -104.80 52.01 50.91
C GLU V 54 -104.18 52.70 52.12
N ILE V 55 -104.78 53.81 52.55
CA ILE V 55 -104.27 54.59 53.70
C ILE V 55 -104.94 54.12 55.02
N ILE V 56 -104.12 53.84 56.02
CA ILE V 56 -104.59 53.37 57.35
C ILE V 56 -104.02 54.24 58.48
N ILE V 57 -104.90 54.82 59.29
CA ILE V 57 -104.50 55.60 60.47
C ILE V 57 -104.97 54.87 61.73
N SER V 58 -104.04 54.53 62.63
CA SER V 58 -104.37 53.65 63.74
C SER V 58 -103.59 53.88 65.05
N ASN V 59 -104.12 53.32 66.14
CA ASN V 59 -103.44 53.25 67.43
C ASN V 59 -103.26 51.79 67.86
N ASP V 60 -104.21 50.94 67.49
CA ASP V 60 -104.16 49.50 67.77
C ASP V 60 -102.83 48.94 67.26
N GLY V 61 -101.95 48.60 68.20
CA GLY V 61 -100.56 48.19 67.93
C GLY V 61 -100.36 47.01 67.01
N HIS V 62 -101.21 46.00 67.12
CA HIS V 62 -101.22 44.87 66.21
C HIS V 62 -101.54 45.34 64.78
N THR V 63 -102.47 46.27 64.67
CA THR V 63 -102.82 46.83 63.36
C THR V 63 -101.71 47.74 62.86
N ILE V 64 -100.95 48.31 63.78
CA ILE V 64 -99.79 49.10 63.43
C ILE V 64 -98.69 48.18 62.92
N LEU V 65 -98.43 47.11 63.66
CA LEU V 65 -97.33 46.20 63.35
C LEU V 65 -97.55 45.32 62.13
N LYS V 66 -98.77 44.86 61.93
CA LYS V 66 -99.10 43.99 60.81
C LYS V 66 -99.05 44.73 59.49
N GLN V 67 -99.21 46.06 59.55
CA GLN V 67 -99.27 46.88 58.33
C GLN V 67 -97.99 47.61 57.91
N MET V 68 -97.11 47.92 58.85
CA MET V 68 -95.77 48.37 58.50
C MET V 68 -94.96 47.17 58.03
N ALA V 69 -93.96 47.39 57.18
CA ALA V 69 -93.27 46.27 56.54
C ALA V 69 -92.01 45.85 57.28
N ILE V 70 -92.15 45.03 58.31
CA ILE V 70 -91.00 44.62 59.11
C ILE V 70 -90.20 43.52 58.40
N LEU V 71 -88.90 43.75 58.27
CA LEU V 71 -88.03 42.87 57.48
C LEU V 71 -87.36 41.78 58.27
N HIS V 72 -86.81 42.13 59.42
CA HIS V 72 -86.01 41.21 60.22
C HIS V 72 -86.85 40.08 60.80
N PRO V 73 -86.48 38.81 60.52
CA PRO V 73 -87.29 37.67 60.92
C PRO V 73 -87.53 37.58 62.43
N VAL V 74 -86.52 38.00 63.22
CA VAL V 74 -86.62 38.08 64.68
C VAL V 74 -87.61 39.17 65.09
N ALA V 75 -87.53 40.31 64.39
CA ALA V 75 -88.44 41.42 64.62
C ALA V 75 -89.86 41.04 64.23
N ARG V 76 -89.98 40.35 63.10
CA ARG V 76 -91.27 39.88 62.59
C ARG V 76 -92.00 39.05 63.61
N MET V 77 -91.23 38.41 64.49
CA MET V 77 -91.80 37.62 65.58
C MET V 77 -92.56 38.48 66.58
N LEU V 78 -92.18 39.76 66.68
CA LEU V 78 -92.87 40.70 67.57
C LEU V 78 -94.30 40.98 67.14
N VAL V 79 -94.55 40.89 65.83
CA VAL V 79 -95.90 41.01 65.28
C VAL V 79 -96.75 39.84 65.73
N GLU V 80 -96.13 38.65 65.78
CA GLU V 80 -96.80 37.42 66.19
C GLU V 80 -97.13 37.40 67.68
N VAL V 81 -96.34 38.13 68.48
CA VAL V 81 -96.61 38.29 69.90
C VAL V 81 -97.78 39.23 70.10
N SER V 82 -97.72 40.36 69.40
CA SER V 82 -98.78 41.35 69.44
C SER V 82 -100.06 40.77 68.85
N ALA V 83 -99.91 39.86 67.89
CA ALA V 83 -101.05 39.14 67.32
C ALA V 83 -101.65 38.18 68.34
N ALA V 84 -100.80 37.50 69.10
CA ALA V 84 -101.25 36.55 70.13
C ALA V 84 -102.02 37.25 71.22
N GLN V 85 -101.61 38.47 71.55
CA GLN V 85 -102.26 39.28 72.57
C GLN V 85 -103.68 39.65 72.15
N ASP V 86 -103.87 39.93 70.86
CA ASP V 86 -105.20 40.24 70.29
C ASP V 86 -106.11 39.01 70.34
N SER V 87 -105.51 37.83 70.17
CA SER V 87 -106.22 36.54 70.18
C SER V 87 -106.53 36.04 71.59
N GLU V 88 -106.13 36.80 72.60
CA GLU V 88 -106.37 36.43 73.99
C GLU V 88 -107.06 37.53 74.76
N ALA V 89 -106.79 38.77 74.36
CA ALA V 89 -107.27 39.95 75.09
C ALA V 89 -107.87 41.03 74.19
N GLY V 90 -107.33 41.16 72.97
CA GLY V 90 -107.75 42.22 72.06
C GLY V 90 -107.24 43.60 72.47
N ASP V 91 -106.84 43.72 73.73
CA ASP V 91 -106.27 44.94 74.28
C ASP V 91 -104.93 44.66 74.92
N GLY V 92 -103.99 45.59 74.76
CA GLY V 92 -102.64 45.42 75.31
C GLY V 92 -101.66 44.96 74.26
N THR V 93 -102.03 45.10 72.98
CA THR V 93 -101.18 44.69 71.87
C THR V 93 -99.93 45.57 71.78
N THR V 94 -100.07 46.80 72.27
CA THR V 94 -98.95 47.72 72.35
C THR V 94 -98.08 47.36 73.55
N SER V 95 -98.71 47.22 74.71
CA SER V 95 -98.04 46.89 75.96
C SER V 95 -97.10 45.69 75.85
N VAL V 96 -97.59 44.64 75.18
CA VAL V 96 -96.88 43.36 75.08
C VAL V 96 -95.59 43.46 74.28
N VAL V 97 -95.57 44.36 73.31
CA VAL V 97 -94.39 44.57 72.49
C VAL V 97 -93.33 45.33 73.27
N ILE V 98 -93.71 46.49 73.82
CA ILE V 98 -92.80 47.33 74.58
C ILE V 98 -92.11 46.52 75.69
N LEU V 99 -92.89 45.66 76.34
CA LEU V 99 -92.37 44.77 77.38
C LEU V 99 -91.28 43.83 76.85
N THR V 100 -91.46 43.33 75.64
CA THR V 100 -90.47 42.46 75.01
C THR V 100 -89.20 43.24 74.67
N GLY V 101 -89.39 44.49 74.25
CA GLY V 101 -88.26 45.38 73.93
C GLY V 101 -87.42 45.74 75.13
N ALA V 102 -88.05 45.80 76.30
CA ALA V 102 -87.35 46.08 77.54
C ALA V 102 -86.80 44.79 78.16
N LEU V 103 -87.57 43.70 78.01
CA LEU V 103 -87.16 42.39 78.52
C LEU V 103 -85.96 41.84 77.76
N LEU V 104 -85.93 42.11 76.47
CA LEU V 104 -84.76 41.77 75.68
C LEU V 104 -83.60 42.68 76.08
N GLY V 105 -83.91 43.95 76.36
CA GLY V 105 -82.93 44.92 76.82
C GLY V 105 -82.27 44.52 78.14
N ALA V 106 -83.06 43.90 79.00
CA ALA V 106 -82.54 43.34 80.24
C ALA V 106 -81.64 42.15 79.94
N ALA V 107 -82.06 41.31 79.01
CA ALA V 107 -81.28 40.15 78.61
C ALA V 107 -79.95 40.61 78.06
N GLU V 108 -79.98 41.73 77.33
CA GLU V 108 -78.79 42.31 76.72
C GLU V 108 -77.74 42.66 77.77
N ARG V 109 -78.18 43.31 78.84
CA ARG V 109 -77.30 43.68 79.95
C ARG V 109 -76.77 42.45 80.69
N LEU V 110 -77.56 41.39 80.71
CA LEU V 110 -77.20 40.12 81.36
C LEU V 110 -76.23 39.30 80.53
N LEU V 111 -76.37 39.37 79.21
CA LEU V 111 -75.42 38.75 78.30
C LEU V 111 -74.11 39.52 78.25
N ASN V 112 -74.20 40.84 78.46
CA ASN V 112 -73.05 41.71 78.69
C ASN V 112 -72.26 41.30 79.95
N LYS V 113 -72.98 40.96 81.02
CA LYS V 113 -72.36 40.52 82.27
C LYS V 113 -72.08 39.01 82.30
N GLY V 114 -72.01 38.40 81.11
CA GLY V 114 -71.61 36.99 80.97
C GLY V 114 -72.49 35.95 81.65
N ILE V 115 -73.75 35.86 81.21
CA ILE V 115 -74.67 34.82 81.66
C ILE V 115 -75.11 34.02 80.44
N HIS V 116 -75.09 32.70 80.55
CA HIS V 116 -75.63 31.84 79.49
C HIS V 116 -77.12 32.14 79.33
N PRO V 117 -77.56 32.32 78.07
CA PRO V 117 -78.95 32.69 77.75
C PRO V 117 -80.02 31.69 78.21
N THR V 118 -79.71 30.39 78.15
CA THR V 118 -80.65 29.36 78.61
C THR V 118 -81.05 29.53 80.08
N ILE V 119 -80.11 29.98 80.91
CA ILE V 119 -80.38 30.33 82.31
C ILE V 119 -81.24 31.60 82.39
N ILE V 120 -80.93 32.59 81.54
CA ILE V 120 -81.72 33.83 81.47
C ILE V 120 -83.15 33.54 81.02
N ALA V 121 -83.28 32.75 79.96
CA ALA V 121 -84.58 32.38 79.41
C ALA V 121 -85.49 31.74 80.45
N ASP V 122 -84.98 30.71 81.10
CA ASP V 122 -85.77 29.93 82.07
C ASP V 122 -86.05 30.68 83.38
N SER V 123 -85.13 31.55 83.80
CA SER V 123 -85.37 32.41 84.97
C SER V 123 -86.26 33.61 84.64
N PHE V 124 -86.38 33.92 83.35
CA PHE V 124 -87.31 34.94 82.87
C PHE V 124 -88.74 34.41 82.83
N GLN V 125 -88.89 33.14 82.48
CA GLN V 125 -90.19 32.50 82.48
C GLN V 125 -90.64 32.15 83.89
N SER V 126 -89.66 31.90 84.76
CA SER V 126 -89.92 31.77 86.20
C SER V 126 -90.40 33.12 86.75
N ALA V 127 -89.95 34.20 86.10
CA ALA V 127 -90.35 35.56 86.44
C ALA V 127 -91.80 35.82 86.07
N ALA V 128 -92.25 35.15 85.02
CA ALA V 128 -93.64 35.22 84.59
C ALA V 128 -94.54 34.50 85.61
N LYS V 129 -94.17 33.28 85.98
CA LYS V 129 -94.94 32.46 86.91
C LYS V 129 -95.24 33.19 88.22
N ARG V 130 -94.23 33.84 88.80
CA ARG V 130 -94.39 34.58 90.06
C ARG V 130 -95.14 35.90 89.84
N SER V 131 -94.96 36.52 88.67
CA SER V 131 -95.62 37.77 88.34
C SER V 131 -97.13 37.60 88.10
N VAL V 132 -97.48 36.57 87.33
CA VAL V 132 -98.89 36.24 87.04
C VAL V 132 -99.63 35.79 88.32
N ASP V 133 -98.89 35.26 89.28
CA ASP V 133 -99.44 34.92 90.60
C ASP V 133 -99.77 36.17 91.41
N ILE V 134 -98.93 37.21 91.28
CA ILE V 134 -99.16 38.47 92.01
C ILE V 134 -100.41 39.16 91.50
N LEU V 135 -100.53 39.28 90.17
CA LEU V 135 -101.70 39.86 89.52
C LEU V 135 -103.01 39.19 89.98
N LEU V 136 -103.03 37.87 89.98
CA LEU V 136 -104.19 37.09 90.43
C LEU V 136 -104.41 37.15 91.95
N GLU V 137 -103.40 37.63 92.68
CA GLU V 137 -103.51 37.79 94.13
C GLU V 137 -103.80 39.24 94.53
N MET V 138 -103.63 40.15 93.56
CA MET V 138 -103.81 41.58 93.80
C MET V 138 -105.13 42.11 93.24
N CYS V 139 -105.60 41.50 92.14
CA CYS V 139 -106.76 42.02 91.41
C CYS V 139 -108.04 41.90 92.21
N HIS V 140 -108.91 42.89 92.04
CA HIS V 140 -110.19 42.93 92.75
C HIS V 140 -111.31 42.43 91.85
N LYS V 141 -112.03 41.42 92.33
CA LYS V 141 -113.08 40.73 91.58
C LYS V 141 -114.23 41.66 91.16
N VAL V 142 -114.92 41.31 90.09
CA VAL V 142 -116.10 42.06 89.64
C VAL V 142 -117.31 41.16 89.53
N SER V 143 -118.45 41.66 89.99
CA SER V 143 -119.74 41.02 89.74
C SER V 143 -119.94 40.97 88.24
N LEU V 144 -120.14 39.77 87.70
CA LEU V 144 -120.18 39.55 86.24
C LEU V 144 -121.25 40.39 85.53
N SER V 145 -122.23 40.89 86.31
CA SER V 145 -123.15 41.92 85.85
C SER V 145 -123.14 43.12 86.82
N ASP V 146 -122.18 44.01 86.61
CA ASP V 146 -122.01 45.24 87.39
C ASP V 146 -121.65 46.35 86.40
N ARG V 147 -122.67 47.07 85.94
CA ARG V 147 -122.50 48.11 84.92
C ARG V 147 -121.52 49.21 85.34
N GLU V 148 -121.68 49.72 86.57
CA GLU V 148 -120.91 50.86 87.07
C GLU V 148 -119.39 50.75 86.90
N GLN V 149 -118.88 49.52 86.96
CA GLN V 149 -117.44 49.28 86.84
C GLN V 149 -117.04 48.68 85.50
N LEU V 150 -117.90 47.83 84.94
CA LEU V 150 -117.66 47.26 83.61
C LEU V 150 -117.67 48.31 82.51
N VAL V 151 -118.41 49.38 82.72
CA VAL V 151 -118.40 50.54 81.83
C VAL V 151 -117.09 51.32 81.96
N ARG V 152 -116.58 51.44 83.20
CA ARG V 152 -115.31 52.09 83.46
C ARG V 152 -114.14 51.34 82.82
N ALA V 153 -114.27 50.02 82.72
CA ALA V 153 -113.25 49.18 82.08
C ALA V 153 -113.15 49.45 80.58
N ALA V 154 -114.30 49.69 79.94
CA ALA V 154 -114.35 50.04 78.52
C ALA V 154 -113.94 51.48 78.28
N SER V 155 -114.35 52.38 79.17
CA SER V 155 -113.99 53.80 79.09
C SER V 155 -112.49 54.02 79.27
N THR V 156 -111.81 53.03 79.86
CA THR V 156 -110.35 53.06 80.06
C THR V 156 -109.61 52.64 78.79
N SER V 157 -110.17 51.66 78.08
CA SER V 157 -109.57 51.13 76.85
C SER V 157 -109.73 52.08 75.68
N LEU V 158 -110.81 52.87 75.69
CA LEU V 158 -111.14 53.78 74.60
C LEU V 158 -110.30 55.06 74.62
N SER V 159 -110.17 55.64 75.81
CA SER V 159 -109.45 56.91 76.00
C SER V 159 -107.94 56.80 75.69
N SER V 160 -107.65 56.47 74.43
CA SER V 160 -106.30 56.24 73.92
C SER V 160 -106.37 56.23 72.39
N LYS V 161 -107.60 56.25 71.88
CA LYS V 161 -107.86 56.15 70.45
C LYS V 161 -108.78 57.29 69.96
N ILE V 162 -108.62 57.67 68.68
CA ILE V 162 -109.32 58.81 68.07
C ILE V 162 -110.80 58.99 68.46
N VAL V 163 -111.44 57.90 68.91
CA VAL V 163 -112.86 57.91 69.31
C VAL V 163 -113.10 58.24 70.80
N SER V 164 -112.05 58.63 71.51
CA SER V 164 -112.12 58.99 72.93
C SER V 164 -112.95 60.25 73.18
N GLN V 165 -113.23 60.98 72.09
CA GLN V 165 -114.11 62.15 72.10
C GLN V 165 -115.53 61.70 72.45
N TYR V 166 -115.97 60.61 71.81
CA TYR V 166 -117.30 60.06 72.04
C TYR V 166 -117.21 58.77 72.85
N SER V 167 -116.31 58.74 73.83
CA SER V 167 -116.14 57.60 74.73
C SER V 167 -117.29 57.50 75.73
N SER V 168 -118.01 58.60 75.88
CA SER V 168 -119.12 58.71 76.82
C SER V 168 -120.30 57.81 76.47
N PHE V 169 -120.61 57.68 75.17
CA PHE V 169 -121.72 56.84 74.72
C PHE V 169 -121.22 55.54 74.07
N LEU V 170 -119.95 55.51 73.71
CA LEU V 170 -119.39 54.35 73.01
C LEU V 170 -119.07 53.21 73.96
N ALA V 171 -118.55 53.56 75.13
CA ALA V 171 -118.19 52.57 76.14
C ALA V 171 -119.37 51.74 76.65
N PRO V 172 -120.46 52.41 77.08
CA PRO V 172 -121.60 51.62 77.55
C PRO V 172 -122.20 50.78 76.43
N LEU V 173 -122.37 51.36 75.24
CA LEU V 173 -123.00 50.66 74.11
C LEU V 173 -122.11 49.55 73.55
N ALA V 174 -120.92 49.41 74.14
CA ALA V 174 -120.03 48.27 73.88
C ALA V 174 -120.19 47.23 74.98
N VAL V 175 -120.30 47.69 76.22
CA VAL V 175 -120.55 46.81 77.39
C VAL V 175 -121.96 46.21 77.29
N ASP V 176 -122.94 47.08 77.06
CA ASP V 176 -124.33 46.69 76.84
C ASP V 176 -124.43 45.54 75.84
N SER V 177 -123.53 45.58 74.85
CA SER V 177 -123.53 44.63 73.72
C SER V 177 -122.98 43.25 74.07
N VAL V 178 -121.83 43.20 74.75
CA VAL V 178 -121.18 41.93 75.10
C VAL V 178 -122.05 41.10 76.06
N LEU V 179 -122.67 41.78 77.03
CA LEU V 179 -123.52 41.11 78.01
C LEU V 179 -124.77 40.48 77.40
N LYS V 180 -125.37 41.18 76.43
CA LYS V 180 -126.56 40.69 75.73
C LYS V 180 -126.23 39.47 74.85
N ILE V 181 -124.97 39.35 74.45
CA ILE V 181 -124.54 38.27 73.58
C ILE V 181 -123.81 37.15 74.34
N SER V 182 -123.68 37.35 75.66
CA SER V 182 -122.91 36.45 76.52
C SER V 182 -123.65 35.12 76.82
N ASP V 183 -123.91 34.87 78.10
CA ASP V 183 -124.60 33.67 78.59
C ASP V 183 -124.61 33.61 80.11
N GLU V 184 -125.40 32.68 80.65
CA GLU V 184 -125.37 32.37 82.07
C GLU V 184 -124.10 31.57 82.39
N ASN V 185 -123.83 30.57 81.55
CA ASN V 185 -122.64 29.74 81.67
C ASN V 185 -121.35 30.45 81.20
N SER V 186 -121.45 31.76 80.97
CA SER V 186 -120.30 32.61 80.58
C SER V 186 -119.49 32.07 79.40
N LYS V 187 -118.46 31.28 79.70
CA LYS V 187 -117.56 30.65 78.71
C LYS V 187 -116.53 31.62 78.09
N ASN V 188 -116.52 31.76 76.77
CA ASN V 188 -115.49 32.57 76.10
C ASN V 188 -115.97 33.56 75.03
N VAL V 189 -117.30 33.59 74.77
CA VAL V 189 -117.97 34.61 73.93
C VAL V 189 -117.45 34.82 72.49
N ASP V 190 -118.34 34.61 71.51
CA ASP V 190 -118.01 34.87 70.11
C ASP V 190 -118.36 36.30 69.71
N LEU V 191 -117.40 37.01 69.13
CA LEU V 191 -117.61 38.39 68.68
C LEU V 191 -118.02 38.48 67.20
N ASN V 192 -118.16 37.32 66.55
CA ASN V 192 -118.74 37.22 65.21
C ASN V 192 -120.23 37.53 65.24
N ASP V 193 -120.81 37.37 66.43
CA ASP V 193 -122.21 37.65 66.67
C ASP V 193 -122.46 39.16 66.81
N ILE V 194 -121.40 39.91 67.13
CA ILE V 194 -121.45 41.38 67.18
C ILE V 194 -121.28 41.97 65.78
N ARG V 195 -122.37 42.51 65.24
CA ARG V 195 -122.38 43.03 63.88
C ARG V 195 -122.00 44.50 63.82
N LEU V 196 -120.88 44.78 63.16
CA LEU V 196 -120.41 46.14 62.95
C LEU V 196 -120.32 46.44 61.45
N VAL V 197 -121.26 47.27 60.98
CA VAL V 197 -121.34 47.64 59.57
C VAL V 197 -120.77 49.05 59.40
N LYS V 198 -120.10 49.30 58.28
CA LYS V 198 -119.57 50.64 58.00
C LYS V 198 -120.37 51.37 56.92
N LYS V 199 -120.50 52.67 57.09
CA LYS V 199 -121.04 53.56 56.06
C LYS V 199 -120.31 54.90 56.16
N VAL V 200 -119.80 55.40 55.02
CA VAL V 200 -119.01 56.62 55.00
C VAL V 200 -119.91 57.87 55.05
N GLY V 201 -119.51 58.85 55.84
CA GLY V 201 -120.22 60.13 55.93
C GLY V 201 -120.60 60.57 57.34
N GLY V 202 -120.55 61.88 57.56
CA GLY V 202 -121.04 62.48 58.80
C GLY V 202 -119.99 62.67 59.87
N THR V 203 -120.19 62.00 61.00
CA THR V 203 -119.37 62.14 62.19
C THR V 203 -119.49 60.83 62.96
N ILE V 204 -118.44 60.46 63.70
CA ILE V 204 -118.47 59.27 64.57
C ILE V 204 -119.67 59.33 65.53
N ASP V 205 -120.03 60.56 65.90
CA ASP V 205 -121.26 60.90 66.63
C ASP V 205 -122.48 60.08 66.21
N ASP V 206 -122.68 59.98 64.90
CA ASP V 206 -123.89 59.39 64.31
C ASP V 206 -124.01 57.86 64.47
N THR V 207 -122.95 57.23 64.99
CA THR V 207 -122.92 55.79 65.31
C THR V 207 -124.09 55.42 66.23
N GLU V 208 -124.78 54.33 65.90
CA GLU V 208 -125.98 53.93 66.64
C GLU V 208 -126.13 52.43 66.80
N MET V 209 -126.58 52.04 68.00
CA MET V 209 -127.00 50.68 68.31
C MET V 209 -128.41 50.49 67.74
N ILE V 210 -128.57 49.52 66.84
CA ILE V 210 -129.88 49.25 66.24
C ILE V 210 -130.61 48.13 66.98
N ASP V 211 -131.88 48.38 67.28
CA ASP V 211 -132.74 47.46 68.03
C ASP V 211 -133.20 46.26 67.21
N GLY V 212 -132.28 45.65 66.47
CA GLY V 212 -132.60 44.48 65.64
C GLY V 212 -131.46 44.02 64.76
N VAL V 213 -131.61 44.21 63.46
CA VAL V 213 -130.64 43.74 62.49
C VAL V 213 -130.35 44.78 61.40
N VAL V 214 -129.06 44.90 61.06
CA VAL V 214 -128.63 45.69 59.91
C VAL V 214 -128.27 44.73 58.79
N LEU V 215 -128.64 45.10 57.56
CA LEU V 215 -128.31 44.30 56.39
C LEU V 215 -127.28 44.98 55.51
N THR V 216 -126.74 44.21 54.56
CA THR V 216 -125.71 44.69 53.64
C THR V 216 -126.31 45.11 52.31
N GLN V 217 -127.22 44.29 51.80
CA GLN V 217 -127.83 44.52 50.49
C GLN V 217 -128.91 45.61 50.53
N THR V 218 -129.71 45.70 49.47
CA THR V 218 -130.81 46.66 49.41
C THR V 218 -132.02 46.07 48.66
N ALA V 219 -133.14 46.79 48.69
CA ALA V 219 -134.34 46.41 47.94
C ALA V 219 -134.11 46.64 46.43
N ILE V 220 -134.38 45.60 45.64
CA ILE V 220 -134.02 45.58 44.21
C ILE V 220 -134.54 46.81 43.44
N LYS V 221 -135.81 47.16 43.65
CA LYS V 221 -136.45 48.33 43.04
C LYS V 221 -136.49 48.32 41.49
N SER V 222 -135.94 47.26 40.89
CA SER V 222 -135.93 47.08 39.42
C SER V 222 -137.35 47.08 38.89
N ALA V 223 -138.21 46.29 39.53
CA ALA V 223 -139.62 46.29 39.25
C ALA V 223 -140.35 46.87 40.46
N GLY V 224 -141.22 47.85 40.20
CA GLY V 224 -142.00 48.52 41.23
C GLY V 224 -141.19 49.22 42.29
N GLY V 225 -141.83 49.57 43.39
CA GLY V 225 -141.15 50.27 44.48
C GLY V 225 -141.51 49.82 45.89
N PRO V 226 -141.25 48.54 46.23
CA PRO V 226 -141.31 48.13 47.65
C PRO V 226 -139.95 48.32 48.36
N THR V 227 -139.95 49.06 49.46
CA THR V 227 -138.73 49.41 50.22
C THR V 227 -139.00 49.49 51.72
N ARG V 228 -140.11 50.14 52.10
CA ARG V 228 -140.51 50.24 53.50
C ARG V 228 -141.78 49.45 53.80
N LYS V 229 -141.60 48.25 54.36
CA LYS V 229 -142.71 47.37 54.72
C LYS V 229 -142.93 47.31 56.23
N GLU V 230 -144.14 47.70 56.64
CA GLU V 230 -144.53 47.77 58.06
C GLU V 230 -145.27 46.51 58.51
N LYS V 231 -145.27 46.27 59.84
CA LYS V 231 -145.86 45.06 60.44
C LYS V 231 -145.50 43.81 59.65
N ALA V 232 -144.20 43.63 59.42
CA ALA V 232 -143.71 42.72 58.40
C ALA V 232 -143.49 41.28 58.87
N LYS V 233 -143.50 40.36 57.92
CA LYS V 233 -143.07 38.99 58.12
C LYS V 233 -141.95 38.70 57.12
N ILE V 234 -140.79 38.30 57.64
CA ILE V 234 -139.62 38.07 56.79
C ILE V 234 -139.42 36.61 56.45
N GLY V 235 -139.29 36.32 55.16
CA GLY V 235 -138.89 35.00 54.70
C GLY V 235 -137.43 35.01 54.29
N LEU V 236 -136.77 33.87 54.48
CA LEU V 236 -135.38 33.70 54.09
C LEU V 236 -135.24 32.50 53.16
N ILE V 237 -134.72 32.78 51.96
CA ILE V 237 -134.69 31.81 50.88
C ILE V 237 -133.28 31.30 50.59
N GLN V 238 -133.14 29.99 50.47
CA GLN V 238 -131.90 29.35 49.99
C GLN V 238 -132.01 29.10 48.48
N PHE V 239 -133.23 29.03 47.97
CA PHE V 239 -133.46 28.64 46.57
C PHE V 239 -133.48 29.77 45.55
N GLN V 240 -133.45 29.37 44.27
CA GLN V 240 -133.50 30.28 43.14
C GLN V 240 -134.94 30.41 42.62
N ILE V 241 -135.43 31.66 42.52
CA ILE V 241 -136.75 31.95 41.91
C ILE V 241 -136.58 32.28 40.41
N SER V 242 -136.27 31.26 39.63
CA SER V 242 -136.00 31.41 38.21
C SER V 242 -136.92 30.47 37.43
N PRO V 243 -136.66 30.27 36.12
CA PRO V 243 -137.32 29.18 35.39
C PRO V 243 -136.42 27.94 35.31
N PRO V 244 -136.09 27.35 36.47
CA PRO V 244 -134.80 26.68 36.65
C PRO V 244 -134.63 25.35 35.92
N LYS V 245 -133.37 24.96 35.78
CA LYS V 245 -132.98 23.71 35.18
C LYS V 245 -132.44 22.79 36.27
N PRO V 246 -132.70 21.48 36.15
CA PRO V 246 -132.11 20.48 37.04
C PRO V 246 -130.57 20.44 36.91
N ASP V 247 -129.91 19.82 37.90
CA ASP V 247 -128.45 19.79 37.95
C ASP V 247 -127.81 18.98 36.79
N THR V 248 -128.64 18.35 35.97
CA THR V 248 -128.15 17.55 34.83
C THR V 248 -128.30 18.32 33.51
N GLU V 249 -127.41 18.03 32.56
CA GLU V 249 -127.32 18.78 31.28
C GLU V 249 -128.59 18.64 30.42
N ASN V 250 -129.47 19.62 30.55
CA ASN V 250 -130.80 19.58 29.94
C ASN V 250 -131.02 20.66 28.88
N ASN V 251 -131.92 20.40 27.94
CA ASN V 251 -132.25 21.37 26.89
C ASN V 251 -133.64 21.14 26.28
N ILE V 252 -134.45 22.18 26.28
CA ILE V 252 -135.81 22.13 25.73
C ILE V 252 -135.78 22.17 24.20
N ILE V 253 -135.84 20.99 23.58
CA ILE V 253 -135.87 20.88 22.13
C ILE V 253 -137.28 21.23 21.63
N VAL V 254 -137.35 22.03 20.57
CA VAL V 254 -138.65 22.44 20.00
C VAL V 254 -138.90 21.84 18.61
N ASN V 255 -140.08 21.24 18.45
CA ASN V 255 -140.50 20.61 17.20
C ASN V 255 -141.58 21.43 16.47
N ASP V 256 -142.64 21.79 17.20
CA ASP V 256 -143.79 22.49 16.63
C ASP V 256 -143.90 23.96 17.01
N TYR V 257 -144.63 24.72 16.19
CA TYR V 257 -144.98 26.11 16.49
C TYR V 257 -145.89 26.19 17.70
N ARG V 258 -146.78 25.20 17.83
CA ARG V 258 -147.74 25.13 18.93
C ARG V 258 -147.06 24.84 20.27
N GLN V 259 -145.81 24.38 20.22
CA GLN V 259 -145.02 24.13 21.42
C GLN V 259 -144.49 25.42 22.03
N MET V 260 -144.25 26.42 21.19
CA MET V 260 -143.56 27.66 21.58
C MET V 260 -144.31 28.56 22.56
N ASP V 261 -145.49 29.02 22.14
CA ASP V 261 -146.31 29.90 22.96
C ASP V 261 -146.75 29.22 24.26
N LYS V 262 -146.77 27.89 24.25
CA LYS V 262 -147.10 27.08 25.43
C LYS V 262 -145.89 26.81 26.32
N ILE V 263 -144.70 27.16 25.82
CA ILE V 263 -143.48 27.10 26.63
C ILE V 263 -143.39 28.33 27.53
N LEU V 264 -143.75 29.49 26.98
CA LEU V 264 -143.84 30.73 27.74
C LEU V 264 -145.00 30.72 28.74
N LYS V 265 -146.07 30.00 28.38
CA LYS V 265 -147.24 29.88 29.24
C LYS V 265 -146.90 29.25 30.60
N GLU V 266 -146.22 28.10 30.55
CA GLU V 266 -145.79 27.41 31.78
C GLU V 266 -144.62 28.14 32.44
N GLU V 267 -143.78 28.81 31.64
CA GLU V 267 -142.68 29.61 32.17
C GLU V 267 -143.22 30.75 33.04
N ARG V 268 -144.21 31.48 32.52
CA ARG V 268 -144.89 32.54 33.26
C ARG V 268 -145.60 31.99 34.49
N ALA V 269 -146.17 30.79 34.35
CA ALA V 269 -146.89 30.13 35.42
C ALA V 269 -145.96 29.73 36.57
N TYR V 270 -144.86 29.05 36.25
CA TYR V 270 -143.95 28.50 37.25
C TYR V 270 -143.39 29.55 38.20
N LEU V 271 -143.09 30.73 37.66
CA LEU V 271 -142.56 31.84 38.45
C LEU V 271 -143.66 32.55 39.24
N LEU V 272 -144.90 32.42 38.78
CA LEU V 272 -146.06 32.99 39.46
C LEU V 272 -146.53 32.08 40.61
N ASN V 273 -146.34 30.76 40.45
CA ASN V 273 -146.69 29.79 41.50
C ASN V 273 -145.87 29.99 42.77
N ILE V 274 -144.54 30.07 42.61
CA ILE V 274 -143.62 30.28 43.71
C ILE V 274 -143.93 31.61 44.41
N CYS V 275 -144.18 32.65 43.62
CA CYS V 275 -144.52 33.97 44.14
C CYS V 275 -145.91 34.01 44.80
N LYS V 276 -146.82 33.17 44.30
CA LYS V 276 -148.14 33.03 44.93
C LYS V 276 -148.03 32.31 46.26
N LYS V 277 -147.26 31.22 46.29
CA LYS V 277 -147.03 30.45 47.51
C LYS V 277 -146.29 31.26 48.58
N ILE V 278 -145.52 32.25 48.15
CA ILE V 278 -144.86 33.19 49.07
C ILE V 278 -145.91 34.10 49.73
N LYS V 279 -146.84 34.60 48.91
CA LYS V 279 -147.94 35.43 49.40
C LYS V 279 -148.99 34.63 50.18
N LYS V 280 -149.05 33.33 49.89
CA LYS V 280 -149.97 32.41 50.56
C LYS V 280 -149.57 32.14 52.01
N ALA V 281 -148.26 32.11 52.26
CA ALA V 281 -147.72 31.94 53.62
C ALA V 281 -147.82 33.26 54.41
N LYS V 282 -148.03 34.35 53.68
CA LYS V 282 -148.17 35.71 54.24
C LYS V 282 -146.85 36.31 54.73
N CYS V 283 -145.95 36.57 53.79
CA CYS V 283 -144.72 37.32 54.07
C CYS V 283 -144.50 38.42 53.03
N ASN V 284 -144.06 39.60 53.50
CA ASN V 284 -143.88 40.77 52.65
C ASN V 284 -142.42 41.19 52.51
N VAL V 285 -141.52 40.32 52.96
CA VAL V 285 -140.08 40.56 52.86
C VAL V 285 -139.38 39.27 52.43
N LEU V 286 -138.61 39.34 51.34
CA LEU V 286 -137.82 38.20 50.88
C LEU V 286 -136.33 38.43 50.99
N LEU V 287 -135.62 37.42 51.46
CA LEU V 287 -134.17 37.46 51.52
C LEU V 287 -133.65 36.25 50.79
N ILE V 288 -132.73 36.47 49.87
CA ILE V 288 -132.23 35.41 48.98
C ILE V 288 -130.71 35.32 49.06
N GLN V 289 -130.18 34.10 49.14
CA GLN V 289 -128.75 33.92 49.19
C GLN V 289 -128.09 34.05 47.81
N LYS V 290 -126.77 33.98 47.78
CA LYS V 290 -125.97 34.16 46.56
C LYS V 290 -126.36 33.18 45.45
N SER V 291 -126.34 33.71 44.23
CA SER V 291 -126.78 32.98 43.04
C SER V 291 -125.63 32.61 42.09
N ILE V 292 -124.40 32.80 42.55
CA ILE V 292 -123.20 32.50 41.75
C ILE V 292 -123.38 31.16 41.02
N LEU V 293 -124.05 30.22 41.68
CA LEU V 293 -124.41 28.92 41.11
C LEU V 293 -124.92 29.02 39.67
N ARG V 294 -126.11 29.58 39.47
CA ARG V 294 -126.71 29.65 38.13
C ARG V 294 -127.87 30.65 37.96
N ASP V 295 -128.91 30.52 38.76
CA ASP V 295 -130.23 31.08 38.39
C ASP V 295 -130.59 32.50 38.86
N ALA V 296 -130.42 32.79 40.15
CA ALA V 296 -130.75 34.09 40.76
C ALA V 296 -132.26 34.29 40.97
N VAL V 297 -132.71 35.54 40.84
CA VAL V 297 -134.14 35.89 40.85
C VAL V 297 -134.46 36.68 39.59
N ASN V 298 -135.36 36.12 38.78
CA ASN V 298 -135.63 36.61 37.42
C ASN V 298 -136.26 38.01 37.37
N ASP V 299 -135.99 38.72 36.27
CA ASP V 299 -136.60 40.02 36.00
C ASP V 299 -138.10 39.89 35.75
N LEU V 300 -138.50 38.75 35.20
CA LEU V 300 -139.90 38.41 35.01
C LEU V 300 -140.55 38.11 36.36
N ALA V 301 -139.82 37.38 37.21
CA ALA V 301 -140.30 36.99 38.54
C ALA V 301 -140.32 38.16 39.52
N LEU V 302 -139.61 39.22 39.16
CA LEU V 302 -139.49 40.37 40.03
C LEU V 302 -140.70 41.29 39.91
N HIS V 303 -141.28 41.36 38.71
CA HIS V 303 -142.50 42.14 38.50
C HIS V 303 -143.66 41.49 39.22
N PHE V 304 -143.73 40.16 39.18
CA PHE V 304 -144.73 39.39 39.93
C PHE V 304 -144.62 39.72 41.42
N LEU V 305 -143.38 39.84 41.89
CA LEU V 305 -143.11 40.05 43.29
C LEU V 305 -143.37 41.50 43.68
N SER V 306 -143.18 42.40 42.71
CA SER V 306 -143.41 43.82 42.91
C SER V 306 -144.90 44.17 43.02
N LYS V 307 -145.67 43.75 42.02
CA LYS V 307 -147.12 44.00 41.99
C LYS V 307 -147.85 43.26 43.11
N LEU V 308 -147.24 42.19 43.59
CA LEU V 308 -147.74 41.40 44.71
C LEU V 308 -147.29 41.99 46.05
N ASN V 309 -146.63 43.16 45.97
CA ASN V 309 -146.17 43.93 47.14
C ASN V 309 -145.31 43.13 48.13
N ILE V 310 -144.37 42.37 47.58
CA ILE V 310 -143.38 41.67 48.40
C ILE V 310 -142.00 42.27 48.14
N MET V 311 -141.42 42.88 49.18
CA MET V 311 -140.14 43.58 49.09
C MET V 311 -138.99 42.59 49.09
N VAL V 312 -138.13 42.71 48.09
CA VAL V 312 -137.11 41.70 47.81
C VAL V 312 -135.70 42.19 48.14
N VAL V 313 -134.87 41.30 48.69
CA VAL V 313 -133.44 41.59 48.93
C VAL V 313 -132.58 40.44 48.41
N LYS V 314 -131.89 40.70 47.30
CA LYS V 314 -131.06 39.69 46.64
C LYS V 314 -129.62 39.79 47.13
N ASP V 315 -128.83 38.77 46.79
CA ASP V 315 -127.38 38.73 47.10
C ASP V 315 -127.08 38.84 48.60
N ILE V 316 -127.04 37.68 49.27
CA ILE V 316 -126.70 37.59 50.69
C ILE V 316 -125.69 36.45 50.88
N GLU V 317 -124.51 36.79 51.39
CA GLU V 317 -123.41 35.82 51.55
C GLU V 317 -123.81 34.64 52.46
N ARG V 318 -123.27 33.45 52.17
CA ARG V 318 -123.62 32.23 52.89
C ARG V 318 -123.22 32.26 54.37
N GLU V 319 -122.14 32.97 54.67
CA GLU V 319 -121.68 33.18 56.04
C GLU V 319 -122.71 34.01 56.82
N GLU V 320 -123.40 34.88 56.11
CA GLU V 320 -124.41 35.78 56.68
C GLU V 320 -125.68 35.05 57.15
N ILE V 321 -125.87 33.80 56.71
CA ILE V 321 -127.09 33.02 57.00
C ILE V 321 -127.23 32.68 58.48
N GLU V 322 -126.19 32.08 59.05
CA GLU V 322 -126.18 31.66 60.46
C GLU V 322 -126.59 32.81 61.38
N PHE V 323 -125.96 33.96 61.18
CA PHE V 323 -126.28 35.19 61.91
C PHE V 323 -127.72 35.62 61.66
N LEU V 324 -128.10 35.69 60.38
CA LEU V 324 -129.36 36.27 59.95
C LEU V 324 -130.54 35.41 60.40
N SER V 325 -130.30 34.10 60.54
CA SER V 325 -131.32 33.16 60.98
C SER V 325 -131.76 33.40 62.43
N LYS V 326 -130.79 33.71 63.29
CA LYS V 326 -131.05 33.93 64.71
C LYS V 326 -131.59 35.35 64.97
N GLY V 327 -130.93 36.35 64.39
CA GLY V 327 -131.28 37.74 64.62
C GLY V 327 -132.64 38.14 64.10
N LEU V 328 -133.17 37.34 63.18
CA LEU V 328 -134.48 37.59 62.61
C LEU V 328 -135.45 36.45 62.92
N GLY V 329 -135.21 35.73 64.01
CA GLY V 329 -136.05 34.60 64.44
C GLY V 329 -136.76 33.88 63.30
N CYS V 330 -135.98 33.56 62.26
CA CYS V 330 -136.50 33.09 60.99
C CYS V 330 -135.75 31.84 60.53
N LYS V 331 -136.49 30.74 60.42
CA LYS V 331 -135.91 29.48 59.94
C LYS V 331 -135.62 29.56 58.44
N PRO V 332 -134.35 29.26 58.04
CA PRO V 332 -133.95 29.32 56.63
C PRO V 332 -134.64 28.24 55.80
N ILE V 333 -135.07 28.60 54.59
CA ILE V 333 -135.91 27.73 53.76
C ILE V 333 -135.17 27.29 52.49
N ALA V 334 -135.03 25.97 52.33
CA ALA V 334 -134.24 25.40 51.24
C ALA V 334 -135.00 25.29 49.93
N ASP V 335 -136.03 24.44 49.90
CA ASP V 335 -136.86 24.24 48.70
C ASP V 335 -138.16 25.04 48.81
N ILE V 336 -138.95 25.04 47.74
CA ILE V 336 -140.26 25.73 47.71
C ILE V 336 -141.29 24.97 48.53
N GLU V 337 -141.31 23.65 48.36
CA GLU V 337 -142.25 22.77 49.04
C GLU V 337 -141.97 22.66 50.56
N LEU V 338 -141.19 23.61 51.07
CA LEU V 338 -140.92 23.74 52.50
C LEU V 338 -140.99 25.20 52.98
N PHE V 339 -141.55 26.07 52.15
CA PHE V 339 -141.79 27.47 52.52
C PHE V 339 -143.10 27.58 53.28
N THR V 340 -143.04 27.89 54.57
CA THR V 340 -144.24 27.91 55.42
C THR V 340 -144.33 29.15 56.31
N GLU V 341 -145.55 29.49 56.72
CA GLU V 341 -145.82 30.53 57.71
C GLU V 341 -145.17 30.24 59.06
N ASP V 342 -144.83 28.97 59.25
CA ASP V 342 -144.09 28.48 60.43
C ASP V 342 -142.69 29.10 60.53
N ARG V 343 -142.01 29.18 59.38
CA ARG V 343 -140.59 29.55 59.34
C ARG V 343 -140.38 31.04 59.06
N LEU V 344 -141.44 31.82 59.13
CA LEU V 344 -141.37 33.25 58.87
C LEU V 344 -141.03 34.04 60.13
N ASP V 345 -140.46 35.23 59.90
CA ASP V 345 -140.17 36.18 60.96
C ASP V 345 -141.45 36.96 61.30
N SER V 346 -141.42 37.69 62.41
CA SER V 346 -142.49 38.60 62.78
C SER V 346 -141.89 39.90 63.30
N ALA V 347 -141.32 40.69 62.40
CA ALA V 347 -140.71 41.97 62.75
C ALA V 347 -141.69 43.14 62.60
N ASP V 348 -141.54 44.14 63.46
CA ASP V 348 -142.47 45.27 63.49
C ASP V 348 -142.29 46.25 62.32
N LEU V 349 -141.04 46.53 61.95
CA LEU V 349 -140.74 47.47 60.87
C LEU V 349 -139.45 47.11 60.12
N VAL V 350 -139.51 47.19 58.79
CA VAL V 350 -138.33 47.08 57.92
C VAL V 350 -138.31 48.24 56.93
N GLU V 351 -137.33 49.13 57.07
CA GLU V 351 -137.24 50.32 56.22
C GLU V 351 -135.81 50.61 55.79
N GLU V 352 -135.59 50.76 54.48
CA GLU V 352 -134.28 51.11 53.94
C GLU V 352 -134.06 52.62 53.90
N ILE V 353 -133.16 53.10 54.76
CA ILE V 353 -132.92 54.53 54.94
C ILE V 353 -132.05 55.11 53.82
N ASP V 354 -131.97 56.44 53.75
CA ASP V 354 -131.09 57.13 52.80
C ASP V 354 -130.04 58.00 53.54
N SER V 355 -128.90 57.38 53.87
CA SER V 355 -127.83 58.02 54.62
C SER V 355 -126.66 58.40 53.69
N ASP V 356 -126.38 59.71 53.57
CA ASP V 356 -125.28 60.21 52.72
C ASP V 356 -125.57 59.99 51.22
N GLY V 357 -126.81 59.60 50.92
CA GLY V 357 -127.18 59.17 49.58
C GLY V 357 -126.97 57.68 49.36
N SER V 358 -126.41 57.01 50.38
CA SER V 358 -126.14 55.57 50.34
C SER V 358 -126.96 54.78 51.38
N LYS V 359 -127.85 53.92 50.89
CA LYS V 359 -128.83 53.24 51.74
C LYS V 359 -128.30 52.07 52.58
N ILE V 360 -128.95 51.87 53.73
CA ILE V 360 -128.80 50.64 54.51
C ILE V 360 -130.18 50.05 54.76
N VAL V 361 -130.22 48.79 55.23
CA VAL V 361 -131.48 48.12 55.51
C VAL V 361 -131.66 47.86 57.02
N ARG V 362 -132.75 48.35 57.58
CA ARG V 362 -133.03 48.26 59.01
C ARG V 362 -134.19 47.33 59.33
N VAL V 363 -134.00 46.49 60.33
CA VAL V 363 -135.09 45.66 60.87
C VAL V 363 -135.25 45.95 62.37
N THR V 364 -136.14 46.88 62.70
CA THR V 364 -136.37 47.30 64.08
C THR V 364 -137.61 46.63 64.66
N GLY V 365 -137.47 46.12 65.88
CA GLY V 365 -138.56 45.42 66.57
C GLY V 365 -138.75 44.03 66.01
N ILE V 366 -138.46 43.03 66.82
CA ILE V 366 -138.57 41.63 66.40
C ILE V 366 -139.35 40.79 67.40
N ARG V 367 -140.50 40.26 66.96
CA ARG V 367 -141.38 39.48 67.85
C ARG V 367 -141.13 37.97 67.78
N ASN V 368 -141.22 37.31 68.94
CA ASN V 368 -140.93 35.88 69.15
C ASN V 368 -139.87 35.70 70.26
N ASN V 369 -139.59 34.43 70.62
CA ASN V 369 -138.59 34.12 71.65
C ASN V 369 -137.16 34.12 71.12
N ASN V 370 -136.35 35.05 71.61
CA ASN V 370 -134.95 35.16 71.22
C ASN V 370 -134.09 34.14 71.96
N ALA V 371 -134.10 32.91 71.47
CA ALA V 371 -133.26 31.82 72.00
C ALA V 371 -131.78 32.08 71.71
N ARG V 372 -131.52 32.74 70.58
CA ARG V 372 -130.20 33.29 70.28
C ARG V 372 -130.31 34.80 70.14
N PRO V 373 -129.54 35.55 70.97
CA PRO V 373 -129.55 37.00 70.95
C PRO V 373 -128.47 37.58 70.04
N THR V 374 -128.85 38.57 69.25
CA THR V 374 -127.97 39.16 68.23
C THR V 374 -128.01 40.67 68.26
N VAL V 375 -126.84 41.29 68.28
CA VAL V 375 -126.71 42.75 68.26
C VAL V 375 -126.32 43.25 66.87
N SER V 376 -126.56 44.54 66.62
CA SER V 376 -126.20 45.16 65.37
C SER V 376 -125.89 46.65 65.59
N VAL V 377 -124.69 47.05 65.21
CA VAL V 377 -124.23 48.43 65.40
C VAL V 377 -123.81 49.03 64.06
N VAL V 378 -124.32 50.22 63.77
CA VAL V 378 -123.97 50.97 62.57
C VAL V 378 -122.93 52.04 62.88
N ILE V 379 -121.75 51.89 62.27
CA ILE V 379 -120.65 52.85 62.47
C ILE V 379 -120.57 53.85 61.32
N ARG V 380 -120.72 55.13 61.66
CA ARG V 380 -120.51 56.20 60.69
C ARG V 380 -119.15 56.85 60.96
N GLY V 381 -118.72 57.73 60.05
CA GLY V 381 -117.46 58.45 60.20
C GLY V 381 -117.17 59.37 59.02
N ALA V 382 -116.63 60.55 59.32
CA ALA V 382 -116.38 61.58 58.30
C ALA V 382 -115.46 61.12 57.17
N ASN V 383 -114.39 60.42 57.54
CA ASN V 383 -113.42 59.95 56.58
C ASN V 383 -113.26 58.44 56.66
N ASN V 384 -112.99 57.83 55.51
CA ASN V 384 -112.88 56.38 55.40
C ASN V 384 -112.00 55.72 56.48
N MET V 385 -110.83 56.30 56.74
CA MET V 385 -109.90 55.76 57.73
C MET V 385 -110.41 55.89 59.17
N ILE V 386 -111.13 56.98 59.43
CA ILE V 386 -111.65 57.21 60.79
C ILE V 386 -112.91 56.39 61.08
N ILE V 387 -113.38 55.65 60.08
CA ILE V 387 -114.43 54.66 60.30
C ILE V 387 -113.75 53.34 60.70
N ASP V 388 -112.72 52.95 59.95
CA ASP V 388 -111.98 51.71 60.18
C ASP V 388 -111.34 51.68 61.57
N GLU V 389 -110.96 52.85 62.05
CA GLU V 389 -110.38 53.00 63.38
C GLU V 389 -111.42 52.90 64.49
N THR V 390 -112.61 53.43 64.23
CA THR V 390 -113.74 53.32 65.17
C THR V 390 -114.08 51.84 65.40
N GLU V 391 -114.15 51.07 64.32
CA GLU V 391 -114.40 49.64 64.38
C GLU V 391 -113.30 48.92 65.17
N ARG V 392 -112.06 49.36 65.01
CA ARG V 392 -110.93 48.78 65.72
C ARG V 392 -110.90 49.21 67.17
N SER V 393 -111.45 50.40 67.45
CA SER V 393 -111.51 50.91 68.81
C SER V 393 -112.65 50.28 69.58
N LEU V 394 -113.73 49.94 68.87
CA LEU V 394 -114.83 49.19 69.47
C LEU V 394 -114.39 47.77 69.80
N HIS V 395 -113.75 47.11 68.82
CA HIS V 395 -113.31 45.72 68.93
C HIS V 395 -112.36 45.52 70.11
N ASP V 396 -111.54 46.54 70.39
CA ASP V 396 -110.67 46.53 71.56
C ASP V 396 -111.49 46.64 72.84
N ALA V 397 -112.43 47.59 72.87
CA ALA V 397 -113.33 47.77 74.01
C ALA V 397 -114.21 46.53 74.21
N LEU V 398 -114.90 46.12 73.14
CA LEU V 398 -115.67 44.87 73.13
C LEU V 398 -114.90 43.72 73.77
N CYS V 399 -113.60 43.67 73.48
CA CYS V 399 -112.75 42.59 73.95
C CYS V 399 -112.41 42.66 75.44
N VAL V 400 -112.23 43.88 75.98
CA VAL V 400 -111.91 44.01 77.41
C VAL V 400 -113.04 43.50 78.28
N ILE V 401 -114.26 43.57 77.74
CA ILE V 401 -115.45 43.02 78.38
C ILE V 401 -115.53 41.52 78.14
N ARG V 402 -115.05 41.07 76.97
CA ARG V 402 -114.92 39.64 76.69
C ARG V 402 -113.85 39.00 77.58
N CYS V 403 -112.90 39.80 78.05
CA CYS V 403 -111.86 39.33 78.96
C CYS V 403 -112.33 39.22 80.40
N LEU V 404 -113.29 40.07 80.76
CA LEU V 404 -113.96 39.97 82.05
C LEU V 404 -114.95 38.79 82.08
N VAL V 405 -115.40 38.37 80.90
CA VAL V 405 -116.17 37.13 80.77
C VAL V 405 -115.24 35.97 81.12
N LYS V 406 -114.03 36.00 80.56
CA LYS V 406 -113.05 34.92 80.69
C LYS V 406 -112.45 34.79 82.09
N GLU V 407 -111.75 35.83 82.55
CA GLU V 407 -111.33 35.91 83.95
C GLU V 407 -111.98 37.12 84.63
N ARG V 408 -112.87 36.81 85.58
CA ARG V 408 -113.79 37.80 86.17
C ARG V 408 -113.15 38.68 87.24
N GLY V 409 -111.87 38.98 87.06
CA GLY V 409 -111.15 39.92 87.92
C GLY V 409 -110.82 41.22 87.21
N LEU V 410 -110.37 42.22 87.97
CA LEU V 410 -110.03 43.53 87.43
C LEU V 410 -108.91 44.21 88.23
N ILE V 411 -107.88 44.70 87.52
CA ILE V 411 -106.73 45.35 88.16
C ILE V 411 -106.74 46.86 87.96
N ALA V 412 -106.06 47.55 88.89
CA ALA V 412 -105.73 48.96 88.72
C ALA V 412 -104.85 49.15 87.48
N GLY V 413 -104.91 50.34 86.89
CA GLY V 413 -104.15 50.64 85.67
C GLY V 413 -103.17 51.78 85.83
N GLY V 414 -102.74 52.33 84.70
CA GLY V 414 -101.78 53.44 84.68
C GLY V 414 -100.43 53.10 85.25
N GLY V 415 -99.93 51.92 84.90
CA GLY V 415 -98.60 51.48 85.33
C GLY V 415 -98.57 50.78 86.68
N ALA V 416 -99.60 51.02 87.49
CA ALA V 416 -99.69 50.47 88.85
C ALA V 416 -99.25 49.00 89.00
N PRO V 417 -99.83 48.06 88.19
CA PRO V 417 -99.40 46.68 88.35
C PRO V 417 -97.93 46.52 88.04
N GLU V 418 -97.47 47.23 87.01
CA GLU V 418 -96.11 47.14 86.54
C GLU V 418 -95.12 47.58 87.61
N ILE V 419 -95.48 48.59 88.39
CA ILE V 419 -94.62 49.08 89.47
C ILE V 419 -94.66 48.19 90.70
N GLU V 420 -95.80 47.56 90.96
CA GLU V 420 -95.91 46.62 92.09
C GLU V 420 -95.08 45.38 91.83
N ILE V 421 -95.35 44.69 90.72
CA ILE V 421 -94.57 43.53 90.33
C ILE V 421 -93.08 43.86 90.40
N SER V 422 -92.71 45.08 89.99
CA SER V 422 -91.33 45.57 90.09
C SER V 422 -90.80 45.58 91.52
N ARG V 423 -91.60 46.10 92.45
CA ARG V 423 -91.22 46.14 93.86
C ARG V 423 -91.25 44.75 94.51
N ARG V 424 -92.25 43.95 94.15
CA ARG V 424 -92.42 42.58 94.68
C ARG V 424 -91.29 41.66 94.23
N LEU V 425 -91.05 41.63 92.91
CA LEU V 425 -90.01 40.79 92.32
C LEU V 425 -88.61 41.17 92.79
N SER V 426 -88.46 42.38 93.33
CA SER V 426 -87.19 42.83 93.91
C SER V 426 -86.93 42.20 95.28
N LYS V 427 -87.99 42.11 96.09
CA LYS V 427 -87.88 41.48 97.41
C LYS V 427 -87.60 39.99 97.27
N GLU V 428 -88.26 39.36 96.29
CA GLU V 428 -88.14 37.92 96.02
C GLU V 428 -86.70 37.50 95.68
N ALA V 429 -86.02 38.33 94.87
CA ALA V 429 -84.66 38.04 94.42
C ALA V 429 -83.61 38.45 95.44
N ARG V 430 -83.97 39.35 96.35
CA ARG V 430 -83.11 39.71 97.47
C ARG V 430 -82.88 38.47 98.33
N SER V 431 -83.92 37.64 98.42
CA SER V 431 -83.89 36.36 99.13
C SER V 431 -83.16 35.29 98.32
N MET V 432 -83.24 35.37 97.00
CA MET V 432 -82.72 34.35 96.10
C MET V 432 -81.23 34.10 96.20
N GLU V 433 -80.45 35.20 96.12
CA GLU V 433 -78.98 35.16 96.11
C GLU V 433 -78.40 34.33 94.96
N GLY V 434 -77.13 34.58 94.64
CA GLY V 434 -76.48 33.91 93.53
C GLY V 434 -76.80 34.53 92.18
N VAL V 435 -76.82 33.70 91.15
CA VAL V 435 -76.93 34.17 89.76
C VAL V 435 -78.35 34.46 89.33
N GLN V 436 -79.26 33.53 89.62
CA GLN V 436 -80.67 33.65 89.25
C GLN V 436 -81.43 34.68 90.10
N ALA V 437 -80.67 35.56 90.77
CA ALA V 437 -81.22 36.67 91.55
C ALA V 437 -81.08 37.98 90.78
N PHE V 438 -79.92 38.17 90.16
CA PHE V 438 -79.65 39.32 89.31
C PHE V 438 -80.63 39.36 88.14
N ILE V 439 -80.98 38.18 87.66
CA ILE V 439 -81.92 38.04 86.55
C ILE V 439 -83.28 38.63 86.92
N TRP V 440 -83.85 38.16 88.02
CA TRP V 440 -85.11 38.70 88.53
C TRP V 440 -85.03 40.22 88.75
N GLN V 441 -83.88 40.68 89.26
CA GLN V 441 -83.66 42.10 89.55
C GLN V 441 -83.81 42.97 88.31
N GLU V 442 -83.16 42.56 87.22
CA GLU V 442 -83.23 43.29 85.97
C GLU V 442 -84.59 43.13 85.31
N PHE V 443 -85.24 41.98 85.53
CA PHE V 443 -86.59 41.72 85.02
C PHE V 443 -87.56 42.71 85.65
N ALA V 444 -87.46 42.86 86.96
CA ALA V 444 -88.28 43.82 87.71
C ALA V 444 -88.05 45.23 87.19
N SER V 445 -86.77 45.57 86.96
CA SER V 445 -86.39 46.86 86.40
C SER V 445 -87.04 47.12 85.04
N ALA V 446 -87.30 46.04 84.31
CA ALA V 446 -87.79 46.12 82.94
C ALA V 446 -89.28 46.44 82.90
N LEU V 447 -90.05 45.77 83.74
CA LEU V 447 -91.49 45.97 83.80
C LEU V 447 -91.85 47.43 84.00
N GLU V 448 -90.96 48.14 84.71
CA GLU V 448 -91.08 49.56 85.00
C GLU V 448 -91.12 50.42 83.73
N VAL V 449 -90.83 49.80 82.58
CA VAL V 449 -90.79 50.50 81.31
C VAL V 449 -92.15 51.04 80.87
N ILE V 450 -93.21 50.30 81.14
CA ILE V 450 -94.56 50.73 80.77
C ILE V 450 -94.98 52.07 81.43
N PRO V 451 -94.71 52.24 82.74
CA PRO V 451 -94.93 53.56 83.32
C PRO V 451 -94.00 54.65 82.74
N THR V 452 -92.76 54.27 82.47
CA THR V 452 -91.75 55.20 81.95
C THR V 452 -92.20 55.84 80.63
N THR V 453 -92.61 55.00 79.68
CA THR V 453 -93.12 55.50 78.39
C THR V 453 -94.51 56.14 78.50
N LEU V 454 -95.31 55.70 79.47
CA LEU V 454 -96.62 56.32 79.74
C LEU V 454 -96.46 57.78 80.16
N ALA V 455 -95.47 58.01 81.02
CA ALA V 455 -95.14 59.36 81.50
C ALA V 455 -94.42 60.16 80.43
N GLU V 456 -93.49 59.51 79.73
CA GLU V 456 -92.72 60.14 78.66
C GLU V 456 -93.60 60.66 77.50
N ASN V 457 -94.73 59.99 77.29
CA ASN V 457 -95.72 60.44 76.33
C ASN V 457 -96.52 61.64 76.82
N ALA V 458 -96.60 61.78 78.14
CA ALA V 458 -97.23 62.94 78.75
C ALA V 458 -96.21 64.08 78.90
N GLY V 459 -94.98 63.85 78.47
CA GLY V 459 -93.92 64.85 78.54
C GLY V 459 -93.50 65.19 79.95
N LEU V 460 -93.65 64.23 80.85
CA LEU V 460 -93.28 64.39 82.26
C LEU V 460 -91.86 63.89 82.51
N ASN V 461 -91.25 64.34 83.61
CA ASN V 461 -89.98 63.78 84.04
C ASN V 461 -90.20 62.35 84.53
N SER V 462 -90.04 61.39 83.62
CA SER V 462 -90.30 59.97 83.88
C SER V 462 -89.58 59.43 85.13
N ILE V 463 -88.32 59.84 85.29
CA ILE V 463 -87.54 59.48 86.48
C ILE V 463 -88.20 59.94 87.78
N LYS V 464 -88.57 61.22 87.84
CA LYS V 464 -89.22 61.79 89.02
C LYS V 464 -90.54 61.10 89.32
N VAL V 465 -91.30 60.80 88.27
CA VAL V 465 -92.60 60.14 88.41
C VAL V 465 -92.44 58.72 88.97
N VAL V 466 -91.50 57.96 88.42
CA VAL V 466 -91.30 56.57 88.84
C VAL V 466 -90.75 56.48 90.27
N THR V 467 -89.74 57.29 90.59
CA THR V 467 -89.11 57.24 91.91
C THR V 467 -90.10 57.60 93.02
N GLU V 468 -91.05 58.48 92.71
CA GLU V 468 -92.11 58.87 93.65
C GLU V 468 -93.35 57.98 93.55
N LEU V 469 -93.33 57.08 92.57
CA LEU V 469 -94.41 56.12 92.37
C LEU V 469 -94.10 54.79 93.09
N ARG V 470 -92.84 54.35 93.00
CA ARG V 470 -92.40 53.16 93.71
C ARG V 470 -92.36 53.41 95.21
N SER V 471 -91.97 54.63 95.58
CA SER V 471 -91.90 55.07 96.98
C SER V 471 -93.29 55.09 97.61
N LYS V 472 -94.28 55.64 96.88
CA LYS V 472 -95.67 55.65 97.31
C LYS V 472 -96.28 54.25 97.25
N HIS V 473 -95.67 53.38 96.46
CA HIS V 473 -96.12 52.00 96.31
C HIS V 473 -95.52 51.11 97.40
N GLU V 474 -94.44 51.58 98.03
CA GLU V 474 -93.80 50.84 99.10
C GLU V 474 -94.61 50.90 100.42
N ASN V 475 -95.58 51.82 100.47
CA ASN V 475 -96.51 51.93 101.60
C ASN V 475 -97.97 51.70 101.18
N GLY V 476 -98.50 52.66 100.41
CA GLY V 476 -99.90 52.67 99.98
C GLY V 476 -100.31 51.55 99.05
N GLU V 477 -99.32 50.78 98.59
CA GLU V 477 -99.53 49.55 97.83
C GLU V 477 -100.29 49.70 96.50
N LEU V 478 -101.20 48.76 96.23
CA LEU V 478 -101.70 48.47 94.89
C LEU V 478 -102.73 49.41 94.28
N ASN V 479 -102.31 50.64 94.00
CA ASN V 479 -103.18 51.65 93.41
C ASN V 479 -102.44 52.87 92.85
N ASP V 480 -101.20 53.04 93.27
CA ASP V 480 -100.40 54.19 92.84
C ASP V 480 -99.90 54.04 91.41
N GLY V 481 -100.41 54.93 90.55
CA GLY V 481 -100.01 54.98 89.15
C GLY V 481 -100.20 56.36 88.56
N ILE V 482 -99.68 56.57 87.35
CA ILE V 482 -99.79 57.86 86.68
C ILE V 482 -101.19 58.03 86.12
N SER V 483 -101.88 59.05 86.58
CA SER V 483 -103.13 59.46 85.94
C SER V 483 -102.80 60.65 85.06
N VAL V 484 -103.25 60.60 83.81
CA VAL V 484 -102.97 61.66 82.85
C VAL V 484 -103.68 62.98 83.23
N ARG V 485 -104.90 62.86 83.73
CA ARG V 485 -105.66 64.02 84.22
C ARG V 485 -104.90 64.75 85.33
N ARG V 486 -104.57 64.01 86.38
CA ARG V 486 -103.87 64.56 87.55
C ARG V 486 -102.42 64.89 87.23
N SER V 487 -101.87 64.18 86.25
CA SER V 487 -100.50 64.38 85.77
C SER V 487 -99.42 63.90 86.75
N GLY V 488 -99.78 62.96 87.64
CA GLY V 488 -98.81 62.43 88.60
C GLY V 488 -99.25 61.24 89.43
N THR V 489 -98.76 61.20 90.67
CA THR V 489 -99.01 60.12 91.62
C THR V 489 -100.42 60.22 92.22
N THR V 490 -101.31 59.33 91.78
CA THR V 490 -102.67 59.26 92.33
C THR V 490 -103.18 57.83 92.32
N ASN V 491 -104.10 57.55 93.24
CA ASN V 491 -104.81 56.28 93.30
C ASN V 491 -105.59 56.03 92.01
N THR V 492 -105.21 54.98 91.30
CA THR V 492 -105.71 54.71 89.95
C THR V 492 -106.91 53.77 89.87
N TYR V 493 -107.11 52.95 90.90
CA TYR V 493 -108.29 52.07 91.01
C TYR V 493 -109.54 52.88 91.36
N GLU V 494 -109.36 53.93 92.16
CA GLU V 494 -110.44 54.85 92.51
C GLU V 494 -110.62 55.93 91.46
N GLU V 495 -109.55 56.22 90.71
CA GLU V 495 -109.57 57.15 89.57
C GLU V 495 -110.38 56.57 88.40
N HIS V 496 -110.92 55.37 88.59
CA HIS V 496 -111.70 54.63 87.58
C HIS V 496 -110.87 54.28 86.33
N ILE V 497 -109.57 54.10 86.53
CA ILE V 497 -108.67 53.66 85.47
C ILE V 497 -108.36 52.18 85.67
N LEU V 498 -109.06 51.36 84.88
CA LEU V 498 -109.12 49.91 85.12
C LEU V 498 -108.89 49.06 83.87
N GLN V 499 -107.98 48.11 83.98
CA GLN V 499 -107.73 47.14 82.93
C GLN V 499 -107.91 45.72 83.45
N PRO V 500 -108.52 44.84 82.64
CA PRO V 500 -108.79 43.44 82.96
C PRO V 500 -107.54 42.65 83.34
N VAL V 501 -107.70 41.66 84.20
CA VAL V 501 -106.58 40.86 84.69
C VAL V 501 -105.91 40.13 83.53
N LEU V 502 -106.72 39.57 82.64
CA LEU V 502 -106.24 38.83 81.49
C LEU V 502 -105.28 39.67 80.62
N VAL V 503 -105.56 40.97 80.52
CA VAL V 503 -104.74 41.87 79.72
C VAL V 503 -103.27 41.84 80.15
N SER V 504 -103.02 41.87 81.46
CA SER V 504 -101.65 41.81 81.99
C SER V 504 -101.16 40.37 82.20
N THR V 505 -102.09 39.47 82.53
CA THR V 505 -101.81 38.04 82.73
C THR V 505 -101.19 37.39 81.49
N SER V 506 -101.70 37.74 80.32
CA SER V 506 -101.13 37.23 79.07
C SER V 506 -100.02 38.14 78.54
N ALA V 507 -100.13 39.44 78.79
CA ALA V 507 -99.11 40.42 78.34
C ALA V 507 -97.69 39.99 78.73
N ILE V 508 -97.48 39.74 80.02
CA ILE V 508 -96.19 39.34 80.53
C ILE V 508 -95.86 37.92 80.07
N THR V 509 -96.84 37.02 80.18
CA THR V 509 -96.66 35.60 79.80
C THR V 509 -96.16 35.46 78.36
N LEU V 510 -96.72 36.23 77.44
CA LEU V 510 -96.32 36.18 76.04
C LEU V 510 -94.94 36.82 75.82
N ALA V 511 -94.69 37.96 76.46
CA ALA V 511 -93.41 38.65 76.34
C ALA V 511 -92.27 37.74 76.81
N SER V 512 -92.42 37.18 78.00
CA SER V 512 -91.40 36.32 78.58
C SER V 512 -91.17 35.03 77.78
N GLU V 513 -92.25 34.48 77.22
CA GLU V 513 -92.16 33.26 76.41
C GLU V 513 -91.51 33.52 75.06
N CYS V 514 -91.70 34.72 74.54
CA CYS V 514 -91.11 35.12 73.26
C CYS V 514 -89.60 35.34 73.42
N VAL V 515 -89.22 36.12 74.42
CA VAL V 515 -87.82 36.28 74.79
C VAL V 515 -87.13 34.91 74.84
N LYS V 516 -87.76 33.96 75.54
CA LYS V 516 -87.27 32.58 75.61
C LYS V 516 -86.98 32.02 74.22
N SER V 517 -87.89 32.24 73.27
CA SER V 517 -87.71 31.73 71.91
C SER V 517 -86.81 32.62 71.05
N ILE V 518 -86.52 33.84 71.53
CA ILE V 518 -85.57 34.72 70.86
C ILE V 518 -84.15 34.38 71.32
N LEU V 519 -84.03 33.96 72.58
CA LEU V 519 -82.74 33.63 73.16
C LEU V 519 -82.23 32.23 72.78
N ARG V 520 -83.13 31.38 72.27
CA ARG V 520 -82.75 30.06 71.74
C ARG V 520 -81.86 30.18 70.50
N ILE V 521 -81.99 31.32 69.80
CA ILE V 521 -81.27 31.57 68.55
C ILE V 521 -79.78 31.80 68.82
N ASP V 522 -78.94 31.09 68.06
CA ASP V 522 -77.49 31.27 68.12
C ASP V 522 -76.87 31.40 66.72
N ASP V 523 -77.72 31.39 65.70
CA ASP V 523 -77.29 31.52 64.32
C ASP V 523 -78.46 31.70 63.37
N ILE V 524 -78.26 32.52 62.34
CA ILE V 524 -79.21 32.64 61.24
C ILE V 524 -78.52 32.30 59.94
N ALA V 525 -79.04 31.30 59.24
CA ALA V 525 -78.60 30.97 57.89
C ALA V 525 -79.79 31.08 56.95
N PHE V 526 -79.54 31.56 55.73
CA PHE V 526 -80.60 31.68 54.74
C PHE V 526 -80.82 30.34 54.04
N SER V 527 -82.08 29.93 53.98
CA SER V 527 -82.45 28.66 53.33
C SER V 527 -83.04 28.90 51.95
N ARG V 528 -83.30 27.80 51.24
CA ARG V 528 -83.77 27.82 49.86
C ARG V 528 -84.83 28.89 49.60
N GLN W 3 -85.52 71.10 56.85
CA GLN W 3 -86.14 70.55 55.64
C GLN W 3 -85.11 69.91 54.67
N LEU W 4 -84.02 69.39 55.24
CA LEU W 4 -83.08 68.53 54.51
C LEU W 4 -83.63 67.10 54.48
N PHE W 5 -83.46 66.41 53.35
CA PHE W 5 -83.97 65.04 53.19
C PHE W 5 -83.42 64.09 54.26
N ASN W 6 -84.34 63.55 55.06
CA ASN W 6 -84.06 62.70 56.22
C ASN W 6 -83.32 61.38 55.87
N ASN W 7 -82.73 60.76 56.89
CA ASN W 7 -81.90 59.57 56.68
C ASN W 7 -82.56 58.31 57.24
N SER W 8 -82.63 57.26 56.43
CA SER W 8 -83.19 55.97 56.86
C SER W 8 -82.38 55.39 58.02
N ARG W 9 -83.06 55.03 59.10
CA ARG W 9 -82.42 54.61 60.36
C ARG W 9 -81.49 53.42 60.17
N SER W 10 -80.48 53.32 61.03
CA SER W 10 -79.49 52.25 60.93
C SER W 10 -79.81 51.06 61.85
N ASP W 11 -80.98 51.12 62.49
CA ASP W 11 -81.44 50.06 63.39
C ASP W 11 -82.64 49.32 62.84
N THR W 12 -83.65 50.09 62.42
CA THR W 12 -84.90 49.56 61.91
C THR W 12 -84.74 49.01 60.49
N LEU W 13 -85.63 48.09 60.11
CA LEU W 13 -85.54 47.46 58.80
C LEU W 13 -86.92 47.32 58.17
N PHE W 14 -87.29 48.32 57.35
CA PHE W 14 -88.60 48.35 56.68
C PHE W 14 -88.45 48.30 55.17
N LEU W 15 -89.36 47.56 54.51
CA LEU W 15 -89.25 47.25 53.06
C LEU W 15 -90.06 48.15 52.16
N GLY W 16 -89.47 48.50 51.01
CA GLY W 16 -90.11 49.29 49.96
C GLY W 16 -90.84 50.47 50.56
N GLY W 17 -90.39 50.86 51.75
CA GLY W 17 -91.11 51.82 52.56
C GLY W 17 -90.19 52.52 53.52
N GLU W 18 -90.48 53.79 53.74
CA GLU W 18 -89.70 54.62 54.64
C GLU W 18 -90.62 55.21 55.71
N LYS W 19 -90.04 55.63 56.82
CA LYS W 19 -90.78 56.19 57.93
C LYS W 19 -90.24 57.56 58.34
N ILE W 20 -91.14 58.54 58.41
CA ILE W 20 -90.81 59.86 58.95
C ILE W 20 -91.60 60.09 60.23
N SER W 21 -90.95 60.63 61.26
CA SER W 21 -91.54 60.66 62.59
C SER W 21 -91.52 62.02 63.27
N GLY W 22 -92.48 62.22 64.18
CA GLY W 22 -92.56 63.40 65.03
C GLY W 22 -92.80 64.71 64.31
N ASP W 23 -91.79 65.57 64.33
CA ASP W 23 -91.89 66.91 63.77
C ASP W 23 -91.94 66.88 62.25
N ASP W 24 -91.09 66.04 61.66
CA ASP W 24 -90.97 65.92 60.20
C ASP W 24 -92.32 65.67 59.54
N ILE W 25 -93.06 64.69 60.08
CA ILE W 25 -94.36 64.29 59.52
C ILE W 25 -95.44 65.33 59.80
N ARG W 26 -95.49 65.82 61.05
CA ARG W 26 -96.47 66.84 61.45
C ARG W 26 -96.39 68.08 60.56
N ASN W 27 -95.18 68.43 60.16
CA ASN W 27 -94.94 69.53 59.25
C ASN W 27 -95.43 69.20 57.83
N GLN W 28 -95.01 68.02 57.34
CA GLN W 28 -95.34 67.55 56.00
C GLN W 28 -96.85 67.50 55.75
N ASN W 29 -97.60 67.01 56.74
CA ASN W 29 -99.07 66.99 56.68
C ASN W 29 -99.65 68.38 56.49
N VAL W 30 -99.19 69.32 57.32
CA VAL W 30 -99.66 70.69 57.29
C VAL W 30 -99.31 71.33 55.94
N LEU W 31 -98.06 71.18 55.52
CA LEU W 31 -97.62 71.77 54.27
C LEU W 31 -98.41 71.23 53.06
N ALA W 32 -98.72 69.95 53.08
CA ALA W 32 -99.49 69.32 52.00
C ALA W 32 -101.00 69.56 52.15
N THR W 33 -101.40 69.99 53.34
CA THR W 33 -102.78 70.42 53.60
C THR W 33 -102.99 71.85 53.10
N MET W 34 -102.01 72.71 53.35
CA MET W 34 -102.01 74.10 52.86
C MET W 34 -101.97 74.10 51.34
N ALA W 35 -101.18 73.20 50.77
CA ALA W 35 -101.09 73.05 49.32
C ALA W 35 -102.50 72.92 48.73
N VAL W 36 -103.25 71.93 49.22
CA VAL W 36 -104.60 71.63 48.76
C VAL W 36 -105.56 72.79 49.03
N ALA W 37 -105.40 73.43 50.17
CA ALA W 37 -106.26 74.54 50.56
C ALA W 37 -105.98 75.83 49.78
N ASN W 38 -104.71 76.20 49.68
CA ASN W 38 -104.31 77.46 49.03
C ASN W 38 -104.72 77.54 47.57
N VAL W 39 -104.76 76.40 46.90
CA VAL W 39 -105.18 76.31 45.50
C VAL W 39 -106.58 76.90 45.29
N VAL W 40 -107.51 76.60 46.20
CA VAL W 40 -108.88 77.11 46.05
C VAL W 40 -109.23 78.34 46.91
N LYS W 41 -108.26 78.89 47.65
CA LYS W 41 -108.49 80.11 48.43
C LYS W 41 -108.85 81.32 47.55
N SER W 42 -108.24 81.38 46.37
CA SER W 42 -108.55 82.43 45.38
C SER W 42 -109.98 82.31 44.84
N SER W 43 -110.62 81.17 45.11
CA SER W 43 -111.93 80.84 44.55
C SER W 43 -113.08 80.93 45.57
N LEU W 44 -112.97 81.82 46.54
CA LEU W 44 -114.00 81.97 47.57
C LEU W 44 -114.62 83.37 47.66
N GLY W 45 -115.95 83.40 47.76
CA GLY W 45 -116.68 84.65 47.89
C GLY W 45 -117.17 85.24 46.57
N PRO W 46 -118.05 86.26 46.63
CA PRO W 46 -118.54 86.90 45.42
C PRO W 46 -117.39 87.45 44.56
N VAL W 47 -116.34 87.93 45.24
CA VAL W 47 -115.17 88.49 44.57
C VAL W 47 -114.14 87.38 44.27
N GLY W 48 -114.58 86.13 44.44
CA GLY W 48 -113.79 84.97 44.07
C GLY W 48 -113.86 84.72 42.58
N LEU W 49 -112.93 83.92 42.07
CA LEU W 49 -112.80 83.74 40.63
C LEU W 49 -112.80 82.27 40.22
N ASP W 50 -112.59 82.02 38.93
CA ASP W 50 -112.66 80.68 38.35
C ASP W 50 -111.35 80.26 37.70
N LYS W 51 -111.14 78.95 37.65
CA LYS W 51 -109.86 78.40 37.20
C LYS W 51 -110.05 77.57 35.94
N MET W 52 -108.95 77.28 35.26
CA MET W 52 -108.96 76.56 34.00
C MET W 52 -108.07 75.33 34.16
N LEU W 53 -108.68 74.14 34.12
CA LEU W 53 -107.95 72.91 34.40
C LEU W 53 -107.73 72.03 33.16
N VAL W 54 -106.49 71.99 32.67
CA VAL W 54 -106.16 71.33 31.40
C VAL W 54 -105.85 69.82 31.52
N ASP W 55 -106.69 69.02 30.86
CA ASP W 55 -106.59 67.55 30.83
C ASP W 55 -105.14 67.12 30.64
N ASP W 56 -104.46 67.80 29.71
CA ASP W 56 -103.09 67.51 29.27
C ASP W 56 -103.07 67.28 27.77
N ILE W 57 -104.22 66.88 27.24
CA ILE W 57 -104.42 66.79 25.79
C ILE W 57 -104.89 68.15 25.27
N GLY W 58 -105.08 69.10 26.18
CA GLY W 58 -105.67 70.40 25.85
C GLY W 58 -107.05 70.48 26.46
N ASP W 59 -107.83 69.41 26.30
CA ASP W 59 -109.21 69.32 26.80
C ASP W 59 -109.28 69.76 28.26
N PHE W 60 -110.23 70.61 28.60
CA PHE W 60 -110.21 71.26 29.88
C PHE W 60 -111.60 71.53 30.46
N THR W 61 -111.63 72.00 31.69
CA THR W 61 -112.88 72.47 32.31
C THR W 61 -112.63 73.69 33.19
N VAL W 62 -113.53 74.67 33.08
CA VAL W 62 -113.48 75.92 33.82
C VAL W 62 -114.49 75.83 34.94
N THR W 63 -114.07 76.00 36.20
CA THR W 63 -115.01 75.89 37.34
C THR W 63 -114.62 76.66 38.60
N ASN W 64 -115.61 76.85 39.49
CA ASN W 64 -115.42 77.36 40.85
C ASN W 64 -115.60 76.24 41.88
N ASP W 65 -116.61 75.39 41.65
CA ASP W 65 -117.06 74.37 42.62
C ASP W 65 -115.87 73.60 43.20
N GLY W 66 -115.44 74.05 44.38
CA GLY W 66 -114.24 73.56 45.05
C GLY W 66 -114.00 72.09 44.87
N ALA W 67 -115.00 71.28 45.22
CA ALA W 67 -114.90 69.82 45.13
C ALA W 67 -114.48 69.36 43.74
N THR W 68 -115.01 70.01 42.70
CA THR W 68 -114.70 69.65 41.32
C THR W 68 -113.29 70.06 40.96
N ILE W 69 -112.82 71.18 41.52
CA ILE W 69 -111.46 71.65 41.32
C ILE W 69 -110.49 70.65 41.96
N LEU W 70 -110.76 70.31 43.21
CA LEU W 70 -109.92 69.37 43.95
C LEU W 70 -110.00 67.95 43.40
N SER W 71 -111.19 67.54 42.97
CA SER W 71 -111.38 66.26 42.32
C SER W 71 -110.43 66.12 41.12
N LEU W 72 -110.31 67.20 40.35
CA LEU W 72 -109.54 67.19 39.12
C LEU W 72 -108.03 67.24 39.34
N LEU W 73 -107.59 68.08 40.27
CA LEU W 73 -106.18 68.13 40.64
C LEU W 73 -105.74 66.74 41.06
N ASP W 74 -104.65 66.27 40.47
CA ASP W 74 -104.07 65.01 40.92
C ASP W 74 -103.36 65.28 42.23
N VAL W 75 -103.89 64.70 43.31
CA VAL W 75 -103.33 64.83 44.64
C VAL W 75 -102.56 63.55 44.96
N GLN W 76 -101.35 63.71 45.50
CA GLN W 76 -100.49 62.55 45.77
C GLN W 76 -100.41 62.20 47.25
N HIS W 77 -100.45 63.23 48.12
CA HIS W 77 -100.27 63.05 49.56
C HIS W 77 -101.55 62.64 50.28
N PRO W 78 -101.45 61.64 51.18
CA PRO W 78 -102.59 61.18 51.99
C PRO W 78 -103.33 62.33 52.69
N ALA W 79 -102.62 63.13 53.47
CA ALA W 79 -103.19 64.26 54.20
C ALA W 79 -103.84 65.28 53.26
N GLY W 80 -103.34 65.35 52.03
CA GLY W 80 -103.97 66.16 51.00
C GLY W 80 -105.27 65.52 50.55
N LYS W 81 -105.18 64.23 50.21
CA LYS W 81 -106.31 63.44 49.72
C LYS W 81 -107.47 63.37 50.74
N ILE W 82 -107.12 63.51 52.02
CA ILE W 82 -108.12 63.50 53.10
C ILE W 82 -109.04 64.72 53.04
N LEU W 83 -108.47 65.88 52.70
CA LEU W 83 -109.24 67.10 52.52
C LEU W 83 -110.10 67.06 51.26
N VAL W 84 -109.59 66.38 50.24
CA VAL W 84 -110.34 66.18 48.99
C VAL W 84 -111.54 65.26 49.25
N GLU W 85 -111.30 64.18 49.99
CA GLU W 85 -112.35 63.23 50.38
C GLU W 85 -113.38 63.85 51.32
N LEU W 86 -113.00 64.98 51.93
CA LEU W 86 -113.91 65.79 52.76
C LEU W 86 -114.63 66.86 51.94
N ALA W 87 -113.93 67.40 50.94
CA ALA W 87 -114.52 68.38 50.04
C ALA W 87 -115.73 67.79 49.35
N GLN W 88 -115.59 66.54 48.92
CA GLN W 88 -116.64 65.82 48.20
C GLN W 88 -117.72 65.27 49.13
N GLN W 89 -117.32 64.89 50.34
CA GLN W 89 -118.26 64.45 51.38
C GLN W 89 -119.22 65.58 51.76
N GLN W 90 -118.79 66.82 51.52
CA GLN W 90 -119.65 67.98 51.64
C GLN W 90 -120.65 68.02 50.48
N ASP W 91 -120.15 67.80 49.27
CA ASP W 91 -120.96 67.87 48.05
C ASP W 91 -122.10 66.85 48.06
N ARG W 92 -121.93 65.77 48.83
CA ARG W 92 -122.94 64.72 48.93
C ARG W 92 -123.79 64.83 50.20
N GLU W 93 -123.50 65.82 51.03
CA GLU W 93 -124.25 66.03 52.27
C GLU W 93 -124.91 67.41 52.37
N ILE W 94 -124.40 68.36 51.59
CA ILE W 94 -124.97 69.70 51.54
C ILE W 94 -125.06 70.18 50.08
N GLY W 95 -124.02 69.88 49.29
CA GLY W 95 -123.99 70.27 47.88
C GLY W 95 -123.22 71.56 47.63
N ASP W 96 -123.32 72.51 48.56
CA ASP W 96 -122.59 73.78 48.52
C ASP W 96 -121.71 73.94 49.76
N GLY W 97 -120.70 74.80 49.66
CA GLY W 97 -119.79 75.05 50.77
C GLY W 97 -118.55 74.18 50.71
N THR W 98 -118.31 73.52 49.58
CA THR W 98 -117.18 72.60 49.42
C THR W 98 -115.83 73.28 49.53
N THR W 99 -115.73 74.50 49.00
CA THR W 99 -114.50 75.29 49.04
C THR W 99 -114.19 75.72 50.47
N SER W 100 -115.20 76.18 51.18
CA SER W 100 -115.04 76.72 52.53
C SER W 100 -114.57 75.65 53.53
N VAL W 101 -115.18 74.46 53.48
CA VAL W 101 -114.88 73.37 54.43
C VAL W 101 -113.43 72.89 54.36
N VAL W 102 -112.84 72.97 53.16
CA VAL W 102 -111.44 72.62 52.94
C VAL W 102 -110.49 73.65 53.57
N ILE W 103 -110.85 74.93 53.44
CA ILE W 103 -110.04 76.04 53.96
C ILE W 103 -110.11 76.15 55.49
N ILE W 104 -111.23 75.75 56.09
CA ILE W 104 -111.35 75.73 57.56
C ILE W 104 -110.49 74.61 58.14
N ALA W 105 -110.58 73.42 57.54
CA ALA W 105 -109.80 72.26 57.97
C ALA W 105 -108.30 72.52 57.94
N SER W 106 -107.85 73.24 56.91
CA SER W 106 -106.44 73.54 56.71
C SER W 106 -105.89 74.42 57.82
N GLU W 107 -106.64 75.46 58.16
CA GLU W 107 -106.23 76.44 59.18
C GLU W 107 -106.32 75.85 60.58
N LEU W 108 -107.29 74.95 60.79
CA LEU W 108 -107.42 74.25 62.06
C LEU W 108 -106.20 73.39 62.35
N LEU W 109 -105.72 72.68 61.34
CA LEU W 109 -104.45 71.95 61.43
C LEU W 109 -103.29 72.92 61.56
N LYS W 110 -103.23 73.90 60.65
CA LYS W 110 -102.11 74.86 60.56
C LYS W 110 -101.87 75.61 61.86
N ARG W 111 -102.96 76.05 62.49
CA ARG W 111 -102.88 76.70 63.79
C ARG W 111 -102.58 75.68 64.90
N ALA W 112 -103.19 74.50 64.82
CA ALA W 112 -103.03 73.45 65.84
C ALA W 112 -101.58 72.99 65.95
N ASN W 113 -100.93 72.84 64.79
CA ASN W 113 -99.53 72.43 64.72
C ASN W 113 -98.61 73.47 65.31
N GLU W 114 -98.93 74.75 65.09
CA GLU W 114 -98.14 75.87 65.62
C GLU W 114 -98.23 75.96 67.14
N LEU W 115 -99.17 75.21 67.73
CA LEU W 115 -99.19 75.01 69.17
C LEU W 115 -98.27 73.84 69.56
N VAL W 116 -98.25 72.80 68.72
CA VAL W 116 -97.37 71.63 68.93
C VAL W 116 -95.91 72.03 68.71
N LYS W 117 -95.67 72.77 67.63
CA LYS W 117 -94.35 73.30 67.30
C LYS W 117 -93.88 74.27 68.38
N ASN W 118 -94.82 74.73 69.21
CA ASN W 118 -94.50 75.49 70.42
C ASN W 118 -94.03 74.53 71.52
N LYS W 119 -94.99 73.99 72.29
CA LYS W 119 -94.73 72.97 73.32
C LYS W 119 -95.95 72.16 73.71
N ILE W 120 -97.14 72.72 73.51
CA ILE W 120 -98.40 72.11 73.92
C ILE W 120 -98.66 70.75 73.24
N HIS W 121 -99.10 69.79 74.04
CA HIS W 121 -99.41 68.44 73.58
C HIS W 121 -100.62 68.41 72.64
N PRO W 122 -100.61 67.51 71.63
CA PRO W 122 -101.73 67.36 70.69
C PRO W 122 -103.06 67.01 71.36
N THR W 123 -103.00 66.10 72.34
CA THR W 123 -104.20 65.65 73.07
C THR W 123 -104.90 66.82 73.74
N THR W 124 -104.12 67.73 74.31
CA THR W 124 -104.64 68.97 74.89
C THR W 124 -105.42 69.78 73.85
N ILE W 125 -104.81 69.98 72.68
CA ILE W 125 -105.41 70.75 71.60
C ILE W 125 -106.68 70.07 71.10
N ILE W 126 -106.61 68.77 70.92
CA ILE W 126 -107.74 67.97 70.42
C ILE W 126 -108.92 67.98 71.39
N THR W 127 -108.63 68.11 72.68
CA THR W 127 -109.67 68.33 73.67
C THR W 127 -110.18 69.77 73.56
N GLY W 128 -109.26 70.71 73.37
CA GLY W 128 -109.61 72.13 73.24
C GLY W 128 -110.53 72.43 72.06
N PHE W 129 -110.24 71.77 70.94
CA PHE W 129 -111.05 71.90 69.73
C PHE W 129 -112.43 71.28 69.92
N ARG W 130 -112.47 70.15 70.63
CA ARG W 130 -113.72 69.45 70.96
C ARG W 130 -114.67 70.38 71.73
N VAL W 131 -114.13 71.11 72.70
CA VAL W 131 -114.92 72.04 73.51
C VAL W 131 -115.48 73.17 72.64
N ALA W 132 -114.63 73.73 71.77
CA ALA W 132 -115.02 74.83 70.91
C ALA W 132 -116.20 74.49 69.99
N LEU W 133 -116.13 73.32 69.35
CA LEU W 133 -117.19 72.90 68.41
C LEU W 133 -118.52 72.67 69.12
N ARG W 134 -118.48 72.04 70.28
CA ARG W 134 -119.69 71.84 71.09
C ARG W 134 -120.33 73.19 71.45
N GLU W 135 -119.51 74.22 71.52
CA GLU W 135 -119.96 75.56 71.86
C GLU W 135 -120.36 76.36 70.64
N ALA W 136 -119.70 76.07 69.52
CA ALA W 136 -119.98 76.76 68.26
C ALA W 136 -121.33 76.34 67.68
N ILE W 137 -121.61 75.04 67.70
CA ILE W 137 -122.87 74.48 67.20
C ILE W 137 -124.07 74.92 68.04
N ARG W 138 -123.89 74.95 69.36
CA ARG W 138 -124.91 75.43 70.30
C ARG W 138 -125.18 76.91 70.10
N PHE W 139 -124.16 77.66 69.71
CA PHE W 139 -124.27 79.09 69.43
C PHE W 139 -124.95 79.35 68.09
N ILE W 140 -124.55 78.62 67.06
CA ILE W 140 -125.11 78.76 65.72
C ILE W 140 -126.63 78.50 65.74
N ASN W 141 -127.05 77.43 66.41
CA ASN W 141 -128.47 77.12 66.60
C ASN W 141 -129.21 78.17 67.45
N GLU W 142 -128.44 78.96 68.20
CA GLU W 142 -128.95 80.10 68.96
C GLU W 142 -128.71 81.43 68.23
N VAL W 143 -128.31 81.34 66.95
CA VAL W 143 -128.11 82.50 66.08
C VAL W 143 -128.65 82.21 64.65
N LEU W 144 -129.31 81.07 64.49
CA LEU W 144 -130.08 80.76 63.29
C LEU W 144 -131.41 81.49 63.32
N SER W 145 -131.97 81.75 62.14
CA SER W 145 -133.32 82.31 62.05
C SER W 145 -134.22 81.46 61.15
N THR W 146 -135.33 80.97 61.72
CA THR W 146 -136.31 80.18 61.00
C THR W 146 -137.24 81.09 60.18
N SER W 147 -137.30 80.85 58.88
CA SER W 147 -138.11 81.68 57.98
C SER W 147 -139.61 81.52 58.23
N GLU W 154 -140.13 83.59 49.10
CA GLU W 154 -139.49 84.90 49.23
C GLU W 154 -138.04 84.78 49.71
N THR W 155 -137.82 83.88 50.66
CA THR W 155 -136.50 83.66 51.28
C THR W 155 -135.63 82.72 50.44
N LEU W 156 -136.28 81.76 49.77
CA LEU W 156 -135.60 80.81 48.90
C LEU W 156 -134.90 81.48 47.71
N ILE W 157 -135.49 82.56 47.21
CA ILE W 157 -134.88 83.34 46.12
C ILE W 157 -133.53 83.92 46.57
N ASN W 158 -133.44 84.25 47.87
CA ASN W 158 -132.19 84.73 48.45
C ASN W 158 -131.15 83.63 48.63
N ILE W 159 -131.60 82.47 49.10
CA ILE W 159 -130.72 81.31 49.29
C ILE W 159 -130.20 80.79 47.95
N ALA W 160 -131.02 80.92 46.91
CA ALA W 160 -130.59 80.61 45.54
C ALA W 160 -129.56 81.62 45.03
N LYS W 161 -129.82 82.91 45.23
CA LYS W 161 -128.94 84.00 44.74
C LYS W 161 -127.59 84.12 45.49
N THR W 162 -127.56 83.63 46.72
CA THR W 162 -126.34 83.61 47.55
C THR W 162 -125.33 82.62 46.99
N SER W 163 -125.82 81.50 46.46
CA SER W 163 -124.96 80.51 45.82
C SER W 163 -124.80 80.77 44.32
N MET W 164 -125.45 81.82 43.83
CA MET W 164 -125.24 82.27 42.45
C MET W 164 -123.94 83.06 42.34
N SER W 165 -123.75 84.03 43.22
CA SER W 165 -122.52 84.81 43.32
C SER W 165 -121.34 83.92 43.72
N SER W 166 -120.15 84.28 43.23
CA SER W 166 -118.94 83.43 43.32
C SER W 166 -118.79 82.52 42.10
N LYS W 167 -119.89 82.33 41.36
CA LYS W 167 -119.92 81.46 40.20
C LYS W 167 -120.41 82.21 38.96
N ILE W 168 -120.34 81.55 37.80
CA ILE W 168 -120.64 82.18 36.51
C ILE W 168 -122.02 82.86 36.41
N ILE W 169 -123.07 82.18 36.86
CA ILE W 169 -124.43 82.70 36.70
C ILE W 169 -124.89 83.67 37.80
N GLY W 170 -123.91 84.27 38.49
CA GLY W 170 -124.18 85.31 39.48
C GLY W 170 -124.33 86.70 38.87
N ALA W 171 -123.87 86.84 37.63
CA ALA W 171 -124.05 88.07 36.86
C ALA W 171 -125.48 88.17 36.38
N ASP W 172 -126.07 87.01 36.10
CA ASP W 172 -127.48 86.91 35.81
C ASP W 172 -128.15 86.10 36.92
N SER W 173 -127.93 86.54 38.16
CA SER W 173 -128.32 85.81 39.36
C SER W 173 -129.83 85.83 39.62
N ASP W 174 -130.48 86.92 39.26
CA ASP W 174 -131.89 87.08 39.54
C ASP W 174 -132.76 86.14 38.71
N PHE W 175 -132.39 85.94 37.45
CA PHE W 175 -133.09 85.02 36.56
C PHE W 175 -132.93 83.57 36.99
N PHE W 176 -131.67 83.13 37.11
CA PHE W 176 -131.33 81.76 37.52
C PHE W 176 -131.72 81.47 38.97
N SER W 177 -132.18 82.49 39.68
CA SER W 177 -132.66 82.34 41.04
C SER W 177 -134.08 81.80 41.03
N ASN W 178 -134.98 82.52 40.37
CA ASN W 178 -136.38 82.10 40.21
C ASN W 178 -136.54 80.85 39.34
N MET W 179 -135.51 80.55 38.55
CA MET W 179 -135.40 79.28 37.84
C MET W 179 -135.26 78.14 38.84
N VAL W 180 -134.23 78.25 39.68
CA VAL W 180 -133.89 77.23 40.67
C VAL W 180 -135.04 76.94 41.63
N VAL W 181 -135.60 78.00 42.20
CA VAL W 181 -136.66 77.87 43.20
C VAL W 181 -137.90 77.17 42.63
N ASP W 182 -138.38 77.64 41.48
CA ASP W 182 -139.58 77.09 40.85
C ASP W 182 -139.38 75.64 40.39
N ALA W 183 -138.26 75.38 39.71
CA ALA W 183 -137.94 74.04 39.18
C ALA W 183 -137.97 72.98 40.27
N LEU W 184 -137.47 73.35 41.45
CA LEU W 184 -137.45 72.45 42.58
C LEU W 184 -138.82 72.38 43.28
N LEU W 185 -139.41 73.54 43.55
CA LEU W 185 -140.68 73.63 44.29
C LEU W 185 -141.81 72.82 43.63
N ALA W 186 -141.56 72.36 42.40
CA ALA W 186 -142.56 71.62 41.65
C ALA W 186 -142.47 70.11 41.83
N VAL W 187 -141.33 69.62 42.33
CA VAL W 187 -141.09 68.16 42.44
C VAL W 187 -141.37 67.55 43.83
N LYS W 188 -142.07 68.29 44.71
CA LYS W 188 -142.43 67.80 46.04
C LYS W 188 -142.86 66.34 46.03
N THR W 189 -142.25 65.53 46.90
CA THR W 189 -142.56 64.09 46.97
C THR W 189 -142.53 63.51 48.40
N GLN W 190 -143.51 62.66 48.71
CA GLN W 190 -143.61 61.99 50.01
C GLN W 190 -143.09 60.55 49.99
N ASN W 191 -142.22 60.20 50.94
CA ASN W 191 -141.74 58.82 51.09
C ASN W 191 -141.96 58.29 52.51
N SER W 192 -141.78 56.98 52.69
CA SER W 192 -141.84 56.31 54.01
C SER W 192 -142.96 56.83 54.92
N LYS W 193 -144.14 57.01 54.31
CA LYS W 193 -145.37 57.47 54.98
C LYS W 193 -145.22 58.76 55.79
N GLY W 194 -144.69 59.81 55.17
CA GLY W 194 -144.64 61.12 55.80
C GLY W 194 -143.45 62.01 55.51
N GLU W 195 -142.42 61.45 54.89
CA GLU W 195 -141.24 62.22 54.51
C GLU W 195 -141.57 63.13 53.33
N ILE W 196 -141.46 64.44 53.55
CA ILE W 196 -141.77 65.44 52.52
C ILE W 196 -140.46 66.06 52.00
N LYS W 197 -139.75 65.28 51.18
CA LYS W 197 -138.44 65.66 50.65
C LYS W 197 -138.52 66.18 49.20
N TYR W 198 -137.49 66.92 48.80
CA TYR W 198 -137.39 67.50 47.46
C TYR W 198 -136.24 66.81 46.73
N PRO W 199 -136.56 65.94 45.76
CA PRO W 199 -135.66 64.92 45.25
C PRO W 199 -134.28 65.41 44.81
N VAL W 200 -133.25 64.67 45.21
CA VAL W 200 -131.86 64.95 44.88
C VAL W 200 -131.55 64.78 43.38
N LYS W 201 -131.78 65.87 42.64
CA LYS W 201 -131.57 65.97 41.17
C LYS W 201 -132.64 65.27 40.32
N ALA W 202 -133.90 65.58 40.61
CA ALA W 202 -135.02 65.11 39.80
C ALA W 202 -135.32 66.09 38.67
N VAL W 203 -134.82 67.32 38.83
CA VAL W 203 -134.88 68.32 37.77
C VAL W 203 -133.83 67.94 36.74
N ASN W 204 -134.26 67.30 35.66
CA ASN W 204 -133.36 66.92 34.59
C ASN W 204 -132.88 68.20 33.90
N VAL W 205 -131.59 68.48 34.01
CA VAL W 205 -131.00 69.65 33.38
C VAL W 205 -130.29 69.21 32.11
N LEU W 206 -130.58 69.89 31.02
CA LEU W 206 -129.89 69.70 29.77
C LEU W 206 -129.21 71.03 29.41
N LYS W 207 -128.21 70.96 28.53
CA LYS W 207 -127.52 72.15 28.06
C LYS W 207 -127.28 72.05 26.57
N ALA W 208 -127.58 73.12 25.84
CA ALA W 208 -127.39 73.14 24.39
C ALA W 208 -126.89 74.49 23.89
N HIS W 209 -125.70 74.48 23.28
CA HIS W 209 -125.00 75.72 22.94
C HIS W 209 -125.69 76.52 21.84
N GLY W 210 -126.38 77.56 22.28
CA GLY W 210 -127.04 78.49 21.38
C GLY W 210 -127.67 79.60 22.19
N LYS W 211 -128.19 80.61 21.50
CA LYS W 211 -128.93 81.72 22.11
C LYS W 211 -128.19 82.41 23.27
N SER W 212 -128.97 83.00 24.19
CA SER W 212 -128.42 83.80 25.28
C SER W 212 -128.48 83.02 26.59
N ALA W 213 -127.91 83.60 27.63
CA ALA W 213 -127.94 83.01 28.96
C ALA W 213 -129.32 83.11 29.57
N THR W 214 -129.95 84.27 29.38
CA THR W 214 -131.29 84.53 29.87
C THR W 214 -132.31 83.62 29.18
N GLU W 215 -132.09 83.32 27.91
CA GLU W 215 -133.06 82.59 27.09
C GLU W 215 -133.13 81.07 27.42
N SER W 216 -132.53 80.66 28.54
CA SER W 216 -132.56 79.27 28.98
C SER W 216 -133.92 78.93 29.58
N LEU W 217 -134.76 78.27 28.79
CA LEU W 217 -136.18 78.14 29.14
C LEU W 217 -136.53 76.92 29.99
N LEU W 218 -137.15 77.21 31.14
CA LEU W 218 -137.71 76.22 32.06
C LEU W 218 -138.86 75.47 31.42
N VAL W 219 -138.80 74.15 31.43
CA VAL W 219 -139.86 73.32 30.87
C VAL W 219 -140.97 73.12 31.91
N PRO W 220 -142.23 73.41 31.54
CA PRO W 220 -143.33 73.08 32.43
C PRO W 220 -143.75 71.61 32.26
N GLY W 221 -142.77 70.72 32.35
CA GLY W 221 -142.99 69.28 32.18
C GLY W 221 -141.74 68.47 32.46
N TYR W 222 -141.11 67.97 31.41
CA TYR W 222 -139.87 67.21 31.55
C TYR W 222 -139.09 67.23 30.24
N ALA W 223 -137.76 67.16 30.35
CA ALA W 223 -136.89 67.12 29.19
C ALA W 223 -136.32 65.73 28.96
N LEU W 224 -136.69 65.12 27.83
CA LEU W 224 -136.08 63.88 27.37
C LEU W 224 -135.07 64.20 26.28
N ASN W 225 -133.85 63.70 26.43
CA ASN W 225 -132.85 63.84 25.38
C ASN W 225 -132.87 62.64 24.42
N CYS W 226 -134.01 62.48 23.75
CA CYS W 226 -134.22 61.45 22.75
C CYS W 226 -135.11 62.00 21.65
N THR W 227 -135.03 61.40 20.46
CA THR W 227 -135.91 61.76 19.35
C THR W 227 -136.96 60.68 19.11
N VAL W 228 -137.93 60.99 18.25
CA VAL W 228 -138.86 59.98 17.74
C VAL W 228 -138.04 59.00 16.90
N ALA W 229 -138.14 57.71 17.21
CA ALA W 229 -137.27 56.67 16.64
C ALA W 229 -137.32 56.56 15.11
N SER W 230 -138.53 56.63 14.57
CA SER W 230 -138.74 56.59 13.12
C SER W 230 -139.16 57.96 12.59
N GLN W 231 -138.52 58.37 11.50
CA GLN W 231 -138.74 59.68 10.90
C GLN W 231 -140.18 59.91 10.43
N ALA W 232 -140.87 58.83 10.04
CA ALA W 232 -142.25 58.93 9.53
C ALA W 232 -143.29 59.08 10.65
N MET W 233 -142.83 59.05 11.91
CA MET W 233 -143.69 59.26 13.06
C MET W 233 -143.94 60.75 13.27
N PRO W 234 -145.15 61.11 13.74
CA PRO W 234 -145.43 62.50 14.07
C PRO W 234 -144.44 63.05 15.10
N LYS W 235 -143.85 64.20 14.81
CA LYS W 235 -142.90 64.84 15.71
C LYS W 235 -143.60 65.75 16.73
N ARG W 236 -144.93 65.63 16.83
CA ARG W 236 -145.74 66.36 17.80
C ARG W 236 -147.13 65.76 17.97
N ILE W 237 -147.58 65.66 19.23
CA ILE W 237 -148.96 65.28 19.58
C ILE W 237 -149.52 66.24 20.64
N ALA W 238 -150.60 66.93 20.29
CA ALA W 238 -151.13 68.05 21.10
C ALA W 238 -152.63 67.92 21.46
N GLY W 239 -153.08 68.80 22.36
CA GLY W 239 -154.44 68.76 22.89
C GLY W 239 -154.46 68.10 24.25
N GLY W 240 -155.49 68.37 25.03
CA GLY W 240 -155.61 67.81 26.37
C GLY W 240 -155.68 66.28 26.40
N ASN W 241 -155.37 65.71 27.56
CA ASN W 241 -155.43 64.26 27.78
C ASN W 241 -154.73 63.43 26.71
N VAL W 242 -153.40 63.42 26.75
CA VAL W 242 -152.60 62.60 25.84
C VAL W 242 -152.08 61.38 26.59
N LYS W 243 -152.22 60.21 25.97
CA LYS W 243 -151.81 58.94 26.57
C LYS W 243 -150.32 58.64 26.33
N ILE W 244 -149.60 58.31 27.40
CA ILE W 244 -148.17 57.96 27.34
C ILE W 244 -147.86 56.59 27.93
N ALA W 245 -147.31 55.71 27.10
CA ALA W 245 -146.89 54.39 27.54
C ALA W 245 -145.45 54.44 28.06
N CYS W 246 -145.27 54.05 29.32
CA CYS W 246 -143.94 53.95 29.90
C CYS W 246 -143.50 52.50 29.96
N LEU W 247 -142.75 52.07 28.95
CA LEU W 247 -142.30 50.68 28.81
C LEU W 247 -140.88 50.46 29.34
N ASP W 248 -140.53 49.19 29.55
CA ASP W 248 -139.20 48.81 30.02
C ASP W 248 -138.62 47.60 29.27
N LEU W 249 -139.50 46.82 28.66
CA LEU W 249 -139.10 45.64 27.88
C LEU W 249 -138.97 45.96 26.38
N ASN W 250 -137.92 45.43 25.75
CA ASN W 250 -137.66 45.68 24.33
C ASN W 250 -138.65 45.03 23.38
N LEU W 251 -138.94 45.73 22.28
CA LEU W 251 -139.89 45.27 21.27
C LEU W 251 -139.15 44.76 20.03
N GLN W 252 -138.51 43.60 20.18
CA GLN W 252 -137.69 43.00 19.13
C GLN W 252 -137.98 41.50 19.04
N LYS W 253 -137.34 40.81 18.09
CA LYS W 253 -137.48 39.35 17.99
C LYS W 253 -136.56 38.65 18.99
N ALA W 254 -137.03 37.54 19.53
CA ALA W 254 -136.31 36.83 20.58
C ALA W 254 -135.64 35.53 20.12
N ARG W 255 -134.44 35.28 20.64
CA ARG W 255 -133.82 33.96 20.57
C ARG W 255 -134.74 33.02 21.32
N MET W 256 -134.67 31.73 21.06
CA MET W 256 -135.52 30.77 21.77
C MET W 256 -135.41 30.91 23.28
N ALA W 257 -136.28 31.76 23.82
CA ALA W 257 -136.27 32.19 25.24
C ALA W 257 -134.87 32.21 25.87
N MET W 258 -134.53 31.12 26.57
CA MET W 258 -133.22 30.97 27.18
C MET W 258 -132.67 29.58 26.85
N GLY W 259 -132.93 28.62 27.73
CA GLY W 259 -132.45 27.25 27.54
C GLY W 259 -133.24 26.48 26.48
N VAL W 260 -133.75 27.20 25.48
CA VAL W 260 -134.57 26.61 24.42
C VAL W 260 -133.78 26.52 23.11
N GLN W 261 -133.90 25.37 22.44
CA GLN W 261 -133.23 25.12 21.16
C GLN W 261 -134.23 24.64 20.11
N ILE W 262 -133.75 24.43 18.88
CA ILE W 262 -134.60 23.99 17.78
C ILE W 262 -134.06 22.77 17.04
N ASN W 263 -134.84 21.71 17.02
CA ASN W 263 -134.64 20.60 16.10
C ASN W 263 -135.82 20.50 15.14
N ILE W 264 -135.64 21.05 13.94
CA ILE W 264 -136.62 20.88 12.87
C ILE W 264 -136.53 19.45 12.37
N ASP W 265 -137.66 18.76 12.39
CA ASP W 265 -137.75 17.39 11.92
C ASP W 265 -138.74 17.27 10.76
N ASP W 266 -139.74 18.14 10.76
CA ASP W 266 -140.73 18.20 9.68
C ASP W 266 -140.62 19.55 8.97
N PRO W 267 -139.91 19.58 7.81
CA PRO W 267 -139.61 20.76 7.01
C PRO W 267 -140.60 21.91 7.10
N GLU W 268 -141.89 21.59 7.12
CA GLU W 268 -142.97 22.59 7.15
C GLU W 268 -142.90 23.54 8.35
N GLN W 269 -142.26 23.10 9.43
CA GLN W 269 -142.20 23.87 10.67
C GLN W 269 -141.20 25.04 10.62
N LEU W 270 -140.31 25.03 9.63
CA LEU W 270 -139.34 26.12 9.43
C LEU W 270 -140.03 27.49 9.43
N GLU W 271 -140.97 27.66 8.49
CA GLU W 271 -141.72 28.91 8.39
C GLU W 271 -142.76 29.03 9.50
N GLN W 272 -143.21 27.91 10.03
CA GLN W 272 -144.19 27.91 11.12
C GLN W 272 -143.62 28.52 12.39
N ILE W 273 -142.37 28.16 12.70
CA ILE W 273 -141.67 28.68 13.86
C ILE W 273 -141.09 30.06 13.56
N ARG W 274 -140.51 30.22 12.37
CA ARG W 274 -139.93 31.49 11.94
C ARG W 274 -140.91 32.65 12.01
N LYS W 275 -142.12 32.44 11.49
CA LYS W 275 -143.15 33.49 11.48
C LYS W 275 -143.65 33.86 12.88
N ARG W 276 -143.71 32.87 13.77
CA ARG W 276 -144.22 33.09 15.13
C ARG W 276 -143.29 33.92 16.01
N GLU W 277 -142.05 34.09 15.56
CA GLU W 277 -141.06 34.94 16.23
C GLU W 277 -141.40 36.42 16.04
N ALA W 278 -142.06 36.71 14.91
CA ALA W 278 -142.59 38.04 14.67
C ALA W 278 -143.87 38.25 15.47
N GLY W 279 -144.73 37.24 15.44
CA GLY W 279 -146.06 37.29 16.08
C GLY W 279 -146.08 37.78 17.51
N ILE W 280 -145.31 37.12 18.39
CA ILE W 280 -145.31 37.40 19.82
C ILE W 280 -144.98 38.88 20.12
N VAL W 281 -144.10 39.45 19.31
CA VAL W 281 -143.76 40.86 19.44
C VAL W 281 -144.90 41.72 18.89
N LEU W 282 -145.38 41.38 17.70
CA LEU W 282 -146.49 42.08 17.06
C LEU W 282 -147.73 42.06 17.95
N GLU W 283 -147.97 40.92 18.61
CA GLU W 283 -149.06 40.78 19.57
C GLU W 283 -148.87 41.68 20.78
N ARG W 284 -147.61 41.84 21.21
CA ARG W 284 -147.27 42.73 22.30
C ARG W 284 -147.42 44.18 21.87
N VAL W 285 -147.01 44.48 20.62
CA VAL W 285 -147.15 45.82 20.04
C VAL W 285 -148.64 46.17 19.86
N LYS W 286 -149.44 45.19 19.44
CA LYS W 286 -150.88 45.37 19.27
C LYS W 286 -151.57 45.65 20.60
N LYS W 287 -151.14 44.94 21.66
CA LYS W 287 -151.69 45.13 23.01
C LYS W 287 -151.27 46.45 23.66
N ILE W 288 -150.41 47.22 22.98
CA ILE W 288 -150.02 48.56 23.41
C ILE W 288 -150.78 49.61 22.63
N ILE W 289 -150.78 49.47 21.30
CA ILE W 289 -151.52 50.35 20.40
C ILE W 289 -153.00 50.35 20.79
N ASP W 290 -153.58 49.15 20.88
CA ASP W 290 -154.99 48.97 21.19
C ASP W 290 -155.37 49.42 22.60
N ALA W 291 -154.37 49.66 23.44
CA ALA W 291 -154.59 50.17 24.79
C ALA W 291 -154.92 51.66 24.78
N GLY W 292 -154.79 52.29 23.61
CA GLY W 292 -155.09 53.70 23.45
C GLY W 292 -153.87 54.57 23.64
N ALA W 293 -152.70 53.97 23.49
CA ALA W 293 -151.44 54.67 23.64
C ALA W 293 -151.12 55.52 22.40
N GLN W 294 -150.82 56.80 22.64
CA GLN W 294 -150.50 57.75 21.57
C GLN W 294 -148.99 58.06 21.51
N VAL W 295 -148.31 57.91 22.66
CA VAL W 295 -146.86 58.09 22.74
C VAL W 295 -146.26 56.90 23.49
N VAL W 296 -145.17 56.34 22.95
CA VAL W 296 -144.52 55.16 23.53
C VAL W 296 -143.06 55.46 23.87
N LEU W 297 -142.68 55.22 25.12
CA LEU W 297 -141.32 55.43 25.58
C LEU W 297 -140.74 54.15 26.20
N THR W 298 -139.75 53.56 25.54
CA THR W 298 -139.17 52.27 25.97
C THR W 298 -137.70 52.39 26.37
N THR W 299 -137.39 51.80 27.52
CA THR W 299 -136.03 51.75 28.05
C THR W 299 -135.10 50.94 27.14
N LYS W 300 -135.54 49.76 26.73
CA LYS W 300 -134.76 48.92 25.83
C LYS W 300 -135.09 49.23 24.35
N GLY W 301 -134.82 48.28 23.45
CA GLY W 301 -134.88 48.55 22.01
C GLY W 301 -136.23 48.43 21.31
N ILE W 302 -136.32 49.07 20.14
CA ILE W 302 -137.46 48.89 19.23
C ILE W 302 -136.93 48.39 17.89
N ASP W 303 -137.46 47.25 17.42
CA ASP W 303 -137.07 46.69 16.13
C ASP W 303 -137.75 47.45 15.00
N ASP W 304 -137.12 47.45 13.83
CA ASP W 304 -137.68 48.05 12.61
C ASP W 304 -139.04 47.45 12.27
N LEU W 305 -139.22 46.19 12.67
CA LEU W 305 -140.49 45.47 12.52
C LEU W 305 -141.62 46.17 13.27
N CYS W 306 -141.30 46.70 14.45
CA CYS W 306 -142.31 47.27 15.35
C CYS W 306 -142.49 48.78 15.19
N LEU W 307 -141.51 49.42 14.55
CA LEU W 307 -141.62 50.82 14.20
C LEU W 307 -142.70 50.98 13.13
N LYS W 308 -142.68 50.07 12.16
CA LYS W 308 -143.64 50.06 11.04
C LYS W 308 -145.09 49.89 11.50
N GLU W 309 -145.28 49.41 12.73
CA GLU W 309 -146.61 49.26 13.32
C GLU W 309 -147.03 50.55 14.02
N PHE W 310 -146.04 51.29 14.52
CA PHE W 310 -146.26 52.57 15.16
C PHE W 310 -146.44 53.69 14.13
N VAL W 311 -145.57 53.71 13.11
CA VAL W 311 -145.59 54.71 12.04
C VAL W 311 -146.98 54.82 11.41
N GLU W 312 -147.54 53.68 11.02
CA GLU W 312 -148.85 53.61 10.36
C GLU W 312 -150.01 53.94 11.30
N ALA W 313 -149.76 53.87 12.60
CA ALA W 313 -150.76 54.18 13.63
C ALA W 313 -150.62 55.61 14.18
N LYS W 314 -149.77 56.41 13.54
CA LYS W 314 -149.46 57.80 13.94
C LYS W 314 -149.05 57.90 15.42
N ILE W 315 -148.31 56.88 15.88
CA ILE W 315 -147.83 56.83 17.26
C ILE W 315 -146.37 57.26 17.35
N MET W 316 -146.14 58.38 18.01
CA MET W 316 -144.82 58.88 18.30
C MET W 316 -144.16 57.96 19.33
N GLY W 317 -143.17 57.19 18.87
CA GLY W 317 -142.50 56.20 19.70
C GLY W 317 -141.01 56.43 19.80
N VAL W 318 -140.48 56.30 21.02
CA VAL W 318 -139.05 56.52 21.30
C VAL W 318 -138.38 55.24 21.79
N ARG W 319 -137.13 55.05 21.37
CA ARG W 319 -136.33 53.88 21.76
C ARG W 319 -135.12 54.24 22.60
N ARG W 320 -134.60 53.26 23.35
CA ARG W 320 -133.35 53.36 24.13
C ARG W 320 -133.22 54.64 24.96
N CYS W 321 -134.24 54.96 25.77
CA CYS W 321 -134.15 56.12 26.68
C CYS W 321 -133.73 55.72 28.09
N LYS W 322 -132.94 56.59 28.74
CA LYS W 322 -132.43 56.34 30.09
C LYS W 322 -133.57 56.08 31.09
N LYS W 323 -133.51 54.94 31.77
CA LYS W 323 -134.56 54.50 32.69
C LYS W 323 -134.77 55.45 33.86
N GLU W 324 -133.69 56.11 34.25
CA GLU W 324 -133.69 57.15 35.29
C GLU W 324 -134.68 58.28 34.96
N ASP W 325 -134.76 58.63 33.68
CA ASP W 325 -135.71 59.64 33.19
C ASP W 325 -137.14 59.11 33.26
N LEU W 326 -137.32 57.87 32.80
CA LEU W 326 -138.66 57.31 32.60
C LEU W 326 -139.44 57.11 33.88
N ARG W 327 -138.73 56.79 34.97
CA ARG W 327 -139.36 56.65 36.29
C ARG W 327 -139.85 57.99 36.83
N ARG W 328 -139.12 59.06 36.51
CA ARG W 328 -139.49 60.42 36.91
C ARG W 328 -140.54 61.02 35.98
N ILE W 329 -140.85 60.30 34.90
CA ILE W 329 -141.95 60.66 34.02
C ILE W 329 -143.20 59.90 34.47
N ALA W 330 -143.02 58.65 34.88
CA ALA W 330 -144.11 57.83 35.42
C ALA W 330 -144.74 58.48 36.65
N ARG W 331 -143.89 58.84 37.62
CA ARG W 331 -144.32 59.53 38.83
C ARG W 331 -144.96 60.87 38.50
N ALA W 332 -144.65 61.38 37.30
CA ALA W 332 -145.08 62.71 36.88
C ALA W 332 -146.37 62.72 36.07
N THR W 333 -146.49 61.79 35.12
CA THR W 333 -147.66 61.75 34.21
C THR W 333 -148.80 60.91 34.77
N GLY W 334 -148.47 59.96 35.64
CA GLY W 334 -149.47 59.08 36.24
C GLY W 334 -149.32 57.66 35.76
N ALA W 335 -148.55 57.47 34.69
CA ALA W 335 -148.30 56.15 34.15
C ALA W 335 -147.54 55.28 35.14
N THR W 336 -147.50 53.98 34.87
CA THR W 336 -146.71 53.04 35.66
C THR W 336 -145.65 52.41 34.76
N LEU W 337 -144.44 52.25 35.29
CA LEU W 337 -143.37 51.54 34.57
C LEU W 337 -143.74 50.09 34.30
N VAL W 338 -143.66 49.68 33.03
CA VAL W 338 -144.01 48.32 32.64
C VAL W 338 -142.77 47.49 32.32
N SER W 339 -142.30 46.77 33.33
CA SER W 339 -141.19 45.83 33.15
C SER W 339 -141.61 44.66 32.27
N SER W 340 -142.81 44.14 32.53
CA SER W 340 -143.44 43.09 31.72
C SER W 340 -144.86 42.85 32.24
N MET W 341 -145.81 42.72 31.32
CA MET W 341 -147.22 42.59 31.70
C MET W 341 -147.76 41.15 31.67
N SER W 342 -147.92 40.56 32.85
CA SER W 342 -148.59 39.29 33.01
C SER W 342 -149.64 39.44 34.11
N ASN W 343 -150.85 38.92 33.86
CA ASN W 343 -151.98 39.08 34.78
C ASN W 343 -151.93 38.19 36.03
N LEU W 344 -153.05 38.12 36.75
CA LEU W 344 -153.23 37.20 37.87
C LEU W 344 -153.29 35.76 37.35
N GLU W 345 -153.96 35.57 36.22
CA GLU W 345 -153.82 34.35 35.41
C GLU W 345 -152.57 34.53 34.53
N GLY W 346 -152.14 33.46 33.87
CA GLY W 346 -150.90 33.49 33.07
C GLY W 346 -150.87 34.42 31.86
N GLU W 347 -152.05 34.87 31.42
CA GLU W 347 -152.21 35.66 30.19
C GLU W 347 -151.57 37.05 30.23
N GLU W 348 -150.97 37.43 29.10
CA GLU W 348 -150.29 38.72 28.97
C GLU W 348 -151.24 39.81 28.48
N THR W 349 -151.80 40.57 29.43
CA THR W 349 -152.70 41.67 29.13
C THR W 349 -152.12 43.02 29.57
N PHE W 350 -152.68 44.11 29.05
CA PHE W 350 -152.18 45.46 29.33
C PHE W 350 -153.38 46.42 29.46
N GLU W 351 -153.77 46.70 30.70
CA GLU W 351 -154.93 47.56 30.96
C GLU W 351 -154.67 49.03 30.65
N SER W 352 -155.71 49.71 30.16
CA SER W 352 -155.63 51.09 29.68
C SER W 352 -155.25 52.12 30.74
N SER W 353 -155.39 51.73 32.00
CA SER W 353 -155.07 52.61 33.14
C SER W 353 -153.57 52.72 33.41
N TYR W 354 -152.78 51.98 32.66
CA TYR W 354 -151.32 51.97 32.80
C TYR W 354 -150.64 53.25 32.29
N LEU W 355 -151.40 54.06 31.56
CA LEU W 355 -150.86 55.20 30.82
C LEU W 355 -151.02 56.52 31.58
N GLY W 356 -150.07 57.42 31.36
CA GLY W 356 -150.06 58.73 32.00
C GLY W 356 -150.70 59.83 31.19
N LEU W 357 -151.27 60.80 31.88
CA LEU W 357 -151.98 61.90 31.25
C LEU W 357 -151.11 63.17 31.30
N CYS W 358 -151.07 63.89 30.18
CA CYS W 358 -150.31 65.14 30.10
C CYS W 358 -151.04 66.18 29.25
N ASP W 359 -150.29 67.16 28.76
CA ASP W 359 -150.88 68.23 27.96
C ASP W 359 -150.42 68.21 26.50
N GLU W 360 -149.11 67.99 26.29
CA GLU W 360 -148.52 67.89 24.95
C GLU W 360 -147.23 67.09 24.97
N VAL W 361 -146.91 66.43 23.84
CA VAL W 361 -145.61 65.79 23.66
C VAL W 361 -144.96 66.33 22.38
N VAL W 362 -144.11 67.33 22.55
CA VAL W 362 -143.53 68.06 21.41
C VAL W 362 -142.02 67.81 21.31
N GLN W 363 -141.55 67.56 20.10
CA GLN W 363 -140.11 67.48 19.84
C GLN W 363 -139.60 68.85 19.38
N ALA W 364 -138.90 69.54 20.27
CA ALA W 364 -138.44 70.91 19.98
C ALA W 364 -136.98 70.95 19.51
N LYS W 365 -136.73 71.71 18.45
CA LYS W 365 -135.39 71.84 17.88
C LYS W 365 -134.60 72.97 18.54
N PHE W 366 -133.55 72.60 19.26
CA PHE W 366 -132.65 73.56 19.92
C PHE W 366 -131.25 73.50 19.31
N SER W 367 -130.87 74.59 18.63
CA SER W 367 -129.52 74.77 18.08
C SER W 367 -128.87 73.48 17.56
N ASP W 368 -129.36 72.99 16.42
CA ASP W 368 -128.82 71.80 15.76
C ASP W 368 -128.91 70.55 16.65
N ASP W 369 -130.12 70.28 17.14
CA ASP W 369 -130.38 69.15 18.05
C ASP W 369 -131.84 69.14 18.51
N GLU W 370 -132.59 68.13 18.06
CA GLU W 370 -133.99 68.00 18.45
C GLU W 370 -134.12 67.10 19.70
N CYS W 371 -134.97 67.52 20.63
CA CYS W 371 -135.29 66.70 21.81
C CYS W 371 -136.78 66.79 22.21
N ILE W 372 -137.31 65.68 22.71
CA ILE W 372 -138.73 65.56 23.05
C ILE W 372 -139.04 66.11 24.45
N LEU W 373 -140.05 66.98 24.52
CA LEU W 373 -140.53 67.54 25.77
C LEU W 373 -141.93 66.99 26.12
N ILE W 374 -142.09 66.59 27.38
CA ILE W 374 -143.37 66.16 27.92
C ILE W 374 -143.96 67.34 28.72
N LYS W 375 -144.73 68.17 28.03
CA LYS W 375 -145.33 69.39 28.58
C LYS W 375 -146.58 69.12 29.42
N GLY W 376 -146.74 69.89 30.48
CA GLY W 376 -147.96 69.91 31.30
C GLY W 376 -148.45 68.57 31.83
N THR W 377 -147.72 68.04 32.81
CA THR W 377 -148.04 66.77 33.46
C THR W 377 -149.28 66.86 34.36
N SER W 378 -150.09 65.81 34.35
CA SER W 378 -151.35 65.78 35.11
C SER W 378 -151.24 65.22 36.54
N LYS W 379 -150.41 64.19 36.72
CA LYS W 379 -150.30 63.51 38.01
C LYS W 379 -149.55 64.30 39.09
N HIS W 380 -148.47 64.98 38.69
CA HIS W 380 -147.76 65.87 39.59
C HIS W 380 -146.98 66.89 38.79
N SER W 381 -146.71 68.04 39.41
CA SER W 381 -145.85 69.06 38.80
C SER W 381 -144.46 68.46 38.57
N SER W 382 -143.84 68.81 37.45
CA SER W 382 -142.51 68.32 37.08
C SER W 382 -141.74 69.41 36.35
N SER W 383 -140.45 69.55 36.67
CA SER W 383 -139.67 70.66 36.14
C SER W 383 -138.31 70.26 35.61
N SER W 384 -137.90 70.87 34.50
CA SER W 384 -136.60 70.64 33.86
C SER W 384 -136.05 71.94 33.27
N ILE W 385 -134.73 72.11 33.38
CA ILE W 385 -134.06 73.34 32.90
C ILE W 385 -133.15 73.05 31.71
N ILE W 386 -133.40 73.73 30.60
CA ILE W 386 -132.53 73.61 29.44
C ILE W 386 -131.71 74.88 29.28
N LEU W 387 -130.40 74.73 29.50
CA LEU W 387 -129.45 75.84 29.50
C LEU W 387 -128.90 76.18 28.11
N ARG W 388 -128.74 77.47 27.87
CA ARG W 388 -128.22 77.98 26.62
C ARG W 388 -127.05 78.91 26.94
N GLY W 389 -126.00 78.86 26.12
CA GLY W 389 -124.78 79.66 26.37
C GLY W 389 -123.77 79.67 25.23
N ALA W 390 -122.61 80.27 25.50
CA ALA W 390 -121.56 80.49 24.50
C ALA W 390 -120.98 79.22 23.88
N ASN W 391 -120.44 78.33 24.71
CA ASN W 391 -119.88 77.05 24.25
C ASN W 391 -120.10 75.93 25.27
N ASP W 392 -119.40 74.81 25.09
CA ASP W 392 -119.53 73.67 25.99
C ASP W 392 -118.89 73.87 27.35
N TYR W 393 -117.85 74.72 27.39
CA TYR W 393 -117.13 75.00 28.64
C TYR W 393 -117.92 75.95 29.53
N SER W 394 -118.63 76.87 28.89
CA SER W 394 -119.53 77.82 29.58
C SER W 394 -120.71 77.08 30.22
N LEU W 395 -121.38 76.26 29.41
CA LEU W 395 -122.53 75.49 29.86
C LEU W 395 -122.19 74.55 31.01
N ASP W 396 -121.18 73.70 30.81
CA ASP W 396 -120.77 72.71 31.81
C ASP W 396 -120.73 73.29 33.23
N GLU W 397 -120.19 74.50 33.38
CA GLU W 397 -120.00 75.12 34.70
C GLU W 397 -121.26 75.72 35.29
N MET W 398 -122.11 76.32 34.45
CA MET W 398 -123.41 76.80 34.95
C MET W 398 -124.34 75.64 35.33
N GLU W 399 -124.12 74.46 34.77
CA GLU W 399 -124.84 73.26 35.17
C GLU W 399 -124.40 72.81 36.56
N ARG W 400 -123.09 72.84 36.79
CA ARG W 400 -122.51 72.55 38.11
C ARG W 400 -122.84 73.66 39.09
N SER W 401 -123.03 74.87 38.56
CA SER W 401 -123.42 76.02 39.37
C SER W 401 -124.90 75.92 39.77
N LEU W 402 -125.72 75.37 38.89
CA LEU W 402 -127.11 75.09 39.20
C LEU W 402 -127.22 74.00 40.26
N HIS W 403 -126.55 72.87 40.03
CA HIS W 403 -126.59 71.75 40.96
C HIS W 403 -126.27 72.20 42.40
N ASP W 404 -125.25 73.05 42.52
CA ASP W 404 -124.87 73.63 43.82
C ASP W 404 -125.96 74.53 44.39
N SER W 405 -126.64 75.28 43.51
CA SER W 405 -127.66 76.24 43.92
C SER W 405 -129.01 75.60 44.20
N LEU W 406 -129.38 74.61 43.38
CA LEU W 406 -130.59 73.81 43.60
C LEU W 406 -130.46 73.01 44.88
N SER W 407 -129.20 72.78 45.28
CA SER W 407 -128.88 71.99 46.45
C SER W 407 -129.09 72.76 47.76
N VAL W 408 -128.67 74.02 47.80
CA VAL W 408 -128.85 74.86 48.99
C VAL W 408 -130.31 75.22 49.24
N VAL W 409 -131.09 75.33 48.16
CA VAL W 409 -132.53 75.54 48.27
C VAL W 409 -133.21 74.27 48.78
N LYS W 410 -132.69 73.11 48.37
CA LYS W 410 -133.19 71.82 48.85
C LYS W 410 -133.10 71.73 50.38
N ARG W 411 -131.91 71.99 50.92
CA ARG W 411 -131.63 71.80 52.35
C ARG W 411 -132.27 72.89 53.22
N THR W 412 -132.71 73.96 52.60
CA THR W 412 -133.52 74.96 53.29
C THR W 412 -134.96 74.42 53.41
N LEU W 413 -135.45 73.83 52.33
CA LEU W 413 -136.79 73.24 52.32
C LEU W 413 -136.88 72.01 53.22
N GLU W 414 -135.80 71.24 53.27
CA GLU W 414 -135.71 70.09 54.16
C GLU W 414 -135.61 70.50 55.63
N SER W 415 -134.72 71.45 55.93
CA SER W 415 -134.48 71.92 57.30
C SER W 415 -134.93 73.35 57.51
N GLY W 416 -135.83 73.55 58.45
CA GLY W 416 -136.43 74.86 58.70
C GLY W 416 -135.56 75.80 59.51
N ASN W 417 -134.38 76.12 58.97
CA ASN W 417 -133.43 77.04 59.60
C ASN W 417 -132.43 77.59 58.57
N VAL W 418 -132.09 78.87 58.70
CA VAL W 418 -131.06 79.47 57.85
C VAL W 418 -130.07 80.27 58.70
N VAL W 419 -128.89 80.52 58.15
CA VAL W 419 -127.89 81.33 58.84
C VAL W 419 -127.56 82.58 58.05
N PRO W 420 -127.46 83.72 58.74
CA PRO W 420 -126.98 84.95 58.10
C PRO W 420 -125.54 84.77 57.64
N GLY W 421 -125.36 84.47 56.35
CA GLY W 421 -124.03 84.24 55.79
C GLY W 421 -123.26 85.52 55.61
N GLY W 422 -122.30 85.49 54.67
CA GLY W 422 -121.45 86.64 54.40
C GLY W 422 -120.20 86.69 55.27
N GLY W 423 -119.99 85.61 56.03
CA GLY W 423 -118.85 85.52 56.92
C GLY W 423 -119.11 86.04 58.32
N CYS W 424 -120.37 86.35 58.62
CA CYS W 424 -120.73 86.85 59.96
C CYS W 424 -121.05 85.72 60.94
N VAL W 425 -121.42 84.55 60.41
CA VAL W 425 -121.51 83.32 61.20
C VAL W 425 -120.13 83.07 61.81
N GLU W 426 -119.11 83.20 60.97
CA GLU W 426 -117.72 82.94 61.34
C GLU W 426 -117.18 84.05 62.23
N ALA W 427 -117.55 85.29 61.92
CA ALA W 427 -117.06 86.46 62.64
C ALA W 427 -117.56 86.53 64.07
N ALA W 428 -118.85 86.22 64.27
CA ALA W 428 -119.43 86.20 65.61
C ALA W 428 -118.78 85.12 66.48
N LEU W 429 -118.55 83.95 65.90
CA LEU W 429 -117.93 82.83 66.60
C LEU W 429 -116.53 83.18 67.08
N ASN W 430 -115.79 83.91 66.26
CA ASN W 430 -114.44 84.36 66.59
C ASN W 430 -114.37 84.94 67.99
N ILE W 431 -115.27 85.87 68.29
CA ILE W 431 -115.24 86.61 69.54
C ILE W 431 -115.97 85.89 70.68
N TYR W 432 -117.02 85.14 70.33
CA TYR W 432 -117.76 84.37 71.34
C TYR W 432 -116.89 83.27 71.95
N LEU W 433 -116.21 82.51 71.08
CA LEU W 433 -115.31 81.45 71.53
C LEU W 433 -114.06 82.00 72.21
N ASP W 434 -113.59 83.15 71.74
CA ASP W 434 -112.41 83.79 72.34
C ASP W 434 -112.68 84.28 73.77
N ASN W 435 -113.92 84.66 74.04
CA ASN W 435 -114.32 85.02 75.39
C ASN W 435 -114.68 83.81 76.24
N PHE W 436 -115.05 82.71 75.59
CA PHE W 436 -115.32 81.45 76.28
C PHE W 436 -114.02 80.82 76.79
N ALA W 437 -112.90 81.20 76.17
CA ALA W 437 -111.58 80.65 76.49
C ALA W 437 -111.19 80.81 77.96
N THR W 438 -111.75 81.83 78.61
CA THR W 438 -111.47 82.09 80.02
C THR W 438 -112.24 81.14 80.94
N THR W 439 -113.30 80.51 80.40
CA THR W 439 -114.17 79.63 81.19
C THR W 439 -113.51 78.28 81.55
N VAL W 440 -112.57 77.84 80.70
CA VAL W 440 -111.81 76.61 80.95
C VAL W 440 -110.47 76.93 81.62
N GLY W 441 -109.73 77.86 81.02
CA GLY W 441 -108.41 78.24 81.53
C GLY W 441 -107.33 77.22 81.22
N SER W 442 -106.17 77.41 81.85
CA SER W 442 -104.97 76.56 81.68
C SER W 442 -104.38 76.55 80.26
N ARG W 443 -103.77 75.42 79.89
CA ARG W 443 -103.18 75.24 78.56
C ARG W 443 -104.25 75.01 77.50
N GLU W 444 -105.37 74.43 77.91
CA GLU W 444 -106.51 74.17 77.03
C GLU W 444 -107.16 75.47 76.49
N GLN W 445 -106.73 76.60 77.03
CA GLN W 445 -107.22 77.92 76.64
C GLN W 445 -106.67 78.32 75.28
N LEU W 446 -105.36 78.20 75.11
CA LEU W 446 -104.70 78.55 73.85
C LEU W 446 -105.27 77.74 72.68
N ALA W 447 -105.74 76.53 72.98
CA ALA W 447 -106.35 75.66 71.98
C ALA W 447 -107.62 76.28 71.41
N ILE W 448 -108.53 76.69 72.29
CA ILE W 448 -109.81 77.31 71.91
C ILE W 448 -109.59 78.68 71.28
N ALA W 449 -108.64 79.44 71.83
CA ALA W 449 -108.28 80.75 71.31
C ALA W 449 -107.75 80.69 69.88
N GLU W 450 -106.91 79.69 69.60
CA GLU W 450 -106.44 79.44 68.24
C GLU W 450 -107.59 79.04 67.31
N PHE W 451 -108.50 78.20 67.82
CA PHE W 451 -109.70 77.75 67.08
C PHE W 451 -110.58 78.93 66.68
N ALA W 452 -110.87 79.80 67.64
CA ALA W 452 -111.70 80.97 67.40
C ALA W 452 -111.10 81.87 66.34
N ALA W 453 -109.77 81.99 66.38
CA ALA W 453 -109.04 82.80 65.41
C ALA W 453 -108.73 82.03 64.11
N ALA W 454 -109.04 80.74 64.08
CA ALA W 454 -108.87 79.92 62.87
C ALA W 454 -110.08 80.01 61.95
N LEU W 455 -111.20 80.46 62.51
CA LEU W 455 -112.43 80.70 61.75
C LEU W 455 -112.34 81.99 60.94
N LEU W 456 -111.34 82.81 61.27
CA LEU W 456 -111.08 84.09 60.63
C LEU W 456 -110.78 83.97 59.14
N ILE W 457 -110.39 82.77 58.71
CA ILE W 457 -109.93 82.55 57.34
C ILE W 457 -110.98 82.83 56.25
N ILE W 458 -112.25 82.56 56.55
CA ILE W 458 -113.32 82.82 55.58
C ILE W 458 -113.54 84.35 55.39
N PRO W 459 -113.82 85.11 56.47
CA PRO W 459 -113.97 86.56 56.31
C PRO W 459 -112.71 87.28 55.80
N LYS W 460 -111.52 86.74 56.09
CA LYS W 460 -110.25 87.31 55.63
C LYS W 460 -110.04 87.12 54.12
N THR W 461 -110.15 85.88 53.64
CA THR W 461 -109.93 85.55 52.22
C THR W 461 -111.06 86.02 51.31
N LEU W 462 -112.23 86.28 51.89
CA LEU W 462 -113.31 86.94 51.15
C LEU W 462 -112.86 88.34 50.77
N ALA W 463 -112.14 88.98 51.67
CA ALA W 463 -111.67 90.35 51.52
C ALA W 463 -110.36 90.50 50.74
N VAL W 464 -109.49 89.49 50.83
CA VAL W 464 -108.20 89.49 50.11
C VAL W 464 -108.42 89.41 48.59
N ASN W 465 -109.39 88.59 48.18
CA ASN W 465 -109.73 88.39 46.77
C ASN W 465 -110.27 89.63 46.06
N ALA W 466 -110.52 90.69 46.82
CA ALA W 466 -110.91 91.99 46.28
C ALA W 466 -109.67 92.79 45.84
N ALA W 467 -108.48 92.24 46.10
CA ALA W 467 -107.18 92.87 45.80
C ALA W 467 -106.82 94.05 46.72
N LYS W 468 -107.82 94.85 47.10
CA LYS W 468 -107.66 95.95 48.05
C LYS W 468 -107.39 95.43 49.47
N ASP W 469 -107.22 96.34 50.42
CA ASP W 469 -106.85 95.99 51.80
C ASP W 469 -107.92 95.16 52.53
N SER W 470 -107.45 94.12 53.23
CA SER W 470 -108.32 93.24 53.99
C SER W 470 -108.58 93.83 55.38
N SER W 471 -107.48 94.02 56.13
CA SER W 471 -107.52 94.41 57.55
C SER W 471 -108.42 95.61 57.86
N GLU W 472 -108.65 96.47 56.86
CA GLU W 472 -109.60 97.57 57.00
C GLU W 472 -111.01 97.02 57.29
N LEU W 473 -111.46 96.06 56.48
CA LEU W 473 -112.77 95.42 56.67
C LEU W 473 -112.79 94.46 57.86
N VAL W 474 -111.85 93.52 57.87
CA VAL W 474 -111.85 92.40 58.82
C VAL W 474 -111.88 92.83 60.30
N ALA W 475 -111.03 93.78 60.68
CA ALA W 475 -110.93 94.26 62.06
C ALA W 475 -112.14 95.10 62.46
N LYS W 476 -112.60 95.94 61.55
CA LYS W 476 -113.80 96.72 61.76
C LYS W 476 -115.02 95.81 61.85
N LEU W 477 -114.96 94.65 61.20
CA LEU W 477 -116.00 93.63 61.30
C LEU W 477 -116.10 93.11 62.72
N ARG W 478 -114.97 92.73 63.28
CA ARG W 478 -114.94 92.14 64.62
C ARG W 478 -115.47 93.07 65.70
N SER W 479 -115.22 94.37 65.57
CA SER W 479 -115.72 95.34 66.55
C SER W 479 -117.24 95.40 66.59
N TYR W 480 -117.89 95.36 65.42
CA TYR W 480 -119.34 95.30 65.32
C TYR W 480 -119.91 94.04 65.98
N HIS W 481 -119.25 92.91 65.78
CA HIS W 481 -119.63 91.67 66.44
C HIS W 481 -119.20 91.71 67.91
N ALA W 482 -118.17 92.50 68.22
CA ALA W 482 -117.75 92.74 69.59
C ALA W 482 -118.71 93.70 70.29
N ALA W 483 -119.67 94.23 69.53
CA ALA W 483 -120.70 95.11 70.07
C ALA W 483 -121.99 94.34 70.41
N SER W 484 -122.04 93.06 70.05
CA SER W 484 -123.20 92.22 70.36
C SER W 484 -123.11 91.61 71.76
N GLN W 485 -121.89 91.33 72.21
CA GLN W 485 -121.64 90.70 73.50
C GLN W 485 -121.72 91.68 74.68
N MET W 486 -121.27 92.91 74.48
CA MET W 486 -121.37 93.95 75.50
C MET W 486 -122.74 94.66 75.48
N ALA W 487 -123.61 94.21 74.59
CA ALA W 487 -124.95 94.80 74.43
C ALA W 487 -125.93 94.30 75.49
N LYS W 488 -126.72 95.22 76.03
CA LYS W 488 -127.72 94.91 77.05
C LYS W 488 -128.95 94.22 76.44
N PRO W 489 -129.89 93.74 77.28
CA PRO W 489 -131.17 93.16 76.82
C PRO W 489 -131.98 94.10 75.92
N GLU W 490 -132.54 95.16 76.51
CA GLU W 490 -133.29 96.18 75.77
C GLU W 490 -132.38 96.96 74.83
N ASP W 491 -131.34 97.58 75.41
CA ASP W 491 -130.31 98.28 74.64
C ASP W 491 -129.40 97.29 73.92
N ARG W 495 -129.77 93.48 70.68
CA ARG W 495 -130.97 93.94 69.97
C ARG W 495 -130.73 95.27 69.25
N SER W 496 -130.88 96.38 69.99
CA SER W 496 -130.68 97.73 69.45
C SER W 496 -129.24 97.98 68.98
N TYR W 497 -128.28 97.27 69.58
CA TYR W 497 -126.88 97.31 69.14
C TYR W 497 -126.55 96.14 68.21
N ARG W 498 -127.43 95.13 68.18
CA ARG W 498 -127.18 93.89 67.43
C ARG W 498 -127.36 94.02 65.92
N ASN W 499 -126.24 93.88 65.21
CA ASN W 499 -126.19 93.83 63.75
C ASN W 499 -125.15 92.80 63.35
N TYR W 500 -125.15 92.39 62.08
CA TYR W 500 -124.18 91.40 61.57
C TYR W 500 -124.14 91.28 60.04
N GLY W 501 -122.95 91.11 59.48
CA GLY W 501 -122.79 90.88 58.04
C GLY W 501 -121.58 91.50 57.38
N LEU W 502 -121.39 91.21 56.09
CA LEU W 502 -120.28 91.75 55.30
C LEU W 502 -120.57 91.78 53.80
N ASP W 503 -120.43 92.96 53.22
CA ASP W 503 -120.60 93.19 51.77
C ASP W 503 -119.24 93.43 51.12
N LEU W 504 -119.05 92.92 49.91
CA LEU W 504 -117.73 92.93 49.29
C LEU W 504 -117.60 93.72 47.99
N ILE W 505 -118.70 93.85 47.25
CA ILE W 505 -118.66 94.61 46.00
C ILE W 505 -118.45 96.09 46.32
N ARG W 506 -119.27 96.62 47.22
CA ARG W 506 -119.16 98.01 47.68
C ARG W 506 -118.03 98.16 48.70
N GLY W 507 -117.78 97.09 49.46
CA GLY W 507 -116.70 97.06 50.43
C GLY W 507 -117.02 97.79 51.74
N LYS W 508 -118.08 97.33 52.40
CA LYS W 508 -118.50 97.88 53.70
C LYS W 508 -119.29 96.83 54.48
N ILE W 509 -119.59 97.14 55.74
CA ILE W 509 -120.34 96.22 56.60
C ILE W 509 -121.84 96.50 56.53
N VAL W 510 -122.58 95.53 55.98
CA VAL W 510 -124.03 95.66 55.80
C VAL W 510 -124.76 94.55 56.57
N ASP W 511 -126.04 94.79 56.85
CA ASP W 511 -126.91 93.79 57.45
C ASP W 511 -127.30 92.74 56.40
N GLU W 512 -126.73 91.54 56.51
CA GLU W 512 -126.90 90.46 55.52
C GLU W 512 -128.29 89.84 55.47
N ILE W 513 -129.07 90.04 56.53
CA ILE W 513 -130.48 89.64 56.59
C ILE W 513 -131.29 90.57 55.66
N HIS W 514 -131.06 91.87 55.81
CA HIS W 514 -131.74 92.88 55.00
C HIS W 514 -131.25 92.89 53.55
N ALA W 515 -129.95 92.68 53.35
CA ALA W 515 -129.36 92.63 52.02
C ALA W 515 -129.71 91.33 51.29
N GLY W 516 -129.97 90.28 52.06
CA GLY W 516 -130.44 89.02 51.50
C GLY W 516 -129.35 87.98 51.24
N VAL W 517 -128.28 88.04 52.04
CA VAL W 517 -127.20 87.07 51.95
C VAL W 517 -127.43 85.95 52.96
N LEU W 518 -127.83 84.79 52.45
CA LEU W 518 -128.28 83.68 53.30
C LEU W 518 -127.73 82.32 52.86
N GLU W 519 -127.07 81.63 53.79
CA GLU W 519 -126.62 80.25 53.58
C GLU W 519 -127.40 79.29 54.50
N PRO W 520 -127.61 78.02 54.08
CA PRO W 520 -128.46 77.10 54.83
C PRO W 520 -127.92 76.77 56.20
N THR W 521 -128.80 76.31 57.08
CA THR W 521 -128.44 75.97 58.46
C THR W 521 -127.38 74.87 58.58
N ILE W 522 -127.55 73.78 57.84
CA ILE W 522 -126.66 72.64 57.88
C ILE W 522 -125.34 72.96 57.17
N SER W 523 -125.40 73.83 56.16
CA SER W 523 -124.22 74.22 55.36
C SER W 523 -123.11 74.86 56.20
N LYS W 524 -123.42 75.10 57.48
CA LYS W 524 -122.43 75.56 58.44
C LYS W 524 -122.18 74.57 59.58
N VAL W 525 -123.17 73.73 59.88
CA VAL W 525 -123.02 72.71 60.91
C VAL W 525 -122.24 71.50 60.39
N LYS W 526 -122.78 70.82 59.37
CA LYS W 526 -122.08 69.71 58.74
C LYS W 526 -120.86 70.20 57.93
N SER W 527 -120.64 71.51 57.96
CA SER W 527 -119.42 72.14 57.44
C SER W 527 -118.29 72.04 58.47
N LEU W 528 -118.56 72.54 59.68
CA LEU W 528 -117.59 72.52 60.77
C LEU W 528 -117.34 71.13 61.34
N LYS W 529 -118.42 70.35 61.46
CA LYS W 529 -118.36 69.01 62.06
C LYS W 529 -117.43 68.06 61.29
N SER W 530 -117.44 68.19 59.97
CA SER W 530 -116.53 67.43 59.10
C SER W 530 -115.11 67.97 59.21
N ALA W 531 -114.98 69.29 59.10
CA ALA W 531 -113.68 69.96 59.12
C ALA W 531 -112.84 69.63 60.35
N LEU W 532 -113.50 69.35 61.47
CA LEU W 532 -112.80 69.01 62.70
C LEU W 532 -112.17 67.64 62.63
N GLU W 533 -113.01 66.61 62.45
CA GLU W 533 -112.57 65.22 62.41
C GLU W 533 -111.48 64.99 61.36
N ALA W 534 -111.39 65.91 60.40
CA ALA W 534 -110.29 65.93 59.44
C ALA W 534 -108.99 66.20 60.18
N CYS W 535 -108.81 67.44 60.64
CA CYS W 535 -107.59 67.87 61.30
C CYS W 535 -107.29 67.07 62.55
N VAL W 536 -108.35 66.60 63.22
CA VAL W 536 -108.20 65.71 64.36
C VAL W 536 -107.35 64.51 63.95
N ALA W 537 -107.83 63.81 62.92
CA ALA W 537 -107.19 62.61 62.40
C ALA W 537 -105.74 62.86 61.95
N ILE W 538 -105.48 64.05 61.41
CA ILE W 538 -104.15 64.41 60.95
C ILE W 538 -103.26 64.85 62.13
N LEU W 539 -103.89 65.50 63.10
CA LEU W 539 -103.20 65.98 64.29
C LEU W 539 -102.74 64.83 65.15
N ARG W 540 -103.49 63.73 65.10
CA ARG W 540 -103.13 62.49 65.79
C ARG W 540 -101.94 61.78 65.15
N ILE W 541 -101.67 62.10 63.90
CA ILE W 541 -100.60 61.45 63.15
C ILE W 541 -99.24 61.98 63.58
N ASP W 542 -98.38 61.06 64.03
CA ASP W 542 -97.03 61.40 64.47
C ASP W 542 -95.96 60.55 63.77
N THR W 543 -96.40 59.59 62.97
CA THR W 543 -95.49 58.82 62.12
C THR W 543 -96.25 58.37 60.87
N MET W 544 -95.55 58.41 59.73
CA MET W 544 -96.07 57.84 58.49
C MET W 544 -95.12 56.77 57.99
N ILE W 545 -95.68 55.65 57.57
CA ILE W 545 -94.90 54.58 56.97
C ILE W 545 -95.50 54.30 55.59
N THR W 546 -94.73 54.61 54.56
CA THR W 546 -95.16 54.38 53.19
C THR W 546 -94.49 53.10 52.71
N VAL W 547 -95.22 52.29 51.94
CA VAL W 547 -94.69 51.04 51.37
C VAL W 547 -94.88 51.03 49.84
N ASP W 548 -93.80 50.68 49.12
CA ASP W 548 -93.74 50.74 47.64
C ASP W 548 -94.53 49.62 46.97
N PRO W 549 -95.26 49.95 45.87
CA PRO W 549 -96.19 49.06 45.15
C PRO W 549 -95.74 47.60 44.97
N GLU W 550 -96.72 46.69 44.92
CA GLU W 550 -96.50 45.25 44.84
C GLU W 550 -95.29 44.84 43.99
N VAL X 6 -94.26 63.61 46.67
CA VAL X 6 -94.93 64.73 46.02
C VAL X 6 -95.95 65.40 46.95
N PHE X 7 -96.15 66.71 46.71
CA PHE X 7 -97.09 67.50 47.49
C PHE X 7 -98.42 67.60 46.76
N MET X 8 -98.35 68.01 45.49
CA MET X 8 -99.49 68.09 44.57
C MET X 8 -99.40 66.88 43.64
N ASN X 9 -98.61 67.03 42.58
CA ASN X 9 -98.27 65.93 41.66
C ASN X 9 -96.92 66.16 40.95
N ALA X 10 -96.50 67.43 40.88
CA ALA X 10 -95.34 67.90 40.11
C ALA X 10 -95.55 67.78 38.57
N SER X 11 -94.73 68.51 37.81
CA SER X 11 -94.90 68.64 36.36
C SER X 11 -96.17 69.44 36.01
N GLN X 12 -96.47 70.44 36.85
CA GLN X 12 -97.65 71.28 36.70
C GLN X 12 -97.27 72.76 36.56
N GLU X 13 -97.63 73.35 35.43
CA GLU X 13 -97.33 74.76 35.17
C GLU X 13 -98.52 75.66 35.49
N ARG X 14 -98.44 76.36 36.62
CA ARG X 14 -99.50 77.27 37.05
C ARG X 14 -99.23 78.70 36.57
N THR X 15 -100.25 79.31 36.01
CA THR X 15 -100.20 80.73 35.64
C THR X 15 -101.29 81.44 36.43
N THR X 16 -100.90 82.46 37.18
CA THR X 16 -101.81 83.09 38.13
C THR X 16 -101.84 84.61 37.98
N GLY X 17 -102.98 85.21 38.30
CA GLY X 17 -103.14 86.66 38.32
C GLY X 17 -103.21 87.27 36.93
N ARG X 18 -102.78 88.53 36.82
CA ARG X 18 -102.74 89.23 35.55
C ARG X 18 -101.92 88.46 34.52
N GLN X 19 -100.97 87.66 34.99
CA GLN X 19 -100.19 86.78 34.14
C GLN X 19 -101.08 85.80 33.38
N ALA X 20 -102.05 85.23 34.10
CA ALA X 20 -103.00 84.30 33.50
C ALA X 20 -103.99 85.02 32.60
N GLN X 21 -104.49 86.15 33.05
CA GLN X 21 -105.45 86.96 32.29
C GLN X 21 -104.87 87.38 30.93
N ILE X 22 -103.59 87.76 30.92
CA ILE X 22 -102.89 88.16 29.69
C ILE X 22 -102.94 87.05 28.63
N SER X 23 -102.58 85.83 29.04
CA SER X 23 -102.58 84.67 28.15
C SER X 23 -103.91 84.44 27.42
N ASN X 24 -105.03 84.71 28.12
CA ASN X 24 -106.35 84.54 27.52
C ASN X 24 -106.69 85.63 26.51
N ILE X 25 -106.48 86.89 26.91
CA ILE X 25 -106.72 88.04 26.02
C ILE X 25 -105.79 87.99 24.81
N THR X 26 -104.57 87.51 25.01
CA THR X 26 -103.59 87.34 23.94
C THR X 26 -104.06 86.32 22.90
N ALA X 27 -104.33 85.10 23.34
CA ALA X 27 -104.72 84.00 22.46
C ALA X 27 -106.03 84.29 21.71
N ALA X 28 -107.03 84.79 22.44
CA ALA X 28 -108.35 85.10 21.88
C ALA X 28 -108.30 86.18 20.78
N LYS X 29 -107.55 87.24 21.03
CA LYS X 29 -107.40 88.35 20.07
C LYS X 29 -106.52 87.95 18.87
N ALA X 30 -105.73 86.89 19.06
CA ALA X 30 -104.91 86.33 17.98
C ALA X 30 -105.63 85.26 17.16
N VAL X 31 -106.74 84.75 17.71
CA VAL X 31 -107.64 83.86 16.94
C VAL X 31 -108.33 84.67 15.86
N ALA X 32 -108.86 85.83 16.24
CA ALA X 32 -109.47 86.77 15.28
C ALA X 32 -108.51 87.13 14.16
N ASP X 33 -107.23 87.30 14.50
CA ASP X 33 -106.17 87.66 13.56
C ASP X 33 -106.06 86.75 12.33
N VAL X 34 -106.37 85.47 12.49
CA VAL X 34 -106.28 84.49 11.41
C VAL X 34 -107.50 84.54 10.50
N ILE X 35 -108.51 85.31 10.91
CA ILE X 35 -109.78 85.38 10.19
C ILE X 35 -110.21 86.81 9.82
N ARG X 36 -109.46 87.81 10.30
CA ARG X 36 -109.76 89.22 10.00
C ARG X 36 -109.76 89.50 8.49
N THR X 37 -108.81 88.93 7.76
CA THR X 37 -108.75 89.09 6.31
C THR X 37 -109.70 88.13 5.58
N CYS X 38 -110.67 87.59 6.31
CA CYS X 38 -111.72 86.73 5.74
C CYS X 38 -113.14 87.33 5.87
N LEU X 39 -113.23 88.60 6.29
CA LEU X 39 -114.51 89.26 6.48
C LEU X 39 -114.94 90.01 5.22
N GLY X 40 -116.23 89.96 4.94
CA GLY X 40 -116.83 90.77 3.88
C GLY X 40 -116.56 90.27 2.47
N PRO X 41 -116.77 91.14 1.48
CA PRO X 41 -116.74 90.78 0.07
C PRO X 41 -115.33 90.69 -0.50
N LYS X 42 -114.46 91.65 -0.18
CA LYS X 42 -113.09 91.64 -0.69
C LYS X 42 -112.25 90.57 0.02
N ALA X 43 -112.91 89.74 0.84
CA ALA X 43 -112.28 88.67 1.62
C ALA X 43 -111.57 87.63 0.75
N MET X 44 -110.72 86.83 1.38
CA MET X 44 -109.85 85.88 0.69
C MET X 44 -110.20 84.41 0.96
N LEU X 45 -109.30 83.51 0.58
CA LEU X 45 -109.50 82.08 0.80
C LEU X 45 -108.26 81.42 1.42
N LYS X 46 -108.35 81.09 2.70
CA LYS X 46 -107.24 80.43 3.38
C LYS X 46 -107.25 78.93 3.08
N MET X 47 -106.43 78.51 2.13
CA MET X 47 -106.31 77.09 1.78
C MET X 47 -105.73 76.30 2.95
N LEU X 48 -106.39 75.20 3.31
CA LEU X 48 -106.04 74.43 4.50
C LEU X 48 -105.70 72.98 4.18
N LEU X 49 -104.51 72.56 4.60
CA LEU X 49 -104.14 71.16 4.59
C LEU X 49 -104.68 70.51 5.86
N ASP X 50 -105.47 69.45 5.71
CA ASP X 50 -105.93 68.67 6.86
C ASP X 50 -104.90 67.58 7.20
N PRO X 51 -105.12 66.80 8.29
CA PRO X 51 -104.03 65.94 8.74
C PRO X 51 -103.78 64.73 7.83
N MET X 52 -104.86 64.11 7.36
CA MET X 52 -104.79 62.81 6.68
C MET X 52 -104.81 62.85 5.13
N GLY X 53 -104.65 64.04 4.55
CA GLY X 53 -104.36 64.15 3.11
C GLY X 53 -105.34 64.87 2.21
N GLY X 54 -106.46 65.33 2.77
CA GLY X 54 -107.46 66.08 2.01
C GLY X 54 -107.16 67.57 1.95
N LEU X 55 -108.04 68.33 1.31
CA LEU X 55 -107.79 69.76 1.07
C LEU X 55 -109.07 70.61 1.12
N VAL X 56 -109.04 71.67 1.93
CA VAL X 56 -110.15 72.60 2.06
C VAL X 56 -109.63 74.01 1.78
N LEU X 57 -110.32 74.74 0.91
CA LEU X 57 -109.99 76.15 0.67
C LEU X 57 -111.26 76.99 0.52
N THR X 58 -111.60 77.76 1.56
CA THR X 58 -112.80 78.60 1.54
C THR X 58 -112.66 79.87 2.37
N ASN X 59 -113.80 80.52 2.59
CA ASN X 59 -113.92 81.74 3.37
C ASN X 59 -114.75 81.46 4.63
N ASP X 60 -115.79 80.62 4.47
CA ASP X 60 -116.69 80.23 5.56
C ASP X 60 -115.92 80.10 6.89
N GLY X 61 -116.06 81.13 7.74
CA GLY X 61 -115.29 81.27 8.98
C GLY X 61 -115.20 80.04 9.86
N HIS X 62 -116.31 79.32 10.01
CA HIS X 62 -116.34 78.11 10.81
C HIS X 62 -115.63 76.94 10.12
N ALA X 63 -115.67 76.91 8.80
CA ALA X 63 -115.00 75.85 8.05
C ALA X 63 -113.48 76.07 7.97
N ILE X 64 -113.03 77.28 8.30
CA ILE X 64 -111.60 77.59 8.40
C ILE X 64 -111.07 77.14 9.75
N LEU X 65 -111.73 77.61 10.81
CA LEU X 65 -111.38 77.27 12.18
C LEU X 65 -111.45 75.77 12.49
N ARG X 66 -112.54 75.14 12.02
CA ARG X 66 -112.81 73.72 12.27
C ARG X 66 -111.60 72.84 11.96
N GLU X 67 -110.84 73.20 10.92
CA GLU X 67 -109.72 72.38 10.49
C GLU X 67 -108.37 72.89 11.03
N ILE X 68 -108.41 73.72 12.08
CA ILE X 68 -107.21 74.20 12.79
C ILE X 68 -107.12 73.63 14.22
N ASP X 69 -105.98 73.02 14.55
CA ASP X 69 -105.77 72.50 15.90
C ASP X 69 -105.19 73.56 16.82
N VAL X 70 -105.96 73.93 17.85
CA VAL X 70 -105.54 74.95 18.82
C VAL X 70 -105.31 74.39 20.22
N ALA X 71 -104.16 74.72 20.80
CA ALA X 71 -103.71 74.16 22.07
C ALA X 71 -103.99 75.04 23.30
N HIS X 72 -103.82 76.36 23.14
CA HIS X 72 -104.08 77.29 24.23
C HIS X 72 -105.57 77.40 24.52
N PRO X 73 -106.00 76.96 25.71
CA PRO X 73 -107.42 76.77 26.07
C PRO X 73 -108.33 77.95 25.75
N ALA X 74 -107.83 79.17 25.93
CA ALA X 74 -108.61 80.36 25.61
C ALA X 74 -109.01 80.36 24.14
N ALA X 75 -108.08 79.94 23.29
CA ALA X 75 -108.31 79.88 21.86
C ALA X 75 -109.10 78.62 21.46
N LYS X 76 -109.03 77.59 22.30
CA LYS X 76 -109.86 76.38 22.12
C LYS X 76 -111.31 76.70 22.49
N SER X 77 -111.49 77.69 23.37
CA SER X 77 -112.81 78.21 23.74
C SER X 77 -113.31 79.22 22.73
N MET X 78 -112.38 79.80 21.96
CA MET X 78 -112.72 80.76 20.92
C MET X 78 -113.16 80.05 19.65
N LEU X 79 -112.45 78.96 19.31
CA LEU X 79 -112.75 78.20 18.10
C LEU X 79 -114.09 77.47 18.19
N GLU X 80 -114.31 76.74 19.28
CA GLU X 80 -115.57 76.01 19.48
C GLU X 80 -116.72 76.98 19.78
N LEU X 81 -116.46 78.28 19.59
CA LEU X 81 -117.44 79.34 19.80
C LEU X 81 -118.06 79.84 18.49
N SER X 82 -117.35 79.63 17.38
CA SER X 82 -117.90 79.85 16.04
C SER X 82 -118.79 78.66 15.65
N ARG X 83 -118.56 77.54 16.33
CA ARG X 83 -119.32 76.30 16.16
C ARG X 83 -120.75 76.47 16.65
N THR X 84 -120.90 77.24 17.73
CA THR X 84 -122.21 77.63 18.25
C THR X 84 -122.97 78.49 17.25
N GLN X 85 -122.25 79.41 16.61
CA GLN X 85 -122.84 80.33 15.65
C GLN X 85 -123.38 79.62 14.41
N ASP X 86 -122.58 78.74 13.83
CA ASP X 86 -123.00 77.99 12.63
C ASP X 86 -124.19 77.07 12.93
N GLU X 87 -124.13 76.39 14.08
CA GLU X 87 -125.20 75.49 14.53
C GLU X 87 -126.46 76.24 14.97
N GLU X 88 -126.52 77.54 14.68
CA GLU X 88 -127.64 78.38 15.07
C GLU X 88 -128.26 79.19 13.93
N VAL X 89 -127.42 79.92 13.20
CA VAL X 89 -127.90 80.84 12.17
C VAL X 89 -127.34 80.53 10.78
N GLY X 90 -126.13 79.98 10.74
CA GLY X 90 -125.54 79.50 9.47
C GLY X 90 -124.47 80.40 8.89
N ASP X 91 -124.78 81.70 8.84
CA ASP X 91 -123.82 82.72 8.42
C ASP X 91 -123.43 83.57 9.64
N GLY X 92 -122.38 84.37 9.51
CA GLY X 92 -121.91 85.19 10.61
C GLY X 92 -120.86 84.49 11.45
N THR X 93 -120.38 83.34 10.96
CA THR X 93 -119.37 82.56 11.69
C THR X 93 -118.05 83.31 11.76
N THR X 94 -117.76 84.08 10.71
CA THR X 94 -116.58 84.94 10.64
C THR X 94 -116.65 86.06 11.68
N THR X 95 -117.81 86.72 11.76
CA THR X 95 -118.00 87.91 12.61
C THR X 95 -117.88 87.61 14.11
N VAL X 96 -118.46 86.49 14.54
CA VAL X 96 -118.50 86.15 15.96
C VAL X 96 -117.15 86.23 16.64
N ILE X 97 -116.15 85.56 16.07
CA ILE X 97 -114.83 85.49 16.68
C ILE X 97 -114.05 86.81 16.62
N ILE X 98 -114.37 87.66 15.62
CA ILE X 98 -113.75 88.99 15.49
C ILE X 98 -114.30 89.97 16.54
N LEU X 99 -115.57 89.83 16.90
CA LEU X 99 -116.11 90.53 18.06
C LEU X 99 -115.56 89.93 19.35
N ALA X 100 -115.57 88.60 19.44
CA ALA X 100 -115.11 87.88 20.64
C ALA X 100 -113.67 88.22 21.01
N GLY X 101 -112.87 88.58 20.01
CA GLY X 101 -111.52 89.06 20.24
C GLY X 101 -111.48 90.51 20.67
N GLU X 102 -112.13 91.38 19.89
CA GLU X 102 -112.08 92.82 20.13
C GLU X 102 -113.04 93.33 21.20
N ILE X 103 -113.79 92.42 21.81
CA ILE X 103 -114.50 92.73 23.06
C ILE X 103 -113.52 92.47 24.20
N LEU X 104 -112.67 91.46 24.03
CA LEU X 104 -111.63 91.19 24.99
C LEU X 104 -110.46 92.16 24.83
N ALA X 105 -110.32 92.72 23.63
CA ALA X 105 -109.16 93.57 23.33
C ALA X 105 -109.39 95.06 23.68
N GLN X 106 -110.49 95.63 23.19
CA GLN X 106 -110.84 97.03 23.46
C GLN X 106 -111.38 97.22 24.87
N CYS X 107 -111.71 96.09 25.52
CA CYS X 107 -112.19 96.07 26.90
C CYS X 107 -111.06 95.81 27.88
N ALA X 108 -110.63 94.55 27.98
CA ALA X 108 -109.80 94.12 29.10
C ALA X 108 -108.50 94.92 29.33
N PRO X 109 -107.48 94.76 28.46
CA PRO X 109 -106.16 95.28 28.83
C PRO X 109 -106.17 96.74 29.27
N TYR X 110 -106.96 97.57 28.60
CA TYR X 110 -107.06 98.98 28.95
C TYR X 110 -107.54 99.17 30.40
N LEU X 111 -108.45 98.29 30.84
CA LEU X 111 -109.17 98.52 32.08
C LEU X 111 -108.98 97.43 33.15
N ILE X 112 -108.41 96.29 32.78
CA ILE X 112 -107.96 95.26 33.74
C ILE X 112 -106.57 95.62 34.29
N GLU X 113 -105.81 96.35 33.47
CA GLU X 113 -104.51 96.93 33.89
C GLU X 113 -104.70 98.39 34.30
N LYS X 114 -105.92 98.69 34.73
CA LYS X 114 -106.26 99.93 35.42
C LYS X 114 -106.94 99.54 36.75
N ASN X 115 -106.59 98.36 37.25
CA ASN X 115 -107.04 97.81 38.56
C ASN X 115 -108.55 97.59 38.79
N ILE X 116 -109.32 97.47 37.71
CA ILE X 116 -110.76 97.19 37.81
C ILE X 116 -110.97 95.69 37.93
N HIS X 117 -111.78 95.27 38.90
CA HIS X 117 -112.01 93.85 39.14
C HIS X 117 -112.90 93.17 38.09
N PRO X 118 -112.56 91.92 37.71
CA PRO X 118 -113.29 91.11 36.73
C PRO X 118 -114.80 91.01 36.90
N VAL X 119 -115.28 90.76 38.12
CA VAL X 119 -116.72 90.56 38.34
C VAL X 119 -117.57 91.83 38.11
N ILE X 120 -116.95 92.99 38.27
CA ILE X 120 -117.59 94.29 38.00
C ILE X 120 -117.75 94.48 36.50
N ILE X 121 -116.76 94.00 35.76
CA ILE X 121 -116.72 94.12 34.31
C ILE X 121 -117.74 93.19 33.64
N ILE X 122 -117.85 91.96 34.14
CA ILE X 122 -118.84 90.99 33.62
C ILE X 122 -120.27 91.55 33.73
N GLN X 123 -120.60 92.14 34.88
CA GLN X 123 -121.91 92.75 35.11
C GLN X 123 -122.13 93.96 34.18
N ALA X 124 -121.08 94.75 34.00
CA ALA X 124 -121.14 95.88 33.07
C ALA X 124 -121.38 95.40 31.64
N LEU X 125 -120.65 94.36 31.23
CA LEU X 125 -120.79 93.79 29.88
C LEU X 125 -122.10 93.02 29.70
N LYS X 126 -122.69 92.58 30.80
CA LYS X 126 -123.98 91.90 30.76
C LYS X 126 -125.09 92.88 30.44
N LYS X 127 -125.02 94.07 31.03
CA LYS X 127 -125.97 95.15 30.76
C LYS X 127 -125.83 95.67 29.34
N ALA X 128 -124.58 95.73 28.87
CA ALA X 128 -124.28 96.16 27.51
C ALA X 128 -124.85 95.22 26.43
N LEU X 129 -125.14 93.98 26.81
CA LEU X 129 -125.75 93.01 25.91
C LEU X 129 -127.25 93.22 25.77
N THR X 130 -127.94 93.32 26.91
CA THR X 130 -129.39 93.53 26.94
C THR X 130 -129.73 94.87 26.29
N ASP X 131 -128.74 95.77 26.27
CA ASP X 131 -128.87 97.08 25.64
C ASP X 131 -128.60 97.00 24.15
N ALA X 132 -127.59 96.22 23.76
CA ALA X 132 -127.21 96.03 22.35
C ALA X 132 -128.27 95.29 21.55
N LEU X 133 -128.93 94.31 22.17
CA LEU X 133 -129.99 93.54 21.52
C LEU X 133 -131.21 94.40 21.21
N GLU X 134 -131.59 95.26 22.15
CA GLU X 134 -132.72 96.20 21.96
C GLU X 134 -132.45 97.23 20.86
N VAL X 135 -131.17 97.54 20.62
CA VAL X 135 -130.77 98.45 19.55
C VAL X 135 -130.79 97.74 18.19
N ILE X 136 -130.46 96.45 18.19
CA ILE X 136 -130.47 95.64 16.97
C ILE X 136 -131.89 95.46 16.40
N LYS X 137 -132.83 95.09 17.27
CA LYS X 137 -134.23 94.88 16.87
C LYS X 137 -134.94 96.18 16.50
N GLN X 138 -134.39 97.31 16.94
CA GLN X 138 -134.99 98.62 16.70
C GLN X 138 -134.48 99.30 15.42
N VAL X 139 -133.24 99.01 15.04
CA VAL X 139 -132.70 99.48 13.76
C VAL X 139 -133.11 98.53 12.62
N SER X 140 -133.58 97.35 13.00
CA SER X 140 -134.04 96.33 12.05
C SER X 140 -135.46 96.58 11.55
N LYS X 141 -135.73 96.19 10.31
CA LYS X 141 -137.06 96.35 9.71
C LYS X 141 -137.61 95.01 9.24
N PRO X 142 -138.86 94.69 9.62
CA PRO X 142 -139.50 93.41 9.26
C PRO X 142 -139.69 93.23 7.75
N VAL X 143 -139.48 92.00 7.27
CA VAL X 143 -139.53 91.68 5.84
C VAL X 143 -140.63 90.65 5.49
N ASP X 144 -141.23 90.81 4.31
CA ASP X 144 -142.19 89.85 3.78
C ASP X 144 -141.46 88.56 3.41
N VAL X 145 -141.77 87.50 4.16
CA VAL X 145 -141.06 86.22 4.04
C VAL X 145 -141.43 85.45 2.78
N GLU X 146 -142.55 85.81 2.17
CA GLU X 146 -143.04 85.09 0.99
C GLU X 146 -143.16 85.97 -0.25
N ASN X 147 -142.59 87.17 -0.17
CA ASN X 147 -142.36 87.97 -1.36
C ASN X 147 -141.14 87.38 -2.06
N ASP X 148 -141.40 86.43 -2.95
CA ASP X 148 -140.37 85.57 -3.56
C ASP X 148 -139.17 86.37 -4.10
N ALA X 149 -139.44 87.53 -4.69
CA ALA X 149 -138.41 88.39 -5.24
C ALA X 149 -137.64 89.15 -4.16
N ALA X 150 -138.32 89.49 -3.06
CA ALA X 150 -137.70 90.24 -1.97
C ALA X 150 -136.73 89.38 -1.16
N MET X 151 -137.00 88.08 -1.06
CA MET X 151 -136.10 87.16 -0.38
C MET X 151 -134.92 86.76 -1.25
N LYS X 152 -135.05 86.92 -2.57
CA LYS X 152 -133.93 86.70 -3.48
C LYS X 152 -132.89 87.80 -3.32
N LYS X 153 -133.31 88.97 -2.82
CA LYS X 153 -132.40 90.08 -2.50
C LYS X 153 -131.71 89.87 -1.15
N LEU X 154 -132.28 88.99 -0.33
CA LEU X 154 -131.67 88.55 0.92
C LEU X 154 -130.49 87.64 0.68
N ILE X 155 -130.73 86.60 -0.12
CA ILE X 155 -129.73 85.58 -0.41
C ILE X 155 -128.61 86.15 -1.28
N GLN X 156 -128.97 87.01 -2.24
CA GLN X 156 -127.98 87.70 -3.08
C GLN X 156 -126.93 88.43 -2.23
N ALA X 157 -127.38 88.98 -1.11
CA ALA X 157 -126.51 89.72 -0.18
C ALA X 157 -125.66 88.80 0.66
N SER X 158 -126.18 87.60 0.95
CA SER X 158 -125.51 86.66 1.83
C SER X 158 -124.48 85.78 1.13
N ILE X 159 -124.72 85.44 -0.14
CA ILE X 159 -123.73 84.73 -0.94
C ILE X 159 -122.66 85.70 -1.45
N GLY X 160 -123.08 86.95 -1.70
CA GLY X 160 -122.19 88.03 -2.15
C GLY X 160 -120.98 88.26 -1.26
N THR X 161 -120.21 87.20 -1.07
CA THR X 161 -119.05 87.18 -0.19
C THR X 161 -118.04 86.18 -0.76
N LYS X 162 -118.47 84.94 -0.92
CA LYS X 162 -117.57 83.84 -1.28
C LYS X 162 -117.67 83.50 -2.77
N TYR X 163 -116.63 82.82 -3.27
CA TYR X 163 -116.44 82.46 -4.69
C TYR X 163 -117.70 82.35 -5.56
N VAL X 164 -118.84 82.07 -4.95
CA VAL X 164 -120.09 81.77 -5.68
C VAL X 164 -120.87 83.00 -6.23
N ILE X 165 -120.39 84.22 -5.96
CA ILE X 165 -121.07 85.46 -6.43
C ILE X 165 -121.34 85.45 -7.93
N HIS X 166 -120.35 84.96 -8.67
CA HIS X 166 -120.34 84.91 -10.14
C HIS X 166 -121.68 84.45 -10.74
N TRP X 167 -122.42 83.63 -10.00
CA TRP X 167 -123.71 83.12 -10.45
C TRP X 167 -124.76 83.19 -9.34
N SER X 168 -124.81 84.32 -8.65
CA SER X 168 -125.73 84.49 -7.52
C SER X 168 -127.19 84.26 -7.91
N GLU X 169 -127.57 84.76 -9.09
CA GLU X 169 -128.94 84.64 -9.61
C GLU X 169 -129.46 83.19 -9.67
N LYS X 170 -128.61 82.26 -10.09
CA LYS X 170 -128.96 80.83 -10.17
C LYS X 170 -128.88 80.15 -8.80
N MET X 171 -128.04 80.70 -7.93
CA MET X 171 -127.84 80.16 -6.59
C MET X 171 -128.96 80.51 -5.62
N CYS X 172 -129.47 81.73 -5.73
CA CYS X 172 -130.62 82.18 -4.95
C CYS X 172 -131.85 81.35 -5.30
N GLU X 173 -132.08 81.18 -6.60
CA GLU X 173 -133.17 80.35 -7.11
C GLU X 173 -133.09 78.92 -6.55
N LEU X 174 -131.88 78.34 -6.58
CA LEU X 174 -131.65 77.02 -6.01
C LEU X 174 -131.90 77.01 -4.50
N ALA X 175 -131.50 78.09 -3.83
CA ALA X 175 -131.64 78.20 -2.38
C ALA X 175 -133.09 78.41 -1.96
N LEU X 176 -133.71 79.49 -2.44
CA LEU X 176 -135.09 79.78 -2.10
C LEU X 176 -135.98 78.59 -2.42
N ASP X 177 -135.78 78.00 -3.60
CA ASP X 177 -136.62 76.90 -4.07
C ASP X 177 -136.40 75.58 -3.33
N ALA X 178 -135.24 75.45 -2.69
CA ALA X 178 -134.97 74.27 -1.87
C ALA X 178 -135.70 74.38 -0.53
N VAL X 179 -135.65 75.57 0.07
CA VAL X 179 -136.25 75.84 1.37
C VAL X 179 -137.78 75.92 1.26
N LYS X 180 -138.26 76.41 0.13
CA LYS X 180 -139.70 76.49 -0.15
C LYS X 180 -140.36 75.09 -0.15
N THR X 181 -139.64 74.10 -0.68
CA THR X 181 -140.19 72.73 -0.81
C THR X 181 -139.84 71.80 0.36
N VAL X 182 -139.55 72.39 1.53
CA VAL X 182 -139.40 71.63 2.77
C VAL X 182 -140.12 72.31 3.94
N ARG X 183 -141.13 73.11 3.61
CA ARG X 183 -141.91 73.87 4.60
C ARG X 183 -143.32 73.30 4.74
N GLU X 197 -146.63 74.31 10.73
CA GLU X 197 -145.48 73.53 10.26
C GLU X 197 -144.26 74.42 9.97
N ILE X 198 -143.07 73.90 10.25
CA ILE X 198 -141.80 74.61 10.04
C ILE X 198 -140.64 73.65 9.65
N ASP X 199 -139.66 74.18 8.91
CA ASP X 199 -138.69 73.39 8.13
C ASP X 199 -137.52 72.73 8.86
N ILE X 200 -136.88 71.79 8.14
CA ILE X 200 -135.62 71.15 8.51
C ILE X 200 -134.80 70.99 7.22
N LYS X 201 -133.62 71.62 7.18
CA LYS X 201 -132.71 71.46 6.05
C LYS X 201 -131.80 70.24 6.22
N ARG X 202 -132.43 69.08 6.41
CA ARG X 202 -131.77 67.79 6.50
C ARG X 202 -132.60 66.80 5.67
N TYR X 203 -133.61 67.34 5.00
CA TYR X 203 -134.40 66.64 4.00
C TYR X 203 -134.01 67.13 2.61
N VAL X 204 -132.77 67.62 2.48
CA VAL X 204 -132.27 68.18 1.23
C VAL X 204 -130.89 67.61 0.84
N ARG X 205 -130.89 66.51 0.09
CA ARG X 205 -129.67 65.90 -0.41
C ARG X 205 -128.98 66.82 -1.42
N VAL X 206 -127.68 67.03 -1.23
CA VAL X 206 -126.92 67.95 -2.08
C VAL X 206 -125.90 67.17 -2.92
N GLU X 207 -126.38 66.16 -3.65
CA GLU X 207 -125.52 65.24 -4.42
C GLU X 207 -124.70 65.99 -5.47
N LYS X 208 -123.40 66.16 -5.18
CA LYS X 208 -122.48 66.89 -6.06
C LYS X 208 -121.94 66.04 -7.21
N ILE X 209 -122.16 66.50 -8.43
CA ILE X 209 -121.66 65.83 -9.64
C ILE X 209 -120.69 66.76 -10.38
N PRO X 210 -119.40 66.36 -10.51
CA PRO X 210 -118.35 67.17 -11.13
C PRO X 210 -118.59 67.48 -12.61
N GLY X 211 -118.21 68.69 -13.02
CA GLY X 211 -118.27 69.07 -14.43
C GLY X 211 -119.43 69.96 -14.85
N GLY X 212 -119.57 70.13 -16.17
CA GLY X 212 -120.58 71.01 -16.76
C GLY X 212 -120.26 72.45 -16.44
N ASP X 213 -121.24 73.14 -15.86
CA ASP X 213 -121.03 74.42 -15.16
C ASP X 213 -122.24 74.72 -14.27
N VAL X 214 -122.10 75.70 -13.38
CA VAL X 214 -123.15 76.03 -12.40
C VAL X 214 -124.52 76.26 -13.03
N LEU X 215 -124.52 76.78 -14.25
CA LEU X 215 -125.75 77.02 -15.01
C LEU X 215 -126.53 75.73 -15.32
N ASP X 216 -125.86 74.59 -15.23
CA ASP X 216 -126.50 73.29 -15.39
C ASP X 216 -127.19 72.84 -14.10
N SER X 217 -126.87 73.51 -12.98
CA SER X 217 -127.39 73.12 -11.67
C SER X 217 -128.90 73.30 -11.58
N ARG X 218 -129.59 72.28 -11.08
CA ARG X 218 -131.05 72.31 -10.98
C ARG X 218 -131.57 71.60 -9.73
N VAL X 219 -132.50 72.26 -9.04
CA VAL X 219 -133.20 71.70 -7.89
C VAL X 219 -134.31 70.76 -8.36
N LEU X 220 -134.14 69.46 -8.09
CA LEU X 220 -135.15 68.45 -8.45
C LEU X 220 -136.19 68.34 -7.34
N LYS X 221 -137.46 68.52 -7.70
CA LYS X 221 -138.55 68.27 -6.76
C LYS X 221 -138.71 66.75 -6.61
N GLY X 222 -137.69 66.13 -6.02
CA GLY X 222 -137.59 64.68 -5.88
C GLY X 222 -136.23 64.28 -5.35
N VAL X 223 -135.79 63.06 -5.71
CA VAL X 223 -134.50 62.53 -5.23
C VAL X 223 -133.67 61.98 -6.38
N LEU X 224 -132.35 61.92 -6.18
CA LEU X 224 -131.43 61.32 -7.14
C LEU X 224 -130.54 60.28 -6.47
N LEU X 225 -130.47 59.08 -7.05
CA LEU X 225 -129.73 57.94 -6.48
C LEU X 225 -128.61 57.45 -7.39
N ASN X 226 -127.56 56.91 -6.78
CA ASN X 226 -126.41 56.42 -7.54
C ASN X 226 -126.50 54.92 -7.88
N LYS X 227 -127.70 54.36 -7.73
CA LYS X 227 -127.91 52.93 -7.99
C LYS X 227 -128.54 52.71 -9.36
N ASP X 228 -128.24 51.57 -9.97
CA ASP X 228 -128.86 51.14 -11.22
C ASP X 228 -129.89 50.05 -10.91
N VAL X 229 -130.85 49.86 -11.81
CA VAL X 229 -131.83 48.79 -11.68
C VAL X 229 -131.11 47.46 -11.66
N VAL X 230 -131.44 46.65 -10.65
CA VAL X 230 -130.72 45.41 -10.37
C VAL X 230 -130.80 44.35 -11.47
N HIS X 231 -131.89 44.35 -12.25
CA HIS X 231 -132.03 43.41 -13.36
C HIS X 231 -132.14 44.10 -14.72
N PRO X 232 -131.34 43.64 -15.71
CA PRO X 232 -131.30 44.18 -17.06
C PRO X 232 -132.66 44.34 -17.69
N LYS X 233 -133.45 43.26 -17.71
CA LYS X 233 -134.74 43.22 -18.40
C LYS X 233 -135.78 44.16 -17.80
N MET X 234 -135.58 44.56 -16.55
CA MET X 234 -136.44 45.56 -15.90
C MET X 234 -136.27 46.92 -16.58
N SER X 235 -137.35 47.69 -16.60
CA SER X 235 -137.40 48.96 -17.32
C SER X 235 -136.61 50.08 -16.64
N ARG X 236 -135.82 50.79 -17.43
CA ARG X 236 -135.08 51.96 -16.94
C ARG X 236 -135.89 53.25 -17.10
N HIS X 237 -137.10 53.13 -17.63
CA HIS X 237 -137.99 54.28 -17.85
C HIS X 237 -139.45 53.89 -17.57
N ILE X 238 -140.00 54.37 -16.47
CA ILE X 238 -141.41 54.15 -16.13
C ILE X 238 -142.15 55.47 -16.11
N GLU X 239 -143.30 55.52 -16.79
CA GLU X 239 -144.10 56.74 -16.95
C GLU X 239 -144.54 57.32 -15.60
N ASN X 240 -145.64 56.80 -15.06
CA ASN X 240 -146.07 57.17 -13.71
C ASN X 240 -146.00 55.96 -12.78
N PRO X 241 -144.83 55.78 -12.12
CA PRO X 241 -144.61 54.61 -11.28
C PRO X 241 -145.36 54.61 -9.95
N ARG X 242 -145.91 53.45 -9.61
CA ARG X 242 -146.44 53.19 -8.28
C ARG X 242 -145.31 52.60 -7.44
N VAL X 243 -144.88 53.35 -6.42
CA VAL X 243 -143.62 53.10 -5.70
C VAL X 243 -143.80 52.52 -4.29
N VAL X 244 -143.16 51.38 -4.03
CA VAL X 244 -143.16 50.76 -2.71
C VAL X 244 -141.76 50.82 -2.09
N LEU X 245 -141.67 51.38 -0.89
CA LEU X 245 -140.40 51.48 -0.13
C LEU X 245 -140.32 50.42 0.97
N LEU X 246 -139.19 49.72 1.04
CA LEU X 246 -139.04 48.61 1.98
C LEU X 246 -137.91 48.78 3.00
N ASP X 247 -138.21 48.35 4.23
CA ASP X 247 -137.35 48.51 5.39
C ASP X 247 -136.67 47.19 5.74
N CYS X 248 -136.80 46.21 4.83
CA CYS X 248 -136.39 44.83 5.09
C CYS X 248 -135.75 44.16 3.88
N PRO X 249 -134.84 43.19 4.11
CA PRO X 249 -134.20 42.45 3.01
C PRO X 249 -135.19 41.72 2.08
N LEU X 250 -134.79 41.53 0.83
CA LEU X 250 -135.61 40.81 -0.14
C LEU X 250 -135.09 39.40 -0.42
N GLU X 251 -134.53 38.81 0.62
CA GLU X 251 -134.13 37.40 0.60
C GLU X 251 -134.92 36.67 1.70
N TYR X 252 -134.67 35.38 1.86
CA TYR X 252 -135.27 34.63 2.97
C TYR X 252 -134.47 34.89 4.24
N LYS X 253 -135.19 35.22 5.32
CA LYS X 253 -134.56 35.46 6.62
C LYS X 253 -134.31 34.14 7.35
N LYS X 254 -133.36 34.15 8.28
CA LYS X 254 -133.06 32.98 9.11
C LYS X 254 -133.87 33.02 10.41
N GLY X 255 -133.72 31.97 11.22
CA GLY X 255 -134.33 31.95 12.55
C GLY X 255 -133.48 32.72 13.53
N GLU X 256 -134.05 33.80 14.08
CA GLU X 256 -133.39 34.59 15.12
C GLU X 256 -133.23 33.78 16.40
N SER X 257 -133.81 32.58 16.40
CA SER X 257 -133.78 31.67 17.54
C SER X 257 -132.81 30.51 17.31
N GLN X 258 -131.79 30.75 16.48
CA GLN X 258 -130.76 29.77 16.11
C GLN X 258 -131.32 28.37 15.81
N THR X 259 -132.14 28.32 14.77
CA THR X 259 -132.76 27.11 14.28
C THR X 259 -131.72 26.24 13.55
N ASN X 260 -131.77 24.93 13.79
CA ASN X 260 -130.92 23.98 13.07
C ASN X 260 -131.67 22.71 12.67
N ILE X 261 -131.45 22.27 11.44
CA ILE X 261 -132.20 21.16 10.84
C ILE X 261 -131.44 19.84 10.93
N GLU X 262 -132.17 18.80 11.34
CA GLU X 262 -131.64 17.45 11.44
C GLU X 262 -132.35 16.54 10.43
N ILE X 263 -131.71 16.30 9.28
CA ILE X 263 -132.29 15.49 8.21
C ILE X 263 -132.12 13.98 8.47
N GLU X 264 -133.20 13.22 8.30
CA GLU X 264 -133.16 11.77 8.45
C GLU X 264 -133.54 11.04 7.15
N LYS X 265 -134.65 11.47 6.54
CA LYS X 265 -135.19 10.82 5.35
C LYS X 265 -134.57 11.34 4.05
N GLU X 266 -134.73 10.56 2.97
CA GLU X 266 -134.17 10.87 1.66
C GLU X 266 -134.75 12.16 1.06
N GLU X 267 -136.09 12.22 1.02
CA GLU X 267 -136.81 13.29 0.34
C GLU X 267 -136.69 14.68 0.99
N ASP X 268 -136.30 14.74 2.26
CA ASP X 268 -136.34 15.97 3.06
C ASP X 268 -135.56 17.17 2.50
N TRP X 269 -134.45 16.88 1.82
CA TRP X 269 -133.56 17.92 1.27
C TRP X 269 -134.27 18.87 0.30
N ASN X 270 -134.84 18.32 -0.77
CA ASN X 270 -135.52 19.11 -1.79
C ASN X 270 -136.67 19.96 -1.25
N ARG X 271 -137.40 19.41 -0.29
CA ARG X 271 -138.50 20.12 0.34
C ARG X 271 -138.04 21.41 1.02
N ILE X 272 -137.06 21.29 1.92
CA ILE X 272 -136.54 22.46 2.64
C ILE X 272 -135.84 23.45 1.72
N LEU X 273 -135.03 22.94 0.79
CA LEU X 273 -134.25 23.80 -0.12
C LEU X 273 -135.15 24.53 -1.13
N GLN X 274 -136.43 24.18 -1.13
CA GLN X 274 -137.43 24.86 -1.93
C GLN X 274 -138.33 25.76 -1.09
N ILE X 275 -138.29 25.57 0.23
CA ILE X 275 -138.99 26.46 1.16
C ILE X 275 -138.40 27.89 1.06
N GLU X 276 -137.07 27.99 1.02
CA GLU X 276 -136.38 29.28 0.85
C GLU X 276 -136.52 29.87 -0.56
N GLU X 277 -136.86 29.00 -1.53
CA GLU X 277 -137.22 29.45 -2.87
C GLU X 277 -138.68 29.90 -2.91
N GLU X 278 -139.48 29.32 -2.00
CA GLU X 278 -140.91 29.65 -1.87
C GLU X 278 -141.18 30.83 -0.95
N GLN X 279 -140.37 30.98 0.10
CA GLN X 279 -140.50 32.10 1.05
C GLN X 279 -140.30 33.43 0.34
N VAL X 280 -139.51 33.41 -0.74
CA VAL X 280 -139.33 34.57 -1.60
C VAL X 280 -140.57 34.78 -2.46
N GLN X 281 -141.14 33.69 -2.96
CA GLN X 281 -142.35 33.73 -3.79
C GLN X 281 -143.57 34.21 -3.02
N LEU X 282 -143.63 33.88 -1.73
CA LEU X 282 -144.69 34.35 -0.84
C LEU X 282 -144.53 35.83 -0.54
N MET X 283 -143.28 36.29 -0.46
CA MET X 283 -142.96 37.71 -0.29
C MET X 283 -143.30 38.47 -1.57
N CYS X 284 -142.80 37.97 -2.70
CA CYS X 284 -143.01 38.60 -4.01
C CYS X 284 -144.46 38.57 -4.46
N GLU X 285 -145.21 37.56 -4.02
CA GLU X 285 -146.65 37.52 -4.28
C GLU X 285 -147.37 38.56 -3.43
N GLN X 286 -146.77 38.92 -2.30
CA GLN X 286 -147.35 39.89 -1.38
C GLN X 286 -146.97 41.32 -1.76
N ILE X 287 -145.74 41.50 -2.26
CA ILE X 287 -145.22 42.79 -2.71
C ILE X 287 -145.92 43.25 -3.99
N LEU X 288 -146.09 42.32 -4.93
CA LEU X 288 -146.73 42.58 -6.21
C LEU X 288 -148.26 42.76 -6.04
N ALA X 289 -148.77 42.29 -4.91
CA ALA X 289 -150.21 42.33 -4.60
C ALA X 289 -150.81 43.74 -4.43
N VAL X 290 -149.99 44.77 -4.66
CA VAL X 290 -150.48 46.15 -4.57
C VAL X 290 -150.25 46.90 -5.89
N ARG X 291 -150.13 46.13 -6.98
CA ARG X 291 -149.86 46.65 -8.32
C ARG X 291 -148.81 47.78 -8.36
N PRO X 292 -147.54 47.46 -7.97
CA PRO X 292 -146.49 48.45 -8.09
C PRO X 292 -145.69 48.29 -9.38
N THR X 293 -144.85 49.27 -9.68
CA THR X 293 -143.95 49.21 -10.82
C THR X 293 -142.53 49.57 -10.39
N LEU X 294 -142.40 49.98 -9.12
CA LEU X 294 -141.11 50.34 -8.56
C LEU X 294 -140.97 49.86 -7.11
N VAL X 295 -139.87 49.15 -6.83
CA VAL X 295 -139.59 48.61 -5.50
C VAL X 295 -138.17 49.00 -5.05
N ILE X 296 -138.08 49.74 -3.94
CA ILE X 296 -136.78 50.23 -3.42
C ILE X 296 -136.55 49.82 -1.95
N THR X 297 -135.46 49.11 -1.70
CA THR X 297 -135.16 48.51 -0.39
C THR X 297 -133.97 49.15 0.33
N GLU X 298 -133.99 49.10 1.66
CA GLU X 298 -132.85 49.50 2.48
C GLU X 298 -131.81 48.38 2.56
N LYS X 299 -132.27 47.13 2.58
CA LYS X 299 -131.35 46.00 2.56
C LYS X 299 -131.20 45.42 1.14
N GLY X 300 -130.45 44.33 1.02
CA GLY X 300 -130.18 43.71 -0.29
C GLY X 300 -131.33 42.90 -0.88
N VAL X 301 -131.27 42.67 -2.20
CA VAL X 301 -132.30 41.93 -2.92
C VAL X 301 -131.74 40.65 -3.55
N SER X 302 -132.49 39.56 -3.40
CA SER X 302 -132.08 38.22 -3.86
C SER X 302 -132.00 38.09 -5.38
N ASP X 303 -131.23 37.10 -5.85
CA ASP X 303 -131.14 36.79 -7.28
C ASP X 303 -132.38 36.08 -7.79
N LEU X 304 -133.15 35.48 -6.87
CA LEU X 304 -134.42 34.83 -7.22
C LEU X 304 -135.60 35.79 -7.10
N ALA X 305 -135.47 36.79 -6.22
CA ALA X 305 -136.50 37.81 -6.05
C ALA X 305 -136.69 38.68 -7.29
N GLN X 306 -135.61 38.80 -8.07
CA GLN X 306 -135.61 39.60 -9.28
C GLN X 306 -136.48 38.98 -10.37
N HIS X 307 -136.55 37.65 -10.39
CA HIS X 307 -137.33 36.93 -11.41
C HIS X 307 -138.83 37.01 -11.19
N TYR X 308 -139.25 37.10 -9.93
CA TYR X 308 -140.68 37.21 -9.60
C TYR X 308 -141.16 38.66 -9.56
N LEU X 309 -140.21 39.60 -9.58
CA LEU X 309 -140.49 41.02 -9.69
C LEU X 309 -140.34 41.52 -11.13
N LEU X 310 -139.66 40.73 -11.96
CA LEU X 310 -139.59 40.98 -13.39
C LEU X 310 -140.92 40.56 -14.03
N LYS X 311 -141.39 39.36 -13.67
CA LYS X 311 -142.70 38.86 -14.07
C LYS X 311 -143.80 39.71 -13.44
N GLY X 312 -143.46 40.41 -12.37
CA GLY X 312 -144.36 41.39 -11.76
C GLY X 312 -144.37 42.72 -12.47
N GLY X 313 -143.32 42.97 -13.26
CA GLY X 313 -143.18 44.21 -14.01
C GLY X 313 -142.61 45.35 -13.19
N CYS X 314 -141.99 45.00 -12.05
CA CYS X 314 -141.42 45.97 -11.12
C CYS X 314 -139.92 46.13 -11.32
N SER X 315 -139.50 47.36 -11.63
CA SER X 315 -138.09 47.70 -11.61
C SER X 315 -137.66 47.86 -10.16
N VAL X 316 -136.62 47.14 -9.76
CA VAL X 316 -136.21 47.09 -8.36
C VAL X 316 -134.85 47.77 -8.13
N LEU X 317 -134.75 48.45 -6.99
CA LEU X 317 -133.50 49.09 -6.56
C LEU X 317 -133.08 48.62 -5.17
N ARG X 318 -131.89 48.04 -5.08
CA ARG X 318 -131.41 47.40 -3.86
C ARG X 318 -130.56 48.33 -3.00
N ARG X 319 -130.31 47.91 -1.75
CA ARG X 319 -129.41 48.58 -0.82
C ARG X 319 -129.30 50.10 -1.06
N VAL X 320 -130.27 50.83 -0.53
CA VAL X 320 -130.29 52.29 -0.62
C VAL X 320 -130.28 52.86 0.80
N LYS X 321 -129.50 53.93 1.01
CA LYS X 321 -129.31 54.54 2.33
C LYS X 321 -130.61 54.76 3.11
N LYS X 322 -130.54 54.54 4.43
CA LYS X 322 -131.69 54.65 5.34
C LYS X 322 -132.31 56.05 5.28
N SER X 323 -131.46 57.07 5.31
CA SER X 323 -131.88 58.47 5.25
C SER X 323 -132.42 58.87 3.88
N ASP X 324 -131.96 58.18 2.84
CA ASP X 324 -132.47 58.35 1.48
C ASP X 324 -133.90 57.86 1.35
N ASN X 325 -134.25 56.83 2.12
CA ASN X 325 -135.61 56.27 2.12
C ASN X 325 -136.66 57.21 2.70
N ASN X 326 -136.32 57.85 3.81
CA ASN X 326 -137.19 58.87 4.42
C ASN X 326 -137.30 60.10 3.52
N ARG X 327 -136.29 60.29 2.69
CA ARG X 327 -136.25 61.38 1.73
C ARG X 327 -137.07 61.05 0.48
N ILE X 328 -137.17 59.76 0.16
CA ILE X 328 -137.98 59.29 -0.98
C ILE X 328 -139.45 59.17 -0.59
N ALA X 329 -139.71 58.64 0.61
CA ALA X 329 -141.07 58.48 1.13
C ALA X 329 -141.83 59.79 1.30
N ARG X 330 -141.08 60.88 1.49
CA ARG X 330 -141.68 62.21 1.67
C ARG X 330 -142.08 62.85 0.33
N VAL X 331 -141.35 62.54 -0.74
CA VAL X 331 -141.65 63.06 -2.08
C VAL X 331 -142.72 62.22 -2.79
N THR X 332 -142.56 60.90 -2.78
CA THR X 332 -143.48 59.98 -3.48
C THR X 332 -144.86 59.88 -2.82
N GLY X 333 -144.91 60.12 -1.52
CA GLY X 333 -146.15 60.04 -0.76
C GLY X 333 -146.35 58.70 -0.09
N ALA X 334 -145.49 57.74 -0.45
CA ALA X 334 -145.55 56.39 0.10
C ALA X 334 -144.91 56.30 1.49
N THR X 335 -145.30 55.29 2.26
CA THR X 335 -144.72 55.05 3.58
C THR X 335 -143.96 53.73 3.63
N ILE X 336 -142.82 53.76 4.33
CA ILE X 336 -141.91 52.61 4.42
C ILE X 336 -142.42 51.58 5.44
N VAL X 337 -142.48 50.31 5.02
CA VAL X 337 -142.92 49.22 5.90
C VAL X 337 -141.94 48.05 5.92
N ASN X 338 -141.61 47.59 7.13
CA ASN X 338 -140.75 46.42 7.34
C ASN X 338 -141.49 45.10 7.08
N ARG X 339 -142.71 44.98 7.63
CA ARG X 339 -143.48 43.75 7.55
C ARG X 339 -144.14 43.59 6.18
N VAL X 340 -143.57 42.72 5.34
CA VAL X 340 -144.08 42.44 3.98
C VAL X 340 -145.55 42.01 4.05
N GLU X 341 -145.83 41.18 5.05
CA GLU X 341 -147.16 40.65 5.36
C GLU X 341 -148.30 41.69 5.39
N ASP X 342 -148.00 42.89 5.91
CA ASP X 342 -149.02 43.90 6.17
C ASP X 342 -148.93 45.12 5.24
N LEU X 343 -148.42 44.91 4.03
CA LEU X 343 -148.29 46.00 3.05
C LEU X 343 -149.67 46.43 2.54
N LYS X 344 -150.05 47.67 2.85
CA LYS X 344 -151.39 48.19 2.56
C LYS X 344 -151.48 48.99 1.26
N GLU X 345 -152.71 49.38 0.90
CA GLU X 345 -152.96 50.18 -0.30
C GLU X 345 -152.53 51.66 -0.15
N SER X 346 -152.21 52.04 1.09
CA SER X 346 -151.75 53.40 1.40
C SER X 346 -150.27 53.58 1.08
N ASP X 347 -149.51 52.51 1.25
CA ASP X 347 -148.05 52.54 1.20
C ASP X 347 -147.46 52.65 -0.22
N VAL X 348 -148.27 53.08 -1.18
CA VAL X 348 -147.85 53.16 -2.58
C VAL X 348 -147.67 54.61 -3.04
N GLY X 349 -146.64 54.83 -3.86
CA GLY X 349 -146.27 56.17 -4.33
C GLY X 349 -147.22 56.79 -5.33
N THR X 350 -148.28 57.44 -4.82
CA THR X 350 -149.19 58.22 -5.64
C THR X 350 -148.53 59.56 -5.95
N ASN X 351 -148.58 59.94 -7.23
CA ASN X 351 -147.96 61.17 -7.73
C ASN X 351 -146.44 61.29 -7.52
N CYS X 352 -145.71 60.37 -8.13
CA CYS X 352 -144.33 60.59 -8.52
C CYS X 352 -144.29 60.46 -10.04
N GLY X 353 -144.06 61.59 -10.71
CA GLY X 353 -144.30 61.68 -12.16
C GLY X 353 -143.31 61.04 -13.10
N LEU X 354 -142.16 60.59 -12.57
CA LEU X 354 -141.11 60.05 -13.42
C LEU X 354 -140.21 59.05 -12.69
N PHE X 355 -139.71 58.07 -13.44
CA PHE X 355 -138.58 57.24 -13.02
C PHE X 355 -137.70 56.93 -14.24
N LYS X 356 -136.52 57.52 -14.27
CA LYS X 356 -135.56 57.30 -15.36
C LYS X 356 -134.21 56.88 -14.82
N VAL X 357 -133.42 56.22 -15.66
CA VAL X 357 -132.03 55.88 -15.33
C VAL X 357 -131.11 56.48 -16.41
N GLU X 358 -131.00 57.81 -16.39
CA GLU X 358 -130.13 58.54 -17.30
C GLU X 358 -128.65 58.34 -16.95
N MET X 359 -127.80 58.38 -17.97
CA MET X 359 -126.39 58.06 -17.81
C MET X 359 -125.54 59.34 -17.85
N ILE X 360 -124.84 59.63 -16.74
CA ILE X 360 -123.98 60.82 -16.66
C ILE X 360 -122.50 60.43 -16.81
N GLY X 361 -122.10 60.20 -18.07
CA GLY X 361 -120.72 59.88 -18.44
C GLY X 361 -120.08 58.78 -17.61
N ASP X 362 -120.33 57.53 -18.00
CA ASP X 362 -119.76 56.33 -17.35
C ASP X 362 -120.51 55.80 -16.11
N GLU X 363 -121.04 56.70 -15.28
CA GLU X 363 -121.76 56.29 -14.06
C GLU X 363 -123.29 56.42 -14.19
N TYR X 364 -124.00 55.37 -13.78
CA TYR X 364 -125.47 55.30 -13.86
C TYR X 364 -126.14 55.99 -12.68
N PHE X 365 -127.08 56.90 -12.97
CA PHE X 365 -127.83 57.59 -11.93
C PHE X 365 -129.33 57.36 -12.09
N SER X 366 -130.03 57.05 -10.98
CA SER X 366 -131.47 56.83 -11.01
C SER X 366 -132.28 58.02 -10.48
N PHE X 367 -133.01 58.67 -11.37
CA PHE X 367 -133.80 59.86 -11.05
C PHE X 367 -135.20 59.51 -10.55
N LEU X 368 -135.81 60.45 -9.83
CA LEU X 368 -137.18 60.30 -9.37
C LEU X 368 -137.85 61.68 -9.33
N ASP X 369 -138.36 62.10 -10.48
CA ASP X 369 -138.89 63.46 -10.68
C ASP X 369 -140.40 63.60 -10.50
N ASN X 370 -140.85 64.85 -10.48
CA ASN X 370 -142.26 65.21 -10.37
C ASN X 370 -142.97 64.56 -9.19
N GLY X 428 -146.78 65.99 -7.14
CA GLY X 428 -147.79 66.27 -6.13
C GLY X 428 -147.28 67.16 -5.02
N SER X 429 -147.56 66.75 -3.77
CA SER X 429 -147.16 67.52 -2.58
C SER X 429 -145.78 67.12 -2.03
N GLY X 430 -144.78 67.95 -2.32
CA GLY X 430 -143.40 67.70 -1.87
C GLY X 430 -143.11 68.28 -0.49
N LYS X 431 -142.20 67.63 0.23
CA LYS X 431 -141.69 68.13 1.49
C LYS X 431 -140.21 67.75 1.65
N ALA X 432 -139.62 67.27 0.56
CA ALA X 432 -138.19 66.96 0.49
C ALA X 432 -137.65 67.28 -0.91
N CYS X 433 -136.34 67.47 -1.01
CA CYS X 433 -135.71 67.96 -2.24
C CYS X 433 -134.25 67.52 -2.40
N THR X 434 -133.81 67.34 -3.64
CA THR X 434 -132.41 67.06 -3.94
C THR X 434 -131.82 68.13 -4.86
N ILE X 435 -130.76 68.80 -4.39
CA ILE X 435 -130.07 69.84 -5.16
C ILE X 435 -128.94 69.25 -6.00
N MET X 436 -129.14 69.31 -7.31
CA MET X 436 -128.16 68.86 -8.29
C MET X 436 -127.14 69.96 -8.48
N LEU X 437 -125.90 69.71 -8.11
CA LEU X 437 -124.84 70.70 -8.32
C LEU X 437 -123.91 70.33 -9.47
N ARG X 438 -123.44 71.35 -10.17
CA ARG X 438 -122.46 71.21 -11.23
C ARG X 438 -121.46 72.35 -11.12
N GLY X 439 -120.20 72.08 -11.45
CA GLY X 439 -119.14 73.08 -11.32
C GLY X 439 -118.01 72.88 -12.30
N GLY X 440 -116.79 72.77 -11.77
CA GLY X 440 -115.60 72.57 -12.60
C GLY X 440 -114.58 71.61 -12.01
N SER X 441 -114.92 71.03 -10.86
CA SER X 441 -114.08 70.06 -10.16
C SER X 441 -114.83 69.50 -8.95
N LYS X 442 -114.42 68.32 -8.49
CA LYS X 442 -114.99 67.74 -7.27
C LYS X 442 -114.62 68.60 -6.06
N ASP X 443 -113.41 69.16 -6.11
CA ASP X 443 -112.84 70.00 -5.04
C ASP X 443 -113.50 71.37 -4.89
N ILE X 444 -113.85 71.99 -6.03
CA ILE X 444 -114.47 73.32 -6.03
C ILE X 444 -115.98 73.25 -5.87
N LEU X 445 -116.54 72.06 -6.10
CA LEU X 445 -117.96 71.82 -5.83
C LEU X 445 -118.24 71.90 -4.34
N ASN X 446 -117.34 71.30 -3.56
CA ASN X 446 -117.43 71.39 -2.11
C ASN X 446 -117.52 72.84 -1.62
N GLU X 447 -116.67 73.71 -2.18
CA GLU X 447 -116.64 75.13 -1.81
C GLU X 447 -117.93 75.85 -2.22
N ILE X 448 -118.64 75.28 -3.19
CA ILE X 448 -119.95 75.78 -3.59
C ILE X 448 -121.04 75.28 -2.64
N ASP X 449 -120.96 74.02 -2.22
CA ASP X 449 -121.87 73.49 -1.20
C ASP X 449 -121.76 74.28 0.11
N ARG X 450 -120.53 74.60 0.50
CA ARG X 450 -120.24 75.39 1.70
C ARG X 450 -120.86 76.78 1.62
N ASN X 451 -121.07 77.23 0.40
CA ASN X 451 -121.73 78.50 0.14
C ASN X 451 -123.25 78.37 0.13
N LEU X 452 -123.74 77.31 -0.50
CA LEU X 452 -125.18 77.07 -0.65
C LEU X 452 -125.80 76.77 0.71
N GLN X 453 -125.08 76.00 1.52
CA GLN X 453 -125.53 75.72 2.88
C GLN X 453 -125.69 77.03 3.65
N ASP X 454 -124.70 77.92 3.51
CA ASP X 454 -124.76 79.25 4.12
C ASP X 454 -125.93 80.07 3.56
N ALA X 455 -126.27 79.81 2.30
CA ALA X 455 -127.35 80.52 1.61
C ALA X 455 -128.71 80.00 2.05
N MET X 456 -128.86 78.67 2.05
CA MET X 456 -130.09 78.02 2.51
C MET X 456 -130.33 78.28 3.99
N ALA X 457 -129.28 78.75 4.66
CA ALA X 457 -129.36 79.11 6.07
C ALA X 457 -130.14 80.40 6.26
N VAL X 458 -129.62 81.50 5.74
CA VAL X 458 -130.25 82.82 5.91
C VAL X 458 -131.68 82.85 5.40
N ALA X 459 -131.98 81.97 4.46
CA ALA X 459 -133.33 81.82 3.92
C ALA X 459 -134.26 81.25 4.98
N ARG X 460 -133.82 80.20 5.67
CA ARG X 460 -134.63 79.56 6.69
C ARG X 460 -134.71 80.40 7.97
N ASN X 461 -133.71 81.26 8.18
CA ASN X 461 -133.69 82.16 9.33
C ASN X 461 -134.78 83.20 9.26
N VAL X 462 -134.98 83.75 8.06
CA VAL X 462 -135.95 84.81 7.84
C VAL X 462 -137.37 84.26 7.92
N MET X 463 -137.56 83.03 7.45
CA MET X 463 -138.86 82.37 7.53
C MET X 463 -139.31 82.10 8.97
N LEU X 464 -138.34 81.95 9.88
CA LEU X 464 -138.62 81.80 11.30
C LEU X 464 -138.60 83.14 12.05
N SER X 465 -137.65 84.01 11.70
CA SER X 465 -137.62 85.37 12.23
C SER X 465 -137.72 86.40 11.08
N PRO X 466 -138.91 87.02 10.92
CA PRO X 466 -139.31 87.82 9.76
C PRO X 466 -138.52 89.12 9.55
N SER X 467 -137.76 89.51 10.56
CA SER X 467 -137.06 90.80 10.55
C SER X 467 -135.63 90.70 10.03
N LEU X 468 -135.19 91.81 9.41
CA LEU X 468 -133.85 91.94 8.84
C LEU X 468 -133.15 93.15 9.41
N SER X 469 -131.85 93.02 9.61
CA SER X 469 -131.02 94.13 10.12
C SER X 469 -130.25 94.79 8.99
N PRO X 470 -129.99 96.11 9.12
CA PRO X 470 -129.24 96.84 8.09
C PRO X 470 -127.76 96.49 8.13
N GLY X 471 -127.35 95.53 7.29
CA GLY X 471 -125.98 95.02 7.29
C GLY X 471 -124.94 95.96 6.70
N GLY X 472 -123.75 95.42 6.47
CA GLY X 472 -122.64 96.18 5.90
C GLY X 472 -121.95 97.08 6.90
N GLY X 473 -121.77 96.57 8.12
CA GLY X 473 -121.15 97.33 9.19
C GLY X 473 -122.04 98.39 9.80
N ALA X 474 -123.23 98.57 9.24
CA ALA X 474 -124.17 99.60 9.69
C ALA X 474 -124.80 99.26 11.04
N THR X 475 -125.36 98.06 11.13
CA THR X 475 -126.01 97.57 12.34
C THR X 475 -125.08 97.65 13.55
N GLU X 476 -123.84 97.24 13.37
CA GLU X 476 -122.84 97.28 14.45
C GLU X 476 -122.43 98.70 14.89
N MET X 477 -122.38 99.65 13.94
CA MET X 477 -122.06 101.05 14.26
C MET X 477 -123.20 101.77 14.95
N ALA X 478 -124.42 101.29 14.71
CA ALA X 478 -125.61 101.79 15.41
C ALA X 478 -125.58 101.38 16.88
N VAL X 479 -124.95 100.24 17.17
CA VAL X 479 -124.76 99.75 18.53
C VAL X 479 -123.65 100.53 19.24
N SER X 480 -122.67 101.01 18.48
CA SER X 480 -121.53 101.75 19.03
C SER X 480 -121.90 103.09 19.69
N VAL X 481 -122.72 103.90 19.01
CA VAL X 481 -123.03 105.25 19.50
C VAL X 481 -124.21 105.32 20.48
N LYS X 482 -125.18 104.41 20.34
CA LYS X 482 -126.26 104.29 21.33
C LYS X 482 -125.75 103.65 22.63
N LEU X 483 -124.58 102.99 22.55
CA LEU X 483 -123.85 102.54 23.73
C LEU X 483 -122.80 103.57 24.18
N ALA X 484 -122.41 104.47 23.29
CA ALA X 484 -121.52 105.57 23.62
C ALA X 484 -122.25 106.63 24.44
N GLU X 485 -123.54 106.81 24.16
CA GLU X 485 -124.40 107.73 24.91
C GLU X 485 -124.82 107.14 26.25
N LYS X 486 -125.27 105.88 26.21
CA LYS X 486 -125.67 105.19 27.43
C LYS X 486 -124.50 105.00 28.38
N ALA X 487 -123.28 105.24 27.87
CA ALA X 487 -122.04 105.12 28.64
C ALA X 487 -121.77 106.35 29.52
N LYS X 488 -121.83 107.54 28.92
CA LYS X 488 -121.61 108.77 29.65
C LYS X 488 -122.73 109.06 30.65
N GLN X 489 -123.94 108.55 30.38
CA GLN X 489 -125.12 108.76 31.23
C GLN X 489 -125.21 107.81 32.45
N LEU X 490 -124.38 106.77 32.47
CA LEU X 490 -124.30 105.85 33.61
C LEU X 490 -123.34 106.34 34.70
N GLU X 491 -122.13 106.72 34.30
CA GLU X 491 -121.09 107.20 35.22
C GLU X 491 -120.70 106.19 36.32
N GLY X 492 -119.73 106.58 37.15
CA GLY X 492 -119.19 105.71 38.20
C GLY X 492 -118.02 104.89 37.69
N ILE X 493 -117.91 103.64 38.16
CA ILE X 493 -116.82 102.75 37.76
C ILE X 493 -117.27 101.79 36.66
N GLN X 494 -118.56 101.44 36.68
CA GLN X 494 -119.16 100.52 35.72
C GLN X 494 -119.09 101.04 34.28
N GLN X 495 -118.78 102.32 34.12
CA GLN X 495 -118.72 102.99 32.81
C GLN X 495 -117.63 102.44 31.90
N TRP X 496 -116.43 102.26 32.46
CA TRP X 496 -115.25 101.90 31.68
C TRP X 496 -115.44 100.64 30.81
N PRO X 497 -115.90 99.51 31.40
CA PRO X 497 -116.13 98.32 30.58
C PRO X 497 -117.29 98.49 29.61
N TYR X 498 -118.33 99.19 30.06
CA TYR X 498 -119.50 99.47 29.24
C TYR X 498 -119.10 100.23 27.98
N GLN X 499 -118.31 101.29 28.18
CA GLN X 499 -117.84 102.14 27.08
C GLN X 499 -116.81 101.44 26.18
N ALA X 500 -116.51 100.18 26.49
CA ALA X 500 -115.54 99.37 25.75
C ALA X 500 -116.21 98.40 24.77
N VAL X 501 -117.45 98.02 25.08
CA VAL X 501 -118.27 97.24 24.15
C VAL X 501 -118.64 98.17 22.99
N ALA X 502 -118.92 99.42 23.32
CA ALA X 502 -119.18 100.47 22.34
C ALA X 502 -117.97 100.67 21.45
N ASP X 503 -116.78 100.49 22.04
CA ASP X 503 -115.53 100.52 21.31
C ASP X 503 -115.36 99.27 20.46
N ALA X 504 -115.86 98.15 20.98
CA ALA X 504 -115.72 96.85 20.34
C ALA X 504 -116.52 96.71 19.05
N MET X 505 -117.71 97.33 19.02
CA MET X 505 -118.65 97.21 17.88
C MET X 505 -118.15 97.82 16.57
N GLU X 506 -117.33 98.87 16.67
CA GLU X 506 -116.76 99.55 15.51
C GLU X 506 -115.68 98.72 14.80
N CYS X 507 -115.43 97.52 15.32
CA CYS X 507 -114.40 96.62 14.78
C CYS X 507 -114.77 96.05 13.42
N ILE X 508 -116.05 95.75 13.23
CA ILE X 508 -116.54 95.20 11.95
C ILE X 508 -116.48 96.23 10.82
N PRO X 509 -116.93 97.48 11.08
CA PRO X 509 -116.65 98.54 10.09
C PRO X 509 -115.16 98.80 9.83
N ARG X 510 -114.33 98.74 10.88
CA ARG X 510 -112.89 99.03 10.76
C ARG X 510 -112.07 97.94 10.03
N THR X 511 -112.62 96.72 9.96
CA THR X 511 -112.01 95.64 9.18
C THR X 511 -112.67 95.48 7.80
N LEU X 512 -113.84 96.12 7.63
CA LEU X 512 -114.50 96.20 6.33
C LEU X 512 -113.85 97.28 5.47
N ILE X 513 -113.46 98.39 6.11
CA ILE X 513 -112.68 99.43 5.44
C ILE X 513 -111.33 98.87 5.00
N GLN X 514 -110.68 98.16 5.93
CA GLN X 514 -109.34 97.61 5.72
C GLN X 514 -109.28 96.60 4.58
N ASN X 515 -110.20 95.63 4.59
CA ASN X 515 -110.27 94.66 3.50
C ASN X 515 -110.61 95.33 2.18
N ALA X 516 -111.41 96.38 2.24
CA ALA X 516 -111.75 97.18 1.06
C ALA X 516 -110.53 97.91 0.50
N GLY X 517 -109.76 98.54 1.40
CA GLY X 517 -108.51 99.21 1.02
C GLY X 517 -108.49 100.72 1.20
N GLY X 518 -109.45 101.24 1.95
CA GLY X 518 -109.51 102.68 2.24
C GLY X 518 -108.96 102.99 3.61
N ASP X 519 -108.86 104.27 3.93
CA ASP X 519 -108.34 104.73 5.22
C ASP X 519 -109.42 104.56 6.29
N PRO X 520 -109.20 103.64 7.26
CA PRO X 520 -110.20 103.33 8.29
C PRO X 520 -110.55 104.50 9.22
N ILE X 521 -109.55 105.26 9.65
CA ILE X 521 -109.78 106.41 10.54
C ILE X 521 -110.53 107.55 9.85
N ARG X 522 -110.29 107.71 8.56
CA ARG X 522 -110.94 108.75 7.76
C ARG X 522 -112.42 108.42 7.56
N LEU X 523 -112.70 107.15 7.27
CA LEU X 523 -114.04 106.71 6.91
C LEU X 523 -114.93 106.31 8.10
N LEU X 524 -114.34 105.83 9.20
CA LEU X 524 -115.08 105.60 10.45
C LEU X 524 -115.58 106.91 11.06
N SER X 525 -114.74 107.94 10.97
CA SER X 525 -115.11 109.26 11.48
C SER X 525 -116.36 109.78 10.75
N GLN X 526 -116.33 109.74 9.41
CA GLN X 526 -117.49 110.14 8.60
C GLN X 526 -118.61 109.09 8.62
N LEU X 527 -118.38 107.98 9.34
CA LEU X 527 -119.41 106.95 9.54
C LEU X 527 -120.05 107.06 10.91
N ARG X 528 -119.25 107.45 11.90
CA ARG X 528 -119.73 107.62 13.28
C ARG X 528 -120.58 108.88 13.40
N ALA X 529 -120.04 110.00 12.96
CA ALA X 529 -120.72 111.29 13.00
C ALA X 529 -121.96 111.29 12.12
N LYS X 530 -121.80 110.82 10.87
CA LYS X 530 -122.91 110.77 9.91
C LYS X 530 -123.88 109.62 10.17
N HIS X 531 -123.81 109.06 11.38
CA HIS X 531 -124.75 108.03 11.83
C HIS X 531 -125.70 108.63 12.87
N ALA X 532 -125.12 109.36 13.83
CA ALA X 532 -125.88 110.00 14.91
C ALA X 532 -126.97 110.95 14.40
N GLN X 533 -126.72 111.59 13.25
CA GLN X 533 -127.68 112.49 12.63
C GLN X 533 -127.99 112.08 11.18
N GLY X 534 -127.73 110.81 10.85
CA GLY X 534 -127.87 110.33 9.47
C GLY X 534 -128.49 108.96 9.26
N ASN X 535 -129.32 108.53 10.20
CA ASN X 535 -130.07 107.25 10.12
C ASN X 535 -129.28 106.02 10.55
N PHE X 536 -130.02 104.92 10.77
CA PHE X 536 -129.43 103.64 11.17
C PHE X 536 -128.71 102.97 10.01
N THR X 537 -129.28 103.10 8.82
CA THR X 537 -128.86 102.32 7.67
C THR X 537 -127.68 102.96 6.93
N THR X 538 -126.67 103.37 7.68
CA THR X 538 -125.47 103.95 7.10
C THR X 538 -124.25 103.11 7.46
N GLY X 539 -123.74 102.39 6.47
CA GLY X 539 -122.59 101.52 6.64
C GLY X 539 -121.52 101.76 5.59
N ILE X 540 -120.92 100.66 5.12
CA ILE X 540 -119.84 100.74 4.14
C ILE X 540 -120.12 99.84 2.96
N ASP X 541 -119.70 100.28 1.77
CA ASP X 541 -119.76 99.47 0.56
C ASP X 541 -118.42 98.78 0.35
N GLY X 542 -118.47 97.46 0.23
CA GLY X 542 -117.28 96.61 0.24
C GLY X 542 -116.30 96.84 -0.89
N ASP X 543 -116.82 97.06 -2.10
CA ASP X 543 -115.98 97.20 -3.29
C ASP X 543 -115.51 98.63 -3.51
N LYS X 544 -116.27 99.60 -3.00
CA LYS X 544 -115.93 101.02 -3.15
C LYS X 544 -115.06 101.51 -2.00
N GLY X 545 -115.46 101.20 -0.78
CA GLY X 545 -114.77 101.69 0.41
C GLY X 545 -115.21 103.08 0.78
N LYS X 546 -116.51 103.35 0.58
CA LYS X 546 -117.11 104.64 0.91
C LYS X 546 -118.39 104.41 1.70
N ILE X 547 -118.88 105.45 2.37
CA ILE X 547 -120.14 105.37 3.10
C ILE X 547 -121.33 105.33 2.13
N VAL X 548 -122.27 104.44 2.40
CA VAL X 548 -123.46 104.27 1.55
C VAL X 548 -124.66 103.91 2.42
N ASP X 549 -125.80 104.54 2.13
CA ASP X 549 -127.07 104.18 2.74
C ASP X 549 -127.48 102.80 2.25
N MET X 550 -127.53 101.83 3.16
CA MET X 550 -127.78 100.42 2.80
C MET X 550 -129.21 100.17 2.30
N VAL X 551 -130.09 101.14 2.52
CA VAL X 551 -131.45 101.13 1.96
C VAL X 551 -131.38 101.09 0.42
N SER X 552 -130.62 102.02 -0.15
CA SER X 552 -130.49 102.17 -1.60
C SER X 552 -129.48 101.21 -2.25
N TYR X 553 -128.66 100.55 -1.42
CA TYR X 553 -127.68 99.60 -1.94
C TYR X 553 -128.21 98.15 -1.99
N GLY X 554 -128.59 97.62 -0.82
CA GLY X 554 -129.22 96.30 -0.76
C GLY X 554 -128.45 95.21 -0.02
N ILE X 555 -127.61 95.61 0.93
CA ILE X 555 -126.95 94.67 1.82
C ILE X 555 -127.67 94.68 3.17
N TRP X 556 -128.52 93.68 3.36
CA TRP X 556 -129.25 93.50 4.60
C TRP X 556 -129.06 92.08 5.10
N GLU X 557 -128.61 91.95 6.36
CA GLU X 557 -128.43 90.65 7.00
C GLU X 557 -129.65 90.33 7.87
N PRO X 558 -130.04 89.03 7.95
CA PRO X 558 -131.15 88.61 8.82
C PRO X 558 -130.93 89.02 10.28
N GLU X 559 -132.00 89.32 11.01
CA GLU X 559 -131.88 89.90 12.36
C GLU X 559 -131.24 88.97 13.39
N VAL X 560 -131.40 87.67 13.19
CA VAL X 560 -130.90 86.66 14.14
C VAL X 560 -129.37 86.54 14.14
N ILE X 561 -128.75 86.71 12.96
CA ILE X 561 -127.29 86.75 12.86
C ILE X 561 -126.79 87.84 13.81
N LYS X 562 -127.18 89.08 13.55
CA LYS X 562 -126.80 90.21 14.39
C LYS X 562 -127.07 89.92 15.86
N GLN X 563 -128.23 89.31 16.12
CA GLN X 563 -128.63 88.92 17.48
C GLN X 563 -127.60 87.98 18.10
N GLN X 564 -127.45 86.77 17.54
CA GLN X 564 -126.56 85.75 18.09
C GLN X 564 -125.09 86.16 18.09
N SER X 565 -124.67 86.88 17.05
CA SER X 565 -123.29 87.37 16.94
C SER X 565 -122.87 88.13 18.18
N VAL X 566 -123.66 89.14 18.56
CA VAL X 566 -123.37 89.93 19.75
C VAL X 566 -123.63 89.11 21.02
N LYS X 567 -124.65 88.24 20.98
CA LYS X 567 -125.02 87.39 22.12
C LYS X 567 -123.85 86.56 22.65
N THR X 568 -123.49 85.50 21.91
CA THR X 568 -122.42 84.60 22.32
C THR X 568 -121.05 85.30 22.41
N ALA X 569 -120.83 86.33 21.59
CA ALA X 569 -119.55 87.04 21.60
C ALA X 569 -119.26 87.67 22.95
N ILE X 570 -120.28 88.30 23.54
CA ILE X 570 -120.18 88.88 24.87
C ILE X 570 -120.17 87.77 25.92
N GLU X 571 -120.99 86.74 25.69
CA GLU X 571 -121.02 85.55 26.56
C GLU X 571 -119.62 84.92 26.69
N SER X 572 -118.82 85.02 25.62
CA SER X 572 -117.46 84.46 25.56
C SER X 572 -116.46 85.29 26.35
N ALA X 573 -116.47 86.60 26.13
CA ALA X 573 -115.61 87.54 26.84
C ALA X 573 -115.95 87.56 28.33
N CYS X 574 -117.18 87.20 28.66
CA CYS X 574 -117.64 87.11 30.05
C CYS X 574 -117.49 85.71 30.66
N LEU X 575 -116.89 84.80 29.89
CA LEU X 575 -116.47 83.49 30.40
C LEU X 575 -114.97 83.49 30.65
N LEU X 576 -114.21 84.03 29.70
CA LEU X 576 -112.76 84.06 29.80
C LEU X 576 -112.27 85.07 30.84
N LEU X 577 -113.07 86.11 31.08
CA LEU X 577 -112.73 87.12 32.07
C LEU X 577 -112.75 86.60 33.50
N ARG X 578 -113.50 85.51 33.69
CA ARG X 578 -113.57 84.85 34.99
C ARG X 578 -112.32 84.05 35.33
N VAL X 579 -111.47 83.80 34.33
CA VAL X 579 -110.26 83.03 34.54
C VAL X 579 -109.13 83.93 35.04
N ASP X 580 -108.51 83.49 36.12
CA ASP X 580 -107.39 84.17 36.73
C ASP X 580 -106.32 83.15 37.06
N ASP X 581 -106.56 81.90 36.68
CA ASP X 581 -105.73 80.78 37.10
C ASP X 581 -105.78 79.60 36.13
N ILE X 582 -104.64 79.29 35.51
CA ILE X 582 -104.55 78.18 34.57
C ILE X 582 -103.64 77.08 35.11
N VAL X 583 -104.27 75.96 35.46
CA VAL X 583 -103.55 74.82 36.01
C VAL X 583 -103.37 73.75 34.95
N SER X 584 -102.12 73.37 34.70
CA SER X 584 -101.78 72.44 33.63
C SER X 584 -101.25 71.12 34.19
N GLY X 585 -101.66 70.00 33.58
CA GLY X 585 -101.28 68.66 34.03
C GLY X 585 -102.28 68.12 35.05
N VAL X 586 -103.50 67.90 34.59
CA VAL X 586 -104.64 67.66 35.49
C VAL X 586 -105.08 66.19 35.55
N ARG X 587 -105.23 65.57 34.37
CA ARG X 587 -105.62 64.14 34.24
C ARG X 587 -107.09 63.82 34.56
N LYS X 588 -107.46 62.55 34.31
CA LYS X 588 -108.82 62.00 34.52
C LYS X 588 -109.85 62.45 33.48
N SER Y 2 -74.79 61.13 -18.50
CA SER Y 2 -73.41 61.12 -19.10
C SER Y 2 -72.38 61.68 -18.11
N LEU Y 3 -72.78 62.70 -17.36
CA LEU Y 3 -71.91 63.31 -16.34
C LEU Y 3 -71.86 62.49 -15.05
N GLN Y 4 -72.96 61.80 -14.75
CA GLN Y 4 -73.11 61.07 -13.49
C GLN Y 4 -72.18 59.86 -13.37
N LEU Y 5 -71.58 59.46 -14.50
CA LEU Y 5 -70.60 58.37 -14.52
C LEU Y 5 -69.24 58.83 -13.99
N LEU Y 6 -68.90 60.09 -14.26
CA LEU Y 6 -67.60 60.63 -13.87
C LEU Y 6 -67.52 60.91 -12.38
N ASN Y 7 -68.66 61.19 -11.76
CA ASN Y 7 -68.75 61.37 -10.32
C ASN Y 7 -70.09 60.85 -9.82
N PRO Y 8 -70.06 59.80 -8.97
CA PRO Y 8 -71.29 59.26 -8.40
C PRO Y 8 -72.08 60.28 -7.58
N LYS Y 9 -71.38 61.13 -6.82
CA LYS Y 9 -72.03 62.08 -5.93
C LYS Y 9 -71.83 63.54 -6.35
N ALA Y 10 -72.27 63.86 -7.57
CA ALA Y 10 -72.17 65.22 -8.09
C ALA Y 10 -73.55 65.83 -8.32
N GLU Y 11 -73.74 67.05 -7.82
CA GLU Y 11 -75.00 67.77 -8.03
C GLU Y 11 -74.96 68.65 -9.28
N SER Y 12 -75.97 68.50 -10.13
CA SER Y 12 -76.02 69.22 -11.40
C SER Y 12 -77.45 69.57 -11.82
N LEU Y 13 -77.65 70.83 -12.19
CA LEU Y 13 -78.94 71.29 -12.71
C LEU Y 13 -78.81 71.56 -14.19
N ARG Y 14 -79.34 70.62 -14.98
CA ARG Y 14 -79.14 70.62 -16.42
C ARG Y 14 -80.26 71.32 -17.21
N ARG Y 15 -79.93 71.73 -18.43
CA ARG Y 15 -80.88 72.28 -19.40
C ARG Y 15 -81.69 73.46 -18.86
N ASP Y 16 -82.99 73.45 -19.16
CA ASP Y 16 -83.88 74.59 -18.90
C ASP Y 16 -84.14 74.83 -17.40
N ALA Y 17 -83.76 73.86 -16.58
CA ALA Y 17 -83.82 74.01 -15.13
C ALA Y 17 -82.74 74.98 -14.64
N ALA Y 18 -81.55 74.89 -15.24
CA ALA Y 18 -80.43 75.78 -14.90
C ALA Y 18 -80.83 77.25 -15.04
N LEU Y 19 -81.44 77.59 -16.17
CA LEU Y 19 -82.01 78.91 -16.40
C LEU Y 19 -83.01 79.24 -15.30
N LYS Y 20 -84.00 78.36 -15.13
CA LYS Y 20 -85.08 78.57 -14.17
C LYS Y 20 -84.53 78.91 -12.78
N VAL Y 21 -83.62 78.08 -12.30
CA VAL Y 21 -83.01 78.26 -10.98
C VAL Y 21 -82.40 79.66 -10.86
N ASN Y 22 -81.55 80.03 -11.82
CA ASN Y 22 -80.92 81.34 -11.84
C ASN Y 22 -81.92 82.50 -11.84
N VAL Y 23 -82.95 82.39 -12.68
CA VAL Y 23 -83.97 83.43 -12.81
C VAL Y 23 -84.80 83.56 -11.54
N THR Y 24 -85.23 82.42 -10.98
CA THR Y 24 -86.06 82.42 -9.75
C THR Y 24 -85.28 82.93 -8.54
N SER Y 25 -83.96 82.74 -8.57
CA SER Y 25 -83.05 83.23 -7.55
C SER Y 25 -82.85 84.74 -7.62
N ALA Y 26 -82.44 85.23 -8.79
CA ALA Y 26 -82.31 86.66 -9.00
C ALA Y 26 -83.61 87.38 -8.69
N GLU Y 27 -84.72 86.90 -9.28
CA GLU Y 27 -86.08 87.40 -9.01
C GLU Y 27 -86.35 87.42 -7.52
N GLY Y 28 -85.83 86.40 -6.84
CA GLY Y 28 -85.98 86.22 -5.40
C GLY Y 28 -85.14 87.18 -4.60
N LEU Y 29 -83.89 87.36 -5.00
CA LEU Y 29 -83.00 88.29 -4.31
C LEU Y 29 -83.54 89.71 -4.41
N GLN Y 30 -84.20 90.01 -5.53
CA GLN Y 30 -84.82 91.32 -5.73
C GLN Y 30 -86.04 91.53 -4.84
N SER Y 31 -86.82 90.47 -4.63
CA SER Y 31 -88.03 90.55 -3.78
C SER Y 31 -87.70 90.77 -2.32
N VAL Y 32 -86.42 90.66 -1.96
CA VAL Y 32 -85.97 90.87 -0.59
C VAL Y 32 -85.28 92.24 -0.45
N LEU Y 33 -84.88 92.81 -1.57
CA LEU Y 33 -84.16 94.08 -1.55
C LEU Y 33 -84.89 95.25 -2.20
N GLU Y 34 -86.12 95.04 -2.65
CA GLU Y 34 -86.91 96.16 -3.18
C GLU Y 34 -87.58 96.97 -2.06
N THR Y 35 -87.53 96.45 -0.85
CA THR Y 35 -88.08 97.12 0.33
C THR Y 35 -87.19 98.28 0.79
N ASN Y 36 -86.08 98.49 0.08
CA ASN Y 36 -85.09 99.49 0.45
C ASN Y 36 -85.13 100.74 -0.41
N LEU Y 37 -85.66 100.59 -1.63
CA LEU Y 37 -85.50 101.61 -2.67
C LEU Y 37 -86.14 102.97 -2.37
N GLY Y 38 -85.30 103.99 -2.32
CA GLY Y 38 -85.74 105.36 -2.07
C GLY Y 38 -86.07 105.65 -0.63
N PRO Y 39 -86.50 106.89 -0.34
CA PRO Y 39 -86.89 107.27 1.02
C PRO Y 39 -88.26 106.68 1.38
N LYS Y 40 -88.94 106.13 0.38
CA LYS Y 40 -90.23 105.48 0.57
C LYS Y 40 -90.06 104.05 1.12
N GLY Y 41 -88.82 103.59 1.17
CA GLY Y 41 -88.49 102.26 1.68
C GLY Y 41 -88.59 102.15 3.19
N THR Y 42 -88.33 100.94 3.70
CA THR Y 42 -88.53 100.64 5.13
C THR Y 42 -87.27 100.12 5.81
N LEU Y 43 -86.98 100.72 6.96
CA LEU Y 43 -85.80 100.37 7.77
C LEU Y 43 -85.96 98.98 8.39
N LYS Y 44 -84.88 98.22 8.34
CA LYS Y 44 -84.87 96.83 8.78
C LYS Y 44 -83.89 96.61 9.93
N MET Y 45 -84.31 95.82 10.91
CA MET Y 45 -83.45 95.46 12.03
C MET Y 45 -82.78 94.12 11.79
N LEU Y 46 -81.45 94.10 11.89
CA LEU Y 46 -80.68 92.88 11.71
C LEU Y 46 -80.02 92.49 13.01
N VAL Y 47 -80.08 91.21 13.33
CA VAL Y 47 -79.40 90.69 14.51
C VAL Y 47 -78.57 89.48 14.09
N ASP Y 48 -77.26 89.58 14.34
CA ASP Y 48 -76.34 88.47 14.11
C ASP Y 48 -76.34 87.47 15.28
N GLY Y 49 -75.72 86.31 15.07
CA GLY Y 49 -75.68 85.22 16.04
C GLY Y 49 -75.19 85.57 17.44
N ALA Y 50 -74.41 86.63 17.53
CA ALA Y 50 -73.91 87.12 18.81
C ALA Y 50 -75.01 87.89 19.56
N GLY Y 51 -75.71 88.76 18.83
CA GLY Y 51 -76.74 89.62 19.40
C GLY Y 51 -76.48 91.08 19.09
N ASN Y 52 -75.64 91.32 18.10
CA ASN Y 52 -75.29 92.67 17.68
C ASN Y 52 -76.25 93.25 16.66
N ILE Y 53 -77.01 94.25 17.08
CA ILE Y 53 -78.05 94.84 16.26
C ILE Y 53 -77.47 95.86 15.28
N LYS Y 54 -77.45 95.50 13.99
CA LYS Y 54 -77.19 96.46 12.91
C LYS Y 54 -78.54 96.86 12.34
N LEU Y 55 -78.68 98.12 11.92
CA LEU Y 55 -79.99 98.68 11.61
C LEU Y 55 -79.99 99.60 10.39
N THR Y 56 -79.86 99.04 9.18
CA THR Y 56 -79.75 99.88 7.97
C THR Y 56 -80.75 99.56 6.85
N LYS Y 57 -81.06 100.57 6.04
CA LYS Y 57 -81.85 100.45 4.82
C LYS Y 57 -80.94 100.39 3.58
N ASP Y 58 -79.62 100.48 3.81
CA ASP Y 58 -78.61 100.43 2.73
C ASP Y 58 -78.55 99.01 2.15
N GLY Y 59 -78.58 98.92 0.82
CA GLY Y 59 -78.51 97.64 0.12
C GLY Y 59 -77.26 96.85 0.44
N LYS Y 60 -76.09 97.45 0.17
CA LYS Y 60 -74.79 96.83 0.43
C LYS Y 60 -74.66 96.28 1.84
N VAL Y 61 -75.37 96.89 2.77
CA VAL Y 61 -75.38 96.44 4.15
C VAL Y 61 -76.09 95.09 4.33
N LEU Y 62 -77.30 94.98 3.80
CA LEU Y 62 -78.06 93.72 3.91
C LEU Y 62 -77.29 92.53 3.34
N LEU Y 63 -76.61 92.76 2.23
CA LEU Y 63 -75.87 91.70 1.53
C LEU Y 63 -74.62 91.26 2.29
N THR Y 64 -73.87 92.23 2.82
CA THR Y 64 -72.64 91.93 3.57
C THR Y 64 -72.97 91.38 4.96
N GLU Y 65 -74.13 91.74 5.50
CA GLU Y 65 -74.54 91.29 6.84
C GLU Y 65 -75.18 89.91 6.86
N MET Y 66 -75.47 89.35 5.67
CA MET Y 66 -76.19 88.08 5.62
C MET Y 66 -75.44 86.98 4.89
N GLN Y 67 -75.59 85.76 5.39
CA GLN Y 67 -74.95 84.57 4.83
C GLN Y 67 -75.69 84.03 3.62
N ILE Y 68 -75.17 84.35 2.43
CA ILE Y 68 -75.79 83.98 1.16
C ILE Y 68 -75.38 82.55 0.76
N GLN Y 69 -76.37 81.74 0.40
CA GLN Y 69 -76.16 80.33 0.08
C GLN Y 69 -76.30 80.05 -1.42
N SER Y 70 -77.30 80.66 -2.06
CA SER Y 70 -77.53 80.49 -3.49
C SER Y 70 -76.35 81.06 -4.30
N PRO Y 71 -75.80 80.26 -5.24
CA PRO Y 71 -74.60 80.64 -5.97
C PRO Y 71 -74.88 81.76 -6.97
N THR Y 72 -76.01 81.68 -7.64
CA THR Y 72 -76.48 82.75 -8.51
C THR Y 72 -76.67 84.05 -7.73
N ALA Y 73 -77.14 83.93 -6.48
CA ALA Y 73 -77.35 85.09 -5.62
C ALA Y 73 -76.04 85.73 -5.19
N VAL Y 74 -75.06 84.92 -4.80
CA VAL Y 74 -73.77 85.42 -4.32
C VAL Y 74 -73.01 86.15 -5.42
N LEU Y 75 -73.25 85.76 -6.68
CA LEU Y 75 -72.62 86.42 -7.81
C LEU Y 75 -73.23 87.81 -8.05
N ILE Y 76 -74.53 87.94 -7.74
CA ILE Y 76 -75.26 89.21 -7.87
C ILE Y 76 -74.81 90.21 -6.79
N ALA Y 77 -74.55 89.70 -5.59
CA ALA Y 77 -74.07 90.53 -4.48
C ALA Y 77 -72.67 91.08 -4.74
N ARG Y 78 -71.90 90.37 -5.56
CA ARG Y 78 -70.55 90.80 -5.93
C ARG Y 78 -70.56 92.01 -6.87
N ALA Y 79 -71.62 92.14 -7.67
CA ALA Y 79 -71.87 93.34 -8.44
C ALA Y 79 -72.20 94.48 -7.49
N ALA Y 80 -73.09 94.20 -6.53
CA ALA Y 80 -73.49 95.17 -5.52
C ALA Y 80 -72.29 95.71 -4.74
N ALA Y 81 -71.34 94.82 -4.45
CA ALA Y 81 -70.08 95.22 -3.82
C ALA Y 81 -69.22 96.04 -4.79
N ALA Y 82 -69.03 95.50 -5.99
CA ALA Y 82 -68.30 96.22 -7.05
C ALA Y 82 -68.89 97.61 -7.26
N GLN Y 83 -70.15 97.78 -6.90
CA GLN Y 83 -70.82 99.08 -6.99
C GLN Y 83 -70.41 100.00 -5.83
N ASP Y 84 -70.68 99.59 -4.58
CA ASP Y 84 -70.39 100.43 -3.42
C ASP Y 84 -68.91 100.78 -3.35
N GLU Y 85 -68.05 99.89 -3.84
CA GLU Y 85 -66.62 100.10 -3.78
C GLU Y 85 -66.08 101.12 -4.78
N ILE Y 86 -66.73 101.24 -5.94
CA ILE Y 86 -66.28 102.14 -7.00
C ILE Y 86 -67.12 103.41 -7.06
N THR Y 87 -68.35 103.29 -6.57
CA THR Y 87 -69.35 104.34 -6.73
C THR Y 87 -69.73 104.92 -5.38
N GLY Y 88 -70.15 104.07 -4.45
CA GLY Y 88 -70.61 104.53 -3.14
C GLY Y 88 -72.09 104.32 -2.99
N ASP Y 89 -72.85 104.72 -4.01
CA ASP Y 89 -74.31 104.57 -4.00
C ASP Y 89 -74.78 103.61 -5.10
N GLY Y 90 -76.04 103.19 -5.02
CA GLY Y 90 -76.66 102.41 -6.08
C GLY Y 90 -76.47 100.90 -5.98
N THR Y 91 -76.36 100.39 -4.76
CA THR Y 91 -76.13 98.97 -4.54
C THR Y 91 -77.42 98.15 -4.69
N THR Y 92 -78.55 98.83 -4.55
CA THR Y 92 -79.86 98.19 -4.63
C THR Y 92 -80.34 98.15 -6.07
N THR Y 93 -80.19 99.27 -6.76
CA THR Y 93 -80.53 99.40 -8.18
C THR Y 93 -79.98 98.23 -8.99
N VAL Y 94 -78.79 97.76 -8.63
CA VAL Y 94 -78.12 96.68 -9.38
C VAL Y 94 -78.78 95.33 -9.12
N VAL Y 95 -79.27 95.12 -7.92
CA VAL Y 95 -79.89 93.83 -7.56
C VAL Y 95 -81.21 93.63 -8.31
N CYS Y 96 -82.12 94.59 -8.18
CA CYS Y 96 -83.43 94.49 -8.84
C CYS Y 96 -83.43 94.87 -10.32
N LEU Y 97 -82.32 95.46 -10.78
CA LEU Y 97 -82.11 95.71 -12.21
C LEU Y 97 -81.74 94.41 -12.91
N VAL Y 98 -81.00 93.55 -12.20
CA VAL Y 98 -80.73 92.18 -12.65
C VAL Y 98 -82.00 91.34 -12.54
N GLY Y 99 -82.78 91.61 -11.49
CA GLY Y 99 -84.04 90.91 -11.23
C GLY Y 99 -85.03 91.08 -12.37
N GLU Y 100 -85.53 92.30 -12.54
CA GLU Y 100 -86.45 92.61 -13.64
C GLU Y 100 -85.75 92.53 -15.00
N LEU Y 101 -84.42 92.41 -14.98
CA LEU Y 101 -83.66 92.18 -16.21
C LEU Y 101 -83.76 90.71 -16.60
N LEU Y 102 -83.52 89.81 -15.65
CA LEU Y 102 -83.70 88.40 -15.91
C LEU Y 102 -85.18 88.08 -16.09
N ARG Y 103 -86.01 88.61 -15.19
CA ARG Y 103 -87.45 88.40 -15.23
C ARG Y 103 -88.00 88.69 -16.63
N GLN Y 104 -87.79 89.92 -17.11
CA GLN Y 104 -88.30 90.36 -18.42
C GLN Y 104 -87.67 89.63 -19.60
N ALA Y 105 -86.50 89.04 -19.38
CA ALA Y 105 -85.82 88.23 -20.40
C ALA Y 105 -86.29 86.79 -20.37
N HIS Y 106 -86.86 86.38 -19.24
CA HIS Y 106 -87.32 85.01 -19.08
C HIS Y 106 -88.66 84.76 -19.74
N ARG Y 107 -89.54 85.77 -19.71
CA ARG Y 107 -90.86 85.71 -20.35
C ARG Y 107 -90.81 85.39 -21.85
N PHE Y 108 -89.67 85.72 -22.49
CA PHE Y 108 -89.46 85.43 -23.91
C PHE Y 108 -88.80 84.08 -24.17
N ILE Y 109 -87.91 83.66 -23.27
CA ILE Y 109 -87.24 82.37 -23.38
C ILE Y 109 -88.23 81.20 -23.13
N GLN Y 110 -89.14 81.41 -22.17
CA GLN Y 110 -90.22 80.46 -21.87
C GLN Y 110 -91.17 80.35 -23.07
N GLU Y 111 -91.24 81.42 -23.85
CA GLU Y 111 -92.03 81.44 -25.09
C GLU Y 111 -91.29 80.72 -26.21
N GLY Y 112 -89.99 80.52 -26.03
CA GLY Y 112 -89.16 79.78 -26.97
C GLY Y 112 -88.19 80.66 -27.74
N VAL Y 113 -87.28 81.31 -27.03
CA VAL Y 113 -86.25 82.13 -27.66
C VAL Y 113 -84.89 81.73 -27.10
N HIS Y 114 -83.93 81.48 -27.99
CA HIS Y 114 -82.54 81.20 -27.61
C HIS Y 114 -82.02 82.35 -26.76
N PRO Y 115 -81.43 82.04 -25.59
CA PRO Y 115 -80.90 83.09 -24.73
C PRO Y 115 -79.96 84.05 -25.46
N ARG Y 116 -79.03 83.50 -26.25
CA ARG Y 116 -78.04 84.29 -26.99
C ARG Y 116 -78.67 85.39 -27.85
N ILE Y 117 -79.91 85.15 -28.28
CA ILE Y 117 -80.70 86.14 -29.01
C ILE Y 117 -80.96 87.36 -28.12
N ILE Y 118 -81.51 87.12 -26.93
CA ILE Y 118 -81.79 88.18 -25.97
C ILE Y 118 -80.51 88.81 -25.43
N THR Y 119 -79.47 87.99 -25.27
CA THR Y 119 -78.15 88.45 -24.85
C THR Y 119 -77.61 89.58 -25.75
N ASP Y 120 -77.68 89.39 -27.06
CA ASP Y 120 -77.28 90.42 -28.03
C ASP Y 120 -78.15 91.65 -27.86
N GLY Y 121 -79.46 91.42 -27.74
CA GLY Y 121 -80.45 92.47 -27.52
C GLY Y 121 -80.26 93.20 -26.21
N PHE Y 122 -79.55 92.56 -25.29
CA PHE Y 122 -79.14 93.22 -24.06
C PHE Y 122 -77.99 94.15 -24.37
N GLU Y 123 -76.95 93.62 -25.02
CA GLU Y 123 -75.74 94.37 -25.31
C GLU Y 123 -75.99 95.59 -26.18
N ILE Y 124 -76.73 95.39 -27.27
CA ILE Y 124 -76.97 96.49 -28.20
C ILE Y 124 -77.80 97.60 -27.54
N ALA Y 125 -78.60 97.23 -26.55
CA ALA Y 125 -79.37 98.19 -25.77
C ALA Y 125 -78.50 98.86 -24.70
N ARG Y 126 -77.53 98.12 -24.20
CA ARG Y 126 -76.59 98.65 -23.21
C ARG Y 126 -75.74 99.73 -23.85
N LYS Y 127 -75.14 99.41 -24.99
CA LYS Y 127 -74.30 100.35 -25.73
C LYS Y 127 -75.09 101.62 -26.04
N GLU Y 128 -76.36 101.46 -26.37
CA GLU Y 128 -77.28 102.56 -26.69
C GLU Y 128 -77.66 103.39 -25.46
N SER Y 129 -77.80 102.71 -24.32
CA SER Y 129 -78.11 103.36 -23.05
C SER Y 129 -76.94 104.23 -22.60
N MET Y 130 -75.74 103.87 -23.05
CA MET Y 130 -74.51 104.58 -22.68
C MET Y 130 -74.26 105.84 -23.49
N LYS Y 131 -74.69 105.85 -24.75
CA LYS Y 131 -74.64 107.06 -25.58
C LYS Y 131 -75.74 108.03 -25.19
N PHE Y 132 -76.91 107.48 -24.83
CA PHE Y 132 -78.08 108.23 -24.38
C PHE Y 132 -77.78 109.00 -23.08
N LEU Y 133 -77.09 108.34 -22.17
CA LEU Y 133 -76.72 108.91 -20.88
C LEU Y 133 -75.78 110.11 -21.07
N ASP Y 134 -74.79 109.96 -21.95
CA ASP Y 134 -73.86 111.05 -22.28
C ASP Y 134 -74.59 112.27 -22.85
N GLU Y 135 -75.87 112.07 -23.18
CA GLU Y 135 -76.69 113.10 -23.81
C GLU Y 135 -77.84 113.55 -22.92
N PHE Y 136 -78.17 112.72 -21.93
CA PHE Y 136 -79.30 112.97 -21.03
C PHE Y 136 -78.92 113.82 -19.82
N LYS Y 137 -77.64 113.78 -19.46
CA LYS Y 137 -77.12 114.46 -18.28
C LYS Y 137 -77.12 115.99 -18.42
N ILE Y 138 -77.23 116.68 -17.31
CA ILE Y 138 -77.11 118.14 -17.29
C ILE Y 138 -75.77 118.57 -16.68
N SER Y 139 -74.96 119.27 -17.47
CA SER Y 139 -73.61 119.65 -17.06
C SER Y 139 -73.58 120.83 -16.11
N LYS Y 140 -73.46 120.54 -14.82
CA LYS Y 140 -73.30 121.56 -13.81
C LYS Y 140 -71.86 122.08 -13.85
N THR Y 141 -71.71 123.40 -13.79
CA THR Y 141 -70.39 124.04 -13.77
C THR Y 141 -69.76 123.84 -12.40
N ASN Y 142 -69.17 122.66 -12.21
CA ASN Y 142 -68.62 122.25 -10.91
C ASN Y 142 -67.24 122.85 -10.63
N LEU Y 143 -66.65 123.47 -11.65
CA LEU Y 143 -65.44 124.27 -11.53
C LEU Y 143 -65.74 125.59 -10.79
N SER Y 144 -67.00 126.03 -10.85
CA SER Y 144 -67.47 127.22 -10.13
C SER Y 144 -67.91 126.93 -8.69
N ASN Y 145 -68.00 125.64 -8.33
CA ASN Y 145 -68.44 125.15 -6.99
C ASN Y 145 -69.70 125.83 -6.50
N ASP Y 146 -70.84 125.41 -7.05
CA ASP Y 146 -72.15 125.99 -6.72
C ASP Y 146 -72.56 125.59 -5.30
N ARG Y 147 -72.46 126.54 -4.38
CA ARG Y 147 -72.66 126.30 -2.94
C ARG Y 147 -73.91 125.49 -2.54
N GLU Y 148 -75.06 125.82 -3.13
CA GLU Y 148 -76.34 125.22 -2.75
C GLU Y 148 -76.81 124.07 -3.66
N PHE Y 149 -76.28 123.99 -4.88
CA PHE Y 149 -76.56 122.84 -5.75
C PHE Y 149 -75.98 121.56 -5.16
N LEU Y 150 -74.75 121.67 -4.65
CA LEU Y 150 -74.09 120.57 -3.97
C LEU Y 150 -74.83 120.20 -2.68
N LEU Y 151 -75.43 121.21 -2.05
CA LEU Y 151 -76.29 121.00 -0.87
C LEU Y 151 -77.51 120.12 -1.20
N GLN Y 152 -77.96 120.21 -2.46
CA GLN Y 152 -79.09 119.41 -2.94
C GLN Y 152 -78.67 118.08 -3.56
N VAL Y 153 -77.44 117.65 -3.30
CA VAL Y 153 -76.97 116.32 -3.67
C VAL Y 153 -76.84 115.50 -2.40
N ALA Y 154 -76.43 116.19 -1.33
CA ALA Y 154 -76.38 115.61 0.00
C ALA Y 154 -77.79 115.33 0.51
N ARG Y 155 -78.67 116.33 0.37
CA ARG Y 155 -80.08 116.21 0.76
C ARG Y 155 -80.83 115.10 0.02
N SER Y 156 -80.34 114.75 -1.16
CA SER Y 156 -80.97 113.71 -2.00
C SER Y 156 -80.46 112.30 -1.69
N SER Y 157 -79.19 112.21 -1.28
CA SER Y 157 -78.55 110.93 -0.99
C SER Y 157 -78.73 110.48 0.46
N LEU Y 158 -78.82 111.45 1.36
CA LEU Y 158 -79.02 111.18 2.78
C LEU Y 158 -80.45 110.76 3.11
N LEU Y 159 -81.43 111.44 2.52
CA LEU Y 159 -82.84 111.18 2.83
C LEU Y 159 -83.25 109.73 2.56
N THR Y 160 -82.49 109.06 1.72
CA THR Y 160 -82.78 107.68 1.32
C THR Y 160 -82.28 106.67 2.35
N LYS Y 161 -81.69 107.15 3.44
CA LYS Y 161 -81.11 106.28 4.45
C LYS Y 161 -81.63 106.57 5.84
N VAL Y 162 -81.83 107.85 6.15
CA VAL Y 162 -82.23 108.29 7.50
C VAL Y 162 -83.47 109.20 7.56
N ASP Y 163 -83.63 109.90 8.69
CA ASP Y 163 -84.85 110.65 9.04
C ASP Y 163 -85.23 111.80 8.11
N ALA Y 164 -86.32 112.48 8.46
CA ALA Y 164 -86.68 113.74 7.85
C ALA Y 164 -85.87 114.86 8.49
N ASP Y 165 -85.70 114.79 9.81
CA ASP Y 165 -85.03 115.83 10.56
C ASP Y 165 -83.55 115.57 10.85
N LEU Y 166 -83.12 114.31 10.75
CA LEU Y 166 -81.70 114.00 10.84
C LEU Y 166 -80.99 114.41 9.57
N THR Y 167 -81.67 114.26 8.44
CA THR Y 167 -81.08 114.57 7.14
C THR Y 167 -80.79 116.05 6.97
N GLU Y 168 -81.68 116.90 7.45
CA GLU Y 168 -81.48 118.35 7.40
C GLU Y 168 -80.32 118.78 8.31
N VAL Y 169 -79.88 117.86 9.16
CA VAL Y 169 -78.72 118.08 10.01
C VAL Y 169 -77.43 117.59 9.34
N LEU Y 170 -77.49 116.38 8.78
CA LEU Y 170 -76.35 115.77 8.11
C LEU Y 170 -76.01 116.37 6.74
N THR Y 171 -76.95 117.10 6.15
CA THR Y 171 -76.80 117.65 4.80
C THR Y 171 -75.64 118.67 4.64
N PRO Y 172 -75.57 119.70 5.51
CA PRO Y 172 -74.43 120.62 5.36
C PRO Y 172 -73.11 119.97 5.77
N ILE Y 173 -73.17 119.07 6.76
CA ILE Y 173 -72.00 118.39 7.32
C ILE Y 173 -71.32 117.49 6.29
N VAL Y 174 -72.12 116.79 5.50
CA VAL Y 174 -71.62 115.99 4.39
C VAL Y 174 -71.04 116.90 3.30
N THR Y 175 -71.80 117.94 2.93
CA THR Y 175 -71.43 118.84 1.83
C THR Y 175 -70.19 119.66 2.15
N ASP Y 176 -70.18 120.33 3.29
CA ASP Y 176 -69.02 121.15 3.69
C ASP Y 176 -67.75 120.32 3.85
N ALA Y 177 -67.90 119.02 4.13
CA ALA Y 177 -66.77 118.11 4.25
C ALA Y 177 -66.06 117.91 2.92
N VAL Y 178 -66.80 117.49 1.89
CA VAL Y 178 -66.26 117.29 0.54
C VAL Y 178 -65.63 118.57 0.01
N LEU Y 179 -66.30 119.69 0.25
CA LEU Y 179 -65.84 121.02 -0.15
C LEU Y 179 -64.54 121.43 0.53
N SER Y 180 -64.27 120.84 1.69
CA SER Y 180 -63.05 121.11 2.44
C SER Y 180 -61.94 120.09 2.12
N VAL Y 181 -61.98 119.54 0.91
CA VAL Y 181 -60.98 118.55 0.45
C VAL Y 181 -60.54 118.83 -0.97
N TYR Y 182 -61.48 119.34 -1.77
CA TYR Y 182 -61.34 119.54 -3.21
C TYR Y 182 -60.42 120.71 -3.59
N ASP Y 183 -59.45 120.43 -4.48
CA ASP Y 183 -58.43 121.40 -4.88
C ASP Y 183 -58.65 121.90 -6.31
N ALA Y 184 -58.16 123.10 -6.62
CA ALA Y 184 -58.22 123.67 -7.98
C ALA Y 184 -57.40 122.87 -8.99
N GLN Y 185 -56.46 122.06 -8.49
CA GLN Y 185 -55.75 121.06 -9.28
C GLN Y 185 -56.54 119.75 -9.35
N ALA Y 186 -57.87 119.88 -9.22
CA ALA Y 186 -58.86 118.81 -9.47
C ALA Y 186 -58.71 117.49 -8.70
N ASP Y 187 -58.03 117.54 -7.55
CA ASP Y 187 -57.84 116.34 -6.71
C ASP Y 187 -58.86 116.23 -5.57
N ASN Y 188 -58.99 115.01 -5.03
CA ASN Y 188 -59.90 114.74 -3.92
C ASN Y 188 -59.58 113.41 -3.25
N LEU Y 189 -58.48 113.37 -2.51
CA LEU Y 189 -58.06 112.16 -1.79
C LEU Y 189 -58.92 111.94 -0.54
N ASP Y 190 -60.19 111.59 -0.79
CA ASP Y 190 -61.27 111.53 0.19
C ASP Y 190 -60.85 111.13 1.62
N LEU Y 191 -60.14 110.01 1.73
CA LEU Y 191 -59.75 109.44 3.02
C LEU Y 191 -59.01 110.38 4.00
N HIS Y 192 -58.58 111.56 3.53
CA HIS Y 192 -57.92 112.54 4.40
C HIS Y 192 -58.92 113.40 5.17
N MET Y 193 -59.68 114.21 4.44
CA MET Y 193 -60.73 115.05 5.05
C MET Y 193 -61.94 114.23 5.48
N VAL Y 194 -62.05 113.02 4.94
CA VAL Y 194 -62.87 112.03 5.57
C VAL Y 194 -62.11 111.63 6.84
N GLU Y 195 -62.52 112.19 7.98
CA GLU Y 195 -62.34 111.46 9.21
C GLU Y 195 -63.67 111.38 9.91
N ILE Y 196 -64.18 110.16 9.98
CA ILE Y 196 -65.43 109.89 10.63
C ILE Y 196 -65.11 109.40 12.03
N MET Y 197 -65.44 110.23 13.01
CA MET Y 197 -65.22 109.92 14.40
C MET Y 197 -66.56 109.65 15.08
N GLN Y 198 -66.61 108.62 15.92
CA GLN Y 198 -67.85 108.24 16.58
C GLN Y 198 -67.79 108.27 18.11
N MET Y 199 -68.70 109.06 18.71
CA MET Y 199 -68.83 109.19 20.15
C MET Y 199 -70.08 108.49 20.65
N GLN Y 200 -69.94 107.70 21.70
CA GLN Y 200 -71.10 107.17 22.41
C GLN Y 200 -71.56 108.20 23.45
N HIS Y 201 -72.61 108.93 23.08
CA HIS Y 201 -73.22 109.99 23.92
C HIS Y 201 -74.21 110.84 23.10
N LEU Y 202 -75.20 111.40 23.80
CA LEU Y 202 -76.17 112.35 23.23
C LEU Y 202 -77.17 111.74 22.24
N SER Y 203 -77.01 112.07 20.95
CA SER Y 203 -77.97 111.71 19.92
C SER Y 203 -77.31 111.73 18.54
N PRO Y 204 -77.80 110.91 17.60
CA PRO Y 204 -77.36 111.00 16.20
C PRO Y 204 -77.57 112.39 15.60
N LYS Y 205 -78.64 113.07 16.01
CA LYS Y 205 -78.91 114.45 15.59
C LYS Y 205 -77.99 115.47 16.29
N ASP Y 206 -76.91 114.97 16.87
CA ASP Y 206 -75.94 115.80 17.58
C ASP Y 206 -74.56 115.82 16.91
N THR Y 207 -74.46 115.23 15.73
CA THR Y 207 -73.22 115.21 14.96
C THR Y 207 -72.76 116.64 14.65
N THR Y 208 -71.48 116.91 14.92
CA THR Y 208 -70.89 118.21 14.62
C THR Y 208 -69.88 118.10 13.48
N PHE Y 209 -69.93 119.04 12.56
CA PHE Y 209 -68.87 119.24 11.58
C PHE Y 209 -67.73 119.95 12.29
N ILE Y 210 -66.52 119.42 12.12
CA ILE Y 210 -65.32 120.07 12.65
C ILE Y 210 -64.30 120.29 11.55
N LYS Y 211 -64.10 121.56 11.20
CA LYS Y 211 -63.18 121.99 10.15
C LYS Y 211 -61.73 121.87 10.62
N GLY Y 212 -61.46 120.75 11.28
CA GLY Y 212 -60.13 120.44 11.80
C GLY Y 212 -59.99 118.94 11.95
N LEU Y 213 -59.66 118.50 13.16
CA LEU Y 213 -59.43 117.08 13.43
C LEU Y 213 -59.66 116.77 14.90
N VAL Y 214 -60.68 115.96 15.17
CA VAL Y 214 -60.92 115.47 16.52
C VAL Y 214 -60.25 114.10 16.65
N LEU Y 215 -59.46 113.93 17.70
CA LEU Y 215 -58.69 112.71 17.86
C LEU Y 215 -59.23 111.79 18.95
N ASP Y 216 -58.78 110.54 18.88
CA ASP Y 216 -59.31 109.46 19.70
C ASP Y 216 -58.51 109.21 20.98
N HIS Y 217 -57.72 110.20 21.41
CA HIS Y 217 -56.86 110.10 22.61
C HIS Y 217 -56.66 111.45 23.30
N GLY Y 218 -55.74 111.51 24.26
CA GLY Y 218 -55.45 112.74 24.99
C GLY Y 218 -54.15 112.71 25.76
N GLY Y 219 -53.96 113.69 26.64
CA GLY Y 219 -52.76 113.79 27.47
C GLY Y 219 -52.75 112.78 28.61
N ARG Y 220 -51.90 111.76 28.49
CA ARG Y 220 -51.88 110.65 29.44
C ARG Y 220 -51.43 111.01 30.86
N HIS Y 221 -50.98 112.25 31.05
CA HIS Y 221 -50.61 112.75 32.37
C HIS Y 221 -51.62 113.77 32.87
N PRO Y 222 -52.10 113.61 34.13
CA PRO Y 222 -53.09 114.49 34.77
C PRO Y 222 -52.71 115.97 34.82
N ASP Y 223 -51.42 116.28 34.70
CA ASP Y 223 -50.94 117.65 34.81
C ASP Y 223 -50.83 118.35 33.46
N MET Y 224 -51.16 117.64 32.38
CA MET Y 224 -51.09 118.18 31.03
C MET Y 224 -52.20 119.18 30.75
N PRO Y 225 -51.93 120.22 29.92
CA PRO Y 225 -52.92 121.26 29.67
C PRO Y 225 -54.16 120.73 28.96
N THR Y 226 -55.32 121.27 29.33
CA THR Y 226 -56.59 120.92 28.69
C THR Y 226 -56.88 121.84 27.51
N ARG Y 227 -56.72 123.15 27.73
CA ARG Y 227 -56.96 124.16 26.69
C ARG Y 227 -55.67 124.90 26.30
N VAL Y 228 -55.24 124.68 25.06
CA VAL Y 228 -54.06 125.38 24.51
C VAL Y 228 -54.55 126.52 23.60
N LYS Y 229 -54.17 127.74 23.96
CA LYS Y 229 -54.70 128.98 23.32
C LYS Y 229 -54.25 129.19 21.87
N ASN Y 230 -52.95 129.20 21.63
CA ASN Y 230 -52.41 129.24 20.28
C ASN Y 230 -51.39 128.13 20.08
N ALA Y 231 -51.86 127.01 19.51
CA ALA Y 231 -51.07 125.79 19.48
C ALA Y 231 -50.17 125.65 18.25
N TYR Y 232 -48.89 125.44 18.49
CA TYR Y 232 -47.96 124.94 17.50
C TYR Y 232 -48.01 123.42 17.55
N VAL Y 233 -48.41 122.81 16.44
CA VAL Y 233 -48.57 121.36 16.37
C VAL Y 233 -47.32 120.68 15.85
N LEU Y 234 -46.77 119.78 16.66
CA LEU Y 234 -45.61 118.98 16.26
C LEU Y 234 -46.03 117.56 15.94
N ILE Y 235 -45.76 117.13 14.71
CA ILE Y 235 -46.23 115.83 14.23
C ILE Y 235 -45.07 114.82 14.15
N LEU Y 236 -44.90 114.06 15.23
CA LEU Y 236 -43.79 113.11 15.36
C LEU Y 236 -44.22 111.66 15.21
N ASN Y 237 -43.25 110.80 14.92
CA ASN Y 237 -43.52 109.37 14.79
C ASN Y 237 -42.47 108.42 15.39
N VAL Y 238 -41.29 108.97 15.71
CA VAL Y 238 -40.20 108.16 16.30
C VAL Y 238 -40.41 107.96 17.81
N SER Y 239 -40.43 106.69 18.20
CA SER Y 239 -40.78 106.24 19.55
C SER Y 239 -40.04 107.00 20.65
N LEU Y 240 -40.78 107.41 21.67
CA LEU Y 240 -40.20 108.03 22.86
C LEU Y 240 -40.43 107.15 24.09
N GLU Y 241 -39.95 105.92 23.99
CA GLU Y 241 -40.10 104.89 24.99
C GLU Y 241 -38.75 104.21 25.21
N TYR Y 242 -38.65 103.44 26.29
CA TYR Y 242 -37.54 102.52 26.49
C TYR Y 242 -37.62 101.44 25.41
N GLU Y 243 -36.51 101.26 24.68
CA GLU Y 243 -36.40 100.21 23.67
C GLU Y 243 -35.02 99.56 23.72
N LYS Y 244 -35.00 98.23 23.82
CA LYS Y 244 -33.75 97.47 23.84
C LYS Y 244 -33.14 97.40 22.43
N THR Y 245 -31.84 97.09 22.37
CA THR Y 245 -31.13 96.91 21.10
C THR Y 245 -31.56 95.63 20.40
N GLU Y 246 -31.71 95.68 19.08
CA GLU Y 246 -32.13 94.50 18.30
C GLU Y 246 -31.11 93.38 18.36
N VAL Y 247 -29.83 93.75 18.51
CA VAL Y 247 -28.76 92.80 18.80
C VAL Y 247 -28.77 92.53 20.30
N ASN Y 248 -28.93 91.26 20.67
CA ASN Y 248 -29.13 90.86 22.07
C ASN Y 248 -28.46 91.80 23.09
N SER Y 249 -29.29 92.35 23.97
CA SER Y 249 -28.91 93.53 24.77
C SER Y 249 -28.30 93.27 26.14
N GLY Y 250 -28.73 92.18 26.80
CA GLY Y 250 -28.34 91.87 28.19
C GLY Y 250 -26.94 92.30 28.60
N PHE Y 251 -26.83 92.92 29.77
CA PHE Y 251 -25.53 93.42 30.26
C PHE Y 251 -25.04 92.83 31.59
N PHE Y 252 -23.79 93.15 31.92
CA PHE Y 252 -23.17 92.70 33.16
C PHE Y 252 -22.64 93.89 33.96
N TYR Y 253 -22.91 93.93 35.26
CA TYR Y 253 -22.39 94.98 36.15
C TYR Y 253 -21.97 94.43 37.52
N SER Y 254 -20.87 94.95 38.06
CA SER Y 254 -20.26 94.38 39.26
C SER Y 254 -20.03 95.36 40.42
N SER Y 255 -20.97 96.29 40.60
CA SER Y 255 -20.89 97.26 41.70
C SER Y 255 -22.27 97.80 42.06
N ALA Y 256 -22.48 98.03 43.35
CA ALA Y 256 -23.75 98.56 43.87
C ALA Y 256 -24.15 99.88 43.21
N ASP Y 257 -23.15 100.67 42.84
CA ASP Y 257 -23.35 101.94 42.15
C ASP Y 257 -23.53 101.74 40.65
N GLN Y 258 -22.77 100.82 40.07
CA GLN Y 258 -22.83 100.55 38.64
C GLN Y 258 -24.25 100.18 38.17
N ARG Y 259 -25.08 99.73 39.11
CA ARG Y 259 -26.52 99.57 38.90
C ARG Y 259 -27.18 100.88 38.48
N ASP Y 260 -27.18 101.84 39.41
CA ASP Y 260 -27.84 103.14 39.24
C ASP Y 260 -27.21 103.92 38.10
N LYS Y 261 -25.88 103.88 38.04
CA LYS Y 261 -25.11 104.49 36.96
C LYS Y 261 -25.50 103.93 35.59
N LEU Y 262 -26.12 102.74 35.59
CA LEU Y 262 -26.65 102.14 34.37
C LEU Y 262 -28.18 102.16 34.31
N ALA Y 263 -28.82 102.47 35.44
CA ALA Y 263 -30.29 102.57 35.52
C ALA Y 263 -30.80 103.86 34.86
N ALA Y 264 -29.91 104.86 34.80
CA ALA Y 264 -30.19 106.10 34.10
C ALA Y 264 -29.71 106.02 32.65
N SER Y 265 -28.60 105.32 32.44
CA SER Y 265 -27.97 105.20 31.12
C SER Y 265 -28.86 104.52 30.07
N GLU Y 266 -29.83 103.72 30.54
CA GLU Y 266 -30.79 103.09 29.64
C GLU Y 266 -31.82 104.10 29.17
N ARG Y 267 -32.16 105.04 30.06
CA ARG Y 267 -33.15 106.08 29.78
C ARG Y 267 -32.55 107.30 29.08
N LYS Y 268 -31.22 107.35 28.98
CA LYS Y 268 -30.50 108.52 28.45
C LYS Y 268 -30.68 108.75 26.95
N PHE Y 269 -30.94 107.68 26.19
CA PHE Y 269 -31.21 107.77 24.75
C PHE Y 269 -32.55 108.44 24.49
N VAL Y 270 -33.56 108.06 25.27
CA VAL Y 270 -34.89 108.67 25.24
C VAL Y 270 -34.82 110.12 25.72
N ASP Y 271 -34.06 110.35 26.79
CA ASP Y 271 -33.84 111.69 27.37
C ASP Y 271 -33.07 112.66 26.44
N ALA Y 272 -32.26 112.11 25.54
CA ALA Y 272 -31.55 112.90 24.53
C ALA Y 272 -32.46 113.24 23.34
N LYS Y 273 -33.33 112.30 22.99
CA LYS Y 273 -34.37 112.54 21.99
C LYS Y 273 -35.40 113.55 22.53
N LEU Y 274 -35.65 113.50 23.84
CA LEU Y 274 -36.54 114.44 24.52
C LEU Y 274 -36.00 115.86 24.48
N LYS Y 275 -34.71 116.00 24.76
CA LYS Y 275 -34.07 117.32 24.86
C LYS Y 275 -34.32 118.19 23.64
N LYS Y 276 -34.12 117.60 22.46
CA LYS Y 276 -34.22 118.36 21.21
C LYS Y 276 -35.63 118.81 20.89
N ILE Y 277 -36.63 118.11 21.45
CA ILE Y 277 -38.03 118.52 21.33
C ILE Y 277 -38.33 119.71 22.22
N ILE Y 278 -37.91 119.63 23.49
CA ILE Y 278 -38.10 120.74 24.43
C ILE Y 278 -37.18 121.95 24.09
N ASP Y 279 -36.19 121.74 23.23
CA ASP Y 279 -35.36 122.83 22.72
C ASP Y 279 -36.07 123.65 21.65
N LEU Y 280 -37.03 122.99 20.99
CA LEU Y 280 -37.92 123.63 20.02
C LEU Y 280 -39.12 124.26 20.74
N LYS Y 281 -39.68 123.54 21.70
CA LYS Y 281 -40.79 124.03 22.53
C LYS Y 281 -40.39 125.18 23.44
N ASN Y 282 -39.09 125.42 23.57
CA ASN Y 282 -38.56 126.58 24.29
C ASN Y 282 -38.20 127.71 23.34
N GLU Y 283 -37.69 127.36 22.16
CA GLU Y 283 -37.30 128.34 21.14
C GLU Y 283 -38.50 129.06 20.51
N VAL Y 284 -39.67 128.42 20.56
CA VAL Y 284 -40.89 128.93 19.93
C VAL Y 284 -41.92 129.48 20.94
N CYS Y 285 -41.98 128.90 22.15
CA CYS Y 285 -42.97 129.29 23.16
C CYS Y 285 -42.48 130.26 24.24
N GLY Y 286 -41.18 130.22 24.55
CA GLY Y 286 -40.60 131.14 25.51
C GLY Y 286 -40.95 132.57 25.21
N MET Y 287 -40.84 132.94 23.94
CA MET Y 287 -41.06 134.32 23.46
C MET Y 287 -42.53 134.79 23.45
N ASP Y 288 -43.46 133.86 23.25
CA ASP Y 288 -44.90 134.18 23.22
C ASP Y 288 -45.70 133.36 24.26
N PRO Y 289 -46.17 134.03 25.34
CA PRO Y 289 -47.02 133.37 26.35
C PRO Y 289 -48.38 132.88 25.81
N ASP Y 290 -48.84 133.48 24.72
CA ASP Y 290 -50.06 133.02 24.05
C ASP Y 290 -49.78 131.76 23.23
N LYS Y 291 -48.56 131.65 22.68
CA LYS Y 291 -48.15 130.49 21.87
C LYS Y 291 -47.90 129.24 22.71
N GLY Y 292 -48.68 128.18 22.43
CA GLY Y 292 -48.55 126.89 23.08
C GLY Y 292 -47.95 125.85 22.17
N PHE Y 293 -47.49 124.75 22.75
CA PHE Y 293 -46.80 123.69 22.02
C PHE Y 293 -47.49 122.34 22.29
N VAL Y 294 -47.86 121.64 21.23
CA VAL Y 294 -48.64 120.39 21.32
C VAL Y 294 -48.10 119.31 20.39
N ILE Y 295 -47.76 118.15 20.95
CA ILE Y 295 -47.26 117.04 20.14
C ILE Y 295 -48.36 116.03 19.87
N ILE Y 296 -48.35 115.48 18.66
CA ILE Y 296 -49.15 114.30 18.32
C ILE Y 296 -48.21 113.21 17.77
N ASN Y 297 -48.02 112.14 18.54
CA ASN Y 297 -47.04 111.11 18.24
C ASN Y 297 -47.67 109.77 17.82
N GLN Y 298 -47.18 109.25 16.69
CA GLN Y 298 -47.63 107.97 16.11
C GLN Y 298 -47.20 106.78 16.98
N LYS Y 299 -46.00 106.85 17.54
CA LYS Y 299 -45.47 105.81 18.42
C LYS Y 299 -45.64 106.20 19.89
N GLY Y 300 -45.20 105.33 20.80
CA GLY Y 300 -45.45 105.47 22.24
C GLY Y 300 -44.75 106.61 22.97
N ILE Y 301 -45.29 106.96 24.13
CA ILE Y 301 -44.65 107.89 25.06
C ILE Y 301 -44.60 107.22 26.43
N ASP Y 302 -43.37 106.99 26.89
CA ASP Y 302 -43.10 106.36 28.18
C ASP Y 302 -43.64 107.22 29.33
N PRO Y 303 -44.24 106.58 30.36
CA PRO Y 303 -44.65 107.29 31.58
C PRO Y 303 -43.56 108.14 32.26
N MET Y 304 -42.29 107.82 31.98
CA MET Y 304 -41.15 108.66 32.41
C MET Y 304 -41.13 109.96 31.62
N SER Y 305 -41.43 109.85 30.33
CA SER Y 305 -41.41 110.98 29.41
C SER Y 305 -42.69 111.83 29.48
N LEU Y 306 -43.79 111.22 29.90
CA LEU Y 306 -45.03 111.95 30.17
C LEU Y 306 -44.82 112.99 31.26
N ASP Y 307 -44.22 112.55 32.37
CA ASP Y 307 -43.93 113.41 33.53
C ASP Y 307 -43.00 114.56 33.14
N VAL Y 308 -42.29 114.39 32.03
CA VAL Y 308 -41.39 115.42 31.50
C VAL Y 308 -42.15 116.44 30.65
N PHE Y 309 -43.09 115.97 29.83
CA PHE Y 309 -43.91 116.87 29.03
C PHE Y 309 -44.90 117.65 29.90
N ALA Y 310 -45.44 116.97 30.91
CA ALA Y 310 -46.31 117.62 31.89
C ALA Y 310 -45.56 118.77 32.58
N LYS Y 311 -44.29 118.52 32.93
CA LYS Y 311 -43.44 119.49 33.61
C LYS Y 311 -43.20 120.75 32.78
N HIS Y 312 -42.88 120.56 31.50
CA HIS Y 312 -42.62 121.68 30.59
C HIS Y 312 -43.90 122.19 29.89
N ASN Y 313 -45.06 121.90 30.50
CA ASN Y 313 -46.38 122.37 30.07
C ASN Y 313 -46.72 122.09 28.60
N ILE Y 314 -46.31 120.92 28.12
CA ILE Y 314 -46.58 120.48 26.76
C ILE Y 314 -47.73 119.47 26.76
N LEU Y 315 -48.66 119.62 25.82
CA LEU Y 315 -49.70 118.61 25.62
C LEU Y 315 -49.18 117.51 24.70
N ALA Y 316 -48.74 116.41 25.30
CA ALA Y 316 -48.23 115.26 24.57
C ALA Y 316 -49.31 114.25 24.29
N LEU Y 317 -49.27 113.70 23.07
CA LEU Y 317 -50.28 112.77 22.61
C LEU Y 317 -49.57 111.55 22.04
N ARG Y 318 -50.01 110.37 22.46
CA ARG Y 318 -49.33 109.15 22.09
C ARG Y 318 -50.13 108.24 21.14
N ARG Y 319 -49.39 107.39 20.43
CA ARG Y 319 -49.95 106.34 19.57
C ARG Y 319 -51.16 106.74 18.72
N ALA Y 320 -51.01 107.83 17.98
CA ALA Y 320 -52.04 108.27 17.04
C ALA Y 320 -52.08 107.34 15.84
N LYS Y 321 -53.22 107.28 15.17
CA LYS Y 321 -53.41 106.40 14.00
C LYS Y 321 -52.45 106.78 12.86
N ARG Y 322 -51.77 105.77 12.32
CA ARG Y 322 -50.68 105.94 11.34
C ARG Y 322 -51.05 106.74 10.07
N ARG Y 323 -52.35 106.96 9.88
CA ARG Y 323 -52.84 107.77 8.77
C ARG Y 323 -52.93 109.24 9.15
N ASN Y 324 -53.25 109.51 10.41
CA ASN Y 324 -53.40 110.88 10.92
C ASN Y 324 -52.19 111.80 10.76
N MET Y 325 -51.02 111.21 10.50
CA MET Y 325 -49.80 111.99 10.19
C MET Y 325 -50.09 112.91 9.01
N GLU Y 326 -50.69 112.33 7.97
CA GLU Y 326 -50.98 113.02 6.72
C GLU Y 326 -52.20 113.94 6.84
N ARG Y 327 -53.18 113.51 7.64
CA ARG Y 327 -54.39 114.29 7.88
C ARG Y 327 -54.06 115.60 8.61
N LEU Y 328 -53.21 115.51 9.63
CA LEU Y 328 -52.77 116.68 10.38
C LEU Y 328 -51.95 117.65 9.53
N GLN Y 329 -51.19 117.11 8.59
CA GLN Y 329 -50.38 117.91 7.67
C GLN Y 329 -51.26 118.84 6.85
N LEU Y 330 -52.42 118.32 6.44
CA LEU Y 330 -53.38 119.09 5.65
C LEU Y 330 -54.34 119.90 6.53
N VAL Y 331 -54.10 119.91 7.84
CA VAL Y 331 -54.91 120.72 8.75
C VAL Y 331 -54.11 121.90 9.25
N THR Y 332 -52.93 121.62 9.81
CA THR Y 332 -52.09 122.64 10.43
C THR Y 332 -51.09 123.24 9.47
N GLY Y 333 -50.41 122.37 8.70
CA GLY Y 333 -49.48 122.82 7.67
C GLY Y 333 -48.10 122.22 7.71
N GLY Y 334 -47.60 121.95 8.91
CA GLY Y 334 -46.24 121.47 9.10
C GLY Y 334 -46.03 120.03 8.67
N GLU Y 335 -44.86 119.76 8.08
CA GLU Y 335 -44.51 118.40 7.64
C GLU Y 335 -44.39 117.47 8.83
N ALA Y 336 -44.80 116.22 8.66
CA ALA Y 336 -44.68 115.22 9.71
C ALA Y 336 -43.26 114.67 9.74
N GLN Y 337 -42.53 115.03 10.79
CA GLN Y 337 -41.16 114.62 10.94
C GLN Y 337 -41.09 113.25 11.56
N ASN Y 338 -40.11 112.47 11.14
CA ASN Y 338 -39.82 111.20 11.75
C ASN Y 338 -38.76 111.37 12.83
N SER Y 339 -37.54 111.68 12.41
CA SER Y 339 -36.43 111.90 13.34
C SER Y 339 -36.51 113.22 14.08
N VAL Y 340 -36.02 113.21 15.32
CA VAL Y 340 -36.03 114.38 16.18
C VAL Y 340 -34.78 115.23 15.93
N GLU Y 341 -33.72 114.59 15.45
CA GLU Y 341 -32.40 115.22 15.34
C GLU Y 341 -32.28 116.23 14.20
N ASP Y 342 -33.22 116.20 13.26
CA ASP Y 342 -33.22 117.10 12.12
C ASP Y 342 -34.49 117.96 12.12
N LEU Y 343 -34.76 118.60 13.25
CA LEU Y 343 -36.01 119.32 13.47
C LEU Y 343 -35.78 120.82 13.53
N SER Y 344 -36.56 121.57 12.75
CA SER Y 344 -36.49 123.04 12.71
C SER Y 344 -37.87 123.65 13.01
N PRO Y 345 -37.90 124.94 13.41
CA PRO Y 345 -39.17 125.60 13.77
C PRO Y 345 -40.04 125.90 12.57
N GLN Y 346 -39.45 125.89 11.38
CA GLN Y 346 -40.19 126.04 10.13
C GLN Y 346 -41.13 124.86 9.86
N ILE Y 347 -40.91 123.75 10.57
CA ILE Y 347 -41.66 122.50 10.38
C ILE Y 347 -42.93 122.42 11.24
N LEU Y 348 -42.98 123.20 12.31
CA LEU Y 348 -44.13 123.21 13.20
C LEU Y 348 -45.41 123.66 12.50
N GLY Y 349 -46.46 122.88 12.63
CA GLY Y 349 -47.78 123.26 12.15
C GLY Y 349 -48.49 124.11 13.19
N PHE Y 350 -49.55 124.80 12.77
CA PHE Y 350 -50.29 125.67 13.68
C PHE Y 350 -51.78 125.47 13.65
N SER Y 351 -52.35 125.26 14.84
CA SER Y 351 -53.79 125.29 15.04
C SER Y 351 -54.15 126.35 16.07
N GLY Y 352 -55.14 127.17 15.74
CA GLY Y 352 -55.55 128.28 16.60
C GLY Y 352 -56.27 127.88 17.87
N LEU Y 353 -56.45 126.57 18.08
CA LEU Y 353 -57.04 126.03 19.30
C LEU Y 353 -56.99 124.50 19.31
N VAL Y 354 -56.40 123.95 20.38
CA VAL Y 354 -56.35 122.51 20.60
C VAL Y 354 -56.83 122.27 22.02
N TYR Y 355 -57.98 121.59 22.14
CA TYR Y 355 -58.55 121.33 23.48
C TYR Y 355 -58.99 119.89 23.73
N GLN Y 356 -58.92 119.49 24.99
CA GLN Y 356 -59.15 118.12 25.42
C GLN Y 356 -60.46 117.99 26.22
N GLU Y 357 -61.46 117.37 25.60
CA GLU Y 357 -62.72 117.06 26.29
C GLU Y 357 -62.67 115.64 26.83
N THR Y 358 -63.07 115.48 28.08
CA THR Y 358 -63.10 114.17 28.73
C THR Y 358 -64.54 113.71 28.94
N ILE Y 359 -64.88 112.54 28.41
CA ILE Y 359 -66.20 111.93 28.62
C ILE Y 359 -66.06 110.57 29.29
N GLY Y 360 -66.42 110.53 30.58
CA GLY Y 360 -66.21 109.36 31.41
C GLY Y 360 -64.73 109.15 31.66
N GLU Y 361 -64.17 108.17 30.96
CA GLU Y 361 -62.76 107.80 31.09
C GLU Y 361 -61.99 107.97 29.78
N GLU Y 362 -62.73 108.11 28.68
CA GLU Y 362 -62.15 108.36 27.36
C GLU Y 362 -61.86 109.84 27.16
N LYS Y 363 -60.94 110.14 26.24
CA LYS Y 363 -60.56 111.52 25.96
C LYS Y 363 -60.60 111.85 24.47
N PHE Y 364 -60.90 113.11 24.15
CA PHE Y 364 -60.91 113.58 22.78
C PHE Y 364 -60.13 114.88 22.61
N THR Y 365 -59.04 114.83 21.85
CA THR Y 365 -58.24 116.01 21.56
C THR Y 365 -58.76 116.68 20.28
N TYR Y 366 -59.12 117.96 20.38
CA TYR Y 366 -59.65 118.72 19.26
C TYR Y 366 -58.55 119.55 18.61
N VAL Y 367 -58.76 119.90 17.33
CA VAL Y 367 -57.81 120.72 16.57
C VAL Y 367 -58.59 121.80 15.78
N THR Y 368 -58.96 122.88 16.47
CA THR Y 368 -59.90 123.88 15.94
C THR Y 368 -59.21 125.17 15.50
N GLU Y 369 -60.01 126.10 14.96
CA GLU Y 369 -59.58 127.44 14.56
C GLU Y 369 -58.29 127.44 13.74
N ASN Y 370 -58.23 126.53 12.77
CA ASN Y 370 -57.08 126.43 11.87
C ASN Y 370 -57.13 127.46 10.77
N THR Y 371 -55.99 128.10 10.51
CA THR Y 371 -55.92 129.16 9.51
C THR Y 371 -56.33 128.69 8.12
N ASP Y 372 -55.76 127.58 7.67
CA ASP Y 372 -56.11 127.02 6.37
C ASP Y 372 -56.06 125.48 6.40
N PRO Y 373 -57.24 124.84 6.49
CA PRO Y 373 -57.34 123.39 6.47
C PRO Y 373 -57.73 122.83 5.11
N LYS Y 374 -57.03 121.79 4.68
CA LYS Y 374 -57.41 121.03 3.49
C LYS Y 374 -57.97 119.66 3.90
N SER Y 375 -58.11 119.46 5.21
CA SER Y 375 -58.67 118.22 5.78
C SER Y 375 -59.56 118.53 7.00
N CYS Y 376 -60.68 117.81 7.11
CA CYS Y 376 -61.66 118.06 8.19
C CYS Y 376 -62.05 116.78 8.94
N THR Y 377 -63.10 116.86 9.75
CA THR Y 377 -63.60 115.71 10.52
C THR Y 377 -65.09 115.82 10.83
N ILE Y 378 -65.83 114.79 10.45
CA ILE Y 378 -67.24 114.69 10.81
C ILE Y 378 -67.31 113.95 12.14
N LEU Y 379 -67.54 114.69 13.22
CA LEU Y 379 -67.66 114.09 14.54
C LEU Y 379 -69.07 113.58 14.78
N ILE Y 380 -69.29 112.30 14.51
CA ILE Y 380 -70.59 111.67 14.72
C ILE Y 380 -70.85 111.39 16.20
N LYS Y 381 -71.78 112.14 16.78
CA LYS Y 381 -72.31 111.83 18.09
C LYS Y 381 -73.50 110.90 17.89
N GLY Y 382 -73.79 110.09 18.91
CA GLY Y 382 -74.90 109.15 18.85
C GLY Y 382 -75.02 108.39 20.16
N SER Y 383 -76.23 108.33 20.69
CA SER Y 383 -76.51 107.74 22.01
C SER Y 383 -76.06 106.28 22.18
N THR Y 384 -76.50 105.41 21.27
CA THR Y 384 -76.32 103.96 21.38
C THR Y 384 -75.11 103.45 20.57
N HIS Y 385 -75.14 102.18 20.18
CA HIS Y 385 -74.06 101.57 19.40
C HIS Y 385 -74.50 101.17 17.99
N TYR Y 386 -75.79 100.89 17.84
CA TYR Y 386 -76.38 100.50 16.55
C TYR Y 386 -76.51 101.67 15.58
N ALA Y 387 -76.73 102.86 16.13
CA ALA Y 387 -76.90 104.07 15.33
C ALA Y 387 -75.57 104.63 14.87
N LEU Y 388 -74.55 104.46 15.70
CA LEU Y 388 -73.22 105.00 15.41
C LEU Y 388 -72.55 104.37 14.19
N ALA Y 389 -73.08 103.21 13.77
CA ALA Y 389 -72.65 102.60 12.52
C ALA Y 389 -73.70 102.84 11.42
N GLN Y 390 -74.96 102.96 11.83
CA GLN Y 390 -76.09 103.28 10.93
C GLN Y 390 -75.95 104.69 10.36
N THR Y 391 -75.60 105.64 11.22
CA THR Y 391 -75.47 107.04 10.82
C THR Y 391 -74.14 107.35 10.13
N LYS Y 392 -73.19 106.43 10.20
CA LYS Y 392 -71.94 106.52 9.43
C LYS Y 392 -72.15 105.97 8.02
N ASP Y 393 -72.90 104.86 7.92
CA ASP Y 393 -73.23 104.25 6.64
C ASP Y 393 -74.21 105.10 5.84
N ALA Y 394 -74.71 106.17 6.46
CA ALA Y 394 -75.55 107.17 5.77
C ALA Y 394 -74.69 108.33 5.27
N VAL Y 395 -73.74 108.74 6.11
CA VAL Y 395 -72.76 109.75 5.74
C VAL Y 395 -71.88 109.27 4.59
N ARG Y 396 -71.37 108.04 4.69
CA ARG Y 396 -70.53 107.46 3.65
C ARG Y 396 -71.21 107.53 2.28
N ASP Y 397 -72.48 107.14 2.24
CA ASP Y 397 -73.25 107.10 0.99
C ASP Y 397 -73.71 108.48 0.51
N GLY Y 398 -73.41 109.51 1.29
CA GLY Y 398 -73.71 110.89 0.92
C GLY Y 398 -72.43 111.63 0.58
N LEU Y 399 -71.37 111.35 1.35
CA LEU Y 399 -70.05 111.94 1.15
C LEU Y 399 -69.49 111.49 -0.19
N ARG Y 400 -69.65 110.20 -0.51
CA ARG Y 400 -69.23 109.65 -1.78
C ARG Y 400 -70.13 110.15 -2.92
N ALA Y 401 -71.40 110.41 -2.59
CA ALA Y 401 -72.37 110.90 -3.58
C ALA Y 401 -72.15 112.37 -3.96
N VAL Y 402 -71.63 113.16 -3.02
CA VAL Y 402 -71.32 114.57 -3.29
C VAL Y 402 -69.99 114.64 -4.05
N ALA Y 403 -69.07 113.75 -3.70
CA ALA Y 403 -67.76 113.68 -4.37
C ALA Y 403 -67.87 113.15 -5.81
N ASN Y 404 -69.00 112.51 -6.13
CA ASN Y 404 -69.28 112.05 -7.50
C ASN Y 404 -69.84 113.15 -8.40
N VAL Y 405 -70.29 114.24 -7.79
CA VAL Y 405 -70.78 115.40 -8.55
C VAL Y 405 -69.62 116.36 -8.84
N LEU Y 406 -68.50 116.16 -8.16
CA LEU Y 406 -67.30 116.95 -8.41
C LEU Y 406 -66.29 116.21 -9.31
N LYS Y 407 -66.20 114.89 -9.14
CA LYS Y 407 -65.28 114.06 -9.93
C LYS Y 407 -65.80 113.89 -11.36
N ASP Y 408 -67.09 113.63 -11.51
CA ASP Y 408 -67.75 113.71 -12.81
C ASP Y 408 -68.32 115.12 -12.91
N LYS Y 409 -68.06 115.80 -14.04
CA LYS Y 409 -68.53 117.17 -14.21
C LYS Y 409 -70.01 117.23 -14.61
N ASN Y 410 -70.77 116.21 -14.24
CA ASN Y 410 -72.18 116.07 -14.65
C ASN Y 410 -73.08 115.57 -13.53
N ILE Y 411 -74.39 115.58 -13.77
CA ILE Y 411 -75.40 114.98 -12.88
C ILE Y 411 -76.66 114.57 -13.66
N ILE Y 412 -77.43 113.63 -13.10
CA ILE Y 412 -78.65 113.12 -13.74
C ILE Y 412 -79.89 113.39 -12.88
N PRO Y 413 -80.95 114.02 -13.47
CA PRO Y 413 -82.19 114.25 -12.73
C PRO Y 413 -82.74 112.95 -12.18
N GLY Y 414 -83.11 112.97 -10.90
CA GLY Y 414 -83.53 111.75 -10.19
C GLY Y 414 -84.95 111.30 -10.45
N ALA Y 415 -85.56 110.75 -9.40
CA ALA Y 415 -86.94 110.23 -9.42
C ALA Y 415 -87.20 109.21 -10.53
N GLY Y 416 -86.11 108.70 -11.12
CA GLY Y 416 -86.19 107.69 -12.16
C GLY Y 416 -86.59 108.20 -13.53
N ALA Y 417 -86.30 109.48 -13.78
CA ALA Y 417 -86.60 110.09 -15.07
C ALA Y 417 -85.76 109.49 -16.19
N PHE Y 418 -84.55 109.05 -15.84
CA PHE Y 418 -83.61 108.48 -16.81
C PHE Y 418 -84.04 107.11 -17.34
N TYR Y 419 -84.63 106.30 -16.47
CA TYR Y 419 -85.08 104.94 -16.82
C TYR Y 419 -86.31 104.96 -17.73
N ILE Y 420 -87.27 105.80 -17.36
CA ILE Y 420 -88.47 106.02 -18.17
C ILE Y 420 -88.08 106.56 -19.55
N ALA Y 421 -87.12 107.49 -19.58
CA ALA Y 421 -86.60 108.06 -20.84
C ALA Y 421 -85.96 107.00 -21.75
N LEU Y 422 -85.33 105.99 -21.14
CA LEU Y 422 -84.76 104.88 -21.90
C LEU Y 422 -85.84 103.93 -22.40
N SER Y 423 -86.83 103.65 -21.54
CA SER Y 423 -87.92 102.74 -21.86
C SER Y 423 -88.80 103.21 -23.02
N ARG Y 424 -88.85 104.51 -23.25
CA ARG Y 424 -89.62 105.07 -24.35
C ARG Y 424 -88.77 105.14 -25.62
N TYR Y 425 -87.51 105.56 -25.48
CA TYR Y 425 -86.58 105.67 -26.61
C TYR Y 425 -86.22 104.31 -27.21
N LEU Y 426 -85.92 103.34 -26.35
CA LEU Y 426 -85.52 102.00 -26.78
C LEU Y 426 -86.71 101.18 -27.33
N ARG Y 427 -87.92 101.71 -27.14
CA ARG Y 427 -89.12 101.12 -27.73
C ARG Y 427 -89.39 101.65 -29.15
N SER Y 428 -88.92 102.86 -29.45
CA SER Y 428 -89.17 103.52 -30.74
C SER Y 428 -88.12 103.22 -31.82
N ALA Y 429 -86.85 103.46 -31.50
CA ALA Y 429 -85.76 103.37 -32.46
C ALA Y 429 -85.13 101.98 -32.61
N ASN Y 430 -85.91 100.93 -32.31
CA ASN Y 430 -85.48 99.53 -32.53
C ASN Y 430 -85.45 99.22 -34.03
N MET Y 431 -86.41 99.79 -34.75
CA MET Y 431 -86.40 99.78 -36.20
C MET Y 431 -85.28 100.71 -36.71
N ASN Y 432 -84.87 101.66 -35.87
CA ASN Y 432 -83.89 102.67 -36.27
C ASN Y 432 -82.42 102.35 -35.95
N LYS Y 433 -82.17 101.77 -34.76
CA LYS Y 433 -80.81 101.42 -34.32
C LYS Y 433 -80.04 100.68 -35.42
N LEU Y 434 -80.69 99.72 -36.04
CA LEU Y 434 -80.09 98.92 -37.11
C LEU Y 434 -81.07 98.72 -38.25
N GLY Y 435 -82.36 98.58 -37.91
CA GLY Y 435 -83.29 97.82 -38.72
C GLY Y 435 -82.92 96.38 -38.41
N ALA Y 436 -82.80 96.11 -37.10
CA ALA Y 436 -82.05 94.97 -36.53
C ALA Y 436 -82.45 93.55 -36.93
N LYS Y 437 -81.67 92.57 -36.47
CA LYS Y 437 -81.84 91.16 -36.85
C LYS Y 437 -83.18 90.53 -36.44
N GLY Y 438 -84.10 91.36 -35.96
CA GLY Y 438 -85.46 90.93 -35.64
C GLY Y 438 -85.56 90.14 -34.35
N LYS Y 439 -84.76 89.08 -34.25
CA LYS Y 439 -84.62 88.33 -33.02
C LYS Y 439 -83.96 89.22 -31.97
N THR Y 440 -82.86 89.86 -32.35
CA THR Y 440 -82.19 90.86 -31.54
C THR Y 440 -83.20 91.86 -30.92
N LYS Y 441 -84.18 92.27 -31.74
CA LYS Y 441 -85.23 93.23 -31.36
C LYS Y 441 -86.04 92.86 -30.11
N THR Y 442 -86.24 91.56 -29.88
CA THR Y 442 -86.94 91.09 -28.67
C THR Y 442 -86.10 91.26 -27.41
N GLY Y 443 -84.77 91.18 -27.57
CA GLY Y 443 -83.84 91.41 -26.46
C GLY Y 443 -83.86 92.84 -25.94
N ILE Y 444 -83.96 93.80 -26.85
CA ILE Y 444 -84.14 95.20 -26.48
C ILE Y 444 -85.50 95.39 -25.85
N GLU Y 445 -86.55 94.97 -26.55
CA GLU Y 445 -87.96 95.14 -26.14
C GLU Y 445 -88.21 94.70 -24.69
N ALA Y 446 -87.34 93.82 -24.18
CA ALA Y 446 -87.36 93.39 -22.79
C ALA Y 446 -86.50 94.31 -21.93
N PHE Y 447 -85.22 94.43 -22.29
CA PHE Y 447 -84.27 95.32 -21.60
C PHE Y 447 -84.84 96.70 -21.38
N ALA Y 448 -85.53 97.19 -22.41
CA ALA Y 448 -86.17 98.51 -22.41
C ALA Y 448 -87.28 98.64 -21.37
N GLU Y 449 -88.19 97.67 -21.36
CA GLU Y 449 -89.32 97.66 -20.43
C GLU Y 449 -88.90 97.13 -19.05
N ALA Y 450 -87.74 96.48 -18.99
CA ALA Y 450 -87.17 95.98 -17.73
C ALA Y 450 -86.65 97.11 -16.85
N LEU Y 451 -86.11 98.15 -17.49
CA LEU Y 451 -85.55 99.32 -16.81
C LEU Y 451 -86.56 100.01 -15.90
N LEU Y 452 -87.83 99.82 -16.20
CA LEU Y 452 -88.91 100.45 -15.46
C LEU Y 452 -89.05 99.94 -14.02
N VAL Y 453 -88.08 99.16 -13.53
CA VAL Y 453 -88.10 98.69 -12.14
C VAL Y 453 -88.05 99.85 -11.16
N ILE Y 454 -87.00 100.66 -11.28
CA ILE Y 454 -86.77 101.78 -10.37
C ILE Y 454 -88.00 102.70 -10.21
N PRO Y 455 -88.62 103.15 -11.32
CA PRO Y 455 -89.87 103.90 -11.17
C PRO Y 455 -90.97 103.10 -10.47
N LYS Y 456 -91.21 101.86 -10.91
CA LYS Y 456 -92.26 100.99 -10.35
C LYS Y 456 -92.02 100.69 -8.87
N THR Y 457 -90.92 99.99 -8.58
CA THR Y 457 -90.63 99.56 -7.21
C THR Y 457 -90.38 100.74 -6.24
N LEU Y 458 -90.30 101.95 -6.78
CA LEU Y 458 -90.30 103.15 -5.94
C LEU Y 458 -91.72 103.51 -5.53
N VAL Y 459 -92.64 103.42 -6.49
CA VAL Y 459 -94.04 103.67 -6.21
C VAL Y 459 -94.64 102.52 -5.39
N LYS Y 460 -94.09 101.32 -5.56
CA LYS Y 460 -94.47 100.15 -4.73
C LYS Y 460 -94.18 100.39 -3.26
N ASN Y 461 -93.04 101.02 -2.97
CA ASN Y 461 -92.66 101.40 -1.61
C ASN Y 461 -93.49 102.57 -1.10
N SER Y 462 -93.83 103.48 -2.02
CA SER Y 462 -94.60 104.68 -1.70
C SER Y 462 -96.00 104.35 -1.20
N GLY Y 463 -96.59 103.29 -1.74
CA GLY Y 463 -97.95 102.89 -1.40
C GLY Y 463 -98.92 103.11 -2.53
N PHE Y 464 -98.67 104.15 -3.33
CA PHE Y 464 -99.47 104.46 -4.51
C PHE Y 464 -99.37 103.37 -5.56
N ASP Y 465 -100.38 103.26 -6.43
CA ASP Y 465 -100.40 102.22 -7.44
C ASP Y 465 -99.27 102.41 -8.45
N PRO Y 466 -98.36 101.41 -8.53
CA PRO Y 466 -97.13 101.47 -9.34
C PRO Y 466 -97.40 101.63 -10.83
N LEU Y 467 -98.37 100.87 -11.33
CA LEU Y 467 -98.73 100.91 -12.74
C LEU Y 467 -99.39 102.26 -13.10
N ASP Y 468 -100.12 102.83 -12.15
CA ASP Y 468 -100.88 104.07 -12.35
C ASP Y 468 -100.01 105.34 -12.38
N VAL Y 469 -99.08 105.46 -11.42
CA VAL Y 469 -98.17 106.60 -11.37
C VAL Y 469 -97.13 106.50 -12.49
N LEU Y 470 -96.85 105.28 -12.95
CA LEU Y 470 -96.01 105.07 -14.13
C LEU Y 470 -96.69 105.68 -15.35
N ALA Y 471 -97.97 105.34 -15.53
CA ALA Y 471 -98.80 105.87 -16.62
C ALA Y 471 -98.95 107.40 -16.56
N MET Y 472 -98.97 107.93 -15.35
CA MET Y 472 -99.08 109.38 -15.14
C MET Y 472 -97.86 110.16 -15.66
N VAL Y 473 -96.66 109.68 -15.33
CA VAL Y 473 -95.43 110.27 -15.85
C VAL Y 473 -95.33 110.03 -17.36
N GLU Y 474 -95.83 108.88 -17.79
CA GLU Y 474 -95.87 108.52 -19.21
C GLU Y 474 -96.81 109.46 -19.98
N ASP Y 475 -97.85 109.94 -19.30
CA ASP Y 475 -98.82 110.87 -19.90
C ASP Y 475 -98.33 112.32 -19.97
N GLU Y 476 -97.84 112.84 -18.85
CA GLU Y 476 -97.35 114.22 -18.77
C GLU Y 476 -96.06 114.44 -19.58
N LEU Y 477 -95.38 113.35 -19.92
CA LEU Y 477 -94.19 113.38 -20.77
C LEU Y 477 -94.59 113.63 -22.23
N ASP Y 478 -95.56 112.85 -22.70
CA ASP Y 478 -96.11 113.01 -24.05
C ASP Y 478 -96.73 114.39 -24.26
N ASP Y 479 -97.09 115.04 -23.15
CA ASP Y 479 -97.56 116.43 -23.18
C ASP Y 479 -96.39 117.38 -23.49
N ALA Y 480 -95.19 117.00 -23.05
CA ALA Y 480 -93.97 117.76 -23.32
C ALA Y 480 -93.31 117.40 -24.66
N GLN Y 481 -93.51 116.15 -25.10
CA GLN Y 481 -92.96 115.67 -26.36
C GLN Y 481 -93.62 116.30 -27.60
N ASP Y 482 -94.92 116.59 -27.48
CA ASP Y 482 -95.68 117.25 -28.55
C ASP Y 482 -95.52 118.76 -28.49
N SER Y 483 -95.13 119.27 -27.32
CA SER Y 483 -94.92 120.71 -27.09
C SER Y 483 -93.49 121.14 -27.39
N ASP Y 484 -92.73 120.28 -28.07
CA ASP Y 484 -91.34 120.55 -28.52
C ASP Y 484 -90.31 120.65 -27.39
N GLU Y 485 -90.47 121.64 -26.50
CA GLU Y 485 -89.53 121.89 -25.40
C GLU Y 485 -89.63 120.82 -24.32
N THR Y 486 -88.77 119.80 -24.42
CA THR Y 486 -88.80 118.66 -23.50
C THR Y 486 -88.26 119.04 -22.13
N ARG Y 487 -89.11 118.88 -21.11
CA ARG Y 487 -88.72 119.08 -19.71
C ARG Y 487 -88.69 117.73 -19.00
N TYR Y 488 -87.71 117.52 -18.11
CA TYR Y 488 -87.57 116.24 -17.40
C TYR Y 488 -88.82 115.90 -16.59
N VAL Y 489 -89.06 114.61 -16.42
CA VAL Y 489 -90.18 114.14 -15.61
C VAL Y 489 -89.88 112.81 -14.90
N GLY Y 490 -89.97 112.86 -13.57
CA GLY Y 490 -89.81 111.68 -12.73
C GLY Y 490 -91.01 111.51 -11.81
N VAL Y 491 -90.90 110.56 -10.88
CA VAL Y 491 -92.00 110.21 -10.00
C VAL Y 491 -91.97 110.94 -8.67
N ASP Y 492 -93.08 111.63 -8.36
CA ASP Y 492 -93.32 112.22 -7.05
C ASP Y 492 -93.82 111.11 -6.11
N LEU Y 493 -93.06 110.88 -5.04
CA LEU Y 493 -93.37 109.80 -4.09
C LEU Y 493 -94.17 110.26 -2.88
N ASN Y 494 -94.63 111.51 -2.91
CA ASN Y 494 -95.44 112.05 -1.82
C ASN Y 494 -96.92 112.05 -2.16
N ILE Y 495 -97.26 112.61 -3.32
CA ILE Y 495 -98.65 112.76 -3.73
C ILE Y 495 -99.10 111.73 -4.78
N GLY Y 496 -98.14 111.01 -5.37
CA GLY Y 496 -98.44 109.99 -6.38
C GLY Y 496 -98.83 110.56 -7.74
N ASP Y 497 -98.07 111.56 -8.19
CA ASP Y 497 -98.29 112.26 -9.46
C ASP Y 497 -96.98 112.37 -10.23
N SER Y 498 -97.06 112.88 -11.45
CA SER Y 498 -95.87 113.22 -12.23
C SER Y 498 -95.17 114.41 -11.61
N CYS Y 499 -93.86 114.52 -11.83
CA CYS Y 499 -93.05 115.55 -11.18
C CYS Y 499 -91.75 115.88 -11.92
N ASP Y 500 -91.29 117.13 -11.77
CA ASP Y 500 -90.01 117.57 -12.32
C ASP Y 500 -88.92 117.44 -11.25
N PRO Y 501 -87.97 116.50 -11.43
CA PRO Y 501 -86.89 116.30 -10.47
C PRO Y 501 -85.94 117.49 -10.38
N THR Y 502 -85.82 118.25 -11.47
CA THR Y 502 -84.98 119.47 -11.47
C THR Y 502 -85.60 120.57 -10.59
N ILE Y 503 -86.91 120.76 -10.71
CA ILE Y 503 -87.65 121.71 -9.87
C ILE Y 503 -87.67 121.24 -8.41
N GLU Y 504 -87.99 119.96 -8.20
CA GLU Y 504 -88.09 119.39 -6.86
C GLU Y 504 -86.73 119.16 -6.18
N GLY Y 505 -85.65 119.43 -6.90
CA GLY Y 505 -84.29 119.38 -6.34
C GLY Y 505 -83.80 118.02 -5.88
N ILE Y 506 -84.20 116.98 -6.62
CA ILE Y 506 -83.83 115.59 -6.30
C ILE Y 506 -82.88 115.02 -7.36
N TRP Y 507 -81.60 114.91 -7.00
CA TRP Y 507 -80.56 114.55 -7.95
C TRP Y 507 -79.86 113.21 -7.72
N ASP Y 508 -79.29 112.69 -8.82
CA ASP Y 508 -78.73 111.33 -8.87
C ASP Y 508 -77.43 111.37 -9.69
N SER Y 509 -76.37 110.77 -9.15
CA SER Y 509 -75.02 110.93 -9.74
C SER Y 509 -74.77 110.12 -11.02
N TYR Y 510 -73.87 110.63 -11.85
CA TYR Y 510 -73.58 110.07 -13.18
C TYR Y 510 -72.90 108.72 -13.12
N ARG Y 511 -71.76 108.66 -12.43
CA ARG Y 511 -71.00 107.42 -12.31
C ARG Y 511 -71.84 106.32 -11.69
N VAL Y 512 -72.84 106.71 -10.89
CA VAL Y 512 -73.77 105.77 -10.28
C VAL Y 512 -74.57 105.00 -11.34
N LEU Y 513 -75.23 105.72 -12.24
CA LEU Y 513 -76.03 105.10 -13.29
C LEU Y 513 -75.19 104.53 -14.43
N ARG Y 514 -73.94 105.00 -14.54
CA ARG Y 514 -73.02 104.54 -15.58
C ARG Y 514 -72.56 103.10 -15.31
N ASN Y 515 -72.13 102.84 -14.08
CA ASN Y 515 -71.70 101.51 -13.67
C ASN Y 515 -72.85 100.68 -13.12
N ALA Y 516 -74.05 101.26 -13.10
CA ALA Y 516 -75.25 100.53 -12.71
C ALA Y 516 -75.68 99.61 -13.84
N ILE Y 517 -75.97 100.20 -15.00
CA ILE Y 517 -76.48 99.42 -16.13
C ILE Y 517 -75.43 98.42 -16.62
N THR Y 518 -74.19 98.88 -16.83
CA THR Y 518 -73.12 98.01 -17.33
C THR Y 518 -72.88 96.81 -16.41
N GLY Y 519 -73.09 97.03 -15.12
CA GLY Y 519 -72.96 95.98 -14.11
C GLY Y 519 -74.10 94.99 -14.15
N ALA Y 520 -75.33 95.51 -14.26
CA ALA Y 520 -76.54 94.68 -14.29
C ALA Y 520 -76.64 93.88 -15.57
N THR Y 521 -76.35 94.52 -16.70
CA THR Y 521 -76.33 93.86 -17.99
C THR Y 521 -75.24 92.80 -18.03
N GLY Y 522 -74.02 93.17 -17.65
CA GLY Y 522 -72.89 92.25 -17.61
C GLY Y 522 -73.12 90.96 -16.84
N ILE Y 523 -73.93 91.00 -15.79
CA ILE Y 523 -74.18 89.81 -15.00
C ILE Y 523 -75.44 89.10 -15.47
N ALA Y 524 -76.53 89.85 -15.62
CA ALA Y 524 -77.77 89.27 -16.12
C ALA Y 524 -77.57 88.64 -17.51
N SER Y 525 -76.82 89.33 -18.36
CA SER Y 525 -76.52 88.86 -19.72
C SER Y 525 -75.41 87.80 -19.71
N ASN Y 526 -75.10 87.30 -18.52
CA ASN Y 526 -74.18 86.21 -18.38
C ASN Y 526 -74.89 85.05 -17.73
N LEU Y 527 -75.84 85.39 -16.86
CA LEU Y 527 -76.69 84.43 -16.16
C LEU Y 527 -77.62 83.68 -17.11
N LEU Y 528 -78.18 84.40 -18.07
CA LEU Y 528 -79.02 83.78 -19.09
C LEU Y 528 -78.24 82.74 -19.88
N LEU Y 529 -77.00 83.08 -20.25
CA LEU Y 529 -76.15 82.27 -21.11
C LEU Y 529 -75.75 80.89 -20.56
N CYS Y 530 -75.96 80.65 -19.27
CA CYS Y 530 -75.58 79.36 -18.69
C CYS Y 530 -76.61 78.27 -18.99
N ASP Y 531 -76.14 77.03 -19.12
CA ASP Y 531 -76.99 75.88 -19.39
C ASP Y 531 -76.82 74.78 -18.34
N GLU Y 532 -75.75 74.88 -17.55
CA GLU Y 532 -75.45 73.91 -16.49
C GLU Y 532 -74.97 74.58 -15.21
N LEU Y 533 -75.35 74.02 -14.06
CA LEU Y 533 -74.82 74.42 -12.75
C LEU Y 533 -74.20 73.21 -12.06
N LEU Y 534 -72.87 73.17 -12.05
CA LEU Y 534 -72.16 71.98 -11.60
C LEU Y 534 -71.64 72.07 -10.18
N ARG Y 535 -71.59 70.92 -9.52
CA ARG Y 535 -70.90 70.76 -8.24
C ARG Y 535 -70.01 69.52 -8.28
N ALA Y 536 -68.70 69.75 -8.28
CA ALA Y 536 -67.69 68.68 -8.29
C ALA Y 536 -66.40 69.21 -7.70
N GLY Y 537 -65.82 68.45 -6.78
CA GLY Y 537 -64.58 68.85 -6.11
C GLY Y 537 -64.12 67.84 -5.07
N ARG Y 538 -63.01 68.18 -4.40
CA ARG Y 538 -62.43 67.31 -3.36
C ARG Y 538 -63.21 67.40 -2.05
N SER Y 539 -63.28 66.27 -1.34
CA SER Y 539 -64.04 66.13 -0.08
C SER Y 539 -63.78 67.23 0.96
N PRO Z 6 -100.22 64.90 2.14
CA PRO Z 6 -100.07 66.28 2.61
C PRO Z 6 -98.69 66.87 2.26
N GLN Z 7 -98.19 67.78 3.12
CA GLN Z 7 -96.85 68.39 3.03
C GLN Z 7 -96.77 69.74 2.27
N ASN Z 8 -96.24 70.75 2.97
CA ASN Z 8 -96.09 72.12 2.43
C ASN Z 8 -94.78 72.39 1.71
N PRO Z 9 -94.79 73.30 0.71
CA PRO Z 9 -93.58 73.72 0.00
C PRO Z 9 -92.77 74.84 0.71
N ASN Z 10 -91.59 75.13 0.17
CA ASN Z 10 -90.71 76.21 0.66
C ASN Z 10 -91.03 77.59 0.05
N ALA Z 11 -90.54 78.66 0.69
CA ALA Z 11 -90.76 80.03 0.21
C ALA Z 11 -89.60 80.57 -0.65
N GLY Z 12 -88.39 80.56 -0.09
CA GLY Z 12 -87.20 81.06 -0.77
C GLY Z 12 -85.96 80.73 0.04
N LEU Z 13 -84.99 80.06 -0.57
CA LEU Z 13 -83.81 79.58 0.14
C LEU Z 13 -82.51 80.23 -0.35
N PHE Z 14 -82.28 81.46 0.10
CA PHE Z 14 -81.06 82.19 -0.23
C PHE Z 14 -80.02 82.03 0.88
N LYS Z 15 -80.49 81.81 2.11
CA LYS Z 15 -79.64 81.86 3.30
C LYS Z 15 -79.52 80.52 4.04
N GLN Z 16 -78.54 80.43 4.95
CA GLN Z 16 -78.22 79.20 5.66
C GLN Z 16 -79.33 78.68 6.59
N GLY Z 17 -80.10 79.60 7.17
CA GLY Z 17 -81.16 79.24 8.12
C GLY Z 17 -81.45 80.35 9.12
N TYR Z 18 -82.42 81.20 8.79
CA TYR Z 18 -82.74 82.40 9.57
C TYR Z 18 -84.22 82.44 9.99
N ASN Z 19 -84.61 83.58 10.57
CA ASN Z 19 -86.02 83.88 10.88
C ASN Z 19 -86.36 85.36 10.67
N SER Z 20 -87.37 85.64 9.83
CA SER Z 20 -87.78 87.01 9.52
C SER Z 20 -89.18 87.35 10.02
N TYR Z 21 -89.29 88.46 10.75
CA TYR Z 21 -90.54 88.86 11.40
C TYR Z 21 -91.10 90.11 10.73
N SER Z 22 -91.85 89.89 9.66
CA SER Z 22 -92.27 90.93 8.72
C SER Z 22 -93.59 91.63 9.10
N ASN Z 23 -94.22 92.26 8.10
CA ASN Z 23 -95.50 93.00 8.21
C ASN Z 23 -95.64 93.89 9.45
N ALA Z 24 -94.49 94.25 10.04
CA ALA Z 24 -94.41 94.94 11.33
C ALA Z 24 -95.02 94.15 12.49
N ASP Z 25 -95.32 92.87 12.27
CA ASP Z 25 -95.93 92.02 13.28
C ASP Z 25 -95.03 91.93 14.51
N GLY Z 26 -93.81 91.44 14.31
CA GLY Z 26 -92.80 91.39 15.35
C GLY Z 26 -92.42 92.77 15.87
N GLN Z 27 -93.16 93.80 15.43
CA GLN Z 27 -92.98 95.19 15.85
C GLN Z 27 -94.26 95.84 16.38
N ILE Z 28 -95.30 95.87 15.55
CA ILE Z 28 -96.59 96.45 15.93
C ILE Z 28 -97.32 95.64 17.02
N ILE Z 29 -97.16 94.32 17.03
CA ILE Z 29 -97.86 93.52 18.03
C ILE Z 29 -96.92 92.75 18.95
N LYS Z 30 -96.17 91.79 18.40
CA LYS Z 30 -95.35 90.87 19.19
C LYS Z 30 -94.18 91.57 19.90
N SER Z 31 -93.80 92.75 19.39
CA SER Z 31 -92.74 93.55 19.98
C SER Z 31 -93.26 94.33 21.18
N ILE Z 32 -94.32 95.11 20.97
CA ILE Z 32 -94.97 95.88 22.04
C ILE Z 32 -95.21 94.98 23.27
N ALA Z 33 -95.70 93.76 23.02
CA ALA Z 33 -96.00 92.81 24.11
C ALA Z 33 -94.75 92.29 24.82
N ALA Z 34 -93.67 92.06 24.08
CA ALA Z 34 -92.41 91.60 24.66
C ALA Z 34 -91.79 92.69 25.53
N ILE Z 35 -91.97 93.94 25.10
CA ILE Z 35 -91.57 95.11 25.88
C ILE Z 35 -92.44 95.24 27.13
N ARG Z 36 -93.74 94.94 26.99
CA ARG Z 36 -94.70 94.98 28.10
C ARG Z 36 -94.33 94.07 29.29
N GLU Z 37 -93.64 92.96 29.02
CA GLU Z 37 -93.22 92.02 30.07
C GLU Z 37 -92.16 92.63 31.00
N LEU Z 38 -91.22 93.38 30.42
CA LEU Z 38 -90.22 94.11 31.21
C LEU Z 38 -90.69 95.52 31.58
N HIS Z 39 -91.80 95.94 30.98
CA HIS Z 39 -92.45 97.21 31.34
C HIS Z 39 -93.15 97.04 32.70
N GLN Z 40 -93.90 95.95 32.85
CA GLN Z 40 -94.55 95.59 34.12
C GLN Z 40 -93.54 95.15 35.18
N MET Z 41 -92.30 94.94 34.74
CA MET Z 41 -91.17 94.61 35.62
C MET Z 41 -90.85 95.78 36.57
N CYS Z 42 -90.25 96.82 36.03
CA CYS Z 42 -89.80 97.97 36.82
C CYS Z 42 -90.91 98.98 37.10
N LEU Z 43 -92.09 98.73 36.54
CA LEU Z 43 -93.30 99.51 36.85
C LEU Z 43 -93.57 99.50 38.34
N THR Z 44 -93.23 98.37 38.97
CA THR Z 44 -93.38 98.21 40.42
C THR Z 44 -92.09 98.57 41.17
N SER Z 45 -91.14 99.16 40.46
CA SER Z 45 -89.87 99.55 41.07
C SER Z 45 -89.68 101.08 41.13
N MET Z 46 -90.52 101.79 40.37
CA MET Z 46 -90.51 103.25 40.38
C MET Z 46 -90.92 103.81 41.74
N GLY Z 47 -90.10 104.71 42.27
CA GLY Z 47 -90.46 105.49 43.45
C GLY Z 47 -90.26 104.82 44.80
N PRO Z 48 -90.47 105.58 45.89
CA PRO Z 48 -90.27 105.16 47.28
C PRO Z 48 -91.03 103.89 47.63
N CYS Z 49 -92.27 103.78 47.15
CA CYS Z 49 -93.09 102.61 47.43
C CYS Z 49 -92.66 101.38 46.64
N GLY Z 50 -91.90 101.61 45.56
CA GLY Z 50 -91.40 100.54 44.70
C GLY Z 50 -90.61 99.46 45.42
N ARG Z 51 -90.70 98.23 44.90
CA ARG Z 51 -90.04 97.08 45.52
C ARG Z 51 -88.76 96.69 44.78
N ASN Z 52 -87.84 96.05 45.50
CA ASN Z 52 -86.57 95.58 44.94
C ASN Z 52 -86.71 94.21 44.30
N LYS Z 53 -85.84 93.89 43.36
CA LYS Z 53 -85.90 92.60 42.66
C LYS Z 53 -84.58 91.85 42.75
N ILE Z 54 -84.61 90.73 43.45
CA ILE Z 54 -83.41 89.93 43.72
C ILE Z 54 -82.98 89.13 42.48
N ILE Z 55 -81.90 89.58 41.84
CA ILE Z 55 -81.46 88.98 40.58
C ILE Z 55 -80.18 88.17 40.76
N VAL Z 56 -80.21 86.93 40.28
CA VAL Z 56 -79.03 86.07 40.29
C VAL Z 56 -78.49 85.95 38.86
N ASN Z 57 -77.18 86.19 38.71
CA ASN Z 57 -76.55 86.35 37.40
C ASN Z 57 -76.07 85.05 36.74
N HIS Z 58 -75.23 85.21 35.70
CA HIS Z 58 -74.67 84.09 34.95
C HIS Z 58 -73.60 83.32 35.74
N LEU Z 59 -73.13 83.91 36.83
CA LEU Z 59 -72.11 83.29 37.68
C LEU Z 59 -72.65 82.90 39.06
N GLY Z 60 -73.88 83.30 39.36
CA GLY Z 60 -74.54 82.92 40.62
C GLY Z 60 -74.50 83.94 41.75
N LYS Z 61 -73.93 85.11 41.49
CA LYS Z 61 -73.81 86.17 42.49
C LYS Z 61 -75.10 86.98 42.60
N ILE Z 62 -75.56 87.16 43.84
CA ILE Z 62 -76.80 87.87 44.12
C ILE Z 62 -76.65 89.37 43.91
N ILE Z 63 -77.66 89.98 43.30
CA ILE Z 63 -77.71 91.42 43.13
C ILE Z 63 -79.14 91.89 43.39
N ILE Z 64 -79.29 92.90 44.24
CA ILE Z 64 -80.60 93.42 44.62
C ILE Z 64 -80.69 94.92 44.32
N THR Z 65 -81.62 95.29 43.43
CA THR Z 65 -81.71 96.68 43.00
C THR Z 65 -83.12 97.22 42.92
N ASN Z 66 -83.23 98.52 43.15
CA ASN Z 66 -84.41 99.29 42.85
C ASN Z 66 -84.25 99.98 41.49
N ASP Z 67 -83.00 100.20 41.08
CA ASP Z 67 -82.67 100.83 39.81
C ASP Z 67 -83.17 100.00 38.65
N ALA Z 68 -83.69 100.68 37.63
CA ALA Z 68 -84.14 100.00 36.43
C ALA Z 68 -82.96 99.55 35.56
N ALA Z 69 -82.00 100.44 35.34
CA ALA Z 69 -80.89 100.18 34.42
C ALA Z 69 -79.89 99.17 34.98
N THR Z 70 -79.74 99.12 36.30
CA THR Z 70 -78.90 98.13 36.95
C THR Z 70 -79.57 96.77 36.84
N MET Z 71 -80.85 96.74 37.23
CA MET Z 71 -81.69 95.55 37.17
C MET Z 71 -81.74 94.94 35.77
N LEU Z 72 -81.82 95.79 34.75
CA LEU Z 72 -81.81 95.34 33.36
C LEU Z 72 -80.42 94.90 32.91
N ARG Z 73 -79.39 95.62 33.37
CA ARG Z 73 -77.99 95.33 33.01
C ARG Z 73 -77.56 93.93 33.44
N GLU Z 74 -78.13 93.45 34.54
CA GLU Z 74 -77.81 92.11 35.07
C GLU Z 74 -78.56 90.97 34.38
N LEU Z 75 -79.60 91.31 33.63
CA LEU Z 75 -80.37 90.33 32.90
C LEU Z 75 -79.70 89.96 31.58
N ASP Z 76 -80.01 88.75 31.11
CA ASP Z 76 -79.66 88.31 29.76
C ASP Z 76 -80.91 88.47 28.92
N ILE Z 77 -80.85 89.34 27.92
CA ILE Z 77 -82.04 89.68 27.12
C ILE Z 77 -81.88 89.31 25.64
N VAL Z 78 -82.95 88.77 25.06
CA VAL Z 78 -82.92 88.23 23.70
C VAL Z 78 -83.66 89.09 22.67
N HIS Z 79 -84.94 89.39 22.91
CA HIS Z 79 -85.77 90.14 21.96
C HIS Z 79 -85.18 91.51 21.60
N PRO Z 80 -84.80 91.67 20.32
CA PRO Z 80 -84.10 92.87 19.87
C PRO Z 80 -84.82 94.15 20.26
N ALA Z 81 -86.14 94.20 20.03
CA ALA Z 81 -86.92 95.40 20.29
C ALA Z 81 -87.02 95.71 21.77
N VAL Z 82 -86.67 94.74 22.60
CA VAL Z 82 -86.56 94.97 24.03
C VAL Z 82 -85.17 95.54 24.33
N LYS Z 83 -84.13 94.96 23.70
CA LYS Z 83 -82.77 95.46 23.85
C LYS Z 83 -82.65 96.95 23.60
N VAL Z 84 -83.50 97.45 22.71
CA VAL Z 84 -83.53 98.88 22.36
C VAL Z 84 -83.74 99.73 23.59
N LEU Z 85 -84.82 99.47 24.33
CA LEU Z 85 -85.16 100.24 25.52
C LEU Z 85 -84.17 100.01 26.65
N VAL Z 86 -83.55 98.83 26.66
CA VAL Z 86 -82.55 98.50 27.67
C VAL Z 86 -81.32 99.38 27.50
N MET Z 87 -80.86 99.48 26.26
CA MET Z 87 -79.73 100.34 25.94
C MET Z 87 -80.08 101.81 26.22
N ALA Z 88 -81.36 102.13 26.13
CA ALA Z 88 -81.84 103.48 26.42
C ALA Z 88 -81.75 103.81 27.90
N THR Z 89 -81.93 102.80 28.75
CA THR Z 89 -81.80 103.02 30.19
C THR Z 89 -80.33 103.10 30.58
N GLU Z 90 -79.48 102.42 29.81
CA GLU Z 90 -78.03 102.50 29.98
C GLU Z 90 -77.49 103.83 29.48
N GLN Z 91 -78.23 104.47 28.57
CA GLN Z 91 -77.95 105.83 28.15
C GLN Z 91 -78.09 106.79 29.31
N GLN Z 92 -79.26 106.81 29.95
CA GLN Z 92 -79.52 107.76 31.02
C GLN Z 92 -78.82 107.43 32.34
N LYS Z 93 -78.25 106.23 32.42
CA LYS Z 93 -77.42 105.85 33.56
C LYS Z 93 -76.06 106.53 33.51
N ILE Z 94 -75.40 106.51 32.35
CA ILE Z 94 -74.10 107.15 32.22
C ILE Z 94 -74.23 108.67 32.04
N ASP Z 95 -75.40 109.12 31.57
CA ASP Z 95 -75.58 110.52 31.22
C ASP Z 95 -76.40 111.37 32.21
N MET Z 96 -76.77 110.80 33.35
CA MET Z 96 -77.44 111.58 34.40
C MET Z 96 -77.32 110.94 35.78
N GLY Z 97 -77.43 109.62 35.84
CA GLY Z 97 -77.41 108.90 37.12
C GLY Z 97 -78.82 108.59 37.61
N ASP Z 98 -79.73 109.54 37.45
CA ASP Z 98 -81.14 109.35 37.73
C ASP Z 98 -81.95 109.20 36.44
N GLY Z 99 -83.23 108.86 36.59
CA GLY Z 99 -84.17 108.83 35.48
C GLY Z 99 -84.29 107.50 34.75
N THR Z 100 -83.39 106.56 35.07
CA THR Z 100 -83.30 105.26 34.40
C THR Z 100 -84.60 104.44 34.44
N ASN Z 101 -85.38 104.63 35.50
CA ASN Z 101 -86.68 103.98 35.65
C ASN Z 101 -87.72 104.66 34.74
N LEU Z 102 -87.63 105.99 34.66
CA LEU Z 102 -88.54 106.82 33.87
C LEU Z 102 -88.34 106.61 32.37
N VAL Z 103 -87.09 106.36 31.97
CA VAL Z 103 -86.76 106.01 30.58
C VAL Z 103 -87.60 104.82 30.16
N MET Z 104 -87.56 103.77 30.97
CA MET Z 104 -88.34 102.58 30.70
C MET Z 104 -89.82 102.92 30.64
N ILE Z 105 -90.36 103.38 31.77
CA ILE Z 105 -91.80 103.63 31.93
C ILE Z 105 -92.46 104.44 30.80
N LEU Z 106 -91.79 105.50 30.36
CA LEU Z 106 -92.27 106.29 29.22
C LEU Z 106 -92.18 105.49 27.93
N ALA Z 107 -90.99 104.98 27.63
CA ALA Z 107 -90.77 104.18 26.43
C ALA Z 107 -91.74 103.01 26.40
N GLY Z 108 -91.93 102.40 27.56
CA GLY Z 108 -92.84 101.26 27.69
C GLY Z 108 -94.28 101.61 27.38
N GLU Z 109 -94.73 102.77 27.83
CA GLU Z 109 -96.12 103.17 27.62
C GLU Z 109 -96.34 103.95 26.33
N LEU Z 110 -95.29 104.63 25.85
CA LEU Z 110 -95.33 105.28 24.55
C LEU Z 110 -95.70 104.25 23.47
N LEU Z 111 -95.17 103.03 23.62
CA LEU Z 111 -95.45 101.92 22.72
C LEU Z 111 -96.75 101.21 23.06
N ASN Z 112 -97.03 101.15 24.36
CA ASN Z 112 -98.22 100.49 24.89
C ASN Z 112 -99.51 101.25 24.54
N VAL Z 113 -99.42 102.58 24.48
CA VAL Z 113 -100.55 103.41 24.08
C VAL Z 113 -100.49 103.68 22.58
N SER Z 114 -99.38 103.30 21.95
CA SER Z 114 -99.21 103.39 20.50
C SER Z 114 -99.97 102.28 19.77
N GLU Z 115 -100.22 101.18 20.47
CA GLU Z 115 -100.98 100.05 19.95
C GLU Z 115 -102.38 100.49 19.52
N LYS Z 116 -103.07 101.23 20.39
CA LYS Z 116 -104.38 101.79 20.08
C LYS Z 116 -104.33 102.57 18.77
N LEU Z 117 -103.23 103.28 18.55
CA LEU Z 117 -103.02 104.04 17.31
C LEU Z 117 -102.68 103.15 16.11
N ILE Z 118 -101.91 102.09 16.34
CA ILE Z 118 -101.52 101.16 15.26
C ILE Z 118 -102.73 100.40 14.71
N SER Z 119 -103.63 100.03 15.60
CA SER Z 119 -104.87 99.36 15.21
C SER Z 119 -105.93 100.33 14.70
N MET Z 120 -105.91 101.58 15.17
CA MET Z 120 -106.87 102.61 14.71
C MET Z 120 -106.78 102.82 13.20
N GLY Z 121 -105.57 102.69 12.65
CA GLY Z 121 -105.37 102.78 11.22
C GLY Z 121 -104.29 103.76 10.81
N LEU Z 122 -103.55 104.26 11.79
CA LEU Z 122 -102.42 105.17 11.56
C LEU Z 122 -101.25 104.45 10.93
N SER Z 123 -100.40 105.22 10.25
CA SER Z 123 -99.17 104.66 9.70
C SER Z 123 -98.07 104.75 10.75
N ALA Z 124 -97.02 103.96 10.57
CA ALA Z 124 -95.86 104.01 11.44
C ALA Z 124 -95.19 105.37 11.33
N VAL Z 125 -94.93 105.80 10.09
CA VAL Z 125 -94.36 107.11 9.77
C VAL Z 125 -95.21 108.26 10.34
N GLU Z 126 -96.52 108.02 10.48
CA GLU Z 126 -97.48 109.00 11.01
C GLU Z 126 -97.31 109.23 12.51
N ILE Z 127 -97.11 108.13 13.24
CA ILE Z 127 -96.94 108.18 14.69
C ILE Z 127 -95.54 108.67 15.06
N ILE Z 128 -94.52 108.15 14.37
CA ILE Z 128 -93.14 108.60 14.54
C ILE Z 128 -93.07 110.14 14.56
N GLN Z 129 -93.58 110.76 13.49
CA GLN Z 129 -93.55 112.21 13.31
C GLN Z 129 -94.38 112.94 14.38
N GLY Z 130 -95.53 112.38 14.72
CA GLY Z 130 -96.42 112.96 15.72
C GLY Z 130 -95.82 112.97 17.10
N TYR Z 131 -95.08 111.91 17.41
CA TYR Z 131 -94.41 111.77 18.71
C TYR Z 131 -93.22 112.71 18.83
N ASN Z 132 -92.49 112.87 17.75
CA ASN Z 132 -91.43 113.87 17.69
C ASN Z 132 -92.01 115.27 17.89
N MET Z 133 -93.08 115.56 17.15
CA MET Z 133 -93.80 116.83 17.28
C MET Z 133 -94.28 117.05 18.71
N ALA Z 134 -94.52 115.96 19.42
CA ALA Z 134 -94.95 116.02 20.81
C ALA Z 134 -93.78 116.22 21.74
N ARG Z 135 -92.68 115.48 21.50
CA ARG Z 135 -91.47 115.55 22.33
C ARG Z 135 -90.83 116.94 22.32
N LYS Z 136 -90.71 117.53 21.14
CA LYS Z 136 -90.14 118.86 20.97
C LYS Z 136 -90.96 119.93 21.69
N PHE Z 137 -92.25 119.65 21.87
CA PHE Z 137 -93.14 120.52 22.64
C PHE Z 137 -93.00 120.27 24.14
N THR Z 138 -92.79 119.01 24.51
CA THR Z 138 -92.69 118.62 25.92
C THR Z 138 -91.51 119.27 26.60
N LEU Z 139 -90.36 119.29 25.93
CA LEU Z 139 -89.15 119.90 26.46
C LEU Z 139 -89.28 121.43 26.54
N LYS Z 140 -89.86 122.02 25.50
CA LYS Z 140 -90.07 123.47 25.44
C LYS Z 140 -91.05 123.95 26.52
N GLU Z 141 -92.20 123.30 26.64
CA GLU Z 141 -93.20 123.66 27.64
C GLU Z 141 -92.80 123.20 29.05
N LEU Z 142 -91.65 122.56 29.17
CA LEU Z 142 -91.08 122.17 30.47
C LEU Z 142 -90.17 123.25 31.05
N ASP Z 143 -89.30 123.81 30.21
CA ASP Z 143 -88.40 124.89 30.61
C ASP Z 143 -89.14 126.03 31.30
N GLU Z 144 -90.42 126.19 30.98
CA GLU Z 144 -91.28 127.20 31.60
C GLU Z 144 -92.15 126.61 32.73
N MET Z 145 -91.57 125.71 33.52
CA MET Z 145 -92.21 125.19 34.74
C MET Z 145 -91.22 125.11 35.90
N VAL Z 146 -90.04 125.69 35.69
CA VAL Z 146 -88.93 125.64 36.65
C VAL Z 146 -89.11 126.61 37.83
N VAL Z 147 -88.91 126.07 39.04
CA VAL Z 147 -88.89 126.88 40.27
C VAL Z 147 -87.47 126.85 40.86
N GLY Z 148 -87.14 127.84 41.68
CA GLY Z 148 -85.87 127.91 42.41
C GLY Z 148 -84.64 127.41 41.65
N GLU Z 149 -84.10 128.25 40.78
CA GLU Z 149 -82.83 127.96 40.11
C GLU Z 149 -81.70 128.13 41.13
N ILE Z 150 -81.76 127.34 42.21
CA ILE Z 150 -80.84 127.45 43.33
C ILE Z 150 -79.39 127.28 42.89
N THR Z 151 -78.61 128.34 43.10
CA THR Z 151 -77.22 128.41 42.69
C THR Z 151 -76.38 129.10 43.75
N ASP Z 152 -76.66 128.82 45.02
CA ASP Z 152 -75.92 129.43 46.12
C ASP Z 152 -74.50 128.87 46.15
N LYS Z 153 -73.62 129.48 45.35
CA LYS Z 153 -72.26 128.99 45.10
C LYS Z 153 -72.22 127.46 45.22
N ASN Z 154 -71.44 126.97 46.18
CA ASN Z 154 -71.39 125.55 46.50
C ASN Z 154 -71.88 125.33 47.94
N ASP Z 155 -73.18 125.52 48.14
CA ASP Z 155 -73.79 125.50 49.48
C ASP Z 155 -73.99 124.08 49.98
N LYS Z 156 -73.75 123.89 51.28
CA LYS Z 156 -73.94 122.59 51.93
C LYS Z 156 -75.40 122.35 52.33
N ASN Z 157 -76.10 123.41 52.69
CA ASN Z 157 -77.51 123.31 53.10
C ASN Z 157 -78.46 122.97 51.95
N GLU Z 158 -78.23 123.61 50.81
CA GLU Z 158 -79.09 123.42 49.63
C GLU Z 158 -78.89 122.04 49.01
N LEU Z 159 -77.65 121.53 49.04
CA LEU Z 159 -77.31 120.21 48.52
C LEU Z 159 -78.16 119.10 49.15
N LEU Z 160 -78.43 119.25 50.44
CA LEU Z 160 -79.25 118.30 51.20
C LEU Z 160 -80.71 118.31 50.72
N LYS Z 161 -81.23 119.50 50.44
CA LYS Z 161 -82.60 119.65 49.93
C LYS Z 161 -82.74 119.04 48.53
N MET Z 162 -81.64 119.05 47.78
CA MET Z 162 -81.61 118.57 46.40
C MET Z 162 -81.49 117.04 46.31
N ILE Z 163 -80.62 116.46 47.14
CA ILE Z 163 -80.32 115.02 47.10
C ILE Z 163 -81.41 114.15 47.72
N LYS Z 164 -82.00 114.60 48.82
CA LYS Z 164 -83.00 113.84 49.58
C LYS Z 164 -84.08 113.10 48.74
N PRO Z 165 -84.69 113.76 47.74
CA PRO Z 165 -85.69 113.05 46.92
C PRO Z 165 -85.10 112.04 45.94
N VAL Z 166 -83.85 112.24 45.54
CA VAL Z 166 -83.16 111.30 44.64
C VAL Z 166 -82.79 110.01 45.37
N ILE Z 167 -82.21 110.15 46.56
CA ILE Z 167 -81.91 109.02 47.43
C ILE Z 167 -83.19 108.28 47.85
N SER Z 168 -84.23 109.05 48.18
CA SER Z 168 -85.48 108.53 48.74
C SER Z 168 -86.19 107.47 47.89
N SER Z 169 -86.14 107.64 46.58
CA SER Z 169 -86.86 106.74 45.69
C SER Z 169 -86.15 105.41 45.46
N LYS Z 170 -84.84 105.37 45.76
CA LYS Z 170 -84.05 104.16 45.62
C LYS Z 170 -83.99 103.30 46.89
N LYS Z 171 -83.71 103.96 48.02
CA LYS Z 171 -83.65 103.30 49.30
C LYS Z 171 -84.40 104.12 50.36
N TYR Z 172 -85.74 104.02 50.36
CA TYR Z 172 -86.63 104.86 51.17
C TYR Z 172 -86.40 104.77 52.69
N GLY Z 173 -85.82 103.66 53.14
CA GLY Z 173 -85.50 103.45 54.55
C GLY Z 173 -85.02 104.72 55.24
N SER Z 174 -83.91 105.28 54.77
CA SER Z 174 -83.35 106.47 55.37
C SER Z 174 -82.85 107.45 54.32
N GLU Z 175 -83.77 108.25 53.79
CA GLU Z 175 -83.43 109.33 52.88
C GLU Z 175 -82.71 110.46 53.61
N ASP Z 176 -82.96 110.54 54.92
CA ASP Z 176 -82.40 111.56 55.79
C ASP Z 176 -80.95 111.25 56.17
N ILE Z 177 -80.74 110.07 56.77
CA ILE Z 177 -79.44 109.68 57.30
C ILE Z 177 -78.38 109.44 56.22
N LEU Z 178 -78.83 109.12 55.01
CA LEU Z 178 -77.92 108.91 53.90
C LEU Z 178 -77.47 110.21 53.25
N SER Z 179 -78.40 111.02 52.74
CA SER Z 179 -78.03 112.25 52.02
C SER Z 179 -77.27 113.25 52.90
N GLU Z 180 -77.25 113.01 54.20
CA GLU Z 180 -76.42 113.79 55.13
C GLU Z 180 -74.96 113.36 55.04
N LEU Z 181 -74.74 112.10 54.66
CA LEU Z 181 -73.39 111.54 54.46
C LEU Z 181 -72.85 111.86 53.08
N VAL Z 182 -73.76 111.93 52.10
CA VAL Z 182 -73.41 112.30 50.73
C VAL Z 182 -73.02 113.77 50.71
N SER Z 183 -74.00 114.63 51.04
CA SER Z 183 -73.83 116.06 51.10
C SER Z 183 -72.53 116.44 51.82
N GLU Z 184 -72.26 115.75 52.92
CA GLU Z 184 -71.07 115.99 53.75
C GLU Z 184 -69.77 115.62 53.04
N ALA Z 185 -69.78 114.51 52.32
CA ALA Z 185 -68.60 114.08 51.55
C ALA Z 185 -68.36 114.99 50.34
N VAL Z 186 -69.43 115.61 49.85
CA VAL Z 186 -69.35 116.61 48.79
C VAL Z 186 -68.85 117.94 49.35
N SER Z 187 -69.34 118.30 50.54
CA SER Z 187 -68.96 119.53 51.24
C SER Z 187 -67.46 119.63 51.51
N HIS Z 188 -66.78 118.49 51.50
CA HIS Z 188 -65.34 118.45 51.76
C HIS Z 188 -64.52 118.55 50.46
N VAL Z 189 -65.20 118.50 49.32
CA VAL Z 189 -64.52 118.52 48.03
C VAL Z 189 -64.72 119.84 47.29
N LEU Z 190 -65.91 120.44 47.46
CA LEU Z 190 -66.26 121.69 46.79
C LEU Z 190 -65.53 122.93 47.36
N PRO Z 191 -64.97 123.77 46.47
CA PRO Z 191 -64.20 124.94 46.91
C PRO Z 191 -65.08 126.07 47.43
N TYR Z 201 -64.37 119.96 37.37
CA TYR Z 201 -65.76 120.35 37.65
C TYR Z 201 -66.47 119.32 38.55
N PHE Z 202 -66.18 119.42 39.85
CA PHE Z 202 -66.80 118.60 40.91
C PHE Z 202 -66.87 117.12 40.59
N ASN Z 203 -65.71 116.54 40.26
CA ASN Z 203 -65.59 115.15 39.80
C ASN Z 203 -66.44 114.15 40.56
N VAL Z 204 -67.16 113.31 39.82
CA VAL Z 204 -67.88 112.18 40.39
C VAL Z 204 -66.83 111.29 41.07
N ASP Z 205 -65.60 111.36 40.56
CA ASP Z 205 -64.51 110.51 41.01
C ASP Z 205 -63.84 111.02 42.27
N SER Z 206 -64.06 112.29 42.58
CA SER Z 206 -63.48 112.90 43.78
C SER Z 206 -64.05 112.30 45.08
N ILE Z 207 -65.27 111.74 45.00
CA ILE Z 207 -65.91 111.09 46.14
C ILE Z 207 -65.91 109.58 45.95
N ARG Z 208 -65.35 108.87 46.92
CA ARG Z 208 -65.21 107.42 46.86
C ARG Z 208 -65.98 106.76 48.00
N VAL Z 209 -66.43 105.52 47.78
CA VAL Z 209 -67.21 104.75 48.77
C VAL Z 209 -66.47 103.47 49.20
N VAL Z 210 -66.30 103.30 50.51
CA VAL Z 210 -65.75 102.06 51.09
C VAL Z 210 -66.75 101.44 52.06
N LYS Z 211 -67.26 100.26 51.72
CA LYS Z 211 -68.27 99.58 52.52
C LYS Z 211 -67.67 98.40 53.27
N ILE Z 212 -67.94 98.34 54.58
CA ILE Z 212 -67.44 97.27 55.45
C ILE Z 212 -68.54 96.79 56.42
N MET Z 213 -68.77 95.47 56.43
CA MET Z 213 -69.87 94.86 57.19
C MET Z 213 -69.70 94.95 58.70
N GLY Z 214 -70.79 95.31 59.38
CA GLY Z 214 -70.82 95.46 60.83
C GLY Z 214 -71.52 96.73 61.28
N GLY Z 215 -72.40 96.59 62.27
CA GLY Z 215 -73.16 97.72 62.81
C GLY Z 215 -74.53 97.88 62.20
N SER Z 216 -74.92 99.14 61.97
CA SER Z 216 -76.16 99.47 61.28
C SER Z 216 -75.89 100.51 60.20
N LEU Z 217 -76.96 100.94 59.51
CA LEU Z 217 -76.87 101.95 58.43
C LEU Z 217 -76.53 103.33 58.99
N SER Z 218 -76.68 103.48 60.32
CA SER Z 218 -76.43 104.74 61.02
C SER Z 218 -75.03 104.81 61.64
N ASN Z 219 -74.38 103.65 61.76
CA ASN Z 219 -72.98 103.58 62.22
C ASN Z 219 -72.02 104.14 61.18
N SER Z 220 -72.53 104.37 59.97
CA SER Z 220 -71.76 104.86 58.83
C SER Z 220 -71.23 106.26 59.08
N THR Z 221 -70.11 106.58 58.46
CA THR Z 221 -69.40 107.84 58.75
C THR Z 221 -68.83 108.49 57.49
N VAL Z 222 -68.45 109.77 57.62
CA VAL Z 222 -67.80 110.51 56.55
C VAL Z 222 -66.39 110.92 56.98
N ILE Z 223 -65.41 110.55 56.17
CA ILE Z 223 -64.02 110.83 56.45
C ILE Z 223 -63.42 111.78 55.41
N LYS Z 224 -62.80 112.87 55.90
CA LYS Z 224 -62.22 113.90 55.03
C LYS Z 224 -60.91 113.44 54.40
N GLY Z 225 -60.86 112.17 54.03
CA GLY Z 225 -59.68 111.56 53.43
C GLY Z 225 -59.97 110.32 52.61
N MET Z 226 -59.58 109.17 53.14
CA MET Z 226 -59.63 107.92 52.39
C MET Z 226 -59.44 106.76 53.36
N VAL Z 227 -59.81 105.56 52.92
CA VAL Z 227 -59.61 104.33 53.71
C VAL Z 227 -58.88 103.28 52.87
N PHE Z 228 -57.85 102.69 53.46
CA PHE Z 228 -57.07 101.66 52.78
C PHE Z 228 -57.17 100.36 53.54
N ASN Z 229 -57.67 99.33 52.87
CA ASN Z 229 -57.83 98.01 53.47
C ASN Z 229 -56.52 97.19 53.42
N ARG Z 230 -55.42 97.89 53.20
CA ARG Z 230 -54.10 97.27 53.03
C ARG Z 230 -53.37 97.11 54.35
N GLU Z 231 -52.38 96.23 54.37
CA GLU Z 231 -51.53 96.05 55.53
C GLU Z 231 -50.53 97.22 55.59
N PRO Z 232 -50.44 97.90 56.75
CA PRO Z 232 -49.32 98.82 56.99
C PRO Z 232 -48.07 98.02 57.38
N GLU Z 233 -46.88 98.60 57.23
CA GLU Z 233 -45.63 97.81 57.31
C GLU Z 233 -44.83 97.98 58.60
N GLY Z 234 -43.91 98.95 58.59
CA GLY Z 234 -42.98 99.22 59.69
C GLY Z 234 -43.67 99.53 61.00
N HIS Z 235 -44.15 100.77 61.14
CA HIS Z 235 -44.99 101.16 62.27
C HIS Z 235 -45.98 102.29 61.95
N VAL Z 236 -46.89 102.56 62.89
CA VAL Z 236 -48.00 103.50 62.71
C VAL Z 236 -47.69 104.91 63.26
N LYS Z 237 -47.92 105.94 62.45
CA LYS Z 237 -47.56 107.34 62.78
C LYS Z 237 -48.33 107.92 63.97
N SER Z 238 -47.68 107.89 65.14
CA SER Z 238 -48.25 108.37 66.39
C SER Z 238 -48.15 109.90 66.51
N LEU Z 239 -47.35 110.50 65.63
CA LEU Z 239 -47.31 111.96 65.53
C LEU Z 239 -48.73 112.45 65.18
N SER Z 240 -49.63 111.48 64.91
CA SER Z 240 -51.05 111.73 64.63
C SER Z 240 -51.73 112.57 65.71
N GLU Z 241 -51.34 112.33 66.97
CA GLU Z 241 -51.80 113.12 68.10
C GLU Z 241 -51.29 114.56 68.02
N ASP Z 242 -50.05 114.71 67.56
CA ASP Z 242 -49.38 116.02 67.48
C ASP Z 242 -49.63 116.78 66.16
N LYS Z 243 -50.10 116.06 65.14
CA LYS Z 243 -50.50 116.61 63.83
C LYS Z 243 -49.35 117.13 62.93
N LYS Z 244 -49.72 117.47 61.69
CA LYS Z 244 -48.82 118.06 60.68
C LYS Z 244 -47.66 117.16 60.24
N HIS Z 245 -48.01 115.97 59.73
CA HIS Z 245 -47.03 115.00 59.24
C HIS Z 245 -46.84 115.16 57.73
N LYS Z 246 -45.59 115.14 57.28
CA LYS Z 246 -45.28 115.28 55.85
C LYS Z 246 -45.42 113.95 55.13
N VAL Z 247 -45.64 114.00 53.81
CA VAL Z 247 -45.88 112.80 53.01
C VAL Z 247 -45.15 112.82 51.66
N ALA Z 248 -44.73 111.64 51.21
CA ALA Z 248 -44.08 111.47 49.91
C ALA Z 248 -44.65 110.26 49.17
N VAL Z 249 -44.89 110.40 47.86
CA VAL Z 249 -45.46 109.31 47.04
C VAL Z 249 -44.56 108.96 45.84
N PHE Z 250 -44.31 107.66 45.64
CA PHE Z 250 -43.46 107.17 44.54
C PHE Z 250 -44.19 106.21 43.59
N THR Z 251 -43.88 106.32 42.30
CA THR Z 251 -44.31 105.31 41.33
C THR Z 251 -43.27 104.19 41.29
N CYS Z 252 -42.00 104.59 41.42
CA CYS Z 252 -40.90 103.65 41.57
C CYS Z 252 -41.15 102.66 42.71
N PRO Z 253 -40.63 101.42 42.58
CA PRO Z 253 -40.51 100.59 43.77
C PRO Z 253 -39.37 101.03 44.71
N LEU Z 254 -39.66 101.08 46.01
CA LEU Z 254 -38.68 101.42 47.04
C LEU Z 254 -37.65 100.30 47.21
N ASP Z 255 -36.84 100.08 46.17
CA ASP Z 255 -35.85 99.02 46.18
C ASP Z 255 -34.68 99.47 45.31
N ILE Z 256 -33.59 98.71 45.33
CA ILE Z 256 -32.43 98.98 44.48
C ILE Z 256 -32.87 99.06 43.02
N ALA Z 257 -32.49 100.13 42.33
CA ALA Z 257 -32.95 100.38 40.96
C ALA Z 257 -32.32 99.41 39.94
N ASN Z 258 -33.08 98.39 39.55
CA ASN Z 258 -32.68 97.47 38.49
C ASN Z 258 -32.98 98.04 37.13
N THR Z 259 -32.33 97.51 36.10
CA THR Z 259 -32.56 97.99 34.74
C THR Z 259 -33.48 97.04 33.98
N GLU Z 260 -34.28 97.61 33.07
CA GLU Z 260 -35.29 96.89 32.30
C GLU Z 260 -34.72 95.71 31.51
N THR Z 261 -33.43 95.79 31.17
CA THR Z 261 -32.72 94.68 30.52
C THR Z 261 -31.98 93.85 31.57
N LYS Z 262 -32.02 92.54 31.38
CA LYS Z 262 -31.47 91.56 32.34
C LYS Z 262 -30.24 92.07 33.08
N GLY Z 263 -30.36 92.21 34.40
CA GLY Z 263 -29.26 92.69 35.23
C GLY Z 263 -28.41 91.57 35.81
N THR Z 264 -27.39 91.15 35.07
CA THR Z 264 -26.44 90.16 35.56
C THR Z 264 -25.38 90.86 36.41
N VAL Z 265 -24.83 90.15 37.40
CA VAL Z 265 -23.86 90.75 38.33
C VAL Z 265 -22.47 90.07 38.26
N LEU Z 266 -21.68 90.44 37.26
CA LEU Z 266 -20.37 89.82 37.00
C LEU Z 266 -19.27 90.17 38.00
N LEU Z 267 -19.04 89.29 38.98
CA LEU Z 267 -17.93 89.45 39.91
C LEU Z 267 -16.69 88.76 39.35
N HIS Z 268 -15.55 89.43 39.40
CA HIS Z 268 -14.31 88.88 38.83
C HIS Z 268 -13.32 88.47 39.91
N ASN Z 269 -13.13 89.33 40.90
CA ASN Z 269 -12.18 89.10 42.01
C ASN Z 269 -12.87 89.05 43.38
N ALA Z 270 -12.23 88.36 44.31
CA ALA Z 270 -12.79 88.15 45.65
C ALA Z 270 -13.04 89.45 46.42
N GLN Z 271 -12.33 90.51 46.06
CA GLN Z 271 -12.46 91.82 46.70
C GLN Z 271 -13.78 92.52 46.31
N GLU Z 272 -14.40 92.06 45.23
CA GLU Z 272 -15.69 92.60 44.80
C GLU Z 272 -16.83 92.04 45.63
N MET Z 273 -16.72 90.77 46.03
CA MET Z 273 -17.78 90.11 46.78
C MET Z 273 -18.12 90.84 48.07
N LEU Z 274 -17.13 91.01 48.94
CA LEU Z 274 -17.32 91.72 50.20
C LEU Z 274 -17.89 93.12 49.98
N ASP Z 275 -17.36 93.83 48.99
CA ASP Z 275 -17.73 95.22 48.73
C ASP Z 275 -19.06 95.41 47.99
N PHE Z 276 -19.55 94.36 47.31
CA PHE Z 276 -20.84 94.42 46.61
C PHE Z 276 -21.99 94.36 47.59
N SER Z 277 -21.99 93.31 48.41
CA SER Z 277 -23.03 93.06 49.39
C SER Z 277 -23.08 94.16 50.46
N LYS Z 278 -21.91 94.56 50.94
CA LYS Z 278 -21.78 95.64 51.92
C LYS Z 278 -22.02 97.01 51.28
N GLY Z 279 -21.76 97.09 49.98
CA GLY Z 279 -22.00 98.31 49.21
C GLY Z 279 -23.48 98.49 48.93
N GLU Z 280 -24.16 97.38 48.65
CA GLU Z 280 -25.61 97.39 48.45
C GLU Z 280 -26.35 97.82 49.73
N GLU Z 281 -25.72 97.59 50.89
CA GLU Z 281 -26.24 98.06 52.17
C GLU Z 281 -26.36 99.59 52.15
N LYS Z 282 -25.23 100.24 51.88
CA LYS Z 282 -25.12 101.70 51.89
C LYS Z 282 -25.86 102.35 50.73
N GLN Z 283 -25.87 101.67 49.58
CA GLN Z 283 -26.49 102.21 48.36
C GLN Z 283 -27.97 102.52 48.56
N ILE Z 284 -28.67 101.67 49.31
CA ILE Z 284 -30.11 101.86 49.58
C ILE Z 284 -30.38 102.55 50.92
N ASP Z 285 -29.39 102.53 51.81
CA ASP Z 285 -29.41 103.35 53.01
C ASP Z 285 -29.29 104.81 52.60
N ALA Z 286 -28.43 105.06 51.62
CA ALA Z 286 -28.26 106.39 51.03
C ALA Z 286 -29.45 106.81 50.16
N MET Z 287 -30.24 105.83 49.74
CA MET Z 287 -31.51 106.07 49.03
C MET Z 287 -32.57 106.61 49.99
N MET Z 288 -32.64 105.98 51.17
CA MET Z 288 -33.64 106.32 52.19
C MET Z 288 -33.24 107.56 53.00
N LYS Z 289 -31.94 107.77 53.17
CA LYS Z 289 -31.40 108.92 53.92
C LYS Z 289 -31.68 110.25 53.23
N GLU Z 290 -31.71 110.24 51.90
CA GLU Z 290 -32.03 111.43 51.10
C GLU Z 290 -33.52 111.77 51.16
N ILE Z 291 -34.33 110.86 51.70
CA ILE Z 291 -35.77 111.07 51.87
C ILE Z 291 -36.08 111.42 53.31
N ALA Z 292 -35.33 110.81 54.24
CA ALA Z 292 -35.50 111.07 55.67
C ALA Z 292 -34.94 112.45 56.03
N ASP Z 293 -33.86 112.85 55.37
CA ASP Z 293 -33.25 114.16 55.60
C ASP Z 293 -34.05 115.31 54.97
N MET Z 294 -35.16 114.98 54.31
CA MET Z 294 -36.09 115.98 53.81
C MET Z 294 -37.25 116.20 54.78
N GLY Z 295 -37.28 115.40 55.85
CA GLY Z 295 -38.29 115.52 56.90
C GLY Z 295 -39.60 114.81 56.59
N VAL Z 296 -39.49 113.62 56.02
CA VAL Z 296 -40.66 112.81 55.64
C VAL Z 296 -41.05 111.87 56.78
N GLU Z 297 -42.35 111.59 56.89
CA GLU Z 297 -42.86 110.71 57.93
C GLU Z 297 -43.83 109.63 57.42
N CYS Z 298 -44.08 109.62 56.12
CA CYS Z 298 -45.08 108.73 55.53
C CYS Z 298 -44.87 108.60 54.03
N ILE Z 299 -44.35 107.45 53.63
CA ILE Z 299 -44.11 107.15 52.22
C ILE Z 299 -45.13 106.13 51.71
N VAL Z 300 -45.86 106.52 50.66
CA VAL Z 300 -46.91 105.67 50.05
C VAL Z 300 -46.38 105.07 48.74
N ALA Z 301 -46.14 103.76 48.74
CA ALA Z 301 -45.60 103.10 47.54
C ALA Z 301 -46.68 102.42 46.72
N GLY Z 302 -46.65 102.67 45.42
CA GLY Z 302 -47.53 102.01 44.46
C GLY Z 302 -46.93 100.69 44.01
N ALA Z 303 -45.61 100.69 43.83
CA ALA Z 303 -44.92 99.50 43.33
C ALA Z 303 -44.52 98.53 44.45
N GLY Z 304 -43.36 97.89 44.31
CA GLY Z 304 -42.87 96.95 45.32
C GLY Z 304 -42.00 97.66 46.35
N VAL Z 305 -41.59 96.92 47.36
CA VAL Z 305 -40.68 97.41 48.40
C VAL Z 305 -39.70 96.29 48.75
N GLY Z 306 -38.40 96.63 48.79
CA GLY Z 306 -37.36 95.67 49.13
C GLY Z 306 -37.11 95.54 50.62
N GLU Z 307 -37.01 94.30 51.10
CA GLU Z 307 -36.83 94.00 52.53
C GLU Z 307 -35.64 94.72 53.15
N LEU Z 308 -34.62 94.96 52.34
CA LEU Z 308 -33.42 95.67 52.76
C LEU Z 308 -33.70 97.16 52.93
N ALA Z 309 -34.62 97.70 52.14
CA ALA Z 309 -34.95 99.11 52.18
C ALA Z 309 -35.93 99.45 53.29
N LEU Z 310 -36.90 98.58 53.53
CA LEU Z 310 -37.88 98.79 54.60
C LEU Z 310 -37.20 98.68 55.96
N HIS Z 311 -36.13 97.89 56.03
CA HIS Z 311 -35.31 97.74 57.25
C HIS Z 311 -34.72 99.08 57.72
N TYR Z 312 -34.21 99.87 56.78
CA TYR Z 312 -33.61 101.16 57.10
C TYR Z 312 -34.69 102.19 57.42
N LEU Z 313 -35.73 102.22 56.59
CA LEU Z 313 -36.86 103.12 56.79
C LEU Z 313 -37.58 102.79 58.09
N ASN Z 314 -37.42 101.55 58.53
CA ASN Z 314 -37.94 101.07 59.81
C ASN Z 314 -37.23 101.77 60.98
N ARG Z 315 -35.93 102.00 60.81
CA ARG Z 315 -35.09 102.62 61.84
C ARG Z 315 -35.31 104.11 61.88
N TYR Z 316 -35.51 104.70 60.71
CA TYR Z 316 -35.59 106.15 60.53
C TYR Z 316 -36.90 106.74 61.08
N GLY Z 317 -37.79 105.86 61.50
CA GLY Z 317 -39.07 106.25 62.10
C GLY Z 317 -40.09 106.69 61.08
N ILE Z 318 -40.28 105.87 60.04
CA ILE Z 318 -41.14 106.24 58.92
C ILE Z 318 -42.14 105.14 58.56
N LEU Z 319 -43.41 105.52 58.52
CA LEU Z 319 -44.51 104.64 58.12
C LEU Z 319 -44.48 104.39 56.63
N VAL Z 320 -44.78 103.16 56.22
CA VAL Z 320 -44.85 102.77 54.81
C VAL Z 320 -46.23 102.22 54.49
N LEU Z 321 -46.74 102.50 53.29
CA LEU Z 321 -48.05 102.01 52.86
C LEU Z 321 -48.01 101.42 51.44
N LYS Z 322 -47.67 100.13 51.33
CA LYS Z 322 -47.66 99.45 50.04
C LYS Z 322 -49.09 99.13 49.59
N VAL Z 323 -49.21 98.52 48.42
CA VAL Z 323 -50.48 97.95 47.88
C VAL Z 323 -51.20 98.79 46.80
N PRO Z 324 -51.33 100.12 47.00
CA PRO Z 324 -52.08 100.88 46.01
C PRO Z 324 -51.87 100.43 44.55
N SER Z 325 -52.96 100.44 43.77
CA SER Z 325 -52.87 100.42 42.32
C SER Z 325 -53.20 101.83 41.81
N LYS Z 326 -53.02 102.06 40.50
CA LYS Z 326 -53.19 103.38 39.89
C LYS Z 326 -54.31 104.24 40.48
N PHE Z 327 -55.45 103.61 40.78
CA PHE Z 327 -56.64 104.28 41.33
C PHE Z 327 -56.33 105.14 42.55
N GLU Z 328 -55.54 104.58 43.47
CA GLU Z 328 -55.35 105.14 44.80
C GLU Z 328 -54.33 106.26 44.80
N LEU Z 329 -53.20 106.02 44.12
CA LEU Z 329 -52.12 107.00 44.02
C LEU Z 329 -52.62 108.36 43.54
N ARG Z 330 -53.73 108.34 42.80
CA ARG Z 330 -54.38 109.55 42.30
C ARG Z 330 -55.31 110.19 43.33
N ARG Z 331 -56.17 109.37 43.94
CA ARG Z 331 -57.17 109.86 44.90
C ARG Z 331 -56.61 110.15 46.31
N LEU Z 332 -55.43 109.59 46.59
CA LEU Z 332 -54.67 109.93 47.79
C LEU Z 332 -53.91 111.23 47.55
N CYS Z 333 -53.33 111.34 46.37
CA CYS Z 333 -52.56 112.52 45.97
C CYS Z 333 -53.42 113.78 46.04
N ARG Z 334 -54.70 113.67 45.70
CA ARG Z 334 -55.63 114.80 45.78
C ARG Z 334 -55.98 115.20 47.22
N VAL Z 335 -55.90 114.26 48.16
CA VAL Z 335 -56.28 114.57 49.55
C VAL Z 335 -55.17 115.23 50.37
N CYS Z 336 -53.97 114.65 50.33
CA CYS Z 336 -52.83 115.16 51.10
C CYS Z 336 -52.19 116.38 50.44
N GLY Z 337 -52.15 116.36 49.10
CA GLY Z 337 -51.55 117.44 48.34
C GLY Z 337 -50.11 117.16 47.96
N ALA Z 338 -49.82 115.91 47.64
CA ALA Z 338 -48.48 115.52 47.21
C ALA Z 338 -48.37 115.53 45.69
N THR Z 339 -47.19 115.16 45.18
CA THR Z 339 -46.98 114.96 43.76
C THR Z 339 -46.08 113.73 43.58
N PRO Z 340 -46.59 112.68 42.93
CA PRO Z 340 -45.87 111.41 42.78
C PRO Z 340 -44.75 111.48 41.74
N LEU Z 341 -43.52 111.19 42.16
CA LEU Z 341 -42.38 111.16 41.26
C LEU Z 341 -41.90 109.74 41.00
N PRO Z 342 -41.67 109.41 39.71
CA PRO Z 342 -41.14 108.09 39.34
C PRO Z 342 -39.62 107.97 39.58
N ARG Z 343 -38.90 109.06 39.32
CA ARG Z 343 -37.45 109.10 39.53
C ARG Z 343 -37.12 109.22 41.02
N LEU Z 344 -36.52 108.17 41.58
CA LEU Z 344 -36.25 108.04 43.02
C LEU Z 344 -35.29 109.11 43.58
N GLY Z 345 -34.65 109.87 42.69
CA GLY Z 345 -33.58 110.78 43.09
C GLY Z 345 -33.93 112.22 43.44
N ALA Z 346 -35.18 112.63 43.19
CA ALA Z 346 -35.59 114.02 43.45
C ALA Z 346 -36.75 114.19 44.46
N PRO Z 347 -36.49 113.96 45.77
CA PRO Z 347 -37.52 114.24 46.77
C PRO Z 347 -37.64 115.74 47.06
N THR Z 348 -38.43 116.44 46.25
CA THR Z 348 -38.61 117.90 46.31
C THR Z 348 -39.58 118.38 47.40
N PRO Z 349 -39.20 119.42 48.18
CA PRO Z 349 -40.04 119.93 49.26
C PRO Z 349 -41.29 120.60 48.72
N GLU Z 350 -41.21 121.06 47.47
CA GLU Z 350 -42.35 121.63 46.77
C GLU Z 350 -43.33 120.54 46.30
N GLU Z 351 -42.84 119.30 46.22
CA GLU Z 351 -43.63 118.18 45.71
C GLU Z 351 -44.17 117.23 46.79
N LEU Z 352 -43.98 117.58 48.07
CA LEU Z 352 -44.50 116.80 49.19
C LEU Z 352 -45.94 117.18 49.56
N GLY Z 353 -46.56 116.38 50.43
CA GLY Z 353 -47.94 116.61 50.88
C GLY Z 353 -48.05 116.94 52.36
N LEU Z 354 -49.23 116.71 52.92
CA LEU Z 354 -49.51 116.99 54.34
C LEU Z 354 -50.78 116.27 54.79
N VAL Z 355 -50.65 115.43 55.82
CA VAL Z 355 -51.77 114.63 56.35
C VAL Z 355 -51.95 114.87 57.85
N GLU Z 356 -53.20 115.13 58.26
CA GLU Z 356 -53.50 115.41 59.66
C GLU Z 356 -53.50 114.18 60.57
N THR Z 357 -53.80 113.01 60.02
CA THR Z 357 -53.82 111.75 60.77
C THR Z 357 -53.58 110.53 59.88
N VAL Z 358 -52.65 109.66 60.30
CA VAL Z 358 -52.36 108.39 59.62
C VAL Z 358 -52.21 107.23 60.62
N LYS Z 359 -53.35 106.75 61.13
CA LYS Z 359 -53.36 105.70 62.14
C LYS Z 359 -54.01 104.40 61.65
N THR Z 360 -54.05 103.39 62.51
CA THR Z 360 -54.67 102.10 62.19
C THR Z 360 -55.93 101.87 63.03
N MET Z 361 -57.04 102.45 62.58
CA MET Z 361 -58.35 102.26 63.20
C MET Z 361 -58.95 100.93 62.72
N GLU Z 362 -59.25 100.04 63.67
CA GLU Z 362 -59.71 98.70 63.35
C GLU Z 362 -61.24 98.64 63.23
N ILE Z 363 -61.72 98.42 62.01
CA ILE Z 363 -63.16 98.38 61.71
C ILE Z 363 -63.62 96.97 61.34
N GLY Z 364 -64.52 96.41 62.14
CA GLY Z 364 -65.04 95.05 61.91
C GLY Z 364 -63.97 94.00 62.12
N GLY Z 365 -62.92 94.35 62.85
CA GLY Z 365 -61.80 93.46 63.10
C GLY Z 365 -60.71 93.48 62.05
N ASP Z 366 -60.78 94.44 61.12
CA ASP Z 366 -59.80 94.56 60.05
C ASP Z 366 -58.77 95.65 60.32
N ARG Z 367 -57.50 95.33 60.08
CA ARG Z 367 -56.43 96.32 60.16
C ARG Z 367 -56.49 97.24 58.94
N VAL Z 368 -57.08 98.42 59.15
CA VAL Z 368 -57.29 99.39 58.08
C VAL Z 368 -56.51 100.67 58.40
N THR Z 369 -55.89 101.26 57.38
CA THR Z 369 -55.21 102.54 57.54
C THR Z 369 -56.10 103.70 57.07
N VAL Z 370 -56.01 104.82 57.77
CA VAL Z 370 -56.83 106.00 57.49
C VAL Z 370 -55.95 107.14 56.94
N PHE Z 371 -56.55 108.03 56.15
CA PHE Z 371 -55.85 109.19 55.58
C PHE Z 371 -56.71 110.46 55.74
N LYS Z 372 -57.25 110.65 56.94
CA LYS Z 372 -58.27 111.67 57.22
C LYS Z 372 -57.73 113.10 57.33
N GLN Z 373 -58.50 114.04 56.80
CA GLN Z 373 -58.20 115.49 56.86
C GLN Z 373 -57.04 115.95 55.98
N ARG Z 380 -59.74 118.53 47.71
CA ARG Z 380 -59.47 117.28 48.42
C ARG Z 380 -60.45 116.19 48.00
N THR Z 381 -60.08 114.94 48.29
CA THR Z 381 -60.90 113.76 48.00
C THR Z 381 -61.39 113.14 49.31
N SER Z 382 -62.70 112.91 49.41
CA SER Z 382 -63.33 112.36 50.62
C SER Z 382 -63.78 110.91 50.43
N THR Z 383 -64.10 110.24 51.54
CA THR Z 383 -64.52 108.84 51.53
C THR Z 383 -65.64 108.57 52.54
N ILE Z 384 -66.72 107.95 52.08
CA ILE Z 384 -67.83 107.54 52.95
C ILE Z 384 -67.68 106.07 53.33
N ILE Z 385 -67.68 105.80 54.63
CA ILE Z 385 -67.65 104.40 55.09
C ILE Z 385 -69.05 103.90 55.47
N LEU Z 386 -69.72 103.32 54.47
CA LEU Z 386 -71.08 102.82 54.61
C LEU Z 386 -71.10 101.48 55.34
N ARG Z 387 -71.65 101.50 56.55
CA ARG Z 387 -71.71 100.31 57.38
C ARG Z 387 -73.11 99.69 57.39
N GLY Z 388 -73.18 98.39 57.60
CA GLY Z 388 -74.45 97.65 57.63
C GLY Z 388 -74.29 96.21 58.10
N ALA Z 389 -75.26 95.35 57.75
CA ALA Z 389 -75.20 93.95 58.10
C ALA Z 389 -75.00 93.06 56.87
N THR Z 390 -75.89 93.20 55.91
CA THR Z 390 -75.86 92.41 54.69
C THR Z 390 -75.01 93.09 53.61
N GLN Z 391 -73.87 92.48 53.27
CA GLN Z 391 -72.95 93.00 52.24
C GLN Z 391 -73.62 93.06 50.86
N ASN Z 392 -74.85 92.57 50.80
CA ASN Z 392 -75.68 92.52 49.61
C ASN Z 392 -76.44 93.84 49.40
N ASN Z 393 -76.97 94.37 50.50
CA ASN Z 393 -77.77 95.59 50.50
C ASN Z 393 -76.90 96.84 50.43
N LEU Z 394 -75.75 96.80 51.11
CA LEU Z 394 -74.81 97.91 51.11
C LEU Z 394 -74.31 98.21 49.71
N ASP Z 395 -74.24 97.18 48.88
CA ASP Z 395 -73.91 97.32 47.46
C ASP Z 395 -74.94 98.19 46.74
N ASP Z 396 -76.21 98.04 47.12
CA ASP Z 396 -77.32 98.77 46.48
C ASP Z 396 -77.36 100.23 46.91
N ILE Z 397 -77.17 100.47 48.20
CA ILE Z 397 -77.21 101.84 48.70
C ILE Z 397 -75.97 102.65 48.30
N GLU Z 398 -74.94 101.95 47.81
CA GLU Z 398 -73.78 102.58 47.19
C GLU Z 398 -74.19 103.15 45.83
N ARG Z 399 -75.02 102.40 45.11
CA ARG Z 399 -75.58 102.87 43.84
C ARG Z 399 -76.57 104.00 44.10
N ALA Z 400 -77.26 103.94 45.24
CA ALA Z 400 -78.14 105.03 45.67
C ALA Z 400 -77.31 106.29 45.93
N ILE Z 401 -76.21 106.12 46.66
CA ILE Z 401 -75.27 107.22 46.93
C ILE Z 401 -74.72 107.79 45.62
N ASP Z 402 -74.34 106.91 44.70
CA ASP Z 402 -73.81 107.33 43.39
C ASP Z 402 -74.85 108.00 42.50
N ASP Z 403 -76.13 107.67 42.72
CA ASP Z 403 -77.23 108.35 42.03
C ASP Z 403 -77.29 109.83 42.40
N GLY Z 404 -77.11 110.13 43.68
CA GLY Z 404 -77.05 111.50 44.17
C GLY Z 404 -75.72 112.18 43.88
N VAL Z 405 -74.63 111.43 44.05
CA VAL Z 405 -73.27 111.91 43.76
C VAL Z 405 -73.13 112.36 42.30
N ALA Z 406 -73.79 111.64 41.40
CA ALA Z 406 -73.82 112.00 39.98
C ALA Z 406 -74.77 113.16 39.68
N ALA Z 407 -75.86 113.24 40.45
CA ALA Z 407 -76.84 114.32 40.33
C ALA Z 407 -76.29 115.67 40.82
N VAL Z 408 -75.35 115.60 41.76
CA VAL Z 408 -74.61 116.78 42.18
C VAL Z 408 -73.81 117.30 41.00
N LYS Z 409 -73.03 116.43 40.37
CA LYS Z 409 -72.19 116.78 39.22
C LYS Z 409 -73.03 117.36 38.08
N GLY Z 410 -74.31 116.98 38.05
CA GLY Z 410 -75.25 117.48 37.04
C GLY Z 410 -75.87 118.81 37.38
N LEU Z 411 -75.62 119.29 38.60
CA LEU Z 411 -76.02 120.63 39.01
C LEU Z 411 -74.92 121.63 38.65
N MET Z 412 -73.68 121.17 38.73
CA MET Z 412 -72.49 122.01 38.54
C MET Z 412 -72.31 122.46 37.08
N LYS Z 413 -72.05 121.47 36.20
CA LYS Z 413 -71.61 121.72 34.81
C LYS Z 413 -72.53 122.65 34.00
N PRO Z 414 -73.79 122.22 33.72
CA PRO Z 414 -74.70 123.17 33.05
C PRO Z 414 -74.91 124.44 33.86
N SER Z 415 -75.13 125.55 33.18
CA SER Z 415 -75.28 126.85 33.83
C SER Z 415 -76.32 126.80 34.94
N GLY Z 416 -77.49 126.25 34.64
CA GLY Z 416 -78.58 126.18 35.61
C GLY Z 416 -78.66 124.83 36.30
N GLY Z 417 -78.88 124.88 37.62
CA GLY Z 417 -79.20 123.68 38.41
C GLY Z 417 -80.67 123.32 38.28
N LYS Z 418 -81.54 124.31 38.53
CA LYS Z 418 -82.99 124.28 38.23
C LYS Z 418 -83.82 123.21 38.96
N LEU Z 419 -85.11 123.47 39.13
CA LEU Z 419 -85.99 122.56 39.88
C LEU Z 419 -87.39 122.40 39.28
N LEU Z 420 -87.94 121.19 39.39
CA LEU Z 420 -89.29 120.87 38.94
C LEU Z 420 -90.12 120.24 40.05
N PRO Z 421 -91.44 120.52 40.10
CA PRO Z 421 -92.26 119.90 41.15
C PRO Z 421 -92.52 118.43 40.85
N GLY Z 422 -91.92 117.56 41.67
CA GLY Z 422 -91.97 116.12 41.44
C GLY Z 422 -93.21 115.42 41.97
N ALA Z 423 -93.04 114.13 42.29
CA ALA Z 423 -94.11 113.24 42.79
C ALA Z 423 -95.30 113.07 41.84
N GLY Z 424 -95.21 113.67 40.65
CA GLY Z 424 -96.31 113.63 39.68
C GLY Z 424 -96.68 115.00 39.12
N ALA Z 425 -96.59 116.03 39.95
CA ALA Z 425 -96.96 117.39 39.58
C ALA Z 425 -96.41 117.82 38.21
N THR Z 426 -95.13 117.51 37.99
CA THR Z 426 -94.49 117.74 36.69
C THR Z 426 -95.26 116.99 35.60
N GLU Z 427 -95.57 115.73 35.88
CA GLU Z 427 -96.14 114.81 34.88
C GLU Z 427 -97.59 115.11 34.51
N ILE Z 428 -98.39 115.54 35.48
CA ILE Z 428 -99.81 115.82 35.25
C ILE Z 428 -100.02 117.15 34.53
N GLU Z 429 -99.29 118.17 34.95
CA GLU Z 429 -99.29 119.45 34.25
C GLU Z 429 -98.96 119.23 32.76
N LEU Z 430 -98.08 118.26 32.48
CA LEU Z 430 -97.73 117.91 31.11
C LEU Z 430 -98.88 117.26 30.32
N ILE Z 431 -99.63 116.37 30.97
CA ILE Z 431 -100.80 115.72 30.36
C ILE Z 431 -101.83 116.78 29.91
N SER Z 432 -101.97 117.81 30.73
CA SER Z 432 -102.88 118.92 30.44
C SER Z 432 -102.29 119.84 29.36
N ARG Z 433 -100.98 120.09 29.43
CA ARG Z 433 -100.32 121.00 28.50
C ARG Z 433 -100.04 120.38 27.12
N ILE Z 434 -99.75 119.08 27.07
CA ILE Z 434 -99.51 118.38 25.80
C ILE Z 434 -100.80 118.22 24.98
N THR Z 435 -101.94 118.06 25.67
CA THR Z 435 -103.24 117.99 25.01
C THR Z 435 -103.67 119.36 24.45
N LYS Z 436 -103.23 120.43 25.12
CA LYS Z 436 -103.44 121.79 24.65
C LYS Z 436 -102.79 121.99 23.28
N TYR Z 437 -101.58 121.43 23.11
CA TYR Z 437 -100.87 121.45 21.82
C TYR Z 437 -101.46 120.45 20.83
N GLY Z 438 -102.02 119.36 21.35
CA GLY Z 438 -102.69 118.35 20.54
C GLY Z 438 -103.85 118.93 19.75
N GLU Z 439 -104.74 119.63 20.45
CA GLU Z 439 -105.95 120.22 19.87
C GLU Z 439 -105.67 121.43 18.96
N ARG Z 440 -104.41 121.89 18.97
CA ARG Z 440 -104.01 123.07 18.19
C ARG Z 440 -103.40 122.73 16.82
N THR Z 441 -103.37 121.44 16.47
CA THR Z 441 -102.61 120.99 15.29
C THR Z 441 -103.41 120.46 14.09
N PRO Z 442 -104.77 120.50 14.14
CA PRO Z 442 -105.60 119.61 13.33
C PRO Z 442 -104.90 118.40 12.70
N GLY Z 443 -105.33 118.01 11.50
CA GLY Z 443 -104.73 116.90 10.75
C GLY Z 443 -104.88 115.55 11.41
N LEU Z 444 -104.30 114.52 10.77
CA LEU Z 444 -104.28 113.15 11.30
C LEU Z 444 -103.26 113.03 12.43
N LEU Z 445 -102.24 113.89 12.38
CA LEU Z 445 -101.13 113.92 13.35
C LEU Z 445 -101.57 114.34 14.75
N GLN Z 446 -102.79 114.87 14.86
CA GLN Z 446 -103.37 115.31 16.12
C GLN Z 446 -103.49 114.17 17.14
N LEU Z 447 -103.73 112.95 16.65
CA LEU Z 447 -103.97 111.79 17.51
C LEU Z 447 -102.73 111.27 18.22
N ALA Z 448 -101.59 111.28 17.52
CA ALA Z 448 -100.32 110.84 18.08
C ALA Z 448 -99.83 111.75 19.21
N ILE Z 449 -100.04 113.07 19.04
CA ILE Z 449 -99.69 114.06 20.06
C ILE Z 449 -100.62 113.96 21.27
N LYS Z 450 -101.84 113.44 21.06
CA LYS Z 450 -102.82 113.27 22.12
C LYS Z 450 -102.55 112.02 22.97
N GLN Z 451 -102.11 110.94 22.32
CA GLN Z 451 -101.78 109.68 23.02
C GLN Z 451 -100.46 109.79 23.77
N PHE Z 452 -99.53 110.57 23.22
CA PHE Z 452 -98.24 110.84 23.85
C PHE Z 452 -98.43 111.38 25.27
N ALA Z 453 -99.47 112.20 25.43
CA ALA Z 453 -99.80 112.79 26.73
C ALA Z 453 -100.30 111.73 27.71
N VAL Z 454 -101.30 110.96 27.28
CA VAL Z 454 -101.92 109.93 28.12
C VAL Z 454 -100.88 108.94 28.67
N ALA Z 455 -99.78 108.76 27.93
CA ALA Z 455 -98.69 107.90 28.36
C ALA Z 455 -97.98 108.42 29.61
N PHE Z 456 -98.07 109.73 29.84
CA PHE Z 456 -97.48 110.36 31.03
C PHE Z 456 -98.32 110.14 32.29
N GLU Z 457 -99.43 109.40 32.15
CA GLU Z 457 -100.23 109.00 33.29
C GLU Z 457 -99.51 107.96 34.13
N VAL Z 458 -98.51 107.30 33.54
CA VAL Z 458 -97.85 106.16 34.18
C VAL Z 458 -97.04 106.53 35.43
N VAL Z 459 -96.29 107.62 35.35
CA VAL Z 459 -95.45 108.05 36.48
C VAL Z 459 -96.24 108.23 37.80
N PRO Z 460 -97.37 108.97 37.78
CA PRO Z 460 -98.19 109.05 39.01
C PRO Z 460 -99.00 107.79 39.30
N ARG Z 461 -99.42 107.10 38.24
CA ARG Z 461 -100.24 105.88 38.34
C ARG Z 461 -99.48 104.77 39.06
N THR Z 462 -98.20 104.61 38.71
CA THR Z 462 -97.33 103.61 39.34
C THR Z 462 -96.97 103.99 40.77
N LEU Z 463 -96.85 105.30 41.04
CA LEU Z 463 -96.57 105.78 42.39
C LEU Z 463 -97.72 105.48 43.35
N ALA Z 464 -98.93 105.46 42.82
CA ALA Z 464 -100.12 105.13 43.58
C ALA Z 464 -100.36 103.62 43.67
N GLU Z 465 -100.07 102.89 42.59
CA GLU Z 465 -100.24 101.43 42.55
C GLU Z 465 -99.20 100.70 43.40
N THR Z 466 -98.03 101.32 43.54
CA THR Z 466 -96.98 100.83 44.44
C THR Z 466 -97.36 101.12 45.89
N ALA Z 467 -98.01 102.26 46.10
CA ALA Z 467 -98.50 102.65 47.42
C ALA Z 467 -99.76 101.88 47.84
N GLY Z 468 -100.48 101.33 46.86
CA GLY Z 468 -101.69 100.55 47.11
C GLY Z 468 -102.91 101.41 47.39
N LEU Z 469 -103.24 102.27 46.42
CA LEU Z 469 -104.38 103.20 46.54
C LEU Z 469 -105.28 103.04 45.33
N ASP Z 470 -106.53 103.48 45.45
CA ASP Z 470 -107.48 103.43 44.34
C ASP Z 470 -106.98 104.25 43.16
N VAL Z 471 -106.39 103.56 42.18
CA VAL Z 471 -105.95 104.18 40.94
C VAL Z 471 -107.14 104.93 40.33
N ASN Z 472 -108.31 104.28 40.37
CA ASN Z 472 -109.55 104.86 39.87
C ASN Z 472 -110.11 106.00 40.73
N GLU Z 473 -109.54 106.24 41.92
CA GLU Z 473 -109.99 107.34 42.78
C GLU Z 473 -108.92 108.42 43.05
N VAL Z 474 -107.66 108.11 42.77
CA VAL Z 474 -106.55 109.04 43.00
C VAL Z 474 -106.33 109.97 41.80
N LEU Z 475 -106.26 109.38 40.61
CA LEU Z 475 -106.05 110.11 39.37
C LEU Z 475 -107.11 111.19 39.07
N PRO Z 476 -108.41 110.89 39.30
CA PRO Z 476 -109.43 111.94 39.12
C PRO Z 476 -109.32 113.05 40.16
N ASN Z 477 -108.85 112.69 41.36
CA ASN Z 477 -108.62 113.66 42.44
C ASN Z 477 -107.38 114.52 42.24
N LEU Z 478 -106.40 113.97 41.53
CA LEU Z 478 -105.15 114.64 41.23
C LEU Z 478 -105.28 115.58 40.02
N TYR Z 479 -106.00 115.14 39.00
CA TYR Z 479 -106.29 115.95 37.82
C TYR Z 479 -107.15 117.16 38.15
N ALA Z 480 -108.24 116.92 38.87
CA ALA Z 480 -109.17 117.97 39.27
C ALA Z 480 -108.51 119.03 40.15
N ALA Z 481 -107.51 118.61 40.93
CA ALA Z 481 -106.75 119.52 41.79
C ALA Z 481 -105.63 120.23 41.03
N HIS Z 482 -105.55 119.98 39.72
CA HIS Z 482 -104.47 120.54 38.89
C HIS Z 482 -105.01 121.46 37.77
N ASN Z 483 -106.28 121.84 37.89
CA ASN Z 483 -106.96 122.67 36.89
C ASN Z 483 -107.17 124.09 37.40
N THR Z 492 -101.47 130.78 41.19
CA THR Z 492 -100.88 129.61 40.55
C THR Z 492 -100.39 128.59 41.59
N ASP Z 493 -101.34 128.03 42.33
CA ASP Z 493 -101.07 127.02 43.35
C ASP Z 493 -101.34 125.60 42.81
N HIS Z 494 -101.95 125.55 41.64
CA HIS Z 494 -102.22 124.29 40.95
C HIS Z 494 -100.92 123.59 40.52
N LEU Z 495 -99.90 124.40 40.22
CA LEU Z 495 -98.62 123.91 39.68
C LEU Z 495 -97.84 122.95 40.59
N TYR Z 496 -98.07 123.05 41.90
CA TYR Z 496 -97.32 122.25 42.87
C TYR Z 496 -97.94 120.91 43.24
N LYS Z 497 -99.19 120.67 42.82
CA LYS Z 497 -99.95 119.49 43.29
C LYS Z 497 -99.57 118.14 42.63
N GLY Z 498 -98.96 117.27 43.44
CA GLY Z 498 -98.59 115.92 43.01
C GLY Z 498 -98.81 114.88 44.11
N VAL Z 499 -99.08 113.63 43.70
CA VAL Z 499 -99.52 112.52 44.59
C VAL Z 499 -98.58 112.17 45.76
N ASP Z 500 -99.20 111.75 46.87
CA ASP Z 500 -98.50 111.43 48.11
C ASP Z 500 -98.91 110.08 48.72
N ILE Z 501 -98.03 109.56 49.59
CA ILE Z 501 -98.20 108.31 50.33
C ILE Z 501 -98.87 108.53 51.69
N ASP Z 502 -99.59 107.50 52.17
CA ASP Z 502 -100.15 107.39 53.54
C ASP Z 502 -101.70 107.45 53.61
N GLY Z 503 -102.24 107.30 54.82
CA GLY Z 503 -103.69 107.22 55.05
C GLY Z 503 -104.48 108.53 55.05
N GLU Z 504 -103.82 109.62 55.46
CA GLU Z 504 -104.41 110.95 55.36
C GLU Z 504 -104.41 111.41 53.92
N SER Z 505 -103.28 111.19 53.25
CA SER Z 505 -103.12 111.43 51.82
C SER Z 505 -103.82 110.34 50.99
N ASP Z 506 -104.45 109.37 51.66
CA ASP Z 506 -105.36 108.44 50.98
C ASP Z 506 -106.59 109.21 50.52
N GLU Z 507 -106.76 110.42 51.08
CA GLU Z 507 -107.67 111.42 50.52
C GLU Z 507 -107.16 111.93 49.17
N GLY Z 508 -105.83 111.97 48.99
CA GLY Z 508 -105.23 112.28 47.69
C GLY Z 508 -103.76 112.65 47.57
N VAL Z 509 -103.52 113.96 47.43
CA VAL Z 509 -102.25 114.51 46.96
C VAL Z 509 -101.52 115.26 48.10
N LYS Z 510 -100.49 116.03 47.77
CA LYS Z 510 -99.81 116.92 48.73
C LYS Z 510 -99.18 118.14 48.04
N ASP Z 511 -99.07 119.25 48.79
CA ASP Z 511 -98.42 120.46 48.29
C ASP Z 511 -96.90 120.23 48.26
N ILE Z 512 -96.44 119.67 47.15
CA ILE Z 512 -95.05 119.27 46.95
C ILE Z 512 -94.05 120.40 47.23
N ARG Z 513 -94.53 121.65 47.19
CA ARG Z 513 -93.72 122.82 47.52
C ARG Z 513 -93.19 122.84 48.95
N GLU Z 514 -93.87 122.12 49.85
CA GLU Z 514 -93.61 122.22 51.30
C GLU Z 514 -92.93 121.01 51.95
N GLU Z 515 -92.89 119.89 51.23
CA GLU Z 515 -92.29 118.68 51.77
C GLU Z 515 -90.84 118.51 51.30
N ASN Z 516 -90.32 119.54 50.62
CA ASN Z 516 -88.99 119.52 49.99
C ASN Z 516 -88.79 118.36 49.00
N ILE Z 517 -89.82 118.13 48.19
CA ILE Z 517 -89.83 117.05 47.20
C ILE Z 517 -89.69 117.64 45.79
N TYR Z 518 -88.51 117.52 45.22
CA TYR Z 518 -88.26 118.01 43.86
C TYR Z 518 -87.32 117.08 43.09
N ASP Z 519 -87.56 116.95 41.79
CA ASP Z 519 -86.59 116.36 40.87
C ASP Z 519 -86.15 117.41 39.85
N MET Z 520 -84.89 117.33 39.42
CA MET Z 520 -84.27 118.38 38.61
C MET Z 520 -84.70 118.38 37.14
N LEU Z 521 -84.46 119.49 36.44
CA LEU Z 521 -84.85 119.65 35.04
C LEU Z 521 -84.04 118.76 34.08
N ALA Z 522 -82.72 118.80 34.21
CA ALA Z 522 -81.82 117.99 33.37
C ALA Z 522 -82.11 116.49 33.49
N THR Z 523 -82.74 116.10 34.60
CA THR Z 523 -83.18 114.72 34.84
C THR Z 523 -84.33 114.33 33.91
N LYS Z 524 -85.38 115.17 33.90
CA LYS Z 524 -86.56 114.93 33.07
C LYS Z 524 -86.30 115.23 31.59
N LYS Z 525 -85.19 115.92 31.30
CA LYS Z 525 -84.80 116.23 29.93
C LYS Z 525 -84.28 115.00 29.19
N PHE Z 526 -83.21 114.42 29.74
CA PHE Z 526 -82.63 113.16 29.21
C PHE Z 526 -83.65 112.05 29.17
N ALA Z 527 -84.48 111.97 30.19
CA ALA Z 527 -85.49 110.93 30.30
C ALA Z 527 -86.45 110.97 29.11
N ILE Z 528 -87.25 112.03 29.03
CA ILE Z 528 -88.32 112.15 28.03
C ILE Z 528 -87.78 112.16 26.60
N ASN Z 529 -86.57 112.67 26.41
CA ASN Z 529 -85.92 112.62 25.10
C ASN Z 529 -85.49 111.22 24.69
N VAL Z 530 -84.68 110.58 25.52
CA VAL Z 530 -84.15 109.23 25.23
C VAL Z 530 -85.30 108.23 25.07
N ALA Z 531 -86.35 108.43 25.86
CA ALA Z 531 -87.57 107.62 25.76
C ALA Z 531 -88.24 107.74 24.39
N THR Z 532 -88.37 108.97 23.90
CA THR Z 532 -89.02 109.24 22.62
C THR Z 532 -88.22 108.68 21.44
N GLU Z 533 -86.90 108.70 21.55
CA GLU Z 533 -86.01 108.04 20.60
C GLU Z 533 -86.23 106.53 20.61
N ALA Z 534 -86.14 105.96 21.82
CA ALA Z 534 -86.28 104.51 22.01
C ALA Z 534 -87.61 103.98 21.48
N ALA Z 535 -88.68 104.73 21.72
CA ALA Z 535 -90.04 104.35 21.28
C ALA Z 535 -90.22 104.55 19.78
N THR Z 536 -89.57 105.55 19.23
CA THR Z 536 -89.61 105.81 17.80
C THR Z 536 -88.80 104.75 17.05
N THR Z 537 -87.63 104.42 17.60
CA THR Z 537 -86.72 103.47 16.94
C THR Z 537 -87.25 102.04 16.82
N VAL Z 538 -88.16 101.63 17.73
CA VAL Z 538 -88.85 100.34 17.57
C VAL Z 538 -89.99 100.44 16.55
N LEU Z 539 -90.69 101.58 16.55
CA LEU Z 539 -91.75 101.83 15.59
C LEU Z 539 -91.22 102.03 14.16
N SER Z 540 -89.94 102.37 14.04
CA SER Z 540 -89.25 102.51 12.74
C SER Z 540 -89.17 101.17 12.00
N ILE Z 541 -88.97 100.10 12.76
CA ILE Z 541 -88.78 98.76 12.22
C ILE Z 541 -90.11 98.13 11.80
N ASP Z 542 -90.08 97.41 10.68
CA ASP Z 542 -91.20 96.57 10.29
C ASP Z 542 -90.74 95.23 9.73
N GLN Z 543 -89.43 94.99 9.83
CA GLN Z 543 -88.87 93.68 9.48
C GLN Z 543 -87.58 93.39 10.27
N ILE Z 544 -87.71 92.56 11.30
CA ILE Z 544 -86.54 92.07 12.04
C ILE Z 544 -86.03 90.80 11.39
N ILE Z 545 -84.73 90.73 11.16
CA ILE Z 545 -84.08 89.54 10.60
C ILE Z 545 -83.07 88.99 11.60
N MET Z 546 -83.28 87.74 12.03
CA MET Z 546 -82.49 87.13 13.10
C MET Z 546 -81.73 85.86 12.72
N ALA Z 547 -80.48 85.78 13.20
CA ALA Z 547 -79.62 84.63 12.99
C ALA Z 547 -79.66 83.66 14.17
N LYS Z 548 -79.29 82.39 13.93
CA LYS Z 548 -79.19 81.36 14.98
C LYS Z 548 -77.93 81.50 15.82
N LYS Z 549 -78.08 81.43 17.15
CA LYS Z 549 -77.01 81.72 18.11
C LYS Z 549 -75.71 80.96 17.84
N ASN AA 2 -91.10 86.75 3.12
CA ASN AA 2 -90.55 86.10 4.31
C ASN AA 2 -89.87 84.76 4.00
N PHE AA 3 -88.79 84.47 4.72
CA PHE AA 3 -87.96 83.29 4.45
C PHE AA 3 -88.63 82.00 4.92
N GLY AA 4 -88.90 81.93 6.22
CA GLY AA 4 -89.39 80.70 6.85
C GLY AA 4 -90.89 80.43 6.72
N SER AA 5 -91.22 79.16 6.47
CA SER AA 5 -92.60 78.67 6.51
C SER AA 5 -93.05 78.54 7.97
N GLN AA 6 -92.06 78.48 8.87
CA GLN AA 6 -92.30 78.64 10.29
C GLN AA 6 -91.39 79.74 10.82
N THR AA 7 -91.94 80.60 11.67
CA THR AA 7 -91.22 81.71 12.28
C THR AA 7 -91.61 81.74 13.76
N PRO AA 8 -90.77 81.14 14.64
CA PRO AA 8 -91.13 80.86 16.04
C PRO AA 8 -91.61 82.08 16.82
N THR AA 9 -91.02 82.33 17.97
CA THR AA 9 -91.32 83.53 18.73
C THR AA 9 -90.03 84.07 19.30
N ILE AA 10 -89.85 85.38 19.16
CA ILE AA 10 -88.80 86.13 19.84
C ILE AA 10 -88.91 85.98 21.35
N VAL AA 11 -87.80 85.63 21.97
CA VAL AA 11 -87.79 85.32 23.40
C VAL AA 11 -87.35 86.53 24.24
N VAL AA 12 -88.01 86.72 25.37
CA VAL AA 12 -87.68 87.83 26.27
C VAL AA 12 -86.33 87.58 26.94
N LEU AA 13 -86.18 86.40 27.54
CA LEU AA 13 -84.96 85.99 28.23
C LEU AA 13 -84.47 84.65 27.70
N LYS AA 14 -83.20 84.33 27.92
CA LYS AA 14 -82.61 83.08 27.45
C LYS AA 14 -83.27 81.87 28.10
N GLU AA 15 -83.28 80.73 27.39
CA GLU AA 15 -83.87 79.49 27.89
C GLU AA 15 -83.15 78.94 29.12
N GLY AA 16 -83.90 78.78 30.21
CA GLY AA 16 -83.33 78.35 31.49
C GLY AA 16 -83.31 79.47 32.52
N THR AA 17 -84.19 80.44 32.34
CA THR AA 17 -84.28 81.60 33.23
C THR AA 17 -85.49 81.47 34.15
N ASP AA 18 -85.23 81.50 35.45
CA ASP AA 18 -86.25 81.30 36.48
C ASP AA 18 -86.86 82.62 36.93
N ALA AA 19 -88.19 82.69 36.94
CA ALA AA 19 -88.92 83.93 37.26
C ALA AA 19 -90.09 83.71 38.23
N SER AA 20 -90.01 84.35 39.41
CA SER AA 20 -91.07 84.25 40.43
C SER AA 20 -91.61 85.63 40.82
N GLN AA 21 -92.92 85.82 40.70
CA GLN AA 21 -93.55 87.12 40.93
C GLN AA 21 -94.63 87.08 42.03
N GLY AA 22 -94.78 88.21 42.74
CA GLY AA 22 -95.92 88.44 43.63
C GLY AA 22 -95.89 87.78 45.00
N LYS AA 23 -97.06 87.31 45.44
CA LYS AA 23 -97.22 86.69 46.77
C LYS AA 23 -96.36 85.44 46.95
N GLY AA 24 -96.42 84.54 45.97
CA GLY AA 24 -95.61 83.31 45.97
C GLY AA 24 -94.13 83.56 46.20
N GLN AA 25 -93.65 84.70 45.71
CA GLN AA 25 -92.27 85.15 45.90
C GLN AA 25 -92.02 85.53 47.35
N ILE AA 26 -92.74 86.53 47.86
CA ILE AA 26 -92.51 87.08 49.21
C ILE AA 26 -92.59 85.99 50.28
N ILE AA 27 -93.66 85.19 50.23
CA ILE AA 27 -93.92 84.12 51.21
C ILE AA 27 -92.94 82.95 51.05
N SER AA 28 -92.51 82.69 49.81
CA SER AA 28 -91.47 81.70 49.56
C SER AA 28 -90.18 82.13 50.24
N ASN AA 29 -89.81 83.39 50.05
CA ASN AA 29 -88.60 83.95 50.66
C ASN AA 29 -88.61 83.97 52.19
N ILE AA 30 -89.78 84.13 52.80
CA ILE AA 30 -89.91 84.03 54.25
C ILE AA 30 -89.68 82.57 54.70
N ASN AA 31 -90.44 81.65 54.09
CA ASN AA 31 -90.34 80.22 54.40
C ASN AA 31 -88.97 79.62 54.14
N ALA AA 32 -88.25 80.16 53.15
CA ALA AA 32 -86.88 79.77 52.88
C ALA AA 32 -85.98 80.20 54.04
N CYS AA 33 -86.23 81.40 54.57
CA CYS AA 33 -85.46 81.93 55.68
C CYS AA 33 -85.74 81.20 56.98
N VAL AA 34 -87.02 80.91 57.23
CA VAL AA 34 -87.42 80.20 58.44
C VAL AA 34 -86.67 78.88 58.57
N ALA AA 35 -86.55 78.14 57.47
CA ALA AA 35 -85.85 76.86 57.45
C ALA AA 35 -84.40 76.98 57.91
N VAL AA 36 -83.68 77.99 57.41
CA VAL AA 36 -82.32 78.23 57.85
C VAL AA 36 -82.32 78.42 59.36
N GLN AA 37 -83.16 79.33 59.84
CA GLN AA 37 -83.31 79.60 61.28
C GLN AA 37 -83.72 78.36 62.06
N GLU AA 38 -84.69 77.61 61.52
CA GLU AA 38 -85.26 76.44 62.21
C GLU AA 38 -84.22 75.39 62.57
N ALA AA 39 -83.23 75.22 61.70
CA ALA AA 39 -82.17 74.23 61.91
C ALA AA 39 -81.05 74.78 62.79
N LEU AA 40 -81.06 76.09 63.03
CA LEU AA 40 -80.05 76.76 63.84
C LEU AA 40 -80.56 77.03 65.26
N LYS AA 41 -81.87 76.93 65.43
CA LYS AA 41 -82.56 77.23 66.71
C LYS AA 41 -82.16 76.36 67.91
N PRO AA 42 -81.84 75.06 67.69
CA PRO AA 42 -81.37 74.25 68.82
C PRO AA 42 -80.12 74.79 69.55
N THR AA 43 -79.14 75.32 68.82
CA THR AA 43 -77.84 75.66 69.41
C THR AA 43 -77.89 76.84 70.41
N LEU AA 44 -79.10 77.23 70.80
CA LEU AA 44 -79.30 78.41 71.65
C LEU AA 44 -79.33 78.07 73.13
N GLY AA 45 -78.63 78.89 73.93
CA GLY AA 45 -78.67 78.82 75.39
C GLY AA 45 -77.86 77.69 76.02
N PRO AA 46 -77.83 77.66 77.37
CA PRO AA 46 -77.01 76.73 78.17
C PRO AA 46 -77.16 75.26 77.77
N LEU AA 47 -78.39 74.82 77.52
CA LEU AA 47 -78.65 73.43 77.15
C LEU AA 47 -78.86 73.28 75.64
N GLY AA 48 -78.16 74.13 74.88
CA GLY AA 48 -78.23 74.15 73.43
C GLY AA 48 -77.52 73.00 72.75
N SER AA 49 -78.15 72.44 71.73
CA SER AA 49 -77.65 71.28 71.02
C SER AA 49 -76.58 71.68 70.02
N ASP AA 50 -75.49 70.93 69.97
CA ASP AA 50 -74.42 71.14 68.97
C ASP AA 50 -74.80 70.41 67.68
N ILE AA 51 -74.15 70.80 66.57
CA ILE AA 51 -74.44 70.21 65.25
C ILE AA 51 -73.19 69.62 64.60
N LEU AA 52 -73.32 68.42 64.04
CA LEU AA 52 -72.24 67.76 63.32
C LEU AA 52 -72.45 67.89 61.80
N ILE AA 53 -71.56 68.66 61.15
CA ILE AA 53 -71.64 68.90 59.71
C ILE AA 53 -70.46 68.29 58.97
N VAL AA 54 -70.76 67.33 58.10
CA VAL AA 54 -69.78 66.74 57.21
C VAL AA 54 -69.92 67.42 55.86
N THR AA 55 -68.93 68.24 55.50
CA THR AA 55 -69.00 69.04 54.27
C THR AA 55 -68.73 68.15 53.04
N SER AA 56 -68.96 68.73 51.85
CA SER AA 56 -68.79 68.04 50.56
C SER AA 56 -67.41 67.40 50.40
N ASN AA 57 -66.40 68.02 51.01
CA ASN AA 57 -65.01 67.59 50.93
C ASN AA 57 -64.56 66.78 52.15
N GLN AA 58 -65.50 66.02 52.70
CA GLN AA 58 -65.28 65.13 53.86
C GLN AA 58 -64.86 65.82 55.16
N LYS AA 59 -64.73 67.15 55.11
CA LYS AA 59 -64.35 67.93 56.29
C LYS AA 59 -65.42 67.88 57.38
N THR AA 60 -65.16 67.06 58.39
CA THR AA 60 -66.10 66.83 59.48
C THR AA 60 -65.90 67.86 60.58
N THR AA 61 -66.98 68.59 60.93
CA THR AA 61 -66.93 69.65 61.95
C THR AA 61 -68.09 69.57 62.93
N ILE AA 62 -67.79 69.73 64.21
CA ILE AA 62 -68.82 69.82 65.25
C ILE AA 62 -68.74 71.20 65.85
N SER AA 63 -69.88 71.87 66.02
CA SER AA 63 -69.88 73.23 66.55
C SER AA 63 -71.19 73.69 67.19
N ASN AA 64 -71.11 74.83 67.88
CA ASN AA 64 -72.26 75.53 68.41
C ASN AA 64 -72.26 76.98 67.89
N ASP AA 65 -71.11 77.40 67.35
CA ASP AA 65 -70.91 78.76 66.82
C ASP AA 65 -71.79 79.02 65.57
N GLY AA 66 -72.82 79.86 65.76
CA GLY AA 66 -73.86 80.14 64.76
C GLY AA 66 -73.37 80.52 63.38
N ALA AA 67 -72.40 81.43 63.31
CA ALA AA 67 -71.77 81.82 62.07
C ALA AA 67 -71.05 80.63 61.41
N THR AA 68 -70.42 79.80 62.23
CA THR AA 68 -69.68 78.64 61.75
C THR AA 68 -70.62 77.54 61.25
N ILE AA 69 -71.80 77.44 61.88
CA ILE AA 69 -72.82 76.51 61.39
C ILE AA 69 -73.37 77.02 60.06
N LEU AA 70 -73.71 78.31 60.02
CA LEU AA 70 -74.33 78.91 58.82
C LEU AA 70 -73.36 79.09 57.66
N LYS AA 71 -72.06 79.15 57.95
CA LYS AA 71 -71.04 79.24 56.91
C LYS AA 71 -70.77 77.86 56.28
N LEU AA 72 -70.78 76.82 57.12
CA LEU AA 72 -70.51 75.45 56.69
C LEU AA 72 -71.66 74.79 55.93
N LEU AA 73 -72.89 75.20 56.23
CA LEU AA 73 -74.03 74.91 55.38
C LEU AA 73 -73.86 75.76 54.14
N ASP AA 74 -74.06 75.20 52.96
CA ASP AA 74 -74.04 76.02 51.75
C ASP AA 74 -75.46 76.51 51.53
N VAL AA 75 -75.68 77.81 51.68
CA VAL AA 75 -76.99 78.35 51.40
C VAL AA 75 -77.02 78.85 49.96
N VAL AA 76 -77.84 78.22 49.13
CA VAL AA 76 -77.94 78.62 47.72
C VAL AA 76 -79.03 79.67 47.52
N HIS AA 77 -80.14 79.52 48.25
CA HIS AA 77 -81.27 80.42 48.14
C HIS AA 77 -80.84 81.86 48.44
N PRO AA 78 -81.12 82.79 47.50
CA PRO AA 78 -80.62 84.16 47.62
C PRO AA 78 -81.18 84.93 48.83
N ALA AA 79 -82.45 84.69 49.16
CA ALA AA 79 -83.07 85.35 50.30
C ALA AA 79 -82.62 84.75 51.63
N ALA AA 80 -82.24 83.48 51.60
CA ALA AA 80 -81.76 82.81 52.78
C ALA AA 80 -80.27 83.07 53.02
N LYS AA 81 -79.53 83.44 51.98
CA LYS AA 81 -78.11 83.82 52.10
C LYS AA 81 -77.93 85.08 52.93
N THR AA 82 -79.02 85.85 53.05
CA THR AA 82 -79.10 87.03 53.91
C THR AA 82 -78.77 86.62 55.34
N LEU AA 83 -79.36 85.51 55.78
CA LEU AA 83 -79.15 84.99 57.13
C LEU AA 83 -77.73 84.47 57.41
N VAL AA 84 -76.96 84.22 56.36
CA VAL AA 84 -75.54 83.87 56.50
C VAL AA 84 -74.73 85.15 56.69
N ASP AA 85 -75.14 86.21 55.99
CA ASP AA 85 -74.51 87.52 56.09
C ASP AA 85 -74.82 88.20 57.42
N ILE AA 86 -76.08 88.10 57.84
CA ILE AA 86 -76.55 88.71 59.08
C ILE AA 86 -75.81 88.12 60.30
N SER AA 87 -75.46 86.84 60.21
CA SER AA 87 -74.69 86.18 61.24
C SER AA 87 -73.25 86.65 61.16
N ARG AA 88 -72.72 86.69 59.94
CA ARG AA 88 -71.32 87.05 59.68
C ARG AA 88 -70.97 88.40 60.29
N ALA AA 89 -71.85 89.37 60.09
CA ALA AA 89 -71.66 90.73 60.63
C ALA AA 89 -71.69 90.74 62.16
N GLN AA 90 -72.40 89.79 62.75
CA GLN AA 90 -72.44 89.68 64.20
C GLN AA 90 -71.10 89.16 64.74
N ASP AA 91 -70.54 88.15 64.09
CA ASP AA 91 -69.24 87.62 64.50
C ASP AA 91 -68.15 88.64 64.20
N ALA AA 92 -68.41 89.52 63.24
CA ALA AA 92 -67.47 90.56 62.83
C ALA AA 92 -67.38 91.70 63.84
N GLU AA 93 -68.54 92.11 64.36
CA GLU AA 93 -68.63 93.26 65.26
C GLU AA 93 -68.64 92.90 66.74
N VAL AA 94 -69.09 91.69 67.05
CA VAL AA 94 -69.23 91.27 68.46
C VAL AA 94 -68.55 89.93 68.76
N GLY AA 95 -68.89 88.89 67.99
CA GLY AA 95 -68.35 87.55 68.24
C GLY AA 95 -69.42 86.61 68.76
N ASP AA 96 -70.16 87.06 69.78
CA ASP AA 96 -71.34 86.36 70.27
C ASP AA 96 -72.63 86.96 69.72
N GLY AA 97 -73.68 86.15 69.69
CA GLY AA 97 -74.97 86.56 69.16
C GLY AA 97 -75.28 85.89 67.83
N THR AA 98 -74.22 85.43 67.16
CA THR AA 98 -74.31 84.83 65.84
C THR AA 98 -75.54 83.95 65.65
N THR AA 99 -75.82 83.11 66.63
CA THR AA 99 -76.99 82.23 66.58
C THR AA 99 -78.29 83.02 66.78
N SER AA 100 -78.31 83.88 67.80
CA SER AA 100 -79.50 84.66 68.15
C SER AA 100 -80.00 85.57 67.02
N VAL AA 101 -79.09 86.25 66.34
CA VAL AA 101 -79.44 87.24 65.32
C VAL AA 101 -80.33 86.63 64.24
N THR AA 102 -79.96 85.45 63.78
CA THR AA 102 -80.69 84.74 62.74
C THR AA 102 -82.07 84.36 63.24
N ILE AA 103 -82.08 83.78 64.44
CA ILE AA 103 -83.31 83.39 65.10
C ILE AA 103 -84.29 84.56 65.13
N LEU AA 104 -83.79 85.73 65.50
CA LEU AA 104 -84.59 86.95 65.57
C LEU AA 104 -85.04 87.41 64.18
N ALA AA 105 -84.12 87.33 63.22
CA ALA AA 105 -84.37 87.74 61.84
C ALA AA 105 -85.49 86.93 61.21
N GLY AA 106 -85.43 85.61 61.39
CA GLY AA 106 -86.44 84.71 60.85
C GLY AA 106 -87.82 84.91 61.46
N GLU AA 107 -87.86 84.98 62.79
CA GLU AA 107 -89.14 85.10 63.50
C GLU AA 107 -89.86 86.41 63.22
N LEU AA 108 -89.10 87.46 62.87
CA LEU AA 108 -89.68 88.71 62.40
C LEU AA 108 -90.39 88.49 61.08
N MET AA 109 -89.73 87.76 60.18
CA MET AA 109 -90.31 87.40 58.88
C MET AA 109 -91.50 86.47 59.06
N LYS AA 110 -91.42 85.63 60.10
CA LYS AA 110 -92.47 84.66 60.41
C LYS AA 110 -93.76 85.29 60.93
N GLU AA 111 -93.63 86.32 61.76
CA GLU AA 111 -94.79 87.02 62.32
C GLU AA 111 -95.32 88.15 61.41
N ALA AA 112 -94.63 88.40 60.30
CA ALA AA 112 -95.07 89.33 59.25
C ALA AA 112 -95.84 88.59 58.16
N LYS AA 113 -95.71 87.26 58.18
CA LYS AA 113 -96.43 86.35 57.28
C LYS AA 113 -97.96 86.40 57.48
N PRO AA 114 -98.45 86.47 58.74
CA PRO AA 114 -99.87 86.66 59.01
C PRO AA 114 -100.49 87.93 58.39
N PHE AA 115 -99.70 88.99 58.27
CA PHE AA 115 -100.19 90.25 57.69
C PHE AA 115 -100.16 90.21 56.17
N LEU AA 116 -99.12 89.58 55.62
CA LEU AA 116 -98.96 89.45 54.18
C LEU AA 116 -99.98 88.50 53.57
N GLU AA 117 -100.52 87.58 54.38
CA GLU AA 117 -101.60 86.67 53.95
C GLU AA 117 -102.88 87.48 53.68
N GLU AA 118 -103.16 88.43 54.55
CA GLU AA 118 -104.18 89.45 54.30
C GLU AA 118 -103.59 90.48 53.35
N GLY AA 119 -104.44 91.17 52.61
CA GLY AA 119 -104.00 92.15 51.60
C GLY AA 119 -103.32 93.40 52.13
N ILE AA 120 -102.16 93.23 52.76
CA ILE AA 120 -101.37 94.35 53.28
C ILE AA 120 -100.07 94.50 52.49
N SER AA 121 -99.68 95.75 52.24
CA SER AA 121 -98.45 96.07 51.53
C SER AA 121 -97.23 95.84 52.42
N SER AA 122 -96.20 95.23 51.84
CA SER AA 122 -94.95 94.99 52.53
C SER AA 122 -94.21 96.28 52.87
N HIS AA 123 -94.50 97.33 52.08
CA HIS AA 123 -93.94 98.66 52.30
C HIS AA 123 -94.33 99.24 53.68
N LEU AA 124 -95.61 99.09 54.02
CA LEU AA 124 -96.13 99.59 55.29
C LEU AA 124 -95.65 98.76 56.47
N ILE AA 125 -95.55 97.45 56.28
CA ILE AA 125 -95.05 96.53 57.31
C ILE AA 125 -93.63 96.92 57.74
N MET AA 126 -92.76 97.20 56.77
CA MET AA 126 -91.38 97.52 57.08
C MET AA 126 -91.20 98.95 57.59
N LYS AA 127 -92.10 99.84 57.18
CA LYS AA 127 -92.11 101.20 57.74
C LYS AA 127 -92.45 101.16 59.23
N GLY AA 128 -93.14 100.09 59.64
CA GLY AA 128 -93.46 99.83 61.04
C GLY AA 128 -92.31 99.16 61.77
N TYR AA 129 -91.65 98.22 61.10
CA TYR AA 129 -90.48 97.54 61.63
C TYR AA 129 -89.29 98.48 61.82
N ARG AA 130 -89.16 99.45 60.90
CA ARG AA 130 -88.05 100.40 60.88
C ARG AA 130 -88.03 101.26 62.15
N LYS AA 131 -89.21 101.71 62.57
CA LYS AA 131 -89.37 102.51 63.78
C LYS AA 131 -89.30 101.65 65.05
N ALA AA 132 -89.73 100.39 64.93
CA ALA AA 132 -89.73 99.45 66.05
C ALA AA 132 -88.32 99.08 66.52
N VAL AA 133 -87.40 98.92 65.57
CA VAL AA 133 -86.01 98.60 65.91
C VAL AA 133 -85.24 99.83 66.40
N SER AA 134 -85.61 101.01 65.89
CA SER AA 134 -85.01 102.29 66.32
C SER AA 134 -85.45 102.66 67.74
N LEU AA 135 -86.61 102.13 68.14
CA LEU AA 135 -87.15 102.32 69.47
C LEU AA 135 -86.69 101.18 70.38
N ALA AA 136 -86.31 100.06 69.79
CA ALA AA 136 -85.74 98.93 70.53
C ALA AA 136 -84.31 99.24 70.98
N VAL AA 137 -83.58 99.97 70.13
CA VAL AA 137 -82.23 100.44 70.47
C VAL AA 137 -82.32 101.51 71.57
N GLU AA 138 -83.32 102.39 71.49
CA GLU AA 138 -83.56 103.41 72.50
C GLU AA 138 -83.95 102.82 73.85
N LYS AA 139 -84.52 101.62 73.84
CA LYS AA 139 -84.91 100.91 75.05
C LYS AA 139 -83.70 100.34 75.79
N ILE AA 140 -82.75 99.78 75.04
CA ILE AA 140 -81.52 99.19 75.60
C ILE AA 140 -80.53 100.27 76.05
N ASN AA 141 -80.42 101.36 75.28
CA ASN AA 141 -79.55 102.48 75.64
C ASN AA 141 -79.90 103.09 76.98
N GLU AA 142 -81.21 103.15 77.27
CA GLU AA 142 -81.70 103.64 78.57
C GLU AA 142 -81.67 102.53 79.64
N LEU AA 143 -81.50 101.29 79.21
CA LEU AA 143 -81.52 100.12 80.11
C LEU AA 143 -80.12 99.57 80.43
N ALA AA 144 -79.14 99.90 79.58
CA ALA AA 144 -77.76 99.45 79.74
C ALA AA 144 -77.12 100.10 80.95
N VAL AA 145 -76.53 99.28 81.82
CA VAL AA 145 -75.97 99.78 83.07
C VAL AA 145 -74.47 100.06 82.94
N ASP AA 146 -74.08 101.29 83.25
CA ASP AA 146 -72.66 101.67 83.34
C ASP AA 146 -72.13 101.09 84.64
N ILE AA 147 -71.25 100.09 84.52
CA ILE AA 147 -70.88 99.21 85.64
C ILE AA 147 -69.71 99.73 86.50
N THR AA 148 -68.97 100.71 85.97
CA THR AA 148 -67.93 101.40 86.76
C THR AA 148 -68.51 102.15 87.97
N SER AA 149 -69.78 102.52 87.87
CA SER AA 149 -70.49 103.29 88.89
C SER AA 149 -70.82 102.47 90.15
N GLU AA 150 -71.49 101.32 89.98
CA GLU AA 150 -72.05 100.56 91.09
C GLU AA 150 -71.47 99.15 91.28
N LYS AA 151 -70.70 99.01 92.35
CA LYS AA 151 -70.19 97.72 92.85
C LYS AA 151 -69.87 96.63 91.81
N SER AA 152 -68.73 96.78 91.15
CA SER AA 152 -68.15 95.72 90.32
C SER AA 152 -66.64 95.71 90.48
N SER AA 153 -66.06 94.52 90.51
CA SER AA 153 -64.61 94.36 90.57
C SER AA 153 -63.99 94.85 89.27
N GLY AA 154 -62.70 95.17 89.32
CA GLY AA 154 -61.96 95.59 88.14
C GLY AA 154 -61.96 94.54 87.05
N ARG AA 155 -61.84 93.27 87.47
CA ARG AA 155 -61.71 92.15 86.53
C ARG AA 155 -62.93 91.21 86.51
N GLU AA 156 -63.75 91.25 87.55
CA GLU AA 156 -64.98 90.43 87.61
C GLU AA 156 -66.08 90.98 86.70
N LEU AA 157 -65.80 92.08 86.02
CA LEU AA 157 -66.66 92.59 84.96
C LEU AA 157 -66.46 91.73 83.74
N LEU AA 158 -65.19 91.47 83.44
CA LEU AA 158 -64.78 90.69 82.28
C LEU AA 158 -64.97 89.20 82.55
N GLU AA 159 -64.78 88.79 83.80
CA GLU AA 159 -64.93 87.40 84.21
C GLU AA 159 -66.39 86.94 84.06
N ARG AA 160 -67.29 87.56 84.82
CA ARG AA 160 -68.73 87.24 84.77
C ARG AA 160 -69.34 87.44 83.38
N CYS AA 161 -68.59 88.08 82.50
CA CYS AA 161 -69.03 88.37 81.14
C CYS AA 161 -68.70 87.22 80.19
N ALA AA 162 -67.44 86.78 80.20
CA ALA AA 162 -67.01 85.64 79.39
C ALA AA 162 -67.72 84.39 79.86
N ARG AA 163 -67.92 84.29 81.18
CA ARG AA 163 -68.63 83.18 81.80
C ARG AA 163 -69.97 82.88 81.13
N THR AA 164 -70.68 83.94 80.76
CA THR AA 164 -71.98 83.83 80.11
C THR AA 164 -71.83 83.31 78.68
N ALA AA 165 -70.72 83.67 78.04
CA ALA AA 165 -70.43 83.27 76.66
C ALA AA 165 -69.97 81.81 76.55
N MET AA 166 -69.35 81.30 77.62
CA MET AA 166 -68.91 79.90 77.67
C MET AA 166 -70.13 78.96 77.69
N SER AA 167 -71.09 79.29 78.54
CA SER AA 167 -72.27 78.45 78.81
C SER AA 167 -73.15 78.30 77.58
N SER AA 168 -73.25 77.05 77.11
CA SER AA 168 -73.89 76.66 75.84
C SER AA 168 -72.88 75.86 75.02
N LYS AA 169 -71.64 76.36 75.02
CA LYS AA 169 -70.54 75.75 74.27
C LYS AA 169 -69.91 74.58 75.02
N LEU AA 170 -69.14 73.76 74.30
CA LEU AA 170 -68.59 72.51 74.83
C LEU AA 170 -67.87 72.63 76.16
N ILE AA 171 -67.10 73.70 76.32
CA ILE AA 171 -66.24 73.92 77.50
C ILE AA 171 -66.98 74.51 78.71
N HIS AA 172 -68.30 74.31 78.75
CA HIS AA 172 -69.16 74.84 79.80
C HIS AA 172 -68.85 74.25 81.20
N ASN AA 173 -68.48 72.97 81.23
CA ASN AA 173 -68.13 72.29 82.49
C ASN AA 173 -66.72 72.68 82.94
N ASN AA 174 -65.96 73.27 82.03
CA ASN AA 174 -64.61 73.73 82.33
C ASN AA 174 -64.48 75.25 82.33
N ALA AA 175 -65.62 75.92 82.21
CA ALA AA 175 -65.70 77.38 82.14
C ALA AA 175 -64.75 78.05 83.13
N ASP AA 176 -64.70 77.53 84.36
CA ASP AA 176 -63.80 78.00 85.41
C ASP AA 176 -62.37 78.21 84.92
N PHE AA 177 -61.81 77.17 84.31
CA PHE AA 177 -60.44 77.20 83.83
C PHE AA 177 -60.27 78.19 82.69
N PHE AA 178 -61.21 78.20 81.75
CA PHE AA 178 -61.10 79.01 80.54
C PHE AA 178 -61.38 80.49 80.72
N VAL AA 179 -62.25 80.81 81.67
CA VAL AA 179 -62.59 82.21 81.95
C VAL AA 179 -61.39 82.99 82.52
N LYS AA 180 -60.82 82.51 83.62
CA LYS AA 180 -59.65 83.14 84.25
C LYS AA 180 -58.38 82.90 83.42
N MET AA 181 -58.59 82.47 82.17
CA MET AA 181 -57.51 82.26 81.21
C MET AA 181 -57.63 83.23 80.05
N CYS AA 182 -58.78 83.23 79.39
CA CYS AA 182 -58.98 84.06 78.21
C CYS AA 182 -59.26 85.53 78.57
N VAL AA 183 -59.98 85.75 79.68
CA VAL AA 183 -60.13 87.08 80.24
C VAL AA 183 -58.74 87.64 80.50
N ASP AA 184 -57.92 86.80 81.12
CA ASP AA 184 -56.51 87.07 81.38
C ASP AA 184 -55.73 87.38 80.09
N ALA AA 185 -56.07 86.67 79.02
CA ALA AA 185 -55.38 86.85 77.74
C ALA AA 185 -55.68 88.19 77.07
N VAL AA 186 -56.80 88.81 77.40
CA VAL AA 186 -57.16 90.13 76.85
C VAL AA 186 -56.40 91.24 77.56
N LEU AA 187 -56.07 91.02 78.83
CA LEU AA 187 -55.34 91.99 79.64
C LEU AA 187 -53.89 92.15 79.21
N SER AA 188 -53.25 91.02 78.89
CA SER AA 188 -51.87 91.01 78.41
C SER AA 188 -51.79 91.50 76.96
N LEU AA 189 -52.90 91.34 76.25
CA LEU AA 189 -53.08 91.83 74.90
C LEU AA 189 -53.04 93.36 74.86
N ASP AA 190 -53.64 93.97 75.88
CA ASP AA 190 -53.86 95.42 75.95
C ASP AA 190 -52.66 96.27 75.52
N ARG AA 191 -52.72 96.73 74.27
CA ARG AA 191 -52.05 97.96 73.91
C ARG AA 191 -53.18 98.97 74.03
N ASN AA 192 -52.86 100.25 74.17
CA ASN AA 192 -53.89 101.29 74.27
C ASN AA 192 -55.17 100.86 73.58
N ASP AA 193 -55.05 100.58 72.28
CA ASP AA 193 -56.10 99.94 71.50
C ASP AA 193 -55.56 98.61 70.96
N LEU AA 194 -56.36 97.56 71.10
CA LEU AA 194 -55.90 96.16 71.03
C LEU AA 194 -56.42 95.37 69.84
N ASP AA 195 -55.66 94.36 69.41
CA ASP AA 195 -56.12 93.40 68.36
C ASP AA 195 -55.83 91.93 68.69
N ASP AA 196 -56.72 91.04 68.24
CA ASP AA 196 -56.63 89.61 68.55
C ASP AA 196 -55.44 88.93 67.90
N LYS AA 197 -55.09 89.37 66.69
CA LYS AA 197 -53.94 88.83 65.94
C LYS AA 197 -52.67 88.68 66.82
N LEU AA 198 -52.55 89.50 67.86
CA LEU AA 198 -51.43 89.42 68.79
C LEU AA 198 -51.52 88.28 69.79
N ILE AA 199 -52.75 87.89 70.16
CA ILE AA 199 -52.96 86.69 71.01
C ILE AA 199 -53.29 85.45 70.20
N GLY AA 200 -52.52 85.22 69.14
CA GLY AA 200 -52.69 84.05 68.28
C GLY AA 200 -52.73 82.75 69.06
N ILE AA 201 -53.57 81.83 68.56
CA ILE AA 201 -53.77 80.52 69.18
C ILE AA 201 -52.86 79.49 68.52
N LYS AA 202 -52.48 78.47 69.28
CA LYS AA 202 -51.68 77.38 68.76
C LYS AA 202 -52.33 76.05 69.14
N LYS AA 203 -52.48 75.16 68.16
CA LYS AA 203 -53.17 73.87 68.35
C LYS AA 203 -52.20 72.69 68.40
N ILE AA 204 -52.50 71.73 69.27
CA ILE AA 204 -51.63 70.55 69.48
C ILE AA 204 -52.43 69.29 69.82
N PRO AA 205 -52.34 68.25 68.97
CA PRO AA 205 -53.15 67.02 69.05
C PRO AA 205 -52.97 66.23 70.34
N GLY AA 206 -54.09 65.87 70.96
CA GLY AA 206 -54.09 65.07 72.17
C GLY AA 206 -54.25 65.91 73.44
N GLY AA 207 -54.35 65.21 74.57
CA GLY AA 207 -54.49 65.85 75.88
C GLY AA 207 -55.90 66.33 76.18
N ALA AA 208 -56.25 66.39 77.47
CA ALA AA 208 -57.54 66.92 77.89
C ALA AA 208 -57.52 68.44 77.71
N MET AA 209 -58.68 69.01 77.42
CA MET AA 209 -58.79 70.45 77.16
C MET AA 209 -58.48 71.31 78.40
N GLU AA 210 -58.52 70.66 79.56
CA GLU AA 210 -58.13 71.28 80.83
C GLU AA 210 -56.63 71.55 80.85
N GLU AA 211 -55.87 70.67 80.18
CA GLU AA 211 -54.41 70.73 80.19
C GLU AA 211 -53.83 71.74 79.20
N SER AA 212 -54.69 72.68 78.77
CA SER AA 212 -54.30 73.81 77.95
C SER AA 212 -53.48 74.81 78.77
N LEU AA 213 -52.65 75.60 78.09
CA LEU AA 213 -51.64 76.40 78.78
C LEU AA 213 -51.59 77.87 78.32
N PHE AA 214 -51.67 78.76 79.29
CA PHE AA 214 -51.54 80.21 79.06
C PHE AA 214 -50.08 80.62 79.22
N ILE AA 215 -49.51 81.15 78.15
CA ILE AA 215 -48.11 81.50 78.16
C ILE AA 215 -47.95 83.03 78.19
N ASN AA 216 -47.16 83.50 79.14
CA ASN AA 216 -46.87 84.93 79.27
C ASN AA 216 -45.69 85.32 78.39
N GLY AA 217 -45.73 84.86 77.13
CA GLY AA 217 -44.71 85.20 76.14
C GLY AA 217 -45.20 84.84 74.76
N VAL AA 218 -44.47 83.95 74.10
CA VAL AA 218 -44.83 83.43 72.78
C VAL AA 218 -44.55 81.92 72.75
N ALA AA 219 -45.10 81.24 71.75
CA ALA AA 219 -44.89 79.80 71.57
C ALA AA 219 -44.86 79.40 70.11
N PHE AA 220 -44.12 78.34 69.79
CA PHE AA 220 -44.12 77.78 68.45
C PHE AA 220 -44.70 76.38 68.42
N LYS AA 221 -45.78 76.23 67.65
CA LYS AA 221 -46.24 74.90 67.24
C LYS AA 221 -45.12 74.27 66.41
N LYS AA 222 -44.16 75.11 66.07
CA LYS AA 222 -43.11 74.78 65.13
C LYS AA 222 -41.78 74.53 65.81
N THR AA 223 -41.28 73.33 65.64
CA THR AA 223 -39.88 73.09 65.81
C THR AA 223 -39.32 73.09 64.39
N PHE AA 224 -38.01 73.32 64.26
CA PHE AA 224 -37.30 72.79 63.10
C PHE AA 224 -36.04 72.05 63.55
N SER AA 225 -35.47 71.25 62.65
CA SER AA 225 -34.27 70.48 62.96
C SER AA 225 -33.16 70.67 61.93
N TYR AA 226 -31.94 70.87 62.42
CA TYR AA 226 -30.72 70.77 61.62
C TYR AA 226 -29.65 70.08 62.44
N ALA AA 227 -28.53 69.73 61.80
CA ALA AA 227 -27.44 68.97 62.44
C ALA AA 227 -27.29 69.24 63.94
N GLY AA 228 -27.10 70.51 64.31
CA GLY AA 228 -26.79 70.87 65.68
C GLY AA 228 -27.95 71.15 66.61
N PHE AA 229 -29.16 71.31 66.08
CA PHE AA 229 -30.33 71.66 66.89
C PHE AA 229 -30.55 70.73 68.10
N GLU AA 230 -30.06 69.50 68.01
CA GLU AA 230 -30.17 68.55 69.10
C GLU AA 230 -28.98 68.69 70.05
N GLN AA 231 -27.86 69.19 69.52
CA GLN AA 231 -26.61 69.37 70.26
C GLN AA 231 -26.61 70.70 71.03
N GLN AA 232 -27.45 71.63 70.59
CA GLN AA 232 -27.61 72.96 71.21
C GLN AA 232 -28.32 72.91 72.55
N PRO AA 233 -28.13 73.94 73.39
CA PRO AA 233 -28.96 74.06 74.59
C PRO AA 233 -30.39 74.36 74.20
N LYS AA 234 -31.34 73.72 74.89
CA LYS AA 234 -32.76 73.96 74.67
C LYS AA 234 -33.45 74.43 75.96
N LYS AA 235 -32.68 75.13 76.80
CA LYS AA 235 -33.19 75.75 78.03
C LYS AA 235 -32.32 76.92 78.44
N PHE AA 236 -32.96 78.07 78.66
CA PHE AA 236 -32.29 79.30 79.10
C PHE AA 236 -33.10 79.94 80.23
N ASN AA 237 -32.43 80.76 81.04
CA ASN AA 237 -33.11 81.55 82.08
C ASN AA 237 -33.35 82.99 81.64
N ASN AA 238 -32.28 83.78 81.62
CA ASN AA 238 -32.37 85.12 81.07
C ASN AA 238 -31.60 85.19 79.76
N PRO AA 239 -32.33 85.25 78.64
CA PRO AA 239 -31.69 85.29 77.34
C PRO AA 239 -31.81 86.64 76.65
N LYS AA 240 -30.87 86.92 75.76
CA LYS AA 240 -31.01 87.99 74.79
C LYS AA 240 -31.50 87.37 73.47
N ILE AA 241 -32.72 87.76 73.08
CA ILE AA 241 -33.38 87.22 71.90
C ILE AA 241 -33.09 88.10 70.67
N LEU AA 242 -32.34 87.54 69.72
CA LEU AA 242 -32.07 88.24 68.46
C LEU AA 242 -33.15 87.91 67.46
N SER AA 243 -33.90 88.93 67.06
CA SER AA 243 -34.96 88.77 66.07
C SER AA 243 -34.47 89.17 64.68
N LEU AA 244 -34.06 88.17 63.90
CA LEU AA 244 -33.53 88.38 62.55
C LEU AA 244 -34.57 88.23 61.46
N ASN AA 245 -34.13 88.43 60.21
CA ASN AA 245 -34.97 88.23 59.04
C ASN AA 245 -34.28 87.44 57.94
N VAL AA 246 -33.02 87.78 57.66
CA VAL AA 246 -32.31 87.21 56.50
C VAL AA 246 -31.75 85.80 56.75
N GLU AA 247 -31.75 84.99 55.69
CA GLU AA 247 -31.29 83.61 55.73
C GLU AA 247 -29.79 83.48 55.97
N LEU AA 248 -29.43 82.73 57.02
CA LEU AA 248 -28.03 82.48 57.32
C LEU AA 248 -27.59 81.17 56.68
N GLU AA 249 -26.82 81.28 55.60
CA GLU AA 249 -26.27 80.14 54.87
C GLU AA 249 -25.34 80.65 53.77
N LEU AA 250 -25.23 79.89 52.68
CA LEU AA 250 -24.45 80.31 51.51
C LEU AA 250 -25.33 80.71 50.31
N LYS AA 251 -26.25 81.66 50.57
CA LYS AA 251 -27.24 82.15 49.59
C LYS AA 251 -28.10 81.02 49.01
N ALA AA 252 -29.19 80.67 49.72
CA ALA AA 252 -30.07 79.52 49.38
C ALA AA 252 -31.16 79.82 48.35
N GLU AA 253 -31.55 81.09 48.27
CA GLU AA 253 -32.48 81.58 47.26
C GLU AA 253 -32.25 83.07 46.94
N LYS AA 254 -31.13 83.62 47.43
CA LYS AA 254 -30.74 85.02 47.17
C LYS AA 254 -30.46 85.33 45.70
N ASP AA 255 -30.17 86.60 45.42
CA ASP AA 255 -29.92 87.09 44.05
C ASP AA 255 -28.70 86.43 43.40
N ASN AA 256 -28.87 86.01 42.15
CA ASN AA 256 -27.83 85.29 41.41
C ASN AA 256 -26.84 86.18 40.66
N ALA AA 257 -25.56 85.91 40.88
CA ALA AA 257 -24.47 86.70 40.32
C ALA AA 257 -23.41 85.77 39.74
N GLU AA 258 -23.20 85.85 38.42
CA GLU AA 258 -22.21 85.01 37.74
C GLU AA 258 -20.77 85.39 38.10
N VAL AA 259 -19.89 84.40 38.13
CA VAL AA 259 -18.49 84.63 38.48
C VAL AA 259 -17.57 84.17 37.34
N ARG AA 260 -16.82 85.13 36.80
CA ARG AA 260 -15.83 84.83 35.76
C ARG AA 260 -14.42 85.05 36.30
N VAL AA 261 -13.59 84.02 36.17
CA VAL AA 261 -12.25 84.02 36.73
C VAL AA 261 -11.23 83.54 35.70
N GLU AA 262 -10.25 84.40 35.42
CA GLU AA 262 -9.21 84.08 34.45
C GLU AA 262 -8.09 83.24 35.07
N HIS AA 263 -7.55 83.70 36.20
CA HIS AA 263 -6.41 83.06 36.85
C HIS AA 263 -6.84 82.09 37.97
N VAL AA 264 -6.18 80.92 38.04
CA VAL AA 264 -6.57 79.82 38.96
C VAL AA 264 -6.61 80.21 40.43
N GLU AA 265 -5.53 80.83 40.91
CA GLU AA 265 -5.41 81.23 42.32
C GLU AA 265 -6.64 81.98 42.86
N ASP AA 266 -7.30 82.74 41.99
CA ASP AA 266 -8.53 83.47 42.34
C ASP AA 266 -9.65 82.53 42.78
N TYR AA 267 -9.45 81.23 42.59
CA TYR AA 267 -10.46 80.24 42.92
C TYR AA 267 -10.64 80.08 44.43
N GLN AA 268 -9.60 79.60 45.12
CA GLN AA 268 -9.65 79.43 46.57
C GLN AA 268 -9.94 80.76 47.29
N ALA AA 269 -9.79 81.87 46.56
CA ALA AA 269 -10.10 83.21 47.07
C ALA AA 269 -11.60 83.51 47.04
N ILE AA 270 -12.26 83.13 45.95
CA ILE AA 270 -13.71 83.35 45.81
C ILE AA 270 -14.52 82.42 46.72
N VAL AA 271 -13.98 81.24 47.00
CA VAL AA 271 -14.63 80.33 47.96
C VAL AA 271 -14.35 80.78 49.40
N ASP AA 272 -13.11 81.22 49.66
CA ASP AA 272 -12.73 81.72 50.99
C ASP AA 272 -13.33 83.08 51.29
N ALA AA 273 -13.87 83.73 50.26
CA ALA AA 273 -14.66 84.93 50.44
C ALA AA 273 -16.03 84.54 50.97
N GLU AA 274 -16.58 83.44 50.44
CA GLU AA 274 -17.91 82.96 50.84
C GLU AA 274 -17.97 82.55 52.32
N TRP AA 275 -16.99 81.75 52.75
CA TRP AA 275 -16.92 81.31 54.16
C TRP AA 275 -16.52 82.46 55.09
N GLN AA 276 -15.97 83.53 54.52
CA GLN AA 276 -15.64 84.76 55.25
C GLN AA 276 -16.81 85.75 55.22
N LEU AA 277 -17.68 85.62 54.22
CA LEU AA 277 -18.87 86.48 54.12
C LEU AA 277 -19.98 86.10 55.10
N ILE AA 278 -19.98 84.86 55.58
CA ILE AA 278 -20.95 84.45 56.59
C ILE AA 278 -20.33 84.23 57.98
N PHE AA 279 -19.00 84.15 58.04
CA PHE AA 279 -18.30 84.34 59.31
C PHE AA 279 -18.76 85.70 59.85
N GLU AA 280 -18.54 86.76 59.05
CA GLU AA 280 -18.91 88.13 59.41
C GLU AA 280 -20.40 88.27 59.73
N LYS AA 281 -21.24 87.50 59.04
CA LYS AA 281 -22.68 87.50 59.30
C LYS AA 281 -23.02 86.75 60.59
N LEU AA 282 -22.26 85.71 60.91
CA LEU AA 282 -22.52 84.93 62.12
C LEU AA 282 -21.86 85.53 63.36
N ARG AA 283 -20.54 85.72 63.30
CA ARG AA 283 -19.81 86.32 64.41
C ARG AA 283 -20.33 87.73 64.70
N GLN AA 284 -21.24 88.20 63.84
CA GLN AA 284 -21.94 89.48 64.01
C GLN AA 284 -23.10 89.29 64.98
N VAL AA 285 -23.56 88.05 65.10
CA VAL AA 285 -24.62 87.67 66.02
C VAL AA 285 -24.03 87.32 67.37
N GLU AA 286 -22.90 86.65 67.36
CA GLU AA 286 -22.16 86.35 68.58
C GLU AA 286 -21.82 87.67 69.30
N GLU AA 287 -21.22 88.61 68.57
CA GLU AA 287 -20.86 89.93 69.10
C GLU AA 287 -22.08 90.87 69.19
N THR AA 288 -23.20 90.32 69.65
CA THR AA 288 -24.42 91.09 69.92
C THR AA 288 -24.82 90.96 71.39
N GLY AA 289 -24.44 89.83 71.98
CA GLY AA 289 -24.80 89.48 73.35
C GLY AA 289 -25.99 88.54 73.37
N ALA AA 290 -26.31 88.00 72.20
CA ALA AA 290 -27.48 87.15 72.01
C ALA AA 290 -27.18 85.69 72.31
N ASN AA 291 -28.23 84.95 72.67
CA ASN AA 291 -28.12 83.51 72.94
C ASN AA 291 -29.33 82.71 72.45
N ILE AA 292 -30.25 83.38 71.77
CA ILE AA 292 -31.35 82.73 71.02
C ILE AA 292 -31.59 83.48 69.71
N VAL AA 293 -31.43 82.78 68.58
CA VAL AA 293 -31.48 83.40 67.27
C VAL AA 293 -32.70 82.91 66.49
N LEU AA 294 -33.62 83.84 66.20
CA LEU AA 294 -34.80 83.52 65.42
C LEU AA 294 -34.82 84.35 64.15
N SER AA 295 -35.33 83.77 63.06
CA SER AA 295 -35.40 84.49 61.78
C SER AA 295 -36.57 84.04 60.92
N LYS AA 296 -37.17 84.99 60.22
CA LYS AA 296 -38.27 84.71 59.29
C LYS AA 296 -37.83 83.81 58.14
N LEU AA 297 -36.55 83.88 57.78
CA LEU AA 297 -35.96 83.02 56.75
C LEU AA 297 -35.16 81.87 57.38
N PRO AA 298 -34.58 80.96 56.54
CA PRO AA 298 -33.94 79.76 57.07
C PRO AA 298 -32.55 79.95 57.69
N ILE AA 299 -32.25 79.11 58.68
CA ILE AA 299 -30.91 79.01 59.25
C ILE AA 299 -30.36 77.63 58.84
N GLY AA 300 -29.26 77.65 58.08
CA GLY AA 300 -28.73 76.43 57.45
C GLY AA 300 -28.11 75.41 58.37
N ASP AA 301 -27.59 74.33 57.78
CA ASP AA 301 -26.87 73.30 58.52
C ASP AA 301 -25.49 73.81 58.94
N LEU AA 302 -24.90 74.65 58.10
CA LEU AA 302 -23.55 75.17 58.29
C LEU AA 302 -23.57 76.45 59.14
N ALA AA 303 -24.79 76.96 59.37
CA ALA AA 303 -25.04 78.07 60.26
C ALA AA 303 -25.33 77.57 61.68
N THR AA 304 -26.11 76.48 61.77
CA THR AA 304 -26.49 75.87 63.04
C THR AA 304 -25.28 75.37 63.82
N GLN AA 305 -24.20 75.05 63.11
CA GLN AA 305 -22.94 74.56 63.70
C GLN AA 305 -22.31 75.56 64.66
N PHE AA 306 -22.07 76.78 64.17
CA PHE AA 306 -21.42 77.81 64.96
C PHE AA 306 -22.20 78.11 66.23
N PHE AA 307 -23.53 78.13 66.13
CA PHE AA 307 -24.38 78.33 67.29
C PHE AA 307 -24.30 77.15 68.25
N ALA AA 308 -24.19 75.94 67.70
CA ALA AA 308 -24.13 74.70 68.49
C ALA AA 308 -22.86 74.58 69.30
N ASP AA 309 -21.76 75.13 68.75
CA ASP AA 309 -20.49 75.14 69.46
C ASP AA 309 -20.41 76.33 70.41
N ARG AA 310 -20.88 77.50 69.96
CA ARG AA 310 -20.89 78.70 70.80
C ARG AA 310 -22.12 78.75 71.71
N ASN AA 311 -22.67 77.57 72.01
CA ASN AA 311 -23.71 77.41 73.04
C ASN AA 311 -24.92 78.34 72.88
N ILE AA 312 -25.18 78.76 71.66
CA ILE AA 312 -26.30 79.65 71.35
C ILE AA 312 -27.42 78.85 70.68
N PHE AA 313 -28.66 79.16 71.03
CA PHE AA 313 -29.82 78.49 70.43
C PHE AA 313 -30.25 79.20 69.15
N CYS AA 314 -30.64 78.41 68.14
CA CYS AA 314 -31.11 78.95 66.86
C CYS AA 314 -32.30 78.19 66.31
N ALA AA 315 -33.15 78.91 65.59
CA ALA AA 315 -34.26 78.31 64.86
C ALA AA 315 -34.53 79.12 63.60
N GLY AA 316 -34.73 78.42 62.50
CA GLY AA 316 -34.99 79.05 61.22
C GLY AA 316 -36.42 78.88 60.79
N ARG AA 317 -36.76 79.48 59.65
CA ARG AA 317 -38.06 79.35 59.00
C ARG AA 317 -39.25 79.68 59.92
N VAL AA 318 -39.08 80.71 60.74
CA VAL AA 318 -40.08 81.07 61.73
C VAL AA 318 -41.34 81.65 61.10
N SER AA 319 -42.48 81.17 61.58
CA SER AA 319 -43.80 81.66 61.20
C SER AA 319 -43.79 83.19 61.17
N ALA AA 320 -44.17 83.75 60.03
CA ALA AA 320 -44.17 85.19 59.80
C ALA AA 320 -45.05 85.94 60.80
N ASP AA 321 -46.15 85.32 61.21
CA ASP AA 321 -47.06 85.87 62.20
C ASP AA 321 -46.49 85.72 63.60
N ASP AA 322 -45.66 84.69 63.80
CA ASP AA 322 -45.04 84.43 65.08
C ASP AA 322 -43.89 85.41 65.41
N MET AA 323 -43.12 85.78 64.37
CA MET AA 323 -42.06 86.77 64.53
C MET AA 323 -42.64 88.10 64.99
N ASN AA 324 -43.83 88.44 64.50
CA ASN AA 324 -44.56 89.61 64.97
C ASN AA 324 -45.23 89.38 66.34
N ARG AA 325 -45.36 88.13 66.74
CA ARG AA 325 -45.85 87.81 68.08
C ARG AA 325 -44.71 87.84 69.08
N VAL AA 326 -43.52 87.43 68.67
CA VAL AA 326 -42.36 87.45 69.56
C VAL AA 326 -41.90 88.86 69.95
N ILE AA 327 -41.63 89.70 68.95
CA ILE AA 327 -41.11 91.07 69.19
C ILE AA 327 -42.05 91.91 70.05
N GLN AA 328 -43.34 91.58 69.99
CA GLN AA 328 -44.37 92.25 70.77
C GLN AA 328 -44.50 91.64 72.17
N ALA AA 329 -43.85 90.51 72.40
CA ALA AA 329 -43.81 89.90 73.72
C ALA AA 329 -42.41 89.86 74.34
N VAL AA 330 -41.37 90.05 73.52
CA VAL AA 330 -39.99 90.00 74.01
C VAL AA 330 -39.39 91.41 74.21
N GLY AA 331 -39.90 92.38 73.44
CA GLY AA 331 -39.44 93.76 73.50
C GLY AA 331 -38.38 94.15 72.48
N GLY AA 332 -38.20 93.31 71.45
CA GLY AA 332 -37.16 93.52 70.44
C GLY AA 332 -37.60 94.21 69.15
N SER AA 333 -36.74 94.14 68.13
CA SER AA 333 -37.03 94.71 66.80
C SER AA 333 -36.43 93.87 65.67
N ILE AA 334 -37.25 93.55 64.67
CA ILE AA 334 -36.86 92.62 63.60
C ILE AA 334 -35.90 93.25 62.59
N GLN AA 335 -34.63 92.90 62.69
CA GLN AA 335 -33.62 93.43 61.79
C GLN AA 335 -33.48 92.54 60.56
N SER AA 336 -33.31 93.17 59.40
CA SER AA 336 -33.12 92.43 58.15
C SER AA 336 -31.65 92.35 57.73
N THR AA 337 -30.76 92.78 58.63
CA THR AA 337 -29.32 92.70 58.40
C THR AA 337 -28.58 92.57 59.71
N THR AA 338 -27.47 91.83 59.68
CA THR AA 338 -26.61 91.67 60.85
C THR AA 338 -25.64 92.83 61.04
N SER AA 339 -25.11 93.38 59.94
CA SER AA 339 -23.99 94.33 59.99
C SER AA 339 -24.27 95.71 60.62
N ASP AA 340 -25.45 95.86 61.22
CA ASP AA 340 -25.89 97.15 61.76
C ASP AA 340 -26.28 97.06 63.24
N ILE AA 341 -26.75 95.89 63.66
CA ILE AA 341 -27.42 95.68 64.95
C ILE AA 341 -26.72 96.32 66.15
N LYS AA 342 -27.45 97.19 66.85
CA LYS AA 342 -27.05 97.69 68.16
C LYS AA 342 -27.89 96.99 69.23
N PRO AA 343 -27.32 96.71 70.42
CA PRO AA 343 -28.02 95.95 71.48
C PRO AA 343 -29.29 96.62 72.07
N GLU AA 344 -29.84 97.61 71.37
CA GLU AA 344 -31.15 98.15 71.68
C GLU AA 344 -32.28 97.41 70.95
N HIS AA 345 -31.92 96.36 70.20
CA HIS AA 345 -32.87 95.58 69.39
C HIS AA 345 -33.25 94.22 69.99
N LEU AA 346 -32.46 93.76 70.96
CA LEU AA 346 -32.67 92.42 71.54
C LEU AA 346 -33.83 92.39 72.54
N GLY AA 347 -34.23 91.18 72.93
CA GLY AA 347 -35.32 90.97 73.89
C GLY AA 347 -34.92 90.18 75.12
N THR AA 348 -35.89 89.91 76.01
CA THR AA 348 -35.66 89.15 77.24
C THR AA 348 -36.93 88.42 77.69
N CYS AA 349 -36.76 87.39 78.51
CA CYS AA 349 -37.87 86.71 79.17
C CYS AA 349 -37.40 86.01 80.45
N ALA AA 350 -38.35 85.45 81.19
CA ALA AA 350 -38.06 84.77 82.46
C ALA AA 350 -37.47 83.38 82.25
N LEU AA 351 -37.99 82.66 81.25
CA LEU AA 351 -37.51 81.31 80.94
C LEU AA 351 -37.83 80.91 79.51
N PHE AA 352 -36.81 80.33 78.85
CA PHE AA 352 -36.96 79.72 77.55
C PHE AA 352 -36.71 78.23 77.72
N GLU AA 353 -37.64 77.39 77.25
CA GLU AA 353 -37.43 75.95 77.18
C GLU AA 353 -38.14 75.32 75.97
N GLU AA 354 -37.64 74.16 75.53
CA GLU AA 354 -38.28 73.40 74.47
C GLU AA 354 -39.08 72.23 75.05
N MET AA 355 -40.13 72.56 75.82
CA MET AA 355 -40.99 71.55 76.45
C MET AA 355 -41.72 70.74 75.40
N GLN AA 356 -41.59 69.42 75.44
CA GLN AA 356 -42.33 68.58 74.51
C GLN AA 356 -43.75 68.39 75.00
N ILE AA 357 -44.71 68.78 74.17
CA ILE AA 357 -46.13 68.66 74.48
C ILE AA 357 -46.84 67.92 73.34
N GLY AA 358 -47.45 66.79 73.68
CA GLY AA 358 -48.22 65.99 72.72
C GLY AA 358 -47.40 65.34 71.63
N SER AA 359 -46.20 64.87 72.03
CA SER AA 359 -45.18 64.30 71.12
C SER AA 359 -44.92 65.15 69.87
N GLU AA 360 -44.95 66.46 70.06
CA GLU AA 360 -44.45 67.43 69.11
C GLU AA 360 -43.67 68.45 69.93
N ARG AA 361 -42.59 68.97 69.36
CA ARG AA 361 -41.67 69.87 70.07
C ARG AA 361 -42.04 71.36 69.96
N TYR AA 362 -42.35 71.97 71.11
CA TYR AA 362 -42.74 73.38 71.17
C TYR AA 362 -41.67 74.24 71.84
N ASN AA 363 -41.36 75.37 71.23
CA ASN AA 363 -40.43 76.35 71.78
C ASN AA 363 -41.20 77.36 72.63
N LEU AA 364 -40.97 77.30 73.94
CA LEU AA 364 -41.68 78.14 74.91
C LEU AA 364 -40.80 79.15 75.62
N PHE AA 365 -40.84 80.40 75.16
CA PHE AA 365 -40.22 81.50 75.90
C PHE AA 365 -41.30 82.38 76.47
N GLN AA 366 -41.32 82.46 77.80
CA GLN AA 366 -42.44 83.01 78.55
C GLN AA 366 -41.98 83.85 79.73
N GLY AA 367 -42.95 84.39 80.47
CA GLY AA 367 -42.68 85.20 81.66
C GLY AA 367 -42.08 86.56 81.33
N CYS AA 368 -42.81 87.35 80.54
CA CYS AA 368 -42.30 88.61 80.03
C CYS AA 368 -42.96 89.83 80.71
N PRO AA 369 -42.23 90.47 81.64
CA PRO AA 369 -42.68 91.56 82.51
C PRO AA 369 -43.68 92.49 81.85
N GLN AA 370 -43.22 93.24 80.85
CA GLN AA 370 -44.08 94.15 80.10
C GLN AA 370 -44.26 93.62 78.68
N ALA AA 371 -45.42 93.05 78.42
CA ALA AA 371 -45.73 92.48 77.12
C ALA AA 371 -47.08 92.97 76.62
N LYS AA 372 -47.11 93.39 75.35
CA LYS AA 372 -48.34 93.80 74.69
C LYS AA 372 -48.87 92.67 73.81
N THR AA 373 -48.55 91.43 74.21
CA THR AA 373 -48.88 90.20 73.47
C THR AA 373 -48.77 88.96 74.36
N CYS AA 374 -49.56 87.94 74.06
CA CYS AA 374 -49.42 86.63 74.67
C CYS AA 374 -49.61 85.52 73.61
N THR AA 375 -49.62 84.26 74.04
CA THR AA 375 -49.94 83.12 73.17
C THR AA 375 -50.66 82.01 73.95
N LEU AA 376 -51.90 81.77 73.57
CA LEU AA 376 -52.63 80.63 74.07
C LEU AA 376 -52.18 79.37 73.34
N LEU AA 377 -52.13 78.26 74.08
CA LEU AA 377 -51.62 77.00 73.58
C LEU AA 377 -52.62 75.90 73.93
N LEU AA 378 -53.35 75.44 72.92
CA LEU AA 378 -54.62 74.73 73.13
C LEU AA 378 -54.59 73.22 72.88
N ARG AA 379 -55.02 72.45 73.88
CA ARG AA 379 -55.08 70.99 73.80
C ARG AA 379 -56.47 70.52 73.34
N GLY AA 380 -56.85 69.31 73.75
CA GLY AA 380 -58.15 68.74 73.39
C GLY AA 380 -58.08 67.26 73.00
N GLY AA 381 -59.12 66.50 73.36
CA GLY AA 381 -59.24 65.08 73.00
C GLY AA 381 -58.99 64.80 71.53
N ALA AA 382 -60.05 64.72 70.73
CA ALA AA 382 -59.93 64.55 69.29
C ALA AA 382 -59.63 65.86 68.55
N GLU AA 383 -59.16 65.77 67.31
CA GLU AA 383 -58.74 66.94 66.51
C GLU AA 383 -59.88 67.88 66.12
N GLN AA 384 -61.10 67.47 66.43
CA GLN AA 384 -62.26 68.30 66.16
C GLN AA 384 -62.77 69.03 67.39
N VAL AA 385 -62.25 68.64 68.56
CA VAL AA 385 -62.55 69.32 69.81
C VAL AA 385 -61.77 70.64 69.80
N ILE AA 386 -60.47 70.52 69.55
CA ILE AA 386 -59.56 71.66 69.54
C ILE AA 386 -60.10 72.79 68.68
N ALA AA 387 -60.73 72.43 67.56
CA ALA AA 387 -61.37 73.40 66.67
C ALA AA 387 -62.54 74.12 67.32
N GLU AA 388 -63.38 73.39 68.06
CA GLU AA 388 -64.56 73.97 68.70
C GLU AA 388 -64.22 74.69 70.01
N VAL AA 389 -63.01 74.48 70.51
CA VAL AA 389 -62.52 75.22 71.67
C VAL AA 389 -61.98 76.58 71.21
N GLU AA 390 -61.19 76.58 70.13
CA GLU AA 390 -60.64 77.80 69.55
C GLU AA 390 -61.74 78.75 69.09
N ARG AA 391 -62.79 78.17 68.52
CA ARG AA 391 -63.97 78.93 68.08
C ARG AA 391 -64.80 79.38 69.27
N SER AA 392 -64.83 78.57 70.31
CA SER AA 392 -65.53 78.91 71.54
C SER AA 392 -64.79 80.01 72.30
N LEU AA 393 -63.45 79.95 72.27
CA LEU AA 393 -62.62 80.93 72.96
C LEU AA 393 -62.62 82.30 72.29
N HIS AA 394 -62.59 82.29 70.96
CA HIS AA 394 -62.71 83.54 70.21
C HIS AA 394 -64.05 84.23 70.50
N ASP AA 395 -65.06 83.42 70.82
CA ASP AA 395 -66.37 83.96 71.16
C ASP AA 395 -66.35 84.66 72.52
N ALA AA 396 -65.49 84.20 73.43
CA ALA AA 396 -65.38 84.78 74.77
C ALA AA 396 -64.48 86.01 74.79
N ILE AA 397 -63.29 85.85 74.24
CA ILE AA 397 -62.30 86.91 74.17
C ILE AA 397 -62.90 88.20 73.62
N MET AA 398 -63.68 88.08 72.55
CA MET AA 398 -64.23 89.25 71.89
C MET AA 398 -65.34 89.93 72.68
N ILE AA 399 -66.05 89.16 73.52
CA ILE AA 399 -67.02 89.74 74.45
C ILE AA 399 -66.30 90.50 75.56
N VAL AA 400 -65.14 89.98 75.97
CA VAL AA 400 -64.29 90.65 76.96
C VAL AA 400 -63.70 91.94 76.40
N LYS AA 401 -63.21 91.91 75.17
CA LYS AA 401 -62.71 93.11 74.50
C LYS AA 401 -63.80 94.18 74.42
N ARG AA 402 -65.02 93.76 74.10
CA ARG AA 402 -66.17 94.67 73.97
C ARG AA 402 -66.73 95.09 75.33
N ALA AA 403 -66.15 94.57 76.39
CA ALA AA 403 -66.52 94.93 77.77
C ALA AA 403 -65.56 95.95 78.36
N LEU AA 404 -64.41 96.11 77.69
CA LEU AA 404 -63.44 97.17 78.01
C LEU AA 404 -63.72 98.39 77.14
N GLN AA 405 -64.12 98.10 75.89
CA GLN AA 405 -64.53 99.12 74.93
C GLN AA 405 -65.73 99.91 75.49
N ASN AA 406 -66.74 99.18 75.95
CA ASN AA 406 -67.89 99.75 76.65
C ASN AA 406 -68.06 99.09 78.01
N LYS AA 407 -67.71 99.82 79.07
CA LYS AA 407 -68.03 99.39 80.44
C LYS AA 407 -69.53 99.59 80.64
N LEU AA 408 -70.31 98.76 79.95
CA LEU AA 408 -71.74 98.97 79.74
C LEU AA 408 -72.40 97.62 79.44
N ILE AA 409 -73.33 97.19 80.30
CA ILE AA 409 -73.88 95.83 80.25
C ILE AA 409 -75.40 95.73 80.38
N VAL AA 410 -75.96 94.70 79.75
CA VAL AA 410 -77.38 94.38 79.83
C VAL AA 410 -77.57 92.94 80.28
N ALA AA 411 -78.71 92.67 80.92
CA ALA AA 411 -79.00 91.36 81.51
C ALA AA 411 -79.35 90.29 80.48
N GLY AA 412 -78.83 89.09 80.67
CA GLY AA 412 -79.05 87.98 79.74
C GLY AA 412 -80.24 87.10 80.10
N GLY AA 413 -80.26 85.90 79.52
CA GLY AA 413 -81.32 84.91 79.79
C GLY AA 413 -82.69 85.32 79.32
N GLY AA 414 -82.76 86.18 78.31
CA GLY AA 414 -84.02 86.64 77.75
C GLY AA 414 -84.56 87.91 78.38
N ALA AA 415 -84.05 88.25 79.56
CA ALA AA 415 -84.48 89.42 80.33
C ALA AA 415 -84.52 90.70 79.49
N THR AA 416 -83.40 91.03 78.85
CA THR AA 416 -83.32 92.22 78.00
C THR AA 416 -84.45 92.22 76.98
N GLU AA 417 -84.48 91.21 76.10
CA GLU AA 417 -85.49 91.13 75.06
C GLU AA 417 -86.93 91.21 75.60
N MET AA 418 -87.15 90.63 76.77
CA MET AA 418 -88.47 90.64 77.42
C MET AA 418 -88.93 92.04 77.83
N GLU AA 419 -88.00 92.89 78.27
CA GLU AA 419 -88.29 94.29 78.60
C GLU AA 419 -88.44 95.11 77.32
N VAL AA 420 -87.55 94.85 76.35
CA VAL AA 420 -87.65 95.48 75.03
C VAL AA 420 -89.00 95.12 74.41
N SER AA 421 -89.46 93.89 74.67
CA SER AA 421 -90.80 93.47 74.24
C SER AA 421 -91.91 94.27 74.91
N LYS AA 422 -91.71 94.60 76.19
CA LYS AA 422 -92.71 95.37 76.94
C LYS AA 422 -92.77 96.82 76.48
N CYS AA 423 -91.59 97.39 76.18
CA CYS AA 423 -91.50 98.73 75.61
C CYS AA 423 -92.39 98.84 74.38
N LEU AA 424 -92.13 97.97 73.41
CA LEU AA 424 -92.86 97.96 72.15
C LEU AA 424 -94.31 97.48 72.32
N ARG AA 425 -94.60 96.80 73.43
CA ARG AA 425 -95.97 96.38 73.74
C ARG AA 425 -96.76 97.55 74.33
N ASP AA 426 -96.07 98.40 75.08
CA ASP AA 426 -96.67 99.61 75.65
C ASP AA 426 -96.82 100.72 74.61
N TYR AA 427 -95.81 100.84 73.75
CA TYR AA 427 -95.80 101.84 72.68
C TYR AA 427 -96.95 101.58 71.70
N SER AA 428 -97.49 100.37 71.72
CA SER AA 428 -98.62 99.98 70.89
C SER AA 428 -99.87 100.79 71.24
N LYS AA 429 -100.02 101.14 72.52
CA LYS AA 429 -101.16 101.89 73.00
C LYS AA 429 -101.25 103.28 72.36
N THR AA 430 -100.15 104.04 72.46
CA THR AA 430 -100.09 105.42 71.95
C THR AA 430 -100.25 105.52 70.44
N ILE AA 431 -99.77 104.52 69.71
CA ILE AA 431 -99.87 104.47 68.25
C ILE AA 431 -101.30 104.16 67.81
N ALA AA 432 -101.69 102.88 67.92
CA ALA AA 432 -103.00 102.38 67.50
C ALA AA 432 -103.26 102.47 65.99
N GLY AA 433 -103.72 101.37 65.41
CA GLY AA 433 -104.02 101.33 63.98
C GLY AA 433 -103.35 100.16 63.29
N LYS AA 434 -103.06 100.31 61.99
CA LYS AA 434 -102.39 99.27 61.22
C LYS AA 434 -100.94 99.10 61.67
N GLN AA 435 -100.26 100.21 61.93
CA GLN AA 435 -98.86 100.18 62.36
C GLN AA 435 -98.67 99.63 63.77
N GLN AA 436 -99.69 99.77 64.61
CA GLN AA 436 -99.66 99.25 65.98
C GLN AA 436 -99.37 97.76 66.02
N MET AA 437 -100.09 97.01 65.20
CA MET AA 437 -99.98 95.54 65.15
C MET AA 437 -98.63 95.06 64.60
N ILE AA 438 -97.97 95.90 63.80
CA ILE AA 438 -96.61 95.62 63.33
C ILE AA 438 -95.63 95.65 64.51
N ILE AA 439 -95.64 96.77 65.22
CA ILE AA 439 -94.81 96.95 66.40
C ILE AA 439 -95.16 95.92 67.47
N ASN AA 440 -96.46 95.61 67.59
CA ASN AA 440 -96.93 94.51 68.43
C ASN AA 440 -96.42 93.16 67.99
N ALA AA 441 -96.28 92.98 66.67
CA ALA AA 441 -95.71 91.76 66.14
C ALA AA 441 -94.23 91.70 66.45
N PHE AA 442 -93.54 92.82 66.30
CA PHE AA 442 -92.11 92.90 66.59
C PHE AA 442 -91.83 92.55 68.05
N ALA AA 443 -92.67 93.05 68.94
CA ALA AA 443 -92.55 92.76 70.37
C ALA AA 443 -92.77 91.27 70.67
N LYS AA 444 -93.81 90.69 70.09
CA LYS AA 444 -94.13 89.28 70.31
C LYS AA 444 -93.03 88.39 69.77
N ALA AA 445 -92.45 88.78 68.63
CA ALA AA 445 -91.37 88.03 68.00
C ALA AA 445 -90.08 88.06 68.83
N LEU AA 446 -89.94 89.09 69.65
CA LEU AA 446 -88.82 89.18 70.57
C LEU AA 446 -88.89 88.12 71.64
N GLU AA 447 -90.10 87.62 71.87
CA GLU AA 447 -90.35 86.64 72.92
C GLU AA 447 -89.85 85.24 72.56
N VAL AA 448 -89.13 85.15 71.45
CA VAL AA 448 -88.64 83.85 70.98
C VAL AA 448 -87.40 83.37 71.73
N ILE AA 449 -86.44 84.27 71.91
CA ILE AA 449 -85.18 83.94 72.60
C ILE AA 449 -85.40 83.22 73.94
N PRO AA 450 -86.37 83.69 74.77
CA PRO AA 450 -86.67 82.92 75.98
C PRO AA 450 -87.39 81.61 75.69
N ARG AA 451 -88.41 81.67 74.85
CA ARG AA 451 -89.21 80.51 74.46
C ARG AA 451 -88.36 79.37 73.90
N GLN AA 452 -87.23 79.71 73.30
CA GLN AA 452 -86.31 78.74 72.73
C GLN AA 452 -85.34 78.19 73.77
N LEU AA 453 -84.91 79.04 74.70
CA LEU AA 453 -84.06 78.58 75.81
C LEU AA 453 -84.78 77.50 76.61
N CYS AA 454 -86.09 77.66 76.78
CA CYS AA 454 -86.93 76.68 77.47
C CYS AA 454 -87.25 75.43 76.62
N GLU AA 455 -87.56 75.63 75.34
CA GLU AA 455 -87.85 74.51 74.42
C GLU AA 455 -86.62 73.63 74.16
N ASN AA 456 -85.43 74.22 74.29
CA ASN AA 456 -84.17 73.48 74.21
C ASN AA 456 -83.87 72.71 75.48
N ALA AA 457 -84.03 73.38 76.61
CA ALA AA 457 -83.74 72.80 77.92
C ALA AA 457 -84.85 71.87 78.40
N GLY AA 458 -86.01 71.94 77.76
CA GLY AA 458 -87.13 71.07 78.10
C GLY AA 458 -87.94 71.57 79.28
N PHE AA 459 -88.13 72.90 79.35
CA PHE AA 459 -89.01 73.49 80.35
C PHE AA 459 -90.40 73.73 79.77
N ASP AA 460 -91.36 73.97 80.66
CA ASP AA 460 -92.69 74.39 80.26
C ASP AA 460 -92.57 75.81 79.72
N ALA AA 461 -92.38 75.91 78.40
CA ALA AA 461 -92.12 77.18 77.73
C ALA AA 461 -93.24 78.22 77.89
N ILE AA 462 -94.49 77.75 77.83
CA ILE AA 462 -95.62 78.68 77.93
C ILE AA 462 -95.89 79.06 79.38
N GLU AA 463 -95.55 78.19 80.32
CA GLU AA 463 -95.72 78.50 81.73
C GLU AA 463 -94.69 79.53 82.22
N ILE AA 464 -93.47 79.46 81.69
CA ILE AA 464 -92.41 80.38 82.08
C ILE AA 464 -92.65 81.77 81.48
N LEU AA 465 -92.90 81.83 80.17
CA LEU AA 465 -93.19 83.09 79.46
C LEU AA 465 -94.40 83.82 80.01
N ASN AA 466 -95.44 83.04 80.35
CA ASN AA 466 -96.66 83.57 80.93
C ASN AA 466 -96.43 84.13 82.34
N LYS AA 467 -95.65 83.41 83.13
CA LYS AA 467 -95.31 83.86 84.48
C LYS AA 467 -94.20 84.91 84.47
N LEU AA 468 -93.55 85.07 83.33
CA LEU AA 468 -92.50 86.07 83.18
C LEU AA 468 -93.06 87.41 82.73
N ARG AA 469 -93.94 87.37 81.72
CA ARG AA 469 -94.57 88.58 81.17
C ARG AA 469 -95.29 89.38 82.24
N LEU AA 470 -96.05 88.69 83.10
CA LEU AA 470 -96.78 89.32 84.20
C LEU AA 470 -95.82 89.94 85.21
N ALA AA 471 -94.76 89.19 85.54
CA ALA AA 471 -93.79 89.61 86.55
C ALA AA 471 -92.75 90.59 86.01
N HIS AA 472 -92.82 90.88 84.70
CA HIS AA 472 -91.90 91.84 84.11
C HIS AA 472 -92.55 93.22 84.12
N SER AA 473 -93.86 93.23 84.34
CA SER AA 473 -94.63 94.46 84.42
C SER AA 473 -94.61 95.04 85.83
N LYS AA 474 -94.21 94.22 86.79
CA LYS AA 474 -94.14 94.64 88.18
C LYS AA 474 -92.74 94.47 88.77
N GLY AA 475 -92.00 93.48 88.27
CA GLY AA 475 -90.69 93.10 88.82
C GLY AA 475 -89.46 93.66 88.12
N GLU AA 476 -89.70 94.53 87.14
CA GLU AA 476 -88.65 95.29 86.44
C GLU AA 476 -87.85 94.51 85.38
N LYS AA 477 -86.93 95.24 84.76
CA LYS AA 477 -86.23 94.84 83.53
C LYS AA 477 -85.42 93.56 83.60
N TRP AA 478 -84.72 93.37 84.72
CA TRP AA 478 -83.68 92.34 84.78
C TRP AA 478 -84.19 90.94 85.19
N TYR AA 479 -85.42 90.62 84.79
CA TYR AA 479 -86.01 89.31 85.05
C TYR AA 479 -85.99 88.40 83.82
N GLY AA 480 -85.26 87.29 83.93
CA GLY AA 480 -85.16 86.31 82.86
C GLY AA 480 -85.11 84.87 83.36
N VAL AA 481 -84.85 83.95 82.44
CA VAL AA 481 -84.83 82.53 82.77
C VAL AA 481 -83.53 82.13 83.47
N VAL AA 482 -83.63 81.77 84.75
CA VAL AA 482 -82.51 81.20 85.49
C VAL AA 482 -82.57 79.68 85.37
N PHE AA 483 -81.62 79.13 84.61
CA PHE AA 483 -81.59 77.70 84.28
C PHE AA 483 -81.36 76.78 85.48
N GLU AA 484 -80.78 77.33 86.55
CA GLU AA 484 -80.39 76.56 87.72
C GLU AA 484 -81.56 76.23 88.66
N THR AA 485 -82.74 76.81 88.37
CA THR AA 485 -83.93 76.60 89.20
C THR AA 485 -85.14 76.18 88.35
N GLU AA 486 -84.99 76.24 87.04
CA GLU AA 486 -86.08 75.98 86.10
C GLU AA 486 -87.26 76.93 86.37
N ASN AA 487 -86.95 78.21 86.59
CA ASN AA 487 -87.95 79.24 86.86
C ASN AA 487 -87.43 80.65 86.54
N ILE AA 488 -88.26 81.66 86.80
CA ILE AA 488 -87.90 83.08 86.57
C ILE AA 488 -86.93 83.56 87.65
N GLY AA 489 -86.38 84.76 87.46
CA GLY AA 489 -85.48 85.38 88.44
C GLY AA 489 -84.74 86.58 87.91
N ASP AA 490 -84.18 87.36 88.84
CA ASP AA 490 -83.35 88.51 88.49
C ASP AA 490 -81.98 88.04 88.03
N ASN AA 491 -81.57 88.52 86.86
CA ASN AA 491 -80.28 88.14 86.29
C ASN AA 491 -79.15 89.15 86.52
N PHE AA 492 -79.32 90.01 87.51
CA PHE AA 492 -78.21 90.78 88.04
C PHE AA 492 -77.56 89.91 89.09
N ALA AA 493 -78.37 89.47 90.05
CA ALA AA 493 -77.92 88.68 91.17
C ALA AA 493 -77.55 87.25 90.74
N LYS AA 494 -78.20 86.77 89.68
CA LYS AA 494 -77.84 85.48 89.09
C LYS AA 494 -76.54 85.60 88.28
N PHE AA 495 -76.13 86.84 87.98
CA PHE AA 495 -74.87 87.15 87.29
C PHE AA 495 -74.82 86.71 85.82
N VAL AA 496 -75.96 86.74 85.13
CA VAL AA 496 -76.03 86.46 83.70
C VAL AA 496 -75.84 87.77 82.95
N TRP AA 497 -74.62 87.99 82.45
CA TRP AA 497 -74.22 89.30 81.91
C TRP AA 497 -73.72 89.22 80.48
N GLU AA 498 -74.09 90.22 79.67
CA GLU AA 498 -73.63 90.32 78.29
C GLU AA 498 -73.56 91.78 77.84
N PRO AA 499 -72.46 92.16 77.14
CA PRO AA 499 -72.17 93.55 76.77
C PRO AA 499 -73.24 94.22 75.91
N ALA AA 500 -73.20 95.54 75.87
CA ALA AA 500 -74.22 96.36 75.20
C ALA AA 500 -74.37 96.06 73.71
N LEU AA 501 -73.24 96.03 73.01
CA LEU AA 501 -73.18 95.91 71.55
C LEU AA 501 -73.94 94.70 70.99
N VAL AA 502 -73.87 93.57 71.70
CA VAL AA 502 -74.46 92.29 71.26
C VAL AA 502 -75.92 92.41 70.86
N LYS AA 503 -76.74 92.95 71.77
CA LYS AA 503 -78.18 93.01 71.57
C LYS AA 503 -78.61 94.10 70.58
N ILE AA 504 -77.88 95.21 70.56
CA ILE AA 504 -78.16 96.32 69.64
C ILE AA 504 -77.82 95.94 68.19
N ASN AA 505 -76.60 95.44 67.97
CA ASN AA 505 -76.19 94.97 66.64
C ASN AA 505 -77.07 93.81 66.16
N ALA AA 506 -77.55 93.00 67.08
CA ALA AA 506 -78.47 91.90 66.75
C ALA AA 506 -79.76 92.41 66.12
N LEU AA 507 -80.48 93.26 66.86
CA LEU AA 507 -81.75 93.81 66.41
C LEU AA 507 -81.62 94.60 65.11
N ASN AA 508 -80.66 95.52 65.07
CA ASN AA 508 -80.41 96.33 63.88
C ASN AA 508 -80.09 95.51 62.64
N SER AA 509 -79.51 94.32 62.84
CA SER AA 509 -79.22 93.41 61.76
C SER AA 509 -80.44 92.54 61.43
N ALA AA 510 -81.07 92.01 62.49
CA ALA AA 510 -82.27 91.17 62.35
C ALA AA 510 -83.37 91.85 61.54
N THR AA 511 -83.47 93.16 61.67
CA THR AA 511 -84.40 93.92 60.86
C THR AA 511 -83.90 94.07 59.44
N GLU AA 512 -82.66 94.53 59.27
CA GLU AA 512 -82.08 94.72 57.94
C GLU AA 512 -82.38 93.51 57.06
N ALA AA 513 -82.14 92.32 57.60
CA ALA AA 513 -82.51 91.08 56.94
C ALA AA 513 -84.00 91.07 56.64
N THR AA 514 -84.81 91.20 57.69
CA THR AA 514 -86.27 91.16 57.57
C THR AA 514 -86.84 92.21 56.61
N ASN AA 515 -86.31 93.42 56.66
CA ASN AA 515 -86.76 94.49 55.76
C ASN AA 515 -86.33 94.26 54.31
N LEU AA 516 -85.08 93.84 54.13
CA LEU AA 516 -84.54 93.57 52.79
C LEU AA 516 -85.36 92.52 52.06
N ILE AA 517 -85.65 91.40 52.74
CA ILE AA 517 -86.39 90.29 52.15
C ILE AA 517 -87.81 90.71 51.76
N LEU AA 518 -88.47 91.44 52.65
CA LEU AA 518 -89.83 91.94 52.39
C LEU AA 518 -89.87 92.93 51.23
N SER AA 519 -88.70 93.45 50.84
CA SER AA 519 -88.59 94.37 49.72
C SER AA 519 -88.54 93.65 48.38
N VAL AA 520 -88.20 92.36 48.43
CA VAL AA 520 -88.08 91.54 47.23
C VAL AA 520 -89.44 91.03 46.75
N ASP AA 521 -89.80 91.40 45.53
CA ASP AA 521 -91.07 90.99 44.94
C ASP AA 521 -90.90 90.08 43.72
N GLU AA 522 -89.65 89.93 43.27
CA GLU AA 522 -89.35 89.10 42.11
C GLU AA 522 -87.93 88.53 42.16
N THR AA 523 -87.83 87.22 41.96
CA THR AA 523 -86.54 86.55 41.83
C THR AA 523 -86.30 86.16 40.38
N ILE AA 524 -85.19 86.63 39.82
CA ILE AA 524 -84.78 86.22 38.50
C ILE AA 524 -83.42 85.55 38.60
N THR AA 525 -83.30 84.38 37.99
CA THR AA 525 -82.09 83.56 38.07
C THR AA 525 -81.70 83.08 36.68
N ASN AA 526 -80.42 83.23 36.32
CA ASN AA 526 -79.96 82.87 34.98
C ASN AA 526 -79.27 81.49 34.93
N LYS AA 527 -79.30 80.86 33.76
CA LYS AA 527 -78.67 79.54 33.57
C LYS AA 527 -77.25 79.68 33.03
N MET BA 25 -99.30 76.23 46.76
CA MET BA 25 -98.38 76.88 47.69
C MET BA 25 -97.11 76.04 47.91
N GLY BA 26 -96.83 75.14 46.98
CA GLY BA 26 -95.65 74.28 47.10
C GLY BA 26 -94.67 74.51 45.97
N ARG BA 27 -93.46 74.91 46.34
CA ARG BA 27 -92.37 75.06 45.38
C ARG BA 27 -91.26 74.09 45.72
N PRO BA 28 -90.76 73.35 44.70
CA PRO BA 28 -89.53 72.56 44.90
C PRO BA 28 -88.37 73.55 44.96
N PHE BA 29 -87.66 73.58 46.09
CA PHE BA 29 -86.74 74.68 46.37
C PHE BA 29 -85.31 74.24 46.65
N ILE BA 30 -84.39 75.20 46.67
CA ILE BA 30 -82.98 74.93 46.92
C ILE BA 30 -82.49 75.79 48.08
N ILE BA 31 -82.58 75.26 49.30
CA ILE BA 31 -82.06 75.96 50.47
C ILE BA 31 -80.54 75.79 50.52
N VAL BA 32 -80.11 74.56 50.73
CA VAL BA 32 -78.70 74.22 50.80
C VAL BA 32 -78.18 73.79 49.42
N LYS BA 33 -76.89 74.02 49.15
CA LYS BA 33 -76.26 73.63 47.88
C LYS BA 33 -76.03 72.13 47.82
N ASP BA 34 -76.43 71.53 46.70
CA ASP BA 34 -76.44 70.07 46.54
C ASP BA 34 -77.35 69.43 47.60
N GLN BA 35 -78.60 69.89 47.66
CA GLN BA 35 -79.54 69.47 48.71
C GLN BA 35 -79.86 67.99 48.66
N GLY BA 36 -80.10 67.48 47.44
CA GLY BA 36 -80.45 66.09 47.22
C GLY BA 36 -79.45 65.08 47.75
N ASN BA 37 -78.18 65.46 47.80
CA ASN BA 37 -77.13 64.56 48.28
C ASN BA 37 -76.79 64.72 49.75
N LYS BA 38 -77.73 65.24 50.53
CA LYS BA 38 -77.48 65.52 51.94
C LYS BA 38 -78.44 64.85 52.92
N LYS BA 39 -77.94 63.82 53.58
CA LYS BA 39 -78.70 63.08 54.58
C LYS BA 39 -78.71 63.85 55.91
N ARG BA 40 -79.72 63.60 56.74
CA ARG BA 40 -79.85 64.27 58.04
C ARG BA 40 -80.30 63.33 59.16
N GLN BA 41 -79.34 62.85 59.95
CA GLN BA 41 -79.62 62.10 61.17
C GLN BA 41 -80.19 63.05 62.22
N HIS BA 42 -81.25 62.63 62.88
CA HIS BA 42 -82.08 63.55 63.68
C HIS BA 42 -82.42 63.00 65.06
N GLY BA 43 -82.45 63.90 66.04
CA GLY BA 43 -82.89 63.59 67.41
C GLY BA 43 -82.37 62.31 68.04
N LEU BA 44 -83.29 61.55 68.63
CA LEU BA 44 -82.97 60.31 69.35
C LEU BA 44 -82.38 59.21 68.47
N GLU BA 45 -83.14 58.80 67.45
CA GLU BA 45 -82.77 57.67 66.60
C GLU BA 45 -81.37 57.80 66.00
N ALA BA 46 -80.89 59.04 65.97
CA ALA BA 46 -79.51 59.34 65.57
C ALA BA 46 -78.54 59.01 66.70
N LYS BA 47 -78.91 59.32 67.93
CA LYS BA 47 -78.06 59.03 69.08
C LYS BA 47 -77.84 57.54 69.28
N LYS BA 48 -78.87 56.74 68.98
CA LYS BA 48 -78.75 55.29 68.99
C LYS BA 48 -77.67 54.87 67.98
N SER BA 49 -77.80 55.34 66.74
CA SER BA 49 -76.87 55.02 65.66
C SER BA 49 -75.45 55.55 65.89
N HIS BA 50 -75.30 56.39 66.90
CA HIS BA 50 -74.01 56.95 67.25
C HIS BA 50 -73.37 56.11 68.33
N ILE BA 51 -74.18 55.65 69.28
CA ILE BA 51 -73.70 54.85 70.40
C ILE BA 51 -73.38 53.41 69.99
N LEU BA 52 -74.28 52.80 69.23
CA LEU BA 52 -74.09 51.43 68.75
C LEU BA 52 -72.96 51.32 67.73
N ALA BA 53 -72.61 52.46 67.14
CA ALA BA 53 -71.44 52.57 66.28
C ALA BA 53 -70.19 52.48 67.13
N ALA BA 54 -70.15 53.31 68.18
CA ALA BA 54 -69.09 53.26 69.18
C ALA BA 54 -68.99 51.85 69.78
N ARG BA 55 -70.15 51.27 70.05
CA ARG BA 55 -70.26 49.90 70.54
C ARG BA 55 -69.49 48.92 69.69
N SER BA 56 -69.73 48.98 68.38
CA SER BA 56 -69.09 48.06 67.45
C SER BA 56 -67.57 48.24 67.41
N VAL BA 57 -67.11 49.50 67.47
CA VAL BA 57 -65.67 49.79 67.57
C VAL BA 57 -65.09 49.05 68.77
N ALA BA 58 -65.72 49.25 69.92
CA ALA BA 58 -65.32 48.61 71.17
C ALA BA 58 -65.18 47.08 71.05
N SER BA 59 -66.20 46.42 70.51
CA SER BA 59 -66.24 44.97 70.39
C SER BA 59 -65.05 44.40 69.63
N ILE BA 60 -64.56 45.17 68.66
CA ILE BA 60 -63.42 44.75 67.86
C ILE BA 60 -62.16 44.74 68.71
N ILE BA 61 -62.01 45.76 69.56
CA ILE BA 61 -60.79 45.93 70.36
C ILE BA 61 -60.82 45.21 71.72
N LYS BA 62 -61.99 45.21 72.36
CA LYS BA 62 -62.16 44.66 73.72
C LYS BA 62 -61.47 43.31 73.97
N THR BA 63 -61.36 42.48 72.93
CA THR BA 63 -60.71 41.16 73.04
C THR BA 63 -59.17 41.28 72.96
N SER BA 64 -58.69 42.51 72.92
CA SER BA 64 -57.26 42.81 72.81
C SER BA 64 -56.74 43.64 74.00
N LEU BA 65 -57.44 43.52 75.13
CA LEU BA 65 -57.12 44.30 76.32
C LEU BA 65 -56.55 43.40 77.40
N GLY BA 66 -55.30 43.63 77.76
CA GLY BA 66 -54.68 42.86 78.84
C GLY BA 66 -53.59 41.88 78.41
N PRO BA 67 -52.99 41.17 79.37
CA PRO BA 67 -51.89 40.26 79.09
C PRO BA 67 -52.40 39.04 78.36
N ARG BA 68 -53.71 38.83 78.47
CA ARG BA 68 -54.40 37.74 77.81
C ARG BA 68 -55.02 38.22 76.51
N GLY BA 69 -54.74 39.48 76.17
CA GLY BA 69 -55.27 40.10 74.96
C GLY BA 69 -54.67 39.55 73.69
N LEU BA 70 -55.47 39.60 72.62
CA LEU BA 70 -55.05 39.04 71.34
C LEU BA 70 -54.73 40.15 70.35
N ASP BA 71 -54.18 39.78 69.19
CA ASP BA 71 -53.69 40.74 68.22
C ASP BA 71 -54.57 40.81 66.97
N LYS BA 72 -54.80 42.03 66.48
CA LYS BA 72 -55.51 42.28 65.23
C LYS BA 72 -54.50 42.41 64.09
N ILE BA 73 -54.84 41.86 62.93
CA ILE BA 73 -53.93 41.83 61.78
C ILE BA 73 -54.56 42.60 60.60
N LEU BA 74 -54.02 43.79 60.34
CA LEU BA 74 -54.65 44.79 59.47
C LEU BA 74 -53.88 45.00 58.17
N ILE BA 75 -54.57 44.81 57.03
CA ILE BA 75 -53.94 44.94 55.72
C ILE BA 75 -54.23 46.28 55.04
N SER BA 76 -53.16 46.95 54.63
CA SER BA 76 -53.23 48.21 53.89
C SER BA 76 -53.82 47.98 52.49
N PRO BA 77 -54.40 49.05 51.88
CA PRO BA 77 -54.93 48.98 50.52
C PRO BA 77 -53.90 48.54 49.46
N ASP BA 78 -52.63 48.80 49.73
CA ASP BA 78 -51.53 48.37 48.88
C ASP BA 78 -51.15 46.90 49.11
N GLY BA 79 -51.30 46.44 50.36
CA GLY BA 79 -51.08 45.03 50.69
C GLY BA 79 -50.21 44.77 51.89
N GLU BA 80 -49.54 45.81 52.39
CA GLU BA 80 -48.66 45.68 53.56
C GLU BA 80 -49.43 45.24 54.80
N ILE BA 81 -48.91 44.22 55.47
CA ILE BA 81 -49.57 43.60 56.62
C ILE BA 81 -48.94 44.09 57.91
N THR BA 82 -49.78 44.42 58.88
CA THR BA 82 -49.33 44.80 60.22
C THR BA 82 -50.15 44.09 61.30
N ILE BA 83 -49.46 43.42 62.22
CA ILE BA 83 -50.09 42.60 63.26
C ILE BA 83 -49.78 43.20 64.64
N THR BA 84 -50.77 43.85 65.24
CA THR BA 84 -50.52 44.66 66.45
C THR BA 84 -51.48 44.49 67.62
N ASN BA 85 -51.12 45.08 68.74
CA ASN BA 85 -51.97 45.21 69.92
C ASN BA 85 -52.19 46.69 70.20
N ASP BA 86 -51.25 47.53 69.77
CA ASP BA 86 -51.30 48.98 70.00
C ASP BA 86 -52.61 49.51 69.43
N GLY BA 87 -53.57 49.76 70.32
CA GLY BA 87 -54.93 50.20 69.99
C GLY BA 87 -55.04 51.38 69.04
N ALA BA 88 -54.20 52.40 69.26
CA ALA BA 88 -54.09 53.53 68.34
C ALA BA 88 -53.73 53.06 66.93
N THR BA 89 -52.80 52.09 66.84
CA THR BA 89 -52.41 51.53 65.55
C THR BA 89 -53.58 50.80 64.92
N ILE BA 90 -54.26 49.95 65.70
CA ILE BA 90 -55.39 49.15 65.21
C ILE BA 90 -56.46 50.03 64.55
N LEU BA 91 -56.85 51.08 65.25
CA LEU BA 91 -57.86 52.02 64.77
C LEU BA 91 -57.34 52.90 63.64
N SER BA 92 -56.03 53.17 63.64
CA SER BA 92 -55.40 54.04 62.65
C SER BA 92 -55.41 53.40 61.25
N GLN BA 93 -55.40 52.07 61.23
CA GLN BA 93 -55.26 51.29 59.99
C GLN BA 93 -56.58 51.02 59.26
N MET BA 94 -57.59 50.61 60.01
CA MET BA 94 -58.88 50.23 59.42
C MET BA 94 -59.58 51.42 58.75
N GLU BA 95 -60.00 51.21 57.50
CA GLU BA 95 -60.73 52.23 56.75
C GLU BA 95 -62.13 52.41 57.31
N LEU BA 96 -62.30 53.41 58.16
CA LEU BA 96 -63.58 53.69 58.81
C LEU BA 96 -64.40 54.73 58.05
N ASP BA 97 -65.65 54.91 58.48
CA ASP BA 97 -66.60 55.70 57.71
C ASP BA 97 -67.65 56.42 58.56
N ASN BA 98 -68.25 55.70 59.50
CA ASN BA 98 -69.15 56.27 60.51
C ASN BA 98 -68.43 57.31 61.39
N GLU BA 99 -68.92 58.55 61.38
CA GLU BA 99 -68.22 59.70 61.97
C GLU BA 99 -67.90 59.62 63.47
N ILE BA 100 -68.66 58.80 64.20
CA ILE BA 100 -68.38 58.55 65.61
C ILE BA 100 -67.13 57.67 65.75
N ALA BA 101 -67.09 56.58 64.98
CA ALA BA 101 -65.95 55.68 64.96
C ALA BA 101 -64.69 56.43 64.53
N LYS BA 102 -64.84 57.24 63.49
CA LYS BA 102 -63.79 58.16 63.04
C LYS BA 102 -63.21 58.97 64.20
N LEU BA 103 -64.11 59.54 65.01
CA LEU BA 103 -63.70 60.32 66.18
C LEU BA 103 -62.97 59.45 67.22
N LEU BA 104 -63.36 58.18 67.31
CA LEU BA 104 -62.70 57.25 68.22
C LEU BA 104 -61.27 56.93 67.76
N VAL BA 105 -61.09 56.81 66.44
CA VAL BA 105 -59.76 56.67 65.85
C VAL BA 105 -58.84 57.80 66.31
N GLN BA 106 -59.38 59.01 66.43
CA GLN BA 106 -58.63 60.17 66.93
C GLN BA 106 -58.49 60.16 68.45
N LEU BA 107 -59.46 59.58 69.16
CA LEU BA 107 -59.38 59.48 70.62
C LEU BA 107 -58.15 58.67 71.01
N SER BA 108 -58.05 57.45 70.48
CA SER BA 108 -56.90 56.60 70.75
C SER BA 108 -55.62 57.28 70.26
N LYS BA 109 -55.69 57.87 69.07
CA LYS BA 109 -54.56 58.55 68.44
C LYS BA 109 -54.04 59.73 69.28
N SER BA 110 -54.94 60.33 70.07
CA SER BA 110 -54.60 61.43 70.98
C SER BA 110 -53.79 60.92 72.17
N GLN BA 111 -54.29 59.86 72.79
CA GLN BA 111 -53.65 59.20 73.91
C GLN BA 111 -52.22 58.76 73.58
N ASP BA 112 -52.06 58.12 72.42
CA ASP BA 112 -50.75 57.61 71.99
C ASP BA 112 -49.69 58.72 72.01
N ASP BA 113 -50.14 59.96 71.79
CA ASP BA 113 -49.26 61.12 71.75
C ASP BA 113 -48.99 61.71 73.15
N GLU BA 114 -50.06 62.06 73.86
CA GLU BA 114 -49.94 62.66 75.20
C GLU BA 114 -49.38 61.67 76.24
N ILE BA 115 -49.42 60.37 75.95
CA ILE BA 115 -48.84 59.33 76.82
C ILE BA 115 -48.02 58.28 76.05
N GLY BA 116 -48.69 57.39 75.33
CA GLY BA 116 -48.01 56.32 74.60
C GLY BA 116 -48.61 54.95 74.83
N ASP BA 117 -48.96 54.69 76.09
CA ASP BA 117 -49.69 53.48 76.49
C ASP BA 117 -51.12 53.88 76.89
N GLY BA 118 -52.01 52.91 77.00
CA GLY BA 118 -53.40 53.17 77.41
C GLY BA 118 -54.38 53.21 76.25
N THR BA 119 -53.85 53.44 75.04
CA THR BA 119 -54.63 53.57 73.81
C THR BA 119 -55.82 52.63 73.67
N THR BA 120 -55.63 51.38 74.11
CA THR BA 120 -56.63 50.30 73.94
C THR BA 120 -57.81 50.43 74.89
N GLY BA 121 -57.54 50.64 76.17
CA GLY BA 121 -58.58 50.82 77.17
C GLY BA 121 -59.38 52.09 76.98
N VAL BA 122 -58.70 53.16 76.55
CA VAL BA 122 -59.30 54.47 76.35
C VAL BA 122 -60.61 54.43 75.57
N VAL BA 123 -60.65 53.61 74.53
CA VAL BA 123 -61.85 53.44 73.72
C VAL BA 123 -62.91 52.67 74.50
N VAL BA 124 -62.53 51.52 75.05
CA VAL BA 124 -63.44 50.67 75.83
C VAL BA 124 -64.22 51.46 76.85
N LEU BA 125 -63.54 52.42 77.49
CA LEU BA 125 -64.13 53.28 78.50
C LEU BA 125 -65.16 54.21 77.88
N ALA BA 126 -64.77 54.90 76.82
CA ALA BA 126 -65.65 55.85 76.15
C ALA BA 126 -66.92 55.16 75.65
N SER BA 127 -66.77 53.97 75.08
CA SER BA 127 -67.91 53.23 74.50
C SER BA 127 -68.93 52.79 75.54
N ALA BA 128 -68.45 52.29 76.67
CA ALA BA 128 -69.31 51.88 77.76
C ALA BA 128 -69.98 53.10 78.39
N LEU BA 129 -69.25 54.21 78.45
CA LEU BA 129 -69.80 55.49 78.90
C LEU BA 129 -70.98 55.91 78.03
N LEU BA 130 -70.79 55.78 76.71
CA LEU BA 130 -71.82 56.09 75.73
C LEU BA 130 -72.95 55.07 75.81
N ASP BA 131 -72.61 53.82 76.13
CA ASP BA 131 -73.59 52.75 76.33
C ASP BA 131 -74.47 53.03 77.55
N GLN BA 132 -73.83 53.49 78.62
CA GLN BA 132 -74.53 53.80 79.87
C GLN BA 132 -75.37 55.06 79.69
N ALA BA 133 -74.91 55.94 78.82
CA ALA BA 133 -75.68 57.12 78.44
C ALA BA 133 -76.95 56.70 77.70
N LEU BA 134 -76.82 55.83 76.70
CA LEU BA 134 -77.98 55.36 75.92
C LEU BA 134 -79.13 54.89 76.80
N GLU BA 135 -78.82 53.98 77.73
CA GLU BA 135 -79.83 53.41 78.63
C GLU BA 135 -80.53 54.49 79.45
N LEU BA 136 -79.79 55.56 79.76
CA LEU BA 136 -80.34 56.68 80.52
C LEU BA 136 -81.14 57.63 79.65
N ILE BA 137 -80.76 57.75 78.37
CA ILE BA 137 -81.51 58.60 77.45
C ILE BA 137 -82.86 57.95 77.14
N GLN BA 138 -82.84 56.63 76.96
CA GLN BA 138 -84.08 55.87 76.70
C GLN BA 138 -85.06 56.01 77.88
N LYS BA 139 -84.54 56.40 79.04
CA LYS BA 139 -85.34 56.64 80.24
C LYS BA 139 -85.86 58.07 80.32
N GLY BA 140 -85.53 58.88 79.31
CA GLY BA 140 -86.09 60.22 79.14
C GLY BA 140 -85.29 61.36 79.74
N ILE BA 141 -83.97 61.25 79.68
CA ILE BA 141 -83.06 62.23 80.31
C ILE BA 141 -82.28 63.05 79.28
N HIS BA 142 -82.21 64.36 79.51
CA HIS BA 142 -81.50 65.28 78.63
C HIS BA 142 -80.01 64.95 78.61
N PRO BA 143 -79.45 64.79 77.39
CA PRO BA 143 -78.05 64.44 77.16
C PRO BA 143 -77.09 65.40 77.86
N ILE BA 144 -77.24 66.70 77.62
CA ILE BA 144 -76.34 67.70 78.20
C ILE BA 144 -76.24 67.56 79.71
N LYS BA 145 -77.36 67.22 80.36
CA LYS BA 145 -77.41 67.00 81.81
C LYS BA 145 -76.71 65.69 82.24
N ILE BA 146 -76.65 64.71 81.33
CA ILE BA 146 -75.89 63.46 81.55
C ILE BA 146 -74.39 63.73 81.35
N ALA BA 147 -74.08 64.50 80.32
CA ALA BA 147 -72.70 64.88 79.99
C ALA BA 147 -72.11 65.68 81.13
N ASN BA 148 -72.83 66.71 81.55
CA ASN BA 148 -72.46 67.54 82.70
C ASN BA 148 -72.27 66.69 83.94
N GLY BA 149 -73.18 65.74 84.14
CA GLY BA 149 -73.10 64.79 85.23
C GLY BA 149 -71.87 63.90 85.16
N PHE BA 150 -71.53 63.43 83.95
CA PHE BA 150 -70.36 62.59 83.74
C PHE BA 150 -69.07 63.29 84.15
N ASP BA 151 -68.91 64.55 83.74
CA ASP BA 151 -67.70 65.32 84.02
C ASP BA 151 -67.50 65.55 85.52
N GLU BA 152 -68.59 65.90 86.21
CA GLU BA 152 -68.58 66.09 87.66
C GLU BA 152 -68.30 64.76 88.38
N ALA BA 153 -68.52 63.65 87.67
CA ALA BA 153 -68.23 62.31 88.19
C ALA BA 153 -66.82 61.86 87.83
N ALA BA 154 -66.26 62.47 86.79
CA ALA BA 154 -64.90 62.16 86.36
C ALA BA 154 -63.90 62.94 87.19
N LYS BA 155 -64.32 64.12 87.64
CA LYS BA 155 -63.49 64.96 88.49
C LYS BA 155 -63.36 64.38 89.90
N LEU BA 156 -64.33 63.55 90.28
CA LEU BA 156 -64.29 62.85 91.57
C LEU BA 156 -63.40 61.62 91.50
N ALA BA 157 -63.44 60.93 90.36
CA ALA BA 157 -62.65 59.72 90.14
C ALA BA 157 -61.16 60.03 90.15
N ILE BA 158 -60.75 61.04 89.38
CA ILE BA 158 -59.35 61.46 89.30
C ILE BA 158 -58.83 61.90 90.67
N SER BA 159 -59.68 62.58 91.42
CA SER BA 159 -59.32 63.14 92.72
C SER BA 159 -59.06 62.03 93.75
N LYS BA 160 -59.89 61.00 93.72
CA LYS BA 160 -59.66 59.83 94.57
C LYS BA 160 -58.39 59.10 94.18
N LEU BA 161 -58.15 59.01 92.88
CA LEU BA 161 -56.95 58.36 92.37
C LEU BA 161 -55.71 59.13 92.81
N GLU BA 162 -55.74 60.45 92.71
CA GLU BA 162 -54.62 61.31 93.10
C GLU BA 162 -54.30 61.19 94.59
N GLU BA 163 -55.32 60.94 95.40
CA GLU BA 163 -55.18 60.84 96.86
C GLU BA 163 -54.71 59.46 97.33
N THR BA 164 -54.89 58.45 96.49
CA THR BA 164 -54.54 57.07 96.88
C THR BA 164 -53.34 56.50 96.13
N CYS BA 165 -52.93 57.15 95.04
CA CYS BA 165 -51.80 56.69 94.25
C CYS BA 165 -50.51 56.59 95.08
N ASP BA 166 -49.73 55.56 94.80
CA ASP BA 166 -48.44 55.38 95.46
C ASP BA 166 -47.40 56.27 94.76
N ASP BA 167 -46.29 56.51 95.44
CA ASP BA 167 -45.30 57.51 95.00
C ASP BA 167 -43.88 56.94 94.99
N ILE BA 168 -43.18 57.13 93.88
CA ILE BA 168 -41.78 56.69 93.78
C ILE BA 168 -40.79 57.86 93.99
N SER BA 169 -41.32 59.01 94.40
CA SER BA 169 -40.49 60.17 94.70
C SER BA 169 -39.79 59.99 96.04
N ALA BA 170 -40.48 59.34 96.98
CA ALA BA 170 -39.95 59.10 98.34
C ALA BA 170 -38.97 57.93 98.39
N SER BA 171 -38.52 57.51 97.21
CA SER BA 171 -37.72 56.29 97.06
C SER BA 171 -36.21 56.55 96.96
N ASN BA 172 -35.45 55.52 97.34
CA ASN BA 172 -34.02 55.44 97.09
C ASN BA 172 -33.74 55.44 95.59
N ASP BA 173 -32.46 55.30 95.22
CA ASP BA 173 -32.09 55.20 93.81
C ASP BA 173 -32.22 53.76 93.29
N GLU BA 174 -31.98 52.82 94.19
CA GLU BA 174 -32.10 51.39 93.88
C GLU BA 174 -33.54 50.97 93.62
N LEU BA 175 -34.47 51.57 94.36
CA LEU BA 175 -35.90 51.20 94.30
C LEU BA 175 -36.67 51.98 93.24
N PHE BA 176 -36.13 53.11 92.81
CA PHE BA 176 -36.75 53.86 91.72
C PHE BA 176 -36.52 53.14 90.41
N ARG BA 177 -35.27 52.70 90.20
CA ARG BA 177 -34.87 51.94 89.02
C ARG BA 177 -35.73 50.69 88.87
N ASP BA 178 -36.14 50.13 90.01
CA ASP BA 178 -36.99 48.94 90.04
C ASP BA 178 -38.43 49.25 89.63
N PHE BA 179 -38.97 50.35 90.15
CA PHE BA 179 -40.35 50.74 89.84
C PHE BA 179 -40.54 51.14 88.38
N LEU BA 180 -39.45 51.56 87.73
CA LEU BA 180 -39.47 51.81 86.29
C LEU BA 180 -39.54 50.50 85.50
N LEU BA 181 -38.74 49.52 85.90
CA LEU BA 181 -38.77 48.20 85.28
C LEU BA 181 -40.13 47.53 85.51
N ARG BA 182 -40.68 47.69 86.71
CA ARG BA 182 -42.00 47.16 87.04
C ARG BA 182 -43.08 47.72 86.12
N ALA BA 183 -42.95 48.98 85.73
CA ALA BA 183 -43.89 49.60 84.79
C ALA BA 183 -43.66 49.14 83.36
N ALA BA 184 -42.39 49.00 82.98
CA ALA BA 184 -42.01 48.48 81.68
C ALA BA 184 -42.54 47.06 81.50
N LYS BA 185 -42.35 46.24 82.53
CA LYS BA 185 -42.90 44.88 82.59
C LYS BA 185 -44.40 44.89 82.27
N THR BA 186 -45.15 45.72 83.00
CA THR BA 186 -46.60 45.78 82.88
C THR BA 186 -47.05 46.17 81.48
N SER BA 187 -46.44 47.23 80.95
CA SER BA 187 -46.79 47.73 79.62
C SER BA 187 -46.51 46.70 78.52
N LEU BA 188 -45.43 45.94 78.70
CA LEU BA 188 -45.03 44.91 77.75
C LEU BA 188 -45.96 43.70 77.76
N GLY BA 189 -46.04 43.02 78.91
CA GLY BA 189 -46.90 41.85 79.08
C GLY BA 189 -48.32 42.09 78.57
N SER BA 190 -48.58 41.63 77.36
CA SER BA 190 -49.78 41.96 76.61
C SER BA 190 -49.43 41.65 75.16
N LYS BA 191 -48.28 42.16 74.76
CA LYS BA 191 -47.81 42.07 73.39
C LYS BA 191 -46.85 40.91 73.24
N ILE BA 192 -46.78 40.36 72.03
CA ILE BA 192 -46.03 39.12 71.76
C ILE BA 192 -44.54 39.20 72.09
N VAL BA 193 -44.13 40.36 72.63
CA VAL BA 193 -42.79 40.58 73.15
C VAL BA 193 -42.58 39.89 74.50
N SER BA 194 -43.68 39.65 75.23
CA SER BA 194 -43.68 39.01 76.55
C SER BA 194 -42.64 37.89 76.74
N LYS BA 195 -42.24 37.25 75.63
CA LYS BA 195 -41.18 36.26 75.64
C LYS BA 195 -39.98 36.75 76.41
N ASP BA 196 -39.38 37.84 75.93
CA ASP BA 196 -38.16 38.38 76.52
C ASP BA 196 -38.43 39.71 77.22
N HIS BA 197 -39.52 39.77 77.98
CA HIS BA 197 -39.89 41.02 78.65
C HIS BA 197 -39.00 41.36 79.86
N ASP BA 198 -38.13 40.42 80.23
CA ASP BA 198 -37.01 40.71 81.13
C ASP BA 198 -35.99 41.55 80.37
N ARG BA 199 -35.60 41.06 79.19
CA ARG BA 199 -34.66 41.77 78.33
C ARG BA 199 -35.24 43.09 77.84
N PHE BA 200 -36.47 43.05 77.31
CA PHE BA 200 -37.11 44.19 76.66
C PHE BA 200 -37.41 45.36 77.61
N ALA BA 201 -37.82 45.02 78.84
CA ALA BA 201 -38.06 46.04 79.86
C ALA BA 201 -36.75 46.70 80.26
N GLU BA 202 -35.73 45.87 80.50
CA GLU BA 202 -34.36 46.34 80.80
C GLU BA 202 -33.69 46.99 79.58
N MET BA 203 -34.51 47.39 78.61
CA MET BA 203 -34.06 48.19 77.47
C MET BA 203 -34.73 49.56 77.47
N ALA BA 204 -36.02 49.57 77.78
CA ALA BA 204 -36.82 50.80 77.80
C ALA BA 204 -36.41 51.72 78.96
N VAL BA 205 -36.07 51.13 80.10
CA VAL BA 205 -35.58 51.88 81.25
C VAL BA 205 -34.18 52.43 80.93
N GLU BA 206 -33.28 51.54 80.53
CA GLU BA 206 -31.89 51.88 80.19
C GLU BA 206 -31.83 53.08 79.24
N ALA BA 207 -32.78 53.14 78.31
CA ALA BA 207 -32.85 54.22 77.34
C ALA BA 207 -33.07 55.57 78.02
N VAL BA 208 -34.22 55.71 78.69
CA VAL BA 208 -34.67 57.00 79.21
C VAL BA 208 -33.70 57.62 80.22
N ILE BA 209 -33.12 56.80 81.09
CA ILE BA 209 -32.12 57.26 82.05
C ILE BA 209 -30.97 57.95 81.30
N ASN BA 210 -30.52 57.32 80.22
CA ASN BA 210 -29.38 57.77 79.42
C ASN BA 210 -29.59 59.07 78.63
N VAL BA 211 -30.83 59.50 78.49
CA VAL BA 211 -31.16 60.60 77.56
C VAL BA 211 -31.92 61.80 78.17
N MET BA 212 -32.51 61.61 79.35
CA MET BA 212 -33.32 62.64 79.96
C MET BA 212 -32.50 63.55 80.87
N ASP BA 213 -32.65 64.87 80.70
CA ASP BA 213 -31.99 65.86 81.56
C ASP BA 213 -32.70 65.89 82.91
N LYS BA 214 -32.07 65.27 83.91
CA LYS BA 214 -32.70 64.96 85.19
C LYS BA 214 -33.46 66.13 85.84
N ASP BA 215 -32.81 67.28 85.96
CA ASP BA 215 -33.41 68.47 86.57
C ASP BA 215 -34.44 69.16 85.64
N ARG BA 216 -34.28 68.98 84.34
CA ARG BA 216 -35.25 69.51 83.37
C ARG BA 216 -36.45 68.58 83.21
N LYS BA 217 -36.32 67.36 83.74
CA LYS BA 217 -37.36 66.33 83.66
C LYS BA 217 -38.01 66.30 82.27
N ASP BA 218 -37.18 66.04 81.24
CA ASP BA 218 -37.62 66.10 79.85
C ASP BA 218 -36.88 65.07 78.98
N VAL BA 219 -37.64 64.13 78.42
CA VAL BA 219 -37.09 63.07 77.55
C VAL BA 219 -37.46 63.29 76.08
N ASP BA 220 -36.44 63.45 75.25
CA ASP BA 220 -36.61 63.68 73.82
C ASP BA 220 -36.57 62.39 73.02
N PHE BA 221 -37.70 62.00 72.44
CA PHE BA 221 -37.77 60.77 71.64
C PHE BA 221 -37.10 60.91 70.27
N ASP BA 222 -36.64 62.12 69.95
CA ASP BA 222 -35.85 62.37 68.75
C ASP BA 222 -34.41 61.91 68.98
N LEU BA 223 -34.03 61.83 70.26
CA LEU BA 223 -32.69 61.47 70.68
C LEU BA 223 -32.52 59.94 70.75
N ILE BA 224 -33.63 59.23 70.84
CA ILE BA 224 -33.64 57.77 70.82
C ILE BA 224 -34.00 57.28 69.43
N LYS BA 225 -33.10 56.51 68.81
CA LYS BA 225 -33.32 56.01 67.45
C LYS BA 225 -33.85 54.56 67.39
N MET BA 226 -34.99 54.39 66.73
CA MET BA 226 -35.61 53.07 66.55
C MET BA 226 -35.13 52.37 65.28
N GLN BA 227 -34.21 51.44 65.44
CA GLN BA 227 -33.68 50.72 64.29
C GLN BA 227 -34.25 49.31 64.24
N GLY BA 228 -34.59 48.87 63.03
CA GLY BA 228 -35.16 47.54 62.83
C GLY BA 228 -34.57 46.80 61.66
N ARG BA 229 -33.87 45.70 61.96
CA ARG BA 229 -33.30 44.85 60.94
C ARG BA 229 -33.67 43.42 61.24
N VAL BA 230 -33.93 42.63 60.20
CA VAL BA 230 -34.47 41.29 60.35
C VAL BA 230 -33.37 40.23 60.50
N GLY BA 231 -33.59 39.28 61.40
CA GLY BA 231 -32.66 38.17 61.60
C GLY BA 231 -32.74 37.49 62.95
N GLY BA 232 -32.55 36.18 62.96
CA GLY BA 232 -32.44 35.41 64.21
C GLY BA 232 -33.73 35.27 65.00
N SER BA 233 -33.78 35.95 66.15
CA SER BA 233 -34.94 35.93 67.03
C SER BA 233 -35.04 37.26 67.76
N ILE BA 234 -36.14 37.50 68.47
CA ILE BA 234 -36.28 38.76 69.21
C ILE BA 234 -35.43 38.80 70.48
N SER BA 235 -34.82 37.67 70.83
CA SER BA 235 -33.88 37.60 71.95
C SER BA 235 -32.59 38.37 71.63
N ASP BA 236 -32.24 38.40 70.34
CA ASP BA 236 -31.02 39.03 69.86
C ASP BA 236 -31.18 40.55 69.63
N SER BA 237 -32.26 41.12 70.17
CA SER BA 237 -32.47 42.57 70.12
C SER BA 237 -31.63 43.23 71.21
N LYS BA 238 -30.68 44.06 70.78
CA LYS BA 238 -29.74 44.70 71.68
C LYS BA 238 -29.99 46.20 71.77
N LEU BA 239 -29.46 46.81 72.81
CA LEU BA 239 -29.41 48.26 72.92
C LEU BA 239 -27.95 48.69 72.82
N ILE BA 240 -27.65 49.55 71.85
CA ILE BA 240 -26.26 49.88 71.56
C ILE BA 240 -25.93 51.32 71.98
N ASN BA 241 -24.89 51.46 72.80
CA ASN BA 241 -24.49 52.78 73.31
C ASN BA 241 -23.77 53.63 72.28
N GLY BA 242 -24.46 53.90 71.17
CA GLY BA 242 -23.92 54.64 70.03
C GLY BA 242 -24.90 54.61 68.88
N VAL BA 243 -24.40 54.44 67.66
CA VAL BA 243 -25.23 54.49 66.45
C VAL BA 243 -24.93 53.32 65.52
N ILE BA 244 -25.98 52.81 64.86
CA ILE BA 244 -25.83 51.81 63.80
C ILE BA 244 -26.23 52.38 62.44
N LEU BA 245 -25.27 52.38 61.51
CA LEU BA 245 -25.46 52.97 60.19
C LEU BA 245 -25.54 51.91 59.09
N ASP BA 246 -26.31 52.21 58.05
CA ASP BA 246 -26.44 51.32 56.91
C ASP BA 246 -25.28 51.44 55.91
N LYS BA 247 -24.14 51.93 56.40
CA LYS BA 247 -22.98 52.20 55.54
C LYS BA 247 -21.83 51.20 55.73
N ASP BA 248 -21.05 51.03 54.66
CA ASP BA 248 -19.85 50.20 54.66
C ASP BA 248 -18.64 51.07 54.96
N PHE BA 249 -17.45 50.51 54.74
CA PHE BA 249 -16.24 51.33 54.69
C PHE BA 249 -15.97 51.73 53.25
N SER BA 250 -15.61 53.00 53.07
CA SER BA 250 -15.47 53.62 51.75
C SER BA 250 -14.68 52.81 50.75
N HIS BA 251 -13.62 52.16 51.25
CA HIS BA 251 -12.78 51.32 50.41
C HIS BA 251 -12.82 49.89 50.93
N PRO BA 252 -12.99 48.91 50.00
CA PRO BA 252 -13.03 47.49 50.36
C PRO BA 252 -11.82 46.97 51.14
N GLN BA 253 -10.64 47.52 50.90
CA GLN BA 253 -9.41 47.07 51.55
C GLN BA 253 -9.31 47.51 53.03
N MET BA 254 -10.01 48.59 53.39
CA MET BA 254 -10.01 49.12 54.77
C MET BA 254 -10.41 48.06 55.80
N PRO BA 255 -9.89 48.17 57.05
CA PRO BA 255 -10.17 47.16 58.09
C PRO BA 255 -11.59 47.26 58.66
N LYS BA 256 -12.16 46.12 59.04
CA LYS BA 256 -13.51 46.06 59.59
C LYS BA 256 -13.56 46.64 61.01
N CYS BA 257 -12.58 46.28 61.84
CA CYS BA 257 -12.46 46.84 63.19
C CYS BA 257 -11.55 48.08 63.18
N VAL BA 258 -11.73 48.93 64.18
CA VAL BA 258 -10.84 50.07 64.41
C VAL BA 258 -10.43 50.14 65.88
N LEU BA 259 -9.13 50.01 66.12
CA LEU BA 259 -8.59 49.91 67.47
C LEU BA 259 -8.00 51.25 67.92
N PRO BA 260 -8.39 51.73 69.11
CA PRO BA 260 -7.80 52.94 69.66
C PRO BA 260 -6.28 52.81 69.84
N LYS BA 261 -5.53 53.82 69.39
CA LYS BA 261 -4.09 53.87 69.64
C LYS BA 261 -3.88 53.85 71.16
N GLU BA 262 -3.06 52.91 71.64
CA GLU BA 262 -3.06 52.53 73.05
C GLU BA 262 -3.07 53.66 74.07
N GLY BA 263 -2.22 54.66 73.87
CA GLY BA 263 -2.05 55.74 74.84
C GLY BA 263 -3.15 56.79 74.88
N SER BA 264 -4.23 56.58 74.12
CA SER BA 264 -5.27 57.60 73.96
C SER BA 264 -6.60 57.29 74.67
N ASP BA 265 -6.88 56.01 74.90
CA ASP BA 265 -8.17 55.56 75.44
C ASP BA 265 -9.36 56.17 74.67
N GLY BA 266 -9.19 56.30 73.36
CA GLY BA 266 -10.24 56.78 72.46
C GLY BA 266 -9.84 56.58 71.00
N VAL BA 267 -10.83 56.59 70.11
CA VAL BA 267 -10.58 56.38 68.68
C VAL BA 267 -10.35 57.69 67.90
N LYS BA 268 -11.05 58.75 68.29
CA LYS BA 268 -10.99 60.06 67.62
C LYS BA 268 -11.58 60.02 66.18
N LEU BA 269 -12.65 60.79 65.98
CA LEU BA 269 -13.36 60.81 64.70
C LEU BA 269 -13.26 62.13 63.97
N ALA BA 270 -13.11 62.04 62.65
CA ALA BA 270 -13.15 63.20 61.79
C ALA BA 270 -14.57 63.35 61.25
N ILE BA 271 -15.41 63.99 62.06
CA ILE BA 271 -16.80 64.26 61.71
C ILE BA 271 -16.88 65.52 60.84
N LEU BA 272 -17.21 65.35 59.56
CA LEU BA 272 -17.16 66.43 58.57
C LEU BA 272 -18.49 66.72 57.89
N THR BA 273 -18.59 67.90 57.30
CA THR BA 273 -19.76 68.35 56.57
C THR BA 273 -19.31 69.01 55.27
N CYS BA 274 -18.26 68.47 54.69
CA CYS BA 274 -17.76 68.91 53.39
C CYS BA 274 -17.26 67.70 52.62
N PRO BA 275 -17.49 67.68 51.30
CA PRO BA 275 -17.10 66.49 50.57
C PRO BA 275 -15.60 66.44 50.35
N PHE BA 276 -15.05 65.24 50.22
CA PHE BA 276 -13.67 65.10 49.81
C PHE BA 276 -13.60 65.31 48.30
N GLU BA 277 -13.87 66.55 47.89
CA GLU BA 277 -13.87 66.98 46.49
C GLU BA 277 -13.30 68.39 46.39
N PRO BA 278 -12.56 68.69 45.30
CA PRO BA 278 -11.98 70.02 45.15
C PRO BA 278 -13.05 71.10 45.33
N PRO BA 279 -12.77 72.12 46.16
CA PRO BA 279 -13.78 73.11 46.55
C PRO BA 279 -14.41 73.81 45.36
N LYS BA 280 -15.74 73.94 45.40
CA LYS BA 280 -16.49 74.68 44.39
C LYS BA 280 -17.39 75.69 45.08
N PRO BA 281 -17.57 76.87 44.46
CA PRO BA 281 -18.37 77.92 45.12
C PRO BA 281 -19.87 77.71 44.94
N LYS BA 282 -20.64 78.26 45.87
CA LYS BA 282 -22.10 78.17 45.84
C LYS BA 282 -22.69 78.96 44.66
N THR BA 283 -22.08 80.10 44.35
CA THR BA 283 -22.56 80.99 43.29
C THR BA 283 -22.09 80.51 41.91
N LYS BA 284 -22.93 80.74 40.90
CA LYS BA 284 -22.64 80.33 39.51
C LYS BA 284 -21.28 80.85 39.07
N HIS BA 285 -20.49 80.01 38.42
CA HIS BA 285 -19.11 80.36 38.07
C HIS BA 285 -18.64 79.77 36.74
N LYS BA 286 -17.38 80.08 36.40
CA LYS BA 286 -16.70 79.48 35.26
C LYS BA 286 -15.23 79.86 35.36
N LEU BA 287 -14.36 78.99 34.85
CA LEU BA 287 -12.99 79.40 34.57
C LEU BA 287 -12.95 79.92 33.14
N ASP BA 288 -11.88 80.62 32.77
CA ASP BA 288 -11.69 81.09 31.41
C ASP BA 288 -10.22 80.98 31.01
N ILE BA 289 -9.80 79.72 30.86
CA ILE BA 289 -8.41 79.36 30.62
C ILE BA 289 -8.01 79.62 29.16
N SER BA 290 -7.06 80.54 28.99
CA SER BA 290 -6.52 80.83 27.67
C SER BA 290 -5.14 80.18 27.50
N SER BA 291 -4.30 80.28 28.53
CA SER BA 291 -2.93 79.76 28.49
C SER BA 291 -2.89 78.28 28.86
N VAL BA 292 -2.13 77.51 28.07
CA VAL BA 292 -1.96 76.07 28.27
C VAL BA 292 -1.33 75.79 29.64
N GLU BA 293 -0.32 76.58 29.99
CA GLU BA 293 0.43 76.44 31.25
C GLU BA 293 -0.40 76.73 32.50
N GLU BA 294 -1.46 77.51 32.35
CA GLU BA 294 -2.38 77.81 33.45
C GLU BA 294 -3.48 76.76 33.57
N TYR BA 295 -3.56 75.90 32.56
CA TYR BA 295 -4.32 74.67 32.66
C TYR BA 295 -3.43 73.61 33.32
N GLN BA 296 -2.12 73.76 33.16
CA GLN BA 296 -1.14 72.92 33.84
C GLN BA 296 -1.00 73.33 35.30
N LYS BA 297 -1.24 74.62 35.58
CA LYS BA 297 -1.30 75.13 36.95
C LYS BA 297 -2.53 74.61 37.68
N LEU BA 298 -3.65 74.51 36.97
CA LEU BA 298 -4.88 73.94 37.51
C LEU BA 298 -4.78 72.42 37.67
N GLN BA 299 -4.18 71.74 36.69
CA GLN BA 299 -4.03 70.29 36.72
C GLN BA 299 -3.26 69.85 37.95
N THR BA 300 -2.22 70.60 38.30
CA THR BA 300 -1.40 70.35 39.48
C THR BA 300 -1.99 71.04 40.73
N TYR BA 301 -3.19 71.60 40.58
CA TYR BA 301 -3.95 72.12 41.71
C TYR BA 301 -4.98 71.08 42.18
N GLU BA 302 -5.44 70.25 41.24
CA GLU BA 302 -6.41 69.20 41.55
C GLU BA 302 -5.85 68.10 42.44
N GLN BA 303 -4.56 67.77 42.25
CA GLN BA 303 -3.88 66.74 43.04
C GLN BA 303 -3.49 67.26 44.42
N ASP BA 304 -3.11 68.53 44.46
CA ASP BA 304 -2.66 69.19 45.70
C ASP BA 304 -3.82 69.52 46.63
N LYS BA 305 -4.95 69.97 46.07
CA LYS BA 305 -6.14 70.28 46.87
C LYS BA 305 -6.73 69.03 47.52
N PHE BA 306 -6.30 67.86 47.05
CA PHE BA 306 -6.64 66.57 47.64
C PHE BA 306 -5.71 66.20 48.80
N LYS BA 307 -4.41 66.37 48.58
CA LYS BA 307 -3.39 66.12 49.59
C LYS BA 307 -3.51 67.09 50.77
N GLU BA 308 -4.07 68.28 50.48
CA GLU BA 308 -4.36 69.30 51.49
C GLU BA 308 -5.54 68.91 52.39
N MET BA 309 -6.29 67.89 51.98
CA MET BA 309 -7.38 67.34 52.80
C MET BA 309 -6.83 66.25 53.71
N ILE BA 310 -6.24 65.24 53.10
CA ILE BA 310 -5.74 64.05 53.81
C ILE BA 310 -4.80 64.44 54.95
N ASP BA 311 -3.88 65.38 54.67
CA ASP BA 311 -2.97 65.93 55.67
C ASP BA 311 -3.69 66.73 56.76
N ASP BA 312 -4.76 67.42 56.39
CA ASP BA 312 -5.55 68.21 57.34
C ASP BA 312 -6.25 67.32 58.36
N VAL BA 313 -6.45 66.04 58.01
CA VAL BA 313 -7.05 65.06 58.90
C VAL BA 313 -5.99 64.29 59.71
N LYS BA 314 -4.94 63.84 59.01
CA LYS BA 314 -3.84 63.12 59.65
C LYS BA 314 -3.08 64.00 60.66
N LYS BA 315 -3.06 65.31 60.40
CA LYS BA 315 -2.45 66.30 61.30
C LYS BA 315 -3.33 66.65 62.49
N ALA BA 316 -4.64 66.51 62.32
CA ALA BA 316 -5.59 66.71 63.42
C ALA BA 316 -5.55 65.53 64.38
N GLY BA 317 -5.11 64.38 63.88
CA GLY BA 317 -4.89 63.20 64.72
C GLY BA 317 -6.08 62.25 64.80
N ALA BA 318 -6.93 62.26 63.78
CA ALA BA 318 -8.09 61.38 63.70
C ALA BA 318 -7.71 59.98 63.23
N ASP BA 319 -8.52 58.99 63.58
CA ASP BA 319 -8.32 57.61 63.11
C ASP BA 319 -9.37 57.15 62.10
N VAL BA 320 -10.55 57.74 62.16
CA VAL BA 320 -11.65 57.41 61.25
C VAL BA 320 -12.35 58.69 60.78
N VAL BA 321 -12.77 58.71 59.52
CA VAL BA 321 -13.47 59.87 58.94
C VAL BA 321 -14.94 59.54 58.66
N ILE BA 322 -15.83 60.32 59.28
CA ILE BA 322 -17.27 60.18 59.06
C ILE BA 322 -17.80 61.45 58.42
N CYS BA 323 -18.08 61.39 57.12
CA CYS BA 323 -18.38 62.59 56.36
C CYS BA 323 -19.72 62.60 55.65
N GLN BA 324 -20.52 63.65 55.91
CA GLN BA 324 -21.90 63.77 55.42
C GLN BA 324 -22.05 63.52 53.93
N TRP BA 325 -21.33 64.28 53.12
CA TRP BA 325 -21.40 64.14 51.67
C TRP BA 325 -20.37 63.11 51.21
N GLY BA 326 -20.19 62.99 49.90
CA GLY BA 326 -19.41 61.88 49.32
C GLY BA 326 -17.94 62.15 49.05
N PHE BA 327 -17.14 61.07 49.07
CA PHE BA 327 -15.71 61.13 48.79
C PHE BA 327 -15.43 60.93 47.30
N ASP BA 328 -14.48 61.70 46.78
CA ASP BA 328 -14.05 61.56 45.39
C ASP BA 328 -13.09 60.38 45.26
N ASP BA 329 -13.09 59.76 44.08
CA ASP BA 329 -12.37 58.51 43.87
C ASP BA 329 -10.88 58.59 44.18
N GLU BA 330 -10.27 59.70 43.79
CA GLU BA 330 -8.86 59.94 44.06
C GLU BA 330 -8.61 60.15 45.56
N ALA BA 331 -9.60 60.76 46.23
CA ALA BA 331 -9.49 61.06 47.66
C ALA BA 331 -9.73 59.82 48.51
N ASN BA 332 -10.38 58.82 47.91
CA ASN BA 332 -10.67 57.58 48.61
C ASN BA 332 -9.43 56.74 48.84
N HIS BA 333 -8.68 56.50 47.77
CA HIS BA 333 -7.46 55.71 47.84
C HIS BA 333 -6.46 56.34 48.79
N LEU BA 334 -6.30 57.67 48.71
CA LEU BA 334 -5.43 58.43 49.59
C LEU BA 334 -5.86 58.38 51.07
N LEU BA 335 -7.11 58.00 51.32
CA LEU BA 335 -7.60 57.82 52.67
C LEU BA 335 -7.28 56.41 53.19
N LEU BA 336 -7.10 55.47 52.26
CA LEU BA 336 -6.66 54.11 52.60
C LEU BA 336 -5.17 54.11 52.91
N GLN BA 337 -4.38 54.72 52.03
CA GLN BA 337 -2.90 54.75 52.14
C GLN BA 337 -2.40 55.30 53.48
N ASN BA 338 -3.09 56.30 54.00
CA ASN BA 338 -2.69 56.92 55.26
C ASN BA 338 -3.47 56.41 56.47
N ASP BA 339 -4.00 55.20 56.35
CA ASP BA 339 -4.73 54.51 57.41
C ASP BA 339 -5.84 55.37 58.00
N LEU BA 340 -6.84 55.65 57.19
CA LEU BA 340 -8.02 56.38 57.64
C LEU BA 340 -9.30 55.72 57.12
N PRO BA 341 -9.85 54.76 57.87
CA PRO BA 341 -11.12 54.14 57.54
C PRO BA 341 -12.22 55.19 57.45
N ALA BA 342 -12.94 55.18 56.34
CA ALA BA 342 -13.86 56.26 56.03
C ALA BA 342 -15.30 55.80 55.88
N VAL BA 343 -16.23 56.73 56.07
CA VAL BA 343 -17.66 56.46 55.91
C VAL BA 343 -18.26 57.42 54.88
N ARG BA 344 -18.74 56.86 53.77
CA ARG BA 344 -19.26 57.61 52.63
C ARG BA 344 -20.75 57.92 52.80
N TRP BA 345 -21.14 59.17 52.52
CA TRP BA 345 -22.55 59.60 52.52
C TRP BA 345 -23.31 59.27 53.82
N VAL BA 346 -23.14 60.07 54.86
CA VAL BA 346 -23.86 59.84 56.12
C VAL BA 346 -25.04 60.81 56.26
N GLY BA 347 -26.15 60.29 56.80
CA GLY BA 347 -27.38 61.07 57.00
C GLY BA 347 -27.25 62.18 58.03
N GLY BA 348 -27.91 63.30 57.75
CA GLY BA 348 -27.87 64.49 58.60
C GLY BA 348 -28.22 64.21 60.05
N GLN BA 349 -29.39 63.60 60.26
CA GLN BA 349 -29.83 63.17 61.58
C GLN BA 349 -28.81 62.22 62.21
N GLU BA 350 -28.26 61.32 61.38
CA GLU BA 350 -27.28 60.33 61.84
C GLU BA 350 -25.93 60.93 62.26
N LEU BA 351 -25.53 62.04 61.63
CA LEU BA 351 -24.29 62.72 62.02
C LEU BA 351 -24.39 63.35 63.41
N GLU BA 352 -25.52 64.02 63.65
CA GLU BA 352 -25.78 64.62 64.96
C GLU BA 352 -25.76 63.57 66.08
N HIS BA 353 -26.32 62.39 65.82
CA HIS BA 353 -26.35 61.30 66.80
C HIS BA 353 -24.97 60.70 67.07
N ILE BA 354 -24.11 60.74 66.05
CA ILE BA 354 -22.72 60.30 66.22
C ILE BA 354 -21.95 61.33 67.08
N ALA BA 355 -21.95 62.60 66.65
CA ALA BA 355 -21.22 63.67 67.32
C ALA BA 355 -21.64 63.84 68.79
N ILE BA 356 -22.83 63.36 69.11
CA ILE BA 356 -23.34 63.38 70.47
C ILE BA 356 -22.84 62.17 71.25
N SER BA 357 -22.91 60.98 70.63
CA SER BA 357 -22.48 59.74 71.28
C SER BA 357 -20.96 59.64 71.44
N THR BA 358 -20.24 60.40 70.62
CA THR BA 358 -18.78 60.36 70.63
C THR BA 358 -18.17 61.54 71.38
N ASN BA 359 -19.04 62.44 71.85
CA ASN BA 359 -18.63 63.66 72.56
C ASN BA 359 -17.92 64.68 71.66
N GLY BA 360 -17.79 64.33 70.37
CA GLY BA 360 -17.08 65.16 69.40
C GLY BA 360 -17.88 66.34 68.86
N ARG BA 361 -17.26 67.07 67.93
CA ARG BA 361 -17.88 68.24 67.30
C ARG BA 361 -17.95 68.12 65.77
N ILE BA 362 -18.86 68.88 65.17
CA ILE BA 362 -19.12 68.82 63.73
C ILE BA 362 -18.38 69.93 62.98
N VAL BA 363 -17.63 69.54 61.95
CA VAL BA 363 -16.63 70.41 61.31
C VAL BA 363 -16.98 70.77 59.86
N PRO BA 364 -17.36 72.04 59.62
CA PRO BA 364 -17.71 72.53 58.29
C PRO BA 364 -16.67 72.29 57.18
N ARG BA 365 -15.46 72.86 57.30
CA ARG BA 365 -14.44 72.73 56.25
C ARG BA 365 -13.22 71.94 56.76
N PHE BA 366 -12.18 71.86 55.93
CA PHE BA 366 -10.94 71.21 56.36
C PHE BA 366 -10.08 72.12 57.24
N GLN BA 367 -10.04 73.41 56.89
CA GLN BA 367 -9.34 74.43 57.67
C GLN BA 367 -9.75 74.44 59.16
N ASP BA 368 -10.95 73.95 59.45
CA ASP BA 368 -11.56 74.00 60.79
C ASP BA 368 -11.39 72.72 61.63
N LEU BA 369 -10.58 71.79 61.13
CA LEU BA 369 -10.37 70.52 61.83
C LEU BA 369 -9.27 70.65 62.87
N SER BA 370 -9.59 70.26 64.12
CA SER BA 370 -8.65 70.33 65.24
C SER BA 370 -8.75 69.09 66.13
N LYS BA 371 -7.68 68.80 66.85
CA LYS BA 371 -7.60 67.63 67.73
C LYS BA 371 -8.61 67.65 68.89
N ASP BA 372 -9.32 68.78 69.03
CA ASP BA 372 -10.31 68.95 70.08
C ASP BA 372 -11.70 68.63 69.58
N LYS BA 373 -11.90 68.77 68.27
CA LYS BA 373 -13.20 68.52 67.65
C LYS BA 373 -13.28 67.10 67.08
N LEU BA 374 -12.77 66.13 67.84
CA LEU BA 374 -12.79 64.74 67.42
C LEU BA 374 -13.74 63.92 68.29
N GLY BA 375 -14.21 62.81 67.73
CA GLY BA 375 -15.18 61.95 68.40
C GLY BA 375 -14.57 60.72 69.05
N THR BA 376 -14.71 60.63 70.37
CA THR BA 376 -14.10 59.57 71.16
C THR BA 376 -14.92 58.28 71.14
N CYS BA 377 -14.31 57.21 70.64
CA CYS BA 377 -14.97 55.90 70.62
C CYS BA 377 -14.18 54.84 71.36
N SER BA 378 -14.86 53.75 71.70
CA SER BA 378 -14.22 52.59 72.26
C SER BA 378 -13.99 51.54 71.18
N ARG BA 379 -14.85 51.57 70.15
CA ARG BA 379 -14.81 50.59 69.05
C ARG BA 379 -15.64 51.03 67.82
N ILE BA 380 -15.07 50.83 66.63
CA ILE BA 380 -15.82 50.93 65.36
C ILE BA 380 -15.64 49.63 64.56
N TYR BA 381 -16.75 48.99 64.21
CA TYR BA 381 -16.71 47.71 63.48
C TYR BA 381 -17.80 47.57 62.45
N GLU BA 382 -17.44 46.93 61.34
CA GLU BA 382 -18.35 46.65 60.23
C GLU BA 382 -18.96 45.26 60.42
N GLN BA 383 -20.15 45.21 61.00
CA GLN BA 383 -20.83 43.95 61.31
C GLN BA 383 -21.49 43.34 60.08
N GLU BA 384 -21.33 42.02 59.92
CA GLU BA 384 -22.07 41.28 58.92
C GLU BA 384 -23.52 41.13 59.44
N PHE BA 385 -24.28 42.23 59.36
CA PHE BA 385 -25.67 42.28 59.86
C PHE BA 385 -26.44 41.05 59.42
N GLY BA 386 -26.39 40.74 58.13
CA GLY BA 386 -26.98 39.53 57.58
C GLY BA 386 -25.89 38.51 57.35
N THR BA 387 -26.31 37.27 57.14
CA THR BA 387 -25.38 36.21 56.76
C THR BA 387 -25.02 36.33 55.28
N THR BA 388 -25.94 36.88 54.50
CA THR BA 388 -25.75 37.04 53.08
C THR BA 388 -26.05 38.49 52.65
N LYS BA 389 -26.67 39.24 53.54
CA LYS BA 389 -27.20 40.58 53.23
C LYS BA 389 -26.14 41.69 53.01
N ASP BA 390 -26.23 42.75 53.83
CA ASP BA 390 -25.42 43.96 53.69
C ASP BA 390 -24.84 44.45 55.00
N ARG BA 391 -23.54 44.74 54.97
CA ARG BA 391 -22.83 45.16 56.17
C ARG BA 391 -23.45 46.42 56.78
N MET BA 392 -23.19 46.61 58.07
CA MET BA 392 -23.58 47.81 58.81
C MET BA 392 -22.42 48.25 59.70
N LEU BA 393 -22.36 49.55 60.02
CA LEU BA 393 -21.34 50.07 60.93
C LEU BA 393 -21.90 50.32 62.32
N ILE BA 394 -21.21 49.77 63.31
CA ILE BA 394 -21.59 50.00 64.71
C ILE BA 394 -20.53 50.91 65.38
N ILE BA 395 -21.00 51.98 66.02
CA ILE BA 395 -20.16 52.93 66.74
C ILE BA 395 -20.55 52.94 68.23
N GLU BA 396 -20.02 51.98 69.00
CA GLU BA 396 -20.45 51.76 70.39
C GLU BA 396 -19.51 52.36 71.44
N GLN BA 397 -20.04 52.54 72.66
CA GLN BA 397 -19.28 53.08 73.80
C GLN BA 397 -19.48 52.21 75.05
N SER BA 398 -18.45 52.16 75.90
CA SER BA 398 -18.60 51.50 77.19
C SER BA 398 -19.38 52.40 78.15
N LYS BA 399 -19.14 53.70 78.06
CA LYS BA 399 -19.82 54.68 78.91
C LYS BA 399 -21.26 54.92 78.44
N GLU BA 400 -22.03 55.61 79.29
CA GLU BA 400 -23.40 55.99 78.95
C GLU BA 400 -23.40 57.28 78.14
N THR BA 401 -24.01 57.22 76.96
CA THR BA 401 -23.98 58.33 76.01
C THR BA 401 -25.37 58.95 75.84
N LYS BA 402 -25.40 60.25 75.53
CA LYS BA 402 -26.65 61.01 75.45
C LYS BA 402 -27.60 60.55 74.33
N THR BA 403 -27.06 59.98 73.26
CA THR BA 403 -27.89 59.32 72.24
C THR BA 403 -27.72 57.82 72.37
N VAL BA 404 -28.81 57.09 72.14
CA VAL BA 404 -28.77 55.64 72.15
C VAL BA 404 -29.64 55.06 71.02
N THR BA 405 -29.05 54.15 70.25
CA THR BA 405 -29.76 53.47 69.16
C THR BA 405 -30.31 52.14 69.67
N CYS BA 406 -31.59 51.90 69.41
CA CYS BA 406 -32.29 50.74 69.93
C CYS BA 406 -32.52 49.72 68.82
N PHE BA 407 -31.59 48.79 68.69
CA PHE BA 407 -31.55 47.85 67.56
C PHE BA 407 -32.44 46.63 67.83
N VAL BA 408 -33.51 46.51 67.05
CA VAL BA 408 -34.49 45.43 67.24
C VAL BA 408 -34.44 44.41 66.11
N ARG BA 409 -34.24 43.16 66.49
CA ARG BA 409 -34.25 42.04 65.55
C ARG BA 409 -35.45 41.13 65.80
N GLY BA 410 -35.91 40.46 64.76
CA GLY BA 410 -37.01 39.51 64.84
C GLY BA 410 -36.88 38.46 63.76
N SER BA 411 -37.68 37.40 63.85
CA SER BA 411 -37.63 36.30 62.87
C SER BA 411 -38.49 36.56 61.64
N ASN BA 412 -39.21 37.67 61.66
CA ASN BA 412 -40.16 38.00 60.62
C ASN BA 412 -40.50 39.49 60.58
N LYS BA 413 -40.55 40.05 59.37
CA LYS BA 413 -40.80 41.46 59.14
C LYS BA 413 -41.91 42.06 60.01
N MET BA 414 -42.90 41.22 60.35
CA MET BA 414 -44.07 41.66 61.13
C MET BA 414 -43.82 41.67 62.65
N ILE BA 415 -42.98 40.76 63.13
CA ILE BA 415 -42.55 40.75 64.54
C ILE BA 415 -41.62 41.94 64.80
N VAL BA 416 -40.65 42.12 63.92
CA VAL BA 416 -39.70 43.23 63.96
C VAL BA 416 -40.43 44.54 64.22
N ASP BA 417 -41.50 44.77 63.45
CA ASP BA 417 -42.27 46.00 63.52
C ASP BA 417 -43.14 46.04 64.78
N GLU BA 418 -43.66 44.89 65.19
CA GLU BA 418 -44.46 44.81 66.40
C GLU BA 418 -43.60 44.93 67.66
N ALA BA 419 -42.37 44.40 67.60
CA ALA BA 419 -41.44 44.53 68.72
C ALA BA 419 -40.97 45.97 68.91
N GLU BA 420 -40.81 46.71 67.81
CA GLU BA 420 -40.46 48.13 67.83
C GLU BA 420 -41.62 48.98 68.34
N ARG BA 421 -42.83 48.55 68.03
CA ARG BA 421 -44.06 49.21 68.47
C ARG BA 421 -44.36 48.92 69.94
N ALA BA 422 -43.71 47.88 70.48
CA ALA BA 422 -43.81 47.51 71.87
C ALA BA 422 -42.80 48.27 72.73
N LEU BA 423 -41.54 48.26 72.33
CA LEU BA 423 -40.48 49.03 73.00
C LEU BA 423 -40.90 50.47 73.21
N HIS BA 424 -41.46 51.07 72.16
CA HIS BA 424 -41.93 52.47 72.18
C HIS BA 424 -43.09 52.70 73.18
N ASP BA 425 -43.98 51.71 73.27
CA ASP BA 425 -45.06 51.74 74.27
C ASP BA 425 -44.50 51.58 75.68
N SER BA 426 -43.44 50.77 75.81
CA SER BA 426 -42.76 50.56 77.08
C SER BA 426 -41.82 51.71 77.41
N LEU BA 427 -41.24 52.28 76.37
CA LEU BA 427 -40.35 53.43 76.50
C LEU BA 427 -41.13 54.58 77.11
N CYS BA 428 -42.36 54.77 76.65
CA CYS BA 428 -43.21 55.87 77.09
C CYS BA 428 -43.64 55.77 78.57
N VAL BA 429 -44.04 54.58 79.04
CA VAL BA 429 -44.46 54.44 80.44
C VAL BA 429 -43.33 54.77 81.38
N VAL BA 430 -42.10 54.68 80.87
CA VAL BA 430 -40.90 55.05 81.62
C VAL BA 430 -40.66 56.57 81.56
N ARG BA 431 -40.97 57.17 80.42
CA ARG BA 431 -40.85 58.62 80.25
C ARG BA 431 -41.90 59.31 81.12
N ASN BA 432 -43.11 58.75 81.15
CA ASN BA 432 -44.21 59.33 81.91
C ASN BA 432 -43.93 59.30 83.40
N LEU BA 433 -43.18 58.30 83.84
CA LEU BA 433 -42.81 58.16 85.25
C LEU BA 433 -41.70 59.12 85.68
N VAL BA 434 -40.83 59.49 84.73
CA VAL BA 434 -39.78 60.49 84.98
C VAL BA 434 -40.44 61.87 85.11
N LYS BA 435 -41.51 62.09 84.34
CA LYS BA 435 -42.29 63.32 84.43
C LYS BA 435 -43.17 63.32 85.68
N ASP BA 436 -43.86 62.21 85.92
CA ASP BA 436 -44.69 62.04 87.12
C ASP BA 436 -44.33 60.79 87.89
N SER BA 437 -43.47 60.96 88.87
CA SER BA 437 -42.94 59.85 89.66
C SER BA 437 -43.97 59.13 90.54
N ARG BA 438 -45.25 59.24 90.19
CA ARG BA 438 -46.30 58.53 90.92
C ARG BA 438 -46.99 57.44 90.12
N VAL BA 439 -47.35 56.37 90.82
CA VAL BA 439 -47.93 55.17 90.24
C VAL BA 439 -49.28 54.82 90.84
N VAL BA 440 -50.11 54.14 90.04
CA VAL BA 440 -51.32 53.48 90.56
C VAL BA 440 -51.30 52.03 90.06
N TYR BA 441 -52.02 51.16 90.76
CA TYR BA 441 -51.97 49.74 90.44
C TYR BA 441 -53.08 49.34 89.46
N GLY BA 442 -52.68 48.60 88.43
CA GLY BA 442 -53.60 48.19 87.39
C GLY BA 442 -54.37 46.94 87.74
N GLY BA 443 -54.59 46.08 86.74
CA GLY BA 443 -55.40 44.87 86.91
C GLY BA 443 -56.85 45.19 87.23
N GLY BA 444 -57.27 46.39 86.87
CA GLY BA 444 -58.61 46.86 87.17
C GLY BA 444 -58.70 47.62 88.50
N ALA BA 445 -57.67 47.49 89.34
CA ALA BA 445 -57.67 48.04 90.70
C ALA BA 445 -57.92 49.54 90.75
N ALA BA 446 -57.21 50.29 89.93
CA ALA BA 446 -57.39 51.73 89.84
C ALA BA 446 -58.83 52.07 89.41
N GLU BA 447 -59.30 51.39 88.36
CA GLU BA 447 -60.65 51.59 87.83
C GLU BA 447 -61.75 51.22 88.84
N VAL BA 448 -61.44 50.28 89.74
CA VAL BA 448 -62.40 49.83 90.76
C VAL BA 448 -62.47 50.82 91.94
N THR BA 449 -61.33 51.36 92.37
CA THR BA 449 -61.30 52.32 93.47
C THR BA 449 -62.14 53.55 93.14
N MET BA 450 -62.01 54.03 91.91
CA MET BA 450 -62.84 55.14 91.44
C MET BA 450 -64.31 54.73 91.38
N SER BA 451 -64.58 53.54 90.84
CA SER BA 451 -65.95 53.03 90.71
C SER BA 451 -66.67 52.97 92.06
N LEU BA 452 -65.96 52.51 93.08
CA LEU BA 452 -66.50 52.50 94.43
C LEU BA 452 -66.70 53.92 94.95
N ALA BA 453 -65.70 54.76 94.72
CA ALA BA 453 -65.68 56.11 95.27
C ALA BA 453 -66.73 57.03 94.64
N VAL BA 454 -67.00 56.82 93.36
CA VAL BA 454 -68.07 57.51 92.67
C VAL BA 454 -69.42 56.94 93.11
N SER BA 455 -69.45 55.62 93.31
CA SER BA 455 -70.68 54.91 93.67
C SER BA 455 -71.23 55.37 95.02
N GLU BA 456 -70.35 55.48 96.01
CA GLU BA 456 -70.75 55.91 97.37
C GLU BA 456 -71.25 57.35 97.39
N GLU BA 457 -70.67 58.18 96.52
CA GLU BA 457 -71.01 59.60 96.48
C GLU BA 457 -72.17 59.89 95.53
N ALA BA 458 -72.71 58.85 94.91
CA ALA BA 458 -73.88 58.97 94.03
C ALA BA 458 -75.14 59.17 94.87
N ASP BA 459 -75.13 58.57 96.06
CA ASP BA 459 -76.24 58.63 97.00
C ASP BA 459 -76.32 60.01 97.67
N LYS BA 460 -75.14 60.59 97.92
CA LYS BA 460 -75.04 61.94 98.48
C LYS BA 460 -75.27 63.03 97.43
N GLN BA 461 -75.15 62.65 96.15
CA GLN BA 461 -75.47 63.56 95.05
C GLN BA 461 -76.96 63.92 95.06
N ARG BA 462 -77.81 62.90 95.00
CA ARG BA 462 -79.28 63.04 94.91
C ARG BA 462 -79.73 63.80 93.65
N GLY BA 463 -81.04 63.79 93.40
CA GLY BA 463 -81.62 64.47 92.23
C GLY BA 463 -81.39 63.75 90.91
N ILE BA 464 -81.16 64.53 89.85
CA ILE BA 464 -81.00 64.02 88.49
C ILE BA 464 -79.65 63.32 88.28
N ASP BA 465 -78.60 63.91 88.86
CA ASP BA 465 -77.23 63.43 88.72
C ASP BA 465 -76.96 62.10 89.43
N GLN BA 466 -77.87 61.74 90.33
CA GLN BA 466 -77.82 60.47 91.07
C GLN BA 466 -77.77 59.28 90.13
N TYR BA 467 -78.36 59.44 88.95
CA TYR BA 467 -78.37 58.40 87.94
C TYR BA 467 -77.13 58.49 87.05
N ALA BA 468 -76.63 59.70 86.83
CA ALA BA 468 -75.46 59.94 85.99
C ALA BA 468 -74.17 59.44 86.64
N PHE BA 469 -73.98 59.78 87.92
CA PHE BA 469 -72.85 59.29 88.68
C PHE BA 469 -72.84 57.77 88.74
N ARG BA 470 -74.00 57.19 89.04
CA ARG BA 470 -74.16 55.74 89.10
C ARG BA 470 -73.79 55.11 87.76
N GLY BA 471 -74.08 55.83 86.68
CA GLY BA 471 -73.75 55.37 85.34
C GLY BA 471 -72.24 55.34 85.09
N PHE BA 472 -71.59 56.48 85.36
CA PHE BA 472 -70.14 56.63 85.18
C PHE BA 472 -69.38 55.48 85.84
N ALA BA 473 -69.75 55.19 87.09
CA ALA BA 473 -69.12 54.11 87.85
C ALA BA 473 -69.37 52.74 87.22
N GLN BA 474 -70.64 52.46 86.92
CA GLN BA 474 -71.06 51.17 86.38
C GLN BA 474 -70.33 50.87 85.07
N ALA BA 475 -70.11 51.92 84.28
CA ALA BA 475 -69.42 51.81 82.99
C ALA BA 475 -67.95 51.50 83.20
N LEU BA 476 -67.35 52.11 84.23
CA LEU BA 476 -65.97 51.86 84.60
C LEU BA 476 -65.68 50.36 84.79
N ASP BA 477 -66.64 49.68 85.39
CA ASP BA 477 -66.49 48.27 85.73
C ASP BA 477 -66.34 47.36 84.53
N THR BA 478 -66.62 47.87 83.34
CA THR BA 478 -66.48 47.07 82.12
C THR BA 478 -65.01 46.73 81.91
N ILE BA 479 -64.13 47.65 82.30
CA ILE BA 479 -62.69 47.43 82.20
C ILE BA 479 -62.23 46.18 82.98
N PRO BA 480 -62.50 46.13 84.31
CA PRO BA 480 -62.12 44.91 85.02
C PRO BA 480 -62.87 43.67 84.53
N MET BA 481 -64.16 43.83 84.22
CA MET BA 481 -64.95 42.70 83.76
C MET BA 481 -64.43 42.14 82.44
N THR BA 482 -64.24 43.02 81.46
CA THR BA 482 -63.69 42.60 80.17
C THR BA 482 -62.21 42.29 80.27
N LEU BA 483 -61.63 42.51 81.45
CA LEU BA 483 -60.31 41.96 81.74
C LEU BA 483 -60.48 40.48 82.10
N ALA BA 484 -61.24 40.23 83.16
CA ALA BA 484 -61.51 38.87 83.64
C ALA BA 484 -62.13 38.01 82.53
N GLU BA 485 -62.82 38.67 81.60
CA GLU BA 485 -63.49 38.01 80.49
C GLU BA 485 -62.49 37.41 79.53
N ASN BA 486 -61.54 38.24 79.07
CA ASN BA 486 -60.49 37.81 78.15
C ASN BA 486 -59.55 36.83 78.83
N SER BA 487 -59.31 37.08 80.11
CA SER BA 487 -58.43 36.24 80.92
C SER BA 487 -59.06 34.88 81.25
N GLY BA 488 -60.39 34.81 81.20
CA GLY BA 488 -61.12 33.55 81.31
C GLY BA 488 -61.85 33.28 82.61
N LEU BA 489 -62.24 34.35 83.32
CA LEU BA 489 -62.94 34.23 84.59
C LEU BA 489 -64.39 34.69 84.48
N ASP BA 490 -65.16 34.49 85.53
CA ASP BA 490 -66.51 35.05 85.63
C ASP BA 490 -66.41 36.57 85.78
N PRO BA 491 -67.17 37.32 84.95
CA PRO BA 491 -67.18 38.78 85.02
C PRO BA 491 -67.78 39.32 86.32
N ILE BA 492 -68.96 38.83 86.71
CA ILE BA 492 -69.63 39.25 87.94
C ILE BA 492 -68.87 38.80 89.19
N GLY BA 493 -68.25 37.62 89.09
CA GLY BA 493 -67.51 37.02 90.19
C GLY BA 493 -66.29 37.83 90.58
N THR BA 494 -65.41 38.06 89.60
CA THR BA 494 -64.18 38.82 89.81
C THR BA 494 -64.47 40.22 90.34
N LEU BA 495 -65.49 40.87 89.80
CA LEU BA 495 -65.88 42.22 90.20
C LEU BA 495 -66.38 42.22 91.64
N SER BA 496 -67.39 41.40 91.92
CA SER BA 496 -67.99 41.34 93.25
C SER BA 496 -66.98 40.91 94.31
N THR BA 497 -66.07 39.99 93.95
CA THR BA 497 -64.96 39.60 94.83
C THR BA 497 -64.05 40.80 95.03
N LEU BA 498 -63.73 41.47 93.92
CA LEU BA 498 -62.74 42.53 93.88
C LEU BA 498 -63.23 43.79 94.59
N LYS BA 499 -64.36 44.33 94.12
CA LYS BA 499 -64.97 45.53 94.71
C LYS BA 499 -65.32 45.34 96.19
N SER BA 500 -65.66 44.12 96.58
CA SER BA 500 -66.00 43.80 97.97
C SER BA 500 -64.74 43.70 98.85
N LYS BA 501 -63.67 43.12 98.31
CA LYS BA 501 -62.39 42.98 99.03
C LYS BA 501 -61.69 44.32 99.25
N GLN BA 502 -62.07 45.31 98.45
CA GLN BA 502 -61.49 46.65 98.53
C GLN BA 502 -62.23 47.54 99.54
N LEU BA 503 -63.25 46.97 100.17
CA LEU BA 503 -64.01 47.65 101.22
C LEU BA 503 -63.76 47.01 102.59
N LYS BA 504 -63.79 45.68 102.62
CA LYS BA 504 -63.53 44.91 103.85
C LYS BA 504 -62.13 45.20 104.37
N GLU BA 505 -61.15 45.20 103.46
CA GLU BA 505 -59.82 45.70 103.75
C GLU BA 505 -59.76 47.15 103.32
N LYS BA 506 -58.93 47.94 104.00
CA LYS BA 506 -58.77 49.37 103.67
C LYS BA 506 -58.02 49.55 102.35
N ILE BA 507 -57.28 48.51 101.96
CA ILE BA 507 -56.45 48.46 100.75
C ILE BA 507 -57.24 48.80 99.47
N SER BA 508 -56.64 49.62 98.60
CA SER BA 508 -57.24 49.96 97.31
C SER BA 508 -56.41 49.44 96.13
N ASN BA 509 -55.57 48.44 96.41
CA ASN BA 509 -54.65 47.89 95.42
C ASN BA 509 -54.82 46.38 95.21
N ILE BA 510 -56.08 45.98 95.04
CA ILE BA 510 -56.46 44.59 94.77
C ILE BA 510 -56.90 44.53 93.32
N GLY BA 511 -56.40 43.57 92.56
CA GLY BA 511 -56.76 43.45 91.14
C GLY BA 511 -57.01 42.03 90.66
N VAL BA 512 -56.94 41.82 89.34
CA VAL BA 512 -57.23 40.51 88.76
C VAL BA 512 -55.94 39.74 88.44
N ASP BA 513 -55.86 38.51 88.93
CA ASP BA 513 -54.71 37.63 88.65
C ASP BA 513 -54.87 37.06 87.25
N CYS BA 514 -54.77 37.94 86.27
CA CYS BA 514 -54.93 37.59 84.86
C CYS BA 514 -53.92 36.53 84.39
N LEU BA 515 -52.76 36.49 85.05
CA LEU BA 515 -51.77 35.45 84.80
C LEU BA 515 -52.21 34.12 85.45
N GLY BA 516 -52.65 34.17 86.70
CA GLY BA 516 -53.21 33.01 87.37
C GLY BA 516 -52.56 32.60 88.68
N TYR BA 517 -51.88 33.55 89.33
CA TYR BA 517 -51.28 33.29 90.63
C TYR BA 517 -52.33 33.42 91.73
N GLY BA 518 -52.05 32.83 92.89
CA GLY BA 518 -53.00 32.80 94.01
C GLY BA 518 -53.58 34.14 94.42
N SER BA 519 -52.71 35.13 94.65
CA SER BA 519 -53.09 36.43 95.20
C SER BA 519 -53.72 37.41 94.20
N ASN BA 520 -54.60 38.25 94.71
CA ASN BA 520 -55.15 39.37 93.98
C ASN BA 520 -54.39 40.65 94.32
N ASP BA 521 -53.23 40.48 94.95
CA ASP BA 521 -52.47 41.61 95.49
C ASP BA 521 -51.54 42.24 94.45
N MET BA 522 -52.09 43.18 93.68
CA MET BA 522 -51.37 43.82 92.58
C MET BA 522 -50.03 44.41 92.99
N LYS BA 523 -49.92 44.80 94.25
CA LYS BA 523 -48.66 45.31 94.79
C LYS BA 523 -47.61 44.20 94.81
N GLU BA 524 -48.01 43.02 95.30
CA GLU BA 524 -47.11 41.87 95.45
C GLU BA 524 -46.82 41.19 94.11
N LEU BA 525 -47.63 41.50 93.10
CA LEU BA 525 -47.51 40.89 91.79
C LEU BA 525 -46.79 41.75 90.76
N PHE BA 526 -46.52 43.01 91.11
CA PHE BA 526 -45.88 43.99 90.22
C PHE BA 526 -46.71 44.29 88.96
N VAL BA 527 -47.99 44.56 89.15
CA VAL BA 527 -48.86 45.04 88.06
C VAL BA 527 -49.08 46.53 88.28
N VAL BA 528 -48.16 47.33 87.75
CA VAL BA 528 -48.05 48.75 88.08
C VAL BA 528 -48.29 49.62 86.85
N ASP BA 529 -49.13 50.64 87.03
CA ASP BA 529 -49.42 51.62 85.98
C ASP BA 529 -49.00 53.02 86.41
N PRO BA 530 -48.49 53.84 85.48
CA PRO BA 530 -48.20 55.23 85.81
C PRO BA 530 -49.50 55.99 86.13
N PHE BA 531 -49.39 57.02 86.96
CA PHE BA 531 -50.58 57.80 87.36
C PHE BA 531 -51.19 58.59 86.20
N ILE BA 532 -50.41 59.52 85.64
CA ILE BA 532 -50.84 60.33 84.49
C ILE BA 532 -51.51 59.46 83.44
N GLY BA 533 -50.94 58.27 83.23
CA GLY BA 533 -51.52 57.26 82.38
C GLY BA 533 -53.00 57.11 82.66
N LYS BA 534 -53.33 56.69 83.88
CA LYS BA 534 -54.71 56.40 84.26
C LYS BA 534 -55.63 57.63 84.27
N LYS BA 535 -55.09 58.80 84.62
CA LYS BA 535 -55.86 60.04 84.65
C LYS BA 535 -56.32 60.43 83.26
N GLN BA 536 -55.37 60.50 82.33
CA GLN BA 536 -55.63 60.86 80.94
C GLN BA 536 -56.63 59.93 80.26
N GLN BA 537 -56.48 58.62 80.49
CA GLN BA 537 -57.37 57.61 79.91
C GLN BA 537 -58.83 57.82 80.30
N ILE BA 538 -59.06 58.65 81.33
CA ILE BA 538 -60.40 59.00 81.79
C ILE BA 538 -60.84 60.34 81.21
N LEU BA 539 -60.07 61.38 81.46
CA LEU BA 539 -60.42 62.72 81.02
C LEU BA 539 -60.74 62.75 79.53
N LEU BA 540 -59.93 62.05 78.74
CA LEU BA 540 -60.13 61.98 77.29
C LEU BA 540 -61.42 61.29 76.87
N ALA BA 541 -61.83 60.27 77.63
CA ALA BA 541 -63.04 59.52 77.31
C ALA BA 541 -64.31 60.30 77.68
N THR BA 542 -64.33 60.90 78.87
CA THR BA 542 -65.49 61.67 79.32
C THR BA 542 -65.72 62.94 78.50
N GLN BA 543 -64.63 63.61 78.13
CA GLN BA 543 -64.74 64.82 77.33
C GLN BA 543 -65.24 64.49 75.93
N LEU BA 544 -64.67 63.45 75.32
CA LEU BA 544 -65.14 62.99 74.02
C LEU BA 544 -66.58 62.49 74.12
N CYS BA 545 -66.92 61.93 75.26
CA CYS BA 545 -68.28 61.48 75.53
C CYS BA 545 -69.25 62.67 75.56
N ARG BA 546 -68.82 63.75 76.21
CA ARG BA 546 -69.61 64.99 76.32
C ARG BA 546 -69.87 65.63 74.95
N MET BA 547 -68.87 65.51 74.07
CA MET BA 547 -68.95 65.97 72.70
C MET BA 547 -70.05 65.24 71.92
N ILE BA 548 -70.08 63.91 72.05
CA ILE BA 548 -71.05 63.05 71.32
C ILE BA 548 -72.49 63.32 71.79
N LEU BA 549 -72.66 63.55 73.09
CA LEU BA 549 -73.98 63.80 73.68
C LEU BA 549 -74.52 65.21 73.38
N LYS BA 550 -73.62 66.18 73.27
CA LYS BA 550 -73.99 67.53 72.87
C LYS BA 550 -74.59 67.54 71.46
N ILE BA 551 -74.04 66.71 70.57
CA ILE BA 551 -74.58 66.55 69.22
C ILE BA 551 -75.97 65.91 69.27
N ASP BA 552 -76.88 66.44 68.47
CA ASP BA 552 -78.17 65.79 68.20
C ASP BA 552 -78.55 65.97 66.73
N ASN BA 553 -78.11 67.08 66.15
CA ASN BA 553 -78.40 67.43 64.77
C ASN BA 553 -77.17 67.09 63.91
N VAL BA 554 -77.33 66.21 62.94
CA VAL BA 554 -76.23 65.78 62.07
C VAL BA 554 -76.56 66.06 60.60
N ILE BA 555 -75.60 66.61 59.87
CA ILE BA 555 -75.77 66.86 58.43
C ILE BA 555 -74.57 66.32 57.65
N ILE BA 556 -74.79 65.28 56.86
CA ILE BA 556 -73.74 64.64 56.07
C ILE BA 556 -73.98 64.82 54.57
N SER BA 557 -72.99 65.40 53.90
CA SER BA 557 -73.02 65.58 52.44
C SER BA 557 -72.68 64.26 51.72
N GLY BA 558 -72.64 64.34 50.39
CA GLY BA 558 -72.36 63.17 49.53
C GLY BA 558 -70.89 62.95 49.18
N LYS BA 559 -70.51 61.68 49.09
CA LYS BA 559 -69.14 61.27 48.75
C LYS BA 559 -68.99 60.98 47.25
N VAL CA 3 -75.68 48.42 61.99
CA VAL CA 3 -74.88 49.63 61.75
C VAL CA 3 -73.46 49.29 61.25
N GLN CA 4 -73.20 49.65 59.99
CA GLN CA 4 -71.89 49.42 59.37
C GLN CA 4 -70.89 50.46 59.86
N ILE CA 5 -69.64 50.04 60.02
CA ILE CA 5 -68.59 50.92 60.55
C ILE CA 5 -67.63 51.33 59.44
N PHE CA 6 -67.12 50.33 58.72
CA PHE CA 6 -66.03 50.52 57.78
C PHE CA 6 -66.48 51.11 56.46
N GLY CA 7 -65.49 51.44 55.64
CA GLY CA 7 -65.72 51.83 54.25
C GLY CA 7 -66.09 50.61 53.43
N ASP CA 8 -66.45 50.82 52.16
CA ASP CA 8 -66.89 49.71 51.32
C ASP CA 8 -65.73 48.92 50.77
N GLN CA 9 -66.03 47.73 50.25
CA GLN CA 9 -65.02 46.76 49.79
C GLN CA 9 -64.03 46.38 50.91
N VAL CA 10 -64.44 46.64 52.16
CA VAL CA 10 -63.61 46.34 53.35
C VAL CA 10 -64.04 45.05 54.03
N THR CA 11 -63.07 44.15 54.24
CA THR CA 11 -63.33 42.80 54.73
C THR CA 11 -63.05 42.66 56.22
N GLU CA 12 -64.06 42.24 56.97
CA GLU CA 12 -63.89 41.92 58.39
C GLU CA 12 -64.00 40.40 58.61
N GLU CA 13 -62.87 39.75 58.88
CA GLU CA 13 -62.85 38.34 59.23
C GLU CA 13 -62.53 38.22 60.72
N ARG CA 14 -63.57 38.05 61.53
CA ARG CA 14 -63.44 38.10 63.00
C ARG CA 14 -63.26 36.72 63.65
N ALA CA 15 -62.76 36.73 64.90
CA ALA CA 15 -62.42 35.55 65.70
C ALA CA 15 -62.58 34.24 64.96
N GLU CA 16 -63.78 33.68 65.08
CA GLU CA 16 -64.20 32.42 64.48
C GLU CA 16 -63.70 32.20 63.03
N ASN CA 17 -63.76 33.25 62.22
CA ASN CA 17 -63.28 33.18 60.84
C ASN CA 17 -61.79 33.49 60.74
N ALA CA 18 -61.33 34.38 61.63
CA ALA CA 18 -59.93 34.85 61.61
C ALA CA 18 -58.99 33.70 61.84
N ARG CA 19 -59.41 32.78 62.68
CA ARG CA 19 -58.67 31.55 62.91
C ARG CA 19 -58.58 30.71 61.64
N LEU CA 20 -59.71 30.60 60.93
CA LEU CA 20 -59.75 29.79 59.71
C LEU CA 20 -58.73 30.27 58.67
N SER CA 21 -58.75 31.56 58.34
CA SER CA 21 -57.73 32.16 57.46
C SER CA 21 -56.31 31.85 57.93
N ALA CA 22 -55.97 32.39 59.10
CA ALA CA 22 -54.68 32.16 59.73
C ALA CA 22 -54.19 30.73 59.55
N PHE CA 23 -55.10 29.78 59.75
CA PHE CA 23 -54.74 28.37 59.61
C PHE CA 23 -54.72 27.95 58.15
N VAL CA 24 -55.88 27.97 57.48
CA VAL CA 24 -55.95 27.53 56.08
C VAL CA 24 -54.75 28.08 55.32
N GLY CA 25 -54.47 29.37 55.49
CA GLY CA 25 -53.32 30.02 54.87
C GLY CA 25 -52.03 29.27 55.16
N ALA CA 26 -51.61 29.28 56.42
CA ALA CA 26 -50.39 28.61 56.84
C ALA CA 26 -50.31 27.21 56.24
N ILE CA 27 -51.33 26.40 56.52
CA ILE CA 27 -51.42 25.02 56.05
C ILE CA 27 -51.22 24.91 54.54
N ALA CA 28 -52.02 25.68 53.80
CA ALA CA 28 -51.97 25.69 52.32
C ALA CA 28 -50.57 26.01 51.77
N VAL CA 29 -49.87 26.91 52.47
CA VAL CA 29 -48.48 27.26 52.14
C VAL CA 29 -47.54 26.12 52.53
N GLY CA 30 -47.71 25.59 53.74
CA GLY CA 30 -46.96 24.43 54.17
C GLY CA 30 -47.09 23.34 53.15
N ASP CA 31 -48.33 22.93 52.90
CA ASP CA 31 -48.64 21.81 52.00
C ASP CA 31 -48.11 21.99 50.55
N LEU CA 32 -47.71 23.22 50.21
CA LEU CA 32 -47.22 23.52 48.88
C LEU CA 32 -45.73 23.21 48.69
N VAL CA 33 -44.98 23.19 49.79
CA VAL CA 33 -43.54 22.93 49.71
C VAL CA 33 -43.12 21.57 50.27
N LYS CA 34 -44.06 20.89 50.92
CA LYS CA 34 -43.84 19.56 51.52
C LYS CA 34 -43.09 18.58 50.61
N SER CA 35 -43.34 18.65 49.31
CA SER CA 35 -42.74 17.73 48.36
C SER CA 35 -41.28 18.04 48.06
N THR CA 36 -40.81 19.22 48.48
CA THR CA 36 -39.41 19.61 48.33
C THR CA 36 -38.48 18.90 49.31
N LEU CA 37 -38.96 18.75 50.55
CA LEU CA 37 -38.17 18.26 51.66
C LEU CA 37 -37.50 16.91 51.40
N GLY CA 38 -36.20 16.86 51.69
CA GLY CA 38 -35.51 15.59 51.77
C GLY CA 38 -34.98 15.01 50.48
N PRO CA 39 -34.16 13.95 50.62
CA PRO CA 39 -33.40 13.31 49.56
C PRO CA 39 -34.26 12.95 48.37
N LYS CA 40 -35.29 12.15 48.59
CA LYS CA 40 -36.14 11.73 47.50
C LYS CA 40 -37.34 12.68 47.31
N GLY CA 41 -37.08 13.97 47.52
CA GLY CA 41 -38.07 15.04 47.26
C GLY CA 41 -38.08 15.56 45.83
N MET CA 42 -39.17 16.23 45.46
CA MET CA 42 -39.43 16.62 44.06
C MET CA 42 -39.36 18.13 43.82
N ASP CA 43 -39.22 18.52 42.55
CA ASP CA 43 -39.10 19.93 42.15
C ASP CA 43 -40.39 20.53 41.60
N LYS CA 44 -40.61 21.81 41.90
CA LYS CA 44 -41.74 22.57 41.36
C LYS CA 44 -41.31 23.31 40.10
N LEU CA 45 -42.25 23.47 39.18
CA LEU CA 45 -42.08 24.39 38.05
C LEU CA 45 -42.96 25.62 38.25
N LEU CA 46 -42.31 26.74 38.55
CA LEU CA 46 -43.01 28.00 38.75
C LEU CA 46 -42.95 28.82 37.49
N GLN CA 47 -44.06 29.47 37.16
CA GLN CA 47 -44.14 30.24 35.92
C GLN CA 47 -44.87 31.56 36.08
N SER CA 48 -44.25 32.62 35.55
CA SER CA 48 -44.88 33.93 35.56
C SER CA 48 -45.79 34.11 34.36
N ALA CA 49 -46.88 34.82 34.58
CA ALA CA 49 -47.72 35.36 33.51
C ALA CA 49 -46.94 36.44 32.76
N SER CA 50 -46.10 37.17 33.49
CA SER CA 50 -45.21 38.17 32.92
C SER CA 50 -43.97 37.52 32.30
N SER CA 51 -43.50 38.10 31.20
CA SER CA 51 -42.20 37.78 30.59
C SER CA 51 -42.06 36.42 29.87
N ASN CA 52 -43.08 35.55 29.99
CA ASN CA 52 -43.00 34.17 29.47
C ASN CA 52 -41.84 33.38 30.13
N THR CA 53 -41.40 33.85 31.30
CA THR CA 53 -40.29 33.21 32.02
C THR CA 53 -40.85 32.15 32.97
N CYS CA 54 -39.97 31.27 33.43
CA CYS CA 54 -40.30 30.28 34.45
C CYS CA 54 -39.00 29.75 35.07
N MET CA 55 -39.12 28.87 36.05
CA MET CA 55 -37.97 28.23 36.68
C MET CA 55 -38.32 26.88 37.29
N VAL CA 56 -37.34 25.98 37.34
CA VAL CA 56 -37.51 24.65 37.94
C VAL CA 56 -36.70 24.59 39.26
N THR CA 57 -37.39 24.60 40.39
CA THR CA 57 -36.73 24.85 41.66
C THR CA 57 -37.09 23.91 42.79
N ASN CA 58 -36.11 23.73 43.68
CA ASN CA 58 -36.33 23.13 44.98
C ASN CA 58 -36.41 24.26 46.03
N ASP CA 59 -35.31 25.01 46.21
CA ASP CA 59 -35.18 26.06 47.25
C ASP CA 59 -36.59 26.58 47.62
N GLY CA 60 -37.07 26.12 48.77
CA GLY CA 60 -38.42 26.44 49.26
C GLY CA 60 -38.73 27.92 49.29
N ALA CA 61 -37.73 28.71 49.68
CA ALA CA 61 -37.82 30.16 49.65
C ALA CA 61 -38.22 30.58 48.26
N THR CA 62 -37.44 30.15 47.27
CA THR CA 62 -37.63 30.53 45.89
C THR CA 62 -39.04 30.23 45.39
N ILE CA 63 -39.66 29.20 45.95
CA ILE CA 63 -41.02 28.86 45.61
C ILE CA 63 -41.95 29.92 46.20
N LEU CA 64 -41.88 30.08 47.52
CA LEU CA 64 -42.77 30.98 48.27
C LEU CA 64 -42.57 32.45 47.95
N LYS CA 65 -41.30 32.85 47.80
CA LYS CA 65 -40.95 34.23 47.44
C LYS CA 65 -41.54 34.58 46.09
N SER CA 66 -41.82 33.56 45.27
CA SER CA 66 -42.25 33.76 43.89
C SER CA 66 -43.77 33.77 43.66
N ILE CA 67 -44.46 32.72 44.11
CA ILE CA 67 -45.92 32.64 43.92
C ILE CA 67 -46.67 33.74 44.66
N PRO CA 68 -47.76 34.26 44.04
CA PRO CA 68 -48.58 35.29 44.67
C PRO CA 68 -49.57 34.69 45.66
N LEU CA 69 -49.92 35.46 46.68
CA LEU CA 69 -50.86 35.03 47.71
C LEU CA 69 -51.64 36.20 48.26
N ASP CA 70 -52.78 35.93 48.87
CA ASP CA 70 -53.64 36.96 49.45
C ASP CA 70 -53.91 36.75 50.94
N ASN CA 71 -53.67 35.53 51.43
CA ASN CA 71 -53.85 35.18 52.84
C ASN CA 71 -52.67 35.64 53.72
N PRO CA 72 -52.88 36.72 54.51
CA PRO CA 72 -51.76 37.36 55.20
C PRO CA 72 -50.96 36.34 55.98
N ALA CA 73 -51.66 35.42 56.64
CA ALA CA 73 -51.03 34.34 57.39
C ALA CA 73 -50.01 33.62 56.54
N ALA CA 74 -50.38 33.35 55.28
CA ALA CA 74 -49.47 32.73 54.32
C ALA CA 74 -48.25 33.61 54.08
N LYS CA 75 -48.49 34.91 53.88
CA LYS CA 75 -47.43 35.88 53.60
C LYS CA 75 -46.46 36.04 54.76
N VAL CA 76 -46.97 35.83 55.97
CA VAL CA 76 -46.14 35.83 57.16
C VAL CA 76 -45.14 34.68 57.08
N LEU CA 77 -45.62 33.48 56.80
CA LEU CA 77 -44.76 32.30 56.65
C LEU CA 77 -43.79 32.45 55.48
N VAL CA 78 -44.28 33.06 54.39
CA VAL CA 78 -43.46 33.38 53.22
C VAL CA 78 -42.22 34.21 53.58
N ASN CA 79 -42.41 35.26 54.38
CA ASN CA 79 -41.31 36.09 54.83
C ASN CA 79 -40.40 35.34 55.78
N ILE CA 80 -40.97 34.42 56.56
CA ILE CA 80 -40.18 33.60 57.47
C ILE CA 80 -39.19 32.77 56.68
N SER CA 81 -39.62 32.34 55.50
CA SER CA 81 -38.77 31.61 54.56
C SER CA 81 -37.58 32.45 54.11
N LYS CA 82 -37.85 33.67 53.67
CA LYS CA 82 -36.81 34.62 53.25
C LYS CA 82 -35.80 34.86 54.36
N VAL CA 83 -36.29 35.22 55.55
CA VAL CA 83 -35.42 35.50 56.70
C VAL CA 83 -34.43 34.36 56.91
N GLN CA 84 -34.91 33.12 56.81
CA GLN CA 84 -34.05 31.95 56.92
C GLN CA 84 -33.02 31.87 55.79
N ASP CA 85 -33.43 32.25 54.59
CA ASP CA 85 -32.55 32.27 53.42
C ASP CA 85 -31.47 33.35 53.57
N ASP CA 86 -31.78 34.34 54.40
CA ASP CA 86 -30.85 35.44 54.71
C ASP CA 86 -29.88 35.06 55.81
N GLU CA 87 -30.38 34.51 56.92
CA GLU CA 87 -29.56 34.23 58.12
C GLU CA 87 -28.77 32.93 58.06
N VAL CA 88 -29.16 32.02 57.18
CA VAL CA 88 -28.51 30.71 57.09
C VAL CA 88 -28.27 30.30 55.65
N GLY CA 89 -29.27 30.53 54.80
CA GLY CA 89 -29.20 30.17 53.39
C GLY CA 89 -29.91 28.88 53.06
N ASP CA 90 -29.86 27.93 53.99
CA ASP CA 90 -30.57 26.66 53.85
C ASP CA 90 -31.56 26.51 54.99
N GLY CA 91 -32.42 25.50 54.87
CA GLY CA 91 -33.48 25.26 55.83
C GLY CA 91 -34.66 26.17 55.56
N THR CA 92 -34.94 26.41 54.28
CA THR CA 92 -36.05 27.26 53.89
C THR CA 92 -37.35 26.48 54.01
N THR CA 93 -37.35 25.25 53.50
CA THR CA 93 -38.52 24.38 53.50
C THR CA 93 -38.78 23.85 54.91
N SER CA 94 -37.72 23.38 55.56
CA SER CA 94 -37.80 22.89 56.94
C SER CA 94 -38.47 23.90 57.86
N VAL CA 95 -38.23 25.18 57.62
CA VAL CA 95 -38.81 26.26 58.44
C VAL CA 95 -40.32 26.37 58.19
N THR CA 96 -40.71 26.42 56.92
CA THR CA 96 -42.10 26.62 56.58
C THR CA 96 -42.95 25.45 57.06
N VAL CA 97 -42.49 24.22 56.78
CA VAL CA 97 -43.20 23.00 57.17
C VAL CA 97 -43.45 22.94 58.68
N LEU CA 98 -42.37 23.10 59.46
CA LEU CA 98 -42.43 23.05 60.92
C LEU CA 98 -43.27 24.19 61.47
N SER CA 99 -43.23 25.33 60.79
CA SER CA 99 -44.06 26.48 61.11
C SER CA 99 -45.55 26.18 60.92
N ALA CA 100 -45.88 25.53 59.81
CA ALA CA 100 -47.26 25.19 59.48
C ALA CA 100 -47.78 24.03 60.32
N GLU CA 101 -46.98 22.98 60.46
CA GLU CA 101 -47.37 21.81 61.24
C GLU CA 101 -47.60 22.18 62.69
N LEU CA 102 -46.94 23.25 63.14
CA LEU CA 102 -47.20 23.83 64.44
C LEU CA 102 -48.61 24.41 64.52
N LEU CA 103 -49.02 25.15 63.50
CA LEU CA 103 -50.35 25.74 63.49
C LEU CA 103 -51.43 24.71 63.17
N ARG CA 104 -51.10 23.71 62.35
CA ARG CA 104 -51.97 22.55 62.12
C ARG CA 104 -52.38 21.94 63.43
N GLU CA 105 -51.40 21.77 64.32
CA GLU CA 105 -51.60 21.15 65.61
C GLU CA 105 -52.36 22.05 66.58
N ALA CA 106 -52.34 23.35 66.32
CA ALA CA 106 -53.04 24.31 67.17
C ALA CA 106 -54.52 24.28 66.90
N GLU CA 107 -54.90 24.28 65.63
CA GLU CA 107 -56.31 24.18 65.20
C GLU CA 107 -56.97 22.92 65.78
N LYS CA 108 -56.21 21.82 65.81
CA LYS CA 108 -56.65 20.55 66.40
C LYS CA 108 -56.80 20.66 67.91
N LEU CA 109 -56.15 21.67 68.50
CA LEU CA 109 -56.26 21.92 69.94
C LEU CA 109 -57.37 22.94 70.25
N ILE CA 110 -57.41 24.02 69.49
CA ILE CA 110 -58.44 25.06 69.70
C ILE CA 110 -59.85 24.55 69.39
N ASP CA 111 -60.00 23.75 68.33
CA ASP CA 111 -61.31 23.18 68.01
C ASP CA 111 -61.61 21.87 68.77
N GLN CA 112 -60.90 20.80 68.46
CA GLN CA 112 -61.19 19.46 69.02
C GLN CA 112 -61.17 19.42 70.55
N SER CA 113 -60.28 20.19 71.18
CA SER CA 113 -60.17 20.21 72.64
C SER CA 113 -60.86 21.41 73.31
N LYS CA 114 -60.81 22.56 72.65
CA LYS CA 114 -61.28 23.84 73.21
C LYS CA 114 -60.34 24.38 74.30
N ILE CA 115 -59.12 24.75 73.90
CA ILE CA 115 -58.11 25.35 74.78
C ILE CA 115 -57.81 26.75 74.27
N HIS CA 116 -57.44 27.64 75.19
CA HIS CA 116 -57.15 29.04 74.82
C HIS CA 116 -55.83 29.18 74.05
N PRO CA 117 -55.83 29.98 72.96
CA PRO CA 117 -54.64 30.19 72.14
C PRO CA 117 -53.47 30.84 72.90
N GLN CA 118 -53.77 31.70 73.86
CA GLN CA 118 -52.72 32.30 74.69
C GLN CA 118 -52.12 31.28 75.67
N THR CA 119 -52.90 30.27 76.02
CA THR CA 119 -52.43 29.14 76.84
C THR CA 119 -51.57 28.16 76.03
N ILE CA 120 -51.92 27.99 74.75
CA ILE CA 120 -51.10 27.20 73.81
C ILE CA 120 -49.75 27.88 73.58
N ILE CA 121 -49.79 29.19 73.42
CA ILE CA 121 -48.59 30.02 73.32
C ILE CA 121 -47.71 29.80 74.55
N GLU CA 122 -48.30 29.97 75.73
CA GLU CA 122 -47.63 29.81 77.02
C GLU CA 122 -47.14 28.38 77.23
N GLY CA 123 -47.41 27.52 76.26
CA GLY CA 123 -46.98 26.13 76.28
C GLY CA 123 -45.95 25.86 75.20
N TYR CA 124 -46.24 26.33 73.98
CA TYR CA 124 -45.28 26.24 72.86
C TYR CA 124 -43.96 26.86 73.28
N ARG CA 125 -44.05 27.92 74.08
CA ARG CA 125 -42.89 28.63 74.60
C ARG CA 125 -41.99 27.69 75.40
N LEU CA 126 -42.58 27.03 76.40
CA LEU CA 126 -41.86 26.08 77.24
C LEU CA 126 -41.18 25.00 76.41
N ALA CA 127 -41.91 24.50 75.42
CA ALA CA 127 -41.42 23.45 74.55
C ALA CA 127 -40.24 23.95 73.72
N SER CA 128 -40.39 25.14 73.15
CA SER CA 128 -39.37 25.73 72.30
C SER CA 128 -38.03 25.89 73.04
N ALA CA 129 -38.10 26.45 74.24
CA ALA CA 129 -36.91 26.66 75.05
C ALA CA 129 -36.30 25.34 75.55
N ALA CA 130 -37.07 24.26 75.49
CA ALA CA 130 -36.60 22.93 75.89
C ALA CA 130 -36.11 22.10 74.72
N ALA CA 131 -36.65 22.36 73.54
CA ALA CA 131 -36.15 21.77 72.30
C ALA CA 131 -34.76 22.32 72.00
N LEU CA 132 -34.68 23.64 71.88
CA LEU CA 132 -33.42 24.34 71.69
C LEU CA 132 -32.36 23.90 72.72
N ASP CA 133 -32.83 23.60 73.93
CA ASP CA 133 -31.95 23.17 75.02
C ASP CA 133 -31.14 21.95 74.59
N ALA CA 134 -31.84 20.82 74.42
CA ALA CA 134 -31.17 19.54 74.18
C ALA CA 134 -30.41 19.53 72.86
N LEU CA 135 -30.69 20.52 72.02
CA LEU CA 135 -30.00 20.69 70.74
C LEU CA 135 -28.55 21.10 70.97
N THR CA 136 -28.33 21.96 71.96
CA THR CA 136 -26.99 22.41 72.33
C THR CA 136 -26.21 21.29 73.03
N LYS CA 137 -26.94 20.51 73.84
CA LYS CA 137 -26.36 19.40 74.59
C LYS CA 137 -25.97 18.27 73.65
N ALA CA 138 -26.79 18.03 72.65
CA ALA CA 138 -26.52 16.98 71.68
C ALA CA 138 -25.48 17.41 70.64
N ALA CA 139 -25.18 18.71 70.59
CA ALA CA 139 -24.32 19.31 69.54
C ALA CA 139 -22.86 18.85 69.54
N VAL CA 140 -22.32 18.69 68.33
CA VAL CA 140 -20.93 18.26 68.13
C VAL CA 140 -20.12 19.41 67.55
N ASP CA 141 -19.38 20.09 68.42
CA ASP CA 141 -18.55 21.25 68.05
C ASP CA 141 -17.14 20.77 67.70
N ASN CA 142 -16.67 21.10 66.50
CA ASN CA 142 -15.39 20.57 66.05
C ASN CA 142 -14.23 21.53 66.18
N SER CA 143 -13.29 21.10 67.01
CA SER CA 143 -12.21 21.95 67.51
C SER CA 143 -11.05 22.09 66.52
N HIS CA 144 -9.85 22.25 67.10
CA HIS CA 144 -8.59 22.43 66.37
C HIS CA 144 -8.40 21.53 65.15
N ASP CA 145 -8.89 20.28 65.23
CA ASP CA 145 -8.71 19.31 64.17
C ASP CA 145 -9.37 19.75 62.88
N LYS CA 146 -8.60 20.49 62.08
CA LYS CA 146 -9.03 20.99 60.78
C LYS CA 146 -9.19 19.84 59.78
N THR CA 147 -8.47 18.75 60.04
CA THR CA 147 -8.57 17.54 59.24
C THR CA 147 -9.92 16.90 59.51
N MET CA 148 -10.30 16.86 60.79
CA MET CA 148 -11.58 16.34 61.21
C MET CA 148 -12.73 17.27 60.85
N PHE CA 149 -12.41 18.56 60.70
CA PHE CA 149 -13.42 19.58 60.40
C PHE CA 149 -13.79 19.70 58.91
N ARG CA 150 -12.81 19.51 58.02
CA ARG CA 150 -13.11 19.57 56.60
C ARG CA 150 -13.95 18.38 56.14
N GLU CA 151 -13.54 17.16 56.51
CA GLU CA 151 -14.35 15.97 56.21
C GLU CA 151 -15.74 16.09 56.85
N ASP CA 152 -15.83 16.96 57.86
CA ASP CA 152 -17.09 17.32 58.53
C ASP CA 152 -17.89 18.35 57.73
N LEU CA 153 -17.21 19.30 57.08
CA LEU CA 153 -17.86 20.28 56.20
C LEU CA 153 -18.32 19.68 54.87
N ILE CA 154 -17.54 18.75 54.34
CA ILE CA 154 -17.89 18.01 53.13
C ILE CA 154 -19.25 17.33 53.34
N HIS CA 155 -19.41 16.69 54.50
CA HIS CA 155 -20.67 16.06 54.87
C HIS CA 155 -21.88 17.03 54.84
N ILE CA 156 -21.70 18.23 55.40
CA ILE CA 156 -22.77 19.25 55.47
C ILE CA 156 -23.29 19.59 54.09
N ALA CA 157 -22.36 19.83 53.16
CA ALA CA 157 -22.71 20.03 51.77
C ALA CA 157 -23.48 18.82 51.24
N LYS CA 158 -22.86 17.64 51.34
CA LYS CA 158 -23.45 16.37 50.89
C LYS CA 158 -24.89 16.21 51.34
N THR CA 159 -25.15 16.61 52.58
CA THR CA 159 -26.49 16.57 53.13
C THR CA 159 -27.37 17.68 52.54
N THR CA 160 -26.83 18.89 52.42
CA THR CA 160 -27.58 20.02 51.87
C THR CA 160 -27.96 19.79 50.41
N LEU CA 161 -27.01 19.28 49.64
CA LEU CA 161 -27.21 19.08 48.20
C LEU CA 161 -28.25 18.03 47.84
N SER CA 162 -28.27 16.92 48.58
CA SER CA 162 -29.12 15.77 48.23
C SER CA 162 -30.62 16.07 48.34
N SER CA 163 -31.18 16.63 47.26
CA SER CA 163 -32.59 17.03 47.16
C SER CA 163 -32.76 17.85 45.89
N LYS CA 164 -31.67 18.51 45.49
CA LYS CA 164 -31.63 19.27 44.23
C LYS CA 164 -31.06 18.41 43.10
N ILE CA 165 -30.94 19.01 41.90
CA ILE CA 165 -30.44 18.31 40.71
C ILE CA 165 -29.04 17.74 40.95
N LEU CA 166 -28.36 18.33 41.93
CA LEU CA 166 -26.98 17.97 42.25
C LEU CA 166 -26.85 16.79 43.23
N SER CA 167 -27.95 16.07 43.46
CA SER CA 167 -27.94 14.86 44.29
C SER CA 167 -27.03 13.79 43.73
N GLN CA 168 -27.16 13.54 42.42
CA GLN CA 168 -26.42 12.48 41.75
C GLN CA 168 -24.93 12.77 41.73
N ASP CA 169 -24.58 14.04 41.67
CA ASP CA 169 -23.18 14.46 41.68
C ASP CA 169 -22.84 15.19 42.97
N LYS CA 170 -23.38 14.70 44.08
CA LYS CA 170 -23.11 15.27 45.39
C LYS CA 170 -21.61 15.29 45.69
N ASP CA 171 -20.98 14.11 45.70
CA ASP CA 171 -19.57 13.98 46.05
C ASP CA 171 -18.67 14.97 45.33
N HIS CA 172 -18.97 15.20 44.05
CA HIS CA 172 -18.21 16.15 43.23
C HIS CA 172 -18.46 17.59 43.68
N PHE CA 173 -19.74 17.94 43.85
CA PHE CA 173 -20.16 19.30 44.20
C PHE CA 173 -19.90 19.69 45.65
N ALA CA 174 -19.69 18.69 46.50
CA ALA CA 174 -19.35 18.93 47.89
C ALA CA 174 -17.91 19.44 48.02
N GLU CA 175 -16.99 18.81 47.30
CA GLU CA 175 -15.58 19.23 47.31
C GLU CA 175 -15.45 20.63 46.73
N LEU CA 176 -16.20 20.92 45.67
CA LEU CA 176 -16.21 22.25 45.04
C LEU CA 176 -16.67 23.34 45.99
N ALA CA 177 -17.62 23.00 46.86
CA ALA CA 177 -18.12 23.94 47.86
C ALA CA 177 -17.17 24.04 49.04
N THR CA 178 -16.70 22.90 49.51
CA THR CA 178 -15.78 22.84 50.64
C THR CA 178 -14.47 23.54 50.28
N ASN CA 179 -13.90 23.18 49.14
CA ASN CA 179 -12.68 23.82 48.67
C ASN CA 179 -12.83 25.33 48.50
N ALA CA 180 -14.01 25.77 48.01
CA ALA CA 180 -14.26 27.18 47.69
C ALA CA 180 -14.36 28.09 48.91
N ILE CA 181 -14.93 27.55 49.98
CA ILE CA 181 -15.11 28.32 51.22
C ILE CA 181 -13.88 28.23 52.12
N LEU CA 182 -13.20 27.09 52.12
CA LEU CA 182 -11.92 26.96 52.82
C LEU CA 182 -10.86 27.82 52.15
N ARG CA 183 -10.96 27.92 50.83
CA ARG CA 183 -10.11 28.80 50.03
C ARG CA 183 -10.41 30.26 50.35
N LEU CA 184 -11.68 30.53 50.69
CA LEU CA 184 -12.15 31.88 50.98
C LEU CA 184 -11.56 32.46 52.28
N LYS CA 185 -10.76 31.65 52.98
CA LYS CA 185 -10.07 32.04 54.22
C LYS CA 185 -10.99 32.73 55.23
N GLY CA 186 -12.14 32.10 55.48
CA GLY CA 186 -13.02 32.53 56.57
C GLY CA 186 -13.95 33.70 56.29
N SER CA 187 -13.68 34.45 55.22
CA SER CA 187 -14.58 35.54 54.84
C SER CA 187 -15.97 34.96 54.58
N THR CA 188 -16.99 35.61 55.14
CA THR CA 188 -18.37 35.14 54.94
C THR CA 188 -19.17 35.99 53.94
N ASN CA 189 -18.45 36.71 53.07
CA ASN CA 189 -19.08 37.43 51.95
C ASN CA 189 -18.93 36.68 50.62
N LEU CA 190 -20.07 36.26 50.07
CA LEU CA 190 -20.10 35.32 48.95
C LEU CA 190 -19.79 35.93 47.58
N GLU CA 191 -19.70 37.25 47.53
CA GLU CA 191 -19.31 37.97 46.30
C GLU CA 191 -17.95 37.52 45.82
N HIS CA 192 -17.15 37.03 46.76
CA HIS CA 192 -15.81 36.52 46.51
C HIS CA 192 -15.79 35.19 45.72
N ILE CA 193 -16.96 34.56 45.60
CA ILE CA 193 -17.11 33.37 44.76
C ILE CA 193 -18.05 33.72 43.61
N GLN CA 194 -17.48 33.84 42.42
CA GLN CA 194 -18.26 34.20 41.22
C GLN CA 194 -18.86 32.95 40.60
N ILE CA 195 -20.17 32.98 40.34
CA ILE CA 195 -20.86 31.82 39.76
C ILE CA 195 -21.17 32.09 38.28
N ILE CA 196 -20.22 31.74 37.43
CA ILE CA 196 -20.37 31.91 35.97
C ILE CA 196 -20.97 30.66 35.36
N LYS CA 197 -22.28 30.70 35.12
CA LYS CA 197 -22.95 29.56 34.50
C LYS CA 197 -22.84 29.64 32.99
N ILE CA 198 -22.25 28.61 32.39
CA ILE CA 198 -22.12 28.52 30.93
C ILE CA 198 -22.82 27.26 30.42
N LEU CA 199 -23.75 27.46 29.50
CA LEU CA 199 -24.60 26.40 28.95
C LEU CA 199 -23.81 25.42 28.10
N GLY CA 200 -24.02 24.12 28.33
CA GLY CA 200 -23.40 23.09 27.50
C GLY CA 200 -22.68 22.00 28.25
N GLY CA 201 -22.71 20.80 27.68
CA GLY CA 201 -22.01 19.65 28.25
C GLY CA 201 -22.73 18.98 29.40
N LYS CA 202 -21.98 18.18 30.16
CA LYS CA 202 -22.52 17.48 31.33
C LYS CA 202 -22.56 18.45 32.51
N LEU CA 203 -23.22 18.00 33.58
CA LEU CA 203 -23.19 18.73 34.84
C LEU CA 203 -21.93 18.33 35.60
N SER CA 204 -21.47 17.10 35.35
CA SER CA 204 -20.22 16.57 35.90
C SER CA 204 -19.03 17.42 35.49
N ASP CA 205 -19.24 18.25 34.47
CA ASP CA 205 -18.16 19.06 33.89
C ASP CA 205 -17.89 20.36 34.65
N SER CA 206 -18.75 20.68 35.62
CA SER CA 206 -18.61 21.91 36.42
C SER CA 206 -17.33 21.88 37.25
N PHE CA 207 -16.73 23.06 37.45
CA PHE CA 207 -15.47 23.15 38.20
C PHE CA 207 -15.23 24.48 38.91
N LEU CA 208 -14.37 24.42 39.94
CA LEU CA 208 -13.79 25.59 40.58
C LEU CA 208 -12.36 25.78 40.07
N ASP CA 209 -12.12 26.88 39.37
CA ASP CA 209 -10.81 27.09 38.77
C ASP CA 209 -9.77 27.46 39.80
N GLU CA 210 -8.57 26.88 39.66
CA GLU CA 210 -7.43 27.23 40.48
C GLU CA 210 -6.86 28.56 40.04
N GLY CA 211 -7.47 29.63 40.56
CA GLY CA 211 -7.18 31.00 40.17
C GLY CA 211 -8.49 31.74 40.05
N PHE CA 212 -8.63 32.52 38.99
CA PHE CA 212 -9.84 33.28 38.76
C PHE CA 212 -10.11 33.31 37.27
N ILE CA 213 -11.37 33.18 36.87
CA ILE CA 213 -11.76 33.36 35.48
C ILE CA 213 -12.49 34.69 35.36
N LEU CA 214 -12.05 35.54 34.43
CA LEU CA 214 -12.60 36.90 34.27
C LEU CA 214 -13.37 37.11 32.96
N ALA CA 215 -14.63 37.51 33.08
CA ALA CA 215 -15.50 37.78 31.93
C ALA CA 215 -15.18 39.12 31.25
N LYS CA 216 -13.90 39.39 31.06
CA LYS CA 216 -13.45 40.62 30.42
C LYS CA 216 -12.51 40.32 29.23
N LYS CA 217 -12.06 41.39 28.56
CA LYS CA 217 -11.20 41.26 27.39
C LYS CA 217 -9.85 41.93 27.61
N PHE CA 218 -8.91 41.65 26.71
CA PHE CA 218 -7.64 42.39 26.66
C PHE CA 218 -7.76 43.66 25.80
N GLY CA 219 -6.84 44.59 26.01
CA GLY CA 219 -6.92 45.97 25.50
C GLY CA 219 -7.09 46.23 24.01
N ASN CA 220 -6.74 45.24 23.19
CA ASN CA 220 -7.01 45.27 21.75
C ASN CA 220 -6.23 44.24 20.94
N ASN CA 221 -5.14 44.70 20.31
CA ASN CA 221 -4.25 43.83 19.54
C ASN CA 221 -3.13 43.31 20.45
N GLN CA 222 -3.38 43.35 21.76
CA GLN CA 222 -2.42 42.96 22.79
C GLN CA 222 -2.10 41.46 22.78
N PRO CA 223 -0.99 41.05 23.44
CA PRO CA 223 -0.67 39.62 23.57
C PRO CA 223 -1.75 38.82 24.31
N LYS CA 224 -2.14 37.70 23.71
CA LYS CA 224 -3.27 36.90 24.16
C LYS CA 224 -2.99 36.03 25.38
N ARG CA 225 -1.72 35.93 25.78
CA ARG CA 225 -1.36 35.19 27.00
C ARG CA 225 -0.14 35.79 27.65
N ILE CA 226 -0.34 36.34 28.85
CA ILE CA 226 0.76 36.84 29.65
C ILE CA 226 1.27 35.76 30.59
N GLU CA 227 2.60 35.69 30.69
CA GLU CA 227 3.28 34.72 31.52
C GLU CA 227 4.14 35.48 32.54
N ASN CA 228 4.11 35.01 33.79
CA ASN CA 228 4.71 35.69 34.94
C ASN CA 228 4.23 37.14 35.08
N ALA CA 229 3.05 37.29 35.66
CA ALA CA 229 2.36 38.56 35.70
C ALA CA 229 2.69 39.39 36.93
N LYS CA 230 2.63 40.71 36.76
CA LYS CA 230 2.62 41.65 37.88
C LYS CA 230 1.58 42.73 37.58
N ILE CA 231 0.56 42.82 38.44
CA ILE CA 231 -0.70 43.52 38.12
C ILE CA 231 -1.00 44.75 39.00
N LEU CA 232 -1.49 45.81 38.36
CA LEU CA 232 -1.97 47.01 39.04
C LEU CA 232 -3.47 47.15 38.84
N ILE CA 233 -4.20 47.11 39.96
CA ILE CA 233 -5.65 47.21 39.95
C ILE CA 233 -6.06 48.67 40.21
N ALA CA 234 -6.99 49.19 39.40
CA ALA CA 234 -7.28 50.62 39.42
C ALA CA 234 -8.74 51.02 39.43
N ASN CA 235 -9.00 52.25 39.91
CA ASN CA 235 -10.32 52.86 39.92
C ASN CA 235 -10.37 54.19 39.17
N THR CA 236 -9.21 54.65 38.71
CA THR CA 236 -9.07 55.99 38.14
C THR CA 236 -9.72 56.13 36.77
N THR CA 237 -10.28 57.31 36.52
CA THR CA 237 -10.86 57.72 35.23
C THR CA 237 -9.92 57.46 34.06
N LEU CA 238 -10.48 57.16 32.88
CA LEU CA 238 -9.67 57.15 31.66
C LEU CA 238 -10.35 57.75 30.42
N ASP CA 239 -11.47 57.17 29.99
CA ASP CA 239 -12.16 57.70 28.80
C ASP CA 239 -12.72 59.07 29.08
N THR CA 240 -13.41 59.18 30.21
CA THR CA 240 -14.16 60.37 30.59
C THR CA 240 -13.31 61.65 30.53
N ASP CA 241 -11.98 61.48 30.63
CA ASP CA 241 -11.01 62.58 30.74
C ASP CA 241 -11.17 63.37 32.03
N LYS CA 242 -10.36 63.01 33.02
CA LYS CA 242 -10.40 63.64 34.34
C LYS CA 242 -10.41 65.17 34.24
N VAL CA 243 -11.30 65.81 35.01
CA VAL CA 243 -11.37 67.27 35.10
C VAL CA 243 -11.62 67.67 36.56
N LYS CA 244 -11.07 68.82 36.95
CA LYS CA 244 -11.39 69.41 38.25
C LYS CA 244 -12.88 69.78 38.26
N ILE CA 245 -13.63 69.06 39.10
CA ILE CA 245 -15.10 68.89 38.96
C ILE CA 245 -15.95 70.13 38.64
N PHE CA 246 -15.49 71.30 39.08
CA PHE CA 246 -16.31 72.53 39.06
C PHE CA 246 -16.95 72.94 37.73
N GLY CA 247 -16.13 73.31 36.74
CA GLY CA 247 -16.66 73.80 35.48
C GLY CA 247 -15.65 74.68 34.78
N THR CA 248 -14.56 74.05 34.36
CA THR CA 248 -13.40 74.73 33.78
C THR CA 248 -13.59 75.10 32.31
N LYS CA 249 -14.44 76.10 32.05
CA LYS CA 249 -14.79 76.50 30.68
C LYS CA 249 -13.61 77.15 29.93
N PHE CA 250 -13.40 76.73 28.69
CA PHE CA 250 -12.35 77.32 27.85
C PHE CA 250 -12.88 78.48 27.02
N LYS CA 251 -12.39 79.67 27.32
CA LYS CA 251 -12.66 80.87 26.53
C LYS CA 251 -11.43 81.25 25.72
N VAL CA 252 -11.42 80.84 24.46
CA VAL CA 252 -10.29 81.10 23.57
C VAL CA 252 -10.58 82.33 22.72
N ASP CA 253 -9.70 83.32 22.84
CA ASP CA 253 -9.81 84.60 22.15
C ASP CA 253 -9.83 84.43 20.63
N SER CA 254 -8.96 83.54 20.13
CA SER CA 254 -8.89 83.21 18.71
C SER CA 254 -8.44 81.77 18.56
N THR CA 255 -9.19 81.01 17.75
CA THR CA 255 -9.00 79.55 17.50
C THR CA 255 -7.61 78.93 17.73
N ALA CA 256 -6.56 79.72 17.57
CA ALA CA 256 -5.17 79.27 17.76
C ALA CA 256 -4.95 78.50 19.08
N LYS CA 257 -5.40 79.10 20.18
CA LYS CA 257 -5.19 78.54 21.51
C LYS CA 257 -5.97 77.25 21.76
N LEU CA 258 -7.02 77.03 20.98
CA LEU CA 258 -7.84 75.81 21.11
C LEU CA 258 -7.08 74.56 20.65
N ALA CA 259 -6.23 74.74 19.64
CA ALA CA 259 -5.36 73.66 19.15
C ALA CA 259 -4.37 73.23 20.23
N GLN CA 260 -3.82 74.22 20.94
CA GLN CA 260 -2.90 73.98 22.06
C GLN CA 260 -3.61 73.35 23.24
N LEU CA 261 -4.83 73.81 23.52
CA LEU CA 261 -5.62 73.32 24.64
C LEU CA 261 -6.22 71.94 24.37
N GLU CA 262 -6.41 71.60 23.10
CA GLU CA 262 -6.80 70.24 22.72
C GLU CA 262 -5.62 69.30 22.96
N LYS CA 263 -4.44 69.71 22.50
CA LYS CA 263 -3.20 68.95 22.69
C LYS CA 263 -2.79 68.90 24.17
N ALA CA 264 -3.30 69.85 24.95
CA ALA CA 264 -3.08 69.87 26.40
C ALA CA 264 -3.77 68.68 27.07
N GLU CA 265 -5.01 68.40 26.65
CA GLU CA 265 -5.79 67.30 27.20
C GLU CA 265 -5.20 65.94 26.87
N ARG CA 266 -4.50 65.85 25.74
CA ARG CA 266 -3.77 64.64 25.36
C ARG CA 266 -2.51 64.48 26.21
N GLU CA 267 -1.89 65.60 26.58
CA GLU CA 267 -0.71 65.60 27.47
C GLU CA 267 -1.07 65.13 28.89
N LYS CA 268 -2.13 65.71 29.46
CA LYS CA 268 -2.62 65.34 30.79
C LYS CA 268 -2.80 63.82 30.91
N MET CA 269 -3.10 63.19 29.78
CA MET CA 269 -3.21 61.74 29.71
C MET CA 269 -1.82 61.13 29.65
N LYS CA 270 -1.04 61.54 28.65
CA LYS CA 270 0.31 61.03 28.45
C LYS CA 270 1.10 60.98 29.75
N ASN CA 271 0.84 61.95 30.64
CA ASN CA 271 1.55 62.04 31.92
C ASN CA 271 0.94 61.16 33.01
N LYS CA 272 -0.39 61.00 32.97
CA LYS CA 272 -1.10 60.13 33.90
C LYS CA 272 -0.88 58.67 33.54
N ILE CA 273 -0.41 58.43 32.33
CA ILE CA 273 0.02 57.09 31.93
C ILE CA 273 1.49 56.91 32.29
N ALA CA 274 2.29 57.97 32.09
CA ALA CA 274 3.71 57.96 32.45
C ALA CA 274 3.92 57.74 33.95
N LYS CA 275 3.09 58.42 34.76
CA LYS CA 275 3.11 58.24 36.22
C LYS CA 275 2.77 56.80 36.60
N ILE CA 276 2.04 56.12 35.73
CA ILE CA 276 1.66 54.71 35.90
C ILE CA 276 2.71 53.78 35.26
N SER CA 277 3.47 54.29 34.30
CA SER CA 277 4.57 53.53 33.73
C SER CA 277 5.61 53.27 34.81
N LYS CA 278 5.80 54.27 35.68
CA LYS CA 278 6.79 54.25 36.76
C LYS CA 278 6.60 53.10 37.75
N PHE CA 279 5.39 52.54 37.77
CA PHE CA 279 5.04 51.44 38.66
C PHE CA 279 5.73 50.12 38.32
N GLY CA 280 6.29 50.03 37.10
CA GLY CA 280 6.97 48.83 36.62
C GLY CA 280 6.05 47.61 36.61
N ILE CA 281 5.10 47.62 35.68
CA ILE CA 281 3.96 46.71 35.72
C ILE CA 281 3.53 46.26 34.33
N ASN CA 282 3.33 44.96 34.14
CA ASN CA 282 2.93 44.40 32.85
C ASN CA 282 1.42 44.09 32.69
N THR CA 283 0.62 44.30 33.74
CA THR CA 283 -0.84 44.15 33.64
C THR CA 283 -1.61 45.21 34.44
N PHE CA 284 -2.33 46.07 33.72
CA PHE CA 284 -3.10 47.16 34.33
C PHE CA 284 -4.60 46.89 34.17
N ILE CA 285 -5.25 46.50 35.27
CA ILE CA 285 -6.70 46.25 35.23
C ILE CA 285 -7.47 47.37 35.91
N ASN CA 286 -8.56 47.78 35.28
CA ASN CA 286 -9.29 48.97 35.68
C ASN CA 286 -10.79 48.73 35.74
N ARG CA 287 -11.42 49.27 36.78
CA ARG CA 287 -12.86 49.25 36.88
C ARG CA 287 -13.44 50.05 35.71
N GLN CA 288 -12.96 51.29 35.56
CA GLN CA 288 -13.43 52.22 34.52
C GLN CA 288 -13.06 51.75 33.12
N LEU CA 289 -13.62 52.43 32.12
CA LEU CA 289 -13.27 52.20 30.71
C LEU CA 289 -11.89 52.74 30.38
N ILE CA 290 -11.16 52.03 29.51
CA ILE CA 290 -9.93 52.56 28.94
C ILE CA 290 -10.27 53.25 27.62
N TYR CA 291 -10.10 54.57 27.57
CA TYR CA 291 -10.33 55.36 26.35
C TYR CA 291 -9.53 54.75 25.20
N ASP CA 292 -10.04 54.90 23.99
CA ASP CA 292 -9.39 54.37 22.79
C ASP CA 292 -7.91 54.80 22.67
N TYR CA 293 -7.58 55.96 23.26
CA TYR CA 293 -6.21 56.48 23.30
C TYR CA 293 -5.31 55.75 24.32
N PRO CA 294 -5.50 55.95 25.64
CA PRO CA 294 -4.73 55.17 26.61
C PRO CA 294 -4.57 53.70 26.24
N GLU CA 295 -5.61 53.12 25.64
CA GLU CA 295 -5.60 51.71 25.22
C GLU CA 295 -4.46 51.37 24.27
N GLN CA 296 -4.02 52.37 23.49
CA GLN CA 296 -2.86 52.23 22.63
C GLN CA 296 -1.57 52.53 23.39
N LEU CA 297 -1.62 53.51 24.31
CA LEU CA 297 -0.45 53.89 25.11
C LEU CA 297 0.09 52.73 25.95
N PHE CA 298 -0.81 51.88 26.42
CA PHE CA 298 -0.40 50.67 27.13
C PHE CA 298 0.20 49.64 26.18
N THR CA 299 -0.50 49.39 25.08
CA THR CA 299 -0.09 48.39 24.09
C THR CA 299 1.31 48.69 23.51
N ASP CA 300 1.60 49.97 23.27
CA ASP CA 300 2.90 50.40 22.78
C ASP CA 300 4.02 50.16 23.80
N LEU CA 301 3.67 50.31 25.08
CA LEU CA 301 4.61 50.05 26.18
C LEU CA 301 4.63 48.57 26.60
N GLY CA 302 3.75 47.78 26.00
CA GLY CA 302 3.70 46.33 26.23
C GLY CA 302 2.87 45.93 27.42
N ILE CA 303 2.27 46.91 28.09
CA ILE CA 303 1.41 46.67 29.24
C ILE CA 303 0.04 46.14 28.78
N ASN CA 304 -0.42 45.04 29.36
CA ASN CA 304 -1.74 44.50 29.06
C ASN CA 304 -2.86 45.18 29.85
N SER CA 305 -3.89 45.65 29.15
CA SER CA 305 -4.97 46.46 29.74
C SER CA 305 -6.34 45.82 29.65
N ILE CA 306 -7.01 45.71 30.81
CA ILE CA 306 -8.33 45.07 30.90
C ILE CA 306 -9.37 46.04 31.44
N GLU CA 307 -10.30 46.44 30.58
CA GLU CA 307 -11.31 47.42 30.96
C GLU CA 307 -12.60 46.81 31.48
N HIS CA 308 -13.37 47.62 32.21
CA HIS CA 308 -14.71 47.28 32.68
C HIS CA 308 -14.76 45.97 33.45
N ALA CA 309 -14.20 46.00 34.66
CA ALA CA 309 -14.44 44.98 35.67
C ALA CA 309 -14.83 45.77 36.90
N ASP CA 310 -16.11 45.75 37.24
CA ASP CA 310 -16.68 46.69 38.22
C ASP CA 310 -16.15 46.50 39.65
N PHE CA 311 -16.67 47.31 40.57
CA PHE CA 311 -16.36 47.18 42.00
C PHE CA 311 -16.38 45.71 42.42
N GLU CA 312 -17.20 44.92 41.74
CA GLU CA 312 -17.27 43.47 41.90
C GLU CA 312 -15.94 42.84 41.49
N GLY CA 313 -15.75 42.71 40.17
CA GLY CA 313 -14.54 42.11 39.58
C GLY CA 313 -13.22 42.56 40.19
N VAL CA 314 -13.06 43.88 40.31
CA VAL CA 314 -11.86 44.47 40.91
C VAL CA 314 -11.57 43.93 42.31
N GLU CA 315 -12.60 43.86 43.16
CA GLU CA 315 -12.45 43.41 44.55
C GLU CA 315 -11.98 41.96 44.65
N ARG CA 316 -12.46 41.12 43.74
CA ARG CA 316 -12.10 39.71 43.71
C ARG CA 316 -10.64 39.56 43.31
N LEU CA 317 -10.27 40.28 42.24
CA LEU CA 317 -8.90 40.29 41.72
C LEU CA 317 -7.91 40.76 42.78
N ALA CA 318 -8.29 41.82 43.51
CA ALA CA 318 -7.50 42.34 44.63
C ALA CA 318 -7.28 41.28 45.71
N LEU CA 319 -8.25 40.38 45.85
CA LEU CA 319 -8.14 39.29 46.80
C LEU CA 319 -7.32 38.13 46.24
N VAL CA 320 -7.51 37.83 44.95
CA VAL CA 320 -6.86 36.68 44.34
C VAL CA 320 -5.43 36.94 43.87
N THR CA 321 -5.14 38.15 43.41
CA THR CA 321 -3.78 38.50 42.99
C THR CA 321 -2.96 39.06 44.15
N GLY CA 322 -3.66 39.48 45.20
CA GLY CA 322 -3.01 40.10 46.36
C GLY CA 322 -2.65 41.54 46.09
N GLY CA 323 -3.48 42.21 45.28
CA GLY CA 323 -3.24 43.60 44.90
C GLY CA 323 -4.08 44.57 45.70
N GLU CA 324 -4.10 45.81 45.24
CA GLU CA 324 -4.82 46.88 45.91
C GLU CA 324 -5.65 47.64 44.89
N VAL CA 325 -6.84 48.08 45.30
CA VAL CA 325 -7.74 48.86 44.42
C VAL CA 325 -7.28 50.32 44.31
N VAL CA 326 -6.19 50.52 43.58
CA VAL CA 326 -5.49 51.79 43.52
C VAL CA 326 -6.27 52.82 42.71
N SER CA 327 -6.12 54.09 43.07
CA SER CA 327 -6.49 55.21 42.20
C SER CA 327 -5.26 56.09 42.00
N THR CA 328 -5.28 57.28 42.63
CA THR CA 328 -4.10 58.14 42.79
C THR CA 328 -2.96 57.88 41.78
N PHE CA 329 -2.08 56.94 42.12
CA PHE CA 329 -0.88 56.60 41.32
C PHE CA 329 0.17 57.73 41.26
N ASP CA 330 0.21 58.55 42.31
CA ASP CA 330 1.15 59.66 42.42
C ASP CA 330 2.44 59.25 43.15
N GLU CA 331 2.36 58.22 43.99
CA GLU CA 331 3.52 57.68 44.69
C GLU CA 331 3.48 56.15 44.69
N PRO CA 332 4.21 55.51 43.75
CA PRO CA 332 4.18 54.06 43.54
C PRO CA 332 4.77 53.23 44.66
N SER CA 333 5.61 53.85 45.49
CA SER CA 333 6.26 53.15 46.60
C SER CA 333 5.26 52.52 47.57
N LYS CA 334 4.25 53.30 47.96
CA LYS CA 334 3.39 52.95 49.10
C LYS CA 334 2.32 51.87 48.83
N CYS CA 335 1.89 51.73 47.58
CA CYS CA 335 0.77 50.84 47.25
C CYS CA 335 1.15 49.43 46.74
N LYS CA 336 0.46 48.42 47.26
CA LYS CA 336 0.81 47.00 47.09
C LYS CA 336 0.34 46.36 45.77
N LEU CA 337 1.31 45.94 44.95
CA LEU CA 337 1.04 45.30 43.65
C LEU CA 337 0.38 43.93 43.78
N GLY CA 338 -0.27 43.49 42.71
CA GLY CA 338 -0.78 42.13 42.60
C GLY CA 338 0.07 41.31 41.65
N GLU CA 339 0.24 40.04 41.94
CA GLU CA 339 1.04 39.16 41.10
C GLU CA 339 0.40 37.78 40.96
N CYS CA 340 0.42 37.23 39.76
CA CYS CA 340 0.02 35.83 39.54
C CYS CA 340 0.95 35.15 38.53
N ASP CA 341 0.68 33.89 38.22
CA ASP CA 341 1.58 33.06 37.40
C ASP CA 341 1.36 33.24 35.89
N VAL CA 342 0.12 33.07 35.43
CA VAL CA 342 -0.23 33.17 34.01
C VAL CA 342 -1.68 33.67 33.85
N ILE CA 343 -1.87 34.61 32.91
CA ILE CA 343 -3.20 35.08 32.53
C ILE CA 343 -3.45 34.80 31.04
N GLU CA 344 -3.66 33.53 30.71
CA GLU CA 344 -3.97 33.12 29.34
C GLU CA 344 -5.47 33.21 29.10
N GLU CA 345 -5.86 33.68 27.92
CA GLU CA 345 -7.26 33.70 27.55
C GLU CA 345 -7.70 32.31 27.14
N ILE CA 346 -8.85 31.87 27.67
CA ILE CA 346 -9.43 30.57 27.31
C ILE CA 346 -10.79 30.72 26.62
N MET CA 347 -11.25 29.63 26.02
CA MET CA 347 -12.56 29.53 25.41
C MET CA 347 -13.42 28.55 26.18
N LEU CA 348 -14.66 28.95 26.46
CA LEU CA 348 -15.62 28.07 27.13
C LEU CA 348 -16.94 28.02 26.39
N GLY CA 349 -17.02 27.15 25.39
CA GLY CA 349 -18.25 26.94 24.64
C GLY CA 349 -18.51 27.94 23.54
N GLU CA 350 -18.26 29.22 23.84
CA GLU CA 350 -18.48 30.28 22.87
C GLU CA 350 -17.69 31.54 23.23
N GLN CA 351 -17.78 31.93 24.49
CA GLN CA 351 -17.23 33.20 24.97
C GLN CA 351 -15.79 33.03 25.46
N PRO CA 352 -14.91 34.00 25.11
CA PRO CA 352 -13.52 33.98 25.56
C PRO CA 352 -13.36 34.64 26.91
N PHE CA 353 -12.63 33.99 27.81
CA PHE CA 353 -12.43 34.49 29.16
C PHE CA 353 -10.95 34.51 29.53
N LEU CA 354 -10.52 35.51 30.27
CA LEU CA 354 -9.13 35.58 30.72
C LEU CA 354 -8.99 34.86 32.06
N LYS CA 355 -8.26 33.75 32.08
CA LYS CA 355 -8.16 32.89 33.27
C LYS CA 355 -6.82 32.97 33.99
N PHE CA 356 -6.78 33.83 35.01
CA PHE CA 356 -5.64 33.94 35.91
C PHE CA 356 -5.43 32.61 36.62
N SER CA 357 -4.22 32.05 36.50
CA SER CA 357 -3.92 30.75 37.08
C SER CA 357 -2.60 30.78 37.85
N GLY CA 358 -2.60 30.17 39.04
CA GLY CA 358 -1.45 30.22 39.95
C GLY CA 358 -1.29 31.59 40.58
N CYS CA 359 -2.17 31.91 41.51
CA CYS CA 359 -2.26 33.24 42.11
C CYS CA 359 -1.57 33.35 43.47
N LYS CA 360 -1.25 34.58 43.89
CA LYS CA 360 -0.49 34.84 45.13
C LYS CA 360 -1.23 34.46 46.43
N ALA CA 361 -2.53 34.72 46.48
CA ALA CA 361 -3.36 34.27 47.59
C ALA CA 361 -4.78 34.01 47.07
N GLY CA 362 -5.27 32.80 47.26
CA GLY CA 362 -6.54 32.39 46.65
C GLY CA 362 -7.79 32.89 47.33
N GLU CA 363 -7.70 34.02 48.04
CA GLU CA 363 -8.79 34.51 48.90
C GLU CA 363 -10.11 34.90 48.18
N ALA CA 364 -10.15 34.71 46.85
CA ALA CA 364 -11.38 34.84 46.06
C ALA CA 364 -11.33 33.88 44.88
N CYS CA 365 -12.48 33.32 44.49
CA CYS CA 365 -12.52 32.28 43.45
C CYS CA 365 -13.74 32.28 42.53
N THR CA 366 -13.59 31.61 41.40
CA THR CA 366 -14.65 31.52 40.39
C THR CA 366 -15.06 30.07 40.17
N ILE CA 367 -16.36 29.81 40.27
CA ILE CA 367 -16.91 28.50 39.94
C ILE CA 367 -17.65 28.57 38.61
N VAL CA 368 -17.26 27.68 37.70
CA VAL CA 368 -17.93 27.54 36.42
C VAL CA 368 -18.95 26.41 36.50
N LEU CA 369 -20.22 26.76 36.38
CA LEU CA 369 -21.31 25.79 36.31
C LEU CA 369 -21.68 25.50 34.87
N ARG CA 370 -21.89 24.23 34.57
CA ARG CA 370 -22.25 23.80 33.23
C ARG CA 370 -23.61 23.07 33.26
N GLY CA 371 -23.94 22.35 32.19
CA GLY CA 371 -25.19 21.61 32.11
C GLY CA 371 -25.87 21.72 30.76
N ALA CA 372 -27.08 21.17 30.66
CA ALA CA 372 -27.76 21.02 29.38
C ALA CA 372 -28.92 21.99 29.13
N THR CA 373 -29.39 22.66 30.18
CA THR CA 373 -30.59 23.50 30.11
C THR CA 373 -30.46 24.77 30.96
N ASP CA 374 -30.90 25.91 30.43
CA ASP CA 374 -30.85 27.19 31.14
C ASP CA 374 -31.50 27.15 32.54
N GLN CA 375 -32.34 26.15 32.78
CA GLN CA 375 -32.96 25.97 34.09
C GLN CA 375 -32.14 25.07 35.01
N THR CA 376 -31.45 24.09 34.43
CA THR CA 376 -30.53 23.24 35.18
C THR CA 376 -29.37 24.11 35.74
N LEU CA 377 -28.87 25.03 34.91
CA LEU CA 377 -27.91 26.03 35.35
C LEU CA 377 -28.47 26.86 36.48
N ASP CA 378 -29.61 27.52 36.23
CA ASP CA 378 -30.34 28.28 37.24
C ASP CA 378 -30.39 27.56 38.59
N GLU CA 379 -30.82 26.30 38.57
CA GLU CA 379 -30.98 25.47 39.77
C GLU CA 379 -29.63 25.06 40.39
N ALA CA 380 -28.65 24.75 39.55
CA ALA CA 380 -27.30 24.48 40.03
C ALA CA 380 -26.80 25.68 40.85
N GLU CA 381 -27.07 26.89 40.37
CA GLU CA 381 -26.72 28.13 41.06
C GLU CA 381 -27.41 28.23 42.42
N ARG CA 382 -28.75 28.18 42.42
CA ARG CA 382 -29.58 28.27 43.64
C ARG CA 382 -29.23 27.19 44.65
N SER CA 383 -28.96 25.98 44.14
CA SER CA 383 -28.54 24.83 44.93
C SER CA 383 -27.18 25.06 45.56
N LEU CA 384 -26.25 25.61 44.78
CA LEU CA 384 -24.90 25.90 45.26
C LEU CA 384 -24.92 26.98 46.35
N HIS CA 385 -25.73 28.03 46.13
CA HIS CA 385 -25.88 29.11 47.12
C HIS CA 385 -26.34 28.54 48.47
N ASP CA 386 -27.20 27.53 48.43
CA ASP CA 386 -27.62 26.84 49.64
C ASP CA 386 -26.46 26.07 50.28
N ALA CA 387 -25.57 25.51 49.44
CA ALA CA 387 -24.37 24.82 49.92
C ALA CA 387 -23.31 25.82 50.40
N LEU CA 388 -23.11 26.89 49.63
CA LEU CA 388 -22.14 27.94 49.97
C LEU CA 388 -22.66 28.83 51.11
N SER CA 389 -23.75 28.43 51.73
CA SER CA 389 -24.33 29.18 52.83
C SER CA 389 -24.08 28.47 54.14
N VAL CA 390 -24.66 27.28 54.29
CA VAL CA 390 -24.46 26.46 55.49
C VAL CA 390 -22.99 26.29 55.82
N LEU CA 391 -22.18 26.02 54.79
CA LEU CA 391 -20.74 25.88 54.93
C LEU CA 391 -20.07 27.16 55.40
N SER CA 392 -20.30 28.27 54.68
CA SER CA 392 -19.72 29.55 55.06
C SER CA 392 -20.05 29.89 56.52
N GLN CA 393 -21.32 29.72 56.89
CA GLN CA 393 -21.78 30.06 58.23
C GLN CA 393 -21.30 29.07 59.28
N THR CA 394 -20.92 27.88 58.82
CA THR CA 394 -20.32 26.87 59.69
C THR CA 394 -18.82 27.18 59.90
N THR CA 395 -18.29 28.16 59.16
CA THR CA 395 -17.00 28.73 59.49
C THR CA 395 -17.18 29.68 60.67
N LYS CA 396 -18.31 30.39 60.66
CA LYS CA 396 -18.71 31.27 61.77
C LYS CA 396 -19.21 30.47 62.98
N GLU CA 397 -20.22 29.62 62.76
CA GLU CA 397 -20.75 28.74 63.81
C GLU CA 397 -20.35 27.28 63.63
N THR CA 398 -19.24 26.91 64.27
CA THR CA 398 -18.54 25.65 63.97
C THR CA 398 -19.15 24.36 64.54
N ARG CA 399 -20.32 24.45 65.18
CA ARG CA 399 -20.94 23.24 65.77
C ARG CA 399 -21.88 22.51 64.83
N THR CA 400 -21.95 21.20 65.01
CA THR CA 400 -22.69 20.32 64.11
C THR CA 400 -23.71 19.46 64.85
N VAL CA 401 -24.82 19.17 64.16
CA VAL CA 401 -25.85 18.27 64.67
C VAL CA 401 -26.17 17.28 63.55
N LEU CA 402 -26.51 16.06 63.94
CA LEU CA 402 -26.79 15.00 62.97
C LEU CA 402 -28.19 15.20 62.39
N GLY CA 403 -28.27 15.25 61.06
CA GLY CA 403 -29.54 15.41 60.36
C GLY CA 403 -30.24 14.09 60.11
N GLY CA 404 -30.98 14.01 59.01
CA GLY CA 404 -31.72 12.80 58.66
C GLY CA 404 -32.94 12.58 59.53
N GLY CA 405 -33.46 13.67 60.09
CA GLY CA 405 -34.59 13.61 60.99
C GLY CA 405 -34.17 13.55 62.44
N CYS CA 406 -33.00 12.97 62.68
CA CYS CA 406 -32.47 12.79 64.03
C CYS CA 406 -32.47 14.09 64.85
N ALA CA 407 -31.88 15.15 64.28
CA ALA CA 407 -31.82 16.45 64.93
C ALA CA 407 -33.18 16.83 65.51
N GLU CA 408 -34.22 16.71 64.68
CA GLU CA 408 -35.60 17.02 65.09
C GLU CA 408 -36.21 16.05 66.12
N MET CA 409 -35.75 14.79 66.12
CA MET CA 409 -36.24 13.79 67.07
C MET CA 409 -35.65 13.91 68.46
N VAL CA 410 -34.39 14.30 68.53
CA VAL CA 410 -33.73 14.55 69.82
C VAL CA 410 -34.52 15.61 70.58
N MET CA 411 -35.01 16.60 69.84
CA MET CA 411 -35.89 17.61 70.39
C MET CA 411 -37.25 17.02 70.76
N SER CA 412 -37.85 16.29 69.82
CA SER CA 412 -39.10 15.59 70.08
C SER CA 412 -39.03 14.78 71.36
N LYS CA 413 -37.84 14.25 71.66
CA LYS CA 413 -37.63 13.53 72.90
C LYS CA 413 -37.69 14.51 74.07
N ALA CA 414 -36.85 15.53 74.02
CA ALA CA 414 -36.76 16.48 75.12
C ALA CA 414 -38.09 17.18 75.36
N VAL CA 415 -38.72 17.66 74.30
CA VAL CA 415 -39.97 18.37 74.40
C VAL CA 415 -41.04 17.49 75.07
N ASP CA 416 -41.19 16.25 74.58
CA ASP CA 416 -42.18 15.30 75.10
C ASP CA 416 -41.96 14.88 76.57
N THR CA 417 -40.70 14.70 76.96
CA THR CA 417 -40.37 14.39 78.36
C THR CA 417 -40.56 15.60 79.27
N GLU CA 418 -40.40 16.81 78.71
CA GLU CA 418 -40.67 18.05 79.44
C GLU CA 418 -42.18 18.23 79.66
N ALA CA 419 -42.98 17.63 78.78
CA ALA CA 419 -44.43 17.67 78.93
C ALA CA 419 -44.89 16.79 80.09
N GLN CA 420 -44.26 15.63 80.23
CA GLN CA 420 -44.54 14.71 81.34
C GLN CA 420 -44.12 15.33 82.68
N ASN CA 421 -43.50 16.51 82.59
CA ASN CA 421 -43.08 17.27 83.74
C ASN CA 421 -44.03 18.44 84.07
N ILE CA 422 -44.50 19.12 83.01
CA ILE CA 422 -45.25 20.38 83.15
C ILE CA 422 -46.66 20.22 83.70
N ASP CA 423 -47.46 19.36 83.07
CA ASP CA 423 -48.84 19.07 83.49
C ASP CA 423 -49.81 20.26 83.30
N GLY CA 424 -51.10 19.95 83.17
CA GLY CA 424 -52.13 20.95 82.91
C GLY CA 424 -52.62 20.92 81.47
N LYS CA 425 -53.27 21.99 81.03
CA LYS CA 425 -53.74 22.11 79.65
C LYS CA 425 -52.57 22.48 78.74
N LYS CA 426 -51.62 23.23 79.28
CA LYS CA 426 -50.39 23.59 78.57
C LYS CA 426 -49.64 22.34 78.16
N SER CA 427 -49.67 21.33 79.04
CA SER CA 427 -49.03 20.04 78.80
C SER CA 427 -49.38 19.47 77.44
N LEU CA 428 -50.63 19.62 77.02
CA LEU CA 428 -51.10 19.09 75.75
C LEU CA 428 -50.54 19.84 74.53
N ALA CA 429 -50.18 21.12 74.74
CA ALA CA 429 -49.59 21.94 73.69
C ALA CA 429 -48.09 21.67 73.54
N VAL CA 430 -47.44 21.40 74.66
CA VAL CA 430 -46.03 21.03 74.68
C VAL CA 430 -45.86 19.71 73.93
N GLU CA 431 -46.71 18.74 74.24
CA GLU CA 431 -46.74 17.47 73.51
C GLU CA 431 -46.97 17.73 72.03
N ALA CA 432 -47.89 18.67 71.74
CA ALA CA 432 -48.23 19.04 70.37
C ALA CA 432 -47.02 19.57 69.62
N PHE CA 433 -46.19 20.36 70.31
CA PHE CA 433 -44.99 20.92 69.73
C PHE CA 433 -44.05 19.82 69.22
N ALA CA 434 -43.83 18.82 70.06
CA ALA CA 434 -43.01 17.66 69.71
C ALA CA 434 -43.60 16.91 68.53
N ARG CA 435 -44.91 16.69 68.58
CA ARG CA 435 -45.64 15.97 67.53
C ARG CA 435 -45.48 16.66 66.16
N ALA CA 436 -45.43 17.99 66.19
CA ALA CA 436 -45.18 18.75 64.98
C ALA CA 436 -43.75 18.57 64.50
N LEU CA 437 -42.79 18.56 65.43
CA LEU CA 437 -41.39 18.31 65.10
C LEU CA 437 -41.28 16.95 64.47
N ARG CA 438 -41.99 15.98 65.03
CA ARG CA 438 -42.03 14.63 64.48
C ARG CA 438 -42.49 14.62 63.03
N GLN CA 439 -43.47 15.47 62.71
CA GLN CA 439 -44.07 15.47 61.36
C GLN CA 439 -43.07 15.90 60.28
N LEU CA 440 -41.86 16.27 60.69
CA LEU CA 440 -40.76 16.57 59.77
C LEU CA 440 -40.16 15.31 59.16
N PRO CA 441 -39.55 14.42 59.98
CA PRO CA 441 -39.14 13.10 59.49
C PRO CA 441 -40.24 12.33 58.76
N THR CA 442 -41.49 12.55 59.16
CA THR CA 442 -42.69 12.01 58.51
C THR CA 442 -42.70 12.30 57.01
N ILE CA 443 -42.44 13.57 56.65
CA ILE CA 443 -42.44 14.00 55.25
C ILE CA 443 -41.17 13.57 54.52
N LEU CA 444 -40.05 13.59 55.24
CA LEU CA 444 -38.79 13.05 54.73
C LEU CA 444 -39.02 11.66 54.19
N ALA CA 445 -39.66 10.81 55.01
CA ALA CA 445 -40.00 9.46 54.62
C ALA CA 445 -41.08 9.44 53.54
N ASP CA 446 -42.13 10.24 53.73
CA ASP CA 446 -43.29 10.23 52.82
C ASP CA 446 -42.93 10.42 51.35
N ASN CA 447 -42.09 11.41 51.07
CA ASN CA 447 -41.61 11.65 49.71
C ASN CA 447 -40.77 10.50 49.16
N ALA CA 448 -40.00 9.85 50.06
CA ALA CA 448 -39.17 8.70 49.72
C ALA CA 448 -40.02 7.48 49.44
N GLY CA 449 -41.19 7.43 50.08
CA GLY CA 449 -42.22 6.49 49.69
C GLY CA 449 -42.35 5.24 50.53
N PHE CA 450 -41.84 5.28 51.76
CA PHE CA 450 -42.04 4.16 52.68
C PHE CA 450 -43.17 4.49 53.66
N ASP CA 451 -43.64 3.49 54.42
CA ASP CA 451 -44.71 3.69 55.40
C ASP CA 451 -44.27 4.68 56.47
N SER CA 452 -44.55 5.95 56.24
CA SER CA 452 -44.14 7.03 57.14
C SER CA 452 -44.58 6.76 58.58
N SER CA 453 -45.81 6.27 58.73
CA SER CA 453 -46.33 5.93 60.05
C SER CA 453 -45.43 4.92 60.78
N GLU CA 454 -45.01 3.87 60.09
CA GLU CA 454 -44.20 2.78 60.68
C GLU CA 454 -42.71 3.11 60.88
N LEU CA 455 -42.12 3.85 59.96
CA LEU CA 455 -40.71 4.27 60.07
C LEU CA 455 -40.46 5.30 61.17
N VAL CA 456 -41.22 6.41 61.14
CA VAL CA 456 -41.08 7.47 62.14
C VAL CA 456 -41.31 6.92 63.55
N SER CA 457 -42.14 5.88 63.64
CA SER CA 457 -42.36 5.19 64.91
C SER CA 457 -41.24 4.20 65.23
N LYS CA 458 -40.65 3.61 64.18
CA LYS CA 458 -39.51 2.73 64.37
C LYS CA 458 -38.30 3.54 64.82
N LEU CA 459 -38.27 4.82 64.41
CA LEU CA 459 -37.18 5.75 64.75
C LEU CA 459 -37.39 6.53 66.07
N ARG CA 460 -38.65 6.76 66.44
CA ARG CA 460 -38.97 7.35 67.73
C ARG CA 460 -38.42 6.45 68.81
N SER CA 461 -38.78 5.17 68.75
CA SER CA 461 -38.37 4.17 69.75
C SER CA 461 -36.88 4.20 70.06
N SER CA 462 -36.06 4.04 69.02
CA SER CA 462 -34.58 4.01 69.16
C SER CA 462 -34.00 5.27 69.80
N ILE CA 463 -34.46 6.44 69.34
CA ILE CA 463 -34.04 7.75 69.86
C ILE CA 463 -34.53 8.01 71.29
N TYR CA 464 -35.80 7.71 71.55
CA TYR CA 464 -36.37 7.80 72.90
C TYR CA 464 -35.66 6.84 73.84
N ASN CA 465 -35.34 5.64 73.35
CA ASN CA 465 -34.64 4.66 74.15
C ASN CA 465 -33.19 5.03 74.44
N GLY CA 466 -32.70 6.08 73.78
CA GLY CA 466 -31.39 6.61 74.07
C GLY CA 466 -30.40 6.58 72.93
N ILE CA 467 -30.71 5.84 71.86
CA ILE CA 467 -29.83 5.82 70.69
C ILE CA 467 -30.08 7.08 69.89
N SER CA 468 -29.60 8.22 70.42
CA SER CA 468 -29.88 9.52 69.82
C SER CA 468 -29.02 9.85 68.59
N THR CA 469 -28.45 8.83 67.96
CA THR CA 469 -27.79 9.01 66.68
C THR CA 469 -28.81 8.70 65.59
N SER CA 470 -29.52 7.59 65.79
CA SER CA 470 -30.51 7.08 64.85
C SER CA 470 -31.21 8.16 64.02
N GLY CA 471 -31.03 8.10 62.71
CA GLY CA 471 -31.73 8.96 61.76
C GLY CA 471 -32.51 8.12 60.75
N LEU CA 472 -32.68 8.64 59.54
CA LEU CA 472 -33.49 7.94 58.53
C LEU CA 472 -32.71 7.62 57.27
N ASP CA 473 -32.40 6.34 57.05
CA ASP CA 473 -31.80 5.90 55.79
C ASP CA 473 -32.89 5.92 54.73
N LEU CA 474 -32.92 6.99 53.95
CA LEU CA 474 -34.02 7.27 53.02
C LEU CA 474 -33.91 6.65 51.64
N ASN CA 475 -32.88 5.82 51.44
CA ASN CA 475 -32.74 5.04 50.22
C ASN CA 475 -33.03 3.57 50.47
N ASN CA 476 -32.87 3.15 51.72
CA ASN CA 476 -33.03 1.75 52.11
C ASN CA 476 -34.30 1.48 52.89
N GLY CA 477 -34.87 2.54 53.48
CA GLY CA 477 -36.12 2.45 54.24
C GLY CA 477 -35.95 1.90 55.64
N THR CA 478 -34.83 2.26 56.27
CA THR CA 478 -34.49 1.73 57.60
C THR CA 478 -33.97 2.82 58.51
N ILE CA 479 -33.87 2.49 59.80
CA ILE CA 479 -33.20 3.34 60.77
C ILE CA 479 -31.72 2.95 60.85
N ALA CA 480 -30.85 3.92 60.60
CA ALA CA 480 -29.40 3.69 60.61
C ALA CA 480 -28.66 4.77 61.41
N ASP CA 481 -27.34 4.63 61.51
CA ASP CA 481 -26.52 5.55 62.30
C ASP CA 481 -26.12 6.76 61.47
N MET CA 482 -26.53 7.95 61.91
CA MET CA 482 -26.34 9.15 61.10
C MET CA 482 -24.93 9.70 61.12
N ARG CA 483 -24.21 9.48 62.22
CA ARG CA 483 -22.80 9.84 62.29
C ARG CA 483 -21.98 8.95 61.35
N GLN CA 484 -22.14 7.63 61.50
CA GLN CA 484 -21.41 6.64 60.69
C GLN CA 484 -21.80 6.72 59.22
N LEU CA 485 -22.98 7.27 58.94
CA LEU CA 485 -23.43 7.51 57.56
C LEU CA 485 -23.16 8.92 57.04
N GLY CA 486 -22.73 9.81 57.94
CA GLY CA 486 -22.32 11.17 57.57
C GLY CA 486 -23.41 12.11 57.07
N ILE CA 487 -24.57 12.08 57.73
CA ILE CA 487 -25.67 12.98 57.42
C ILE CA 487 -25.74 14.07 58.48
N VAL CA 488 -24.71 14.91 58.52
CA VAL CA 488 -24.65 15.99 59.51
C VAL CA 488 -25.13 17.33 58.97
N GLU CA 489 -25.59 18.18 59.88
CA GLU CA 489 -26.10 19.51 59.52
C GLU CA 489 -25.55 20.60 60.43
N SER CA 490 -25.79 21.86 60.06
CA SER CA 490 -25.38 23.01 60.86
C SER CA 490 -26.20 23.08 62.13
N TYR CA 491 -25.57 23.50 63.23
CA TYR CA 491 -26.30 23.77 64.45
C TYR CA 491 -27.07 25.05 64.24
N LYS CA 492 -26.39 26.06 63.71
CA LYS CA 492 -26.99 27.36 63.45
C LYS CA 492 -28.23 27.21 62.58
N LEU CA 493 -28.21 26.20 61.72
CA LEU CA 493 -29.32 25.87 60.83
C LEU CA 493 -30.55 25.52 61.66
N LYS CA 494 -30.49 24.41 62.37
CA LYS CA 494 -31.63 23.91 63.13
C LYS CA 494 -32.07 24.88 64.23
N ARG CA 495 -31.12 25.42 64.99
CA ARG CA 495 -31.42 26.40 66.04
C ARG CA 495 -32.34 27.47 65.47
N ALA CA 496 -32.01 27.98 64.28
CA ALA CA 496 -32.83 28.97 63.62
C ALA CA 496 -34.18 28.40 63.19
N VAL CA 497 -34.19 27.18 62.63
CA VAL CA 497 -35.44 26.55 62.15
C VAL CA 497 -36.51 26.49 63.24
N VAL CA 498 -36.11 26.04 64.43
CA VAL CA 498 -37.03 25.98 65.56
C VAL CA 498 -37.36 27.38 66.08
N SER CA 499 -36.34 28.22 66.22
CA SER CA 499 -36.54 29.61 66.63
C SER CA 499 -37.60 30.27 65.75
N SER CA 500 -37.30 30.34 64.45
CA SER CA 500 -38.13 31.02 63.46
C SER CA 500 -39.59 30.56 63.42
N ALA CA 501 -39.79 29.25 63.40
CA ALA CA 501 -41.13 28.66 63.37
C ALA CA 501 -41.91 28.92 64.66
N SER CA 502 -41.22 28.89 65.80
CA SER CA 502 -41.83 29.15 67.10
C SER CA 502 -42.39 30.56 67.17
N GLU CA 503 -41.70 31.48 66.49
CA GLU CA 503 -42.12 32.88 66.41
C GLU CA 503 -43.32 33.04 65.51
N ALA CA 504 -43.36 32.25 64.43
CA ALA CA 504 -44.47 32.28 63.49
C ALA CA 504 -45.79 31.94 64.17
N ALA CA 505 -45.79 30.84 64.92
CA ALA CA 505 -47.00 30.35 65.57
C ALA CA 505 -47.53 31.34 66.60
N GLU CA 506 -46.62 31.94 67.38
CA GLU CA 506 -46.98 32.93 68.40
C GLU CA 506 -47.57 34.24 67.85
N VAL CA 507 -47.26 34.54 66.60
CA VAL CA 507 -47.80 35.72 65.96
C VAL CA 507 -49.23 35.44 65.51
N LEU CA 508 -49.42 34.31 64.84
CA LEU CA 508 -50.69 33.98 64.19
C LEU CA 508 -51.72 33.40 65.15
N LEU CA 509 -51.24 32.76 66.21
CA LEU CA 509 -52.13 32.29 67.26
C LEU CA 509 -52.67 33.46 68.08
N ARG CA 510 -51.91 34.55 68.15
CA ARG CA 510 -52.35 35.76 68.81
C ARG CA 510 -53.42 36.46 67.96
N VAL CA 511 -53.37 36.21 66.65
CA VAL CA 511 -54.33 36.79 65.71
C VAL CA 511 -55.73 36.25 65.95
N ASP CA 512 -56.69 37.18 66.10
CA ASP CA 512 -58.10 36.83 66.21
C ASP CA 512 -58.99 37.73 65.35
N ASN CA 513 -58.37 38.54 64.48
CA ASN CA 513 -59.14 39.47 63.67
C ASN CA 513 -58.35 40.03 62.50
N ILE CA 514 -58.78 39.66 61.30
CA ILE CA 514 -58.16 40.14 60.06
C ILE CA 514 -59.06 41.17 59.38
N ILE CA 515 -58.56 42.39 59.24
CA ILE CA 515 -59.32 43.44 58.58
C ILE CA 515 -58.61 43.95 57.32
N ARG CA 516 -59.24 43.74 56.16
CA ARG CA 516 -58.69 44.15 54.87
C ARG CA 516 -59.34 45.44 54.36
N ALA CA 517 -58.51 46.38 53.94
CA ALA CA 517 -58.99 47.62 53.35
C ALA CA 517 -59.38 47.41 51.88
N ARG CA 518 -60.03 48.40 51.29
CA ARG CA 518 -60.33 48.39 49.86
C ARG CA 518 -59.04 48.62 49.07
N PRO CA 519 -58.67 47.66 48.19
CA PRO CA 519 -57.44 47.71 47.39
C PRO CA 519 -57.30 48.98 46.54
N ARG CA 520 -56.08 49.48 46.39
CA ARG CA 520 -55.81 50.76 45.70
C ARG CA 520 -56.18 50.78 44.21
N PRO DA 6 -49.11 -8.27 52.49
CA PRO DA 6 -49.00 -6.85 52.13
C PRO DA 6 -50.25 -6.33 51.42
N SER DA 7 -51.41 -6.67 51.97
CA SER DA 7 -52.70 -6.28 51.40
C SER DA 7 -52.96 -4.78 51.55
N ASN DA 8 -52.56 -4.22 52.69
CA ASN DA 8 -52.83 -2.82 53.07
C ASN DA 8 -51.90 -1.79 52.47
N ALA DA 9 -50.59 -2.04 52.58
CA ALA DA 9 -49.53 -1.21 51.98
C ALA DA 9 -49.59 0.28 52.35
N THR DA 10 -48.75 1.07 51.67
CA THR DA 10 -48.69 2.52 51.86
C THR DA 10 -49.31 3.19 50.65
N PHE DA 11 -50.44 3.85 50.88
CA PHE DA 11 -51.22 4.43 49.79
C PHE DA 11 -50.66 5.77 49.31
N LYS DA 12 -50.36 5.86 48.02
CA LYS DA 12 -49.92 7.11 47.39
C LYS DA 12 -51.10 8.07 47.38
N ASN DA 13 -50.95 9.17 48.12
CA ASN DA 13 -52.09 10.03 48.41
C ASN DA 13 -52.53 10.91 47.26
N LYS DA 14 -51.70 11.91 46.93
CA LYS DA 14 -52.02 12.91 45.91
C LYS DA 14 -51.73 12.39 44.51
N GLU DA 15 -52.47 12.87 43.50
CA GLU DA 15 -52.30 12.35 42.13
C GLU DA 15 -51.77 13.35 41.09
N LYS DA 16 -51.78 14.64 41.40
CA LYS DA 16 -51.25 15.68 40.50
C LYS DA 16 -49.88 15.32 39.92
N PRO DA 17 -48.94 14.84 40.77
CA PRO DA 17 -47.67 14.29 40.29
C PRO DA 17 -47.84 13.34 39.12
N GLN DA 18 -48.58 12.25 39.34
CA GLN DA 18 -48.83 11.24 38.30
C GLN DA 18 -49.25 11.88 36.97
N GLU DA 19 -50.19 12.82 37.03
CA GLU DA 19 -50.77 13.42 35.81
C GLU DA 19 -49.98 14.60 35.24
N VAL DA 20 -49.19 15.28 36.06
CA VAL DA 20 -48.41 16.40 35.55
C VAL DA 20 -47.27 15.90 34.69
N ARG DA 21 -46.52 14.92 35.21
CA ARG DA 21 -45.42 14.31 34.46
C ARG DA 21 -45.91 13.76 33.12
N LYS DA 22 -47.05 13.09 33.13
CA LYS DA 22 -47.61 12.50 31.91
C LYS DA 22 -47.83 13.56 30.85
N ALA DA 23 -48.53 14.64 31.24
CA ALA DA 23 -48.94 15.69 30.31
C ALA DA 23 -47.79 16.59 29.86
N ASN DA 24 -46.70 16.62 30.64
CA ASN DA 24 -45.48 17.32 30.25
C ASN DA 24 -44.76 16.59 29.12
N ILE DA 25 -44.58 15.29 29.29
CA ILE DA 25 -44.03 14.42 28.25
C ILE DA 25 -44.76 14.68 26.93
N ILE DA 26 -46.09 14.76 27.03
CA ILE DA 26 -47.01 15.02 25.90
C ILE DA 26 -46.76 16.38 25.23
N ALA DA 27 -46.62 17.42 26.03
CA ALA DA 27 -46.38 18.77 25.54
C ALA DA 27 -44.96 18.91 24.99
N ALA DA 28 -44.09 17.99 25.36
CA ALA DA 28 -42.73 17.99 24.87
C ALA DA 28 -42.62 17.24 23.54
N ARG DA 29 -43.02 15.97 23.54
CA ARG DA 29 -42.97 15.11 22.33
C ARG DA 29 -43.55 15.82 21.12
N SER DA 30 -44.48 16.75 21.36
CA SER DA 30 -45.12 17.53 20.29
C SER DA 30 -44.13 18.43 19.58
N VAL DA 31 -43.21 19.02 20.33
CA VAL DA 31 -42.16 19.85 19.77
C VAL DA 31 -41.18 18.99 18.97
N ALA DA 32 -40.70 17.92 19.61
CA ALA DA 32 -39.80 16.95 18.97
C ALA DA 32 -40.42 16.33 17.72
N ASP DA 33 -41.76 16.34 17.66
CA ASP DA 33 -42.50 15.83 16.51
C ASP DA 33 -42.47 16.80 15.35
N ALA DA 34 -42.69 18.08 15.65
CA ALA DA 34 -42.74 19.13 14.65
C ALA DA 34 -41.47 19.17 13.78
N ILE DA 35 -40.36 18.72 14.34
CA ILE DA 35 -39.06 18.78 13.67
C ILE DA 35 -38.74 17.56 12.79
N ARG DA 36 -39.34 16.42 13.11
CA ARG DA 36 -38.97 15.13 12.48
C ARG DA 36 -38.86 15.18 10.95
N THR DA 37 -39.64 16.08 10.34
CA THR DA 37 -39.63 16.29 8.90
C THR DA 37 -38.31 16.88 8.42
N SER DA 38 -37.63 17.61 9.31
CA SER DA 38 -36.43 18.38 8.96
C SER DA 38 -35.15 17.73 9.50
N LEU DA 39 -34.98 16.44 9.22
CA LEU DA 39 -33.80 15.69 9.63
C LEU DA 39 -33.20 14.91 8.45
N GLY DA 40 -31.88 14.99 8.32
CA GLY DA 40 -31.15 14.23 7.31
C GLY DA 40 -31.25 14.80 5.91
N PRO DA 41 -30.72 14.07 4.91
CA PRO DA 41 -30.63 14.55 3.54
C PRO DA 41 -31.98 14.60 2.85
N LYS DA 42 -32.93 13.78 3.30
CA LYS DA 42 -34.31 13.84 2.81
C LYS DA 42 -35.19 14.63 3.80
N GLY DA 43 -34.54 15.45 4.61
CA GLY DA 43 -35.22 16.38 5.52
C GLY DA 43 -35.70 17.61 4.78
N MET DA 44 -36.67 18.30 5.38
CA MET DA 44 -37.34 19.44 4.76
C MET DA 44 -37.40 20.71 5.63
N ASP DA 45 -37.11 21.84 5.01
CA ASP DA 45 -37.03 23.15 5.64
C ASP DA 45 -38.40 23.74 6.01
N LYS DA 46 -38.40 24.59 7.04
CA LYS DA 46 -39.63 25.25 7.49
C LYS DA 46 -39.52 26.76 7.42
N MET DA 47 -40.59 27.39 6.95
CA MET DA 47 -40.67 28.84 6.83
C MET DA 47 -41.41 29.48 8.01
N ILE DA 48 -40.71 30.31 8.78
CA ILE DA 48 -41.29 30.99 9.92
C ILE DA 48 -41.36 32.50 9.68
N LYS DA 49 -42.55 33.07 9.84
CA LYS DA 49 -42.70 34.52 9.85
C LYS DA 49 -42.62 35.00 11.29
N THR DA 50 -41.70 35.93 11.53
CA THR DA 50 -41.41 36.48 12.86
C THR DA 50 -42.58 37.30 13.38
N SER DA 51 -42.75 37.30 14.70
CA SER DA 51 -43.70 38.19 15.36
C SER DA 51 -43.54 39.62 14.86
N ARG DA 52 -42.29 40.03 14.63
CA ARG DA 52 -41.98 41.35 14.07
C ARG DA 52 -42.42 41.47 12.59
N GLY DA 53 -42.11 40.47 11.77
CA GLY DA 53 -42.56 40.45 10.37
C GLY DA 53 -41.60 39.88 9.34
N GLU DA 54 -40.33 39.74 9.71
CA GLU DA 54 -39.28 39.20 8.81
C GLU DA 54 -39.46 37.69 8.53
N ILE DA 55 -39.09 37.27 7.33
CA ILE DA 55 -39.35 35.89 6.86
C ILE DA 55 -38.11 35.00 6.95
N ILE DA 56 -38.23 33.87 7.66
CA ILE DA 56 -37.11 32.93 7.88
C ILE DA 56 -37.36 31.52 7.34
N ILE DA 57 -36.51 31.09 6.40
CA ILE DA 57 -36.54 29.73 5.87
C ILE DA 57 -35.23 29.03 6.25
N SER DA 58 -35.35 27.86 6.88
CA SER DA 58 -34.21 27.21 7.50
C SER DA 58 -34.34 25.70 7.69
N ASN DA 59 -33.20 25.07 8.02
CA ASN DA 59 -33.13 23.64 8.33
C ASN DA 59 -32.43 23.41 9.67
N ASP DA 60 -31.55 24.35 10.05
CA ASP DA 60 -30.84 24.33 11.34
C ASP DA 60 -31.87 24.31 12.47
N GLY DA 61 -31.93 23.19 13.18
CA GLY DA 61 -32.97 22.92 14.19
C GLY DA 61 -33.14 23.96 15.29
N HIS DA 62 -32.03 24.46 15.81
CA HIS DA 62 -32.04 25.52 16.80
C HIS DA 62 -32.65 26.80 16.22
N THR DA 63 -32.29 27.10 14.98
CA THR DA 63 -32.86 28.25 14.29
C THR DA 63 -34.38 28.09 14.13
N ILE DA 64 -34.84 26.87 13.85
CA ILE DA 64 -36.26 26.61 13.67
C ILE DA 64 -37.00 26.74 14.99
N LEU DA 65 -36.38 26.28 16.06
CA LEU DA 65 -37.04 26.26 17.36
C LEU DA 65 -37.06 27.61 18.05
N LYS DA 66 -35.97 28.37 17.92
CA LYS DA 66 -35.84 29.68 18.54
C LYS DA 66 -36.82 30.68 17.93
N GLN DA 67 -37.22 30.42 16.68
CA GLN DA 67 -38.10 31.35 15.98
C GLN DA 67 -39.57 30.98 15.91
N MET DA 68 -39.90 29.71 16.15
CA MET DA 68 -41.29 29.30 16.35
C MET DA 68 -41.70 29.58 17.79
N ALA DA 69 -42.92 30.08 17.98
CA ALA DA 69 -43.36 30.58 19.28
C ALA DA 69 -43.85 29.47 20.21
N ILE DA 70 -42.91 28.81 20.89
CA ILE DA 70 -43.29 27.72 21.79
C ILE DA 70 -43.72 28.27 23.15
N LEU DA 71 -44.87 27.80 23.62
CA LEU DA 71 -45.56 28.38 24.77
C LEU DA 71 -45.38 27.61 26.08
N HIS DA 72 -45.48 26.29 26.01
CA HIS DA 72 -45.38 25.43 27.19
C HIS DA 72 -43.97 25.43 27.79
N PRO DA 73 -43.86 25.81 29.06
CA PRO DA 73 -42.55 26.03 29.68
C PRO DA 73 -41.61 24.83 29.53
N VAL DA 74 -42.12 23.62 29.72
CA VAL DA 74 -41.33 22.39 29.57
C VAL DA 74 -40.89 22.21 28.13
N ALA DA 75 -41.81 22.42 27.20
CA ALA DA 75 -41.50 22.36 25.78
C ALA DA 75 -40.40 23.36 25.44
N ARG DA 76 -40.41 24.49 26.13
CA ARG DA 76 -39.41 25.55 25.94
C ARG DA 76 -38.01 25.09 26.34
N MET DA 77 -37.96 24.10 27.23
CA MET DA 77 -36.69 23.55 27.69
C MET DA 77 -35.96 22.85 26.56
N LEU DA 78 -36.73 22.24 25.66
CA LEU DA 78 -36.18 21.61 24.47
C LEU DA 78 -35.40 22.60 23.62
N VAL DA 79 -35.92 23.83 23.49
CA VAL DA 79 -35.24 24.89 22.75
C VAL DA 79 -33.84 25.07 23.32
N GLU DA 80 -33.77 25.19 24.64
CA GLU DA 80 -32.50 25.39 25.31
C GLU DA 80 -31.52 24.24 25.03
N VAL DA 81 -32.02 23.00 24.99
CA VAL DA 81 -31.18 21.81 24.72
C VAL DA 81 -30.60 21.87 23.31
N SER DA 82 -31.44 22.25 22.35
CA SER DA 82 -30.99 22.43 20.98
C SER DA 82 -29.99 23.58 20.91
N ALA DA 83 -30.22 24.61 21.70
CA ALA DA 83 -29.31 25.75 21.80
C ALA DA 83 -27.96 25.31 22.37
N ALA DA 84 -28.01 24.48 23.40
CA ALA DA 84 -26.81 23.95 24.04
C ALA DA 84 -25.99 23.10 23.08
N GLN DA 85 -26.66 22.35 22.21
CA GLN DA 85 -25.96 21.54 21.22
C GLN DA 85 -25.23 22.43 20.21
N ASP DA 86 -25.83 23.57 19.87
CA ASP DA 86 -25.23 24.51 18.92
C ASP DA 86 -23.98 25.16 19.53
N SER DA 87 -23.94 25.21 20.86
CA SER DA 87 -22.83 25.82 21.59
C SER DA 87 -21.83 24.77 22.09
N GLU DA 88 -21.99 23.54 21.60
CA GLU DA 88 -21.05 22.46 21.90
C GLU DA 88 -20.63 21.77 20.62
N ALA DA 89 -21.46 21.88 19.58
CA ALA DA 89 -21.23 21.21 18.31
C ALA DA 89 -21.57 22.06 17.09
N GLY DA 90 -22.59 22.92 17.20
CA GLY DA 90 -23.05 23.73 16.07
C GLY DA 90 -23.81 22.89 15.05
N ASP DA 91 -23.75 21.58 15.25
CA ASP DA 91 -24.45 20.59 14.43
C ASP DA 91 -25.07 19.55 15.35
N GLY DA 92 -26.27 19.10 15.00
CA GLY DA 92 -26.97 18.11 15.83
C GLY DA 92 -28.08 18.71 16.68
N THR DA 93 -28.38 19.98 16.43
CA THR DA 93 -29.47 20.69 17.12
C THR DA 93 -30.83 20.11 16.76
N THR DA 94 -30.88 19.33 15.70
CA THR DA 94 -32.06 18.58 15.33
C THR DA 94 -32.03 17.22 16.04
N SER DA 95 -30.93 16.49 15.87
CA SER DA 95 -30.73 15.16 16.47
C SER DA 95 -31.00 15.14 17.97
N VAL DA 96 -30.54 16.19 18.66
CA VAL DA 96 -30.62 16.26 20.11
C VAL DA 96 -32.06 16.47 20.61
N VAL DA 97 -32.87 17.15 19.83
CA VAL DA 97 -34.25 17.38 20.22
C VAL DA 97 -35.05 16.09 20.09
N ILE DA 98 -35.00 15.47 18.91
CA ILE DA 98 -35.77 14.25 18.65
C ILE DA 98 -35.42 13.12 19.61
N LEU DA 99 -34.15 13.04 20.01
CA LEU DA 99 -33.71 12.07 21.02
C LEU DA 99 -34.41 12.30 22.35
N THR DA 100 -34.65 13.57 22.67
CA THR DA 100 -35.37 13.94 23.88
C THR DA 100 -36.84 13.53 23.76
N GLY DA 101 -37.40 13.66 22.57
CA GLY DA 101 -38.79 13.27 22.30
C GLY DA 101 -38.99 11.77 22.19
N ALA DA 102 -37.88 11.03 22.20
CA ALA DA 102 -37.89 9.57 22.18
C ALA DA 102 -37.52 9.00 23.55
N LEU DA 103 -36.67 9.74 24.27
CA LEU DA 103 -36.31 9.39 25.63
C LEU DA 103 -37.49 9.65 26.56
N LEU DA 104 -38.19 10.76 26.35
CA LEU DA 104 -39.39 11.09 27.11
C LEU DA 104 -40.51 10.08 26.84
N GLY DA 105 -40.74 9.77 25.56
CA GLY DA 105 -41.66 8.70 25.18
C GLY DA 105 -41.32 7.39 25.89
N ALA DA 106 -40.02 7.13 26.02
CA ALA DA 106 -39.52 5.96 26.74
C ALA DA 106 -39.84 6.05 28.24
N ALA DA 107 -39.67 7.24 28.80
CA ALA DA 107 -39.96 7.47 30.22
C ALA DA 107 -41.44 7.35 30.51
N GLU DA 108 -42.26 7.73 29.53
CA GLU DA 108 -43.71 7.63 29.62
C GLU DA 108 -44.11 6.18 29.81
N ARG DA 109 -43.60 5.31 28.93
CA ARG DA 109 -43.88 3.86 28.98
C ARG DA 109 -43.47 3.25 30.32
N LEU DA 110 -42.34 3.71 30.85
CA LEU DA 110 -41.85 3.25 32.14
C LEU DA 110 -42.70 3.76 33.29
N LEU DA 111 -43.16 5.00 33.20
CA LEU DA 111 -44.07 5.57 34.20
C LEU DA 111 -45.44 4.89 34.18
N ASN DA 112 -45.89 4.53 32.97
CA ASN DA 112 -47.08 3.71 32.76
C ASN DA 112 -46.93 2.36 33.51
N LYS DA 113 -45.76 1.74 33.38
CA LYS DA 113 -45.44 0.47 34.05
C LYS DA 113 -44.96 0.64 35.50
N GLY DA 114 -45.14 1.83 36.05
CA GLY DA 114 -44.99 2.09 37.49
C GLY DA 114 -43.58 2.06 38.06
N ILE DA 115 -42.69 2.90 37.51
CA ILE DA 115 -41.34 3.09 38.06
C ILE DA 115 -41.22 4.55 38.54
N HIS DA 116 -40.60 4.75 39.70
CA HIS DA 116 -40.37 6.10 40.23
C HIS DA 116 -39.41 6.87 39.33
N PRO DA 117 -39.82 8.06 38.85
CA PRO DA 117 -39.07 8.81 37.85
C PRO DA 117 -37.62 9.09 38.24
N THR DA 118 -37.36 9.20 39.54
CA THR DA 118 -36.00 9.40 40.05
C THR DA 118 -35.09 8.22 39.67
N ILE DA 119 -35.63 7.00 39.77
CA ILE DA 119 -34.96 5.77 39.30
C ILE DA 119 -34.78 5.79 37.79
N ILE DA 120 -35.77 6.36 37.09
CA ILE DA 120 -35.71 6.50 35.63
C ILE DA 120 -34.64 7.51 35.25
N ALA DA 121 -34.71 8.69 35.88
CA ALA DA 121 -33.79 9.79 35.58
C ALA DA 121 -32.33 9.40 35.78
N ASP DA 122 -32.02 8.81 36.93
CA ASP DA 122 -30.65 8.42 37.27
C ASP DA 122 -30.11 7.31 36.38
N SER DA 123 -30.94 6.30 36.10
CA SER DA 123 -30.55 5.20 35.20
C SER DA 123 -30.51 5.58 33.72
N PHE DA 124 -31.21 6.66 33.35
CA PHE DA 124 -31.14 7.23 32.00
C PHE DA 124 -29.84 7.98 31.79
N GLN DA 125 -29.34 8.59 32.86
CA GLN DA 125 -28.07 9.27 32.81
C GLN DA 125 -26.92 8.27 32.95
N SER DA 126 -27.22 7.12 33.57
CA SER DA 126 -26.29 5.99 33.59
C SER DA 126 -26.20 5.38 32.20
N ALA DA 127 -27.26 5.59 31.43
CA ALA DA 127 -27.33 5.15 30.04
C ALA DA 127 -26.44 6.00 29.18
N ALA DA 128 -26.38 7.30 29.50
CA ALA DA 128 -25.54 8.24 28.78
C ALA DA 128 -24.06 7.93 29.01
N LYS DA 129 -23.66 7.80 30.27
CA LYS DA 129 -22.28 7.52 30.62
C LYS DA 129 -21.70 6.34 29.83
N ARG DA 130 -22.43 5.23 29.78
CA ARG DA 130 -22.00 4.03 29.05
C ARG DA 130 -22.06 4.24 27.53
N SER DA 131 -22.98 5.08 27.08
CA SER DA 131 -23.15 5.37 25.66
C SER DA 131 -21.98 6.19 25.10
N VAL DA 132 -21.66 7.31 25.75
CA VAL DA 132 -20.56 8.18 25.35
C VAL DA 132 -19.25 7.40 25.34
N ASP DA 133 -19.14 6.45 26.26
CA ASP DA 133 -17.99 5.55 26.35
C ASP DA 133 -17.86 4.67 25.11
N ILE DA 134 -18.99 4.17 24.60
CA ILE DA 134 -19.00 3.34 23.39
C ILE DA 134 -18.55 4.16 22.18
N LEU DA 135 -19.11 5.37 22.06
CA LEU DA 135 -18.78 6.29 20.97
C LEU DA 135 -17.31 6.67 20.96
N LEU DA 136 -16.73 6.86 22.14
CA LEU DA 136 -15.31 7.15 22.27
C LEU DA 136 -14.40 5.94 21.99
N GLU DA 137 -14.94 4.74 22.16
CA GLU DA 137 -14.20 3.49 21.89
C GLU DA 137 -14.29 3.07 20.42
N MET DA 138 -15.44 3.32 19.81
CA MET DA 138 -15.71 2.91 18.44
C MET DA 138 -15.14 3.87 17.40
N CYS DA 139 -15.10 5.16 17.75
CA CYS DA 139 -14.70 6.20 16.81
C CYS DA 139 -13.30 5.96 16.28
N HIS DA 140 -13.12 6.23 14.98
CA HIS DA 140 -11.79 6.27 14.40
C HIS DA 140 -11.23 7.68 14.48
N LYS DA 141 -9.99 7.80 14.93
CA LYS DA 141 -9.32 9.09 15.11
C LYS DA 141 -8.94 9.69 13.76
N VAL DA 142 -8.72 11.00 13.73
CA VAL DA 142 -8.34 11.71 12.50
C VAL DA 142 -7.02 12.46 12.68
N SER DA 143 -6.16 12.39 11.66
CA SER DA 143 -4.98 13.26 11.58
C SER DA 143 -5.50 14.68 11.47
N LEU DA 144 -5.11 15.53 12.41
CA LEU DA 144 -5.65 16.90 12.53
C LEU DA 144 -5.53 17.72 11.24
N SER DA 145 -4.61 17.33 10.36
CA SER DA 145 -4.49 17.89 9.00
C SER DA 145 -4.55 16.79 7.92
N ASP DA 146 -5.75 16.28 7.70
CA ASP DA 146 -6.06 15.26 6.70
C ASP DA 146 -7.27 15.74 5.88
N ARG DA 147 -6.99 16.48 4.81
CA ARG DA 147 -8.03 17.11 3.99
C ARG DA 147 -9.08 16.11 3.50
N GLU DA 148 -8.62 15.03 2.85
CA GLU DA 148 -9.49 14.02 2.23
C GLU DA 148 -10.69 13.62 3.08
N GLN DA 149 -10.47 13.39 4.37
CA GLN DA 149 -11.55 13.02 5.26
C GLN DA 149 -12.21 14.25 5.90
N LEU DA 150 -11.42 15.23 6.30
CA LEU DA 150 -11.95 16.48 6.90
C LEU DA 150 -12.97 17.19 6.01
N VAL DA 151 -12.75 17.12 4.70
CA VAL DA 151 -13.69 17.67 3.73
C VAL DA 151 -14.95 16.80 3.66
N ARG DA 152 -14.78 15.49 3.65
CA ARG DA 152 -15.92 14.56 3.65
C ARG DA 152 -16.84 14.77 4.86
N ALA DA 153 -16.28 15.30 5.94
CA ALA DA 153 -17.03 15.57 7.16
C ALA DA 153 -17.95 16.76 7.02
N ALA DA 154 -17.47 17.79 6.32
CA ALA DA 154 -18.26 18.99 6.05
C ALA DA 154 -19.33 18.69 5.00
N SER DA 155 -18.93 17.91 4.00
CA SER DA 155 -19.81 17.51 2.89
C SER DA 155 -21.06 16.81 3.40
N THR DA 156 -20.89 15.99 4.43
CA THR DA 156 -21.99 15.28 5.06
C THR DA 156 -22.91 16.28 5.78
N SER DA 157 -22.30 17.23 6.48
CA SER DA 157 -23.02 18.21 7.29
C SER DA 157 -23.89 19.16 6.47
N LEU DA 158 -23.42 19.48 5.26
CA LEU DA 158 -24.13 20.38 4.37
C LEU DA 158 -25.28 19.71 3.63
N SER DA 159 -25.06 18.47 3.19
CA SER DA 159 -26.03 17.71 2.39
C SER DA 159 -27.29 17.42 3.19
N SER DA 160 -28.12 18.44 3.34
CA SER DA 160 -29.29 18.43 4.21
C SER DA 160 -30.01 19.78 4.09
N LYS DA 161 -29.26 20.77 3.62
CA LYS DA 161 -29.71 22.15 3.58
C LYS DA 161 -29.69 22.71 2.16
N ILE DA 162 -30.45 23.79 1.93
CA ILE DA 162 -30.64 24.37 0.59
C ILE DA 162 -29.35 24.61 -0.21
N VAL DA 163 -28.23 24.63 0.51
CA VAL DA 163 -26.93 24.91 -0.10
C VAL DA 163 -26.18 23.62 -0.52
N SER DA 164 -26.89 22.51 -0.53
CA SER DA 164 -26.33 21.19 -0.89
C SER DA 164 -26.02 21.06 -2.38
N GLN DA 165 -26.61 21.93 -3.18
CA GLN DA 165 -26.37 22.02 -4.63
C GLN DA 165 -24.91 22.38 -4.93
N TYR DA 166 -24.34 23.23 -4.09
CA TYR DA 166 -22.98 23.71 -4.23
C TYR DA 166 -22.13 23.24 -3.04
N SER DA 167 -22.49 22.10 -2.48
CA SER DA 167 -21.73 21.45 -1.40
C SER DA 167 -20.35 21.05 -1.90
N SER DA 168 -20.24 20.92 -3.22
CA SER DA 168 -18.99 20.63 -3.91
C SER DA 168 -17.88 21.61 -3.50
N PHE DA 169 -18.11 22.89 -3.73
CA PHE DA 169 -17.09 23.92 -3.46
C PHE DA 169 -17.23 24.54 -2.06
N LEU DA 170 -18.39 24.34 -1.43
CA LEU DA 170 -18.68 24.97 -0.15
C LEU DA 170 -18.03 24.23 1.02
N ALA DA 171 -17.93 22.90 0.89
CA ALA DA 171 -17.35 22.06 1.94
C ALA DA 171 -15.86 22.31 2.14
N PRO DA 172 -15.05 22.26 1.05
CA PRO DA 172 -13.61 22.47 1.19
C PRO DA 172 -13.22 23.87 1.65
N LEU DA 173 -13.89 24.90 1.14
CA LEU DA 173 -13.62 26.29 1.56
C LEU DA 173 -14.09 26.60 2.99
N ALA DA 174 -14.79 25.65 3.59
CA ALA DA 174 -15.16 25.70 5.00
C ALA DA 174 -14.08 25.01 5.84
N VAL DA 175 -13.57 23.89 5.31
CA VAL DA 175 -12.46 23.16 5.95
C VAL DA 175 -11.16 23.96 5.81
N ASP DA 176 -10.94 24.50 4.61
CA ASP DA 176 -9.83 25.40 4.29
C ASP DA 176 -9.73 26.52 5.31
N SER DA 177 -10.89 27.05 5.70
CA SER DA 177 -11.01 28.24 6.54
C SER DA 177 -10.68 28.01 8.02
N VAL DA 178 -11.15 26.89 8.57
CA VAL DA 178 -11.01 26.59 10.00
C VAL DA 178 -9.57 26.23 10.39
N LEU DA 179 -8.85 25.54 9.51
CA LEU DA 179 -7.47 25.15 9.77
C LEU DA 179 -6.49 26.33 9.74
N LYS DA 180 -6.76 27.30 8.87
CA LYS DA 180 -5.95 28.51 8.77
C LYS DA 180 -6.11 29.38 10.00
N ILE DA 181 -7.32 29.40 10.55
CA ILE DA 181 -7.65 30.20 11.72
C ILE DA 181 -7.41 29.41 13.02
N SER DA 182 -7.00 28.15 12.86
CA SER DA 182 -6.80 27.24 13.98
C SER DA 182 -5.51 27.54 14.75
N ASP DA 183 -4.69 26.50 14.96
CA ASP DA 183 -3.45 26.59 15.75
C ASP DA 183 -2.66 25.28 15.71
N GLU DA 184 -1.47 25.31 16.33
CA GLU DA 184 -0.68 24.09 16.54
C GLU DA 184 -1.12 23.37 17.83
N ASN DA 185 -1.33 24.16 18.89
CA ASN DA 185 -1.81 23.64 20.17
C ASN DA 185 -3.33 23.35 20.18
N SER DA 186 -3.97 23.51 19.01
CA SER DA 186 -5.40 23.26 18.82
C SER DA 186 -6.31 24.13 19.71
N LYS DA 187 -6.65 23.61 20.90
CA LYS DA 187 -7.49 24.30 21.91
C LYS DA 187 -9.01 24.25 21.67
N ASN DA 188 -9.62 25.34 21.22
CA ASN DA 188 -11.09 25.40 21.10
C ASN DA 188 -11.67 26.20 19.93
N VAL DA 189 -10.83 27.03 19.28
CA VAL DA 189 -11.20 27.81 18.07
C VAL DA 189 -12.35 28.83 18.24
N ASP DA 190 -12.06 30.09 17.94
CA ASP DA 190 -13.08 31.14 17.92
C ASP DA 190 -13.58 31.35 16.50
N LEU DA 191 -14.89 31.27 16.31
CA LEU DA 191 -15.51 31.51 15.01
C LEU DA 191 -15.95 32.95 14.81
N ASN DA 192 -15.47 33.84 15.67
CA ASN DA 192 -15.64 35.29 15.51
C ASN DA 192 -14.56 35.86 14.58
N ASP DA 193 -13.63 35.00 14.17
CA ASP DA 193 -12.53 35.40 13.31
C ASP DA 193 -12.81 35.05 11.84
N ILE DA 194 -13.76 34.15 11.62
CA ILE DA 194 -14.24 33.82 10.28
C ILE DA 194 -15.27 34.88 9.85
N ARG DA 195 -14.93 35.68 8.84
CA ARG DA 195 -15.78 36.81 8.44
C ARG DA 195 -16.77 36.46 7.32
N LEU DA 196 -18.04 36.40 7.69
CA LEU DA 196 -19.13 36.11 6.75
C LEU DA 196 -19.98 37.36 6.50
N VAL DA 197 -19.77 37.99 5.34
CA VAL DA 197 -20.49 39.20 4.95
C VAL DA 197 -21.54 38.88 3.86
N LYS DA 198 -22.76 39.34 4.06
CA LYS DA 198 -23.85 39.07 3.12
C LYS DA 198 -24.05 40.23 2.14
N LYS DA 199 -24.47 39.91 0.92
CA LYS DA 199 -24.87 40.91 -0.09
C LYS DA 199 -25.89 40.28 -1.03
N VAL DA 200 -27.05 40.92 -1.16
CA VAL DA 200 -28.16 40.34 -1.92
C VAL DA 200 -27.90 40.40 -3.42
N GLY DA 201 -28.12 39.29 -4.10
CA GLY DA 201 -28.04 39.24 -5.57
C GLY DA 201 -27.31 38.06 -6.15
N GLY DA 202 -27.82 37.56 -7.26
CA GLY DA 202 -27.15 36.48 -8.01
C GLY DA 202 -27.61 35.09 -7.64
N THR DA 203 -26.67 34.28 -7.17
CA THR DA 203 -26.90 32.88 -6.82
C THR DA 203 -25.91 32.52 -5.74
N ILE DA 204 -26.21 31.46 -4.97
CA ILE DA 204 -25.28 30.91 -3.97
C ILE DA 204 -23.94 30.54 -4.63
N ASP DA 205 -24.00 30.21 -5.91
CA ASP DA 205 -22.83 29.99 -6.77
C ASP DA 205 -21.74 31.06 -6.60
N ASP DA 206 -22.16 32.33 -6.57
CA ASP DA 206 -21.23 33.47 -6.56
C ASP DA 206 -20.52 33.74 -5.23
N THR DA 207 -20.70 32.83 -4.28
CA THR DA 207 -20.00 32.86 -2.99
C THR DA 207 -18.49 32.62 -3.23
N GLU DA 208 -17.65 33.41 -2.59
CA GLU DA 208 -16.19 33.34 -2.81
C GLU DA 208 -15.34 33.61 -1.56
N MET DA 209 -14.34 32.76 -1.35
CA MET DA 209 -13.30 32.98 -0.34
C MET DA 209 -12.41 34.10 -0.86
N ILE DA 210 -12.34 35.21 -0.13
CA ILE DA 210 -11.51 36.33 -0.55
C ILE DA 210 -10.13 36.28 0.10
N ASP DA 211 -9.08 36.50 -0.70
CA ASP DA 211 -7.69 36.45 -0.25
C ASP DA 211 -7.25 37.67 0.57
N GLY DA 212 -7.99 37.96 1.64
CA GLY DA 212 -7.64 39.07 2.53
C GLY DA 212 -8.75 39.46 3.48
N VAL DA 213 -9.33 40.63 3.23
CA VAL DA 213 -10.35 41.21 4.11
C VAL DA 213 -11.53 41.76 3.30
N VAL DA 214 -12.74 41.58 3.83
CA VAL DA 214 -13.94 42.22 3.31
C VAL DA 214 -14.35 43.32 4.29
N LEU DA 215 -14.68 44.50 3.77
CA LEU DA 215 -15.14 45.62 4.60
C LEU DA 215 -16.64 45.89 4.44
N THR DA 216 -17.23 46.50 5.47
CA THR DA 216 -18.65 46.79 5.49
C THR DA 216 -18.98 48.15 4.86
N GLN DA 217 -18.16 49.15 5.15
CA GLN DA 217 -18.39 50.51 4.64
C GLN DA 217 -17.83 50.69 3.22
N THR DA 218 -18.08 51.86 2.62
CA THR DA 218 -17.61 52.18 1.25
C THR DA 218 -16.74 53.44 1.23
N ALA DA 219 -16.07 53.66 0.10
CA ALA DA 219 -15.32 54.89 -0.12
C ALA DA 219 -16.27 56.08 -0.18
N ILE DA 220 -15.92 57.15 0.51
CA ILE DA 220 -16.85 58.26 0.76
C ILE DA 220 -17.32 58.99 -0.51
N LYS DA 221 -16.38 59.31 -1.40
CA LYS DA 221 -16.66 59.94 -2.70
C LYS DA 221 -17.44 61.27 -2.62
N SER DA 222 -17.70 61.77 -1.40
CA SER DA 222 -18.31 63.08 -1.20
C SER DA 222 -17.49 64.16 -1.91
N ALA DA 223 -16.17 64.08 -1.72
CA ALA DA 223 -15.23 64.91 -2.45
C ALA DA 223 -14.32 64.03 -3.30
N GLY DA 224 -14.18 64.41 -4.57
CA GLY DA 224 -13.34 63.67 -5.52
C GLY DA 224 -13.82 62.25 -5.78
N GLY DA 225 -12.91 61.42 -6.29
CA GLY DA 225 -13.27 60.04 -6.61
C GLY DA 225 -12.18 59.00 -6.41
N PRO DA 226 -11.66 58.86 -5.17
CA PRO DA 226 -10.80 57.70 -4.91
C PRO DA 226 -11.64 56.46 -4.51
N THR DA 227 -11.44 55.34 -5.21
CA THR DA 227 -12.25 54.12 -5.04
C THR DA 227 -11.39 52.83 -5.07
N ARG DA 228 -10.38 52.82 -5.94
CA ARG DA 228 -9.49 51.67 -6.14
C ARG DA 228 -8.01 52.08 -6.17
N LYS DA 229 -7.36 52.01 -5.02
CA LYS DA 229 -5.94 52.37 -4.88
C LYS DA 229 -5.03 51.15 -4.93
N GLU DA 230 -4.08 51.19 -5.86
CA GLU DA 230 -3.16 50.08 -6.11
C GLU DA 230 -1.82 50.27 -5.39
N LYS DA 231 -1.12 49.16 -5.13
CA LYS DA 231 0.11 49.17 -4.33
C LYS DA 231 -0.09 50.00 -3.07
N ALA DA 232 -1.07 49.57 -2.26
CA ALA DA 232 -1.58 50.40 -1.19
C ALA DA 232 -0.89 50.20 0.16
N LYS DA 233 -0.98 51.24 0.99
CA LYS DA 233 -0.63 51.15 2.40
C LYS DA 233 -1.82 51.66 3.19
N ILE DA 234 -2.31 50.85 4.14
CA ILE DA 234 -3.54 51.19 4.84
C ILE DA 234 -3.29 51.60 6.29
N GLY DA 235 -3.78 52.78 6.65
CA GLY DA 235 -3.77 53.22 8.03
C GLY DA 235 -5.10 52.93 8.70
N LEU DA 236 -5.12 52.98 10.03
CA LEU DA 236 -6.34 52.76 10.81
C LEU DA 236 -6.45 53.78 11.94
N ILE DA 237 -7.32 54.76 11.73
CA ILE DA 237 -7.50 55.88 12.64
C ILE DA 237 -8.52 55.57 13.73
N GLN DA 238 -8.18 55.90 14.97
CA GLN DA 238 -9.14 55.86 16.08
C GLN DA 238 -9.67 57.27 16.36
N PHE DA 239 -8.94 58.29 15.89
CA PHE DA 239 -9.29 59.68 16.20
C PHE DA 239 -10.27 60.35 15.23
N GLN DA 240 -10.57 61.62 15.54
CA GLN DA 240 -11.46 62.44 14.76
C GLN DA 240 -10.67 63.48 13.96
N ILE DA 241 -10.80 63.44 12.63
CA ILE DA 241 -10.25 64.47 11.75
C ILE DA 241 -11.31 65.54 11.53
N SER DA 242 -11.41 66.46 12.47
CA SER DA 242 -12.36 67.57 12.43
C SER DA 242 -11.67 68.83 12.94
N PRO DA 243 -12.43 69.90 13.26
CA PRO DA 243 -11.80 71.07 13.88
C PRO DA 243 -11.94 71.05 15.41
N PRO DA 244 -11.44 69.98 16.05
CA PRO DA 244 -12.03 69.46 17.27
C PRO DA 244 -11.88 70.34 18.49
N LYS DA 245 -12.72 70.06 19.48
CA LYS DA 245 -12.76 70.77 20.73
C LYS DA 245 -12.35 69.80 21.84
N PRO DA 246 -11.69 70.32 22.89
CA PRO DA 246 -11.34 69.50 24.05
C PRO DA 246 -12.57 68.99 24.78
N ASP DA 247 -12.42 67.88 25.50
CA ASP DA 247 -13.52 67.25 26.22
C ASP DA 247 -14.23 68.18 27.25
N THR DA 248 -13.72 69.41 27.40
CA THR DA 248 -14.27 70.37 28.36
C THR DA 248 -15.03 71.50 27.66
N GLU DA 249 -16.12 71.93 28.29
CA GLU DA 249 -17.05 72.93 27.72
C GLU DA 249 -16.30 74.16 27.23
N ASN DA 250 -16.05 74.23 25.92
CA ASN DA 250 -15.31 75.33 25.31
C ASN DA 250 -16.12 76.10 24.25
N ASN DA 251 -15.79 77.37 24.08
CA ASN DA 251 -16.49 78.24 23.14
C ASN DA 251 -15.61 79.38 22.66
N ILE DA 252 -15.38 79.46 21.35
CA ILE DA 252 -14.55 80.51 20.75
C ILE DA 252 -15.27 81.85 20.73
N ILE DA 253 -14.87 82.75 21.62
CA ILE DA 253 -15.44 84.09 21.71
C ILE DA 253 -14.73 85.02 20.74
N VAL DA 254 -15.51 85.80 19.99
CA VAL DA 254 -14.97 86.78 19.04
C VAL DA 254 -15.17 88.21 19.52
N ASN DA 255 -14.07 88.98 19.50
CA ASN DA 255 -14.08 90.38 19.91
C ASN DA 255 -13.95 91.30 18.69
N ASP DA 256 -12.93 91.05 17.87
CA ASP DA 256 -12.65 91.89 16.70
C ASP DA 256 -13.08 91.27 15.38
N TYR DA 257 -13.17 92.10 14.35
CA TYR DA 257 -13.34 91.64 12.98
C TYR DA 257 -12.08 90.88 12.53
N ARG DA 258 -10.92 91.36 12.96
CA ARG DA 258 -9.62 90.81 12.57
C ARG DA 258 -9.36 89.42 13.14
N GLN DA 259 -10.18 88.99 14.10
CA GLN DA 259 -10.10 87.65 14.66
C GLN DA 259 -10.70 86.61 13.71
N MET DA 260 -11.75 87.01 12.99
CA MET DA 260 -12.58 86.09 12.19
C MET DA 260 -11.90 85.44 10.99
N ASP DA 261 -11.28 86.25 10.13
CA ASP DA 261 -10.53 85.74 8.98
C ASP DA 261 -9.36 84.86 9.43
N LYS DA 262 -8.79 85.20 10.59
CA LYS DA 262 -7.71 84.44 11.20
C LYS DA 262 -8.22 83.13 11.82
N ILE DA 263 -9.50 83.10 12.15
CA ILE DA 263 -10.13 81.89 12.70
C ILE DA 263 -10.28 80.81 11.64
N LEU DA 264 -10.70 81.21 10.45
CA LEU DA 264 -10.79 80.29 9.32
C LEU DA 264 -9.41 79.95 8.77
N LYS DA 265 -8.45 80.85 8.97
CA LYS DA 265 -7.07 80.62 8.56
C LYS DA 265 -6.46 79.42 9.30
N GLU DA 266 -6.58 79.42 10.63
CA GLU DA 266 -6.08 78.30 11.44
C GLU DA 266 -6.92 77.04 11.21
N GLU DA 267 -8.24 77.20 11.13
CA GLU DA 267 -9.16 76.08 10.89
C GLU DA 267 -8.76 75.32 9.64
N ARG DA 268 -8.52 76.03 8.54
CA ARG DA 268 -8.08 75.42 7.30
C ARG DA 268 -6.71 74.76 7.43
N ALA DA 269 -5.83 75.36 8.24
CA ALA DA 269 -4.48 74.86 8.44
C ALA DA 269 -4.44 73.59 9.30
N TYR DA 270 -5.20 73.61 10.40
CA TYR DA 270 -5.25 72.48 11.32
C TYR DA 270 -5.58 71.16 10.60
N LEU DA 271 -6.66 71.18 9.83
CA LEU DA 271 -7.12 70.02 9.07
C LEU DA 271 -6.09 69.60 8.03
N LEU DA 272 -5.44 70.58 7.43
CA LEU DA 272 -4.41 70.33 6.43
C LEU DA 272 -3.18 69.65 7.01
N ASN DA 273 -2.80 70.03 8.23
CA ASN DA 273 -1.66 69.41 8.94
C ASN DA 273 -1.90 67.93 9.16
N ILE DA 274 -3.09 67.59 9.65
CA ILE DA 274 -3.49 66.21 9.85
C ILE DA 274 -3.42 65.46 8.52
N CYS DA 275 -4.00 66.05 7.47
CA CYS DA 275 -3.94 65.49 6.14
C CYS DA 275 -2.52 65.42 5.57
N LYS DA 276 -1.66 66.33 6.01
CA LYS DA 276 -0.26 66.37 5.56
C LYS DA 276 0.56 65.26 6.18
N LYS DA 277 0.39 65.05 7.49
CA LYS DA 277 1.10 63.99 8.22
C LYS DA 277 0.68 62.61 7.73
N ILE DA 278 -0.56 62.49 7.26
CA ILE DA 278 -1.10 61.25 6.70
C ILE DA 278 -0.35 60.85 5.40
N LYS DA 279 -0.20 61.82 4.50
CA LYS DA 279 0.55 61.62 3.26
C LYS DA 279 2.05 61.56 3.55
N LYS DA 280 2.46 62.19 4.65
CA LYS DA 280 3.86 62.22 5.07
C LYS DA 280 4.35 60.83 5.50
N ALA DA 281 3.49 60.08 6.18
CA ALA DA 281 3.81 58.71 6.56
C ALA DA 281 3.83 57.80 5.34
N LYS DA 282 3.00 58.16 4.35
CA LYS DA 282 2.93 57.49 3.04
C LYS DA 282 1.84 56.42 2.96
N CYS DA 283 0.62 56.82 3.30
CA CYS DA 283 -0.54 55.95 3.15
C CYS DA 283 -1.52 56.53 2.16
N ASN DA 284 -2.17 55.66 1.40
CA ASN DA 284 -3.18 56.07 0.43
C ASN DA 284 -4.57 55.50 0.75
N VAL DA 285 -4.71 54.93 1.95
CA VAL DA 285 -6.00 54.47 2.43
C VAL DA 285 -6.15 54.88 3.90
N LEU DA 286 -7.35 55.32 4.27
CA LEU DA 286 -7.68 55.61 5.66
C LEU DA 286 -8.91 54.86 6.14
N LEU DA 287 -8.87 54.40 7.39
CA LEU DA 287 -10.00 53.73 8.01
C LEU DA 287 -10.27 54.33 9.38
N ILE DA 288 -11.46 54.85 9.57
CA ILE DA 288 -11.84 55.60 10.77
C ILE DA 288 -12.95 54.85 11.52
N GLN DA 289 -12.93 54.90 12.84
CA GLN DA 289 -13.99 54.28 13.63
C GLN DA 289 -15.18 55.22 13.83
N LYS DA 290 -16.26 54.69 14.41
CA LYS DA 290 -17.51 55.42 14.64
C LYS DA 290 -17.29 56.72 15.42
N SER DA 291 -17.89 57.79 14.91
CA SER DA 291 -17.71 59.13 15.45
C SER DA 291 -18.92 59.64 16.24
N ILE DA 292 -19.85 58.71 16.55
CA ILE DA 292 -21.07 59.01 17.32
C ILE DA 292 -20.79 60.04 18.42
N LEU DA 293 -19.63 59.90 19.08
CA LEU DA 293 -19.15 60.84 20.08
C LEU DA 293 -19.46 62.31 19.73
N ARG DA 294 -18.77 62.86 18.72
CA ARG DA 294 -18.96 64.27 18.37
C ARG DA 294 -18.55 64.69 16.95
N ASP DA 295 -17.35 64.30 16.51
CA ASP DA 295 -16.70 64.99 15.39
C ASP DA 295 -16.89 64.40 13.97
N ALA DA 296 -16.49 63.14 13.77
CA ALA DA 296 -16.50 62.47 12.45
C ALA DA 296 -15.26 62.80 11.60
N VAL DA 297 -15.44 62.91 10.28
CA VAL DA 297 -14.42 63.48 9.39
C VAL DA 297 -15.06 64.56 8.52
N ASN DA 298 -14.58 65.80 8.68
CA ASN DA 298 -15.18 66.99 8.09
C ASN DA 298 -15.29 66.95 6.56
N ASP DA 299 -16.26 67.69 6.01
CA ASP DA 299 -16.38 67.89 4.57
C ASP DA 299 -15.29 68.79 4.02
N LEU DA 300 -14.75 69.66 4.88
CA LEU DA 300 -13.58 70.47 4.55
C LEU DA 300 -12.32 69.62 4.47
N ALA DA 301 -12.17 68.73 5.45
CA ALA DA 301 -11.02 67.82 5.54
C ALA DA 301 -11.04 66.78 4.43
N LEU DA 302 -12.23 66.54 3.87
CA LEU DA 302 -12.41 65.48 2.90
C LEU DA 302 -11.89 65.90 1.53
N HIS DA 303 -12.00 67.18 1.21
CA HIS DA 303 -11.48 67.70 -0.06
C HIS DA 303 -9.97 67.61 -0.07
N PHE DA 304 -9.34 68.15 0.97
CA PHE DA 304 -7.92 67.99 1.18
C PHE DA 304 -7.57 66.53 0.88
N LEU DA 305 -8.26 65.61 1.56
CA LEU DA 305 -8.00 64.18 1.49
C LEU DA 305 -8.25 63.62 0.08
N SER DA 306 -9.16 64.25 -0.65
CA SER DA 306 -9.46 63.84 -2.01
C SER DA 306 -8.34 64.24 -2.98
N LYS DA 307 -8.03 65.54 -2.99
CA LYS DA 307 -6.99 66.11 -3.87
C LYS DA 307 -5.59 65.61 -3.49
N LEU DA 308 -5.47 65.15 -2.25
CA LEU DA 308 -4.23 64.56 -1.75
C LEU DA 308 -4.17 63.07 -2.10
N ASN DA 309 -5.18 62.62 -2.85
CA ASN DA 309 -5.27 61.23 -3.34
C ASN DA 309 -5.11 60.17 -2.24
N ILE DA 310 -5.82 60.39 -1.13
CA ILE DA 310 -5.97 59.41 -0.07
C ILE DA 310 -7.42 58.94 -0.04
N MET DA 311 -7.59 57.62 -0.06
CA MET DA 311 -8.89 56.99 -0.18
C MET DA 311 -9.44 56.67 1.21
N VAL DA 312 -10.60 57.23 1.53
CA VAL DA 312 -11.12 57.26 2.90
C VAL DA 312 -12.38 56.39 3.08
N VAL DA 313 -12.44 55.69 4.20
CA VAL DA 313 -13.58 54.86 4.57
C VAL DA 313 -13.99 55.14 6.01
N LYS DA 314 -15.14 55.80 6.17
CA LYS DA 314 -15.63 56.22 7.48
C LYS DA 314 -16.64 55.23 8.06
N ASP DA 315 -16.97 55.42 9.33
CA ASP DA 315 -17.93 54.59 10.08
C ASP DA 315 -17.53 53.11 10.14
N ILE DA 316 -16.62 52.79 11.06
CA ILE DA 316 -16.20 51.40 11.29
C ILE DA 316 -16.41 51.05 12.77
N GLU DA 317 -17.33 50.10 13.02
CA GLU DA 317 -17.73 49.71 14.39
C GLU DA 317 -16.53 49.35 15.28
N ARG DA 318 -16.67 49.61 16.58
CA ARG DA 318 -15.58 49.34 17.54
C ARG DA 318 -15.24 47.86 17.61
N GLU DA 319 -16.27 47.01 17.56
CA GLU DA 319 -16.09 45.56 17.52
C GLU DA 319 -15.17 45.12 16.37
N GLU DA 320 -15.21 45.87 15.28
CA GLU DA 320 -14.49 45.54 14.05
C GLU DA 320 -12.99 45.81 14.14
N ILE DA 321 -12.58 46.63 15.09
CA ILE DA 321 -11.17 47.05 15.22
C ILE DA 321 -10.23 45.89 15.50
N GLU DA 322 -10.60 45.01 16.43
CA GLU DA 322 -9.75 43.88 16.81
C GLU DA 322 -9.45 42.97 15.61
N PHE DA 323 -10.48 42.70 14.82
CA PHE DA 323 -10.39 41.86 13.62
C PHE DA 323 -9.55 42.54 12.53
N LEU DA 324 -9.85 43.81 12.29
CA LEU DA 324 -9.26 44.58 11.19
C LEU DA 324 -7.79 44.86 11.44
N SER DA 325 -7.41 44.86 12.73
CA SER DA 325 -6.03 45.08 13.13
C SER DA 325 -5.15 43.90 12.73
N LYS DA 326 -5.64 42.68 12.95
CA LYS DA 326 -4.88 41.45 12.65
C LYS DA 326 -5.01 41.06 11.18
N GLY DA 327 -6.15 41.39 10.59
CA GLY DA 327 -6.44 41.05 9.19
C GLY DA 327 -5.70 41.91 8.18
N LEU DA 328 -5.39 43.15 8.58
CA LEU DA 328 -4.70 44.09 7.70
C LEU DA 328 -3.29 44.44 8.18
N GLY DA 329 -2.65 43.53 8.92
CA GLY DA 329 -1.30 43.75 9.48
C GLY DA 329 -1.01 45.20 9.86
N CYS DA 330 -1.96 45.82 10.55
CA CYS DA 330 -2.03 47.26 10.72
C CYS DA 330 -2.38 47.62 12.16
N LYS DA 331 -1.41 48.19 12.88
CA LYS DA 331 -1.64 48.65 14.26
C LYS DA 331 -2.56 49.87 14.26
N PRO DA 332 -3.65 49.82 15.05
CA PRO DA 332 -4.61 50.93 15.13
C PRO DA 332 -3.98 52.19 15.75
N ILE DA 333 -4.30 53.34 15.18
CA ILE DA 333 -3.65 54.61 15.53
C ILE DA 333 -4.60 55.57 16.24
N ALA DA 334 -4.26 55.96 17.47
CA ALA DA 334 -5.18 56.68 18.37
C ALA DA 334 -5.16 58.20 18.21
N ASP DA 335 -3.99 58.80 18.37
CA ASP DA 335 -3.82 60.24 18.18
C ASP DA 335 -2.95 60.45 16.93
N ILE DA 336 -2.95 61.69 16.43
CA ILE DA 336 -2.16 62.06 15.26
C ILE DA 336 -0.67 62.00 15.57
N GLU DA 337 -0.31 62.43 16.78
CA GLU DA 337 1.08 62.42 17.24
C GLU DA 337 1.64 61.01 17.37
N LEU DA 338 0.89 60.01 16.90
CA LEU DA 338 1.33 58.63 16.91
C LEU DA 338 1.09 57.91 15.58
N PHE DA 339 0.73 58.67 14.55
CA PHE DA 339 0.55 58.16 13.19
C PHE DA 339 1.92 58.00 12.53
N THR DA 340 2.30 56.77 12.20
CA THR DA 340 3.62 56.49 11.64
C THR DA 340 3.57 55.53 10.46
N GLU DA 341 4.52 55.66 9.54
CA GLU DA 341 4.72 54.68 8.47
C GLU DA 341 4.84 53.28 9.06
N ASP DA 342 5.38 53.24 10.28
CA ASP DA 342 5.55 52.02 11.10
C ASP DA 342 4.25 51.23 11.30
N ARG DA 343 3.15 51.95 11.54
CA ARG DA 343 1.87 51.32 11.88
C ARG DA 343 0.96 51.13 10.67
N LEU DA 344 1.53 51.30 9.48
CA LEU DA 344 0.77 51.15 8.26
C LEU DA 344 0.72 49.71 7.80
N ASP DA 345 -0.28 49.40 6.97
CA ASP DA 345 -0.38 48.12 6.28
C ASP DA 345 0.47 48.18 5.02
N SER DA 346 0.58 47.05 4.33
CA SER DA 346 1.22 47.02 3.02
C SER DA 346 0.49 46.03 2.10
N ALA DA 347 -0.71 46.43 1.68
CA ALA DA 347 -1.53 45.59 0.82
C ALA DA 347 -1.30 45.86 -0.67
N ASP DA 348 -1.53 44.83 -1.49
CA ASP DA 348 -1.28 44.92 -2.94
C ASP DA 348 -2.32 45.79 -3.67
N LEU DA 349 -3.60 45.56 -3.40
CA LEU DA 349 -4.67 46.35 -4.00
C LEU DA 349 -5.92 46.42 -3.11
N VAL DA 350 -6.50 47.62 -3.04
CA VAL DA 350 -7.83 47.85 -2.45
C VAL DA 350 -8.74 48.40 -3.55
N GLU DA 351 -9.85 47.72 -3.83
CA GLU DA 351 -10.77 48.15 -4.88
C GLU DA 351 -12.22 47.88 -4.52
N GLU DA 352 -13.03 48.94 -4.48
CA GLU DA 352 -14.47 48.79 -4.26
C GLU DA 352 -15.19 48.44 -5.57
N ILE DA 353 -15.82 47.27 -5.60
CA ILE DA 353 -16.49 46.76 -6.81
C ILE DA 353 -17.93 47.30 -6.93
N ASP DA 354 -18.73 46.68 -7.80
CA ASP DA 354 -20.14 47.03 -7.96
C ASP DA 354 -21.00 45.77 -8.20
N SER DA 355 -21.47 45.18 -7.09
CA SER DA 355 -22.22 43.91 -7.11
C SER DA 355 -23.72 44.14 -6.95
N ASP DA 356 -24.48 43.94 -8.05
CA ASP DA 356 -25.95 44.12 -8.05
C ASP DA 356 -26.35 45.61 -7.97
N GLY DA 357 -25.37 46.50 -8.16
CA GLY DA 357 -25.57 47.93 -7.92
C GLY DA 357 -25.12 48.33 -6.53
N SER DA 358 -24.80 47.33 -5.70
CA SER DA 358 -24.38 47.55 -4.32
C SER DA 358 -22.93 47.16 -4.10
N LYS DA 359 -22.11 48.14 -3.72
CA LYS DA 359 -20.66 47.95 -3.61
C LYS DA 359 -20.21 47.15 -2.38
N ILE DA 360 -19.04 46.51 -2.50
CA ILE DA 360 -18.33 45.90 -1.38
C ILE DA 360 -16.84 46.28 -1.45
N VAL DA 361 -16.19 46.43 -0.29
CA VAL DA 361 -14.78 46.84 -0.25
C VAL DA 361 -13.83 45.64 -0.07
N ARG DA 362 -12.94 45.49 -1.04
CA ARG DA 362 -12.00 44.36 -1.08
C ARG DA 362 -10.57 44.76 -0.76
N VAL DA 363 -9.91 43.93 0.03
CA VAL DA 363 -8.47 44.06 0.25
C VAL DA 363 -7.83 42.72 -0.09
N THR DA 364 -7.25 42.65 -1.28
CA THR DA 364 -6.62 41.43 -1.79
C THR DA 364 -5.10 41.59 -1.81
N GLY DA 365 -4.41 40.58 -1.31
CA GLY DA 365 -2.94 40.57 -1.29
C GLY DA 365 -2.38 41.45 -0.19
N ILE DA 366 -1.89 40.82 0.86
CA ILE DA 366 -1.30 41.54 1.99
C ILE DA 366 0.16 41.14 2.14
N ARG DA 367 1.00 42.12 2.48
CA ARG DA 367 2.42 41.86 2.69
C ARG DA 367 2.83 42.19 4.11
N ASN DA 368 3.51 41.23 4.75
CA ASN DA 368 3.97 41.29 6.14
C ASN DA 368 3.92 39.90 6.80
N ASN DA 369 4.27 39.82 8.08
CA ASN DA 369 4.13 38.58 8.85
C ASN DA 369 2.71 38.43 9.40
N ASN DA 370 2.05 37.33 9.05
CA ASN DA 370 0.72 37.03 9.56
C ASN DA 370 0.79 36.22 10.85
N ALA DA 371 1.11 36.91 11.95
CA ALA DA 371 1.12 36.33 13.31
C ALA DA 371 -0.31 35.99 13.76
N ARG DA 372 -1.27 36.76 13.27
CA ARG DA 372 -2.69 36.45 13.39
C ARG DA 372 -3.30 36.27 11.98
N PRO DA 373 -3.82 35.07 11.69
CA PRO DA 373 -4.44 34.73 10.40
C PRO DA 373 -5.96 34.94 10.40
N THR DA 374 -6.46 35.58 9.34
CA THR DA 374 -7.85 36.02 9.28
C THR DA 374 -8.47 35.68 7.93
N VAL DA 375 -9.62 35.02 7.96
CA VAL DA 375 -10.32 34.68 6.73
C VAL DA 375 -11.53 35.59 6.51
N SER DA 376 -11.94 35.74 5.26
CA SER DA 376 -13.10 36.54 4.90
C SER DA 376 -13.80 35.94 3.69
N VAL DA 377 -15.08 35.59 3.88
CA VAL DA 377 -15.86 34.97 2.82
C VAL DA 377 -17.10 35.82 2.51
N VAL DA 378 -17.33 36.07 1.23
CA VAL DA 378 -18.48 36.85 0.77
C VAL DA 378 -19.61 35.88 0.37
N ILE DA 379 -20.79 36.09 0.95
CA ILE DA 379 -21.95 35.24 0.65
C ILE DA 379 -22.96 35.99 -0.22
N ARG DA 380 -23.20 35.46 -1.41
CA ARG DA 380 -24.25 35.97 -2.28
C ARG DA 380 -25.38 34.96 -2.30
N GLY DA 381 -26.52 35.37 -2.85
CA GLY DA 381 -27.70 34.53 -2.98
C GLY DA 381 -28.80 35.34 -3.64
N ALA DA 382 -29.73 34.65 -4.28
CA ALA DA 382 -30.80 35.30 -5.05
C ALA DA 382 -31.84 36.02 -4.19
N ASN DA 383 -32.26 35.38 -3.10
CA ASN DA 383 -33.34 35.90 -2.27
C ASN DA 383 -32.92 36.04 -0.81
N ASN DA 384 -33.26 37.18 -0.21
CA ASN DA 384 -32.83 37.55 1.15
C ASN DA 384 -32.72 36.39 2.17
N MET DA 385 -33.72 35.51 2.17
CA MET DA 385 -33.76 34.37 3.09
C MET DA 385 -32.68 33.35 2.77
N ILE DA 386 -32.46 33.13 1.47
CA ILE DA 386 -31.52 32.10 1.05
C ILE DA 386 -30.06 32.56 1.14
N ILE DA 387 -29.84 33.74 1.71
CA ILE DA 387 -28.50 34.18 2.06
C ILE DA 387 -28.24 33.81 3.52
N ASP DA 388 -29.19 34.16 4.39
CA ASP DA 388 -29.09 33.86 5.83
C ASP DA 388 -28.99 32.36 6.08
N GLU DA 389 -29.67 31.58 5.25
CA GLU DA 389 -29.61 30.13 5.35
C GLU DA 389 -28.23 29.62 4.96
N THR DA 390 -27.64 30.26 3.95
CA THR DA 390 -26.29 29.92 3.49
C THR DA 390 -25.26 30.20 4.59
N GLU DA 391 -25.35 31.36 5.22
CA GLU DA 391 -24.50 31.66 6.36
C GLU DA 391 -24.70 30.65 7.48
N ARG DA 392 -25.95 30.24 7.69
CA ARG DA 392 -26.30 29.29 8.74
C ARG DA 392 -25.86 27.87 8.40
N SER DA 393 -25.81 27.55 7.12
CA SER DA 393 -25.35 26.25 6.65
C SER DA 393 -23.83 26.18 6.64
N LEU DA 394 -23.19 27.31 6.37
CA LEU DA 394 -21.75 27.45 6.52
C LEU DA 394 -21.38 27.22 7.98
N HIS DA 395 -21.98 28.00 8.87
CA HIS DA 395 -21.65 27.95 10.29
C HIS DA 395 -21.76 26.54 10.87
N ASP DA 396 -22.82 25.83 10.49
CA ASP DA 396 -23.01 24.44 10.90
C ASP DA 396 -21.84 23.56 10.43
N ALA DA 397 -21.50 23.64 9.15
CA ALA DA 397 -20.33 22.95 8.63
C ALA DA 397 -19.06 23.47 9.31
N LEU DA 398 -18.87 24.79 9.29
CA LEU DA 398 -17.71 25.42 9.91
C LEU DA 398 -17.53 24.95 11.34
N CYS DA 399 -18.62 24.50 11.95
CA CYS DA 399 -18.58 23.99 13.32
C CYS DA 399 -18.21 22.51 13.43
N VAL DA 400 -18.59 21.69 12.45
CA VAL DA 400 -18.25 20.26 12.49
C VAL DA 400 -16.75 20.05 12.33
N ILE DA 401 -16.06 21.08 11.84
CA ILE DA 401 -14.61 21.08 11.77
C ILE DA 401 -14.03 21.56 13.11
N ARG DA 402 -14.72 22.50 13.74
CA ARG DA 402 -14.36 22.99 15.07
C ARG DA 402 -14.48 21.89 16.12
N CYS DA 403 -15.44 20.98 15.93
CA CYS DA 403 -15.61 19.80 16.78
C CYS DA 403 -14.44 18.82 16.64
N LEU DA 404 -13.89 18.74 15.44
CA LEU DA 404 -12.77 17.87 15.18
C LEU DA 404 -11.47 18.46 15.72
N VAL DA 405 -11.47 19.78 15.93
CA VAL DA 405 -10.36 20.44 16.61
C VAL DA 405 -10.40 20.07 18.09
N LYS DA 406 -11.61 20.06 18.66
CA LYS DA 406 -11.83 19.74 20.07
C LYS DA 406 -11.57 18.26 20.39
N GLU DA 407 -12.41 17.36 19.87
CA GLU DA 407 -12.16 15.91 19.95
C GLU DA 407 -11.85 15.38 18.56
N ARG DA 408 -10.59 15.01 18.36
CA ARG DA 408 -10.05 14.67 17.03
C ARG DA 408 -10.48 13.28 16.53
N GLY DA 409 -11.65 12.83 16.98
CA GLY DA 409 -12.24 11.57 16.54
C GLY DA 409 -13.44 11.79 15.62
N LEU DA 410 -13.80 10.75 14.88
CA LEU DA 410 -14.89 10.82 13.90
C LEU DA 410 -15.57 9.46 13.74
N ILE DA 411 -16.91 9.47 13.82
CA ILE DA 411 -17.70 8.23 13.75
C ILE DA 411 -18.38 8.07 12.40
N ALA DA 412 -18.94 6.88 12.18
CA ALA DA 412 -19.83 6.61 11.05
C ALA DA 412 -21.15 7.33 11.29
N GLY DA 413 -21.85 7.65 10.22
CA GLY DA 413 -23.11 8.36 10.31
C GLY DA 413 -24.28 7.56 9.79
N GLY DA 414 -25.39 8.26 9.53
CA GLY DA 414 -26.60 7.66 8.99
C GLY DA 414 -27.25 6.66 9.92
N GLY DA 415 -27.26 6.98 11.21
CA GLY DA 415 -27.91 6.11 12.21
C GLY DA 415 -27.05 4.98 12.75
N ALA DA 416 -25.95 4.69 12.07
CA ALA DA 416 -25.02 3.63 12.48
C ALA DA 416 -24.63 3.64 13.98
N PRO DA 417 -24.30 4.83 14.53
CA PRO DA 417 -24.03 4.86 15.97
C PRO DA 417 -25.27 4.52 16.77
N GLU DA 418 -26.37 5.20 16.46
CA GLU DA 418 -27.62 5.06 17.20
C GLU DA 418 -28.06 3.60 17.29
N ILE DA 419 -27.87 2.86 16.20
CA ILE DA 419 -28.22 1.42 16.14
C ILE DA 419 -27.23 0.54 16.92
N GLU DA 420 -25.94 0.87 16.85
CA GLU DA 420 -24.92 0.13 17.60
C GLU DA 420 -25.14 0.22 19.10
N ILE DA 421 -25.25 1.46 19.59
CA ILE DA 421 -25.58 1.73 20.98
C ILE DA 421 -26.88 1.03 21.38
N SER DA 422 -27.83 0.95 20.43
CA SER DA 422 -29.07 0.19 20.64
C SER DA 422 -28.78 -1.30 20.90
N ARG DA 423 -27.90 -1.88 20.09
CA ARG DA 423 -27.51 -3.28 20.24
C ARG DA 423 -26.68 -3.51 21.50
N ARG DA 424 -25.71 -2.65 21.75
CA ARG DA 424 -24.80 -2.78 22.91
C ARG DA 424 -25.54 -2.63 24.24
N LEU DA 425 -26.32 -1.56 24.40
CA LEU DA 425 -27.03 -1.29 25.65
C LEU DA 425 -28.08 -2.35 26.00
N SER DA 426 -28.48 -3.14 25.00
CA SER DA 426 -29.35 -4.29 25.22
C SER DA 426 -28.60 -5.42 25.91
N LYS DA 427 -27.41 -5.75 25.41
CA LYS DA 427 -26.58 -6.81 25.97
C LYS DA 427 -26.17 -6.50 27.40
N GLU DA 428 -25.84 -5.24 27.66
CA GLU DA 428 -25.51 -4.76 28.99
C GLU DA 428 -26.66 -5.05 29.97
N ALA DA 429 -27.89 -4.77 29.54
CA ALA DA 429 -29.09 -4.83 30.39
C ALA DA 429 -29.71 -6.21 30.53
N ARG DA 430 -29.32 -7.13 29.65
CA ARG DA 430 -29.66 -8.54 29.82
C ARG DA 430 -28.85 -9.13 30.99
N SER DA 431 -27.75 -8.46 31.32
CA SER DA 431 -26.86 -8.85 32.43
C SER DA 431 -27.21 -8.12 33.73
N MET DA 432 -27.82 -6.95 33.59
CA MET DA 432 -28.25 -6.13 34.73
C MET DA 432 -29.19 -6.86 35.67
N GLU DA 433 -30.31 -7.31 35.10
CA GLU DA 433 -31.43 -7.93 35.85
C GLU DA 433 -32.06 -6.97 36.88
N GLY DA 434 -33.28 -7.29 37.31
CA GLY DA 434 -34.04 -6.39 38.18
C GLY DA 434 -34.62 -5.22 37.41
N VAL DA 435 -35.00 -4.18 38.13
CA VAL DA 435 -35.73 -3.03 37.57
C VAL DA 435 -34.90 -2.18 36.60
N GLN DA 436 -33.66 -1.88 37.00
CA GLN DA 436 -32.75 -1.02 36.22
C GLN DA 436 -32.26 -1.71 34.94
N ALA DA 437 -32.91 -2.81 34.59
CA ALA DA 437 -32.63 -3.55 33.37
C ALA DA 437 -33.61 -3.15 32.27
N PHE DA 438 -34.88 -2.98 32.67
CA PHE DA 438 -35.95 -2.57 31.76
C PHE DA 438 -35.75 -1.15 31.23
N ILE DA 439 -35.16 -0.30 32.09
CA ILE DA 439 -34.89 1.11 31.78
C ILE DA 439 -33.91 1.20 30.60
N TRP DA 440 -32.72 0.62 30.78
CA TRP DA 440 -31.73 0.55 29.72
C TRP DA 440 -32.29 -0.06 28.42
N GLN DA 441 -33.15 -1.07 28.54
CA GLN DA 441 -33.73 -1.72 27.37
C GLN DA 441 -34.62 -0.79 26.57
N GLU DA 442 -35.44 0.00 27.26
CA GLU DA 442 -36.30 0.98 26.60
C GLU DA 442 -35.52 2.20 26.13
N PHE DA 443 -34.40 2.47 26.80
CA PHE DA 443 -33.48 3.52 26.40
C PHE DA 443 -32.79 3.17 25.08
N ALA DA 444 -32.31 1.94 24.98
CA ALA DA 444 -31.70 1.45 23.75
C ALA DA 444 -32.71 1.51 22.60
N SER DA 445 -33.97 1.21 22.92
CA SER DA 445 -35.08 1.24 21.97
C SER DA 445 -35.38 2.66 21.46
N ALA DA 446 -35.14 3.65 22.31
CA ALA DA 446 -35.38 5.05 21.97
C ALA DA 446 -34.35 5.58 20.98
N LEU DA 447 -33.08 5.24 21.21
CA LEU DA 447 -31.97 5.72 20.38
C LEU DA 447 -32.17 5.38 18.92
N GLU DA 448 -32.98 4.35 18.69
CA GLU DA 448 -33.28 3.83 17.38
C GLU DA 448 -34.24 4.74 16.62
N VAL DA 449 -34.64 5.84 17.27
CA VAL DA 449 -35.54 6.84 16.68
C VAL DA 449 -34.89 7.61 15.54
N ILE DA 450 -33.61 7.92 15.68
CA ILE DA 450 -32.84 8.63 14.66
C ILE DA 450 -32.82 7.93 13.27
N PRO DA 451 -32.51 6.61 13.21
CA PRO DA 451 -32.57 5.89 11.95
C PRO DA 451 -33.99 5.72 11.41
N THR DA 452 -34.97 5.77 12.31
CA THR DA 452 -36.39 5.62 11.97
C THR DA 452 -36.96 6.85 11.24
N THR DA 453 -36.73 8.05 11.79
CA THR DA 453 -37.18 9.30 11.16
C THR DA 453 -36.33 9.68 9.94
N LEU DA 454 -35.08 9.21 9.90
CA LEU DA 454 -34.19 9.36 8.75
C LEU DA 454 -34.70 8.58 7.55
N ALA DA 455 -35.11 7.33 7.80
CA ALA DA 455 -35.69 6.47 6.76
C ALA DA 455 -37.13 6.84 6.44
N GLU DA 456 -37.84 7.40 7.43
CA GLU DA 456 -39.22 7.83 7.24
C GLU DA 456 -39.30 9.06 6.35
N ASN DA 457 -38.31 9.93 6.47
CA ASN DA 457 -38.16 11.10 5.59
C ASN DA 457 -37.78 10.67 4.18
N ALA DA 458 -37.14 9.51 4.06
CA ALA DA 458 -36.81 8.94 2.76
C ALA DA 458 -37.97 8.11 2.18
N GLY DA 459 -39.06 8.00 2.94
CA GLY DA 459 -40.28 7.30 2.50
C GLY DA 459 -40.19 5.78 2.57
N LEU DA 460 -39.15 5.29 3.23
CA LEU DA 460 -38.88 3.87 3.31
C LEU DA 460 -39.70 3.20 4.41
N ASN DA 461 -39.78 1.87 4.34
CA ASN DA 461 -40.37 1.07 5.41
C ASN DA 461 -39.40 1.03 6.59
N SER DA 462 -39.47 2.05 7.43
CA SER DA 462 -38.54 2.24 8.55
C SER DA 462 -38.39 0.97 9.38
N ILE DA 463 -39.45 0.20 9.50
CA ILE DA 463 -39.39 -1.08 10.20
C ILE DA 463 -38.45 -2.03 9.47
N LYS DA 464 -38.65 -2.20 8.17
CA LYS DA 464 -37.83 -3.10 7.37
C LYS DA 464 -36.38 -2.65 7.37
N VAL DA 465 -36.17 -1.33 7.32
CA VAL DA 465 -34.83 -0.75 7.30
C VAL DA 465 -34.09 -1.14 8.56
N VAL DA 466 -34.72 -0.90 9.70
CA VAL DA 466 -34.09 -1.07 11.00
C VAL DA 466 -33.84 -2.55 11.35
N THR DA 467 -34.86 -3.40 11.20
CA THR DA 467 -34.72 -4.82 11.54
C THR DA 467 -33.53 -5.43 10.78
N GLU DA 468 -33.38 -5.01 9.52
CA GLU DA 468 -32.24 -5.44 8.69
C GLU DA 468 -30.96 -4.74 9.11
N LEU DA 469 -31.11 -3.52 9.63
CA LEU DA 469 -29.96 -2.68 10.00
C LEU DA 469 -29.35 -3.07 11.34
N ARG DA 470 -30.13 -3.77 12.16
CA ARG DA 470 -29.65 -4.28 13.44
C ARG DA 470 -29.13 -5.71 13.25
N SER DA 471 -29.76 -6.43 12.32
CA SER DA 471 -29.38 -7.79 12.00
C SER DA 471 -27.97 -7.80 11.39
N LYS DA 472 -27.71 -6.84 10.51
CA LYS DA 472 -26.42 -6.71 9.84
C LYS DA 472 -25.37 -6.09 10.78
N HIS DA 473 -25.84 -5.38 11.79
CA HIS DA 473 -24.97 -4.72 12.76
C HIS DA 473 -24.51 -5.71 13.83
N GLU DA 474 -25.27 -6.81 13.97
CA GLU DA 474 -24.97 -7.85 14.94
C GLU DA 474 -23.80 -8.75 14.49
N ASN DA 475 -23.36 -8.55 13.26
CA ASN DA 475 -22.19 -9.23 12.70
C ASN DA 475 -21.17 -8.22 12.16
N GLY DA 476 -21.60 -7.47 11.14
CA GLY DA 476 -20.74 -6.51 10.43
C GLY DA 476 -20.39 -5.25 11.20
N GLU DA 477 -20.94 -5.11 12.40
CA GLU DA 477 -20.55 -4.07 13.36
C GLU DA 477 -20.65 -2.63 12.85
N LEU DA 478 -19.66 -1.82 13.20
CA LEU DA 478 -19.76 -0.35 13.28
C LEU DA 478 -19.71 0.49 11.98
N ASN DA 479 -20.58 0.16 11.04
CA ASN DA 479 -20.61 0.85 9.76
C ASN DA 479 -21.95 0.77 9.07
N ASP DA 480 -22.79 -0.19 9.48
CA ASP DA 480 -24.08 -0.38 8.84
C ASP DA 480 -25.08 0.72 9.19
N GLY DA 481 -25.52 1.43 8.16
CA GLY DA 481 -26.48 2.53 8.29
C GLY DA 481 -27.17 2.92 6.99
N ILE DA 482 -28.24 3.71 7.13
CA ILE DA 482 -29.04 4.17 5.98
C ILE DA 482 -28.22 5.16 5.16
N SER DA 483 -27.90 4.76 3.94
CA SER DA 483 -27.35 5.67 2.95
C SER DA 483 -28.51 6.06 2.04
N VAL DA 484 -28.74 7.35 1.88
CA VAL DA 484 -29.85 7.84 1.07
C VAL DA 484 -29.66 7.54 -0.43
N ARG DA 485 -28.44 7.70 -0.93
CA ARG DA 485 -28.08 7.37 -2.31
C ARG DA 485 -28.34 5.90 -2.64
N ARG DA 486 -27.99 5.01 -1.71
CA ARG DA 486 -28.15 3.57 -1.90
C ARG DA 486 -29.56 3.07 -1.51
N SER DA 487 -30.26 3.87 -0.71
CA SER DA 487 -31.64 3.60 -0.28
C SER DA 487 -31.79 2.46 0.75
N GLY DA 488 -30.70 2.07 1.42
CA GLY DA 488 -30.77 0.98 2.42
C GLY DA 488 -29.51 0.61 3.20
N THR DA 489 -29.34 -0.70 3.41
CA THR DA 489 -28.24 -1.24 4.21
C THR DA 489 -26.89 -1.11 3.48
N THR DA 490 -26.08 -0.15 3.91
CA THR DA 490 -24.75 0.06 3.33
C THR DA 490 -23.77 0.62 4.35
N ASN DA 491 -22.53 0.14 4.29
CA ASN DA 491 -21.42 0.65 5.11
C ASN DA 491 -21.25 2.16 4.96
N THR DA 492 -21.54 2.90 6.03
CA THR DA 492 -21.59 4.37 5.97
C THR DA 492 -20.23 5.06 6.09
N TYR DA 493 -19.32 4.47 6.88
CA TYR DA 493 -17.97 5.03 7.05
C TYR DA 493 -17.17 5.00 5.73
N GLU DA 494 -17.37 3.95 4.94
CA GLU DA 494 -16.74 3.82 3.62
C GLU DA 494 -17.51 4.60 2.56
N GLU DA 495 -18.79 4.86 2.82
CA GLU DA 495 -19.66 5.68 1.97
C GLU DA 495 -19.38 7.17 2.18
N HIS DA 496 -18.41 7.45 3.05
CA HIS DA 496 -17.96 8.82 3.35
C HIS DA 496 -19.00 9.66 4.09
N ILE DA 497 -19.92 9.00 4.78
CA ILE DA 497 -20.98 9.68 5.54
C ILE DA 497 -20.58 9.77 7.01
N LEU DA 498 -19.80 10.80 7.34
CA LEU DA 498 -19.06 10.86 8.61
C LEU DA 498 -19.41 12.07 9.48
N GLN DA 499 -19.71 11.83 10.75
CA GLN DA 499 -20.06 12.90 11.70
C GLN DA 499 -19.15 12.91 12.92
N PRO DA 500 -18.82 14.12 13.44
CA PRO DA 500 -17.92 14.28 14.59
C PRO DA 500 -18.40 13.55 15.84
N VAL DA 501 -17.46 13.02 16.62
CA VAL DA 501 -17.76 12.26 17.82
C VAL DA 501 -18.53 13.12 18.83
N LEU DA 502 -18.11 14.37 18.96
CA LEU DA 502 -18.72 15.29 19.91
C LEU DA 502 -20.19 15.53 19.59
N VAL DA 503 -20.53 15.53 18.30
CA VAL DA 503 -21.91 15.74 17.84
C VAL DA 503 -22.87 14.68 18.38
N SER DA 504 -22.35 13.48 18.65
CA SER DA 504 -23.12 12.44 19.29
C SER DA 504 -22.81 12.37 20.79
N THR DA 505 -21.56 12.66 21.15
CA THR DA 505 -21.13 12.73 22.55
C THR DA 505 -22.00 13.71 23.34
N SER DA 506 -22.11 14.95 22.86
CA SER DA 506 -22.95 15.94 23.51
C SER DA 506 -24.43 15.73 23.22
N ALA DA 507 -24.75 15.13 22.07
CA ALA DA 507 -26.14 14.88 21.67
C ALA DA 507 -26.98 14.09 22.68
N ILE DA 508 -26.45 12.94 23.09
CA ILE DA 508 -27.16 12.06 24.02
C ILE DA 508 -27.00 12.56 25.45
N THR DA 509 -25.79 13.02 25.77
CA THR DA 509 -25.50 13.57 27.08
C THR DA 509 -26.50 14.67 27.46
N LEU DA 510 -26.73 15.62 26.54
CA LEU DA 510 -27.66 16.73 26.78
C LEU DA 510 -29.10 16.25 26.91
N ALA DA 511 -29.50 15.35 26.03
CA ALA DA 511 -30.85 14.79 26.04
C ALA DA 511 -31.16 14.01 27.32
N SER DA 512 -30.23 13.13 27.73
CA SER DA 512 -30.39 12.34 28.95
C SER DA 512 -30.36 13.20 30.22
N GLU DA 513 -29.62 14.32 30.15
CA GLU DA 513 -29.59 15.31 31.22
C GLU DA 513 -30.88 16.09 31.29
N CYS DA 514 -31.39 16.50 30.13
CA CYS DA 514 -32.63 17.26 30.08
C CYS DA 514 -33.82 16.47 30.63
N VAL DA 515 -33.94 15.21 30.22
CA VAL DA 515 -35.02 14.36 30.70
C VAL DA 515 -35.00 14.28 32.22
N LYS DA 516 -33.80 14.14 32.79
CA LYS DA 516 -33.66 14.12 34.25
C LYS DA 516 -34.28 15.37 34.87
N SER DA 517 -34.04 16.53 34.26
CA SER DA 517 -34.58 17.79 34.76
C SER DA 517 -36.06 17.99 34.41
N ILE DA 518 -36.55 17.24 33.42
CA ILE DA 518 -37.98 17.21 33.13
C ILE DA 518 -38.70 16.31 34.16
N LEU DA 519 -38.06 15.20 34.51
CA LEU DA 519 -38.61 14.21 35.45
C LEU DA 519 -38.65 14.68 36.90
N ARG DA 520 -37.91 15.75 37.21
CA ARG DA 520 -37.93 16.33 38.55
C ARG DA 520 -39.26 17.04 38.84
N ILE DA 521 -39.89 17.54 37.78
CA ILE DA 521 -41.13 18.30 37.90
C ILE DA 521 -42.28 17.41 38.37
N ASP DA 522 -42.93 17.80 39.46
CA ASP DA 522 -44.12 17.09 39.95
C ASP DA 522 -45.31 18.02 40.20
N ASP DA 523 -45.18 19.27 39.78
CA ASP DA 523 -46.26 20.26 39.91
C ASP DA 523 -45.89 21.57 39.25
N ILE DA 524 -46.86 22.18 38.57
CA ILE DA 524 -46.71 23.53 38.02
C ILE DA 524 -47.75 24.45 38.67
N ALA DA 525 -47.26 25.52 39.29
CA ALA DA 525 -48.11 26.60 39.78
C ALA DA 525 -47.62 27.91 39.19
N PHE DA 526 -48.55 28.81 38.87
CA PHE DA 526 -48.18 30.06 38.21
C PHE DA 526 -47.74 31.11 39.23
N SER DA 527 -46.55 31.68 39.01
CA SER DA 527 -46.00 32.70 39.90
C SER DA 527 -46.24 34.12 39.39
N ARG DA 528 -45.92 35.11 40.21
CA ARG DA 528 -46.25 36.53 39.97
C ARG DA 528 -45.98 37.02 38.54
N GLN EA 3 -60.28 22.31 0.18
CA GLN EA 3 -59.50 23.27 0.98
C GLN EA 3 -60.32 23.81 2.16
N LEU EA 4 -60.65 22.93 3.11
CA LEU EA 4 -61.35 23.31 4.36
C LEU EA 4 -60.35 23.91 5.38
N PHE EA 5 -60.73 25.02 6.01
CA PHE EA 5 -59.83 25.72 6.95
C PHE EA 5 -59.37 24.80 8.09
N ASN EA 6 -58.06 24.58 8.13
CA ASN EA 6 -57.43 23.56 8.99
C ASN EA 6 -57.60 23.79 10.50
N ASN EA 7 -57.45 22.73 11.31
CA ASN EA 7 -57.65 22.82 12.76
C ASN EA 7 -56.36 22.83 13.58
N SER EA 8 -56.32 23.74 14.57
CA SER EA 8 -55.18 23.92 15.48
C SER EA 8 -54.98 22.70 16.37
N ARG EA 9 -53.77 22.13 16.33
CA ARG EA 9 -53.45 20.89 17.04
C ARG EA 9 -53.75 20.96 18.53
N SER EA 10 -54.21 19.85 19.08
CA SER EA 10 -54.58 19.80 20.48
C SER EA 10 -53.40 19.37 21.37
N ASP EA 11 -52.23 19.24 20.78
CA ASP EA 11 -51.01 18.84 21.50
C ASP EA 11 -49.99 19.96 21.56
N THR EA 12 -49.74 20.57 20.39
CA THR EA 12 -48.77 21.66 20.26
C THR EA 12 -49.32 22.98 20.80
N LEU EA 13 -48.43 23.86 21.22
CA LEU EA 13 -48.84 25.15 21.78
C LEU EA 13 -47.99 26.30 21.23
N PHE EA 14 -48.51 26.97 20.19
CA PHE EA 14 -47.80 28.08 19.53
C PHE EA 14 -48.62 29.37 19.54
N LEU EA 15 -47.95 30.48 19.84
CA LEU EA 15 -48.62 31.76 20.15
C LEU EA 15 -48.81 32.69 18.97
N GLY EA 16 -49.95 33.40 18.96
CA GLY EA 16 -50.26 34.42 17.96
C GLY EA 16 -49.87 33.90 16.60
N GLY EA 17 -49.87 32.58 16.48
CA GLY EA 17 -49.35 31.90 15.32
C GLY EA 17 -49.86 30.49 15.23
N GLU EA 18 -50.26 30.12 14.02
CA GLU EA 18 -50.67 28.76 13.72
C GLU EA 18 -49.69 28.23 12.68
N LYS EA 19 -49.64 26.91 12.55
CA LYS EA 19 -48.73 26.27 11.61
C LYS EA 19 -49.49 25.36 10.66
N ILE EA 20 -49.17 25.46 9.38
CA ILE EA 20 -49.74 24.55 8.38
C ILE EA 20 -48.63 23.69 7.76
N SER EA 21 -48.91 22.40 7.62
CA SER EA 21 -47.86 21.42 7.31
C SER EA 21 -48.10 20.58 6.05
N GLY EA 22 -46.99 20.09 5.49
CA GLY EA 22 -46.99 19.12 4.41
C GLY EA 22 -47.72 19.51 3.15
N ASP EA 23 -48.93 18.97 2.98
CA ASP EA 23 -49.70 19.13 1.76
C ASP EA 23 -50.41 20.46 1.71
N ASP EA 24 -50.91 20.89 2.86
CA ASP EA 24 -51.66 22.14 2.98
C ASP EA 24 -50.81 23.36 2.61
N ILE EA 25 -49.56 23.38 3.09
CA ILE EA 25 -48.64 24.50 2.81
C ILE EA 25 -48.11 24.47 1.36
N ARG EA 26 -47.62 23.31 0.91
CA ARG EA 26 -47.08 23.13 -0.44
C ARG EA 26 -48.07 23.57 -1.51
N ASN EA 27 -49.35 23.37 -1.21
CA ASN EA 27 -50.44 23.82 -2.05
C ASN EA 27 -50.61 25.34 -2.01
N GLN EA 28 -50.63 25.88 -0.79
CA GLN EA 28 -50.79 27.32 -0.54
C GLN EA 28 -49.68 28.14 -1.20
N ASN EA 29 -48.45 27.61 -1.16
CA ASN EA 29 -47.32 28.28 -1.77
C ASN EA 29 -47.46 28.37 -3.29
N VAL EA 30 -47.82 27.26 -3.92
CA VAL EA 30 -48.02 27.24 -5.36
C VAL EA 30 -49.23 28.12 -5.75
N LEU EA 31 -50.31 28.04 -4.97
CA LEU EA 31 -51.50 28.88 -5.21
C LEU EA 31 -51.19 30.37 -5.13
N ALA EA 32 -50.39 30.76 -4.14
CA ALA EA 32 -49.98 32.14 -3.95
C ALA EA 32 -48.98 32.57 -5.02
N THR EA 33 -48.13 31.63 -5.45
CA THR EA 33 -47.15 31.87 -6.49
C THR EA 33 -47.85 32.12 -7.83
N MET EA 34 -48.86 31.31 -8.11
CA MET EA 34 -49.63 31.45 -9.34
C MET EA 34 -50.46 32.73 -9.33
N ALA EA 35 -50.91 33.14 -8.15
CA ALA EA 35 -51.69 34.37 -8.00
C ALA EA 35 -50.88 35.59 -8.48
N VAL EA 36 -49.64 35.68 -8.03
CA VAL EA 36 -48.72 36.74 -8.46
C VAL EA 36 -48.41 36.64 -9.96
N ALA EA 37 -48.12 35.43 -10.45
CA ALA EA 37 -47.75 35.23 -11.85
C ALA EA 37 -48.91 35.46 -12.84
N ASN EA 38 -50.11 35.01 -12.46
CA ASN EA 38 -51.31 35.08 -13.33
C ASN EA 38 -51.87 36.48 -13.51
N VAL EA 39 -51.43 37.41 -12.66
CA VAL EA 39 -51.75 38.82 -12.85
C VAL EA 39 -51.00 39.34 -14.07
N VAL EA 40 -49.72 38.99 -14.15
CA VAL EA 40 -48.80 39.53 -15.16
C VAL EA 40 -48.54 38.64 -16.40
N LYS EA 41 -49.34 37.60 -16.59
CA LYS EA 41 -49.24 36.77 -17.80
C LYS EA 41 -49.90 37.45 -19.00
N SER EA 42 -50.88 38.30 -18.73
CA SER EA 42 -51.60 39.06 -19.75
C SER EA 42 -50.75 40.19 -20.35
N SER EA 43 -49.59 40.45 -19.72
CA SER EA 43 -48.70 41.54 -20.10
C SER EA 43 -47.40 41.04 -20.77
N LEU EA 44 -47.43 39.81 -21.27
CA LEU EA 44 -46.24 39.25 -21.89
C LEU EA 44 -46.38 39.13 -23.39
N GLY EA 45 -45.33 39.55 -24.10
CA GLY EA 45 -45.27 39.48 -25.56
C GLY EA 45 -45.62 40.77 -26.26
N PRO EA 46 -45.26 40.88 -27.55
CA PRO EA 46 -45.61 42.07 -28.34
C PRO EA 46 -47.13 42.29 -28.39
N VAL EA 47 -47.87 41.18 -28.42
CA VAL EA 47 -49.34 41.21 -28.42
C VAL EA 47 -49.86 41.37 -26.99
N GLY EA 48 -48.92 41.55 -26.06
CA GLY EA 48 -49.22 41.79 -24.66
C GLY EA 48 -49.73 43.20 -24.45
N LEU EA 49 -50.39 43.40 -23.32
CA LEU EA 49 -51.11 44.64 -23.03
C LEU EA 49 -50.68 45.26 -21.69
N ASP EA 50 -51.31 46.37 -21.34
CA ASP EA 50 -50.93 47.12 -20.14
C ASP EA 50 -52.06 47.23 -19.14
N LYS EA 51 -51.68 47.47 -17.88
CA LYS EA 51 -52.64 47.53 -16.79
C LYS EA 51 -52.82 48.96 -16.28
N MET EA 52 -53.90 49.18 -15.54
CA MET EA 52 -54.20 50.48 -14.96
C MET EA 52 -54.35 50.28 -13.45
N LEU EA 53 -53.46 50.92 -12.68
CA LEU EA 53 -53.31 50.58 -11.26
C LEU EA 53 -53.70 51.72 -10.29
N VAL EA 54 -54.90 51.59 -9.71
CA VAL EA 54 -55.55 52.64 -8.90
C VAL EA 54 -54.99 52.77 -7.48
N ASP EA 55 -54.38 53.93 -7.19
CA ASP EA 55 -53.78 54.26 -5.89
C ASP EA 55 -54.77 54.08 -4.75
N ASP EA 56 -56.06 54.26 -5.07
CA ASP EA 56 -57.19 54.20 -4.13
C ASP EA 56 -57.77 55.60 -3.93
N ILE EA 57 -56.91 56.61 -4.05
CA ILE EA 57 -57.36 57.99 -4.05
C ILE EA 57 -57.76 58.39 -5.47
N GLY EA 58 -57.53 57.48 -6.43
CA GLY EA 58 -57.88 57.70 -7.82
C GLY EA 58 -56.64 57.90 -8.66
N ASP EA 59 -55.59 58.44 -8.04
CA ASP EA 59 -54.29 58.58 -8.65
C ASP EA 59 -53.80 57.19 -9.06
N PHE EA 60 -53.28 57.06 -10.28
CA PHE EA 60 -52.97 55.75 -10.83
C PHE EA 60 -51.76 55.75 -11.74
N THR EA 61 -51.27 54.56 -12.05
CA THR EA 61 -50.16 54.41 -12.98
C THR EA 61 -50.49 53.31 -14.00
N VAL EA 62 -50.03 53.51 -15.23
CA VAL EA 62 -50.25 52.56 -16.33
C VAL EA 62 -48.91 52.09 -16.86
N THR EA 63 -48.67 50.77 -16.86
CA THR EA 63 -47.38 50.22 -17.32
C THR EA 63 -47.43 48.75 -17.75
N ASN EA 64 -46.34 48.29 -18.37
CA ASN EA 64 -46.10 46.89 -18.67
C ASN EA 64 -45.01 46.32 -17.77
N ASP EA 65 -43.96 47.12 -17.53
CA ASP EA 65 -42.77 46.70 -16.77
C ASP EA 65 -43.16 45.86 -15.55
N GLY EA 66 -43.05 44.54 -15.71
CA GLY EA 66 -43.51 43.54 -14.74
C GLY EA 66 -43.11 43.78 -13.30
N ALA EA 67 -41.89 44.26 -13.11
CA ALA EA 67 -41.39 44.59 -11.78
C ALA EA 67 -42.18 45.71 -11.14
N THR EA 68 -42.62 46.69 -11.94
CA THR EA 68 -43.38 47.83 -11.43
C THR EA 68 -44.80 47.42 -11.09
N ILE EA 69 -45.34 46.47 -11.85
CA ILE EA 69 -46.69 45.96 -11.60
C ILE EA 69 -46.70 45.20 -10.28
N LEU EA 70 -45.74 44.30 -10.10
CA LEU EA 70 -45.62 43.50 -8.88
C LEU EA 70 -45.17 44.34 -7.69
N SER EA 71 -44.40 45.39 -7.98
CA SER EA 71 -44.05 46.38 -6.97
C SER EA 71 -45.32 47.00 -6.41
N LEU EA 72 -46.20 47.46 -7.29
CA LEU EA 72 -47.41 48.18 -6.91
C LEU EA 72 -48.48 47.31 -6.24
N LEU EA 73 -48.67 46.08 -6.74
CA LEU EA 73 -49.60 45.14 -6.11
C LEU EA 73 -49.23 44.91 -4.66
N ASP EA 74 -50.18 45.07 -3.75
CA ASP EA 74 -49.92 44.75 -2.37
C ASP EA 74 -49.94 43.23 -2.29
N VAL EA 75 -48.79 42.63 -1.95
CA VAL EA 75 -48.63 41.17 -1.89
C VAL EA 75 -48.49 40.69 -0.45
N GLN EA 76 -49.46 39.89 0.01
CA GLN EA 76 -49.53 39.53 1.43
C GLN EA 76 -48.76 38.25 1.79
N HIS EA 77 -48.81 37.28 0.89
CA HIS EA 77 -48.19 35.98 1.13
C HIS EA 77 -46.67 36.01 0.96
N PRO EA 78 -45.93 35.38 1.89
CA PRO EA 78 -44.47 35.27 1.80
C PRO EA 78 -43.97 34.70 0.48
N ALA EA 79 -44.55 33.58 0.04
CA ALA EA 79 -44.14 32.91 -1.19
C ALA EA 79 -44.36 33.77 -2.43
N GLY EA 80 -45.36 34.65 -2.36
CA GLY EA 80 -45.63 35.61 -3.41
C GLY EA 80 -44.59 36.72 -3.40
N LYS EA 81 -44.35 37.30 -2.22
CA LYS EA 81 -43.36 38.37 -2.02
C LYS EA 81 -41.96 37.96 -2.51
N ILE EA 82 -41.65 36.67 -2.39
CA ILE EA 82 -40.37 36.10 -2.85
C ILE EA 82 -40.21 36.27 -4.36
N LEU EA 83 -41.29 35.98 -5.10
CA LEU EA 83 -41.31 36.18 -6.54
C LEU EA 83 -41.24 37.67 -6.90
N VAL EA 84 -41.85 38.51 -6.06
CA VAL EA 84 -41.81 39.96 -6.23
C VAL EA 84 -40.38 40.49 -5.97
N GLU EA 85 -39.72 39.93 -4.96
CA GLU EA 85 -38.34 40.28 -4.65
C GLU EA 85 -37.40 39.79 -5.75
N LEU EA 86 -37.78 38.68 -6.38
CA LEU EA 86 -37.05 38.13 -7.51
C LEU EA 86 -37.24 39.00 -8.76
N ALA EA 87 -38.46 39.52 -8.93
CA ALA EA 87 -38.82 40.36 -10.07
C ALA EA 87 -37.95 41.61 -10.17
N GLN EA 88 -37.74 42.27 -9.03
CA GLN EA 88 -36.91 43.47 -8.95
C GLN EA 88 -35.44 43.13 -9.06
N GLN EA 89 -35.06 42.01 -8.45
CA GLN EA 89 -33.69 41.49 -8.52
C GLN EA 89 -33.26 41.28 -9.98
N GLN EA 90 -34.24 41.14 -10.87
CA GLN EA 90 -33.97 41.14 -12.29
C GLN EA 90 -33.70 42.56 -12.75
N ASP EA 91 -34.63 43.47 -12.46
CA ASP EA 91 -34.56 44.86 -12.95
C ASP EA 91 -33.26 45.55 -12.55
N ARG EA 92 -32.59 45.03 -11.53
CA ARG EA 92 -31.35 45.60 -11.03
C ARG EA 92 -30.08 44.86 -11.51
N GLU EA 93 -30.29 43.76 -12.23
CA GLU EA 93 -29.15 42.98 -12.74
C GLU EA 93 -29.21 42.82 -14.25
N ILE EA 94 -30.40 43.06 -14.81
CA ILE EA 94 -30.58 43.00 -16.25
C ILE EA 94 -31.33 44.24 -16.74
N GLY EA 95 -32.43 44.58 -16.06
CA GLY EA 95 -33.22 45.75 -16.42
C GLY EA 95 -34.48 45.41 -17.20
N ASP EA 96 -34.41 44.35 -18.00
CA ASP EA 96 -35.56 43.84 -18.74
C ASP EA 96 -35.77 42.36 -18.41
N GLY EA 97 -36.91 41.80 -18.79
CA GLY EA 97 -37.20 40.40 -18.53
C GLY EA 97 -37.79 40.15 -17.14
N THR EA 98 -38.32 41.22 -16.54
CA THR EA 98 -38.91 41.15 -15.20
C THR EA 98 -40.19 40.32 -15.15
N THR EA 99 -41.03 40.47 -16.16
CA THR EA 99 -42.26 39.70 -16.26
C THR EA 99 -41.95 38.22 -16.48
N SER EA 100 -41.04 37.93 -17.40
CA SER EA 100 -40.69 36.56 -17.79
C SER EA 100 -40.16 35.70 -16.64
N VAL EA 101 -39.20 36.23 -15.87
CA VAL EA 101 -38.54 35.51 -14.77
C VAL EA 101 -39.54 35.03 -13.72
N VAL EA 102 -40.54 35.86 -13.45
CA VAL EA 102 -41.59 35.50 -12.51
C VAL EA 102 -42.43 34.34 -13.06
N ILE EA 103 -42.80 34.42 -14.34
CA ILE EA 103 -43.64 33.40 -14.97
C ILE EA 103 -42.97 32.03 -15.01
N ILE EA 104 -41.67 32.00 -15.32
CA ILE EA 104 -40.91 30.75 -15.29
C ILE EA 104 -40.95 30.17 -13.88
N ALA EA 105 -40.52 30.96 -12.89
CA ALA EA 105 -40.49 30.54 -11.50
C ALA EA 105 -41.78 29.85 -11.06
N SER EA 106 -42.91 30.46 -11.39
CA SER EA 106 -44.22 29.96 -10.97
C SER EA 106 -44.52 28.58 -11.55
N GLU EA 107 -44.17 28.39 -12.83
CA GLU EA 107 -44.41 27.14 -13.51
C GLU EA 107 -43.45 26.05 -13.02
N LEU EA 108 -42.27 26.47 -12.55
CA LEU EA 108 -41.28 25.54 -12.01
C LEU EA 108 -41.72 24.97 -10.66
N LEU EA 109 -42.46 25.76 -9.90
CA LEU EA 109 -43.06 25.30 -8.65
C LEU EA 109 -44.31 24.48 -8.90
N LYS EA 110 -45.25 25.04 -9.66
CA LYS EA 110 -46.51 24.39 -9.98
C LYS EA 110 -46.25 22.95 -10.42
N ARG EA 111 -45.38 22.80 -11.43
CA ARG EA 111 -44.99 21.50 -12.00
C ARG EA 111 -44.29 20.60 -10.97
N ALA EA 112 -43.30 21.16 -10.27
CA ALA EA 112 -42.57 20.43 -9.24
C ALA EA 112 -43.52 19.89 -8.18
N ASN EA 113 -44.53 20.70 -7.84
CA ASN EA 113 -45.52 20.30 -6.85
C ASN EA 113 -46.35 19.14 -7.36
N GLU EA 114 -46.82 19.25 -8.60
CA GLU EA 114 -47.61 18.19 -9.22
C GLU EA 114 -46.89 16.84 -9.21
N LEU EA 115 -45.56 16.88 -9.03
CA LEU EA 115 -44.73 15.67 -8.92
C LEU EA 115 -44.73 15.07 -7.51
N VAL EA 116 -44.72 15.94 -6.49
CA VAL EA 116 -44.82 15.48 -5.12
C VAL EA 116 -46.27 15.11 -4.82
N LYS EA 117 -47.19 15.96 -5.28
CA LYS EA 117 -48.62 15.70 -5.19
C LYS EA 117 -48.93 14.32 -5.77
N ASN EA 118 -48.07 13.87 -6.68
CA ASN EA 118 -48.08 12.49 -7.12
C ASN EA 118 -47.52 11.63 -5.98
N LYS EA 119 -46.19 11.45 -5.96
CA LYS EA 119 -45.51 10.74 -4.86
C LYS EA 119 -44.05 11.13 -4.74
N ILE EA 120 -43.44 11.51 -5.87
CA ILE EA 120 -41.99 11.78 -5.94
C ILE EA 120 -41.52 12.78 -4.90
N HIS EA 121 -40.39 12.46 -4.28
CA HIS EA 121 -39.81 13.26 -3.21
C HIS EA 121 -39.27 14.60 -3.71
N PRO EA 122 -39.41 15.67 -2.90
CA PRO EA 122 -38.88 16.98 -3.26
C PRO EA 122 -37.37 16.97 -3.55
N THR EA 123 -36.61 16.18 -2.79
CA THR EA 123 -35.16 16.11 -2.98
C THR EA 123 -34.80 15.60 -4.37
N THR EA 124 -35.58 14.65 -4.87
CA THR EA 124 -35.40 14.10 -6.21
C THR EA 124 -35.57 15.20 -7.26
N ILE EA 125 -36.64 15.99 -7.13
CA ILE EA 125 -37.00 17.02 -8.11
C ILE EA 125 -35.99 18.17 -8.13
N ILE EA 126 -35.51 18.55 -6.95
CA ILE EA 126 -34.52 19.62 -6.82
C ILE EA 126 -33.15 19.22 -7.36
N THR EA 127 -32.82 17.93 -7.28
CA THR EA 127 -31.61 17.37 -7.91
C THR EA 127 -31.78 17.27 -9.44
N GLY EA 128 -33.03 17.07 -9.87
CA GLY EA 128 -33.36 16.99 -11.30
C GLY EA 128 -33.51 18.35 -11.98
N PHE EA 129 -33.87 19.35 -11.19
CA PHE EA 129 -33.88 20.72 -11.67
C PHE EA 129 -32.45 21.21 -11.81
N ARG EA 130 -31.61 20.89 -10.82
CA ARG EA 130 -30.18 21.22 -10.82
C ARG EA 130 -29.45 20.76 -12.10
N VAL EA 131 -29.75 19.53 -12.52
CA VAL EA 131 -29.10 18.94 -13.71
C VAL EA 131 -29.58 19.59 -15.00
N ALA EA 132 -30.85 20.01 -15.02
CA ALA EA 132 -31.45 20.62 -16.22
C ALA EA 132 -30.91 22.03 -16.51
N LEU EA 133 -30.72 22.83 -15.45
CA LEU EA 133 -30.19 24.19 -15.58
C LEU EA 133 -28.72 24.21 -16.00
N ARG EA 134 -27.89 23.42 -15.30
CA ARG EA 134 -26.49 23.27 -15.66
C ARG EA 134 -26.35 22.89 -17.13
N GLU EA 135 -27.32 22.12 -17.63
CA GLU EA 135 -27.35 21.73 -19.02
C GLU EA 135 -27.92 22.84 -19.91
N ALA EA 136 -28.95 23.53 -19.40
CA ALA EA 136 -29.65 24.58 -20.15
C ALA EA 136 -28.78 25.79 -20.41
N ILE EA 137 -28.01 26.18 -19.40
CA ILE EA 137 -27.06 27.29 -19.50
C ILE EA 137 -25.84 26.90 -20.36
N ARG EA 138 -25.40 25.65 -20.26
CA ARG EA 138 -24.35 25.12 -21.15
C ARG EA 138 -24.84 25.14 -22.60
N PHE EA 139 -26.12 24.85 -22.80
CA PHE EA 139 -26.74 24.85 -24.12
C PHE EA 139 -26.92 26.26 -24.69
N ILE EA 140 -27.42 27.18 -23.86
CA ILE EA 140 -27.63 28.58 -24.27
C ILE EA 140 -26.35 29.20 -24.81
N ASN EA 141 -25.22 28.95 -24.14
CA ASN EA 141 -23.91 29.47 -24.56
C ASN EA 141 -23.38 28.91 -25.88
N GLU EA 142 -23.78 27.68 -26.22
CA GLU EA 142 -23.44 27.07 -27.51
C GLU EA 142 -24.59 27.24 -28.53
N VAL EA 143 -25.43 28.23 -28.28
CA VAL EA 143 -26.55 28.64 -29.17
C VAL EA 143 -26.65 30.17 -29.24
N LEU EA 144 -25.88 30.85 -28.40
CA LEU EA 144 -25.72 32.30 -28.43
C LEU EA 144 -25.03 32.73 -29.71
N SER EA 145 -25.18 34.01 -30.03
CA SER EA 145 -24.52 34.58 -31.19
C SER EA 145 -23.76 35.84 -30.79
N THR EA 146 -22.46 35.85 -31.08
CA THR EA 146 -21.60 37.03 -30.84
C THR EA 146 -21.58 37.94 -32.07
N SER EA 147 -22.07 39.17 -31.90
CA SER EA 147 -22.12 40.14 -33.00
C SER EA 147 -20.77 40.79 -33.24
N GLU EA 154 -25.66 48.72 -35.37
CA GLU EA 154 -26.59 48.05 -36.28
C GLU EA 154 -27.36 46.94 -35.56
N THR EA 155 -26.63 46.10 -34.82
CA THR EA 155 -27.22 45.02 -34.01
C THR EA 155 -28.01 45.60 -32.83
N LEU EA 156 -27.50 46.70 -32.27
CA LEU EA 156 -28.07 47.38 -31.11
C LEU EA 156 -29.49 47.91 -31.35
N ILE EA 157 -29.73 48.42 -32.56
CA ILE EA 157 -31.04 48.95 -32.96
C ILE EA 157 -32.11 47.85 -32.87
N ASN EA 158 -31.70 46.59 -33.05
CA ASN EA 158 -32.60 45.46 -32.88
C ASN EA 158 -32.91 45.15 -31.42
N ILE EA 159 -31.86 45.02 -30.60
CA ILE EA 159 -32.01 44.69 -29.17
C ILE EA 159 -32.81 45.78 -28.45
N ALA EA 160 -32.70 47.00 -28.97
CA ALA EA 160 -33.55 48.11 -28.54
C ALA EA 160 -35.00 47.82 -28.93
N LYS EA 161 -35.22 47.68 -30.24
CA LYS EA 161 -36.57 47.49 -30.81
C LYS EA 161 -37.31 46.24 -30.31
N THR EA 162 -36.57 45.26 -29.82
CA THR EA 162 -37.15 44.05 -29.25
C THR EA 162 -37.81 44.37 -27.92
N SER EA 163 -37.17 45.22 -27.13
CA SER EA 163 -37.72 45.65 -25.83
C SER EA 163 -38.75 46.76 -25.98
N MET EA 164 -38.84 47.33 -27.18
CA MET EA 164 -39.85 48.36 -27.46
C MET EA 164 -41.24 47.75 -27.57
N SER EA 165 -41.39 46.75 -28.46
CA SER EA 165 -42.63 45.99 -28.58
C SER EA 165 -42.92 45.30 -27.25
N SER EA 166 -44.21 45.21 -26.91
CA SER EA 166 -44.67 44.82 -25.58
C SER EA 166 -44.91 46.02 -24.66
N LYS EA 167 -44.44 47.18 -25.09
CA LYS EA 167 -44.65 48.42 -24.34
C LYS EA 167 -45.17 49.53 -25.24
N ILE EA 168 -45.56 50.65 -24.64
CA ILE EA 168 -46.23 51.74 -25.37
C ILE EA 168 -45.48 52.20 -26.62
N ILE EA 169 -44.18 52.43 -26.47
CA ILE EA 169 -43.36 52.97 -27.55
C ILE EA 169 -42.92 51.94 -28.59
N GLY EA 170 -43.60 50.80 -28.60
CA GLY EA 170 -43.41 49.79 -29.65
C GLY EA 170 -44.10 50.20 -30.93
N ALA EA 171 -45.09 51.09 -30.81
CA ALA EA 171 -45.81 51.65 -31.94
C ALA EA 171 -44.96 52.69 -32.66
N ASP EA 172 -44.06 53.33 -31.92
CA ASP EA 172 -43.05 54.19 -32.50
C ASP EA 172 -41.66 53.64 -32.21
N SER EA 173 -41.50 52.33 -32.45
CA SER EA 173 -40.30 51.56 -32.04
C SER EA 173 -39.02 51.98 -32.76
N ASP EA 174 -39.15 52.37 -34.02
CA ASP EA 174 -37.99 52.70 -34.83
C ASP EA 174 -37.30 53.97 -34.35
N PHE EA 175 -38.09 55.01 -34.08
CA PHE EA 175 -37.55 56.27 -33.58
C PHE EA 175 -36.87 56.08 -32.22
N PHE EA 176 -37.62 55.56 -31.26
CA PHE EA 176 -37.12 55.31 -29.92
C PHE EA 176 -36.09 54.16 -29.89
N SER EA 177 -35.78 53.63 -31.06
CA SER EA 177 -34.73 52.63 -31.15
C SER EA 177 -33.38 53.31 -31.36
N ASN EA 178 -33.37 54.30 -32.24
CA ASN EA 178 -32.14 55.04 -32.56
C ASN EA 178 -31.80 56.11 -31.53
N MET EA 179 -32.83 56.60 -30.83
CA MET EA 179 -32.64 57.47 -29.67
C MET EA 179 -31.81 56.76 -28.62
N VAL EA 180 -32.28 55.57 -28.22
CA VAL EA 180 -31.69 54.74 -27.17
C VAL EA 180 -30.24 54.36 -27.47
N VAL EA 181 -30.01 53.82 -28.66
CA VAL EA 181 -28.69 53.34 -29.08
C VAL EA 181 -27.65 54.47 -29.10
N ASP EA 182 -28.05 55.63 -29.62
CA ASP EA 182 -27.14 56.79 -29.71
C ASP EA 182 -26.94 57.48 -28.35
N ALA EA 183 -28.03 57.63 -27.60
CA ALA EA 183 -27.97 58.24 -26.28
C ALA EA 183 -26.90 57.57 -25.39
N LEU EA 184 -26.96 56.24 -25.30
CA LEU EA 184 -26.02 55.46 -24.46
C LEU EA 184 -24.63 55.34 -25.09
N LEU EA 185 -24.56 55.11 -26.40
CA LEU EA 185 -23.29 54.97 -27.10
C LEU EA 185 -22.45 56.24 -26.94
N ALA EA 186 -23.05 57.28 -26.36
CA ALA EA 186 -22.39 58.56 -26.18
C ALA EA 186 -21.97 58.84 -24.73
N VAL EA 187 -21.93 57.81 -23.88
CA VAL EA 187 -21.48 57.97 -22.49
C VAL EA 187 -20.37 57.03 -22.04
N LYS EA 188 -19.81 56.27 -22.98
CA LYS EA 188 -18.70 55.35 -22.70
C LYS EA 188 -17.69 55.93 -21.70
N THR EA 189 -17.38 55.18 -20.65
CA THR EA 189 -16.37 55.58 -19.66
C THR EA 189 -15.52 54.38 -19.22
N GLN EA 190 -14.35 54.65 -18.64
CA GLN EA 190 -13.49 53.61 -18.07
C GLN EA 190 -13.43 53.69 -16.53
N ASN EA 191 -13.41 52.54 -15.86
CA ASN EA 191 -13.19 52.45 -14.40
C ASN EA 191 -12.19 51.36 -14.06
N SER EA 192 -11.66 51.40 -12.84
CA SER EA 192 -10.70 50.41 -12.34
C SER EA 192 -9.60 50.08 -13.36
N LYS EA 193 -9.08 51.13 -13.99
CA LYS EA 193 -8.00 51.06 -14.98
C LYS EA 193 -8.22 50.06 -16.14
N GLY EA 194 -9.46 50.00 -16.65
CA GLY EA 194 -9.74 49.15 -17.81
C GLY EA 194 -11.19 48.76 -18.09
N GLU EA 195 -12.06 48.83 -17.08
CA GLU EA 195 -13.47 48.53 -17.30
C GLU EA 195 -14.07 49.58 -18.22
N ILE EA 196 -14.58 49.15 -19.39
CA ILE EA 196 -15.18 50.06 -20.37
C ILE EA 196 -16.70 49.93 -20.39
N LYS EA 197 -17.33 50.36 -19.29
CA LYS EA 197 -18.79 50.24 -19.12
C LYS EA 197 -19.56 51.47 -19.61
N TYR EA 198 -20.88 51.31 -19.75
CA TYR EA 198 -21.78 52.38 -20.14
C TYR EA 198 -22.74 52.62 -18.97
N PRO EA 199 -22.52 53.72 -18.23
CA PRO EA 199 -23.13 53.98 -16.93
C PRO EA 199 -24.61 53.64 -16.78
N VAL EA 200 -24.91 52.94 -15.69
CA VAL EA 200 -26.26 52.64 -15.25
C VAL EA 200 -26.99 53.93 -14.83
N LYS EA 201 -27.64 54.58 -15.81
CA LYS EA 201 -28.48 55.78 -15.62
C LYS EA 201 -27.73 57.12 -15.65
N ALA EA 202 -26.86 57.29 -16.64
CA ALA EA 202 -26.17 58.56 -16.82
C ALA EA 202 -26.95 59.45 -17.77
N VAL EA 203 -27.75 58.83 -18.63
CA VAL EA 203 -28.63 59.56 -19.52
C VAL EA 203 -29.77 60.12 -18.68
N ASN EA 204 -29.79 61.44 -18.53
CA ASN EA 204 -30.80 62.11 -17.72
C ASN EA 204 -32.10 62.24 -18.49
N VAL EA 205 -33.09 61.46 -18.08
CA VAL EA 205 -34.37 61.41 -18.75
C VAL EA 205 -35.28 62.47 -18.13
N LEU EA 206 -35.75 63.38 -18.96
CA LEU EA 206 -36.79 64.33 -18.58
C LEU EA 206 -38.05 64.05 -19.40
N LYS EA 207 -39.20 64.50 -18.90
CA LYS EA 207 -40.47 64.35 -19.61
C LYS EA 207 -41.36 65.55 -19.33
N ALA EA 208 -41.88 66.16 -20.41
CA ALA EA 208 -42.78 67.31 -20.31
C ALA EA 208 -43.93 67.19 -21.30
N HIS EA 209 -45.16 67.31 -20.79
CA HIS EA 209 -46.36 67.04 -21.58
C HIS EA 209 -46.67 68.10 -22.66
N GLY EA 210 -46.45 67.72 -23.92
CA GLY EA 210 -46.67 68.59 -25.06
C GLY EA 210 -46.20 67.97 -26.36
N LYS EA 211 -46.46 68.64 -27.47
CA LYS EA 211 -46.05 68.19 -28.81
C LYS EA 211 -46.46 66.74 -29.14
N SER EA 212 -45.64 66.07 -29.95
CA SER EA 212 -45.87 64.68 -30.35
C SER EA 212 -44.87 63.76 -29.65
N ALA EA 213 -45.06 62.44 -29.78
CA ALA EA 213 -44.13 61.46 -29.23
C ALA EA 213 -42.86 61.35 -30.07
N THR EA 214 -42.99 61.56 -31.37
CA THR EA 214 -41.86 61.56 -32.30
C THR EA 214 -40.96 62.78 -32.06
N GLU EA 215 -41.56 63.90 -31.69
CA GLU EA 215 -40.83 65.16 -31.50
C GLU EA 215 -40.01 65.19 -30.19
N SER EA 216 -39.76 64.00 -29.64
CA SER EA 216 -38.91 63.85 -28.46
C SER EA 216 -37.47 64.06 -28.86
N LEU EA 217 -36.95 65.27 -28.59
CA LEU EA 217 -35.63 65.63 -29.08
C LEU EA 217 -34.51 65.17 -28.17
N LEU EA 218 -33.54 64.49 -28.78
CA LEU EA 218 -32.30 64.08 -28.14
C LEU EA 218 -31.39 65.28 -27.95
N VAL EA 219 -30.94 65.51 -26.71
CA VAL EA 219 -30.03 66.61 -26.43
C VAL EA 219 -28.58 66.18 -26.69
N PRO EA 220 -27.85 66.96 -27.51
CA PRO EA 220 -26.45 66.69 -27.77
C PRO EA 220 -25.52 67.25 -26.67
N GLY EA 221 -25.91 67.07 -25.41
CA GLY EA 221 -25.13 67.56 -24.29
C GLY EA 221 -25.67 67.05 -22.96
N TYR EA 222 -26.44 67.90 -22.27
CA TYR EA 222 -27.07 67.52 -21.01
C TYR EA 222 -28.27 68.41 -20.69
N ALA EA 223 -29.29 67.81 -20.09
CA ALA EA 223 -30.48 68.54 -19.69
C ALA EA 223 -30.53 68.67 -18.18
N LEU EA 224 -30.45 69.91 -17.71
CA LEU EA 224 -30.69 70.25 -16.31
C LEU EA 224 -32.14 70.65 -16.13
N ASN EA 225 -32.81 70.12 -15.11
CA ASN EA 225 -34.16 70.58 -14.78
C ASN EA 225 -34.12 71.70 -13.73
N CYS EA 226 -33.48 72.81 -14.12
CA CYS EA 226 -33.34 74.01 -13.30
C CYS EA 226 -33.44 75.26 -14.18
N THR EA 227 -33.75 76.39 -13.57
CA THR EA 227 -33.76 77.65 -14.32
C THR EA 227 -32.61 78.53 -13.84
N VAL EA 228 -32.37 79.60 -14.59
CA VAL EA 228 -31.44 80.62 -14.15
C VAL EA 228 -32.08 81.29 -12.93
N ALA EA 229 -31.37 81.22 -11.79
CA ALA EA 229 -31.91 81.63 -10.49
C ALA EA 229 -32.53 83.03 -10.47
N SER EA 230 -31.79 84.01 -10.97
CA SER EA 230 -32.31 85.36 -11.09
C SER EA 230 -32.76 85.67 -12.51
N GLN EA 231 -33.89 86.38 -12.60
CA GLN EA 231 -34.51 86.71 -13.88
C GLN EA 231 -33.66 87.68 -14.70
N ALA EA 232 -32.85 88.49 -14.02
CA ALA EA 232 -32.04 89.52 -14.66
C ALA EA 232 -30.80 88.97 -15.37
N MET EA 233 -30.47 87.70 -15.10
CA MET EA 233 -29.36 87.00 -15.75
C MET EA 233 -29.70 86.67 -17.19
N PRO EA 234 -28.66 86.38 -18.01
CA PRO EA 234 -28.91 85.95 -19.38
C PRO EA 234 -29.53 84.55 -19.44
N LYS EA 235 -30.60 84.40 -20.23
CA LYS EA 235 -31.24 83.10 -20.42
C LYS EA 235 -30.55 82.26 -21.51
N ARG EA 236 -29.42 82.75 -22.02
CA ARG EA 236 -28.60 82.04 -23.01
C ARG EA 236 -27.19 82.62 -23.13
N ILE EA 237 -26.19 81.73 -23.26
CA ILE EA 237 -24.84 82.12 -23.65
C ILE EA 237 -24.34 81.16 -24.73
N ALA EA 238 -23.92 81.72 -25.86
CA ALA EA 238 -23.61 80.95 -27.07
C ALA EA 238 -22.22 81.24 -27.64
N GLY EA 239 -21.85 80.48 -28.66
CA GLY EA 239 -20.53 80.58 -29.27
C GLY EA 239 -19.58 79.60 -28.62
N GLY EA 240 -18.51 79.24 -29.33
CA GLY EA 240 -17.55 78.24 -28.84
C GLY EA 240 -16.87 78.57 -27.53
N ASN EA 241 -16.32 77.54 -26.89
CA ASN EA 241 -15.56 77.67 -25.65
C ASN EA 241 -16.23 78.55 -24.57
N VAL EA 242 -17.30 78.02 -23.98
CA VAL EA 242 -17.98 78.68 -22.85
C VAL EA 242 -17.50 78.08 -21.53
N LYS EA 243 -17.31 78.93 -20.53
CA LYS EA 243 -16.74 78.52 -19.25
C LYS EA 243 -17.82 78.21 -18.20
N ILE EA 244 -17.76 77.00 -17.63
CA ILE EA 244 -18.76 76.51 -16.67
C ILE EA 244 -18.16 76.16 -15.31
N ALA EA 245 -18.64 76.84 -14.27
CA ALA EA 245 -18.18 76.60 -12.90
C ALA EA 245 -19.13 75.63 -12.17
N CYS EA 246 -18.68 74.38 -12.02
CA CYS EA 246 -19.45 73.36 -11.31
C CYS EA 246 -19.15 73.42 -9.80
N LEU EA 247 -20.07 74.02 -9.04
CA LEU EA 247 -19.86 74.25 -7.61
C LEU EA 247 -20.64 73.31 -6.67
N ASP EA 248 -20.25 73.30 -5.39
CA ASP EA 248 -20.76 72.35 -4.40
C ASP EA 248 -20.90 73.00 -3.01
N LEU EA 249 -20.39 74.22 -2.86
CA LEU EA 249 -20.50 74.98 -1.62
C LEU EA 249 -21.39 76.21 -1.82
N ASN EA 250 -22.30 76.44 -0.88
CA ASN EA 250 -23.26 77.55 -0.95
C ASN EA 250 -22.63 78.95 -0.93
N LEU EA 251 -23.31 79.89 -1.60
CA LEU EA 251 -22.88 81.26 -1.66
C LEU EA 251 -23.85 82.14 -0.86
N GLN EA 252 -23.84 81.94 0.45
CA GLN EA 252 -24.69 82.69 1.38
C GLN EA 252 -23.82 83.21 2.52
N LYS EA 253 -24.43 83.87 3.50
CA LYS EA 253 -23.68 84.32 4.67
C LYS EA 253 -23.63 83.21 5.71
N ALA EA 254 -22.61 83.24 6.57
CA ALA EA 254 -22.41 82.18 7.56
C ALA EA 254 -22.71 82.62 9.00
N ARG EA 255 -23.37 81.74 9.75
CA ARG EA 255 -23.36 81.83 11.22
C ARG EA 255 -21.91 81.60 11.61
N MET EA 256 -21.48 82.15 12.74
CA MET EA 256 -20.07 82.06 13.12
C MET EA 256 -19.54 80.62 13.10
N ALA EA 257 -18.92 80.28 11.95
CA ALA EA 257 -18.42 78.94 11.63
C ALA EA 257 -19.22 77.81 12.29
N MET EA 258 -18.74 77.34 13.44
CA MET EA 258 -19.41 76.29 14.20
C MET EA 258 -19.52 76.66 15.68
N GLY EA 259 -18.49 76.30 16.44
CA GLY EA 259 -18.48 76.57 17.87
C GLY EA 259 -18.08 77.99 18.21
N VAL EA 260 -18.29 78.91 17.27
CA VAL EA 260 -17.88 80.31 17.44
C VAL EA 260 -19.04 81.19 17.89
N GLN EA 261 -18.78 81.98 18.94
CA GLN EA 261 -19.77 82.87 19.51
C GLN EA 261 -19.24 84.30 19.46
N ILE EA 262 -20.13 85.26 19.70
CA ILE EA 262 -19.77 86.67 19.64
C ILE EA 262 -20.02 87.37 20.98
N ASN EA 263 -18.97 87.96 21.53
CA ASN EA 263 -19.11 88.91 22.62
C ASN EA 263 -18.64 90.30 22.22
N ILE EA 264 -19.59 91.13 21.81
CA ILE EA 264 -19.33 92.51 21.48
C ILE EA 264 -19.03 93.28 22.76
N ASP EA 265 -17.83 93.83 22.84
CA ASP EA 265 -17.40 94.58 24.01
C ASP EA 265 -17.14 96.04 23.65
N ASP EA 266 -16.68 96.27 22.42
CA ASP EA 266 -16.45 97.61 21.92
C ASP EA 266 -17.41 97.91 20.76
N PRO EA 267 -18.53 98.59 21.07
CA PRO EA 267 -19.63 98.95 20.19
C PRO EA 267 -19.28 99.08 18.70
N GLU EA 268 -18.13 99.68 18.40
CA GLU EA 268 -17.69 99.93 17.03
C GLU EA 268 -17.51 98.66 16.19
N GLN EA 269 -17.37 97.51 16.87
CA GLN EA 269 -17.16 96.23 16.20
C GLN EA 269 -18.45 95.57 15.72
N LEU EA 270 -19.59 96.16 16.10
CA LEU EA 270 -20.89 95.67 15.63
C LEU EA 270 -20.96 95.66 14.10
N GLU EA 271 -20.59 96.78 13.50
CA GLU EA 271 -20.62 96.93 12.05
C GLU EA 271 -19.35 96.40 11.36
N GLN EA 272 -18.27 96.29 12.12
CA GLN EA 272 -17.04 95.66 11.61
C GLN EA 272 -17.26 94.17 11.34
N ILE EA 273 -17.85 93.48 12.31
CA ILE EA 273 -18.10 92.03 12.23
C ILE EA 273 -19.28 91.72 11.31
N ARG EA 274 -20.34 92.51 11.40
CA ARG EA 274 -21.53 92.33 10.55
C ARG EA 274 -21.18 92.38 9.07
N LYS EA 275 -20.51 93.44 8.65
CA LYS EA 275 -20.16 93.64 7.23
C LYS EA 275 -19.19 92.60 6.70
N ARG EA 276 -18.35 92.05 7.59
CA ARG EA 276 -17.37 91.05 7.21
C ARG EA 276 -18.01 89.70 6.87
N GLU EA 277 -19.23 89.48 7.35
CA GLU EA 277 -20.01 88.28 7.02
C GLU EA 277 -20.46 88.32 5.55
N ALA EA 278 -20.57 89.53 5.00
CA ALA EA 278 -20.83 89.71 3.58
C ALA EA 278 -19.54 89.49 2.77
N GLY EA 279 -18.44 90.07 3.25
CA GLY EA 279 -17.16 90.03 2.57
C GLY EA 279 -16.67 88.66 2.15
N ILE EA 280 -16.58 87.75 3.11
CA ILE EA 280 -16.13 86.36 2.86
C ILE EA 280 -16.80 85.77 1.61
N VAL EA 281 -18.11 85.95 1.50
CA VAL EA 281 -18.89 85.41 0.38
C VAL EA 281 -18.59 86.18 -0.90
N LEU EA 282 -18.59 87.51 -0.80
CA LEU EA 282 -18.30 88.39 -1.93
C LEU EA 282 -16.89 88.16 -2.46
N GLU EA 283 -15.95 87.86 -1.57
CA GLU EA 283 -14.58 87.56 -1.95
C GLU EA 283 -14.50 86.17 -2.59
N ARG EA 284 -15.39 85.28 -2.16
CA ARG EA 284 -15.50 83.96 -2.76
C ARG EA 284 -16.20 84.06 -4.12
N VAL EA 285 -17.23 84.90 -4.20
CA VAL EA 285 -17.95 85.12 -5.46
C VAL EA 285 -17.02 85.76 -6.50
N LYS EA 286 -16.21 86.74 -6.07
CA LYS EA 286 -15.26 87.42 -6.95
C LYS EA 286 -14.22 86.47 -7.53
N LYS EA 287 -13.71 85.56 -6.70
CA LYS EA 287 -12.72 84.56 -7.11
C LYS EA 287 -13.27 83.57 -8.14
N ILE EA 288 -14.60 83.52 -8.26
CA ILE EA 288 -15.27 82.69 -9.27
C ILE EA 288 -15.54 83.50 -10.54
N ILE EA 289 -16.03 84.73 -10.39
CA ILE EA 289 -16.25 85.64 -11.54
C ILE EA 289 -14.93 85.89 -12.27
N ASP EA 290 -13.91 86.28 -11.51
CA ASP EA 290 -12.60 86.67 -12.05
C ASP EA 290 -11.78 85.53 -12.62
N ALA EA 291 -12.17 84.29 -12.32
CA ALA EA 291 -11.52 83.12 -12.88
C ALA EA 291 -11.92 82.90 -14.33
N GLY EA 292 -12.95 83.62 -14.77
CA GLY EA 292 -13.41 83.56 -16.16
C GLY EA 292 -14.60 82.66 -16.38
N ALA EA 293 -15.46 82.54 -15.36
CA ALA EA 293 -16.65 81.70 -15.46
C ALA EA 293 -17.85 82.50 -15.98
N GLN EA 294 -18.42 82.03 -17.07
CA GLN EA 294 -19.61 82.64 -17.66
C GLN EA 294 -20.88 82.01 -17.11
N VAL EA 295 -20.79 80.73 -16.73
CA VAL EA 295 -21.93 79.98 -16.21
C VAL EA 295 -21.55 79.33 -14.88
N VAL EA 296 -22.41 79.51 -13.87
CA VAL EA 296 -22.20 78.96 -12.53
C VAL EA 296 -23.35 78.01 -12.17
N LEU EA 297 -23.00 76.82 -11.70
CA LEU EA 297 -23.98 75.81 -11.31
C LEU EA 297 -23.63 75.24 -9.94
N THR EA 298 -24.43 75.59 -8.92
CA THR EA 298 -24.13 75.22 -7.54
C THR EA 298 -25.14 74.26 -6.93
N THR EA 299 -24.61 73.23 -6.27
CA THR EA 299 -25.37 72.23 -5.54
C THR EA 299 -26.16 72.85 -4.37
N LYS EA 300 -25.48 73.63 -3.54
CA LYS EA 300 -26.14 74.33 -2.43
C LYS EA 300 -26.56 75.74 -2.85
N GLY EA 301 -26.90 76.58 -1.86
CA GLY EA 301 -27.59 77.85 -2.12
C GLY EA 301 -26.84 79.03 -2.73
N ILE EA 302 -27.61 79.98 -3.27
CA ILE EA 302 -27.09 81.28 -3.70
C ILE EA 302 -27.95 82.39 -3.10
N ASP EA 303 -27.33 83.15 -2.20
CA ASP EA 303 -27.97 84.29 -1.54
C ASP EA 303 -28.35 85.35 -2.57
N ASP EA 304 -29.39 86.13 -2.25
CA ASP EA 304 -29.75 87.30 -3.06
C ASP EA 304 -28.59 88.27 -3.22
N LEU EA 305 -27.79 88.38 -2.16
CA LEU EA 305 -26.59 89.21 -2.12
C LEU EA 305 -25.58 88.81 -3.18
N CYS EA 306 -25.53 87.53 -3.50
CA CYS EA 306 -24.57 87.01 -4.46
C CYS EA 306 -25.17 86.85 -5.86
N LEU EA 307 -26.48 86.99 -5.97
CA LEU EA 307 -27.16 86.99 -7.26
C LEU EA 307 -26.94 88.31 -7.98
N LYS EA 308 -27.05 89.41 -7.24
CA LYS EA 308 -26.83 90.77 -7.76
C LYS EA 308 -25.40 90.98 -8.29
N GLU EA 309 -24.48 90.09 -7.89
CA GLU EA 309 -23.09 90.13 -8.36
C GLU EA 309 -22.90 89.40 -9.69
N PHE EA 310 -23.69 88.34 -9.90
CA PHE EA 310 -23.66 87.62 -11.16
C PHE EA 310 -24.46 88.36 -12.23
N VAL EA 311 -25.60 88.92 -11.82
CA VAL EA 311 -26.48 89.64 -12.72
C VAL EA 311 -25.75 90.75 -13.46
N GLU EA 312 -25.07 91.62 -12.71
CA GLU EA 312 -24.35 92.79 -13.27
C GLU EA 312 -23.10 92.38 -14.06
N ALA EA 313 -22.62 91.16 -13.81
CA ALA EA 313 -21.49 90.59 -14.54
C ALA EA 313 -21.96 89.64 -15.66
N LYS EA 314 -23.27 89.67 -15.93
CA LYS EA 314 -23.89 88.93 -17.03
C LYS EA 314 -23.64 87.42 -16.94
N ILE EA 315 -23.57 86.91 -15.72
CA ILE EA 315 -23.28 85.50 -15.48
C ILE EA 315 -24.55 84.72 -15.15
N MET EA 316 -24.95 83.89 -16.11
CA MET EA 316 -26.06 82.97 -15.97
C MET EA 316 -25.70 81.96 -14.87
N GLY EA 317 -26.38 82.07 -13.73
CA GLY EA 317 -26.07 81.24 -12.56
C GLY EA 317 -27.26 80.54 -11.94
N VAL EA 318 -27.11 79.25 -11.70
CA VAL EA 318 -28.19 78.41 -11.17
C VAL EA 318 -27.92 78.01 -9.72
N ARG EA 319 -28.99 77.98 -8.92
CA ARG EA 319 -28.90 77.53 -7.54
C ARG EA 319 -29.53 76.15 -7.37
N ARG EA 320 -29.23 75.51 -6.23
CA ARG EA 320 -29.90 74.28 -5.80
C ARG EA 320 -30.14 73.26 -6.92
N CYS EA 321 -29.05 72.77 -7.52
CA CYS EA 321 -29.16 71.75 -8.55
C CYS EA 321 -28.61 70.39 -8.09
N LYS EA 322 -29.34 69.33 -8.45
CA LYS EA 322 -29.00 67.96 -8.05
C LYS EA 322 -27.52 67.68 -8.30
N LYS EA 323 -26.82 67.23 -7.25
CA LYS EA 323 -25.40 66.88 -7.35
C LYS EA 323 -25.16 65.67 -8.27
N GLU EA 324 -26.20 64.84 -8.40
CA GLU EA 324 -26.21 63.67 -9.30
C GLU EA 324 -26.13 64.07 -10.77
N ASP EA 325 -26.59 65.30 -11.05
CA ASP EA 325 -26.53 65.90 -12.38
C ASP EA 325 -25.16 66.55 -12.59
N LEU EA 326 -24.69 67.25 -11.55
CA LEU EA 326 -23.50 68.11 -11.65
C LEU EA 326 -22.20 67.34 -11.82
N ARG EA 327 -22.12 66.16 -11.21
CA ARG EA 327 -20.96 65.28 -11.40
C ARG EA 327 -20.93 64.70 -12.80
N ARG EA 328 -22.12 64.52 -13.39
CA ARG EA 328 -22.26 64.02 -14.76
C ARG EA 328 -22.11 65.14 -15.80
N ILE EA 329 -22.04 66.39 -15.32
CA ILE EA 329 -21.66 67.55 -16.14
C ILE EA 329 -20.18 67.85 -15.94
N ALA EA 330 -19.68 67.54 -14.75
CA ALA EA 330 -18.26 67.65 -14.44
C ALA EA 330 -17.44 66.71 -15.34
N ARG EA 331 -17.74 65.41 -15.30
CA ARG EA 331 -17.06 64.42 -16.12
C ARG EA 331 -17.23 64.68 -17.63
N ALA EA 332 -18.21 65.52 -17.98
CA ALA EA 332 -18.60 65.73 -19.37
C ALA EA 332 -18.01 66.98 -20.03
N THR EA 333 -18.00 68.10 -19.30
CA THR EA 333 -17.51 69.38 -19.85
C THR EA 333 -16.00 69.55 -19.65
N GLY EA 334 -15.46 68.82 -18.67
CA GLY EA 334 -14.04 68.89 -18.35
C GLY EA 334 -13.76 69.67 -17.07
N ALA EA 335 -14.83 70.12 -16.43
CA ALA EA 335 -14.76 70.86 -15.18
C ALA EA 335 -14.45 69.95 -14.00
N THR EA 336 -14.27 70.57 -12.83
CA THR EA 336 -14.05 69.82 -11.60
C THR EA 336 -15.06 70.29 -10.54
N LEU EA 337 -15.70 69.34 -9.87
CA LEU EA 337 -16.65 69.64 -8.79
C LEU EA 337 -15.95 70.22 -7.57
N VAL EA 338 -16.17 71.51 -7.35
CA VAL EA 338 -15.50 72.24 -6.27
C VAL EA 338 -16.28 72.12 -4.97
N SER EA 339 -15.81 71.23 -4.08
CA SER EA 339 -16.39 71.06 -2.76
C SER EA 339 -16.04 72.26 -1.88
N SER EA 340 -14.74 72.58 -1.82
CA SER EA 340 -14.24 73.77 -1.11
C SER EA 340 -12.79 74.02 -1.47
N MET EA 341 -12.54 75.19 -2.06
CA MET EA 341 -11.21 75.53 -2.54
C MET EA 341 -10.29 76.01 -1.42
N SER EA 342 -9.24 75.24 -1.17
CA SER EA 342 -8.13 75.66 -0.32
C SER EA 342 -6.86 75.07 -0.94
N ASN EA 343 -5.88 75.93 -1.19
CA ASN EA 343 -4.68 75.51 -1.92
C ASN EA 343 -3.73 74.60 -1.12
N LEU EA 344 -2.48 74.50 -1.59
CA LEU EA 344 -1.41 73.83 -0.86
C LEU EA 344 -1.14 74.58 0.44
N GLU EA 345 -0.96 75.90 0.32
CA GLU EA 345 -0.97 76.80 1.47
C GLU EA 345 -2.41 76.99 1.95
N GLY EA 346 -2.58 77.56 3.14
CA GLY EA 346 -3.92 77.79 3.71
C GLY EA 346 -4.86 78.63 2.86
N GLU EA 347 -4.27 79.46 1.98
CA GLU EA 347 -5.01 80.43 1.15
C GLU EA 347 -6.12 79.84 0.27
N GLU EA 348 -7.23 80.56 0.19
CA GLU EA 348 -8.37 80.15 -0.63
C GLU EA 348 -8.25 80.74 -2.03
N THR EA 349 -7.88 79.89 -2.99
CA THR EA 349 -7.69 80.30 -4.38
C THR EA 349 -8.53 79.45 -5.34
N PHE EA 350 -8.74 79.97 -6.55
CA PHE EA 350 -9.51 79.27 -7.58
C PHE EA 350 -8.87 79.43 -8.96
N GLU EA 351 -8.15 78.41 -9.40
CA GLU EA 351 -7.48 78.45 -10.70
C GLU EA 351 -8.44 78.26 -11.86
N SER EA 352 -8.12 78.93 -12.98
CA SER EA 352 -9.01 79.01 -14.15
C SER EA 352 -9.18 77.69 -14.88
N SER EA 353 -8.34 76.72 -14.55
CA SER EA 353 -8.37 75.40 -15.18
C SER EA 353 -9.45 74.48 -14.57
N TYR EA 354 -10.27 75.03 -13.68
CA TYR EA 354 -11.31 74.28 -12.98
C TYR EA 354 -12.63 74.16 -13.76
N LEU EA 355 -12.77 74.97 -14.81
CA LEU EA 355 -14.03 75.12 -15.54
C LEU EA 355 -14.16 74.19 -16.74
N GLY EA 356 -15.40 73.86 -17.10
CA GLY EA 356 -15.66 72.95 -18.22
C GLY EA 356 -15.98 73.68 -19.49
N LEU EA 357 -15.48 73.15 -20.61
CA LEU EA 357 -15.71 73.75 -21.91
C LEU EA 357 -16.92 73.10 -22.59
N CYS EA 358 -17.72 73.92 -23.28
CA CYS EA 358 -18.88 73.43 -23.99
C CYS EA 358 -19.13 74.22 -25.28
N ASP EA 359 -20.35 74.11 -25.80
CA ASP EA 359 -20.74 74.84 -27.00
C ASP EA 359 -21.72 75.96 -26.64
N GLU EA 360 -22.83 75.59 -26.02
CA GLU EA 360 -23.87 76.55 -25.65
C GLU EA 360 -24.53 76.19 -24.31
N VAL EA 361 -24.92 77.22 -23.56
CA VAL EA 361 -25.75 77.02 -22.37
C VAL EA 361 -27.05 77.78 -22.58
N VAL EA 362 -28.05 77.06 -23.08
CA VAL EA 362 -29.31 77.66 -23.50
C VAL EA 362 -30.45 77.14 -22.63
N GLN EA 363 -31.26 78.06 -22.10
CA GLN EA 363 -32.47 77.71 -21.35
C GLN EA 363 -33.67 77.61 -22.31
N ALA EA 364 -34.12 76.38 -22.58
CA ALA EA 364 -35.16 76.14 -23.58
C ALA EA 364 -36.54 75.96 -22.96
N LYS EA 365 -37.53 76.61 -23.55
CA LYS EA 365 -38.90 76.58 -23.03
C LYS EA 365 -39.71 75.45 -23.67
N PHE EA 366 -39.98 74.42 -22.86
CA PHE EA 366 -40.83 73.31 -23.27
C PHE EA 366 -42.20 73.45 -22.60
N SER EA 367 -43.26 73.39 -23.39
CA SER EA 367 -44.64 73.34 -22.88
C SER EA 367 -44.84 73.85 -21.44
N ASP EA 368 -44.77 75.17 -21.26
CA ASP EA 368 -44.99 75.81 -19.95
C ASP EA 368 -44.02 75.29 -18.88
N ASP EA 369 -42.73 75.47 -19.16
CA ASP EA 369 -41.64 74.98 -18.32
C ASP EA 369 -40.33 75.30 -19.01
N GLU EA 370 -39.48 76.10 -18.37
CA GLU EA 370 -38.15 76.40 -18.89
C GLU EA 370 -37.09 75.56 -18.18
N CYS EA 371 -36.11 75.08 -18.94
CA CYS EA 371 -34.99 74.31 -18.37
C CYS EA 371 -33.70 74.51 -19.17
N ILE EA 372 -32.57 74.40 -18.46
CA ILE EA 372 -31.25 74.71 -19.03
C ILE EA 372 -30.58 73.52 -19.72
N LEU EA 373 -30.22 73.74 -20.98
CA LEU EA 373 -29.50 72.76 -21.79
C LEU EA 373 -28.05 73.15 -21.94
N ILE EA 374 -27.15 72.28 -21.49
CA ILE EA 374 -25.73 72.44 -21.74
C ILE EA 374 -25.37 71.68 -23.02
N LYS EA 375 -25.35 72.39 -24.14
CA LYS EA 375 -25.13 71.78 -25.45
C LYS EA 375 -23.66 71.64 -25.80
N GLY EA 376 -23.37 70.63 -26.61
CA GLY EA 376 -22.05 70.39 -27.20
C GLY EA 376 -20.90 70.37 -26.21
N THR EA 377 -20.81 69.28 -25.45
CA THR EA 377 -19.74 69.11 -24.46
C THR EA 377 -18.39 68.86 -25.12
N SER EA 378 -17.32 69.29 -24.45
CA SER EA 378 -15.96 69.16 -25.01
C SER EA 378 -15.17 67.97 -24.45
N LYS EA 379 -15.28 67.70 -23.15
CA LYS EA 379 -14.48 66.64 -22.51
C LYS EA 379 -14.87 65.24 -22.97
N HIS EA 380 -16.17 65.01 -23.15
CA HIS EA 380 -16.66 63.75 -23.68
C HIS EA 380 -18.09 63.91 -24.17
N SER EA 381 -18.51 63.03 -25.07
CA SER EA 381 -19.89 63.02 -25.54
C SER EA 381 -20.82 62.81 -24.35
N SER EA 382 -21.97 63.47 -24.39
CA SER EA 382 -23.00 63.28 -23.37
C SER EA 382 -24.36 63.38 -24.03
N SER EA 383 -25.29 62.53 -23.61
CA SER EA 383 -26.63 62.51 -24.19
C SER EA 383 -27.72 62.49 -23.13
N SER EA 384 -28.81 63.22 -23.40
CA SER EA 384 -30.00 63.24 -22.55
C SER EA 384 -31.27 63.33 -23.38
N ILE EA 385 -32.32 62.64 -22.95
CA ILE EA 385 -33.56 62.53 -23.74
C ILE EA 385 -34.71 63.31 -23.10
N ILE EA 386 -35.32 64.21 -23.86
CA ILE EA 386 -36.52 64.93 -23.42
C ILE EA 386 -37.79 64.40 -24.11
N LEU EA 387 -38.57 63.63 -23.35
CA LEU EA 387 -39.79 62.99 -23.85
C LEU EA 387 -40.98 63.93 -23.90
N ARG EA 388 -41.87 63.69 -24.86
CA ARG EA 388 -43.08 64.50 -25.05
C ARG EA 388 -44.25 63.56 -25.35
N GLY EA 389 -45.45 63.97 -24.95
CA GLY EA 389 -46.65 63.16 -25.20
C GLY EA 389 -47.94 63.75 -24.68
N ALA EA 390 -49.00 62.92 -24.69
CA ALA EA 390 -50.32 63.33 -24.25
C ALA EA 390 -50.33 63.87 -22.82
N ASN EA 391 -50.35 62.97 -21.84
CA ASN EA 391 -50.37 63.38 -20.43
C ASN EA 391 -49.27 62.74 -19.57
N ASP EA 392 -49.35 62.97 -18.26
CA ASP EA 392 -48.34 62.46 -17.34
C ASP EA 392 -48.39 60.94 -17.19
N TYR EA 393 -49.56 60.34 -17.39
CA TYR EA 393 -49.71 58.89 -17.34
C TYR EA 393 -49.02 58.24 -18.53
N SER EA 394 -49.19 58.87 -19.70
CA SER EA 394 -48.48 58.48 -20.90
C SER EA 394 -46.98 58.54 -20.63
N LEU EA 395 -46.47 59.74 -20.38
CA LEU EA 395 -45.03 59.99 -20.18
C LEU EA 395 -44.37 59.02 -19.22
N ASP EA 396 -44.95 58.89 -18.03
CA ASP EA 396 -44.43 58.01 -17.00
C ASP EA 396 -44.00 56.65 -17.56
N GLU EA 397 -44.88 56.02 -18.32
CA GLU EA 397 -44.66 54.66 -18.80
C GLU EA 397 -43.61 54.59 -19.89
N MET EA 398 -43.59 55.58 -20.79
CA MET EA 398 -42.54 55.59 -21.82
C MET EA 398 -41.15 55.88 -21.25
N GLU EA 399 -41.08 56.49 -20.06
CA GLU EA 399 -39.81 56.64 -19.34
C GLU EA 399 -39.32 55.28 -18.82
N ARG EA 400 -40.23 54.54 -18.17
CA ARG EA 400 -39.95 53.20 -17.67
C ARG EA 400 -39.65 52.24 -18.81
N SER EA 401 -40.37 52.42 -19.92
CA SER EA 401 -40.15 51.63 -21.11
C SER EA 401 -38.78 51.93 -21.72
N LEU EA 402 -38.29 53.15 -21.50
CA LEU EA 402 -36.96 53.54 -21.94
C LEU EA 402 -35.88 52.93 -21.05
N HIS EA 403 -36.08 53.04 -19.74
CA HIS EA 403 -35.15 52.48 -18.75
C HIS EA 403 -34.92 50.99 -19.00
N ASP EA 404 -35.99 50.31 -19.41
CA ASP EA 404 -35.95 48.88 -19.75
C ASP EA 404 -35.25 48.61 -21.09
N SER EA 405 -35.31 49.57 -22.00
CA SER EA 405 -34.70 49.42 -23.32
C SER EA 405 -33.26 49.92 -23.36
N LEU EA 406 -32.98 50.99 -22.60
CA LEU EA 406 -31.62 51.48 -22.44
C LEU EA 406 -30.79 50.46 -21.67
N SER EA 407 -31.49 49.55 -21.01
CA SER EA 407 -30.87 48.50 -20.21
C SER EA 407 -30.33 47.38 -21.09
N VAL EA 408 -31.22 46.77 -21.87
CA VAL EA 408 -30.83 45.64 -22.73
C VAL EA 408 -29.72 46.01 -23.71
N VAL EA 409 -29.63 47.28 -24.06
CA VAL EA 409 -28.54 47.78 -24.90
C VAL EA 409 -27.22 47.72 -24.11
N LYS EA 410 -27.24 48.27 -22.89
CA LYS EA 410 -26.05 48.30 -22.03
C LYS EA 410 -25.44 46.92 -21.84
N ARG EA 411 -26.30 45.94 -21.56
CA ARG EA 411 -25.86 44.57 -21.27
C ARG EA 411 -25.29 43.92 -22.52
N THR EA 412 -25.82 44.32 -23.68
CA THR EA 412 -25.27 43.89 -24.96
C THR EA 412 -23.89 44.49 -25.12
N LEU EA 413 -23.78 45.78 -24.85
CA LEU EA 413 -22.50 46.47 -24.94
C LEU EA 413 -21.52 45.99 -23.87
N GLU EA 414 -22.03 45.57 -22.72
CA GLU EA 414 -21.20 45.03 -21.66
C GLU EA 414 -20.75 43.59 -21.96
N SER EA 415 -21.67 42.76 -22.44
CA SER EA 415 -21.38 41.36 -22.74
C SER EA 415 -21.52 41.07 -24.22
N GLY EA 416 -20.42 40.62 -24.82
CA GLY EA 416 -20.40 40.28 -26.25
C GLY EA 416 -21.09 38.96 -26.58
N ASN EA 417 -22.39 38.91 -26.31
CA ASN EA 417 -23.24 37.75 -26.60
C ASN EA 417 -24.72 38.13 -26.65
N VAL EA 418 -25.43 37.62 -27.64
CA VAL EA 418 -26.89 37.80 -27.75
C VAL EA 418 -27.58 36.49 -28.11
N VAL EA 419 -28.83 36.35 -27.67
CA VAL EA 419 -29.61 35.15 -27.94
C VAL EA 419 -30.79 35.48 -28.85
N PRO EA 420 -31.05 34.62 -29.84
CA PRO EA 420 -32.23 34.76 -30.69
C PRO EA 420 -33.50 34.58 -29.87
N GLY EA 421 -34.18 35.68 -29.57
CA GLY EA 421 -35.38 35.66 -28.74
C GLY EA 421 -36.62 35.18 -29.46
N GLY EA 422 -37.77 35.71 -29.08
CA GLY EA 422 -39.04 35.34 -29.69
C GLY EA 422 -39.57 34.00 -29.20
N GLY EA 423 -39.06 33.55 -28.07
CA GLY EA 423 -39.47 32.29 -27.48
C GLY EA 423 -38.91 31.06 -28.17
N CYS EA 424 -37.77 31.23 -28.85
CA CYS EA 424 -37.10 30.10 -29.48
C CYS EA 424 -35.89 29.63 -28.66
N VAL EA 425 -35.45 30.46 -27.73
CA VAL EA 425 -34.47 30.05 -26.72
C VAL EA 425 -35.14 28.99 -25.85
N GLU EA 426 -36.38 29.28 -25.44
CA GLU EA 426 -37.17 28.41 -24.58
C GLU EA 426 -37.56 27.13 -25.34
N ALA EA 427 -38.08 27.33 -26.55
CA ALA EA 427 -38.58 26.23 -27.38
C ALA EA 427 -37.51 25.16 -27.62
N ALA EA 428 -36.31 25.60 -27.98
CA ALA EA 428 -35.18 24.70 -28.20
C ALA EA 428 -34.80 23.94 -26.93
N LEU EA 429 -34.80 24.64 -25.81
CA LEU EA 429 -34.49 24.04 -24.50
C LEU EA 429 -35.54 23.00 -24.10
N ASN EA 430 -36.75 23.14 -24.62
CA ASN EA 430 -37.83 22.19 -24.34
C ASN EA 430 -37.50 20.78 -24.81
N ILE EA 431 -36.94 20.68 -26.00
CA ILE EA 431 -36.70 19.37 -26.64
C ILE EA 431 -35.34 18.79 -26.26
N TYR EA 432 -34.32 19.65 -26.23
CA TYR EA 432 -32.96 19.22 -25.87
C TYR EA 432 -32.91 18.54 -24.50
N LEU EA 433 -33.50 19.18 -23.49
CA LEU EA 433 -33.56 18.64 -22.13
C LEU EA 433 -34.47 17.40 -22.04
N ASP EA 434 -35.56 17.42 -22.81
CA ASP EA 434 -36.51 16.31 -22.86
C ASP EA 434 -35.84 15.06 -23.39
N ASN EA 435 -34.94 15.25 -24.35
CA ASN EA 435 -34.11 14.16 -24.83
C ASN EA 435 -32.97 13.84 -23.86
N PHE EA 436 -32.46 14.86 -23.18
CA PHE EA 436 -31.44 14.67 -22.16
C PHE EA 436 -31.98 13.90 -20.95
N ALA EA 437 -33.30 13.84 -20.83
CA ALA EA 437 -33.98 13.14 -19.74
C ALA EA 437 -33.65 11.65 -19.67
N THR EA 438 -33.32 11.06 -20.82
CA THR EA 438 -33.00 9.64 -20.88
C THR EA 438 -31.57 9.35 -20.38
N THR EA 439 -30.66 10.30 -20.57
CA THR EA 439 -29.24 10.17 -20.16
C THR EA 439 -29.08 9.79 -18.69
N VAL EA 440 -29.90 10.36 -17.82
CA VAL EA 440 -29.92 10.00 -16.39
C VAL EA 440 -30.84 8.78 -16.15
N GLY EA 441 -32.15 8.99 -16.27
CA GLY EA 441 -33.14 7.94 -16.06
C GLY EA 441 -33.79 7.95 -14.68
N SER EA 442 -34.40 6.82 -14.32
CA SER EA 442 -35.09 6.62 -13.03
C SER EA 442 -36.20 7.65 -12.78
N ARG EA 443 -36.34 8.04 -11.52
CA ARG EA 443 -37.35 9.00 -11.10
C ARG EA 443 -36.93 10.43 -11.46
N GLU EA 444 -35.62 10.68 -11.39
CA GLU EA 444 -35.04 11.98 -11.73
C GLU EA 444 -35.36 12.43 -13.16
N GLN EA 445 -35.80 11.49 -13.99
CA GLN EA 445 -36.20 11.77 -15.37
C GLN EA 445 -37.41 12.70 -15.42
N LEU EA 446 -38.50 12.28 -14.78
CA LEU EA 446 -39.75 13.04 -14.78
C LEU EA 446 -39.54 14.49 -14.35
N ALA EA 447 -38.57 14.71 -13.46
CA ALA EA 447 -38.24 16.05 -12.97
C ALA EA 447 -37.73 16.92 -14.12
N ILE EA 448 -36.65 16.47 -14.76
CA ILE EA 448 -36.07 17.16 -15.91
C ILE EA 448 -37.13 17.35 -16.98
N ALA EA 449 -37.94 16.32 -17.18
CA ALA EA 449 -39.01 16.33 -18.17
C ALA EA 449 -40.07 17.37 -17.85
N GLU EA 450 -40.37 17.55 -16.57
CA GLU EA 450 -41.32 18.58 -16.15
C GLU EA 450 -40.72 19.98 -16.25
N PHE EA 451 -39.43 20.08 -15.99
CA PHE EA 451 -38.67 21.33 -16.13
C PHE EA 451 -38.65 21.79 -17.58
N ALA EA 452 -38.29 20.88 -18.48
CA ALA EA 452 -38.25 21.17 -19.91
C ALA EA 452 -39.59 21.71 -20.43
N ALA EA 453 -40.67 21.03 -20.03
CA ALA EA 453 -42.01 21.41 -20.42
C ALA EA 453 -42.55 22.58 -19.58
N ALA EA 454 -41.84 22.91 -18.50
CA ALA EA 454 -42.15 24.09 -17.71
C ALA EA 454 -41.72 25.37 -18.43
N LEU EA 455 -40.77 25.24 -19.35
CA LEU EA 455 -40.28 26.36 -20.13
C LEU EA 455 -41.27 26.78 -21.21
N LEU EA 456 -42.18 25.87 -21.54
CA LEU EA 456 -43.21 26.09 -22.55
C LEU EA 456 -44.02 27.36 -22.32
N ILE EA 457 -44.04 27.84 -21.08
CA ILE EA 457 -44.92 28.94 -20.67
C ILE EA 457 -44.72 30.22 -21.49
N ILE EA 458 -43.47 30.59 -21.71
CA ILE EA 458 -43.15 31.81 -22.49
C ILE EA 458 -43.76 31.71 -23.88
N PRO EA 459 -43.32 30.73 -24.71
CA PRO EA 459 -43.90 30.62 -26.05
C PRO EA 459 -45.41 30.33 -26.04
N LYS EA 460 -45.91 29.62 -25.02
CA LYS EA 460 -47.33 29.30 -24.91
C LYS EA 460 -48.19 30.57 -24.67
N THR EA 461 -47.81 31.37 -23.68
CA THR EA 461 -48.57 32.58 -23.30
C THR EA 461 -48.42 33.76 -24.28
N LEU EA 462 -47.27 33.84 -24.95
CA LEU EA 462 -47.07 34.84 -25.99
C LEU EA 462 -48.14 34.69 -27.07
N ALA EA 463 -48.46 33.43 -27.40
CA ALA EA 463 -49.47 33.10 -28.40
C ALA EA 463 -50.92 33.15 -27.88
N VAL EA 464 -51.10 33.02 -26.56
CA VAL EA 464 -52.43 33.11 -25.96
C VAL EA 464 -52.95 34.54 -26.04
N ASN EA 465 -52.05 35.49 -25.83
CA ASN EA 465 -52.38 36.93 -25.77
C ASN EA 465 -52.86 37.58 -27.07
N ALA EA 466 -52.84 36.82 -28.16
CA ALA EA 466 -53.37 37.27 -29.44
C ALA EA 466 -54.83 36.86 -29.62
N ALA EA 467 -55.41 36.30 -28.55
CA ALA EA 467 -56.78 35.79 -28.50
C ALA EA 467 -57.02 34.51 -29.32
N LYS EA 468 -56.37 34.41 -30.48
CA LYS EA 468 -56.49 33.24 -31.37
C LYS EA 468 -55.92 31.96 -30.72
N ASP EA 469 -55.97 30.86 -31.46
CA ASP EA 469 -55.51 29.56 -30.96
C ASP EA 469 -53.99 29.50 -30.80
N SER EA 470 -53.55 28.85 -29.73
CA SER EA 470 -52.14 28.74 -29.39
C SER EA 470 -51.53 27.49 -30.02
N SER EA 471 -52.10 26.34 -29.67
CA SER EA 471 -51.57 25.02 -30.01
C SER EA 471 -51.10 24.89 -31.47
N GLU EA 472 -51.86 25.46 -32.40
CA GLU EA 472 -51.46 25.47 -33.81
C GLU EA 472 -50.00 25.92 -33.93
N LEU EA 473 -49.71 27.12 -33.44
CA LEU EA 473 -48.33 27.64 -33.44
C LEU EA 473 -47.44 26.81 -32.54
N VAL EA 474 -47.82 26.68 -31.27
CA VAL EA 474 -47.00 26.07 -30.22
C VAL EA 474 -46.47 24.67 -30.57
N ALA EA 475 -47.34 23.79 -31.04
CA ALA EA 475 -46.95 22.43 -31.43
C ALA EA 475 -46.12 22.44 -32.70
N LYS EA 476 -46.47 23.35 -33.62
CA LYS EA 476 -45.77 23.49 -34.89
C LYS EA 476 -44.41 24.18 -34.74
N LEU EA 477 -44.24 24.92 -33.65
CA LEU EA 477 -42.94 25.49 -33.28
C LEU EA 477 -42.00 24.37 -32.88
N ARG EA 478 -42.49 23.51 -32.00
CA ARG EA 478 -41.67 22.44 -31.43
C ARG EA 478 -41.09 21.55 -32.51
N SER EA 479 -41.91 21.17 -33.49
CA SER EA 479 -41.44 20.29 -34.56
C SER EA 479 -40.29 20.90 -35.38
N TYR EA 480 -40.33 22.22 -35.57
CA TYR EA 480 -39.22 22.95 -36.23
C TYR EA 480 -37.94 22.83 -35.41
N HIS EA 481 -38.05 22.97 -34.10
CA HIS EA 481 -36.90 22.79 -33.22
C HIS EA 481 -36.56 21.31 -33.04
N ALA EA 482 -37.54 20.44 -33.32
CA ALA EA 482 -37.31 18.99 -33.31
C ALA EA 482 -36.57 18.57 -34.57
N ALA EA 483 -36.49 19.51 -35.52
CA ALA EA 483 -35.78 19.28 -36.76
C ALA EA 483 -34.31 19.68 -36.66
N SER EA 484 -33.93 20.29 -35.54
CA SER EA 484 -32.53 20.66 -35.32
C SER EA 484 -31.74 19.51 -34.70
N GLN EA 485 -32.44 18.61 -34.00
CA GLN EA 485 -31.78 17.50 -33.29
C GLN EA 485 -31.68 16.23 -34.14
N MET EA 486 -32.52 16.12 -35.16
CA MET EA 486 -32.44 15.03 -36.13
C MET EA 486 -31.59 15.41 -37.35
N ALA EA 487 -31.09 16.65 -37.33
CA ALA EA 487 -30.33 17.22 -38.45
C ALA EA 487 -28.85 16.80 -38.44
N LYS EA 488 -28.36 16.43 -39.62
CA LYS EA 488 -26.97 16.00 -39.80
C LYS EA 488 -25.99 17.19 -39.74
N PRO EA 489 -24.66 16.91 -39.81
CA PRO EA 489 -23.61 17.94 -39.87
C PRO EA 489 -23.77 18.90 -41.06
N GLU EA 490 -23.57 18.39 -42.27
CA GLU EA 490 -23.77 19.16 -43.50
C GLU EA 490 -25.27 19.41 -43.74
N ASP EA 491 -26.04 18.33 -43.74
CA ASP EA 491 -27.50 18.39 -43.91
C ASP EA 491 -28.17 19.04 -42.71
N ARG EA 495 -27.86 23.13 -39.35
CA ARG EA 495 -27.33 23.95 -40.46
C ARG EA 495 -28.39 24.17 -41.56
N SER EA 496 -28.36 23.34 -42.60
CA SER EA 496 -29.28 23.42 -43.74
C SER EA 496 -30.75 23.14 -43.35
N TYR EA 497 -30.95 22.46 -42.22
CA TYR EA 497 -32.28 22.25 -41.62
C TYR EA 497 -32.52 23.17 -40.41
N ARG EA 498 -31.42 23.67 -39.84
CA ARG EA 498 -31.47 24.49 -38.62
C ARG EA 498 -32.02 25.90 -38.86
N ASN EA 499 -33.22 26.13 -38.32
CA ASN EA 499 -33.86 27.44 -38.32
C ASN EA 499 -34.58 27.58 -36.99
N TYR EA 500 -34.89 28.81 -36.59
CA TYR EA 500 -35.53 29.05 -35.29
C TYR EA 500 -36.23 30.41 -35.21
N GLY EA 501 -37.28 30.48 -34.39
CA GLY EA 501 -37.96 31.75 -34.08
C GLY EA 501 -39.49 31.71 -34.02
N LEU EA 502 -40.10 32.86 -33.71
CA LEU EA 502 -41.55 32.99 -33.67
C LEU EA 502 -42.00 34.45 -33.85
N ASP EA 503 -42.94 34.66 -34.77
CA ASP EA 503 -43.57 35.96 -35.00
C ASP EA 503 -45.02 35.88 -34.51
N LEU EA 504 -45.56 37.01 -34.07
CA LEU EA 504 -46.90 37.02 -33.48
C LEU EA 504 -47.91 37.97 -34.14
N ILE EA 505 -47.42 39.07 -34.71
CA ILE EA 505 -48.29 40.03 -35.40
C ILE EA 505 -48.95 39.34 -36.59
N ARG EA 506 -48.14 38.67 -37.42
CA ARG EA 506 -48.65 37.88 -38.55
C ARG EA 506 -49.03 36.46 -38.12
N GLY EA 507 -48.45 35.99 -37.02
CA GLY EA 507 -48.78 34.69 -36.44
C GLY EA 507 -48.23 33.51 -37.22
N LYS EA 508 -46.92 33.55 -37.51
CA LYS EA 508 -46.24 32.46 -38.20
C LYS EA 508 -44.80 32.37 -37.71
N ILE EA 509 -44.25 31.16 -37.74
CA ILE EA 509 -42.86 30.93 -37.32
C ILE EA 509 -41.89 31.54 -38.32
N VAL EA 510 -41.10 32.51 -37.85
CA VAL EA 510 -40.13 33.22 -38.69
C VAL EA 510 -38.73 33.16 -38.06
N ASP EA 511 -37.70 33.34 -38.90
CA ASP EA 511 -36.30 33.33 -38.46
C ASP EA 511 -35.98 34.61 -37.69
N GLU EA 512 -35.91 34.50 -36.36
CA GLU EA 512 -35.77 35.67 -35.48
C GLU EA 512 -34.46 36.44 -35.63
N ILE EA 513 -33.41 35.76 -36.13
CA ILE EA 513 -32.15 36.43 -36.44
C ILE EA 513 -32.37 37.39 -37.62
N HIS EA 514 -32.99 36.87 -38.69
CA HIS EA 514 -33.25 37.65 -39.89
C HIS EA 514 -34.33 38.69 -39.68
N ALA EA 515 -35.32 38.37 -38.84
CA ALA EA 515 -36.40 39.30 -38.51
C ALA EA 515 -35.95 40.36 -37.50
N GLY EA 516 -34.93 40.05 -36.72
CA GLY EA 516 -34.31 41.01 -35.81
C GLY EA 516 -34.90 41.11 -34.41
N VAL EA 517 -35.36 39.97 -33.89
CA VAL EA 517 -35.88 39.89 -32.51
C VAL EA 517 -34.80 39.28 -31.62
N LEU EA 518 -34.14 40.16 -30.85
CA LEU EA 518 -32.94 39.79 -30.10
C LEU EA 518 -32.96 40.26 -28.65
N GLU EA 519 -32.79 39.30 -27.74
CA GLU EA 519 -32.59 39.59 -26.31
C GLU EA 519 -31.12 39.34 -25.93
N PRO EA 520 -30.58 40.12 -24.97
CA PRO EA 520 -29.17 40.00 -24.58
C PRO EA 520 -28.85 38.68 -23.91
N THR EA 521 -27.56 38.33 -23.89
CA THR EA 521 -27.10 37.04 -23.38
C THR EA 521 -27.46 36.73 -21.91
N ILE EA 522 -27.19 37.69 -21.04
CA ILE EA 522 -27.43 37.53 -19.61
C ILE EA 522 -28.93 37.46 -19.32
N SER EA 523 -29.69 38.29 -20.03
CA SER EA 523 -31.13 38.43 -19.81
C SER EA 523 -31.87 37.09 -19.80
N LYS EA 524 -31.19 36.04 -20.26
CA LYS EA 524 -31.74 34.69 -20.22
C LYS EA 524 -30.95 33.70 -19.37
N VAL EA 525 -29.75 34.09 -18.95
CA VAL EA 525 -28.98 33.27 -18.01
C VAL EA 525 -29.28 33.65 -16.56
N LYS EA 526 -29.12 34.94 -16.22
CA LYS EA 526 -29.49 35.43 -14.90
C LYS EA 526 -31.01 35.51 -14.75
N SER EA 527 -31.73 35.11 -15.81
CA SER EA 527 -33.19 34.96 -15.80
C SER EA 527 -33.55 33.59 -15.21
N LEU EA 528 -32.91 32.52 -15.70
CA LEU EA 528 -33.21 31.15 -15.29
C LEU EA 528 -32.50 30.72 -14.01
N LYS EA 529 -31.31 31.27 -13.78
CA LYS EA 529 -30.55 30.99 -12.57
C LYS EA 529 -31.20 31.62 -11.33
N SER EA 530 -32.04 32.64 -11.55
CA SER EA 530 -32.83 33.29 -10.49
C SER EA 530 -34.11 32.52 -10.22
N ALA EA 531 -34.83 32.18 -11.30
CA ALA EA 531 -36.11 31.52 -11.20
C ALA EA 531 -36.04 30.13 -10.54
N LEU EA 532 -34.88 29.48 -10.65
CA LEU EA 532 -34.68 28.17 -10.00
C LEU EA 532 -34.55 28.30 -8.49
N GLU EA 533 -33.52 29.03 -8.04
CA GLU EA 533 -33.30 29.28 -6.62
C GLU EA 533 -34.53 29.88 -5.92
N ALA EA 534 -35.47 30.36 -6.73
CA ALA EA 534 -36.76 30.81 -6.23
C ALA EA 534 -37.59 29.60 -5.84
N CYS EA 535 -37.89 28.75 -6.82
CA CYS EA 535 -38.76 27.59 -6.62
C CYS EA 535 -38.13 26.53 -5.72
N VAL EA 536 -36.80 26.43 -5.76
CA VAL EA 536 -36.06 25.51 -4.90
C VAL EA 536 -36.30 25.83 -3.43
N ALA EA 537 -36.19 27.11 -3.08
CA ALA EA 537 -36.44 27.56 -1.72
C ALA EA 537 -37.87 27.27 -1.26
N ILE EA 538 -38.84 27.50 -2.15
CA ILE EA 538 -40.25 27.29 -1.81
C ILE EA 538 -40.58 25.80 -1.76
N LEU EA 539 -39.94 25.01 -2.62
CA LEU EA 539 -40.17 23.57 -2.71
C LEU EA 539 -39.66 22.86 -1.46
N ARG EA 540 -38.60 23.41 -0.87
CA ARG EA 540 -38.07 22.91 0.38
C ARG EA 540 -38.99 23.22 1.57
N ILE EA 541 -39.88 24.20 1.41
CA ILE EA 541 -40.81 24.59 2.46
C ILE EA 541 -41.88 23.53 2.67
N ASP EA 542 -41.93 22.95 3.87
CA ASP EA 542 -42.90 21.91 4.19
C ASP EA 542 -43.75 22.26 5.41
N THR EA 543 -43.37 23.31 6.13
CA THR EA 543 -44.13 23.80 7.28
C THR EA 543 -43.99 25.31 7.37
N MET EA 544 -45.11 26.03 7.39
CA MET EA 544 -45.09 27.47 7.71
C MET EA 544 -45.53 27.74 9.14
N ILE EA 545 -44.84 28.66 9.81
CA ILE EA 545 -45.18 29.07 11.15
C ILE EA 545 -45.27 30.59 11.20
N THR EA 546 -46.50 31.10 11.31
CA THR EA 546 -46.74 32.53 11.27
C THR EA 546 -47.05 33.03 12.68
N VAL EA 547 -46.33 34.06 13.12
CA VAL EA 547 -46.52 34.65 14.44
C VAL EA 547 -47.09 36.07 14.32
N ASP EA 548 -48.14 36.35 15.10
CA ASP EA 548 -48.86 37.65 15.04
C ASP EA 548 -48.05 38.78 15.67
N PRO EA 549 -48.11 39.98 15.05
CA PRO EA 549 -47.42 41.23 15.46
C PRO EA 549 -47.27 41.46 16.97
N GLU EA 550 -46.26 42.25 17.33
CA GLU EA 550 -45.88 42.51 18.73
C GLU EA 550 -47.07 42.68 19.68
N VAL FA 6 -54.41 35.68 3.57
CA VAL FA 6 -54.57 36.41 2.32
C VAL FA 6 -53.66 35.87 1.21
N PHE FA 7 -54.16 35.90 -0.02
CA PHE FA 7 -53.38 35.50 -1.19
C PHE FA 7 -52.70 36.74 -1.78
N MET FA 8 -53.52 37.67 -2.27
CA MET FA 8 -53.08 38.95 -2.82
C MET FA 8 -53.11 40.00 -1.72
N ASN FA 9 -54.28 40.64 -1.55
CA ASN FA 9 -54.54 41.55 -0.44
C ASN FA 9 -56.01 41.61 -0.01
N ALA FA 10 -56.90 41.14 -0.90
CA ALA FA 10 -58.36 41.20 -0.72
C ALA FA 10 -58.89 42.63 -0.79
N SER FA 11 -60.18 42.77 -1.10
CA SER FA 11 -60.83 44.07 -1.33
C SER FA 11 -60.28 44.73 -2.62
N GLN FA 12 -60.08 43.91 -3.66
CA GLN FA 12 -59.52 44.37 -4.93
C GLN FA 12 -60.42 44.02 -6.11
N GLU FA 13 -61.12 45.02 -6.65
CA GLU FA 13 -62.03 44.80 -7.77
C GLU FA 13 -61.30 44.86 -9.12
N ARG FA 14 -61.06 43.69 -9.70
CA ARG FA 14 -60.38 43.58 -11.01
C ARG FA 14 -61.35 43.53 -12.20
N THR FA 15 -61.12 44.38 -13.19
CA THR FA 15 -61.89 44.37 -14.44
C THR FA 15 -60.97 43.94 -15.57
N THR FA 16 -61.37 42.89 -16.30
CA THR FA 16 -60.49 42.27 -17.29
C THR FA 16 -61.17 42.07 -18.65
N GLY FA 17 -60.37 42.13 -19.71
CA GLY FA 17 -60.84 41.85 -21.07
C GLY FA 17 -61.63 42.99 -21.70
N ARG FA 18 -62.63 42.63 -22.50
CA ARG FA 18 -63.52 43.61 -23.13
C ARG FA 18 -64.32 44.42 -22.09
N GLN FA 19 -64.51 43.83 -20.90
CA GLN FA 19 -65.19 44.48 -19.78
C GLN FA 19 -64.48 45.77 -19.38
N ALA FA 20 -63.16 45.68 -19.23
CA ALA FA 20 -62.32 46.82 -18.90
C ALA FA 20 -62.31 47.83 -20.04
N GLN FA 21 -61.94 47.36 -21.23
CA GLN FA 21 -61.94 48.20 -22.43
C GLN FA 21 -63.19 49.06 -22.51
N ILE FA 22 -64.35 48.45 -22.25
CA ILE FA 22 -65.64 49.14 -22.25
C ILE FA 22 -65.65 50.34 -21.30
N SER FA 23 -65.27 50.11 -20.04
CA SER FA 23 -65.24 51.18 -19.06
C SER FA 23 -64.43 52.40 -19.49
N ASN FA 24 -63.29 52.17 -20.15
CA ASN FA 24 -62.42 53.24 -20.64
C ASN FA 24 -63.10 54.09 -21.71
N ILE FA 25 -63.55 53.42 -22.76
CA ILE FA 25 -64.23 54.07 -23.86
C ILE FA 25 -65.48 54.80 -23.34
N THR FA 26 -66.27 54.11 -22.51
CA THR FA 26 -67.48 54.69 -21.93
C THR FA 26 -67.17 56.00 -21.20
N ALA FA 27 -66.14 55.98 -20.37
CA ALA FA 27 -65.74 57.14 -19.58
C ALA FA 27 -65.25 58.29 -20.46
N ALA FA 28 -64.32 57.98 -21.34
CA ALA FA 28 -63.74 58.98 -22.24
C ALA FA 28 -64.80 59.71 -23.06
N LYS FA 29 -65.72 58.94 -23.66
CA LYS FA 29 -66.77 59.49 -24.51
C LYS FA 29 -67.77 60.33 -23.74
N ALA FA 30 -67.94 60.01 -22.45
CA ALA FA 30 -68.83 60.75 -21.57
C ALA FA 30 -68.16 61.97 -20.94
N VAL FA 31 -66.85 62.09 -21.12
CA VAL FA 31 -66.14 63.31 -20.74
C VAL FA 31 -66.48 64.41 -21.75
N ALA FA 32 -66.28 64.11 -23.02
CA ALA FA 32 -66.61 65.02 -24.13
C ALA FA 32 -68.02 65.59 -23.97
N ASP FA 33 -68.96 64.71 -23.61
CA ASP FA 33 -70.38 65.05 -23.48
C ASP FA 33 -70.66 66.31 -22.67
N VAL FA 34 -69.91 66.52 -21.59
CA VAL FA 34 -70.16 67.64 -20.71
C VAL FA 34 -69.49 68.91 -21.21
N ILE FA 35 -68.91 68.85 -22.40
CA ILE FA 35 -68.30 70.00 -23.05
C ILE FA 35 -68.73 70.14 -24.53
N ARG FA 36 -69.48 69.16 -25.02
CA ARG FA 36 -70.05 69.20 -26.39
C ARG FA 36 -70.85 70.48 -26.60
N THR FA 37 -71.51 70.93 -25.55
CA THR FA 37 -72.29 72.17 -25.58
C THR FA 37 -71.43 73.40 -25.23
N CYS FA 38 -70.11 73.23 -25.29
CA CYS FA 38 -69.17 74.32 -25.04
C CYS FA 38 -68.24 74.64 -26.22
N LEU FA 39 -68.56 74.09 -27.39
CA LEU FA 39 -67.75 74.29 -28.59
C LEU FA 39 -68.32 75.38 -29.50
N GLY FA 40 -67.43 76.20 -30.06
CA GLY FA 40 -67.83 77.18 -31.06
C GLY FA 40 -68.44 78.46 -30.52
N PRO FA 41 -69.19 79.18 -31.38
CA PRO FA 41 -69.69 80.53 -31.07
C PRO FA 41 -71.00 80.54 -30.30
N LYS FA 42 -71.89 79.61 -30.62
CA LYS FA 42 -73.17 79.47 -29.93
C LYS FA 42 -73.04 78.57 -28.69
N ALA FA 43 -71.79 78.34 -28.26
CA ALA FA 43 -71.47 77.62 -27.04
C ALA FA 43 -71.94 78.38 -25.81
N MET FA 44 -72.09 77.69 -24.69
CA MET FA 44 -72.71 78.26 -23.49
C MET FA 44 -71.72 78.61 -22.37
N LEU FA 45 -72.22 78.69 -21.13
CA LEU FA 45 -71.39 79.00 -19.95
C LEU FA 45 -71.70 78.10 -18.75
N LYS FA 46 -71.01 76.97 -18.65
CA LYS FA 46 -71.23 76.06 -17.53
C LYS FA 46 -70.74 76.68 -16.22
N MET FA 47 -71.67 77.09 -15.36
CA MET FA 47 -71.34 77.66 -14.05
C MET FA 47 -70.94 76.57 -13.05
N LEU FA 48 -69.77 76.75 -12.42
CA LEU FA 48 -69.18 75.71 -11.57
C LEU FA 48 -68.99 76.16 -10.12
N LEU FA 49 -69.53 75.37 -9.19
CA LEU FA 49 -69.29 75.55 -7.77
C LEU FA 49 -68.01 74.82 -7.38
N ASP FA 50 -67.01 75.56 -6.91
CA ASP FA 50 -65.79 74.91 -6.44
C ASP FA 50 -65.99 74.39 -5.00
N PRO FA 51 -64.97 73.73 -4.42
CA PRO FA 51 -65.22 73.09 -3.14
C PRO FA 51 -65.27 74.09 -1.99
N MET FA 52 -64.38 75.07 -2.02
CA MET FA 52 -64.20 76.02 -0.92
C MET FA 52 -65.06 77.28 -1.03
N GLY FA 53 -66.03 77.29 -1.96
CA GLY FA 53 -67.06 78.32 -1.96
C GLY FA 53 -66.95 79.45 -2.97
N GLY FA 54 -65.93 79.40 -3.82
CA GLY FA 54 -65.80 80.36 -4.91
C GLY FA 54 -66.69 79.96 -6.07
N LEU FA 55 -66.66 80.76 -7.13
CA LEU FA 55 -67.52 80.53 -8.28
C LEU FA 55 -66.76 80.74 -9.57
N VAL FA 56 -66.98 79.86 -10.55
CA VAL FA 56 -66.38 79.95 -11.87
C VAL FA 56 -67.43 79.67 -12.94
N LEU FA 57 -67.64 80.62 -13.85
CA LEU FA 57 -68.58 80.41 -14.95
C LEU FA 57 -68.00 80.89 -16.29
N THR FA 58 -67.57 79.94 -17.12
CA THR FA 58 -67.00 80.26 -18.43
C THR FA 58 -67.24 79.19 -19.49
N ASN FA 59 -66.52 79.33 -20.60
CA ASN FA 59 -66.60 78.46 -21.73
C ASN FA 59 -65.25 77.77 -21.86
N ASP FA 60 -64.18 78.54 -21.67
CA ASP FA 60 -62.80 78.05 -21.77
C ASP FA 60 -62.75 76.61 -21.26
N GLY FA 61 -62.70 75.68 -22.21
CA GLY FA 61 -62.78 74.24 -21.94
C GLY FA 61 -61.97 73.76 -20.75
N HIS FA 62 -60.68 74.10 -20.73
CA HIS FA 62 -59.78 73.69 -19.66
C HIS FA 62 -60.11 74.34 -18.31
N ALA FA 63 -60.82 75.45 -18.33
CA ALA FA 63 -61.29 76.07 -17.09
C ALA FA 63 -62.54 75.34 -16.56
N ILE FA 64 -63.24 74.66 -17.46
CA ILE FA 64 -64.46 73.91 -17.10
C ILE FA 64 -64.13 72.58 -16.44
N LEU FA 65 -63.24 71.81 -17.07
CA LEU FA 65 -62.82 70.49 -16.56
C LEU FA 65 -61.97 70.58 -15.29
N ARG FA 66 -61.05 71.55 -15.26
CA ARG FA 66 -60.12 71.78 -14.13
C ARG FA 66 -60.83 71.79 -12.78
N GLU FA 67 -62.01 72.39 -12.73
CA GLU FA 67 -62.79 72.54 -11.51
C GLU FA 67 -63.79 71.37 -11.32
N ILE FA 68 -63.53 70.26 -12.00
CA ILE FA 68 -64.35 69.05 -11.86
C ILE FA 68 -63.49 67.87 -11.42
N ASP FA 69 -63.94 67.18 -10.37
CA ASP FA 69 -63.23 66.02 -9.81
C ASP FA 69 -63.70 64.75 -10.52
N VAL FA 70 -62.76 63.96 -11.02
CA VAL FA 70 -63.11 62.74 -11.75
C VAL FA 70 -62.50 61.50 -11.09
N ALA FA 71 -63.34 60.48 -10.87
CA ALA FA 71 -62.93 59.27 -10.18
C ALA FA 71 -62.37 58.17 -11.09
N HIS FA 72 -63.12 57.85 -12.14
CA HIS FA 72 -62.73 56.81 -13.09
C HIS FA 72 -61.45 57.20 -13.84
N PRO FA 73 -60.41 56.35 -13.76
CA PRO FA 73 -59.07 56.68 -14.26
C PRO FA 73 -59.04 57.11 -15.72
N ALA FA 74 -59.86 56.46 -16.55
CA ALA FA 74 -59.93 56.78 -17.98
C ALA FA 74 -60.33 58.23 -18.21
N ALA FA 75 -61.16 58.75 -17.30
CA ALA FA 75 -61.64 60.12 -17.37
C ALA FA 75 -60.70 61.07 -16.62
N LYS FA 76 -59.95 60.52 -15.66
CA LYS FA 76 -58.87 61.26 -15.01
C LYS FA 76 -57.76 61.51 -16.04
N SER FA 77 -57.55 60.53 -16.91
CA SER FA 77 -56.58 60.62 -18.00
C SER FA 77 -57.01 61.58 -19.10
N MET FA 78 -58.32 61.80 -19.22
CA MET FA 78 -58.88 62.63 -20.30
C MET FA 78 -58.90 64.12 -19.97
N LEU FA 79 -59.27 64.44 -18.73
CA LEU FA 79 -59.27 65.82 -18.26
C LEU FA 79 -57.84 66.38 -18.21
N GLU FA 80 -56.93 65.67 -17.54
CA GLU FA 80 -55.52 66.07 -17.45
C GLU FA 80 -54.80 65.99 -18.80
N LEU FA 81 -55.60 65.93 -19.87
CA LEU FA 81 -55.10 65.91 -21.25
C LEU FA 81 -55.41 67.25 -21.92
N SER FA 82 -56.48 67.90 -21.45
CA SER FA 82 -56.83 69.25 -21.88
C SER FA 82 -55.85 70.24 -21.28
N ARG FA 83 -55.25 69.84 -20.14
CA ARG FA 83 -54.20 70.60 -19.47
C ARG FA 83 -52.96 70.73 -20.34
N THR FA 84 -52.59 69.64 -21.03
CA THR FA 84 -51.47 69.64 -21.97
C THR FA 84 -51.69 70.68 -23.06
N GLN FA 85 -52.91 70.67 -23.61
CA GLN FA 85 -53.28 71.60 -24.68
C GLN FA 85 -53.14 73.06 -24.25
N ASP FA 86 -53.72 73.41 -23.10
CA ASP FA 86 -53.63 74.78 -22.61
C ASP FA 86 -52.17 75.14 -22.33
N GLU FA 87 -51.40 74.15 -21.86
CA GLU FA 87 -49.99 74.35 -21.53
C GLU FA 87 -49.06 74.31 -22.75
N GLU FA 88 -49.64 74.43 -23.94
CA GLU FA 88 -48.85 74.54 -25.17
C GLU FA 88 -49.33 75.72 -26.01
N VAL FA 89 -50.62 75.73 -26.33
CA VAL FA 89 -51.18 76.68 -27.28
C VAL FA 89 -51.95 77.81 -26.60
N GLY FA 90 -52.93 77.47 -25.78
CA GLY FA 90 -53.76 78.45 -25.08
C GLY FA 90 -55.23 78.33 -25.41
N ASP FA 91 -55.50 78.09 -26.70
CA ASP FA 91 -56.85 77.83 -27.20
C ASP FA 91 -56.88 76.48 -27.92
N GLY FA 92 -58.04 75.84 -27.90
CA GLY FA 92 -58.18 74.50 -28.46
C GLY FA 92 -58.34 73.45 -27.39
N THR FA 93 -58.51 73.89 -26.15
CA THR FA 93 -58.67 72.98 -25.03
C THR FA 93 -60.02 72.27 -25.05
N THR FA 94 -61.03 72.93 -25.62
CA THR FA 94 -62.35 72.35 -25.80
C THR FA 94 -62.33 71.24 -26.84
N THR FA 95 -61.70 71.53 -27.98
CA THR FA 95 -61.67 70.62 -29.12
C THR FA 95 -61.02 69.29 -28.77
N VAL FA 96 -59.81 69.36 -28.22
CA VAL FA 96 -58.99 68.18 -27.91
C VAL FA 96 -59.79 67.04 -27.28
N ILE FA 97 -60.56 67.37 -26.25
CA ILE FA 97 -61.29 66.35 -25.52
C ILE FA 97 -62.46 65.77 -26.31
N ILE FA 98 -63.07 66.60 -27.18
CA ILE FA 98 -64.16 66.14 -28.03
C ILE FA 98 -63.64 65.15 -29.08
N LEU FA 99 -62.44 65.43 -29.60
CA LEU FA 99 -61.76 64.51 -30.50
C LEU FA 99 -61.34 63.24 -29.79
N ALA FA 100 -60.53 63.39 -28.75
CA ALA FA 100 -60.07 62.25 -27.95
C ALA FA 100 -61.21 61.29 -27.63
N GLY FA 101 -62.42 61.83 -27.50
CA GLY FA 101 -63.61 61.03 -27.24
C GLY FA 101 -64.07 60.26 -28.47
N GLU FA 102 -64.41 60.99 -29.53
CA GLU FA 102 -64.93 60.38 -30.74
C GLU FA 102 -63.87 59.75 -31.64
N ILE FA 103 -62.62 59.74 -31.19
CA ILE FA 103 -61.61 58.87 -31.78
C ILE FA 103 -61.79 57.49 -31.14
N LEU FA 104 -61.94 57.47 -29.82
CA LEU FA 104 -62.21 56.22 -29.11
C LEU FA 104 -63.62 55.72 -29.35
N ALA FA 105 -64.54 56.63 -29.68
CA ALA FA 105 -65.93 56.24 -29.89
C ALA FA 105 -66.16 55.65 -31.28
N GLN FA 106 -65.92 56.44 -32.33
CA GLN FA 106 -66.15 55.99 -33.72
C GLN FA 106 -65.21 54.87 -34.11
N CYS FA 107 -64.06 54.82 -33.45
CA CYS FA 107 -63.08 53.77 -33.69
C CYS FA 107 -63.39 52.51 -32.91
N ALA FA 108 -63.18 52.58 -31.60
CA ALA FA 108 -63.08 51.35 -30.81
C ALA FA 108 -64.28 50.40 -30.87
N PRO FA 109 -65.43 50.77 -30.27
CA PRO FA 109 -66.51 49.79 -30.14
C PRO FA 109 -66.92 49.15 -31.46
N TYR FA 110 -66.86 49.92 -32.54
CA TYR FA 110 -67.19 49.40 -33.85
C TYR FA 110 -66.23 48.29 -34.31
N LEU FA 111 -64.96 48.39 -33.93
CA LEU FA 111 -63.91 47.50 -34.47
C LEU FA 111 -63.21 46.65 -33.40
N ILE FA 112 -63.25 47.09 -32.14
CA ILE FA 112 -62.79 46.28 -31.02
C ILE FA 112 -63.80 45.15 -30.76
N GLU FA 113 -65.09 45.48 -30.84
CA GLU FA 113 -66.16 44.46 -30.78
C GLU FA 113 -66.42 43.88 -32.18
N LYS FA 114 -65.32 43.68 -32.89
CA LYS FA 114 -65.26 42.93 -34.14
C LYS FA 114 -64.02 42.04 -34.06
N ASN FA 115 -63.50 41.92 -32.83
CA ASN FA 115 -62.35 41.05 -32.46
C ASN FA 115 -60.96 41.53 -32.88
N ILE FA 116 -60.84 42.78 -33.31
CA ILE FA 116 -59.56 43.32 -33.76
C ILE FA 116 -58.69 43.71 -32.56
N HIS FA 117 -57.45 43.22 -32.55
CA HIS FA 117 -56.54 43.42 -31.42
C HIS FA 117 -56.03 44.86 -31.32
N PRO FA 118 -55.89 45.36 -30.08
CA PRO FA 118 -55.39 46.70 -29.79
C PRO FA 118 -54.08 47.09 -30.48
N VAL FA 119 -53.04 46.27 -30.38
CA VAL FA 119 -51.70 46.68 -30.84
C VAL FA 119 -51.64 46.96 -32.36
N ILE FA 120 -52.51 46.31 -33.13
CA ILE FA 120 -52.63 46.54 -34.57
C ILE FA 120 -53.31 47.91 -34.83
N ILE FA 121 -54.28 48.24 -33.98
CA ILE FA 121 -55.06 49.47 -34.10
C ILE FA 121 -54.23 50.70 -33.75
N ILE FA 122 -53.34 50.57 -32.76
CA ILE FA 122 -52.46 51.67 -32.35
C ILE FA 122 -51.47 52.03 -33.45
N GLN FA 123 -50.93 51.02 -34.13
CA GLN FA 123 -50.01 51.25 -35.25
C GLN FA 123 -50.73 51.84 -36.46
N ALA FA 124 -52.00 51.47 -36.62
CA ALA FA 124 -52.87 52.05 -37.63
C ALA FA 124 -53.15 53.51 -37.31
N LEU FA 125 -53.50 53.80 -36.06
CA LEU FA 125 -53.78 55.18 -35.63
C LEU FA 125 -52.53 56.07 -35.69
N LYS FA 126 -51.37 55.46 -35.47
CA LYS FA 126 -50.10 56.19 -35.51
C LYS FA 126 -49.77 56.68 -36.92
N LYS FA 127 -50.13 55.87 -37.92
CA LYS FA 127 -49.95 56.24 -39.32
C LYS FA 127 -50.94 57.31 -39.76
N ALA FA 128 -52.13 57.29 -39.16
CA ALA FA 128 -53.17 58.26 -39.49
C ALA FA 128 -52.80 59.67 -39.03
N LEU FA 129 -52.08 59.76 -37.91
CA LEU FA 129 -51.64 61.04 -37.37
C LEU FA 129 -50.57 61.70 -38.23
N THR FA 130 -49.56 60.92 -38.62
CA THR FA 130 -48.46 61.39 -39.46
C THR FA 130 -48.99 61.87 -40.81
N ASP FA 131 -50.14 61.32 -41.17
CA ASP FA 131 -50.85 61.67 -42.39
C ASP FA 131 -51.71 62.91 -42.18
N ALA FA 132 -52.47 62.93 -41.09
CA ALA FA 132 -53.33 64.05 -40.73
C ALA FA 132 -52.54 65.37 -40.60
N LEU FA 133 -51.38 65.32 -39.94
CA LEU FA 133 -50.53 66.49 -39.74
C LEU FA 133 -50.03 67.07 -41.07
N GLU FA 134 -49.66 66.19 -42.00
CA GLU FA 134 -49.21 66.62 -43.33
C GLU FA 134 -50.34 67.25 -44.13
N VAL FA 135 -51.56 66.79 -43.88
CA VAL FA 135 -52.76 67.35 -44.49
C VAL FA 135 -53.02 68.76 -43.95
N ILE FA 136 -53.03 68.89 -42.62
CA ILE FA 136 -53.26 70.17 -41.95
C ILE FA 136 -52.24 71.22 -42.40
N LYS FA 137 -50.97 70.83 -42.43
CA LYS FA 137 -49.90 71.73 -42.85
C LYS FA 137 -50.08 72.17 -44.30
N GLN FA 138 -50.70 71.31 -45.12
CA GLN FA 138 -50.85 71.59 -46.55
C GLN FA 138 -52.13 72.35 -46.90
N VAL FA 139 -53.13 72.30 -46.01
CA VAL FA 139 -54.37 73.06 -46.19
C VAL FA 139 -54.22 74.48 -45.62
N SER FA 140 -53.20 74.65 -44.80
CA SER FA 140 -52.87 75.91 -44.17
C SER FA 140 -52.26 76.90 -45.16
N LYS FA 141 -52.32 78.19 -44.80
CA LYS FA 141 -51.69 79.24 -45.58
C LYS FA 141 -50.93 80.19 -44.67
N PRO FA 142 -49.61 80.33 -44.88
CA PRO FA 142 -48.73 81.19 -44.08
C PRO FA 142 -49.21 82.64 -44.05
N VAL FA 143 -49.01 83.30 -42.93
CA VAL FA 143 -49.52 84.65 -42.72
C VAL FA 143 -48.47 85.62 -42.18
N ASP FA 144 -48.57 86.88 -42.62
CA ASP FA 144 -47.71 87.96 -42.13
C ASP FA 144 -47.91 88.17 -40.63
N VAL FA 145 -46.84 87.96 -39.88
CA VAL FA 145 -46.85 88.02 -38.41
C VAL FA 145 -46.84 89.44 -37.87
N GLU FA 146 -46.46 90.41 -38.71
CA GLU FA 146 -46.36 91.81 -38.29
C GLU FA 146 -47.16 92.77 -39.15
N ASN FA 147 -48.10 92.23 -39.93
CA ASN FA 147 -49.15 93.03 -40.52
C ASN FA 147 -50.16 93.27 -39.41
N ASP FA 148 -49.95 94.37 -38.69
CA ASP FA 148 -50.68 94.72 -37.48
C ASP FA 148 -52.19 94.48 -37.61
N ALA FA 149 -52.74 94.86 -38.76
CA ALA FA 149 -54.17 94.72 -39.03
C ALA FA 149 -54.58 93.29 -39.35
N ALA FA 150 -53.69 92.54 -39.99
CA ALA FA 150 -53.98 91.16 -40.38
C ALA FA 150 -54.03 90.21 -39.19
N MET FA 151 -53.17 90.46 -38.20
CA MET FA 151 -53.18 89.66 -36.97
C MET FA 151 -54.36 90.03 -36.08
N LYS FA 152 -54.91 91.22 -36.29
CA LYS FA 152 -56.12 91.65 -35.60
C LYS FA 152 -57.28 90.72 -35.99
N LYS FA 153 -57.30 90.30 -37.27
CA LYS FA 153 -58.31 89.38 -37.78
C LYS FA 153 -58.22 87.99 -37.14
N LEU FA 154 -56.99 87.61 -36.76
CA LEU FA 154 -56.72 86.36 -36.05
C LEU FA 154 -57.37 86.32 -34.68
N ILE FA 155 -57.13 87.38 -33.92
CA ILE FA 155 -57.57 87.49 -32.55
C ILE FA 155 -59.08 87.79 -32.47
N GLN FA 156 -59.59 88.48 -33.50
CA GLN FA 156 -61.04 88.72 -33.64
C GLN FA 156 -61.80 87.41 -33.73
N ALA FA 157 -61.17 86.42 -34.35
CA ALA FA 157 -61.77 85.10 -34.57
C ALA FA 157 -61.71 84.24 -33.31
N SER FA 158 -60.55 84.22 -32.66
CA SER FA 158 -60.31 83.37 -31.49
C SER FA 158 -61.07 83.83 -30.26
N ILE FA 159 -61.37 85.13 -30.18
CA ILE FA 159 -62.20 85.68 -29.12
C ILE FA 159 -63.67 85.44 -29.44
N GLY FA 160 -64.01 85.49 -30.74
CA GLY FA 160 -65.37 85.28 -31.21
C GLY FA 160 -65.93 83.92 -30.84
N THR FA 161 -66.03 83.67 -29.55
CA THR FA 161 -66.51 82.42 -28.99
C THR FA 161 -67.16 82.71 -27.63
N LYS FA 162 -66.38 83.31 -26.74
CA LYS FA 162 -66.79 83.48 -25.36
C LYS FA 162 -67.17 84.93 -25.06
N TYR FA 163 -68.00 85.11 -24.02
CA TYR FA 163 -68.64 86.38 -23.60
C TYR FA 163 -68.04 87.72 -24.07
N VAL FA 164 -66.74 87.71 -24.38
CA VAL FA 164 -66.01 88.92 -24.71
C VAL FA 164 -66.21 89.46 -26.15
N ILE FA 165 -66.93 88.71 -26.99
CA ILE FA 165 -67.20 89.11 -28.40
C ILE FA 165 -67.63 90.57 -28.49
N HIS FA 166 -68.61 90.93 -27.67
CA HIS FA 166 -69.22 92.26 -27.62
C HIS FA 166 -68.24 93.40 -27.89
N TRP FA 167 -67.01 93.29 -27.36
CA TRP FA 167 -66.02 94.35 -27.50
C TRP FA 167 -64.70 93.87 -28.13
N SER FA 168 -64.77 92.95 -29.09
CA SER FA 168 -63.56 92.33 -29.64
C SER FA 168 -62.52 93.32 -30.17
N GLU FA 169 -62.98 94.38 -30.85
CA GLU FA 169 -62.10 95.40 -31.42
C GLU FA 169 -61.15 96.02 -30.38
N LYS FA 170 -61.66 96.23 -29.18
CA LYS FA 170 -60.85 96.75 -28.07
C LYS FA 170 -59.92 95.67 -27.52
N MET FA 171 -60.43 94.44 -27.46
CA MET FA 171 -59.67 93.32 -26.93
C MET FA 171 -58.48 92.92 -27.79
N CYS FA 172 -58.68 92.93 -29.11
CA CYS FA 172 -57.61 92.62 -30.06
C CYS FA 172 -56.45 93.59 -29.90
N GLU FA 173 -56.77 94.88 -29.83
CA GLU FA 173 -55.78 95.93 -29.64
C GLU FA 173 -55.04 95.76 -28.32
N LEU FA 174 -55.75 95.30 -27.29
CA LEU FA 174 -55.12 95.05 -26.00
C LEU FA 174 -54.33 93.75 -26.00
N ALA FA 175 -54.74 92.80 -26.84
CA ALA FA 175 -54.06 91.51 -26.94
C ALA FA 175 -52.76 91.62 -27.73
N LEU FA 176 -52.85 92.21 -28.92
CA LEU FA 176 -51.71 92.33 -29.82
C LEU FA 176 -50.65 93.29 -29.27
N ASP FA 177 -51.09 94.41 -28.72
CA ASP FA 177 -50.20 95.43 -28.19
C ASP FA 177 -49.45 94.96 -26.96
N ALA FA 178 -50.02 93.99 -26.24
CA ALA FA 178 -49.37 93.40 -25.08
C ALA FA 178 -48.26 92.44 -25.50
N VAL FA 179 -48.51 91.70 -26.58
CA VAL FA 179 -47.57 90.73 -27.11
C VAL FA 179 -46.46 91.48 -27.86
N LYS FA 180 -46.79 92.67 -28.36
CA LYS FA 180 -45.86 93.50 -29.13
C LYS FA 180 -44.70 94.06 -28.31
N THR FA 181 -44.97 94.49 -27.07
CA THR FA 181 -43.92 95.05 -26.22
C THR FA 181 -43.39 94.05 -25.17
N VAL FA 182 -43.41 92.76 -25.53
CA VAL FA 182 -42.75 91.73 -24.73
C VAL FA 182 -41.88 90.83 -25.63
N ARG FA 183 -41.67 91.27 -26.85
CA ARG FA 183 -40.92 90.49 -27.83
C ARG FA 183 -39.45 90.89 -27.84
N GLU FA 197 -34.69 87.03 -30.76
CA GLU FA 197 -35.33 87.16 -29.45
C GLU FA 197 -36.84 86.89 -29.53
N ILE FA 198 -37.35 86.15 -28.54
CA ILE FA 198 -38.77 85.74 -28.48
C ILE FA 198 -39.38 85.83 -27.05
N ASP FA 199 -40.72 85.87 -26.98
CA ASP FA 199 -41.48 86.34 -25.80
C ASP FA 199 -41.79 85.32 -24.69
N ILE FA 200 -42.25 85.85 -23.54
CA ILE FA 200 -42.88 85.09 -22.45
C ILE FA 200 -44.07 85.89 -21.91
N LYS FA 201 -45.27 85.31 -21.93
CA LYS FA 201 -46.49 86.01 -21.46
C LYS FA 201 -46.71 85.89 -19.93
N ARG FA 202 -45.62 86.01 -19.17
CA ARG FA 202 -45.67 86.01 -17.70
C ARG FA 202 -45.03 87.30 -17.16
N TYR FA 203 -44.57 88.14 -18.09
CA TYR FA 203 -44.11 89.51 -17.84
C TYR FA 203 -45.28 90.49 -18.01
N VAL FA 204 -46.48 89.95 -18.07
CA VAL FA 204 -47.68 90.75 -18.36
C VAL FA 204 -48.71 90.62 -17.24
N ARG FA 205 -48.55 91.43 -16.20
CA ARG FA 205 -49.51 91.49 -15.10
C ARG FA 205 -50.86 91.97 -15.62
N VAL FA 206 -51.93 91.36 -15.13
CA VAL FA 206 -53.27 91.63 -15.64
C VAL FA 206 -54.21 92.17 -14.55
N GLU FA 207 -53.73 93.16 -13.80
CA GLU FA 207 -54.46 93.73 -12.65
C GLU FA 207 -55.91 94.13 -12.97
N LYS FA 208 -56.85 93.31 -12.50
CA LYS FA 208 -58.28 93.49 -12.73
C LYS FA 208 -58.91 94.43 -11.71
N ILE FA 209 -59.33 95.60 -12.18
CA ILE FA 209 -60.00 96.58 -11.31
C ILE FA 209 -61.49 96.67 -11.67
N PRO FA 210 -62.38 96.34 -10.71
CA PRO FA 210 -63.83 96.28 -10.93
C PRO FA 210 -64.43 97.62 -11.38
N GLY FA 211 -65.52 97.54 -12.14
CA GLY FA 211 -66.29 98.72 -12.51
C GLY FA 211 -65.88 99.43 -13.80
N GLY FA 212 -66.56 100.54 -14.08
CA GLY FA 212 -66.39 101.29 -15.32
C GLY FA 212 -67.06 100.55 -16.45
N ASP FA 213 -66.31 100.34 -17.55
CA ASP FA 213 -66.65 99.38 -18.61
C ASP FA 213 -65.40 99.02 -19.44
N VAL FA 214 -65.50 98.00 -20.28
CA VAL FA 214 -64.33 97.49 -21.02
C VAL FA 214 -63.67 98.58 -21.88
N LEU FA 215 -64.49 99.49 -22.39
CA LEU FA 215 -63.99 100.63 -23.18
C LEU FA 215 -63.08 101.57 -22.37
N ASP FA 216 -62.88 101.28 -21.09
CA ASP FA 216 -61.94 102.03 -20.24
C ASP FA 216 -60.61 101.30 -20.15
N SER FA 217 -60.62 100.01 -20.47
CA SER FA 217 -59.44 99.16 -20.37
C SER FA 217 -58.33 99.65 -21.29
N ARG FA 218 -57.11 99.68 -20.78
CA ARG FA 218 -55.97 100.21 -21.52
C ARG FA 218 -54.67 99.51 -21.18
N VAL FA 219 -53.91 99.17 -22.23
CA VAL FA 219 -52.56 98.63 -22.08
C VAL FA 219 -51.61 99.71 -21.58
N LEU FA 220 -51.06 99.53 -20.38
CA LEU FA 220 -50.09 100.46 -19.82
C LEU FA 220 -48.66 100.02 -20.11
N LYS FA 221 -47.99 100.75 -21.01
CA LYS FA 221 -46.57 100.54 -21.27
C LYS FA 221 -45.80 100.84 -19.97
N GLY FA 222 -45.95 99.94 -19.01
CA GLY FA 222 -45.38 100.11 -17.67
C GLY FA 222 -45.99 99.15 -16.67
N VAL FA 223 -45.92 99.55 -15.40
CA VAL FA 223 -46.37 98.70 -14.29
C VAL FA 223 -47.32 99.44 -13.36
N LEU FA 224 -48.31 98.71 -12.85
CA LEU FA 224 -49.29 99.22 -11.90
C LEU FA 224 -49.12 98.53 -10.54
N LEU FA 225 -49.13 99.31 -9.45
CA LEU FA 225 -49.00 98.79 -8.08
C LEU FA 225 -50.09 99.27 -7.12
N ASN FA 226 -50.44 98.43 -6.16
CA ASN FA 226 -51.49 98.75 -5.19
C ASN FA 226 -50.93 99.31 -3.88
N LYS FA 227 -49.75 99.92 -3.94
CA LYS FA 227 -49.14 100.53 -2.76
C LYS FA 227 -49.28 102.05 -2.83
N ASP FA 228 -49.17 102.71 -1.67
CA ASP FA 228 -49.09 104.18 -1.58
C ASP FA 228 -47.67 104.56 -1.17
N VAL FA 229 -47.31 105.83 -1.35
CA VAL FA 229 -46.02 106.35 -0.92
C VAL FA 229 -45.93 106.35 0.60
N VAL FA 230 -44.90 105.67 1.10
CA VAL FA 230 -44.74 105.34 2.54
C VAL FA 230 -44.71 106.56 3.48
N HIS FA 231 -44.29 107.71 2.98
CA HIS FA 231 -44.34 108.95 3.75
C HIS FA 231 -45.25 109.97 3.08
N PRO FA 232 -46.06 110.68 3.89
CA PRO FA 232 -46.95 111.77 3.47
C PRO FA 232 -46.29 112.87 2.61
N LYS FA 233 -45.28 113.56 3.16
CA LYS FA 233 -44.64 114.69 2.49
C LYS FA 233 -43.83 114.33 1.24
N MET FA 234 -43.63 113.02 1.01
CA MET FA 234 -43.03 112.53 -0.23
C MET FA 234 -44.00 112.73 -1.39
N SER FA 235 -43.45 112.96 -2.58
CA SER FA 235 -44.23 113.33 -3.76
C SER FA 235 -45.06 112.18 -4.32
N ARG FA 236 -46.31 112.49 -4.64
CA ARG FA 236 -47.21 111.55 -5.31
C ARG FA 236 -47.24 111.81 -6.83
N HIS FA 237 -46.48 112.81 -7.26
CA HIS FA 237 -46.32 113.13 -8.69
C HIS FA 237 -44.88 113.54 -8.98
N ILE FA 238 -44.17 112.70 -9.72
CA ILE FA 238 -42.81 113.03 -10.18
C ILE FA 238 -42.76 113.01 -11.71
N GLU FA 239 -42.12 114.04 -12.28
CA GLU FA 239 -42.06 114.20 -13.74
C GLU FA 239 -41.31 113.06 -14.43
N ASN FA 240 -39.98 113.16 -14.48
CA ASN FA 240 -39.15 112.09 -15.04
C ASN FA 240 -38.28 111.44 -13.98
N PRO FA 241 -38.83 110.45 -13.26
CA PRO FA 241 -38.16 109.84 -12.11
C PRO FA 241 -36.96 108.96 -12.47
N ARG FA 242 -35.83 109.20 -11.81
CA ARG FA 242 -34.71 108.28 -11.83
C ARG FA 242 -34.95 107.23 -10.74
N VAL FA 243 -35.10 105.98 -11.18
CA VAL FA 243 -35.64 104.90 -10.32
C VAL FA 243 -34.54 103.93 -9.85
N VAL FA 244 -34.57 103.60 -8.56
CA VAL FA 244 -33.68 102.59 -7.99
C VAL FA 244 -34.51 101.44 -7.43
N LEU FA 245 -34.14 100.20 -7.79
CA LEU FA 245 -34.86 99.00 -7.33
C LEU FA 245 -34.04 98.19 -6.32
N LEU FA 246 -34.69 97.77 -5.23
CA LEU FA 246 -33.96 97.12 -4.14
C LEU FA 246 -34.47 95.74 -3.73
N ASP FA 247 -33.50 94.85 -3.51
CA ASP FA 247 -33.73 93.43 -3.27
C ASP FA 247 -33.49 93.12 -1.80
N CYS FA 248 -33.52 94.16 -0.97
CA CYS FA 248 -33.06 94.06 0.41
C CYS FA 248 -33.82 95.02 1.32
N PRO FA 249 -33.92 94.71 2.62
CA PRO FA 249 -34.63 95.58 3.56
C PRO FA 249 -33.97 96.96 3.75
N LEU FA 250 -34.79 97.95 4.11
CA LEU FA 250 -34.33 99.32 4.39
C LEU FA 250 -34.30 99.64 5.89
N GLU FA 251 -34.02 98.62 6.69
CA GLU FA 251 -33.81 98.74 8.12
C GLU FA 251 -32.41 98.20 8.41
N TYR FA 252 -31.90 98.41 9.62
CA TYR FA 252 -30.59 97.88 10.00
C TYR FA 252 -30.62 96.35 10.10
N LYS FA 253 -29.60 95.69 9.56
CA LYS FA 253 -29.50 94.23 9.57
C LYS FA 253 -28.88 93.72 10.88
N LYS FA 254 -29.21 92.48 11.23
CA LYS FA 254 -28.63 91.82 12.39
C LYS FA 254 -27.44 90.98 11.96
N GLY FA 255 -26.66 90.51 12.94
CA GLY FA 255 -25.56 89.58 12.66
C GLY FA 255 -26.10 88.18 12.44
N GLU FA 256 -25.87 87.65 11.23
CA GLU FA 256 -26.30 86.29 10.87
C GLU FA 256 -25.55 85.20 11.69
N SER FA 257 -24.64 85.66 12.52
CA SER FA 257 -23.80 84.80 13.34
C SER FA 257 -24.24 84.78 14.82
N GLN FA 258 -25.51 85.12 15.04
CA GLN FA 258 -26.10 85.34 16.38
C GLN FA 258 -25.21 86.15 17.35
N THR FA 259 -25.03 87.42 17.00
CA THR FA 259 -24.28 88.39 17.77
C THR FA 259 -25.04 88.73 19.05
N ASN FA 260 -24.32 88.79 20.18
CA ASN FA 260 -24.91 89.34 21.42
C ASN FA 260 -23.97 90.29 22.17
N ILE FA 261 -24.52 91.42 22.60
CA ILE FA 261 -23.74 92.51 23.20
C ILE FA 261 -23.71 92.43 24.72
N GLU FA 262 -22.52 92.67 25.28
CA GLU FA 262 -22.30 92.67 26.72
C GLU FA 262 -21.88 94.07 27.21
N ILE FA 263 -22.83 94.83 27.76
CA ILE FA 263 -22.58 96.19 28.24
C ILE FA 263 -21.94 96.19 29.62
N GLU FA 264 -20.85 96.95 29.77
CA GLU FA 264 -20.18 97.09 31.06
C GLU FA 264 -20.21 98.55 31.55
N LYS FA 265 -19.68 99.47 30.76
CA LYS FA 265 -19.59 100.89 31.12
C LYS FA 265 -20.91 101.64 30.95
N GLU FA 266 -20.95 102.88 31.46
CA GLU FA 266 -22.17 103.71 31.43
C GLU FA 266 -22.51 104.19 30.03
N GLU FA 267 -21.50 104.72 29.33
CA GLU FA 267 -21.69 105.35 28.02
C GLU FA 267 -22.04 104.38 26.88
N ASP FA 268 -21.86 103.08 27.11
CA ASP FA 268 -21.99 102.07 26.05
C ASP FA 268 -23.38 101.91 25.41
N TRP FA 269 -24.43 102.31 26.12
CA TRP FA 269 -25.80 102.16 25.62
C TRP FA 269 -26.06 103.05 24.40
N ASN FA 270 -25.91 104.37 24.57
CA ASN FA 270 -26.22 105.32 23.48
C ASN FA 270 -25.40 105.12 22.21
N ARG FA 271 -24.14 104.71 22.36
CA ARG FA 271 -23.24 104.49 21.22
C ARG FA 271 -23.72 103.35 20.31
N ILE FA 272 -24.18 102.25 20.91
CA ILE FA 272 -24.74 101.13 20.13
C ILE FA 272 -26.14 101.40 19.61
N LEU FA 273 -26.97 102.05 20.42
CA LEU FA 273 -28.36 102.32 20.03
C LEU FA 273 -28.43 103.35 18.90
N GLN FA 274 -27.32 104.05 18.69
CA GLN FA 274 -27.20 105.01 17.60
C GLN FA 274 -26.59 104.41 16.33
N ILE FA 275 -25.81 103.33 16.47
CA ILE FA 275 -25.19 102.67 15.31
C ILE FA 275 -26.27 102.09 14.38
N GLU FA 276 -27.40 101.68 14.96
CA GLU FA 276 -28.55 101.26 14.16
C GLU FA 276 -29.29 102.46 13.56
N GLU FA 277 -29.19 103.61 14.22
CA GLU FA 277 -29.70 104.86 13.65
C GLU FA 277 -28.72 105.38 12.58
N GLU FA 278 -27.43 105.09 12.75
CA GLU FA 278 -26.39 105.52 11.81
C GLU FA 278 -26.21 104.55 10.63
N GLN FA 279 -26.39 103.25 10.86
CA GLN FA 279 -26.30 102.23 9.80
C GLN FA 279 -27.30 102.50 8.67
N VAL FA 280 -28.49 102.99 9.03
CA VAL FA 280 -29.53 103.37 8.06
C VAL FA 280 -29.13 104.64 7.30
N GLN FA 281 -28.51 105.59 8.02
CA GLN FA 281 -27.98 106.82 7.42
C GLN FA 281 -26.80 106.53 6.47
N LEU FA 282 -26.09 105.42 6.73
CA LEU FA 282 -25.03 104.94 5.84
C LEU FA 282 -25.61 104.31 4.58
N MET FA 283 -26.79 103.69 4.72
CA MET FA 283 -27.57 103.20 3.58
C MET FA 283 -28.05 104.37 2.76
N CYS FA 284 -28.76 105.28 3.42
CA CYS FA 284 -29.38 106.44 2.77
C CYS FA 284 -28.38 107.38 2.08
N GLU FA 285 -27.19 107.52 2.68
CA GLU FA 285 -26.12 108.32 2.08
C GLU FA 285 -25.55 107.62 0.85
N GLN FA 286 -25.77 106.30 0.76
CA GLN FA 286 -25.28 105.50 -0.35
C GLN FA 286 -26.37 105.33 -1.41
N ILE FA 287 -27.62 105.31 -0.96
CA ILE FA 287 -28.78 105.23 -1.86
C ILE FA 287 -28.97 106.56 -2.57
N LEU FA 288 -28.94 107.65 -1.79
CA LEU FA 288 -29.16 109.00 -2.30
C LEU FA 288 -28.05 109.51 -3.23
N ALA FA 289 -26.86 108.91 -3.13
CA ALA FA 289 -25.70 109.34 -3.93
C ALA FA 289 -25.76 108.95 -5.41
N VAL FA 290 -26.88 108.38 -5.85
CA VAL FA 290 -27.11 108.06 -7.27
C VAL FA 290 -28.19 108.99 -7.85
N ARG FA 291 -28.36 110.14 -7.21
CA ARG FA 291 -29.37 111.14 -7.56
C ARG FA 291 -30.68 110.51 -8.05
N PRO FA 292 -31.39 109.79 -7.15
CA PRO FA 292 -32.68 109.24 -7.53
C PRO FA 292 -33.84 110.10 -7.03
N THR FA 293 -35.06 109.68 -7.36
CA THR FA 293 -36.27 110.35 -6.91
C THR FA 293 -37.32 109.31 -6.51
N LEU FA 294 -37.07 108.06 -6.88
CA LEU FA 294 -37.99 106.97 -6.59
C LEU FA 294 -37.25 105.70 -6.21
N VAL FA 295 -37.52 105.21 -5.00
CA VAL FA 295 -36.88 103.99 -4.50
C VAL FA 295 -37.95 102.95 -4.15
N ILE FA 296 -37.88 101.79 -4.81
CA ILE FA 296 -38.85 100.69 -4.60
C ILE FA 296 -38.14 99.45 -4.03
N THR FA 297 -38.71 98.88 -2.96
CA THR FA 297 -38.09 97.77 -2.23
C THR FA 297 -38.93 96.51 -2.24
N GLU FA 298 -38.26 95.35 -2.25
CA GLU FA 298 -38.94 94.07 -2.09
C GLU FA 298 -39.33 93.82 -0.64
N LYS FA 299 -38.49 94.28 0.28
CA LYS FA 299 -38.74 94.12 1.72
C LYS FA 299 -39.25 95.43 2.36
N GLY FA 300 -39.50 95.40 3.66
CA GLY FA 300 -40.04 96.55 4.41
C GLY FA 300 -39.07 97.70 4.60
N VAL FA 301 -39.61 98.90 4.88
CA VAL FA 301 -38.79 100.11 5.05
C VAL FA 301 -38.96 100.71 6.44
N SER FA 302 -37.82 101.07 7.04
CA SER FA 302 -37.75 101.64 8.39
C SER FA 302 -38.44 103.01 8.52
N ASP FA 303 -38.88 103.32 9.73
CA ASP FA 303 -39.50 104.62 10.04
C ASP FA 303 -38.48 105.76 10.10
N LEU FA 304 -37.20 105.40 10.06
CA LEU FA 304 -36.11 106.37 10.08
C LEU FA 304 -35.47 106.50 8.70
N ALA FA 305 -35.61 105.44 7.89
CA ALA FA 305 -35.12 105.45 6.52
C ALA FA 305 -35.91 106.44 5.66
N GLN FA 306 -37.13 106.72 6.11
CA GLN FA 306 -38.02 107.63 5.40
C GLN FA 306 -37.59 109.10 5.53
N HIS FA 307 -37.04 109.46 6.69
CA HIS FA 307 -36.57 110.83 6.93
C HIS FA 307 -35.36 111.19 6.07
N TYR FA 308 -34.42 110.27 5.95
CA TYR FA 308 -33.20 110.50 5.15
C TYR FA 308 -33.43 110.29 3.65
N LEU FA 309 -34.61 109.81 3.30
CA LEU FA 309 -35.02 109.70 1.89
C LEU FA 309 -36.01 110.81 1.50
N LEU FA 310 -36.57 111.49 2.50
CA LEU FA 310 -37.41 112.65 2.26
C LEU FA 310 -36.55 113.88 1.99
N LYS FA 311 -35.52 114.07 2.83
CA LYS FA 311 -34.54 115.15 2.69
C LYS FA 311 -33.64 114.91 1.47
N GLY FA 312 -33.66 113.69 0.95
CA GLY FA 312 -33.03 113.38 -0.32
C GLY FA 312 -33.95 113.69 -1.48
N GLY FA 313 -35.26 113.72 -1.21
CA GLY FA 313 -36.27 114.05 -2.20
C GLY FA 313 -36.77 112.82 -2.95
N CYS FA 314 -36.61 111.66 -2.33
CA CYS FA 314 -37.05 110.40 -2.93
C CYS FA 314 -38.40 109.97 -2.39
N SER FA 315 -39.33 109.68 -3.30
CA SER FA 315 -40.54 108.98 -2.94
C SER FA 315 -40.17 107.50 -2.81
N VAL FA 316 -40.64 106.86 -1.75
CA VAL FA 316 -40.24 105.48 -1.44
C VAL FA 316 -41.43 104.53 -1.33
N LEU FA 317 -41.33 103.39 -2.00
CA LEU FA 317 -42.33 102.32 -1.92
C LEU FA 317 -41.78 101.08 -1.22
N ARG FA 318 -42.57 100.53 -0.29
CA ARG FA 318 -42.15 99.42 0.55
C ARG FA 318 -42.79 98.10 0.15
N ARG FA 319 -42.18 96.99 0.60
CA ARG FA 319 -42.68 95.63 0.40
C ARG FA 319 -43.49 95.45 -0.90
N VAL FA 320 -42.77 95.33 -2.00
CA VAL FA 320 -43.38 95.09 -3.31
C VAL FA 320 -43.02 93.68 -3.76
N LYS FA 321 -43.94 93.00 -4.45
CA LYS FA 321 -43.77 91.60 -4.83
C LYS FA 321 -42.51 91.34 -5.66
N LYS FA 322 -41.86 90.21 -5.36
CA LYS FA 322 -40.61 89.81 -6.00
C LYS FA 322 -40.73 89.82 -7.52
N SER FA 323 -41.82 89.24 -8.03
CA SER FA 323 -42.12 89.16 -9.47
C SER FA 323 -42.46 90.51 -10.08
N ASP FA 324 -42.99 91.42 -9.27
CA ASP FA 324 -43.31 92.78 -9.70
C ASP FA 324 -42.05 93.61 -9.94
N ASN FA 325 -40.99 93.29 -9.21
CA ASN FA 325 -39.68 93.96 -9.39
C ASN FA 325 -39.01 93.67 -10.74
N ASN FA 326 -38.96 92.39 -11.11
CA ASN FA 326 -38.43 91.97 -12.40
C ASN FA 326 -39.26 92.53 -13.56
N ARG FA 327 -40.51 92.86 -13.27
CA ARG FA 327 -41.42 93.46 -14.23
C ARG FA 327 -41.17 94.97 -14.35
N ILE FA 328 -40.91 95.62 -13.21
CA ILE FA 328 -40.60 97.04 -13.17
C ILE FA 328 -39.22 97.31 -13.79
N ALA FA 329 -38.22 96.51 -13.37
CA ALA FA 329 -36.84 96.65 -13.82
C ALA FA 329 -36.72 96.58 -15.34
N ARG FA 330 -37.58 95.79 -15.96
CA ARG FA 330 -37.60 95.63 -17.41
C ARG FA 330 -38.12 96.90 -18.09
N VAL FA 331 -39.20 97.47 -17.58
CA VAL FA 331 -39.80 98.69 -18.14
C VAL FA 331 -38.93 99.93 -17.91
N THR FA 332 -38.53 100.14 -16.65
CA THR FA 332 -37.74 101.31 -16.26
C THR FA 332 -36.32 101.26 -16.80
N GLY FA 333 -35.79 100.06 -16.99
CA GLY FA 333 -34.44 99.86 -17.53
C GLY FA 333 -33.36 99.72 -16.47
N ALA FA 334 -33.74 100.04 -15.23
CA ALA FA 334 -32.85 99.90 -14.08
C ALA FA 334 -32.70 98.43 -13.68
N THR FA 335 -31.53 98.09 -13.13
CA THR FA 335 -31.28 96.76 -12.63
C THR FA 335 -31.31 96.71 -11.10
N ILE FA 336 -31.85 95.63 -10.56
CA ILE FA 336 -32.05 95.46 -9.12
C ILE FA 336 -30.79 94.89 -8.44
N VAL FA 337 -30.34 95.56 -7.37
CA VAL FA 337 -29.16 95.10 -6.63
C VAL FA 337 -29.43 95.00 -5.11
N ASN FA 338 -29.08 93.85 -4.55
CA ASN FA 338 -29.22 93.58 -3.12
C ASN FA 338 -28.24 94.40 -2.28
N ARG FA 339 -26.97 94.43 -2.67
CA ARG FA 339 -25.94 95.13 -1.92
C ARG FA 339 -26.01 96.67 -2.12
N VAL FA 340 -26.32 97.39 -1.05
CA VAL FA 340 -26.44 98.86 -1.05
C VAL FA 340 -25.06 99.52 -1.27
N GLU FA 341 -24.04 98.89 -0.68
CA GLU FA 341 -22.65 99.29 -0.85
C GLU FA 341 -22.23 99.52 -2.31
N ASP FA 342 -22.68 98.64 -3.22
CA ASP FA 342 -22.24 98.63 -4.62
C ASP FA 342 -23.29 99.11 -5.62
N LEU FA 343 -24.06 100.14 -5.25
CA LEU FA 343 -25.07 100.69 -6.17
C LEU FA 343 -24.39 101.61 -7.18
N LYS FA 344 -24.46 101.23 -8.45
CA LYS FA 344 -23.75 101.94 -9.54
C LYS FA 344 -24.66 102.90 -10.33
N GLU FA 345 -24.06 103.62 -11.28
CA GLU FA 345 -24.79 104.58 -12.13
C GLU FA 345 -25.62 103.92 -13.24
N SER FA 346 -25.46 102.60 -13.42
CA SER FA 346 -26.22 101.83 -14.43
C SER FA 346 -27.54 101.34 -13.87
N ASP FA 347 -27.60 101.23 -12.54
CA ASP FA 347 -28.75 100.64 -11.85
C ASP FA 347 -29.88 101.64 -11.64
N VAL FA 348 -29.87 102.73 -12.41
CA VAL FA 348 -30.90 103.78 -12.28
C VAL FA 348 -31.88 103.73 -13.46
N GLY FA 349 -33.10 104.22 -13.24
CA GLY FA 349 -34.19 104.12 -14.22
C GLY FA 349 -34.28 105.25 -15.22
N THR FA 350 -33.48 105.17 -16.27
CA THR FA 350 -33.56 106.12 -17.38
C THR FA 350 -34.79 105.78 -18.23
N ASN FA 351 -35.45 106.82 -18.72
CA ASN FA 351 -36.69 106.71 -19.51
C ASN FA 351 -37.79 105.84 -18.87
N CYS FA 352 -38.27 106.30 -17.71
CA CYS FA 352 -39.60 105.96 -17.23
C CYS FA 352 -40.34 107.28 -17.04
N GLY FA 353 -41.14 107.65 -18.04
CA GLY FA 353 -41.64 109.02 -18.20
C GLY FA 353 -42.64 109.59 -17.21
N LEU FA 354 -43.06 108.81 -16.21
CA LEU FA 354 -44.04 109.29 -15.23
C LEU FA 354 -44.14 108.40 -13.99
N PHE FA 355 -44.42 109.04 -12.86
CA PHE FA 355 -44.80 108.36 -11.62
C PHE FA 355 -45.95 109.11 -10.98
N LYS FA 356 -47.10 108.45 -10.86
CA LYS FA 356 -48.29 109.06 -10.29
C LYS FA 356 -48.97 108.16 -9.27
N VAL FA 357 -49.66 108.76 -8.31
CA VAL FA 357 -50.45 107.99 -7.36
C VAL FA 357 -51.92 108.43 -7.46
N GLU FA 358 -52.54 108.02 -8.56
CA GLU FA 358 -53.96 108.31 -8.80
C GLU FA 358 -54.83 107.39 -7.94
N MET FA 359 -55.95 107.93 -7.47
CA MET FA 359 -56.84 107.23 -6.56
C MET FA 359 -58.07 106.73 -7.32
N ILE FA 360 -58.26 105.41 -7.29
CA ILE FA 360 -59.38 104.77 -7.98
C ILE FA 360 -60.44 104.33 -6.96
N GLY FA 361 -61.17 105.31 -6.41
CA GLY FA 361 -62.27 105.07 -5.48
C GLY FA 361 -61.90 104.31 -4.21
N ASP FA 362 -61.49 105.04 -3.19
CA ASP FA 362 -61.13 104.48 -1.87
C ASP FA 362 -59.73 103.89 -1.74
N GLU FA 363 -59.28 103.14 -2.75
CA GLU FA 363 -57.96 102.48 -2.70
C GLU FA 363 -56.89 103.15 -3.57
N TYR FA 364 -55.72 103.38 -2.97
CA TYR FA 364 -54.60 104.07 -3.62
C TYR FA 364 -53.82 103.17 -4.58
N PHE FA 365 -53.60 103.65 -5.81
CA PHE FA 365 -52.80 102.94 -6.79
C PHE FA 365 -51.63 103.78 -7.28
N SER FA 366 -50.50 103.12 -7.55
CA SER FA 366 -49.31 103.79 -8.06
C SER FA 366 -48.96 103.34 -9.48
N PHE FA 367 -49.07 104.26 -10.43
CA PHE FA 367 -48.79 103.99 -11.83
C PHE FA 367 -47.31 104.17 -12.15
N LEU FA 368 -46.86 103.56 -13.23
CA LEU FA 368 -45.52 103.79 -13.73
C LEU FA 368 -45.54 103.76 -15.26
N ASP FA 369 -45.84 104.91 -15.85
CA ASP FA 369 -46.08 105.04 -17.29
C ASP FA 369 -44.84 105.39 -18.11
N ASN FA 370 -45.02 105.47 -19.43
CA ASN FA 370 -43.99 105.91 -20.39
C ASN FA 370 -42.64 105.20 -20.24
N GLY FA 428 -39.17 104.38 -22.84
CA GLY FA 428 -38.24 103.96 -23.88
C GLY FA 428 -38.50 102.57 -24.41
N SER FA 429 -37.48 101.71 -24.36
CA SER FA 429 -37.59 100.33 -24.85
C SER FA 429 -38.28 99.38 -23.85
N GLY FA 430 -39.57 99.15 -24.06
CA GLY FA 430 -40.35 98.26 -23.20
C GLY FA 430 -40.09 96.80 -23.51
N LYS FA 431 -40.26 95.95 -22.50
CA LYS FA 431 -40.19 94.50 -22.65
C LYS FA 431 -41.03 93.82 -21.57
N ALA FA 432 -41.84 94.62 -20.89
CA ALA FA 432 -42.83 94.14 -19.92
C ALA FA 432 -44.04 95.06 -20.00
N CYS FA 433 -45.19 94.58 -19.52
CA CYS FA 433 -46.43 95.32 -19.67
C CYS FA 433 -47.46 94.99 -18.58
N THR FA 434 -48.32 95.97 -18.27
CA THR FA 434 -49.45 95.76 -17.35
C THR FA 434 -50.77 96.07 -18.05
N ILE FA 435 -51.63 95.06 -18.18
CA ILE FA 435 -52.97 95.28 -18.73
C ILE FA 435 -53.94 95.66 -17.62
N MET FA 436 -54.50 96.86 -17.78
CA MET FA 436 -55.56 97.36 -16.91
C MET FA 436 -56.88 96.87 -17.46
N LEU FA 437 -57.59 96.05 -16.70
CA LEU FA 437 -58.92 95.61 -17.11
C LEU FA 437 -60.02 96.20 -16.25
N ARG FA 438 -61.11 96.56 -16.90
CA ARG FA 438 -62.31 97.10 -16.26
C ARG FA 438 -63.52 96.38 -16.82
N GLY FA 439 -64.56 96.20 -16.00
CA GLY FA 439 -65.76 95.46 -16.41
C GLY FA 439 -67.04 95.87 -15.72
N GLY FA 440 -67.66 94.94 -15.01
CA GLY FA 440 -68.92 95.18 -14.31
C GLY FA 440 -69.02 94.45 -12.98
N SER FA 441 -67.99 93.67 -12.66
CA SER FA 441 -67.92 92.88 -11.43
C SER FA 441 -66.53 92.31 -11.26
N LYS FA 442 -66.21 91.93 -10.02
CA LYS FA 442 -64.98 91.21 -9.72
C LYS FA 442 -65.07 89.80 -10.32
N ASP FA 443 -66.29 89.27 -10.32
CA ASP FA 443 -66.58 87.92 -10.79
C ASP FA 443 -66.53 87.78 -12.31
N ILE FA 444 -67.05 88.78 -13.00
CA ILE FA 444 -67.14 88.76 -14.46
C ILE FA 444 -65.85 89.27 -15.11
N LEU FA 445 -65.02 89.94 -14.31
CA LEU FA 445 -63.70 90.35 -14.77
C LEU FA 445 -62.79 89.14 -15.00
N ASN FA 446 -62.94 88.13 -14.14
CA ASN FA 446 -62.19 86.88 -14.28
C ASN FA 446 -62.51 86.15 -15.57
N GLU FA 447 -63.77 86.22 -16.00
CA GLU FA 447 -64.22 85.59 -17.25
C GLU FA 447 -63.67 86.31 -18.48
N ILE FA 448 -63.28 87.58 -18.30
CA ILE FA 448 -62.63 88.38 -19.36
C ILE FA 448 -61.15 88.01 -19.45
N ASP FA 449 -60.51 87.91 -18.29
CA ASP FA 449 -59.10 87.51 -18.21
C ASP FA 449 -58.90 86.14 -18.85
N ARG FA 450 -59.80 85.20 -18.53
CA ARG FA 450 -59.84 83.85 -19.13
C ARG FA 450 -59.99 83.92 -20.65
N ASN FA 451 -60.54 85.03 -21.12
CA ASN FA 451 -60.68 85.26 -22.55
C ASN FA 451 -59.47 85.97 -23.12
N LEU FA 452 -58.94 86.94 -22.37
CA LEU FA 452 -57.79 87.72 -22.82
C LEU FA 452 -56.52 86.88 -22.77
N GLN FA 453 -56.45 85.94 -21.83
CA GLN FA 453 -55.35 84.98 -21.78
C GLN FA 453 -55.40 84.06 -23.00
N ASP FA 454 -56.61 83.63 -23.36
CA ASP FA 454 -56.86 82.84 -24.57
C ASP FA 454 -56.58 83.66 -25.83
N ALA FA 455 -56.62 84.99 -25.69
CA ALA FA 455 -56.43 85.91 -26.81
C ALA FA 455 -54.97 86.22 -27.08
N MET FA 456 -54.24 86.64 -26.04
CA MET FA 456 -52.81 86.88 -26.16
C MET FA 456 -52.09 85.61 -26.61
N ALA FA 457 -52.67 84.47 -26.25
CA ALA FA 457 -52.13 83.17 -26.63
C ALA FA 457 -52.07 82.98 -28.14
N VAL FA 458 -53.22 83.03 -28.82
CA VAL FA 458 -53.25 82.87 -30.27
C VAL FA 458 -52.35 83.87 -30.98
N ALA FA 459 -52.11 85.01 -30.33
CA ALA FA 459 -51.22 86.03 -30.87
C ALA FA 459 -49.76 85.60 -30.81
N ARG FA 460 -49.34 85.01 -29.69
CA ARG FA 460 -47.95 84.58 -29.53
C ARG FA 460 -47.63 83.31 -30.30
N ASN FA 461 -48.63 82.46 -30.50
CA ASN FA 461 -48.49 81.25 -31.30
C ASN FA 461 -48.06 81.61 -32.71
N VAL FA 462 -48.72 82.60 -33.28
CA VAL FA 462 -48.54 83.00 -34.67
C VAL FA 462 -47.16 83.61 -34.92
N MET FA 463 -46.65 84.37 -33.95
CA MET FA 463 -45.33 84.96 -34.06
C MET FA 463 -44.21 83.90 -34.06
N LEU FA 464 -44.52 82.72 -33.56
CA LEU FA 464 -43.56 81.60 -33.52
C LEU FA 464 -43.75 80.62 -34.66
N SER FA 465 -45.00 80.30 -34.98
CA SER FA 465 -45.34 79.51 -36.15
C SER FA 465 -46.26 80.34 -37.06
N PRO FA 466 -45.67 80.99 -38.09
CA PRO FA 466 -46.30 82.03 -38.92
C PRO FA 466 -47.47 81.57 -39.82
N SER FA 467 -47.86 80.30 -39.70
CA SER FA 467 -48.91 79.73 -40.55
C SER FA 467 -50.27 79.60 -39.86
N LEU FA 468 -51.34 79.65 -40.66
CA LEU FA 468 -52.72 79.63 -40.16
C LEU FA 468 -53.58 78.56 -40.84
N SER FA 469 -54.33 77.80 -40.04
CA SER FA 469 -55.27 76.79 -40.56
C SER FA 469 -56.63 77.39 -40.85
N PRO FA 470 -57.27 76.98 -41.97
CA PRO FA 470 -58.64 77.43 -42.22
C PRO FA 470 -59.62 76.72 -41.30
N GLY FA 471 -59.97 77.38 -40.19
CA GLY FA 471 -60.81 76.78 -39.16
C GLY FA 471 -62.27 76.69 -39.51
N GLY FA 472 -63.13 76.76 -38.49
CA GLY FA 472 -64.57 76.64 -38.68
C GLY FA 472 -64.95 75.28 -39.22
N GLY FA 473 -64.41 74.23 -38.61
CA GLY FA 473 -64.68 72.84 -39.00
C GLY FA 473 -64.01 72.40 -40.29
N ALA FA 474 -63.48 73.37 -41.04
CA ALA FA 474 -62.93 73.12 -42.37
C ALA FA 474 -61.63 72.31 -42.35
N THR FA 475 -60.65 72.78 -41.58
CA THR FA 475 -59.37 72.08 -41.42
C THR FA 475 -59.61 70.61 -41.03
N GLU FA 476 -60.57 70.38 -40.14
CA GLU FA 476 -60.93 69.03 -39.72
C GLU FA 476 -61.54 68.18 -40.84
N MET FA 477 -62.51 68.74 -41.57
CA MET FA 477 -63.15 68.04 -42.70
C MET FA 477 -62.16 67.66 -43.80
N ALA FA 478 -61.17 68.53 -44.00
CA ALA FA 478 -60.10 68.29 -44.95
C ALA FA 478 -59.40 66.96 -44.66
N VAL FA 479 -59.04 66.76 -43.41
CA VAL FA 479 -58.39 65.54 -42.97
C VAL FA 479 -59.29 64.31 -43.22
N SER FA 480 -60.59 64.49 -43.00
CA SER FA 480 -61.56 63.39 -43.09
C SER FA 480 -61.53 62.66 -44.45
N VAL FA 481 -61.63 63.40 -45.54
CA VAL FA 481 -61.68 62.82 -46.88
C VAL FA 481 -60.30 62.42 -47.39
N LYS FA 482 -59.27 63.17 -46.97
CA LYS FA 482 -57.89 62.84 -47.31
C LYS FA 482 -57.52 61.49 -46.70
N LEU FA 483 -57.98 61.26 -45.47
CA LEU FA 483 -57.79 59.96 -44.82
C LEU FA 483 -58.76 58.93 -45.37
N ALA FA 484 -59.99 59.34 -45.67
CA ALA FA 484 -60.99 58.43 -46.25
C ALA FA 484 -60.47 57.79 -47.53
N GLU FA 485 -59.76 58.58 -48.33
CA GLU FA 485 -59.11 58.10 -49.56
C GLU FA 485 -57.97 57.15 -49.21
N LYS FA 486 -57.01 57.65 -48.44
CA LYS FA 486 -55.86 56.86 -48.00
C LYS FA 486 -56.27 55.54 -47.33
N ALA FA 487 -57.51 55.49 -46.85
CA ALA FA 487 -58.07 54.29 -46.23
C ALA FA 487 -58.35 53.22 -47.27
N LYS FA 488 -59.14 53.57 -48.28
CA LYS FA 488 -59.54 52.63 -49.33
C LYS FA 488 -58.34 52.09 -50.11
N GLN FA 489 -57.29 52.90 -50.22
CA GLN FA 489 -56.07 52.53 -50.96
C GLN FA 489 -55.06 51.71 -50.15
N LEU FA 490 -55.27 51.61 -48.84
CA LEU FA 490 -54.41 50.78 -47.98
C LEU FA 490 -54.85 49.31 -47.94
N GLU FA 491 -56.15 49.09 -47.75
CA GLU FA 491 -56.79 47.76 -47.71
C GLU FA 491 -56.23 46.80 -46.63
N GLY FA 492 -56.94 45.69 -46.41
CA GLY FA 492 -56.55 44.72 -45.40
C GLY FA 492 -57.27 44.90 -44.06
N ILE FA 493 -56.56 44.64 -42.97
CA ILE FA 493 -57.15 44.75 -41.63
C ILE FA 493 -56.80 46.08 -40.97
N GLN FA 494 -55.63 46.61 -41.32
CA GLN FA 494 -55.17 47.92 -40.83
C GLN FA 494 -56.08 49.07 -41.30
N GLN FA 495 -56.94 48.78 -42.27
CA GLN FA 495 -57.85 49.76 -42.86
C GLN FA 495 -58.93 50.22 -41.88
N TRP FA 496 -59.49 49.28 -41.12
CA TRP FA 496 -60.63 49.55 -40.23
C TRP FA 496 -60.38 50.66 -39.20
N PRO FA 497 -59.24 50.62 -38.46
CA PRO FA 497 -58.93 51.68 -37.50
C PRO FA 497 -58.58 53.00 -38.17
N TYR FA 498 -57.85 52.91 -39.28
CA TYR FA 498 -57.48 54.07 -40.08
C TYR FA 498 -58.73 54.83 -40.52
N GLN FA 499 -59.63 54.14 -41.21
CA GLN FA 499 -60.87 54.73 -41.73
C GLN FA 499 -61.78 55.28 -40.63
N ALA FA 500 -61.37 55.07 -39.38
CA ALA FA 500 -62.14 55.51 -38.22
C ALA FA 500 -61.62 56.82 -37.64
N VAL FA 501 -60.38 57.15 -37.97
CA VAL FA 501 -59.84 58.48 -37.63
C VAL FA 501 -60.54 59.48 -38.54
N ALA FA 502 -60.72 59.07 -39.79
CA ALA FA 502 -61.47 59.81 -40.79
C ALA FA 502 -62.93 59.99 -40.38
N ASP FA 503 -63.46 58.97 -39.69
CA ASP FA 503 -64.79 59.03 -39.10
C ASP FA 503 -64.82 60.03 -37.94
N ALA FA 504 -63.72 60.11 -37.20
CA ALA FA 504 -63.64 60.92 -36.00
C ALA FA 504 -63.61 62.42 -36.29
N MET FA 505 -62.84 62.80 -37.32
CA MET FA 505 -62.62 64.22 -37.66
C MET FA 505 -63.92 65.01 -37.87
N GLU FA 506 -64.89 64.35 -38.50
CA GLU FA 506 -66.18 64.96 -38.85
C GLU FA 506 -66.98 65.46 -37.64
N CYS FA 507 -66.53 65.11 -36.43
CA CYS FA 507 -67.27 65.42 -35.21
C CYS FA 507 -67.36 66.91 -34.90
N ILE FA 508 -66.27 67.64 -35.11
CA ILE FA 508 -66.26 69.10 -34.89
C ILE FA 508 -67.27 69.78 -35.81
N PRO FA 509 -67.21 69.49 -37.13
CA PRO FA 509 -68.31 69.93 -37.95
C PRO FA 509 -69.67 69.46 -37.41
N ARG FA 510 -69.79 68.17 -37.09
CA ARG FA 510 -71.07 67.59 -36.64
C ARG FA 510 -71.62 68.25 -35.37
N THR FA 511 -70.72 68.76 -34.52
CA THR FA 511 -71.12 69.44 -33.27
C THR FA 511 -71.25 70.97 -33.45
N LEU FA 512 -70.58 71.54 -34.46
CA LEU FA 512 -70.74 72.96 -34.79
C LEU FA 512 -72.10 73.22 -35.44
N ILE FA 513 -72.58 72.24 -36.20
CA ILE FA 513 -73.92 72.30 -36.80
C ILE FA 513 -74.98 72.17 -35.71
N GLN FA 514 -74.73 71.28 -34.76
CA GLN FA 514 -75.65 71.04 -33.64
C GLN FA 514 -75.79 72.25 -32.73
N ASN FA 515 -74.66 72.82 -32.30
CA ASN FA 515 -74.67 74.04 -31.49
C ASN FA 515 -75.24 75.25 -32.23
N ALA FA 516 -75.19 75.22 -33.56
CA ALA FA 516 -75.89 76.20 -34.40
C ALA FA 516 -77.39 75.95 -34.34
N GLY FA 517 -77.79 74.71 -34.61
CA GLY FA 517 -79.20 74.32 -34.56
C GLY FA 517 -79.71 73.66 -35.82
N GLY FA 518 -78.84 73.61 -36.83
CA GLY FA 518 -79.19 73.00 -38.12
C GLY FA 518 -79.18 71.48 -38.07
N ASP FA 519 -79.64 70.87 -39.17
CA ASP FA 519 -79.63 69.42 -39.31
C ASP FA 519 -78.23 68.95 -39.72
N PRO FA 520 -77.51 68.27 -38.80
CA PRO FA 520 -76.12 67.87 -39.03
C PRO FA 520 -75.89 66.92 -40.21
N ILE FA 521 -76.81 66.01 -40.47
CA ILE FA 521 -76.72 65.08 -41.60
C ILE FA 521 -76.86 65.76 -42.95
N ARG FA 522 -77.75 66.75 -43.03
CA ARG FA 522 -78.00 67.50 -44.27
C ARG FA 522 -76.78 68.34 -44.64
N LEU FA 523 -76.23 69.06 -43.66
CA LEU FA 523 -75.13 69.99 -43.89
C LEU FA 523 -73.75 69.33 -43.92
N LEU FA 524 -73.59 68.20 -43.22
CA LEU FA 524 -72.40 67.36 -43.34
C LEU FA 524 -72.29 66.77 -44.74
N SER FA 525 -73.43 66.40 -45.31
CA SER FA 525 -73.50 65.89 -46.66
C SER FA 525 -73.06 66.97 -47.64
N GLN FA 526 -73.70 68.14 -47.55
CA GLN FA 526 -73.36 69.29 -48.39
C GLN FA 526 -72.02 69.93 -47.97
N LEU FA 527 -71.35 69.31 -47.02
CA LEU FA 527 -70.02 69.73 -46.60
C LEU FA 527 -68.96 68.78 -47.16
N ARG FA 528 -69.13 67.49 -46.89
CA ARG FA 528 -68.17 66.46 -47.28
C ARG FA 528 -67.92 66.45 -48.78
N ALA FA 529 -69.01 66.40 -49.54
CA ALA FA 529 -68.94 66.38 -51.00
C ALA FA 529 -68.38 67.69 -51.55
N LYS FA 530 -68.96 68.81 -51.10
CA LYS FA 530 -68.55 70.14 -51.55
C LYS FA 530 -67.19 70.55 -50.99
N HIS FA 531 -66.42 69.56 -50.54
CA HIS FA 531 -65.05 69.75 -50.10
C HIS FA 531 -64.13 69.03 -51.07
N ALA FA 532 -64.58 67.86 -51.51
CA ALA FA 532 -63.80 66.98 -52.39
C ALA FA 532 -63.37 67.68 -53.68
N GLN FA 533 -64.26 68.51 -54.23
CA GLN FA 533 -63.92 69.30 -55.41
C GLN FA 533 -64.21 70.79 -55.20
N GLY FA 534 -64.28 71.17 -53.92
CA GLY FA 534 -64.58 72.55 -53.54
C GLY FA 534 -63.65 73.13 -52.49
N ASN FA 535 -62.35 73.03 -52.73
CA ASN FA 535 -61.30 73.64 -51.90
C ASN FA 535 -61.22 73.15 -50.44
N PHE FA 536 -60.12 73.53 -49.79
CA PHE FA 536 -59.90 73.22 -48.40
C PHE FA 536 -60.71 74.15 -47.50
N THR FA 537 -61.04 75.34 -48.02
CA THR FA 537 -61.63 76.40 -47.20
C THR FA 537 -63.16 76.39 -47.22
N THR FA 538 -63.75 75.22 -47.01
CA THR FA 538 -65.20 75.10 -46.95
C THR FA 538 -65.63 74.53 -45.60
N GLY FA 539 -66.19 75.39 -44.76
CA GLY FA 539 -66.60 75.00 -43.41
C GLY FA 539 -67.99 75.50 -43.04
N ILE FA 540 -68.25 75.58 -41.74
CA ILE FA 540 -69.55 76.03 -41.24
C ILE FA 540 -69.46 77.43 -40.66
N ASP FA 541 -70.49 78.23 -40.93
CA ASP FA 541 -70.65 79.51 -40.27
C ASP FA 541 -71.51 79.30 -39.03
N GLY FA 542 -71.00 79.74 -37.90
CA GLY FA 542 -71.60 79.48 -36.60
C GLY FA 542 -73.04 79.96 -36.46
N ASP FA 543 -73.22 81.27 -36.54
CA ASP FA 543 -74.54 81.89 -36.32
C ASP FA 543 -75.59 81.42 -37.32
N LYS FA 544 -75.18 81.28 -38.58
CA LYS FA 544 -76.09 80.86 -39.64
C LYS FA 544 -76.42 79.37 -39.53
N GLY FA 545 -75.40 78.53 -39.65
CA GLY FA 545 -75.58 77.09 -39.70
C GLY FA 545 -75.66 76.63 -41.14
N LYS FA 546 -74.76 77.16 -41.96
CA LYS FA 546 -74.69 76.82 -43.39
C LYS FA 546 -73.23 76.70 -43.83
N ILE FA 547 -73.02 76.18 -45.05
CA ILE FA 547 -71.68 76.08 -45.61
C ILE FA 547 -71.16 77.46 -46.07
N VAL FA 548 -69.91 77.74 -45.74
CA VAL FA 548 -69.29 79.03 -46.04
C VAL FA 548 -67.82 78.83 -46.42
N ASP FA 549 -67.35 79.60 -47.41
CA ASP FA 549 -65.94 79.61 -47.74
C ASP FA 549 -65.21 80.50 -46.74
N MET FA 550 -64.37 79.87 -45.91
CA MET FA 550 -63.72 80.54 -44.78
C MET FA 550 -62.79 81.68 -45.18
N VAL FA 551 -62.26 81.63 -46.41
CA VAL FA 551 -61.46 82.73 -46.97
C VAL FA 551 -62.28 84.02 -46.94
N SER FA 552 -63.52 83.91 -47.42
CA SER FA 552 -64.43 85.05 -47.54
C SER FA 552 -65.00 85.52 -46.21
N TYR FA 553 -65.12 84.60 -45.26
CA TYR FA 553 -65.73 84.91 -43.97
C TYR FA 553 -64.74 85.45 -42.94
N GLY FA 554 -63.64 84.73 -42.72
CA GLY FA 554 -62.59 85.20 -41.83
C GLY FA 554 -62.47 84.49 -40.48
N ILE FA 555 -62.75 83.19 -40.46
CA ILE FA 555 -62.43 82.33 -39.31
C ILE FA 555 -61.24 81.45 -39.67
N TRP FA 556 -60.08 81.81 -39.15
CA TRP FA 556 -58.84 81.08 -39.39
C TRP FA 556 -58.10 80.87 -38.06
N GLU FA 557 -57.95 79.61 -37.67
CA GLU FA 557 -57.27 79.22 -36.43
C GLU FA 557 -55.77 78.98 -36.66
N PRO FA 558 -54.92 79.38 -35.71
CA PRO FA 558 -53.46 79.18 -35.83
C PRO FA 558 -53.08 77.70 -36.00
N GLU FA 559 -52.15 77.42 -36.92
CA GLU FA 559 -51.81 76.04 -37.31
C GLU FA 559 -51.50 75.11 -36.14
N VAL FA 560 -50.79 75.64 -35.14
CA VAL FA 560 -50.33 74.83 -34.00
C VAL FA 560 -51.49 74.26 -33.20
N ILE FA 561 -52.58 75.02 -33.10
CA ILE FA 561 -53.81 74.51 -32.47
C ILE FA 561 -54.31 73.28 -33.23
N LYS FA 562 -54.45 73.40 -34.55
CA LYS FA 562 -54.88 72.28 -35.39
C LYS FA 562 -53.90 71.11 -35.32
N GLN FA 563 -52.60 71.43 -35.21
CA GLN FA 563 -51.55 70.43 -35.06
C GLN FA 563 -51.65 69.66 -33.73
N GLN FA 564 -51.50 70.37 -32.61
CA GLN FA 564 -51.48 69.79 -31.27
C GLN FA 564 -52.77 69.03 -30.93
N SER FA 565 -53.91 69.64 -31.26
CA SER FA 565 -55.22 69.05 -31.04
C SER FA 565 -55.33 67.61 -31.52
N VAL FA 566 -54.88 67.38 -32.74
CA VAL FA 566 -54.91 66.06 -33.37
C VAL FA 566 -53.76 65.19 -32.89
N LYS FA 567 -52.65 65.83 -32.52
CA LYS FA 567 -51.49 65.14 -31.96
C LYS FA 567 -51.82 64.39 -30.66
N THR FA 568 -52.24 65.12 -29.62
CA THR FA 568 -52.49 64.51 -28.31
C THR FA 568 -53.81 63.77 -28.17
N ALA FA 569 -54.82 64.18 -28.94
CA ALA FA 569 -56.13 63.49 -28.92
C ALA FA 569 -56.00 62.06 -29.44
N ILE FA 570 -55.04 61.84 -30.34
CA ILE FA 570 -54.71 60.49 -30.82
C ILE FA 570 -53.78 59.77 -29.85
N GLU FA 571 -52.72 60.45 -29.41
CA GLU FA 571 -51.80 59.93 -28.39
C GLU FA 571 -52.57 59.44 -27.16
N SER FA 572 -53.67 60.11 -26.85
CA SER FA 572 -54.57 59.73 -25.76
C SER FA 572 -55.30 58.43 -26.04
N ALA FA 573 -56.01 58.38 -27.16
CA ALA FA 573 -56.73 57.18 -27.59
C ALA FA 573 -55.81 55.96 -27.68
N CYS FA 574 -54.55 56.22 -28.04
CA CYS FA 574 -53.51 55.18 -28.19
C CYS FA 574 -52.91 54.75 -26.86
N LEU FA 575 -53.16 55.54 -25.81
CA LEU FA 575 -52.79 55.17 -24.46
C LEU FA 575 -53.89 54.30 -23.83
N LEU FA 576 -55.13 54.79 -23.90
CA LEU FA 576 -56.29 54.10 -23.32
C LEU FA 576 -56.65 52.78 -24.02
N LEU FA 577 -56.18 52.62 -25.25
CA LEU FA 577 -56.35 51.37 -26.00
C LEU FA 577 -55.40 50.28 -25.55
N ARG FA 578 -54.36 50.68 -24.82
CA ARG FA 578 -53.39 49.72 -24.29
C ARG FA 578 -53.86 49.09 -22.98
N VAL FA 579 -54.98 49.58 -22.45
CA VAL FA 579 -55.52 49.06 -21.18
C VAL FA 579 -56.53 47.93 -21.41
N ASP FA 580 -56.28 46.80 -20.75
CA ASP FA 580 -57.16 45.63 -20.80
C ASP FA 580 -57.44 45.14 -19.38
N ASP FA 581 -56.86 45.82 -18.41
CA ASP FA 581 -56.92 45.39 -17.01
C ASP FA 581 -56.85 46.59 -16.06
N ILE FA 582 -57.82 46.69 -15.15
CA ILE FA 582 -57.85 47.77 -14.15
C ILE FA 582 -57.83 47.20 -12.73
N VAL FA 583 -56.67 47.30 -12.07
CA VAL FA 583 -56.50 46.78 -10.70
C VAL FA 583 -56.72 47.88 -9.68
N SER FA 584 -57.74 47.70 -8.84
CA SER FA 584 -58.14 48.71 -7.86
C SER FA 584 -57.77 48.32 -6.44
N GLY FA 585 -57.23 49.29 -5.70
CA GLY FA 585 -56.74 49.06 -4.34
C GLY FA 585 -55.28 48.63 -4.36
N VAL FA 586 -54.42 49.56 -4.76
CA VAL FA 586 -53.01 49.25 -5.05
C VAL FA 586 -52.07 49.69 -3.92
N ARG FA 587 -52.29 50.88 -3.38
CA ARG FA 587 -51.46 51.44 -2.30
C ARG FA 587 -50.07 51.89 -2.75
N LYS FA 588 -49.40 52.63 -1.85
CA LYS FA 588 -48.06 53.24 -2.04
C LYS FA 588 -48.08 54.59 -2.76
#